data_7RPM
#
_entry.id   7RPM
#
_entity_poly.entity_id   1
_entity_poly.type   'polypeptide(L)'
_entity_poly.pdbx_seq_one_letter_code
;SNAEEELYYGLNLLIPCVLISALALLVFLLPADSGEKISLGITVLLSLTVFMLLVAEIMPSTSDSSPSIAQYFASTMIIV
GLSVVVTVIVLQYHHHDPDGGKMPKWTRVILLNWCAWFLRMKRPGEDKVRPACQHKQRRCSLASVEMSAVAPPPASNGNL
LYIGFRGLDGVHCVPTPDSGVVCGRMACSPTHDEHLLHGGQPPEGDPDLAKILEEVRYIANRFRCQDESEAVCSEWKFAA
CVVDRLCLMAFSVFTIICTIGILMSAPNFVEE
;
_entity_poly.pdbx_strand_id   A,B,C,D,E
#
# COMPACT_ATOMS: atom_id res chain seq x y z
N LEU A 7 12.16 -25.91 -40.72
CA LEU A 7 12.99 -25.86 -39.52
C LEU A 7 12.56 -24.71 -38.62
N TYR A 8 12.30 -23.55 -39.22
CA TYR A 8 11.88 -22.38 -38.46
C TYR A 8 10.42 -22.45 -38.05
N TYR A 9 9.59 -23.16 -38.83
CA TYR A 9 8.17 -23.24 -38.51
C TYR A 9 7.95 -23.94 -37.17
N GLY A 10 8.54 -25.12 -37.00
CA GLY A 10 8.35 -25.85 -35.76
C GLY A 10 8.86 -25.10 -34.55
N LEU A 11 10.03 -24.48 -34.67
CA LEU A 11 10.57 -23.72 -33.54
C LEU A 11 9.70 -22.52 -33.22
N ASN A 12 9.28 -21.78 -34.25
CA ASN A 12 8.45 -20.61 -34.03
C ASN A 12 7.07 -20.96 -33.47
N LEU A 13 6.59 -22.18 -33.72
CA LEU A 13 5.32 -22.60 -33.16
C LEU A 13 5.46 -23.26 -31.79
N LEU A 14 6.64 -23.77 -31.45
CA LEU A 14 6.84 -24.45 -30.18
C LEU A 14 7.34 -23.52 -29.08
N ILE A 15 8.32 -22.66 -29.38
CA ILE A 15 8.90 -21.82 -28.35
C ILE A 15 7.85 -20.92 -27.71
N PRO A 16 7.03 -20.17 -28.46
CA PRO A 16 6.05 -19.31 -27.78
C PRO A 16 5.00 -20.10 -27.00
N CYS A 17 4.48 -21.18 -27.57
CA CYS A 17 3.49 -21.98 -26.85
C CYS A 17 4.07 -22.57 -25.58
N VAL A 18 5.29 -23.11 -25.65
CA VAL A 18 5.92 -23.69 -24.47
C VAL A 18 6.17 -22.62 -23.42
N LEU A 19 6.63 -21.44 -23.85
CA LEU A 19 6.87 -20.36 -22.90
C LEU A 19 5.58 -19.92 -22.23
N ILE A 20 4.49 -19.83 -22.98
CA ILE A 20 3.21 -19.43 -22.40
C ILE A 20 2.72 -20.50 -21.43
N SER A 21 2.86 -21.77 -21.79
CA SER A 21 2.44 -22.84 -20.89
C SER A 21 3.26 -22.85 -19.61
N ALA A 22 4.55 -22.51 -19.71
CA ALA A 22 5.38 -22.46 -18.51
C ALA A 22 5.02 -21.25 -17.65
N LEU A 23 4.75 -20.11 -18.27
CA LEU A 23 4.37 -18.92 -17.52
C LEU A 23 3.01 -19.10 -16.84
N ALA A 24 2.10 -19.83 -17.46
CA ALA A 24 0.81 -20.10 -16.84
C ALA A 24 0.99 -20.82 -15.51
N LEU A 25 1.92 -21.79 -15.46
CA LEU A 25 2.19 -22.50 -14.22
C LEU A 25 2.99 -21.64 -13.24
N LEU A 26 3.95 -20.87 -13.76
CA LEU A 26 4.73 -20.00 -12.88
C LEU A 26 3.87 -18.96 -12.19
N VAL A 27 2.79 -18.52 -12.84
CA VAL A 27 1.89 -17.56 -12.21
C VAL A 27 1.31 -18.13 -10.92
N PHE A 28 0.91 -19.40 -10.94
CA PHE A 28 0.41 -20.04 -9.73
C PHE A 28 1.54 -20.36 -8.77
N LEU A 29 2.73 -20.71 -9.29
CA LEU A 29 3.87 -20.95 -8.43
C LEU A 29 4.24 -19.72 -7.62
N LEU A 30 3.89 -18.52 -8.10
CA LEU A 30 4.16 -17.31 -7.36
C LEU A 30 3.40 -17.32 -6.03
N PRO A 31 3.95 -16.73 -4.97
CA PRO A 31 3.20 -16.66 -3.71
C PRO A 31 1.89 -15.93 -3.88
N ALA A 32 1.08 -15.97 -2.81
CA ALA A 32 -0.25 -15.36 -2.82
C ALA A 32 -0.10 -13.84 -2.71
N ASP A 33 0.18 -13.23 -3.87
CA ASP A 33 0.31 -11.78 -3.97
C ASP A 33 -1.02 -11.22 -4.47
N SER A 34 -1.95 -10.98 -3.53
CA SER A 34 -3.28 -10.51 -3.90
C SER A 34 -3.22 -9.20 -4.66
N GLY A 35 -2.17 -8.41 -4.45
CA GLY A 35 -2.09 -7.12 -5.12
C GLY A 35 -1.90 -7.23 -6.62
N GLU A 36 -1.06 -8.16 -7.05
CA GLU A 36 -0.74 -8.33 -8.47
C GLU A 36 -1.26 -9.62 -9.07
N LYS A 37 -1.45 -10.66 -8.27
CA LYS A 37 -1.89 -11.95 -8.80
C LYS A 37 -3.13 -11.79 -9.66
N ILE A 38 -4.19 -11.19 -9.09
CA ILE A 38 -5.45 -11.03 -9.82
C ILE A 38 -5.20 -10.39 -11.18
N SER A 39 -4.22 -9.49 -11.27
CA SER A 39 -3.90 -8.88 -12.55
C SER A 39 -2.95 -9.76 -13.36
N LEU A 40 -1.94 -10.33 -12.70
CA LEU A 40 -0.96 -11.15 -13.41
C LEU A 40 -1.64 -12.26 -14.20
N GLY A 41 -2.54 -13.00 -13.55
CA GLY A 41 -3.26 -14.06 -14.24
C GLY A 41 -3.90 -13.59 -15.54
N ILE A 42 -4.39 -12.36 -15.55
CA ILE A 42 -4.98 -11.81 -16.77
C ILE A 42 -3.90 -11.29 -17.70
N THR A 43 -2.85 -10.69 -17.15
CA THR A 43 -1.79 -10.13 -17.98
C THR A 43 -1.24 -11.18 -18.93
N VAL A 44 -0.87 -12.34 -18.41
CA VAL A 44 -0.36 -13.42 -19.26
C VAL A 44 -1.35 -13.73 -20.37
N LEU A 45 -2.64 -13.75 -20.05
CA LEU A 45 -3.65 -14.02 -21.06
C LEU A 45 -3.51 -13.05 -22.24
N LEU A 46 -3.27 -11.77 -21.95
CA LEU A 46 -3.07 -10.80 -23.02
C LEU A 46 -1.93 -11.23 -23.93
N SER A 47 -0.82 -11.69 -23.35
CA SER A 47 0.31 -12.14 -24.15
C SER A 47 -0.08 -13.22 -25.15
N LEU A 48 -1.15 -13.97 -24.86
CA LEU A 48 -1.62 -14.98 -25.80
C LEU A 48 -2.46 -14.37 -26.91
N THR A 49 -3.30 -13.39 -26.58
CA THR A 49 -4.19 -12.80 -27.57
C THR A 49 -3.40 -12.30 -28.78
N VAL A 50 -2.37 -11.49 -28.54
CA VAL A 50 -1.53 -11.02 -29.64
C VAL A 50 -0.99 -12.20 -30.43
N PHE A 51 -0.49 -13.23 -29.73
CA PHE A 51 0.03 -14.41 -30.41
C PHE A 51 -1.03 -15.02 -31.32
N MET A 52 -2.30 -14.98 -30.91
CA MET A 52 -3.36 -15.54 -31.75
C MET A 52 -3.34 -14.92 -33.14
N LEU A 53 -3.00 -13.63 -33.23
CA LEU A 53 -2.91 -12.98 -34.53
C LEU A 53 -1.96 -13.74 -35.45
N LEU A 54 -0.78 -14.11 -34.93
CA LEU A 54 0.17 -14.87 -35.73
C LEU A 54 -0.45 -16.16 -36.26
N VAL A 55 -1.32 -16.79 -35.46
CA VAL A 55 -1.97 -18.02 -35.92
C VAL A 55 -2.75 -17.76 -37.20
N ALA A 56 -3.41 -16.60 -37.28
CA ALA A 56 -4.17 -16.26 -38.48
C ALA A 56 -3.30 -16.29 -39.73
N GLU A 57 -1.98 -16.14 -39.58
CA GLU A 57 -1.09 -16.18 -40.74
C GLU A 57 -0.89 -17.62 -41.22
N ILE A 58 -0.83 -18.58 -40.30
CA ILE A 58 -0.57 -19.96 -40.68
C ILE A 58 -1.87 -20.73 -40.94
N MET A 59 -2.97 -20.35 -40.29
CA MET A 59 -4.26 -21.01 -40.47
C MET A 59 -5.35 -19.96 -40.46
N PRO A 60 -5.54 -19.26 -41.58
CA PRO A 60 -6.61 -18.26 -41.64
C PRO A 60 -7.97 -18.89 -41.36
N SER A 61 -8.88 -18.08 -40.82
CA SER A 61 -10.21 -18.55 -40.45
C SER A 61 -11.11 -18.79 -41.65
N THR A 62 -10.66 -18.48 -42.87
CA THR A 62 -11.48 -18.69 -44.06
C THR A 62 -10.71 -19.28 -45.24
N SER A 63 -9.43 -19.62 -45.07
CA SER A 63 -8.63 -20.17 -46.16
C SER A 63 -8.12 -21.57 -45.86
N ASP A 64 -7.57 -21.80 -44.67
CA ASP A 64 -7.02 -23.09 -44.30
C ASP A 64 -7.90 -23.77 -43.26
N SER A 65 -8.02 -25.09 -43.37
CA SER A 65 -8.80 -25.90 -42.44
C SER A 65 -7.89 -26.93 -41.81
N SER A 66 -7.43 -26.65 -40.58
CA SER A 66 -6.52 -27.53 -39.85
C SER A 66 -7.09 -27.75 -38.45
N PRO A 67 -8.08 -28.64 -38.32
CA PRO A 67 -8.67 -28.87 -36.99
C PRO A 67 -7.74 -29.56 -36.01
N SER A 68 -6.70 -30.24 -36.49
CA SER A 68 -5.80 -30.96 -35.59
C SER A 68 -5.19 -30.02 -34.56
N ILE A 69 -4.41 -29.04 -35.03
CA ILE A 69 -3.79 -28.09 -34.12
C ILE A 69 -4.81 -27.13 -33.53
N ALA A 70 -5.93 -26.91 -34.22
CA ALA A 70 -6.97 -26.03 -33.69
C ALA A 70 -7.55 -26.62 -32.40
N GLN A 71 -7.69 -27.94 -32.34
CA GLN A 71 -8.19 -28.57 -31.12
C GLN A 71 -7.25 -28.32 -29.95
N TYR A 72 -5.95 -28.47 -30.16
CA TYR A 72 -4.99 -28.21 -29.09
C TYR A 72 -4.98 -26.75 -28.68
N PHE A 73 -5.08 -25.84 -29.66
CA PHE A 73 -5.13 -24.42 -29.34
C PHE A 73 -6.36 -24.10 -28.51
N ALA A 74 -7.52 -24.65 -28.88
CA ALA A 74 -8.74 -24.41 -28.11
C ALA A 74 -8.62 -25.00 -26.72
N SER A 75 -7.98 -26.17 -26.59
CA SER A 75 -7.79 -26.77 -25.28
C SER A 75 -6.91 -25.89 -24.40
N THR A 76 -5.82 -25.35 -24.97
CA THR A 76 -4.95 -24.46 -24.20
C THR A 76 -5.68 -23.18 -23.81
N MET A 77 -6.50 -22.64 -24.72
CA MET A 77 -7.28 -21.45 -24.40
C MET A 77 -8.25 -21.72 -23.26
N ILE A 78 -8.93 -22.87 -23.31
CA ILE A 78 -9.86 -23.22 -22.24
C ILE A 78 -9.11 -23.41 -20.93
N ILE A 79 -7.92 -23.99 -20.98
CA ILE A 79 -7.13 -24.22 -19.77
C ILE A 79 -6.76 -22.88 -19.14
N VAL A 80 -6.24 -21.95 -19.94
CA VAL A 80 -5.85 -20.65 -19.40
C VAL A 80 -7.06 -19.88 -18.90
N GLY A 81 -8.21 -20.02 -19.58
CA GLY A 81 -9.42 -19.37 -19.10
C GLY A 81 -9.87 -19.91 -17.76
N LEU A 82 -9.85 -21.24 -17.61
CA LEU A 82 -10.21 -21.85 -16.34
C LEU A 82 -9.23 -21.42 -15.24
N SER A 83 -7.95 -21.29 -15.59
CA SER A 83 -6.97 -20.83 -14.62
C SER A 83 -7.28 -19.41 -14.17
N VAL A 84 -7.57 -18.52 -15.12
CA VAL A 84 -7.90 -17.14 -14.79
C VAL A 84 -9.17 -17.08 -13.94
N VAL A 85 -10.13 -17.95 -14.23
CA VAL A 85 -11.38 -17.97 -13.47
C VAL A 85 -11.13 -18.44 -12.05
N VAL A 86 -10.35 -19.52 -11.89
CA VAL A 86 -10.06 -20.03 -10.55
C VAL A 86 -9.18 -19.05 -9.77
N THR A 87 -8.45 -18.18 -10.46
CA THR A 87 -7.71 -17.13 -9.75
C THR A 87 -8.65 -16.26 -8.93
N VAL A 88 -9.85 -15.98 -9.47
CA VAL A 88 -10.82 -15.17 -8.75
C VAL A 88 -11.34 -15.92 -7.53
N ILE A 89 -11.60 -17.22 -7.68
CA ILE A 89 -12.06 -18.01 -6.54
C ILE A 89 -11.00 -18.04 -5.46
N VAL A 90 -9.72 -18.11 -5.86
CA VAL A 90 -8.63 -18.09 -4.90
C VAL A 90 -8.57 -16.75 -4.18
N LEU A 91 -8.66 -15.65 -4.93
CA LEU A 91 -8.64 -14.32 -4.33
C LEU A 91 -9.84 -14.13 -3.40
N GLN A 92 -10.94 -14.81 -3.66
CA GLN A 92 -12.12 -14.69 -2.80
C GLN A 92 -11.79 -15.08 -1.37
N TYR A 93 -10.88 -16.03 -1.17
CA TYR A 93 -10.49 -16.45 0.17
C TYR A 93 -9.62 -15.44 0.88
N HIS A 94 -9.32 -14.29 0.26
CA HIS A 94 -8.47 -13.29 0.87
C HIS A 94 -9.26 -12.22 1.61
N HIS A 95 -10.56 -12.07 1.34
CA HIS A 95 -11.39 -11.06 1.97
C HIS A 95 -12.54 -11.63 2.77
N HIS A 96 -13.24 -12.64 2.24
CA HIS A 96 -14.38 -13.24 2.92
C HIS A 96 -15.42 -12.17 3.28
N ASP A 97 -15.94 -11.51 2.23
CA ASP A 97 -16.90 -10.44 2.42
C ASP A 97 -18.17 -10.98 3.06
N PRO A 98 -18.95 -10.11 3.71
CA PRO A 98 -20.20 -10.57 4.33
C PRO A 98 -21.24 -11.07 3.34
N ASP A 99 -21.03 -10.86 2.04
CA ASP A 99 -22.02 -11.30 1.05
C ASP A 99 -22.30 -12.80 1.15
N GLY A 100 -21.30 -13.57 1.57
CA GLY A 100 -21.48 -15.01 1.72
C GLY A 100 -20.65 -15.80 0.73
N GLY A 101 -21.26 -16.84 0.15
CA GLY A 101 -20.56 -17.67 -0.81
C GLY A 101 -19.80 -18.80 -0.15
N LYS A 102 -18.49 -18.62 0.01
CA LYS A 102 -17.64 -19.63 0.65
C LYS A 102 -17.87 -19.57 2.15
N MET A 103 -18.88 -20.28 2.61
CA MET A 103 -19.23 -20.28 4.02
C MET A 103 -18.06 -20.86 4.84
N PRO A 104 -17.66 -20.22 5.94
CA PRO A 104 -16.57 -20.78 6.75
C PRO A 104 -16.97 -22.07 7.45
N LYS A 105 -16.06 -22.63 8.24
CA LYS A 105 -16.26 -23.86 9.00
C LYS A 105 -16.30 -25.09 8.11
N TRP A 106 -16.13 -24.96 6.80
CA TRP A 106 -16.14 -26.09 5.88
C TRP A 106 -14.80 -26.31 5.22
N THR A 107 -14.20 -25.26 4.65
CA THR A 107 -12.91 -25.37 4.00
C THR A 107 -11.73 -25.27 4.97
N ARG A 108 -11.99 -24.88 6.22
CA ARG A 108 -10.90 -24.74 7.18
C ARG A 108 -10.27 -26.10 7.50
N VAL A 109 -11.09 -27.14 7.65
CA VAL A 109 -10.56 -28.46 7.96
C VAL A 109 -9.74 -29.00 6.81
N ILE A 110 -10.09 -28.63 5.57
CA ILE A 110 -9.31 -29.07 4.41
C ILE A 110 -8.02 -28.28 4.30
N LEU A 111 -8.08 -26.97 4.57
CA LEU A 111 -6.87 -26.16 4.51
C LEU A 111 -5.87 -26.59 5.57
N LEU A 112 -6.34 -26.86 6.79
CA LEU A 112 -5.43 -27.33 7.84
C LEU A 112 -4.82 -28.67 7.46
N ASN A 113 -5.61 -29.58 6.89
CA ASN A 113 -5.08 -30.87 6.47
C ASN A 113 -4.02 -30.70 5.39
N TRP A 114 -4.27 -29.82 4.42
CA TRP A 114 -3.28 -29.58 3.36
C TRP A 114 -2.01 -28.98 3.94
N CYS A 115 -2.14 -28.03 4.88
CA CYS A 115 -0.96 -27.43 5.48
C CYS A 115 -0.16 -28.44 6.28
N ALA A 116 -0.85 -29.36 6.97
CA ALA A 116 -0.15 -30.40 7.72
C ALA A 116 0.50 -31.42 6.82
N TRP A 117 -0.11 -31.71 5.66
CA TRP A 117 0.48 -32.67 4.73
C TRP A 117 1.67 -32.07 3.99
N PHE A 118 1.65 -30.75 3.73
CA PHE A 118 2.78 -30.12 3.07
C PHE A 118 3.99 -30.05 4.00
N LEU A 119 3.78 -29.66 5.26
CA LEU A 119 4.89 -29.62 6.21
C LEU A 119 5.32 -31.03 6.61
N ARG A 120 4.37 -31.83 7.11
CA ARG A 120 4.62 -33.21 7.49
C ARG A 120 4.17 -34.10 6.33
N MET A 121 5.14 -34.57 5.54
CA MET A 121 4.83 -35.41 4.40
C MET A 121 4.04 -36.64 4.83
N LYS A 122 3.06 -37.03 4.01
CA LYS A 122 2.21 -38.16 4.30
C LYS A 122 2.44 -39.37 3.40
N ARG A 123 3.04 -39.17 2.23
CA ARG A 123 3.26 -40.28 1.31
C ARG A 123 4.20 -41.31 1.94
N PRO A 124 4.19 -42.54 1.45
CA PRO A 124 5.07 -43.57 2.03
C PRO A 124 6.55 -43.24 1.91
N GLY A 125 6.94 -42.39 0.95
CA GLY A 125 8.34 -42.09 0.77
C GLY A 125 8.98 -41.45 1.99
N GLU A 126 8.21 -40.66 2.73
CA GLU A 126 8.71 -39.98 3.92
C GLU A 126 7.88 -40.21 5.18
N ASP A 127 6.63 -40.68 5.06
CA ASP A 127 5.80 -40.91 6.24
C ASP A 127 6.10 -42.27 6.86
N LYS A 128 6.21 -43.31 6.04
CA LYS A 128 6.49 -44.65 6.55
C LYS A 128 7.97 -44.90 6.71
N VAL A 129 8.80 -44.40 5.80
CA VAL A 129 10.25 -44.58 5.86
C VAL A 129 10.80 -43.42 6.69
N ARG A 130 10.82 -43.61 8.00
CA ARG A 130 11.32 -42.61 8.93
C ARG A 130 11.52 -43.28 10.29
N PRO A 131 12.28 -42.65 11.19
CA PRO A 131 12.48 -43.23 12.52
C PRO A 131 11.15 -43.41 13.25
N ALA A 132 10.83 -44.66 13.55
CA ALA A 132 9.59 -44.99 14.24
C ALA A 132 9.80 -46.24 15.08
N CYS A 133 8.91 -46.43 16.05
CA CYS A 133 8.99 -47.58 16.94
C CYS A 133 7.59 -47.89 17.44
N GLN A 134 7.47 -49.05 18.10
CA GLN A 134 6.20 -49.50 18.65
C GLN A 134 6.08 -49.22 20.14
N HIS A 135 6.88 -48.29 20.66
CA HIS A 135 6.85 -47.95 22.08
C HIS A 135 5.81 -46.85 22.30
N LYS A 136 5.79 -46.29 23.52
CA LYS A 136 4.85 -45.23 23.84
C LYS A 136 5.06 -43.98 23.00
N GLN A 137 6.21 -43.84 22.34
CA GLN A 137 6.48 -42.67 21.53
C GLN A 137 5.50 -42.55 20.36
N ARG A 138 4.87 -43.65 19.96
CA ARG A 138 3.91 -43.64 18.85
C ARG A 138 2.53 -44.10 19.27
N ARG A 139 2.29 -44.31 20.57
CA ARG A 139 0.99 -44.73 21.05
C ARG A 139 0.09 -43.52 21.26
N CYS A 140 -1.16 -43.78 21.65
CA CYS A 140 -2.15 -42.74 21.89
C CYS A 140 -2.70 -42.87 23.30
N SER A 141 -3.13 -41.74 23.85
CA SER A 141 -3.67 -41.69 25.20
C SER A 141 -4.71 -40.57 25.26
N LEU A 142 -5.10 -40.20 26.48
CA LEU A 142 -6.07 -39.13 26.66
C LEU A 142 -5.57 -37.79 26.13
N ALA A 143 -4.26 -37.64 25.96
CA ALA A 143 -3.70 -36.39 25.44
C ALA A 143 -3.76 -36.31 23.92
N SER A 144 -3.88 -37.44 23.24
CA SER A 144 -3.94 -37.48 21.78
C SER A 144 -5.37 -37.58 21.27
N VAL A 145 -6.17 -38.48 21.84
CA VAL A 145 -7.56 -38.66 21.44
C VAL A 145 -8.38 -37.59 22.15
N GLU A 146 -8.63 -36.48 21.47
CA GLU A 146 -9.37 -35.35 22.03
C GLU A 146 -10.70 -35.15 21.29
N MET A 147 -11.37 -36.25 20.96
CA MET A 147 -12.65 -36.17 20.26
C MET A 147 -13.73 -35.50 21.11
N SER A 148 -13.53 -35.43 22.43
CA SER A 148 -14.50 -34.80 23.33
C SER A 148 -14.22 -33.33 23.56
N ALA A 149 -13.58 -32.66 22.61
CA ALA A 149 -13.28 -31.23 22.72
C ALA A 149 -12.36 -30.95 23.92
N VAL A 150 -11.27 -31.69 23.98
CA VAL A 150 -10.28 -31.54 25.04
C VAL A 150 -9.20 -30.57 24.57
N ALA A 151 -8.63 -29.82 25.52
CA ALA A 151 -7.58 -28.87 25.18
C ALA A 151 -6.37 -29.60 24.63
N PRO A 152 -5.57 -28.95 23.80
CA PRO A 152 -4.39 -29.61 23.22
C PRO A 152 -3.30 -29.78 24.25
N PRO A 153 -2.30 -30.62 23.98
CA PRO A 153 -1.20 -30.79 24.95
C PRO A 153 -0.43 -29.50 25.14
N PRO A 154 0.30 -29.37 26.24
CA PRO A 154 1.09 -28.14 26.47
C PRO A 154 2.30 -28.10 25.56
N ALA A 155 2.36 -27.08 24.70
CA ALA A 155 3.47 -26.92 23.77
C ALA A 155 3.69 -25.44 23.51
N SER A 156 4.89 -25.11 23.03
CA SER A 156 5.27 -23.74 22.74
C SER A 156 4.91 -23.29 21.33
N ASN A 157 4.28 -24.17 20.54
CA ASN A 157 3.89 -23.84 19.17
C ASN A 157 2.52 -23.18 19.09
N GLY A 158 2.01 -22.68 20.22
CA GLY A 158 0.72 -22.03 20.24
C GLY A 158 -0.31 -22.78 21.05
N ASN A 159 0.16 -23.52 22.06
CA ASN A 159 -0.72 -24.31 22.93
C ASN A 159 -0.52 -23.99 24.40
N LEU A 160 0.71 -23.69 24.82
CA LEU A 160 0.96 -23.37 26.23
C LEU A 160 0.31 -22.05 26.61
N LEU A 161 0.58 -20.99 25.85
CA LEU A 161 -0.01 -19.69 26.12
C LEU A 161 -1.43 -19.57 25.59
N TYR A 162 -1.84 -20.46 24.70
CA TYR A 162 -3.20 -20.40 24.15
C TYR A 162 -4.24 -20.66 25.23
N ILE A 163 -4.12 -21.80 25.92
CA ILE A 163 -5.09 -22.14 26.97
C ILE A 163 -5.09 -21.06 28.06
N GLY A 164 -3.97 -20.37 28.24
CA GLY A 164 -3.87 -19.33 29.24
C GLY A 164 -4.58 -18.05 28.85
N PHE A 165 -4.21 -17.49 27.71
CA PHE A 165 -4.77 -16.21 27.28
C PHE A 165 -6.13 -16.40 26.61
N ARG A 166 -6.15 -17.13 25.50
CA ARG A 166 -7.40 -17.31 24.75
C ARG A 166 -8.39 -18.21 25.47
N GLY A 167 -7.91 -19.07 26.37
CA GLY A 167 -8.78 -19.97 27.10
C GLY A 167 -9.46 -19.32 28.28
N LEU A 168 -10.45 -18.48 27.99
CA LEU A 168 -11.19 -17.80 29.05
C LEU A 168 -11.81 -18.80 30.01
N ASP A 169 -12.16 -18.32 31.20
CA ASP A 169 -12.76 -19.12 32.26
C ASP A 169 -11.81 -20.19 32.80
N GLY A 170 -10.54 -20.10 32.48
CA GLY A 170 -9.56 -21.07 32.95
C GLY A 170 -8.94 -20.68 34.28
N VAL A 171 -7.83 -21.33 34.60
CA VAL A 171 -7.14 -21.07 35.85
C VAL A 171 -6.46 -19.71 35.84
N HIS A 172 -6.10 -19.20 34.67
CA HIS A 172 -5.42 -17.91 34.59
C HIS A 172 -6.37 -16.75 34.89
N CYS A 173 -7.66 -16.91 34.61
CA CYS A 173 -8.65 -15.88 34.84
C CYS A 173 -9.68 -16.25 35.90
N VAL A 174 -10.00 -17.53 36.04
CA VAL A 174 -10.97 -17.99 37.03
C VAL A 174 -10.35 -19.12 37.84
N PRO A 175 -9.43 -18.82 38.78
CA PRO A 175 -8.79 -19.88 39.58
C PRO A 175 -9.68 -20.35 40.73
N THR A 176 -10.78 -21.01 40.37
CA THR A 176 -11.70 -21.54 41.35
C THR A 176 -11.12 -22.74 42.11
N PRO A 177 -10.30 -23.59 41.48
CA PRO A 177 -9.72 -24.70 42.23
C PRO A 177 -8.92 -24.22 43.43
N ASP A 178 -9.23 -24.79 44.59
CA ASP A 178 -8.57 -24.40 45.85
C ASP A 178 -7.14 -24.96 45.84
N SER A 179 -6.18 -24.11 45.47
CA SER A 179 -4.79 -24.51 45.44
C SER A 179 -4.09 -24.38 46.79
N GLY A 180 -4.61 -23.54 47.68
CA GLY A 180 -4.01 -23.35 48.99
C GLY A 180 -2.93 -22.29 49.04
N VAL A 181 -2.73 -21.52 47.97
CA VAL A 181 -1.70 -20.49 47.98
C VAL A 181 -2.19 -19.24 48.72
N VAL A 182 -3.50 -19.01 48.74
CA VAL A 182 -4.04 -17.83 49.41
C VAL A 182 -3.93 -17.93 50.92
N CYS A 183 -3.83 -19.14 51.47
CA CYS A 183 -3.74 -19.32 52.92
C CYS A 183 -2.69 -20.35 53.33
N GLY A 184 -1.99 -20.98 52.39
CA GLY A 184 -0.99 -21.97 52.74
C GLY A 184 0.41 -21.55 52.38
N ARG A 185 0.55 -20.71 51.35
CA ARG A 185 1.84 -20.23 50.89
C ARG A 185 1.88 -18.71 50.98
N MET A 186 3.07 -18.17 51.25
CA MET A 186 3.27 -16.74 51.37
C MET A 186 4.05 -16.16 50.20
N ALA A 187 4.26 -16.93 49.14
CA ALA A 187 4.98 -16.45 47.96
C ALA A 187 4.08 -15.49 47.19
N CYS A 188 4.32 -14.19 47.38
CA CYS A 188 3.54 -13.15 46.71
C CYS A 188 2.04 -13.30 47.02
N SER A 189 1.72 -13.83 48.19
CA SER A 189 0.33 -14.03 48.59
C SER A 189 0.24 -14.12 50.11
N PRO A 190 0.11 -13.00 50.81
CA PRO A 190 0.00 -13.05 52.27
C PRO A 190 -1.16 -13.95 52.71
N THR A 191 -0.87 -14.85 53.64
CA THR A 191 -1.87 -15.80 54.14
C THR A 191 -2.84 -15.06 55.04
N HIS A 192 -4.01 -14.71 54.49
CA HIS A 192 -5.07 -14.02 55.22
C HIS A 192 -4.52 -12.92 56.12
N ASP A 193 -3.52 -12.19 55.64
CA ASP A 193 -2.90 -11.11 56.40
C ASP A 193 -3.70 -9.84 56.13
N GLU A 194 -4.63 -9.51 57.02
CA GLU A 194 -5.45 -8.32 56.88
C GLU A 194 -4.77 -7.08 57.41
N HIS A 195 -3.72 -7.23 58.22
CA HIS A 195 -3.01 -6.09 58.80
C HIS A 195 -1.80 -5.66 57.98
N LEU A 196 -1.58 -6.26 56.81
CA LEU A 196 -0.46 -5.89 55.95
C LEU A 196 -0.76 -4.55 55.31
N LEU A 197 -0.17 -3.48 55.86
CA LEU A 197 -0.36 -2.13 55.35
C LEU A 197 0.94 -1.61 54.76
N HIS A 198 0.81 -0.78 53.72
CA HIS A 198 1.96 -0.20 53.03
C HIS A 198 2.50 0.95 53.89
N GLY A 199 3.21 0.58 54.94
CA GLY A 199 3.78 1.56 55.86
C GLY A 199 2.74 2.50 56.43
N GLY A 200 1.59 1.97 56.84
CA GLY A 200 0.51 2.76 57.38
C GLY A 200 -0.57 3.14 56.38
N GLN A 201 -0.35 2.88 55.10
CA GLN A 201 -1.32 3.19 54.05
C GLN A 201 -1.95 1.91 53.51
N PRO A 202 -3.06 2.02 52.79
CA PRO A 202 -3.70 0.83 52.22
C PRO A 202 -2.76 0.12 51.25
N PRO A 203 -3.13 -1.07 50.78
CA PRO A 203 -2.25 -1.80 49.85
C PRO A 203 -1.99 -1.04 48.55
N GLU A 204 -2.82 -0.07 48.20
CA GLU A 204 -2.65 0.71 46.98
C GLU A 204 -2.42 2.17 47.33
N GLY A 205 -1.44 2.79 46.67
CA GLY A 205 -1.15 4.19 46.95
C GLY A 205 -2.22 5.13 46.42
N ASP A 206 -2.70 4.88 45.19
CA ASP A 206 -3.70 5.73 44.58
C ASP A 206 -4.58 4.90 43.65
N PRO A 207 -5.90 4.89 43.84
CA PRO A 207 -6.76 4.15 42.90
C PRO A 207 -6.61 4.60 41.45
N ASP A 208 -6.09 5.80 41.21
CA ASP A 208 -5.89 6.25 39.83
C ASP A 208 -4.93 5.33 39.08
N LEU A 209 -4.00 4.70 39.78
CA LEU A 209 -3.10 3.75 39.14
C LEU A 209 -3.87 2.56 38.58
N ALA A 210 -4.94 2.14 39.26
CA ALA A 210 -5.78 1.06 38.74
C ALA A 210 -6.41 1.46 37.43
N LYS A 211 -6.93 2.67 37.34
CA LYS A 211 -7.53 3.13 36.08
C LYS A 211 -6.48 3.28 34.99
N ILE A 212 -5.28 3.72 35.35
CA ILE A 212 -4.20 3.83 34.38
C ILE A 212 -3.85 2.45 33.82
N LEU A 213 -3.74 1.45 34.70
CA LEU A 213 -3.46 0.09 34.25
C LEU A 213 -4.60 -0.45 33.39
N GLU A 214 -5.84 -0.11 33.75
CA GLU A 214 -6.99 -0.56 32.96
C GLU A 214 -6.95 0.03 31.56
N GLU A 215 -6.63 1.32 31.44
CA GLU A 215 -6.53 1.94 30.12
C GLU A 215 -5.34 1.38 29.34
N VAL A 216 -4.24 1.07 30.03
CA VAL A 216 -3.11 0.45 29.36
C VAL A 216 -3.50 -0.90 28.79
N ARG A 217 -4.22 -1.71 29.57
CA ARG A 217 -4.68 -3.00 29.09
C ARG A 217 -5.70 -2.83 27.96
N TYR A 218 -6.51 -1.77 28.00
CA TYR A 218 -7.46 -1.52 26.93
C TYR A 218 -6.75 -1.22 25.61
N ILE A 219 -5.74 -0.36 25.66
CA ILE A 219 -4.99 -0.06 24.44
C ILE A 219 -4.20 -1.29 23.99
N ALA A 220 -3.73 -2.11 24.94
CA ALA A 220 -3.04 -3.33 24.56
C ALA A 220 -3.98 -4.28 23.83
N ASN A 221 -5.23 -4.37 24.29
CA ASN A 221 -6.22 -5.20 23.60
C ASN A 221 -6.58 -4.60 22.24
N ARG A 222 -6.61 -3.27 22.15
CA ARG A 222 -6.84 -2.63 20.86
C ARG A 222 -5.74 -2.99 19.86
N PHE A 223 -4.49 -3.01 20.33
CA PHE A 223 -3.38 -3.42 19.46
C PHE A 223 -3.46 -4.91 19.13
N ARG A 224 -3.85 -5.73 20.10
CA ARG A 224 -4.00 -7.15 19.84
C ARG A 224 -5.10 -7.42 18.83
N CYS A 225 -6.10 -6.54 18.75
CA CYS A 225 -7.13 -6.68 17.72
C CYS A 225 -6.53 -6.56 16.33
N GLN A 226 -5.70 -5.55 16.10
CA GLN A 226 -5.02 -5.40 14.82
C GLN A 226 -4.06 -6.56 14.58
N ASP A 227 -3.40 -7.03 15.64
CA ASP A 227 -2.53 -8.19 15.50
C ASP A 227 -3.30 -9.42 15.02
N GLU A 228 -4.49 -9.65 15.60
CA GLU A 228 -5.31 -10.78 15.19
C GLU A 228 -5.83 -10.59 13.77
N SER A 229 -6.15 -9.35 13.39
CA SER A 229 -6.56 -9.09 12.01
C SER A 229 -5.43 -9.43 11.04
N GLU A 230 -4.20 -9.02 11.36
CA GLU A 230 -3.07 -9.33 10.51
C GLU A 230 -2.82 -10.84 10.47
N ALA A 231 -3.00 -11.53 11.59
CA ALA A 231 -2.83 -12.98 11.61
C ALA A 231 -3.87 -13.66 10.73
N VAL A 232 -5.11 -13.19 10.78
CA VAL A 232 -6.16 -13.76 9.94
C VAL A 232 -5.87 -13.49 8.47
N CYS A 233 -5.35 -12.30 8.16
CA CYS A 233 -4.96 -12.00 6.78
C CYS A 233 -3.85 -12.93 6.31
N SER A 234 -2.86 -13.18 7.17
CA SER A 234 -1.78 -14.09 6.81
C SER A 234 -2.29 -15.51 6.62
N GLU A 235 -3.24 -15.93 7.46
CA GLU A 235 -3.82 -17.26 7.31
C GLU A 235 -4.59 -17.37 5.99
N TRP A 236 -5.33 -16.31 5.63
CA TRP A 236 -6.04 -16.32 4.36
C TRP A 236 -5.06 -16.37 3.19
N LYS A 237 -3.95 -15.64 3.30
CA LYS A 237 -2.94 -15.68 2.25
C LYS A 237 -2.32 -17.08 2.13
N PHE A 238 -2.07 -17.73 3.26
CA PHE A 238 -1.52 -19.08 3.23
C PHE A 238 -2.52 -20.05 2.61
N ALA A 239 -3.81 -19.89 2.94
CA ALA A 239 -4.83 -20.75 2.32
C ALA A 239 -4.90 -20.53 0.82
N ALA A 240 -4.83 -19.27 0.38
CA ALA A 240 -4.83 -18.99 -1.05
C ALA A 240 -3.62 -19.60 -1.74
N CYS A 241 -2.45 -19.52 -1.10
CA CYS A 241 -1.25 -20.13 -1.67
C CYS A 241 -1.38 -21.64 -1.74
N VAL A 242 -2.00 -22.25 -0.73
CA VAL A 242 -2.21 -23.71 -0.73
C VAL A 242 -3.14 -24.10 -1.87
N VAL A 243 -4.22 -23.35 -2.06
CA VAL A 243 -5.14 -23.65 -3.15
C VAL A 243 -4.45 -23.45 -4.50
N ASP A 244 -3.60 -22.43 -4.61
CA ASP A 244 -2.86 -22.21 -5.84
C ASP A 244 -1.92 -23.37 -6.13
N ARG A 245 -1.23 -23.86 -5.10
CA ARG A 245 -0.34 -25.01 -5.28
C ARG A 245 -1.13 -26.26 -5.68
N LEU A 246 -2.31 -26.44 -5.08
CA LEU A 246 -3.15 -27.58 -5.45
C LEU A 246 -3.57 -27.49 -6.91
N CYS A 247 -4.00 -26.30 -7.35
CA CYS A 247 -4.38 -26.11 -8.74
C CYS A 247 -3.20 -26.33 -9.67
N LEU A 248 -2.00 -25.90 -9.26
CA LEU A 248 -0.81 -26.13 -10.05
C LEU A 248 -0.54 -27.62 -10.21
N MET A 249 -0.59 -28.36 -9.10
CA MET A 249 -0.36 -29.80 -9.17
C MET A 249 -1.41 -30.48 -10.02
N ALA A 250 -2.65 -30.01 -9.97
CA ALA A 250 -3.71 -30.60 -10.78
C ALA A 250 -3.49 -30.34 -12.27
N PHE A 251 -3.17 -29.10 -12.62
CA PHE A 251 -2.98 -28.74 -14.03
C PHE A 251 -1.66 -29.24 -14.59
N SER A 252 -0.70 -29.63 -13.74
CA SER A 252 0.55 -30.17 -14.25
C SER A 252 0.31 -31.42 -15.09
N VAL A 253 -0.54 -32.33 -14.60
CA VAL A 253 -0.82 -33.57 -15.33
C VAL A 253 -1.50 -33.25 -16.66
N PHE A 254 -2.44 -32.30 -16.66
CA PHE A 254 -3.12 -31.94 -17.89
C PHE A 254 -2.15 -31.34 -18.90
N THR A 255 -1.25 -30.47 -18.45
CA THR A 255 -0.27 -29.88 -19.35
C THR A 255 0.68 -30.94 -19.90
N ILE A 256 1.09 -31.89 -19.05
CA ILE A 256 1.98 -32.96 -19.51
C ILE A 256 1.27 -33.81 -20.55
N ILE A 257 -0.01 -34.12 -20.33
CA ILE A 257 -0.75 -34.92 -21.29
C ILE A 257 -0.90 -34.17 -22.61
N CYS A 258 -1.18 -32.87 -22.53
CA CYS A 258 -1.30 -32.07 -23.75
C CYS A 258 0.01 -32.04 -24.52
N THR A 259 1.13 -31.88 -23.81
CA THR A 259 2.43 -31.87 -24.48
C THR A 259 2.73 -33.21 -25.11
N ILE A 260 2.44 -34.30 -24.41
CA ILE A 260 2.67 -35.64 -24.96
C ILE A 260 1.83 -35.86 -26.20
N GLY A 261 0.57 -35.40 -26.18
CA GLY A 261 -0.28 -35.54 -27.34
C GLY A 261 0.21 -34.71 -28.53
N ILE A 262 0.65 -33.48 -28.26
CA ILE A 262 1.16 -32.63 -29.34
C ILE A 262 2.43 -33.22 -29.92
N LEU A 263 3.26 -33.86 -29.09
CA LEU A 263 4.49 -34.45 -29.58
C LEU A 263 4.22 -35.72 -30.39
N MET A 264 3.33 -36.58 -29.90
CA MET A 264 3.04 -37.82 -30.61
C MET A 264 2.20 -37.58 -31.85
N SER A 265 1.43 -36.50 -31.87
CA SER A 265 0.57 -36.17 -33.02
C SER A 265 1.24 -35.20 -33.99
N ALA A 266 2.52 -34.88 -33.78
CA ALA A 266 3.22 -33.96 -34.67
C ALA A 266 3.42 -34.57 -36.05
N PRO A 267 3.80 -35.84 -36.16
CA PRO A 267 3.96 -36.43 -37.50
C PRO A 267 2.69 -36.41 -38.33
N ASN A 268 1.52 -36.42 -37.68
CA ASN A 268 0.27 -36.40 -38.43
C ASN A 268 0.07 -35.07 -39.13
N PHE A 269 0.45 -33.96 -38.50
CA PHE A 269 0.31 -32.64 -39.08
C PHE A 269 1.57 -32.22 -39.82
N VAL A 270 2.73 -32.31 -39.18
CA VAL A 270 3.98 -31.93 -39.80
C VAL A 270 4.47 -33.04 -40.71
N LEU B 7 19.70 0.74 -45.68
CA LEU B 7 20.14 1.62 -44.61
C LEU B 7 19.11 1.64 -43.48
N TYR B 8 17.83 1.74 -43.86
CA TYR B 8 16.77 1.78 -42.86
C TYR B 8 16.45 0.39 -42.31
N TYR B 9 16.68 -0.66 -43.09
CA TYR B 9 16.38 -2.01 -42.63
C TYR B 9 17.23 -2.39 -41.42
N GLY B 10 18.55 -2.21 -41.52
CA GLY B 10 19.42 -2.57 -40.42
C GLY B 10 19.12 -1.78 -39.16
N LEU B 11 18.90 -0.47 -39.30
CA LEU B 11 18.60 0.36 -38.13
C LEU B 11 17.27 -0.04 -37.51
N ASN B 12 16.23 -0.25 -38.34
CA ASN B 12 14.92 -0.62 -37.83
C ASN B 12 14.94 -2.00 -37.19
N LEU B 13 15.85 -2.89 -37.58
CA LEU B 13 15.95 -4.19 -36.94
C LEU B 13 16.88 -4.20 -35.73
N LEU B 14 17.81 -3.24 -35.63
CA LEU B 14 18.75 -3.21 -34.53
C LEU B 14 18.25 -2.38 -33.35
N ILE B 15 17.69 -1.20 -33.61
CA ILE B 15 17.28 -0.31 -32.52
C ILE B 15 16.25 -0.99 -31.62
N PRO B 16 15.16 -1.57 -32.13
CA PRO B 16 14.18 -2.18 -31.21
C PRO B 16 14.75 -3.37 -30.46
N CYS B 17 15.49 -4.26 -31.14
CA CYS B 17 16.07 -5.41 -30.46
C CYS B 17 17.06 -4.98 -29.39
N VAL B 18 17.92 -4.00 -29.70
CA VAL B 18 18.89 -3.54 -28.71
C VAL B 18 18.18 -2.89 -27.53
N LEU B 19 17.13 -2.10 -27.80
CA LEU B 19 16.40 -1.46 -26.72
C LEU B 19 15.73 -2.50 -25.83
N ILE B 20 15.16 -3.55 -26.42
CA ILE B 20 14.51 -4.59 -25.63
C ILE B 20 15.55 -5.35 -24.81
N SER B 21 16.70 -5.65 -25.40
CA SER B 21 17.74 -6.35 -24.67
C SER B 21 18.26 -5.51 -23.50
N ALA B 22 18.33 -4.19 -23.69
CA ALA B 22 18.77 -3.31 -22.61
C ALA B 22 17.72 -3.21 -21.51
N LEU B 23 16.44 -3.11 -21.89
CA LEU B 23 15.37 -3.05 -20.90
C LEU B 23 15.25 -4.34 -20.11
N ALA B 24 15.53 -5.49 -20.75
CA ALA B 24 15.50 -6.76 -20.03
C ALA B 24 16.49 -6.75 -18.88
N LEU B 25 17.68 -6.19 -19.10
CA LEU B 25 18.68 -6.10 -18.04
C LEU B 25 18.34 -5.01 -17.04
N LEU B 26 17.80 -3.89 -17.50
CA LEU B 26 17.43 -2.81 -16.60
C LEU B 26 16.34 -3.24 -15.64
N VAL B 27 15.45 -4.15 -16.07
CA VAL B 27 14.40 -4.65 -15.19
C VAL B 27 15.02 -5.30 -13.96
N PHE B 28 16.06 -6.12 -14.15
CA PHE B 28 16.74 -6.73 -13.02
C PHE B 28 17.59 -5.70 -12.27
N LEU B 29 18.17 -4.73 -12.98
CA LEU B 29 18.93 -3.68 -12.31
C LEU B 29 18.06 -2.89 -11.34
N LEU B 30 16.75 -2.85 -11.57
CA LEU B 30 15.85 -2.16 -10.66
C LEU B 30 15.89 -2.81 -9.27
N PRO B 31 15.74 -2.04 -8.21
CA PRO B 31 15.69 -2.64 -6.86
C PRO B 31 14.57 -3.66 -6.74
N ALA B 32 14.57 -4.36 -5.62
CA ALA B 32 13.59 -5.42 -5.36
C ALA B 32 12.26 -4.78 -5.01
N ASP B 33 11.53 -4.39 -6.06
CA ASP B 33 10.20 -3.79 -5.93
C ASP B 33 9.18 -4.90 -6.18
N SER B 34 8.84 -5.64 -5.12
CA SER B 34 7.92 -6.76 -5.26
C SER B 34 6.56 -6.31 -5.79
N GLY B 35 6.20 -5.05 -5.57
CA GLY B 35 4.89 -4.58 -6.00
C GLY B 35 4.76 -4.52 -7.51
N GLU B 36 5.81 -4.05 -8.20
CA GLU B 36 5.77 -3.87 -9.64
C GLU B 36 6.69 -4.83 -10.40
N LYS B 37 7.76 -5.31 -9.77
CA LYS B 37 8.71 -6.18 -10.45
C LYS B 37 8.00 -7.35 -11.12
N ILE B 38 7.23 -8.10 -10.34
CA ILE B 38 6.53 -9.28 -10.87
C ILE B 38 5.75 -8.91 -12.12
N SER B 39 5.20 -7.70 -12.16
CA SER B 39 4.48 -7.26 -13.36
C SER B 39 5.43 -6.71 -14.41
N LEU B 40 6.42 -5.91 -13.99
CA LEU B 40 7.33 -5.31 -14.94
C LEU B 40 8.00 -6.37 -15.82
N GLY B 41 8.51 -7.42 -15.20
CA GLY B 41 9.14 -8.48 -15.98
C GLY B 41 8.24 -9.00 -17.09
N ILE B 42 6.94 -9.06 -16.84
CA ILE B 42 6.01 -9.50 -17.87
C ILE B 42 5.67 -8.35 -18.82
N THR B 43 5.56 -7.14 -18.30
CA THR B 43 5.20 -5.99 -19.14
C THR B 43 6.17 -5.87 -20.31
N VAL B 44 7.47 -5.88 -20.04
CA VAL B 44 8.45 -5.79 -21.11
C VAL B 44 8.22 -6.89 -22.14
N LEU B 45 7.89 -8.10 -21.67
CA LEU B 45 7.62 -9.19 -22.59
C LEU B 45 6.53 -8.81 -23.59
N LEU B 46 5.47 -8.15 -23.12
CA LEU B 46 4.43 -7.70 -24.02
C LEU B 46 4.99 -6.82 -25.13
N SER B 47 5.88 -5.89 -24.77
CA SER B 47 6.49 -5.01 -25.76
C SER B 47 7.17 -5.78 -26.87
N LEU B 48 7.59 -7.03 -26.60
CA LEU B 48 8.20 -7.85 -27.64
C LEU B 48 7.14 -8.50 -28.52
N THR B 49 6.03 -8.95 -27.92
CA THR B 49 5.01 -9.66 -28.69
C THR B 49 4.54 -8.82 -29.88
N VAL B 50 4.17 -7.57 -29.62
CA VAL B 50 3.77 -6.68 -30.72
C VAL B 50 4.88 -6.59 -31.75
N PHE B 51 6.13 -6.43 -31.31
CA PHE B 51 7.24 -6.36 -32.24
C PHE B 51 7.32 -7.60 -33.12
N MET B 52 6.95 -8.76 -32.57
CA MET B 52 6.97 -9.99 -33.35
C MET B 52 6.12 -9.83 -34.61
N LEU B 53 5.02 -9.09 -34.52
CA LEU B 53 4.18 -8.85 -35.70
C LEU B 53 5.01 -8.25 -36.82
N LEU B 54 5.83 -7.26 -36.51
CA LEU B 54 6.67 -6.64 -37.53
C LEU B 54 7.57 -7.68 -38.20
N VAL B 55 8.04 -8.66 -37.43
CA VAL B 55 8.88 -9.71 -38.01
C VAL B 55 8.13 -10.44 -39.12
N ALA B 56 6.83 -10.68 -38.92
CA ALA B 56 6.03 -11.35 -39.94
C ALA B 56 6.08 -10.61 -41.27
N GLU B 57 6.38 -9.30 -41.26
CA GLU B 57 6.47 -8.55 -42.49
C GLU B 57 7.77 -8.85 -43.25
N ILE B 58 8.86 -9.06 -42.53
CA ILE B 58 10.15 -9.31 -43.16
C ILE B 58 10.40 -10.79 -43.41
N MET B 59 9.83 -11.67 -42.56
CA MET B 59 10.02 -13.12 -42.70
C MET B 59 8.71 -13.81 -42.38
N PRO B 60 7.76 -13.81 -43.32
CA PRO B 60 6.49 -14.50 -43.09
C PRO B 60 6.71 -15.97 -42.76
N SER B 61 5.76 -16.53 -42.01
CA SER B 61 5.87 -17.92 -41.57
C SER B 61 5.58 -18.92 -42.69
N THR B 62 5.21 -18.45 -43.88
CA THR B 62 4.91 -19.35 -44.99
C THR B 62 5.46 -18.89 -46.33
N SER B 63 6.21 -17.78 -46.37
CA SER B 63 6.75 -17.25 -47.62
C SER B 63 8.27 -17.23 -47.62
N ASP B 64 8.90 -16.72 -46.57
CA ASP B 64 10.34 -16.58 -46.49
C ASP B 64 10.91 -17.58 -45.48
N SER B 65 12.06 -18.15 -45.82
CA SER B 65 12.74 -19.11 -44.96
C SER B 65 14.12 -18.53 -44.62
N SER B 66 14.24 -17.95 -43.43
CA SER B 66 15.48 -17.34 -42.96
C SER B 66 15.79 -17.87 -41.57
N PRO B 67 16.32 -19.10 -41.47
CA PRO B 67 16.61 -19.66 -40.15
C PRO B 67 17.74 -18.96 -39.42
N SER B 68 18.61 -18.23 -40.13
CA SER B 68 19.75 -17.58 -39.48
C SER B 68 19.29 -16.63 -38.39
N ILE B 69 18.51 -15.60 -38.77
CA ILE B 69 18.01 -14.65 -37.78
C ILE B 69 16.92 -15.26 -36.92
N ALA B 70 16.22 -16.28 -37.43
CA ALA B 70 15.20 -16.94 -36.62
C ALA B 70 15.82 -17.61 -35.41
N GLN B 71 17.01 -18.18 -35.56
CA GLN B 71 17.68 -18.80 -34.42
C GLN B 71 17.98 -17.77 -33.34
N TYR B 72 18.49 -16.59 -33.72
CA TYR B 72 18.77 -15.55 -32.74
C TYR B 72 17.49 -15.03 -32.09
N PHE B 73 16.42 -14.89 -32.88
CA PHE B 73 15.15 -14.45 -32.32
C PHE B 73 14.62 -15.46 -31.30
N ALA B 74 14.71 -16.74 -31.63
CA ALA B 74 14.26 -17.78 -30.69
C ALA B 74 15.12 -17.79 -29.44
N SER B 75 16.43 -17.57 -29.60
CA SER B 75 17.32 -17.51 -28.44
C SER B 75 16.95 -16.35 -27.53
N THR B 76 16.68 -15.18 -28.12
CA THR B 76 16.28 -14.03 -27.32
C THR B 76 14.95 -14.27 -26.63
N MET B 77 14.00 -14.91 -27.33
CA MET B 77 12.71 -15.22 -26.72
C MET B 77 12.89 -16.17 -25.54
N ILE B 78 13.74 -17.20 -25.71
CA ILE B 78 13.98 -18.13 -24.61
C ILE B 78 14.66 -17.42 -23.45
N ILE B 79 15.56 -16.49 -23.75
CA ILE B 79 16.26 -15.76 -22.69
C ILE B 79 15.27 -14.93 -21.87
N VAL B 80 14.40 -14.18 -22.56
CA VAL B 80 13.44 -13.36 -21.85
C VAL B 80 12.44 -14.22 -21.10
N GLY B 81 12.07 -15.39 -21.65
CA GLY B 81 11.18 -16.28 -20.94
C GLY B 81 11.82 -16.82 -19.67
N LEU B 82 13.09 -17.23 -19.75
CA LEU B 82 13.79 -17.70 -18.56
C LEU B 82 13.92 -16.57 -17.53
N SER B 83 14.13 -15.35 -18.00
CA SER B 83 14.20 -14.21 -17.08
C SER B 83 12.86 -14.02 -16.36
N VAL B 84 11.76 -14.05 -17.11
CA VAL B 84 10.44 -13.88 -16.50
C VAL B 84 10.17 -15.02 -15.52
N VAL B 85 10.62 -16.23 -15.85
CA VAL B 85 10.39 -17.37 -14.95
C VAL B 85 11.20 -17.22 -13.67
N VAL B 86 12.47 -16.82 -13.78
CA VAL B 86 13.31 -16.64 -12.61
C VAL B 86 12.83 -15.46 -11.77
N THR B 87 12.11 -14.51 -12.39
CA THR B 87 11.50 -13.44 -11.60
C THR B 87 10.57 -14.00 -10.54
N VAL B 88 9.82 -15.05 -10.88
CA VAL B 88 8.91 -15.65 -9.92
C VAL B 88 9.69 -16.34 -8.80
N ILE B 89 10.78 -17.03 -9.14
CA ILE B 89 11.60 -17.67 -8.11
C ILE B 89 12.19 -16.61 -7.18
N VAL B 90 12.56 -15.45 -7.73
CA VAL B 90 13.08 -14.38 -6.90
C VAL B 90 12.00 -13.85 -5.97
N LEU B 91 10.80 -13.60 -6.52
CA LEU B 91 9.71 -13.11 -5.70
C LEU B 91 9.33 -14.12 -4.62
N GLN B 92 9.56 -15.41 -4.87
CA GLN B 92 9.25 -16.42 -3.86
C GLN B 92 10.01 -16.17 -2.57
N TYR B 93 11.22 -15.61 -2.66
CA TYR B 93 12.01 -15.31 -1.47
C TYR B 93 11.48 -14.12 -0.69
N HIS B 94 10.39 -13.49 -1.14
CA HIS B 94 9.83 -12.32 -0.46
C HIS B 94 8.75 -12.68 0.55
N HIS B 95 8.16 -13.86 0.45
CA HIS B 95 7.09 -14.28 1.35
C HIS B 95 7.42 -15.51 2.16
N HIS B 96 8.03 -16.53 1.55
CA HIS B 96 8.37 -17.78 2.24
C HIS B 96 7.13 -18.38 2.89
N ASP B 97 6.15 -18.70 2.05
CA ASP B 97 4.89 -19.25 2.53
C ASP B 97 5.13 -20.60 3.21
N PRO B 98 4.20 -21.03 4.08
CA PRO B 98 4.38 -22.33 4.75
C PRO B 98 4.31 -23.52 3.80
N ASP B 99 3.91 -23.32 2.54
CA ASP B 99 3.81 -24.44 1.61
C ASP B 99 5.12 -25.18 1.48
N GLY B 100 6.24 -24.49 1.65
CA GLY B 100 7.55 -25.12 1.57
C GLY B 100 8.34 -24.66 0.36
N GLY B 101 9.00 -25.59 -0.32
CA GLY B 101 9.80 -25.26 -1.48
C GLY B 101 11.23 -24.88 -1.12
N LYS B 102 11.50 -23.57 -1.08
CA LYS B 102 12.83 -23.06 -0.73
C LYS B 102 12.99 -23.19 0.78
N MET B 103 13.43 -24.36 1.23
CA MET B 103 13.61 -24.60 2.65
C MET B 103 14.66 -23.65 3.22
N PRO B 104 14.41 -23.00 4.37
CA PRO B 104 15.43 -22.12 4.94
C PRO B 104 16.64 -22.89 5.44
N LYS B 105 17.61 -22.16 6.01
CA LYS B 105 18.84 -22.72 6.57
C LYS B 105 19.81 -23.21 5.50
N TRP B 106 19.47 -23.07 4.21
CA TRP B 106 20.34 -23.51 3.13
C TRP B 106 20.82 -22.34 2.28
N THR B 107 19.92 -21.47 1.84
CA THR B 107 20.29 -20.31 1.03
C THR B 107 20.75 -19.13 1.86
N ARG B 108 20.57 -19.16 3.19
CA ARG B 108 20.98 -18.04 4.02
C ARG B 108 22.50 -17.88 4.03
N VAL B 109 23.23 -18.99 4.09
CA VAL B 109 24.68 -18.92 4.11
C VAL B 109 25.22 -18.36 2.79
N ILE B 110 24.51 -18.64 1.69
CA ILE B 110 24.94 -18.12 0.38
C ILE B 110 24.58 -16.65 0.26
N LEU B 111 23.40 -16.26 0.76
CA LEU B 111 23.01 -14.86 0.71
C LEU B 111 23.92 -13.99 1.56
N LEU B 112 24.28 -14.47 2.75
CA LEU B 112 25.21 -13.71 3.60
C LEU B 112 26.58 -13.59 2.93
N ASN B 113 27.05 -14.67 2.30
CA ASN B 113 28.33 -14.60 1.60
C ASN B 113 28.29 -13.61 0.46
N TRP B 114 27.20 -13.61 -0.32
CA TRP B 114 27.08 -12.66 -1.41
C TRP B 114 27.03 -11.23 -0.90
N CYS B 115 26.30 -10.99 0.20
CA CYS B 115 26.22 -9.65 0.76
C CYS B 115 27.58 -9.19 1.28
N ALA B 116 28.36 -10.10 1.86
CA ALA B 116 29.68 -9.74 2.36
C ALA B 116 30.65 -9.50 1.20
N TRP B 117 30.51 -10.24 0.10
CA TRP B 117 31.39 -10.05 -1.05
C TRP B 117 31.05 -8.76 -1.79
N PHE B 118 29.78 -8.37 -1.83
CA PHE B 118 29.41 -7.13 -2.50
C PHE B 118 29.90 -5.92 -1.73
N LEU B 119 29.73 -5.92 -0.40
CA LEU B 119 30.23 -4.81 0.41
C LEU B 119 31.75 -4.86 0.51
N ARG B 120 32.30 -5.98 0.97
CA ARG B 120 33.74 -6.17 1.07
C ARG B 120 34.19 -6.95 -0.16
N MET B 121 34.77 -6.24 -1.12
CA MET B 121 35.22 -6.87 -2.35
C MET B 121 36.21 -7.99 -2.05
N LYS B 122 36.09 -9.08 -2.82
CA LYS B 122 36.94 -10.24 -2.62
C LYS B 122 37.94 -10.47 -3.75
N ARG B 123 37.71 -9.90 -4.93
CA ARG B 123 38.63 -10.11 -6.04
C ARG B 123 40.00 -9.52 -5.71
N PRO B 124 41.06 -9.99 -6.39
CA PRO B 124 42.39 -9.46 -6.10
C PRO B 124 42.53 -7.97 -6.33
N GLY B 125 41.68 -7.39 -7.18
CA GLY B 125 41.80 -5.96 -7.46
C GLY B 125 41.66 -5.09 -6.24
N GLU B 126 40.82 -5.52 -5.28
CA GLU B 126 40.59 -4.75 -4.06
C GLU B 126 40.80 -5.54 -2.78
N ASP B 127 40.82 -6.87 -2.84
CA ASP B 127 41.00 -7.66 -1.63
C ASP B 127 42.48 -7.80 -1.27
N LYS B 128 43.32 -8.09 -2.27
CA LYS B 128 44.75 -8.24 -2.04
C LYS B 128 45.49 -6.90 -2.09
N VAL B 129 45.09 -6.01 -3.00
CA VAL B 129 45.73 -4.70 -3.13
C VAL B 129 44.99 -3.77 -2.19
N ARG B 130 45.44 -3.73 -0.93
CA ARG B 130 44.85 -2.88 0.08
C ARG B 130 45.80 -2.84 1.28
N PRO B 131 45.63 -1.86 2.17
CA PRO B 131 46.51 -1.80 3.36
C PRO B 131 46.41 -3.06 4.19
N ALA B 132 47.53 -3.77 4.30
CA ALA B 132 47.58 -5.01 5.07
C ALA B 132 48.97 -5.17 5.64
N CYS B 133 49.07 -6.01 6.66
CA CYS B 133 50.35 -6.28 7.33
C CYS B 133 50.30 -7.68 7.94
N GLN B 134 51.47 -8.14 8.39
CA GLN B 134 51.60 -9.46 8.99
C GLN B 134 51.60 -9.39 10.52
N HIS B 135 51.09 -8.31 11.10
CA HIS B 135 51.05 -8.15 12.53
C HIS B 135 49.75 -8.75 13.07
N LYS B 136 49.47 -8.52 14.36
CA LYS B 136 48.26 -9.05 14.97
C LYS B 136 46.99 -8.47 14.34
N GLN B 137 47.10 -7.38 13.59
CA GLN B 137 45.92 -6.79 12.96
C GLN B 137 45.27 -7.73 11.95
N ARG B 138 46.02 -8.72 11.44
CA ARG B 138 45.49 -9.67 10.47
C ARG B 138 45.57 -11.10 10.96
N ARG B 139 45.94 -11.32 12.22
CA ARG B 139 46.02 -12.66 12.77
C ARG B 139 44.66 -13.11 13.29
N CYS B 140 44.60 -14.34 13.77
CA CYS B 140 43.36 -14.92 14.29
C CYS B 140 43.60 -15.41 15.71
N SER B 141 42.52 -15.41 16.50
CA SER B 141 42.58 -15.84 17.90
C SER B 141 41.23 -16.44 18.27
N LEU B 142 41.00 -16.62 19.57
CA LEU B 142 39.74 -17.19 20.04
C LEU B 142 38.55 -16.30 19.69
N ALA B 143 38.78 -15.02 19.40
CA ALA B 143 37.69 -14.12 19.05
C ALA B 143 37.30 -14.22 17.58
N SER B 144 38.18 -14.74 16.73
CA SER B 144 37.89 -14.90 15.30
C SER B 144 37.44 -16.31 14.95
N VAL B 145 38.15 -17.33 15.45
CA VAL B 145 37.80 -18.71 15.19
C VAL B 145 36.69 -19.10 16.16
N GLU B 146 35.44 -19.00 15.71
CA GLU B 146 34.28 -19.30 16.54
C GLU B 146 33.53 -20.52 16.01
N MET B 147 34.28 -21.54 15.57
CA MET B 147 33.66 -22.75 15.05
C MET B 147 32.87 -23.50 16.12
N SER B 148 33.12 -23.23 17.40
CA SER B 148 32.43 -23.89 18.50
C SER B 148 31.19 -23.13 18.94
N ALA B 149 30.58 -22.35 18.06
CA ALA B 149 29.38 -21.59 18.38
C ALA B 149 29.64 -20.57 19.49
N VAL B 150 30.68 -19.78 19.30
CA VAL B 150 31.06 -18.73 20.25
C VAL B 150 30.40 -17.43 19.84
N ALA B 151 30.08 -16.59 20.82
CA ALA B 151 29.45 -15.32 20.54
C ALA B 151 30.40 -14.44 19.73
N PRO B 152 29.88 -13.51 18.93
CA PRO B 152 30.74 -12.66 18.12
C PRO B 152 31.44 -11.62 18.98
N PRO B 153 32.47 -10.97 18.45
CA PRO B 153 33.18 -9.94 19.24
C PRO B 153 32.26 -8.78 19.55
N PRO B 154 32.58 -7.98 20.57
CA PRO B 154 31.73 -6.82 20.91
C PRO B 154 31.89 -5.72 19.88
N ALA B 155 30.79 -5.37 19.22
CA ALA B 155 30.81 -4.32 18.22
C ALA B 155 29.44 -3.63 18.20
N SER B 156 29.42 -2.43 17.63
CA SER B 156 28.20 -1.63 17.55
C SER B 156 27.41 -1.91 16.28
N ASN B 157 27.86 -2.83 15.43
CA ASN B 157 27.17 -3.16 14.20
C ASN B 157 26.10 -4.24 14.40
N GLY B 158 25.71 -4.50 15.64
CA GLY B 158 24.70 -5.51 15.93
C GLY B 158 25.26 -6.68 16.71
N ASN B 159 26.28 -6.42 17.52
CA ASN B 159 26.91 -7.46 18.33
C ASN B 159 26.98 -7.09 19.81
N LEU B 160 27.16 -5.81 20.12
CA LEU B 160 27.23 -5.39 21.52
C LEU B 160 25.87 -5.56 22.21
N LEU B 161 24.83 -5.00 21.61
CA LEU B 161 23.49 -5.11 22.16
C LEU B 161 22.82 -6.45 21.83
N TYR B 162 23.34 -7.17 20.84
CA TYR B 162 22.75 -8.46 20.48
C TYR B 162 22.88 -9.46 21.61
N ILE B 163 24.12 -9.70 22.08
CA ILE B 163 24.34 -10.66 23.16
C ILE B 163 23.56 -10.24 24.40
N GLY B 164 23.30 -8.95 24.57
CA GLY B 164 22.57 -8.47 25.73
C GLY B 164 21.08 -8.74 25.65
N PHE B 165 20.44 -8.26 24.57
CA PHE B 165 19.00 -8.39 24.44
C PHE B 165 18.60 -9.77 23.91
N ARG B 166 19.06 -10.10 22.71
CA ARG B 166 18.69 -11.37 22.09
C ARG B 166 19.37 -12.57 22.75
N GLY B 167 20.49 -12.34 23.42
CA GLY B 167 21.20 -13.42 24.08
C GLY B 167 20.62 -13.79 25.43
N LEU B 168 19.47 -14.46 25.41
CA LEU B 168 18.82 -14.86 26.65
C LEU B 168 19.75 -15.73 27.49
N ASP B 169 19.43 -15.84 28.77
CA ASP B 169 20.20 -16.62 29.75
C ASP B 169 21.60 -16.05 29.97
N GLY B 170 21.86 -14.83 29.54
CA GLY B 170 23.15 -14.20 29.70
C GLY B 170 23.24 -13.42 31.00
N VAL B 171 24.27 -12.57 31.08
CA VAL B 171 24.48 -11.77 32.28
C VAL B 171 23.43 -10.67 32.41
N HIS B 172 22.83 -10.23 31.31
CA HIS B 172 21.83 -9.17 31.38
C HIS B 172 20.52 -9.67 31.99
N CYS B 173 20.22 -10.95 31.83
CA CYS B 173 18.99 -11.54 32.35
C CYS B 173 19.23 -12.57 33.44
N VAL B 174 20.35 -13.29 33.39
CA VAL B 174 20.67 -14.30 34.40
C VAL B 174 22.07 -14.04 34.93
N PRO B 175 22.27 -13.03 35.77
CA PRO B 175 23.61 -12.72 36.31
C PRO B 175 24.00 -13.67 37.46
N THR B 176 24.21 -14.93 37.12
CA THR B 176 24.61 -15.93 38.10
C THR B 176 26.05 -15.73 38.56
N PRO B 177 26.97 -15.27 37.71
CA PRO B 177 28.34 -15.04 38.17
C PRO B 177 28.37 -14.07 39.35
N ASP B 178 29.04 -14.49 40.43
CA ASP B 178 29.14 -13.67 41.63
C ASP B 178 30.09 -12.51 41.37
N SER B 179 29.54 -11.34 41.05
CA SER B 179 30.34 -10.16 40.79
C SER B 179 30.70 -9.39 42.05
N GLY B 180 29.95 -9.56 43.12
CA GLY B 180 30.22 -8.85 44.36
C GLY B 180 29.59 -7.49 44.47
N VAL B 181 28.72 -7.11 43.54
CA VAL B 181 28.08 -5.80 43.61
C VAL B 181 26.92 -5.81 44.59
N VAL B 182 26.29 -6.97 44.82
CA VAL B 182 25.16 -7.05 45.73
C VAL B 182 25.59 -6.89 47.19
N CYS B 183 26.87 -7.18 47.49
CA CYS B 183 27.35 -7.07 48.87
C CYS B 183 28.71 -6.40 48.99
N GLY B 184 29.33 -5.99 47.88
CA GLY B 184 30.64 -5.36 47.92
C GLY B 184 30.61 -3.91 47.47
N ARG B 185 29.67 -3.57 46.60
CA ARG B 185 29.53 -2.21 46.09
C ARG B 185 28.14 -1.67 46.43
N MET B 186 28.07 -0.36 46.65
CA MET B 186 26.83 0.31 47.00
C MET B 186 26.30 1.18 45.86
N ALA B 187 26.87 1.06 44.66
CA ALA B 187 26.41 1.84 43.51
C ALA B 187 25.09 1.27 43.02
N CYS B 188 23.98 1.92 43.40
CA CYS B 188 22.64 1.49 43.03
C CYS B 188 22.37 0.06 43.48
N SER B 189 23.01 -0.36 44.57
CA SER B 189 22.84 -1.72 45.09
C SER B 189 23.20 -1.76 46.56
N PRO B 190 22.25 -1.47 47.46
CA PRO B 190 22.57 -1.52 48.89
C PRO B 190 23.13 -2.88 49.30
N THR B 191 24.25 -2.86 50.01
CA THR B 191 24.91 -4.08 50.45
C THR B 191 24.11 -4.71 51.58
N HIS B 192 23.31 -5.73 51.23
CA HIS B 192 22.48 -6.47 52.19
C HIS B 192 21.81 -5.53 53.19
N ASP B 193 21.35 -4.38 52.73
CA ASP B 193 20.68 -3.40 53.58
C ASP B 193 19.20 -3.74 53.62
N GLU B 194 18.78 -4.47 54.67
CA GLU B 194 17.38 -4.85 54.81
C GLU B 194 16.55 -3.77 55.49
N HIS B 195 17.18 -2.80 56.13
CA HIS B 195 16.46 -1.73 56.82
C HIS B 195 16.28 -0.49 55.96
N LEU B 196 16.66 -0.54 54.68
CA LEU B 196 16.50 0.61 53.79
C LEU B 196 15.02 0.74 53.43
N LEU B 197 14.34 1.69 54.06
CA LEU B 197 12.93 1.93 53.82
C LEU B 197 12.74 3.29 53.17
N HIS B 198 11.72 3.38 52.31
CA HIS B 198 11.41 4.62 51.60
C HIS B 198 10.70 5.56 52.56
N GLY B 199 11.48 6.17 53.44
CA GLY B 199 10.92 7.08 54.43
C GLY B 199 9.85 6.45 55.29
N GLY B 200 10.06 5.21 55.73
CA GLY B 200 9.10 4.50 56.54
C GLY B 200 8.21 3.55 55.76
N GLN B 201 8.27 3.59 54.44
CA GLN B 201 7.46 2.72 53.59
C GLN B 201 8.33 1.67 52.91
N PRO B 202 7.73 0.62 52.36
CA PRO B 202 8.52 -0.41 51.68
C PRO B 202 9.28 0.18 50.49
N PRO B 203 10.18 -0.60 49.88
CA PRO B 203 10.94 -0.06 48.74
C PRO B 203 10.06 0.34 47.56
N GLU B 204 8.82 -0.12 47.49
CA GLU B 204 7.91 0.20 46.40
C GLU B 204 6.70 0.93 46.96
N GLY B 205 6.31 2.02 46.29
CA GLY B 205 5.16 2.78 46.75
C GLY B 205 3.85 2.06 46.53
N ASP B 206 3.67 1.47 45.34
CA ASP B 206 2.44 0.77 45.01
C ASP B 206 2.74 -0.38 44.06
N PRO B 207 2.37 -1.62 44.40
CA PRO B 207 2.59 -2.73 43.46
C PRO B 207 1.93 -2.51 42.10
N ASP B 208 0.93 -1.64 42.01
CA ASP B 208 0.29 -1.37 40.72
C ASP B 208 1.30 -0.81 39.72
N LEU B 209 2.32 -0.10 40.19
CA LEU B 209 3.35 0.40 39.29
C LEU B 209 4.10 -0.75 38.63
N ALA B 210 4.30 -1.85 39.35
CA ALA B 210 4.95 -3.02 38.76
C ALA B 210 4.12 -3.57 37.61
N LYS B 211 2.81 -3.68 37.79
CA LYS B 211 1.94 -4.16 36.71
C LYS B 211 1.92 -3.17 35.55
N ILE B 212 1.95 -1.88 35.84
CA ILE B 212 1.99 -0.88 34.78
C ILE B 212 3.26 -1.03 33.95
N LEU B 213 4.40 -1.19 34.62
CA LEU B 213 5.66 -1.40 33.92
C LEU B 213 5.64 -2.70 33.13
N GLU B 214 5.02 -3.75 33.68
CA GLU B 214 4.93 -5.01 32.96
C GLU B 214 4.11 -4.87 31.69
N GLU B 215 2.99 -4.14 31.76
CA GLU B 215 2.18 -3.93 30.56
C GLU B 215 2.90 -3.04 29.56
N VAL B 216 3.67 -2.06 30.06
CA VAL B 216 4.46 -1.21 29.16
C VAL B 216 5.49 -2.06 28.42
N ARG B 217 6.17 -2.96 29.13
CA ARG B 217 7.12 -3.85 28.48
C ARG B 217 6.43 -4.81 27.52
N TYR B 218 5.21 -5.23 27.84
CA TYR B 218 4.46 -6.11 26.95
C TYR B 218 4.14 -5.40 25.64
N ILE B 219 3.68 -4.16 25.71
CA ILE B 219 3.38 -3.42 24.48
C ILE B 219 4.67 -3.09 23.74
N ALA B 220 5.77 -2.86 24.47
CA ALA B 220 7.06 -2.65 23.81
C ALA B 220 7.49 -3.90 23.04
N ASN B 221 7.27 -5.08 23.62
CA ASN B 221 7.59 -6.31 22.91
C ASN B 221 6.66 -6.52 21.73
N ARG B 222 5.38 -6.13 21.87
CA ARG B 222 4.47 -6.20 20.74
C ARG B 222 4.95 -5.34 19.59
N PHE B 223 5.46 -4.14 19.89
CA PHE B 223 6.00 -3.28 18.85
C PHE B 223 7.29 -3.86 18.27
N ARG B 224 8.13 -4.44 19.13
CA ARG B 224 9.35 -5.08 18.65
C ARG B 224 9.05 -6.25 17.73
N CYS B 225 7.90 -6.90 17.92
CA CYS B 225 7.51 -7.98 17.01
C CYS B 225 7.30 -7.44 15.60
N GLN B 226 6.57 -6.33 15.46
CA GLN B 226 6.40 -5.73 14.15
C GLN B 226 7.72 -5.22 13.61
N ASP B 227 8.58 -4.70 14.49
CA ASP B 227 9.90 -4.26 14.04
C ASP B 227 10.70 -5.42 13.46
N GLU B 228 10.66 -6.58 14.12
CA GLU B 228 11.37 -7.75 13.62
C GLU B 228 10.75 -8.25 12.33
N SER B 229 9.42 -8.17 12.20
CA SER B 229 8.77 -8.54 10.95
C SER B 229 9.25 -7.64 9.81
N GLU B 230 9.31 -6.33 10.05
CA GLU B 230 9.79 -5.41 9.03
C GLU B 230 11.26 -5.68 8.69
N ALA B 231 12.06 -6.01 9.71
CA ALA B 231 13.46 -6.33 9.45
C ALA B 231 13.60 -7.58 8.60
N VAL B 232 12.78 -8.60 8.86
CA VAL B 232 12.81 -9.82 8.07
C VAL B 232 12.36 -9.52 6.64
N CYS B 233 11.35 -8.66 6.48
CA CYS B 233 10.92 -8.28 5.14
C CYS B 233 12.03 -7.55 4.40
N SER B 234 12.74 -6.66 5.08
CA SER B 234 13.86 -5.96 4.44
C SER B 234 14.98 -6.92 4.07
N GLU B 235 15.25 -7.91 4.93
CA GLU B 235 16.27 -8.90 4.62
C GLU B 235 15.87 -9.73 3.40
N TRP B 236 14.58 -10.11 3.31
CA TRP B 236 14.11 -10.84 2.15
C TRP B 236 14.23 -10.00 0.89
N LYS B 237 13.91 -8.70 0.99
CA LYS B 237 14.06 -7.81 -0.17
C LYS B 237 15.51 -7.71 -0.59
N PHE B 238 16.44 -7.62 0.37
CA PHE B 238 17.85 -7.56 0.05
C PHE B 238 18.32 -8.85 -0.61
N ALA B 239 17.84 -10.00 -0.12
CA ALA B 239 18.18 -11.27 -0.74
C ALA B 239 17.66 -11.34 -2.17
N ALA B 240 16.43 -10.89 -2.38
CA ALA B 240 15.87 -10.86 -3.74
C ALA B 240 16.69 -9.97 -4.65
N CYS B 241 17.11 -8.81 -4.15
CA CYS B 241 17.94 -7.91 -4.96
C CYS B 241 19.29 -8.53 -5.27
N VAL B 242 19.86 -9.26 -4.31
CA VAL B 242 21.14 -9.93 -4.54
C VAL B 242 20.99 -10.99 -5.62
N VAL B 243 19.91 -11.77 -5.55
CA VAL B 243 19.68 -12.81 -6.56
C VAL B 243 19.45 -12.16 -7.93
N ASP B 244 18.74 -11.03 -7.95
CA ASP B 244 18.52 -10.33 -9.21
C ASP B 244 19.84 -9.84 -9.80
N ARG B 245 20.72 -9.29 -8.96
CA ARG B 245 22.02 -8.84 -9.44
C ARG B 245 22.85 -10.01 -9.94
N LEU B 246 22.78 -11.16 -9.27
CA LEU B 246 23.50 -12.34 -9.72
C LEU B 246 22.98 -12.79 -11.09
N CYS B 247 21.66 -12.82 -11.25
CA CYS B 247 21.08 -13.20 -12.55
C CYS B 247 21.47 -12.21 -13.63
N LEU B 248 21.52 -10.92 -13.29
CA LEU B 248 21.95 -9.90 -14.25
C LEU B 248 23.39 -10.15 -14.69
N MET B 249 24.28 -10.38 -13.73
CA MET B 249 25.67 -10.64 -14.06
C MET B 249 25.81 -11.91 -14.90
N ALA B 250 24.99 -12.91 -14.62
CA ALA B 250 25.05 -14.15 -15.40
C ALA B 250 24.58 -13.93 -16.83
N PHE B 251 23.45 -13.24 -17.00
CA PHE B 251 22.89 -13.02 -18.33
C PHE B 251 23.66 -11.98 -19.12
N SER B 252 24.49 -11.16 -18.47
CA SER B 252 25.29 -10.18 -19.21
C SER B 252 26.21 -10.86 -20.21
N VAL B 253 26.88 -11.94 -19.80
CA VAL B 253 27.80 -12.64 -20.70
C VAL B 253 27.02 -13.25 -21.86
N PHE B 254 25.85 -13.83 -21.57
CA PHE B 254 25.04 -14.42 -22.64
C PHE B 254 24.60 -13.36 -23.64
N THR B 255 24.15 -12.20 -23.15
CA THR B 255 23.73 -11.14 -24.06
C THR B 255 24.91 -10.61 -24.88
N ILE B 256 26.08 -10.50 -24.26
CA ILE B 256 27.26 -10.04 -24.99
C ILE B 256 27.64 -11.03 -26.08
N ILE B 257 27.57 -12.33 -25.76
CA ILE B 257 27.89 -13.34 -26.76
C ILE B 257 26.88 -13.31 -27.90
N CYS B 258 25.60 -13.14 -27.58
CA CYS B 258 24.57 -13.07 -28.61
C CYS B 258 24.79 -11.86 -29.51
N THR B 259 25.13 -10.71 -28.93
CA THR B 259 25.39 -9.51 -29.73
C THR B 259 26.62 -9.70 -30.61
N ILE B 260 27.68 -10.31 -30.08
CA ILE B 260 28.87 -10.55 -30.86
C ILE B 260 28.57 -11.47 -32.02
N GLY B 261 27.76 -12.51 -31.78
CA GLY B 261 27.39 -13.42 -32.85
C GLY B 261 26.54 -12.74 -33.92
N ILE B 262 25.58 -11.92 -33.49
CA ILE B 262 24.73 -11.22 -34.45
C ILE B 262 25.56 -10.25 -35.28
N LEU B 263 26.58 -9.64 -34.67
CA LEU B 263 27.42 -8.70 -35.40
C LEU B 263 28.34 -9.42 -36.37
N MET B 264 28.97 -10.50 -35.94
CA MET B 264 29.89 -11.23 -36.81
C MET B 264 29.14 -12.00 -37.89
N SER B 265 27.90 -12.38 -37.64
CA SER B 265 27.10 -13.14 -38.60
C SER B 265 26.21 -12.25 -39.45
N ALA B 266 26.35 -10.92 -39.35
CA ALA B 266 25.54 -10.00 -40.14
C ALA B 266 25.89 -10.10 -41.62
N PRO B 267 27.18 -10.16 -41.99
CA PRO B 267 27.50 -10.27 -43.42
C PRO B 267 26.91 -11.51 -44.08
N ASN B 268 26.69 -12.57 -43.31
CA ASN B 268 26.13 -13.79 -43.90
C ASN B 268 24.68 -13.58 -44.33
N PHE B 269 23.91 -12.82 -43.56
CA PHE B 269 22.52 -12.55 -43.88
C PHE B 269 22.37 -11.26 -44.69
N VAL B 270 22.95 -10.16 -44.20
CA VAL B 270 22.85 -8.88 -44.88
C VAL B 270 23.87 -8.84 -46.04
N LEU C 7 -3.69 16.35 -46.92
CA LEU C 7 -4.12 17.12 -45.77
C LEU C 7 -4.24 16.23 -44.54
N TYR C 8 -4.80 15.03 -44.73
CA TYR C 8 -4.96 14.11 -43.62
C TYR C 8 -3.66 13.39 -43.27
N TYR C 9 -2.77 13.22 -44.24
CA TYR C 9 -1.51 12.52 -43.99
C TYR C 9 -0.66 13.26 -42.97
N GLY C 10 -0.44 14.56 -43.20
CA GLY C 10 0.38 15.32 -42.28
C GLY C 10 -0.20 15.37 -40.88
N LEU C 11 -1.51 15.58 -40.78
CA LEU C 11 -2.15 15.63 -39.46
C LEU C 11 -2.05 14.28 -38.75
N ASN C 12 -2.32 13.19 -39.47
CA ASN C 12 -2.27 11.87 -38.88
C ASN C 12 -0.86 11.46 -38.49
N LEU C 13 0.17 12.03 -39.14
CA LEU C 13 1.54 11.74 -38.76
C LEU C 13 2.07 12.68 -37.69
N LEU C 14 1.46 13.86 -37.53
CA LEU C 14 1.95 14.83 -36.55
C LEU C 14 1.25 14.70 -35.20
N ILE C 15 -0.08 14.53 -35.19
CA ILE C 15 -0.80 14.49 -33.92
C ILE C 15 -0.32 13.36 -33.03
N PRO C 16 -0.23 12.10 -33.50
CA PRO C 16 0.21 11.04 -32.60
C PRO C 16 1.64 11.22 -32.13
N CYS C 17 2.55 11.59 -33.02
CA CYS C 17 3.94 11.79 -32.64
C CYS C 17 4.08 12.91 -31.62
N VAL C 18 3.38 14.03 -31.85
CA VAL C 18 3.45 15.16 -30.92
C VAL C 18 2.86 14.76 -29.57
N LEU C 19 1.75 14.03 -29.59
CA LEU C 19 1.14 13.60 -28.34
C LEU C 19 2.07 12.67 -27.56
N ILE C 20 2.74 11.76 -28.26
CA ILE C 20 3.67 10.84 -27.59
C ILE C 20 4.86 11.61 -27.03
N SER C 21 5.38 12.57 -27.80
CA SER C 21 6.50 13.37 -27.32
C SER C 21 6.12 14.19 -26.09
N ALA C 22 4.87 14.68 -26.05
CA ALA C 22 4.42 15.44 -24.90
C ALA C 22 4.21 14.54 -23.69
N LEU C 23 3.66 13.35 -23.91
CA LEU C 23 3.45 12.41 -22.80
C LEU C 23 4.79 11.92 -22.23
N ALA C 24 5.80 11.76 -23.09
CA ALA C 24 7.11 11.35 -22.59
C ALA C 24 7.65 12.36 -21.58
N LEU C 25 7.45 13.66 -21.84
CA LEU C 25 7.90 14.68 -20.91
C LEU C 25 6.98 14.77 -19.70
N LEU C 26 5.67 14.61 -19.90
CA LEU C 26 4.74 14.66 -18.78
C LEU C 26 4.99 13.53 -17.79
N VAL C 27 5.47 12.38 -18.28
CA VAL C 27 5.78 11.27 -17.38
C VAL C 27 6.83 11.70 -16.35
N PHE C 28 7.87 12.41 -16.80
CA PHE C 28 8.88 12.91 -15.88
C PHE C 28 8.35 14.10 -15.06
N LEU C 29 7.48 14.92 -15.66
CA LEU C 29 6.88 16.01 -14.92
C LEU C 29 6.06 15.52 -13.73
N LEU C 30 5.58 14.28 -13.79
CA LEU C 30 4.83 13.72 -12.67
C LEU C 30 5.74 13.60 -11.45
N PRO C 31 5.19 13.76 -10.24
CA PRO C 31 6.01 13.59 -9.03
C PRO C 31 6.61 12.20 -8.97
N ALA C 32 7.50 12.02 -7.99
CA ALA C 32 8.23 10.76 -7.81
C ALA C 32 7.28 9.73 -7.21
N ASP C 33 6.47 9.14 -8.09
CA ASP C 33 5.53 8.09 -7.69
C ASP C 33 6.18 6.75 -8.00
N SER C 34 6.97 6.25 -7.05
CA SER C 34 7.69 5.00 -7.26
C SER C 34 6.75 3.84 -7.53
N GLY C 35 5.50 3.92 -7.07
CA GLY C 35 4.58 2.82 -7.26
C GLY C 35 4.18 2.64 -8.72
N GLU C 36 3.95 3.74 -9.42
CA GLU C 36 3.48 3.69 -10.81
C GLU C 36 4.50 4.19 -11.82
N LYS C 37 5.41 5.08 -11.40
CA LYS C 37 6.37 5.65 -12.34
C LYS C 37 7.11 4.56 -13.11
N ILE C 38 7.72 3.62 -12.40
CA ILE C 38 8.48 2.55 -13.04
C ILE C 38 7.64 1.87 -14.12
N SER C 39 6.34 1.74 -13.88
CA SER C 39 5.45 1.16 -14.89
C SER C 39 5.03 2.19 -15.92
N LEU C 40 4.69 3.40 -15.47
CA LEU C 40 4.20 4.43 -16.40
C LEU C 40 5.20 4.66 -17.52
N GLY C 41 6.48 4.86 -17.17
CA GLY C 41 7.49 5.06 -18.20
C GLY C 41 7.50 3.98 -19.26
N ILE C 42 7.18 2.74 -18.86
CA ILE C 42 7.12 1.65 -19.81
C ILE C 42 5.77 1.64 -20.52
N THR C 43 4.69 1.96 -19.80
CA THR C 43 3.36 1.94 -20.39
C THR C 43 3.32 2.81 -21.64
N VAL C 44 3.78 4.05 -21.53
CA VAL C 44 3.81 4.96 -22.68
C VAL C 44 4.55 4.31 -23.85
N LEU C 45 5.66 3.63 -23.55
CA LEU C 45 6.41 2.96 -24.61
C LEU C 45 5.51 2.01 -25.40
N LEU C 46 4.66 1.26 -24.71
CA LEU C 46 3.73 0.36 -25.39
C LEU C 46 2.87 1.14 -26.38
N SER C 47 2.35 2.30 -25.97
CA SER C 47 1.54 3.12 -26.86
C SER C 47 2.26 3.45 -28.16
N LEU C 48 3.59 3.44 -28.15
CA LEU C 48 4.34 3.70 -29.37
C LEU C 48 4.44 2.45 -30.24
N THR C 49 4.63 1.28 -29.61
CA THR C 49 4.81 0.04 -30.36
C THR C 49 3.64 -0.17 -31.33
N VAL C 50 2.41 -0.10 -30.83
CA VAL C 50 1.24 -0.24 -31.69
C VAL C 50 1.31 0.80 -32.82
N PHE C 51 1.65 2.04 -32.50
CA PHE C 51 1.75 3.06 -33.53
C PHE C 51 2.74 2.67 -34.60
N MET C 52 3.82 1.98 -34.23
CA MET C 52 4.81 1.54 -35.22
C MET C 52 4.14 0.73 -36.32
N LEU C 53 3.13 -0.07 -35.97
CA LEU C 53 2.42 -0.85 -36.98
C LEU C 53 1.89 0.06 -38.08
N LEU C 54 1.28 1.19 -37.69
CA LEU C 54 0.76 2.13 -38.69
C LEU C 54 1.87 2.58 -39.62
N VAL C 55 3.09 2.75 -39.11
CA VAL C 55 4.21 3.17 -39.94
C VAL C 55 4.42 2.17 -41.07
N ALA C 56 4.29 0.87 -40.76
CA ALA C 56 4.45 -0.16 -41.79
C ALA C 56 3.51 0.06 -42.96
N GLU C 57 2.40 0.77 -42.75
CA GLU C 57 1.48 1.03 -43.85
C GLU C 57 2.01 2.11 -44.79
N ILE C 58 2.69 3.12 -44.24
CA ILE C 58 3.18 4.22 -45.06
C ILE C 58 4.59 3.96 -45.58
N MET C 59 5.39 3.19 -44.85
CA MET C 59 6.78 2.88 -45.24
C MET C 59 7.07 1.43 -44.89
N PRO C 60 6.59 0.48 -45.70
CA PRO C 60 6.88 -0.93 -45.42
C PRO C 60 8.38 -1.18 -45.39
N SER C 61 8.76 -2.21 -44.63
CA SER C 61 10.17 -2.54 -44.45
C SER C 61 10.78 -3.20 -45.68
N THR C 62 10.00 -3.46 -46.73
CA THR C 62 10.53 -4.09 -47.94
C THR C 62 9.99 -3.49 -49.23
N SER C 63 9.19 -2.42 -49.16
CA SER C 63 8.62 -1.81 -50.35
C SER C 63 9.07 -0.36 -50.53
N ASP C 64 9.00 0.45 -49.49
CA ASP C 64 9.35 1.86 -49.55
C ASP C 64 10.65 2.11 -48.81
N SER C 65 11.49 2.98 -49.37
CA SER C 65 12.77 3.36 -48.79
C SER C 65 12.74 4.86 -48.52
N SER C 66 12.48 5.24 -47.27
CA SER C 66 12.40 6.65 -46.85
C SER C 66 13.27 6.83 -45.62
N PRO C 67 14.59 6.95 -45.79
CA PRO C 67 15.46 7.10 -44.62
C PRO C 67 15.31 8.44 -43.92
N SER C 68 14.77 9.46 -44.59
CA SER C 68 14.65 10.77 -43.97
C SER C 68 13.83 10.70 -42.68
N ILE C 69 12.56 10.30 -42.79
CA ILE C 69 11.71 10.19 -41.61
C ILE C 69 12.11 9.01 -40.75
N ALA C 70 12.73 7.98 -41.34
CA ALA C 70 13.19 6.84 -40.55
C ALA C 70 14.24 7.26 -39.54
N GLN C 71 15.11 8.20 -39.92
CA GLN C 71 16.12 8.68 -38.99
C GLN C 71 15.48 9.35 -37.78
N TYR C 72 14.47 10.20 -38.02
CA TYR C 72 13.79 10.87 -36.91
C TYR C 72 13.03 9.87 -36.05
N PHE C 73 12.41 8.87 -36.68
CA PHE C 73 11.71 7.84 -35.90
C PHE C 73 12.68 7.06 -35.02
N ALA C 74 13.84 6.70 -35.56
CA ALA C 74 14.84 5.99 -34.77
C ALA C 74 15.38 6.87 -33.66
N SER C 75 15.56 8.17 -33.92
CA SER C 75 16.01 9.08 -32.88
C SER C 75 14.99 9.16 -31.75
N THR C 76 13.70 9.26 -32.09
CA THR C 76 12.67 9.31 -31.06
C THR C 76 12.61 8.01 -30.27
N MET C 77 12.77 6.87 -30.97
CA MET C 77 12.78 5.58 -30.28
C MET C 77 13.95 5.50 -29.30
N ILE C 78 15.13 5.94 -29.73
CA ILE C 78 16.30 5.92 -28.85
C ILE C 78 16.09 6.87 -27.68
N ILE C 79 15.45 8.01 -27.91
CA ILE C 79 15.20 8.96 -26.83
C ILE C 79 14.27 8.35 -25.78
N VAL C 80 13.17 7.74 -26.23
CA VAL C 80 12.24 7.14 -25.28
C VAL C 80 12.88 5.95 -24.57
N GLY C 81 13.73 5.19 -25.26
CA GLY C 81 14.43 4.10 -24.62
C GLY C 81 15.38 4.58 -23.54
N LEU C 82 16.14 5.64 -23.83
CA LEU C 82 17.03 6.22 -22.83
C LEU C 82 16.23 6.76 -21.66
N SER C 83 15.07 7.34 -21.92
CA SER C 83 14.21 7.83 -20.84
C SER C 83 13.76 6.68 -19.95
N VAL C 84 13.30 5.58 -20.56
CA VAL C 84 12.85 4.43 -19.78
C VAL C 84 14.01 3.85 -18.99
N VAL C 85 15.21 3.85 -19.56
CA VAL C 85 16.38 3.31 -18.86
C VAL C 85 16.74 4.19 -17.66
N VAL C 86 16.76 5.51 -17.87
CA VAL C 86 17.08 6.42 -16.77
C VAL C 86 16.00 6.40 -15.70
N THR C 87 14.78 6.01 -16.06
CA THR C 87 13.74 5.84 -15.04
C THR C 87 14.18 4.84 -13.98
N VAL C 88 14.86 3.76 -14.41
CA VAL C 88 15.33 2.75 -13.46
C VAL C 88 16.42 3.32 -12.58
N ILE C 89 17.34 4.11 -13.15
CA ILE C 89 18.38 4.73 -12.36
C ILE C 89 17.78 5.68 -11.33
N VAL C 90 16.72 6.38 -11.72
CA VAL C 90 16.04 7.28 -10.78
C VAL C 90 15.39 6.48 -9.66
N LEU C 91 14.68 5.40 -10.01
CA LEU C 91 14.05 4.58 -8.99
C LEU C 91 15.08 3.94 -8.06
N GLN C 92 16.29 3.72 -8.55
CA GLN C 92 17.34 3.15 -7.71
C GLN C 92 17.61 4.02 -6.49
N TYR C 93 17.45 5.34 -6.61
CA TYR C 93 17.65 6.25 -5.50
C TYR C 93 16.54 6.18 -4.46
N HIS C 94 15.52 5.33 -4.67
CA HIS C 94 14.41 5.24 -3.74
C HIS C 94 14.60 4.14 -2.70
N HIS C 95 15.49 3.20 -2.93
CA HIS C 95 15.71 2.09 -2.00
C HIS C 95 17.12 2.04 -1.45
N HIS C 96 18.14 2.24 -2.29
CA HIS C 96 19.54 2.18 -1.87
C HIS C 96 19.83 0.85 -1.19
N ASP C 97 19.67 -0.23 -1.96
CA ASP C 97 19.87 -1.57 -1.43
C ASP C 97 21.33 -1.75 -1.02
N PRO C 98 21.60 -2.71 -0.12
CA PRO C 98 22.99 -2.95 0.30
C PRO C 98 23.90 -3.44 -0.82
N ASP C 99 23.34 -3.82 -1.98
CA ASP C 99 24.17 -4.32 -3.07
C ASP C 99 25.25 -3.32 -3.47
N GLY C 100 24.98 -2.03 -3.31
CA GLY C 100 25.94 -1.00 -3.65
C GLY C 100 25.52 -0.16 -4.84
N GLY C 101 26.46 0.09 -5.75
CA GLY C 101 26.17 0.88 -6.93
C GLY C 101 26.35 2.36 -6.69
N LYS C 102 25.25 3.07 -6.45
CA LYS C 102 25.27 4.50 -6.19
C LYS C 102 25.74 4.72 -4.76
N MET C 103 27.05 4.75 -4.58
CA MET C 103 27.63 4.91 -3.24
C MET C 103 27.18 6.25 -2.66
N PRO C 104 26.73 6.28 -1.39
CA PRO C 104 26.33 7.57 -0.79
C PRO C 104 27.52 8.49 -0.57
N LYS C 105 27.27 9.66 0.00
CA LYS C 105 28.27 10.68 0.31
C LYS C 105 28.83 11.37 -0.93
N TRP C 106 28.33 11.03 -2.12
CA TRP C 106 28.78 11.64 -3.37
C TRP C 106 27.69 12.44 -4.05
N THR C 107 26.50 11.85 -4.22
CA THR C 107 25.39 12.54 -4.87
C THR C 107 24.60 13.41 -3.90
N ARG C 108 24.84 13.30 -2.59
CA ARG C 108 24.10 14.10 -1.63
C ARG C 108 24.42 15.58 -1.77
N VAL C 109 25.69 15.91 -1.99
CA VAL C 109 26.08 17.31 -2.12
C VAL C 109 25.47 17.92 -3.38
N ILE C 110 25.29 17.12 -4.43
CA ILE C 110 24.68 17.61 -5.66
C ILE C 110 23.18 17.75 -5.49
N LEU C 111 22.55 16.80 -4.79
CA LEU C 111 21.11 16.88 -4.56
C LEU C 111 20.76 18.09 -3.69
N LEU C 112 21.55 18.33 -2.65
CA LEU C 112 21.31 19.50 -1.80
C LEU C 112 21.49 20.78 -2.59
N ASN C 113 22.51 20.84 -3.44
CA ASN C 113 22.73 22.03 -4.25
C ASN C 113 21.55 22.26 -5.21
N TRP C 114 21.06 21.19 -5.84
CA TRP C 114 19.92 21.33 -6.73
C TRP C 114 18.68 21.79 -5.98
N CYS C 115 18.45 21.23 -4.78
CA CYS C 115 17.29 21.63 -4.00
C CYS C 115 17.40 23.09 -3.57
N ALA C 116 18.60 23.55 -3.24
CA ALA C 116 18.77 24.95 -2.85
C ALA C 116 18.63 25.87 -4.05
N TRP C 117 19.05 25.44 -5.24
CA TRP C 117 18.92 26.27 -6.43
C TRP C 117 17.48 26.34 -6.90
N PHE C 118 16.71 25.27 -6.71
CA PHE C 118 15.30 25.29 -7.11
C PHE C 118 14.49 26.20 -6.21
N LEU C 119 14.69 26.11 -4.89
CA LEU C 119 13.98 26.99 -3.97
C LEU C 119 14.52 28.42 -4.05
N ARG C 120 15.83 28.57 -3.85
CA ARG C 120 16.48 29.89 -3.96
C ARG C 120 17.10 29.99 -5.34
N MET C 121 16.43 30.72 -6.24
CA MET C 121 16.90 30.87 -7.59
C MET C 121 18.32 31.44 -7.61
N LYS C 122 19.14 30.94 -8.53
CA LYS C 122 20.53 31.35 -8.64
C LYS C 122 20.83 32.17 -9.89
N ARG C 123 19.99 32.07 -10.93
CA ARG C 123 20.25 32.81 -12.15
C ARG C 123 20.20 34.31 -11.89
N PRO C 124 20.83 35.12 -12.75
CA PRO C 124 20.82 36.57 -12.53
C PRO C 124 19.43 37.18 -12.52
N GLY C 125 18.45 36.52 -13.16
CA GLY C 125 17.11 37.09 -13.20
C GLY C 125 16.49 37.30 -11.84
N GLU C 126 16.82 36.43 -10.88
CA GLU C 126 16.28 36.53 -9.53
C GLU C 126 17.33 36.53 -8.43
N ASP C 127 18.56 36.11 -8.71
CA ASP C 127 19.60 36.10 -7.69
C ASP C 127 20.26 37.47 -7.54
N LYS C 128 20.59 38.10 -8.65
CA LYS C 128 21.23 39.42 -8.63
C LYS C 128 20.21 40.54 -8.52
N VAL C 129 19.07 40.41 -9.22
CA VAL C 129 18.03 41.44 -9.21
C VAL C 129 17.12 41.10 -8.02
N ARG C 130 17.47 41.60 -6.85
CA ARG C 130 16.70 41.39 -5.65
C ARG C 130 17.20 42.35 -4.57
N PRO C 131 16.42 42.57 -3.51
CA PRO C 131 16.86 43.48 -2.45
C PRO C 131 18.17 43.02 -1.84
N ALA C 132 19.20 43.85 -1.98
CA ALA C 132 20.52 43.52 -1.45
C ALA C 132 21.22 44.82 -1.07
N CYS C 133 22.25 44.69 -0.22
CA CYS C 133 23.02 45.83 0.23
C CYS C 133 24.41 45.37 0.59
N GLN C 134 25.31 46.34 0.82
CA GLN C 134 26.69 46.06 1.18
C GLN C 134 26.93 46.17 2.68
N HIS C 135 25.89 46.08 3.49
CA HIS C 135 26.01 46.16 4.93
C HIS C 135 26.27 44.77 5.51
N LYS C 136 26.21 44.65 6.83
CA LYS C 136 26.45 43.36 7.47
C LYS C 136 25.40 42.32 7.11
N GLN C 137 24.27 42.74 6.54
CA GLN C 137 23.22 41.80 6.16
C GLN C 137 23.69 40.82 5.09
N ARG C 138 24.74 41.17 4.34
CA ARG C 138 25.26 40.31 3.28
C ARG C 138 26.72 39.94 3.52
N ARG C 139 27.30 40.29 4.66
CA ARG C 139 28.69 39.95 4.97
C ARG C 139 28.77 38.55 5.56
N CYS C 140 29.99 38.10 5.82
CA CYS C 140 30.25 36.78 6.38
C CYS C 140 31.05 36.92 7.66
N SER C 141 30.87 35.95 8.56
CA SER C 141 31.57 35.93 9.84
C SER C 141 31.78 34.48 10.25
N LEU C 142 32.13 34.28 11.53
CA LEU C 142 32.36 32.93 12.03
C LEU C 142 31.09 32.08 11.98
N ALA C 143 29.92 32.71 11.89
CA ALA C 143 28.67 31.96 11.82
C ALA C 143 28.35 31.47 10.42
N SER C 144 28.94 32.08 9.39
CA SER C 144 28.71 31.69 8.00
C SER C 144 29.80 30.78 7.47
N VAL C 145 31.07 31.14 7.70
CA VAL C 145 32.20 30.33 7.25
C VAL C 145 32.40 29.22 8.26
N GLU C 146 31.83 28.05 7.99
CA GLU C 146 31.91 26.89 8.87
C GLU C 146 32.71 25.76 8.23
N MET C 147 33.80 26.10 7.55
CA MET C 147 34.63 25.10 6.90
C MET C 147 35.30 24.16 7.91
N SER C 148 35.38 24.56 9.18
CA SER C 148 35.99 23.75 10.22
C SER C 148 34.99 22.85 10.93
N ALA C 149 33.88 22.49 10.27
CA ALA C 149 32.87 21.62 10.85
C ALA C 149 32.23 22.26 12.08
N VAL C 150 31.78 23.50 11.91
CA VAL C 150 31.12 24.24 12.98
C VAL C 150 29.62 24.04 12.87
N ALA C 151 28.94 24.06 14.01
CA ALA C 151 27.50 23.87 14.02
C ALA C 151 26.82 25.01 13.27
N PRO C 152 25.64 24.77 12.71
CA PRO C 152 24.95 25.83 11.97
C PRO C 152 24.37 26.87 12.90
N PRO C 153 23.99 28.04 12.38
CA PRO C 153 23.41 29.08 13.24
C PRO C 153 22.11 28.61 13.85
N PRO C 154 21.67 29.23 14.95
CA PRO C 154 20.40 28.84 15.58
C PRO C 154 19.21 29.30 14.74
N ALA C 155 18.42 28.33 14.28
CA ALA C 155 17.25 28.63 13.47
C ALA C 155 16.18 27.59 13.72
N SER C 156 14.94 27.94 13.39
CA SER C 156 13.80 27.04 13.58
C SER C 156 13.55 26.13 12.38
N ASN C 157 14.39 26.21 11.35
CA ASN C 157 14.24 25.37 10.16
C ASN C 157 14.93 24.03 10.29
N GLY C 158 15.32 23.64 11.51
CA GLY C 158 15.99 22.37 11.74
C GLY C 158 17.40 22.55 12.24
N ASN C 159 17.65 23.65 12.95
CA ASN C 159 18.97 23.95 13.50
C ASN C 159 18.94 24.20 15.00
N LEU C 160 17.87 24.82 15.50
CA LEU C 160 17.79 25.10 16.94
C LEU C 160 17.65 23.80 17.73
N LEU C 161 16.68 22.96 17.36
CA LEU C 161 16.48 21.69 18.05
C LEU C 161 17.44 20.61 17.57
N TYR C 162 18.09 20.81 16.41
CA TYR C 162 19.02 19.80 15.91
C TYR C 162 20.22 19.67 16.84
N ILE C 163 20.92 20.78 17.10
CA ILE C 163 22.09 20.72 17.97
C ILE C 163 21.72 20.19 19.35
N GLY C 164 20.47 20.38 19.76
CA GLY C 164 20.02 19.91 21.06
C GLY C 164 19.78 18.42 21.10
N PHE C 165 18.93 17.91 20.22
CA PHE C 165 18.57 16.49 20.24
C PHE C 165 19.62 15.65 19.52
N ARG C 166 19.84 15.91 18.23
CA ARG C 166 20.77 15.10 17.45
C ARG C 166 22.23 15.39 17.82
N GLY C 167 22.50 16.56 18.39
CA GLY C 167 23.86 16.91 18.76
C GLY C 167 24.29 16.31 20.08
N LEU C 168 24.55 15.00 20.09
CA LEU C 168 24.97 14.32 21.31
C LEU C 168 26.23 14.96 21.87
N ASP C 169 26.48 14.69 23.15
CA ASP C 169 27.64 15.21 23.88
C ASP C 169 27.60 16.73 24.04
N GLY C 170 26.45 17.35 23.78
CA GLY C 170 26.30 18.79 23.91
C GLY C 170 25.88 19.20 25.31
N VAL C 171 25.42 20.45 25.40
CA VAL C 171 24.97 20.98 26.69
C VAL C 171 23.66 20.36 27.13
N HIS C 172 22.84 19.88 26.19
CA HIS C 172 21.56 19.29 26.56
C HIS C 172 21.73 17.92 27.21
N CYS C 173 22.80 17.21 26.88
CA CYS C 173 23.06 15.88 27.44
C CYS C 173 24.31 15.82 28.29
N VAL C 174 25.32 16.64 28.00
CA VAL C 174 26.56 16.66 28.77
C VAL C 174 26.87 18.10 29.17
N PRO C 175 26.16 18.66 30.16
CA PRO C 175 26.40 20.06 30.58
C PRO C 175 27.62 20.19 31.49
N THR C 176 28.80 19.93 30.92
CA THR C 176 30.05 20.04 31.65
C THR C 176 30.40 21.49 31.98
N PRO C 177 30.09 22.46 31.12
CA PRO C 177 30.41 23.86 31.46
C PRO C 177 29.74 24.27 32.77
N ASP C 178 30.55 24.83 33.67
CA ASP C 178 30.07 25.25 34.98
C ASP C 178 29.23 26.52 34.82
N SER C 179 27.91 26.36 34.76
CA SER C 179 27.01 27.49 34.61
C SER C 179 26.67 28.16 35.94
N GLY C 180 26.79 27.44 37.05
CA GLY C 180 26.47 27.99 38.35
C GLY C 180 25.03 27.86 38.76
N VAL C 181 24.21 27.11 38.01
CA VAL C 181 22.81 26.95 38.38
C VAL C 181 22.66 25.90 39.48
N VAL C 182 23.58 24.94 39.57
CA VAL C 182 23.49 23.89 40.58
C VAL C 182 23.77 24.43 41.98
N CYS C 183 24.49 25.55 42.09
CA CYS C 183 24.81 26.12 43.40
C CYS C 183 24.64 27.63 43.46
N GLY C 184 24.23 28.29 42.38
CA GLY C 184 24.07 29.72 42.39
C GLY C 184 22.63 30.16 42.20
N ARG C 185 21.83 29.34 41.51
CA ARG C 185 20.43 29.62 41.25
C ARG C 185 19.56 28.52 41.83
N MET C 186 18.37 28.89 42.29
CA MET C 186 17.42 27.96 42.88
C MET C 186 16.23 27.67 41.97
N ALA C 187 16.28 28.11 40.72
CA ALA C 187 15.19 27.88 39.78
C ALA C 187 15.21 26.41 39.36
N CYS C 188 14.33 25.62 39.97
CA CYS C 188 14.24 24.19 39.68
C CYS C 188 15.58 23.48 39.90
N SER C 189 16.38 24.00 40.83
CA SER C 189 17.68 23.42 41.12
C SER C 189 18.14 23.83 42.52
N PRO C 190 17.75 23.08 43.55
CA PRO C 190 18.17 23.44 44.92
C PRO C 190 19.69 23.53 45.02
N THR C 191 20.16 24.63 45.59
CA THR C 191 21.59 24.88 45.74
C THR C 191 22.15 23.97 46.82
N HIS C 192 22.77 22.87 46.40
CA HIS C 192 23.39 21.90 47.31
C HIS C 192 22.52 21.64 48.53
N ASP C 193 21.21 21.56 48.34
CA ASP C 193 20.25 21.30 49.42
C ASP C 193 20.12 19.78 49.58
N GLU C 194 20.88 19.22 50.51
CA GLU C 194 20.83 17.78 50.76
C GLU C 194 19.69 17.38 51.69
N HIS C 195 19.11 18.34 52.41
CA HIS C 195 18.03 18.06 53.35
C HIS C 195 16.64 18.23 52.73
N LEU C 196 16.56 18.52 51.43
CA LEU C 196 15.28 18.69 50.76
C LEU C 196 14.62 17.32 50.60
N LEU C 197 13.67 17.01 51.48
CA LEU C 197 12.96 15.74 51.45
C LEU C 197 11.50 15.98 51.08
N HIS C 198 10.93 15.01 50.37
CA HIS C 198 9.53 15.08 49.94
C HIS C 198 8.63 14.75 51.13
N GLY C 199 8.49 15.74 52.01
CA GLY C 199 7.68 15.55 53.21
C GLY C 199 8.11 14.38 54.06
N GLY C 200 9.42 14.20 54.24
CA GLY C 200 9.95 13.10 55.01
C GLY C 200 10.39 11.91 54.18
N GLN C 201 10.11 11.90 52.89
CA GLN C 201 10.48 10.82 51.99
C GLN C 201 11.60 11.27 51.04
N PRO C 202 12.27 10.33 50.40
CA PRO C 202 13.34 10.71 49.44
C PRO C 202 12.77 11.56 48.31
N PRO C 203 13.64 12.12 47.47
CA PRO C 203 13.14 12.94 46.36
C PRO C 203 12.24 12.20 45.39
N GLU C 204 12.28 10.86 45.37
CA GLU C 204 11.48 10.06 44.47
C GLU C 204 10.55 9.17 45.29
N GLY C 205 9.28 9.11 44.89
CA GLY C 205 8.32 8.29 45.61
C GLY C 205 8.54 6.80 45.41
N ASP C 206 8.80 6.39 44.17
CA ASP C 206 9.01 4.98 43.86
C ASP C 206 9.97 4.85 42.69
N PRO C 207 11.08 4.12 42.84
CA PRO C 207 11.98 3.92 41.69
C PRO C 207 11.30 3.31 40.48
N ASP C 208 10.17 2.63 40.66
CA ASP C 208 9.46 2.06 39.51
C ASP C 208 9.06 3.13 38.52
N LEU C 209 8.81 4.36 38.98
CA LEU C 209 8.49 5.45 38.07
C LEU C 209 9.66 5.74 37.14
N ALA C 210 10.90 5.60 37.63
CA ALA C 210 12.07 5.79 36.77
C ALA C 210 12.09 4.77 35.65
N LYS C 211 11.80 3.51 35.96
CA LYS C 211 11.76 2.47 34.92
C LYS C 211 10.61 2.71 33.96
N ILE C 212 9.47 3.19 34.46
CA ILE C 212 8.34 3.51 33.59
C ILE C 212 8.73 4.61 32.61
N LEU C 213 9.37 5.66 33.11
CA LEU C 213 9.82 6.74 32.23
C LEU C 213 10.86 6.25 31.24
N GLU C 214 11.75 5.35 31.67
CA GLU C 214 12.75 4.80 30.76
C GLU C 214 12.10 4.01 29.64
N GLU C 215 11.09 3.20 29.96
CA GLU C 215 10.39 2.44 28.92
C GLU C 215 9.59 3.37 28.01
N VAL C 216 9.03 4.44 28.58
CA VAL C 216 8.32 5.42 27.75
C VAL C 216 9.28 6.06 26.76
N ARG C 217 10.47 6.44 27.22
CA ARG C 217 11.46 7.02 26.33
C ARG C 217 11.95 5.99 25.30
N TYR C 218 12.01 4.72 25.69
CA TYR C 218 12.42 3.68 24.75
C TYR C 218 11.41 3.54 23.62
N ILE C 219 10.12 3.50 23.97
CA ILE C 219 9.09 3.41 22.92
C ILE C 219 9.05 4.69 22.10
N ALA C 220 9.34 5.84 22.72
CA ALA C 220 9.41 7.08 21.96
C ALA C 220 10.54 7.05 20.95
N ASN C 221 11.68 6.49 21.33
CA ASN C 221 12.79 6.34 20.40
C ASN C 221 12.46 5.32 19.31
N ARG C 222 11.72 4.27 19.66
CA ARG C 222 11.28 3.32 18.66
C ARG C 222 10.39 3.99 17.63
N PHE C 223 9.50 4.88 18.07
CA PHE C 223 8.66 5.62 17.13
C PHE C 223 9.48 6.61 16.31
N ARG C 224 10.47 7.26 16.96
CA ARG C 224 11.34 8.18 16.24
C ARG C 224 12.15 7.46 15.18
N CYS C 225 12.43 6.18 15.38
CA CYS C 225 13.13 5.39 14.35
C CYS C 225 12.30 5.31 13.08
N GLN C 226 11.00 4.97 13.23
CA GLN C 226 10.12 4.94 12.07
C GLN C 226 9.94 6.33 11.47
N ASP C 227 9.91 7.36 12.32
CA ASP C 227 9.82 8.72 11.81
C ASP C 227 11.03 9.06 10.94
N GLU C 228 12.23 8.68 11.40
CA GLU C 228 13.44 8.94 10.63
C GLU C 228 13.46 8.12 9.35
N SER C 229 12.95 6.89 9.39
CA SER C 229 12.84 6.08 8.18
C SER C 229 11.93 6.76 7.16
N GLU C 230 10.77 7.27 7.62
CA GLU C 230 9.87 7.97 6.72
C GLU C 230 10.50 9.24 6.18
N ALA C 231 11.26 9.95 7.01
CA ALA C 231 11.95 11.16 6.55
C ALA C 231 12.98 10.83 5.49
N VAL C 232 13.73 9.74 5.67
CA VAL C 232 14.71 9.31 4.67
C VAL C 232 14.01 8.92 3.38
N CYS C 233 12.86 8.24 3.49
CA CYS C 233 12.10 7.89 2.30
C CYS C 233 11.64 9.13 1.56
N SER C 234 11.16 10.14 2.30
CA SER C 234 10.73 11.38 1.67
C SER C 234 11.89 12.10 1.02
N GLU C 235 13.07 12.08 1.65
CA GLU C 235 14.24 12.70 1.06
C GLU C 235 14.65 11.98 -0.22
N TRP C 236 14.58 10.65 -0.23
CA TRP C 236 14.88 9.89 -1.44
C TRP C 236 13.89 10.21 -2.54
N LYS C 237 12.61 10.35 -2.19
CA LYS C 237 11.61 10.71 -3.18
C LYS C 237 11.87 12.10 -3.74
N PHE C 238 12.27 13.05 -2.89
CA PHE C 238 12.59 14.39 -3.36
C PHE C 238 13.80 14.37 -4.29
N ALA C 239 14.82 13.57 -3.95
CA ALA C 239 15.98 13.44 -4.80
C ALA C 239 15.61 12.84 -6.16
N ALA C 240 14.74 11.82 -6.15
CA ALA C 240 14.29 11.23 -7.41
C ALA C 240 13.53 12.24 -8.24
N CYS C 241 12.68 13.05 -7.60
CA CYS C 241 11.94 14.08 -8.33
C CYS C 241 12.88 15.13 -8.90
N VAL C 242 13.93 15.49 -8.15
CA VAL C 242 14.91 16.46 -8.64
C VAL C 242 15.64 15.91 -9.86
N VAL C 243 16.04 14.64 -9.80
CA VAL C 243 16.72 14.03 -10.94
C VAL C 243 15.78 13.94 -12.13
N ASP C 244 14.50 13.66 -11.89
CA ASP C 244 13.53 13.61 -12.98
C ASP C 244 13.37 14.98 -13.61
N ARG C 245 13.31 16.04 -12.81
CA ARG C 245 13.20 17.38 -13.34
C ARG C 245 14.45 17.76 -14.14
N LEU C 246 15.62 17.35 -13.66
CA LEU C 246 16.85 17.62 -14.39
C LEU C 246 16.84 16.91 -15.75
N CYS C 247 16.42 15.64 -15.76
CA CYS C 247 16.34 14.91 -17.02
C CYS C 247 15.32 15.54 -17.96
N LEU C 248 14.20 16.02 -17.41
CA LEU C 248 13.21 16.71 -18.22
C LEU C 248 13.80 17.96 -18.86
N MET C 249 14.48 18.78 -18.07
CA MET C 249 15.09 20.00 -18.60
C MET C 249 16.14 19.66 -19.66
N ALA C 250 16.88 18.57 -19.46
CA ALA C 250 17.90 18.17 -20.42
C ALA C 250 17.26 17.73 -21.75
N PHE C 251 16.23 16.89 -21.66
CA PHE C 251 15.58 16.36 -22.86
C PHE C 251 14.70 17.38 -23.55
N SER C 252 14.33 18.47 -22.87
CA SER C 252 13.52 19.50 -23.52
C SER C 252 14.25 20.10 -24.72
N VAL C 253 15.53 20.39 -24.57
CA VAL C 253 16.30 20.97 -25.67
C VAL C 253 16.39 19.98 -26.82
N PHE C 254 16.60 18.70 -26.52
CA PHE C 254 16.70 17.70 -27.57
C PHE C 254 15.37 17.56 -28.32
N THR C 255 14.25 17.56 -27.59
CA THR C 255 12.95 17.47 -28.23
C THR C 255 12.67 18.70 -29.08
N ILE C 256 13.06 19.88 -28.61
CA ILE C 256 12.86 21.10 -29.37
C ILE C 256 13.68 21.06 -30.65
N ILE C 257 14.92 20.58 -30.56
CA ILE C 257 15.78 20.49 -31.75
C ILE C 257 15.19 19.50 -32.74
N CYS C 258 14.69 18.36 -32.24
CA CYS C 258 14.10 17.37 -33.12
C CYS C 258 12.87 17.93 -33.82
N THR C 259 12.02 18.66 -33.08
CA THR C 259 10.84 19.26 -33.69
C THR C 259 11.23 20.29 -34.74
N ILE C 260 12.23 21.13 -34.44
CA ILE C 260 12.67 22.14 -35.40
C ILE C 260 13.20 21.48 -36.66
N GLY C 261 13.96 20.39 -36.49
CA GLY C 261 14.48 19.68 -37.65
C GLY C 261 13.37 19.04 -38.48
N ILE C 262 12.39 18.44 -37.82
CA ILE C 262 11.28 17.82 -38.54
C ILE C 262 10.48 18.87 -39.29
N LEU C 263 10.35 20.07 -38.70
CA LEU C 263 9.60 21.14 -39.35
C LEU C 263 10.37 21.71 -40.54
N MET C 264 11.66 21.96 -40.38
CA MET C 264 12.45 22.54 -41.46
C MET C 264 12.71 21.51 -42.56
N SER C 265 12.72 20.23 -42.22
CA SER C 265 12.97 19.17 -43.20
C SER C 265 11.70 18.59 -43.79
N ALA C 266 10.53 19.15 -43.46
CA ALA C 266 9.27 18.66 -43.98
C ALA C 266 9.17 18.88 -45.48
N PRO C 267 9.55 20.07 -45.99
CA PRO C 267 9.48 20.27 -47.45
C PRO C 267 10.31 19.28 -48.24
N ASN C 268 11.38 18.75 -47.66
CA ASN C 268 12.22 17.80 -48.38
C ASN C 268 11.48 16.49 -48.62
N PHE C 269 10.70 16.05 -47.63
CA PHE C 269 9.94 14.80 -47.75
C PHE C 269 8.54 15.05 -48.29
N VAL C 270 7.80 15.97 -47.70
CA VAL C 270 6.45 16.28 -48.14
C VAL C 270 6.49 17.18 -49.37
N LEU D 7 -25.71 -0.71 -42.62
CA LEU D 7 -26.34 -0.81 -41.31
C LEU D 7 -25.29 -1.14 -40.24
N TYR D 8 -24.39 -2.07 -40.58
CA TYR D 8 -23.36 -2.47 -39.63
C TYR D 8 -22.22 -1.47 -39.57
N TYR D 9 -21.98 -0.73 -40.66
CA TYR D 9 -20.88 0.23 -40.68
C TYR D 9 -21.09 1.33 -39.65
N GLY D 10 -22.27 1.97 -39.68
CA GLY D 10 -22.54 3.05 -38.74
C GLY D 10 -22.49 2.59 -37.30
N LEU D 11 -23.07 1.43 -37.01
CA LEU D 11 -23.06 0.92 -35.64
C LEU D 11 -21.64 0.60 -35.19
N ASN D 12 -20.86 -0.06 -36.05
CA ASN D 12 -19.49 -0.42 -35.69
C ASN D 12 -18.59 0.80 -35.55
N LEU D 13 -18.92 1.91 -36.21
CA LEU D 13 -18.14 3.13 -36.05
C LEU D 13 -18.64 4.00 -34.90
N LEU D 14 -19.88 3.84 -34.48
CA LEU D 14 -20.43 4.67 -33.41
C LEU D 14 -20.26 4.05 -32.03
N ILE D 15 -20.53 2.74 -31.89
CA ILE D 15 -20.47 2.11 -30.57
C ILE D 15 -19.07 2.24 -29.96
N PRO D 16 -17.98 1.90 -30.64
CA PRO D 16 -16.67 2.03 -29.98
C PRO D 16 -16.30 3.46 -29.67
N CYS D 17 -16.55 4.39 -30.59
CA CYS D 17 -16.23 5.79 -30.34
C CYS D 17 -17.03 6.34 -29.17
N VAL D 18 -18.33 6.03 -29.12
CA VAL D 18 -19.17 6.51 -28.02
C VAL D 18 -18.71 5.91 -26.70
N LEU D 19 -18.38 4.61 -26.71
CA LEU D 19 -17.91 3.97 -25.48
C LEU D 19 -16.61 4.59 -25.00
N ILE D 20 -15.70 4.89 -25.92
CA ILE D 20 -14.43 5.50 -25.53
C ILE D 20 -14.66 6.90 -24.99
N SER D 21 -15.55 7.67 -25.64
CA SER D 21 -15.84 9.02 -25.16
C SER D 21 -16.48 8.99 -23.78
N ALA D 22 -17.31 7.97 -23.51
CA ALA D 22 -17.94 7.86 -22.19
C ALA D 22 -16.91 7.43 -21.14
N LEU D 23 -16.02 6.52 -21.49
CA LEU D 23 -14.99 6.08 -20.55
C LEU D 23 -14.01 7.20 -20.23
N ALA D 24 -13.73 8.07 -21.21
CA ALA D 24 -12.84 9.19 -20.95
C ALA D 24 -13.41 10.09 -19.85
N LEU D 25 -14.72 10.31 -19.86
CA LEU D 25 -15.35 11.11 -18.82
C LEU D 25 -15.48 10.34 -17.51
N LEU D 26 -15.78 9.04 -17.59
CA LEU D 26 -15.88 8.23 -16.38
C LEU D 26 -14.56 8.17 -15.63
N VAL D 27 -13.44 8.22 -16.36
CA VAL D 27 -12.14 8.21 -15.71
C VAL D 27 -12.00 9.39 -14.76
N PHE D 28 -12.43 10.58 -15.19
CA PHE D 28 -12.40 11.73 -14.32
C PHE D 28 -13.49 11.67 -13.26
N LEU D 29 -14.64 11.09 -13.60
CA LEU D 29 -15.70 10.92 -12.61
C LEU D 29 -15.26 10.05 -11.44
N LEU D 30 -14.26 9.18 -11.65
CA LEU D 30 -13.75 8.35 -10.58
C LEU D 30 -13.12 9.23 -9.50
N PRO D 31 -13.20 8.84 -8.23
CA PRO D 31 -12.54 9.62 -7.17
C PRO D 31 -11.05 9.75 -7.42
N ALA D 32 -10.41 10.58 -6.60
CA ALA D 32 -8.98 10.87 -6.73
C ALA D 32 -8.19 9.67 -6.21
N ASP D 33 -8.06 8.66 -7.07
CA ASP D 33 -7.30 7.45 -6.76
C ASP D 33 -5.91 7.61 -7.37
N SER D 34 -5.01 8.26 -6.61
CA SER D 34 -3.67 8.52 -7.12
C SER D 34 -2.94 7.25 -7.49
N GLY D 35 -3.30 6.12 -6.86
CA GLY D 35 -2.60 4.87 -7.14
C GLY D 35 -2.85 4.35 -8.54
N GLU D 36 -4.10 4.44 -9.01
CA GLU D 36 -4.47 3.91 -10.32
C GLU D 36 -4.82 4.99 -11.34
N LYS D 37 -5.29 6.16 -10.89
CA LYS D 37 -5.72 7.21 -11.82
C LYS D 37 -4.63 7.49 -12.85
N ILE D 38 -3.41 7.82 -12.38
CA ILE D 38 -2.32 8.14 -13.29
C ILE D 38 -2.15 7.08 -14.35
N SER D 39 -2.40 5.82 -13.99
CA SER D 39 -2.31 4.74 -14.98
C SER D 39 -3.60 4.61 -15.78
N LEU D 40 -4.75 4.71 -15.10
CA LEU D 40 -6.03 4.55 -15.79
C LEU D 40 -6.15 5.51 -16.96
N GLY D 41 -5.85 6.79 -16.73
CA GLY D 41 -5.92 7.76 -17.80
C GLY D 41 -5.15 7.34 -19.03
N ILE D 42 -4.01 6.67 -18.83
CA ILE D 42 -3.23 6.18 -19.95
C ILE D 42 -3.80 4.86 -20.48
N THR D 43 -4.28 4.01 -19.58
CA THR D 43 -4.81 2.71 -20.00
C THR D 43 -5.89 2.87 -21.05
N VAL D 44 -6.87 3.74 -20.79
CA VAL D 44 -7.94 3.98 -21.75
C VAL D 44 -7.34 4.40 -23.09
N LEU D 45 -6.31 5.25 -23.06
CA LEU D 45 -5.67 5.68 -24.30
C LEU D 45 -5.22 4.49 -25.12
N LEU D 46 -4.65 3.47 -24.47
CA LEU D 46 -4.25 2.27 -25.19
C LEU D 46 -5.42 1.64 -25.92
N SER D 47 -6.58 1.57 -25.26
CA SER D 47 -7.77 1.00 -25.89
C SER D 47 -8.11 1.71 -27.19
N LEU D 48 -7.69 2.98 -27.34
CA LEU D 48 -7.94 3.70 -28.59
C LEU D 48 -6.92 3.33 -29.65
N THR D 49 -5.65 3.17 -29.26
CA THR D 49 -4.60 2.88 -30.24
C THR D 49 -4.95 1.67 -31.08
N VAL D 50 -5.29 0.55 -30.42
CA VAL D 50 -5.70 -0.64 -31.16
C VAL D 50 -6.85 -0.32 -32.10
N PHE D 51 -7.85 0.43 -31.60
CA PHE D 51 -8.98 0.81 -32.45
C PHE D 51 -8.52 1.57 -33.68
N MET D 52 -7.47 2.38 -33.55
CA MET D 52 -6.96 3.11 -34.70
C MET D 52 -6.63 2.17 -35.85
N LEU D 53 -6.13 0.97 -35.52
CA LEU D 53 -5.82 -0.01 -36.56
C LEU D 53 -7.05 -0.28 -37.42
N LEU D 54 -8.21 -0.47 -36.79
CA LEU D 54 -9.43 -0.70 -37.55
C LEU D 54 -9.72 0.45 -38.50
N VAL D 55 -9.40 1.68 -38.11
CA VAL D 55 -9.61 2.82 -38.99
C VAL D 55 -8.83 2.64 -40.29
N ALA D 56 -7.62 2.10 -40.20
CA ALA D 56 -6.82 1.87 -41.40
C ALA D 56 -7.54 0.98 -42.40
N GLU D 57 -8.50 0.17 -41.94
CA GLU D 57 -9.26 -0.66 -42.86
C GLU D 57 -10.28 0.14 -43.66
N ILE D 58 -10.89 1.14 -43.02
CA ILE D 58 -11.93 1.92 -43.70
C ILE D 58 -11.35 3.14 -44.42
N MET D 59 -10.23 3.69 -43.93
CA MET D 59 -9.60 4.86 -44.53
C MET D 59 -8.09 4.69 -44.47
N PRO D 60 -7.53 3.88 -45.38
CA PRO D 60 -6.08 3.71 -45.40
C PRO D 60 -5.37 5.04 -45.57
N SER D 61 -4.14 5.11 -45.06
CA SER D 61 -3.35 6.33 -45.11
C SER D 61 -2.79 6.64 -46.49
N THR D 62 -3.00 5.75 -47.47
CA THR D 62 -2.48 5.98 -48.81
C THR D 62 -3.46 5.60 -49.92
N SER D 63 -4.69 5.19 -49.58
CA SER D 63 -5.68 4.79 -50.58
C SER D 63 -6.92 5.67 -50.56
N ASP D 64 -7.48 5.93 -49.38
CA ASP D 64 -8.70 6.71 -49.25
C ASP D 64 -8.38 8.07 -48.63
N SER D 65 -9.06 9.10 -49.11
CA SER D 65 -8.90 10.48 -48.62
C SER D 65 -10.25 10.94 -48.09
N SER D 66 -10.43 10.88 -46.77
CA SER D 66 -11.67 11.27 -46.11
C SER D 66 -11.34 12.22 -44.97
N PRO D 67 -11.06 13.49 -45.28
CA PRO D 67 -10.69 14.43 -44.21
C PRO D 67 -11.84 14.77 -43.28
N SER D 68 -13.10 14.55 -43.69
CA SER D 68 -14.23 14.91 -42.86
C SER D 68 -14.16 14.18 -41.50
N ILE D 69 -14.21 12.85 -41.53
CA ILE D 69 -14.13 12.09 -40.29
C ILE D 69 -12.73 12.13 -39.70
N ALA D 70 -11.71 12.34 -40.53
CA ALA D 70 -10.34 12.45 -40.01
C ALA D 70 -10.20 13.64 -39.07
N GLN D 71 -10.88 14.74 -39.38
CA GLN D 71 -10.84 15.91 -38.50
C GLN D 71 -11.42 15.58 -37.14
N TYR D 72 -12.57 14.90 -37.10
CA TYR D 72 -13.18 14.53 -35.83
C TYR D 72 -12.31 13.54 -35.07
N PHE D 73 -11.69 12.59 -35.77
CA PHE D 73 -10.80 11.64 -35.12
C PHE D 73 -9.60 12.36 -34.50
N ALA D 74 -9.01 13.31 -35.23
CA ALA D 74 -7.88 14.06 -34.69
C ALA D 74 -8.32 14.92 -33.51
N SER D 75 -9.52 15.49 -33.57
CA SER D 75 -10.02 16.27 -32.44
C SER D 75 -10.19 15.39 -31.21
N THR D 76 -10.74 14.19 -31.38
CA THR D 76 -10.90 13.29 -30.25
C THR D 76 -9.54 12.86 -29.70
N MET D 77 -8.58 12.60 -30.58
CA MET D 77 -7.25 12.23 -30.13
C MET D 77 -6.61 13.36 -29.33
N ILE D 78 -6.75 14.60 -29.81
CA ILE D 78 -6.20 15.74 -29.09
C ILE D 78 -6.89 15.91 -27.75
N ILE D 79 -8.20 15.67 -27.70
CA ILE D 79 -8.95 15.80 -26.45
C ILE D 79 -8.45 14.78 -25.42
N VAL D 80 -8.31 13.53 -25.84
CA VAL D 80 -7.85 12.50 -24.90
C VAL D 80 -6.40 12.76 -24.50
N GLY D 81 -5.58 13.28 -25.40
CA GLY D 81 -4.21 13.62 -25.04
C GLY D 81 -4.16 14.74 -24.02
N LEU D 82 -4.97 15.78 -24.21
CA LEU D 82 -5.03 16.86 -23.23
C LEU D 82 -5.55 16.36 -21.90
N SER D 83 -6.50 15.43 -21.92
CA SER D 83 -6.99 14.85 -20.68
C SER D 83 -5.89 14.10 -19.95
N VAL D 84 -5.14 13.27 -20.68
CA VAL D 84 -4.04 12.51 -20.07
C VAL D 84 -2.99 13.46 -19.52
N VAL D 85 -2.73 14.57 -20.23
CA VAL D 85 -1.73 15.53 -19.78
C VAL D 85 -2.20 16.22 -18.50
N VAL D 86 -3.46 16.66 -18.46
CA VAL D 86 -3.99 17.32 -17.29
C VAL D 86 -4.09 16.36 -16.10
N THR D 87 -4.18 15.05 -16.37
CA THR D 87 -4.14 14.08 -15.28
C THR D 87 -2.85 14.22 -14.48
N VAL D 88 -1.73 14.50 -15.17
CA VAL D 88 -0.46 14.67 -14.48
C VAL D 88 -0.47 15.93 -13.63
N ILE D 89 -1.03 17.02 -14.16
CA ILE D 89 -1.12 18.25 -13.39
C ILE D 89 -1.99 18.04 -12.16
N VAL D 90 -3.05 17.24 -12.29
CA VAL D 90 -3.91 16.93 -11.14
C VAL D 90 -3.14 16.13 -10.11
N LEU D 91 -2.43 15.10 -10.55
CA LEU D 91 -1.65 14.28 -9.63
C LEU D 91 -0.56 15.10 -8.95
N GLN D 92 -0.08 16.15 -9.61
CA GLN D 92 0.95 17.01 -9.01
C GLN D 92 0.46 17.60 -7.69
N TYR D 93 -0.83 17.87 -7.57
CA TYR D 93 -1.39 18.42 -6.34
C TYR D 93 -1.45 17.40 -5.21
N HIS D 94 -1.02 16.16 -5.45
CA HIS D 94 -1.10 15.13 -4.42
C HIS D 94 0.18 15.00 -3.61
N HIS D 95 1.30 15.53 -4.10
CA HIS D 95 2.59 15.43 -3.42
C HIS D 95 3.18 16.78 -3.05
N HIS D 96 3.13 17.77 -3.95
CA HIS D 96 3.70 19.08 -3.71
C HIS D 96 5.17 18.97 -3.31
N ASP D 97 5.96 18.42 -4.23
CA ASP D 97 7.37 18.21 -3.97
C ASP D 97 8.08 19.54 -3.77
N PRO D 98 9.24 19.54 -3.11
CA PRO D 98 9.98 20.79 -2.90
C PRO D 98 10.49 21.42 -4.18
N ASP D 99 10.44 20.71 -5.31
CA ASP D 99 10.95 21.26 -6.56
C ASP D 99 10.29 22.59 -6.91
N GLY D 100 9.03 22.77 -6.51
CA GLY D 100 8.32 24.00 -6.79
C GLY D 100 7.16 23.81 -7.75
N GLY D 101 7.02 24.73 -8.70
CA GLY D 101 5.95 24.66 -9.67
C GLY D 101 4.68 25.31 -9.18
N LYS D 102 3.73 24.49 -8.71
CA LYS D 102 2.46 24.99 -8.19
C LYS D 102 2.70 25.58 -6.81
N MET D 103 3.09 26.85 -6.78
CA MET D 103 3.38 27.51 -5.52
C MET D 103 2.12 27.57 -4.66
N PRO D 104 2.20 27.22 -3.36
CA PRO D 104 1.00 27.31 -2.52
C PRO D 104 0.56 28.74 -2.29
N LYS D 105 -0.49 28.92 -1.49
CA LYS D 105 -1.06 30.22 -1.13
C LYS D 105 -1.78 30.89 -2.30
N TRP D 106 -1.86 30.25 -3.46
CA TRP D 106 -2.54 30.81 -4.63
C TRP D 106 -3.74 30.00 -5.04
N THR D 107 -3.60 28.68 -5.17
CA THR D 107 -4.72 27.82 -5.55
C THR D 107 -5.58 27.41 -4.36
N ARG D 108 -5.14 27.68 -3.13
CA ARG D 108 -5.92 27.29 -1.96
C ARG D 108 -7.22 28.06 -1.88
N VAL D 109 -7.18 29.36 -2.18
CA VAL D 109 -8.40 30.18 -2.12
C VAL D 109 -9.39 29.73 -3.18
N ILE D 110 -8.91 29.24 -4.32
CA ILE D 110 -9.81 28.76 -5.36
C ILE D 110 -10.37 27.39 -5.00
N LEU D 111 -9.54 26.52 -4.41
CA LEU D 111 -10.02 25.21 -4.00
C LEU D 111 -11.07 25.32 -2.91
N LEU D 112 -10.84 26.20 -1.93
CA LEU D 112 -11.83 26.41 -0.87
C LEU D 112 -13.13 26.96 -1.44
N ASN D 113 -13.04 27.89 -2.39
CA ASN D 113 -14.24 28.44 -3.00
C ASN D 113 -15.00 27.35 -3.76
N TRP D 114 -14.30 26.50 -4.50
CA TRP D 114 -14.96 25.42 -5.22
C TRP D 114 -15.62 24.44 -4.26
N CYS D 115 -14.93 24.11 -3.17
CA CYS D 115 -15.50 23.19 -2.19
C CYS D 115 -16.74 23.78 -1.52
N ALA D 116 -16.73 25.10 -1.27
CA ALA D 116 -17.90 25.73 -0.67
C ALA D 116 -19.05 25.84 -1.66
N TRP D 117 -18.74 26.02 -2.95
CA TRP D 117 -19.80 26.10 -3.95
C TRP D 117 -20.41 24.73 -4.24
N PHE D 118 -19.61 23.67 -4.16
CA PHE D 118 -20.14 22.33 -4.38
C PHE D 118 -21.06 21.91 -3.25
N LEU D 119 -20.65 22.15 -2.00
CA LEU D 119 -21.50 21.81 -0.86
C LEU D 119 -22.67 22.78 -0.76
N ARG D 120 -22.39 24.08 -0.69
CA ARG D 120 -23.41 25.12 -0.64
C ARG D 120 -23.60 25.66 -2.05
N MET D 121 -24.66 25.21 -2.71
CA MET D 121 -24.93 25.64 -4.08
C MET D 121 -25.03 27.16 -4.16
N LYS D 122 -24.49 27.72 -5.24
CA LYS D 122 -24.47 29.17 -5.44
C LYS D 122 -25.38 29.65 -6.55
N ARG D 123 -25.77 28.78 -7.48
CA ARG D 123 -26.62 29.19 -8.59
C ARG D 123 -27.98 29.64 -8.06
N PRO D 124 -28.71 30.43 -8.84
CA PRO D 124 -30.03 30.91 -8.38
C PRO D 124 -31.02 29.79 -8.11
N GLY D 125 -30.84 28.61 -8.71
CA GLY D 125 -31.79 27.53 -8.51
C GLY D 125 -31.89 27.10 -7.06
N GLU D 126 -30.80 27.18 -6.31
CA GLU D 126 -30.78 26.78 -4.91
C GLU D 126 -30.24 27.83 -3.96
N ASP D 127 -29.52 28.85 -4.46
CA ASP D 127 -28.98 29.88 -3.58
C ASP D 127 -30.01 30.95 -3.28
N LYS D 128 -30.73 31.41 -4.29
CA LYS D 128 -31.75 32.44 -4.12
C LYS D 128 -33.09 31.85 -3.71
N VAL D 129 -33.47 30.70 -4.27
CA VAL D 129 -34.74 30.05 -3.96
C VAL D 129 -34.48 29.15 -2.76
N ARG D 130 -34.60 29.72 -1.57
CA ARG D 130 -34.39 28.98 -0.32
C ARG D 130 -34.92 29.83 0.82
N PRO D 131 -35.15 29.22 1.99
CA PRO D 131 -35.64 29.99 3.14
C PRO D 131 -34.68 31.12 3.51
N ALA D 132 -35.15 32.35 3.38
CA ALA D 132 -34.34 33.52 3.69
C ALA D 132 -35.25 34.63 4.20
N CYS D 133 -34.64 35.59 4.89
CA CYS D 133 -35.38 36.72 5.44
C CYS D 133 -34.43 37.91 5.55
N GLN D 134 -35.02 39.08 5.84
CA GLN D 134 -34.27 40.32 5.97
C GLN D 134 -33.99 40.67 7.44
N HIS D 135 -34.06 39.69 8.33
CA HIS D 135 -33.82 39.91 9.75
C HIS D 135 -32.32 39.74 10.03
N LYS D 136 -31.96 39.72 11.32
CA LYS D 136 -30.57 39.56 11.69
C LYS D 136 -30.00 38.21 11.28
N GLN D 137 -30.86 37.25 10.94
CA GLN D 137 -30.38 35.93 10.53
C GLN D 137 -29.54 36.00 9.25
N ARG D 138 -29.69 37.05 8.45
CA ARG D 138 -28.94 37.21 7.21
C ARG D 138 -28.09 38.48 7.20
N ARG D 139 -28.01 39.19 8.32
CA ARG D 139 -27.21 40.41 8.40
C ARG D 139 -25.76 40.06 8.72
N CYS D 140 -24.91 41.08 8.76
CA CYS D 140 -23.50 40.93 9.05
C CYS D 140 -23.11 41.80 10.24
N SER D 141 -22.09 41.38 10.96
CA SER D 141 -21.61 42.09 12.13
C SER D 141 -20.10 41.85 12.26
N LEU D 142 -19.55 42.18 13.42
CA LEU D 142 -18.13 41.98 13.66
C LEU D 142 -17.74 40.51 13.62
N ALA D 143 -18.70 39.60 13.78
CA ALA D 143 -18.41 38.17 13.72
C ALA D 143 -18.34 37.63 12.30
N SER D 144 -18.93 38.33 11.34
CA SER D 144 -18.91 37.91 9.94
C SER D 144 -17.83 38.62 9.14
N VAL D 145 -17.73 39.94 9.27
CA VAL D 145 -16.73 40.72 8.56
C VAL D 145 -15.42 40.61 9.34
N GLU D 146 -14.56 39.67 8.93
CA GLU D 146 -13.29 39.42 9.60
C GLU D 146 -12.11 39.77 8.68
N MET D 147 -12.23 40.86 7.94
CA MET D 147 -11.17 41.29 7.04
C MET D 147 -9.90 41.66 7.79
N SER D 148 -9.99 41.94 9.08
CA SER D 148 -8.84 42.31 9.89
C SER D 148 -8.17 41.11 10.56
N ALA D 149 -8.30 39.93 9.97
CA ALA D 149 -7.69 38.70 10.51
C ALA D 149 -8.24 38.38 11.90
N VAL D 150 -9.56 38.35 12.00
CA VAL D 150 -10.25 38.03 13.24
C VAL D 150 -10.54 36.54 13.27
N ALA D 151 -10.54 35.97 14.48
CA ALA D 151 -10.81 34.55 14.63
C ALA D 151 -12.23 34.25 14.17
N PRO D 152 -12.50 33.02 13.72
CA PRO D 152 -13.84 32.67 13.25
C PRO D 152 -14.80 32.52 14.42
N PRO D 153 -16.10 32.51 14.15
CA PRO D 153 -17.08 32.35 15.23
C PRO D 153 -16.92 31.01 15.91
N PRO D 154 -17.42 30.85 17.14
CA PRO D 154 -17.31 29.56 17.83
C PRO D 154 -18.28 28.54 17.23
N ALA D 155 -17.72 27.45 16.71
CA ALA D 155 -18.52 26.40 16.10
C ALA D 155 -17.82 25.07 16.30
N SER D 156 -18.60 23.99 16.17
CA SER D 156 -18.09 22.64 16.34
C SER D 156 -17.56 22.05 15.04
N ASN D 157 -17.58 22.79 13.95
CA ASN D 157 -17.09 22.31 12.66
C ASN D 157 -15.59 22.54 12.48
N GLY D 158 -14.87 22.83 13.56
CA GLY D 158 -13.44 23.08 13.49
C GLY D 158 -13.07 24.50 13.84
N ASN D 159 -13.86 25.13 14.69
CA ASN D 159 -13.63 26.50 15.12
C ASN D 159 -13.58 26.64 16.64
N LEU D 160 -14.37 25.86 17.37
CA LEU D 160 -14.37 25.95 18.83
C LEU D 160 -13.06 25.44 19.40
N LEU D 161 -12.65 24.23 19.00
CA LEU D 161 -11.40 23.67 19.48
C LEU D 161 -10.18 24.19 18.71
N TYR D 162 -10.40 24.80 17.55
CA TYR D 162 -9.28 25.33 16.77
C TYR D 162 -8.59 26.47 17.50
N ILE D 163 -9.35 27.51 17.88
CA ILE D 163 -8.76 28.64 18.58
C ILE D 163 -8.11 28.19 19.89
N GLY D 164 -8.60 27.09 20.47
CA GLY D 164 -8.04 26.60 21.71
C GLY D 164 -6.71 25.89 21.52
N PHE D 165 -6.69 24.87 20.66
CA PHE D 165 -5.48 24.07 20.48
C PHE D 165 -4.51 24.74 19.52
N ARG D 166 -4.94 24.96 18.28
CA ARG D 166 -4.06 25.54 17.27
C ARG D 166 -3.80 27.02 17.51
N GLY D 167 -4.68 27.70 18.23
CA GLY D 167 -4.51 29.11 18.49
C GLY D 167 -3.56 29.38 19.63
N LEU D 168 -2.26 29.21 19.38
CA LEU D 168 -1.26 29.46 20.40
C LEU D 168 -1.35 30.89 20.92
N ASP D 169 -0.76 31.11 22.09
CA ASP D 169 -0.75 32.41 22.76
C ASP D 169 -2.14 32.88 23.18
N GLY D 170 -3.12 31.99 23.18
CA GLY D 170 -4.47 32.32 23.57
C GLY D 170 -4.71 32.13 25.04
N VAL D 171 -6.00 32.11 25.41
CA VAL D 171 -6.37 31.93 26.82
C VAL D 171 -6.11 30.51 27.30
N HIS D 172 -6.10 29.53 26.39
CA HIS D 172 -5.87 28.15 26.80
C HIS D 172 -4.43 27.91 27.18
N CYS D 173 -3.49 28.66 26.61
CA CYS D 173 -2.07 28.51 26.89
C CYS D 173 -1.46 29.72 27.58
N VAL D 174 -1.97 30.91 27.31
CA VAL D 174 -1.45 32.14 27.93
C VAL D 174 -2.61 32.91 28.53
N PRO D 175 -3.15 32.49 29.67
CA PRO D 175 -4.29 33.20 30.29
C PRO D 175 -3.85 34.43 31.06
N THR D 176 -3.37 35.43 30.32
CA THR D 176 -2.93 36.69 30.93
C THR D 176 -4.11 37.51 31.45
N PRO D 177 -5.28 37.49 30.81
CA PRO D 177 -6.41 38.26 31.34
C PRO D 177 -6.72 37.85 32.77
N ASP D 178 -6.82 38.85 33.65
CA ASP D 178 -7.10 38.61 35.06
C ASP D 178 -8.57 38.24 35.22
N SER D 179 -8.84 36.93 35.31
CA SER D 179 -10.20 36.44 35.46
C SER D 179 -10.65 36.39 36.91
N GLY D 180 -9.72 36.33 37.86
CA GLY D 180 -10.07 36.28 39.27
C GLY D 180 -10.31 34.88 39.81
N VAL D 181 -10.02 33.85 39.04
CA VAL D 181 -10.23 32.48 39.53
C VAL D 181 -9.09 32.06 40.45
N VAL D 182 -7.89 32.61 40.26
CA VAL D 182 -6.75 32.24 41.08
C VAL D 182 -6.88 32.75 42.50
N CYS D 183 -7.67 33.80 42.73
CA CYS D 183 -7.83 34.36 44.06
C CYS D 183 -9.27 34.70 44.41
N GLY D 184 -10.23 34.46 43.52
CA GLY D 184 -11.62 34.79 43.78
C GLY D 184 -12.50 33.56 43.85
N ARG D 185 -12.13 32.51 43.13
CA ARG D 185 -12.88 31.27 43.09
C ARG D 185 -12.01 30.11 43.57
N MET D 186 -12.66 29.14 44.22
CA MET D 186 -11.98 27.97 44.75
C MET D 186 -12.27 26.71 43.96
N ALA D 187 -12.89 26.83 42.78
CA ALA D 187 -13.20 25.67 41.96
C ALA D 187 -11.92 25.19 41.29
N CYS D 188 -11.31 24.15 41.86
CA CYS D 188 -10.06 23.59 41.34
C CYS D 188 -8.96 24.64 41.27
N SER D 189 -9.00 25.61 42.17
CA SER D 189 -8.02 26.68 42.20
C SER D 189 -7.97 27.31 43.59
N PRO D 190 -7.18 26.76 44.52
CA PRO D 190 -7.10 27.35 45.86
C PRO D 190 -6.71 28.82 45.79
N THR D 191 -7.47 29.65 46.50
CA THR D 191 -7.23 31.09 46.53
C THR D 191 -6.00 31.38 47.36
N HIS D 192 -4.86 31.57 46.69
CA HIS D 192 -3.59 31.90 47.33
C HIS D 192 -3.36 31.05 48.59
N ASP D 193 -3.74 29.78 48.52
CA ASP D 193 -3.57 28.86 49.66
C ASP D 193 -2.18 28.24 49.57
N GLU D 194 -1.22 28.84 50.29
CA GLU D 194 0.15 28.32 50.29
C GLU D 194 0.35 27.18 51.27
N HIS D 195 -0.58 26.97 52.20
CA HIS D 195 -0.46 25.91 53.20
C HIS D 195 -1.17 24.63 52.78
N LEU D 196 -1.72 24.58 51.57
CA LEU D 196 -2.42 23.39 51.09
C LEU D 196 -1.39 22.31 50.78
N LEU D 197 -1.22 21.36 51.68
CA LEU D 197 -0.28 20.27 51.53
C LEU D 197 -1.02 18.94 51.37
N HIS D 198 -0.44 18.04 50.59
CA HIS D 198 -1.03 16.73 50.33
C HIS D 198 -0.78 15.85 51.55
N GLY D 199 -1.56 16.09 52.60
CA GLY D 199 -1.41 15.33 53.83
C GLY D 199 -0.02 15.39 54.40
N GLY D 200 0.60 16.57 54.41
CA GLY D 200 1.94 16.74 54.91
C GLY D 200 3.02 16.72 53.85
N GLN D 201 2.68 16.38 52.61
CA GLN D 201 3.63 16.32 51.52
C GLN D 201 3.38 17.46 50.53
N PRO D 202 4.34 17.75 49.65
CA PRO D 202 4.14 18.83 48.67
C PRO D 202 2.96 18.53 47.77
N PRO D 203 2.54 19.49 46.94
CA PRO D 203 1.39 19.25 46.05
C PRO D 203 1.60 18.10 45.08
N GLU D 204 2.85 17.70 44.83
CA GLU D 204 3.15 16.62 43.90
C GLU D 204 3.83 15.48 44.65
N GLY D 205 3.39 14.25 44.38
CA GLY D 205 3.98 13.11 45.05
C GLY D 205 5.39 12.82 44.59
N ASP D 206 5.62 12.86 43.28
CA ASP D 206 6.94 12.57 42.72
C ASP D 206 7.14 13.38 41.45
N PRO D 207 8.21 14.19 41.36
CA PRO D 207 8.46 14.92 40.10
C PRO D 207 8.58 14.02 38.88
N ASP D 208 8.88 12.72 39.07
CA ASP D 208 8.96 11.81 37.94
C ASP D 208 7.64 11.73 37.18
N LEU D 209 6.52 11.92 37.88
CA LEU D 209 5.23 11.93 37.20
C LEU D 209 5.13 13.08 36.22
N ALA D 210 5.75 14.22 36.53
CA ALA D 210 5.77 15.34 35.58
C ALA D 210 6.50 14.96 34.31
N LYS D 211 7.65 14.29 34.43
CA LYS D 211 8.38 13.85 33.25
C LYS D 211 7.60 12.79 32.47
N ILE D 212 6.90 11.91 33.18
CA ILE D 212 6.08 10.90 32.51
C ILE D 212 4.99 11.57 31.70
N LEU D 213 4.31 12.56 32.30
CA LEU D 213 3.27 13.29 31.57
C LEU D 213 3.86 14.05 30.39
N GLU D 214 5.06 14.61 30.56
CA GLU D 214 5.70 15.32 29.46
C GLU D 214 5.99 14.39 28.29
N GLU D 215 6.50 13.18 28.59
CA GLU D 215 6.78 12.22 27.53
C GLU D 215 5.49 11.73 26.89
N VAL D 216 4.43 11.57 27.69
CA VAL D 216 3.13 11.19 27.13
C VAL D 216 2.63 12.25 26.16
N ARG D 217 2.74 13.53 26.54
CA ARG D 217 2.34 14.60 25.64
C ARG D 217 3.24 14.66 24.41
N TYR D 218 4.52 14.32 24.57
CA TYR D 218 5.42 14.31 23.42
C TYR D 218 5.02 13.24 22.41
N ILE D 219 4.71 12.04 22.89
CA ILE D 219 4.26 10.99 21.97
C ILE D 219 2.89 11.33 21.39
N ALA D 220 2.04 12.00 22.17
CA ALA D 220 0.75 12.44 21.63
C ALA D 220 0.94 13.44 20.51
N ASN D 221 1.91 14.36 20.65
CA ASN D 221 2.19 15.31 19.58
C ASN D 221 2.82 14.60 18.38
N ARG D 222 3.64 13.58 18.63
CA ARG D 222 4.18 12.79 17.53
C ARG D 222 3.07 12.12 16.74
N PHE D 223 2.05 11.59 17.43
CA PHE D 223 0.92 10.99 16.74
C PHE D 223 0.08 12.05 16.02
N ARG D 224 -0.08 13.22 16.65
CA ARG D 224 -0.80 14.31 15.99
C ARG D 224 -0.09 14.78 14.74
N CYS D 225 1.23 14.64 14.68
CA CYS D 225 1.96 14.99 13.46
C CYS D 225 1.53 14.09 12.30
N GLN D 226 1.47 12.78 12.54
CA GLN D 226 1.00 11.86 11.51
C GLN D 226 -0.46 12.12 11.17
N ASP D 227 -1.27 12.47 12.19
CA ASP D 227 -2.66 12.81 11.93
C ASP D 227 -2.78 14.02 11.00
N GLU D 228 -1.96 15.04 11.24
CA GLU D 228 -1.97 16.22 10.39
C GLU D 228 -1.46 15.90 8.98
N SER D 229 -0.47 15.02 8.88
CA SER D 229 -0.01 14.58 7.57
C SER D 229 -1.12 13.89 6.80
N GLU D 230 -1.86 13.00 7.48
CA GLU D 230 -2.97 12.31 6.82
C GLU D 230 -4.07 13.31 6.44
N ALA D 231 -4.32 14.30 7.28
CA ALA D 231 -5.31 15.32 6.96
C ALA D 231 -4.90 16.12 5.73
N VAL D 232 -3.62 16.47 5.64
CA VAL D 232 -3.12 17.21 4.48
C VAL D 232 -3.23 16.35 3.22
N CYS D 233 -2.94 15.05 3.35
CA CYS D 233 -3.08 14.15 2.21
C CYS D 233 -4.53 14.08 1.76
N SER D 234 -5.47 14.00 2.71
CA SER D 234 -6.88 13.97 2.36
C SER D 234 -7.31 15.27 1.70
N GLU D 235 -6.80 16.40 2.19
CA GLU D 235 -7.13 17.68 1.57
C GLU D 235 -6.59 17.76 0.15
N TRP D 236 -5.38 17.25 -0.07
CA TRP D 236 -4.82 17.22 -1.42
C TRP D 236 -5.65 16.33 -2.33
N LYS D 237 -6.11 15.18 -1.81
CA LYS D 237 -6.97 14.30 -2.60
C LYS D 237 -8.27 14.98 -2.95
N PHE D 238 -8.86 15.71 -2.00
CA PHE D 238 -10.10 16.42 -2.26
C PHE D 238 -9.89 17.52 -3.31
N ALA D 239 -8.76 18.23 -3.24
CA ALA D 239 -8.46 19.24 -4.24
C ALA D 239 -8.29 18.60 -5.62
N ALA D 240 -7.60 17.46 -5.68
CA ALA D 240 -7.45 16.76 -6.96
C ALA D 240 -8.80 16.33 -7.51
N CYS D 241 -9.69 15.83 -6.65
CA CYS D 241 -11.01 15.43 -7.09
C CYS D 241 -11.81 16.64 -7.58
N VAL D 242 -11.67 17.78 -6.92
CA VAL D 242 -12.37 18.99 -7.35
C VAL D 242 -11.87 19.43 -8.72
N VAL D 243 -10.55 19.40 -8.93
CA VAL D 243 -10.01 19.78 -10.22
C VAL D 243 -10.46 18.80 -11.30
N ASP D 244 -10.53 17.52 -10.95
CA ASP D 244 -11.02 16.52 -11.91
C ASP D 244 -12.47 16.77 -12.28
N ARG D 245 -13.30 17.11 -11.30
CA ARG D 245 -14.70 17.43 -11.59
C ARG D 245 -14.82 18.68 -12.44
N LEU D 246 -13.97 19.67 -12.18
CA LEU D 246 -13.98 20.89 -13.00
C LEU D 246 -13.61 20.57 -14.44
N CYS D 247 -12.56 19.76 -14.63
CA CYS D 247 -12.16 19.37 -15.97
C CYS D 247 -13.25 18.56 -16.67
N LEU D 248 -13.94 17.70 -15.91
CA LEU D 248 -15.04 16.93 -16.47
C LEU D 248 -16.15 17.86 -16.95
N MET D 249 -16.55 18.82 -16.12
CA MET D 249 -17.59 19.76 -16.50
C MET D 249 -17.17 20.58 -17.71
N ALA D 250 -15.88 20.94 -17.79
CA ALA D 250 -15.40 21.72 -18.93
C ALA D 250 -15.44 20.89 -20.21
N PHE D 251 -14.96 19.65 -20.16
CA PHE D 251 -14.91 18.81 -21.35
C PHE D 251 -16.28 18.26 -21.75
N SER D 252 -17.27 18.31 -20.85
CA SER D 252 -18.60 17.85 -21.21
C SER D 252 -19.17 18.65 -22.36
N VAL D 253 -19.02 19.99 -22.32
CA VAL D 253 -19.55 20.83 -23.39
C VAL D 253 -18.83 20.53 -24.70
N PHE D 254 -17.52 20.34 -24.64
CA PHE D 254 -16.76 20.03 -25.86
C PHE D 254 -17.20 18.69 -26.45
N THR D 255 -17.39 17.68 -25.61
CA THR D 255 -17.85 16.38 -26.10
C THR D 255 -19.24 16.48 -26.70
N ILE D 256 -20.13 17.25 -26.06
CA ILE D 256 -21.48 17.42 -26.58
C ILE D 256 -21.44 18.12 -27.94
N ILE D 257 -20.59 19.13 -28.07
CA ILE D 257 -20.49 19.85 -29.34
C ILE D 257 -19.93 18.92 -30.42
N CYS D 258 -18.93 18.10 -30.07
CA CYS D 258 -18.38 17.16 -31.03
C CYS D 258 -19.42 16.14 -31.48
N THR D 259 -20.21 15.63 -30.54
CA THR D 259 -21.26 14.68 -30.89
C THR D 259 -22.32 15.32 -31.78
N ILE D 260 -22.72 16.55 -31.45
CA ILE D 260 -23.71 17.25 -32.27
C ILE D 260 -23.17 17.47 -33.68
N GLY D 261 -21.90 17.83 -33.80
CA GLY D 261 -21.31 18.03 -35.11
C GLY D 261 -21.24 16.73 -35.90
N ILE D 262 -20.84 15.64 -35.25
CA ILE D 262 -20.75 14.36 -35.94
C ILE D 262 -22.13 13.89 -36.38
N LEU D 263 -23.16 14.19 -35.59
CA LEU D 263 -24.52 13.79 -35.95
C LEU D 263 -25.07 14.63 -37.10
N MET D 264 -24.86 15.95 -37.04
CA MET D 264 -25.38 16.82 -38.09
C MET D 264 -24.58 16.68 -39.38
N SER D 265 -23.30 16.29 -39.28
CA SER D 265 -22.45 16.13 -40.45
C SER D 265 -22.40 14.71 -40.96
N ALA D 266 -23.23 13.81 -40.42
CA ALA D 266 -23.26 12.43 -40.87
C ALA D 266 -23.80 12.32 -42.29
N PRO D 267 -24.87 13.04 -42.65
CA PRO D 267 -25.37 12.94 -44.04
C PRO D 267 -24.35 13.37 -45.08
N ASN D 268 -23.40 14.24 -44.71
CA ASN D 268 -22.40 14.68 -45.67
C ASN D 268 -21.45 13.55 -46.03
N PHE D 269 -21.09 12.71 -45.06
CA PHE D 269 -20.19 11.59 -45.30
C PHE D 269 -20.96 10.31 -45.62
N VAL D 270 -21.93 9.95 -44.80
CA VAL D 270 -22.72 8.75 -45.02
C VAL D 270 -23.79 9.02 -46.08
N LEU E 7 -15.90 -26.83 -38.80
CA LEU E 7 -15.73 -27.37 -37.46
C LEU E 7 -14.88 -26.44 -36.60
N TYR E 8 -13.79 -25.91 -37.19
CA TYR E 8 -12.91 -25.01 -36.47
C TYR E 8 -13.49 -23.60 -36.36
N TYR E 9 -14.31 -23.20 -37.33
CA TYR E 9 -14.88 -21.86 -37.31
C TYR E 9 -15.77 -21.65 -36.09
N GLY E 10 -16.72 -22.55 -35.86
CA GLY E 10 -17.62 -22.40 -34.73
C GLY E 10 -16.88 -22.42 -33.40
N LEU E 11 -15.92 -23.33 -33.25
CA LEU E 11 -15.17 -23.41 -32.01
C LEU E 11 -14.35 -22.15 -31.78
N ASN E 12 -13.67 -21.67 -32.84
CA ASN E 12 -12.84 -20.48 -32.71
C ASN E 12 -13.67 -19.22 -32.46
N LEU E 13 -14.94 -19.22 -32.88
CA LEU E 13 -15.82 -18.08 -32.60
C LEU E 13 -16.53 -18.19 -31.27
N LEU E 14 -16.68 -19.41 -30.73
CA LEU E 14 -17.40 -19.60 -29.48
C LEU E 14 -16.49 -19.57 -28.26
N ILE E 15 -15.34 -20.23 -28.32
CA ILE E 15 -14.46 -20.30 -27.15
C ILE E 15 -14.02 -18.91 -26.68
N PRO E 16 -13.49 -18.04 -27.54
CA PRO E 16 -13.07 -16.72 -27.04
C PRO E 16 -14.22 -15.88 -26.52
N CYS E 17 -15.35 -15.87 -27.23
CA CYS E 17 -16.50 -15.08 -26.78
C CYS E 17 -17.02 -15.59 -25.45
N VAL E 18 -17.13 -16.92 -25.31
CA VAL E 18 -17.62 -17.49 -24.05
C VAL E 18 -16.65 -17.18 -22.92
N LEU E 19 -15.35 -17.29 -23.19
CA LEU E 19 -14.36 -17.00 -22.15
C LEU E 19 -14.43 -15.54 -21.72
N ILE E 20 -14.61 -14.63 -22.68
CA ILE E 20 -14.70 -13.21 -22.34
C ILE E 20 -15.98 -12.93 -21.54
N SER E 21 -17.09 -13.56 -21.94
CA SER E 21 -18.34 -13.36 -21.21
C SER E 21 -18.23 -13.90 -19.79
N ALA E 22 -17.49 -15.00 -19.60
CA ALA E 22 -17.31 -15.55 -18.26
C ALA E 22 -16.39 -14.68 -17.43
N LEU E 23 -15.33 -14.15 -18.04
CA LEU E 23 -14.42 -13.27 -17.31
C LEU E 23 -15.09 -11.96 -16.92
N ALA E 24 -16.00 -11.46 -17.76
CA ALA E 24 -16.73 -10.24 -17.42
C ALA E 24 -17.51 -10.42 -16.12
N LEU E 25 -18.13 -11.59 -15.94
CA LEU E 25 -18.86 -11.86 -14.72
C LEU E 25 -17.92 -12.16 -13.54
N LEU E 26 -16.83 -12.87 -13.82
CA LEU E 26 -15.87 -13.17 -12.76
C LEU E 26 -15.24 -11.91 -12.20
N VAL E 27 -15.08 -10.88 -13.02
CA VAL E 27 -14.53 -9.61 -12.55
C VAL E 27 -15.40 -9.05 -11.42
N PHE E 28 -16.72 -9.09 -11.60
CA PHE E 28 -17.62 -8.62 -10.54
C PHE E 28 -17.69 -9.62 -9.40
N LEU E 29 -17.57 -10.91 -9.69
CA LEU E 29 -17.55 -11.92 -8.63
C LEU E 29 -16.38 -11.71 -7.68
N LEU E 30 -15.30 -11.08 -8.16
CA LEU E 30 -14.16 -10.81 -7.30
C LEU E 30 -14.57 -9.85 -6.17
N PRO E 31 -13.97 -10.00 -5.00
CA PRO E 31 -14.28 -9.05 -3.90
C PRO E 31 -13.97 -7.62 -4.30
N ALA E 32 -14.39 -6.70 -3.43
CA ALA E 32 -14.23 -5.27 -3.67
C ALA E 32 -12.77 -4.89 -3.46
N ASP E 33 -11.96 -5.15 -4.49
CA ASP E 33 -10.54 -4.81 -4.48
C ASP E 33 -10.38 -3.48 -5.21
N SER E 34 -10.54 -2.38 -4.47
CA SER E 34 -10.48 -1.06 -5.08
C SER E 34 -9.13 -0.81 -5.73
N GLY E 35 -8.08 -1.49 -5.28
CA GLY E 35 -6.75 -1.26 -5.84
C GLY E 35 -6.62 -1.73 -7.28
N GLU E 36 -7.20 -2.90 -7.58
CA GLU E 36 -7.09 -3.50 -8.91
C GLU E 36 -8.40 -3.54 -9.67
N LYS E 37 -9.53 -3.57 -8.98
CA LYS E 37 -10.83 -3.67 -9.66
C LYS E 37 -10.96 -2.61 -10.74
N ILE E 38 -10.79 -1.34 -10.37
CA ILE E 38 -10.94 -0.25 -11.31
C ILE E 38 -10.11 -0.49 -12.57
N SER E 39 -8.94 -1.12 -12.41
CA SER E 39 -8.12 -1.45 -13.56
C SER E 39 -8.56 -2.75 -14.21
N LEU E 40 -8.87 -3.77 -13.40
CA LEU E 40 -9.26 -5.06 -13.94
C LEU E 40 -10.43 -4.93 -14.91
N GLY E 41 -11.47 -4.21 -14.50
CA GLY E 41 -12.61 -4.01 -15.38
C GLY E 41 -12.22 -3.49 -16.74
N ILE E 42 -11.20 -2.64 -16.79
CA ILE E 42 -10.73 -2.12 -18.07
C ILE E 42 -9.80 -3.11 -18.74
N THR E 43 -8.96 -3.80 -17.96
CA THR E 43 -8.01 -4.75 -18.53
C THR E 43 -8.72 -5.77 -19.41
N VAL E 44 -9.77 -6.40 -18.88
CA VAL E 44 -10.52 -7.38 -19.67
C VAL E 44 -11.00 -6.74 -20.97
N LEU E 45 -11.45 -5.50 -20.91
CA LEU E 45 -11.90 -4.82 -22.13
C LEU E 45 -10.82 -4.84 -23.20
N LEU E 46 -9.56 -4.59 -22.80
CA LEU E 46 -8.47 -4.63 -23.75
C LEU E 46 -8.40 -6.00 -24.44
N SER E 47 -8.56 -7.08 -23.67
CA SER E 47 -8.53 -8.41 -24.25
C SER E 47 -9.57 -8.59 -25.36
N LEU E 48 -10.64 -7.78 -25.34
CA LEU E 48 -11.63 -7.85 -26.40
C LEU E 48 -11.19 -7.07 -27.62
N THR E 49 -10.56 -5.90 -27.42
CA THR E 49 -10.17 -5.06 -28.53
C THR E 49 -9.32 -5.84 -29.54
N VAL E 50 -8.26 -6.48 -29.05
CA VAL E 50 -7.43 -7.30 -29.92
C VAL E 50 -8.28 -8.34 -30.65
N PHE E 51 -9.18 -9.00 -29.92
CA PHE E 51 -10.05 -10.00 -30.55
C PHE E 51 -10.86 -9.38 -31.69
N MET E 52 -11.26 -8.12 -31.55
CA MET E 52 -12.01 -7.46 -32.61
C MET E 52 -11.25 -7.51 -33.93
N LEU E 53 -9.92 -7.42 -33.88
CA LEU E 53 -9.13 -7.52 -35.10
C LEU E 53 -9.43 -8.81 -35.84
N LEU E 54 -9.48 -9.93 -35.12
CA LEU E 54 -9.79 -11.21 -35.75
C LEU E 54 -11.14 -11.15 -36.47
N VAL E 55 -12.09 -10.41 -35.90
CA VAL E 55 -13.41 -10.29 -36.54
C VAL E 55 -13.26 -9.69 -37.93
N ALA E 56 -12.36 -8.71 -38.07
CA ALA E 56 -12.13 -8.09 -39.38
C ALA E 56 -11.74 -9.12 -40.43
N GLU E 57 -11.20 -10.27 -40.02
CA GLU E 57 -10.83 -11.31 -40.98
C GLU E 57 -12.06 -12.05 -41.49
N ILE E 58 -13.05 -12.27 -40.63
CA ILE E 58 -14.23 -13.03 -41.04
C ILE E 58 -15.33 -12.12 -41.59
N MET E 59 -15.40 -10.87 -41.14
CA MET E 59 -16.41 -9.92 -41.60
C MET E 59 -15.78 -8.55 -41.75
N PRO E 60 -15.02 -8.33 -42.83
CA PRO E 60 -14.42 -7.02 -43.05
C PRO E 60 -15.47 -5.92 -43.07
N SER E 61 -15.05 -4.71 -42.69
CA SER E 61 -15.96 -3.58 -42.63
C SER E 61 -16.35 -3.03 -44.01
N THR E 62 -15.78 -3.58 -45.09
CA THR E 62 -16.10 -3.10 -46.42
C THR E 62 -16.27 -4.21 -47.45
N SER E 63 -16.21 -5.47 -47.04
CA SER E 63 -16.34 -6.60 -47.97
C SER E 63 -17.54 -7.47 -47.66
N ASP E 64 -17.73 -7.87 -46.39
CA ASP E 64 -18.82 -8.75 -45.98
C ASP E 64 -19.84 -7.96 -45.19
N SER E 65 -21.12 -8.28 -45.41
CA SER E 65 -22.23 -7.65 -44.71
C SER E 65 -23.00 -8.74 -43.97
N SER E 66 -22.74 -8.85 -42.66
CA SER E 66 -23.37 -9.86 -41.80
C SER E 66 -23.91 -9.17 -40.57
N PRO E 67 -25.07 -8.52 -40.68
CA PRO E 67 -25.63 -7.80 -39.52
C PRO E 67 -26.10 -8.73 -38.40
N SER E 68 -26.37 -10.00 -38.70
CA SER E 68 -26.87 -10.91 -37.68
C SER E 68 -25.91 -11.01 -36.50
N ILE E 69 -24.69 -11.48 -36.75
CA ILE E 69 -23.70 -11.60 -35.68
C ILE E 69 -23.18 -10.23 -35.26
N ALA E 70 -23.23 -9.24 -36.15
CA ALA E 70 -22.80 -7.89 -35.79
C ALA E 70 -23.68 -7.32 -34.69
N GLN E 71 -24.97 -7.61 -34.73
CA GLN E 71 -25.87 -7.14 -33.67
C GLN E 71 -25.47 -7.72 -32.31
N TYR E 72 -25.18 -9.02 -32.27
CA TYR E 72 -24.79 -9.64 -31.01
C TYR E 72 -23.44 -9.11 -30.54
N PHE E 73 -22.51 -8.88 -31.47
CA PHE E 73 -21.22 -8.31 -31.09
C PHE E 73 -21.38 -6.92 -30.50
N ALA E 74 -22.22 -6.09 -31.13
CA ALA E 74 -22.47 -4.75 -30.61
C ALA E 74 -23.16 -4.81 -29.25
N SER E 75 -24.08 -5.76 -29.07
CA SER E 75 -24.73 -5.91 -27.78
C SER E 75 -23.72 -6.29 -26.69
N THR E 76 -22.82 -7.22 -27.00
CA THR E 76 -21.80 -7.60 -26.03
C THR E 76 -20.87 -6.44 -25.72
N MET E 77 -20.51 -5.66 -26.74
CA MET E 77 -19.65 -4.49 -26.52
C MET E 77 -20.35 -3.47 -25.62
N ILE E 78 -21.63 -3.23 -25.86
CA ILE E 78 -22.38 -2.29 -25.03
C ILE E 78 -22.48 -2.82 -23.61
N ILE E 79 -22.66 -4.13 -23.45
CA ILE E 79 -22.76 -4.72 -22.12
C ILE E 79 -21.46 -4.53 -21.35
N VAL E 80 -20.33 -4.84 -21.99
CA VAL E 80 -19.05 -4.68 -21.31
C VAL E 80 -18.75 -3.21 -21.02
N GLY E 81 -19.16 -2.32 -21.92
CA GLY E 81 -18.97 -0.90 -21.67
C GLY E 81 -19.79 -0.42 -20.48
N LEU E 82 -21.05 -0.85 -20.40
CA LEU E 82 -21.88 -0.50 -19.25
C LEU E 82 -21.30 -1.07 -17.96
N SER E 83 -20.74 -2.29 -18.03
CA SER E 83 -20.11 -2.87 -16.86
C SER E 83 -18.91 -2.03 -16.41
N VAL E 84 -18.06 -1.64 -17.35
CA VAL E 84 -16.90 -0.81 -17.02
C VAL E 84 -17.34 0.52 -16.44
N VAL E 85 -18.43 1.09 -16.98
CA VAL E 85 -18.92 2.37 -16.48
C VAL E 85 -19.45 2.23 -15.06
N VAL E 86 -20.24 1.18 -14.80
CA VAL E 86 -20.78 0.96 -13.46
C VAL E 86 -19.68 0.61 -12.48
N THR E 87 -18.55 0.09 -12.95
CA THR E 87 -17.41 -0.13 -12.05
C THR E 87 -16.99 1.18 -11.39
N VAL E 88 -17.02 2.28 -12.15
CA VAL E 88 -16.64 3.57 -11.58
C VAL E 88 -17.65 4.03 -10.55
N ILE E 89 -18.95 3.82 -10.82
CA ILE E 89 -19.97 4.18 -9.85
C ILE E 89 -19.80 3.36 -8.57
N VAL E 90 -19.42 2.10 -8.71
CA VAL E 90 -19.19 1.26 -7.54
C VAL E 90 -17.99 1.77 -6.76
N LEU E 91 -16.89 2.07 -7.45
CA LEU E 91 -15.70 2.60 -6.78
C LEU E 91 -16.00 3.93 -6.10
N GLN E 92 -16.95 4.70 -6.62
CA GLN E 92 -17.30 5.97 -6.01
C GLN E 92 -17.75 5.79 -4.56
N TYR E 93 -18.38 4.66 -4.25
CA TYR E 93 -18.82 4.38 -2.88
C TYR E 93 -17.67 4.04 -1.95
N HIS E 94 -16.43 4.02 -2.44
CA HIS E 94 -15.28 3.67 -1.61
C HIS E 94 -14.61 4.89 -0.99
N HIS E 95 -14.85 6.09 -1.51
CA HIS E 95 -14.22 7.30 -1.01
C HIS E 95 -15.21 8.33 -0.48
N HIS E 96 -16.31 8.56 -1.20
CA HIS E 96 -17.32 9.54 -0.80
C HIS E 96 -16.67 10.91 -0.60
N ASP E 97 -16.09 11.42 -1.69
CA ASP E 97 -15.40 12.70 -1.63
C ASP E 97 -16.37 13.82 -1.28
N PRO E 98 -15.87 14.94 -0.76
CA PRO E 98 -16.77 16.06 -0.42
C PRO E 98 -17.46 16.68 -1.63
N ASP E 99 -17.04 16.33 -2.85
CA ASP E 99 -17.65 16.93 -4.04
C ASP E 99 -19.16 16.70 -4.07
N GLY E 100 -19.63 15.59 -3.50
CA GLY E 100 -21.05 15.30 -3.45
C GLY E 100 -21.42 14.11 -4.30
N GLY E 101 -22.51 14.23 -5.07
CA GLY E 101 -22.97 13.15 -5.92
C GLY E 101 -23.89 12.19 -5.20
N LYS E 102 -23.34 11.06 -4.76
CA LYS E 102 -24.11 10.05 -4.03
C LYS E 102 -24.31 10.55 -2.60
N MET E 103 -25.36 11.35 -2.41
CA MET E 103 -25.62 11.91 -1.09
C MET E 103 -25.89 10.78 -0.09
N PRO E 104 -25.28 10.82 1.10
CA PRO E 104 -25.57 9.77 2.09
C PRO E 104 -26.99 9.83 2.62
N LYS E 105 -27.32 8.94 3.55
CA LYS E 105 -28.63 8.85 4.19
C LYS E 105 -29.71 8.32 3.26
N TRP E 106 -29.37 7.97 2.01
CA TRP E 106 -30.34 7.45 1.05
C TRP E 106 -30.04 6.02 0.65
N THR E 107 -28.80 5.72 0.28
CA THR E 107 -28.42 4.37 -0.10
C THR E 107 -28.07 3.48 1.09
N ARG E 108 -27.93 4.05 2.28
CA ARG E 108 -27.58 3.25 3.45
C ARG E 108 -28.69 2.28 3.82
N VAL E 109 -29.94 2.73 3.74
CA VAL E 109 -31.06 1.86 4.08
C VAL E 109 -31.18 0.72 3.09
N ILE E 110 -30.80 0.95 1.83
CA ILE E 110 -30.84 -0.12 0.83
C ILE E 110 -29.67 -1.07 1.02
N LEU E 111 -28.49 -0.55 1.35
CA LEU E 111 -27.33 -1.40 1.58
C LEU E 111 -27.55 -2.30 2.79
N LEU E 112 -28.09 -1.74 3.87
CA LEU E 112 -28.37 -2.55 5.06
C LEU E 112 -29.40 -3.63 4.75
N ASN E 113 -30.44 -3.29 3.97
CA ASN E 113 -31.44 -4.27 3.60
C ASN E 113 -30.83 -5.40 2.76
N TRP E 114 -29.97 -5.04 1.82
CA TRP E 114 -29.31 -6.06 1.00
C TRP E 114 -28.41 -6.95 1.85
N CYS E 115 -27.67 -6.35 2.79
CA CYS E 115 -26.80 -7.13 3.65
C CYS E 115 -27.60 -8.07 4.55
N ALA E 116 -28.76 -7.62 5.02
CA ALA E 116 -29.60 -8.47 5.85
C ALA E 116 -30.26 -9.58 5.04
N TRP E 117 -30.59 -9.31 3.77
CA TRP E 117 -31.19 -10.33 2.93
C TRP E 117 -30.17 -11.37 2.48
N PHE E 118 -28.91 -10.96 2.29
CA PHE E 118 -27.88 -11.92 1.90
C PHE E 118 -27.55 -12.86 3.05
N LEU E 119 -27.39 -12.32 4.26
CA LEU E 119 -27.12 -13.16 5.42
C LEU E 119 -28.37 -13.95 5.82
N ARG E 120 -29.46 -13.25 6.08
CA ARG E 120 -30.74 -13.88 6.42
C ARG E 120 -31.58 -13.96 5.15
N MET E 121 -31.63 -15.14 4.56
CA MET E 121 -32.38 -15.33 3.32
C MET E 121 -33.84 -14.93 3.52
N LYS E 122 -34.41 -14.29 2.50
CA LYS E 122 -35.79 -13.82 2.55
C LYS E 122 -36.75 -14.59 1.65
N ARG E 123 -36.23 -15.28 0.63
CA ARG E 123 -37.11 -16.01 -0.27
C ARG E 123 -37.85 -17.12 0.48
N PRO E 124 -38.97 -17.60 -0.07
CA PRO E 124 -39.72 -18.66 0.62
C PRO E 124 -38.93 -19.94 0.81
N GLY E 125 -37.91 -20.19 0.00
CA GLY E 125 -37.16 -21.42 0.12
C GLY E 125 -36.50 -21.59 1.48
N GLU E 126 -36.08 -20.48 2.10
CA GLU E 126 -35.42 -20.53 3.40
C GLU E 126 -36.05 -19.61 4.44
N ASP E 127 -36.86 -18.63 4.05
CA ASP E 127 -37.47 -17.73 5.02
C ASP E 127 -38.74 -18.35 5.63
N LYS E 128 -39.60 -18.93 4.78
CA LYS E 128 -40.83 -19.54 5.26
C LYS E 128 -40.61 -20.98 5.72
N VAL E 129 -39.78 -21.73 5.01
CA VAL E 129 -39.51 -23.13 5.36
C VAL E 129 -38.34 -23.12 6.34
N ARG E 130 -38.67 -22.98 7.62
CA ARG E 130 -37.67 -22.95 8.69
C ARG E 130 -38.40 -23.11 10.01
N PRO E 131 -37.67 -23.45 11.08
CA PRO E 131 -38.31 -23.61 12.40
C PRO E 131 -38.98 -22.31 12.83
N ALA E 132 -40.30 -22.37 12.98
CA ALA E 132 -41.07 -21.20 13.39
C ALA E 132 -42.28 -21.66 14.19
N CYS E 133 -42.86 -20.74 14.95
CA CYS E 133 -44.02 -21.03 15.77
C CYS E 133 -44.81 -19.75 15.97
N GLN E 134 -46.02 -19.90 16.52
CA GLN E 134 -46.91 -18.78 16.78
C GLN E 134 -46.85 -18.31 18.23
N HIS E 135 -45.78 -18.66 18.94
CA HIS E 135 -45.63 -18.28 20.34
C HIS E 135 -44.95 -16.91 20.42
N LYS E 136 -44.56 -16.51 21.63
CA LYS E 136 -43.91 -15.21 21.81
C LYS E 136 -42.56 -15.15 21.11
N GLN E 137 -42.00 -16.29 20.71
CA GLN E 137 -40.71 -16.29 20.02
C GLN E 137 -40.77 -15.55 18.69
N ARG E 138 -41.96 -15.39 18.11
CA ARG E 138 -42.12 -14.70 16.83
C ARG E 138 -43.03 -13.48 16.94
N ARG E 139 -43.45 -13.11 18.15
CA ARG E 139 -44.31 -11.96 18.33
C ARG E 139 -43.48 -10.69 18.42
N CYS E 140 -44.16 -9.55 18.53
CA CYS E 140 -43.52 -8.24 18.62
C CYS E 140 -43.97 -7.53 19.89
N SER E 141 -43.11 -6.67 20.40
CA SER E 141 -43.39 -5.90 21.62
C SER E 141 -42.67 -4.57 21.53
N LEU E 142 -42.57 -3.87 22.66
CA LEU E 142 -41.89 -2.59 22.69
C LEU E 142 -40.41 -2.69 22.35
N ALA E 143 -39.84 -3.89 22.45
CA ALA E 143 -38.43 -4.09 22.13
C ALA E 143 -38.19 -4.27 20.64
N SER E 144 -39.22 -4.65 19.89
CA SER E 144 -39.10 -4.86 18.45
C SER E 144 -39.59 -3.65 17.65
N VAL E 145 -40.76 -3.12 18.00
CA VAL E 145 -41.32 -1.95 17.32
C VAL E 145 -40.64 -0.71 17.91
N GLU E 146 -39.59 -0.23 17.25
CA GLU E 146 -38.82 0.92 17.71
C GLU E 146 -38.97 2.09 16.73
N MET E 147 -40.18 2.30 16.21
CA MET E 147 -40.41 3.39 15.27
C MET E 147 -40.22 4.76 15.92
N SER E 148 -40.25 4.83 17.25
CA SER E 148 -40.07 6.09 17.97
C SER E 148 -38.61 6.35 18.34
N ALA E 149 -37.67 5.80 17.57
CA ALA E 149 -36.24 6.02 17.82
C ALA E 149 -35.84 5.47 19.19
N VAL E 150 -36.20 4.22 19.43
CA VAL E 150 -35.87 3.54 20.68
C VAL E 150 -34.56 2.78 20.49
N ALA E 151 -33.79 2.66 21.56
CA ALA E 151 -32.52 1.95 21.50
C ALA E 151 -32.77 0.47 21.17
N PRO E 152 -31.81 -0.20 20.55
CA PRO E 152 -32.00 -1.61 20.19
C PRO E 152 -31.93 -2.49 21.41
N PRO E 153 -32.37 -3.74 21.31
CA PRO E 153 -32.31 -4.65 22.45
C PRO E 153 -30.88 -4.91 22.86
N PRO E 154 -30.65 -5.37 24.10
CA PRO E 154 -29.28 -5.64 24.54
C PRO E 154 -28.75 -6.92 23.89
N ALA E 155 -27.67 -6.78 23.13
CA ALA E 155 -27.06 -7.92 22.45
C ALA E 155 -25.56 -7.68 22.33
N SER E 156 -24.83 -8.77 22.11
CA SER E 156 -23.38 -8.72 21.99
C SER E 156 -22.91 -8.48 20.55
N ASN E 157 -23.84 -8.33 19.61
CA ASN E 157 -23.49 -8.09 18.21
C ASN E 157 -23.28 -6.62 17.89
N GLY E 158 -23.11 -5.78 18.91
CA GLY E 158 -22.90 -4.36 18.71
C GLY E 158 -24.04 -3.52 19.26
N ASN E 159 -24.70 -4.01 20.30
CA ASN E 159 -25.81 -3.32 20.93
C ASN E 159 -25.63 -3.14 22.42
N LEU E 160 -25.00 -4.11 23.11
CA LEU E 160 -24.80 -3.99 24.54
C LEU E 160 -23.79 -2.88 24.86
N LEU E 161 -22.62 -2.93 24.22
CA LEU E 161 -21.61 -1.90 24.44
C LEU E 161 -21.89 -0.63 23.64
N TYR E 162 -22.75 -0.70 22.63
CA TYR E 162 -23.05 0.48 21.84
C TYR E 162 -23.74 1.55 22.67
N ILE E 163 -24.87 1.19 23.30
CA ILE E 163 -25.60 2.15 24.12
C ILE E 163 -24.72 2.70 25.23
N GLY E 164 -23.73 1.92 25.67
CA GLY E 164 -22.85 2.34 26.74
C GLY E 164 -21.81 3.35 26.28
N PHE E 165 -21.03 2.99 25.26
CA PHE E 165 -19.95 3.86 24.80
C PHE E 165 -20.47 4.95 23.85
N ARG E 166 -21.05 4.55 22.72
CA ARG E 166 -21.52 5.50 21.74
C ARG E 166 -22.77 6.24 22.20
N GLY E 167 -23.53 5.67 23.13
CA GLY E 167 -24.74 6.31 23.61
C GLY E 167 -24.46 7.37 24.66
N LEU E 168 -23.96 8.52 24.23
CA LEU E 168 -23.66 9.60 25.16
C LEU E 168 -24.92 10.02 25.92
N ASP E 169 -24.71 10.70 27.04
CA ASP E 169 -25.78 11.19 27.90
C ASP E 169 -26.55 10.05 28.56
N GLY E 170 -26.04 8.83 28.52
CA GLY E 170 -26.69 7.69 29.11
C GLY E 170 -26.29 7.48 30.56
N VAL E 171 -26.59 6.29 31.07
CA VAL E 171 -26.27 5.95 32.45
C VAL E 171 -24.78 5.76 32.65
N HIS E 172 -24.04 5.40 31.59
CA HIS E 172 -22.60 5.18 31.73
C HIS E 172 -21.85 6.49 31.89
N CYS E 173 -22.37 7.58 31.35
CA CYS E 173 -21.74 8.89 31.44
C CYS E 173 -22.53 9.90 32.23
N VAL E 174 -23.86 9.80 32.24
CA VAL E 174 -24.71 10.73 32.99
C VAL E 174 -25.67 9.91 33.85
N PRO E 175 -25.21 9.33 34.96
CA PRO E 175 -26.10 8.53 35.83
C PRO E 175 -26.96 9.39 36.74
N THR E 176 -27.89 10.13 36.13
CA THR E 176 -28.80 10.99 36.87
C THR E 176 -29.81 10.17 37.67
N PRO E 177 -30.30 9.03 37.17
CA PRO E 177 -31.25 8.24 37.96
C PRO E 177 -30.68 7.88 39.33
N ASP E 178 -31.45 8.17 40.37
CA ASP E 178 -31.03 7.91 41.75
C ASP E 178 -31.10 6.40 42.01
N SER E 179 -29.96 5.73 41.89
CA SER E 179 -29.90 4.29 42.11
C SER E 179 -29.72 3.92 43.58
N GLY E 180 -29.19 4.83 44.39
CA GLY E 180 -28.97 4.57 45.80
C GLY E 180 -27.65 3.92 46.13
N VAL E 181 -26.74 3.81 45.16
CA VAL E 181 -25.44 3.20 45.44
C VAL E 181 -24.50 4.18 46.12
N VAL E 182 -24.70 5.49 45.90
CA VAL E 182 -23.82 6.49 46.50
C VAL E 182 -24.06 6.61 47.99
N CYS E 183 -25.24 6.22 48.48
CA CYS E 183 -25.55 6.33 49.91
C CYS E 183 -26.24 5.09 50.47
N GLY E 184 -26.50 4.07 49.67
CA GLY E 184 -27.17 2.88 50.15
C GLY E 184 -26.29 1.65 50.11
N ARG E 185 -25.34 1.62 49.17
CA ARG E 185 -24.43 0.51 49.02
C ARG E 185 -22.99 0.98 49.18
N MET E 186 -22.15 0.10 49.72
CA MET E 186 -20.74 0.40 49.96
C MET E 186 -19.81 -0.33 49.00
N ALA E 187 -20.35 -0.96 47.95
CA ALA E 187 -19.54 -1.68 46.98
C ALA E 187 -18.83 -0.66 46.09
N CYS E 188 -17.55 -0.41 46.39
CA CYS E 188 -16.74 0.54 45.64
C CYS E 188 -17.38 1.93 45.64
N SER E 189 -18.12 2.26 46.69
CA SER E 189 -18.79 3.55 46.79
C SER E 189 -19.09 3.87 48.25
N PRO E 190 -18.16 4.48 48.98
CA PRO E 190 -18.42 4.80 50.39
C PRO E 190 -19.67 5.66 50.53
N THR E 191 -20.54 5.26 51.45
CA THR E 191 -21.81 5.95 51.68
C THR E 191 -21.52 7.26 52.41
N HIS E 192 -21.49 8.37 51.65
CA HIS E 192 -21.26 9.71 52.19
C HIS E 192 -20.14 9.71 53.23
N ASP E 193 -19.09 8.92 52.99
CA ASP E 193 -17.95 8.85 53.91
C ASP E 193 -16.97 9.95 53.54
N GLU E 194 -17.05 11.08 54.25
CA GLU E 194 -16.15 12.20 54.00
C GLU E 194 -14.83 12.08 54.74
N HIS E 195 -14.75 11.20 55.73
CA HIS E 195 -13.52 11.02 56.51
C HIS E 195 -12.64 9.90 55.98
N LEU E 196 -13.00 9.30 54.85
CA LEU E 196 -12.20 8.22 54.27
C LEU E 196 -10.94 8.81 53.65
N LEU E 197 -9.82 8.72 54.37
CA LEU E 197 -8.55 9.25 53.91
C LEU E 197 -7.58 8.11 53.62
N HIS E 198 -6.72 8.30 52.62
CA HIS E 198 -5.73 7.31 52.23
C HIS E 198 -4.59 7.33 53.25
N GLY E 199 -4.85 6.74 54.40
CA GLY E 199 -3.86 6.71 55.48
C GLY E 199 -3.36 8.08 55.87
N GLY E 200 -4.27 9.05 56.01
CA GLY E 200 -3.92 10.40 56.36
C GLY E 200 -3.79 11.35 55.19
N GLN E 201 -3.82 10.85 53.96
CA GLN E 201 -3.71 11.65 52.76
C GLN E 201 -5.04 11.73 52.04
N PRO E 202 -5.20 12.67 51.11
CA PRO E 202 -6.45 12.78 50.36
C PRO E 202 -6.72 11.51 49.56
N PRO E 203 -7.91 11.39 48.97
CA PRO E 203 -8.21 10.18 48.20
C PRO E 203 -7.28 9.96 47.01
N GLU E 204 -6.58 10.99 46.57
CA GLU E 204 -5.67 10.89 45.43
C GLU E 204 -4.26 11.20 45.88
N GLY E 205 -3.29 10.38 45.45
CA GLY E 205 -1.91 10.59 45.85
C GLY E 205 -1.30 11.79 45.17
N ASP E 206 -1.52 11.96 43.87
CA ASP E 206 -0.96 13.07 43.12
C ASP E 206 -1.89 13.45 41.98
N PRO E 207 -2.33 14.71 41.90
CA PRO E 207 -3.18 15.12 40.76
C PRO E 207 -2.54 14.87 39.41
N ASP E 208 -1.21 14.73 39.34
CA ASP E 208 -0.56 14.45 38.07
C ASP E 208 -1.05 13.14 37.47
N LEU E 209 -1.43 12.18 38.32
CA LEU E 209 -1.97 10.93 37.81
C LEU E 209 -3.27 11.16 37.05
N ALA E 210 -4.08 12.13 37.48
CA ALA E 210 -5.30 12.45 36.75
C ALA E 210 -4.99 12.95 35.35
N LYS E 211 -3.98 13.82 35.22
CA LYS E 211 -3.59 14.31 33.90
C LYS E 211 -3.01 13.19 33.05
N ILE E 212 -2.25 12.28 33.68
CA ILE E 212 -1.70 11.14 32.94
C ILE E 212 -2.83 10.27 32.40
N LEU E 213 -3.84 10.00 33.23
CA LEU E 213 -4.98 9.21 32.77
C LEU E 213 -5.75 9.94 31.68
N GLU E 214 -5.87 11.27 31.80
CA GLU E 214 -6.55 12.04 30.77
C GLU E 214 -5.83 11.94 29.44
N GLU E 215 -4.49 12.05 29.46
CA GLU E 215 -3.73 11.93 28.22
C GLU E 215 -3.79 10.51 27.66
N VAL E 216 -3.82 9.51 28.54
CA VAL E 216 -3.97 8.13 28.09
C VAL E 216 -5.30 7.96 27.38
N ARG E 217 -6.38 8.49 27.96
CA ARG E 217 -7.68 8.42 27.31
C ARG E 217 -7.70 9.22 26.01
N TYR E 218 -6.97 10.33 25.95
CA TYR E 218 -6.90 11.11 24.72
C TYR E 218 -6.24 10.32 23.60
N ILE E 219 -5.12 9.66 23.89
CA ILE E 219 -4.47 8.85 22.87
C ILE E 219 -5.32 7.63 22.52
N ALA E 220 -6.06 7.09 23.49
CA ALA E 220 -6.97 5.99 23.21
C ALA E 220 -8.07 6.43 22.24
N ASN E 221 -8.60 7.64 22.43
CA ASN E 221 -9.60 8.17 21.51
C ASN E 221 -8.99 8.46 20.15
N ARG E 222 -7.73 8.92 20.12
CA ARG E 222 -7.04 9.12 18.85
C ARG E 222 -6.93 7.80 18.08
N PHE E 223 -6.62 6.71 18.78
CA PHE E 223 -6.55 5.41 18.14
C PHE E 223 -7.93 4.94 17.71
N ARG E 224 -8.95 5.20 18.54
CA ARG E 224 -10.32 4.83 18.19
C ARG E 224 -10.78 5.58 16.95
N CYS E 225 -10.25 6.78 16.72
CA CYS E 225 -10.59 7.52 15.49
C CYS E 225 -10.12 6.76 14.26
N GLN E 226 -8.88 6.28 14.27
CA GLN E 226 -8.39 5.48 13.16
C GLN E 226 -9.15 4.17 13.05
N ASP E 227 -9.52 3.58 14.19
CA ASP E 227 -10.32 2.36 14.17
C ASP E 227 -11.66 2.60 13.49
N GLU E 228 -12.31 3.72 13.79
CA GLU E 228 -13.59 4.04 13.17
C GLU E 228 -13.41 4.33 11.68
N SER E 229 -12.30 4.98 11.32
CA SER E 229 -12.02 5.21 9.90
C SER E 229 -11.87 3.88 9.16
N GLU E 230 -11.14 2.94 9.75
CA GLU E 230 -10.99 1.62 9.12
C GLU E 230 -12.32 0.89 9.04
N ALA E 231 -13.16 1.03 10.08
CA ALA E 231 -14.48 0.40 10.05
C ALA E 231 -15.34 1.00 8.95
N VAL E 232 -15.29 2.31 8.77
CA VAL E 232 -16.05 2.95 7.70
C VAL E 232 -15.54 2.50 6.33
N CYS E 233 -14.22 2.36 6.20
CA CYS E 233 -13.66 1.87 4.94
C CYS E 233 -14.12 0.44 4.66
N SER E 234 -14.15 -0.40 5.69
CA SER E 234 -14.63 -1.78 5.51
C SER E 234 -16.11 -1.79 5.14
N GLU E 235 -16.91 -0.91 5.75
CA GLU E 235 -18.32 -0.83 5.41
C GLU E 235 -18.51 -0.39 3.96
N TRP E 236 -17.71 0.58 3.52
CA TRP E 236 -17.78 1.02 2.13
C TRP E 236 -17.38 -0.10 1.18
N LYS E 237 -16.37 -0.88 1.55
CA LYS E 237 -15.96 -2.02 0.72
C LYS E 237 -17.07 -3.05 0.65
N PHE E 238 -17.74 -3.32 1.77
CA PHE E 238 -18.84 -4.26 1.79
C PHE E 238 -20.00 -3.77 0.92
N ALA E 239 -20.29 -2.47 0.98
CA ALA E 239 -21.35 -1.90 0.14
C ALA E 239 -20.98 -2.03 -1.34
N ALA E 240 -19.72 -1.76 -1.68
CA ALA E 240 -19.29 -1.91 -3.06
C ALA E 240 -19.41 -3.36 -3.53
N CYS E 241 -19.04 -4.30 -2.65
CA CYS E 241 -19.17 -5.72 -3.01
C CYS E 241 -20.64 -6.11 -3.18
N VAL E 242 -21.52 -5.55 -2.35
CA VAL E 242 -22.95 -5.85 -2.48
C VAL E 242 -23.48 -5.31 -3.80
N VAL E 243 -23.09 -4.09 -4.16
CA VAL E 243 -23.53 -3.52 -5.43
C VAL E 243 -22.97 -4.33 -6.60
N ASP E 244 -21.73 -4.80 -6.49
CA ASP E 244 -21.15 -5.63 -7.53
C ASP E 244 -21.92 -6.94 -7.68
N ARG E 245 -22.29 -7.56 -6.56
CA ARG E 245 -23.07 -8.80 -6.62
C ARG E 245 -24.44 -8.54 -7.24
N LEU E 246 -25.06 -7.41 -6.91
CA LEU E 246 -26.35 -7.07 -7.49
C LEU E 246 -26.23 -6.89 -9.01
N CYS E 247 -25.19 -6.18 -9.45
CA CYS E 247 -24.97 -6.00 -10.88
C CYS E 247 -24.70 -7.34 -11.56
N LEU E 248 -23.96 -8.22 -10.90
CA LEU E 248 -23.70 -9.54 -11.45
C LEU E 248 -25.01 -10.31 -11.63
N MET E 249 -25.86 -10.32 -10.60
CA MET E 249 -27.13 -11.02 -10.69
C MET E 249 -28.01 -10.42 -11.78
N ALA E 250 -27.95 -9.10 -11.95
CA ALA E 250 -28.75 -8.45 -12.99
C ALA E 250 -28.26 -8.84 -14.38
N PHE E 251 -26.94 -8.79 -14.60
CA PHE E 251 -26.38 -9.08 -15.90
C PHE E 251 -26.38 -10.57 -16.23
N SER E 252 -26.55 -11.44 -15.23
CA SER E 252 -26.61 -12.87 -15.50
C SER E 252 -27.77 -13.21 -16.42
N VAL E 253 -28.94 -12.63 -16.17
CA VAL E 253 -30.11 -12.90 -17.02
C VAL E 253 -29.86 -12.40 -18.44
N PHE E 254 -29.26 -11.21 -18.56
CA PHE E 254 -28.99 -10.68 -19.89
C PHE E 254 -28.01 -11.55 -20.65
N THR E 255 -26.96 -12.02 -19.98
CA THR E 255 -25.99 -12.91 -20.64
C THR E 255 -26.63 -14.23 -21.03
N ILE E 256 -27.51 -14.76 -20.18
CA ILE E 256 -28.18 -16.02 -20.50
C ILE E 256 -29.09 -15.83 -21.71
N ILE E 257 -29.81 -14.71 -21.76
CA ILE E 257 -30.69 -14.44 -22.90
C ILE E 257 -29.87 -14.29 -24.18
N CYS E 258 -28.73 -13.59 -24.09
CA CYS E 258 -27.88 -13.41 -25.26
C CYS E 258 -27.34 -14.75 -25.75
N THR E 259 -26.92 -15.62 -24.83
CA THR E 259 -26.42 -16.94 -25.21
C THR E 259 -27.53 -17.78 -25.84
N ILE E 260 -28.74 -17.72 -25.28
CA ILE E 260 -29.85 -18.48 -25.83
C ILE E 260 -30.17 -17.98 -27.24
N GLY E 261 -30.14 -16.67 -27.44
CA GLY E 261 -30.39 -16.13 -28.76
C GLY E 261 -29.33 -16.52 -29.77
N ILE E 262 -28.06 -16.48 -29.36
CA ILE E 262 -26.97 -16.85 -30.26
C ILE E 262 -27.06 -18.34 -30.61
N LEU E 263 -27.51 -19.16 -29.66
CA LEU E 263 -27.63 -20.59 -29.93
C LEU E 263 -28.81 -20.88 -30.85
N MET E 264 -29.96 -20.26 -30.59
CA MET E 264 -31.14 -20.51 -31.41
C MET E 264 -31.01 -19.87 -32.79
N SER E 265 -30.23 -18.80 -32.90
CA SER E 265 -30.05 -18.09 -34.17
C SER E 265 -28.81 -18.57 -34.94
N ALA E 266 -28.13 -19.61 -34.45
CA ALA E 266 -26.94 -20.11 -35.12
C ALA E 266 -27.31 -20.74 -36.47
N PRO E 267 -28.37 -21.54 -36.55
CA PRO E 267 -28.72 -22.13 -37.85
C PRO E 267 -29.01 -21.08 -38.93
N ASN E 268 -29.46 -19.89 -38.54
CA ASN E 268 -29.75 -18.86 -39.52
C ASN E 268 -28.47 -18.35 -40.19
N PHE E 269 -27.39 -18.24 -39.42
CA PHE E 269 -26.12 -17.77 -39.96
C PHE E 269 -25.23 -18.92 -40.40
N VAL E 270 -25.04 -19.92 -39.54
CA VAL E 270 -24.21 -21.07 -39.87
C VAL E 270 -25.00 -22.05 -40.73
N LEU A 7 11.90 -25.28 -39.47
CA LEU A 7 12.91 -24.54 -38.72
C LEU A 7 12.39 -23.16 -38.35
N TYR A 8 12.37 -22.25 -39.32
CA TYR A 8 11.88 -20.89 -39.06
C TYR A 8 10.38 -20.88 -38.77
N TYR A 9 9.63 -21.81 -39.38
CA TYR A 9 8.19 -21.84 -39.18
C TYR A 9 7.82 -22.55 -37.88
N GLY A 10 8.53 -23.62 -37.54
CA GLY A 10 8.21 -24.37 -36.34
C GLY A 10 8.58 -23.62 -35.06
N LEU A 11 9.76 -23.00 -35.04
CA LEU A 11 10.19 -22.27 -33.86
C LEU A 11 9.32 -21.06 -33.58
N ASN A 12 8.64 -20.52 -34.59
CA ASN A 12 7.77 -19.37 -34.37
C ASN A 12 6.61 -19.73 -33.45
N LEU A 13 6.13 -20.97 -33.50
CA LEU A 13 5.04 -21.43 -32.65
C LEU A 13 5.49 -22.29 -31.49
N LEU A 14 6.72 -22.81 -31.52
CA LEU A 14 7.19 -23.68 -30.45
C LEU A 14 7.53 -22.89 -29.19
N ILE A 15 8.34 -21.84 -29.33
CA ILE A 15 8.84 -21.10 -28.17
C ILE A 15 7.68 -20.40 -27.47
N PRO A 16 6.81 -19.67 -28.17
CA PRO A 16 5.72 -18.97 -27.45
C PRO A 16 4.79 -19.91 -26.72
N CYS A 17 4.49 -21.08 -27.29
CA CYS A 17 3.58 -22.01 -26.63
C CYS A 17 4.15 -22.48 -25.30
N VAL A 18 5.40 -22.98 -25.31
CA VAL A 18 6.00 -23.45 -24.07
C VAL A 18 6.20 -22.30 -23.10
N LEU A 19 6.48 -21.09 -23.61
CA LEU A 19 6.64 -19.94 -22.73
C LEU A 19 5.35 -19.62 -22.00
N ILE A 20 4.24 -19.59 -22.74
CA ILE A 20 2.94 -19.31 -22.11
C ILE A 20 2.57 -20.43 -21.15
N SER A 21 2.90 -21.68 -21.49
CA SER A 21 2.61 -22.79 -20.60
C SER A 21 3.37 -22.65 -19.29
N ALA A 22 4.67 -22.33 -19.37
CA ALA A 22 5.46 -22.14 -18.16
C ALA A 22 4.95 -20.96 -17.35
N LEU A 23 4.57 -19.87 -18.02
CA LEU A 23 4.05 -18.71 -17.30
C LEU A 23 2.76 -19.06 -16.56
N ALA A 24 1.86 -19.80 -17.22
CA ALA A 24 0.63 -20.21 -16.56
C ALA A 24 0.91 -21.14 -15.39
N LEU A 25 1.82 -22.09 -15.57
CA LEU A 25 2.15 -23.01 -14.48
C LEU A 25 2.78 -22.28 -13.30
N LEU A 26 3.55 -21.23 -13.56
CA LEU A 26 4.18 -20.47 -12.48
C LEU A 26 3.18 -19.54 -11.80
N VAL A 27 2.21 -19.00 -12.53
CA VAL A 27 1.21 -18.12 -11.93
C VAL A 27 0.47 -18.84 -10.82
N PHE A 28 0.26 -20.15 -10.96
CA PHE A 28 -0.42 -20.92 -9.92
C PHE A 28 0.47 -21.20 -8.72
N LEU A 29 1.76 -20.83 -8.78
CA LEU A 29 2.67 -21.09 -7.67
C LEU A 29 2.42 -20.12 -6.51
N LEU A 30 2.32 -18.83 -6.81
CA LEU A 30 2.07 -17.83 -5.79
C LEU A 30 0.66 -18.01 -5.23
N PRO A 31 0.50 -18.51 -4.00
CA PRO A 31 -0.85 -18.78 -3.49
C PRO A 31 -1.71 -17.54 -3.34
N ALA A 32 -1.23 -16.56 -2.59
CA ALA A 32 -2.00 -15.37 -2.29
C ALA A 32 -1.14 -14.10 -2.31
N ASP A 33 -0.13 -14.08 -3.18
CA ASP A 33 0.72 -12.91 -3.28
C ASP A 33 -0.11 -11.68 -3.66
N SER A 34 0.53 -10.51 -3.58
CA SER A 34 -0.14 -9.26 -3.88
C SER A 34 -0.49 -9.19 -5.37
N GLY A 35 -1.07 -8.06 -5.77
CA GLY A 35 -1.47 -7.91 -7.17
C GLY A 35 -0.39 -8.28 -8.16
N GLU A 36 0.88 -8.19 -7.75
CA GLU A 36 1.97 -8.60 -8.62
C GLU A 36 1.73 -9.98 -9.21
N LYS A 37 1.10 -10.87 -8.43
CA LYS A 37 0.74 -12.18 -8.94
C LYS A 37 -0.33 -12.07 -10.02
N ILE A 38 -1.46 -11.43 -9.70
CA ILE A 38 -2.57 -11.34 -10.64
C ILE A 38 -2.13 -10.65 -11.92
N SER A 39 -1.32 -9.59 -11.79
CA SER A 39 -0.82 -8.89 -12.97
C SER A 39 -0.21 -9.86 -13.97
N LEU A 40 0.42 -10.93 -13.49
CA LEU A 40 0.92 -11.96 -14.39
C LEU A 40 -0.23 -12.77 -14.98
N GLY A 41 -1.07 -13.34 -14.12
CA GLY A 41 -2.16 -14.18 -14.56
C GLY A 41 -3.06 -13.53 -15.59
N ILE A 42 -3.04 -12.21 -15.65
CA ILE A 42 -3.82 -11.47 -16.64
C ILE A 42 -3.05 -11.34 -17.94
N THR A 43 -1.78 -10.91 -17.87
CA THR A 43 -1.01 -10.67 -19.08
C THR A 43 -0.84 -11.95 -19.90
N VAL A 44 -0.62 -13.07 -19.22
CA VAL A 44 -0.48 -14.35 -19.92
C VAL A 44 -1.68 -14.59 -20.83
N LEU A 45 -2.84 -14.02 -20.48
CA LEU A 45 -4.01 -14.09 -21.36
C LEU A 45 -3.86 -13.14 -22.53
N LEU A 46 -3.61 -11.85 -22.24
CA LEU A 46 -3.45 -10.87 -23.32
C LEU A 46 -2.30 -11.26 -24.24
N SER A 47 -1.19 -11.73 -23.68
CA SER A 47 -0.06 -12.14 -24.51
C SER A 47 -0.47 -13.20 -25.52
N LEU A 48 -1.52 -13.96 -25.23
CA LEU A 48 -2.01 -14.94 -26.19
C LEU A 48 -2.80 -14.28 -27.32
N THR A 49 -3.65 -13.31 -26.97
CA THR A 49 -4.45 -12.64 -28.00
C THR A 49 -3.56 -11.99 -29.05
N VAL A 50 -2.59 -11.18 -28.61
CA VAL A 50 -1.65 -10.57 -29.54
C VAL A 50 -0.93 -11.64 -30.35
N PHE A 51 -0.75 -12.84 -29.78
CA PHE A 51 -0.13 -13.93 -30.51
C PHE A 51 -1.11 -14.60 -31.45
N MET A 52 -2.39 -14.67 -31.08
CA MET A 52 -3.38 -15.31 -31.93
C MET A 52 -3.43 -14.65 -33.31
N LEU A 53 -3.33 -13.32 -33.35
CA LEU A 53 -3.33 -12.61 -34.62
C LEU A 53 -2.26 -13.13 -35.55
N LEU A 54 -1.13 -13.59 -35.00
CA LEU A 54 -0.09 -14.18 -35.84
C LEU A 54 -0.55 -15.52 -36.41
N VAL A 55 -1.14 -16.37 -35.58
CA VAL A 55 -1.60 -17.67 -36.05
C VAL A 55 -2.57 -17.50 -37.21
N ALA A 56 -3.61 -16.68 -37.01
CA ALA A 56 -4.58 -16.43 -38.07
C ALA A 56 -3.93 -15.90 -39.34
N GLU A 57 -2.73 -15.31 -39.24
CA GLU A 57 -2.03 -14.83 -40.42
C GLU A 57 -1.36 -15.98 -41.17
N ILE A 58 -0.81 -16.95 -40.44
CA ILE A 58 -0.16 -18.09 -41.06
C ILE A 58 -1.13 -19.24 -41.30
N MET A 59 -2.19 -19.33 -40.50
CA MET A 59 -3.20 -20.40 -40.61
C MET A 59 -4.57 -19.75 -40.76
N PRO A 60 -4.95 -19.35 -41.96
CA PRO A 60 -6.27 -18.74 -42.16
C PRO A 60 -7.38 -19.67 -41.67
N SER A 61 -8.31 -19.11 -40.91
CA SER A 61 -9.41 -19.90 -40.36
C SER A 61 -10.36 -20.39 -41.43
N THR A 62 -10.39 -19.76 -42.60
CA THR A 62 -11.28 -20.15 -43.68
C THR A 62 -10.68 -21.20 -44.61
N SER A 63 -9.42 -21.56 -44.41
CA SER A 63 -8.76 -22.56 -45.25
C SER A 63 -8.12 -23.69 -44.46
N ASP A 64 -7.59 -23.40 -43.27
CA ASP A 64 -6.92 -24.40 -42.45
C ASP A 64 -7.97 -25.14 -41.63
N SER A 65 -8.68 -26.05 -42.30
CA SER A 65 -9.72 -26.86 -41.64
C SER A 65 -9.05 -28.09 -41.03
N SER A 66 -8.43 -27.87 -39.86
CA SER A 66 -7.72 -28.92 -39.14
C SER A 66 -8.14 -28.88 -37.68
N PRO A 67 -9.02 -29.77 -37.23
CA PRO A 67 -9.45 -29.75 -35.82
C PRO A 67 -8.35 -30.16 -34.86
N SER A 68 -7.27 -30.79 -35.33
CA SER A 68 -6.19 -31.21 -34.44
C SER A 68 -5.58 -30.02 -33.72
N ILE A 69 -5.00 -29.08 -34.47
CA ILE A 69 -4.42 -27.89 -33.86
C ILE A 69 -5.50 -27.04 -33.20
N ALA A 70 -6.74 -27.13 -33.69
CA ALA A 70 -7.83 -26.39 -33.06
C ALA A 70 -8.05 -26.86 -31.62
N GLN A 71 -7.97 -28.16 -31.39
CA GLN A 71 -8.13 -28.68 -30.04
C GLN A 71 -7.04 -28.13 -29.11
N TYR A 72 -5.80 -28.08 -29.58
CA TYR A 72 -4.71 -27.57 -28.76
C TYR A 72 -4.88 -26.08 -28.49
N PHE A 73 -5.29 -25.32 -29.50
CA PHE A 73 -5.53 -23.90 -29.30
C PHE A 73 -6.65 -23.67 -28.30
N ALA A 74 -7.72 -24.45 -28.40
CA ALA A 74 -8.82 -24.33 -27.44
C ALA A 74 -8.38 -24.70 -26.04
N SER A 75 -7.55 -25.73 -25.91
CA SER A 75 -7.04 -26.10 -24.60
C SER A 75 -6.18 -24.99 -23.99
N THR A 76 -5.32 -24.39 -24.80
CA THR A 76 -4.49 -23.29 -24.32
C THR A 76 -5.36 -22.11 -23.90
N MET A 77 -6.36 -21.76 -24.71
CA MET A 77 -7.26 -20.67 -24.36
C MET A 77 -8.00 -20.96 -23.06
N ILE A 78 -8.48 -22.20 -22.90
CA ILE A 78 -9.19 -22.57 -21.69
C ILE A 78 -8.28 -22.49 -20.48
N ILE A 79 -7.00 -22.87 -20.65
CA ILE A 79 -6.05 -22.80 -19.54
C ILE A 79 -5.82 -21.36 -19.13
N VAL A 80 -5.53 -20.49 -20.10
CA VAL A 80 -5.25 -19.10 -19.78
C VAL A 80 -6.49 -18.41 -19.23
N GLY A 81 -7.68 -18.89 -19.58
CA GLY A 81 -8.90 -18.33 -19.05
C GLY A 81 -9.19 -18.80 -17.64
N LEU A 82 -8.97 -20.09 -17.38
CA LEU A 82 -9.19 -20.65 -16.05
C LEU A 82 -8.14 -20.17 -15.07
N SER A 83 -6.99 -19.70 -15.54
CA SER A 83 -6.04 -19.06 -14.64
C SER A 83 -6.69 -17.88 -13.91
N VAL A 84 -7.39 -17.02 -14.66
CA VAL A 84 -8.04 -15.88 -14.05
C VAL A 84 -9.17 -16.33 -13.13
N VAL A 85 -9.87 -17.41 -13.50
CA VAL A 85 -10.94 -17.92 -12.65
C VAL A 85 -10.38 -18.42 -11.33
N VAL A 86 -9.24 -19.10 -11.37
CA VAL A 86 -8.60 -19.59 -10.15
C VAL A 86 -8.13 -18.43 -9.30
N THR A 87 -7.58 -17.39 -9.93
CA THR A 87 -7.17 -16.21 -9.17
C THR A 87 -8.37 -15.56 -8.49
N VAL A 88 -9.49 -15.46 -9.20
CA VAL A 88 -10.69 -14.84 -8.63
C VAL A 88 -11.24 -15.70 -7.49
N ILE A 89 -11.17 -17.03 -7.63
CA ILE A 89 -11.62 -17.90 -6.56
C ILE A 89 -10.72 -17.76 -5.33
N VAL A 90 -9.42 -17.66 -5.55
CA VAL A 90 -8.49 -17.45 -4.44
C VAL A 90 -8.80 -16.14 -3.74
N LEU A 91 -9.07 -15.08 -4.51
CA LEU A 91 -9.45 -13.80 -3.91
C LEU A 91 -10.72 -13.94 -3.08
N GLN A 92 -11.75 -14.59 -3.65
CA GLN A 92 -13.01 -14.76 -2.94
C GLN A 92 -12.82 -15.53 -1.64
N TYR A 93 -11.95 -16.54 -1.66
CA TYR A 93 -11.70 -17.33 -0.46
C TYR A 93 -10.75 -16.64 0.51
N HIS A 94 -10.03 -15.62 0.07
CA HIS A 94 -9.09 -14.92 0.92
C HIS A 94 -9.72 -13.72 1.62
N HIS A 95 -10.24 -12.76 0.85
CA HIS A 95 -10.71 -11.52 1.46
C HIS A 95 -11.92 -11.76 2.37
N HIS A 96 -12.74 -12.75 2.06
CA HIS A 96 -13.89 -13.12 2.90
C HIS A 96 -14.72 -11.88 3.24
N ASP A 97 -15.32 -11.31 2.19
CA ASP A 97 -16.18 -10.14 2.31
C ASP A 97 -17.13 -10.31 3.49
N PRO A 98 -17.30 -9.29 4.33
CA PRO A 98 -18.20 -9.44 5.49
C PRO A 98 -19.62 -9.83 5.11
N ASP A 99 -20.04 -9.60 3.87
CA ASP A 99 -21.40 -9.93 3.46
C ASP A 99 -21.66 -11.43 3.44
N GLY A 100 -20.62 -12.25 3.53
CA GLY A 100 -20.81 -13.69 3.52
C GLY A 100 -19.53 -14.45 3.23
N GLY A 101 -19.61 -15.45 2.36
CA GLY A 101 -18.48 -16.26 1.97
C GLY A 101 -18.80 -17.73 2.16
N LYS A 102 -17.76 -18.55 2.09
CA LYS A 102 -17.90 -19.99 2.25
C LYS A 102 -17.80 -20.36 3.73
N MET A 103 -17.73 -21.66 4.02
CA MET A 103 -17.63 -22.17 5.38
C MET A 103 -16.24 -22.71 5.62
N PRO A 104 -15.28 -21.87 6.03
CA PRO A 104 -13.91 -22.38 6.26
C PRO A 104 -13.80 -23.32 7.46
N LYS A 105 -14.83 -23.41 8.29
CA LYS A 105 -14.77 -24.33 9.44
C LYS A 105 -14.64 -25.77 8.99
N TRP A 106 -15.34 -26.14 7.91
CA TRP A 106 -15.27 -27.51 7.41
C TRP A 106 -13.87 -27.81 6.85
N THR A 107 -13.26 -26.84 6.17
CA THR A 107 -11.94 -27.02 5.59
C THR A 107 -10.82 -26.79 6.60
N ARG A 108 -11.14 -26.37 7.82
CA ARG A 108 -10.10 -26.16 8.82
C ARG A 108 -9.36 -27.46 9.13
N VAL A 109 -10.09 -28.56 9.26
CA VAL A 109 -9.44 -29.84 9.55
C VAL A 109 -8.61 -30.31 8.36
N ILE A 110 -9.13 -30.12 7.14
CA ILE A 110 -8.38 -30.49 5.95
C ILE A 110 -7.07 -29.70 5.89
N LEU A 111 -7.13 -28.42 6.23
CA LEU A 111 -5.92 -27.60 6.22
C LEU A 111 -4.95 -28.05 7.30
N LEU A 112 -5.45 -28.33 8.51
CA LEU A 112 -4.59 -28.79 9.58
C LEU A 112 -3.93 -30.11 9.24
N ASN A 113 -4.59 -30.96 8.46
CA ASN A 113 -4.03 -32.23 8.05
C ASN A 113 -3.13 -32.14 6.82
N TRP A 114 -3.31 -31.12 6.00
CA TRP A 114 -2.50 -30.96 4.79
C TRP A 114 -1.27 -30.09 5.00
N CYS A 115 -1.27 -29.23 6.03
CA CYS A 115 -0.09 -28.39 6.28
C CYS A 115 1.15 -29.25 6.50
N ALA A 116 1.02 -30.30 7.32
CA ALA A 116 2.15 -31.18 7.56
C ALA A 116 2.46 -32.05 6.35
N TRP A 117 1.41 -32.51 5.65
CA TRP A 117 1.63 -33.36 4.48
C TRP A 117 2.39 -32.63 3.38
N PHE A 118 2.16 -31.32 3.23
CA PHE A 118 2.86 -30.57 2.20
C PHE A 118 4.34 -30.47 2.50
N LEU A 119 4.71 -30.17 3.74
CA LEU A 119 6.12 -30.07 4.12
C LEU A 119 6.69 -31.44 4.44
N ARG A 120 6.06 -32.15 5.38
CA ARG A 120 6.48 -33.49 5.79
C ARG A 120 5.47 -34.48 5.21
N MET A 121 5.76 -34.95 4.00
CA MET A 121 4.85 -35.88 3.34
C MET A 121 4.65 -37.13 4.18
N LYS A 122 3.43 -37.67 4.13
CA LYS A 122 3.08 -38.88 4.86
C LYS A 122 3.38 -40.14 4.05
N ARG A 123 4.63 -40.27 3.62
CA ARG A 123 5.09 -41.40 2.83
C ARG A 123 6.19 -42.14 3.57
N PRO A 124 6.51 -43.37 3.18
CA PRO A 124 7.57 -44.11 3.87
C PRO A 124 8.90 -43.38 3.87
N GLY A 125 9.25 -42.70 2.78
CA GLY A 125 10.53 -42.02 2.71
C GLY A 125 10.70 -41.00 3.82
N GLU A 126 9.62 -40.28 4.15
CA GLU A 126 9.66 -39.26 5.20
C GLU A 126 9.21 -39.78 6.55
N ASP A 127 8.61 -40.96 6.61
CA ASP A 127 8.14 -41.53 7.87
C ASP A 127 9.19 -42.41 8.54
N LYS A 128 9.92 -43.21 7.76
CA LYS A 128 10.93 -44.11 8.30
C LYS A 128 12.28 -43.45 8.48
N VAL A 129 12.63 -42.49 7.62
CA VAL A 129 13.94 -41.82 7.71
C VAL A 129 13.73 -40.63 8.64
N ARG A 130 13.86 -40.91 9.93
CA ARG A 130 13.71 -39.88 10.96
C ARG A 130 14.06 -40.52 12.31
N PRO A 131 14.36 -39.71 13.32
CA PRO A 131 14.66 -40.27 14.64
C PRO A 131 13.49 -41.08 15.17
N ALA A 132 13.81 -42.18 15.85
CA ALA A 132 12.78 -43.05 16.42
C ALA A 132 13.40 -43.85 17.55
N CYS A 133 12.69 -43.93 18.67
CA CYS A 133 13.15 -44.68 19.84
C CYS A 133 11.95 -45.05 20.68
N GLN A 134 12.19 -45.80 21.76
CA GLN A 134 11.15 -46.23 22.68
C GLN A 134 11.07 -45.33 23.91
N HIS A 135 11.62 -44.13 23.84
CA HIS A 135 11.59 -43.22 24.97
C HIS A 135 10.19 -42.65 25.15
N LYS A 136 9.89 -42.24 26.40
CA LYS A 136 8.57 -41.71 26.71
C LYS A 136 8.27 -40.42 25.97
N GLN A 137 9.30 -39.70 25.51
CA GLN A 137 9.08 -38.44 24.82
C GLN A 137 8.38 -38.64 23.48
N ARG A 138 8.40 -39.85 22.92
CA ARG A 138 7.75 -40.14 21.64
C ARG A 138 6.56 -41.08 21.81
N ARG A 139 6.00 -41.17 23.02
CA ARG A 139 4.86 -42.03 23.30
C ARG A 139 3.61 -41.18 23.51
N CYS A 140 2.48 -41.87 23.63
CA CYS A 140 1.20 -41.21 23.82
C CYS A 140 0.86 -41.12 25.30
N SER A 141 0.06 -40.11 25.64
CA SER A 141 -0.36 -39.89 27.02
C SER A 141 -1.76 -39.31 27.02
N LEU A 142 -2.32 -39.16 28.24
CA LEU A 142 -3.66 -38.61 28.37
C LEU A 142 -3.75 -37.20 27.82
N ALA A 143 -2.69 -36.41 27.96
CA ALA A 143 -2.71 -35.03 27.48
C ALA A 143 -2.79 -34.97 25.95
N SER A 144 -2.19 -35.94 25.27
CA SER A 144 -2.20 -35.94 23.81
C SER A 144 -3.51 -36.47 23.24
N VAL A 145 -4.21 -37.32 23.97
CA VAL A 145 -5.47 -37.88 23.50
C VAL A 145 -6.53 -36.79 23.58
N GLU A 146 -6.92 -36.24 22.43
CA GLU A 146 -7.92 -35.19 22.35
C GLU A 146 -9.31 -35.74 22.07
N MET A 147 -9.55 -37.02 22.36
CA MET A 147 -10.86 -37.61 22.12
C MET A 147 -11.92 -37.05 23.05
N SER A 148 -11.51 -36.59 24.24
CA SER A 148 -12.43 -36.03 25.22
C SER A 148 -12.15 -34.55 25.47
N ALA A 149 -11.62 -33.84 24.46
CA ALA A 149 -11.30 -32.43 24.57
C ALA A 149 -10.33 -32.17 25.72
N VAL A 150 -9.25 -32.93 25.72
CA VAL A 150 -8.22 -32.81 26.75
C VAL A 150 -7.23 -31.73 26.35
N ALA A 151 -6.71 -31.02 27.34
CA ALA A 151 -5.75 -29.95 27.08
C ALA A 151 -4.48 -30.53 26.47
N PRO A 152 -4.09 -30.13 25.27
CA PRO A 152 -2.88 -30.68 24.66
C PRO A 152 -1.64 -30.20 25.40
N PRO A 153 -0.47 -30.72 25.05
CA PRO A 153 0.76 -30.30 25.74
C PRO A 153 1.04 -28.83 25.51
N PRO A 154 1.79 -28.18 26.40
CA PRO A 154 2.09 -26.76 26.22
C PRO A 154 2.86 -26.52 24.93
N ALA A 155 2.28 -25.69 24.05
CA ALA A 155 2.91 -25.36 22.79
C ALA A 155 2.42 -23.98 22.35
N SER A 156 3.30 -23.26 21.66
CA SER A 156 2.98 -21.92 21.15
C SER A 156 2.33 -21.94 19.79
N ASN A 157 2.10 -23.11 19.20
CA ASN A 157 1.49 -23.23 17.88
C ASN A 157 -0.03 -23.08 17.93
N GLY A 158 -0.60 -22.74 19.08
CA GLY A 158 -2.04 -22.58 19.19
C GLY A 158 -2.65 -23.51 20.23
N ASN A 159 -1.84 -23.94 21.19
CA ASN A 159 -2.28 -24.84 22.24
C ASN A 159 -2.22 -24.23 23.63
N LEU A 160 -1.13 -23.54 23.96
CA LEU A 160 -0.98 -22.93 25.28
C LEU A 160 -1.56 -21.53 25.33
N LEU A 161 -1.39 -20.74 24.27
CA LEU A 161 -1.90 -19.38 24.26
C LEU A 161 -3.43 -19.36 24.28
N TYR A 162 -4.06 -20.34 23.63
CA TYR A 162 -5.52 -20.38 23.61
C TYR A 162 -6.10 -20.56 25.01
N ILE A 163 -5.34 -21.17 25.92
CA ILE A 163 -5.80 -21.40 27.28
C ILE A 163 -5.31 -20.28 28.19
N GLY A 164 -4.18 -19.67 27.82
CA GLY A 164 -3.61 -18.61 28.64
C GLY A 164 -4.50 -17.40 28.76
N PHE A 165 -4.71 -16.69 27.64
CA PHE A 165 -5.49 -15.45 27.64
C PHE A 165 -6.71 -15.55 26.73
N ARG A 166 -7.16 -16.77 26.42
CA ARG A 166 -8.34 -16.96 25.59
C ARG A 166 -9.26 -18.06 26.07
N GLY A 167 -8.98 -18.68 27.22
CA GLY A 167 -9.84 -19.71 27.75
C GLY A 167 -10.96 -19.16 28.60
N LEU A 168 -11.87 -18.43 27.98
CA LEU A 168 -12.99 -17.84 28.71
C LEU A 168 -13.81 -18.92 29.41
N ASP A 169 -14.48 -18.52 30.49
CA ASP A 169 -15.30 -19.41 31.30
C ASP A 169 -14.51 -20.54 31.94
N GLY A 170 -13.18 -20.43 31.98
CA GLY A 170 -12.34 -21.45 32.56
C GLY A 170 -11.86 -21.07 33.96
N VAL A 171 -10.85 -21.81 34.42
CA VAL A 171 -10.28 -21.56 35.74
C VAL A 171 -9.45 -20.27 35.76
N HIS A 172 -9.01 -19.80 34.59
CA HIS A 172 -8.21 -18.58 34.55
C HIS A 172 -9.05 -17.35 34.85
N CYS A 173 -10.27 -17.30 34.32
CA CYS A 173 -11.15 -16.16 34.52
C CYS A 173 -12.22 -16.41 35.58
N VAL A 174 -12.59 -17.68 35.80
CA VAL A 174 -13.61 -18.02 36.79
C VAL A 174 -12.96 -18.91 37.85
N PRO A 175 -12.26 -18.34 38.84
CA PRO A 175 -11.61 -19.13 39.90
C PRO A 175 -12.58 -19.61 40.98
N THR A 176 -13.64 -20.29 40.56
CA THR A 176 -14.64 -20.81 41.49
C THR A 176 -14.11 -22.01 42.27
N PRO A 177 -13.33 -22.90 41.66
CA PRO A 177 -12.77 -24.02 42.44
C PRO A 177 -11.93 -23.52 43.61
N ASP A 178 -12.17 -24.10 44.78
CA ASP A 178 -11.44 -23.73 45.99
C ASP A 178 -10.04 -24.30 45.93
N SER A 179 -9.07 -23.48 45.54
CA SER A 179 -7.69 -23.91 45.45
C SER A 179 -6.92 -23.71 46.75
N GLY A 180 -7.39 -22.85 47.64
CA GLY A 180 -6.73 -22.59 48.90
C GLY A 180 -5.55 -21.65 48.83
N VAL A 181 -5.12 -21.25 47.63
CA VAL A 181 -3.98 -20.35 47.52
C VAL A 181 -4.27 -19.02 48.21
N VAL A 182 -5.54 -18.62 48.27
CA VAL A 182 -5.90 -17.37 48.93
C VAL A 182 -5.75 -17.47 50.44
N CYS A 183 -5.74 -18.70 50.99
CA CYS A 183 -5.60 -18.88 52.43
C CYS A 183 -4.66 -20.03 52.79
N GLY A 184 -3.93 -20.59 51.82
CA GLY A 184 -3.03 -21.70 52.09
C GLY A 184 -1.59 -21.38 51.73
N ARG A 185 -1.40 -20.42 50.82
CA ARG A 185 -0.08 -20.02 50.38
C ARG A 185 0.07 -18.51 50.53
N MET A 186 1.31 -18.08 50.75
CA MET A 186 1.63 -16.66 50.93
C MET A 186 2.47 -16.11 49.78
N ALA A 187 2.70 -16.89 48.73
CA ALA A 187 3.49 -16.45 47.59
C ALA A 187 2.68 -15.46 46.78
N CYS A 188 2.94 -14.16 46.96
CA CYS A 188 2.23 -13.10 46.26
C CYS A 188 0.72 -13.18 46.50
N SER A 189 0.33 -13.68 47.68
CA SER A 189 -1.08 -13.82 48.02
C SER A 189 -1.24 -13.86 49.53
N PRO A 190 -1.36 -12.70 50.19
CA PRO A 190 -1.54 -12.70 51.65
C PRO A 190 -2.76 -13.53 52.05
N THR A 191 -2.60 -14.29 53.14
CA THR A 191 -3.66 -15.16 53.64
C THR A 191 -4.67 -14.30 54.39
N HIS A 192 -5.68 -13.82 53.67
CA HIS A 192 -6.75 -13.00 54.22
C HIS A 192 -6.23 -11.96 55.20
N ASP A 193 -5.08 -11.36 54.88
CA ASP A 193 -4.47 -10.35 55.73
C ASP A 193 -5.10 -9.00 55.38
N GLU A 194 -6.12 -8.62 56.14
CA GLU A 194 -6.80 -7.35 55.90
C GLU A 194 -6.06 -6.16 56.51
N HIS A 195 -5.11 -6.41 57.42
CA HIS A 195 -4.36 -5.34 58.05
C HIS A 195 -3.07 -5.00 57.33
N LEU A 196 -2.79 -5.66 56.20
CA LEU A 196 -1.58 -5.38 55.43
C LEU A 196 -1.71 -4.02 54.77
N LEU A 197 -1.02 -3.02 55.31
CA LEU A 197 -1.05 -1.66 54.80
C LEU A 197 0.28 -1.32 54.15
N HIS A 198 0.23 -0.54 53.07
CA HIS A 198 1.43 -0.12 52.35
C HIS A 198 2.11 1.01 53.13
N GLY A 199 2.70 0.64 54.27
CA GLY A 199 3.38 1.58 55.12
C GLY A 199 2.47 2.69 55.61
N GLY A 200 1.27 2.32 56.07
CA GLY A 200 0.30 3.27 56.56
C GLY A 200 -0.84 3.57 55.62
N GLN A 201 -0.79 3.06 54.38
CA GLN A 201 -1.82 3.28 53.39
C GLN A 201 -2.39 1.93 52.94
N PRO A 202 -3.57 1.93 52.33
CA PRO A 202 -4.15 0.67 51.84
C PRO A 202 -3.27 0.05 50.77
N PRO A 203 -3.57 -1.18 50.34
CA PRO A 203 -2.75 -1.81 49.30
C PRO A 203 -3.00 -1.21 47.92
N GLU A 204 -2.84 0.11 47.81
CA GLU A 204 -3.05 0.80 46.54
C GLU A 204 -2.55 2.23 46.68
N GLY A 205 -1.84 2.70 45.66
CA GLY A 205 -1.29 4.04 45.67
C GLY A 205 -2.29 5.09 45.22
N ASP A 206 -3.00 4.81 44.12
CA ASP A 206 -3.97 5.75 43.58
C ASP A 206 -4.98 5.00 42.71
N PRO A 207 -6.28 5.14 42.98
CA PRO A 207 -7.27 4.47 42.11
C PRO A 207 -7.12 4.81 40.64
N ASP A 208 -6.50 5.95 40.31
CA ASP A 208 -6.27 6.29 38.91
C ASP A 208 -5.41 5.24 38.22
N LEU A 209 -4.48 4.63 38.96
CA LEU A 209 -3.65 3.58 38.38
C LEU A 209 -4.49 2.38 37.95
N ALA A 210 -5.61 2.13 38.64
CA ALA A 210 -6.48 1.03 38.26
C ALA A 210 -7.05 1.24 36.86
N LYS A 211 -7.42 2.48 36.54
CA LYS A 211 -7.93 2.78 35.20
C LYS A 211 -6.80 2.88 34.18
N ILE A 212 -5.62 3.35 34.60
CA ILE A 212 -4.47 3.35 33.70
C ILE A 212 -4.15 1.93 33.26
N LEU A 213 -4.17 0.99 34.20
CA LEU A 213 -3.92 -0.41 33.86
C LEU A 213 -5.02 -0.96 32.95
N GLU A 214 -6.27 -0.57 33.20
CA GLU A 214 -7.35 -1.02 32.33
C GLU A 214 -7.15 -0.54 30.90
N GLU A 215 -6.76 0.72 30.73
CA GLU A 215 -6.54 1.24 29.39
C GLU A 215 -5.32 0.61 28.74
N VAL A 216 -4.27 0.35 29.53
CA VAL A 216 -3.09 -0.33 29.00
C VAL A 216 -3.46 -1.73 28.52
N ARG A 217 -4.27 -2.44 29.29
CA ARG A 217 -4.73 -3.75 28.87
C ARG A 217 -5.65 -3.67 27.66
N TYR A 218 -6.41 -2.58 27.53
CA TYR A 218 -7.25 -2.40 26.36
C TYR A 218 -6.40 -2.23 25.10
N ILE A 219 -5.35 -1.42 25.17
CA ILE A 219 -4.48 -1.26 24.01
C ILE A 219 -3.71 -2.55 23.73
N ALA A 220 -3.34 -3.28 24.78
CA ALA A 220 -2.70 -4.59 24.57
C ALA A 220 -3.64 -5.55 23.87
N ASN A 221 -4.93 -5.52 24.23
CA ASN A 221 -5.91 -6.37 23.56
C ASN A 221 -6.13 -5.92 22.12
N ARG A 222 -6.04 -4.62 21.85
CA ARG A 222 -6.10 -4.14 20.47
C ARG A 222 -4.92 -4.68 19.67
N PHE A 223 -3.72 -4.64 20.23
CA PHE A 223 -2.56 -5.20 19.55
C PHE A 223 -2.72 -6.70 19.34
N ARG A 224 -3.28 -7.40 20.33
CA ARG A 224 -3.52 -8.84 20.18
C ARG A 224 -4.58 -9.12 19.12
N CYS A 225 -5.57 -8.24 18.98
CA CYS A 225 -6.56 -8.41 17.91
C CYS A 225 -5.93 -8.16 16.55
N GLN A 226 -5.00 -7.22 16.46
CA GLN A 226 -4.25 -7.03 15.22
C GLN A 226 -3.44 -8.29 14.88
N ASP A 227 -2.78 -8.87 15.89
CA ASP A 227 -2.04 -10.11 15.66
C ASP A 227 -2.97 -11.24 15.24
N GLU A 228 -4.17 -11.28 15.82
CA GLU A 228 -5.13 -12.31 15.43
C GLU A 228 -5.63 -12.09 14.01
N SER A 229 -5.78 -10.84 13.59
CA SER A 229 -6.13 -10.56 12.20
C SER A 229 -5.02 -11.00 11.26
N GLU A 230 -3.77 -10.78 11.65
CA GLU A 230 -2.65 -11.27 10.84
C GLU A 230 -2.67 -12.80 10.77
N ALA A 231 -2.96 -13.47 11.88
CA ALA A 231 -3.05 -14.92 11.87
C ALA A 231 -4.21 -15.39 11.00
N VAL A 232 -5.32 -14.66 10.99
CA VAL A 232 -6.45 -15.02 10.15
C VAL A 232 -6.09 -14.83 8.67
N CYS A 233 -5.30 -13.80 8.37
CA CYS A 233 -4.82 -13.63 7.00
C CYS A 233 -3.91 -14.79 6.59
N SER A 234 -3.05 -15.23 7.52
CA SER A 234 -2.21 -16.39 7.24
C SER A 234 -3.06 -17.64 7.02
N GLU A 235 -4.12 -17.79 7.79
CA GLU A 235 -5.03 -18.93 7.60
C GLU A 235 -5.73 -18.85 6.26
N TRP A 236 -6.10 -17.64 5.83
CA TRP A 236 -6.70 -17.47 4.51
C TRP A 236 -5.70 -17.85 3.41
N LYS A 237 -4.43 -17.48 3.59
CA LYS A 237 -3.40 -17.90 2.64
C LYS A 237 -3.28 -19.42 2.61
N PHE A 238 -3.30 -20.05 3.79
CA PHE A 238 -3.27 -21.51 3.84
C PHE A 238 -4.45 -22.11 3.11
N ALA A 239 -5.64 -21.53 3.29
CA ALA A 239 -6.83 -22.04 2.59
C ALA A 239 -6.68 -21.90 1.09
N ALA A 240 -6.17 -20.76 0.62
CA ALA A 240 -5.95 -20.57 -0.80
C ALA A 240 -4.89 -21.53 -1.33
N CYS A 241 -3.97 -21.97 -0.48
CA CYS A 241 -2.95 -22.94 -0.89
C CYS A 241 -3.60 -24.26 -1.30
N VAL A 242 -4.58 -24.72 -0.53
CA VAL A 242 -5.23 -25.99 -0.85
C VAL A 242 -5.81 -25.97 -2.25
N VAL A 243 -6.23 -24.79 -2.72
CA VAL A 243 -6.82 -24.67 -4.04
C VAL A 243 -5.72 -24.51 -5.10
N ASP A 244 -4.74 -23.65 -4.81
CA ASP A 244 -3.74 -23.33 -5.84
C ASP A 244 -2.84 -24.51 -6.13
N ARG A 245 -2.47 -25.28 -5.09
CA ARG A 245 -1.62 -26.45 -5.31
C ARG A 245 -2.34 -27.49 -6.16
N LEU A 246 -3.62 -27.74 -5.87
CA LEU A 246 -4.38 -28.69 -6.67
C LEU A 246 -4.53 -28.21 -8.11
N CYS A 247 -4.82 -26.91 -8.28
CA CYS A 247 -4.94 -26.37 -9.63
C CYS A 247 -3.65 -26.52 -10.40
N LEU A 248 -2.51 -26.24 -9.76
CA LEU A 248 -1.23 -26.38 -10.43
C LEU A 248 -0.93 -27.84 -10.76
N MET A 249 -1.21 -28.75 -9.84
CA MET A 249 -0.96 -30.17 -10.09
C MET A 249 -1.81 -30.68 -11.23
N ALA A 250 -3.04 -30.17 -11.36
CA ALA A 250 -3.90 -30.59 -12.47
C ALA A 250 -3.44 -29.98 -13.78
N PHE A 251 -3.10 -28.69 -13.78
CA PHE A 251 -2.68 -28.03 -15.02
C PHE A 251 -1.35 -28.58 -15.52
N SER A 252 -0.49 -29.04 -14.62
CA SER A 252 0.77 -29.65 -15.04
C SER A 252 0.51 -30.90 -15.89
N VAL A 253 -0.34 -31.80 -15.37
CA VAL A 253 -0.67 -33.02 -16.11
C VAL A 253 -1.40 -32.67 -17.40
N PHE A 254 -2.28 -31.66 -17.34
CA PHE A 254 -3.01 -31.25 -18.54
C PHE A 254 -2.05 -30.79 -19.63
N THR A 255 -1.09 -29.93 -19.26
CA THR A 255 -0.12 -29.44 -20.23
C THR A 255 0.78 -30.56 -20.73
N ILE A 256 1.13 -31.50 -19.86
CA ILE A 256 1.95 -32.64 -20.29
C ILE A 256 1.21 -33.46 -21.33
N ILE A 257 -0.08 -33.72 -21.09
CA ILE A 257 -0.87 -34.48 -22.06
C ILE A 257 -1.01 -33.70 -23.36
N CYS A 258 -1.21 -32.39 -23.26
CA CYS A 258 -1.34 -31.58 -24.47
C CYS A 258 -0.05 -31.61 -25.29
N THR A 259 1.10 -31.51 -24.62
CA THR A 259 2.37 -31.56 -25.33
C THR A 259 2.61 -32.93 -25.95
N ILE A 260 2.24 -34.00 -25.23
CA ILE A 260 2.38 -35.34 -25.77
C ILE A 260 1.53 -35.49 -27.03
N GLY A 261 0.29 -34.98 -26.98
CA GLY A 261 -0.56 -35.05 -28.15
C GLY A 261 -0.03 -34.23 -29.32
N ILE A 262 0.48 -33.03 -29.03
CA ILE A 262 1.05 -32.20 -30.08
C ILE A 262 2.23 -32.91 -30.74
N LEU A 263 3.09 -33.54 -29.93
CA LEU A 263 4.24 -34.25 -30.47
C LEU A 263 3.80 -35.46 -31.28
N MET A 264 2.77 -36.17 -30.82
CA MET A 264 2.28 -37.33 -31.57
C MET A 264 1.52 -36.91 -32.82
N SER A 265 0.87 -35.74 -32.78
CA SER A 265 0.12 -35.23 -33.92
C SER A 265 0.91 -34.22 -34.75
N ALA A 266 2.22 -34.10 -34.49
CA ALA A 266 3.02 -33.14 -35.25
C ALA A 266 3.13 -33.53 -36.73
N PRO A 267 3.56 -34.74 -37.09
CA PRO A 267 3.66 -35.08 -38.52
C PRO A 267 2.31 -35.19 -39.21
N ASN A 268 1.22 -35.35 -38.47
CA ASN A 268 -0.09 -35.46 -39.10
C ASN A 268 -0.51 -34.14 -39.74
N PHE A 269 -0.20 -33.03 -39.09
CA PHE A 269 -0.58 -31.72 -39.64
C PHE A 269 0.44 -31.25 -40.67
N VAL A 270 1.71 -31.19 -40.30
CA VAL A 270 2.76 -30.76 -41.21
C VAL A 270 4.06 -31.47 -40.87
N LEU B 7 19.22 0.81 -44.35
CA LEU B 7 19.00 2.04 -43.62
C LEU B 7 17.63 2.03 -42.93
N TYR B 8 16.58 2.28 -43.71
CA TYR B 8 15.23 2.28 -43.16
C TYR B 8 14.81 0.88 -42.71
N TYR B 9 15.30 -0.15 -43.38
CA TYR B 9 14.91 -1.52 -43.04
C TYR B 9 15.72 -2.05 -41.85
N GLY B 10 17.01 -1.71 -41.77
CA GLY B 10 17.83 -2.20 -40.69
C GLY B 10 17.51 -1.56 -39.36
N LEU B 11 17.32 -0.24 -39.37
CA LEU B 11 17.00 0.47 -38.13
C LEU B 11 15.67 0.06 -37.55
N ASN B 12 14.75 -0.45 -38.36
CA ASN B 12 13.45 -0.89 -37.86
C ASN B 12 13.60 -2.05 -36.88
N LEU B 13 14.61 -2.91 -37.10
CA LEU B 13 14.85 -4.04 -36.22
C LEU B 13 16.03 -3.84 -35.28
N LEU B 14 16.89 -2.86 -35.55
CA LEU B 14 18.06 -2.65 -34.71
C LEU B 14 17.69 -2.00 -33.38
N ILE B 15 16.94 -0.90 -33.42
CA ILE B 15 16.63 -0.11 -32.23
C ILE B 15 15.76 -0.94 -31.27
N PRO B 16 14.68 -1.57 -31.73
CA PRO B 16 13.84 -2.32 -30.79
C PRO B 16 14.56 -3.47 -30.13
N CYS B 17 15.44 -4.17 -30.85
CA CYS B 17 16.16 -5.29 -30.26
C CYS B 17 17.03 -4.83 -29.10
N VAL B 18 17.89 -3.83 -29.35
CA VAL B 18 18.76 -3.34 -28.29
C VAL B 18 17.95 -2.72 -27.16
N LEU B 19 16.81 -2.09 -27.48
CA LEU B 19 15.97 -1.51 -26.44
C LEU B 19 15.43 -2.59 -25.52
N ILE B 20 14.89 -3.67 -26.10
CA ILE B 20 14.36 -4.76 -25.31
C ILE B 20 15.47 -5.43 -24.50
N SER B 21 16.67 -5.54 -25.10
CA SER B 21 17.79 -6.13 -24.38
C SER B 21 18.16 -5.29 -23.16
N ALA B 22 18.24 -3.97 -23.34
CA ALA B 22 18.56 -3.09 -22.22
C ALA B 22 17.48 -3.15 -21.15
N LEU B 23 16.21 -3.18 -21.58
CA LEU B 23 15.11 -3.26 -20.61
C LEU B 23 15.20 -4.55 -19.81
N ALA B 24 15.47 -5.67 -20.47
CA ALA B 24 15.59 -6.94 -19.76
C ALA B 24 16.78 -6.92 -18.80
N LEU B 25 17.92 -6.38 -19.25
CA LEU B 25 19.09 -6.31 -18.38
C LEU B 25 18.85 -5.42 -17.17
N LEU B 26 18.05 -4.35 -17.34
CA LEU B 26 17.76 -3.46 -16.22
C LEU B 26 16.73 -4.05 -15.27
N VAL B 27 15.78 -4.83 -15.80
CA VAL B 27 14.77 -5.45 -14.94
C VAL B 27 15.43 -6.32 -13.88
N PHE B 28 16.55 -6.97 -14.22
CA PHE B 28 17.27 -7.80 -13.26
C PHE B 28 18.06 -6.98 -12.24
N LEU B 29 18.09 -5.66 -12.39
CA LEU B 29 18.84 -4.82 -11.45
C LEU B 29 18.09 -4.67 -10.13
N LEU B 30 16.81 -4.35 -10.18
CA LEU B 30 16.00 -4.21 -8.98
C LEU B 30 15.85 -5.57 -8.30
N PRO B 31 16.51 -5.82 -7.16
CA PRO B 31 16.44 -7.15 -6.56
C PRO B 31 15.04 -7.54 -6.11
N ALA B 32 14.43 -6.72 -5.24
CA ALA B 32 13.13 -7.04 -4.65
C ALA B 32 12.24 -5.82 -4.56
N ASP B 33 12.35 -4.90 -5.52
CA ASP B 33 11.51 -3.71 -5.52
C ASP B 33 10.04 -4.10 -5.58
N SER B 34 9.18 -3.12 -5.37
CA SER B 34 7.74 -3.35 -5.37
C SER B 34 7.27 -3.74 -6.77
N GLY B 35 5.95 -3.94 -6.90
CA GLY B 35 5.40 -4.34 -8.18
C GLY B 35 5.89 -3.51 -9.34
N GLU B 36 6.28 -2.26 -9.08
CA GLU B 36 6.82 -1.41 -10.14
C GLU B 36 7.92 -2.13 -10.91
N LYS B 37 8.70 -2.97 -10.24
CA LYS B 37 9.71 -3.77 -10.94
C LYS B 37 9.05 -4.81 -11.85
N ILE B 38 8.18 -5.64 -11.28
CA ILE B 38 7.56 -6.71 -12.06
C ILE B 38 6.78 -6.13 -13.24
N SER B 39 6.09 -5.01 -13.03
CA SER B 39 5.35 -4.38 -14.11
C SER B 39 6.23 -4.17 -15.34
N LEU B 40 7.53 -3.91 -15.14
CA LEU B 40 8.46 -3.84 -16.26
C LEU B 40 8.74 -5.21 -16.82
N GLY B 41 9.17 -6.15 -15.96
CA GLY B 41 9.55 -7.48 -16.39
C GLY B 41 8.48 -8.18 -17.20
N ILE B 42 7.23 -7.74 -17.04
CA ILE B 42 6.12 -8.31 -17.80
C ILE B 42 5.96 -7.60 -19.14
N THR B 43 5.99 -6.26 -19.13
CA THR B 43 5.76 -5.52 -20.36
C THR B 43 6.83 -5.83 -21.40
N VAL B 44 8.08 -5.95 -20.97
CA VAL B 44 9.17 -6.30 -21.90
C VAL B 44 8.83 -7.54 -22.68
N LEU B 45 8.00 -8.42 -22.11
CA LEU B 45 7.52 -9.59 -22.85
C LEU B 45 6.44 -9.19 -23.85
N LEU B 46 5.39 -8.52 -23.37
CA LEU B 46 4.31 -8.10 -24.26
C LEU B 46 4.83 -7.20 -25.37
N SER B 47 5.73 -6.27 -25.03
CA SER B 47 6.31 -5.39 -26.04
C SER B 47 6.95 -6.17 -27.17
N LEU B 48 7.38 -7.41 -26.90
CA LEU B 48 7.95 -8.24 -27.95
C LEU B 48 6.86 -8.82 -28.84
N THR B 49 5.76 -9.29 -28.25
CA THR B 49 4.69 -9.87 -29.04
C THR B 49 4.15 -8.87 -30.06
N VAL B 50 3.79 -7.68 -29.60
CA VAL B 50 3.32 -6.64 -30.52
C VAL B 50 4.38 -6.35 -31.58
N PHE B 51 5.66 -6.54 -31.25
CA PHE B 51 6.72 -6.36 -32.23
C PHE B 51 6.86 -7.56 -33.15
N MET B 52 6.60 -8.77 -32.64
CA MET B 52 6.71 -9.96 -33.48
C MET B 52 5.81 -9.87 -34.68
N LEU B 53 4.59 -9.34 -34.51
CA LEU B 53 3.67 -9.18 -35.63
C LEU B 53 4.31 -8.40 -36.77
N LEU B 54 5.19 -7.45 -36.45
CA LEU B 54 5.89 -6.71 -37.49
C LEU B 54 6.88 -7.60 -38.23
N VAL B 55 7.65 -8.41 -37.48
CA VAL B 55 8.62 -9.30 -38.11
C VAL B 55 7.93 -10.20 -39.13
N ALA B 56 6.89 -10.91 -38.69
CA ALA B 56 6.15 -11.78 -39.58
C ALA B 56 5.62 -11.04 -40.81
N GLU B 57 5.44 -9.72 -40.71
CA GLU B 57 4.99 -8.95 -41.86
C GLU B 57 6.11 -8.74 -42.87
N ILE B 58 7.33 -8.53 -42.39
CA ILE B 58 8.47 -8.33 -43.28
C ILE B 58 9.18 -9.64 -43.60
N MET B 59 9.10 -10.62 -42.70
CA MET B 59 9.76 -11.92 -42.87
C MET B 59 8.71 -13.01 -42.73
N PRO B 60 7.96 -13.31 -43.80
CA PRO B 60 6.95 -14.38 -43.72
C PRO B 60 7.57 -15.69 -43.29
N SER B 61 6.92 -16.36 -42.33
CA SER B 61 7.44 -17.61 -41.81
C SER B 61 7.37 -18.73 -42.83
N THR B 62 6.53 -18.61 -43.86
CA THR B 62 6.40 -19.64 -44.88
C THR B 62 7.38 -19.47 -46.03
N SER B 63 8.14 -18.38 -46.06
CA SER B 63 9.09 -18.13 -47.14
C SER B 63 10.50 -17.85 -46.63
N ASP B 64 10.64 -17.19 -45.49
CA ASP B 64 11.95 -16.84 -44.94
C ASP B 64 12.47 -18.03 -44.13
N SER B 65 12.96 -19.03 -44.85
CA SER B 65 13.53 -20.24 -44.24
C SER B 65 15.00 -19.98 -43.92
N SER B 66 15.22 -19.26 -42.83
CA SER B 66 16.56 -18.89 -42.38
C SER B 66 16.69 -19.19 -40.89
N PRO B 67 17.34 -20.29 -40.52
CA PRO B 67 17.47 -20.61 -39.08
C PRO B 67 18.39 -19.65 -38.33
N SER B 68 19.20 -18.87 -39.04
CA SER B 68 20.11 -17.94 -38.36
C SER B 68 19.34 -16.94 -37.52
N ILE B 69 18.50 -16.12 -38.15
CA ILE B 69 17.70 -15.15 -37.42
C ILE B 69 16.71 -15.85 -36.50
N ALA B 70 16.31 -17.08 -36.84
CA ALA B 70 15.42 -17.83 -35.98
C ALA B 70 16.06 -18.11 -34.64
N GLN B 71 17.35 -18.45 -34.64
CA GLN B 71 18.05 -18.70 -33.38
C GLN B 71 18.07 -17.45 -32.50
N TYR B 72 18.32 -16.29 -33.11
CA TYR B 72 18.34 -15.04 -32.34
C TYR B 72 16.95 -14.70 -31.79
N PHE B 73 15.92 -14.89 -32.61
CA PHE B 73 14.56 -14.64 -32.14
C PHE B 73 14.20 -15.57 -30.99
N ALA B 74 14.58 -16.85 -31.09
CA ALA B 74 14.31 -17.79 -30.02
C ALA B 74 15.07 -17.42 -28.76
N SER B 75 16.32 -16.96 -28.90
CA SER B 75 17.09 -16.53 -27.74
C SER B 75 16.44 -15.33 -27.07
N THR B 76 15.99 -14.36 -27.85
CA THR B 76 15.32 -13.19 -27.28
C THR B 76 14.03 -13.60 -26.56
N MET B 77 13.23 -14.48 -27.19
CA MET B 77 12.02 -14.95 -26.56
C MET B 77 12.32 -15.68 -25.24
N ILE B 78 13.35 -16.52 -25.24
CA ILE B 78 13.72 -17.25 -24.03
C ILE B 78 14.18 -16.29 -22.94
N ILE B 79 14.89 -15.23 -23.33
CA ILE B 79 15.35 -14.25 -22.34
C ILE B 79 14.16 -13.53 -21.72
N VAL B 80 13.24 -13.03 -22.56
CA VAL B 80 12.11 -12.29 -22.03
C VAL B 80 11.19 -13.20 -21.23
N GLY B 81 11.20 -14.51 -21.53
CA GLY B 81 10.40 -15.44 -20.75
C GLY B 81 11.04 -15.79 -19.43
N LEU B 82 12.35 -16.00 -19.43
CA LEU B 82 13.07 -16.31 -18.20
C LEU B 82 13.15 -15.11 -17.27
N SER B 83 12.97 -13.90 -17.78
CA SER B 83 12.86 -12.74 -16.90
C SER B 83 11.72 -12.93 -15.92
N VAL B 84 10.55 -13.34 -16.41
CA VAL B 84 9.40 -13.56 -15.54
C VAL B 84 9.65 -14.72 -14.59
N VAL B 85 10.36 -15.76 -15.06
CA VAL B 85 10.67 -16.89 -14.20
C VAL B 85 11.57 -16.46 -13.06
N VAL B 86 12.55 -15.60 -13.35
CA VAL B 86 13.46 -15.11 -12.32
C VAL B 86 12.70 -14.22 -11.33
N THR B 87 11.77 -13.40 -11.83
CA THR B 87 10.96 -12.59 -10.93
C THR B 87 10.12 -13.47 -10.01
N VAL B 88 9.53 -14.54 -10.56
CA VAL B 88 8.70 -15.43 -9.75
C VAL B 88 9.55 -16.16 -8.72
N ILE B 89 10.78 -16.54 -9.10
CA ILE B 89 11.67 -17.20 -8.16
C ILE B 89 12.07 -16.24 -7.03
N VAL B 90 12.33 -14.98 -7.39
CA VAL B 90 12.65 -13.99 -6.37
C VAL B 90 11.48 -13.81 -5.41
N LEU B 91 10.26 -13.76 -5.96
CA LEU B 91 9.08 -13.66 -5.10
C LEU B 91 8.98 -14.86 -4.17
N GLN B 92 9.13 -16.07 -4.72
CA GLN B 92 9.04 -17.28 -3.92
C GLN B 92 10.08 -17.29 -2.80
N TYR B 93 11.29 -16.80 -3.09
CA TYR B 93 12.35 -16.77 -2.08
C TYR B 93 12.20 -15.59 -1.12
N HIS B 94 11.38 -14.60 -1.47
CA HIS B 94 11.20 -13.44 -0.62
C HIS B 94 10.02 -13.60 0.35
N HIS B 95 8.81 -13.83 -0.18
CA HIS B 95 7.64 -13.83 0.69
C HIS B 95 7.67 -15.00 1.68
N HIS B 96 8.28 -16.12 1.31
CA HIS B 96 8.43 -17.26 2.20
C HIS B 96 7.09 -17.64 2.84
N ASP B 97 6.17 -18.07 1.98
CA ASP B 97 4.84 -18.49 2.40
C ASP B 97 4.94 -19.37 3.64
N PRO B 98 4.10 -19.16 4.66
CA PRO B 98 4.21 -19.99 5.87
C PRO B 98 4.05 -21.48 5.60
N ASP B 99 3.45 -21.87 4.48
CA ASP B 99 3.25 -23.29 4.18
C ASP B 99 4.55 -24.02 3.93
N GLY B 100 5.66 -23.31 3.76
CA GLY B 100 6.94 -23.96 3.51
C GLY B 100 7.97 -23.00 2.95
N GLY B 101 8.70 -23.47 1.92
CA GLY B 101 9.74 -22.69 1.28
C GLY B 101 11.03 -23.46 1.24
N LYS B 102 12.10 -22.75 0.91
CA LYS B 102 13.43 -23.34 0.82
C LYS B 102 14.10 -23.29 2.20
N MET B 103 15.39 -23.64 2.25
CA MET B 103 16.17 -23.65 3.48
C MET B 103 17.16 -22.49 3.45
N PRO B 104 16.76 -21.28 3.89
CA PRO B 104 17.69 -20.15 3.87
C PRO B 104 18.84 -20.28 4.86
N LYS B 105 18.78 -21.24 5.79
CA LYS B 105 19.86 -21.41 6.74
C LYS B 105 21.16 -21.78 6.04
N TRP B 106 21.07 -22.63 5.00
CA TRP B 106 22.27 -23.02 4.26
C TRP B 106 22.86 -21.85 3.50
N THR B 107 22.01 -20.99 2.94
CA THR B 107 22.48 -19.83 2.19
C THR B 107 22.82 -18.64 3.07
N ARG B 108 22.58 -18.74 4.39
CA ARG B 108 22.91 -17.64 5.28
C ARG B 108 24.40 -17.34 5.27
N VAL B 109 25.23 -18.38 5.29
CA VAL B 109 26.68 -18.18 5.28
C VAL B 109 27.12 -17.61 3.94
N ILE B 110 26.55 -18.11 2.83
CA ILE B 110 26.89 -17.58 1.52
C ILE B 110 26.54 -16.10 1.44
N LEU B 111 25.40 -15.71 2.00
CA LEU B 111 25.01 -14.31 2.00
C LEU B 111 25.95 -13.47 2.87
N LEU B 112 26.29 -13.98 4.06
CA LEU B 112 27.21 -13.25 4.93
C LEU B 112 28.57 -13.07 4.28
N ASN B 113 28.99 -14.03 3.45
CA ASN B 113 30.28 -13.93 2.77
C ASN B 113 30.22 -13.12 1.49
N TRP B 114 29.05 -13.01 0.86
CA TRP B 114 28.91 -12.26 -0.38
C TRP B 114 28.52 -10.79 -0.17
N CYS B 115 27.93 -10.46 0.98
CA CYS B 115 27.57 -9.06 1.23
C CYS B 115 28.79 -8.16 1.17
N ALA B 116 29.89 -8.58 1.80
CA ALA B 116 31.12 -7.78 1.76
C ALA B 116 31.78 -7.84 0.39
N TRP B 117 31.74 -9.01 -0.25
CA TRP B 117 32.36 -9.15 -1.57
C TRP B 117 31.70 -8.26 -2.60
N PHE B 118 30.39 -8.06 -2.50
CA PHE B 118 29.69 -7.21 -3.47
C PHE B 118 30.12 -5.76 -3.33
N LEU B 119 30.19 -5.24 -2.10
CA LEU B 119 30.61 -3.87 -1.88
C LEU B 119 32.14 -3.76 -1.87
N ARG B 120 32.78 -4.53 -0.99
CA ARG B 120 34.24 -4.54 -0.87
C ARG B 120 34.74 -5.85 -1.49
N MET B 121 35.02 -5.81 -2.79
CA MET B 121 35.47 -7.00 -3.49
C MET B 121 36.74 -7.55 -2.86
N LYS B 122 36.86 -8.87 -2.87
CA LYS B 122 38.01 -9.56 -2.31
C LYS B 122 39.11 -9.74 -3.35
N ARG B 123 39.54 -8.63 -3.95
CA ARG B 123 40.57 -8.60 -4.97
C ARG B 123 41.74 -7.76 -4.51
N PRO B 124 42.91 -7.89 -5.15
CA PRO B 124 44.06 -7.09 -4.72
C PRO B 124 43.80 -5.59 -4.74
N GLY B 125 43.06 -5.11 -5.74
CA GLY B 125 42.80 -3.68 -5.83
C GLY B 125 42.12 -3.13 -4.60
N GLU B 126 41.20 -3.90 -4.01
CA GLU B 126 40.47 -3.46 -2.82
C GLU B 126 41.09 -3.98 -1.53
N ASP B 127 42.02 -4.93 -1.61
CA ASP B 127 42.65 -5.49 -0.42
C ASP B 127 43.93 -4.75 -0.04
N LYS B 128 44.73 -4.37 -1.03
CA LYS B 128 46.00 -3.68 -0.77
C LYS B 128 45.83 -2.18 -0.63
N VAL B 129 44.89 -1.58 -1.36
CA VAL B 129 44.68 -0.13 -1.31
C VAL B 129 43.70 0.11 -0.17
N ARG B 130 44.25 0.21 1.04
CA ARG B 130 43.47 0.48 2.24
C ARG B 130 44.44 0.66 3.41
N PRO B 131 43.98 1.27 4.51
CA PRO B 131 44.86 1.44 5.66
C PRO B 131 45.36 0.10 6.18
N ALA B 132 46.61 0.08 6.62
CA ALA B 132 47.22 -1.15 7.14
C ALA B 132 48.38 -0.76 8.04
N CYS B 133 48.47 -1.41 9.20
CA CYS B 133 49.54 -1.14 10.15
C CYS B 133 49.68 -2.36 11.06
N GLN B 134 50.67 -2.30 11.94
CA GLN B 134 50.93 -3.38 12.90
C GLN B 134 50.32 -3.11 14.27
N HIS B 135 49.36 -2.19 14.34
CA HIS B 135 48.73 -1.87 15.61
C HIS B 135 47.80 -2.99 16.05
N LYS B 136 47.58 -3.08 17.37
CA LYS B 136 46.74 -4.13 17.93
C LYS B 136 45.29 -4.03 17.46
N GLN B 137 44.86 -2.85 17.01
CA GLN B 137 43.47 -2.68 16.58
C GLN B 137 43.17 -3.48 15.32
N ARG B 138 44.19 -3.89 14.55
CA ARG B 138 44.01 -4.66 13.34
C ARG B 138 44.56 -6.08 13.48
N ARG B 139 44.70 -6.58 14.70
CA ARG B 139 45.19 -7.92 14.97
C ARG B 139 44.07 -8.81 15.46
N CYS B 140 44.37 -10.09 15.59
CA CYS B 140 43.41 -11.09 16.04
C CYS B 140 43.52 -11.29 17.55
N SER B 141 42.40 -11.69 18.15
CA SER B 141 42.35 -11.95 19.58
C SER B 141 41.38 -13.08 19.84
N LEU B 142 41.30 -13.48 21.12
CA LEU B 142 40.41 -14.57 21.49
C LEU B 142 38.95 -14.23 21.21
N ALA B 143 38.57 -12.96 21.37
CA ALA B 143 37.19 -12.55 21.14
C ALA B 143 36.80 -12.68 19.67
N SER B 144 37.76 -12.48 18.76
CA SER B 144 37.45 -12.56 17.33
C SER B 144 37.42 -14.00 16.84
N VAL B 145 38.16 -14.90 17.49
CA VAL B 145 38.19 -16.31 17.08
C VAL B 145 36.85 -16.94 17.47
N GLU B 146 36.00 -17.19 16.47
CA GLU B 146 34.70 -17.80 16.70
C GLU B 146 34.72 -19.31 16.49
N MET B 147 35.89 -19.94 16.58
CA MET B 147 35.99 -21.38 16.40
C MET B 147 35.32 -22.14 17.53
N SER B 148 35.26 -21.54 18.72
CA SER B 148 34.65 -22.16 19.89
C SER B 148 33.41 -21.40 20.35
N ALA B 149 32.72 -20.74 19.42
CA ALA B 149 31.52 -19.98 19.74
C ALA B 149 31.82 -18.90 20.79
N VAL B 150 32.86 -18.12 20.54
CA VAL B 150 33.27 -17.07 21.45
C VAL B 150 32.49 -15.80 21.13
N ALA B 151 32.20 -15.02 22.16
CA ALA B 151 31.46 -13.79 21.99
C ALA B 151 32.26 -12.80 21.14
N PRO B 152 31.76 -12.37 19.99
CA PRO B 152 32.52 -11.44 19.16
C PRO B 152 32.61 -10.07 19.81
N PRO B 153 33.40 -9.16 19.25
CA PRO B 153 33.53 -7.82 19.85
C PRO B 153 32.19 -7.10 19.86
N PRO B 154 32.00 -6.12 20.76
CA PRO B 154 30.73 -5.39 20.79
C PRO B 154 30.49 -4.66 19.48
N ALA B 155 29.38 -4.98 18.83
CA ALA B 155 28.99 -4.34 17.57
C ALA B 155 27.49 -4.38 17.44
N SER B 156 26.93 -3.36 16.78
CA SER B 156 25.51 -3.25 16.57
C SER B 156 25.04 -3.94 15.30
N ASN B 157 25.94 -4.57 14.54
CA ASN B 157 25.59 -5.25 13.31
C ASN B 157 24.99 -6.63 13.55
N GLY B 158 24.73 -7.00 14.80
CA GLY B 158 24.17 -8.30 15.11
C GLY B 158 25.05 -9.12 16.03
N ASN B 159 25.89 -8.44 16.80
CA ASN B 159 26.80 -9.11 17.73
C ASN B 159 26.52 -8.77 19.18
N LEU B 160 26.29 -7.49 19.50
CA LEU B 160 26.04 -7.08 20.88
C LEU B 160 24.56 -7.17 21.25
N LEU B 161 23.67 -6.80 20.31
CA LEU B 161 22.24 -6.85 20.61
C LEU B 161 21.76 -8.29 20.81
N TYR B 162 22.33 -9.24 20.08
CA TYR B 162 21.93 -10.63 20.22
C TYR B 162 22.20 -11.16 21.62
N ILE B 163 23.18 -10.59 22.31
CA ILE B 163 23.52 -11.03 23.66
C ILE B 163 22.82 -10.15 24.68
N GLY B 164 22.53 -8.91 24.30
CA GLY B 164 21.88 -7.98 25.21
C GLY B 164 20.50 -8.41 25.65
N PHE B 165 19.56 -8.44 24.71
CA PHE B 165 18.17 -8.77 25.01
C PHE B 165 17.70 -10.02 24.24
N ARG B 166 18.63 -10.85 23.77
CA ARG B 166 18.27 -12.06 23.07
C ARG B 166 19.10 -13.26 23.46
N GLY B 167 19.99 -13.15 24.44
CA GLY B 167 20.80 -14.26 24.88
C GLY B 167 20.12 -15.10 25.94
N LEU B 168 19.02 -15.75 25.57
CA LEU B 168 18.28 -16.57 26.51
C LEU B 168 19.17 -17.66 27.10
N ASP B 169 18.81 -18.10 28.30
CA ASP B 169 19.54 -19.14 29.04
C ASP B 169 20.97 -18.71 29.38
N GLY B 170 21.28 -17.42 29.28
CA GLY B 170 22.61 -16.93 29.59
C GLY B 170 22.69 -16.27 30.95
N VAL B 171 23.78 -15.54 31.16
CA VAL B 171 23.98 -14.85 32.42
C VAL B 171 23.05 -13.65 32.57
N HIS B 172 22.51 -13.15 31.47
CA HIS B 172 21.63 -11.99 31.54
C HIS B 172 20.27 -12.36 32.15
N CYS B 173 19.74 -13.52 31.77
CA CYS B 173 18.45 -13.98 32.28
C CYS B 173 18.57 -15.02 33.38
N VAL B 174 19.68 -15.76 33.43
CA VAL B 174 19.89 -16.78 34.45
C VAL B 174 21.13 -16.41 35.26
N PRO B 175 21.00 -15.50 36.26
CA PRO B 175 22.15 -15.09 37.07
C PRO B 175 22.51 -16.10 38.15
N THR B 176 22.74 -17.35 37.75
CA THR B 176 23.09 -18.41 38.68
C THR B 176 24.53 -18.25 39.18
N PRO B 177 25.49 -17.84 38.34
CA PRO B 177 26.85 -17.64 38.84
C PRO B 177 26.87 -16.62 39.97
N ASP B 178 27.58 -16.97 41.04
CA ASP B 178 27.69 -16.10 42.22
C ASP B 178 28.66 -14.96 41.90
N SER B 179 28.12 -13.81 41.54
CA SER B 179 28.93 -12.65 41.22
C SER B 179 29.25 -11.78 42.44
N GLY B 180 28.46 -11.90 43.51
CA GLY B 180 28.69 -11.13 44.71
C GLY B 180 28.17 -9.70 44.67
N VAL B 181 27.69 -9.23 43.51
CA VAL B 181 27.17 -7.87 43.42
C VAL B 181 26.01 -7.67 44.36
N VAL B 182 25.24 -8.73 44.64
CA VAL B 182 24.11 -8.63 45.55
C VAL B 182 24.56 -8.43 46.98
N CYS B 183 25.80 -8.80 47.31
CA CYS B 183 26.31 -8.64 48.67
C CYS B 183 27.74 -8.12 48.71
N GLY B 184 28.29 -7.67 47.59
CA GLY B 184 29.65 -7.18 47.55
C GLY B 184 29.73 -5.73 47.09
N ARG B 185 28.72 -5.29 46.34
CA ARG B 185 28.67 -3.93 45.82
C ARG B 185 27.35 -3.29 46.21
N MET B 186 27.38 -1.96 46.36
CA MET B 186 26.20 -1.19 46.73
C MET B 186 25.72 -0.27 45.62
N ALA B 187 26.31 -0.37 44.43
CA ALA B 187 25.91 0.46 43.30
C ALA B 187 24.56 -0.03 42.77
N CYS B 188 23.49 0.66 43.15
CA CYS B 188 22.14 0.28 42.73
C CYS B 188 21.79 -1.15 43.13
N SER B 189 22.35 -1.61 44.24
CA SER B 189 22.12 -2.97 44.72
C SER B 189 22.40 -3.06 46.21
N PRO B 190 21.42 -2.77 47.07
CA PRO B 190 21.65 -2.86 48.51
C PRO B 190 22.12 -4.25 48.90
N THR B 191 23.09 -4.28 49.82
CA THR B 191 23.68 -5.54 50.29
C THR B 191 22.72 -6.17 51.29
N HIS B 192 21.82 -7.00 50.77
CA HIS B 192 20.84 -7.73 51.59
C HIS B 192 20.23 -6.83 52.66
N ASP B 193 19.96 -5.57 52.31
CA ASP B 193 19.37 -4.62 53.26
C ASP B 193 17.86 -4.79 53.21
N GLU B 194 17.34 -5.58 54.14
CA GLU B 194 15.90 -5.81 54.20
C GLU B 194 15.15 -4.71 54.91
N HIS B 195 15.85 -3.84 55.64
CA HIS B 195 15.23 -2.74 56.37
C HIS B 195 15.17 -1.46 55.57
N LEU B 196 15.64 -1.46 54.32
CA LEU B 196 15.61 -0.27 53.47
C LEU B 196 14.17 0.02 53.07
N LEU B 197 13.57 1.02 53.70
CA LEU B 197 12.19 1.40 53.43
C LEU B 197 12.17 2.74 52.70
N HIS B 198 11.21 2.89 51.78
CA HIS B 198 11.04 4.13 51.02
C HIS B 198 10.36 5.17 51.90
N GLY B 199 11.12 5.67 52.87
CA GLY B 199 10.61 6.67 53.79
C GLY B 199 9.41 6.19 54.57
N GLY B 200 9.47 4.96 55.09
CA GLY B 200 8.38 4.38 55.85
C GLY B 200 7.57 3.35 55.11
N GLN B 201 7.80 3.17 53.81
CA GLN B 201 7.09 2.22 52.99
C GLN B 201 8.07 1.22 52.38
N PRO B 202 7.59 0.06 51.93
CA PRO B 202 8.49 -0.92 51.31
C PRO B 202 9.12 -0.36 50.05
N PRO B 203 10.08 -1.06 49.46
CA PRO B 203 10.72 -0.56 48.23
C PRO B 203 9.81 -0.67 47.02
N GLU B 204 8.60 -0.11 47.10
CA GLU B 204 7.65 -0.15 46.01
C GLU B 204 6.51 0.81 46.32
N GLY B 205 6.09 1.57 45.31
CA GLY B 205 5.02 2.53 45.49
C GLY B 205 3.65 1.91 45.35
N ASP B 206 3.46 1.10 44.32
CA ASP B 206 2.17 0.46 44.07
C ASP B 206 2.38 -0.78 43.20
N PRO B 207 1.90 -1.96 43.64
CA PRO B 207 2.03 -3.15 42.79
C PRO B 207 1.45 -2.97 41.40
N ASP B 208 0.52 -2.04 41.22
CA ASP B 208 -0.02 -1.79 39.88
C ASP B 208 1.07 -1.34 38.92
N LEU B 209 2.07 -0.61 39.43
CA LEU B 209 3.19 -0.19 38.58
C LEU B 209 3.97 -1.39 38.06
N ALA B 210 4.01 -2.48 38.83
CA ALA B 210 4.70 -3.69 38.36
C ALA B 210 4.03 -4.24 37.10
N LYS B 211 2.71 -4.21 37.05
CA LYS B 211 2.00 -4.67 35.85
C LYS B 211 2.04 -3.64 34.74
N ILE B 212 2.03 -2.35 35.08
CA ILE B 212 2.21 -1.32 34.06
C ILE B 212 3.54 -1.49 33.35
N LEU B 213 4.60 -1.76 34.11
CA LEU B 213 5.91 -1.98 33.51
C LEU B 213 5.92 -3.24 32.66
N GLU B 214 5.22 -4.29 33.11
CA GLU B 214 5.15 -5.51 32.32
C GLU B 214 4.47 -5.26 30.99
N GLU B 215 3.37 -4.51 30.98
CA GLU B 215 2.68 -4.22 29.73
C GLU B 215 3.50 -3.29 28.84
N VAL B 216 4.23 -2.34 29.45
CA VAL B 216 5.12 -1.48 28.66
C VAL B 216 6.20 -2.31 27.99
N ARG B 217 6.77 -3.26 28.73
CA ARG B 217 7.78 -4.14 28.15
C ARG B 217 7.18 -5.05 27.09
N TYR B 218 5.90 -5.43 27.25
CA TYR B 218 5.24 -6.23 26.22
C TYR B 218 5.10 -5.45 24.93
N ILE B 219 4.67 -4.19 25.01
CA ILE B 219 4.54 -3.39 23.79
C ILE B 219 5.93 -3.08 23.21
N ALA B 220 6.94 -2.92 24.06
CA ALA B 220 8.30 -2.74 23.56
C ALA B 220 8.77 -3.99 22.82
N ASN B 221 8.43 -5.17 23.33
CA ASN B 221 8.78 -6.41 22.65
C ASN B 221 8.00 -6.56 21.35
N ARG B 222 6.77 -6.06 21.29
CA ARG B 222 6.03 -6.03 20.04
C ARG B 222 6.73 -5.15 19.01
N PHE B 223 7.18 -3.96 19.43
CA PHE B 223 7.92 -3.09 18.52
C PHE B 223 9.23 -3.75 18.08
N ARG B 224 9.90 -4.45 19.00
CA ARG B 224 11.12 -5.15 18.63
C ARG B 224 10.84 -6.29 17.67
N CYS B 225 9.70 -6.95 17.80
CA CYS B 225 9.33 -8.00 16.85
C CYS B 225 9.02 -7.41 15.48
N GLN B 226 8.42 -6.22 15.45
CA GLN B 226 8.23 -5.53 14.17
C GLN B 226 9.57 -5.18 13.54
N ASP B 227 10.52 -4.70 14.34
CA ASP B 227 11.85 -4.41 13.82
C ASP B 227 12.53 -5.68 13.32
N GLU B 228 12.32 -6.80 14.02
CA GLU B 228 12.90 -8.06 13.58
C GLU B 228 12.26 -8.54 12.28
N SER B 229 10.97 -8.30 12.10
CA SER B 229 10.32 -8.62 10.84
C SER B 229 10.87 -7.77 9.71
N GLU B 230 11.14 -6.48 9.98
CA GLU B 230 11.78 -5.64 8.98
C GLU B 230 13.17 -6.16 8.63
N ALA B 231 13.92 -6.59 9.64
CA ALA B 231 15.25 -7.14 9.39
C ALA B 231 15.17 -8.44 8.60
N VAL B 232 14.13 -9.24 8.85
CA VAL B 232 13.95 -10.48 8.09
C VAL B 232 13.58 -10.16 6.64
N CYS B 233 12.82 -9.10 6.43
CA CYS B 233 12.53 -8.66 5.06
C CYS B 233 13.80 -8.20 4.36
N SER B 234 14.66 -7.47 5.08
CA SER B 234 15.95 -7.07 4.51
C SER B 234 16.80 -8.29 4.18
N GLU B 235 16.76 -9.32 5.03
CA GLU B 235 17.51 -10.54 4.76
C GLU B 235 16.95 -11.26 3.54
N TRP B 236 15.62 -11.23 3.37
CA TRP B 236 15.02 -11.82 2.18
C TRP B 236 15.45 -11.06 0.93
N LYS B 237 15.53 -9.73 1.01
CA LYS B 237 16.05 -8.95 -0.11
C LYS B 237 17.50 -9.34 -0.41
N PHE B 238 18.32 -9.49 0.64
CA PHE B 238 19.69 -9.93 0.44
C PHE B 238 19.74 -11.30 -0.25
N ALA B 239 18.87 -12.21 0.16
CA ALA B 239 18.83 -13.53 -0.46
C ALA B 239 18.45 -13.43 -1.93
N ALA B 240 17.45 -12.61 -2.25
CA ALA B 240 17.06 -12.41 -3.64
C ALA B 240 18.17 -11.77 -4.45
N CYS B 241 19.03 -10.98 -3.79
CA CYS B 241 20.16 -10.37 -4.48
C CYS B 241 21.11 -11.42 -5.03
N VAL B 242 21.40 -12.46 -4.25
CA VAL B 242 22.32 -13.51 -4.70
C VAL B 242 21.82 -14.12 -6.00
N VAL B 243 20.51 -14.17 -6.20
CA VAL B 243 19.96 -14.75 -7.42
C VAL B 243 19.93 -13.72 -8.55
N ASP B 244 19.49 -12.49 -8.24
CA ASP B 244 19.29 -11.51 -9.30
C ASP B 244 20.62 -11.05 -9.89
N ARG B 245 21.65 -10.90 -9.05
CA ARG B 245 22.96 -10.49 -9.57
C ARG B 245 23.54 -11.55 -10.48
N LEU B 246 23.43 -12.83 -10.10
CA LEU B 246 23.91 -13.90 -10.96
C LEU B 246 23.13 -13.97 -12.27
N CYS B 247 21.80 -13.82 -12.18
CA CYS B 247 20.98 -13.83 -13.39
C CYS B 247 21.37 -12.70 -14.32
N LEU B 248 21.59 -11.50 -13.77
CA LEU B 248 21.99 -10.37 -14.61
C LEU B 248 23.37 -10.59 -15.23
N MET B 249 24.32 -11.10 -14.44
CA MET B 249 25.66 -11.33 -14.96
C MET B 249 25.64 -12.37 -16.07
N ALA B 250 24.75 -13.37 -15.96
CA ALA B 250 24.66 -14.38 -17.02
C ALA B 250 23.97 -13.82 -18.25
N PHE B 251 22.88 -13.08 -18.06
CA PHE B 251 22.14 -12.53 -19.20
C PHE B 251 22.96 -11.48 -19.94
N SER B 252 23.84 -10.78 -19.25
CA SER B 252 24.71 -9.81 -19.92
C SER B 252 25.63 -10.51 -20.92
N VAL B 253 26.30 -11.57 -20.48
CA VAL B 253 27.18 -12.32 -21.38
C VAL B 253 26.37 -12.98 -22.49
N PHE B 254 25.18 -13.47 -22.16
CA PHE B 254 24.33 -14.09 -23.18
C PHE B 254 23.98 -13.09 -24.27
N THR B 255 23.55 -11.89 -23.88
CA THR B 255 23.20 -10.86 -24.85
C THR B 255 24.42 -10.40 -25.64
N ILE B 256 25.58 -10.33 -24.98
CA ILE B 256 26.80 -9.94 -25.69
C ILE B 256 27.12 -10.97 -26.77
N ILE B 257 27.02 -12.26 -26.43
CA ILE B 257 27.29 -13.31 -27.42
C ILE B 257 26.26 -13.27 -28.54
N CYS B 258 24.99 -13.02 -28.19
CA CYS B 258 23.96 -12.93 -29.22
C CYS B 258 24.22 -11.78 -30.18
N THR B 259 24.62 -10.63 -29.65
CA THR B 259 24.92 -9.48 -30.49
C THR B 259 26.14 -9.73 -31.36
N ILE B 260 27.16 -10.38 -30.80
CA ILE B 260 28.35 -10.72 -31.59
C ILE B 260 27.97 -11.65 -32.74
N GLY B 261 27.13 -12.64 -32.47
CA GLY B 261 26.69 -13.54 -33.51
C GLY B 261 25.86 -12.84 -34.57
N ILE B 262 24.97 -11.94 -34.14
CA ILE B 262 24.15 -11.19 -35.10
C ILE B 262 25.04 -10.34 -36.00
N LEU B 263 26.05 -9.69 -35.41
CA LEU B 263 26.96 -8.86 -36.20
C LEU B 263 27.78 -9.72 -37.16
N MET B 264 28.21 -10.90 -36.71
CA MET B 264 28.98 -11.79 -37.58
C MET B 264 28.10 -12.44 -38.64
N SER B 265 26.82 -12.66 -38.33
CA SER B 265 25.88 -13.26 -39.27
C SER B 265 25.03 -12.23 -40.00
N ALA B 266 25.38 -10.93 -39.88
CA ALA B 266 24.58 -9.91 -40.55
C ALA B 266 24.68 -10.01 -42.07
N PRO B 267 25.88 -10.03 -42.68
CA PRO B 267 25.94 -10.12 -44.15
C PRO B 267 25.48 -11.46 -44.70
N ASN B 268 25.44 -12.51 -43.87
CA ASN B 268 25.01 -13.82 -44.35
C ASN B 268 23.53 -13.82 -44.70
N PHE B 269 22.71 -13.13 -43.90
CA PHE B 269 21.28 -13.08 -44.17
C PHE B 269 20.94 -12.03 -45.22
N VAL B 270 21.37 -10.79 -44.99
CA VAL B 270 21.10 -9.71 -45.93
C VAL B 270 22.23 -8.69 -45.88
N LEU C 7 -3.50 16.04 -45.54
CA LEU C 7 -4.57 16.27 -44.58
C LEU C 7 -4.85 15.02 -43.78
N TYR C 8 -5.55 14.06 -44.39
CA TYR C 8 -5.87 12.81 -43.71
C TYR C 8 -4.62 11.98 -43.45
N TYR C 9 -3.62 12.08 -44.33
CA TYR C 9 -2.40 11.29 -44.17
C TYR C 9 -1.44 11.94 -43.18
N GLY C 10 -1.35 13.27 -43.19
CA GLY C 10 -0.42 13.95 -42.31
C GLY C 10 -0.88 13.95 -40.87
N LEU C 11 -2.17 14.20 -40.63
CA LEU C 11 -2.70 14.22 -39.28
C LEU C 11 -2.62 12.85 -38.61
N ASN C 12 -2.60 11.77 -39.39
CA ASN C 12 -2.50 10.44 -38.80
C ASN C 12 -1.18 10.25 -38.07
N LEU C 13 -0.11 10.89 -38.53
CA LEU C 13 1.19 10.79 -37.89
C LEU C 13 1.56 12.03 -37.07
N LEU C 14 0.86 13.15 -37.26
CA LEU C 14 1.20 14.36 -36.53
C LEU C 14 0.74 14.29 -35.08
N ILE C 15 -0.53 13.95 -34.86
CA ILE C 15 -1.11 13.99 -33.52
C ILE C 15 -0.45 12.95 -32.62
N PRO C 16 -0.29 11.69 -33.06
CA PRO C 16 0.33 10.69 -32.17
C PRO C 16 1.75 11.03 -31.79
N CYS C 17 2.54 11.59 -32.72
CA CYS C 17 3.93 11.92 -32.42
C CYS C 17 4.01 12.97 -31.32
N VAL C 18 3.29 14.09 -31.48
CA VAL C 18 3.32 15.13 -30.46
C VAL C 18 2.71 14.63 -29.16
N LEU C 19 1.71 13.75 -29.23
CA LEU C 19 1.11 13.22 -28.01
C LEU C 19 2.13 12.38 -27.23
N ILE C 20 2.85 11.50 -27.93
CA ILE C 20 3.86 10.68 -27.27
C ILE C 20 4.98 11.55 -26.73
N SER C 21 5.34 12.61 -27.47
CA SER C 21 6.39 13.52 -27.00
C SER C 21 5.97 14.21 -25.71
N ALA C 22 4.73 14.71 -25.67
CA ALA C 22 4.24 15.36 -24.45
C ALA C 22 4.16 14.38 -23.30
N LEU C 23 3.71 13.14 -23.57
CA LEU C 23 3.64 12.14 -22.52
C LEU C 23 5.02 11.83 -21.96
N ALA C 24 6.01 11.68 -22.83
CA ALA C 24 7.37 11.43 -22.36
C ALA C 24 7.92 12.60 -21.56
N LEU C 25 7.67 13.83 -22.03
CA LEU C 25 8.15 15.00 -21.31
C LEU C 25 7.49 15.13 -19.94
N LEU C 26 6.22 14.73 -19.84
CA LEU C 26 5.52 14.80 -18.55
C LEU C 26 5.94 13.69 -17.61
N VAL C 27 6.26 12.50 -18.14
CA VAL C 27 6.69 11.40 -17.29
C VAL C 27 7.92 11.78 -16.48
N PHE C 28 8.80 12.61 -17.06
CA PHE C 28 9.98 13.05 -16.34
C PHE C 28 9.67 14.12 -15.29
N LEU C 29 8.43 14.59 -15.21
CA LEU C 29 8.07 15.61 -14.24
C LEU C 29 7.97 15.03 -12.83
N LEU C 30 7.26 13.92 -12.68
CA LEU C 30 7.12 13.27 -11.40
C LEU C 30 8.46 12.71 -10.95
N PRO C 31 9.12 13.31 -9.95
CA PRO C 31 10.47 12.83 -9.59
C PRO C 31 10.49 11.41 -9.05
N ALA C 32 9.72 11.15 -7.99
CA ALA C 32 9.73 9.86 -7.33
C ALA C 32 8.33 9.41 -6.93
N ASP C 33 7.32 9.78 -7.72
CA ASP C 33 5.96 9.37 -7.42
C ASP C 33 5.85 7.86 -7.37
N SER C 34 4.71 7.38 -6.89
CA SER C 34 4.47 5.94 -6.77
C SER C 34 4.39 5.30 -8.16
N GLY C 35 4.14 3.99 -8.18
CA GLY C 35 4.06 3.27 -9.43
C GLY C 35 3.22 3.95 -10.49
N GLU C 36 2.24 4.75 -10.06
CA GLU C 36 1.42 5.50 -11.00
C GLU C 36 2.27 6.24 -12.02
N LYS C 37 3.44 6.73 -11.59
CA LYS C 37 4.36 7.37 -12.52
C LYS C 37 4.93 6.36 -13.50
N ILE C 38 5.54 5.29 -12.99
CA ILE C 38 6.18 4.30 -13.85
C ILE C 38 5.16 3.71 -14.82
N SER C 39 3.95 3.42 -14.35
CA SER C 39 2.92 2.89 -15.21
C SER C 39 2.75 3.72 -16.47
N LEU C 40 2.95 5.05 -16.36
CA LEU C 40 2.95 5.89 -17.55
C LEU C 40 4.20 5.67 -18.38
N GLY C 41 5.37 5.83 -17.77
CA GLY C 41 6.63 5.70 -18.47
C GLY C 41 6.77 4.41 -19.24
N ILE C 42 6.00 3.39 -18.86
CA ILE C 42 6.00 2.12 -19.57
C ILE C 42 5.05 2.13 -20.74
N THR C 43 3.81 2.60 -20.52
CA THR C 43 2.81 2.57 -21.58
C THR C 43 3.22 3.41 -22.76
N VAL C 44 3.82 4.58 -22.50
CA VAL C 44 4.30 5.44 -23.59
C VAL C 44 5.20 4.68 -24.53
N LEU C 45 5.88 3.63 -24.02
CA LEU C 45 6.66 2.77 -24.89
C LEU C 45 5.76 1.82 -25.68
N LEU C 46 4.91 1.07 -24.97
CA LEU C 46 4.01 0.14 -25.66
C LEU C 46 3.12 0.88 -26.65
N SER C 47 2.61 2.04 -26.26
CA SER C 47 1.76 2.81 -27.16
C SER C 47 2.46 3.11 -28.47
N LEU C 48 3.79 3.13 -28.47
CA LEU C 48 4.53 3.34 -29.71
C LEU C 48 4.56 2.08 -30.57
N THR C 49 4.77 0.92 -29.94
CA THR C 49 4.82 -0.33 -30.69
C THR C 49 3.52 -0.55 -31.45
N VAL C 50 2.38 -0.47 -30.76
CA VAL C 50 1.09 -0.61 -31.42
C VAL C 50 0.95 0.41 -32.53
N PHE C 51 1.59 1.57 -32.38
CA PHE C 51 1.55 2.58 -33.44
C PHE C 51 2.53 2.26 -34.56
N MET C 52 3.67 1.65 -34.24
CA MET C 52 4.65 1.31 -35.27
C MET C 52 4.04 0.42 -36.34
N LEU C 53 3.20 -0.54 -35.92
CA LEU C 53 2.54 -1.42 -36.88
C LEU C 53 1.79 -0.62 -37.94
N LEU C 54 1.25 0.54 -37.57
CA LEU C 54 0.57 1.39 -38.54
C LEU C 54 1.56 1.98 -39.53
N VAL C 55 2.70 2.47 -39.03
CA VAL C 55 3.70 3.07 -39.91
C VAL C 55 4.13 2.06 -40.98
N ALA C 56 4.53 0.88 -40.55
CA ALA C 56 4.93 -0.16 -41.49
C ALA C 56 3.85 -0.47 -42.51
N GLU C 57 2.59 -0.19 -42.18
CA GLU C 57 1.51 -0.42 -43.13
C GLU C 57 1.47 0.67 -44.20
N ILE C 58 1.74 1.91 -43.81
CA ILE C 58 1.74 3.00 -44.78
C ILE C 58 3.12 3.21 -45.40
N MET C 59 4.18 2.84 -44.69
CA MET C 59 5.55 3.01 -45.16
C MET C 59 6.26 1.66 -45.08
N PRO C 60 6.09 0.80 -46.08
CA PRO C 60 6.76 -0.50 -46.07
C PRO C 60 8.27 -0.34 -45.94
N SER C 61 8.87 -1.11 -45.03
CA SER C 61 10.30 -1.02 -44.79
C SER C 61 11.12 -1.50 -45.98
N THR C 62 10.53 -2.31 -46.86
CA THR C 62 11.25 -2.83 -48.02
C THR C 62 11.17 -1.92 -49.23
N SER C 63 10.41 -0.84 -49.16
CA SER C 63 10.27 0.10 -50.28
C SER C 63 10.57 1.54 -49.90
N ASP C 64 10.22 1.95 -48.68
CA ASP C 64 10.42 3.32 -48.23
C ASP C 64 11.85 3.46 -47.71
N SER C 65 12.79 3.56 -48.65
CA SER C 65 14.21 3.72 -48.31
C SER C 65 14.49 5.21 -48.15
N SER C 66 14.13 5.72 -46.97
CA SER C 66 14.30 7.14 -46.64
C SER C 66 14.91 7.24 -45.26
N PRO C 67 16.23 7.51 -45.15
CA PRO C 67 16.84 7.60 -43.81
C PRO C 67 16.39 8.82 -43.02
N SER C 68 15.77 9.81 -43.67
CA SER C 68 15.32 11.01 -42.96
C SER C 68 14.32 10.65 -41.87
N ILE C 69 13.18 10.09 -42.27
CA ILE C 69 12.17 9.70 -41.29
C ILE C 69 12.69 8.58 -40.40
N ALA C 70 13.64 7.79 -40.89
CA ALA C 70 14.22 6.73 -40.06
C ALA C 70 14.96 7.32 -38.87
N GLN C 71 15.68 8.43 -39.09
CA GLN C 71 16.37 9.09 -37.99
C GLN C 71 15.39 9.56 -36.91
N TYR C 72 14.26 10.15 -37.34
CA TYR C 72 13.28 10.62 -36.38
C TYR C 72 12.63 9.46 -35.63
N PHE C 73 12.32 8.37 -36.33
CA PHE C 73 11.75 7.21 -35.68
C PHE C 73 12.73 6.62 -34.66
N ALA C 74 14.01 6.54 -35.03
CA ALA C 74 15.02 6.04 -34.10
C ALA C 74 15.16 6.95 -32.89
N SER C 75 15.10 8.26 -33.11
CA SER C 75 15.18 9.19 -31.98
C SER C 75 14.00 9.02 -31.04
N THR C 76 12.79 8.87 -31.60
CA THR C 76 11.61 8.67 -30.76
C THR C 76 11.72 7.35 -29.98
N MET C 77 12.16 6.28 -30.65
CA MET C 77 12.34 5.01 -29.96
C MET C 77 13.36 5.13 -28.84
N ILE C 78 14.48 5.82 -29.10
CA ILE C 78 15.51 5.98 -28.08
C ILE C 78 14.98 6.79 -26.92
N ILE C 79 14.15 7.80 -27.19
CA ILE C 79 13.58 8.61 -26.12
C ILE C 79 12.66 7.77 -25.24
N VAL C 80 11.74 7.03 -25.88
CA VAL C 80 10.79 6.23 -25.10
C VAL C 80 11.52 5.11 -24.36
N GLY C 81 12.65 4.66 -24.87
CA GLY C 81 13.43 3.64 -24.19
C GLY C 81 14.22 4.19 -23.02
N LEU C 82 14.83 5.36 -23.20
CA LEU C 82 15.59 6.00 -22.14
C LEU C 82 14.69 6.52 -21.04
N SER C 83 13.41 6.73 -21.31
CA SER C 83 12.47 7.05 -20.24
C SER C 83 12.48 5.97 -19.18
N VAL C 84 12.40 4.71 -19.59
CA VAL C 84 12.40 3.60 -18.64
C VAL C 84 13.75 3.51 -17.94
N VAL C 85 14.84 3.80 -18.66
CA VAL C 85 16.17 3.76 -18.04
C VAL C 85 16.27 4.82 -16.95
N VAL C 86 15.73 6.01 -17.22
CA VAL C 86 15.76 7.08 -16.23
C VAL C 86 14.90 6.71 -15.02
N THR C 87 13.75 6.10 -15.26
CA THR C 87 12.92 5.64 -14.15
C THR C 87 13.65 4.61 -13.30
N VAL C 88 14.34 3.67 -13.95
CA VAL C 88 15.07 2.64 -13.22
C VAL C 88 16.22 3.25 -12.43
N ILE C 89 16.89 4.25 -13.01
CA ILE C 89 17.98 4.93 -12.30
C ILE C 89 17.44 5.68 -11.09
N VAL C 90 16.28 6.33 -11.24
CA VAL C 90 15.66 7.02 -10.12
C VAL C 90 15.31 6.02 -9.02
N LEU C 91 14.77 4.86 -9.40
CA LEU C 91 14.48 3.83 -8.41
C LEU C 91 15.75 3.38 -7.69
N GLN C 92 16.81 3.10 -8.45
CA GLN C 92 18.06 2.65 -7.86
C GLN C 92 18.61 3.69 -6.89
N TYR C 93 18.49 4.98 -7.23
CA TYR C 93 18.99 6.03 -6.36
C TYR C 93 18.04 6.33 -5.21
N HIS C 94 16.80 5.88 -5.28
CA HIS C 94 15.83 6.14 -4.22
C HIS C 94 15.80 5.03 -3.18
N HIS C 95 15.52 3.79 -3.59
CA HIS C 95 15.33 2.73 -2.61
C HIS C 95 16.61 2.43 -1.85
N HIS C 96 17.77 2.61 -2.48
CA HIS C 96 19.06 2.41 -1.82
C HIS C 96 19.12 1.06 -1.11
N ASP C 97 19.06 0.00 -1.92
CA ASP C 97 19.12 -1.37 -1.42
C ASP C 97 20.22 -1.50 -0.37
N PRO C 98 19.96 -2.16 0.77
CA PRO C 98 21.01 -2.28 1.79
C PRO C 98 22.29 -2.93 1.30
N ASP C 99 22.23 -3.69 0.20
CA ASP C 99 23.42 -4.36 -0.31
C ASP C 99 24.47 -3.39 -0.83
N GLY C 100 24.13 -2.12 -1.01
CA GLY C 100 25.07 -1.14 -1.50
C GLY C 100 24.41 0.13 -2.01
N GLY C 101 24.86 0.60 -3.17
CA GLY C 101 24.33 1.80 -3.78
C GLY C 101 25.45 2.77 -4.11
N LYS C 102 25.06 4.00 -4.42
CA LYS C 102 26.02 5.04 -4.76
C LYS C 102 26.45 5.77 -3.49
N MET C 103 27.18 6.88 -3.65
CA MET C 103 27.68 7.67 -2.53
C MET C 103 26.90 8.98 -2.47
N PRO C 104 25.75 9.02 -1.78
CA PRO C 104 24.99 10.27 -1.72
C PRO C 104 25.66 11.36 -0.91
N LYS C 105 26.72 11.04 -0.16
CA LYS C 105 27.42 12.07 0.61
C LYS C 105 28.04 13.12 -0.30
N TRP C 106 28.60 12.69 -1.43
CA TRP C 106 29.20 13.63 -2.37
C TRP C 106 28.15 14.55 -2.97
N THR C 107 26.97 14.01 -3.29
CA THR C 107 25.90 14.80 -3.88
C THR C 107 25.08 15.56 -2.85
N ARG C 108 25.35 15.36 -1.56
CA ARG C 108 24.59 16.08 -0.53
C ARG C 108 24.79 17.59 -0.67
N VAL C 109 26.02 18.03 -0.92
CA VAL C 109 26.29 19.45 -1.06
C VAL C 109 25.63 19.99 -2.32
N ILE C 110 25.71 19.23 -3.42
CA ILE C 110 25.06 19.66 -4.66
C ILE C 110 23.56 19.82 -4.44
N LEU C 111 22.95 18.90 -3.69
CA LEU C 111 21.53 19.00 -3.42
C LEU C 111 21.22 20.20 -2.53
N LEU C 112 22.02 20.42 -1.50
CA LEU C 112 21.82 21.57 -0.62
C LEU C 112 21.95 22.88 -1.38
N ASN C 113 22.80 22.92 -2.41
CA ASN C 113 22.98 24.12 -3.19
C ASN C 113 21.96 24.27 -4.31
N TRP C 114 21.36 23.17 -4.77
CA TRP C 114 20.37 23.22 -5.84
C TRP C 114 18.94 23.35 -5.34
N CYS C 115 18.66 22.97 -4.09
CA CYS C 115 17.31 23.11 -3.57
C CYS C 115 16.85 24.55 -3.62
N ALA C 116 17.71 25.48 -3.20
CA ALA C 116 17.35 26.90 -3.25
C ALA C 116 17.34 27.42 -4.67
N TRP C 117 18.28 26.96 -5.50
CA TRP C 117 18.34 27.44 -6.88
C TRP C 117 17.10 27.05 -7.67
N PHE C 118 16.52 25.89 -7.37
CA PHE C 118 15.32 25.46 -8.09
C PHE C 118 14.14 26.36 -7.76
N LEU C 119 13.93 26.67 -6.48
CA LEU C 119 12.83 27.53 -6.09
C LEU C 119 13.22 29.00 -6.22
N ARG C 120 14.30 29.40 -5.58
CA ARG C 120 14.80 30.78 -5.63
C ARG C 120 16.05 30.78 -6.51
N MET C 121 15.85 31.00 -7.82
CA MET C 121 16.95 30.98 -8.75
C MET C 121 17.99 32.03 -8.39
N LYS C 122 19.25 31.69 -8.63
CA LYS C 122 20.38 32.59 -8.33
C LYS C 122 20.68 33.51 -9.52
N ARG C 123 19.66 34.24 -9.95
CA ARG C 123 19.76 35.17 -11.07
C ARG C 123 19.44 36.58 -10.61
N PRO C 124 19.81 37.59 -11.39
CA PRO C 124 19.51 38.98 -10.96
C PRO C 124 18.04 39.22 -10.71
N GLY C 125 17.16 38.63 -11.51
CA GLY C 125 15.74 38.86 -11.33
C GLY C 125 15.25 38.47 -9.95
N GLU C 126 15.78 37.38 -9.40
CA GLU C 126 15.40 36.90 -8.09
C GLU C 126 16.32 37.38 -6.98
N ASP C 127 17.49 37.94 -7.32
CA ASP C 127 18.44 38.41 -6.32
C ASP C 127 18.24 39.88 -5.98
N LYS C 128 17.93 40.71 -6.97
CA LYS C 128 17.75 42.13 -6.75
C LYS C 128 16.32 42.50 -6.35
N VAL C 129 15.33 41.76 -6.84
CA VAL C 129 13.93 42.05 -6.52
C VAL C 129 13.62 41.28 -5.25
N ARG C 130 13.94 41.89 -4.11
CA ARG C 130 13.69 41.30 -2.80
C ARG C 130 14.06 42.34 -1.74
N PRO C 131 13.57 42.17 -0.52
CA PRO C 131 13.92 43.12 0.55
C PRO C 131 15.42 43.17 0.77
N ALA C 132 15.92 44.37 1.05
CA ALA C 132 17.35 44.56 1.28
C ALA C 132 17.55 45.83 2.08
N CYS C 133 18.39 45.76 3.11
CA CYS C 133 18.68 46.91 3.95
C CYS C 133 20.03 46.68 4.63
N GLN C 134 20.48 47.68 5.39
CA GLN C 134 21.74 47.62 6.10
C GLN C 134 21.57 47.21 7.56
N HIS C 135 20.43 46.62 7.91
CA HIS C 135 20.18 46.20 9.27
C HIS C 135 21.02 44.97 9.62
N LYS C 136 21.29 44.81 10.92
CA LYS C 136 22.11 43.70 11.38
C LYS C 136 21.46 42.35 11.12
N GLN C 137 20.15 42.30 10.93
CA GLN C 137 19.47 41.04 10.68
C GLN C 137 19.86 40.41 9.35
N ARG C 138 20.41 41.20 8.42
CA ARG C 138 20.83 40.70 7.12
C ARG C 138 22.35 40.75 6.95
N ARG C 139 23.10 40.79 8.05
CA ARG C 139 24.55 40.83 8.03
C ARG C 139 25.12 39.49 8.48
N CYS C 140 26.43 39.37 8.36
CA CYS C 140 27.13 38.15 8.74
C CYS C 140 27.66 38.26 10.16
N SER C 141 27.80 37.11 10.82
CA SER C 141 28.29 37.05 12.18
C SER C 141 29.09 35.77 12.37
N LEU C 142 29.70 35.63 13.54
CA LEU C 142 30.50 34.45 13.83
C LEU C 142 29.66 33.18 13.79
N ALA C 143 28.40 33.26 14.20
CA ALA C 143 27.54 32.08 14.20
C ALA C 143 27.25 31.59 12.79
N SER C 144 27.18 32.51 11.82
CA SER C 144 26.88 32.11 10.44
C SER C 144 28.10 31.58 9.72
N VAL C 145 29.30 32.01 10.12
CA VAL C 145 30.53 31.55 9.48
C VAL C 145 30.77 30.11 9.91
N GLU C 146 30.54 29.16 8.98
CA GLU C 146 30.74 27.74 9.25
C GLU C 146 32.10 27.26 8.79
N MET C 147 33.07 28.16 8.63
CA MET C 147 34.41 27.75 8.19
C MET C 147 35.12 26.93 9.26
N SER C 148 34.80 27.15 10.54
CA SER C 148 35.41 26.42 11.64
C SER C 148 34.40 25.53 12.36
N ALA C 149 33.39 25.05 11.65
CA ALA C 149 32.36 24.20 12.23
C ALA C 149 31.67 24.89 13.40
N VAL C 150 31.22 26.12 13.18
CA VAL C 150 30.55 26.91 14.20
C VAL C 150 29.07 26.58 14.19
N ALA C 151 28.46 26.60 15.36
CA ALA C 151 27.04 26.32 15.49
C ALA C 151 26.22 27.35 14.73
N PRO C 152 25.43 26.97 13.73
CA PRO C 152 24.63 27.94 12.98
C PRO C 152 23.53 28.51 13.86
N PRO C 153 22.82 29.52 13.37
CA PRO C 153 21.74 30.13 14.17
C PRO C 153 20.64 29.12 14.45
N PRO C 154 19.87 29.31 15.52
CA PRO C 154 18.78 28.36 15.82
C PRO C 154 17.77 28.30 14.69
N ALA C 155 17.58 27.11 14.13
CA ALA C 155 16.62 26.90 13.06
C ALA C 155 16.15 25.45 13.09
N SER C 156 14.90 25.25 12.68
CA SER C 156 14.30 23.92 12.67
C SER C 156 14.56 23.18 11.36
N ASN C 157 15.26 23.79 10.41
CA ASN C 157 15.54 23.17 9.12
C ASN C 157 16.68 22.15 9.19
N GLY C 158 17.20 21.85 10.38
CA GLY C 158 18.27 20.90 10.53
C GLY C 158 19.50 21.50 11.19
N ASN C 159 19.30 22.57 11.97
CA ASN C 159 20.38 23.26 12.66
C ASN C 159 20.27 23.19 14.17
N LEU C 160 19.08 23.41 14.72
CA LEU C 160 18.89 23.39 16.17
C LEU C 160 18.58 21.99 16.67
N LEU C 161 17.77 21.22 15.94
CA LEU C 161 17.43 19.87 16.38
C LEU C 161 18.63 18.95 16.38
N TYR C 162 19.56 19.14 15.44
CA TYR C 162 20.74 18.29 15.39
C TYR C 162 21.60 18.44 16.65
N ILE C 163 21.52 19.60 17.31
CA ILE C 163 22.30 19.86 18.51
C ILE C 163 21.47 19.54 19.75
N GLY C 164 20.14 19.65 19.62
CA GLY C 164 19.26 19.41 20.73
C GLY C 164 19.30 17.99 21.25
N PHE C 165 18.85 17.03 20.43
CA PHE C 165 18.77 15.63 20.83
C PHE C 165 19.62 14.74 19.93
N ARG C 166 20.60 15.30 19.23
CA ARG C 166 21.47 14.52 18.37
C ARG C 166 22.93 14.93 18.46
N GLY C 167 23.29 15.86 19.34
CA GLY C 167 24.68 16.27 19.48
C GLY C 167 25.45 15.41 20.46
N LEU C 168 25.66 14.14 20.10
CA LEU C 168 26.37 13.22 20.96
C LEU C 168 27.77 13.74 21.26
N ASP C 169 28.32 13.31 22.40
CA ASP C 169 29.65 13.69 22.86
C ASP C 169 29.77 15.19 23.11
N GLY C 170 28.66 15.92 23.18
CA GLY C 170 28.68 17.34 23.41
C GLY C 170 28.36 17.70 24.85
N VAL C 171 28.07 18.99 25.05
CA VAL C 171 27.74 19.48 26.39
C VAL C 171 26.35 19.01 26.83
N HIS C 172 25.50 18.61 25.90
CA HIS C 172 24.17 18.16 26.26
C HIS C 172 24.21 16.79 26.94
N CYS C 173 25.04 15.88 26.44
CA CYS C 173 25.16 14.55 27.00
C CYS C 173 26.38 14.37 27.90
N VAL C 174 27.42 15.19 27.71
CA VAL C 174 28.63 15.10 28.52
C VAL C 174 28.83 16.43 29.24
N PRO C 175 28.16 16.67 30.37
CA PRO C 175 28.30 17.93 31.10
C PRO C 175 29.56 18.00 31.96
N THR C 176 30.71 17.76 31.32
CA THR C 176 31.99 17.80 32.02
C THR C 176 32.40 19.23 32.37
N PRO C 177 32.16 20.22 31.51
CA PRO C 177 32.50 21.60 31.87
C PRO C 177 31.79 22.03 33.14
N ASP C 178 32.55 22.63 34.06
CA ASP C 178 32.01 23.10 35.33
C ASP C 178 31.21 24.36 35.10
N SER C 179 29.88 24.21 35.01
CA SER C 179 29.00 25.36 34.80
C SER C 179 28.54 26.00 36.09
N GLY C 180 28.61 25.28 37.22
CA GLY C 180 28.21 25.82 38.50
C GLY C 180 26.72 25.80 38.75
N VAL C 181 25.89 25.44 37.77
CA VAL C 181 24.45 25.40 37.96
C VAL C 181 24.08 24.41 39.05
N VAL C 182 24.88 23.36 39.23
CA VAL C 182 24.60 22.37 40.27
C VAL C 182 24.85 22.94 41.66
N CYS C 183 25.65 24.01 41.77
CA CYS C 183 25.93 24.61 43.08
C CYS C 183 25.90 26.13 43.04
N GLY C 184 25.45 26.74 41.94
CA GLY C 184 25.40 28.18 41.84
C GLY C 184 24.00 28.71 41.61
N ARG C 185 23.12 27.87 41.08
CA ARG C 185 21.74 28.25 40.81
C ARG C 185 20.80 27.24 41.45
N MET C 186 19.61 27.71 41.82
CA MET C 186 18.60 26.88 42.46
C MET C 186 17.37 26.67 41.57
N ALA C 187 17.41 27.12 40.32
CA ALA C 187 16.29 26.97 39.40
C ALA C 187 16.23 25.50 38.96
N CYS C 188 15.32 24.74 39.58
CA CYS C 188 15.15 23.32 39.26
C CYS C 188 16.46 22.55 39.44
N SER C 189 17.29 22.98 40.39
CA SER C 189 18.56 22.34 40.65
C SER C 189 19.03 22.65 42.06
N PRO C 190 18.61 21.87 43.06
CA PRO C 190 19.07 22.14 44.44
C PRO C 190 20.58 22.15 44.53
N THR C 191 21.10 23.10 45.31
CA THR C 191 22.55 23.25 45.48
C THR C 191 23.03 22.20 46.46
N HIS C 192 23.42 21.05 45.92
CA HIS C 192 23.93 19.93 46.71
C HIS C 192 23.13 19.71 47.99
N ASP C 193 21.81 19.85 47.89
CA ASP C 193 20.93 19.67 49.04
C ASP C 193 20.59 18.19 49.15
N GLU C 194 21.36 17.48 49.98
CA GLU C 194 21.15 16.05 50.17
C GLU C 194 20.01 15.76 51.15
N HIS C 195 19.57 16.74 51.93
CA HIS C 195 18.51 16.55 52.90
C HIS C 195 17.13 16.89 52.34
N LEU C 196 17.04 17.25 51.07
CA LEU C 196 15.76 17.57 50.44
C LEU C 196 14.96 16.28 50.26
N LEU C 197 13.97 16.08 51.12
CA LEU C 197 13.13 14.89 51.09
C LEU C 197 11.73 15.26 50.60
N HIS C 198 11.11 14.35 49.85
CA HIS C 198 9.77 14.56 49.32
C HIS C 198 8.74 14.31 50.44
N GLY C 199 8.72 15.25 51.39
CA GLY C 199 7.82 15.16 52.52
C GLY C 199 8.04 13.91 53.34
N GLY C 200 9.30 13.59 53.63
CA GLY C 200 9.65 12.43 54.41
C GLY C 200 10.20 11.26 53.61
N GLN C 201 10.18 11.35 52.29
CA GLN C 201 10.68 10.31 51.42
C GLN C 201 11.78 10.87 50.52
N PRO C 202 12.61 10.00 49.93
CA PRO C 202 13.67 10.49 49.04
C PRO C 202 13.09 11.21 47.84
N PRO C 203 13.93 11.86 47.02
CA PRO C 203 13.40 12.56 45.83
C PRO C 203 12.99 11.59 44.73
N GLU C 204 12.12 10.64 45.06
CA GLU C 204 11.64 9.67 44.08
C GLU C 204 10.47 8.91 44.69
N GLY C 205 9.43 8.72 43.89
CA GLY C 205 8.25 8.01 44.34
C GLY C 205 8.39 6.50 44.25
N ASP C 206 8.87 6.02 43.11
CA ASP C 206 9.01 4.58 42.88
C ASP C 206 10.06 4.34 41.81
N PRO C 207 11.10 3.52 42.08
CA PRO C 207 12.09 3.23 41.04
C PRO C 207 11.48 2.69 39.76
N ASP C 208 10.29 2.10 39.86
CA ASP C 208 9.59 1.61 38.67
C ASP C 208 9.31 2.74 37.69
N LEU C 209 9.06 3.95 38.20
CA LEU C 209 8.85 5.09 37.32
C LEU C 209 10.10 5.41 36.51
N ALA C 210 11.28 5.13 37.06
CA ALA C 210 12.51 5.36 36.31
C ALA C 210 12.56 4.48 35.06
N LYS C 211 12.11 3.23 35.17
CA LYS C 211 12.09 2.34 34.02
C LYS C 211 10.91 2.67 33.09
N ILE C 212 9.78 3.11 33.65
CA ILE C 212 8.68 3.55 32.81
C ILE C 212 9.11 4.71 31.93
N LEU C 213 9.85 5.67 32.51
CA LEU C 213 10.35 6.79 31.72
C LEU C 213 11.35 6.33 30.68
N GLU C 214 12.19 5.35 31.02
CA GLU C 214 13.15 4.82 30.05
C GLU C 214 12.42 4.20 28.86
N GLU C 215 11.37 3.42 29.12
CA GLU C 215 10.62 2.80 28.02
C GLU C 215 9.86 3.84 27.22
N VAL C 216 9.33 4.86 27.88
CA VAL C 216 8.65 5.94 27.16
C VAL C 216 9.62 6.66 26.24
N ARG C 217 10.84 6.92 26.73
CA ARG C 217 11.86 7.54 25.90
C ARG C 217 12.29 6.61 24.77
N TYR C 218 12.28 5.30 25.01
CA TYR C 218 12.61 4.35 23.95
C TYR C 218 11.57 4.40 22.82
N ILE C 219 10.29 4.42 23.18
CA ILE C 219 9.26 4.51 22.13
C ILE C 219 9.30 5.87 21.46
N ALA C 220 9.65 6.94 22.20
CA ALA C 220 9.80 8.25 21.58
C ALA C 220 10.96 8.25 20.59
N ASN C 221 12.05 7.55 20.93
CA ASN C 221 13.18 7.44 20.01
C ASN C 221 12.80 6.59 18.79
N ARG C 222 11.94 5.59 18.98
CA ARG C 222 11.44 4.83 17.83
C ARG C 222 10.63 5.73 16.90
N PHE C 223 9.76 6.57 17.46
CA PHE C 223 9.00 7.50 16.64
C PHE C 223 9.93 8.48 15.94
N ARG C 224 10.97 8.95 16.64
CA ARG C 224 11.94 9.85 16.02
C ARG C 224 12.72 9.16 14.92
N CYS C 225 13.00 7.87 15.06
CA CYS C 225 13.67 7.12 14.00
C CYS C 225 12.74 6.96 12.79
N GLN C 226 11.45 6.78 13.03
CA GLN C 226 10.50 6.76 11.93
C GLN C 226 10.47 8.11 11.21
N ASP C 227 10.47 9.19 11.97
CA ASP C 227 10.52 10.52 11.36
C ASP C 227 11.82 10.72 10.57
N GLU C 228 12.92 10.19 11.08
CA GLU C 228 14.20 10.29 10.38
C GLU C 228 14.18 9.46 9.10
N SER C 229 13.51 8.31 9.12
CA SER C 229 13.36 7.53 7.90
C SER C 229 12.51 8.27 6.87
N GLU C 230 11.45 8.96 7.33
CA GLU C 230 10.68 9.79 6.42
C GLU C 230 11.53 10.91 5.84
N ALA C 231 12.36 11.53 6.67
CA ALA C 231 13.25 12.59 6.17
C ALA C 231 14.26 12.03 5.18
N VAL C 232 14.74 10.81 5.40
CA VAL C 232 15.67 10.19 4.47
C VAL C 232 14.98 9.88 3.15
N CYS C 233 13.71 9.48 3.21
CA CYS C 233 12.94 9.29 1.98
C CYS C 233 12.77 10.60 1.23
N SER C 234 12.52 11.69 1.95
CA SER C 234 12.43 12.99 1.32
C SER C 234 13.77 13.38 0.68
N GLU C 235 14.88 13.07 1.36
CA GLU C 235 16.19 13.33 0.79
C GLU C 235 16.45 12.50 -0.45
N TRP C 236 15.97 11.25 -0.47
CA TRP C 236 16.08 10.43 -1.67
C TRP C 236 15.27 11.02 -2.81
N LYS C 237 14.08 11.54 -2.51
CA LYS C 237 13.30 12.24 -3.53
C LYS C 237 14.04 13.45 -4.06
N PHE C 238 14.66 14.22 -3.16
CA PHE C 238 15.46 15.36 -3.59
C PHE C 238 16.60 14.93 -4.50
N ALA C 239 17.26 13.82 -4.15
CA ALA C 239 18.36 13.31 -4.98
C ALA C 239 17.84 12.90 -6.36
N ALA C 240 16.70 12.22 -6.41
CA ALA C 240 16.12 11.84 -7.69
C ALA C 240 15.72 13.06 -8.51
N CYS C 241 15.39 14.17 -7.83
CA CYS C 241 15.04 15.40 -8.53
C CYS C 241 16.21 15.91 -9.36
N VAL C 242 17.42 15.88 -8.80
CA VAL C 242 18.58 16.37 -9.53
C VAL C 242 18.75 15.63 -10.84
N VAL C 243 18.33 14.37 -10.90
CA VAL C 243 18.46 13.59 -12.12
C VAL C 243 17.27 13.84 -13.05
N ASP C 244 16.05 13.85 -12.48
CA ASP C 244 14.86 13.94 -13.33
C ASP C 244 14.74 15.31 -13.99
N ARG C 245 15.10 16.38 -13.26
CA ARG C 245 15.04 17.71 -13.86
C ARG C 245 16.02 17.86 -15.00
N LEU C 246 17.24 17.35 -14.83
CA LEU C 246 18.22 17.40 -15.91
C LEU C 246 17.77 16.56 -17.10
N CYS C 247 17.23 15.38 -16.84
CA CYS C 247 16.75 14.53 -17.93
C CYS C 247 15.63 15.23 -18.70
N LEU C 248 14.70 15.87 -17.99
CA LEU C 248 13.61 16.57 -18.66
C LEU C 248 14.13 17.76 -19.46
N MET C 249 15.05 18.52 -18.88
CA MET C 249 15.60 19.68 -19.59
C MET C 249 16.33 19.26 -20.85
N ALA C 250 17.00 18.10 -20.81
CA ALA C 250 17.69 17.61 -21.99
C ALA C 250 16.71 17.09 -23.04
N PHE C 251 15.72 16.31 -22.60
CA PHE C 251 14.76 15.75 -23.54
C PHE C 251 13.89 16.82 -24.18
N SER C 252 13.65 17.94 -23.48
CA SER C 252 12.89 19.04 -24.08
C SER C 252 13.63 19.61 -25.28
N VAL C 253 14.92 19.92 -25.10
CA VAL C 253 15.71 20.45 -26.21
C VAL C 253 15.84 19.41 -27.32
N PHE C 254 15.99 18.13 -26.94
CA PHE C 254 16.10 17.08 -27.94
C PHE C 254 14.84 17.01 -28.80
N THR C 255 13.67 17.04 -28.17
CA THR C 255 12.42 17.00 -28.91
C THR C 255 12.22 18.26 -29.73
N ILE C 256 12.64 19.41 -29.22
CA ILE C 256 12.54 20.65 -29.99
C ILE C 256 13.37 20.55 -31.25
N ILE C 257 14.61 20.05 -31.13
CA ILE C 257 15.47 19.89 -32.30
C ILE C 257 14.89 18.88 -33.27
N CYS C 258 14.33 17.79 -32.76
CA CYS C 258 13.72 16.79 -33.63
C CYS C 258 12.54 17.37 -34.39
N THR C 259 11.69 18.16 -33.72
CA THR C 259 10.56 18.77 -34.39
C THR C 259 11.02 19.79 -35.42
N ILE C 260 12.05 20.57 -35.10
CA ILE C 260 12.58 21.53 -36.06
C ILE C 260 13.09 20.81 -37.30
N GLY C 261 13.80 19.70 -37.11
CA GLY C 261 14.30 18.93 -38.24
C GLY C 261 13.17 18.32 -39.06
N ILE C 262 12.14 17.80 -38.39
CA ILE C 262 11.00 17.24 -39.10
C ILE C 262 10.32 18.31 -39.94
N LEU C 263 10.14 19.50 -39.37
CA LEU C 263 9.51 20.60 -40.11
C LEU C 263 10.38 21.03 -41.29
N MET C 264 11.69 21.07 -41.10
CA MET C 264 12.59 21.46 -42.19
C MET C 264 12.70 20.35 -43.24
N SER C 265 12.57 19.09 -42.82
CA SER C 265 12.64 17.96 -43.72
C SER C 265 11.26 17.45 -44.16
N ALA C 266 10.20 18.22 -43.88
CA ALA C 266 8.86 17.78 -44.27
C ALA C 266 8.70 17.75 -45.78
N PRO C 267 8.96 18.84 -46.53
CA PRO C 267 8.78 18.78 -47.98
C PRO C 267 9.77 17.87 -48.69
N ASN C 268 10.89 17.54 -48.05
CA ASN C 268 11.88 16.67 -48.70
C ASN C 268 11.34 15.25 -48.87
N PHE C 269 10.60 14.75 -47.88
CA PHE C 269 10.05 13.41 -47.96
C PHE C 269 8.76 13.39 -48.78
N VAL C 270 7.79 14.21 -48.39
CA VAL C 270 6.51 14.28 -49.10
C VAL C 270 5.94 15.68 -49.00
N LEU D 7 -25.12 -0.64 -41.34
CA LEU D 7 -25.48 -1.52 -40.23
C LEU D 7 -24.24 -2.14 -39.62
N TYR D 8 -23.69 -3.16 -40.30
CA TYR D 8 -22.48 -3.82 -39.79
C TYR D 8 -21.28 -2.90 -39.84
N TYR D 9 -21.22 -1.99 -40.81
CA TYR D 9 -20.09 -1.09 -40.94
C TYR D 9 -20.20 0.09 -39.98
N GLY D 10 -21.41 0.62 -39.79
CA GLY D 10 -21.57 1.78 -38.91
C GLY D 10 -21.41 1.43 -37.44
N LEU D 11 -21.98 0.31 -37.01
CA LEU D 11 -21.88 -0.10 -35.62
C LEU D 11 -20.45 -0.43 -35.22
N ASN D 12 -19.60 -0.80 -36.18
CA ASN D 12 -18.21 -1.11 -35.85
C ASN D 12 -17.48 0.11 -35.32
N LEU D 13 -17.85 1.31 -35.79
CA LEU D 13 -17.23 2.55 -35.34
C LEU D 13 -18.09 3.34 -34.37
N LEU D 14 -19.39 3.03 -34.28
CA LEU D 14 -20.27 3.79 -33.40
C LEU D 14 -20.06 3.42 -31.94
N ILE D 15 -20.09 2.12 -31.63
CA ILE D 15 -20.02 1.66 -30.24
C ILE D 15 -18.68 2.02 -29.62
N PRO D 16 -17.55 1.72 -30.29
CA PRO D 16 -16.25 2.03 -29.65
C PRO D 16 -16.05 3.51 -29.39
N CYS D 17 -16.52 4.38 -30.30
CA CYS D 17 -16.34 5.82 -30.11
C CYS D 17 -17.06 6.29 -28.86
N VAL D 18 -18.35 5.98 -28.74
CA VAL D 18 -19.11 6.41 -27.58
C VAL D 18 -18.57 5.74 -26.31
N LEU D 19 -18.08 4.50 -26.42
CA LEU D 19 -17.52 3.83 -25.26
C LEU D 19 -16.27 4.55 -24.76
N ILE D 20 -15.37 4.91 -25.67
CA ILE D 20 -14.16 5.63 -25.28
C ILE D 20 -14.52 7.00 -24.74
N SER D 21 -15.53 7.65 -25.32
CA SER D 21 -15.96 8.96 -24.83
C SER D 21 -16.47 8.85 -23.40
N ALA D 22 -17.32 7.86 -23.12
CA ALA D 22 -17.83 7.67 -21.77
C ALA D 22 -16.70 7.33 -20.80
N LEU D 23 -15.75 6.50 -21.23
CA LEU D 23 -14.63 6.16 -20.35
C LEU D 23 -13.81 7.39 -20.02
N ALA D 24 -13.54 8.23 -21.01
CA ALA D 24 -12.78 9.45 -20.76
C ALA D 24 -13.54 10.40 -19.84
N LEU D 25 -14.85 10.54 -20.06
CA LEU D 25 -15.64 11.42 -19.22
C LEU D 25 -15.70 10.90 -17.78
N LEU D 26 -15.69 9.59 -17.59
CA LEU D 26 -15.72 9.02 -16.24
C LEU D 26 -14.37 9.10 -15.55
N VAL D 27 -13.27 8.99 -16.32
CA VAL D 27 -11.95 9.08 -15.73
C VAL D 27 -11.77 10.41 -15.02
N PHE D 28 -12.37 11.48 -15.54
CA PHE D 28 -12.27 12.78 -14.91
C PHE D 28 -13.16 12.91 -13.67
N LEU D 29 -13.95 11.88 -13.36
CA LEU D 29 -14.83 11.95 -12.19
C LEU D 29 -14.03 11.74 -10.89
N LEU D 30 -13.20 10.71 -10.86
CA LEU D 30 -12.37 10.42 -9.70
C LEU D 30 -11.34 11.54 -9.51
N PRO D 31 -11.49 12.42 -8.51
CA PRO D 31 -10.56 13.55 -8.40
C PRO D 31 -9.12 13.12 -8.11
N ALA D 32 -8.92 12.36 -7.02
CA ALA D 32 -7.59 11.98 -6.60
C ALA D 32 -7.54 10.54 -6.10
N ASP D 33 -8.36 9.67 -6.69
CA ASP D 33 -8.38 8.27 -6.29
C ASP D 33 -7.00 7.65 -6.47
N SER D 34 -6.84 6.44 -5.93
CA SER D 34 -5.57 5.73 -6.00
C SER D 34 -5.22 5.41 -7.45
N GLY D 35 -4.05 4.80 -7.67
CA GLY D 35 -3.62 4.48 -9.01
C GLY D 35 -4.70 3.82 -9.86
N GLU D 36 -5.65 3.14 -9.21
CA GLU D 36 -6.75 2.53 -9.94
C GLU D 36 -7.40 3.52 -10.89
N LYS D 37 -7.42 4.80 -10.53
CA LYS D 37 -7.95 5.82 -11.44
C LYS D 37 -7.05 5.99 -12.65
N ILE D 38 -5.76 6.25 -12.43
CA ILE D 38 -4.84 6.50 -13.53
C ILE D 38 -4.79 5.30 -14.46
N SER D 39 -4.82 4.09 -13.90
CA SER D 39 -4.80 2.88 -14.72
C SER D 39 -5.88 2.94 -15.80
N LEU D 40 -7.02 3.55 -15.50
CA LEU D 40 -8.05 3.76 -16.51
C LEU D 40 -7.63 4.83 -17.50
N GLY D 41 -7.27 6.01 -17.02
CA GLY D 41 -6.92 7.12 -17.86
C GLY D 41 -5.83 6.82 -18.86
N ILE D 42 -5.04 5.78 -18.58
CA ILE D 42 -3.99 5.34 -19.50
C ILE D 42 -4.54 4.36 -20.52
N THR D 43 -5.31 3.37 -20.08
CA THR D 43 -5.80 2.34 -20.99
C THR D 43 -6.70 2.94 -22.05
N VAL D 44 -7.54 3.90 -21.68
CA VAL D 44 -8.42 4.55 -22.65
C VAL D 44 -7.61 5.09 -23.82
N LEU D 45 -6.33 5.42 -23.58
CA LEU D 45 -5.45 5.82 -24.68
C LEU D 45 -5.01 4.61 -25.50
N LEU D 46 -4.45 3.60 -24.83
CA LEU D 46 -4.00 2.40 -25.55
C LEU D 46 -5.17 1.75 -26.29
N SER D 47 -6.33 1.67 -25.65
CA SER D 47 -7.50 1.08 -26.29
C SER D 47 -7.81 1.77 -27.61
N LEU D 48 -7.42 3.03 -27.75
CA LEU D 48 -7.62 3.73 -29.02
C LEU D 48 -6.61 3.30 -30.06
N THR D 49 -5.34 3.15 -29.67
CA THR D 49 -4.31 2.76 -30.63
C THR D 49 -4.66 1.41 -31.27
N VAL D 50 -4.94 0.40 -30.44
CA VAL D 50 -5.34 -0.90 -30.97
C VAL D 50 -6.56 -0.75 -31.86
N PHE D 51 -7.41 0.24 -31.59
CA PHE D 51 -8.57 0.48 -32.45
C PHE D 51 -8.20 1.22 -33.71
N MET D 52 -7.21 2.11 -33.65
CA MET D 52 -6.81 2.88 -34.82
C MET D 52 -6.38 1.94 -35.95
N LEU D 53 -5.68 0.86 -35.62
CA LEU D 53 -5.27 -0.10 -36.64
C LEU D 53 -6.45 -0.61 -37.44
N LEU D 54 -7.63 -0.71 -36.80
CA LEU D 54 -8.82 -1.13 -37.53
C LEU D 54 -9.26 -0.06 -38.51
N VAL D 55 -9.28 1.20 -38.07
CA VAL D 55 -9.69 2.30 -38.94
C VAL D 55 -8.83 2.32 -40.20
N ALA D 56 -7.51 2.34 -40.02
CA ALA D 56 -6.61 2.34 -41.17
C ALA D 56 -6.84 1.15 -42.09
N GLU D 57 -7.43 0.07 -41.58
CA GLU D 57 -7.73 -1.09 -42.43
C GLU D 57 -8.96 -0.83 -43.28
N ILE D 58 -9.97 -0.15 -42.72
CA ILE D 58 -11.18 0.14 -43.48
C ILE D 58 -11.08 1.48 -44.21
N MET D 59 -10.26 2.40 -43.71
CA MET D 59 -10.09 3.73 -44.30
C MET D 59 -8.61 3.96 -44.55
N PRO D 60 -8.07 3.46 -45.66
CA PRO D 60 -6.65 3.68 -45.95
C PRO D 60 -6.31 5.17 -45.98
N SER D 61 -5.23 5.54 -45.30
CA SER D 61 -4.81 6.93 -45.23
C SER D 61 -4.37 7.48 -46.57
N THR D 62 -3.98 6.61 -47.51
CA THR D 62 -3.52 7.05 -48.82
C THR D 62 -4.65 7.20 -49.83
N SER D 63 -5.87 6.83 -49.48
CA SER D 63 -7.00 6.93 -50.39
C SER D 63 -8.18 7.69 -49.80
N ASP D 64 -8.41 7.56 -48.49
CA ASP D 64 -9.55 8.23 -47.83
C ASP D 64 -9.13 9.65 -47.46
N SER D 65 -9.11 10.52 -48.46
CA SER D 65 -8.76 11.93 -48.28
C SER D 65 -10.02 12.70 -47.88
N SER D 66 -10.38 12.58 -46.60
CA SER D 66 -11.56 13.22 -46.05
C SER D 66 -11.20 13.91 -44.75
N PRO D 67 -11.01 15.24 -44.75
CA PRO D 67 -10.65 15.93 -43.50
C PRO D 67 -11.75 15.95 -42.48
N SER D 68 -13.01 15.65 -42.86
CA SER D 68 -14.10 15.66 -41.90
C SER D 68 -13.86 14.65 -40.78
N ILE D 69 -13.78 13.37 -41.14
CA ILE D 69 -13.53 12.34 -40.12
C ILE D 69 -12.15 12.53 -39.50
N ALA D 70 -11.21 13.12 -40.24
CA ALA D 70 -9.89 13.39 -39.69
C ALA D 70 -9.97 14.34 -38.51
N GLN D 71 -10.81 15.36 -38.61
CA GLN D 71 -10.98 16.30 -37.50
C GLN D 71 -11.51 15.59 -36.26
N TYR D 72 -12.49 14.70 -36.43
CA TYR D 72 -13.04 13.98 -35.28
C TYR D 72 -12.00 13.03 -34.68
N PHE D 73 -11.24 12.34 -35.53
CA PHE D 73 -10.20 11.46 -35.02
C PHE D 73 -9.14 12.25 -34.25
N ALA D 74 -8.75 13.42 -34.77
CA ALA D 74 -7.78 14.25 -34.07
C ALA D 74 -8.33 14.75 -32.75
N SER D 75 -9.62 15.12 -32.72
CA SER D 75 -10.23 15.55 -31.48
C SER D 75 -10.24 14.43 -30.44
N THR D 76 -10.59 13.22 -30.87
CA THR D 76 -10.58 12.09 -29.95
C THR D 76 -9.18 11.80 -29.43
N MET D 77 -8.18 11.85 -30.31
CA MET D 77 -6.80 11.64 -29.89
C MET D 77 -6.38 12.71 -28.89
N ILE D 78 -6.72 13.97 -29.16
CA ILE D 78 -6.35 15.05 -28.26
C ILE D 78 -7.03 14.88 -26.91
N ILE D 79 -8.28 14.40 -26.90
CA ILE D 79 -8.99 14.18 -25.65
C ILE D 79 -8.30 13.09 -24.83
N VAL D 80 -8.02 11.94 -25.47
CA VAL D 80 -7.41 10.84 -24.74
C VAL D 80 -6.00 11.20 -24.30
N GLY D 81 -5.34 12.11 -25.02
CA GLY D 81 -4.02 12.54 -24.62
C GLY D 81 -4.06 13.53 -23.47
N LEU D 82 -4.99 14.48 -23.52
CA LEU D 82 -5.14 15.46 -22.45
C LEU D 82 -5.68 14.84 -21.18
N SER D 83 -6.33 13.68 -21.26
CA SER D 83 -6.70 12.96 -20.04
C SER D 83 -5.47 12.67 -19.19
N VAL D 84 -4.40 12.17 -19.81
CA VAL D 84 -3.18 11.87 -19.07
C VAL D 84 -2.55 13.15 -18.56
N VAL D 85 -2.62 14.23 -19.33
CA VAL D 85 -2.06 15.51 -18.89
C VAL D 85 -2.80 16.01 -17.66
N VAL D 86 -4.12 15.87 -17.64
CA VAL D 86 -4.91 16.30 -16.50
C VAL D 86 -4.59 15.43 -15.29
N THR D 87 -4.42 14.13 -15.49
CA THR D 87 -4.03 13.26 -14.38
C THR D 87 -2.67 13.66 -13.82
N VAL D 88 -1.71 13.99 -14.70
CA VAL D 88 -0.38 14.37 -14.24
C VAL D 88 -0.45 15.70 -13.51
N ILE D 89 -1.29 16.62 -13.97
CA ILE D 89 -1.44 17.91 -13.29
C ILE D 89 -2.06 17.70 -11.92
N VAL D 90 -3.05 16.82 -11.82
CA VAL D 90 -3.66 16.51 -10.52
C VAL D 90 -2.62 15.93 -9.59
N LEU D 91 -1.78 15.02 -10.09
CA LEU D 91 -0.71 14.47 -9.27
C LEU D 91 0.24 15.56 -8.79
N GLN D 92 0.67 16.43 -9.71
CA GLN D 92 1.60 17.50 -9.35
C GLN D 92 1.00 18.41 -8.29
N TYR D 93 -0.31 18.69 -8.38
CA TYR D 93 -0.96 19.55 -7.41
C TYR D 93 -1.31 18.83 -6.12
N HIS D 94 -1.27 17.49 -6.12
CA HIS D 94 -1.61 16.72 -4.93
C HIS D 94 -0.37 16.39 -4.09
N HIS D 95 0.61 15.70 -4.68
CA HIS D 95 1.74 15.23 -3.88
C HIS D 95 2.56 16.38 -3.33
N HIS D 96 2.63 17.51 -4.05
CA HIS D 96 3.35 18.69 -3.59
C HIS D 96 4.76 18.35 -3.13
N ASP D 97 5.55 17.89 -4.09
CA ASP D 97 6.94 17.53 -3.85
C ASP D 97 7.63 18.58 -2.99
N PRO D 98 8.39 18.18 -1.96
CA PRO D 98 9.04 19.19 -1.10
C PRO D 98 9.95 20.15 -1.85
N ASP D 99 10.40 19.79 -3.05
CA ASP D 99 11.29 20.66 -3.81
C ASP D 99 10.61 21.94 -4.28
N GLY D 100 9.28 22.02 -4.19
CA GLY D 100 8.56 23.21 -4.60
C GLY D 100 7.08 22.96 -4.80
N GLY D 101 6.53 23.48 -5.91
CA GLY D 101 5.14 23.34 -6.25
C GLY D 101 4.52 24.69 -6.53
N LYS D 102 3.20 24.71 -6.57
CA LYS D 102 2.45 25.94 -6.84
C LYS D 102 2.16 26.65 -5.51
N MET D 103 1.33 27.69 -5.56
CA MET D 103 0.98 28.48 -4.40
C MET D 103 -0.47 28.19 -4.03
N PRO D 104 -0.74 27.15 -3.22
CA PRO D 104 -2.12 26.85 -2.84
C PRO D 104 -2.76 27.89 -1.94
N LYS D 105 -1.98 28.82 -1.39
CA LYS D 105 -2.56 29.86 -0.53
C LYS D 105 -3.53 30.73 -1.31
N TRP D 106 -3.21 31.05 -2.57
CA TRP D 106 -4.09 31.87 -3.38
C TRP D 106 -5.39 31.14 -3.70
N THR D 107 -5.30 29.83 -3.95
CA THR D 107 -6.49 29.03 -4.27
C THR D 107 -7.24 28.58 -3.03
N ARG D 108 -6.72 28.83 -1.83
CA ARG D 108 -7.41 28.43 -0.62
C ARG D 108 -8.78 29.10 -0.52
N VAL D 109 -8.85 30.39 -0.83
CA VAL D 109 -10.13 31.11 -0.76
C VAL D 109 -11.09 30.59 -1.82
N ILE D 110 -10.57 30.34 -3.03
CA ILE D 110 -11.42 29.79 -4.10
C ILE D 110 -11.99 28.45 -3.68
N LEU D 111 -11.17 27.62 -3.03
CA LEU D 111 -11.66 26.31 -2.58
C LEU D 111 -12.70 26.47 -1.47
N LEU D 112 -12.44 27.37 -0.52
CA LEU D 112 -13.40 27.59 0.56
C LEU D 112 -14.73 28.10 0.03
N ASN D 113 -14.70 28.86 -1.07
CA ASN D 113 -15.93 29.38 -1.67
C ASN D 113 -16.60 28.40 -2.61
N TRP D 114 -15.86 27.45 -3.17
CA TRP D 114 -16.42 26.48 -4.10
C TRP D 114 -16.88 25.19 -3.41
N CYS D 115 -16.37 24.88 -2.23
CA CYS D 115 -16.81 23.67 -1.53
C CYS D 115 -18.31 23.71 -1.28
N ALA D 116 -18.82 24.85 -0.81
CA ALA D 116 -20.26 24.97 -0.57
C ALA D 116 -21.03 25.05 -1.88
N TRP D 117 -20.48 25.75 -2.87
CA TRP D 117 -21.17 25.88 -4.15
C TRP D 117 -21.36 24.54 -4.84
N PHE D 118 -20.41 23.62 -4.68
CA PHE D 118 -20.52 22.32 -5.31
C PHE D 118 -21.65 21.51 -4.70
N LEU D 119 -21.75 21.48 -3.38
CA LEU D 119 -22.81 20.75 -2.70
C LEU D 119 -24.08 21.59 -2.63
N ARG D 120 -24.00 22.77 -2.06
CA ARG D 120 -25.13 23.69 -1.94
C ARG D 120 -24.92 24.82 -2.94
N MET D 121 -25.45 24.62 -4.15
CA MET D 121 -25.27 25.61 -5.21
C MET D 121 -25.85 26.95 -4.79
N LYS D 122 -25.20 28.03 -5.23
CA LYS D 122 -25.63 29.39 -4.91
C LYS D 122 -26.63 29.90 -5.95
N ARG D 123 -27.71 29.16 -6.14
CA ARG D 123 -28.76 29.50 -7.07
C ARG D 123 -30.09 29.68 -6.34
N PRO D 124 -31.08 30.32 -6.98
CA PRO D 124 -32.37 30.51 -6.29
C PRO D 124 -33.00 29.22 -5.81
N GLY D 125 -32.88 28.14 -6.60
CA GLY D 125 -33.49 26.88 -6.22
C GLY D 125 -33.01 26.38 -4.88
N GLU D 126 -31.72 26.55 -4.60
CA GLU D 126 -31.12 26.11 -3.34
C GLU D 126 -31.07 27.20 -2.29
N ASP D 127 -31.28 28.46 -2.67
CA ASP D 127 -31.24 29.57 -1.72
C ASP D 127 -32.60 29.87 -1.11
N LYS D 128 -33.66 29.81 -1.90
CA LYS D 128 -34.99 30.11 -1.42
C LYS D 128 -35.69 28.90 -0.80
N VAL D 129 -35.41 27.71 -1.28
CA VAL D 129 -36.05 26.49 -0.75
C VAL D 129 -35.17 26.00 0.40
N ARG D 130 -35.42 26.58 1.57
CA ARG D 130 -34.68 26.23 2.78
C ARG D 130 -35.32 26.97 3.95
N PRO D 131 -35.07 26.52 5.18
CA PRO D 131 -35.63 27.22 6.34
C PRO D 131 -35.17 28.66 6.40
N ALA D 132 -36.07 29.55 6.81
CA ALA D 132 -35.76 30.97 6.90
C ALA D 132 -36.72 31.61 7.89
N CYS D 133 -36.19 32.45 8.78
CA CYS D 133 -37.00 33.15 9.78
C CYS D 133 -36.23 34.38 10.23
N GLN D 134 -36.87 35.16 11.10
CA GLN D 134 -36.28 36.38 11.63
C GLN D 134 -35.66 36.16 13.01
N HIS D 135 -35.39 34.91 13.37
CA HIS D 135 -34.80 34.62 14.67
C HIS D 135 -33.33 35.03 14.70
N LYS D 136 -32.84 35.30 15.92
CA LYS D 136 -31.46 35.74 16.08
C LYS D 136 -30.45 34.68 15.66
N GLN D 137 -30.87 33.41 15.62
CA GLN D 137 -29.94 32.35 15.24
C GLN D 137 -29.51 32.44 13.79
N ARG D 138 -30.25 33.16 12.96
CA ARG D 138 -29.92 33.32 11.55
C ARG D 138 -29.53 34.76 11.21
N ARG D 139 -29.11 35.53 12.20
CA ARG D 139 -28.71 36.92 12.02
C ARG D 139 -27.20 37.05 12.16
N CYS D 140 -26.70 38.24 11.87
CA CYS D 140 -25.28 38.53 11.95
C CYS D 140 -24.93 39.14 13.30
N SER D 141 -23.68 38.94 13.72
CA SER D 141 -23.21 39.46 14.99
C SER D 141 -21.74 39.80 14.85
N LEU D 142 -21.18 40.41 15.92
CA LEU D 142 -19.77 40.79 15.89
C LEU D 142 -18.86 39.58 15.73
N ALA D 143 -19.24 38.44 16.30
CA ALA D 143 -18.41 37.24 16.20
C ALA D 143 -18.34 36.73 14.76
N SER D 144 -19.40 36.91 13.98
CA SER D 144 -19.41 36.42 12.61
C SER D 144 -18.67 37.36 11.66
N VAL D 145 -18.63 38.65 11.98
CA VAL D 145 -17.94 39.63 11.14
C VAL D 145 -16.44 39.40 11.27
N GLU D 146 -15.82 38.83 10.24
CA GLU D 146 -14.39 38.56 10.23
C GLU D 146 -13.60 39.67 9.54
N MET D 147 -14.17 40.86 9.43
CA MET D 147 -13.48 41.97 8.77
C MET D 147 -12.28 42.44 9.58
N SER D 148 -12.32 42.26 10.90
CA SER D 148 -11.23 42.67 11.79
C SER D 148 -10.58 41.47 12.46
N ALA D 149 -10.59 40.32 11.80
CA ALA D 149 -9.99 39.09 12.34
C ALA D 149 -10.61 38.74 13.69
N VAL D 150 -11.93 38.71 13.73
CA VAL D 150 -12.68 38.39 14.94
C VAL D 150 -12.83 36.88 15.05
N ALA D 151 -12.81 36.38 16.27
CA ALA D 151 -12.95 34.95 16.51
C ALA D 151 -14.33 34.48 16.04
N PRO D 152 -14.42 33.55 15.09
CA PRO D 152 -15.73 33.09 14.62
C PRO D 152 -16.43 32.28 15.70
N PRO D 153 -17.69 31.92 15.50
CA PRO D 153 -18.42 31.13 16.50
C PRO D 153 -17.74 29.79 16.74
N PRO D 154 -17.95 29.19 17.91
CA PRO D 154 -17.33 27.87 18.17
C PRO D 154 -17.82 26.82 17.18
N ALA D 155 -16.89 26.23 16.46
CA ALA D 155 -17.20 25.20 15.48
C ALA D 155 -15.99 24.28 15.33
N SER D 156 -16.27 23.02 15.01
CA SER D 156 -15.22 22.02 14.82
C SER D 156 -14.71 21.95 13.39
N ASN D 157 -15.25 22.75 12.49
CA ASN D 157 -14.84 22.75 11.09
C ASN D 157 -13.53 23.49 10.85
N GLY D 158 -12.86 23.94 11.91
CA GLY D 158 -11.61 24.67 11.76
C GLY D 158 -11.67 26.05 12.38
N ASN D 159 -12.56 26.25 13.34
CA ASN D 159 -12.73 27.53 14.00
C ASN D 159 -12.39 27.49 15.49
N LEU D 160 -12.86 26.46 16.20
CA LEU D 160 -12.60 26.36 17.63
C LEU D 160 -11.29 25.64 17.93
N LEU D 161 -10.97 24.59 17.17
CA LEU D 161 -9.75 23.84 17.41
C LEU D 161 -8.51 24.69 17.11
N TYR D 162 -8.59 25.57 16.11
CA TYR D 162 -7.45 26.42 15.78
C TYR D 162 -7.08 27.34 16.94
N ILE D 163 -8.04 27.68 17.79
CA ILE D 163 -7.80 28.57 18.92
C ILE D 163 -7.51 27.74 20.16
N GLY D 164 -8.06 26.53 20.22
CA GLY D 164 -7.87 25.67 21.37
C GLY D 164 -6.43 25.28 21.62
N PHE D 165 -5.85 24.49 20.71
CA PHE D 165 -4.49 23.99 20.87
C PHE D 165 -3.58 24.45 19.73
N ARG D 166 -3.95 25.52 19.02
CA ARG D 166 -3.12 26.04 17.94
C ARG D 166 -3.03 27.56 17.92
N GLY D 167 -3.61 28.26 18.91
CA GLY D 167 -3.54 29.70 18.96
C GLY D 167 -2.29 30.20 19.67
N LEU D 168 -1.13 29.93 19.09
CA LEU D 168 0.13 30.36 19.70
C LEU D 168 0.14 31.87 19.91
N ASP D 169 0.93 32.30 20.89
CA ASP D 169 1.07 33.71 21.25
C ASP D 169 -0.23 34.33 21.73
N GLY D 170 -1.23 33.52 22.06
CA GLY D 170 -2.51 34.02 22.53
C GLY D 170 -2.66 33.93 24.04
N VAL D 171 -3.91 34.08 24.48
CA VAL D 171 -4.20 34.01 25.91
C VAL D 171 -4.09 32.58 26.44
N HIS D 172 -4.18 31.58 25.56
CA HIS D 172 -4.10 30.19 26.02
C HIS D 172 -2.68 29.83 26.43
N CYS D 173 -1.68 30.29 25.68
CA CYS D 173 -0.29 29.99 25.98
C CYS D 173 0.42 31.14 26.68
N VAL D 174 -0.03 32.37 26.50
CA VAL D 174 0.59 33.54 27.12
C VAL D 174 -0.44 34.21 28.03
N PRO D 175 -0.65 33.71 29.26
CA PRO D 175 -1.62 34.30 30.19
C PRO D 175 -1.12 35.57 30.87
N THR D 176 -0.69 36.54 30.07
CA THR D 176 -0.19 37.80 30.60
C THR D 176 -1.31 38.67 31.15
N PRO D 177 -2.48 38.71 30.50
CA PRO D 177 -3.59 39.50 31.07
C PRO D 177 -3.95 39.05 32.47
N ASP D 178 -4.07 40.01 33.38
CA ASP D 178 -4.41 39.73 34.77
C ASP D 178 -5.88 39.37 34.87
N SER D 179 -6.18 38.07 34.91
CA SER D 179 -7.55 37.60 35.01
C SER D 179 -8.02 37.45 36.45
N GLY D 180 -7.10 37.34 37.41
CA GLY D 180 -7.45 37.18 38.80
C GLY D 180 -7.84 35.78 39.22
N VAL D 181 -7.96 34.84 38.28
CA VAL D 181 -8.34 33.48 38.63
C VAL D 181 -7.32 32.86 39.59
N VAL D 182 -6.06 33.29 39.50
CA VAL D 182 -5.03 32.75 40.38
C VAL D 182 -5.22 33.24 41.81
N CYS D 183 -5.95 34.34 42.02
CA CYS D 183 -6.18 34.86 43.35
C CYS D 183 -7.62 35.33 43.57
N GLY D 184 -8.53 35.06 42.63
CA GLY D 184 -9.90 35.48 42.76
C GLY D 184 -10.88 34.32 42.80
N ARG D 185 -10.47 33.17 42.26
CA ARG D 185 -11.30 31.99 42.23
C ARG D 185 -10.52 30.80 42.78
N MET D 186 -11.24 29.88 43.40
CA MET D 186 -10.65 28.69 44.00
C MET D 186 -11.00 27.41 43.24
N ALA D 187 -11.68 27.53 42.09
CA ALA D 187 -12.06 26.36 41.30
C ALA D 187 -10.81 25.81 40.61
N CYS D 188 -10.25 24.73 41.18
CA CYS D 188 -9.05 24.11 40.64
C CYS D 188 -7.89 25.09 40.54
N SER D 189 -7.86 26.07 41.43
CA SER D 189 -6.81 27.08 41.44
C SER D 189 -6.69 27.71 42.82
N PRO D 190 -5.90 27.11 43.71
CA PRO D 190 -5.74 27.70 45.05
C PRO D 190 -5.26 29.14 44.97
N THR D 191 -5.82 29.98 45.83
CA THR D 191 -5.49 31.40 45.87
C THR D 191 -4.16 31.57 46.59
N HIS D 192 -3.08 31.53 45.81
CA HIS D 192 -1.72 31.71 46.32
C HIS D 192 -1.50 30.95 47.62
N ASP D 193 -2.07 29.74 47.72
CA ASP D 193 -1.93 28.91 48.91
C ASP D 193 -0.63 28.13 48.79
N GLU D 194 0.44 28.66 49.39
CA GLU D 194 1.73 28.00 49.35
C GLU D 194 1.86 26.89 50.38
N HIS D 195 0.97 26.85 51.37
CA HIS D 195 1.01 25.83 52.41
C HIS D 195 0.16 24.60 52.09
N LEU D 196 -0.45 24.57 50.91
CA LEU D 196 -1.29 23.43 50.51
C LEU D 196 -0.38 22.25 50.21
N LEU D 197 -0.32 21.28 51.13
CA LEU D 197 0.52 20.10 51.00
C LEU D 197 -0.37 18.88 50.75
N HIS D 198 0.14 17.97 49.93
CA HIS D 198 -0.58 16.73 49.60
C HIS D 198 -0.46 15.75 50.77
N GLY D 199 -1.14 16.08 51.86
CA GLY D 199 -1.11 15.27 53.05
C GLY D 199 0.28 15.10 53.62
N GLY D 200 1.03 16.19 53.71
CA GLY D 200 2.38 16.19 54.23
C GLY D 200 3.46 16.28 53.17
N GLN D 201 3.11 16.22 51.90
CA GLN D 201 4.05 16.31 50.80
C GLN D 201 3.70 17.50 49.91
N PRO D 202 4.65 17.96 49.09
CA PRO D 202 4.36 19.08 48.18
C PRO D 202 3.26 18.70 47.20
N PRO D 203 2.76 19.67 46.40
CA PRO D 203 1.72 19.34 45.43
C PRO D 203 2.25 18.56 44.24
N GLU D 204 2.92 17.44 44.49
CA GLU D 204 3.48 16.61 43.44
C GLU D 204 3.93 15.29 44.05
N GLY D 205 3.63 14.19 43.35
CA GLY D 205 4.00 12.87 43.83
C GLY D 205 5.41 12.49 43.46
N ASP D 206 5.79 12.74 42.21
CA ASP D 206 7.13 12.38 41.73
C ASP D 206 7.48 13.23 40.51
N PRO D 207 8.60 13.95 40.53
CA PRO D 207 8.98 14.72 39.33
C PRO D 207 9.05 13.89 38.07
N ASP D 208 9.25 12.57 38.18
CA ASP D 208 9.25 11.72 37.00
C ASP D 208 7.92 11.79 36.26
N LEU D 209 6.82 11.98 36.98
CA LEU D 209 5.52 12.11 36.33
C LEU D 209 5.46 13.35 35.45
N ALA D 210 6.21 14.39 35.81
CA ALA D 210 6.25 15.59 34.97
C ALA D 210 6.81 15.29 33.59
N LYS D 211 7.85 14.46 33.53
CA LYS D 211 8.43 14.07 32.26
C LYS D 211 7.57 13.02 31.54
N ILE D 212 6.92 12.14 32.30
CA ILE D 212 5.99 11.20 31.69
C ILE D 212 4.88 11.94 30.97
N LEU D 213 4.34 12.98 31.62
CA LEU D 213 3.30 13.78 30.98
C LEU D 213 3.83 14.51 29.76
N GLU D 214 5.07 15.00 29.83
CA GLU D 214 5.66 15.67 28.68
C GLU D 214 5.77 14.73 27.48
N GLU D 215 6.22 13.49 27.73
CA GLU D 215 6.35 12.52 26.64
C GLU D 215 4.97 12.09 26.12
N VAL D 216 3.99 11.97 27.01
CA VAL D 216 2.63 11.64 26.58
C VAL D 216 2.09 12.74 25.69
N ARG D 217 2.31 14.00 26.06
CA ARG D 217 1.89 15.12 25.23
C ARG D 217 2.67 15.16 23.92
N TYR D 218 3.93 14.73 23.93
CA TYR D 218 4.70 14.67 22.69
C TYR D 218 4.10 13.65 21.73
N ILE D 219 3.75 12.47 22.22
CA ILE D 219 3.15 11.47 21.34
C ILE D 219 1.75 11.91 20.91
N ALA D 220 1.03 12.63 21.78
CA ALA D 220 -0.26 13.17 21.38
C ALA D 220 -0.10 14.21 20.27
N ASN D 221 0.94 15.02 20.35
CA ASN D 221 1.22 16.00 19.30
C ASN D 221 1.65 15.30 18.01
N ARG D 222 2.35 14.16 18.13
CA ARG D 222 2.66 13.38 16.94
C ARG D 222 1.39 12.86 16.27
N PHE D 223 0.46 12.34 17.07
CA PHE D 223 -0.82 11.89 16.52
C PHE D 223 -1.58 13.05 15.89
N ARG D 224 -1.55 14.21 16.53
CA ARG D 224 -2.21 15.38 15.97
C ARG D 224 -1.55 15.84 14.67
N CYS D 225 -0.23 15.69 14.56
CA CYS D 225 0.45 16.01 13.31
C CYS D 225 0.08 15.02 12.22
N GLN D 226 -0.10 13.75 12.58
CA GLN D 226 -0.61 12.77 11.61
C GLN D 226 -2.00 13.16 11.13
N ASP D 227 -2.87 13.56 12.07
CA ASP D 227 -4.21 14.01 11.68
C ASP D 227 -4.14 15.24 10.79
N GLU D 228 -3.20 16.15 11.07
CA GLU D 228 -3.05 17.34 10.25
C GLU D 228 -2.54 16.99 8.86
N SER D 229 -1.68 15.97 8.77
CA SER D 229 -1.24 15.50 7.45
C SER D 229 -2.40 14.90 6.69
N GLU D 230 -3.27 14.16 7.37
CA GLU D 230 -4.47 13.64 6.71
C GLU D 230 -5.37 14.77 6.23
N ALA D 231 -5.51 15.81 7.05
CA ALA D 231 -6.32 16.97 6.65
C ALA D 231 -5.69 17.68 5.46
N VAL D 232 -4.36 17.74 5.41
CA VAL D 232 -3.68 18.37 4.28
C VAL D 232 -3.87 17.54 3.03
N CYS D 233 -3.89 16.21 3.16
CA CYS D 233 -4.19 15.36 2.02
C CYS D 233 -5.61 15.59 1.53
N SER D 234 -6.56 15.75 2.46
CA SER D 234 -7.92 16.06 2.07
C SER D 234 -8.00 17.41 1.36
N GLU D 235 -7.22 18.39 1.83
CA GLU D 235 -7.18 19.69 1.18
C GLU D 235 -6.58 19.58 -0.22
N TRP D 236 -5.58 18.72 -0.39
CA TRP D 236 -5.00 18.49 -1.72
C TRP D 236 -6.04 17.86 -2.65
N LYS D 237 -6.83 16.92 -2.12
CA LYS D 237 -7.93 16.35 -2.91
C LYS D 237 -8.93 17.43 -3.31
N PHE D 238 -9.28 18.31 -2.36
CA PHE D 238 -10.18 19.42 -2.68
C PHE D 238 -9.59 20.30 -3.78
N ALA D 239 -8.29 20.59 -3.71
CA ALA D 239 -7.64 21.39 -4.73
C ALA D 239 -7.70 20.71 -6.09
N ALA D 240 -7.43 19.40 -6.13
CA ALA D 240 -7.51 18.66 -7.38
C ALA D 240 -8.94 18.63 -7.91
N CYS D 241 -9.94 18.73 -7.02
CA CYS D 241 -11.32 18.75 -7.47
C CYS D 241 -11.61 19.98 -8.32
N VAL D 242 -11.09 21.14 -7.92
CA VAL D 242 -11.33 22.36 -8.69
C VAL D 242 -10.86 22.20 -10.13
N VAL D 243 -9.83 21.39 -10.34
CA VAL D 243 -9.31 21.18 -11.69
C VAL D 243 -10.10 20.09 -12.41
N ASP D 244 -10.37 18.98 -11.71
CA ASP D 244 -10.99 17.84 -12.38
C ASP D 244 -12.43 18.14 -12.77
N ARG D 245 -13.17 18.85 -11.92
CA ARG D 245 -14.55 19.19 -12.26
C ARG D 245 -14.61 20.11 -13.47
N LEU D 246 -13.73 21.11 -13.53
CA LEU D 246 -13.70 21.99 -14.70
C LEU D 246 -13.30 21.23 -15.96
N CYS D 247 -12.30 20.34 -15.85
CA CYS D 247 -11.89 19.55 -17.00
C CYS D 247 -13.04 18.69 -17.50
N LEU D 248 -13.77 18.05 -16.59
CA LEU D 248 -14.90 17.21 -16.98
C LEU D 248 -16.00 18.04 -17.61
N MET D 249 -16.32 19.20 -17.03
CA MET D 249 -17.36 20.05 -17.59
C MET D 249 -17.00 20.53 -18.98
N ALA D 250 -15.70 20.79 -19.22
CA ALA D 250 -15.29 21.22 -20.55
C ALA D 250 -15.31 20.06 -21.54
N PHE D 251 -14.80 18.90 -21.14
CA PHE D 251 -14.77 17.75 -22.03
C PHE D 251 -16.16 17.26 -22.37
N SER D 252 -17.13 17.42 -21.46
CA SER D 252 -18.50 17.04 -21.77
C SER D 252 -19.05 17.86 -22.93
N VAL D 253 -18.90 19.19 -22.86
CA VAL D 253 -19.37 20.04 -23.95
C VAL D 253 -18.59 19.77 -25.23
N PHE D 254 -17.29 19.51 -25.10
CA PHE D 254 -16.48 19.21 -26.27
C PHE D 254 -16.97 17.95 -26.97
N THR D 255 -17.24 16.89 -26.21
CA THR D 255 -17.73 15.65 -26.79
C THR D 255 -19.12 15.82 -27.36
N ILE D 256 -19.97 16.64 -26.70
CA ILE D 256 -21.30 16.90 -27.24
C ILE D 256 -21.21 17.59 -28.59
N ILE D 257 -20.33 18.59 -28.71
CA ILE D 257 -20.16 19.29 -29.97
C ILE D 257 -19.60 18.36 -31.03
N CYS D 258 -18.65 17.50 -30.64
CA CYS D 258 -18.08 16.55 -31.59
C CYS D 258 -19.14 15.58 -32.11
N THR D 259 -20.00 15.08 -31.21
CA THR D 259 -21.06 14.17 -31.63
C THR D 259 -22.07 14.87 -32.52
N ILE D 260 -22.42 16.13 -32.19
CA ILE D 260 -23.33 16.88 -33.03
C ILE D 260 -22.75 17.06 -34.43
N GLY D 261 -21.46 17.37 -34.50
CA GLY D 261 -20.83 17.53 -35.81
C GLY D 261 -20.78 16.22 -36.58
N ILE D 262 -20.47 15.12 -35.89
CA ILE D 262 -20.45 13.81 -36.56
C ILE D 262 -21.83 13.48 -37.11
N LEU D 263 -22.87 13.73 -36.33
CA LEU D 263 -24.23 13.45 -36.79
C LEU D 263 -24.60 14.34 -37.97
N MET D 264 -24.19 15.61 -37.93
CA MET D 264 -24.49 16.52 -39.03
C MET D 264 -23.64 16.21 -40.26
N SER D 265 -22.43 15.69 -40.05
CA SER D 265 -21.53 15.34 -41.14
C SER D 265 -21.58 13.86 -41.49
N ALA D 266 -22.56 13.12 -40.96
CA ALA D 266 -22.64 11.69 -41.26
C ALA D 266 -22.97 11.43 -42.73
N PRO D 267 -24.05 12.00 -43.30
CA PRO D 267 -24.34 11.73 -44.71
C PRO D 267 -23.34 12.33 -45.67
N ASN D 268 -22.55 13.31 -45.24
CA ASN D 268 -21.58 13.92 -46.13
C ASN D 268 -20.46 12.94 -46.48
N PHE D 269 -20.03 12.14 -45.52
CA PHE D 269 -18.96 11.17 -45.77
C PHE D 269 -19.51 9.90 -46.41
N VAL D 270 -20.49 9.27 -45.79
CA VAL D 270 -21.08 8.05 -46.31
C VAL D 270 -22.55 7.97 -45.91
N LEU E 7 -15.54 -26.14 -37.63
CA LEU E 7 -14.61 -26.70 -36.66
C LEU E 7 -13.52 -25.70 -36.31
N TYR E 8 -12.54 -25.56 -37.20
CA TYR E 8 -11.45 -24.63 -36.97
C TYR E 8 -11.93 -23.18 -36.99
N TYR E 9 -12.96 -22.89 -37.79
CA TYR E 9 -13.46 -21.51 -37.89
C TYR E 9 -14.41 -21.19 -36.74
N GLY E 10 -15.22 -22.15 -36.30
CA GLY E 10 -16.17 -21.88 -35.23
C GLY E 10 -15.49 -21.75 -33.87
N LEU E 11 -14.54 -22.64 -33.58
CA LEU E 11 -13.85 -22.59 -32.30
C LEU E 11 -13.02 -21.33 -32.13
N ASN E 12 -12.61 -20.70 -33.23
CA ASN E 12 -11.83 -19.47 -33.13
C ASN E 12 -12.63 -18.35 -32.49
N LEU E 13 -13.94 -18.33 -32.70
CA LEU E 13 -14.81 -17.31 -32.12
C LEU E 13 -15.63 -17.82 -30.94
N LEU E 14 -15.73 -19.13 -30.75
CA LEU E 14 -16.53 -19.67 -29.66
C LEU E 14 -15.82 -19.52 -28.31
N ILE E 15 -14.57 -19.95 -28.23
CA ILE E 15 -13.84 -19.97 -26.96
C ILE E 15 -13.61 -18.55 -26.46
N PRO E 16 -13.14 -17.61 -27.28
CA PRO E 16 -12.89 -16.26 -26.76
C PRO E 16 -14.14 -15.56 -26.28
N CYS E 17 -15.28 -15.78 -26.95
CA CYS E 17 -16.52 -15.12 -26.55
C CYS E 17 -16.93 -15.58 -25.16
N VAL E 18 -17.03 -16.90 -24.94
CA VAL E 18 -17.42 -17.41 -23.63
C VAL E 18 -16.37 -17.05 -22.58
N LEU E 19 -15.10 -17.00 -22.96
CA LEU E 19 -14.07 -16.62 -22.00
C LEU E 19 -14.25 -15.19 -21.53
N ILE E 20 -14.48 -14.27 -22.47
CA ILE E 20 -14.70 -12.87 -22.11
C ILE E 20 -15.98 -12.73 -21.30
N SER E 21 -17.00 -13.50 -21.64
CA SER E 21 -18.26 -13.45 -20.89
C SER E 21 -18.03 -13.88 -19.44
N ALA E 22 -17.31 -15.00 -19.24
CA ALA E 22 -17.03 -15.47 -17.90
C ALA E 22 -16.17 -14.47 -17.13
N LEU E 23 -15.18 -13.87 -17.80
CA LEU E 23 -14.35 -12.88 -17.14
C LEU E 23 -15.16 -11.67 -16.69
N ALA E 24 -16.07 -11.19 -17.56
CA ALA E 24 -16.91 -10.06 -17.18
C ALA E 24 -17.84 -10.42 -16.03
N LEU E 25 -18.43 -11.62 -16.07
CA LEU E 25 -19.32 -12.04 -15.00
C LEU E 25 -18.58 -12.18 -13.68
N LEU E 26 -17.31 -12.60 -13.73
CA LEU E 26 -16.53 -12.75 -12.50
C LEU E 26 -16.03 -11.40 -11.97
N VAL E 27 -15.75 -10.44 -12.86
CA VAL E 27 -15.30 -9.13 -12.43
C VAL E 27 -16.34 -8.48 -11.53
N PHE E 28 -17.62 -8.74 -11.77
CA PHE E 28 -18.68 -8.19 -10.94
C PHE E 28 -18.81 -8.91 -9.60
N LEU E 29 -18.04 -9.97 -9.38
CA LEU E 29 -18.14 -10.72 -8.12
C LEU E 29 -17.43 -9.97 -7.00
N LEU E 30 -16.21 -9.51 -7.24
CA LEU E 30 -15.46 -8.76 -6.24
C LEU E 30 -16.14 -7.42 -5.98
N PRO E 31 -16.81 -7.22 -4.83
CA PRO E 31 -17.55 -5.97 -4.63
C PRO E 31 -16.65 -4.73 -4.59
N ALA E 32 -15.67 -4.73 -3.70
CA ALA E 32 -14.82 -3.56 -3.51
C ALA E 32 -13.36 -3.95 -3.30
N ASP E 33 -12.91 -5.04 -3.93
CA ASP E 33 -11.53 -5.46 -3.80
C ASP E 33 -10.58 -4.36 -4.27
N SER E 34 -9.30 -4.56 -4.00
CA SER E 34 -8.29 -3.57 -4.36
C SER E 34 -8.17 -3.51 -5.88
N GLY E 35 -7.23 -2.66 -6.34
CA GLY E 35 -7.04 -2.48 -7.78
C GLY E 35 -6.95 -3.78 -8.54
N GLU E 36 -6.53 -4.86 -7.88
CA GLU E 36 -6.48 -6.17 -8.53
C GLU E 36 -7.80 -6.48 -9.23
N LYS E 37 -8.92 -6.05 -8.64
CA LYS E 37 -10.22 -6.23 -9.29
C LYS E 37 -10.31 -5.37 -10.55
N ILE E 38 -10.08 -4.06 -10.41
CA ILE E 38 -10.22 -3.15 -11.55
C ILE E 38 -9.28 -3.56 -12.68
N SER E 39 -8.05 -3.95 -12.32
CA SER E 39 -7.09 -4.38 -13.34
C SER E 39 -7.71 -5.44 -14.25
N LEU E 40 -8.59 -6.29 -13.72
CA LEU E 40 -9.29 -7.25 -14.56
C LEU E 40 -10.36 -6.55 -15.40
N GLY E 41 -11.26 -5.81 -14.75
CA GLY E 41 -12.34 -5.14 -15.42
C GLY E 41 -11.90 -4.27 -16.59
N ILE E 42 -10.64 -3.87 -16.58
CA ILE E 42 -10.08 -3.07 -17.68
C ILE E 42 -9.55 -3.96 -18.78
N THR E 43 -8.77 -4.99 -18.43
CA THR E 43 -8.16 -5.84 -19.44
C THR E 43 -9.22 -6.55 -20.27
N VAL E 44 -10.30 -7.02 -19.64
CA VAL E 44 -11.38 -7.67 -20.37
C VAL E 44 -11.86 -6.80 -21.51
N LEU E 45 -11.72 -5.49 -21.38
CA LEU E 45 -12.06 -4.58 -22.47
C LEU E 45 -10.96 -4.60 -23.54
N LEU E 46 -9.71 -4.37 -23.14
CA LEU E 46 -8.61 -4.37 -24.10
C LEU E 46 -8.51 -5.72 -24.80
N SER E 47 -8.67 -6.82 -24.05
CA SER E 47 -8.61 -8.15 -24.65
C SER E 47 -9.62 -8.28 -25.78
N LEU E 48 -10.69 -7.50 -25.76
CA LEU E 48 -11.66 -7.54 -26.85
C LEU E 48 -11.15 -6.78 -28.07
N THR E 49 -10.54 -5.61 -27.86
CA THR E 49 -10.04 -4.82 -28.98
C THR E 49 -9.02 -5.62 -29.79
N VAL E 50 -8.02 -6.18 -29.12
CA VAL E 50 -7.04 -7.01 -29.82
C VAL E 50 -7.73 -8.17 -30.53
N PHE E 51 -8.86 -8.63 -29.99
CA PHE E 51 -9.61 -9.69 -30.65
C PHE E 51 -10.44 -9.16 -31.81
N MET E 52 -10.95 -7.93 -31.70
CA MET E 52 -11.76 -7.37 -32.77
C MET E 52 -11.00 -7.34 -34.08
N LEU E 53 -9.70 -7.01 -34.03
CA LEU E 53 -8.89 -6.99 -35.23
C LEU E 53 -8.94 -8.32 -35.97
N LEU E 54 -9.09 -9.42 -35.23
CA LEU E 54 -9.22 -10.72 -35.87
C LEU E 54 -10.55 -10.84 -36.61
N VAL E 55 -11.64 -10.42 -35.96
CA VAL E 55 -12.96 -10.50 -36.58
C VAL E 55 -12.96 -9.74 -37.90
N ALA E 56 -12.54 -8.48 -37.87
CA ALA E 56 -12.49 -7.67 -39.08
C ALA E 56 -11.64 -8.33 -40.17
N GLU E 57 -10.72 -9.23 -39.80
CA GLU E 57 -9.92 -9.92 -40.79
C GLU E 57 -10.70 -11.05 -41.44
N ILE E 58 -11.52 -11.75 -40.67
CA ILE E 58 -12.32 -12.84 -41.22
C ILE E 58 -13.69 -12.35 -41.70
N MET E 59 -14.20 -11.26 -41.14
CA MET E 59 -15.50 -10.70 -41.50
C MET E 59 -15.30 -9.24 -41.87
N PRO E 60 -14.91 -8.96 -43.12
CA PRO E 60 -14.73 -7.57 -43.53
C PRO E 60 -16.01 -6.76 -43.34
N SER E 61 -15.86 -5.57 -42.74
CA SER E 61 -17.01 -4.73 -42.48
C SER E 61 -17.65 -4.19 -43.74
N THR E 62 -16.92 -4.17 -44.85
CA THR E 62 -17.42 -3.65 -46.11
C THR E 62 -18.13 -4.71 -46.96
N SER E 63 -18.09 -5.96 -46.54
CA SER E 63 -18.73 -7.04 -47.29
C SER E 63 -19.69 -7.86 -46.44
N ASP E 64 -19.38 -8.06 -45.16
CA ASP E 64 -20.22 -8.87 -44.28
C ASP E 64 -21.33 -8.00 -43.71
N SER E 65 -22.35 -7.75 -44.55
CA SER E 65 -23.50 -6.94 -44.15
C SER E 65 -24.53 -7.86 -43.50
N SER E 66 -24.28 -8.19 -42.22
CA SER E 66 -25.14 -9.06 -41.44
C SER E 66 -25.40 -8.42 -40.09
N PRO E 67 -26.57 -7.80 -39.88
CA PRO E 67 -26.83 -7.17 -38.58
C PRO E 67 -26.99 -8.16 -37.44
N SER E 68 -27.18 -9.45 -37.72
CA SER E 68 -27.35 -10.43 -36.66
C SER E 68 -26.12 -10.47 -35.76
N ILE E 69 -24.97 -10.83 -36.33
CA ILE E 69 -23.73 -10.88 -35.55
C ILE E 69 -23.35 -9.49 -35.07
N ALA E 70 -23.77 -8.44 -35.80
CA ALA E 70 -23.49 -7.08 -35.37
C ALA E 70 -24.15 -6.77 -34.03
N GLN E 71 -25.39 -7.24 -33.85
CA GLN E 71 -26.09 -7.04 -32.58
C GLN E 71 -25.34 -7.70 -31.44
N TYR E 72 -24.86 -8.93 -31.65
CA TYR E 72 -24.12 -9.63 -30.60
C TYR E 72 -22.80 -8.93 -30.29
N PHE E 73 -22.09 -8.47 -31.32
CA PHE E 73 -20.84 -7.74 -31.09
C PHE E 73 -21.09 -6.46 -30.33
N ALA E 74 -22.16 -5.74 -30.67
CA ALA E 74 -22.50 -4.51 -29.97
C ALA E 74 -22.87 -4.80 -28.52
N SER E 75 -23.60 -5.89 -28.28
CA SER E 75 -23.95 -6.26 -26.91
C SER E 75 -22.71 -6.58 -26.10
N THR E 76 -21.76 -7.33 -26.68
CA THR E 76 -20.53 -7.65 -25.98
C THR E 76 -19.72 -6.39 -25.68
N MET E 77 -19.63 -5.48 -26.66
CA MET E 77 -18.92 -4.23 -26.44
C MET E 77 -19.57 -3.42 -25.33
N ILE E 78 -20.91 -3.35 -25.33
CA ILE E 78 -21.62 -2.59 -24.31
C ILE E 78 -21.40 -3.22 -22.94
N ILE E 79 -21.35 -4.55 -22.87
CA ILE E 79 -21.12 -5.23 -21.60
C ILE E 79 -19.73 -4.90 -21.07
N VAL E 80 -18.71 -5.05 -21.92
CA VAL E 80 -17.34 -4.79 -21.47
C VAL E 80 -17.14 -3.33 -21.14
N GLY E 81 -17.92 -2.43 -21.75
CA GLY E 81 -17.84 -1.03 -21.44
C GLY E 81 -18.54 -0.67 -20.14
N LEU E 82 -19.72 -1.25 -19.92
CA LEU E 82 -20.46 -1.01 -18.69
C LEU E 82 -19.80 -1.65 -17.48
N SER E 83 -18.94 -2.65 -17.69
CA SER E 83 -18.15 -3.17 -16.58
C SER E 83 -17.33 -2.06 -15.95
N VAL E 84 -16.65 -1.26 -16.77
CA VAL E 84 -15.83 -0.16 -16.24
C VAL E 84 -16.72 0.89 -15.59
N VAL E 85 -17.91 1.13 -16.15
CA VAL E 85 -18.83 2.10 -15.57
C VAL E 85 -19.27 1.65 -14.19
N VAL E 86 -19.56 0.35 -14.05
CA VAL E 86 -19.97 -0.18 -12.75
C VAL E 86 -18.83 -0.10 -11.75
N THR E 87 -17.59 -0.38 -12.20
CA THR E 87 -16.45 -0.24 -11.31
C THR E 87 -16.29 1.20 -10.85
N VAL E 88 -16.46 2.16 -11.77
CA VAL E 88 -16.32 3.57 -11.42
C VAL E 88 -17.42 3.99 -10.46
N ILE E 89 -18.64 3.48 -10.66
CA ILE E 89 -19.73 3.80 -9.75
C ILE E 89 -19.47 3.22 -8.36
N VAL E 90 -18.93 2.00 -8.30
CA VAL E 90 -18.58 1.40 -7.02
C VAL E 90 -17.52 2.24 -6.32
N LEU E 91 -16.52 2.70 -7.07
CA LEU E 91 -15.50 3.57 -6.49
C LEU E 91 -16.13 4.85 -5.94
N GLN E 92 -16.98 5.50 -6.74
CA GLN E 92 -17.62 6.74 -6.32
C GLN E 92 -18.44 6.53 -5.05
N TYR E 93 -19.12 5.39 -4.94
CA TYR E 93 -19.93 5.11 -3.77
C TYR E 93 -19.10 4.62 -2.59
N HIS E 94 -17.86 4.21 -2.83
CA HIS E 94 -16.99 3.71 -1.76
C HIS E 94 -16.14 4.81 -1.15
N HIS E 95 -15.32 5.48 -1.95
CA HIS E 95 -14.37 6.43 -1.38
C HIS E 95 -15.07 7.63 -0.74
N HIS E 96 -16.24 8.00 -1.26
CA HIS E 96 -17.03 9.10 -0.68
C HIS E 96 -16.18 10.35 -0.46
N ASP E 97 -15.70 10.90 -1.58
CA ASP E 97 -14.88 12.10 -1.57
C ASP E 97 -15.47 13.14 -0.62
N PRO E 98 -14.66 13.78 0.23
CA PRO E 98 -15.22 14.76 1.18
C PRO E 98 -15.99 15.88 0.51
N ASP E 99 -15.75 16.15 -0.78
CA ASP E 99 -16.45 17.23 -1.47
C ASP E 99 -17.94 16.97 -1.63
N GLY E 100 -18.40 15.75 -1.37
CA GLY E 100 -19.82 15.45 -1.50
C GLY E 100 -20.10 13.96 -1.57
N GLY E 101 -20.96 13.56 -2.50
CA GLY E 101 -21.34 12.18 -2.69
C GLY E 101 -22.83 12.03 -2.66
N LYS E 102 -23.29 10.77 -2.55
CA LYS E 102 -24.70 10.46 -2.50
C LYS E 102 -25.19 10.50 -1.06
N MET E 103 -26.42 10.06 -0.83
CA MET E 103 -27.03 10.04 0.49
C MET E 103 -27.13 8.60 0.98
N PRO E 104 -26.10 8.05 1.62
CA PRO E 104 -26.17 6.66 2.09
C PRO E 104 -27.15 6.46 3.23
N LYS E 105 -27.67 7.53 3.84
CA LYS E 105 -28.63 7.37 4.93
C LYS E 105 -29.91 6.69 4.43
N TRP E 106 -30.35 7.03 3.22
CA TRP E 106 -31.56 6.43 2.68
C TRP E 106 -31.34 4.94 2.39
N THR E 107 -30.15 4.58 1.90
CA THR E 107 -29.84 3.19 1.59
C THR E 107 -29.40 2.39 2.81
N ARG E 108 -29.23 3.04 3.96
CA ARG E 108 -28.84 2.32 5.17
C ARG E 108 -29.86 1.25 5.54
N VAL E 109 -31.15 1.59 5.46
CA VAL E 109 -32.19 0.62 5.80
C VAL E 109 -32.22 -0.51 4.78
N ILE E 110 -32.07 -0.17 3.50
CA ILE E 110 -32.05 -1.20 2.46
C ILE E 110 -30.89 -2.16 2.71
N LEU E 111 -29.73 -1.62 3.10
CA LEU E 111 -28.58 -2.49 3.38
C LEU E 111 -28.82 -3.35 4.61
N LEU E 112 -29.39 -2.77 5.67
CA LEU E 112 -29.68 -3.53 6.87
C LEU E 112 -30.68 -4.65 6.59
N ASN E 113 -31.58 -4.44 5.64
CA ASN E 113 -32.57 -5.46 5.30
C ASN E 113 -32.06 -6.47 4.28
N TRP E 114 -31.05 -6.10 3.48
CA TRP E 114 -30.50 -7.01 2.47
C TRP E 114 -29.32 -7.83 2.98
N CYS E 115 -28.64 -7.38 4.02
CA CYS E 115 -27.51 -8.15 4.55
C CYS E 115 -27.96 -9.54 4.97
N ALA E 116 -29.08 -9.62 5.68
CA ALA E 116 -29.59 -10.93 6.11
C ALA E 116 -30.17 -11.70 4.94
N TRP E 117 -30.85 -11.01 4.01
CA TRP E 117 -31.45 -11.69 2.87
C TRP E 117 -30.39 -12.34 1.99
N PHE E 118 -29.22 -11.73 1.87
CA PHE E 118 -28.17 -12.31 1.04
C PHE E 118 -27.65 -13.61 1.62
N LEU E 119 -27.39 -13.63 2.93
CA LEU E 119 -26.91 -14.85 3.58
C LEU E 119 -28.08 -15.77 3.94
N ARG E 120 -29.04 -15.26 4.70
CA ARG E 120 -30.22 -16.02 5.11
C ARG E 120 -31.40 -15.49 4.29
N MET E 121 -31.64 -16.11 3.15
CA MET E 121 -32.71 -15.67 2.26
C MET E 121 -34.05 -15.77 2.97
N LYS E 122 -34.94 -14.82 2.66
CA LYS E 122 -36.27 -14.78 3.26
C LYS E 122 -37.26 -15.61 2.45
N ARG E 123 -36.93 -16.88 2.27
CA ARG E 123 -37.74 -17.83 1.52
C ARG E 123 -38.18 -18.98 2.43
N PRO E 124 -39.20 -19.74 2.03
CA PRO E 124 -39.64 -20.86 2.89
C PRO E 124 -38.53 -21.85 3.20
N GLY E 125 -37.66 -22.13 2.23
CA GLY E 125 -36.60 -23.11 2.47
C GLY E 125 -35.71 -22.73 3.64
N GLU E 126 -35.42 -21.44 3.80
CA GLU E 126 -34.57 -20.95 4.88
C GLU E 126 -35.37 -20.48 6.09
N ASP E 127 -36.68 -20.30 5.96
CA ASP E 127 -37.50 -19.84 7.07
C ASP E 127 -38.08 -20.99 7.88
N LYS E 128 -38.51 -22.06 7.21
CA LYS E 128 -39.12 -23.20 7.89
C LYS E 128 -38.09 -24.21 8.38
N VAL E 129 -36.98 -24.37 7.65
CA VAL E 129 -35.95 -25.34 8.04
C VAL E 129 -34.99 -24.61 8.97
N ARG E 130 -35.36 -24.59 10.25
CA ARG E 130 -34.56 -23.94 11.29
C ARG E 130 -35.22 -24.24 12.64
N PRO E 131 -34.48 -24.08 13.73
CA PRO E 131 -35.06 -24.32 15.06
C PRO E 131 -36.26 -23.40 15.30
N ALA E 132 -37.27 -23.94 15.96
CA ALA E 132 -38.48 -23.18 16.27
C ALA E 132 -39.18 -23.82 17.45
N CYS E 133 -39.61 -22.99 18.41
CA CYS E 133 -40.30 -23.48 19.59
C CYS E 133 -41.12 -22.33 20.16
N GLN E 134 -41.88 -22.63 21.22
CA GLN E 134 -42.72 -21.64 21.89
C GLN E 134 -42.04 -21.05 23.12
N HIS E 135 -40.73 -21.18 23.23
CA HIS E 135 -40.01 -20.66 24.39
C HIS E 135 -39.93 -19.13 24.31
N LYS E 136 -39.78 -18.51 25.49
CA LYS E 136 -39.73 -17.05 25.56
C LYS E 136 -38.51 -16.48 24.85
N GLN E 137 -37.47 -17.28 24.63
CA GLN E 137 -36.28 -16.78 23.98
C GLN E 137 -36.51 -16.42 22.52
N ARG E 138 -37.59 -16.94 21.92
CA ARG E 138 -37.92 -16.65 20.53
C ARG E 138 -39.20 -15.83 20.40
N ARG E 139 -39.60 -15.12 21.46
CA ARG E 139 -40.79 -14.30 21.46
C ARG E 139 -40.41 -12.83 21.46
N CYS E 140 -41.43 -11.98 21.31
CA CYS E 140 -41.23 -10.54 21.28
C CYS E 140 -41.43 -9.95 22.67
N SER E 141 -40.75 -8.81 22.90
CA SER E 141 -40.85 -8.12 24.17
C SER E 141 -40.74 -6.62 23.93
N LEU E 142 -40.91 -5.85 25.00
CA LEU E 142 -40.83 -4.39 24.88
C LEU E 142 -39.46 -3.94 24.41
N ALA E 143 -38.40 -4.65 24.82
CA ALA E 143 -37.05 -4.25 24.41
C ALA E 143 -36.84 -4.42 22.91
N SER E 144 -37.49 -5.42 22.30
CA SER E 144 -37.31 -5.66 20.88
C SER E 144 -38.16 -4.71 20.03
N VAL E 145 -39.27 -4.22 20.56
CA VAL E 145 -40.14 -3.31 19.81
C VAL E 145 -39.44 -1.95 19.74
N GLU E 146 -38.92 -1.62 18.56
CA GLU E 146 -38.23 -0.35 18.33
C GLU E 146 -39.16 0.72 17.76
N MET E 147 -40.47 0.57 17.92
CA MET E 147 -41.41 1.55 17.38
C MET E 147 -41.32 2.87 18.13
N SER E 148 -40.90 2.85 19.39
CA SER E 148 -40.76 4.06 20.20
C SER E 148 -39.32 4.32 20.58
N ALA E 149 -38.37 3.89 19.73
CA ALA E 149 -36.95 4.09 19.97
C ALA E 149 -36.54 3.46 21.32
N VAL E 150 -36.91 2.21 21.49
CA VAL E 150 -36.59 1.47 22.72
C VAL E 150 -35.22 0.84 22.58
N ALA E 151 -34.50 0.76 23.69
CA ALA E 151 -33.17 0.18 23.69
C ALA E 151 -33.25 -1.29 23.31
N PRO E 152 -32.60 -1.74 22.23
CA PRO E 152 -32.67 -3.15 21.85
C PRO E 152 -31.92 -4.01 22.84
N PRO E 153 -32.01 -5.34 22.72
CA PRO E 153 -31.31 -6.22 23.66
C PRO E 153 -29.81 -6.03 23.57
N PRO E 154 -29.06 -6.36 24.63
CA PRO E 154 -27.61 -6.20 24.59
C PRO E 154 -26.99 -7.06 23.49
N ALA E 155 -26.29 -6.40 22.56
CA ALA E 155 -25.63 -7.09 21.47
C ALA E 155 -24.44 -6.26 21.01
N SER E 156 -23.40 -6.95 20.55
CA SER E 156 -22.18 -6.32 20.08
C SER E 156 -22.24 -5.94 18.60
N ASN E 157 -23.35 -6.22 17.92
CA ASN E 157 -23.49 -5.91 16.50
C ASN E 157 -23.84 -4.46 16.24
N GLY E 158 -23.82 -3.61 17.27
CA GLY E 158 -24.14 -2.20 17.11
C GLY E 158 -25.32 -1.77 17.95
N ASN E 159 -25.59 -2.49 19.03
CA ASN E 159 -26.70 -2.19 19.92
C ASN E 159 -26.26 -1.82 21.33
N LEU E 160 -25.31 -2.54 21.91
CA LEU E 160 -24.84 -2.26 23.26
C LEU E 160 -23.71 -1.25 23.27
N LEU E 161 -22.79 -1.33 22.30
CA LEU E 161 -21.67 -0.40 22.27
C LEU E 161 -22.13 1.02 21.98
N TYR E 162 -23.17 1.18 21.17
CA TYR E 162 -23.67 2.52 20.85
C TYR E 162 -24.18 3.24 22.09
N ILE E 163 -24.61 2.48 23.10
CA ILE E 163 -25.14 3.07 24.34
C ILE E 163 -24.03 3.13 25.38
N GLY E 164 -23.07 2.23 25.28
CA GLY E 164 -21.99 2.18 26.24
C GLY E 164 -21.12 3.42 26.25
N PHE E 165 -20.39 3.67 25.16
CA PHE E 165 -19.47 4.79 25.07
C PHE E 165 -19.84 5.74 23.94
N ARG E 166 -21.09 5.70 23.47
CA ARG E 166 -21.53 6.60 22.41
C ARG E 166 -22.92 7.18 22.65
N GLY E 167 -23.54 6.91 23.80
CA GLY E 167 -24.86 7.46 24.09
C GLY E 167 -24.78 8.83 24.72
N LEU E 168 -24.33 9.82 23.96
CA LEU E 168 -24.21 11.17 24.48
C LEU E 168 -25.57 11.70 24.95
N ASP E 169 -25.53 12.63 25.89
CA ASP E 169 -26.72 13.26 26.46
C ASP E 169 -27.61 12.26 27.20
N GLY E 170 -27.10 11.06 27.50
CA GLY E 170 -27.86 10.05 28.19
C GLY E 170 -27.50 9.96 29.66
N VAL E 171 -27.94 8.86 30.28
CA VAL E 171 -27.67 8.64 31.69
C VAL E 171 -26.22 8.30 31.94
N HIS E 172 -25.49 7.85 30.92
CA HIS E 172 -24.08 7.49 31.10
C HIS E 172 -23.22 8.74 31.28
N CYS E 173 -23.50 9.79 30.51
CA CYS E 173 -22.73 11.03 30.60
C CYS E 173 -23.43 12.12 31.40
N VAL E 174 -24.75 12.06 31.51
CA VAL E 174 -25.51 13.06 32.25
C VAL E 174 -26.27 12.36 33.38
N PRO E 175 -25.62 12.06 34.52
CA PRO E 175 -26.28 11.38 35.64
C PRO E 175 -27.17 12.31 36.47
N THR E 176 -28.09 13.00 35.81
CA THR E 176 -28.99 13.92 36.50
C THR E 176 -30.05 13.17 37.31
N PRO E 177 -30.58 12.05 36.82
CA PRO E 177 -31.55 11.30 37.63
C PRO E 177 -30.95 10.87 38.97
N ASP E 178 -31.71 11.11 40.03
CA ASP E 178 -31.27 10.77 41.38
C ASP E 178 -31.38 9.27 41.58
N SER E 179 -30.25 8.57 41.44
CA SER E 179 -30.22 7.12 41.60
C SER E 179 -29.94 6.70 43.04
N GLY E 180 -29.37 7.58 43.85
CA GLY E 180 -29.07 7.26 45.24
C GLY E 180 -27.80 6.46 45.45
N VAL E 181 -27.16 5.99 44.39
CA VAL E 181 -25.93 5.21 44.54
C VAL E 181 -24.85 6.03 45.24
N VAL E 182 -24.88 7.35 45.06
CA VAL E 182 -23.89 8.20 45.70
C VAL E 182 -24.12 8.29 47.21
N CYS E 183 -25.33 7.98 47.69
CA CYS E 183 -25.63 8.04 49.11
C CYS E 183 -26.45 6.85 49.58
N GLY E 184 -26.65 5.83 48.76
CA GLY E 184 -27.43 4.67 49.15
C GLY E 184 -26.65 3.38 49.09
N ARG E 185 -25.58 3.36 48.30
CA ARG E 185 -24.74 2.19 48.15
C ARG E 185 -23.28 2.57 48.40
N MET E 186 -22.51 1.60 48.90
CA MET E 186 -21.10 1.81 49.21
C MET E 186 -20.19 1.00 48.29
N ALA E 187 -20.73 0.35 47.27
CA ALA E 187 -19.92 -0.43 46.33
C ALA E 187 -19.15 0.52 45.42
N CYS E 188 -17.88 0.72 45.73
CA CYS E 188 -17.02 1.61 44.95
C CYS E 188 -17.59 3.03 44.88
N SER E 189 -18.32 3.44 45.93
CA SER E 189 -18.93 4.76 45.97
C SER E 189 -19.19 5.15 47.42
N PRO E 190 -18.21 5.76 48.11
CA PRO E 190 -18.44 6.17 49.49
C PRO E 190 -19.65 7.09 49.60
N THR E 191 -20.44 6.88 50.65
CA THR E 191 -21.65 7.67 50.88
C THR E 191 -21.25 9.02 51.47
N HIS E 192 -21.02 9.99 50.58
CA HIS E 192 -20.66 11.36 50.94
C HIS E 192 -19.62 11.38 52.07
N ASP E 193 -18.66 10.46 52.01
CA ASP E 193 -17.60 10.37 53.03
C ASP E 193 -16.49 11.33 52.63
N GLU E 194 -16.54 12.54 53.18
CA GLU E 194 -15.53 13.55 52.88
C GLU E 194 -14.26 13.36 53.69
N HIS E 195 -14.30 12.56 54.75
CA HIS E 195 -13.12 12.32 55.59
C HIS E 195 -12.32 11.10 55.16
N LEU E 196 -12.71 10.43 54.08
CA LEU E 196 -11.99 9.26 53.59
C LEU E 196 -10.67 9.71 52.99
N LEU E 197 -9.59 9.50 53.71
CA LEU E 197 -8.25 9.89 53.28
C LEU E 197 -7.43 8.65 52.93
N HIS E 198 -6.58 8.77 51.92
CA HIS E 198 -5.73 7.67 51.48
C HIS E 198 -4.55 7.54 52.43
N GLY E 199 -4.85 7.07 53.64
CA GLY E 199 -3.85 6.90 54.66
C GLY E 199 -3.14 8.19 55.02
N GLY E 200 -3.92 9.26 55.21
CA GLY E 200 -3.38 10.56 55.55
C GLY E 200 -3.35 11.55 54.41
N GLN E 201 -3.66 11.13 53.20
CA GLN E 201 -3.68 11.98 52.02
C GLN E 201 -5.07 11.99 51.39
N PRO E 202 -5.37 12.98 50.56
CA PRO E 202 -6.68 13.02 49.89
C PRO E 202 -6.87 11.80 49.00
N PRO E 203 -8.07 11.61 48.46
CA PRO E 203 -8.29 10.46 47.56
C PRO E 203 -7.64 10.65 46.19
N GLU E 204 -6.33 10.94 46.18
CA GLU E 204 -5.60 11.12 44.94
C GLU E 204 -4.12 11.16 45.25
N GLY E 205 -3.33 10.47 44.42
CA GLY E 205 -1.89 10.43 44.61
C GLY E 205 -1.17 11.62 44.02
N ASP E 206 -1.53 11.99 42.80
CA ASP E 206 -0.89 13.10 42.12
C ASP E 206 -1.82 13.64 41.03
N PRO E 207 -2.14 14.94 41.03
CA PRO E 207 -2.98 15.48 39.94
C PRO E 207 -2.44 15.20 38.55
N ASP E 208 -1.13 14.96 38.42
CA ASP E 208 -0.57 14.62 37.12
C ASP E 208 -1.20 13.35 36.56
N LEU E 209 -1.56 12.41 37.43
CA LEU E 209 -2.21 11.19 36.98
C LEU E 209 -3.56 11.49 36.33
N ALA E 210 -4.24 12.55 36.78
CA ALA E 210 -5.50 12.93 36.17
C ALA E 210 -5.33 13.29 34.71
N LYS E 211 -4.24 13.99 34.37
CA LYS E 211 -3.96 14.34 32.98
C LYS E 211 -3.40 13.16 32.21
N ILE E 212 -2.62 12.30 32.87
CA ILE E 212 -2.15 11.08 32.22
C ILE E 212 -3.33 10.23 31.78
N LEU E 213 -4.33 10.09 32.65
CA LEU E 213 -5.52 9.33 32.29
C LEU E 213 -6.29 10.01 31.16
N GLU E 214 -6.35 11.33 31.17
CA GLU E 214 -7.03 12.04 30.10
C GLU E 214 -6.35 11.78 28.76
N GLU E 215 -5.02 11.82 28.72
CA GLU E 215 -4.30 11.56 27.48
C GLU E 215 -4.43 10.11 27.05
N VAL E 216 -4.43 9.18 28.02
CA VAL E 216 -4.64 7.77 27.69
C VAL E 216 -6.01 7.56 27.08
N ARG E 217 -7.04 8.21 27.64
CA ARG E 217 -8.37 8.12 27.07
C ARG E 217 -8.44 8.80 25.71
N TYR E 218 -7.64 9.85 25.49
CA TYR E 218 -7.60 10.49 24.18
C TYR E 218 -7.04 9.55 23.13
N ILE E 219 -5.93 8.86 23.45
CA ILE E 219 -5.38 7.92 22.48
C ILE E 219 -6.30 6.72 22.30
N ALA E 220 -7.01 6.31 23.36
CA ALA E 220 -8.00 5.25 23.22
C ALA E 220 -9.13 5.68 22.29
N ASN E 221 -9.57 6.94 22.40
CA ASN E 221 -10.58 7.45 21.50
C ASN E 221 -10.07 7.57 20.07
N ARG E 222 -8.77 7.86 19.91
CA ARG E 222 -8.18 7.84 18.57
C ARG E 222 -8.23 6.45 17.97
N PHE E 223 -7.88 5.43 18.77
CA PHE E 223 -7.96 4.05 18.29
C PHE E 223 -9.41 3.68 17.97
N ARG E 224 -10.36 4.13 18.79
CA ARG E 224 -11.76 3.86 18.53
C ARG E 224 -12.24 4.56 17.26
N CYS E 225 -11.71 5.75 16.97
CA CYS E 225 -12.05 6.43 15.73
C CYS E 225 -11.47 5.70 14.53
N GLN E 226 -10.26 5.13 14.69
CA GLN E 226 -9.72 4.28 13.62
C GLN E 226 -10.60 3.06 13.39
N ASP E 227 -11.07 2.43 14.46
CA ASP E 227 -11.97 1.29 14.33
C ASP E 227 -13.28 1.70 13.67
N GLU E 228 -13.76 2.90 13.99
CA GLU E 228 -14.99 3.40 13.38
C GLU E 228 -14.78 3.69 11.89
N SER E 229 -13.60 4.16 11.52
CA SER E 229 -13.28 4.35 10.11
C SER E 229 -13.24 3.01 9.38
N GLU E 230 -12.68 1.99 10.03
CA GLU E 230 -12.70 0.65 9.44
C GLU E 230 -14.13 0.15 9.26
N ALA E 231 -14.98 0.39 10.26
CA ALA E 231 -16.38 -0.01 10.17
C ALA E 231 -17.09 0.76 9.05
N VAL E 232 -16.75 2.03 8.86
CA VAL E 232 -17.34 2.81 7.78
C VAL E 232 -16.88 2.30 6.43
N CYS E 233 -15.63 1.85 6.34
CA CYS E 233 -15.16 1.23 5.11
C CYS E 233 -15.91 -0.07 4.83
N SER E 234 -16.16 -0.86 5.88
CA SER E 234 -16.96 -2.07 5.72
C SER E 234 -18.37 -1.74 5.26
N GLU E 235 -18.95 -0.66 5.80
CA GLU E 235 -20.28 -0.23 5.38
C GLU E 235 -20.27 0.23 3.92
N TRP E 236 -19.19 0.88 3.50
CA TRP E 236 -19.07 1.26 2.08
C TRP E 236 -18.99 0.03 1.19
N LYS E 237 -18.26 -0.99 1.64
CA LYS E 237 -18.22 -2.25 0.89
C LYS E 237 -19.62 -2.87 0.81
N PHE E 238 -20.36 -2.86 1.92
CA PHE E 238 -21.73 -3.35 1.91
C PHE E 238 -22.58 -2.58 0.92
N ALA E 239 -22.43 -1.26 0.89
CA ALA E 239 -23.19 -0.44 -0.05
C ALA E 239 -22.84 -0.79 -1.49
N ALA E 240 -21.56 -0.97 -1.78
CA ALA E 240 -21.15 -1.35 -3.13
C ALA E 240 -21.66 -2.74 -3.48
N CYS E 241 -21.88 -3.59 -2.48
CA CYS E 241 -22.44 -4.92 -2.75
C CYS E 241 -23.83 -4.83 -3.34
N VAL E 242 -24.68 -3.94 -2.80
CA VAL E 242 -26.04 -3.81 -3.30
C VAL E 242 -26.03 -3.50 -4.80
N VAL E 243 -24.99 -2.81 -5.28
CA VAL E 243 -24.92 -2.47 -6.69
C VAL E 243 -24.29 -3.60 -7.49
N ASP E 244 -23.20 -4.18 -6.97
CA ASP E 244 -22.47 -5.18 -7.75
C ASP E 244 -23.28 -6.46 -7.92
N ARG E 245 -24.00 -6.88 -6.87
CA ARG E 245 -24.81 -8.08 -6.98
C ARG E 245 -25.92 -7.91 -8.01
N LEU E 246 -26.59 -6.75 -8.00
CA LEU E 246 -27.63 -6.49 -8.99
C LEU E 246 -27.05 -6.44 -10.39
N CYS E 247 -25.90 -5.78 -10.55
CA CYS E 247 -25.27 -5.71 -11.87
C CYS E 247 -24.92 -7.10 -12.37
N LEU E 248 -24.38 -7.96 -11.49
CA LEU E 248 -24.02 -9.32 -11.90
C LEU E 248 -25.26 -10.12 -12.25
N MET E 249 -26.33 -10.00 -11.45
CA MET E 249 -27.55 -10.75 -11.72
C MET E 249 -28.16 -10.32 -13.05
N ALA E 250 -28.05 -9.03 -13.39
CA ALA E 250 -28.59 -8.56 -14.67
C ALA E 250 -27.72 -9.02 -15.82
N PHE E 251 -26.40 -8.91 -15.69
CA PHE E 251 -25.50 -9.29 -16.77
C PHE E 251 -25.54 -10.79 -17.03
N SER E 252 -25.81 -11.60 -16.00
CA SER E 252 -25.95 -13.03 -16.21
C SER E 252 -27.11 -13.35 -17.13
N VAL E 253 -28.28 -12.76 -16.86
CA VAL E 253 -29.44 -12.99 -17.71
C VAL E 253 -29.20 -12.41 -19.10
N PHE E 254 -28.53 -11.26 -19.17
CA PHE E 254 -28.24 -10.66 -20.47
C PHE E 254 -27.37 -11.58 -21.31
N THR E 255 -26.30 -12.13 -20.71
CA THR E 255 -25.42 -13.03 -21.44
C THR E 255 -26.14 -14.33 -21.81
N ILE E 256 -27.03 -14.81 -20.93
CA ILE E 256 -27.79 -16.02 -21.25
C ILE E 256 -28.67 -15.78 -22.47
N ILE E 257 -29.35 -14.63 -22.50
CA ILE E 257 -30.21 -14.30 -23.63
C ILE E 257 -29.37 -14.15 -24.90
N CYS E 258 -28.20 -13.51 -24.78
CA CYS E 258 -27.33 -13.34 -25.94
C CYS E 258 -26.87 -14.67 -26.48
N THR E 259 -26.49 -15.60 -25.60
CA THR E 259 -26.06 -16.92 -26.04
C THR E 259 -27.21 -17.69 -26.67
N ILE E 260 -28.40 -17.58 -26.10
CA ILE E 260 -29.56 -18.25 -26.67
C ILE E 260 -29.83 -17.72 -28.08
N GLY E 261 -29.75 -16.41 -28.25
CA GLY E 261 -29.95 -15.83 -29.57
C GLY E 261 -28.88 -16.25 -30.57
N ILE E 262 -27.62 -16.29 -30.12
CA ILE E 262 -26.53 -16.73 -30.98
C ILE E 262 -26.75 -18.16 -31.43
N LEU E 263 -27.16 -19.03 -30.50
CA LEU E 263 -27.41 -20.43 -30.84
C LEU E 263 -28.59 -20.55 -31.80
N MET E 264 -29.64 -19.75 -31.59
CA MET E 264 -30.80 -19.79 -32.48
C MET E 264 -30.49 -19.16 -33.83
N SER E 265 -29.59 -18.17 -33.86
CA SER E 265 -29.20 -17.50 -35.10
C SER E 265 -27.91 -18.05 -35.69
N ALA E 266 -27.43 -19.18 -35.17
CA ALA E 266 -26.18 -19.75 -35.71
C ALA E 266 -26.35 -20.23 -37.14
N PRO E 267 -27.32 -21.08 -37.47
CA PRO E 267 -27.44 -21.53 -38.87
C PRO E 267 -27.88 -20.45 -39.83
N ASN E 268 -28.47 -19.35 -39.33
CA ASN E 268 -28.91 -18.27 -40.21
C ASN E 268 -27.73 -17.57 -40.85
N PHE E 269 -26.64 -17.37 -40.09
CA PHE E 269 -25.47 -16.70 -40.63
C PHE E 269 -24.59 -17.67 -41.42
N VAL E 270 -24.18 -18.76 -40.79
CA VAL E 270 -23.34 -19.74 -41.46
C VAL E 270 -23.63 -21.14 -40.91
N LEU A 7 12.36 -25.38 -41.66
CA LEU A 7 13.47 -24.86 -40.87
C LEU A 7 13.00 -23.81 -39.88
N TYR A 8 12.68 -22.61 -40.39
CA TYR A 8 12.21 -21.54 -39.53
C TYR A 8 10.87 -21.86 -38.90
N TYR A 9 10.02 -22.60 -39.60
CA TYR A 9 8.70 -22.95 -39.05
C TYR A 9 8.83 -23.79 -37.79
N GLY A 10 9.77 -24.75 -37.79
CA GLY A 10 9.95 -25.57 -36.61
C GLY A 10 10.25 -24.76 -35.37
N LEU A 11 11.23 -23.86 -35.45
CA LEU A 11 11.57 -23.02 -34.30
C LEU A 11 10.43 -22.07 -33.97
N ASN A 12 9.80 -21.47 -34.98
CA ASN A 12 8.72 -20.53 -34.72
C ASN A 12 7.55 -21.21 -34.03
N LEU A 13 7.38 -22.51 -34.22
CA LEU A 13 6.30 -23.24 -33.57
C LEU A 13 6.72 -23.83 -32.23
N LEU A 14 8.01 -24.11 -32.04
CA LEU A 14 8.48 -24.75 -30.81
C LEU A 14 8.78 -23.73 -29.72
N ILE A 15 9.48 -22.64 -30.05
CA ILE A 15 9.90 -21.69 -29.02
C ILE A 15 8.71 -21.07 -28.30
N PRO A 16 7.69 -20.55 -28.98
CA PRO A 16 6.58 -19.92 -28.24
C PRO A 16 5.83 -20.90 -27.35
N CYS A 17 5.56 -22.10 -27.84
CA CYS A 17 4.83 -23.08 -27.04
C CYS A 17 5.60 -23.45 -25.78
N VAL A 18 6.89 -23.74 -25.92
CA VAL A 18 7.70 -24.10 -24.76
C VAL A 18 7.80 -22.93 -23.79
N LEU A 19 7.98 -21.72 -24.33
CA LEU A 19 8.06 -20.54 -23.46
C LEU A 19 6.78 -20.35 -22.67
N ILE A 20 5.62 -20.49 -23.32
CA ILE A 20 4.35 -20.34 -22.62
C ILE A 20 4.17 -21.44 -21.59
N SER A 21 4.54 -22.68 -21.93
CA SER A 21 4.39 -23.78 -20.99
C SER A 21 5.27 -23.57 -19.76
N ALA A 22 6.46 -23.01 -19.96
CA ALA A 22 7.34 -22.74 -18.82
C ALA A 22 6.83 -21.58 -17.98
N LEU A 23 6.37 -20.52 -18.64
CA LEU A 23 5.88 -19.35 -17.91
C LEU A 23 4.63 -19.68 -17.10
N ALA A 24 3.76 -20.55 -17.64
CA ALA A 24 2.58 -20.96 -16.90
C ALA A 24 2.96 -21.62 -15.58
N LEU A 25 3.87 -22.60 -15.64
CA LEU A 25 4.29 -23.28 -14.43
C LEU A 25 5.02 -22.35 -13.48
N LEU A 26 5.81 -21.42 -14.03
CA LEU A 26 6.53 -20.47 -13.18
C LEU A 26 5.57 -19.55 -12.44
N VAL A 27 4.50 -19.11 -13.11
CA VAL A 27 3.52 -18.24 -12.48
C VAL A 27 2.70 -19.03 -11.46
N PHE A 28 2.38 -20.29 -11.78
CA PHE A 28 1.61 -21.11 -10.83
C PHE A 28 2.43 -21.44 -9.59
N LEU A 29 3.75 -21.57 -9.73
CA LEU A 29 4.59 -21.83 -8.57
C LEU A 29 4.57 -20.67 -7.58
N LEU A 30 4.37 -19.45 -8.07
CA LEU A 30 4.34 -18.28 -7.19
C LEU A 30 3.14 -18.38 -6.25
N PRO A 31 3.35 -18.46 -4.93
CA PRO A 31 2.21 -18.53 -4.01
C PRO A 31 1.28 -17.33 -4.16
N ALA A 32 0.12 -17.44 -3.52
CA ALA A 32 -0.86 -16.36 -3.56
C ALA A 32 -0.24 -15.06 -3.03
N ASP A 33 -0.40 -13.99 -3.79
CA ASP A 33 0.18 -12.69 -3.44
C ASP A 33 -0.85 -11.61 -3.76
N SER A 34 -0.39 -10.36 -3.77
CA SER A 34 -1.24 -9.22 -4.07
C SER A 34 -1.41 -9.12 -5.59
N GLY A 35 -1.95 -7.99 -6.05
CA GLY A 35 -2.18 -7.76 -7.47
C GLY A 35 -1.00 -8.11 -8.35
N GLU A 36 0.21 -8.08 -7.77
CA GLU A 36 1.40 -8.48 -8.53
C GLU A 36 1.17 -9.80 -9.25
N LYS A 37 0.76 -10.83 -8.51
CA LYS A 37 0.45 -12.12 -9.11
C LYS A 37 -0.47 -11.94 -10.32
N ILE A 38 -1.57 -11.21 -10.15
CA ILE A 38 -2.52 -11.02 -11.24
C ILE A 38 -1.80 -10.49 -12.47
N SER A 39 -0.88 -9.55 -12.29
CA SER A 39 -0.12 -9.02 -13.41
C SER A 39 0.51 -10.14 -14.21
N LEU A 40 1.24 -11.04 -13.53
CA LEU A 40 1.82 -12.18 -14.22
C LEU A 40 0.74 -13.01 -14.90
N GLY A 41 -0.40 -13.21 -14.23
CA GLY A 41 -1.49 -13.94 -14.82
C GLY A 41 -1.97 -13.37 -16.14
N ILE A 42 -1.68 -12.10 -16.40
CA ILE A 42 -2.02 -11.49 -17.68
C ILE A 42 -0.87 -11.64 -18.68
N THR A 43 0.37 -11.59 -18.20
CA THR A 43 1.51 -11.69 -19.09
C THR A 43 1.45 -12.98 -19.92
N VAL A 44 1.31 -14.12 -19.25
CA VAL A 44 1.23 -15.40 -19.95
C VAL A 44 0.16 -15.35 -21.03
N LEU A 45 -0.89 -14.57 -20.82
CA LEU A 45 -1.93 -14.40 -21.84
C LEU A 45 -1.56 -13.31 -22.83
N LEU A 46 -1.03 -12.18 -22.35
CA LEU A 46 -0.71 -11.06 -23.23
C LEU A 46 0.25 -11.45 -24.34
N SER A 47 1.02 -12.53 -24.14
CA SER A 47 1.93 -13.01 -25.18
C SER A 47 1.28 -14.01 -26.11
N LEU A 48 0.33 -14.82 -25.60
CA LEU A 48 -0.30 -15.84 -26.43
C LEU A 48 -0.93 -15.21 -27.68
N THR A 49 -1.66 -14.10 -27.49
CA THR A 49 -2.27 -13.43 -28.64
C THR A 49 -1.22 -13.13 -29.71
N VAL A 50 -0.02 -12.73 -29.30
CA VAL A 50 1.04 -12.45 -30.27
C VAL A 50 1.26 -13.66 -31.16
N PHE A 51 1.36 -14.85 -30.56
CA PHE A 51 1.50 -16.07 -31.36
C PHE A 51 0.34 -16.21 -32.33
N MET A 52 -0.89 -15.96 -31.85
CA MET A 52 -2.06 -16.06 -32.72
C MET A 52 -1.91 -15.16 -33.95
N LEU A 53 -1.15 -14.07 -33.82
CA LEU A 53 -0.88 -13.23 -34.98
C LEU A 53 0.21 -13.83 -35.86
N LEU A 54 1.29 -14.30 -35.24
CA LEU A 54 2.39 -14.89 -36.01
C LEU A 54 1.89 -16.05 -36.86
N VAL A 55 1.05 -16.91 -36.28
CA VAL A 55 0.49 -18.02 -37.05
C VAL A 55 -0.24 -17.50 -38.27
N ALA A 56 -0.99 -16.40 -38.12
CA ALA A 56 -1.72 -15.84 -39.25
C ALA A 56 -0.81 -15.50 -40.42
N GLU A 57 0.48 -15.28 -40.16
CA GLU A 57 1.42 -15.01 -41.24
C GLU A 57 1.87 -16.30 -41.92
N ILE A 58 2.07 -17.37 -41.14
CA ILE A 58 2.55 -18.63 -41.69
C ILE A 58 1.42 -19.61 -41.99
N MET A 59 0.27 -19.45 -41.36
CA MET A 59 -0.86 -20.36 -41.56
C MET A 59 -2.16 -19.59 -41.37
N PRO A 60 -2.57 -18.84 -42.40
CA PRO A 60 -3.83 -18.09 -42.29
C PRO A 60 -5.01 -19.01 -41.97
N SER A 61 -5.80 -18.62 -40.97
CA SER A 61 -6.94 -19.41 -40.55
C SER A 61 -8.07 -19.41 -41.56
N THR A 62 -8.00 -18.58 -42.61
CA THR A 62 -9.05 -18.54 -43.62
C THR A 62 -9.21 -19.90 -44.28
N SER A 63 -8.11 -20.60 -44.54
CA SER A 63 -8.15 -21.90 -45.19
C SER A 63 -7.57 -23.01 -44.32
N ASP A 64 -7.03 -22.70 -43.15
CA ASP A 64 -6.43 -23.70 -42.27
C ASP A 64 -7.55 -24.48 -41.57
N SER A 65 -8.17 -25.37 -42.34
CA SER A 65 -9.25 -26.20 -41.83
C SER A 65 -8.68 -27.56 -41.40
N SER A 66 -7.97 -27.53 -40.28
CA SER A 66 -7.33 -28.71 -39.72
C SER A 66 -7.79 -28.92 -38.28
N PRO A 67 -8.79 -29.78 -38.04
CA PRO A 67 -9.25 -29.98 -36.65
C PRO A 67 -8.23 -30.69 -35.78
N SER A 68 -7.25 -31.38 -36.37
CA SER A 68 -6.24 -32.05 -35.57
C SER A 68 -5.45 -31.06 -34.71
N ILE A 69 -4.97 -29.99 -35.33
CA ILE A 69 -4.24 -28.96 -34.59
C ILE A 69 -5.17 -28.05 -33.82
N ALA A 70 -6.46 -28.04 -34.15
CA ALA A 70 -7.41 -27.21 -33.40
C ALA A 70 -7.50 -27.64 -31.95
N GLN A 71 -7.35 -28.94 -31.67
CA GLN A 71 -7.37 -29.41 -30.29
C GLN A 71 -6.27 -28.75 -29.47
N TYR A 72 -5.05 -28.73 -30.00
CA TYR A 72 -3.94 -28.10 -29.28
C TYR A 72 -4.10 -26.59 -29.24
N PHE A 73 -4.62 -25.99 -30.32
CA PHE A 73 -4.84 -24.55 -30.34
C PHE A 73 -5.84 -24.13 -29.27
N ALA A 74 -6.84 -24.97 -28.99
CA ALA A 74 -7.80 -24.67 -27.94
C ALA A 74 -7.25 -25.02 -26.56
N SER A 75 -6.44 -26.07 -26.47
CA SER A 75 -5.82 -26.42 -25.18
C SER A 75 -4.89 -25.32 -24.71
N THR A 76 -4.11 -24.74 -25.62
CA THR A 76 -3.22 -23.64 -25.25
C THR A 76 -4.01 -22.43 -24.79
N MET A 77 -5.11 -22.12 -25.49
CA MET A 77 -5.95 -20.99 -25.09
C MET A 77 -6.54 -21.23 -23.70
N ILE A 78 -7.01 -22.45 -23.43
CA ILE A 78 -7.57 -22.76 -22.12
C ILE A 78 -6.48 -22.66 -21.05
N ILE A 79 -5.27 -23.12 -21.36
CA ILE A 79 -4.19 -23.07 -20.39
C ILE A 79 -3.83 -21.63 -20.04
N VAL A 80 -3.78 -20.76 -21.06
CA VAL A 80 -3.42 -19.37 -20.79
C VAL A 80 -4.56 -18.63 -20.12
N GLY A 81 -5.81 -19.06 -20.36
CA GLY A 81 -6.94 -18.43 -19.71
C GLY A 81 -7.15 -18.87 -18.27
N LEU A 82 -6.72 -20.09 -17.94
CA LEU A 82 -6.87 -20.60 -16.58
C LEU A 82 -6.17 -19.73 -15.55
N SER A 83 -5.24 -18.88 -15.97
CA SER A 83 -4.56 -17.99 -15.04
C SER A 83 -5.55 -17.01 -14.40
N VAL A 84 -6.47 -16.48 -15.20
CA VAL A 84 -7.45 -15.53 -14.67
C VAL A 84 -8.39 -16.23 -13.70
N VAL A 85 -8.70 -17.50 -13.93
CA VAL A 85 -9.56 -18.24 -13.02
C VAL A 85 -8.82 -18.56 -11.73
N VAL A 86 -7.54 -18.93 -11.83
CA VAL A 86 -6.74 -19.21 -10.65
C VAL A 86 -6.60 -17.95 -9.79
N THR A 87 -6.36 -16.81 -10.43
CA THR A 87 -6.26 -15.56 -9.68
C THR A 87 -7.58 -15.19 -9.03
N VAL A 88 -8.69 -15.41 -9.72
CA VAL A 88 -10.01 -15.12 -9.15
C VAL A 88 -10.25 -15.99 -7.93
N ILE A 89 -9.93 -17.29 -8.03
CA ILE A 89 -10.12 -18.18 -6.90
C ILE A 89 -9.21 -17.79 -5.74
N VAL A 90 -7.98 -17.38 -6.05
CA VAL A 90 -7.06 -16.94 -5.01
C VAL A 90 -7.63 -15.73 -4.27
N LEU A 91 -8.12 -14.74 -5.03
CA LEU A 91 -8.71 -13.56 -4.40
C LEU A 91 -9.93 -13.93 -3.58
N GLN A 92 -10.76 -14.84 -4.07
CA GLN A 92 -11.94 -15.26 -3.34
C GLN A 92 -11.56 -15.91 -2.01
N TYR A 93 -10.58 -16.82 -2.04
CA TYR A 93 -10.14 -17.49 -0.82
C TYR A 93 -9.31 -16.58 0.09
N HIS A 94 -8.81 -15.46 -0.43
CA HIS A 94 -8.05 -14.52 0.40
C HIS A 94 -8.92 -13.44 1.01
N HIS A 95 -10.08 -13.14 0.42
CA HIS A 95 -10.96 -12.10 0.94
C HIS A 95 -11.99 -12.66 1.89
N HIS A 96 -12.70 -13.72 1.49
CA HIS A 96 -13.74 -14.33 2.33
C HIS A 96 -14.78 -13.30 2.76
N ASP A 97 -15.47 -12.77 1.76
CA ASP A 97 -16.51 -11.78 2.02
C ASP A 97 -17.56 -12.36 2.97
N PRO A 98 -18.09 -11.57 3.91
CA PRO A 98 -19.10 -12.12 4.82
C PRO A 98 -20.29 -12.74 4.12
N ASP A 99 -20.71 -12.18 2.98
CA ASP A 99 -21.86 -12.72 2.26
C ASP A 99 -21.49 -13.99 1.50
N GLY A 100 -20.33 -14.01 0.87
CA GLY A 100 -19.86 -15.16 0.10
C GLY A 100 -18.80 -15.94 0.83
N GLY A 101 -17.79 -16.39 0.09
CA GLY A 101 -16.71 -17.15 0.67
C GLY A 101 -17.13 -18.58 0.99
N LYS A 102 -16.26 -19.26 1.72
CA LYS A 102 -16.47 -20.64 2.13
C LYS A 102 -16.54 -20.71 3.66
N MET A 103 -17.07 -21.82 4.15
CA MET A 103 -17.19 -22.04 5.58
C MET A 103 -15.81 -22.13 6.22
N PRO A 104 -15.41 -21.19 7.08
CA PRO A 104 -14.07 -21.28 7.68
C PRO A 104 -13.86 -22.55 8.50
N LYS A 105 -14.86 -22.94 9.30
CA LYS A 105 -14.69 -24.11 10.15
C LYS A 105 -14.50 -25.38 9.33
N TRP A 106 -15.27 -25.54 8.26
CA TRP A 106 -15.16 -26.74 7.44
C TRP A 106 -13.78 -26.87 6.81
N THR A 107 -13.26 -25.77 6.26
CA THR A 107 -11.97 -25.79 5.59
C THR A 107 -10.79 -25.71 6.54
N ARG A 108 -11.02 -25.38 7.82
CA ARG A 108 -9.92 -25.25 8.77
C ARG A 108 -9.20 -26.58 8.95
N VAL A 109 -9.95 -27.67 9.11
CA VAL A 109 -9.33 -28.98 9.31
C VAL A 109 -8.56 -29.39 8.06
N ILE A 110 -9.13 -29.16 6.88
CA ILE A 110 -8.46 -29.52 5.64
C ILE A 110 -7.16 -28.74 5.50
N LEU A 111 -7.19 -27.44 5.81
CA LEU A 111 -5.99 -26.63 5.71
C LEU A 111 -4.94 -27.08 6.71
N LEU A 112 -5.34 -27.38 7.95
CA LEU A 112 -4.38 -27.83 8.95
C LEU A 112 -3.76 -29.16 8.56
N ASN A 113 -4.54 -30.04 7.93
CA ASN A 113 -3.99 -31.32 7.50
C ASN A 113 -3.05 -31.15 6.31
N TRP A 114 -3.42 -30.30 5.35
CA TRP A 114 -2.58 -30.13 4.17
C TRP A 114 -1.29 -29.39 4.50
N CYS A 115 -1.32 -28.48 5.48
CA CYS A 115 -0.10 -27.80 5.90
C CYS A 115 0.93 -28.81 6.40
N ALA A 116 0.49 -29.81 7.16
CA ALA A 116 1.41 -30.83 7.63
C ALA A 116 1.79 -31.80 6.51
N TRP A 117 0.84 -32.10 5.61
CA TRP A 117 1.14 -33.00 4.50
C TRP A 117 2.18 -32.40 3.56
N PHE A 118 2.22 -31.08 3.44
CA PHE A 118 3.21 -30.43 2.59
C PHE A 118 4.58 -30.41 3.26
N LEU A 119 4.63 -30.17 4.57
CA LEU A 119 5.90 -30.18 5.29
C LEU A 119 6.34 -31.60 5.60
N ARG A 120 5.52 -32.35 6.33
CA ARG A 120 5.80 -33.74 6.68
C ARG A 120 4.77 -34.61 5.97
N MET A 121 5.11 -35.03 4.75
CA MET A 121 4.19 -35.83 3.96
C MET A 121 3.87 -37.15 4.66
N LYS A 122 2.62 -37.58 4.52
CA LYS A 122 2.16 -38.84 5.12
C LYS A 122 2.68 -39.99 4.28
N ARG A 123 3.95 -40.31 4.48
CA ARG A 123 4.62 -41.38 3.76
C ARG A 123 5.43 -42.21 4.75
N PRO A 124 5.82 -43.43 4.37
CA PRO A 124 6.60 -44.25 5.30
C PRO A 124 7.90 -43.60 5.75
N GLY A 125 8.57 -42.87 4.85
CA GLY A 125 9.83 -42.24 5.20
C GLY A 125 9.72 -41.30 6.38
N GLU A 126 8.57 -40.66 6.56
CA GLU A 126 8.37 -39.73 7.66
C GLU A 126 7.63 -40.36 8.83
N ASP A 127 6.91 -41.45 8.62
CA ASP A 127 6.16 -42.10 9.69
C ASP A 127 7.02 -43.11 10.46
N LYS A 128 7.85 -43.88 9.76
CA LYS A 128 8.66 -44.89 10.43
C LYS A 128 9.94 -44.30 11.01
N VAL A 129 10.46 -43.24 10.42
CA VAL A 129 11.70 -42.61 10.87
C VAL A 129 11.31 -41.60 11.96
N ARG A 130 11.17 -42.10 13.18
CA ARG A 130 10.83 -41.27 14.32
C ARG A 130 10.89 -42.13 15.58
N PRO A 131 11.00 -41.52 16.76
CA PRO A 131 11.05 -42.31 18.00
C PRO A 131 9.78 -43.12 18.18
N ALA A 132 9.94 -44.28 18.81
CA ALA A 132 8.83 -45.18 19.07
C ALA A 132 9.09 -45.95 20.36
N CYS A 133 8.03 -46.20 21.12
CA CYS A 133 8.13 -46.93 22.37
C CYS A 133 6.74 -47.33 22.82
N GLN A 134 6.66 -48.46 23.52
CA GLN A 134 5.38 -48.95 24.03
C GLN A 134 4.93 -48.22 25.28
N HIS A 135 5.78 -47.40 25.87
CA HIS A 135 5.41 -46.67 27.08
C HIS A 135 4.22 -45.75 26.81
N LYS A 136 3.63 -45.25 27.89
CA LYS A 136 2.47 -44.37 27.78
C LYS A 136 2.80 -43.05 27.11
N GLN A 137 4.08 -42.72 26.92
CA GLN A 137 4.44 -41.47 26.27
C GLN A 137 3.82 -41.35 24.89
N ARG A 138 3.63 -42.47 24.20
CA ARG A 138 3.04 -42.48 22.86
C ARG A 138 1.61 -43.00 22.86
N ARG A 139 1.01 -43.20 24.03
CA ARG A 139 -0.37 -43.68 24.12
C ARG A 139 -1.33 -42.51 24.25
N CYS A 140 -2.62 -42.82 24.17
CA CYS A 140 -3.68 -41.82 24.25
C CYS A 140 -4.44 -41.99 25.56
N SER A 141 -5.05 -40.91 26.02
CA SER A 141 -5.82 -40.90 27.25
C SER A 141 -7.00 -39.95 27.10
N LEU A 142 -7.76 -39.79 28.17
CA LEU A 142 -8.92 -38.90 28.14
C LEU A 142 -8.51 -37.47 27.84
N ALA A 143 -7.29 -37.07 28.23
CA ALA A 143 -6.83 -35.71 27.98
C ALA A 143 -6.63 -35.44 26.50
N SER A 144 -6.44 -36.47 25.69
CA SER A 144 -6.22 -36.30 24.25
C SER A 144 -7.52 -36.39 23.45
N VAL A 145 -8.60 -36.89 24.04
CA VAL A 145 -9.87 -37.01 23.34
C VAL A 145 -10.43 -35.60 23.13
N GLU A 146 -10.51 -35.17 21.88
CA GLU A 146 -11.01 -33.85 21.53
C GLU A 146 -12.31 -33.91 20.74
N MET A 147 -12.95 -35.08 20.68
CA MET A 147 -14.20 -35.23 19.94
C MET A 147 -15.41 -34.68 20.69
N SER A 148 -15.23 -34.18 21.92
CA SER A 148 -16.31 -33.65 22.73
C SER A 148 -16.23 -32.14 22.88
N ALA A 149 -15.48 -31.46 22.01
CA ALA A 149 -15.32 -30.01 22.06
C ALA A 149 -14.77 -29.57 23.41
N VAL A 150 -13.57 -30.03 23.72
CA VAL A 150 -12.89 -29.71 24.97
C VAL A 150 -11.63 -28.90 24.64
N ALA A 151 -10.98 -28.41 25.69
CA ALA A 151 -9.78 -27.62 25.51
C ALA A 151 -8.67 -28.49 24.91
N PRO A 152 -7.96 -28.01 23.89
CA PRO A 152 -6.86 -28.81 23.32
C PRO A 152 -5.82 -29.15 24.38
N PRO A 153 -4.94 -30.11 24.10
CA PRO A 153 -3.89 -30.46 25.07
C PRO A 153 -3.01 -29.27 25.38
N PRO A 154 -2.80 -28.94 26.66
CA PRO A 154 -1.91 -27.82 26.98
C PRO A 154 -0.52 -28.03 26.40
N ALA A 155 -0.13 -27.14 25.49
CA ALA A 155 1.17 -27.22 24.84
C ALA A 155 1.58 -25.84 24.39
N SER A 156 2.90 -25.61 24.36
CA SER A 156 3.45 -24.32 23.95
C SER A 156 3.44 -24.11 22.45
N ASN A 157 2.94 -25.08 21.68
CA ASN A 157 2.89 -24.96 20.23
C ASN A 157 1.67 -24.19 19.73
N GLY A 158 0.98 -23.47 20.62
CA GLY A 158 -0.19 -22.70 20.23
C GLY A 158 -1.45 -23.18 20.91
N ASN A 159 -1.31 -23.89 22.03
CA ASN A 159 -2.45 -24.39 22.79
C ASN A 159 -2.53 -23.78 24.18
N LEU A 160 -1.44 -23.80 24.95
CA LEU A 160 -1.47 -23.22 26.29
C LEU A 160 -1.68 -21.72 26.21
N LEU A 161 -0.87 -21.02 25.42
CA LEU A 161 -1.05 -19.58 25.25
C LEU A 161 -2.41 -19.26 24.67
N TYR A 162 -2.90 -20.10 23.76
CA TYR A 162 -4.23 -19.88 23.17
C TYR A 162 -5.30 -19.92 24.26
N ILE A 163 -5.32 -20.99 25.05
CA ILE A 163 -6.33 -21.12 26.10
C ILE A 163 -6.18 -20.00 27.13
N GLY A 164 -4.95 -19.56 27.39
CA GLY A 164 -4.76 -18.49 28.35
C GLY A 164 -5.29 -17.16 27.86
N PHE A 165 -4.90 -16.76 26.65
CA PHE A 165 -5.32 -15.48 26.10
C PHE A 165 -6.82 -15.45 25.86
N ARG A 166 -7.36 -16.51 25.25
CA ARG A 166 -8.78 -16.59 24.91
C ARG A 166 -9.56 -17.42 25.91
N GLY A 167 -9.19 -17.36 27.20
CA GLY A 167 -9.91 -18.12 28.20
C GLY A 167 -11.40 -17.80 28.23
N LEU A 168 -11.74 -16.51 28.13
CA LEU A 168 -13.13 -16.08 28.11
C LEU A 168 -13.87 -16.55 29.37
N ASP A 169 -13.40 -16.04 30.51
CA ASP A 169 -13.97 -16.37 31.82
C ASP A 169 -13.74 -17.82 32.20
N GLY A 170 -12.75 -18.47 31.61
CA GLY A 170 -12.45 -19.86 31.92
C GLY A 170 -11.46 -20.00 33.06
N VAL A 171 -10.41 -20.78 32.85
CA VAL A 171 -9.40 -20.98 33.88
C VAL A 171 -8.46 -19.79 34.00
N HIS A 172 -8.31 -18.99 32.94
CA HIS A 172 -7.39 -17.85 32.99
C HIS A 172 -7.94 -16.74 33.88
N CYS A 173 -9.27 -16.59 33.95
CA CYS A 173 -9.85 -15.53 34.78
C CYS A 173 -9.99 -15.94 36.23
N VAL A 174 -9.86 -17.22 36.55
CA VAL A 174 -9.94 -17.70 37.93
C VAL A 174 -8.91 -18.80 38.13
N PRO A 175 -7.60 -18.50 38.04
CA PRO A 175 -6.56 -19.51 38.24
C PRO A 175 -6.25 -19.79 39.72
N THR A 176 -7.30 -20.07 40.49
CA THR A 176 -7.17 -20.32 41.93
C THR A 176 -8.07 -21.48 42.30
N PRO A 177 -7.58 -22.71 42.15
CA PRO A 177 -8.39 -23.88 42.54
C PRO A 177 -8.74 -23.84 44.02
N ASP A 178 -9.59 -24.78 44.42
CA ASP A 178 -10.05 -24.85 45.81
C ASP A 178 -8.97 -25.42 46.70
N SER A 179 -8.11 -24.54 47.25
CA SER A 179 -7.04 -24.96 48.15
C SER A 179 -6.94 -24.13 49.41
N GLY A 180 -7.49 -22.92 49.45
CA GLY A 180 -7.42 -22.08 50.62
C GLY A 180 -6.27 -21.09 50.61
N VAL A 181 -5.81 -20.67 49.43
CA VAL A 181 -4.69 -19.73 49.36
C VAL A 181 -5.05 -18.42 50.06
N VAL A 182 -6.34 -18.08 50.11
CA VAL A 182 -6.76 -16.85 50.78
C VAL A 182 -6.46 -16.92 52.26
N CYS A 183 -6.45 -18.14 52.84
CA CYS A 183 -6.18 -18.30 54.26
C CYS A 183 -5.26 -19.50 54.54
N GLY A 184 -4.54 -19.99 53.53
CA GLY A 184 -3.67 -21.13 53.70
C GLY A 184 -2.23 -20.84 53.35
N ARG A 185 -2.00 -19.83 52.52
CA ARG A 185 -0.67 -19.44 52.09
C ARG A 185 -0.51 -17.94 52.20
N MET A 186 0.72 -17.51 52.52
CA MET A 186 1.05 -16.10 52.64
C MET A 186 1.97 -15.60 51.53
N ALA A 187 2.25 -16.44 50.54
CA ALA A 187 3.13 -16.05 49.43
C ALA A 187 2.39 -15.07 48.53
N CYS A 188 2.72 -13.78 48.66
CA CYS A 188 2.09 -12.73 47.86
C CYS A 188 0.59 -12.71 48.06
N SER A 189 0.12 -13.12 49.24
CA SER A 189 -1.30 -13.15 49.54
C SER A 189 -1.52 -13.10 51.04
N PRO A 190 -1.57 -11.92 51.64
CA PRO A 190 -1.80 -11.85 53.10
C PRO A 190 -3.07 -12.57 53.50
N THR A 191 -2.95 -13.45 54.48
CA THR A 191 -4.08 -14.23 54.96
C THR A 191 -5.01 -13.34 55.76
N HIS A 192 -6.10 -12.88 55.12
CA HIS A 192 -7.11 -12.04 55.76
C HIS A 192 -6.48 -10.94 56.60
N ASP A 193 -5.34 -10.40 56.16
CA ASP A 193 -4.64 -9.35 56.88
C ASP A 193 -5.29 -8.01 56.50
N GLU A 194 -6.14 -7.50 57.38
CA GLU A 194 -6.79 -6.22 57.15
C GLU A 194 -6.00 -5.03 57.68
N HIS A 195 -5.05 -5.26 58.59
CA HIS A 195 -4.24 -4.20 59.16
C HIS A 195 -2.92 -4.02 58.42
N LEU A 196 -2.81 -4.52 57.19
CA LEU A 196 -1.59 -4.38 56.40
C LEU A 196 -1.55 -2.97 55.83
N LEU A 197 -0.89 -2.07 56.56
CA LEU A 197 -0.78 -0.66 56.18
C LEU A 197 0.70 -0.35 55.93
N HIS A 198 1.00 0.16 54.73
CA HIS A 198 2.36 0.53 54.37
C HIS A 198 2.70 1.89 54.99
N GLY A 199 2.92 1.86 56.30
CA GLY A 199 3.23 3.08 57.02
C GLY A 199 2.07 4.05 57.11
N GLY A 200 0.83 3.55 57.08
CA GLY A 200 -0.34 4.37 57.16
C GLY A 200 -1.11 4.49 55.84
N GLN A 201 -0.44 4.27 54.71
CA GLN A 201 -1.07 4.37 53.41
C GLN A 201 -1.41 2.98 52.89
N PRO A 202 -2.68 2.58 52.82
CA PRO A 202 -3.01 1.26 52.27
C PRO A 202 -2.64 1.17 50.80
N PRO A 203 -2.82 0.01 50.18
CA PRO A 203 -2.51 -0.11 48.75
C PRO A 203 -3.37 0.82 47.91
N GLU A 204 -3.07 0.84 46.61
CA GLU A 204 -3.77 1.71 45.66
C GLU A 204 -3.61 3.18 46.07
N GLY A 205 -2.37 3.64 46.06
CA GLY A 205 -2.08 5.01 46.46
C GLY A 205 -2.95 6.03 45.76
N ASP A 206 -3.24 5.81 44.48
CA ASP A 206 -4.04 6.75 43.71
C ASP A 206 -4.96 6.00 42.76
N PRO A 207 -6.29 6.16 42.88
CA PRO A 207 -7.18 5.48 41.94
C PRO A 207 -6.94 5.84 40.49
N ASP A 208 -6.30 6.98 40.22
CA ASP A 208 -6.01 7.36 38.83
C ASP A 208 -5.12 6.32 38.15
N LEU A 209 -4.28 5.63 38.93
CA LEU A 209 -3.46 4.58 38.35
C LEU A 209 -4.33 3.47 37.77
N ALA A 210 -5.46 3.18 38.41
CA ALA A 210 -6.37 2.18 37.88
C ALA A 210 -6.93 2.59 36.52
N LYS A 211 -7.32 3.86 36.39
CA LYS A 211 -7.82 4.34 35.11
C LYS A 211 -6.74 4.33 34.05
N ILE A 212 -5.51 4.70 34.43
CA ILE A 212 -4.39 4.66 33.48
C ILE A 212 -4.16 3.22 33.01
N LEU A 213 -4.19 2.26 33.93
CA LEU A 213 -4.02 0.87 33.56
C LEU A 213 -5.14 0.40 32.66
N GLU A 214 -6.38 0.83 32.93
CA GLU A 214 -7.51 0.44 32.10
C GLU A 214 -7.36 0.99 30.68
N GLU A 215 -6.92 2.25 30.56
CA GLU A 215 -6.72 2.84 29.23
C GLU A 215 -5.59 2.14 28.49
N VAL A 216 -4.50 1.81 29.19
CA VAL A 216 -3.41 1.10 28.56
C VAL A 216 -3.86 -0.29 28.12
N ARG A 217 -4.73 -0.92 28.91
CA ARG A 217 -5.27 -2.22 28.53
C ARG A 217 -6.18 -2.12 27.31
N TYR A 218 -6.94 -1.04 27.22
CA TYR A 218 -7.76 -0.82 26.02
C TYR A 218 -6.88 -0.61 24.80
N ILE A 219 -5.79 0.13 24.94
CA ILE A 219 -4.85 0.32 23.83
C ILE A 219 -4.24 -1.02 23.43
N ALA A 220 -3.86 -1.83 24.42
CA ALA A 220 -3.31 -3.16 24.12
C ALA A 220 -4.34 -4.05 23.45
N ASN A 221 -5.61 -3.91 23.82
CA ASN A 221 -6.67 -4.69 23.17
C ASN A 221 -6.87 -4.25 21.72
N ARG A 222 -6.76 -2.95 21.47
CA ARG A 222 -6.80 -2.47 20.09
C ARG A 222 -5.64 -3.03 19.27
N PHE A 223 -4.44 -3.01 19.85
CA PHE A 223 -3.28 -3.58 19.17
C PHE A 223 -3.45 -5.07 18.92
N ARG A 224 -4.04 -5.79 19.89
CA ARG A 224 -4.26 -7.21 19.73
C ARG A 224 -5.31 -7.49 18.67
N CYS A 225 -6.33 -6.64 18.55
CA CYS A 225 -7.32 -6.79 17.49
C CYS A 225 -6.68 -6.55 16.12
N GLN A 226 -5.81 -5.54 16.02
CA GLN A 226 -5.08 -5.34 14.78
C GLN A 226 -4.21 -6.54 14.43
N ASP A 227 -3.52 -7.09 15.42
CA ASP A 227 -2.68 -8.26 15.19
C ASP A 227 -3.52 -9.47 14.78
N GLU A 228 -4.71 -9.62 15.37
CA GLU A 228 -5.59 -10.72 15.00
C GLU A 228 -6.09 -10.56 13.57
N SER A 229 -6.42 -9.32 13.17
CA SER A 229 -6.81 -9.08 11.79
C SER A 229 -5.67 -9.42 10.84
N GLU A 230 -4.44 -9.01 11.18
CA GLU A 230 -3.29 -9.34 10.35
C GLU A 230 -3.08 -10.85 10.25
N ALA A 231 -3.26 -11.56 11.37
CA ALA A 231 -3.09 -13.01 11.37
C ALA A 231 -4.17 -13.69 10.54
N VAL A 232 -5.40 -13.17 10.60
CA VAL A 232 -6.47 -13.72 9.78
C VAL A 232 -6.17 -13.50 8.30
N CYS A 233 -5.65 -12.32 7.96
CA CYS A 233 -5.26 -12.06 6.58
C CYS A 233 -4.15 -13.00 6.13
N SER A 234 -3.18 -13.24 7.00
CA SER A 234 -2.09 -14.16 6.65
C SER A 234 -2.61 -15.58 6.48
N GLU A 235 -3.55 -16.00 7.34
CA GLU A 235 -4.13 -17.34 7.21
C GLU A 235 -4.93 -17.46 5.92
N TRP A 236 -5.66 -16.41 5.55
CA TRP A 236 -6.38 -16.43 4.28
C TRP A 236 -5.42 -16.50 3.10
N LYS A 237 -4.32 -15.77 3.17
CA LYS A 237 -3.30 -15.84 2.12
C LYS A 237 -2.73 -17.25 2.02
N PHE A 238 -2.47 -17.90 3.17
CA PHE A 238 -1.93 -19.25 3.17
C PHE A 238 -2.94 -20.24 2.60
N ALA A 239 -4.22 -20.07 2.93
CA ALA A 239 -5.25 -20.96 2.39
C ALA A 239 -5.46 -20.73 0.90
N ALA A 240 -5.19 -19.51 0.41
CA ALA A 240 -5.32 -19.25 -1.01
C ALA A 240 -4.14 -19.80 -1.79
N CYS A 241 -2.92 -19.68 -1.24
CA CYS A 241 -1.76 -20.25 -1.91
C CYS A 241 -1.84 -21.77 -2.00
N VAL A 242 -2.60 -22.41 -1.12
CA VAL A 242 -2.81 -23.85 -1.23
C VAL A 242 -3.49 -24.18 -2.55
N VAL A 243 -4.41 -23.33 -2.99
CA VAL A 243 -5.08 -23.56 -4.26
C VAL A 243 -4.09 -23.47 -5.41
N ASP A 244 -3.20 -22.48 -5.36
CA ASP A 244 -2.18 -22.35 -6.40
C ASP A 244 -1.25 -23.56 -6.42
N ARG A 245 -0.87 -24.04 -5.24
CA ARG A 245 0.00 -25.22 -5.17
C ARG A 245 -0.69 -26.45 -5.72
N LEU A 246 -1.98 -26.62 -5.39
CA LEU A 246 -2.73 -27.76 -5.93
C LEU A 246 -2.87 -27.67 -7.44
N CYS A 247 -3.12 -26.46 -7.96
CA CYS A 247 -3.21 -26.28 -9.40
C CYS A 247 -1.88 -26.61 -10.07
N LEU A 248 -0.77 -26.17 -9.48
CA LEU A 248 0.53 -26.50 -10.04
C LEU A 248 0.77 -28.01 -10.04
N MET A 249 0.43 -28.67 -8.94
CA MET A 249 0.62 -30.12 -8.86
C MET A 249 -0.25 -30.86 -9.86
N ALA A 250 -1.46 -30.34 -10.12
CA ALA A 250 -2.36 -31.00 -11.06
C ALA A 250 -1.96 -30.73 -12.51
N PHE A 251 -1.36 -29.57 -12.78
CA PHE A 251 -0.96 -29.23 -14.14
C PHE A 251 0.43 -29.74 -14.49
N SER A 252 1.24 -30.11 -13.50
CA SER A 252 2.56 -30.67 -13.79
C SER A 252 2.47 -31.86 -14.73
N VAL A 253 1.41 -32.66 -14.59
CA VAL A 253 1.21 -33.81 -15.46
C VAL A 253 0.42 -33.45 -16.71
N PHE A 254 -0.50 -32.49 -16.61
CA PHE A 254 -1.29 -32.08 -17.77
C PHE A 254 -0.40 -31.47 -18.85
N THR A 255 0.55 -30.62 -18.44
CA THR A 255 1.46 -30.03 -19.41
C THR A 255 2.33 -31.08 -20.08
N ILE A 256 2.79 -32.07 -19.31
CA ILE A 256 3.60 -33.14 -19.88
C ILE A 256 2.78 -33.95 -20.88
N ILE A 257 1.53 -34.24 -20.55
CA ILE A 257 0.67 -34.99 -21.46
C ILE A 257 0.44 -34.18 -22.74
N CYS A 258 0.20 -32.88 -22.59
CA CYS A 258 -0.01 -32.04 -23.77
C CYS A 258 1.23 -32.00 -24.65
N THR A 259 2.41 -31.89 -24.05
CA THR A 259 3.65 -31.88 -24.82
C THR A 259 3.86 -33.21 -25.53
N ILE A 260 3.58 -34.32 -24.84
CA ILE A 260 3.74 -35.63 -25.45
C ILE A 260 2.78 -35.78 -26.64
N GLY A 261 1.55 -35.30 -26.48
CA GLY A 261 0.60 -35.37 -27.57
C GLY A 261 0.99 -34.52 -28.75
N ILE A 262 1.51 -33.32 -28.48
CA ILE A 262 1.94 -32.43 -29.56
C ILE A 262 3.14 -33.01 -30.28
N LEU A 263 4.02 -33.71 -29.55
CA LEU A 263 5.21 -34.29 -30.17
C LEU A 263 4.86 -35.53 -30.99
N MET A 264 3.96 -36.38 -30.47
CA MET A 264 3.59 -37.59 -31.19
C MET A 264 2.77 -37.29 -32.43
N SER A 265 2.02 -36.20 -32.41
CA SER A 265 1.18 -35.81 -33.55
C SER A 265 1.88 -34.84 -34.50
N ALA A 266 3.13 -34.48 -34.21
CA ALA A 266 3.84 -33.55 -35.09
C ALA A 266 4.08 -34.13 -36.48
N PRO A 267 4.50 -35.39 -36.64
CA PRO A 267 4.70 -35.91 -38.00
C PRO A 267 3.45 -35.86 -38.87
N ASN A 268 2.26 -35.90 -38.25
CA ASN A 268 1.03 -35.87 -39.02
C ASN A 268 0.86 -34.52 -39.72
N PHE A 269 0.99 -33.42 -38.96
CA PHE A 269 0.86 -32.08 -39.50
C PHE A 269 2.21 -31.43 -39.79
N VAL A 270 3.10 -31.38 -38.80
CA VAL A 270 4.42 -30.79 -38.98
C VAL A 270 5.30 -31.74 -39.81
N LEU B 7 19.04 1.06 -46.57
CA LEU B 7 19.07 2.32 -45.84
C LEU B 7 18.14 2.27 -44.63
N TYR B 8 16.83 2.35 -44.90
CA TYR B 8 15.86 2.30 -43.81
C TYR B 8 15.87 0.96 -43.09
N TYR B 9 16.15 -0.12 -43.82
CA TYR B 9 16.16 -1.44 -43.19
C TYR B 9 17.24 -1.54 -42.12
N GLY B 10 18.41 -0.97 -42.38
CA GLY B 10 19.48 -1.01 -41.40
C GLY B 10 19.07 -0.41 -40.07
N LEU B 11 18.52 0.82 -40.11
CA LEU B 11 18.08 1.47 -38.89
C LEU B 11 16.91 0.74 -38.25
N ASN B 12 15.96 0.29 -39.07
CA ASN B 12 14.80 -0.42 -38.53
C ASN B 12 15.20 -1.71 -37.83
N LEU B 13 16.31 -2.31 -38.24
CA LEU B 13 16.78 -3.54 -37.60
C LEU B 13 17.74 -3.26 -36.44
N LEU B 14 18.44 -2.13 -36.45
CA LEU B 14 19.41 -1.82 -35.41
C LEU B 14 18.78 -1.14 -34.20
N ILE B 15 17.92 -0.13 -34.41
CA ILE B 15 17.39 0.64 -33.29
C ILE B 15 16.59 -0.24 -32.34
N PRO B 16 15.64 -1.08 -32.79
CA PRO B 16 14.86 -1.87 -31.83
C PRO B 16 15.71 -2.85 -31.04
N CYS B 17 16.64 -3.53 -31.70
CA CYS B 17 17.48 -4.51 -31.01
C CYS B 17 18.32 -3.83 -29.92
N VAL B 18 18.96 -2.71 -30.26
CA VAL B 18 19.79 -2.01 -29.27
C VAL B 18 18.93 -1.48 -28.15
N LEU B 19 17.75 -0.94 -28.47
CA LEU B 19 16.86 -0.43 -27.44
C LEU B 19 16.44 -1.54 -26.48
N ILE B 20 16.08 -2.71 -27.01
CA ILE B 20 15.68 -3.81 -26.15
C ILE B 20 16.86 -4.30 -25.31
N SER B 21 18.05 -4.37 -25.90
CA SER B 21 19.22 -4.82 -25.15
C SER B 21 19.55 -3.87 -24.03
N ALA B 22 19.35 -2.56 -24.25
CA ALA B 22 19.61 -1.59 -23.19
C ALA B 22 18.54 -1.64 -22.11
N LEU B 23 17.27 -1.76 -22.52
CA LEU B 23 16.18 -1.80 -21.55
C LEU B 23 16.26 -3.04 -20.67
N ALA B 24 16.69 -4.16 -21.25
CA ALA B 24 16.83 -5.38 -20.45
C ALA B 24 17.84 -5.17 -19.32
N LEU B 25 19.02 -4.64 -19.66
CA LEU B 25 20.04 -4.41 -18.63
C LEU B 25 19.58 -3.36 -17.63
N LEU B 26 18.87 -2.34 -18.11
CA LEU B 26 18.38 -1.30 -17.19
C LEU B 26 17.38 -1.87 -16.20
N VAL B 27 16.50 -2.76 -16.65
CA VAL B 27 15.52 -3.36 -15.77
C VAL B 27 16.19 -4.34 -14.82
N PHE B 28 17.19 -5.08 -15.30
CA PHE B 28 17.90 -6.01 -14.44
C PHE B 28 18.72 -5.29 -13.37
N LEU B 29 19.22 -4.09 -13.68
CA LEU B 29 19.97 -3.32 -12.68
C LEU B 29 19.08 -2.90 -11.52
N LEU B 30 17.79 -2.73 -11.76
CA LEU B 30 16.87 -2.33 -10.70
C LEU B 30 16.77 -3.43 -9.65
N PRO B 31 17.17 -3.17 -8.40
CA PRO B 31 17.07 -4.23 -7.38
C PRO B 31 15.63 -4.70 -7.21
N ALA B 32 15.49 -5.81 -6.49
CA ALA B 32 14.17 -6.39 -6.24
C ALA B 32 13.28 -5.36 -5.55
N ASP B 33 12.07 -5.19 -6.09
CA ASP B 33 11.12 -4.21 -5.58
C ASP B 33 9.74 -4.83 -5.61
N SER B 34 8.71 -4.00 -5.44
CA SER B 34 7.33 -4.45 -5.45
C SER B 34 6.87 -4.65 -6.90
N GLY B 35 5.57 -4.81 -7.08
CA GLY B 35 5.00 -5.03 -8.41
C GLY B 35 5.51 -4.08 -9.47
N GLU B 36 5.99 -2.90 -9.05
CA GLU B 36 6.57 -1.95 -9.99
C GLU B 36 7.58 -2.63 -10.90
N LYS B 37 8.56 -3.32 -10.30
CA LYS B 37 9.54 -4.07 -11.08
C LYS B 37 8.85 -4.95 -12.13
N ILE B 38 7.85 -5.73 -11.70
CA ILE B 38 7.16 -6.62 -12.63
C ILE B 38 6.64 -5.84 -13.83
N SER B 39 6.09 -4.65 -13.59
CA SER B 39 5.62 -3.82 -14.68
C SER B 39 6.70 -3.62 -15.73
N LEU B 40 7.90 -3.21 -15.29
CA LEU B 40 9.01 -3.08 -16.22
C LEU B 40 9.30 -4.39 -16.92
N GLY B 41 9.28 -5.50 -16.17
CA GLY B 41 9.50 -6.81 -16.76
C GLY B 41 8.53 -7.13 -17.89
N ILE B 42 7.40 -6.44 -17.96
CA ILE B 42 6.47 -6.63 -19.06
C ILE B 42 6.76 -5.66 -20.20
N THR B 43 7.20 -4.44 -19.89
CA THR B 43 7.47 -3.46 -20.93
C THR B 43 8.46 -3.99 -21.95
N VAL B 44 9.62 -4.46 -21.47
CA VAL B 44 10.65 -5.01 -22.36
C VAL B 44 10.05 -6.07 -23.28
N LEU B 45 9.03 -6.78 -22.80
CA LEU B 45 8.34 -7.76 -23.64
C LEU B 45 7.24 -7.11 -24.48
N LEU B 46 6.44 -6.22 -23.88
CA LEU B 46 5.33 -5.60 -24.59
C LEU B 46 5.80 -4.86 -25.83
N SER B 47 7.07 -4.49 -25.91
CA SER B 47 7.62 -3.83 -27.10
C SER B 47 8.16 -4.83 -28.11
N LEU B 48 8.71 -5.95 -27.65
CA LEU B 48 9.30 -6.92 -28.57
C LEU B 48 8.28 -7.38 -29.60
N THR B 49 7.06 -7.70 -29.14
CA THR B 49 6.01 -8.11 -30.07
C THR B 49 5.83 -7.09 -31.19
N VAL B 50 5.92 -5.81 -30.86
CA VAL B 50 5.79 -4.76 -31.88
C VAL B 50 6.80 -5.00 -32.99
N PHE B 51 8.06 -5.25 -32.62
CA PHE B 51 9.06 -5.57 -33.63
C PHE B 51 8.64 -6.76 -34.46
N MET B 52 8.12 -7.81 -33.83
CA MET B 52 7.68 -8.99 -34.56
C MET B 52 6.65 -8.64 -35.61
N LEU B 53 5.89 -7.55 -35.39
CA LEU B 53 4.96 -7.08 -36.41
C LEU B 53 5.68 -6.30 -37.50
N LEU B 54 6.58 -5.39 -37.10
CA LEU B 54 7.31 -4.59 -38.08
C LEU B 54 8.07 -5.49 -39.05
N VAL B 55 8.72 -6.54 -38.54
CA VAL B 55 9.42 -7.47 -39.41
C VAL B 55 8.46 -8.06 -40.44
N ALA B 56 7.24 -8.39 -40.01
CA ALA B 56 6.26 -8.96 -40.93
C ALA B 56 6.00 -8.05 -42.12
N GLU B 57 6.25 -6.75 -41.98
CA GLU B 57 6.07 -5.84 -43.11
C GLU B 57 7.28 -5.87 -44.04
N ILE B 58 8.48 -5.99 -43.49
CA ILE B 58 9.69 -5.99 -44.31
C ILE B 58 10.19 -7.39 -44.64
N MET B 59 9.80 -8.39 -43.85
CA MET B 59 10.26 -9.77 -44.07
C MET B 59 9.17 -10.72 -43.61
N PRO B 60 8.14 -10.93 -44.44
CA PRO B 60 7.07 -11.86 -44.06
C PRO B 60 7.62 -13.25 -43.77
N SER B 61 7.21 -13.81 -42.62
CA SER B 61 7.68 -15.13 -42.22
C SER B 61 7.12 -16.25 -43.08
N THR B 62 6.15 -15.95 -43.96
CA THR B 62 5.59 -16.99 -44.81
C THR B 62 6.67 -17.64 -45.68
N SER B 63 7.61 -16.84 -46.19
CA SER B 63 8.67 -17.34 -47.04
C SER B 63 10.07 -17.11 -46.45
N ASP B 64 10.17 -16.44 -45.31
CA ASP B 64 11.48 -16.15 -44.69
C ASP B 64 11.99 -17.42 -44.02
N SER B 65 12.45 -18.35 -44.84
CA SER B 65 13.01 -19.61 -44.37
C SER B 65 14.53 -19.49 -44.25
N SER B 66 14.95 -18.75 -43.23
CA SER B 66 16.37 -18.51 -42.97
C SER B 66 16.70 -18.93 -41.54
N PRO B 67 17.23 -20.14 -41.34
CA PRO B 67 17.56 -20.57 -39.96
C PRO B 67 18.71 -19.79 -39.35
N SER B 68 19.54 -19.11 -40.16
CA SER B 68 20.65 -18.35 -39.61
C SER B 68 20.13 -17.23 -38.70
N ILE B 69 19.15 -16.46 -39.18
CA ILE B 69 18.59 -15.40 -38.36
C ILE B 69 17.60 -15.93 -37.32
N ALA B 70 17.12 -17.17 -37.50
CA ALA B 70 16.22 -17.76 -36.52
C ALA B 70 16.88 -17.90 -35.16
N GLN B 71 18.18 -18.17 -35.14
CA GLN B 71 18.90 -18.27 -33.86
C GLN B 71 18.78 -16.97 -33.07
N TYR B 72 19.04 -15.84 -33.73
CA TYR B 72 18.95 -14.56 -33.05
C TYR B 72 17.50 -14.21 -32.74
N PHE B 73 16.57 -14.56 -33.62
CA PHE B 73 15.16 -14.29 -33.36
C PHE B 73 14.67 -15.04 -32.13
N ALA B 74 15.20 -16.24 -31.89
CA ALA B 74 14.84 -16.98 -30.69
C ALA B 74 15.61 -16.50 -29.47
N SER B 75 16.87 -16.09 -29.65
CA SER B 75 17.63 -15.56 -28.53
C SER B 75 16.99 -14.29 -27.98
N THR B 76 16.52 -13.42 -28.86
CA THR B 76 15.85 -12.20 -28.41
C THR B 76 14.57 -12.52 -27.66
N MET B 77 13.79 -13.47 -28.18
CA MET B 77 12.57 -13.88 -27.49
C MET B 77 12.88 -14.43 -26.10
N ILE B 78 13.92 -15.27 -26.00
CA ILE B 78 14.30 -15.82 -24.70
C ILE B 78 14.76 -14.72 -23.76
N ILE B 79 15.50 -13.74 -24.29
CA ILE B 79 16.00 -12.65 -23.44
C ILE B 79 14.84 -11.82 -22.91
N VAL B 80 13.84 -11.54 -23.75
CA VAL B 80 12.72 -10.71 -23.30
C VAL B 80 11.80 -11.52 -22.38
N GLY B 81 11.77 -12.85 -22.54
CA GLY B 81 10.96 -13.67 -21.66
C GLY B 81 11.60 -13.94 -20.32
N LEU B 82 12.93 -13.91 -20.26
CA LEU B 82 13.62 -14.16 -18.99
C LEU B 82 13.25 -13.15 -17.92
N SER B 83 12.66 -12.00 -18.30
CA SER B 83 12.24 -11.03 -17.30
C SER B 83 11.16 -11.60 -16.40
N VAL B 84 10.21 -12.34 -16.97
CA VAL B 84 9.13 -12.92 -16.18
C VAL B 84 9.68 -13.99 -15.24
N VAL B 85 10.71 -14.71 -15.65
CA VAL B 85 11.31 -15.73 -14.78
C VAL B 85 12.10 -15.06 -13.66
N VAL B 86 12.82 -13.98 -13.98
CA VAL B 86 13.57 -13.25 -12.97
C VAL B 86 12.62 -12.66 -11.93
N THR B 87 11.50 -12.09 -12.38
CA THR B 87 10.54 -11.54 -11.44
C THR B 87 9.92 -12.63 -10.59
N VAL B 88 9.63 -13.79 -11.17
CA VAL B 88 9.06 -14.90 -10.40
C VAL B 88 10.03 -15.35 -9.33
N ILE B 89 11.32 -15.48 -9.70
CA ILE B 89 12.32 -15.90 -8.72
C ILE B 89 12.48 -14.85 -7.63
N VAL B 90 12.41 -13.57 -8.00
CA VAL B 90 12.51 -12.49 -7.01
C VAL B 90 11.36 -12.60 -6.02
N LEU B 91 10.14 -12.78 -6.53
CA LEU B 91 8.99 -12.91 -5.65
C LEU B 91 9.11 -14.14 -4.76
N GLN B 92 9.60 -15.24 -5.30
CA GLN B 92 9.77 -16.46 -4.52
C GLN B 92 10.76 -16.24 -3.38
N TYR B 93 11.89 -15.62 -3.68
CA TYR B 93 12.91 -15.37 -2.66
C TYR B 93 12.51 -14.24 -1.71
N HIS B 94 11.52 -13.43 -2.08
CA HIS B 94 11.06 -12.36 -1.20
C HIS B 94 9.90 -12.78 -0.30
N HIS B 95 9.14 -13.80 -0.70
CA HIS B 95 8.01 -14.26 0.09
C HIS B 95 8.40 -15.37 1.06
N HIS B 96 9.07 -16.41 0.56
CA HIS B 96 9.48 -17.55 1.38
C HIS B 96 8.29 -18.16 2.10
N ASP B 97 7.37 -18.70 1.31
CA ASP B 97 6.18 -19.32 1.87
C ASP B 97 6.59 -20.45 2.82
N PRO B 98 5.88 -20.64 3.93
CA PRO B 98 6.25 -21.72 4.85
C PRO B 98 6.30 -23.09 4.19
N ASP B 99 5.42 -23.36 3.22
CA ASP B 99 5.42 -24.66 2.56
C ASP B 99 6.54 -24.78 1.55
N GLY B 100 6.81 -23.72 0.80
CA GLY B 100 7.86 -23.70 -0.21
C GLY B 100 9.07 -22.93 0.25
N GLY B 101 9.65 -22.16 -0.68
CA GLY B 101 10.82 -21.37 -0.37
C GLY B 101 12.07 -22.23 -0.25
N LYS B 102 13.14 -21.57 0.21
CA LYS B 102 14.43 -22.21 0.41
C LYS B 102 14.79 -22.21 1.89
N MET B 103 15.74 -23.06 2.24
CA MET B 103 16.19 -23.18 3.62
C MET B 103 16.83 -21.86 4.07
N PRO B 104 16.26 -21.14 5.03
CA PRO B 104 16.88 -19.87 5.45
C PRO B 104 18.29 -20.05 6.01
N LYS B 105 18.50 -21.08 6.84
CA LYS B 105 19.81 -21.25 7.45
C LYS B 105 20.89 -21.53 6.41
N TRP B 106 20.57 -22.38 5.42
CA TRP B 106 21.57 -22.71 4.41
C TRP B 106 21.98 -21.48 3.60
N THR B 107 21.02 -20.66 3.19
CA THR B 107 21.31 -19.48 2.38
C THR B 107 21.79 -18.29 3.20
N ARG B 108 21.67 -18.35 4.53
CA ARG B 108 22.09 -17.21 5.35
C ARG B 108 23.58 -16.96 5.21
N VAL B 109 24.39 -18.02 5.26
CA VAL B 109 25.84 -17.85 5.16
C VAL B 109 26.21 -17.32 3.79
N ILE B 110 25.58 -17.86 2.74
CA ILE B 110 25.88 -17.40 1.39
C ILE B 110 25.53 -15.93 1.22
N LEU B 111 24.38 -15.52 1.76
CA LEU B 111 23.97 -14.11 1.67
C LEU B 111 24.93 -13.21 2.44
N LEU B 112 25.32 -13.64 3.64
CA LEU B 112 26.24 -12.83 4.44
C LEU B 112 27.59 -12.70 3.75
N ASN B 113 28.05 -13.76 3.08
CA ASN B 113 29.32 -13.69 2.37
C ASN B 113 29.21 -12.80 1.14
N TRP B 114 28.13 -12.92 0.38
CA TRP B 114 27.98 -12.14 -0.84
C TRP B 114 27.76 -10.66 -0.54
N CYS B 115 27.11 -10.35 0.58
CA CYS B 115 26.95 -8.95 0.96
C CYS B 115 28.30 -8.27 1.17
N ALA B 116 29.25 -8.98 1.77
CA ALA B 116 30.58 -8.42 1.96
C ALA B 116 31.37 -8.44 0.65
N TRP B 117 31.18 -9.48 -0.16
CA TRP B 117 31.88 -9.56 -1.44
C TRP B 117 31.46 -8.44 -2.38
N PHE B 118 30.21 -7.97 -2.28
CA PHE B 118 29.76 -6.86 -3.11
C PHE B 118 30.31 -5.53 -2.62
N LEU B 119 30.36 -5.34 -1.29
CA LEU B 119 30.90 -4.11 -0.73
C LEU B 119 32.43 -4.14 -0.73
N ARG B 120 33.02 -5.12 -0.05
CA ARG B 120 34.46 -5.29 0.02
C ARG B 120 34.80 -6.58 -0.71
N MET B 121 35.05 -6.47 -2.02
CA MET B 121 35.35 -7.65 -2.83
C MET B 121 36.61 -8.35 -2.33
N LYS B 122 36.60 -9.67 -2.40
CA LYS B 122 37.74 -10.48 -1.96
C LYS B 122 38.81 -10.43 -3.05
N ARG B 123 39.54 -9.32 -3.07
CA ARG B 123 40.60 -9.07 -4.02
C ARG B 123 41.81 -8.54 -3.29
N PRO B 124 43.00 -8.59 -3.92
CA PRO B 124 44.20 -8.08 -3.23
C PRO B 124 44.09 -6.61 -2.85
N GLY B 125 43.42 -5.79 -3.67
CA GLY B 125 43.32 -4.38 -3.37
C GLY B 125 42.66 -4.10 -2.03
N GLU B 126 41.72 -4.97 -1.62
CA GLU B 126 41.02 -4.80 -0.37
C GLU B 126 41.61 -5.63 0.77
N ASP B 127 42.36 -6.69 0.45
CA ASP B 127 42.94 -7.55 1.48
C ASP B 127 44.30 -7.03 1.95
N LYS B 128 45.14 -6.54 1.04
CA LYS B 128 46.47 -6.08 1.43
C LYS B 128 46.44 -4.65 1.94
N VAL B 129 45.49 -3.83 1.49
CA VAL B 129 45.39 -2.43 1.91
C VAL B 129 44.55 -2.41 3.18
N ARG B 130 45.21 -2.64 4.30
CA ARG B 130 44.57 -2.63 5.61
C ARG B 130 45.64 -2.78 6.67
N PRO B 131 45.34 -2.41 7.92
CA PRO B 131 46.33 -2.56 8.99
C PRO B 131 46.73 -4.01 9.18
N ALA B 132 47.99 -4.22 9.58
CA ALA B 132 48.52 -5.55 9.80
C ALA B 132 49.58 -5.48 10.90
N CYS B 133 49.63 -6.53 11.72
CA CYS B 133 50.59 -6.59 12.80
C CYS B 133 50.61 -8.02 13.35
N GLN B 134 51.78 -8.43 13.83
CA GLN B 134 51.95 -9.76 14.40
C GLN B 134 51.38 -9.89 15.81
N HIS B 135 51.00 -8.78 16.43
CA HIS B 135 50.44 -8.83 17.78
C HIS B 135 49.17 -9.67 17.81
N LYS B 136 48.74 -10.00 19.03
CA LYS B 136 47.53 -10.81 19.21
C LYS B 136 46.27 -10.10 18.75
N GLN B 137 46.34 -8.79 18.45
CA GLN B 137 45.16 -8.08 18.00
C GLN B 137 44.58 -8.69 16.73
N ARG B 138 45.41 -9.29 15.89
CA ARG B 138 44.98 -9.91 14.65
C ARG B 138 45.01 -11.42 14.72
N ARG B 139 45.23 -12.00 15.90
CA ARG B 139 45.27 -13.44 16.08
C ARG B 139 43.90 -13.97 16.51
N CYS B 140 43.78 -15.29 16.52
CA CYS B 140 42.54 -15.95 16.90
C CYS B 140 42.72 -16.66 18.24
N SER B 141 41.61 -16.85 18.95
CA SER B 141 41.62 -17.51 20.24
C SER B 141 40.33 -18.32 20.39
N LEU B 142 40.16 -18.92 21.56
CA LEU B 142 38.97 -19.72 21.82
C LEU B 142 37.70 -18.88 21.73
N ALA B 143 37.80 -17.58 22.04
CA ALA B 143 36.63 -16.71 21.98
C ALA B 143 36.13 -16.51 20.55
N SER B 144 37.00 -16.71 19.55
CA SER B 144 36.62 -16.54 18.15
C SER B 144 36.13 -17.83 17.50
N VAL B 145 36.38 -18.98 18.12
CA VAL B 145 35.95 -20.25 17.56
C VAL B 145 34.43 -20.33 17.67
N GLU B 146 33.75 -20.32 16.53
CA GLU B 146 32.29 -20.39 16.47
C GLU B 146 31.79 -21.68 15.84
N MET B 147 32.66 -22.67 15.65
CA MET B 147 32.26 -23.93 15.05
C MET B 147 31.52 -24.86 16.02
N SER B 148 31.37 -24.44 17.28
CA SER B 148 30.69 -25.25 18.28
C SER B 148 29.35 -24.66 18.69
N ALA B 149 28.78 -23.78 17.87
CA ALA B 149 27.49 -23.15 18.15
C ALA B 149 27.52 -22.42 19.50
N VAL B 150 28.40 -21.42 19.57
CA VAL B 150 28.56 -20.60 20.77
C VAL B 150 28.13 -19.18 20.44
N ALA B 151 28.09 -18.35 21.47
CA ALA B 151 27.70 -16.96 21.30
C ALA B 151 28.73 -16.23 20.43
N PRO B 152 28.31 -15.45 19.44
CA PRO B 152 29.28 -14.72 18.61
C PRO B 152 30.13 -13.79 19.46
N PRO B 153 31.24 -13.29 18.93
CA PRO B 153 32.08 -12.37 19.70
C PRO B 153 31.31 -11.13 20.09
N PRO B 154 31.34 -10.75 21.38
CA PRO B 154 30.64 -9.52 21.79
C PRO B 154 31.15 -8.31 21.02
N ALA B 155 30.26 -7.71 20.24
CA ALA B 155 30.61 -6.55 19.44
C ALA B 155 29.36 -5.72 19.18
N SER B 156 29.56 -4.41 19.05
CA SER B 156 28.46 -3.49 18.81
C SER B 156 27.96 -3.51 17.37
N ASN B 157 28.55 -4.35 16.51
CA ASN B 157 28.13 -4.43 15.11
C ASN B 157 26.94 -5.35 14.90
N GLY B 158 26.23 -5.72 15.97
CA GLY B 158 25.08 -6.59 15.87
C GLY B 158 25.25 -7.91 16.60
N ASN B 159 26.19 -7.94 17.56
CA ASN B 159 26.46 -9.14 18.35
C ASN B 159 26.14 -8.93 19.82
N LEU B 160 26.66 -7.86 20.43
CA LEU B 160 26.38 -7.62 21.85
C LEU B 160 24.90 -7.34 22.06
N LEU B 161 24.34 -6.39 21.31
CA LEU B 161 22.92 -6.09 21.43
C LEU B 161 22.07 -7.30 21.06
N TYR B 162 22.52 -8.08 20.09
CA TYR B 162 21.80 -9.29 19.71
C TYR B 162 21.71 -10.26 20.87
N ILE B 163 22.85 -10.59 21.48
CA ILE B 163 22.86 -11.53 22.60
C ILE B 163 22.09 -10.96 23.78
N GLY B 164 22.11 -9.65 23.96
CA GLY B 164 21.37 -9.05 25.07
C GLY B 164 19.88 -9.15 24.88
N PHE B 165 19.38 -8.72 23.72
CA PHE B 165 17.95 -8.73 23.46
C PHE B 165 17.40 -10.15 23.39
N ARG B 166 18.09 -11.04 22.68
CA ARG B 166 17.65 -12.41 22.49
C ARG B 166 18.38 -13.37 23.41
N GLY B 167 18.70 -12.94 24.63
CA GLY B 167 19.39 -13.82 25.56
C GLY B 167 18.62 -15.10 25.83
N LEU B 168 17.31 -15.00 26.00
CA LEU B 168 16.45 -16.15 26.22
C LEU B 168 16.91 -16.94 27.45
N ASP B 169 16.83 -16.28 28.61
CA ASP B 169 17.21 -16.85 29.90
C ASP B 169 18.71 -17.09 30.00
N GLY B 170 19.51 -16.41 29.18
CA GLY B 170 20.96 -16.56 29.23
C GLY B 170 21.61 -15.62 30.21
N VAL B 171 22.63 -14.88 29.75
CA VAL B 171 23.33 -13.95 30.62
C VAL B 171 22.54 -12.66 30.81
N HIS B 172 21.64 -12.32 29.90
CA HIS B 172 20.88 -11.09 30.04
C HIS B 172 19.85 -11.18 31.16
N CYS B 173 19.31 -12.37 31.41
CA CYS B 173 18.31 -12.53 32.45
C CYS B 173 18.93 -12.72 33.83
N VAL B 174 20.23 -13.02 33.90
CA VAL B 174 20.91 -13.18 35.19
C VAL B 174 22.30 -12.57 35.08
N PRO B 175 22.43 -11.25 34.89
CA PRO B 175 23.74 -10.60 34.79
C PRO B 175 24.38 -10.32 36.15
N THR B 176 24.49 -11.36 36.97
CA THR B 176 25.04 -11.24 38.32
C THR B 176 25.93 -12.46 38.60
N PRO B 177 27.19 -12.39 38.17
CA PRO B 177 28.11 -13.51 38.45
C PRO B 177 28.26 -13.74 39.94
N ASP B 178 28.96 -14.82 40.27
CA ASP B 178 29.16 -15.21 41.67
C ASP B 178 30.21 -14.31 42.32
N SER B 179 29.76 -13.20 42.91
CA SER B 179 30.65 -12.27 43.59
C SER B 179 30.15 -11.83 44.96
N GLY B 180 28.87 -11.96 45.26
CA GLY B 180 28.34 -11.55 46.54
C GLY B 180 27.79 -10.15 46.57
N VAL B 181 27.30 -9.64 45.44
CA VAL B 181 26.76 -8.28 45.41
C VAL B 181 25.58 -8.15 46.36
N VAL B 182 24.86 -9.26 46.60
CA VAL B 182 23.73 -9.22 47.52
C VAL B 182 24.20 -8.86 48.94
N CYS B 183 25.43 -9.23 49.29
CA CYS B 183 25.96 -8.94 50.62
C CYS B 183 27.41 -8.47 50.57
N GLY B 184 27.89 -8.01 49.41
CA GLY B 184 29.25 -7.55 49.29
C GLY B 184 29.36 -6.10 48.83
N ARG B 185 28.33 -5.60 48.16
CA ARG B 185 28.30 -4.25 47.66
C ARG B 185 26.97 -3.59 48.00
N MET B 186 27.02 -2.28 48.24
CA MET B 186 25.84 -1.51 48.58
C MET B 186 25.45 -0.53 47.47
N ALA B 187 26.11 -0.59 46.32
CA ALA B 187 25.81 0.30 45.21
C ALA B 187 24.47 -0.12 44.58
N CYS B 188 23.41 0.63 44.88
CA CYS B 188 22.08 0.34 44.36
C CYS B 188 21.63 -1.07 44.73
N SER B 189 22.10 -1.58 45.86
CA SER B 189 21.75 -2.92 46.31
C SER B 189 21.95 -3.02 47.83
N PRO B 190 20.95 -2.65 48.63
CA PRO B 190 21.09 -2.76 50.08
C PRO B 190 21.45 -4.18 50.50
N THR B 191 22.51 -4.30 51.30
CA THR B 191 22.99 -5.60 51.76
C THR B 191 22.04 -6.13 52.81
N HIS B 192 21.15 -7.04 52.40
CA HIS B 192 20.19 -7.69 53.29
C HIS B 192 19.53 -6.70 54.23
N ASP B 193 19.29 -5.47 53.75
CA ASP B 193 18.66 -4.43 54.56
C ASP B 193 17.15 -4.60 54.48
N GLU B 194 16.56 -5.19 55.52
CA GLU B 194 15.12 -5.39 55.57
C GLU B 194 14.38 -4.21 56.20
N HIS B 195 15.07 -3.36 56.95
CA HIS B 195 14.45 -2.21 57.60
C HIS B 195 14.56 -0.93 56.76
N LEU B 196 14.81 -1.06 55.46
CA LEU B 196 14.90 0.09 54.57
C LEU B 196 13.49 0.56 54.25
N LEU B 197 13.00 1.51 55.04
CA LEU B 197 11.66 2.07 54.90
C LEU B 197 11.77 3.54 54.54
N HIS B 198 11.17 3.93 53.43
CA HIS B 198 11.18 5.32 52.98
C HIS B 198 10.14 6.12 53.78
N GLY B 199 10.49 6.40 55.04
CA GLY B 199 9.60 7.12 55.92
C GLY B 199 8.36 6.36 56.30
N GLY B 200 8.44 5.02 56.33
CA GLY B 200 7.31 4.17 56.68
C GLY B 200 6.70 3.44 55.50
N GLN B 201 6.90 3.93 54.28
CA GLN B 201 6.34 3.30 53.10
C GLN B 201 7.42 2.50 52.40
N PRO B 202 7.37 1.17 52.40
CA PRO B 202 8.38 0.39 51.68
C PRO B 202 8.28 0.62 50.19
N PRO B 203 9.18 0.02 49.40
CA PRO B 203 9.12 0.20 47.95
C PRO B 203 7.81 -0.34 47.38
N GLU B 204 7.62 -0.13 46.08
CA GLU B 204 6.41 -0.54 45.38
C GLU B 204 5.18 0.10 46.02
N GLY B 205 5.14 1.44 45.94
CA GLY B 205 4.04 2.18 46.54
C GLY B 205 2.67 1.66 46.14
N ASP B 206 2.53 1.25 44.88
CA ASP B 206 1.25 0.76 44.38
C ASP B 206 1.47 -0.40 43.43
N PRO B 207 0.92 -1.59 43.73
CA PRO B 207 1.07 -2.72 42.79
C PRO B 207 0.52 -2.43 41.41
N ASP B 208 -0.39 -1.46 41.27
CA ASP B 208 -0.92 -1.14 39.95
C ASP B 208 0.18 -0.68 39.00
N LEU B 209 1.25 -0.08 39.53
CA LEU B 209 2.37 0.31 38.70
C LEU B 209 3.02 -0.91 38.05
N ALA B 210 3.06 -2.04 38.75
CA ALA B 210 3.61 -3.26 38.16
C ALA B 210 2.77 -3.72 36.98
N LYS B 211 1.44 -3.67 37.11
CA LYS B 211 0.58 -4.07 36.00
C LYS B 211 0.71 -3.09 34.83
N ILE B 212 0.85 -1.80 35.12
CA ILE B 212 1.03 -0.81 34.06
C ILE B 212 2.34 -1.09 33.33
N LEU B 213 3.40 -1.38 34.06
CA LEU B 213 4.68 -1.70 33.44
C LEU B 213 4.59 -2.96 32.60
N GLU B 214 3.85 -3.96 33.10
CA GLU B 214 3.69 -5.20 32.34
C GLU B 214 2.94 -4.96 31.03
N GLU B 215 1.89 -4.13 31.08
CA GLU B 215 1.14 -3.83 29.86
C GLU B 215 1.99 -3.03 28.88
N VAL B 216 2.77 -2.07 29.39
CA VAL B 216 3.66 -1.30 28.52
C VAL B 216 4.71 -2.21 27.90
N ARG B 217 5.18 -3.20 28.67
CA ARG B 217 6.16 -4.15 28.13
C ARG B 217 5.53 -5.04 27.07
N TYR B 218 4.26 -5.41 27.24
CA TYR B 218 3.56 -6.17 26.21
C TYR B 218 3.40 -5.35 24.94
N ILE B 219 3.08 -4.05 25.09
CA ILE B 219 2.98 -3.18 23.92
C ILE B 219 4.33 -3.06 23.23
N ALA B 220 5.41 -2.92 24.01
CA ALA B 220 6.74 -2.86 23.43
C ALA B 220 7.11 -4.16 22.74
N ASN B 221 6.66 -5.30 23.28
CA ASN B 221 6.92 -6.58 22.62
C ASN B 221 6.16 -6.69 21.31
N ARG B 222 4.93 -6.17 21.26
CA ARG B 222 4.20 -6.14 20.01
C ARG B 222 4.92 -5.27 18.98
N PHE B 223 5.40 -4.10 19.42
CA PHE B 223 6.14 -3.23 18.51
C PHE B 223 7.42 -3.90 18.04
N ARG B 224 8.10 -4.63 18.92
CA ARG B 224 9.32 -5.32 18.55
C ARG B 224 9.04 -6.46 17.58
N CYS B 225 7.91 -7.14 17.73
CA CYS B 225 7.52 -8.18 16.78
C CYS B 225 7.23 -7.57 15.41
N GLN B 226 6.55 -6.43 15.38
CA GLN B 226 6.32 -5.74 14.12
C GLN B 226 7.65 -5.34 13.47
N ASP B 227 8.57 -4.81 14.27
CA ASP B 227 9.88 -4.42 13.74
C ASP B 227 10.65 -5.63 13.22
N GLU B 228 10.53 -6.76 13.91
CA GLU B 228 11.20 -7.98 13.46
C GLU B 228 10.61 -8.48 12.15
N SER B 229 9.28 -8.41 12.01
CA SER B 229 8.67 -8.77 10.75
C SER B 229 9.14 -7.85 9.62
N GLU B 230 9.22 -6.55 9.90
CA GLU B 230 9.71 -5.61 8.88
C GLU B 230 11.16 -5.91 8.52
N ALA B 231 11.98 -6.26 9.50
CA ALA B 231 13.39 -6.58 9.23
C ALA B 231 13.52 -7.87 8.43
N VAL B 232 12.66 -8.85 8.71
CA VAL B 232 12.66 -10.09 7.94
C VAL B 232 12.26 -9.81 6.50
N CYS B 233 11.26 -8.94 6.31
CA CYS B 233 10.85 -8.57 4.96
C CYS B 233 11.99 -7.86 4.23
N SER B 234 12.70 -6.96 4.92
CA SER B 234 13.82 -6.27 4.30
C SER B 234 14.94 -7.24 3.94
N GLU B 235 15.22 -8.21 4.82
CA GLU B 235 16.25 -9.20 4.53
C GLU B 235 15.85 -10.07 3.34
N TRP B 236 14.57 -10.42 3.23
CA TRP B 236 14.10 -11.18 2.08
C TRP B 236 14.23 -10.36 0.81
N LYS B 237 13.90 -9.07 0.87
CA LYS B 237 14.09 -8.20 -0.30
C LYS B 237 15.56 -8.14 -0.70
N PHE B 238 16.45 -8.04 0.28
CA PHE B 238 17.88 -7.98 -0.01
C PHE B 238 18.38 -9.29 -0.62
N ALA B 239 17.88 -10.43 -0.12
CA ALA B 239 18.27 -11.71 -0.68
C ALA B 239 17.71 -11.91 -2.07
N ALA B 240 16.56 -11.29 -2.37
CA ALA B 240 15.97 -11.40 -3.70
C ALA B 240 16.70 -10.52 -4.70
N CYS B 241 17.09 -9.30 -4.28
CA CYS B 241 17.84 -8.42 -5.17
C CYS B 241 19.21 -8.99 -5.52
N VAL B 242 19.74 -9.89 -4.68
CA VAL B 242 21.00 -10.56 -5.01
C VAL B 242 20.83 -11.38 -6.27
N VAL B 243 19.66 -12.00 -6.45
CA VAL B 243 19.40 -12.78 -7.66
C VAL B 243 19.40 -11.87 -8.88
N ASP B 244 18.78 -10.69 -8.77
CA ASP B 244 18.76 -9.76 -9.89
C ASP B 244 20.17 -9.29 -10.21
N ARG B 245 20.98 -9.01 -9.19
CA ARG B 245 22.36 -8.58 -9.42
C ARG B 245 23.17 -9.68 -10.10
N LEU B 246 22.99 -10.92 -9.66
CA LEU B 246 23.70 -12.03 -10.28
C LEU B 246 23.27 -12.21 -11.73
N CYS B 247 21.97 -12.07 -12.00
CA CYS B 247 21.48 -12.18 -13.38
C CYS B 247 22.06 -11.08 -14.25
N LEU B 248 22.13 -9.85 -13.72
CA LEU B 248 22.73 -8.76 -14.47
C LEU B 248 24.21 -9.05 -14.76
N MET B 249 24.94 -9.53 -13.76
CA MET B 249 26.36 -9.81 -13.95
C MET B 249 26.57 -10.93 -14.95
N ALA B 250 25.66 -11.91 -14.99
CA ALA B 250 25.80 -13.02 -15.92
C ALA B 250 25.37 -12.65 -17.33
N PHE B 251 24.43 -11.71 -17.47
CA PHE B 251 23.97 -11.28 -18.79
C PHE B 251 24.81 -10.16 -19.38
N SER B 252 25.61 -9.48 -18.57
CA SER B 252 26.48 -8.43 -19.10
C SER B 252 27.37 -8.97 -20.21
N VAL B 253 27.80 -10.23 -20.09
CA VAL B 253 28.64 -10.83 -21.12
C VAL B 253 27.80 -11.53 -22.18
N PHE B 254 26.64 -12.08 -21.82
CA PHE B 254 25.79 -12.74 -22.79
C PHE B 254 25.28 -11.76 -23.84
N THR B 255 24.87 -10.56 -23.41
CA THR B 255 24.41 -9.56 -24.35
C THR B 255 25.53 -9.12 -25.29
N ILE B 256 26.74 -8.99 -24.76
CA ILE B 256 27.87 -8.60 -25.60
C ILE B 256 28.16 -9.68 -26.62
N ILE B 257 28.12 -10.95 -26.20
CA ILE B 257 28.35 -12.06 -27.13
C ILE B 257 27.28 -12.07 -28.21
N CYS B 258 26.02 -11.86 -27.82
CA CYS B 258 24.94 -11.85 -28.80
C CYS B 258 25.11 -10.71 -29.79
N THR B 259 25.50 -9.53 -29.32
CA THR B 259 25.72 -8.40 -30.22
C THR B 259 26.87 -8.68 -31.17
N ILE B 260 27.96 -9.26 -30.66
CA ILE B 260 29.11 -9.58 -31.50
C ILE B 260 28.71 -10.59 -32.57
N GLY B 261 27.91 -11.59 -32.19
CA GLY B 261 27.47 -12.58 -33.17
C GLY B 261 26.55 -11.99 -34.21
N ILE B 262 25.65 -11.09 -33.80
CA ILE B 262 24.74 -10.45 -34.75
C ILE B 262 25.51 -9.53 -35.70
N LEU B 263 26.59 -8.90 -35.21
CA LEU B 263 27.37 -8.02 -36.05
C LEU B 263 28.25 -8.80 -37.02
N MET B 264 28.86 -9.88 -36.56
CA MET B 264 29.73 -10.67 -37.43
C MET B 264 28.94 -11.42 -38.50
N SER B 265 27.69 -11.77 -38.21
CA SER B 265 26.85 -12.49 -39.16
C SER B 265 25.97 -11.56 -39.99
N ALA B 266 26.08 -10.25 -39.79
CA ALA B 266 25.27 -9.32 -40.58
C ALA B 266 25.60 -9.36 -42.06
N PRO B 267 26.87 -9.39 -42.50
CA PRO B 267 27.14 -9.44 -43.94
C PRO B 267 26.53 -10.66 -44.62
N ASN B 268 26.33 -11.76 -43.89
CA ASN B 268 25.74 -12.95 -44.51
C ASN B 268 24.31 -12.70 -44.92
N PHE B 269 23.48 -12.18 -44.01
CA PHE B 269 22.08 -11.88 -44.29
C PHE B 269 21.85 -10.41 -44.62
N VAL B 270 22.28 -9.51 -43.75
CA VAL B 270 22.11 -8.08 -43.98
C VAL B 270 23.09 -7.61 -45.03
N LEU C 7 -4.39 15.76 -47.59
CA LEU C 7 -5.40 16.27 -46.66
C LEU C 7 -5.40 15.44 -45.39
N TYR C 8 -5.93 14.22 -45.47
CA TYR C 8 -5.98 13.35 -44.31
C TYR C 8 -4.59 12.95 -43.83
N TYR C 9 -3.64 12.82 -44.76
CA TYR C 9 -2.29 12.42 -44.37
C TYR C 9 -1.64 13.47 -43.47
N GLY C 10 -1.85 14.75 -43.77
CA GLY C 10 -1.28 15.79 -42.93
C GLY C 10 -1.71 15.68 -41.48
N LEU C 11 -3.01 15.56 -41.25
CA LEU C 11 -3.52 15.44 -39.88
C LEU C 11 -3.08 14.12 -39.26
N ASN C 12 -3.13 13.03 -40.03
CA ASN C 12 -2.73 11.73 -39.48
C ASN C 12 -1.27 11.72 -39.07
N LEU C 13 -0.44 12.55 -39.70
CA LEU C 13 0.97 12.63 -39.34
C LEU C 13 1.25 13.67 -38.26
N LEU C 14 0.42 14.71 -38.17
CA LEU C 14 0.65 15.78 -37.21
C LEU C 14 0.07 15.48 -35.84
N ILE C 15 -1.17 15.00 -35.77
CA ILE C 15 -1.83 14.80 -34.49
C ILE C 15 -1.08 13.81 -33.61
N PRO C 16 -0.69 12.62 -34.09
CA PRO C 16 -0.01 11.68 -33.19
C PRO C 16 1.33 12.19 -32.69
N CYS C 17 2.12 12.83 -33.56
CA CYS C 17 3.43 13.34 -33.14
C CYS C 17 3.28 14.40 -32.06
N VAL C 18 2.37 15.36 -32.27
CA VAL C 18 2.17 16.42 -31.29
C VAL C 18 1.63 15.84 -29.98
N LEU C 19 0.70 14.89 -30.09
CA LEU C 19 0.16 14.27 -28.88
C LEU C 19 1.25 13.57 -28.08
N ILE C 20 2.12 12.82 -28.76
CA ILE C 20 3.20 12.12 -28.07
C ILE C 20 4.18 13.13 -27.46
N SER C 21 4.50 14.20 -28.19
CA SER C 21 5.43 15.18 -27.67
C SER C 21 4.87 15.87 -26.44
N ALA C 22 3.55 16.11 -26.41
CA ALA C 22 2.93 16.73 -25.24
C ALA C 22 2.86 15.75 -24.08
N LEU C 23 2.50 14.50 -24.35
CA LEU C 23 2.39 13.50 -23.27
C LEU C 23 3.75 13.22 -22.64
N ALA C 24 4.82 13.23 -23.44
CA ALA C 24 6.16 13.02 -22.89
C ALA C 24 6.49 14.09 -21.87
N LEU C 25 6.30 15.36 -22.24
CA LEU C 25 6.60 16.46 -21.32
C LEU C 25 5.68 16.41 -20.11
N LEU C 26 4.42 16.05 -20.30
CA LEU C 26 3.49 15.98 -19.18
C LEU C 26 3.90 14.90 -18.18
N VAL C 27 4.37 13.76 -18.69
CA VAL C 27 4.80 12.68 -17.80
C VAL C 27 6.11 13.04 -17.13
N PHE C 28 7.00 13.73 -17.84
CA PHE C 28 8.27 14.14 -17.24
C PHE C 28 8.06 15.20 -16.16
N LEU C 29 7.03 16.05 -16.32
CA LEU C 29 6.75 17.05 -15.30
C LEU C 29 6.32 16.42 -13.99
N LEU C 30 5.71 15.24 -14.04
CA LEU C 30 5.26 14.57 -12.83
C LEU C 30 6.47 14.17 -11.99
N PRO C 31 6.61 14.69 -10.76
CA PRO C 31 7.76 14.31 -9.94
C PRO C 31 7.80 12.81 -9.69
N ALA C 32 8.93 12.36 -9.13
CA ALA C 32 9.09 10.95 -8.82
C ALA C 32 7.99 10.48 -7.88
N ASP C 33 7.35 9.37 -8.25
CA ASP C 33 6.25 8.82 -7.48
C ASP C 33 6.39 7.30 -7.44
N SER C 34 5.32 6.63 -7.03
CA SER C 34 5.30 5.17 -6.94
C SER C 34 5.08 4.60 -8.34
N GLY C 35 4.77 3.30 -8.41
CA GLY C 35 4.54 2.63 -9.67
C GLY C 35 3.60 3.36 -10.60
N GLU C 36 2.74 4.21 -10.04
CA GLU C 36 1.86 5.03 -10.87
C GLU C 36 2.63 5.70 -12.00
N LYS C 37 3.69 6.43 -11.64
CA LYS C 37 4.54 7.06 -12.65
C LYS C 37 4.92 6.07 -13.75
N ILE C 38 5.44 4.90 -13.34
CA ILE C 38 5.85 3.90 -14.32
C ILE C 38 4.73 3.60 -15.30
N SER C 39 3.49 3.50 -14.80
CA SER C 39 2.36 3.26 -15.68
C SER C 39 2.32 4.28 -16.79
N LEU C 40 2.37 5.57 -16.45
CA LEU C 40 2.41 6.61 -17.46
C LEU C 40 3.61 6.41 -18.40
N GLY C 41 4.76 6.06 -17.84
CA GLY C 41 5.94 5.81 -18.65
C GLY C 41 5.71 4.75 -19.72
N ILE C 42 4.72 3.89 -19.54
CA ILE C 42 4.38 2.89 -20.55
C ILE C 42 3.34 3.44 -21.52
N THR C 43 2.41 4.27 -21.04
CA THR C 43 1.36 4.80 -21.90
C THR C 43 1.96 5.53 -23.10
N VAL C 44 2.86 6.47 -22.86
CA VAL C 44 3.49 7.21 -23.94
C VAL C 44 4.10 6.27 -24.96
N LEU C 45 4.55 5.08 -24.52
CA LEU C 45 5.06 4.08 -25.43
C LEU C 45 3.94 3.21 -26.01
N LEU C 46 2.99 2.80 -25.18
CA LEU C 46 1.92 1.92 -25.62
C LEU C 46 1.14 2.50 -26.79
N SER C 47 1.15 3.83 -26.95
CA SER C 47 0.48 4.46 -28.07
C SER C 47 1.38 4.59 -29.30
N LEU C 48 2.70 4.76 -29.10
CA LEU C 48 3.60 4.95 -30.22
C LEU C 48 3.50 3.77 -31.19
N THR C 49 3.51 2.54 -30.67
CA THR C 49 3.38 1.38 -31.53
C THR C 49 2.15 1.49 -32.43
N VAL C 50 1.04 2.01 -31.89
CA VAL C 50 -0.17 2.18 -32.69
C VAL C 50 0.15 3.00 -33.93
N PHE C 51 0.84 4.13 -33.76
CA PHE C 51 1.25 4.92 -34.91
C PHE C 51 2.06 4.08 -35.89
N MET C 52 3.01 3.29 -35.38
CA MET C 52 3.82 2.44 -36.25
C MET C 52 2.94 1.53 -37.10
N LEU C 53 1.75 1.18 -36.61
CA LEU C 53 0.83 0.40 -37.41
C LEU C 53 0.11 1.28 -38.42
N LEU C 54 -0.38 2.44 -37.99
CA LEU C 54 -1.08 3.34 -38.90
C LEU C 54 -0.21 3.70 -40.10
N VAL C 55 1.07 4.00 -39.85
CA VAL C 55 1.99 4.31 -40.94
C VAL C 55 2.02 3.15 -41.94
N ALA C 56 2.04 1.91 -41.44
CA ALA C 56 2.08 0.75 -42.31
C ALA C 56 0.90 0.73 -43.29
N GLU C 57 -0.19 1.41 -42.96
CA GLU C 57 -1.34 1.48 -43.86
C GLU C 57 -1.13 2.54 -44.94
N ILE C 58 -0.50 3.66 -44.57
CA ILE C 58 -0.30 4.76 -45.50
C ILE C 58 1.10 4.76 -46.12
N MET C 59 2.08 4.11 -45.49
CA MET C 59 3.45 4.08 -46.00
C MET C 59 4.09 2.77 -45.59
N PRO C 60 3.79 1.68 -46.31
CA PRO C 60 4.41 0.38 -45.98
C PRO C 60 5.92 0.48 -45.98
N SER C 61 6.54 -0.04 -44.92
CA SER C 61 7.99 -0.01 -44.78
C SER C 61 8.69 -0.95 -45.76
N THR C 62 7.94 -1.80 -46.47
CA THR C 62 8.58 -2.72 -47.41
C THR C 62 9.34 -1.96 -48.49
N SER C 63 8.79 -0.85 -48.96
CA SER C 63 9.43 -0.05 -50.00
C SER C 63 9.74 1.37 -49.55
N ASP C 64 9.38 1.75 -48.33
CA ASP C 64 9.65 3.10 -47.82
C ASP C 64 11.13 3.22 -47.44
N SER C 65 11.95 3.33 -48.49
CA SER C 65 13.40 3.47 -48.31
C SER C 65 13.77 4.95 -48.34
N SER C 66 13.41 5.63 -47.26
CA SER C 66 13.67 7.07 -47.11
C SER C 66 14.45 7.32 -45.84
N PRO C 67 15.79 7.41 -45.90
CA PRO C 67 16.56 7.65 -44.67
C PRO C 67 16.33 9.02 -44.07
N SER C 68 15.80 9.98 -44.84
CA SER C 68 15.55 11.31 -44.31
C SER C 68 14.54 11.25 -43.16
N ILE C 69 13.41 10.56 -43.38
CA ILE C 69 12.42 10.42 -42.33
C ILE C 69 12.82 9.37 -41.29
N ALA C 70 13.78 8.50 -41.62
CA ALA C 70 14.23 7.50 -40.66
C ALA C 70 14.85 8.16 -39.42
N GLN C 71 15.51 9.29 -39.60
CA GLN C 71 16.08 10.01 -38.46
C GLN C 71 15.00 10.37 -37.45
N TYR C 72 13.90 10.95 -37.92
CA TYR C 72 12.80 11.32 -37.03
C TYR C 72 12.09 10.09 -36.49
N PHE C 73 11.95 9.04 -37.31
CA PHE C 73 11.31 7.82 -36.85
C PHE C 73 12.10 7.18 -35.72
N ALA C 74 13.43 7.29 -35.75
CA ALA C 74 14.25 6.76 -34.66
C ALA C 74 14.29 7.72 -33.47
N SER C 75 14.26 9.03 -33.72
CA SER C 75 14.22 9.99 -32.63
C SER C 75 12.96 9.83 -31.80
N THR C 76 11.82 9.63 -32.46
CA THR C 76 10.57 9.43 -31.72
C THR C 76 10.63 8.15 -30.90
N MET C 77 11.17 7.07 -31.47
CA MET C 77 11.30 5.82 -30.73
C MET C 77 12.20 6.01 -29.50
N ILE C 78 13.31 6.73 -29.67
CA ILE C 78 14.21 6.97 -28.54
C ILE C 78 13.51 7.82 -27.49
N ILE C 79 12.73 8.81 -27.92
CA ILE C 79 12.04 9.67 -26.97
C ILE C 79 11.02 8.89 -26.16
N VAL C 80 10.27 7.99 -26.81
CA VAL C 80 9.26 7.22 -26.10
C VAL C 80 9.92 6.15 -25.24
N GLY C 81 11.10 5.68 -25.62
CA GLY C 81 11.79 4.69 -24.80
C GLY C 81 12.51 5.27 -23.62
N LEU C 82 12.91 6.54 -23.70
CA LEU C 82 13.60 7.19 -22.59
C LEU C 82 12.76 7.22 -21.32
N SER C 83 11.44 7.03 -21.43
CA SER C 83 10.60 7.00 -20.24
C SER C 83 10.97 5.84 -19.33
N VAL C 84 11.25 4.67 -19.91
CA VAL C 84 11.61 3.51 -19.11
C VAL C 84 12.95 3.72 -18.43
N VAL C 85 13.87 4.44 -19.08
CA VAL C 85 15.16 4.71 -18.47
C VAL C 85 15.02 5.73 -17.35
N VAL C 86 14.18 6.75 -17.56
CA VAL C 86 13.94 7.75 -16.53
C VAL C 86 13.31 7.10 -15.31
N THR C 87 12.34 6.21 -15.53
CA THR C 87 11.71 5.53 -14.40
C THR C 87 12.70 4.63 -13.67
N VAL C 88 13.57 3.94 -14.41
CA VAL C 88 14.58 3.10 -13.79
C VAL C 88 15.53 3.93 -12.93
N ILE C 89 15.96 5.08 -13.45
CA ILE C 89 16.86 5.93 -12.70
C ILE C 89 16.14 6.49 -11.47
N VAL C 90 14.86 6.83 -11.60
CA VAL C 90 14.11 7.32 -10.45
C VAL C 90 14.03 6.25 -9.37
N LEU C 91 13.72 5.01 -9.76
CA LEU C 91 13.65 3.92 -8.79
C LEU C 91 15.01 3.68 -8.14
N GLN C 92 16.09 3.77 -8.93
CA GLN C 92 17.43 3.56 -8.37
C GLN C 92 17.75 4.63 -7.34
N TYR C 93 17.47 5.89 -7.67
CA TYR C 93 17.76 6.99 -6.74
C TYR C 93 16.78 7.02 -5.57
N HIS C 94 15.64 6.35 -5.67
CA HIS C 94 14.68 6.30 -4.57
C HIS C 94 14.90 5.11 -3.65
N HIS C 95 15.52 4.04 -4.12
CA HIS C 95 15.76 2.86 -3.30
C HIS C 95 17.10 2.92 -2.59
N HIS C 96 18.18 3.19 -3.33
CA HIS C 96 19.53 3.26 -2.76
C HIS C 96 19.87 1.97 -2.03
N ASP C 97 19.92 0.88 -2.80
CA ASP C 97 20.25 -0.42 -2.22
C ASP C 97 21.62 -0.35 -1.53
N PRO C 98 21.80 -1.03 -0.40
CA PRO C 98 23.11 -0.97 0.28
C PRO C 98 24.26 -1.40 -0.61
N ASP C 99 24.04 -2.37 -1.50
CA ASP C 99 25.12 -2.83 -2.37
C ASP C 99 25.38 -1.86 -3.51
N GLY C 100 24.33 -1.30 -4.09
CA GLY C 100 24.44 -0.36 -5.19
C GLY C 100 24.18 1.06 -4.76
N GLY C 101 23.46 1.81 -5.60
CA GLY C 101 23.15 3.18 -5.30
C GLY C 101 24.35 4.09 -5.48
N LYS C 102 24.18 5.34 -5.01
CA LYS C 102 25.21 6.35 -5.08
C LYS C 102 25.63 6.77 -3.68
N MET C 103 26.77 7.42 -3.59
CA MET C 103 27.30 7.88 -2.32
C MET C 103 26.37 8.94 -1.73
N PRO C 104 25.71 8.69 -0.60
CA PRO C 104 24.80 9.72 -0.05
C PRO C 104 25.52 11.02 0.30
N LYS C 105 26.70 10.94 0.92
CA LYS C 105 27.40 12.14 1.34
C LYS C 105 27.77 13.00 0.15
N TRP C 106 28.26 12.39 -0.93
CA TRP C 106 28.69 13.15 -2.10
C TRP C 106 27.52 13.91 -2.71
N THR C 107 26.37 13.24 -2.87
CA THR C 107 25.21 13.86 -3.50
C THR C 107 24.42 14.75 -2.54
N ARG C 108 24.69 14.69 -1.24
CA ARG C 108 23.93 15.51 -0.29
C ARG C 108 24.13 16.99 -0.55
N VAL C 109 25.38 17.41 -0.77
CA VAL C 109 25.66 18.82 -1.02
C VAL C 109 25.00 19.27 -2.32
N ILE C 110 25.10 18.44 -3.36
CA ILE C 110 24.49 18.80 -4.64
C ILE C 110 22.99 18.95 -4.50
N LEU C 111 22.35 18.02 -3.77
CA LEU C 111 20.90 18.10 -3.58
C LEU C 111 20.53 19.33 -2.77
N LEU C 112 21.28 19.63 -1.71
CA LEU C 112 20.97 20.81 -0.90
C LEU C 112 21.13 22.09 -1.72
N ASN C 113 22.13 22.13 -2.60
CA ASN C 113 22.31 23.32 -3.44
C ASN C 113 21.22 23.44 -4.48
N TRP C 114 20.83 22.34 -5.11
CA TRP C 114 19.82 22.39 -6.15
C TRP C 114 18.43 22.68 -5.57
N CYS C 115 18.17 22.24 -4.35
CA CYS C 115 16.89 22.56 -3.72
C CYS C 115 16.72 24.07 -3.56
N ALA C 116 17.80 24.77 -3.21
CA ALA C 116 17.73 26.22 -3.10
C ALA C 116 17.74 26.88 -4.47
N TRP C 117 18.49 26.30 -5.42
CA TRP C 117 18.51 26.87 -6.77
C TRP C 117 17.16 26.79 -7.44
N PHE C 118 16.35 25.78 -7.10
CA PHE C 118 15.02 25.67 -7.68
C PHE C 118 14.04 26.64 -7.02
N LEU C 119 14.15 26.82 -5.71
CA LEU C 119 13.28 27.77 -5.01
C LEU C 119 13.78 29.20 -5.19
N ARG C 120 15.01 29.47 -4.76
CA ARG C 120 15.63 30.78 -4.89
C ARG C 120 16.79 30.64 -5.87
N MET C 121 16.51 30.84 -7.15
CA MET C 121 17.53 30.69 -8.18
C MET C 121 18.67 31.68 -7.95
N LYS C 122 19.89 31.23 -8.26
CA LYS C 122 21.08 32.06 -8.11
C LYS C 122 21.14 33.03 -9.29
N ARG C 123 20.34 34.08 -9.19
CA ARG C 123 20.25 35.11 -10.22
C ARG C 123 20.27 36.47 -9.54
N PRO C 124 20.56 37.54 -10.31
CA PRO C 124 20.60 38.87 -9.68
C PRO C 124 19.28 39.26 -9.04
N GLY C 125 18.15 38.88 -9.63
CA GLY C 125 16.86 39.25 -9.07
C GLY C 125 16.66 38.79 -7.65
N GLU C 126 17.27 37.65 -7.29
CA GLU C 126 17.14 37.11 -5.94
C GLU C 126 18.33 37.45 -5.05
N ASP C 127 19.47 37.80 -5.62
CA ASP C 127 20.66 38.13 -4.84
C ASP C 127 20.70 39.59 -4.44
N LYS C 128 20.33 40.50 -5.34
CA LYS C 128 20.38 41.93 -5.04
C LYS C 128 19.14 42.40 -4.29
N VAL C 129 18.00 41.73 -4.48
CA VAL C 129 16.76 42.13 -3.82
C VAL C 129 16.73 41.41 -2.48
N ARG C 130 17.38 42.02 -1.49
CA ARG C 130 17.42 41.49 -0.14
C ARG C 130 18.11 42.51 0.76
N PRO C 131 17.93 42.42 2.08
CA PRO C 131 18.58 43.36 2.98
C PRO C 131 20.10 43.27 2.86
N ALA C 132 20.75 44.42 3.07
CA ALA C 132 22.21 44.49 3.00
C ALA C 132 22.69 45.57 3.96
N CYS C 133 23.84 45.32 4.59
CA CYS C 133 24.42 46.27 5.52
C CYS C 133 25.86 45.85 5.80
N GLN C 134 26.70 46.85 6.08
CA GLN C 134 28.10 46.60 6.38
C GLN C 134 28.32 46.09 7.80
N HIS C 135 27.31 46.13 8.65
CA HIS C 135 27.45 45.67 10.03
C HIS C 135 27.83 44.19 10.06
N LYS C 136 28.25 43.74 11.24
CA LYS C 136 28.67 42.35 11.41
C LYS C 136 27.52 41.37 11.23
N GLN C 137 26.27 41.84 11.16
CA GLN C 137 25.14 40.94 10.97
C GLN C 137 25.28 40.12 9.71
N ARG C 138 25.92 40.67 8.68
CA ARG C 138 26.13 39.98 7.41
C ARG C 138 27.56 39.52 7.22
N ARG C 139 28.40 39.61 8.25
CA ARG C 139 29.78 39.18 8.16
C ARG C 139 29.93 37.75 8.66
N CYS C 140 31.12 37.19 8.46
CA CYS C 140 31.43 35.83 8.86
C CYS C 140 32.42 35.85 10.02
N SER C 141 32.38 34.77 10.82
CA SER C 141 33.26 34.64 11.96
C SER C 141 33.63 33.17 12.12
N LEU C 142 34.38 32.87 13.19
CA LEU C 142 34.81 31.50 13.44
C LEU C 142 33.61 30.58 13.64
N ALA C 143 32.50 31.11 14.15
CA ALA C 143 31.32 30.28 14.37
C ALA C 143 30.69 29.80 13.07
N SER C 144 30.94 30.49 11.96
CA SER C 144 30.38 30.12 10.67
C SER C 144 31.30 29.21 9.86
N VAL C 145 32.57 29.09 10.25
CA VAL C 145 33.52 28.24 9.53
C VAL C 145 33.13 26.79 9.80
N GLU C 146 32.69 26.08 8.76
CA GLU C 146 32.28 24.68 8.87
C GLU C 146 33.19 23.76 8.08
N MET C 147 34.35 24.24 7.63
CA MET C 147 35.29 23.43 6.86
C MET C 147 36.10 22.48 7.75
N SER C 148 35.93 22.53 9.06
CA SER C 148 36.68 21.68 9.99
C SER C 148 35.78 20.63 10.64
N ALA C 149 34.63 20.34 10.06
CA ALA C 149 33.69 19.35 10.59
C ALA C 149 33.30 19.69 12.02
N VAL C 150 32.65 20.85 12.17
CA VAL C 150 32.19 21.33 13.46
C VAL C 150 30.66 21.38 13.43
N ALA C 151 30.08 21.67 14.59
CA ALA C 151 28.63 21.74 14.71
C ALA C 151 28.11 22.90 13.87
N PRO C 152 27.05 22.72 13.07
CA PRO C 152 26.50 23.81 12.28
C PRO C 152 26.08 24.96 13.18
N PRO C 153 25.85 26.15 12.61
CA PRO C 153 25.41 27.30 13.42
C PRO C 153 24.10 27.00 14.12
N PRO C 154 24.01 27.21 15.43
CA PRO C 154 22.74 26.97 16.13
C PRO C 154 21.62 27.81 15.53
N ALA C 155 20.62 27.13 14.96
CA ALA C 155 19.49 27.81 14.34
C ALA C 155 18.28 26.88 14.38
N SER C 156 17.10 27.49 14.45
CA SER C 156 15.85 26.73 14.50
C SER C 156 15.43 26.19 13.15
N ASN C 157 16.21 26.42 12.09
CA ASN C 157 15.88 25.92 10.77
C ASN C 157 16.32 24.47 10.54
N GLY C 158 16.66 23.75 11.60
CA GLY C 158 17.08 22.37 11.49
C GLY C 158 18.51 22.15 11.96
N ASN C 159 19.02 23.07 12.77
CA ASN C 159 20.38 22.97 13.31
C ASN C 159 20.39 22.80 14.82
N LEU C 160 19.69 23.68 15.55
CA LEU C 160 19.66 23.58 17.00
C LEU C 160 18.99 22.28 17.43
N LEU C 161 17.78 22.03 16.92
CA LEU C 161 17.07 20.79 17.25
C LEU C 161 17.86 19.57 16.78
N TYR C 162 18.54 19.69 15.65
CA TYR C 162 19.36 18.58 15.15
C TYR C 162 20.46 18.25 16.14
N ILE C 163 21.25 19.25 16.54
CA ILE C 163 22.35 19.03 17.47
C ILE C 163 21.82 18.54 18.82
N GLY C 164 20.63 19.00 19.22
CA GLY C 164 20.08 18.56 20.49
C GLY C 164 19.66 17.10 20.46
N PHE C 165 18.87 16.72 19.46
CA PHE C 165 18.37 15.35 19.37
C PHE C 165 19.51 14.37 19.13
N ARG C 166 20.41 14.69 18.20
CA ARG C 166 21.52 13.81 17.83
C ARG C 166 22.82 14.24 18.49
N GLY C 167 22.76 14.75 19.72
CA GLY C 167 23.97 15.16 20.41
C GLY C 167 24.99 14.04 20.51
N LEU C 168 24.52 12.84 20.85
CA LEU C 168 25.39 11.66 20.96
C LEU C 168 26.50 11.91 21.99
N ASP C 169 26.09 12.10 23.24
CA ASP C 169 26.99 12.35 24.35
C ASP C 169 27.70 13.69 24.24
N GLY C 170 27.16 14.61 23.47
CA GLY C 170 27.76 15.93 23.31
C GLY C 170 27.29 16.92 24.35
N VAL C 171 26.83 18.09 23.90
CA VAL C 171 26.36 19.11 24.84
C VAL C 171 24.96 18.80 25.34
N HIS C 172 24.17 18.01 24.60
CA HIS C 172 22.81 17.71 25.05
C HIS C 172 22.80 16.77 26.25
N CYS C 173 23.79 15.88 26.35
CA CYS C 173 23.84 14.95 27.46
C CYS C 173 24.48 15.55 28.71
N VAL C 174 25.16 16.68 28.57
CA VAL C 174 25.79 17.35 29.73
C VAL C 174 25.63 18.86 29.55
N PRO C 175 24.39 19.38 29.60
CA PRO C 175 24.17 20.84 29.46
C PRO C 175 24.38 21.60 30.76
N THR C 176 25.54 21.39 31.38
CA THR C 176 25.88 22.03 32.66
C THR C 176 27.33 22.47 32.60
N PRO C 177 27.60 23.66 32.06
CA PRO C 177 28.97 24.18 32.03
C PRO C 177 29.53 24.32 33.43
N ASP C 178 30.83 24.64 33.48
CA ASP C 178 31.52 24.79 34.76
C ASP C 178 31.15 26.10 35.43
N SER C 179 30.10 26.08 36.24
CA SER C 179 29.65 27.26 36.96
C SER C 179 29.37 27.03 38.44
N GLY C 180 29.15 25.77 38.86
CA GLY C 180 28.86 25.49 40.25
C GLY C 180 27.39 25.44 40.59
N VAL C 181 26.54 25.08 39.63
CA VAL C 181 25.11 25.01 39.89
C VAL C 181 24.80 23.98 40.98
N VAL C 182 25.65 22.97 41.11
CA VAL C 182 25.45 21.96 42.15
C VAL C 182 25.55 22.59 43.54
N CYS C 183 26.34 23.65 43.67
CA CYS C 183 26.51 24.32 44.96
C CYS C 183 26.51 25.84 44.83
N GLY C 184 25.99 26.37 43.73
CA GLY C 184 25.97 27.81 43.52
C GLY C 184 24.57 28.36 43.31
N ARG C 185 23.65 27.51 42.86
CA ARG C 185 22.28 27.91 42.60
C ARG C 185 21.33 26.88 43.21
N MET C 186 20.17 27.37 43.66
CA MET C 186 19.15 26.53 44.26
C MET C 186 17.91 26.42 43.40
N ALA C 187 17.93 26.95 42.18
CA ALA C 187 16.79 26.91 41.27
C ALA C 187 16.64 25.48 40.75
N CYS C 188 15.68 24.74 41.30
CA CYS C 188 15.43 23.35 40.89
C CYS C 188 16.67 22.48 41.06
N SER C 189 17.51 22.83 42.04
CA SER C 189 18.74 22.09 42.28
C SER C 189 19.19 22.31 43.72
N PRO C 190 18.71 21.54 44.68
CA PRO C 190 19.15 21.72 46.07
C PRO C 190 20.66 21.62 46.20
N THR C 191 21.26 22.62 46.83
CA THR C 191 22.71 22.67 47.00
C THR C 191 23.11 21.65 48.05
N HIS C 192 23.61 20.50 47.60
CA HIS C 192 24.09 19.42 48.47
C HIS C 192 23.14 19.19 49.64
N ASP C 193 21.84 19.33 49.40
CA ASP C 193 20.83 19.13 50.44
C ASP C 193 20.51 17.65 50.52
N GLU C 194 21.09 16.95 51.49
CA GLU C 194 20.83 15.53 51.69
C GLU C 194 19.64 15.25 52.58
N HIS C 195 19.20 16.22 53.38
CA HIS C 195 18.08 16.06 54.29
C HIS C 195 16.76 16.52 53.68
N LEU C 196 16.70 16.63 52.35
CA LEU C 196 15.47 17.06 51.67
C LEU C 196 14.53 15.86 51.60
N LEU C 197 13.65 15.76 52.60
CA LEU C 197 12.70 14.66 52.70
C LEU C 197 11.29 15.24 52.60
N HIS C 198 10.51 14.71 51.64
CA HIS C 198 9.13 15.16 51.44
C HIS C 198 8.23 14.48 52.49
N GLY C 199 8.33 14.98 53.72
CA GLY C 199 7.57 14.43 54.81
C GLY C 199 7.98 13.03 55.20
N GLY C 200 9.24 12.66 54.99
CA GLY C 200 9.75 11.36 55.32
C GLY C 200 10.01 10.47 54.11
N GLN C 201 9.37 10.75 52.98
CA GLN C 201 9.55 9.93 51.78
C GLN C 201 10.48 10.66 50.83
N PRO C 202 11.70 10.19 50.61
CA PRO C 202 12.60 10.84 49.65
C PRO C 202 12.04 10.74 48.24
N PRO C 203 12.71 11.36 47.26
CA PRO C 203 12.24 11.28 45.87
C PRO C 203 12.22 9.83 45.38
N GLU C 204 11.69 9.66 44.18
CA GLU C 204 11.57 8.34 43.56
C GLU C 204 10.71 7.42 44.44
N GLY C 205 9.45 7.80 44.60
CA GLY C 205 8.55 7.05 45.44
C GLY C 205 8.53 5.57 45.12
N ASP C 206 8.61 5.23 43.83
CA ASP C 206 8.56 3.84 43.40
C ASP C 206 9.52 3.61 42.24
N PRO C 207 10.52 2.73 42.38
CA PRO C 207 11.42 2.46 41.26
C PRO C 207 10.71 1.96 40.01
N ASP C 208 9.51 1.39 40.15
CA ASP C 208 8.76 0.94 38.98
C ASP C 208 8.50 2.07 38.01
N LEU C 209 8.38 3.30 38.50
CA LEU C 209 8.21 4.45 37.62
C LEU C 209 9.40 4.62 36.70
N ALA C 210 10.61 4.32 37.19
CA ALA C 210 11.79 4.41 36.35
C ALA C 210 11.72 3.41 35.20
N LYS C 211 11.30 2.18 35.49
CA LYS C 211 11.16 1.17 34.44
C LYS C 211 10.07 1.55 33.45
N ILE C 212 8.97 2.11 33.94
CA ILE C 212 7.90 2.56 33.05
C ILE C 212 8.41 3.66 32.13
N LEU C 213 9.17 4.61 32.69
CA LEU C 213 9.73 5.68 31.87
C LEU C 213 10.71 5.13 30.85
N GLU C 214 11.51 4.14 31.24
CA GLU C 214 12.46 3.54 30.30
C GLU C 214 11.74 2.83 29.16
N GLU C 215 10.66 2.11 29.47
CA GLU C 215 9.90 1.44 28.42
C GLU C 215 9.22 2.46 27.50
N VAL C 216 8.68 3.53 28.07
CA VAL C 216 8.06 4.57 27.24
C VAL C 216 9.11 5.23 26.36
N ARG C 217 10.33 5.39 26.88
CA ARG C 217 11.41 5.97 26.08
C ARG C 217 11.83 5.03 24.96
N TYR C 218 11.81 3.72 25.22
CA TYR C 218 12.11 2.76 24.16
C TYR C 218 11.03 2.81 23.08
N ILE C 219 9.76 2.93 23.48
CA ILE C 219 8.68 3.07 22.50
C ILE C 219 8.85 4.34 21.69
N ALA C 220 9.21 5.45 22.35
CA ALA C 220 9.45 6.69 21.64
C ALA C 220 10.63 6.58 20.69
N ASN C 221 11.66 5.82 21.08
CA ASN C 221 12.80 5.61 20.19
C ASN C 221 12.40 4.78 18.97
N ARG C 222 11.54 3.78 19.16
CA ARG C 222 11.02 3.03 18.02
C ARG C 222 10.23 3.95 17.09
N PHE C 223 9.38 4.81 17.65
CA PHE C 223 8.62 5.74 16.82
C PHE C 223 9.55 6.71 16.09
N ARG C 224 10.62 7.15 16.77
CA ARG C 224 11.57 8.07 16.14
C ARG C 224 12.34 7.38 15.02
N CYS C 225 12.65 6.08 15.20
CA CYS C 225 13.31 5.34 14.12
C CYS C 225 12.38 5.19 12.93
N GLN C 226 11.10 4.91 13.18
CA GLN C 226 10.13 4.85 12.09
C GLN C 226 10.04 6.19 11.36
N ASP C 227 10.00 7.29 12.13
CA ASP C 227 9.93 8.61 11.53
C ASP C 227 11.19 8.92 10.73
N GLU C 228 12.36 8.48 11.21
CA GLU C 228 13.60 8.70 10.50
C GLU C 228 13.62 7.90 9.19
N SER C 229 13.10 6.67 9.22
CA SER C 229 13.00 5.90 7.99
C SER C 229 12.07 6.58 7.00
N GLU C 230 10.94 7.10 7.47
CA GLU C 230 10.02 7.80 6.59
C GLU C 230 10.68 9.05 6.01
N ALA C 231 11.45 9.78 6.83
CA ALA C 231 12.12 10.97 6.34
C ALA C 231 13.20 10.63 5.32
N VAL C 232 13.91 9.52 5.54
CA VAL C 232 14.90 9.08 4.56
C VAL C 232 14.23 8.71 3.25
N CYS C 233 13.09 8.04 3.32
CA CYS C 233 12.35 7.71 2.11
C CYS C 233 11.89 8.97 1.39
N SER C 234 11.42 9.96 2.13
CA SER C 234 10.99 11.22 1.52
C SER C 234 12.17 11.95 0.87
N GLU C 235 13.33 11.93 1.53
CA GLU C 235 14.52 12.56 0.96
C GLU C 235 14.96 11.85 -0.31
N TRP C 236 14.88 10.51 -0.31
CA TRP C 236 15.20 9.76 -1.53
C TRP C 236 14.24 10.09 -2.65
N LYS C 237 12.94 10.20 -2.33
CA LYS C 237 11.97 10.59 -3.33
C LYS C 237 12.27 11.98 -3.89
N PHE C 238 12.65 12.91 -3.02
CA PHE C 238 12.98 14.26 -3.47
C PHE C 238 14.22 14.27 -4.34
N ALA C 239 15.23 13.46 -3.98
CA ALA C 239 16.43 13.38 -4.80
C ALA C 239 16.17 12.70 -6.14
N ALA C 240 15.17 11.80 -6.18
CA ALA C 240 14.83 11.15 -7.44
C ALA C 240 14.03 12.06 -8.35
N CYS C 241 13.11 12.85 -7.78
CA CYS C 241 12.35 13.80 -8.58
C CYS C 241 13.23 14.88 -9.17
N VAL C 242 14.39 15.15 -8.57
CA VAL C 242 15.35 16.08 -9.15
C VAL C 242 15.81 15.59 -10.52
N VAL C 243 15.98 14.28 -10.65
CA VAL C 243 16.38 13.72 -11.95
C VAL C 243 15.29 13.93 -12.99
N ASP C 244 14.04 13.74 -12.59
CA ASP C 244 12.93 13.98 -13.52
C ASP C 244 12.87 15.44 -13.93
N ARG C 245 13.07 16.35 -12.97
CA ARG C 245 13.04 17.78 -13.29
C ARG C 245 14.18 18.15 -14.23
N LEU C 246 15.37 17.60 -14.00
CA LEU C 246 16.49 17.87 -14.88
C LEU C 246 16.25 17.32 -16.28
N CYS C 247 15.66 16.12 -16.37
CA CYS C 247 15.34 15.55 -17.67
C CYS C 247 14.31 16.42 -18.41
N LEU C 248 13.30 16.90 -17.69
CA LEU C 248 12.32 17.80 -18.31
C LEU C 248 12.98 19.07 -18.81
N MET C 249 13.85 19.67 -17.99
CA MET C 249 14.52 20.90 -18.39
C MET C 249 15.42 20.67 -19.59
N ALA C 250 16.05 19.50 -19.69
CA ALA C 250 16.94 19.21 -20.81
C ALA C 250 16.17 18.87 -22.07
N PHE C 251 14.99 18.27 -21.94
CA PHE C 251 14.18 17.90 -23.10
C PHE C 251 13.29 19.03 -23.59
N SER C 252 13.05 20.05 -22.76
CA SER C 252 12.25 21.19 -23.21
C SER C 252 12.80 21.79 -24.50
N VAL C 253 14.13 21.79 -24.64
CA VAL C 253 14.75 22.33 -25.85
C VAL C 253 14.93 21.25 -26.92
N PHE C 254 15.15 19.99 -26.51
CA PHE C 254 15.30 18.92 -27.49
C PHE C 254 14.02 18.71 -28.28
N THR C 255 12.88 18.73 -27.61
CA THR C 255 11.60 18.57 -28.30
C THR C 255 11.36 19.72 -29.27
N ILE C 256 11.71 20.94 -28.87
CA ILE C 256 11.54 22.09 -29.76
C ILE C 256 12.44 21.96 -30.98
N ILE C 257 13.68 21.52 -30.78
CA ILE C 257 14.59 21.33 -31.91
C ILE C 257 14.06 20.25 -32.84
N CYS C 258 13.54 19.16 -32.28
CA CYS C 258 13.00 18.09 -33.10
C CYS C 258 11.81 18.57 -33.91
N THR C 259 10.92 19.34 -33.28
CA THR C 259 9.76 19.87 -33.99
C THR C 259 10.19 20.83 -35.11
N ILE C 260 11.17 21.68 -34.82
CA ILE C 260 11.65 22.61 -35.85
C ILE C 260 12.26 21.84 -37.02
N GLY C 261 13.01 20.79 -36.73
CA GLY C 261 13.59 19.99 -37.80
C GLY C 261 12.55 19.27 -38.61
N ILE C 262 11.52 18.73 -37.95
CA ILE C 262 10.45 18.04 -38.67
C ILE C 262 9.65 19.00 -39.51
N LEU C 263 9.50 20.25 -39.06
CA LEU C 263 8.75 21.24 -39.82
C LEU C 263 9.55 21.77 -41.01
N MET C 264 10.85 22.00 -40.82
CA MET C 264 11.67 22.52 -41.90
C MET C 264 11.90 21.48 -42.98
N SER C 265 11.91 20.19 -42.61
CA SER C 265 12.12 19.11 -43.56
C SER C 265 10.82 18.55 -44.12
N ALA C 266 9.67 19.10 -43.72
CA ALA C 266 8.41 18.58 -44.23
C ALA C 266 8.24 18.80 -45.73
N PRO C 267 8.58 19.96 -46.30
CA PRO C 267 8.42 20.13 -47.75
C PRO C 267 9.22 19.11 -48.56
N ASN C 268 10.33 18.60 -48.01
CA ASN C 268 11.14 17.63 -48.75
C ASN C 268 10.37 16.33 -48.95
N PHE C 269 9.81 15.78 -47.88
CA PHE C 269 9.05 14.54 -47.93
C PHE C 269 7.54 14.79 -47.99
N VAL C 270 7.02 15.53 -47.02
CA VAL C 270 5.58 15.82 -46.98
C VAL C 270 5.25 16.85 -48.05
N LEU D 7 -25.54 -1.54 -43.37
CA LEU D 7 -26.12 -2.27 -42.25
C LEU D 7 -25.11 -2.47 -41.14
N TYR D 8 -24.15 -3.38 -41.37
CA TYR D 8 -23.12 -3.65 -40.37
C TYR D 8 -22.23 -2.44 -40.14
N TYR D 9 -21.99 -1.63 -41.18
CA TYR D 9 -21.13 -0.47 -41.02
C TYR D 9 -21.72 0.53 -40.03
N GLY D 10 -23.04 0.73 -40.08
CA GLY D 10 -23.68 1.66 -39.16
C GLY D 10 -23.41 1.29 -37.70
N LEU D 11 -23.66 0.03 -37.35
CA LEU D 11 -23.42 -0.41 -35.98
C LEU D 11 -21.94 -0.38 -35.65
N ASN D 12 -21.08 -0.83 -36.57
CA ASN D 12 -19.66 -0.86 -36.31
C ASN D 12 -19.11 0.54 -36.07
N LEU D 13 -19.75 1.57 -36.63
CA LEU D 13 -19.32 2.94 -36.44
C LEU D 13 -19.99 3.60 -35.24
N LEU D 14 -21.19 3.16 -34.87
CA LEU D 14 -21.93 3.79 -33.79
C LEU D 14 -21.56 3.22 -32.42
N ILE D 15 -21.47 1.88 -32.30
CA ILE D 15 -21.23 1.26 -31.00
C ILE D 15 -19.90 1.71 -30.40
N PRO D 16 -18.77 1.65 -31.12
CA PRO D 16 -17.50 2.06 -30.48
C PRO D 16 -17.47 3.51 -30.05
N CYS D 17 -17.98 4.42 -30.89
CA CYS D 17 -17.97 5.83 -30.54
C CYS D 17 -18.79 6.10 -29.29
N VAL D 18 -20.00 5.54 -29.22
CA VAL D 18 -20.86 5.75 -28.05
C VAL D 18 -20.23 5.13 -26.82
N LEU D 19 -19.65 3.93 -26.97
CA LEU D 19 -19.01 3.27 -25.84
C LEU D 19 -17.86 4.11 -25.30
N ILE D 20 -17.03 4.66 -26.19
CA ILE D 20 -15.90 5.48 -25.75
C ILE D 20 -16.39 6.77 -25.10
N SER D 21 -17.43 7.39 -25.67
CA SER D 21 -17.96 8.62 -25.10
C SER D 21 -18.54 8.38 -23.72
N ALA D 22 -19.15 7.22 -23.50
CA ALA D 22 -19.68 6.90 -22.18
C ALA D 22 -18.57 6.58 -21.20
N LEU D 23 -17.57 5.81 -21.64
CA LEU D 23 -16.47 5.44 -20.74
C LEU D 23 -15.66 6.66 -20.33
N ALA D 24 -15.49 7.62 -21.24
CA ALA D 24 -14.76 8.84 -20.88
C ALA D 24 -15.46 9.57 -19.74
N LEU D 25 -16.76 9.79 -19.86
CA LEU D 25 -17.51 10.48 -18.82
C LEU D 25 -17.52 9.66 -17.53
N LEU D 26 -17.61 8.34 -17.63
CA LEU D 26 -17.62 7.50 -16.43
C LEU D 26 -16.29 7.59 -15.71
N VAL D 27 -15.18 7.62 -16.44
CA VAL D 27 -13.86 7.72 -15.81
C VAL D 27 -13.66 9.12 -15.24
N PHE D 28 -14.16 10.14 -15.92
CA PHE D 28 -14.02 11.50 -15.40
C PHE D 28 -14.86 11.72 -14.15
N LEU D 29 -15.99 11.02 -14.03
CA LEU D 29 -16.81 11.14 -12.84
C LEU D 29 -16.10 10.59 -11.61
N LEU D 30 -15.21 9.63 -11.79
CA LEU D 30 -14.48 9.05 -10.68
C LEU D 30 -13.57 10.11 -10.05
N PRO D 31 -13.76 10.49 -8.79
CA PRO D 31 -12.88 11.48 -8.18
C PRO D 31 -11.43 11.05 -8.20
N ALA D 32 -10.55 11.98 -7.87
CA ALA D 32 -9.13 11.70 -7.81
C ALA D 32 -8.84 10.56 -6.85
N ASP D 33 -8.07 9.57 -7.32
CA ASP D 33 -7.77 8.40 -6.53
C ASP D 33 -6.30 8.04 -6.77
N SER D 34 -5.92 6.84 -6.35
CA SER D 34 -4.55 6.35 -6.51
C SER D 34 -4.35 5.88 -7.95
N GLY D 35 -3.26 5.16 -8.21
CA GLY D 35 -2.94 4.67 -9.53
C GLY D 35 -4.09 3.97 -10.22
N GLU D 36 -5.04 3.46 -9.43
CA GLU D 36 -6.23 2.83 -10.00
C GLU D 36 -6.86 3.72 -11.07
N LYS D 37 -7.12 4.98 -10.73
CA LYS D 37 -7.65 5.93 -11.70
C LYS D 37 -6.84 5.91 -12.98
N ILE D 38 -5.51 6.03 -12.86
CA ILE D 38 -4.66 6.04 -14.05
C ILE D 38 -4.93 4.84 -14.93
N SER D 39 -5.12 3.67 -14.31
CA SER D 39 -5.42 2.47 -15.07
C SER D 39 -6.63 2.71 -15.98
N LEU D 40 -7.73 3.21 -15.42
CA LEU D 40 -8.89 3.53 -16.23
C LEU D 40 -8.53 4.54 -17.32
N GLY D 41 -7.72 5.54 -16.97
CA GLY D 41 -7.28 6.52 -17.96
C GLY D 41 -6.58 5.90 -19.16
N ILE D 42 -6.06 4.69 -19.01
CA ILE D 42 -5.44 3.98 -20.13
C ILE D 42 -6.46 3.14 -20.86
N THR D 43 -7.43 2.56 -20.14
CA THR D 43 -8.42 1.69 -20.77
C THR D 43 -9.15 2.42 -21.89
N VAL D 44 -9.70 3.61 -21.59
CA VAL D 44 -10.41 4.38 -22.61
C VAL D 44 -9.55 4.57 -23.84
N LEU D 45 -8.22 4.64 -23.65
CA LEU D 45 -7.30 4.74 -24.79
C LEU D 45 -6.96 3.37 -25.36
N LEU D 46 -6.71 2.39 -24.50
CA LEU D 46 -6.31 1.06 -24.96
C LEU D 46 -7.33 0.45 -25.91
N SER D 47 -8.59 0.89 -25.85
CA SER D 47 -9.61 0.40 -26.76
C SER D 47 -9.70 1.22 -28.04
N LEU D 48 -9.42 2.53 -27.96
CA LEU D 48 -9.52 3.38 -29.14
C LEU D 48 -8.66 2.86 -30.28
N THR D 49 -7.41 2.48 -29.98
CA THR D 49 -6.54 1.92 -31.00
C THR D 49 -7.21 0.76 -31.71
N VAL D 50 -7.93 -0.08 -30.98
CA VAL D 50 -8.63 -1.21 -31.60
C VAL D 50 -9.53 -0.72 -32.71
N PHE D 51 -10.32 0.33 -32.43
CA PHE D 51 -11.16 0.91 -33.46
C PHE D 51 -10.32 1.36 -34.65
N MET D 52 -9.19 2.00 -34.40
CA MET D 52 -8.33 2.45 -35.50
C MET D 52 -7.93 1.28 -36.39
N LEU D 53 -7.88 0.07 -35.83
CA LEU D 53 -7.61 -1.11 -36.64
C LEU D 53 -8.85 -1.56 -37.40
N LEU D 54 -10.00 -1.60 -36.71
CA LEU D 54 -11.23 -2.02 -37.37
C LEU D 54 -11.54 -1.14 -38.57
N VAL D 55 -11.37 0.17 -38.43
CA VAL D 55 -11.58 1.08 -39.56
C VAL D 55 -10.70 0.69 -40.73
N ALA D 56 -9.45 0.32 -40.46
CA ALA D 56 -8.54 -0.08 -41.51
C ALA D 56 -9.08 -1.24 -42.34
N GLU D 57 -9.99 -2.04 -41.77
CA GLU D 57 -10.58 -3.14 -42.52
C GLU D 57 -11.72 -2.65 -43.40
N ILE D 58 -12.49 -1.67 -42.92
CA ILE D 58 -13.64 -1.17 -43.67
C ILE D 58 -13.33 0.11 -44.44
N MET D 59 -12.30 0.86 -44.05
CA MET D 59 -11.94 2.11 -44.70
C MET D 59 -10.44 2.32 -44.60
N PRO D 60 -9.67 1.64 -45.46
CA PRO D 60 -8.21 1.81 -45.44
C PRO D 60 -7.83 3.28 -45.61
N SER D 61 -6.95 3.74 -44.72
CA SER D 61 -6.50 5.13 -44.77
C SER D 61 -5.60 5.43 -45.96
N THR D 62 -5.19 4.41 -46.71
CA THR D 62 -4.32 4.64 -47.86
C THR D 62 -5.00 5.55 -48.88
N SER D 63 -6.31 5.37 -49.08
CA SER D 63 -7.07 6.17 -50.04
C SER D 63 -8.19 6.97 -49.39
N ASP D 64 -8.42 6.82 -48.09
CA ASP D 64 -9.49 7.53 -47.40
C ASP D 64 -9.05 8.98 -47.17
N SER D 65 -9.08 9.76 -48.26
CA SER D 65 -8.71 11.17 -48.22
C SER D 65 -9.97 12.02 -48.05
N SER D 66 -10.51 11.97 -46.83
CA SER D 66 -11.73 12.70 -46.49
C SER D 66 -11.47 13.59 -45.28
N PRO D 67 -11.17 14.87 -45.47
CA PRO D 67 -10.91 15.75 -44.32
C PRO D 67 -12.14 16.01 -43.47
N SER D 68 -13.35 15.78 -43.99
CA SER D 68 -14.55 15.99 -43.20
C SER D 68 -14.58 15.08 -41.98
N ILE D 69 -14.33 13.79 -42.19
CA ILE D 69 -14.29 12.86 -41.07
C ILE D 69 -12.99 12.94 -40.29
N ALA D 70 -11.94 13.55 -40.87
CA ALA D 70 -10.68 13.71 -40.15
C ALA D 70 -10.86 14.57 -38.91
N GLN D 71 -11.75 15.55 -38.96
CA GLN D 71 -12.00 16.38 -37.78
C GLN D 71 -12.48 15.53 -36.62
N TYR D 72 -13.44 14.66 -36.85
CA TYR D 72 -13.96 13.80 -35.78
C TYR D 72 -12.92 12.75 -35.39
N PHE D 73 -12.16 12.24 -36.36
CA PHE D 73 -11.13 11.26 -36.04
C PHE D 73 -10.06 11.85 -35.13
N ALA D 74 -9.76 13.14 -35.30
CA ALA D 74 -8.80 13.80 -34.42
C ALA D 74 -9.44 14.21 -33.09
N SER D 75 -10.72 14.60 -33.11
CA SER D 75 -11.40 14.94 -31.87
C SER D 75 -11.48 13.74 -30.94
N THR D 76 -11.77 12.57 -31.49
CA THR D 76 -11.83 11.36 -30.66
C THR D 76 -10.45 11.04 -30.08
N MET D 77 -9.40 11.17 -30.90
CA MET D 77 -8.05 10.94 -30.39
C MET D 77 -7.70 11.89 -29.26
N ILE D 78 -8.05 13.17 -29.43
CA ILE D 78 -7.77 14.16 -28.39
C ILE D 78 -8.57 13.84 -27.12
N ILE D 79 -9.81 13.40 -27.29
CA ILE D 79 -10.65 13.08 -26.14
C ILE D 79 -10.08 11.90 -25.36
N VAL D 80 -9.61 10.88 -26.07
CA VAL D 80 -9.06 9.71 -25.39
C VAL D 80 -7.69 10.01 -24.81
N GLY D 81 -6.95 10.96 -25.40
CA GLY D 81 -5.66 11.32 -24.85
C GLY D 81 -5.74 12.26 -23.66
N LEU D 82 -6.82 13.06 -23.57
CA LEU D 82 -6.97 13.98 -22.46
C LEU D 82 -7.01 13.26 -21.12
N SER D 83 -7.27 11.95 -21.11
CA SER D 83 -7.27 11.21 -19.85
C SER D 83 -5.89 11.23 -19.19
N VAL D 84 -4.83 11.07 -20.00
CA VAL D 84 -3.47 11.08 -19.45
C VAL D 84 -3.13 12.45 -18.91
N VAL D 85 -3.63 13.52 -19.53
CA VAL D 85 -3.36 14.86 -19.04
C VAL D 85 -4.13 15.13 -17.75
N VAL D 86 -5.39 14.65 -17.69
CA VAL D 86 -6.18 14.82 -16.48
C VAL D 86 -5.53 14.07 -15.32
N THR D 87 -5.05 12.85 -15.57
CA THR D 87 -4.38 12.09 -14.51
C THR D 87 -3.10 12.77 -14.07
N VAL D 88 -2.34 13.33 -15.01
CA VAL D 88 -1.11 14.03 -14.66
C VAL D 88 -1.42 15.25 -13.79
N ILE D 89 -2.45 16.01 -14.16
CA ILE D 89 -2.83 17.18 -13.37
C ILE D 89 -3.31 16.76 -12.00
N VAL D 90 -4.04 15.65 -11.91
CA VAL D 90 -4.52 15.15 -10.62
C VAL D 90 -3.33 14.80 -9.74
N LEU D 91 -2.35 14.08 -10.30
CA LEU D 91 -1.17 13.71 -9.52
C LEU D 91 -0.40 14.95 -9.09
N GLN D 92 -0.29 15.94 -9.97
CA GLN D 92 0.43 17.17 -9.62
C GLN D 92 -0.26 17.89 -8.46
N TYR D 93 -1.59 18.02 -8.54
CA TYR D 93 -2.33 18.69 -7.47
C TYR D 93 -2.43 17.86 -6.21
N HIS D 94 -2.18 16.55 -6.29
CA HIS D 94 -2.22 15.69 -5.12
C HIS D 94 -0.87 15.56 -4.43
N HIS D 95 0.23 15.77 -5.16
CA HIS D 95 1.56 15.65 -4.58
C HIS D 95 2.08 16.98 -4.03
N HIS D 96 2.01 18.04 -4.83
CA HIS D 96 2.48 19.37 -4.43
C HIS D 96 3.94 19.32 -3.97
N ASP D 97 4.81 18.96 -4.91
CA ASP D 97 6.23 18.88 -4.60
C ASP D 97 6.72 20.22 -4.07
N PRO D 98 7.64 20.23 -3.10
CA PRO D 98 8.13 21.51 -2.57
C PRO D 98 8.71 22.42 -3.64
N ASP D 99 9.37 21.86 -4.66
CA ASP D 99 9.96 22.68 -5.70
C ASP D 99 8.91 23.20 -6.68
N GLY D 100 7.95 22.35 -7.04
CA GLY D 100 6.90 22.71 -7.98
C GLY D 100 5.58 22.94 -7.28
N GLY D 101 4.50 22.47 -7.91
CA GLY D 101 3.18 22.64 -7.35
C GLY D 101 2.67 24.06 -7.50
N LYS D 102 1.55 24.32 -6.81
CA LYS D 102 0.90 25.62 -6.82
C LYS D 102 0.93 26.22 -5.43
N MET D 103 0.70 27.52 -5.35
CA MET D 103 0.71 28.23 -4.08
C MET D 103 -0.46 27.73 -3.22
N PRO D 104 -0.20 27.09 -2.08
CA PRO D 104 -1.33 26.60 -1.26
C PRO D 104 -2.24 27.72 -0.78
N LYS D 105 -1.67 28.84 -0.32
CA LYS D 105 -2.50 29.92 0.20
C LYS D 105 -3.42 30.50 -0.85
N TRP D 106 -2.90 30.69 -2.08
CA TRP D 106 -3.72 31.28 -3.13
C TRP D 106 -4.91 30.38 -3.48
N THR D 107 -4.68 29.08 -3.60
CA THR D 107 -5.73 28.14 -3.97
C THR D 107 -6.62 27.75 -2.80
N ARG D 108 -6.21 28.05 -1.57
CA ARG D 108 -7.01 27.66 -0.41
C ARG D 108 -8.39 28.32 -0.43
N VAL D 109 -8.44 29.61 -0.72
CA VAL D 109 -9.71 30.33 -0.75
C VAL D 109 -10.59 29.79 -1.87
N ILE D 110 -10.01 29.55 -3.04
CA ILE D 110 -10.77 29.03 -4.17
C ILE D 110 -11.35 27.67 -3.83
N LEU D 111 -10.54 26.80 -3.20
CA LEU D 111 -11.02 25.47 -2.83
C LEU D 111 -12.13 25.56 -1.79
N LEU D 112 -11.96 26.43 -0.78
CA LEU D 112 -12.99 26.57 0.25
C LEU D 112 -14.29 27.09 -0.34
N ASN D 113 -14.21 27.99 -1.32
CA ASN D 113 -15.42 28.52 -1.95
C ASN D 113 -16.08 27.46 -2.82
N TRP D 114 -15.29 26.71 -3.59
CA TRP D 114 -15.87 25.71 -4.49
C TRP D 114 -16.46 24.54 -3.71
N CYS D 115 -15.88 24.20 -2.56
CA CYS D 115 -16.44 23.13 -1.74
C CYS D 115 -17.86 23.48 -1.31
N ALA D 116 -18.11 24.74 -0.95
CA ALA D 116 -19.46 25.16 -0.58
C ALA D 116 -20.34 25.31 -1.81
N TRP D 117 -19.77 25.77 -2.92
CA TRP D 117 -20.56 25.92 -4.15
C TRP D 117 -21.05 24.56 -4.66
N PHE D 118 -20.28 23.49 -4.42
CA PHE D 118 -20.72 22.17 -4.86
C PHE D 118 -21.80 21.61 -3.94
N LEU D 119 -21.67 21.85 -2.62
CA LEU D 119 -22.68 21.37 -1.68
C LEU D 119 -23.89 22.31 -1.67
N ARG D 120 -23.66 23.57 -1.34
CA ARG D 120 -24.72 24.59 -1.31
C ARG D 120 -24.43 25.59 -2.43
N MET D 121 -24.96 25.31 -3.62
CA MET D 121 -24.70 26.17 -4.77
C MET D 121 -25.22 27.58 -4.51
N LYS D 122 -24.49 28.57 -5.02
CA LYS D 122 -24.87 29.97 -4.87
C LYS D 122 -25.98 30.28 -5.86
N ARG D 123 -27.19 29.87 -5.50
CA ARG D 123 -28.38 30.07 -6.32
C ARG D 123 -29.49 30.58 -5.43
N PRO D 124 -30.55 31.15 -6.02
CA PRO D 124 -31.66 31.65 -5.18
C PRO D 124 -32.31 30.58 -4.33
N GLY D 125 -32.41 29.35 -4.84
CA GLY D 125 -33.06 28.29 -4.09
C GLY D 125 -32.39 28.03 -2.76
N GLU D 126 -31.08 28.24 -2.67
CA GLU D 126 -30.34 28.02 -1.43
C GLU D 126 -30.11 29.30 -0.63
N ASP D 127 -30.20 30.47 -1.27
CA ASP D 127 -29.98 31.73 -0.58
C ASP D 127 -31.24 32.27 0.06
N LYS D 128 -32.39 32.16 -0.63
CA LYS D 128 -33.63 32.70 -0.10
C LYS D 128 -34.31 31.73 0.87
N VAL D 129 -34.08 30.43 0.70
CA VAL D 129 -34.70 29.40 1.56
C VAL D 129 -33.78 29.23 2.75
N ARG D 130 -33.94 30.09 3.75
CA ARG D 130 -33.16 30.03 4.97
C ARG D 130 -33.72 31.06 5.94
N PRO D 131 -33.42 30.93 7.24
CA PRO D 131 -33.92 31.91 8.21
C PRO D 131 -33.39 33.30 7.90
N ALA D 132 -34.20 34.30 8.23
CA ALA D 132 -33.84 35.69 8.01
C ALA D 132 -34.49 36.55 9.07
N CYS D 133 -33.78 37.60 9.50
CA CYS D 133 -34.30 38.51 10.52
C CYS D 133 -33.40 39.73 10.57
N GLN D 134 -34.01 40.88 10.90
CA GLN D 134 -33.28 42.13 10.99
C GLN D 134 -32.46 42.25 12.27
N HIS D 135 -32.64 41.34 13.22
CA HIS D 135 -31.90 41.40 14.47
C HIS D 135 -30.39 41.29 14.20
N LYS D 136 -29.61 41.59 15.23
CA LYS D 136 -28.16 41.54 15.12
C LYS D 136 -27.63 40.13 14.90
N GLN D 137 -28.48 39.11 15.06
CA GLN D 137 -28.02 37.73 14.85
C GLN D 137 -27.47 37.53 13.45
N ARG D 138 -27.99 38.26 12.47
CA ARG D 138 -27.55 38.16 11.08
C ARG D 138 -26.71 39.35 10.65
N ARG D 139 -26.33 40.22 11.58
CA ARG D 139 -25.52 41.39 11.26
C ARG D 139 -24.04 41.08 11.48
N CYS D 140 -23.19 42.01 11.06
CA CYS D 140 -21.75 41.88 11.18
C CYS D 140 -21.22 42.87 12.21
N SER D 141 -20.07 42.54 12.80
CA SER D 141 -19.45 43.39 13.80
C SER D 141 -17.93 43.27 13.65
N LEU D 142 -17.22 43.93 14.56
CA LEU D 142 -15.75 43.89 14.51
C LEU D 142 -15.22 42.47 14.70
N ALA D 143 -15.96 41.62 15.42
CA ALA D 143 -15.53 40.25 15.63
C ALA D 143 -15.54 39.44 14.34
N SER D 144 -16.32 39.84 13.35
CA SER D 144 -16.41 39.12 12.09
C SER D 144 -15.43 39.64 11.04
N VAL D 145 -14.86 40.82 11.24
CA VAL D 145 -13.91 41.39 10.28
C VAL D 145 -12.64 40.58 10.34
N GLU D 146 -12.32 39.87 9.26
CA GLU D 146 -11.13 39.04 9.16
C GLU D 146 -10.14 39.55 8.14
N MET D 147 -10.32 40.78 7.64
CA MET D 147 -9.42 41.35 6.65
C MET D 147 -8.12 41.86 7.25
N SER D 148 -7.95 41.78 8.57
CA SER D 148 -6.75 42.25 9.24
C SER D 148 -5.92 41.11 9.81
N ALA D 149 -6.13 39.89 9.31
CA ALA D 149 -5.38 38.72 9.77
C ALA D 149 -5.54 38.53 11.27
N VAL D 150 -6.78 38.30 11.70
CA VAL D 150 -7.11 38.09 13.09
C VAL D 150 -7.65 36.67 13.25
N ALA D 151 -7.86 36.28 14.50
CA ALA D 151 -8.36 34.94 14.79
C ALA D 151 -9.77 34.78 14.23
N PRO D 152 -10.08 33.69 13.55
CA PRO D 152 -11.43 33.49 13.03
C PRO D 152 -12.46 33.51 14.15
N PRO D 153 -13.73 33.65 13.83
CA PRO D 153 -14.77 33.66 14.86
C PRO D 153 -14.76 32.35 15.65
N PRO D 154 -14.72 32.42 16.98
CA PRO D 154 -14.77 31.17 17.77
C PRO D 154 -16.01 30.36 17.45
N ALA D 155 -15.81 29.17 16.90
CA ALA D 155 -16.90 28.29 16.54
C ALA D 155 -16.41 26.85 16.56
N SER D 156 -17.33 25.93 16.86
CA SER D 156 -17.00 24.51 16.94
C SER D 156 -16.90 23.86 15.56
N ASN D 157 -17.08 24.61 14.49
CA ASN D 157 -16.99 24.07 13.13
C ASN D 157 -15.55 24.00 12.61
N GLY D 158 -14.56 24.14 13.49
CA GLY D 158 -13.17 24.09 13.09
C GLY D 158 -12.43 25.38 13.35
N ASN D 159 -12.96 26.22 14.24
CA ASN D 159 -12.34 27.49 14.60
C ASN D 159 -11.89 27.52 16.05
N LEU D 160 -12.76 27.19 16.99
CA LEU D 160 -12.39 27.20 18.40
C LEU D 160 -11.31 26.16 18.67
N LEU D 161 -11.56 24.91 18.27
CA LEU D 161 -10.56 23.87 18.46
C LEU D 161 -9.28 24.19 17.71
N TYR D 162 -9.40 24.80 16.53
CA TYR D 162 -8.22 25.18 15.76
C TYR D 162 -7.36 26.17 16.55
N ILE D 163 -7.98 27.26 17.02
CA ILE D 163 -7.24 28.27 17.77
C ILE D 163 -6.68 27.68 19.06
N GLY D 164 -7.39 26.74 19.68
CA GLY D 164 -6.90 26.14 20.90
C GLY D 164 -5.69 25.26 20.67
N PHE D 165 -5.77 24.35 19.70
CA PHE D 165 -4.67 23.43 19.45
C PHE D 165 -3.45 24.17 18.90
N ARG D 166 -3.66 25.06 17.94
CA ARG D 166 -2.57 25.80 17.30
C ARG D 166 -2.43 27.21 17.86
N GLY D 167 -2.67 27.39 19.16
CA GLY D 167 -2.54 28.71 19.75
C GLY D 167 -1.17 29.30 19.56
N LEU D 168 -0.12 28.49 19.73
CA LEU D 168 1.26 28.93 19.55
C LEU D 168 1.58 30.12 20.46
N ASP D 169 1.52 29.85 21.76
CA ASP D 169 1.79 30.85 22.80
C ASP D 169 0.75 31.95 22.82
N GLY D 170 -0.45 31.70 22.30
CA GLY D 170 -1.50 32.69 22.30
C GLY D 170 -2.36 32.61 23.55
N VAL D 171 -3.68 32.54 23.36
CA VAL D 171 -4.59 32.47 24.50
C VAL D 171 -4.64 31.09 25.11
N HIS D 172 -4.30 30.04 24.35
CA HIS D 172 -4.34 28.69 24.88
C HIS D 172 -3.24 28.45 25.90
N CYS D 173 -2.08 29.09 25.74
CA CYS D 173 -0.97 28.90 26.66
C CYS D 173 -1.09 29.77 27.91
N VAL D 174 -1.95 30.77 27.90
CA VAL D 174 -2.16 31.64 29.05
C VAL D 174 -3.64 31.97 29.17
N PRO D 175 -4.51 30.98 29.44
CA PRO D 175 -5.95 31.23 29.58
C PRO D 175 -6.34 31.75 30.96
N THR D 176 -5.67 32.81 31.40
CA THR D 176 -5.90 33.41 32.72
C THR D 176 -5.86 34.92 32.59
N PRO D 177 -6.99 35.53 32.22
CA PRO D 177 -7.04 37.00 32.12
C PRO D 177 -6.72 37.65 33.45
N ASP D 178 -6.59 38.98 33.41
CA ASP D 178 -6.25 39.74 34.60
C ASP D 178 -7.45 39.87 35.52
N SER D 179 -7.61 38.92 36.45
CA SER D 179 -8.70 38.93 37.41
C SER D 179 -8.26 38.65 38.83
N GLY D 180 -7.09 38.06 39.07
CA GLY D 180 -6.64 37.77 40.40
C GLY D 180 -6.98 36.38 40.89
N VAL D 181 -7.12 35.41 39.98
CA VAL D 181 -7.44 34.04 40.40
C VAL D 181 -6.37 33.48 41.32
N VAL D 182 -5.14 33.96 41.19
CA VAL D 182 -4.05 33.49 42.06
C VAL D 182 -4.33 33.87 43.50
N CYS D 183 -5.04 34.98 43.73
CA CYS D 183 -5.35 35.42 45.08
C CYS D 183 -6.79 35.92 45.21
N GLY D 184 -7.67 35.54 44.28
CA GLY D 184 -9.06 35.98 44.33
C GLY D 184 -10.04 34.83 44.39
N ARG D 185 -9.62 33.66 43.90
CA ARG D 185 -10.47 32.48 43.88
C ARG D 185 -9.70 31.29 44.40
N MET D 186 -10.42 30.38 45.07
CA MET D 186 -9.84 29.16 45.63
C MET D 186 -10.29 27.91 44.90
N ALA D 187 -11.03 28.05 43.80
CA ALA D 187 -11.52 26.90 43.05
C ALA D 187 -10.36 26.27 42.31
N CYS D 188 -9.85 25.14 42.82
CA CYS D 188 -8.73 24.43 42.22
C CYS D 188 -7.50 25.33 42.10
N SER D 189 -7.36 26.29 43.00
CA SER D 189 -6.23 27.21 42.97
C SER D 189 -6.02 27.81 44.37
N PRO D 190 -5.26 27.13 45.24
CA PRO D 190 -5.01 27.68 46.57
C PRO D 190 -4.41 29.08 46.50
N THR D 191 -5.03 30.01 47.23
CA THR D 191 -4.59 31.40 47.24
C THR D 191 -3.30 31.51 48.04
N HIS D 192 -2.17 31.55 47.32
CA HIS D 192 -0.84 31.70 47.93
C HIS D 192 -0.68 30.79 49.14
N ASP D 193 -1.27 29.59 49.09
CA ASP D 193 -1.19 28.64 50.19
C ASP D 193 0.11 27.86 50.05
N GLU D 194 1.12 28.24 50.84
CA GLU D 194 2.41 27.57 50.82
C GLU D 194 2.48 26.40 51.79
N HIS D 195 1.59 26.34 52.79
CA HIS D 195 1.58 25.27 53.77
C HIS D 195 0.62 24.15 53.40
N LEU D 196 0.22 24.05 52.13
CA LEU D 196 -0.68 23.00 51.68
C LEU D 196 0.13 21.72 51.52
N LEU D 197 0.15 20.91 52.57
CA LEU D 197 0.90 19.66 52.60
C LEU D 197 -0.10 18.51 52.76
N HIS D 198 -0.05 17.56 51.82
CA HIS D 198 -0.93 16.39 51.86
C HIS D 198 -0.37 15.38 52.86
N GLY D 199 -0.56 15.71 54.14
CA GLY D 199 -0.06 14.85 55.21
C GLY D 199 1.45 14.80 55.30
N GLY D 200 2.13 15.86 54.88
CA GLY D 200 3.57 15.93 54.92
C GLY D 200 4.24 15.81 53.56
N GLN D 201 3.55 15.24 52.57
CA GLN D 201 4.12 15.08 51.25
C GLN D 201 3.54 16.15 50.32
N PRO D 202 4.33 17.14 49.89
CA PRO D 202 3.81 18.14 48.96
C PRO D 202 3.44 17.52 47.63
N PRO D 203 2.88 18.29 46.70
CA PRO D 203 2.54 17.74 45.38
C PRO D 203 3.78 17.23 44.66
N GLU D 204 3.53 16.61 43.50
CA GLU D 204 4.59 16.03 42.69
C GLU D 204 5.36 14.97 43.49
N GLY D 205 4.63 13.91 43.86
CA GLY D 205 5.22 12.85 44.66
C GLY D 205 6.53 12.33 44.08
N ASP D 206 6.61 12.22 42.76
CA ASP D 206 7.80 11.70 42.10
C ASP D 206 8.08 12.47 40.82
N PRO D 207 9.24 13.13 40.70
CA PRO D 207 9.54 13.83 39.43
C PRO D 207 9.54 12.93 38.21
N ASP D 208 9.71 11.62 38.40
CA ASP D 208 9.68 10.70 37.26
C ASP D 208 8.34 10.77 36.53
N LEU D 209 7.27 11.10 37.25
CA LEU D 209 5.97 11.24 36.60
C LEU D 209 5.99 12.38 35.59
N ALA D 210 6.73 13.46 35.88
CA ALA D 210 6.84 14.56 34.93
C ALA D 210 7.53 14.10 33.64
N LYS D 211 8.60 13.30 33.77
CA LYS D 211 9.29 12.79 32.59
C LYS D 211 8.40 11.83 31.81
N ILE D 212 7.63 11.00 32.52
CA ILE D 212 6.71 10.10 31.84
C ILE D 212 5.66 10.90 31.07
N LEU D 213 5.12 11.94 31.69
CA LEU D 213 4.14 12.79 31.01
C LEU D 213 4.75 13.47 29.80
N GLU D 214 6.01 13.92 29.92
CA GLU D 214 6.66 14.57 28.78
C GLU D 214 6.86 13.59 27.63
N GLU D 215 7.26 12.36 27.94
CA GLU D 215 7.44 11.36 26.88
C GLU D 215 6.10 11.00 26.24
N VAL D 216 5.04 10.88 27.04
CA VAL D 216 3.72 10.59 26.48
C VAL D 216 3.25 11.75 25.62
N ARG D 217 3.59 12.99 26.01
CA ARG D 217 3.23 14.14 25.21
C ARG D 217 4.00 14.18 23.90
N TYR D 218 5.27 13.75 23.93
CA TYR D 218 6.03 13.64 22.68
C TYR D 218 5.44 12.59 21.76
N ILE D 219 5.01 11.46 22.33
CA ILE D 219 4.36 10.43 21.52
C ILE D 219 3.07 10.97 20.92
N ALA D 220 2.29 11.70 21.72
CA ALA D 220 1.06 12.29 21.21
C ALA D 220 1.34 13.33 20.13
N ASN D 221 2.45 14.07 20.25
CA ASN D 221 2.81 15.02 19.21
C ASN D 221 3.22 14.31 17.93
N ARG D 222 3.91 13.18 18.05
CA ARG D 222 4.22 12.39 16.86
C ARG D 222 2.94 11.89 16.19
N PHE D 223 1.99 11.39 16.99
CA PHE D 223 0.72 10.94 16.43
C PHE D 223 -0.04 12.09 15.78
N ARG D 224 0.02 13.28 16.39
CA ARG D 224 -0.66 14.44 15.81
C ARG D 224 0.00 14.89 14.52
N CYS D 225 1.33 14.77 14.43
CA CYS D 225 2.01 15.08 13.18
C CYS D 225 1.63 14.09 12.08
N GLN D 226 1.53 12.81 12.44
CA GLN D 226 1.07 11.82 11.47
C GLN D 226 -0.36 12.14 11.00
N ASP D 227 -1.24 12.49 11.94
CA ASP D 227 -2.61 12.83 11.59
C ASP D 227 -2.66 14.08 10.71
N GLU D 228 -1.78 15.05 10.99
CA GLU D 228 -1.75 16.26 10.17
C GLU D 228 -1.26 15.95 8.76
N SER D 229 -0.27 15.07 8.64
CA SER D 229 0.17 14.64 7.31
C SER D 229 -0.95 13.94 6.56
N GLU D 230 -1.70 13.07 7.25
CA GLU D 230 -2.81 12.39 6.61
C GLU D 230 -3.89 13.38 6.18
N ALA D 231 -4.15 14.39 7.01
CA ALA D 231 -5.16 15.39 6.67
C ALA D 231 -4.71 16.24 5.49
N VAL D 232 -3.41 16.56 5.42
CA VAL D 232 -2.89 17.30 4.28
C VAL D 232 -3.02 16.48 3.01
N CYS D 233 -2.73 15.17 3.11
CA CYS D 233 -2.90 14.31 1.95
C CYS D 233 -4.35 14.25 1.50
N SER D 234 -5.29 14.17 2.47
CA SER D 234 -6.70 14.15 2.13
C SER D 234 -7.14 15.46 1.48
N GLU D 235 -6.64 16.58 1.99
CA GLU D 235 -6.97 17.87 1.40
C GLU D 235 -6.41 17.99 -0.01
N TRP D 236 -5.21 17.47 -0.24
CA TRP D 236 -4.65 17.48 -1.59
C TRP D 236 -5.48 16.60 -2.53
N LYS D 237 -5.92 15.43 -2.04
CA LYS D 237 -6.79 14.59 -2.85
C LYS D 237 -8.10 15.29 -3.19
N PHE D 238 -8.66 16.02 -2.22
CA PHE D 238 -9.91 16.74 -2.45
C PHE D 238 -9.70 17.87 -3.45
N ALA D 239 -8.57 18.58 -3.37
CA ALA D 239 -8.29 19.64 -4.32
C ALA D 239 -8.00 19.10 -5.70
N ALA D 240 -7.50 17.87 -5.79
CA ALA D 240 -7.24 17.25 -7.09
C ALA D 240 -8.53 16.75 -7.73
N CYS D 241 -9.43 16.17 -6.93
CA CYS D 241 -10.71 15.72 -7.47
C CYS D 241 -11.55 16.88 -7.97
N VAL D 242 -11.32 18.10 -7.45
CA VAL D 242 -12.02 19.27 -7.98
C VAL D 242 -11.69 19.47 -9.45
N VAL D 243 -10.44 19.19 -9.83
CA VAL D 243 -10.04 19.32 -11.23
C VAL D 243 -10.80 18.31 -12.09
N ASP D 244 -10.93 17.07 -11.59
CA ASP D 244 -11.68 16.06 -12.34
C ASP D 244 -13.14 16.46 -12.48
N ARG D 245 -13.73 16.99 -11.41
CA ARG D 245 -15.13 17.42 -11.47
C ARG D 245 -15.31 18.56 -12.45
N LEU D 246 -14.38 19.52 -12.46
CA LEU D 246 -14.45 20.63 -13.41
C LEU D 246 -14.31 20.13 -14.84
N CYS D 247 -13.39 19.19 -15.06
CA CYS D 247 -13.23 18.63 -16.40
C CYS D 247 -14.49 17.91 -16.85
N LEU D 248 -15.12 17.14 -15.96
CA LEU D 248 -16.37 16.48 -16.29
C LEU D 248 -17.45 17.50 -16.64
N MET D 249 -17.57 18.56 -15.83
CA MET D 249 -18.59 19.57 -16.09
C MET D 249 -18.34 20.28 -17.42
N ALA D 250 -17.06 20.48 -17.78
CA ALA D 250 -16.75 21.17 -19.02
C ALA D 250 -16.91 20.26 -20.24
N PHE D 251 -16.71 18.95 -20.07
CA PHE D 251 -16.85 18.02 -21.18
C PHE D 251 -18.27 17.51 -21.35
N SER D 252 -19.13 17.67 -20.35
CA SER D 252 -20.52 17.25 -20.49
C SER D 252 -21.16 17.90 -21.71
N VAL D 253 -20.79 19.15 -22.00
CA VAL D 253 -21.34 19.84 -23.16
C VAL D 253 -20.49 19.59 -24.42
N PHE D 254 -19.18 19.42 -24.26
CA PHE D 254 -18.32 19.17 -25.41
C PHE D 254 -18.68 17.84 -26.08
N THR D 255 -18.94 16.80 -25.28
CA THR D 255 -19.32 15.51 -25.85
C THR D 255 -20.66 15.61 -26.57
N ILE D 256 -21.61 16.36 -26.01
CA ILE D 256 -22.90 16.52 -26.65
C ILE D 256 -22.74 17.26 -27.98
N ILE D 257 -21.91 18.30 -28.01
CA ILE D 257 -21.67 19.04 -29.24
C ILE D 257 -21.02 18.14 -30.29
N CYS D 258 -20.06 17.33 -29.86
CA CYS D 258 -19.39 16.42 -30.79
C CYS D 258 -20.38 15.41 -31.36
N THR D 259 -21.25 14.86 -30.51
CA THR D 259 -22.24 13.90 -30.99
C THR D 259 -23.21 14.56 -31.95
N ILE D 260 -23.65 15.78 -31.65
CA ILE D 260 -24.57 16.48 -32.54
C ILE D 260 -23.90 16.74 -33.89
N GLY D 261 -22.63 17.12 -33.87
CA GLY D 261 -21.92 17.35 -35.12
C GLY D 261 -21.74 16.08 -35.92
N ILE D 262 -21.42 14.97 -35.25
CA ILE D 262 -21.25 13.70 -35.95
C ILE D 262 -22.58 13.22 -36.52
N LEU D 263 -23.69 13.51 -35.84
CA LEU D 263 -24.99 13.08 -36.34
C LEU D 263 -25.47 13.95 -37.50
N MET D 264 -25.25 15.26 -37.42
CA MET D 264 -25.69 16.14 -38.48
C MET D 264 -24.85 15.96 -39.75
N SER D 265 -23.59 15.57 -39.61
CA SER D 265 -22.71 15.37 -40.75
C SER D 265 -22.71 13.92 -41.25
N ALA D 266 -23.49 13.03 -40.62
CA ALA D 266 -23.51 11.65 -41.07
C ALA D 266 -24.07 11.48 -42.47
N PRO D 267 -25.15 12.15 -42.87
CA PRO D 267 -25.64 11.98 -44.25
C PRO D 267 -24.62 12.36 -45.30
N ASN D 268 -23.70 13.26 -44.98
CA ASN D 268 -22.69 13.67 -45.96
C ASN D 268 -21.75 12.51 -46.29
N PHE D 269 -21.20 11.86 -45.27
CA PHE D 269 -20.29 10.73 -45.45
C PHE D 269 -20.99 9.39 -45.28
N VAL D 270 -21.66 9.18 -44.15
CA VAL D 270 -22.38 7.94 -43.90
C VAL D 270 -23.65 7.89 -44.73
N LEU E 7 -15.20 -27.00 -39.68
CA LEU E 7 -14.47 -27.73 -38.64
C LEU E 7 -13.74 -26.77 -37.72
N TYR E 8 -12.65 -26.18 -38.22
CA TYR E 8 -11.88 -25.24 -37.41
C TYR E 8 -12.68 -23.99 -37.08
N TYR E 9 -13.56 -23.56 -37.98
CA TYR E 9 -14.35 -22.36 -37.73
C TYR E 9 -15.26 -22.53 -36.52
N GLY E 10 -15.86 -23.71 -36.38
CA GLY E 10 -16.73 -23.94 -35.24
C GLY E 10 -16.02 -23.74 -33.91
N LEU E 11 -14.86 -24.37 -33.76
CA LEU E 11 -14.10 -24.22 -32.52
C LEU E 11 -13.59 -22.79 -32.35
N ASN E 12 -13.11 -22.18 -33.44
CA ASN E 12 -12.58 -20.82 -33.36
C ASN E 12 -13.67 -19.83 -32.95
N LEU E 13 -14.93 -20.13 -33.26
CA LEU E 13 -16.03 -19.26 -32.88
C LEU E 13 -16.62 -19.61 -31.52
N LEU E 14 -16.50 -20.87 -31.09
CA LEU E 14 -17.09 -21.29 -29.82
C LEU E 14 -16.16 -21.06 -28.64
N ILE E 15 -14.88 -21.42 -28.76
CA ILE E 15 -13.98 -21.32 -27.61
C ILE E 15 -13.84 -19.89 -27.11
N PRO E 16 -13.58 -18.88 -27.95
CA PRO E 16 -13.42 -17.53 -27.41
C PRO E 16 -14.68 -16.98 -26.75
N CYS E 17 -15.85 -17.22 -27.35
CA CYS E 17 -17.09 -16.71 -26.77
C CYS E 17 -17.34 -17.32 -25.40
N VAL E 18 -17.19 -18.65 -25.29
CA VAL E 18 -17.43 -19.31 -24.02
C VAL E 18 -16.41 -18.86 -22.99
N LEU E 19 -15.15 -18.72 -23.40
CA LEU E 19 -14.11 -18.27 -22.48
C LEU E 19 -14.42 -16.88 -21.95
N ILE E 20 -14.84 -15.97 -22.83
CA ILE E 20 -15.17 -14.61 -22.39
C ILE E 20 -16.39 -14.62 -21.48
N SER E 21 -17.39 -15.43 -21.81
CA SER E 21 -18.59 -15.48 -20.97
C SER E 21 -18.28 -16.02 -19.59
N ALA E 22 -17.35 -16.98 -19.51
CA ALA E 22 -16.96 -17.51 -18.21
C ALA E 22 -16.12 -16.52 -17.42
N LEU E 23 -15.18 -15.85 -18.11
CA LEU E 23 -14.31 -14.89 -17.42
C LEU E 23 -15.11 -13.70 -16.90
N ALA E 24 -16.13 -13.28 -17.65
CA ALA E 24 -16.97 -12.18 -17.18
C ALA E 24 -17.63 -12.52 -15.85
N LEU E 25 -18.27 -13.69 -15.79
CA LEU E 25 -18.93 -14.10 -14.56
C LEU E 25 -17.92 -14.30 -13.43
N LEU E 26 -16.74 -14.84 -13.75
CA LEU E 26 -15.73 -15.05 -12.73
C LEU E 26 -15.25 -13.73 -12.15
N VAL E 27 -15.08 -12.71 -13.00
CA VAL E 27 -14.64 -11.41 -12.51
C VAL E 27 -15.75 -10.72 -11.74
N PHE E 28 -17.00 -10.91 -12.17
CA PHE E 28 -18.12 -10.30 -11.45
C PHE E 28 -18.32 -10.95 -10.08
N LEU E 29 -18.01 -12.23 -9.96
CA LEU E 29 -18.13 -12.90 -8.66
C LEU E 29 -17.17 -12.33 -7.64
N LEU E 30 -16.03 -11.83 -8.09
CA LEU E 30 -15.04 -11.25 -7.19
C LEU E 30 -15.61 -10.01 -6.51
N PRO E 31 -15.77 -10.00 -5.19
CA PRO E 31 -16.29 -8.81 -4.52
C PRO E 31 -15.43 -7.58 -4.78
N ALA E 32 -15.97 -6.43 -4.41
CA ALA E 32 -15.25 -5.17 -4.57
C ALA E 32 -13.91 -5.22 -3.86
N ASP E 33 -12.85 -4.86 -4.57
CA ASP E 33 -11.49 -4.90 -4.04
C ASP E 33 -10.75 -3.66 -4.52
N SER E 34 -9.43 -3.67 -4.35
CA SER E 34 -8.59 -2.56 -4.77
C SER E 34 -8.37 -2.62 -6.27
N GLY E 35 -7.41 -1.85 -6.78
CA GLY E 35 -7.11 -1.80 -8.19
C GLY E 35 -6.97 -3.16 -8.85
N GLU E 36 -6.63 -4.18 -8.04
CA GLU E 36 -6.55 -5.54 -8.56
C GLU E 36 -7.79 -5.89 -9.39
N LYS E 37 -8.97 -5.70 -8.81
CA LYS E 37 -10.21 -5.95 -9.53
C LYS E 37 -10.19 -5.25 -10.89
N ILE E 38 -9.87 -3.95 -10.90
CA ILE E 38 -9.85 -3.20 -12.14
C ILE E 38 -8.98 -3.90 -13.18
N SER E 39 -7.83 -4.43 -12.75
CA SER E 39 -6.97 -5.16 -13.67
C SER E 39 -7.75 -6.25 -14.40
N LEU E 40 -8.45 -7.10 -13.63
CA LEU E 40 -9.27 -8.12 -14.25
C LEU E 40 -10.31 -7.51 -15.18
N GLY E 41 -10.93 -6.40 -14.76
CA GLY E 41 -11.89 -5.71 -15.60
C GLY E 41 -11.33 -5.31 -16.95
N ILE E 42 -10.01 -5.22 -17.07
CA ILE E 42 -9.39 -4.92 -18.36
C ILE E 42 -9.06 -6.20 -19.12
N THR E 43 -8.69 -7.26 -18.40
CA THR E 43 -8.32 -8.51 -19.06
C THR E 43 -9.45 -9.02 -19.94
N VAL E 44 -10.66 -9.15 -19.38
CA VAL E 44 -11.81 -9.61 -20.16
C VAL E 44 -11.97 -8.79 -21.42
N LEU E 45 -11.57 -7.51 -21.39
CA LEU E 45 -11.60 -6.67 -22.57
C LEU E 45 -10.35 -6.82 -23.42
N LEU E 46 -9.18 -6.86 -22.79
CA LEU E 46 -7.93 -6.94 -23.52
C LEU E 46 -7.87 -8.18 -24.42
N SER E 47 -8.67 -9.20 -24.13
CA SER E 47 -8.72 -10.38 -24.97
C SER E 47 -9.77 -10.27 -26.07
N LEU E 48 -10.88 -9.58 -25.82
CA LEU E 48 -11.93 -9.47 -26.82
C LEU E 48 -11.40 -8.89 -28.11
N THR E 49 -10.61 -7.82 -28.03
CA THR E 49 -10.02 -7.22 -29.22
C THR E 49 -9.28 -8.27 -30.05
N VAL E 50 -8.58 -9.18 -29.38
CA VAL E 50 -7.87 -10.24 -30.10
C VAL E 50 -8.84 -11.00 -31.00
N PHE E 51 -9.99 -11.39 -30.46
CA PHE E 51 -11.00 -12.05 -31.28
C PHE E 51 -11.38 -11.18 -32.47
N MET E 52 -11.59 -9.88 -32.25
CA MET E 52 -11.94 -8.99 -33.34
C MET E 52 -10.91 -9.04 -34.46
N LEU E 53 -9.67 -9.36 -34.12
CA LEU E 53 -8.64 -9.54 -35.16
C LEU E 53 -8.78 -10.90 -35.82
N LEU E 54 -8.95 -11.95 -35.03
CA LEU E 54 -9.07 -13.30 -35.58
C LEU E 54 -10.22 -13.37 -36.58
N VAL E 55 -11.36 -12.77 -36.24
CA VAL E 55 -12.50 -12.74 -37.16
C VAL E 55 -12.09 -12.11 -38.48
N ALA E 56 -11.31 -11.03 -38.42
CA ALA E 56 -10.88 -10.35 -39.64
C ALA E 56 -10.13 -11.29 -40.58
N GLU E 57 -9.55 -12.38 -40.05
CA GLU E 57 -8.88 -13.34 -40.91
C GLU E 57 -9.87 -14.31 -41.55
N ILE E 58 -10.91 -14.70 -40.81
CA ILE E 58 -11.88 -15.66 -41.32
C ILE E 58 -13.13 -14.99 -41.89
N MET E 59 -13.41 -13.74 -41.50
CA MET E 59 -14.59 -13.03 -41.97
C MET E 59 -14.29 -11.54 -42.02
N PRO E 60 -13.59 -11.08 -43.06
CA PRO E 60 -13.29 -9.65 -43.16
C PRO E 60 -14.56 -8.81 -43.12
N SER E 61 -14.54 -7.78 -42.29
CA SER E 61 -15.70 -6.90 -42.14
C SER E 61 -15.92 -6.02 -43.37
N THR E 62 -15.00 -6.01 -44.33
CA THR E 62 -15.17 -5.19 -45.52
C THR E 62 -16.43 -5.58 -46.28
N SER E 63 -16.72 -6.88 -46.36
CA SER E 63 -17.89 -7.38 -47.07
C SER E 63 -18.86 -8.14 -46.16
N ASP E 64 -18.53 -8.33 -44.88
CA ASP E 64 -19.40 -9.06 -43.95
C ASP E 64 -20.56 -8.17 -43.54
N SER E 65 -21.50 -8.01 -44.47
CA SER E 65 -22.71 -7.21 -44.25
C SER E 65 -23.84 -8.11 -43.78
N SER E 66 -23.73 -8.56 -42.54
CA SER E 66 -24.70 -9.46 -41.93
C SER E 66 -25.20 -8.84 -40.63
N PRO E 67 -26.35 -8.15 -40.64
CA PRO E 67 -26.85 -7.57 -39.39
C PRO E 67 -27.31 -8.58 -38.36
N SER E 68 -27.58 -9.82 -38.78
CA SER E 68 -28.00 -10.85 -37.83
C SER E 68 -26.91 -11.10 -36.78
N ILE E 69 -25.67 -11.30 -37.23
CA ILE E 69 -24.57 -11.51 -36.31
C ILE E 69 -24.09 -10.21 -35.68
N ALA E 70 -24.44 -9.06 -36.27
CA ALA E 70 -24.05 -7.78 -35.68
C ALA E 70 -24.66 -7.59 -34.30
N GLN E 71 -25.86 -8.11 -34.07
CA GLN E 71 -26.48 -8.00 -32.76
C GLN E 71 -25.60 -8.67 -31.70
N TYR E 72 -25.15 -9.89 -31.96
CA TYR E 72 -24.29 -10.58 -31.01
C TYR E 72 -22.91 -9.94 -30.92
N PHE E 73 -22.39 -9.45 -32.04
CA PHE E 73 -21.09 -8.77 -32.02
C PHE E 73 -21.13 -7.52 -31.16
N ALA E 74 -22.28 -6.82 -31.13
CA ALA E 74 -22.42 -5.65 -30.27
C ALA E 74 -22.74 -6.04 -28.83
N SER E 75 -23.49 -7.12 -28.63
CA SER E 75 -23.79 -7.58 -27.28
C SER E 75 -22.50 -8.00 -26.57
N THR E 76 -21.61 -8.69 -27.27
CA THR E 76 -20.35 -9.10 -26.67
C THR E 76 -19.50 -7.88 -26.31
N MET E 77 -19.45 -6.89 -27.20
CA MET E 77 -18.71 -5.67 -26.91
C MET E 77 -19.27 -4.97 -25.69
N ILE E 78 -20.60 -4.88 -25.58
CA ILE E 78 -21.22 -4.24 -24.44
C ILE E 78 -20.92 -5.02 -23.17
N ILE E 79 -20.94 -6.35 -23.25
CA ILE E 79 -20.67 -7.18 -22.08
C ILE E 79 -19.24 -6.98 -21.59
N VAL E 80 -18.28 -6.92 -22.52
CA VAL E 80 -16.88 -6.76 -22.11
C VAL E 80 -16.63 -5.34 -21.64
N GLY E 81 -17.39 -4.36 -22.15
CA GLY E 81 -17.22 -2.99 -21.71
C GLY E 81 -17.87 -2.69 -20.37
N LEU E 82 -18.92 -3.43 -20.03
CA LEU E 82 -19.61 -3.21 -18.76
C LEU E 82 -18.70 -3.40 -17.56
N SER E 83 -17.56 -4.07 -17.73
CA SER E 83 -16.63 -4.24 -16.63
C SER E 83 -16.08 -2.88 -16.17
N VAL E 84 -15.78 -2.00 -17.11
CA VAL E 84 -15.26 -0.68 -16.74
C VAL E 84 -16.30 0.13 -16.01
N VAL E 85 -17.58 -0.04 -16.36
CA VAL E 85 -18.65 0.68 -15.66
C VAL E 85 -18.86 0.10 -14.27
N VAL E 86 -18.79 -1.23 -14.16
CA VAL E 86 -18.95 -1.87 -12.85
C VAL E 86 -17.82 -1.44 -11.92
N THR E 87 -16.59 -1.40 -12.42
CA THR E 87 -15.47 -0.97 -11.58
C THR E 87 -15.60 0.49 -11.19
N VAL E 88 -16.08 1.34 -12.11
CA VAL E 88 -16.28 2.75 -11.80
C VAL E 88 -17.32 2.91 -10.70
N ILE E 89 -18.42 2.17 -10.81
CA ILE E 89 -19.47 2.26 -9.79
C ILE E 89 -18.95 1.73 -8.46
N VAL E 90 -18.14 0.68 -8.48
CA VAL E 90 -17.56 0.13 -7.25
C VAL E 90 -16.68 1.19 -6.58
N LEU E 91 -15.83 1.83 -7.37
CA LEU E 91 -14.96 2.87 -6.81
C LEU E 91 -15.77 4.03 -6.26
N GLN E 92 -16.84 4.42 -6.97
CA GLN E 92 -17.69 5.51 -6.50
C GLN E 92 -18.33 5.17 -5.16
N TYR E 93 -18.88 3.95 -5.05
CA TYR E 93 -19.52 3.54 -3.81
C TYR E 93 -18.52 3.24 -2.70
N HIS E 94 -17.25 3.04 -3.05
CA HIS E 94 -16.22 2.80 -2.04
C HIS E 94 -15.55 4.07 -1.56
N HIS E 95 -15.56 5.13 -2.35
CA HIS E 95 -14.92 6.38 -1.96
C HIS E 95 -15.90 7.33 -1.25
N HIS E 96 -17.07 7.56 -1.86
CA HIS E 96 -18.07 8.46 -1.29
C HIS E 96 -17.48 9.85 -1.02
N ASP E 97 -17.07 10.50 -2.10
CA ASP E 97 -16.48 11.83 -1.99
C ASP E 97 -17.48 12.77 -1.30
N PRO E 98 -17.01 13.68 -0.45
CA PRO E 98 -17.94 14.61 0.21
C PRO E 98 -18.81 15.38 -0.76
N ASP E 99 -18.28 15.76 -1.93
CA ASP E 99 -19.06 16.53 -2.89
C ASP E 99 -20.06 15.64 -3.63
N GLY E 100 -19.64 14.44 -4.01
CA GLY E 100 -20.49 13.50 -4.74
C GLY E 100 -20.98 12.39 -3.85
N GLY E 101 -21.00 11.18 -4.40
CA GLY E 101 -21.46 10.02 -3.67
C GLY E 101 -22.98 10.01 -3.51
N LYS E 102 -23.43 9.07 -2.68
CA LYS E 102 -24.84 8.89 -2.39
C LYS E 102 -25.11 9.20 -0.92
N MET E 103 -26.38 9.41 -0.61
CA MET E 103 -26.78 9.72 0.76
C MET E 103 -26.51 8.51 1.66
N PRO E 104 -25.60 8.60 2.63
CA PRO E 104 -25.33 7.42 3.48
C PRO E 104 -26.56 6.96 4.25
N LYS E 105 -27.33 7.89 4.81
CA LYS E 105 -28.49 7.49 5.62
C LYS E 105 -29.52 6.76 4.78
N TRP E 106 -29.79 7.24 3.56
CA TRP E 106 -30.80 6.61 2.72
C TRP E 106 -30.41 5.18 2.37
N THR E 107 -29.15 4.95 2.00
CA THR E 107 -28.69 3.63 1.60
C THR E 107 -28.36 2.73 2.78
N ARG E 108 -28.28 3.28 4.00
CA ARG E 108 -27.93 2.46 5.16
C ARG E 108 -28.98 1.38 5.41
N VAL E 109 -30.25 1.75 5.35
CA VAL E 109 -31.32 0.79 5.60
C VAL E 109 -31.32 -0.29 4.51
N ILE E 110 -31.14 0.12 3.25
CA ILE E 110 -31.13 -0.84 2.15
C ILE E 110 -29.97 -1.82 2.32
N LEU E 111 -28.79 -1.31 2.70
CA LEU E 111 -27.64 -2.18 2.88
C LEU E 111 -27.86 -3.13 4.05
N LEU E 112 -28.41 -2.62 5.16
CA LEU E 112 -28.66 -3.49 6.31
C LEU E 112 -29.67 -4.58 5.97
N ASN E 113 -30.67 -4.25 5.16
CA ASN E 113 -31.67 -5.26 4.77
C ASN E 113 -31.06 -6.28 3.81
N TRP E 114 -30.27 -5.83 2.85
CA TRP E 114 -29.69 -6.75 1.87
C TRP E 114 -28.64 -7.65 2.50
N CYS E 115 -27.91 -7.15 3.50
CA CYS E 115 -26.94 -7.99 4.19
C CYS E 115 -27.62 -9.19 4.83
N ALA E 116 -28.80 -8.99 5.43
CA ALA E 116 -29.54 -10.09 6.02
C ALA E 116 -30.20 -10.95 4.95
N TRP E 117 -30.67 -10.33 3.86
CA TRP E 117 -31.29 -11.09 2.79
C TRP E 117 -30.30 -12.02 2.11
N PHE E 118 -29.01 -11.64 2.07
CA PHE E 118 -28.00 -12.51 1.48
C PHE E 118 -27.64 -13.66 2.41
N LEU E 119 -27.56 -13.39 3.71
CA LEU E 119 -27.25 -14.44 4.67
C LEU E 119 -28.49 -15.28 4.98
N ARG E 120 -29.53 -14.64 5.49
CA ARG E 120 -30.80 -15.29 5.81
C ARG E 120 -31.85 -14.74 4.86
N MET E 121 -32.01 -15.40 3.71
CA MET E 121 -32.95 -14.94 2.70
C MET E 121 -34.37 -14.95 3.26
N LYS E 122 -35.17 -13.96 2.84
CA LYS E 122 -36.55 -13.84 3.27
C LYS E 122 -37.39 -14.86 2.49
N ARG E 123 -37.32 -16.10 2.92
CA ARG E 123 -38.03 -17.20 2.29
C ARG E 123 -38.68 -18.04 3.38
N PRO E 124 -39.66 -18.88 3.01
CA PRO E 124 -40.31 -19.71 4.05
C PRO E 124 -39.34 -20.63 4.77
N GLY E 125 -38.33 -21.16 4.08
CA GLY E 125 -37.40 -22.07 4.70
C GLY E 125 -36.68 -21.46 5.89
N GLU E 126 -36.45 -20.15 5.86
CA GLU E 126 -35.77 -19.46 6.95
C GLU E 126 -36.72 -18.78 7.92
N ASP E 127 -37.96 -18.51 7.51
CA ASP E 127 -38.93 -17.84 8.37
C ASP E 127 -39.70 -18.83 9.24
N LYS E 128 -40.10 -19.98 8.68
CA LYS E 128 -40.87 -20.95 9.43
C LYS E 128 -39.99 -21.84 10.29
N VAL E 129 -38.74 -22.07 9.88
CA VAL E 129 -37.83 -22.94 10.61
C VAL E 129 -37.13 -22.07 11.65
N ARG E 130 -37.78 -21.89 12.78
CA ARG E 130 -37.24 -21.10 13.89
C ARG E 130 -38.18 -21.23 15.07
N PRO E 131 -37.70 -20.93 16.28
CA PRO E 131 -38.58 -21.02 17.46
C PRO E 131 -39.77 -20.08 17.34
N ALA E 132 -40.88 -20.50 17.92
CA ALA E 132 -42.10 -19.70 17.91
C ALA E 132 -42.90 -19.98 19.17
N CYS E 133 -43.55 -18.94 19.69
CA CYS E 133 -44.36 -19.07 20.89
C CYS E 133 -45.21 -17.82 21.04
N GLN E 134 -46.39 -18.00 21.63
CA GLN E 134 -47.32 -16.89 21.85
C GLN E 134 -46.92 -16.01 23.02
N HIS E 135 -45.93 -16.42 23.82
CA HIS E 135 -45.51 -15.64 24.98
C HIS E 135 -44.99 -14.28 24.51
N LYS E 136 -44.82 -13.37 25.48
CA LYS E 136 -44.34 -12.03 25.19
C LYS E 136 -42.91 -12.01 24.68
N GLN E 137 -42.19 -13.13 24.76
CA GLN E 137 -40.81 -13.18 24.27
C GLN E 137 -40.73 -12.80 22.80
N ARG E 138 -41.77 -13.11 22.02
CA ARG E 138 -41.80 -12.80 20.60
C ARG E 138 -42.74 -11.64 20.27
N ARG E 139 -43.24 -10.94 21.29
CA ARG E 139 -44.13 -9.80 21.08
C ARG E 139 -43.35 -8.50 21.08
N CYS E 140 -44.03 -7.41 20.72
CA CYS E 140 -43.44 -6.10 20.65
C CYS E 140 -43.99 -5.22 21.76
N SER E 141 -43.20 -4.21 22.15
CA SER E 141 -43.58 -3.28 23.20
C SER E 141 -43.03 -1.91 22.86
N LEU E 142 -43.24 -0.96 23.77
CA LEU E 142 -42.76 0.40 23.55
C LEU E 142 -41.24 0.44 23.43
N ALA E 143 -40.53 -0.50 24.07
CA ALA E 143 -39.08 -0.52 24.00
C ALA E 143 -38.58 -0.87 22.60
N SER E 144 -39.41 -1.54 21.79
CA SER E 144 -39.02 -1.92 20.44
C SER E 144 -39.41 -0.89 19.39
N VAL E 145 -40.28 0.06 19.72
CA VAL E 145 -40.71 1.08 18.77
C VAL E 145 -39.53 2.02 18.54
N GLU E 146 -39.00 2.02 17.32
CA GLU E 146 -37.87 2.86 16.95
C GLU E 146 -38.24 3.92 15.90
N MET E 147 -39.54 4.11 15.65
CA MET E 147 -39.98 5.09 14.68
C MET E 147 -39.93 6.52 15.20
N SER E 148 -39.55 6.73 16.46
CA SER E 148 -39.47 8.05 17.06
C SER E 148 -38.04 8.49 17.31
N ALA E 149 -37.07 7.86 16.66
CA ALA E 149 -35.65 8.21 16.81
C ALA E 149 -35.22 8.08 18.27
N VAL E 150 -35.33 6.85 18.79
CA VAL E 150 -34.95 6.55 20.16
C VAL E 150 -33.77 5.59 20.13
N ALA E 151 -33.22 5.33 21.32
CA ALA E 151 -32.07 4.43 21.43
C ALA E 151 -32.48 3.02 21.01
N PRO E 152 -31.70 2.33 20.19
CA PRO E 152 -32.04 0.96 19.81
C PRO E 152 -32.15 0.06 21.03
N PRO E 153 -32.76 -1.11 20.89
CA PRO E 153 -32.88 -2.03 22.03
C PRO E 153 -31.51 -2.41 22.57
N PRO E 154 -31.29 -2.27 23.88
CA PRO E 154 -29.98 -2.69 24.44
C PRO E 154 -29.69 -4.14 24.14
N ALA E 155 -28.62 -4.37 23.38
CA ALA E 155 -28.23 -5.71 22.99
C ALA E 155 -26.73 -5.73 22.71
N SER E 156 -26.10 -6.87 22.96
CA SER E 156 -24.67 -7.03 22.75
C SER E 156 -24.30 -7.22 21.28
N ASN E 157 -25.28 -7.20 20.38
CA ASN E 157 -25.02 -7.37 18.96
C ASN E 157 -24.62 -6.07 18.26
N GLY E 158 -24.25 -5.04 19.03
CA GLY E 158 -23.86 -3.77 18.47
C GLY E 158 -24.77 -2.63 18.85
N ASN E 159 -25.53 -2.81 19.93
CA ASN E 159 -26.45 -1.78 20.43
C ASN E 159 -26.05 -1.27 21.80
N LEU E 160 -25.83 -2.16 22.76
CA LEU E 160 -25.43 -1.72 24.10
C LEU E 160 -24.08 -1.03 24.08
N LEU E 161 -23.07 -1.70 23.50
CA LEU E 161 -21.75 -1.08 23.40
C LEU E 161 -21.80 0.18 22.55
N TYR E 162 -22.64 0.20 21.52
CA TYR E 162 -22.78 1.39 20.70
C TYR E 162 -23.28 2.57 21.53
N ILE E 163 -24.39 2.39 22.25
CA ILE E 163 -24.94 3.46 23.07
C ILE E 163 -23.97 3.86 24.16
N GLY E 164 -23.20 2.91 24.69
CA GLY E 164 -22.23 3.24 25.73
C GLY E 164 -21.09 4.09 25.21
N PHE E 165 -20.47 3.65 24.12
CA PHE E 165 -19.31 4.37 23.59
C PHE E 165 -19.73 5.73 23.03
N ARG E 166 -20.81 5.78 22.27
CA ARG E 166 -21.29 7.02 21.65
C ARG E 166 -22.43 7.64 22.41
N GLY E 167 -22.42 7.53 23.75
CA GLY E 167 -23.48 8.14 24.53
C GLY E 167 -23.64 9.62 24.28
N LEU E 168 -22.51 10.34 24.20
CA LEU E 168 -22.52 11.77 23.93
C LEU E 168 -23.34 12.52 24.98
N ASP E 169 -22.86 12.45 26.23
CA ASP E 169 -23.49 13.09 27.37
C ASP E 169 -24.85 12.47 27.72
N GLY E 170 -25.08 11.24 27.30
CA GLY E 170 -26.33 10.57 27.60
C GLY E 170 -26.28 9.80 28.90
N VAL E 171 -26.68 8.53 28.87
CA VAL E 171 -26.67 7.71 30.08
C VAL E 171 -25.26 7.24 30.45
N HIS E 172 -24.35 7.17 29.48
CA HIS E 172 -23.00 6.71 29.78
C HIS E 172 -22.22 7.73 30.60
N CYS E 173 -22.49 9.02 30.40
CA CYS E 173 -21.78 10.06 31.15
C CYS E 173 -22.37 10.30 32.52
N VAL E 174 -23.57 9.82 32.79
CA VAL E 174 -24.21 9.98 34.10
C VAL E 174 -24.96 8.71 34.44
N PRO E 175 -24.26 7.57 34.63
CA PRO E 175 -24.92 6.30 34.99
C PRO E 175 -25.26 6.19 36.47
N THR E 176 -25.94 7.20 37.00
CA THR E 176 -26.30 7.25 38.41
C THR E 176 -27.73 7.77 38.54
N PRO E 177 -28.72 6.88 38.42
CA PRO E 177 -30.11 7.31 38.57
C PRO E 177 -30.36 7.90 39.95
N ASP E 178 -31.57 8.44 40.13
CA ASP E 178 -31.94 9.08 41.38
C ASP E 178 -32.23 8.04 42.45
N SER E 179 -31.21 7.63 43.20
CA SER E 179 -31.36 6.65 44.27
C SER E 179 -30.69 7.06 45.57
N GLY E 180 -29.73 7.98 45.56
CA GLY E 180 -29.06 8.39 46.77
C GLY E 180 -27.77 7.64 47.05
N VAL E 181 -27.09 7.15 46.02
CA VAL E 181 -25.84 6.42 46.22
C VAL E 181 -24.80 7.29 46.90
N VAL E 182 -24.89 8.61 46.71
CA VAL E 182 -23.94 9.52 47.35
C VAL E 182 -24.09 9.47 48.86
N CYS E 183 -25.30 9.17 49.35
CA CYS E 183 -25.53 9.10 50.79
C CYS E 183 -26.41 7.91 51.17
N GLY E 184 -26.53 6.90 50.31
CA GLY E 184 -27.36 5.75 50.59
C GLY E 184 -26.59 4.44 50.56
N ARG E 185 -25.47 4.42 49.83
CA ARG E 185 -24.64 3.24 49.71
C ARG E 185 -23.19 3.60 49.93
N MET E 186 -22.44 2.65 50.50
CA MET E 186 -21.01 2.84 50.78
C MET E 186 -20.13 1.96 49.91
N ALA E 187 -20.71 1.25 48.94
CA ALA E 187 -19.95 0.37 48.07
C ALA E 187 -19.15 1.22 47.09
N CYS E 188 -17.84 1.35 47.35
CA CYS E 188 -16.95 2.14 46.51
C CYS E 188 -17.42 3.59 46.40
N SER E 189 -18.10 4.09 47.43
CA SER E 189 -18.60 5.45 47.44
C SER E 189 -18.80 5.92 48.87
N PRO E 190 -17.78 6.47 49.51
CA PRO E 190 -17.94 6.95 50.89
C PRO E 190 -19.07 7.97 50.99
N THR E 191 -19.99 7.73 51.93
CA THR E 191 -21.14 8.60 52.12
C THR E 191 -20.68 9.90 52.78
N HIS E 192 -20.51 10.95 51.97
CA HIS E 192 -20.12 12.27 52.44
C HIS E 192 -18.98 12.20 53.45
N ASP E 193 -18.07 11.25 53.26
CA ASP E 193 -16.93 11.07 54.16
C ASP E 193 -15.82 12.02 53.74
N GLU E 194 -15.69 13.15 54.44
CA GLU E 194 -14.66 14.13 54.14
C GLU E 194 -13.36 13.86 54.88
N HIS E 195 -13.39 13.07 55.95
CA HIS E 195 -12.21 12.76 56.73
C HIS E 195 -11.54 11.46 56.30
N LEU E 196 -11.83 10.98 55.09
CA LEU E 196 -11.22 9.76 54.58
C LEU E 196 -9.81 10.09 54.10
N LEU E 197 -8.84 9.90 55.00
CA LEU E 197 -7.44 10.19 54.72
C LEU E 197 -6.65 8.89 54.80
N HIS E 198 -5.94 8.57 53.71
CA HIS E 198 -5.12 7.35 53.66
C HIS E 198 -3.81 7.60 54.40
N GLY E 199 -3.91 7.61 55.73
CA GLY E 199 -2.75 7.86 56.56
C GLY E 199 -2.21 9.27 56.46
N GLY E 200 -3.07 10.24 56.16
CA GLY E 200 -2.68 11.63 56.03
C GLY E 200 -2.64 12.13 54.60
N GLN E 201 -2.52 11.25 53.62
CA GLN E 201 -2.46 11.64 52.22
C GLN E 201 -3.81 11.40 51.58
N PRO E 202 -4.57 12.43 51.23
CA PRO E 202 -5.87 12.22 50.55
C PRO E 202 -5.65 11.59 49.18
N PRO E 203 -6.74 11.28 48.47
CA PRO E 203 -6.60 10.70 47.13
C PRO E 203 -5.88 11.66 46.19
N GLU E 204 -5.62 11.16 44.98
CA GLU E 204 -4.89 11.93 43.97
C GLU E 204 -3.52 12.34 44.48
N GLY E 205 -2.69 11.33 44.74
CA GLY E 205 -1.36 11.58 45.27
C GLY E 205 -0.58 12.60 44.47
N ASP E 206 -0.72 12.58 43.15
CA ASP E 206 0.00 13.50 42.28
C ASP E 206 -0.88 13.95 41.13
N PRO E 207 -1.15 15.25 40.98
CA PRO E 207 -1.96 15.70 39.84
C PRO E 207 -1.35 15.34 38.50
N ASP E 208 -0.05 15.07 38.42
CA ASP E 208 0.56 14.68 37.16
C ASP E 208 -0.07 13.41 36.61
N LEU E 209 -0.56 12.54 37.49
CA LEU E 209 -1.25 11.33 37.04
C LEU E 209 -2.49 11.67 36.24
N ALA E 210 -3.19 12.75 36.62
CA ALA E 210 -4.37 13.16 35.86
C ALA E 210 -3.99 13.59 34.46
N LYS E 211 -2.90 14.34 34.31
CA LYS E 211 -2.45 14.75 32.98
C LYS E 211 -1.99 13.55 32.16
N ILE E 212 -1.31 12.60 32.81
CA ILE E 212 -0.90 11.38 32.11
C ILE E 212 -2.12 10.61 31.61
N LEU E 213 -3.14 10.49 32.46
CA LEU E 213 -4.36 9.80 32.05
C LEU E 213 -5.05 10.55 30.91
N GLU E 214 -5.05 11.87 30.95
CA GLU E 214 -5.68 12.65 29.89
C GLU E 214 -4.94 12.45 28.57
N GLU E 215 -3.61 12.44 28.60
CA GLU E 215 -2.84 12.22 27.38
C GLU E 215 -3.06 10.81 26.84
N VAL E 216 -3.10 9.81 27.73
CA VAL E 216 -3.36 8.45 27.29
C VAL E 216 -4.75 8.33 26.70
N ARG E 217 -5.72 9.08 27.25
CA ARG E 217 -7.07 9.07 26.71
C ARG E 217 -7.11 9.74 25.35
N TYR E 218 -6.32 10.80 25.15
CA TYR E 218 -6.22 11.42 23.83
C TYR E 218 -5.61 10.46 22.82
N ILE E 219 -4.59 9.71 23.22
CA ILE E 219 -3.99 8.71 22.34
C ILE E 219 -5.01 7.63 21.99
N ALA E 220 -5.78 7.19 22.99
CA ALA E 220 -6.82 6.19 22.74
C ALA E 220 -7.91 6.75 21.83
N ASN E 221 -8.22 8.04 21.94
CA ASN E 221 -9.21 8.64 21.04
C ASN E 221 -8.67 8.72 19.62
N ARG E 222 -7.38 9.01 19.45
CA ARG E 222 -6.78 8.96 18.13
C ARG E 222 -6.86 7.56 17.54
N PHE E 223 -6.53 6.55 18.34
CA PHE E 223 -6.63 5.17 17.87
C PHE E 223 -8.06 4.80 17.52
N ARG E 224 -9.03 5.27 18.31
CA ARG E 224 -10.43 4.98 18.02
C ARG E 224 -10.89 5.69 16.75
N CYS E 225 -10.39 6.89 16.49
CA CYS E 225 -10.72 7.57 15.25
C CYS E 225 -10.14 6.82 14.05
N GLN E 226 -8.90 6.33 14.19
CA GLN E 226 -8.32 5.51 13.12
C GLN E 226 -9.15 4.25 12.89
N ASP E 227 -9.57 3.59 13.97
CA ASP E 227 -10.38 2.38 13.83
C ASP E 227 -11.73 2.71 13.20
N GLU E 228 -12.31 3.86 13.53
CA GLU E 228 -13.58 4.25 12.94
C GLU E 228 -13.43 4.53 11.45
N SER E 229 -12.32 5.17 11.06
CA SER E 229 -12.06 5.38 9.64
C SER E 229 -11.91 4.04 8.92
N GLU E 230 -11.19 3.09 9.53
CA GLU E 230 -11.03 1.78 8.93
C GLU E 230 -12.38 1.07 8.79
N ALA E 231 -13.23 1.20 9.81
CA ALA E 231 -14.55 0.56 9.77
C ALA E 231 -15.43 1.20 8.71
N VAL E 232 -15.33 2.52 8.54
CA VAL E 232 -16.09 3.20 7.49
C VAL E 232 -15.61 2.74 6.12
N CYS E 233 -14.30 2.58 5.96
CA CYS E 233 -13.77 2.07 4.69
C CYS E 233 -14.26 0.66 4.42
N SER E 234 -14.29 -0.19 5.46
CA SER E 234 -14.78 -1.55 5.28
C SER E 234 -16.26 -1.56 4.94
N GLU E 235 -17.05 -0.69 5.56
CA GLU E 235 -18.47 -0.62 5.24
C GLU E 235 -18.69 -0.12 3.82
N TRP E 236 -17.88 0.83 3.37
CA TRP E 236 -17.98 1.28 1.98
C TRP E 236 -17.60 0.16 1.02
N LYS E 237 -16.58 -0.62 1.34
CA LYS E 237 -16.21 -1.76 0.51
C LYS E 237 -17.34 -2.78 0.45
N PHE E 238 -18.00 -3.03 1.59
CA PHE E 238 -19.11 -3.98 1.63
C PHE E 238 -20.30 -3.46 0.82
N ALA E 239 -20.57 -2.16 0.88
CA ALA E 239 -21.66 -1.58 0.11
C ALA E 239 -21.34 -1.58 -1.38
N ALA E 240 -20.06 -1.50 -1.73
CA ALA E 240 -19.67 -1.54 -3.14
C ALA E 240 -19.73 -2.95 -3.70
N CYS E 241 -19.31 -3.94 -2.91
CA CYS E 241 -19.41 -5.33 -3.36
C CYS E 241 -20.85 -5.77 -3.55
N VAL E 242 -21.80 -5.11 -2.88
CA VAL E 242 -23.21 -5.41 -3.10
C VAL E 242 -23.59 -5.12 -4.55
N VAL E 243 -23.02 -4.06 -5.12
CA VAL E 243 -23.29 -3.73 -6.52
C VAL E 243 -22.76 -4.81 -7.44
N ASP E 244 -21.56 -5.32 -7.16
CA ASP E 244 -21.00 -6.40 -7.96
C ASP E 244 -21.85 -7.66 -7.86
N ARG E 245 -22.33 -7.98 -6.65
CA ARG E 245 -23.17 -9.16 -6.47
C ARG E 245 -24.49 -9.00 -7.23
N LEU E 246 -25.09 -7.81 -7.18
CA LEU E 246 -26.33 -7.57 -7.90
C LEU E 246 -26.10 -7.68 -9.40
N CYS E 247 -24.98 -7.14 -9.90
CA CYS E 247 -24.67 -7.24 -11.31
C CYS E 247 -24.50 -8.70 -11.72
N LEU E 248 -23.81 -9.49 -10.91
CA LEU E 248 -23.65 -10.91 -11.20
C LEU E 248 -25.00 -11.61 -11.23
N MET E 249 -25.87 -11.33 -10.26
CA MET E 249 -27.18 -11.97 -10.22
C MET E 249 -28.02 -11.57 -11.42
N ALA E 250 -27.88 -10.33 -11.89
CA ALA E 250 -28.67 -9.87 -13.04
C ALA E 250 -28.12 -10.40 -14.35
N PHE E 251 -26.81 -10.62 -14.44
CA PHE E 251 -26.21 -11.12 -15.66
C PHE E 251 -26.20 -12.64 -15.75
N SER E 252 -26.43 -13.35 -14.65
CA SER E 252 -26.50 -14.80 -14.70
C SER E 252 -27.55 -15.26 -15.70
N VAL E 253 -28.65 -14.51 -15.82
CA VAL E 253 -29.70 -14.87 -16.77
C VAL E 253 -29.45 -14.22 -18.13
N PHE E 254 -28.84 -13.03 -18.17
CA PHE E 254 -28.58 -12.38 -19.44
C PHE E 254 -27.59 -13.18 -20.27
N THR E 255 -26.54 -13.73 -19.64
CA THR E 255 -25.59 -14.54 -20.38
C THR E 255 -26.23 -15.80 -20.91
N ILE E 256 -27.11 -16.42 -20.11
CA ILE E 256 -27.80 -17.63 -20.57
C ILE E 256 -28.70 -17.31 -21.76
N ILE E 257 -29.41 -16.18 -21.70
CA ILE E 257 -30.27 -15.78 -22.81
C ILE E 257 -29.44 -15.53 -24.06
N CYS E 258 -28.29 -14.85 -23.90
CA CYS E 258 -27.43 -14.58 -25.05
C CYS E 258 -26.91 -15.87 -25.66
N THR E 259 -26.51 -16.83 -24.82
CA THR E 259 -26.02 -18.11 -25.33
C THR E 259 -27.13 -18.87 -26.05
N ILE E 260 -28.34 -18.86 -25.49
CA ILE E 260 -29.46 -19.53 -26.13
C ILE E 260 -29.76 -18.90 -27.48
N GLY E 261 -29.71 -17.57 -27.56
CA GLY E 261 -29.95 -16.89 -28.82
C GLY E 261 -28.87 -17.19 -29.85
N ILE E 262 -27.62 -17.22 -29.42
CA ILE E 262 -26.52 -17.52 -30.34
C ILE E 262 -26.60 -18.95 -30.82
N LEU E 263 -27.07 -19.87 -29.98
CA LEU E 263 -27.18 -21.27 -30.38
C LEU E 263 -28.37 -21.50 -31.31
N MET E 264 -29.51 -20.85 -31.03
CA MET E 264 -30.68 -21.03 -31.87
C MET E 264 -30.50 -20.38 -33.25
N SER E 265 -29.71 -19.31 -33.32
CA SER E 265 -29.47 -18.61 -34.58
C SER E 265 -28.23 -19.11 -35.31
N ALA E 266 -27.54 -20.10 -34.76
CA ALA E 266 -26.34 -20.61 -35.42
C ALA E 266 -26.65 -21.26 -36.76
N PRO E 267 -27.69 -22.09 -36.91
CA PRO E 267 -27.95 -22.69 -38.23
C PRO E 267 -28.20 -21.65 -39.32
N ASN E 268 -28.68 -20.46 -38.96
CA ASN E 268 -28.93 -19.43 -39.96
C ASN E 268 -27.63 -18.96 -40.60
N PHE E 269 -26.66 -18.59 -39.77
CA PHE E 269 -25.36 -18.12 -40.25
C PHE E 269 -24.30 -19.21 -40.23
N VAL E 270 -24.09 -19.85 -39.08
CA VAL E 270 -23.11 -20.91 -38.97
C VAL E 270 -23.62 -22.18 -39.64
N LEU A 7 12.36 -25.38 -41.66
CA LEU A 7 13.47 -24.86 -40.87
C LEU A 7 13.00 -23.81 -39.88
N TYR A 8 12.68 -22.61 -40.39
CA TYR A 8 12.21 -21.54 -39.53
C TYR A 8 10.87 -21.86 -38.90
N TYR A 9 10.02 -22.60 -39.60
CA TYR A 9 8.70 -22.95 -39.05
C TYR A 9 8.83 -23.79 -37.79
N GLY A 10 9.77 -24.75 -37.79
CA GLY A 10 9.95 -25.57 -36.61
C GLY A 10 10.25 -24.76 -35.37
N LEU A 11 11.23 -23.86 -35.45
CA LEU A 11 11.57 -23.02 -34.30
C LEU A 11 10.43 -22.07 -33.97
N ASN A 12 9.80 -21.47 -34.98
CA ASN A 12 8.72 -20.53 -34.72
C ASN A 12 7.55 -21.21 -34.03
N LEU A 13 7.38 -22.51 -34.22
CA LEU A 13 6.30 -23.24 -33.57
C LEU A 13 6.72 -23.83 -32.23
N LEU A 14 8.01 -24.11 -32.04
CA LEU A 14 8.48 -24.75 -30.81
C LEU A 14 8.78 -23.73 -29.72
N ILE A 15 9.48 -22.64 -30.05
CA ILE A 15 9.90 -21.69 -29.02
C ILE A 15 8.71 -21.07 -28.30
N PRO A 16 7.69 -20.55 -28.98
CA PRO A 16 6.58 -19.92 -28.24
C PRO A 16 5.83 -20.90 -27.35
N CYS A 17 5.56 -22.10 -27.84
CA CYS A 17 4.83 -23.08 -27.04
C CYS A 17 5.60 -23.45 -25.78
N VAL A 18 6.89 -23.74 -25.92
CA VAL A 18 7.70 -24.10 -24.76
C VAL A 18 7.80 -22.93 -23.79
N LEU A 19 7.98 -21.72 -24.33
CA LEU A 19 8.06 -20.54 -23.46
C LEU A 19 6.78 -20.35 -22.67
N ILE A 20 5.62 -20.49 -23.32
CA ILE A 20 4.35 -20.34 -22.62
C ILE A 20 4.17 -21.44 -21.59
N SER A 21 4.54 -22.68 -21.93
CA SER A 21 4.39 -23.78 -20.99
C SER A 21 5.27 -23.57 -19.76
N ALA A 22 6.46 -23.01 -19.96
CA ALA A 22 7.34 -22.74 -18.82
C ALA A 22 6.83 -21.58 -17.98
N LEU A 23 6.37 -20.52 -18.64
CA LEU A 23 5.88 -19.35 -17.91
C LEU A 23 4.63 -19.68 -17.10
N ALA A 24 3.76 -20.55 -17.64
CA ALA A 24 2.58 -20.96 -16.90
C ALA A 24 2.96 -21.62 -15.58
N LEU A 25 3.87 -22.60 -15.64
CA LEU A 25 4.29 -23.28 -14.43
C LEU A 25 5.02 -22.35 -13.48
N LEU A 26 5.81 -21.42 -14.03
CA LEU A 26 6.53 -20.47 -13.18
C LEU A 26 5.57 -19.55 -12.44
N VAL A 27 4.50 -19.11 -13.11
CA VAL A 27 3.52 -18.24 -12.48
C VAL A 27 2.70 -19.03 -11.46
N PHE A 28 2.38 -20.29 -11.78
CA PHE A 28 1.61 -21.11 -10.83
C PHE A 28 2.43 -21.44 -9.59
N LEU A 29 3.75 -21.57 -9.73
CA LEU A 29 4.59 -21.83 -8.57
C LEU A 29 4.57 -20.67 -7.58
N LEU A 30 4.37 -19.45 -8.07
CA LEU A 30 4.34 -18.28 -7.19
C LEU A 30 3.14 -18.38 -6.25
N PRO A 31 3.35 -18.46 -4.93
CA PRO A 31 2.21 -18.53 -4.01
C PRO A 31 1.28 -17.33 -4.16
N ALA A 32 0.12 -17.44 -3.52
CA ALA A 32 -0.86 -16.36 -3.56
C ALA A 32 -0.24 -15.06 -3.03
N ASP A 33 -0.40 -13.99 -3.79
CA ASP A 33 0.18 -12.69 -3.44
C ASP A 33 -0.85 -11.61 -3.76
N SER A 34 -0.39 -10.36 -3.77
CA SER A 34 -1.24 -9.22 -4.07
C SER A 34 -1.41 -9.12 -5.59
N GLY A 35 -1.95 -7.99 -6.05
CA GLY A 35 -2.18 -7.76 -7.47
C GLY A 35 -1.00 -8.11 -8.35
N GLU A 36 0.21 -8.08 -7.77
CA GLU A 36 1.40 -8.48 -8.53
C GLU A 36 1.17 -9.80 -9.25
N LYS A 37 0.76 -10.83 -8.51
CA LYS A 37 0.45 -12.12 -9.11
C LYS A 37 -0.47 -11.94 -10.32
N ILE A 38 -1.57 -11.21 -10.15
CA ILE A 38 -2.52 -11.02 -11.24
C ILE A 38 -1.80 -10.49 -12.47
N SER A 39 -0.88 -9.55 -12.29
CA SER A 39 -0.12 -9.02 -13.41
C SER A 39 0.51 -10.14 -14.21
N LEU A 40 1.24 -11.04 -13.53
CA LEU A 40 1.82 -12.18 -14.22
C LEU A 40 0.74 -13.01 -14.90
N GLY A 41 -0.40 -13.21 -14.23
CA GLY A 41 -1.49 -13.94 -14.82
C GLY A 41 -1.97 -13.37 -16.14
N ILE A 42 -1.68 -12.10 -16.40
CA ILE A 42 -2.02 -11.49 -17.68
C ILE A 42 -0.87 -11.64 -18.68
N THR A 43 0.37 -11.59 -18.20
CA THR A 43 1.51 -11.69 -19.09
C THR A 43 1.45 -12.98 -19.92
N VAL A 44 1.31 -14.12 -19.25
CA VAL A 44 1.23 -15.40 -19.95
C VAL A 44 0.16 -15.35 -21.03
N LEU A 45 -0.89 -14.57 -20.82
CA LEU A 45 -1.93 -14.40 -21.84
C LEU A 45 -1.56 -13.31 -22.83
N LEU A 46 -1.03 -12.18 -22.35
CA LEU A 46 -0.71 -11.06 -23.23
C LEU A 46 0.25 -11.45 -24.34
N SER A 47 1.02 -12.53 -24.14
CA SER A 47 1.93 -13.01 -25.18
C SER A 47 1.28 -14.01 -26.11
N LEU A 48 0.33 -14.82 -25.60
CA LEU A 48 -0.30 -15.84 -26.43
C LEU A 48 -0.93 -15.21 -27.68
N THR A 49 -1.66 -14.10 -27.49
CA THR A 49 -2.27 -13.43 -28.64
C THR A 49 -1.22 -13.13 -29.71
N VAL A 50 -0.02 -12.73 -29.30
CA VAL A 50 1.04 -12.45 -30.27
C VAL A 50 1.26 -13.66 -31.16
N PHE A 51 1.36 -14.85 -30.56
CA PHE A 51 1.50 -16.07 -31.36
C PHE A 51 0.34 -16.21 -32.33
N MET A 52 -0.89 -15.96 -31.85
CA MET A 52 -2.06 -16.06 -32.72
C MET A 52 -1.91 -15.16 -33.95
N LEU A 53 -1.15 -14.07 -33.82
CA LEU A 53 -0.88 -13.23 -34.98
C LEU A 53 0.21 -13.83 -35.86
N LEU A 54 1.29 -14.30 -35.24
CA LEU A 54 2.39 -14.89 -36.01
C LEU A 54 1.89 -16.05 -36.86
N VAL A 55 1.05 -16.91 -36.28
CA VAL A 55 0.49 -18.02 -37.05
C VAL A 55 -0.24 -17.50 -38.27
N ALA A 56 -0.99 -16.40 -38.12
CA ALA A 56 -1.72 -15.84 -39.25
C ALA A 56 -0.81 -15.50 -40.42
N GLU A 57 0.48 -15.28 -40.16
CA GLU A 57 1.42 -15.01 -41.24
C GLU A 57 1.87 -16.30 -41.92
N ILE A 58 2.07 -17.37 -41.14
CA ILE A 58 2.55 -18.63 -41.69
C ILE A 58 1.42 -19.61 -41.99
N MET A 59 0.27 -19.45 -41.36
CA MET A 59 -0.86 -20.36 -41.56
C MET A 59 -2.16 -19.59 -41.37
N PRO A 60 -2.57 -18.84 -42.40
CA PRO A 60 -3.83 -18.09 -42.29
C PRO A 60 -5.01 -19.01 -41.97
N SER A 61 -5.80 -18.62 -40.97
CA SER A 61 -6.94 -19.41 -40.55
C SER A 61 -8.07 -19.41 -41.56
N THR A 62 -8.00 -18.58 -42.61
CA THR A 62 -9.05 -18.54 -43.62
C THR A 62 -9.21 -19.90 -44.28
N SER A 63 -8.11 -20.60 -44.54
CA SER A 63 -8.15 -21.90 -45.19
C SER A 63 -7.57 -23.01 -44.32
N ASP A 64 -7.03 -22.70 -43.15
CA ASP A 64 -6.43 -23.70 -42.27
C ASP A 64 -7.55 -24.48 -41.57
N SER A 65 -8.17 -25.37 -42.34
CA SER A 65 -9.25 -26.20 -41.83
C SER A 65 -8.68 -27.56 -41.40
N SER A 66 -7.97 -27.53 -40.28
CA SER A 66 -7.33 -28.71 -39.72
C SER A 66 -7.79 -28.92 -38.28
N PRO A 67 -8.79 -29.78 -38.04
CA PRO A 67 -9.25 -29.98 -36.65
C PRO A 67 -8.23 -30.69 -35.78
N SER A 68 -7.25 -31.38 -36.37
CA SER A 68 -6.24 -32.05 -35.57
C SER A 68 -5.45 -31.06 -34.71
N ILE A 69 -4.97 -29.99 -35.33
CA ILE A 69 -4.24 -28.96 -34.59
C ILE A 69 -5.17 -28.05 -33.82
N ALA A 70 -6.46 -28.04 -34.15
CA ALA A 70 -7.41 -27.21 -33.40
C ALA A 70 -7.50 -27.64 -31.95
N GLN A 71 -7.35 -28.94 -31.67
CA GLN A 71 -7.37 -29.41 -30.29
C GLN A 71 -6.27 -28.75 -29.47
N TYR A 72 -5.05 -28.73 -30.00
CA TYR A 72 -3.94 -28.10 -29.28
C TYR A 72 -4.10 -26.59 -29.24
N PHE A 73 -4.62 -25.99 -30.32
CA PHE A 73 -4.84 -24.55 -30.34
C PHE A 73 -5.84 -24.13 -29.27
N ALA A 74 -6.84 -24.97 -28.99
CA ALA A 74 -7.80 -24.67 -27.94
C ALA A 74 -7.25 -25.02 -26.56
N SER A 75 -6.44 -26.07 -26.47
CA SER A 75 -5.82 -26.42 -25.18
C SER A 75 -4.89 -25.32 -24.71
N THR A 76 -4.11 -24.74 -25.62
CA THR A 76 -3.22 -23.64 -25.25
C THR A 76 -4.01 -22.43 -24.79
N MET A 77 -5.11 -22.12 -25.49
CA MET A 77 -5.95 -20.99 -25.09
C MET A 77 -6.54 -21.23 -23.70
N ILE A 78 -7.01 -22.45 -23.43
CA ILE A 78 -7.57 -22.76 -22.12
C ILE A 78 -6.48 -22.66 -21.05
N ILE A 79 -5.27 -23.12 -21.36
CA ILE A 79 -4.19 -23.07 -20.39
C ILE A 79 -3.83 -21.63 -20.04
N VAL A 80 -3.78 -20.76 -21.06
CA VAL A 80 -3.42 -19.37 -20.79
C VAL A 80 -4.56 -18.63 -20.12
N GLY A 81 -5.81 -19.06 -20.36
CA GLY A 81 -6.94 -18.43 -19.71
C GLY A 81 -7.15 -18.87 -18.27
N LEU A 82 -6.72 -20.09 -17.94
CA LEU A 82 -6.87 -20.60 -16.58
C LEU A 82 -6.17 -19.73 -15.55
N SER A 83 -5.24 -18.88 -15.97
CA SER A 83 -4.56 -17.99 -15.04
C SER A 83 -5.55 -17.01 -14.40
N VAL A 84 -6.47 -16.48 -15.20
CA VAL A 84 -7.45 -15.53 -14.67
C VAL A 84 -8.39 -16.23 -13.70
N VAL A 85 -8.70 -17.50 -13.93
CA VAL A 85 -9.56 -18.24 -13.02
C VAL A 85 -8.82 -18.56 -11.73
N VAL A 86 -7.54 -18.93 -11.83
CA VAL A 86 -6.74 -19.21 -10.65
C VAL A 86 -6.60 -17.95 -9.79
N THR A 87 -6.36 -16.81 -10.43
CA THR A 87 -6.26 -15.56 -9.68
C THR A 87 -7.58 -15.19 -9.03
N VAL A 88 -8.69 -15.41 -9.72
CA VAL A 88 -10.01 -15.12 -9.15
C VAL A 88 -10.25 -15.99 -7.93
N ILE A 89 -9.93 -17.29 -8.03
CA ILE A 89 -10.12 -18.18 -6.90
C ILE A 89 -9.21 -17.79 -5.74
N VAL A 90 -7.98 -17.38 -6.05
CA VAL A 90 -7.06 -16.94 -5.01
C VAL A 90 -7.63 -15.73 -4.27
N LEU A 91 -8.12 -14.74 -5.03
CA LEU A 91 -8.71 -13.56 -4.40
C LEU A 91 -9.93 -13.93 -3.58
N GLN A 92 -10.76 -14.84 -4.07
CA GLN A 92 -11.94 -15.26 -3.34
C GLN A 92 -11.56 -15.91 -2.01
N TYR A 93 -10.58 -16.82 -2.04
CA TYR A 93 -10.14 -17.49 -0.82
C TYR A 93 -9.31 -16.58 0.09
N HIS A 94 -8.81 -15.46 -0.43
CA HIS A 94 -8.05 -14.52 0.40
C HIS A 94 -8.92 -13.44 1.01
N HIS A 95 -10.08 -13.14 0.42
CA HIS A 95 -10.96 -12.10 0.94
C HIS A 95 -11.99 -12.66 1.89
N HIS A 96 -12.70 -13.72 1.49
CA HIS A 96 -13.74 -14.33 2.33
C HIS A 96 -14.78 -13.30 2.76
N ASP A 97 -15.47 -12.77 1.76
CA ASP A 97 -16.51 -11.78 2.02
C ASP A 97 -17.56 -12.36 2.97
N PRO A 98 -18.09 -11.57 3.91
CA PRO A 98 -19.10 -12.12 4.82
C PRO A 98 -20.29 -12.74 4.12
N ASP A 99 -20.71 -12.18 2.98
CA ASP A 99 -21.86 -12.72 2.26
C ASP A 99 -21.49 -13.99 1.50
N GLY A 100 -20.33 -14.01 0.87
CA GLY A 100 -19.86 -15.16 0.10
C GLY A 100 -18.80 -15.94 0.83
N GLY A 101 -17.79 -16.39 0.09
CA GLY A 101 -16.71 -17.15 0.67
C GLY A 101 -17.13 -18.58 0.99
N LYS A 102 -16.26 -19.26 1.72
CA LYS A 102 -16.47 -20.64 2.13
C LYS A 102 -16.54 -20.71 3.66
N MET A 103 -17.07 -21.82 4.15
CA MET A 103 -17.19 -22.04 5.58
C MET A 103 -15.81 -22.13 6.22
N PRO A 104 -15.41 -21.19 7.08
CA PRO A 104 -14.07 -21.28 7.68
C PRO A 104 -13.86 -22.55 8.50
N LYS A 105 -14.86 -22.94 9.30
CA LYS A 105 -14.69 -24.11 10.15
C LYS A 105 -14.50 -25.38 9.33
N TRP A 106 -15.27 -25.54 8.26
CA TRP A 106 -15.16 -26.74 7.44
C TRP A 106 -13.78 -26.87 6.81
N THR A 107 -13.26 -25.77 6.26
CA THR A 107 -11.97 -25.79 5.59
C THR A 107 -10.79 -25.71 6.54
N ARG A 108 -11.02 -25.38 7.82
CA ARG A 108 -9.92 -25.25 8.77
C ARG A 108 -9.20 -26.58 8.95
N VAL A 109 -9.95 -27.67 9.11
CA VAL A 109 -9.33 -28.98 9.31
C VAL A 109 -8.56 -29.39 8.06
N ILE A 110 -9.13 -29.16 6.88
CA ILE A 110 -8.46 -29.52 5.64
C ILE A 110 -7.16 -28.74 5.50
N LEU A 111 -7.19 -27.44 5.81
CA LEU A 111 -5.99 -26.63 5.71
C LEU A 111 -4.94 -27.08 6.71
N LEU A 112 -5.34 -27.38 7.95
CA LEU A 112 -4.38 -27.83 8.95
C LEU A 112 -3.76 -29.16 8.56
N ASN A 113 -4.54 -30.04 7.93
CA ASN A 113 -3.99 -31.32 7.50
C ASN A 113 -3.05 -31.15 6.31
N TRP A 114 -3.42 -30.30 5.35
CA TRP A 114 -2.58 -30.13 4.17
C TRP A 114 -1.29 -29.39 4.50
N CYS A 115 -1.32 -28.48 5.48
CA CYS A 115 -0.10 -27.80 5.90
C CYS A 115 0.93 -28.81 6.40
N ALA A 116 0.49 -29.81 7.16
CA ALA A 116 1.41 -30.83 7.63
C ALA A 116 1.79 -31.80 6.51
N TRP A 117 0.84 -32.10 5.61
CA TRP A 117 1.14 -33.00 4.50
C TRP A 117 2.18 -32.40 3.56
N PHE A 118 2.22 -31.08 3.44
CA PHE A 118 3.21 -30.43 2.59
C PHE A 118 4.58 -30.41 3.26
N LEU A 119 4.63 -30.17 4.57
CA LEU A 119 5.90 -30.18 5.29
C LEU A 119 6.34 -31.60 5.60
N ARG A 120 5.52 -32.35 6.33
CA ARG A 120 5.80 -33.74 6.68
C ARG A 120 4.77 -34.61 5.97
N MET A 121 5.11 -35.03 4.75
CA MET A 121 4.19 -35.83 3.96
C MET A 121 3.87 -37.15 4.66
N LYS A 122 2.62 -37.58 4.52
CA LYS A 122 2.16 -38.84 5.12
C LYS A 122 2.68 -39.99 4.28
N ARG A 123 3.95 -40.31 4.48
CA ARG A 123 4.62 -41.38 3.76
C ARG A 123 5.43 -42.21 4.75
N PRO A 124 5.82 -43.43 4.37
CA PRO A 124 6.60 -44.25 5.30
C PRO A 124 7.90 -43.60 5.75
N GLY A 125 8.57 -42.87 4.85
CA GLY A 125 9.83 -42.24 5.20
C GLY A 125 9.72 -41.30 6.38
N GLU A 126 8.57 -40.66 6.56
CA GLU A 126 8.37 -39.73 7.66
C GLU A 126 7.63 -40.36 8.83
N ASP A 127 6.91 -41.45 8.62
CA ASP A 127 6.16 -42.10 9.69
C ASP A 127 7.02 -43.11 10.46
N LYS A 128 7.85 -43.88 9.76
CA LYS A 128 8.66 -44.89 10.43
C LYS A 128 9.94 -44.30 11.01
N VAL A 129 10.46 -43.24 10.42
CA VAL A 129 11.70 -42.61 10.87
C VAL A 129 11.31 -41.60 11.96
N ARG A 130 11.17 -42.10 13.18
CA ARG A 130 10.83 -41.27 14.32
C ARG A 130 10.89 -42.13 15.58
N PRO A 131 11.00 -41.52 16.76
CA PRO A 131 11.05 -42.31 18.00
C PRO A 131 9.78 -43.12 18.18
N ALA A 132 9.94 -44.28 18.81
CA ALA A 132 8.83 -45.18 19.07
C ALA A 132 9.09 -45.95 20.36
N CYS A 133 8.03 -46.20 21.12
CA CYS A 133 8.13 -46.93 22.37
C CYS A 133 6.74 -47.33 22.82
N GLN A 134 6.66 -48.46 23.52
CA GLN A 134 5.38 -48.95 24.03
C GLN A 134 4.93 -48.22 25.28
N HIS A 135 5.78 -47.40 25.87
CA HIS A 135 5.41 -46.67 27.08
C HIS A 135 4.22 -45.75 26.81
N LYS A 136 3.63 -45.25 27.89
CA LYS A 136 2.47 -44.37 27.78
C LYS A 136 2.80 -43.05 27.11
N GLN A 137 4.08 -42.72 26.92
CA GLN A 137 4.44 -41.47 26.27
C GLN A 137 3.82 -41.35 24.89
N ARG A 138 3.63 -42.47 24.20
CA ARG A 138 3.04 -42.48 22.86
C ARG A 138 1.61 -43.00 22.86
N ARG A 139 1.01 -43.20 24.03
CA ARG A 139 -0.37 -43.68 24.12
C ARG A 139 -1.33 -42.51 24.25
N CYS A 140 -2.62 -42.82 24.17
CA CYS A 140 -3.68 -41.82 24.25
C CYS A 140 -4.44 -41.99 25.56
N SER A 141 -5.05 -40.91 26.02
CA SER A 141 -5.82 -40.90 27.25
C SER A 141 -7.00 -39.95 27.10
N LEU A 142 -7.76 -39.79 28.17
CA LEU A 142 -8.92 -38.90 28.14
C LEU A 142 -8.51 -37.47 27.84
N ALA A 143 -7.29 -37.07 28.23
CA ALA A 143 -6.83 -35.71 27.98
C ALA A 143 -6.63 -35.44 26.50
N SER A 144 -6.44 -36.47 25.69
CA SER A 144 -6.22 -36.30 24.25
C SER A 144 -7.52 -36.39 23.45
N VAL A 145 -8.60 -36.89 24.04
CA VAL A 145 -9.87 -37.01 23.34
C VAL A 145 -10.43 -35.60 23.13
N GLU A 146 -10.51 -35.17 21.88
CA GLU A 146 -11.01 -33.85 21.53
C GLU A 146 -12.31 -33.91 20.74
N MET A 147 -12.95 -35.08 20.68
CA MET A 147 -14.20 -35.23 19.94
C MET A 147 -15.41 -34.68 20.69
N SER A 148 -15.23 -34.18 21.92
CA SER A 148 -16.31 -33.65 22.73
C SER A 148 -16.23 -32.14 22.88
N ALA A 149 -15.48 -31.46 22.01
CA ALA A 149 -15.32 -30.01 22.06
C ALA A 149 -14.77 -29.57 23.41
N VAL A 150 -13.57 -30.03 23.72
CA VAL A 150 -12.89 -29.71 24.97
C VAL A 150 -11.63 -28.90 24.64
N ALA A 151 -10.98 -28.41 25.69
CA ALA A 151 -9.78 -27.62 25.51
C ALA A 151 -8.67 -28.49 24.91
N PRO A 152 -7.96 -28.01 23.89
CA PRO A 152 -6.86 -28.81 23.32
C PRO A 152 -5.82 -29.15 24.38
N PRO A 153 -4.94 -30.11 24.10
CA PRO A 153 -3.89 -30.46 25.07
C PRO A 153 -3.01 -29.27 25.38
N PRO A 154 -2.80 -28.94 26.66
CA PRO A 154 -1.91 -27.82 26.98
C PRO A 154 -0.52 -28.03 26.40
N ALA A 155 -0.13 -27.14 25.49
CA ALA A 155 1.17 -27.22 24.84
C ALA A 155 1.58 -25.84 24.39
N SER A 156 2.90 -25.61 24.36
CA SER A 156 3.45 -24.32 23.95
C SER A 156 3.44 -24.11 22.45
N ASN A 157 2.94 -25.08 21.68
CA ASN A 157 2.89 -24.96 20.23
C ASN A 157 1.67 -24.19 19.73
N GLY A 158 0.98 -23.47 20.62
CA GLY A 158 -0.19 -22.70 20.23
C GLY A 158 -1.45 -23.18 20.91
N ASN A 159 -1.31 -23.89 22.03
CA ASN A 159 -2.45 -24.39 22.79
C ASN A 159 -2.53 -23.78 24.18
N LEU A 160 -1.44 -23.80 24.95
CA LEU A 160 -1.47 -23.22 26.29
C LEU A 160 -1.68 -21.72 26.21
N LEU A 161 -0.87 -21.02 25.42
CA LEU A 161 -1.05 -19.58 25.25
C LEU A 161 -2.41 -19.26 24.67
N TYR A 162 -2.90 -20.10 23.76
CA TYR A 162 -4.23 -19.88 23.17
C TYR A 162 -5.30 -19.92 24.26
N ILE A 163 -5.32 -20.99 25.05
CA ILE A 163 -6.33 -21.12 26.10
C ILE A 163 -6.18 -20.00 27.13
N GLY A 164 -4.95 -19.56 27.39
CA GLY A 164 -4.76 -18.49 28.35
C GLY A 164 -5.29 -17.16 27.86
N PHE A 165 -4.90 -16.76 26.65
CA PHE A 165 -5.32 -15.48 26.10
C PHE A 165 -6.82 -15.45 25.86
N ARG A 166 -7.36 -16.51 25.25
CA ARG A 166 -8.78 -16.59 24.91
C ARG A 166 -9.56 -17.42 25.91
N GLY A 167 -9.19 -17.36 27.20
CA GLY A 167 -9.91 -18.12 28.20
C GLY A 167 -11.40 -17.80 28.23
N LEU A 168 -11.74 -16.51 28.13
CA LEU A 168 -13.13 -16.08 28.11
C LEU A 168 -13.87 -16.55 29.37
N ASP A 169 -13.40 -16.04 30.51
CA ASP A 169 -13.97 -16.37 31.82
C ASP A 169 -13.74 -17.82 32.20
N GLY A 170 -12.75 -18.47 31.61
CA GLY A 170 -12.45 -19.86 31.92
C GLY A 170 -11.46 -20.00 33.06
N VAL A 171 -10.41 -20.78 32.85
CA VAL A 171 -9.40 -20.98 33.88
C VAL A 171 -8.46 -19.79 34.00
N HIS A 172 -8.31 -18.99 32.94
CA HIS A 172 -7.39 -17.85 32.99
C HIS A 172 -7.94 -16.74 33.88
N CYS A 173 -9.27 -16.59 33.95
CA CYS A 173 -9.85 -15.53 34.78
C CYS A 173 -9.99 -15.94 36.23
N VAL A 174 -9.86 -17.22 36.55
CA VAL A 174 -9.94 -17.70 37.93
C VAL A 174 -8.91 -18.80 38.13
N PRO A 175 -7.60 -18.50 38.04
CA PRO A 175 -6.56 -19.51 38.24
C PRO A 175 -6.25 -19.79 39.72
N THR A 176 -7.30 -20.07 40.49
CA THR A 176 -7.17 -20.32 41.93
C THR A 176 -8.07 -21.48 42.30
N PRO A 177 -7.58 -22.71 42.15
CA PRO A 177 -8.39 -23.88 42.54
C PRO A 177 -8.74 -23.84 44.02
N ASP A 178 -9.59 -24.78 44.42
CA ASP A 178 -10.05 -24.85 45.81
C ASP A 178 -8.97 -25.42 46.70
N SER A 179 -8.11 -24.54 47.25
CA SER A 179 -7.04 -24.96 48.15
C SER A 179 -6.94 -24.13 49.41
N GLY A 180 -7.49 -22.92 49.45
CA GLY A 180 -7.42 -22.08 50.62
C GLY A 180 -6.27 -21.09 50.61
N VAL A 181 -5.81 -20.67 49.43
CA VAL A 181 -4.69 -19.73 49.36
C VAL A 181 -5.05 -18.42 50.06
N VAL A 182 -6.34 -18.08 50.11
CA VAL A 182 -6.76 -16.85 50.78
C VAL A 182 -6.46 -16.92 52.26
N CYS A 183 -6.45 -18.14 52.84
CA CYS A 183 -6.18 -18.30 54.26
C CYS A 183 -5.26 -19.50 54.54
N GLY A 184 -4.54 -19.99 53.53
CA GLY A 184 -3.67 -21.13 53.70
C GLY A 184 -2.23 -20.84 53.35
N ARG A 185 -2.00 -19.83 52.52
CA ARG A 185 -0.67 -19.44 52.09
C ARG A 185 -0.51 -17.94 52.20
N MET A 186 0.72 -17.51 52.52
CA MET A 186 1.05 -16.10 52.64
C MET A 186 1.97 -15.60 51.53
N ALA A 187 2.25 -16.44 50.54
CA ALA A 187 3.13 -16.05 49.43
C ALA A 187 2.39 -15.07 48.53
N CYS A 188 2.72 -13.78 48.66
CA CYS A 188 2.09 -12.73 47.86
C CYS A 188 0.59 -12.71 48.06
N SER A 189 0.12 -13.12 49.24
CA SER A 189 -1.30 -13.15 49.54
C SER A 189 -1.52 -13.10 51.04
N PRO A 190 -1.57 -11.92 51.64
CA PRO A 190 -1.80 -11.85 53.10
C PRO A 190 -3.07 -12.57 53.50
N THR A 191 -2.95 -13.45 54.48
CA THR A 191 -4.08 -14.23 54.96
C THR A 191 -5.01 -13.34 55.76
N HIS A 192 -6.10 -12.88 55.12
CA HIS A 192 -7.11 -12.04 55.76
C HIS A 192 -6.48 -10.94 56.60
N ASP A 193 -5.34 -10.40 56.16
CA ASP A 193 -4.64 -9.35 56.88
C ASP A 193 -5.29 -8.01 56.50
N GLU A 194 -6.14 -7.50 57.38
CA GLU A 194 -6.79 -6.22 57.15
C GLU A 194 -6.00 -5.03 57.68
N HIS A 195 -5.05 -5.26 58.59
CA HIS A 195 -4.24 -4.20 59.16
C HIS A 195 -2.92 -4.02 58.42
N LEU A 196 -2.81 -4.52 57.19
CA LEU A 196 -1.59 -4.38 56.40
C LEU A 196 -1.55 -2.97 55.83
N LEU A 197 -0.89 -2.07 56.56
CA LEU A 197 -0.78 -0.66 56.18
C LEU A 197 0.70 -0.35 55.93
N HIS A 198 1.00 0.16 54.73
CA HIS A 198 2.36 0.53 54.37
C HIS A 198 2.70 1.89 54.99
N GLY A 199 2.92 1.86 56.30
CA GLY A 199 3.23 3.08 57.02
C GLY A 199 2.07 4.05 57.11
N GLY A 200 0.83 3.55 57.08
CA GLY A 200 -0.34 4.37 57.16
C GLY A 200 -1.11 4.49 55.84
N GLN A 201 -0.44 4.27 54.71
CA GLN A 201 -1.07 4.37 53.41
C GLN A 201 -1.41 2.98 52.89
N PRO A 202 -2.68 2.58 52.82
CA PRO A 202 -3.01 1.26 52.27
C PRO A 202 -2.64 1.17 50.80
N PRO A 203 -2.82 0.01 50.18
CA PRO A 203 -2.51 -0.11 48.75
C PRO A 203 -3.37 0.82 47.91
N GLU A 204 -3.07 0.84 46.61
CA GLU A 204 -3.77 1.71 45.66
C GLU A 204 -3.61 3.18 46.07
N GLY A 205 -2.37 3.64 46.06
CA GLY A 205 -2.08 5.01 46.46
C GLY A 205 -2.95 6.03 45.76
N ASP A 206 -3.24 5.81 44.48
CA ASP A 206 -4.04 6.75 43.71
C ASP A 206 -4.96 6.00 42.76
N PRO A 207 -6.29 6.16 42.88
CA PRO A 207 -7.18 5.48 41.94
C PRO A 207 -6.94 5.84 40.49
N ASP A 208 -6.30 6.98 40.22
CA ASP A 208 -6.01 7.36 38.83
C ASP A 208 -5.12 6.32 38.15
N LEU A 209 -4.28 5.63 38.93
CA LEU A 209 -3.46 4.58 38.35
C LEU A 209 -4.33 3.47 37.77
N ALA A 210 -5.46 3.18 38.41
CA ALA A 210 -6.37 2.18 37.88
C ALA A 210 -6.93 2.59 36.52
N LYS A 211 -7.32 3.86 36.39
CA LYS A 211 -7.82 4.34 35.11
C LYS A 211 -6.74 4.33 34.05
N ILE A 212 -5.51 4.70 34.43
CA ILE A 212 -4.39 4.66 33.48
C ILE A 212 -4.16 3.22 33.01
N LEU A 213 -4.19 2.26 33.93
CA LEU A 213 -4.02 0.87 33.56
C LEU A 213 -5.14 0.40 32.66
N GLU A 214 -6.38 0.83 32.93
CA GLU A 214 -7.51 0.44 32.10
C GLU A 214 -7.36 0.99 30.68
N GLU A 215 -6.92 2.25 30.56
CA GLU A 215 -6.72 2.84 29.23
C GLU A 215 -5.59 2.14 28.49
N VAL A 216 -4.50 1.81 29.19
CA VAL A 216 -3.41 1.10 28.56
C VAL A 216 -3.86 -0.29 28.12
N ARG A 217 -4.73 -0.92 28.91
CA ARG A 217 -5.27 -2.22 28.53
C ARG A 217 -6.18 -2.12 27.31
N TYR A 218 -6.94 -1.04 27.22
CA TYR A 218 -7.76 -0.82 26.02
C TYR A 218 -6.88 -0.61 24.80
N ILE A 219 -5.79 0.13 24.94
CA ILE A 219 -4.85 0.32 23.83
C ILE A 219 -4.24 -1.02 23.43
N ALA A 220 -3.86 -1.83 24.42
CA ALA A 220 -3.31 -3.16 24.12
C ALA A 220 -4.34 -4.05 23.45
N ASN A 221 -5.61 -3.91 23.82
CA ASN A 221 -6.67 -4.69 23.17
C ASN A 221 -6.87 -4.25 21.72
N ARG A 222 -6.76 -2.95 21.47
CA ARG A 222 -6.80 -2.47 20.09
C ARG A 222 -5.64 -3.03 19.27
N PHE A 223 -4.44 -3.01 19.85
CA PHE A 223 -3.28 -3.58 19.17
C PHE A 223 -3.45 -5.07 18.92
N ARG A 224 -4.04 -5.79 19.89
CA ARG A 224 -4.26 -7.21 19.73
C ARG A 224 -5.31 -7.49 18.67
N CYS A 225 -6.33 -6.64 18.55
CA CYS A 225 -7.32 -6.79 17.49
C CYS A 225 -6.68 -6.55 16.12
N GLN A 226 -5.81 -5.54 16.02
CA GLN A 226 -5.08 -5.34 14.78
C GLN A 226 -4.21 -6.54 14.43
N ASP A 227 -3.52 -7.09 15.42
CA ASP A 227 -2.68 -8.26 15.19
C ASP A 227 -3.52 -9.47 14.78
N GLU A 228 -4.71 -9.62 15.37
CA GLU A 228 -5.59 -10.72 15.00
C GLU A 228 -6.09 -10.56 13.57
N SER A 229 -6.42 -9.32 13.17
CA SER A 229 -6.81 -9.08 11.79
C SER A 229 -5.67 -9.42 10.84
N GLU A 230 -4.44 -9.01 11.18
CA GLU A 230 -3.29 -9.34 10.35
C GLU A 230 -3.08 -10.85 10.25
N ALA A 231 -3.26 -11.56 11.37
CA ALA A 231 -3.09 -13.01 11.37
C ALA A 231 -4.17 -13.69 10.54
N VAL A 232 -5.40 -13.17 10.60
CA VAL A 232 -6.47 -13.72 9.78
C VAL A 232 -6.17 -13.50 8.30
N CYS A 233 -5.65 -12.32 7.96
CA CYS A 233 -5.26 -12.06 6.58
C CYS A 233 -4.15 -13.00 6.13
N SER A 234 -3.18 -13.24 7.00
CA SER A 234 -2.09 -14.16 6.65
C SER A 234 -2.61 -15.58 6.48
N GLU A 235 -3.55 -16.00 7.34
CA GLU A 235 -4.13 -17.34 7.21
C GLU A 235 -4.93 -17.46 5.92
N TRP A 236 -5.66 -16.41 5.55
CA TRP A 236 -6.38 -16.43 4.28
C TRP A 236 -5.42 -16.50 3.10
N LYS A 237 -4.32 -15.77 3.17
CA LYS A 237 -3.30 -15.84 2.12
C LYS A 237 -2.73 -17.25 2.02
N PHE A 238 -2.47 -17.90 3.17
CA PHE A 238 -1.93 -19.25 3.17
C PHE A 238 -2.94 -20.24 2.60
N ALA A 239 -4.22 -20.07 2.93
CA ALA A 239 -5.25 -20.96 2.39
C ALA A 239 -5.46 -20.73 0.90
N ALA A 240 -5.19 -19.51 0.41
CA ALA A 240 -5.32 -19.25 -1.01
C ALA A 240 -4.14 -19.80 -1.79
N CYS A 241 -2.92 -19.68 -1.24
CA CYS A 241 -1.76 -20.25 -1.91
C CYS A 241 -1.84 -21.77 -2.00
N VAL A 242 -2.60 -22.41 -1.12
CA VAL A 242 -2.81 -23.85 -1.23
C VAL A 242 -3.49 -24.18 -2.55
N VAL A 243 -4.41 -23.33 -2.99
CA VAL A 243 -5.08 -23.56 -4.26
C VAL A 243 -4.09 -23.47 -5.41
N ASP A 244 -3.20 -22.48 -5.36
CA ASP A 244 -2.18 -22.35 -6.40
C ASP A 244 -1.25 -23.56 -6.42
N ARG A 245 -0.87 -24.04 -5.24
CA ARG A 245 0.00 -25.22 -5.17
C ARG A 245 -0.69 -26.45 -5.72
N LEU A 246 -1.98 -26.62 -5.39
CA LEU A 246 -2.73 -27.76 -5.93
C LEU A 246 -2.87 -27.67 -7.44
N CYS A 247 -3.12 -26.46 -7.96
CA CYS A 247 -3.21 -26.28 -9.40
C CYS A 247 -1.88 -26.61 -10.07
N LEU A 248 -0.77 -26.17 -9.48
CA LEU A 248 0.53 -26.50 -10.04
C LEU A 248 0.77 -28.01 -10.04
N MET A 249 0.43 -28.67 -8.94
CA MET A 249 0.62 -30.12 -8.86
C MET A 249 -0.25 -30.86 -9.86
N ALA A 250 -1.46 -30.34 -10.12
CA ALA A 250 -2.36 -31.00 -11.06
C ALA A 250 -1.96 -30.73 -12.51
N PHE A 251 -1.36 -29.57 -12.78
CA PHE A 251 -0.96 -29.23 -14.14
C PHE A 251 0.43 -29.74 -14.49
N SER A 252 1.24 -30.11 -13.50
CA SER A 252 2.56 -30.67 -13.79
C SER A 252 2.47 -31.86 -14.73
N VAL A 253 1.41 -32.66 -14.59
CA VAL A 253 1.21 -33.81 -15.46
C VAL A 253 0.42 -33.45 -16.71
N PHE A 254 -0.50 -32.49 -16.61
CA PHE A 254 -1.29 -32.08 -17.77
C PHE A 254 -0.40 -31.47 -18.85
N THR A 255 0.55 -30.62 -18.44
CA THR A 255 1.46 -30.03 -19.41
C THR A 255 2.33 -31.08 -20.08
N ILE A 256 2.79 -32.07 -19.31
CA ILE A 256 3.60 -33.14 -19.88
C ILE A 256 2.78 -33.95 -20.88
N ILE A 257 1.53 -34.24 -20.55
CA ILE A 257 0.67 -34.99 -21.46
C ILE A 257 0.44 -34.18 -22.74
N CYS A 258 0.20 -32.88 -22.59
CA CYS A 258 -0.01 -32.04 -23.77
C CYS A 258 1.23 -32.00 -24.65
N THR A 259 2.41 -31.89 -24.05
CA THR A 259 3.65 -31.88 -24.82
C THR A 259 3.86 -33.21 -25.53
N ILE A 260 3.58 -34.32 -24.84
CA ILE A 260 3.74 -35.63 -25.45
C ILE A 260 2.78 -35.78 -26.64
N GLY A 261 1.55 -35.30 -26.48
CA GLY A 261 0.60 -35.37 -27.57
C GLY A 261 0.99 -34.52 -28.75
N ILE A 262 1.51 -33.32 -28.48
CA ILE A 262 1.94 -32.43 -29.56
C ILE A 262 3.14 -33.01 -30.28
N LEU A 263 4.02 -33.71 -29.55
CA LEU A 263 5.21 -34.29 -30.17
C LEU A 263 4.86 -35.53 -30.99
N MET A 264 3.96 -36.38 -30.47
CA MET A 264 3.59 -37.59 -31.19
C MET A 264 2.77 -37.29 -32.43
N SER A 265 2.02 -36.20 -32.41
CA SER A 265 1.18 -35.81 -33.55
C SER A 265 1.88 -34.84 -34.50
N ALA A 266 3.13 -34.48 -34.21
CA ALA A 266 3.84 -33.55 -35.09
C ALA A 266 4.08 -34.13 -36.48
N PRO A 267 4.50 -35.39 -36.64
CA PRO A 267 4.70 -35.91 -38.00
C PRO A 267 3.45 -35.86 -38.87
N ASN A 268 2.26 -35.90 -38.25
CA ASN A 268 1.03 -35.87 -39.02
C ASN A 268 0.86 -34.52 -39.72
N PHE A 269 0.99 -33.42 -38.96
CA PHE A 269 0.86 -32.08 -39.50
C PHE A 269 2.21 -31.43 -39.79
N VAL A 270 3.10 -31.38 -38.80
CA VAL A 270 4.42 -30.79 -38.98
C VAL A 270 5.30 -31.74 -39.81
N LEU B 7 19.04 1.06 -46.57
CA LEU B 7 19.07 2.32 -45.84
C LEU B 7 18.14 2.27 -44.63
N TYR B 8 16.83 2.35 -44.90
CA TYR B 8 15.86 2.30 -43.81
C TYR B 8 15.87 0.96 -43.09
N TYR B 9 16.15 -0.12 -43.82
CA TYR B 9 16.16 -1.44 -43.19
C TYR B 9 17.24 -1.54 -42.12
N GLY B 10 18.41 -0.97 -42.38
CA GLY B 10 19.48 -1.01 -41.40
C GLY B 10 19.07 -0.41 -40.07
N LEU B 11 18.52 0.82 -40.11
CA LEU B 11 18.08 1.47 -38.89
C LEU B 11 16.91 0.74 -38.25
N ASN B 12 15.96 0.29 -39.07
CA ASN B 12 14.80 -0.42 -38.53
C ASN B 12 15.20 -1.71 -37.83
N LEU B 13 16.31 -2.31 -38.24
CA LEU B 13 16.78 -3.54 -37.60
C LEU B 13 17.74 -3.26 -36.44
N LEU B 14 18.44 -2.13 -36.45
CA LEU B 14 19.41 -1.82 -35.41
C LEU B 14 18.78 -1.14 -34.20
N ILE B 15 17.92 -0.13 -34.41
CA ILE B 15 17.39 0.64 -33.29
C ILE B 15 16.59 -0.24 -32.34
N PRO B 16 15.64 -1.08 -32.79
CA PRO B 16 14.86 -1.87 -31.83
C PRO B 16 15.71 -2.85 -31.04
N CYS B 17 16.64 -3.53 -31.70
CA CYS B 17 17.48 -4.51 -31.01
C CYS B 17 18.32 -3.83 -29.92
N VAL B 18 18.96 -2.71 -30.26
CA VAL B 18 19.79 -2.01 -29.27
C VAL B 18 18.93 -1.48 -28.15
N LEU B 19 17.75 -0.94 -28.47
CA LEU B 19 16.86 -0.43 -27.44
C LEU B 19 16.44 -1.54 -26.48
N ILE B 20 16.08 -2.71 -27.01
CA ILE B 20 15.68 -3.81 -26.15
C ILE B 20 16.86 -4.30 -25.31
N SER B 21 18.05 -4.37 -25.90
CA SER B 21 19.22 -4.82 -25.15
C SER B 21 19.55 -3.87 -24.03
N ALA B 22 19.35 -2.56 -24.25
CA ALA B 22 19.61 -1.59 -23.19
C ALA B 22 18.54 -1.64 -22.11
N LEU B 23 17.27 -1.76 -22.52
CA LEU B 23 16.18 -1.80 -21.55
C LEU B 23 16.26 -3.04 -20.67
N ALA B 24 16.69 -4.16 -21.25
CA ALA B 24 16.83 -5.38 -20.45
C ALA B 24 17.84 -5.17 -19.32
N LEU B 25 19.02 -4.64 -19.66
CA LEU B 25 20.04 -4.41 -18.63
C LEU B 25 19.58 -3.36 -17.63
N LEU B 26 18.87 -2.34 -18.11
CA LEU B 26 18.38 -1.30 -17.19
C LEU B 26 17.38 -1.87 -16.20
N VAL B 27 16.50 -2.76 -16.65
CA VAL B 27 15.52 -3.36 -15.77
C VAL B 27 16.19 -4.34 -14.82
N PHE B 28 17.19 -5.08 -15.30
CA PHE B 28 17.90 -6.01 -14.44
C PHE B 28 18.72 -5.29 -13.37
N LEU B 29 19.22 -4.09 -13.68
CA LEU B 29 19.97 -3.32 -12.68
C LEU B 29 19.08 -2.90 -11.52
N LEU B 30 17.79 -2.73 -11.76
CA LEU B 30 16.87 -2.33 -10.70
C LEU B 30 16.77 -3.43 -9.65
N PRO B 31 17.17 -3.17 -8.40
CA PRO B 31 17.07 -4.23 -7.38
C PRO B 31 15.63 -4.70 -7.21
N ALA B 32 15.49 -5.81 -6.49
CA ALA B 32 14.17 -6.39 -6.24
C ALA B 32 13.28 -5.36 -5.55
N ASP B 33 12.07 -5.19 -6.09
CA ASP B 33 11.12 -4.21 -5.58
C ASP B 33 9.74 -4.83 -5.61
N SER B 34 8.71 -4.00 -5.44
CA SER B 34 7.33 -4.45 -5.45
C SER B 34 6.87 -4.65 -6.90
N GLY B 35 5.57 -4.81 -7.08
CA GLY B 35 5.00 -5.03 -8.41
C GLY B 35 5.51 -4.08 -9.47
N GLU B 36 5.99 -2.90 -9.05
CA GLU B 36 6.57 -1.95 -9.99
C GLU B 36 7.58 -2.63 -10.90
N LYS B 37 8.56 -3.32 -10.30
CA LYS B 37 9.54 -4.07 -11.08
C LYS B 37 8.85 -4.95 -12.13
N ILE B 38 7.85 -5.73 -11.70
CA ILE B 38 7.16 -6.62 -12.63
C ILE B 38 6.64 -5.84 -13.83
N SER B 39 6.09 -4.65 -13.59
CA SER B 39 5.62 -3.82 -14.68
C SER B 39 6.70 -3.62 -15.73
N LEU B 40 7.90 -3.21 -15.29
CA LEU B 40 9.01 -3.08 -16.22
C LEU B 40 9.30 -4.39 -16.92
N GLY B 41 9.28 -5.50 -16.17
CA GLY B 41 9.50 -6.81 -16.76
C GLY B 41 8.53 -7.13 -17.89
N ILE B 42 7.40 -6.44 -17.96
CA ILE B 42 6.47 -6.63 -19.06
C ILE B 42 6.76 -5.66 -20.20
N THR B 43 7.20 -4.44 -19.89
CA THR B 43 7.47 -3.46 -20.93
C THR B 43 8.46 -3.99 -21.95
N VAL B 44 9.62 -4.46 -21.47
CA VAL B 44 10.65 -5.01 -22.36
C VAL B 44 10.05 -6.07 -23.28
N LEU B 45 9.03 -6.78 -22.80
CA LEU B 45 8.34 -7.76 -23.64
C LEU B 45 7.24 -7.11 -24.48
N LEU B 46 6.44 -6.22 -23.88
CA LEU B 46 5.33 -5.60 -24.59
C LEU B 46 5.80 -4.86 -25.83
N SER B 47 7.07 -4.49 -25.91
CA SER B 47 7.62 -3.83 -27.10
C SER B 47 8.16 -4.83 -28.11
N LEU B 48 8.71 -5.95 -27.65
CA LEU B 48 9.30 -6.92 -28.57
C LEU B 48 8.28 -7.38 -29.60
N THR B 49 7.06 -7.70 -29.14
CA THR B 49 6.01 -8.11 -30.07
C THR B 49 5.83 -7.09 -31.19
N VAL B 50 5.92 -5.81 -30.86
CA VAL B 50 5.79 -4.76 -31.88
C VAL B 50 6.80 -5.00 -32.99
N PHE B 51 8.06 -5.25 -32.62
CA PHE B 51 9.06 -5.57 -33.63
C PHE B 51 8.64 -6.76 -34.46
N MET B 52 8.12 -7.81 -33.83
CA MET B 52 7.68 -8.99 -34.56
C MET B 52 6.65 -8.64 -35.61
N LEU B 53 5.89 -7.55 -35.39
CA LEU B 53 4.96 -7.08 -36.41
C LEU B 53 5.68 -6.30 -37.50
N LEU B 54 6.58 -5.39 -37.10
CA LEU B 54 7.31 -4.59 -38.08
C LEU B 54 8.07 -5.49 -39.05
N VAL B 55 8.72 -6.54 -38.54
CA VAL B 55 9.42 -7.47 -39.41
C VAL B 55 8.46 -8.06 -40.44
N ALA B 56 7.24 -8.39 -40.01
CA ALA B 56 6.26 -8.96 -40.93
C ALA B 56 6.00 -8.05 -42.12
N GLU B 57 6.25 -6.75 -41.98
CA GLU B 57 6.07 -5.84 -43.11
C GLU B 57 7.28 -5.87 -44.04
N ILE B 58 8.48 -5.99 -43.49
CA ILE B 58 9.69 -5.99 -44.31
C ILE B 58 10.19 -7.39 -44.64
N MET B 59 9.80 -8.39 -43.85
CA MET B 59 10.26 -9.77 -44.07
C MET B 59 9.17 -10.72 -43.61
N PRO B 60 8.14 -10.93 -44.44
CA PRO B 60 7.07 -11.86 -44.06
C PRO B 60 7.62 -13.25 -43.77
N SER B 61 7.21 -13.81 -42.62
CA SER B 61 7.68 -15.13 -42.22
C SER B 61 7.12 -16.25 -43.08
N THR B 62 6.15 -15.95 -43.96
CA THR B 62 5.59 -16.99 -44.81
C THR B 62 6.67 -17.64 -45.68
N SER B 63 7.61 -16.84 -46.19
CA SER B 63 8.67 -17.34 -47.04
C SER B 63 10.07 -17.11 -46.45
N ASP B 64 10.17 -16.44 -45.31
CA ASP B 64 11.48 -16.15 -44.69
C ASP B 64 11.99 -17.42 -44.02
N SER B 65 12.45 -18.35 -44.84
CA SER B 65 13.01 -19.61 -44.37
C SER B 65 14.53 -19.49 -44.25
N SER B 66 14.95 -18.75 -43.23
CA SER B 66 16.37 -18.51 -42.97
C SER B 66 16.70 -18.93 -41.54
N PRO B 67 17.23 -20.14 -41.34
CA PRO B 67 17.56 -20.57 -39.96
C PRO B 67 18.71 -19.79 -39.35
N SER B 68 19.54 -19.11 -40.16
CA SER B 68 20.65 -18.35 -39.61
C SER B 68 20.13 -17.23 -38.70
N ILE B 69 19.15 -16.46 -39.18
CA ILE B 69 18.59 -15.40 -38.36
C ILE B 69 17.60 -15.93 -37.32
N ALA B 70 17.12 -17.17 -37.50
CA ALA B 70 16.22 -17.76 -36.52
C ALA B 70 16.88 -17.90 -35.16
N GLN B 71 18.18 -18.17 -35.14
CA GLN B 71 18.90 -18.27 -33.86
C GLN B 71 18.78 -16.97 -33.07
N TYR B 72 19.04 -15.84 -33.73
CA TYR B 72 18.95 -14.56 -33.05
C TYR B 72 17.50 -14.21 -32.74
N PHE B 73 16.57 -14.56 -33.62
CA PHE B 73 15.16 -14.29 -33.36
C PHE B 73 14.67 -15.04 -32.13
N ALA B 74 15.20 -16.24 -31.89
CA ALA B 74 14.84 -16.98 -30.69
C ALA B 74 15.61 -16.50 -29.47
N SER B 75 16.87 -16.09 -29.65
CA SER B 75 17.63 -15.56 -28.53
C SER B 75 16.99 -14.29 -27.98
N THR B 76 16.52 -13.42 -28.86
CA THR B 76 15.85 -12.20 -28.41
C THR B 76 14.57 -12.52 -27.66
N MET B 77 13.79 -13.47 -28.18
CA MET B 77 12.57 -13.88 -27.49
C MET B 77 12.88 -14.43 -26.10
N ILE B 78 13.92 -15.27 -26.00
CA ILE B 78 14.30 -15.82 -24.70
C ILE B 78 14.76 -14.72 -23.76
N ILE B 79 15.50 -13.74 -24.29
CA ILE B 79 16.00 -12.65 -23.44
C ILE B 79 14.84 -11.82 -22.91
N VAL B 80 13.84 -11.54 -23.75
CA VAL B 80 12.72 -10.71 -23.30
C VAL B 80 11.80 -11.52 -22.38
N GLY B 81 11.77 -12.85 -22.54
CA GLY B 81 10.96 -13.67 -21.66
C GLY B 81 11.60 -13.94 -20.32
N LEU B 82 12.93 -13.91 -20.26
CA LEU B 82 13.62 -14.16 -18.99
C LEU B 82 13.25 -13.15 -17.92
N SER B 83 12.66 -12.00 -18.30
CA SER B 83 12.24 -11.03 -17.30
C SER B 83 11.16 -11.60 -16.40
N VAL B 84 10.21 -12.34 -16.97
CA VAL B 84 9.13 -12.92 -16.18
C VAL B 84 9.68 -13.99 -15.24
N VAL B 85 10.71 -14.71 -15.65
CA VAL B 85 11.31 -15.73 -14.78
C VAL B 85 12.10 -15.06 -13.66
N VAL B 86 12.82 -13.98 -13.98
CA VAL B 86 13.57 -13.25 -12.97
C VAL B 86 12.62 -12.66 -11.93
N THR B 87 11.50 -12.09 -12.38
CA THR B 87 10.54 -11.54 -11.44
C THR B 87 9.92 -12.63 -10.59
N VAL B 88 9.63 -13.79 -11.17
CA VAL B 88 9.06 -14.90 -10.40
C VAL B 88 10.03 -15.35 -9.33
N ILE B 89 11.32 -15.48 -9.70
CA ILE B 89 12.32 -15.90 -8.72
C ILE B 89 12.48 -14.85 -7.63
N VAL B 90 12.41 -13.57 -8.00
CA VAL B 90 12.51 -12.49 -7.01
C VAL B 90 11.36 -12.60 -6.02
N LEU B 91 10.14 -12.78 -6.53
CA LEU B 91 8.99 -12.91 -5.65
C LEU B 91 9.11 -14.14 -4.76
N GLN B 92 9.60 -15.24 -5.30
CA GLN B 92 9.77 -16.46 -4.52
C GLN B 92 10.76 -16.24 -3.38
N TYR B 93 11.89 -15.62 -3.68
CA TYR B 93 12.91 -15.37 -2.66
C TYR B 93 12.51 -14.24 -1.71
N HIS B 94 11.52 -13.43 -2.08
CA HIS B 94 11.06 -12.36 -1.20
C HIS B 94 9.90 -12.78 -0.30
N HIS B 95 9.14 -13.80 -0.70
CA HIS B 95 8.01 -14.26 0.09
C HIS B 95 8.40 -15.37 1.06
N HIS B 96 9.07 -16.41 0.56
CA HIS B 96 9.48 -17.55 1.38
C HIS B 96 8.29 -18.16 2.10
N ASP B 97 7.37 -18.70 1.31
CA ASP B 97 6.18 -19.32 1.87
C ASP B 97 6.59 -20.45 2.82
N PRO B 98 5.88 -20.64 3.93
CA PRO B 98 6.25 -21.72 4.85
C PRO B 98 6.30 -23.09 4.19
N ASP B 99 5.42 -23.36 3.22
CA ASP B 99 5.42 -24.66 2.56
C ASP B 99 6.54 -24.78 1.55
N GLY B 100 6.81 -23.72 0.80
CA GLY B 100 7.86 -23.70 -0.21
C GLY B 100 9.07 -22.93 0.25
N GLY B 101 9.65 -22.16 -0.68
CA GLY B 101 10.82 -21.37 -0.37
C GLY B 101 12.07 -22.23 -0.25
N LYS B 102 13.14 -21.57 0.21
CA LYS B 102 14.43 -22.21 0.41
C LYS B 102 14.79 -22.21 1.89
N MET B 103 15.74 -23.06 2.24
CA MET B 103 16.19 -23.18 3.62
C MET B 103 16.83 -21.86 4.07
N PRO B 104 16.26 -21.14 5.03
CA PRO B 104 16.88 -19.87 5.45
C PRO B 104 18.29 -20.05 6.01
N LYS B 105 18.50 -21.08 6.84
CA LYS B 105 19.81 -21.25 7.45
C LYS B 105 20.89 -21.53 6.41
N TRP B 106 20.57 -22.38 5.42
CA TRP B 106 21.57 -22.71 4.41
C TRP B 106 21.98 -21.48 3.60
N THR B 107 21.02 -20.66 3.19
CA THR B 107 21.31 -19.48 2.38
C THR B 107 21.79 -18.29 3.20
N ARG B 108 21.67 -18.35 4.53
CA ARG B 108 22.09 -17.21 5.35
C ARG B 108 23.58 -16.96 5.21
N VAL B 109 24.39 -18.02 5.26
CA VAL B 109 25.84 -17.85 5.16
C VAL B 109 26.21 -17.32 3.79
N ILE B 110 25.58 -17.86 2.74
CA ILE B 110 25.88 -17.40 1.39
C ILE B 110 25.53 -15.93 1.22
N LEU B 111 24.38 -15.52 1.76
CA LEU B 111 23.97 -14.11 1.67
C LEU B 111 24.93 -13.21 2.44
N LEU B 112 25.32 -13.64 3.64
CA LEU B 112 26.24 -12.83 4.44
C LEU B 112 27.59 -12.70 3.75
N ASN B 113 28.05 -13.76 3.08
CA ASN B 113 29.32 -13.69 2.37
C ASN B 113 29.21 -12.80 1.14
N TRP B 114 28.13 -12.92 0.38
CA TRP B 114 27.98 -12.14 -0.84
C TRP B 114 27.76 -10.66 -0.54
N CYS B 115 27.11 -10.35 0.58
CA CYS B 115 26.95 -8.95 0.96
C CYS B 115 28.30 -8.27 1.17
N ALA B 116 29.25 -8.98 1.77
CA ALA B 116 30.58 -8.42 1.96
C ALA B 116 31.37 -8.44 0.65
N TRP B 117 31.18 -9.48 -0.16
CA TRP B 117 31.88 -9.56 -1.44
C TRP B 117 31.46 -8.44 -2.38
N PHE B 118 30.21 -7.97 -2.28
CA PHE B 118 29.76 -6.86 -3.11
C PHE B 118 30.31 -5.53 -2.62
N LEU B 119 30.36 -5.34 -1.29
CA LEU B 119 30.90 -4.11 -0.73
C LEU B 119 32.43 -4.14 -0.73
N ARG B 120 33.02 -5.12 -0.05
CA ARG B 120 34.46 -5.29 0.02
C ARG B 120 34.80 -6.58 -0.71
N MET B 121 35.05 -6.47 -2.02
CA MET B 121 35.35 -7.65 -2.83
C MET B 121 36.61 -8.35 -2.33
N LYS B 122 36.60 -9.67 -2.40
CA LYS B 122 37.74 -10.48 -1.96
C LYS B 122 38.81 -10.43 -3.05
N ARG B 123 39.54 -9.32 -3.07
CA ARG B 123 40.60 -9.07 -4.02
C ARG B 123 41.81 -8.54 -3.29
N PRO B 124 43.00 -8.59 -3.92
CA PRO B 124 44.20 -8.08 -3.23
C PRO B 124 44.09 -6.61 -2.85
N GLY B 125 43.42 -5.79 -3.67
CA GLY B 125 43.32 -4.38 -3.37
C GLY B 125 42.66 -4.10 -2.03
N GLU B 126 41.72 -4.97 -1.62
CA GLU B 126 41.02 -4.80 -0.37
C GLU B 126 41.61 -5.63 0.77
N ASP B 127 42.36 -6.69 0.45
CA ASP B 127 42.94 -7.55 1.48
C ASP B 127 44.30 -7.03 1.95
N LYS B 128 45.14 -6.54 1.04
CA LYS B 128 46.47 -6.08 1.43
C LYS B 128 46.44 -4.65 1.94
N VAL B 129 45.49 -3.83 1.49
CA VAL B 129 45.39 -2.43 1.91
C VAL B 129 44.55 -2.41 3.18
N ARG B 130 45.21 -2.64 4.30
CA ARG B 130 44.57 -2.63 5.61
C ARG B 130 45.64 -2.78 6.67
N PRO B 131 45.34 -2.41 7.92
CA PRO B 131 46.33 -2.56 8.99
C PRO B 131 46.73 -4.01 9.18
N ALA B 132 47.99 -4.22 9.58
CA ALA B 132 48.52 -5.55 9.80
C ALA B 132 49.58 -5.48 10.90
N CYS B 133 49.63 -6.53 11.72
CA CYS B 133 50.59 -6.59 12.80
C CYS B 133 50.61 -8.02 13.35
N GLN B 134 51.78 -8.43 13.83
CA GLN B 134 51.95 -9.76 14.40
C GLN B 134 51.38 -9.89 15.81
N HIS B 135 51.00 -8.78 16.43
CA HIS B 135 50.44 -8.83 17.78
C HIS B 135 49.17 -9.67 17.81
N LYS B 136 48.74 -10.00 19.03
CA LYS B 136 47.53 -10.81 19.21
C LYS B 136 46.27 -10.10 18.75
N GLN B 137 46.34 -8.79 18.45
CA GLN B 137 45.16 -8.08 18.00
C GLN B 137 44.58 -8.69 16.73
N ARG B 138 45.41 -9.29 15.89
CA ARG B 138 44.98 -9.91 14.65
C ARG B 138 45.01 -11.42 14.72
N ARG B 139 45.23 -12.00 15.90
CA ARG B 139 45.27 -13.44 16.08
C ARG B 139 43.90 -13.97 16.51
N CYS B 140 43.78 -15.29 16.52
CA CYS B 140 42.54 -15.95 16.90
C CYS B 140 42.72 -16.66 18.24
N SER B 141 41.61 -16.85 18.95
CA SER B 141 41.62 -17.51 20.24
C SER B 141 40.33 -18.32 20.39
N LEU B 142 40.16 -18.92 21.56
CA LEU B 142 38.97 -19.72 21.82
C LEU B 142 37.70 -18.88 21.73
N ALA B 143 37.80 -17.58 22.04
CA ALA B 143 36.63 -16.71 21.98
C ALA B 143 36.13 -16.51 20.55
N SER B 144 37.00 -16.71 19.55
CA SER B 144 36.62 -16.54 18.15
C SER B 144 36.13 -17.83 17.50
N VAL B 145 36.38 -18.98 18.12
CA VAL B 145 35.95 -20.25 17.56
C VAL B 145 34.43 -20.33 17.67
N GLU B 146 33.75 -20.32 16.53
CA GLU B 146 32.29 -20.39 16.47
C GLU B 146 31.79 -21.68 15.84
N MET B 147 32.66 -22.67 15.65
CA MET B 147 32.26 -23.93 15.05
C MET B 147 31.52 -24.86 16.02
N SER B 148 31.37 -24.44 17.28
CA SER B 148 30.69 -25.25 18.28
C SER B 148 29.35 -24.66 18.69
N ALA B 149 28.78 -23.78 17.87
CA ALA B 149 27.49 -23.15 18.15
C ALA B 149 27.52 -22.42 19.50
N VAL B 150 28.40 -21.42 19.57
CA VAL B 150 28.56 -20.60 20.77
C VAL B 150 28.13 -19.18 20.44
N ALA B 151 28.09 -18.35 21.47
CA ALA B 151 27.70 -16.96 21.30
C ALA B 151 28.73 -16.23 20.43
N PRO B 152 28.31 -15.45 19.44
CA PRO B 152 29.28 -14.72 18.61
C PRO B 152 30.13 -13.79 19.46
N PRO B 153 31.24 -13.29 18.93
CA PRO B 153 32.08 -12.37 19.70
C PRO B 153 31.31 -11.13 20.09
N PRO B 154 31.34 -10.75 21.38
CA PRO B 154 30.64 -9.52 21.79
C PRO B 154 31.15 -8.31 21.02
N ALA B 155 30.26 -7.71 20.24
CA ALA B 155 30.61 -6.55 19.44
C ALA B 155 29.36 -5.72 19.18
N SER B 156 29.56 -4.41 19.05
CA SER B 156 28.46 -3.49 18.81
C SER B 156 27.96 -3.51 17.37
N ASN B 157 28.55 -4.35 16.51
CA ASN B 157 28.13 -4.43 15.11
C ASN B 157 26.94 -5.35 14.90
N GLY B 158 26.23 -5.72 15.97
CA GLY B 158 25.08 -6.59 15.87
C GLY B 158 25.25 -7.91 16.60
N ASN B 159 26.19 -7.94 17.56
CA ASN B 159 26.46 -9.14 18.35
C ASN B 159 26.14 -8.93 19.82
N LEU B 160 26.66 -7.86 20.43
CA LEU B 160 26.38 -7.62 21.85
C LEU B 160 24.90 -7.34 22.06
N LEU B 161 24.34 -6.39 21.31
CA LEU B 161 22.92 -6.09 21.43
C LEU B 161 22.07 -7.30 21.06
N TYR B 162 22.52 -8.08 20.09
CA TYR B 162 21.80 -9.29 19.71
C TYR B 162 21.71 -10.26 20.87
N ILE B 163 22.85 -10.59 21.48
CA ILE B 163 22.86 -11.53 22.60
C ILE B 163 22.09 -10.96 23.78
N GLY B 164 22.11 -9.65 23.96
CA GLY B 164 21.37 -9.05 25.07
C GLY B 164 19.88 -9.15 24.88
N PHE B 165 19.38 -8.72 23.72
CA PHE B 165 17.95 -8.73 23.46
C PHE B 165 17.40 -10.15 23.39
N ARG B 166 18.09 -11.04 22.68
CA ARG B 166 17.65 -12.41 22.49
C ARG B 166 18.38 -13.37 23.41
N GLY B 167 18.70 -12.94 24.63
CA GLY B 167 19.39 -13.82 25.56
C GLY B 167 18.62 -15.10 25.83
N LEU B 168 17.31 -15.00 26.00
CA LEU B 168 16.45 -16.15 26.22
C LEU B 168 16.91 -16.94 27.45
N ASP B 169 16.83 -16.28 28.61
CA ASP B 169 17.21 -16.85 29.90
C ASP B 169 18.71 -17.09 30.00
N GLY B 170 19.51 -16.41 29.18
CA GLY B 170 20.96 -16.56 29.23
C GLY B 170 21.61 -15.62 30.21
N VAL B 171 22.63 -14.88 29.75
CA VAL B 171 23.33 -13.95 30.62
C VAL B 171 22.54 -12.66 30.81
N HIS B 172 21.64 -12.32 29.90
CA HIS B 172 20.88 -11.09 30.04
C HIS B 172 19.85 -11.18 31.16
N CYS B 173 19.31 -12.37 31.41
CA CYS B 173 18.31 -12.53 32.45
C CYS B 173 18.93 -12.72 33.83
N VAL B 174 20.23 -13.02 33.90
CA VAL B 174 20.91 -13.18 35.19
C VAL B 174 22.30 -12.57 35.08
N PRO B 175 22.43 -11.25 34.89
CA PRO B 175 23.74 -10.60 34.79
C PRO B 175 24.38 -10.32 36.15
N THR B 176 24.49 -11.36 36.97
CA THR B 176 25.04 -11.24 38.32
C THR B 176 25.93 -12.46 38.60
N PRO B 177 27.19 -12.39 38.17
CA PRO B 177 28.11 -13.51 38.45
C PRO B 177 28.26 -13.74 39.94
N ASP B 178 28.96 -14.82 40.27
CA ASP B 178 29.16 -15.21 41.67
C ASP B 178 30.21 -14.31 42.32
N SER B 179 29.76 -13.20 42.91
CA SER B 179 30.65 -12.27 43.59
C SER B 179 30.15 -11.83 44.96
N GLY B 180 28.87 -11.96 45.26
CA GLY B 180 28.34 -11.55 46.54
C GLY B 180 27.79 -10.15 46.57
N VAL B 181 27.30 -9.64 45.44
CA VAL B 181 26.76 -8.28 45.41
C VAL B 181 25.58 -8.15 46.36
N VAL B 182 24.86 -9.26 46.60
CA VAL B 182 23.73 -9.22 47.52
C VAL B 182 24.20 -8.86 48.94
N CYS B 183 25.43 -9.23 49.29
CA CYS B 183 25.96 -8.94 50.62
C CYS B 183 27.41 -8.47 50.57
N GLY B 184 27.89 -8.01 49.41
CA GLY B 184 29.25 -7.55 49.29
C GLY B 184 29.36 -6.10 48.83
N ARG B 185 28.33 -5.60 48.16
CA ARG B 185 28.30 -4.25 47.66
C ARG B 185 26.97 -3.59 48.00
N MET B 186 27.02 -2.28 48.24
CA MET B 186 25.84 -1.51 48.58
C MET B 186 25.45 -0.53 47.47
N ALA B 187 26.11 -0.59 46.32
CA ALA B 187 25.81 0.30 45.21
C ALA B 187 24.47 -0.12 44.58
N CYS B 188 23.41 0.63 44.88
CA CYS B 188 22.08 0.34 44.36
C CYS B 188 21.63 -1.07 44.73
N SER B 189 22.10 -1.58 45.86
CA SER B 189 21.75 -2.92 46.31
C SER B 189 21.95 -3.02 47.83
N PRO B 190 20.95 -2.65 48.63
CA PRO B 190 21.09 -2.76 50.08
C PRO B 190 21.45 -4.18 50.50
N THR B 191 22.51 -4.30 51.30
CA THR B 191 22.99 -5.60 51.76
C THR B 191 22.04 -6.13 52.81
N HIS B 192 21.15 -7.04 52.40
CA HIS B 192 20.19 -7.69 53.29
C HIS B 192 19.53 -6.70 54.23
N ASP B 193 19.29 -5.47 53.75
CA ASP B 193 18.66 -4.43 54.56
C ASP B 193 17.15 -4.60 54.48
N GLU B 194 16.56 -5.19 55.52
CA GLU B 194 15.12 -5.39 55.57
C GLU B 194 14.38 -4.21 56.20
N HIS B 195 15.07 -3.36 56.95
CA HIS B 195 14.45 -2.21 57.60
C HIS B 195 14.56 -0.93 56.76
N LEU B 196 14.81 -1.06 55.46
CA LEU B 196 14.90 0.09 54.57
C LEU B 196 13.49 0.56 54.25
N LEU B 197 13.00 1.51 55.04
CA LEU B 197 11.66 2.07 54.90
C LEU B 197 11.77 3.54 54.54
N HIS B 198 11.17 3.93 53.43
CA HIS B 198 11.18 5.32 52.98
C HIS B 198 10.14 6.12 53.78
N GLY B 199 10.49 6.40 55.04
CA GLY B 199 9.60 7.12 55.92
C GLY B 199 8.36 6.36 56.30
N GLY B 200 8.44 5.02 56.33
CA GLY B 200 7.31 4.17 56.68
C GLY B 200 6.70 3.44 55.50
N GLN B 201 6.90 3.93 54.28
CA GLN B 201 6.34 3.30 53.10
C GLN B 201 7.42 2.50 52.40
N PRO B 202 7.37 1.17 52.40
CA PRO B 202 8.38 0.39 51.68
C PRO B 202 8.28 0.62 50.19
N PRO B 203 9.18 0.02 49.40
CA PRO B 203 9.12 0.20 47.95
C PRO B 203 7.81 -0.34 47.38
N GLU B 204 7.62 -0.13 46.08
CA GLU B 204 6.41 -0.54 45.38
C GLU B 204 5.18 0.10 46.02
N GLY B 205 5.14 1.44 45.94
CA GLY B 205 4.04 2.18 46.54
C GLY B 205 2.67 1.66 46.14
N ASP B 206 2.53 1.25 44.88
CA ASP B 206 1.25 0.76 44.38
C ASP B 206 1.47 -0.40 43.43
N PRO B 207 0.92 -1.59 43.73
CA PRO B 207 1.07 -2.72 42.79
C PRO B 207 0.52 -2.43 41.41
N ASP B 208 -0.39 -1.46 41.27
CA ASP B 208 -0.92 -1.14 39.95
C ASP B 208 0.18 -0.68 39.00
N LEU B 209 1.25 -0.08 39.53
CA LEU B 209 2.37 0.31 38.70
C LEU B 209 3.02 -0.91 38.05
N ALA B 210 3.06 -2.04 38.75
CA ALA B 210 3.61 -3.26 38.16
C ALA B 210 2.77 -3.72 36.98
N LYS B 211 1.44 -3.67 37.11
CA LYS B 211 0.58 -4.07 36.00
C LYS B 211 0.71 -3.09 34.83
N ILE B 212 0.85 -1.80 35.12
CA ILE B 212 1.03 -0.81 34.06
C ILE B 212 2.34 -1.09 33.33
N LEU B 213 3.40 -1.38 34.06
CA LEU B 213 4.68 -1.70 33.44
C LEU B 213 4.59 -2.96 32.60
N GLU B 214 3.85 -3.96 33.10
CA GLU B 214 3.69 -5.20 32.34
C GLU B 214 2.94 -4.96 31.03
N GLU B 215 1.89 -4.13 31.08
CA GLU B 215 1.14 -3.83 29.86
C GLU B 215 1.99 -3.03 28.88
N VAL B 216 2.77 -2.07 29.39
CA VAL B 216 3.66 -1.30 28.52
C VAL B 216 4.71 -2.21 27.90
N ARG B 217 5.18 -3.20 28.67
CA ARG B 217 6.16 -4.15 28.13
C ARG B 217 5.53 -5.04 27.07
N TYR B 218 4.26 -5.41 27.24
CA TYR B 218 3.56 -6.17 26.21
C TYR B 218 3.40 -5.35 24.94
N ILE B 219 3.08 -4.05 25.09
CA ILE B 219 2.98 -3.18 23.92
C ILE B 219 4.33 -3.06 23.23
N ALA B 220 5.41 -2.92 24.01
CA ALA B 220 6.74 -2.86 23.43
C ALA B 220 7.11 -4.16 22.74
N ASN B 221 6.66 -5.30 23.28
CA ASN B 221 6.92 -6.58 22.62
C ASN B 221 6.16 -6.69 21.31
N ARG B 222 4.93 -6.17 21.26
CA ARG B 222 4.20 -6.14 20.01
C ARG B 222 4.92 -5.27 18.98
N PHE B 223 5.40 -4.10 19.42
CA PHE B 223 6.14 -3.23 18.51
C PHE B 223 7.42 -3.90 18.04
N ARG B 224 8.10 -4.63 18.92
CA ARG B 224 9.32 -5.32 18.55
C ARG B 224 9.04 -6.46 17.58
N CYS B 225 7.91 -7.14 17.73
CA CYS B 225 7.52 -8.18 16.78
C CYS B 225 7.23 -7.57 15.41
N GLN B 226 6.55 -6.43 15.38
CA GLN B 226 6.32 -5.74 14.12
C GLN B 226 7.65 -5.34 13.47
N ASP B 227 8.57 -4.81 14.27
CA ASP B 227 9.88 -4.42 13.74
C ASP B 227 10.65 -5.63 13.22
N GLU B 228 10.53 -6.76 13.91
CA GLU B 228 11.20 -7.98 13.46
C GLU B 228 10.61 -8.48 12.15
N SER B 229 9.28 -8.41 12.01
CA SER B 229 8.67 -8.77 10.75
C SER B 229 9.14 -7.85 9.62
N GLU B 230 9.22 -6.55 9.90
CA GLU B 230 9.71 -5.61 8.88
C GLU B 230 11.16 -5.91 8.52
N ALA B 231 11.98 -6.26 9.50
CA ALA B 231 13.39 -6.58 9.23
C ALA B 231 13.52 -7.87 8.43
N VAL B 232 12.66 -8.85 8.71
CA VAL B 232 12.66 -10.09 7.94
C VAL B 232 12.26 -9.81 6.50
N CYS B 233 11.26 -8.94 6.31
CA CYS B 233 10.85 -8.57 4.96
C CYS B 233 11.99 -7.86 4.23
N SER B 234 12.70 -6.96 4.92
CA SER B 234 13.82 -6.27 4.30
C SER B 234 14.94 -7.24 3.94
N GLU B 235 15.22 -8.21 4.82
CA GLU B 235 16.25 -9.20 4.53
C GLU B 235 15.85 -10.07 3.34
N TRP B 236 14.57 -10.42 3.23
CA TRP B 236 14.10 -11.18 2.08
C TRP B 236 14.23 -10.36 0.81
N LYS B 237 13.90 -9.07 0.87
CA LYS B 237 14.09 -8.20 -0.30
C LYS B 237 15.56 -8.14 -0.70
N PHE B 238 16.45 -8.04 0.28
CA PHE B 238 17.88 -7.98 -0.01
C PHE B 238 18.38 -9.29 -0.62
N ALA B 239 17.88 -10.43 -0.12
CA ALA B 239 18.27 -11.71 -0.68
C ALA B 239 17.71 -11.91 -2.07
N ALA B 240 16.56 -11.29 -2.37
CA ALA B 240 15.97 -11.40 -3.70
C ALA B 240 16.70 -10.52 -4.70
N CYS B 241 17.09 -9.30 -4.28
CA CYS B 241 17.84 -8.42 -5.17
C CYS B 241 19.21 -8.99 -5.52
N VAL B 242 19.74 -9.89 -4.68
CA VAL B 242 21.00 -10.56 -5.01
C VAL B 242 20.83 -11.38 -6.27
N VAL B 243 19.66 -12.00 -6.45
CA VAL B 243 19.40 -12.78 -7.66
C VAL B 243 19.40 -11.87 -8.88
N ASP B 244 18.78 -10.69 -8.77
CA ASP B 244 18.76 -9.76 -9.89
C ASP B 244 20.17 -9.29 -10.21
N ARG B 245 20.98 -9.01 -9.19
CA ARG B 245 22.36 -8.58 -9.42
C ARG B 245 23.17 -9.68 -10.10
N LEU B 246 22.99 -10.92 -9.66
CA LEU B 246 23.70 -12.03 -10.28
C LEU B 246 23.27 -12.21 -11.73
N CYS B 247 21.97 -12.07 -12.00
CA CYS B 247 21.48 -12.18 -13.38
C CYS B 247 22.06 -11.08 -14.25
N LEU B 248 22.13 -9.85 -13.72
CA LEU B 248 22.73 -8.76 -14.47
C LEU B 248 24.21 -9.05 -14.76
N MET B 249 24.94 -9.53 -13.76
CA MET B 249 26.36 -9.81 -13.95
C MET B 249 26.57 -10.93 -14.95
N ALA B 250 25.66 -11.91 -14.99
CA ALA B 250 25.80 -13.02 -15.92
C ALA B 250 25.37 -12.65 -17.33
N PHE B 251 24.43 -11.71 -17.47
CA PHE B 251 23.97 -11.28 -18.79
C PHE B 251 24.81 -10.16 -19.38
N SER B 252 25.61 -9.48 -18.57
CA SER B 252 26.48 -8.43 -19.10
C SER B 252 27.37 -8.97 -20.21
N VAL B 253 27.80 -10.23 -20.09
CA VAL B 253 28.64 -10.83 -21.12
C VAL B 253 27.80 -11.53 -22.18
N PHE B 254 26.64 -12.08 -21.82
CA PHE B 254 25.79 -12.74 -22.79
C PHE B 254 25.28 -11.76 -23.84
N THR B 255 24.87 -10.56 -23.41
CA THR B 255 24.41 -9.56 -24.35
C THR B 255 25.53 -9.12 -25.29
N ILE B 256 26.74 -8.99 -24.76
CA ILE B 256 27.87 -8.60 -25.60
C ILE B 256 28.16 -9.68 -26.62
N ILE B 257 28.12 -10.95 -26.20
CA ILE B 257 28.35 -12.06 -27.13
C ILE B 257 27.28 -12.07 -28.21
N CYS B 258 26.02 -11.86 -27.82
CA CYS B 258 24.94 -11.85 -28.80
C CYS B 258 25.11 -10.71 -29.79
N THR B 259 25.50 -9.53 -29.32
CA THR B 259 25.72 -8.40 -30.22
C THR B 259 26.87 -8.68 -31.17
N ILE B 260 27.96 -9.26 -30.66
CA ILE B 260 29.11 -9.58 -31.50
C ILE B 260 28.71 -10.59 -32.57
N GLY B 261 27.91 -11.59 -32.19
CA GLY B 261 27.47 -12.58 -33.17
C GLY B 261 26.55 -11.99 -34.21
N ILE B 262 25.65 -11.09 -33.80
CA ILE B 262 24.74 -10.45 -34.75
C ILE B 262 25.51 -9.53 -35.70
N LEU B 263 26.59 -8.90 -35.21
CA LEU B 263 27.37 -8.02 -36.05
C LEU B 263 28.25 -8.80 -37.02
N MET B 264 28.86 -9.88 -36.56
CA MET B 264 29.73 -10.67 -37.43
C MET B 264 28.94 -11.42 -38.50
N SER B 265 27.69 -11.77 -38.21
CA SER B 265 26.85 -12.49 -39.16
C SER B 265 25.97 -11.56 -39.99
N ALA B 266 26.08 -10.25 -39.79
CA ALA B 266 25.27 -9.32 -40.58
C ALA B 266 25.60 -9.36 -42.06
N PRO B 267 26.87 -9.39 -42.50
CA PRO B 267 27.14 -9.44 -43.94
C PRO B 267 26.53 -10.66 -44.62
N ASN B 268 26.33 -11.76 -43.89
CA ASN B 268 25.74 -12.95 -44.51
C ASN B 268 24.31 -12.70 -44.92
N PHE B 269 23.48 -12.18 -44.01
CA PHE B 269 22.08 -11.88 -44.29
C PHE B 269 21.85 -10.41 -44.62
N VAL B 270 22.28 -9.51 -43.75
CA VAL B 270 22.11 -8.08 -43.98
C VAL B 270 23.09 -7.61 -45.03
N LEU C 7 -4.39 15.76 -47.59
CA LEU C 7 -5.40 16.27 -46.66
C LEU C 7 -5.40 15.44 -45.39
N TYR C 8 -5.93 14.22 -45.47
CA TYR C 8 -5.98 13.35 -44.31
C TYR C 8 -4.59 12.95 -43.83
N TYR C 9 -3.64 12.82 -44.76
CA TYR C 9 -2.29 12.42 -44.37
C TYR C 9 -1.64 13.47 -43.47
N GLY C 10 -1.85 14.75 -43.77
CA GLY C 10 -1.28 15.79 -42.93
C GLY C 10 -1.71 15.68 -41.48
N LEU C 11 -3.01 15.56 -41.25
CA LEU C 11 -3.52 15.44 -39.88
C LEU C 11 -3.08 14.12 -39.26
N ASN C 12 -3.13 13.03 -40.03
CA ASN C 12 -2.73 11.73 -39.48
C ASN C 12 -1.27 11.72 -39.07
N LEU C 13 -0.44 12.55 -39.70
CA LEU C 13 0.97 12.63 -39.34
C LEU C 13 1.25 13.67 -38.26
N LEU C 14 0.42 14.71 -38.17
CA LEU C 14 0.65 15.78 -37.21
C LEU C 14 0.07 15.48 -35.84
N ILE C 15 -1.17 15.00 -35.77
CA ILE C 15 -1.83 14.80 -34.49
C ILE C 15 -1.08 13.81 -33.61
N PRO C 16 -0.69 12.62 -34.09
CA PRO C 16 -0.01 11.68 -33.19
C PRO C 16 1.33 12.19 -32.69
N CYS C 17 2.12 12.83 -33.56
CA CYS C 17 3.43 13.34 -33.14
C CYS C 17 3.28 14.40 -32.06
N VAL C 18 2.37 15.36 -32.27
CA VAL C 18 2.17 16.42 -31.29
C VAL C 18 1.63 15.84 -29.98
N LEU C 19 0.70 14.89 -30.09
CA LEU C 19 0.16 14.27 -28.88
C LEU C 19 1.25 13.57 -28.08
N ILE C 20 2.12 12.82 -28.76
CA ILE C 20 3.20 12.12 -28.07
C ILE C 20 4.18 13.13 -27.46
N SER C 21 4.50 14.20 -28.19
CA SER C 21 5.43 15.18 -27.67
C SER C 21 4.87 15.87 -26.44
N ALA C 22 3.55 16.11 -26.41
CA ALA C 22 2.93 16.73 -25.24
C ALA C 22 2.86 15.75 -24.08
N LEU C 23 2.50 14.50 -24.35
CA LEU C 23 2.39 13.50 -23.27
C LEU C 23 3.75 13.22 -22.64
N ALA C 24 4.82 13.23 -23.44
CA ALA C 24 6.16 13.02 -22.89
C ALA C 24 6.49 14.09 -21.87
N LEU C 25 6.30 15.36 -22.24
CA LEU C 25 6.60 16.46 -21.32
C LEU C 25 5.68 16.41 -20.11
N LEU C 26 4.42 16.05 -20.30
CA LEU C 26 3.49 15.98 -19.18
C LEU C 26 3.90 14.90 -18.18
N VAL C 27 4.37 13.76 -18.69
CA VAL C 27 4.80 12.68 -17.80
C VAL C 27 6.11 13.04 -17.13
N PHE C 28 7.00 13.73 -17.84
CA PHE C 28 8.27 14.14 -17.24
C PHE C 28 8.06 15.20 -16.16
N LEU C 29 7.03 16.05 -16.32
CA LEU C 29 6.75 17.05 -15.30
C LEU C 29 6.32 16.42 -13.99
N LEU C 30 5.71 15.24 -14.04
CA LEU C 30 5.26 14.57 -12.83
C LEU C 30 6.47 14.17 -11.99
N PRO C 31 6.61 14.69 -10.76
CA PRO C 31 7.76 14.31 -9.94
C PRO C 31 7.80 12.81 -9.69
N ALA C 32 8.93 12.36 -9.13
CA ALA C 32 9.09 10.95 -8.82
C ALA C 32 7.99 10.48 -7.88
N ASP C 33 7.35 9.37 -8.25
CA ASP C 33 6.25 8.82 -7.48
C ASP C 33 6.39 7.30 -7.44
N SER C 34 5.32 6.63 -7.03
CA SER C 34 5.30 5.17 -6.94
C SER C 34 5.08 4.60 -8.34
N GLY C 35 4.77 3.30 -8.41
CA GLY C 35 4.54 2.63 -9.67
C GLY C 35 3.60 3.36 -10.60
N GLU C 36 2.74 4.21 -10.04
CA GLU C 36 1.86 5.03 -10.87
C GLU C 36 2.63 5.70 -12.00
N LYS C 37 3.69 6.43 -11.64
CA LYS C 37 4.54 7.06 -12.65
C LYS C 37 4.92 6.07 -13.75
N ILE C 38 5.44 4.90 -13.34
CA ILE C 38 5.85 3.90 -14.32
C ILE C 38 4.73 3.60 -15.30
N SER C 39 3.49 3.50 -14.80
CA SER C 39 2.36 3.26 -15.68
C SER C 39 2.32 4.28 -16.79
N LEU C 40 2.37 5.57 -16.45
CA LEU C 40 2.41 6.61 -17.46
C LEU C 40 3.61 6.41 -18.40
N GLY C 41 4.76 6.06 -17.84
CA GLY C 41 5.94 5.81 -18.65
C GLY C 41 5.71 4.75 -19.72
N ILE C 42 4.72 3.89 -19.54
CA ILE C 42 4.38 2.89 -20.55
C ILE C 42 3.34 3.44 -21.52
N THR C 43 2.41 4.27 -21.04
CA THR C 43 1.36 4.80 -21.90
C THR C 43 1.96 5.53 -23.10
N VAL C 44 2.86 6.47 -22.86
CA VAL C 44 3.49 7.21 -23.94
C VAL C 44 4.10 6.27 -24.96
N LEU C 45 4.55 5.08 -24.52
CA LEU C 45 5.06 4.08 -25.43
C LEU C 45 3.94 3.21 -26.01
N LEU C 46 2.99 2.80 -25.18
CA LEU C 46 1.92 1.92 -25.62
C LEU C 46 1.14 2.50 -26.79
N SER C 47 1.15 3.83 -26.95
CA SER C 47 0.48 4.46 -28.07
C SER C 47 1.38 4.59 -29.30
N LEU C 48 2.70 4.76 -29.10
CA LEU C 48 3.60 4.95 -30.22
C LEU C 48 3.50 3.77 -31.19
N THR C 49 3.51 2.54 -30.67
CA THR C 49 3.38 1.38 -31.53
C THR C 49 2.15 1.49 -32.43
N VAL C 50 1.04 2.01 -31.89
CA VAL C 50 -0.17 2.18 -32.69
C VAL C 50 0.15 3.00 -33.93
N PHE C 51 0.84 4.13 -33.76
CA PHE C 51 1.25 4.92 -34.91
C PHE C 51 2.06 4.08 -35.89
N MET C 52 3.01 3.29 -35.38
CA MET C 52 3.82 2.44 -36.25
C MET C 52 2.94 1.53 -37.10
N LEU C 53 1.75 1.18 -36.61
CA LEU C 53 0.83 0.40 -37.41
C LEU C 53 0.11 1.28 -38.42
N LEU C 54 -0.38 2.44 -37.99
CA LEU C 54 -1.08 3.34 -38.90
C LEU C 54 -0.21 3.70 -40.10
N VAL C 55 1.07 4.00 -39.85
CA VAL C 55 1.99 4.31 -40.94
C VAL C 55 2.02 3.15 -41.94
N ALA C 56 2.04 1.91 -41.44
CA ALA C 56 2.08 0.75 -42.31
C ALA C 56 0.90 0.73 -43.29
N GLU C 57 -0.19 1.41 -42.96
CA GLU C 57 -1.34 1.48 -43.86
C GLU C 57 -1.13 2.54 -44.94
N ILE C 58 -0.50 3.66 -44.57
CA ILE C 58 -0.30 4.76 -45.50
C ILE C 58 1.10 4.76 -46.12
N MET C 59 2.08 4.11 -45.49
CA MET C 59 3.45 4.08 -46.00
C MET C 59 4.09 2.77 -45.59
N PRO C 60 3.79 1.68 -46.31
CA PRO C 60 4.41 0.38 -45.98
C PRO C 60 5.92 0.48 -45.98
N SER C 61 6.54 -0.04 -44.92
CA SER C 61 7.99 -0.01 -44.78
C SER C 61 8.69 -0.95 -45.76
N THR C 62 7.94 -1.80 -46.47
CA THR C 62 8.58 -2.72 -47.41
C THR C 62 9.34 -1.96 -48.49
N SER C 63 8.79 -0.85 -48.96
CA SER C 63 9.43 -0.05 -50.00
C SER C 63 9.74 1.37 -49.55
N ASP C 64 9.38 1.75 -48.33
CA ASP C 64 9.65 3.10 -47.82
C ASP C 64 11.13 3.22 -47.44
N SER C 65 11.95 3.33 -48.49
CA SER C 65 13.40 3.47 -48.31
C SER C 65 13.77 4.95 -48.34
N SER C 66 13.41 5.63 -47.26
CA SER C 66 13.67 7.07 -47.11
C SER C 66 14.45 7.32 -45.84
N PRO C 67 15.79 7.41 -45.90
CA PRO C 67 16.56 7.65 -44.67
C PRO C 67 16.33 9.02 -44.07
N SER C 68 15.80 9.98 -44.84
CA SER C 68 15.55 11.31 -44.31
C SER C 68 14.54 11.25 -43.16
N ILE C 69 13.41 10.56 -43.38
CA ILE C 69 12.42 10.42 -42.33
C ILE C 69 12.82 9.37 -41.29
N ALA C 70 13.78 8.50 -41.62
CA ALA C 70 14.23 7.50 -40.66
C ALA C 70 14.85 8.16 -39.42
N GLN C 71 15.51 9.29 -39.60
CA GLN C 71 16.08 10.01 -38.46
C GLN C 71 15.00 10.37 -37.45
N TYR C 72 13.90 10.95 -37.92
CA TYR C 72 12.80 11.32 -37.03
C TYR C 72 12.09 10.09 -36.49
N PHE C 73 11.95 9.04 -37.31
CA PHE C 73 11.31 7.82 -36.85
C PHE C 73 12.10 7.18 -35.72
N ALA C 74 13.43 7.29 -35.75
CA ALA C 74 14.25 6.76 -34.66
C ALA C 74 14.29 7.72 -33.47
N SER C 75 14.26 9.03 -33.72
CA SER C 75 14.22 9.99 -32.63
C SER C 75 12.96 9.83 -31.80
N THR C 76 11.82 9.63 -32.46
CA THR C 76 10.57 9.43 -31.72
C THR C 76 10.63 8.15 -30.90
N MET C 77 11.17 7.07 -31.47
CA MET C 77 11.30 5.82 -30.73
C MET C 77 12.20 6.01 -29.50
N ILE C 78 13.31 6.73 -29.67
CA ILE C 78 14.21 6.97 -28.54
C ILE C 78 13.51 7.82 -27.49
N ILE C 79 12.73 8.81 -27.92
CA ILE C 79 12.04 9.67 -26.97
C ILE C 79 11.02 8.89 -26.16
N VAL C 80 10.27 7.99 -26.81
CA VAL C 80 9.26 7.22 -26.10
C VAL C 80 9.92 6.15 -25.24
N GLY C 81 11.10 5.68 -25.62
CA GLY C 81 11.79 4.69 -24.80
C GLY C 81 12.51 5.27 -23.62
N LEU C 82 12.91 6.54 -23.70
CA LEU C 82 13.60 7.19 -22.59
C LEU C 82 12.76 7.22 -21.32
N SER C 83 11.44 7.03 -21.43
CA SER C 83 10.60 7.00 -20.24
C SER C 83 10.97 5.84 -19.33
N VAL C 84 11.25 4.67 -19.91
CA VAL C 84 11.61 3.51 -19.11
C VAL C 84 12.95 3.72 -18.43
N VAL C 85 13.87 4.44 -19.08
CA VAL C 85 15.16 4.71 -18.47
C VAL C 85 15.02 5.73 -17.35
N VAL C 86 14.18 6.75 -17.56
CA VAL C 86 13.94 7.75 -16.53
C VAL C 86 13.31 7.10 -15.31
N THR C 87 12.34 6.21 -15.53
CA THR C 87 11.71 5.53 -14.40
C THR C 87 12.70 4.63 -13.67
N VAL C 88 13.57 3.94 -14.41
CA VAL C 88 14.58 3.10 -13.79
C VAL C 88 15.53 3.93 -12.93
N ILE C 89 15.96 5.08 -13.45
CA ILE C 89 16.86 5.93 -12.70
C ILE C 89 16.14 6.49 -11.47
N VAL C 90 14.86 6.83 -11.60
CA VAL C 90 14.11 7.32 -10.45
C VAL C 90 14.03 6.25 -9.37
N LEU C 91 13.72 5.01 -9.76
CA LEU C 91 13.65 3.92 -8.79
C LEU C 91 15.01 3.68 -8.14
N GLN C 92 16.09 3.77 -8.93
CA GLN C 92 17.43 3.56 -8.37
C GLN C 92 17.75 4.63 -7.34
N TYR C 93 17.47 5.89 -7.67
CA TYR C 93 17.76 6.99 -6.74
C TYR C 93 16.78 7.02 -5.57
N HIS C 94 15.64 6.35 -5.67
CA HIS C 94 14.68 6.30 -4.57
C HIS C 94 14.90 5.11 -3.65
N HIS C 95 15.52 4.04 -4.12
CA HIS C 95 15.76 2.86 -3.30
C HIS C 95 17.10 2.92 -2.59
N HIS C 96 18.18 3.19 -3.33
CA HIS C 96 19.53 3.26 -2.76
C HIS C 96 19.87 1.97 -2.03
N ASP C 97 19.92 0.88 -2.80
CA ASP C 97 20.25 -0.42 -2.22
C ASP C 97 21.62 -0.35 -1.53
N PRO C 98 21.80 -1.03 -0.40
CA PRO C 98 23.11 -0.97 0.28
C PRO C 98 24.26 -1.40 -0.61
N ASP C 99 24.04 -2.37 -1.50
CA ASP C 99 25.12 -2.83 -2.37
C ASP C 99 25.38 -1.86 -3.51
N GLY C 100 24.33 -1.30 -4.09
CA GLY C 100 24.44 -0.36 -5.19
C GLY C 100 24.18 1.06 -4.76
N GLY C 101 23.46 1.81 -5.60
CA GLY C 101 23.15 3.18 -5.30
C GLY C 101 24.35 4.09 -5.48
N LYS C 102 24.18 5.34 -5.01
CA LYS C 102 25.21 6.35 -5.08
C LYS C 102 25.63 6.77 -3.68
N MET C 103 26.77 7.42 -3.59
CA MET C 103 27.30 7.88 -2.32
C MET C 103 26.37 8.94 -1.73
N PRO C 104 25.71 8.69 -0.60
CA PRO C 104 24.80 9.72 -0.05
C PRO C 104 25.52 11.02 0.30
N LYS C 105 26.70 10.94 0.92
CA LYS C 105 27.40 12.14 1.34
C LYS C 105 27.77 13.00 0.15
N TRP C 106 28.26 12.39 -0.93
CA TRP C 106 28.69 13.15 -2.10
C TRP C 106 27.52 13.91 -2.71
N THR C 107 26.37 13.24 -2.87
CA THR C 107 25.21 13.86 -3.50
C THR C 107 24.42 14.75 -2.54
N ARG C 108 24.69 14.69 -1.24
CA ARG C 108 23.93 15.51 -0.29
C ARG C 108 24.13 16.99 -0.55
N VAL C 109 25.38 17.41 -0.77
CA VAL C 109 25.66 18.82 -1.02
C VAL C 109 25.00 19.27 -2.32
N ILE C 110 25.10 18.44 -3.36
CA ILE C 110 24.49 18.80 -4.64
C ILE C 110 22.99 18.95 -4.50
N LEU C 111 22.35 18.02 -3.77
CA LEU C 111 20.90 18.10 -3.58
C LEU C 111 20.53 19.33 -2.77
N LEU C 112 21.28 19.63 -1.71
CA LEU C 112 20.97 20.81 -0.90
C LEU C 112 21.13 22.09 -1.72
N ASN C 113 22.13 22.13 -2.60
CA ASN C 113 22.31 23.32 -3.44
C ASN C 113 21.22 23.44 -4.48
N TRP C 114 20.83 22.34 -5.11
CA TRP C 114 19.82 22.39 -6.15
C TRP C 114 18.43 22.68 -5.57
N CYS C 115 18.17 22.24 -4.35
CA CYS C 115 16.89 22.56 -3.72
C CYS C 115 16.72 24.07 -3.56
N ALA C 116 17.80 24.77 -3.21
CA ALA C 116 17.73 26.22 -3.10
C ALA C 116 17.74 26.88 -4.47
N TRP C 117 18.49 26.30 -5.42
CA TRP C 117 18.51 26.87 -6.77
C TRP C 117 17.16 26.79 -7.44
N PHE C 118 16.35 25.78 -7.10
CA PHE C 118 15.02 25.67 -7.68
C PHE C 118 14.04 26.64 -7.02
N LEU C 119 14.15 26.82 -5.71
CA LEU C 119 13.28 27.77 -5.01
C LEU C 119 13.78 29.20 -5.19
N ARG C 120 15.01 29.47 -4.76
CA ARG C 120 15.63 30.78 -4.89
C ARG C 120 16.79 30.64 -5.87
N MET C 121 16.51 30.84 -7.15
CA MET C 121 17.53 30.69 -8.18
C MET C 121 18.67 31.68 -7.95
N LYS C 122 19.89 31.23 -8.26
CA LYS C 122 21.08 32.06 -8.11
C LYS C 122 21.14 33.03 -9.29
N ARG C 123 20.34 34.08 -9.19
CA ARG C 123 20.25 35.11 -10.22
C ARG C 123 20.27 36.47 -9.54
N PRO C 124 20.56 37.54 -10.31
CA PRO C 124 20.60 38.87 -9.68
C PRO C 124 19.28 39.26 -9.04
N GLY C 125 18.15 38.88 -9.63
CA GLY C 125 16.86 39.25 -9.07
C GLY C 125 16.66 38.79 -7.65
N GLU C 126 17.27 37.65 -7.29
CA GLU C 126 17.14 37.11 -5.94
C GLU C 126 18.33 37.45 -5.05
N ASP C 127 19.47 37.80 -5.62
CA ASP C 127 20.66 38.13 -4.84
C ASP C 127 20.70 39.59 -4.44
N LYS C 128 20.33 40.50 -5.34
CA LYS C 128 20.38 41.93 -5.04
C LYS C 128 19.14 42.40 -4.29
N VAL C 129 18.00 41.73 -4.48
CA VAL C 129 16.76 42.13 -3.82
C VAL C 129 16.73 41.41 -2.48
N ARG C 130 17.38 42.02 -1.49
CA ARG C 130 17.42 41.49 -0.14
C ARG C 130 18.11 42.51 0.76
N PRO C 131 17.93 42.42 2.08
CA PRO C 131 18.58 43.36 2.98
C PRO C 131 20.10 43.27 2.86
N ALA C 132 20.75 44.42 3.07
CA ALA C 132 22.21 44.49 3.00
C ALA C 132 22.69 45.57 3.96
N CYS C 133 23.84 45.32 4.59
CA CYS C 133 24.42 46.27 5.52
C CYS C 133 25.86 45.85 5.80
N GLN C 134 26.70 46.85 6.08
CA GLN C 134 28.10 46.60 6.38
C GLN C 134 28.32 46.09 7.80
N HIS C 135 27.31 46.13 8.65
CA HIS C 135 27.45 45.67 10.03
C HIS C 135 27.83 44.19 10.06
N LYS C 136 28.25 43.74 11.24
CA LYS C 136 28.67 42.35 11.41
C LYS C 136 27.52 41.37 11.23
N GLN C 137 26.27 41.84 11.16
CA GLN C 137 25.14 40.94 10.97
C GLN C 137 25.28 40.12 9.71
N ARG C 138 25.92 40.67 8.68
CA ARG C 138 26.13 39.98 7.41
C ARG C 138 27.56 39.52 7.22
N ARG C 139 28.40 39.61 8.25
CA ARG C 139 29.78 39.18 8.16
C ARG C 139 29.93 37.75 8.66
N CYS C 140 31.12 37.19 8.46
CA CYS C 140 31.43 35.83 8.86
C CYS C 140 32.42 35.85 10.02
N SER C 141 32.38 34.77 10.82
CA SER C 141 33.26 34.64 11.96
C SER C 141 33.63 33.17 12.12
N LEU C 142 34.38 32.87 13.19
CA LEU C 142 34.81 31.50 13.44
C LEU C 142 33.61 30.58 13.64
N ALA C 143 32.50 31.11 14.15
CA ALA C 143 31.32 30.28 14.37
C ALA C 143 30.69 29.80 13.07
N SER C 144 30.94 30.49 11.96
CA SER C 144 30.38 30.12 10.67
C SER C 144 31.30 29.21 9.86
N VAL C 145 32.57 29.09 10.25
CA VAL C 145 33.52 28.24 9.53
C VAL C 145 33.13 26.79 9.80
N GLU C 146 32.69 26.08 8.76
CA GLU C 146 32.28 24.68 8.87
C GLU C 146 33.19 23.76 8.08
N MET C 147 34.35 24.24 7.63
CA MET C 147 35.29 23.43 6.86
C MET C 147 36.10 22.48 7.75
N SER C 148 35.93 22.53 9.06
CA SER C 148 36.68 21.68 9.99
C SER C 148 35.78 20.63 10.64
N ALA C 149 34.63 20.34 10.06
CA ALA C 149 33.69 19.35 10.59
C ALA C 149 33.30 19.69 12.02
N VAL C 150 32.65 20.85 12.17
CA VAL C 150 32.19 21.33 13.46
C VAL C 150 30.66 21.38 13.43
N ALA C 151 30.08 21.67 14.59
CA ALA C 151 28.63 21.74 14.71
C ALA C 151 28.11 22.90 13.87
N PRO C 152 27.05 22.72 13.07
CA PRO C 152 26.50 23.81 12.28
C PRO C 152 26.08 24.96 13.18
N PRO C 153 25.85 26.15 12.61
CA PRO C 153 25.41 27.30 13.42
C PRO C 153 24.10 27.00 14.12
N PRO C 154 24.01 27.21 15.43
CA PRO C 154 22.74 26.97 16.13
C PRO C 154 21.62 27.81 15.53
N ALA C 155 20.62 27.13 14.96
CA ALA C 155 19.49 27.81 14.34
C ALA C 155 18.28 26.88 14.38
N SER C 156 17.10 27.49 14.45
CA SER C 156 15.85 26.73 14.50
C SER C 156 15.43 26.19 13.15
N ASN C 157 16.21 26.42 12.09
CA ASN C 157 15.88 25.92 10.77
C ASN C 157 16.32 24.47 10.54
N GLY C 158 16.66 23.75 11.60
CA GLY C 158 17.08 22.37 11.49
C GLY C 158 18.51 22.15 11.96
N ASN C 159 19.02 23.07 12.77
CA ASN C 159 20.38 22.97 13.31
C ASN C 159 20.39 22.80 14.82
N LEU C 160 19.69 23.68 15.55
CA LEU C 160 19.66 23.58 17.00
C LEU C 160 18.99 22.28 17.43
N LEU C 161 17.78 22.03 16.92
CA LEU C 161 17.07 20.79 17.25
C LEU C 161 17.86 19.57 16.78
N TYR C 162 18.54 19.69 15.65
CA TYR C 162 19.36 18.58 15.15
C TYR C 162 20.46 18.25 16.14
N ILE C 163 21.25 19.25 16.54
CA ILE C 163 22.35 19.03 17.47
C ILE C 163 21.82 18.54 18.82
N GLY C 164 20.63 19.00 19.22
CA GLY C 164 20.08 18.56 20.49
C GLY C 164 19.66 17.10 20.46
N PHE C 165 18.87 16.72 19.46
CA PHE C 165 18.37 15.35 19.37
C PHE C 165 19.51 14.37 19.13
N ARG C 166 20.41 14.69 18.20
CA ARG C 166 21.52 13.81 17.83
C ARG C 166 22.82 14.24 18.49
N GLY C 167 22.76 14.75 19.72
CA GLY C 167 23.97 15.16 20.41
C GLY C 167 24.99 14.04 20.51
N LEU C 168 24.52 12.84 20.85
CA LEU C 168 25.39 11.66 20.96
C LEU C 168 26.50 11.91 21.99
N ASP C 169 26.09 12.10 23.24
CA ASP C 169 26.99 12.35 24.35
C ASP C 169 27.70 13.69 24.24
N GLY C 170 27.16 14.61 23.47
CA GLY C 170 27.76 15.93 23.31
C GLY C 170 27.29 16.92 24.35
N VAL C 171 26.83 18.09 23.90
CA VAL C 171 26.36 19.11 24.84
C VAL C 171 24.96 18.80 25.34
N HIS C 172 24.17 18.01 24.60
CA HIS C 172 22.81 17.71 25.05
C HIS C 172 22.80 16.77 26.25
N CYS C 173 23.79 15.88 26.35
CA CYS C 173 23.84 14.95 27.46
C CYS C 173 24.48 15.55 28.71
N VAL C 174 25.16 16.68 28.57
CA VAL C 174 25.79 17.35 29.73
C VAL C 174 25.63 18.86 29.55
N PRO C 175 24.39 19.38 29.60
CA PRO C 175 24.17 20.84 29.46
C PRO C 175 24.38 21.60 30.76
N THR C 176 25.54 21.39 31.38
CA THR C 176 25.88 22.03 32.66
C THR C 176 27.33 22.47 32.60
N PRO C 177 27.60 23.66 32.06
CA PRO C 177 28.97 24.18 32.03
C PRO C 177 29.53 24.32 33.43
N ASP C 178 30.83 24.64 33.48
CA ASP C 178 31.52 24.79 34.76
C ASP C 178 31.15 26.10 35.43
N SER C 179 30.10 26.08 36.24
CA SER C 179 29.65 27.26 36.96
C SER C 179 29.37 27.03 38.44
N GLY C 180 29.15 25.77 38.86
CA GLY C 180 28.86 25.49 40.25
C GLY C 180 27.39 25.44 40.59
N VAL C 181 26.54 25.08 39.63
CA VAL C 181 25.11 25.01 39.89
C VAL C 181 24.80 23.98 40.98
N VAL C 182 25.65 22.97 41.11
CA VAL C 182 25.45 21.96 42.15
C VAL C 182 25.55 22.59 43.54
N CYS C 183 26.34 23.65 43.67
CA CYS C 183 26.51 24.32 44.96
C CYS C 183 26.51 25.84 44.83
N GLY C 184 25.99 26.37 43.73
CA GLY C 184 25.97 27.81 43.52
C GLY C 184 24.57 28.36 43.31
N ARG C 185 23.65 27.51 42.86
CA ARG C 185 22.28 27.91 42.60
C ARG C 185 21.33 26.88 43.21
N MET C 186 20.17 27.37 43.66
CA MET C 186 19.15 26.53 44.26
C MET C 186 17.91 26.42 43.40
N ALA C 187 17.93 26.95 42.18
CA ALA C 187 16.79 26.91 41.27
C ALA C 187 16.64 25.48 40.75
N CYS C 188 15.68 24.74 41.30
CA CYS C 188 15.43 23.35 40.89
C CYS C 188 16.67 22.48 41.06
N SER C 189 17.51 22.83 42.04
CA SER C 189 18.74 22.09 42.28
C SER C 189 19.19 22.31 43.72
N PRO C 190 18.71 21.54 44.68
CA PRO C 190 19.15 21.72 46.07
C PRO C 190 20.66 21.62 46.20
N THR C 191 21.26 22.62 46.83
CA THR C 191 22.71 22.67 47.00
C THR C 191 23.11 21.65 48.05
N HIS C 192 23.61 20.50 47.60
CA HIS C 192 24.09 19.42 48.47
C HIS C 192 23.14 19.19 49.64
N ASP C 193 21.84 19.33 49.40
CA ASP C 193 20.83 19.13 50.44
C ASP C 193 20.51 17.65 50.52
N GLU C 194 21.09 16.95 51.49
CA GLU C 194 20.83 15.53 51.69
C GLU C 194 19.64 15.25 52.58
N HIS C 195 19.20 16.22 53.38
CA HIS C 195 18.08 16.06 54.29
C HIS C 195 16.76 16.52 53.68
N LEU C 196 16.70 16.63 52.35
CA LEU C 196 15.47 17.06 51.67
C LEU C 196 14.53 15.86 51.60
N LEU C 197 13.65 15.76 52.60
CA LEU C 197 12.70 14.66 52.70
C LEU C 197 11.29 15.24 52.60
N HIS C 198 10.51 14.71 51.64
CA HIS C 198 9.13 15.16 51.44
C HIS C 198 8.23 14.48 52.49
N GLY C 199 8.33 14.98 53.72
CA GLY C 199 7.57 14.43 54.81
C GLY C 199 7.98 13.03 55.20
N GLY C 200 9.24 12.66 54.99
CA GLY C 200 9.75 11.36 55.32
C GLY C 200 10.01 10.47 54.11
N GLN C 201 9.37 10.75 52.98
CA GLN C 201 9.55 9.93 51.78
C GLN C 201 10.48 10.66 50.83
N PRO C 202 11.70 10.19 50.61
CA PRO C 202 12.60 10.84 49.65
C PRO C 202 12.04 10.74 48.24
N PRO C 203 12.71 11.36 47.26
CA PRO C 203 12.24 11.28 45.87
C PRO C 203 12.22 9.83 45.38
N GLU C 204 11.69 9.66 44.18
CA GLU C 204 11.57 8.34 43.56
C GLU C 204 10.71 7.42 44.44
N GLY C 205 9.45 7.80 44.60
CA GLY C 205 8.55 7.05 45.44
C GLY C 205 8.53 5.57 45.12
N ASP C 206 8.61 5.23 43.83
CA ASP C 206 8.56 3.84 43.40
C ASP C 206 9.52 3.61 42.24
N PRO C 207 10.52 2.73 42.38
CA PRO C 207 11.42 2.46 41.26
C PRO C 207 10.71 1.96 40.01
N ASP C 208 9.51 1.39 40.15
CA ASP C 208 8.76 0.94 38.98
C ASP C 208 8.50 2.07 38.01
N LEU C 209 8.38 3.30 38.50
CA LEU C 209 8.21 4.45 37.62
C LEU C 209 9.40 4.62 36.70
N ALA C 210 10.61 4.32 37.19
CA ALA C 210 11.79 4.41 36.35
C ALA C 210 11.72 3.41 35.20
N LYS C 211 11.30 2.18 35.49
CA LYS C 211 11.16 1.17 34.44
C LYS C 211 10.07 1.55 33.45
N ILE C 212 8.97 2.11 33.94
CA ILE C 212 7.90 2.56 33.05
C ILE C 212 8.41 3.66 32.13
N LEU C 213 9.17 4.61 32.69
CA LEU C 213 9.73 5.68 31.87
C LEU C 213 10.71 5.13 30.85
N GLU C 214 11.51 4.14 31.24
CA GLU C 214 12.46 3.54 30.30
C GLU C 214 11.74 2.83 29.16
N GLU C 215 10.66 2.11 29.47
CA GLU C 215 9.90 1.44 28.42
C GLU C 215 9.22 2.46 27.50
N VAL C 216 8.68 3.53 28.07
CA VAL C 216 8.06 4.57 27.24
C VAL C 216 9.11 5.23 26.36
N ARG C 217 10.33 5.39 26.88
CA ARG C 217 11.41 5.97 26.08
C ARG C 217 11.83 5.03 24.96
N TYR C 218 11.81 3.72 25.22
CA TYR C 218 12.11 2.76 24.16
C TYR C 218 11.03 2.81 23.08
N ILE C 219 9.76 2.93 23.48
CA ILE C 219 8.68 3.07 22.50
C ILE C 219 8.85 4.34 21.69
N ALA C 220 9.21 5.45 22.35
CA ALA C 220 9.45 6.69 21.64
C ALA C 220 10.63 6.58 20.69
N ASN C 221 11.66 5.82 21.08
CA ASN C 221 12.80 5.61 20.19
C ASN C 221 12.40 4.78 18.97
N ARG C 222 11.54 3.78 19.16
CA ARG C 222 11.02 3.03 18.02
C ARG C 222 10.23 3.95 17.09
N PHE C 223 9.38 4.81 17.65
CA PHE C 223 8.62 5.74 16.82
C PHE C 223 9.55 6.71 16.09
N ARG C 224 10.62 7.15 16.77
CA ARG C 224 11.57 8.07 16.14
C ARG C 224 12.34 7.38 15.02
N CYS C 225 12.65 6.08 15.20
CA CYS C 225 13.31 5.34 14.12
C CYS C 225 12.38 5.19 12.93
N GLN C 226 11.10 4.91 13.18
CA GLN C 226 10.13 4.85 12.09
C GLN C 226 10.04 6.19 11.36
N ASP C 227 10.00 7.29 12.13
CA ASP C 227 9.93 8.61 11.53
C ASP C 227 11.19 8.92 10.73
N GLU C 228 12.36 8.48 11.21
CA GLU C 228 13.60 8.70 10.50
C GLU C 228 13.62 7.90 9.19
N SER C 229 13.10 6.67 9.22
CA SER C 229 13.00 5.90 7.99
C SER C 229 12.07 6.58 7.00
N GLU C 230 10.94 7.10 7.47
CA GLU C 230 10.02 7.80 6.59
C GLU C 230 10.68 9.05 6.01
N ALA C 231 11.45 9.78 6.83
CA ALA C 231 12.12 10.97 6.34
C ALA C 231 13.20 10.63 5.32
N VAL C 232 13.91 9.52 5.54
CA VAL C 232 14.90 9.08 4.56
C VAL C 232 14.23 8.71 3.25
N CYS C 233 13.09 8.04 3.32
CA CYS C 233 12.35 7.71 2.11
C CYS C 233 11.89 8.97 1.39
N SER C 234 11.42 9.96 2.13
CA SER C 234 10.99 11.22 1.52
C SER C 234 12.17 11.95 0.87
N GLU C 235 13.33 11.93 1.53
CA GLU C 235 14.52 12.56 0.96
C GLU C 235 14.96 11.85 -0.31
N TRP C 236 14.88 10.51 -0.31
CA TRP C 236 15.20 9.76 -1.53
C TRP C 236 14.24 10.09 -2.65
N LYS C 237 12.94 10.20 -2.33
CA LYS C 237 11.97 10.59 -3.33
C LYS C 237 12.27 11.98 -3.89
N PHE C 238 12.65 12.91 -3.02
CA PHE C 238 12.98 14.26 -3.47
C PHE C 238 14.22 14.27 -4.34
N ALA C 239 15.23 13.46 -3.98
CA ALA C 239 16.43 13.38 -4.80
C ALA C 239 16.17 12.70 -6.14
N ALA C 240 15.17 11.80 -6.18
CA ALA C 240 14.83 11.15 -7.44
C ALA C 240 14.03 12.06 -8.35
N CYS C 241 13.11 12.85 -7.78
CA CYS C 241 12.35 13.80 -8.58
C CYS C 241 13.23 14.88 -9.17
N VAL C 242 14.39 15.15 -8.57
CA VAL C 242 15.35 16.08 -9.15
C VAL C 242 15.81 15.59 -10.52
N VAL C 243 15.98 14.28 -10.65
CA VAL C 243 16.38 13.72 -11.95
C VAL C 243 15.29 13.93 -12.99
N ASP C 244 14.04 13.74 -12.59
CA ASP C 244 12.93 13.98 -13.52
C ASP C 244 12.87 15.44 -13.93
N ARG C 245 13.07 16.35 -12.97
CA ARG C 245 13.04 17.78 -13.29
C ARG C 245 14.18 18.15 -14.23
N LEU C 246 15.37 17.60 -14.00
CA LEU C 246 16.49 17.87 -14.88
C LEU C 246 16.25 17.32 -16.28
N CYS C 247 15.66 16.12 -16.37
CA CYS C 247 15.34 15.55 -17.67
C CYS C 247 14.31 16.42 -18.41
N LEU C 248 13.30 16.90 -17.69
CA LEU C 248 12.32 17.80 -18.31
C LEU C 248 12.98 19.07 -18.81
N MET C 249 13.85 19.67 -17.99
CA MET C 249 14.52 20.90 -18.39
C MET C 249 15.42 20.67 -19.59
N ALA C 250 16.05 19.50 -19.69
CA ALA C 250 16.94 19.21 -20.81
C ALA C 250 16.17 18.87 -22.07
N PHE C 251 14.99 18.27 -21.94
CA PHE C 251 14.18 17.90 -23.10
C PHE C 251 13.29 19.03 -23.59
N SER C 252 13.05 20.05 -22.76
CA SER C 252 12.25 21.19 -23.21
C SER C 252 12.80 21.79 -24.50
N VAL C 253 14.13 21.79 -24.64
CA VAL C 253 14.75 22.33 -25.85
C VAL C 253 14.93 21.25 -26.92
N PHE C 254 15.15 19.99 -26.51
CA PHE C 254 15.30 18.92 -27.49
C PHE C 254 14.02 18.71 -28.28
N THR C 255 12.88 18.73 -27.61
CA THR C 255 11.60 18.57 -28.30
C THR C 255 11.36 19.72 -29.27
N ILE C 256 11.71 20.94 -28.87
CA ILE C 256 11.54 22.09 -29.76
C ILE C 256 12.44 21.96 -30.98
N ILE C 257 13.68 21.52 -30.78
CA ILE C 257 14.59 21.33 -31.91
C ILE C 257 14.06 20.25 -32.84
N CYS C 258 13.54 19.16 -32.28
CA CYS C 258 13.00 18.09 -33.10
C CYS C 258 11.81 18.57 -33.91
N THR C 259 10.92 19.34 -33.28
CA THR C 259 9.76 19.87 -33.99
C THR C 259 10.19 20.83 -35.11
N ILE C 260 11.17 21.68 -34.82
CA ILE C 260 11.65 22.61 -35.85
C ILE C 260 12.26 21.84 -37.02
N GLY C 261 13.01 20.79 -36.73
CA GLY C 261 13.59 19.99 -37.80
C GLY C 261 12.55 19.27 -38.61
N ILE C 262 11.52 18.73 -37.95
CA ILE C 262 10.45 18.04 -38.67
C ILE C 262 9.65 19.00 -39.51
N LEU C 263 9.50 20.25 -39.06
CA LEU C 263 8.75 21.24 -39.82
C LEU C 263 9.55 21.77 -41.01
N MET C 264 10.85 22.00 -40.82
CA MET C 264 11.67 22.52 -41.90
C MET C 264 11.90 21.48 -42.98
N SER C 265 11.91 20.19 -42.61
CA SER C 265 12.12 19.11 -43.56
C SER C 265 10.82 18.55 -44.12
N ALA C 266 9.67 19.10 -43.72
CA ALA C 266 8.41 18.58 -44.23
C ALA C 266 8.24 18.80 -45.73
N PRO C 267 8.58 19.96 -46.30
CA PRO C 267 8.42 20.13 -47.75
C PRO C 267 9.22 19.11 -48.56
N ASN C 268 10.33 18.60 -48.01
CA ASN C 268 11.14 17.63 -48.75
C ASN C 268 10.37 16.33 -48.95
N PHE C 269 9.81 15.78 -47.88
CA PHE C 269 9.05 14.54 -47.93
C PHE C 269 7.54 14.79 -47.99
N VAL C 270 7.02 15.53 -47.02
CA VAL C 270 5.58 15.82 -46.98
C VAL C 270 5.25 16.85 -48.05
N LEU D 7 -25.54 -1.54 -43.37
CA LEU D 7 -26.12 -2.27 -42.25
C LEU D 7 -25.11 -2.47 -41.14
N TYR D 8 -24.15 -3.38 -41.37
CA TYR D 8 -23.12 -3.65 -40.37
C TYR D 8 -22.23 -2.44 -40.14
N TYR D 9 -21.99 -1.63 -41.18
CA TYR D 9 -21.13 -0.47 -41.02
C TYR D 9 -21.72 0.53 -40.03
N GLY D 10 -23.04 0.73 -40.08
CA GLY D 10 -23.68 1.66 -39.16
C GLY D 10 -23.41 1.29 -37.70
N LEU D 11 -23.66 0.03 -37.35
CA LEU D 11 -23.42 -0.41 -35.98
C LEU D 11 -21.94 -0.38 -35.65
N ASN D 12 -21.08 -0.83 -36.57
CA ASN D 12 -19.66 -0.86 -36.31
C ASN D 12 -19.11 0.54 -36.07
N LEU D 13 -19.75 1.57 -36.63
CA LEU D 13 -19.32 2.94 -36.44
C LEU D 13 -19.99 3.60 -35.24
N LEU D 14 -21.19 3.16 -34.87
CA LEU D 14 -21.93 3.79 -33.79
C LEU D 14 -21.56 3.22 -32.42
N ILE D 15 -21.47 1.88 -32.30
CA ILE D 15 -21.23 1.26 -31.00
C ILE D 15 -19.90 1.71 -30.40
N PRO D 16 -18.77 1.65 -31.12
CA PRO D 16 -17.50 2.06 -30.48
C PRO D 16 -17.47 3.51 -30.05
N CYS D 17 -17.98 4.42 -30.89
CA CYS D 17 -17.97 5.83 -30.54
C CYS D 17 -18.79 6.10 -29.29
N VAL D 18 -20.00 5.54 -29.22
CA VAL D 18 -20.86 5.75 -28.05
C VAL D 18 -20.23 5.13 -26.82
N LEU D 19 -19.65 3.93 -26.97
CA LEU D 19 -19.01 3.27 -25.84
C LEU D 19 -17.86 4.11 -25.30
N ILE D 20 -17.03 4.66 -26.19
CA ILE D 20 -15.90 5.48 -25.75
C ILE D 20 -16.39 6.77 -25.10
N SER D 21 -17.43 7.39 -25.67
CA SER D 21 -17.96 8.62 -25.10
C SER D 21 -18.54 8.38 -23.72
N ALA D 22 -19.15 7.22 -23.50
CA ALA D 22 -19.68 6.90 -22.18
C ALA D 22 -18.57 6.58 -21.20
N LEU D 23 -17.57 5.81 -21.64
CA LEU D 23 -16.47 5.44 -20.74
C LEU D 23 -15.66 6.66 -20.33
N ALA D 24 -15.49 7.62 -21.24
CA ALA D 24 -14.76 8.84 -20.88
C ALA D 24 -15.46 9.57 -19.74
N LEU D 25 -16.76 9.79 -19.86
CA LEU D 25 -17.51 10.48 -18.82
C LEU D 25 -17.52 9.66 -17.53
N LEU D 26 -17.61 8.34 -17.63
CA LEU D 26 -17.62 7.50 -16.43
C LEU D 26 -16.29 7.59 -15.71
N VAL D 27 -15.18 7.62 -16.44
CA VAL D 27 -13.86 7.72 -15.81
C VAL D 27 -13.66 9.12 -15.24
N PHE D 28 -14.16 10.14 -15.92
CA PHE D 28 -14.02 11.50 -15.40
C PHE D 28 -14.86 11.72 -14.15
N LEU D 29 -15.99 11.02 -14.03
CA LEU D 29 -16.81 11.14 -12.84
C LEU D 29 -16.10 10.59 -11.61
N LEU D 30 -15.21 9.63 -11.79
CA LEU D 30 -14.48 9.05 -10.68
C LEU D 30 -13.57 10.11 -10.05
N PRO D 31 -13.76 10.49 -8.79
CA PRO D 31 -12.88 11.48 -8.18
C PRO D 31 -11.43 11.05 -8.20
N ALA D 32 -10.55 11.98 -7.87
CA ALA D 32 -9.13 11.70 -7.81
C ALA D 32 -8.84 10.56 -6.85
N ASP D 33 -8.07 9.57 -7.32
CA ASP D 33 -7.77 8.40 -6.53
C ASP D 33 -6.30 8.04 -6.77
N SER D 34 -5.92 6.84 -6.35
CA SER D 34 -4.55 6.35 -6.51
C SER D 34 -4.35 5.88 -7.95
N GLY D 35 -3.26 5.16 -8.21
CA GLY D 35 -2.94 4.67 -9.53
C GLY D 35 -4.09 3.97 -10.22
N GLU D 36 -5.04 3.46 -9.43
CA GLU D 36 -6.23 2.83 -10.00
C GLU D 36 -6.86 3.72 -11.07
N LYS D 37 -7.12 4.98 -10.73
CA LYS D 37 -7.65 5.93 -11.70
C LYS D 37 -6.84 5.91 -12.98
N ILE D 38 -5.51 6.03 -12.86
CA ILE D 38 -4.66 6.04 -14.05
C ILE D 38 -4.93 4.84 -14.93
N SER D 39 -5.12 3.67 -14.31
CA SER D 39 -5.42 2.47 -15.07
C SER D 39 -6.63 2.71 -15.98
N LEU D 40 -7.73 3.21 -15.42
CA LEU D 40 -8.89 3.53 -16.23
C LEU D 40 -8.53 4.54 -17.32
N GLY D 41 -7.72 5.54 -16.97
CA GLY D 41 -7.28 6.52 -17.96
C GLY D 41 -6.58 5.90 -19.16
N ILE D 42 -6.06 4.69 -19.01
CA ILE D 42 -5.44 3.98 -20.13
C ILE D 42 -6.46 3.14 -20.86
N THR D 43 -7.43 2.56 -20.14
CA THR D 43 -8.42 1.69 -20.77
C THR D 43 -9.15 2.42 -21.89
N VAL D 44 -9.70 3.61 -21.59
CA VAL D 44 -10.41 4.38 -22.61
C VAL D 44 -9.55 4.57 -23.84
N LEU D 45 -8.22 4.64 -23.65
CA LEU D 45 -7.30 4.74 -24.79
C LEU D 45 -6.96 3.37 -25.36
N LEU D 46 -6.71 2.39 -24.50
CA LEU D 46 -6.31 1.06 -24.96
C LEU D 46 -7.33 0.45 -25.91
N SER D 47 -8.59 0.89 -25.85
CA SER D 47 -9.61 0.40 -26.76
C SER D 47 -9.70 1.22 -28.04
N LEU D 48 -9.42 2.53 -27.96
CA LEU D 48 -9.52 3.38 -29.14
C LEU D 48 -8.66 2.86 -30.28
N THR D 49 -7.41 2.48 -29.98
CA THR D 49 -6.54 1.92 -31.00
C THR D 49 -7.21 0.76 -31.71
N VAL D 50 -7.93 -0.08 -30.98
CA VAL D 50 -8.63 -1.21 -31.60
C VAL D 50 -9.53 -0.72 -32.71
N PHE D 51 -10.32 0.33 -32.43
CA PHE D 51 -11.16 0.91 -33.46
C PHE D 51 -10.32 1.36 -34.65
N MET D 52 -9.19 2.00 -34.40
CA MET D 52 -8.33 2.45 -35.50
C MET D 52 -7.93 1.28 -36.39
N LEU D 53 -7.88 0.07 -35.83
CA LEU D 53 -7.61 -1.11 -36.64
C LEU D 53 -8.85 -1.56 -37.40
N LEU D 54 -10.00 -1.60 -36.71
CA LEU D 54 -11.23 -2.02 -37.37
C LEU D 54 -11.54 -1.14 -38.57
N VAL D 55 -11.37 0.17 -38.43
CA VAL D 55 -11.58 1.08 -39.56
C VAL D 55 -10.70 0.69 -40.73
N ALA D 56 -9.45 0.32 -40.46
CA ALA D 56 -8.54 -0.08 -41.51
C ALA D 56 -9.08 -1.24 -42.34
N GLU D 57 -9.99 -2.04 -41.77
CA GLU D 57 -10.58 -3.14 -42.52
C GLU D 57 -11.72 -2.65 -43.40
N ILE D 58 -12.49 -1.67 -42.92
CA ILE D 58 -13.64 -1.17 -43.67
C ILE D 58 -13.33 0.11 -44.44
N MET D 59 -12.30 0.86 -44.05
CA MET D 59 -11.94 2.11 -44.70
C MET D 59 -10.44 2.32 -44.60
N PRO D 60 -9.67 1.64 -45.46
CA PRO D 60 -8.21 1.81 -45.44
C PRO D 60 -7.83 3.28 -45.61
N SER D 61 -6.95 3.74 -44.72
CA SER D 61 -6.50 5.13 -44.77
C SER D 61 -5.60 5.43 -45.96
N THR D 62 -5.19 4.41 -46.71
CA THR D 62 -4.32 4.64 -47.86
C THR D 62 -5.00 5.55 -48.88
N SER D 63 -6.31 5.37 -49.08
CA SER D 63 -7.07 6.17 -50.04
C SER D 63 -8.19 6.97 -49.39
N ASP D 64 -8.42 6.82 -48.09
CA ASP D 64 -9.49 7.53 -47.40
C ASP D 64 -9.05 8.98 -47.17
N SER D 65 -9.08 9.76 -48.26
CA SER D 65 -8.71 11.17 -48.22
C SER D 65 -9.97 12.02 -48.05
N SER D 66 -10.51 11.97 -46.83
CA SER D 66 -11.73 12.70 -46.49
C SER D 66 -11.47 13.59 -45.28
N PRO D 67 -11.17 14.87 -45.47
CA PRO D 67 -10.91 15.75 -44.32
C PRO D 67 -12.14 16.01 -43.47
N SER D 68 -13.35 15.78 -43.99
CA SER D 68 -14.55 15.99 -43.20
C SER D 68 -14.58 15.08 -41.98
N ILE D 69 -14.33 13.79 -42.19
CA ILE D 69 -14.29 12.86 -41.07
C ILE D 69 -12.99 12.94 -40.29
N ALA D 70 -11.94 13.55 -40.87
CA ALA D 70 -10.68 13.71 -40.15
C ALA D 70 -10.86 14.57 -38.91
N GLN D 71 -11.75 15.55 -38.96
CA GLN D 71 -12.00 16.38 -37.78
C GLN D 71 -12.48 15.53 -36.62
N TYR D 72 -13.44 14.66 -36.85
CA TYR D 72 -13.96 13.80 -35.78
C TYR D 72 -12.92 12.75 -35.39
N PHE D 73 -12.16 12.24 -36.36
CA PHE D 73 -11.13 11.26 -36.04
C PHE D 73 -10.06 11.85 -35.13
N ALA D 74 -9.76 13.14 -35.30
CA ALA D 74 -8.80 13.80 -34.42
C ALA D 74 -9.44 14.21 -33.09
N SER D 75 -10.72 14.60 -33.11
CA SER D 75 -11.40 14.94 -31.87
C SER D 75 -11.48 13.74 -30.94
N THR D 76 -11.77 12.57 -31.49
CA THR D 76 -11.83 11.36 -30.66
C THR D 76 -10.45 11.04 -30.08
N MET D 77 -9.40 11.17 -30.90
CA MET D 77 -8.05 10.94 -30.39
C MET D 77 -7.70 11.89 -29.26
N ILE D 78 -8.05 13.17 -29.43
CA ILE D 78 -7.77 14.16 -28.39
C ILE D 78 -8.57 13.84 -27.12
N ILE D 79 -9.81 13.40 -27.29
CA ILE D 79 -10.65 13.08 -26.14
C ILE D 79 -10.08 11.90 -25.36
N VAL D 80 -9.61 10.88 -26.07
CA VAL D 80 -9.06 9.71 -25.39
C VAL D 80 -7.69 10.01 -24.81
N GLY D 81 -6.95 10.96 -25.40
CA GLY D 81 -5.66 11.32 -24.85
C GLY D 81 -5.74 12.26 -23.66
N LEU D 82 -6.82 13.06 -23.57
CA LEU D 82 -6.97 13.98 -22.46
C LEU D 82 -7.01 13.26 -21.12
N SER D 83 -7.27 11.95 -21.11
CA SER D 83 -7.27 11.21 -19.85
C SER D 83 -5.89 11.23 -19.19
N VAL D 84 -4.83 11.07 -20.00
CA VAL D 84 -3.47 11.08 -19.45
C VAL D 84 -3.13 12.45 -18.91
N VAL D 85 -3.63 13.52 -19.53
CA VAL D 85 -3.36 14.86 -19.04
C VAL D 85 -4.13 15.13 -17.75
N VAL D 86 -5.39 14.65 -17.69
CA VAL D 86 -6.18 14.82 -16.48
C VAL D 86 -5.53 14.07 -15.32
N THR D 87 -5.05 12.85 -15.57
CA THR D 87 -4.38 12.09 -14.51
C THR D 87 -3.10 12.77 -14.07
N VAL D 88 -2.34 13.33 -15.01
CA VAL D 88 -1.11 14.03 -14.66
C VAL D 88 -1.42 15.25 -13.79
N ILE D 89 -2.45 16.01 -14.16
CA ILE D 89 -2.83 17.18 -13.37
C ILE D 89 -3.31 16.76 -12.00
N VAL D 90 -4.04 15.65 -11.91
CA VAL D 90 -4.52 15.15 -10.62
C VAL D 90 -3.33 14.80 -9.74
N LEU D 91 -2.35 14.08 -10.30
CA LEU D 91 -1.17 13.71 -9.52
C LEU D 91 -0.40 14.95 -9.09
N GLN D 92 -0.29 15.94 -9.97
CA GLN D 92 0.43 17.17 -9.62
C GLN D 92 -0.26 17.89 -8.46
N TYR D 93 -1.59 18.02 -8.54
CA TYR D 93 -2.33 18.69 -7.47
C TYR D 93 -2.43 17.86 -6.21
N HIS D 94 -2.18 16.55 -6.29
CA HIS D 94 -2.22 15.69 -5.12
C HIS D 94 -0.87 15.56 -4.43
N HIS D 95 0.23 15.77 -5.16
CA HIS D 95 1.56 15.65 -4.58
C HIS D 95 2.08 16.98 -4.03
N HIS D 96 2.01 18.04 -4.83
CA HIS D 96 2.48 19.37 -4.43
C HIS D 96 3.94 19.32 -3.97
N ASP D 97 4.81 18.96 -4.91
CA ASP D 97 6.23 18.88 -4.60
C ASP D 97 6.72 20.22 -4.07
N PRO D 98 7.64 20.23 -3.10
CA PRO D 98 8.13 21.51 -2.57
C PRO D 98 8.71 22.42 -3.64
N ASP D 99 9.37 21.86 -4.66
CA ASP D 99 9.96 22.68 -5.70
C ASP D 99 8.91 23.20 -6.68
N GLY D 100 7.95 22.35 -7.04
CA GLY D 100 6.90 22.71 -7.98
C GLY D 100 5.58 22.94 -7.28
N GLY D 101 4.50 22.47 -7.91
CA GLY D 101 3.18 22.64 -7.35
C GLY D 101 2.67 24.06 -7.50
N LYS D 102 1.55 24.32 -6.81
CA LYS D 102 0.90 25.62 -6.82
C LYS D 102 0.93 26.22 -5.43
N MET D 103 0.70 27.52 -5.35
CA MET D 103 0.71 28.23 -4.08
C MET D 103 -0.46 27.73 -3.22
N PRO D 104 -0.20 27.09 -2.08
CA PRO D 104 -1.33 26.60 -1.26
C PRO D 104 -2.24 27.72 -0.78
N LYS D 105 -1.67 28.84 -0.32
CA LYS D 105 -2.50 29.92 0.20
C LYS D 105 -3.42 30.50 -0.85
N TRP D 106 -2.90 30.69 -2.08
CA TRP D 106 -3.72 31.28 -3.13
C TRP D 106 -4.91 30.38 -3.48
N THR D 107 -4.68 29.08 -3.60
CA THR D 107 -5.73 28.14 -3.97
C THR D 107 -6.62 27.75 -2.80
N ARG D 108 -6.21 28.05 -1.57
CA ARG D 108 -7.01 27.66 -0.41
C ARG D 108 -8.39 28.32 -0.43
N VAL D 109 -8.44 29.61 -0.72
CA VAL D 109 -9.71 30.33 -0.75
C VAL D 109 -10.59 29.79 -1.87
N ILE D 110 -10.01 29.55 -3.04
CA ILE D 110 -10.77 29.03 -4.17
C ILE D 110 -11.35 27.67 -3.83
N LEU D 111 -10.54 26.80 -3.20
CA LEU D 111 -11.02 25.47 -2.83
C LEU D 111 -12.13 25.56 -1.79
N LEU D 112 -11.96 26.43 -0.78
CA LEU D 112 -12.99 26.57 0.25
C LEU D 112 -14.29 27.09 -0.34
N ASN D 113 -14.21 27.99 -1.32
CA ASN D 113 -15.42 28.52 -1.95
C ASN D 113 -16.08 27.46 -2.82
N TRP D 114 -15.29 26.71 -3.59
CA TRP D 114 -15.87 25.71 -4.49
C TRP D 114 -16.46 24.54 -3.71
N CYS D 115 -15.88 24.20 -2.56
CA CYS D 115 -16.44 23.13 -1.74
C CYS D 115 -17.86 23.48 -1.31
N ALA D 116 -18.11 24.74 -0.95
CA ALA D 116 -19.46 25.16 -0.58
C ALA D 116 -20.34 25.31 -1.81
N TRP D 117 -19.77 25.77 -2.92
CA TRP D 117 -20.56 25.92 -4.15
C TRP D 117 -21.05 24.56 -4.66
N PHE D 118 -20.28 23.49 -4.42
CA PHE D 118 -20.72 22.17 -4.86
C PHE D 118 -21.80 21.61 -3.94
N LEU D 119 -21.67 21.85 -2.62
CA LEU D 119 -22.68 21.37 -1.68
C LEU D 119 -23.89 22.31 -1.67
N ARG D 120 -23.66 23.57 -1.34
CA ARG D 120 -24.72 24.59 -1.31
C ARG D 120 -24.43 25.59 -2.43
N MET D 121 -24.96 25.31 -3.62
CA MET D 121 -24.70 26.17 -4.77
C MET D 121 -25.22 27.58 -4.51
N LYS D 122 -24.49 28.57 -5.02
CA LYS D 122 -24.87 29.97 -4.87
C LYS D 122 -25.98 30.28 -5.86
N ARG D 123 -27.19 29.87 -5.50
CA ARG D 123 -28.38 30.07 -6.32
C ARG D 123 -29.49 30.58 -5.43
N PRO D 124 -30.55 31.15 -6.02
CA PRO D 124 -31.66 31.65 -5.18
C PRO D 124 -32.31 30.58 -4.33
N GLY D 125 -32.41 29.35 -4.84
CA GLY D 125 -33.06 28.29 -4.09
C GLY D 125 -32.39 28.03 -2.76
N GLU D 126 -31.08 28.24 -2.67
CA GLU D 126 -30.34 28.02 -1.43
C GLU D 126 -30.11 29.30 -0.63
N ASP D 127 -30.20 30.47 -1.27
CA ASP D 127 -29.98 31.73 -0.58
C ASP D 127 -31.24 32.27 0.06
N LYS D 128 -32.39 32.16 -0.63
CA LYS D 128 -33.63 32.70 -0.10
C LYS D 128 -34.31 31.73 0.87
N VAL D 129 -34.08 30.43 0.70
CA VAL D 129 -34.70 29.40 1.56
C VAL D 129 -33.78 29.23 2.75
N ARG D 130 -33.94 30.09 3.75
CA ARG D 130 -33.16 30.03 4.97
C ARG D 130 -33.72 31.06 5.94
N PRO D 131 -33.42 30.93 7.24
CA PRO D 131 -33.92 31.91 8.21
C PRO D 131 -33.39 33.30 7.90
N ALA D 132 -34.20 34.30 8.23
CA ALA D 132 -33.84 35.69 8.01
C ALA D 132 -34.49 36.55 9.07
N CYS D 133 -33.78 37.60 9.50
CA CYS D 133 -34.30 38.51 10.52
C CYS D 133 -33.40 39.73 10.57
N GLN D 134 -34.01 40.88 10.90
CA GLN D 134 -33.28 42.13 10.99
C GLN D 134 -32.46 42.25 12.27
N HIS D 135 -32.64 41.34 13.22
CA HIS D 135 -31.90 41.40 14.47
C HIS D 135 -30.39 41.29 14.20
N LYS D 136 -29.61 41.59 15.23
CA LYS D 136 -28.16 41.54 15.12
C LYS D 136 -27.63 40.13 14.90
N GLN D 137 -28.48 39.11 15.06
CA GLN D 137 -28.02 37.73 14.85
C GLN D 137 -27.47 37.53 13.45
N ARG D 138 -27.99 38.26 12.47
CA ARG D 138 -27.55 38.16 11.08
C ARG D 138 -26.71 39.35 10.65
N ARG D 139 -26.33 40.22 11.58
CA ARG D 139 -25.52 41.39 11.26
C ARG D 139 -24.04 41.08 11.48
N CYS D 140 -23.19 42.01 11.06
CA CYS D 140 -21.75 41.88 11.18
C CYS D 140 -21.22 42.87 12.21
N SER D 141 -20.07 42.54 12.80
CA SER D 141 -19.45 43.39 13.80
C SER D 141 -17.93 43.27 13.65
N LEU D 142 -17.22 43.93 14.56
CA LEU D 142 -15.75 43.89 14.51
C LEU D 142 -15.22 42.47 14.70
N ALA D 143 -15.96 41.62 15.42
CA ALA D 143 -15.53 40.25 15.63
C ALA D 143 -15.54 39.44 14.34
N SER D 144 -16.32 39.84 13.35
CA SER D 144 -16.41 39.12 12.09
C SER D 144 -15.43 39.64 11.04
N VAL D 145 -14.86 40.82 11.24
CA VAL D 145 -13.91 41.39 10.28
C VAL D 145 -12.64 40.58 10.34
N GLU D 146 -12.32 39.87 9.26
CA GLU D 146 -11.13 39.04 9.16
C GLU D 146 -10.14 39.55 8.14
N MET D 147 -10.32 40.78 7.64
CA MET D 147 -9.42 41.35 6.65
C MET D 147 -8.12 41.86 7.25
N SER D 148 -7.95 41.78 8.57
CA SER D 148 -6.75 42.25 9.24
C SER D 148 -5.92 41.11 9.81
N ALA D 149 -6.13 39.89 9.31
CA ALA D 149 -5.38 38.72 9.77
C ALA D 149 -5.54 38.53 11.27
N VAL D 150 -6.78 38.30 11.70
CA VAL D 150 -7.11 38.09 13.09
C VAL D 150 -7.65 36.67 13.25
N ALA D 151 -7.86 36.28 14.50
CA ALA D 151 -8.36 34.94 14.79
C ALA D 151 -9.77 34.78 14.23
N PRO D 152 -10.08 33.69 13.55
CA PRO D 152 -11.43 33.49 13.03
C PRO D 152 -12.46 33.51 14.15
N PRO D 153 -13.73 33.65 13.83
CA PRO D 153 -14.77 33.66 14.86
C PRO D 153 -14.76 32.35 15.65
N PRO D 154 -14.72 32.42 16.98
CA PRO D 154 -14.77 31.17 17.77
C PRO D 154 -16.01 30.36 17.45
N ALA D 155 -15.81 29.17 16.90
CA ALA D 155 -16.90 28.29 16.54
C ALA D 155 -16.41 26.85 16.56
N SER D 156 -17.33 25.93 16.86
CA SER D 156 -17.00 24.51 16.94
C SER D 156 -16.90 23.86 15.56
N ASN D 157 -17.08 24.61 14.49
CA ASN D 157 -16.99 24.07 13.13
C ASN D 157 -15.55 24.00 12.61
N GLY D 158 -14.56 24.14 13.49
CA GLY D 158 -13.17 24.09 13.09
C GLY D 158 -12.43 25.38 13.35
N ASN D 159 -12.96 26.22 14.24
CA ASN D 159 -12.34 27.49 14.60
C ASN D 159 -11.89 27.52 16.05
N LEU D 160 -12.76 27.19 16.99
CA LEU D 160 -12.39 27.20 18.40
C LEU D 160 -11.31 26.16 18.67
N LEU D 161 -11.56 24.91 18.27
CA LEU D 161 -10.56 23.87 18.46
C LEU D 161 -9.28 24.19 17.71
N TYR D 162 -9.40 24.80 16.53
CA TYR D 162 -8.22 25.18 15.76
C TYR D 162 -7.36 26.17 16.55
N ILE D 163 -7.98 27.26 17.02
CA ILE D 163 -7.24 28.27 17.77
C ILE D 163 -6.68 27.68 19.06
N GLY D 164 -7.39 26.74 19.68
CA GLY D 164 -6.90 26.14 20.90
C GLY D 164 -5.69 25.26 20.67
N PHE D 165 -5.77 24.35 19.70
CA PHE D 165 -4.67 23.43 19.45
C PHE D 165 -3.45 24.17 18.90
N ARG D 166 -3.66 25.06 17.94
CA ARG D 166 -2.57 25.80 17.30
C ARG D 166 -2.43 27.21 17.86
N GLY D 167 -2.67 27.39 19.16
CA GLY D 167 -2.54 28.71 19.75
C GLY D 167 -1.17 29.30 19.56
N LEU D 168 -0.12 28.49 19.73
CA LEU D 168 1.26 28.93 19.55
C LEU D 168 1.58 30.12 20.46
N ASP D 169 1.52 29.85 21.76
CA ASP D 169 1.79 30.85 22.80
C ASP D 169 0.75 31.95 22.82
N GLY D 170 -0.45 31.70 22.30
CA GLY D 170 -1.50 32.69 22.30
C GLY D 170 -2.36 32.61 23.55
N VAL D 171 -3.68 32.54 23.36
CA VAL D 171 -4.59 32.47 24.50
C VAL D 171 -4.64 31.09 25.11
N HIS D 172 -4.30 30.04 24.35
CA HIS D 172 -4.34 28.69 24.88
C HIS D 172 -3.24 28.45 25.90
N CYS D 173 -2.08 29.09 25.74
CA CYS D 173 -0.97 28.90 26.66
C CYS D 173 -1.09 29.77 27.91
N VAL D 174 -1.95 30.77 27.90
CA VAL D 174 -2.16 31.64 29.05
C VAL D 174 -3.64 31.97 29.17
N PRO D 175 -4.51 30.98 29.44
CA PRO D 175 -5.95 31.23 29.58
C PRO D 175 -6.34 31.75 30.96
N THR D 176 -5.67 32.81 31.40
CA THR D 176 -5.90 33.41 32.72
C THR D 176 -5.86 34.92 32.59
N PRO D 177 -6.99 35.53 32.22
CA PRO D 177 -7.04 37.00 32.12
C PRO D 177 -6.72 37.65 33.45
N ASP D 178 -6.59 38.98 33.41
CA ASP D 178 -6.25 39.74 34.60
C ASP D 178 -7.45 39.87 35.52
N SER D 179 -7.61 38.92 36.45
CA SER D 179 -8.70 38.93 37.41
C SER D 179 -8.26 38.65 38.83
N GLY D 180 -7.09 38.06 39.07
CA GLY D 180 -6.64 37.77 40.40
C GLY D 180 -6.98 36.38 40.89
N VAL D 181 -7.12 35.41 39.98
CA VAL D 181 -7.44 34.04 40.40
C VAL D 181 -6.37 33.48 41.32
N VAL D 182 -5.14 33.96 41.19
CA VAL D 182 -4.05 33.49 42.06
C VAL D 182 -4.33 33.87 43.50
N CYS D 183 -5.04 34.98 43.73
CA CYS D 183 -5.35 35.42 45.08
C CYS D 183 -6.79 35.92 45.21
N GLY D 184 -7.67 35.54 44.28
CA GLY D 184 -9.06 35.98 44.33
C GLY D 184 -10.04 34.83 44.39
N ARG D 185 -9.62 33.66 43.90
CA ARG D 185 -10.47 32.48 43.88
C ARG D 185 -9.70 31.29 44.40
N MET D 186 -10.42 30.38 45.07
CA MET D 186 -9.84 29.16 45.63
C MET D 186 -10.29 27.91 44.90
N ALA D 187 -11.03 28.05 43.80
CA ALA D 187 -11.52 26.90 43.05
C ALA D 187 -10.36 26.27 42.31
N CYS D 188 -9.85 25.14 42.82
CA CYS D 188 -8.73 24.43 42.22
C CYS D 188 -7.50 25.33 42.10
N SER D 189 -7.36 26.29 43.00
CA SER D 189 -6.23 27.21 42.97
C SER D 189 -6.02 27.81 44.37
N PRO D 190 -5.26 27.13 45.24
CA PRO D 190 -5.01 27.68 46.57
C PRO D 190 -4.41 29.08 46.50
N THR D 191 -5.03 30.01 47.23
CA THR D 191 -4.59 31.40 47.24
C THR D 191 -3.30 31.51 48.04
N HIS D 192 -2.17 31.55 47.32
CA HIS D 192 -0.84 31.70 47.93
C HIS D 192 -0.68 30.79 49.14
N ASP D 193 -1.27 29.59 49.09
CA ASP D 193 -1.19 28.64 50.19
C ASP D 193 0.11 27.86 50.05
N GLU D 194 1.12 28.24 50.84
CA GLU D 194 2.41 27.57 50.82
C GLU D 194 2.48 26.40 51.79
N HIS D 195 1.59 26.34 52.79
CA HIS D 195 1.58 25.27 53.77
C HIS D 195 0.62 24.15 53.40
N LEU D 196 0.22 24.05 52.13
CA LEU D 196 -0.68 23.00 51.68
C LEU D 196 0.13 21.72 51.52
N LEU D 197 0.15 20.91 52.57
CA LEU D 197 0.90 19.66 52.60
C LEU D 197 -0.10 18.51 52.76
N HIS D 198 -0.05 17.56 51.82
CA HIS D 198 -0.93 16.39 51.86
C HIS D 198 -0.37 15.38 52.86
N GLY D 199 -0.56 15.71 54.14
CA GLY D 199 -0.06 14.85 55.21
C GLY D 199 1.45 14.80 55.30
N GLY D 200 2.13 15.86 54.88
CA GLY D 200 3.57 15.93 54.92
C GLY D 200 4.24 15.81 53.56
N GLN D 201 3.55 15.24 52.57
CA GLN D 201 4.12 15.08 51.25
C GLN D 201 3.54 16.15 50.32
N PRO D 202 4.33 17.14 49.89
CA PRO D 202 3.81 18.14 48.96
C PRO D 202 3.44 17.52 47.63
N PRO D 203 2.88 18.29 46.70
CA PRO D 203 2.54 17.74 45.38
C PRO D 203 3.78 17.23 44.66
N GLU D 204 3.53 16.61 43.50
CA GLU D 204 4.59 16.03 42.69
C GLU D 204 5.36 14.97 43.49
N GLY D 205 4.63 13.91 43.86
CA GLY D 205 5.22 12.85 44.66
C GLY D 205 6.53 12.33 44.08
N ASP D 206 6.61 12.22 42.76
CA ASP D 206 7.80 11.70 42.10
C ASP D 206 8.08 12.47 40.82
N PRO D 207 9.24 13.13 40.70
CA PRO D 207 9.54 13.83 39.43
C PRO D 207 9.54 12.93 38.21
N ASP D 208 9.71 11.62 38.40
CA ASP D 208 9.68 10.70 37.26
C ASP D 208 8.34 10.77 36.53
N LEU D 209 7.27 11.10 37.25
CA LEU D 209 5.97 11.24 36.60
C LEU D 209 5.99 12.38 35.59
N ALA D 210 6.73 13.46 35.88
CA ALA D 210 6.84 14.56 34.93
C ALA D 210 7.53 14.10 33.64
N LYS D 211 8.60 13.30 33.77
CA LYS D 211 9.29 12.79 32.59
C LYS D 211 8.40 11.83 31.81
N ILE D 212 7.63 11.00 32.52
CA ILE D 212 6.71 10.10 31.84
C ILE D 212 5.66 10.90 31.07
N LEU D 213 5.12 11.94 31.69
CA LEU D 213 4.14 12.79 31.01
C LEU D 213 4.75 13.47 29.80
N GLU D 214 6.01 13.92 29.92
CA GLU D 214 6.66 14.57 28.78
C GLU D 214 6.86 13.59 27.63
N GLU D 215 7.26 12.36 27.94
CA GLU D 215 7.44 11.36 26.88
C GLU D 215 6.10 11.00 26.24
N VAL D 216 5.04 10.88 27.04
CA VAL D 216 3.72 10.59 26.48
C VAL D 216 3.25 11.75 25.62
N ARG D 217 3.59 12.99 26.01
CA ARG D 217 3.23 14.14 25.21
C ARG D 217 4.00 14.18 23.90
N TYR D 218 5.27 13.75 23.93
CA TYR D 218 6.03 13.64 22.68
C TYR D 218 5.44 12.59 21.76
N ILE D 219 5.01 11.46 22.33
CA ILE D 219 4.36 10.43 21.52
C ILE D 219 3.07 10.97 20.92
N ALA D 220 2.29 11.70 21.72
CA ALA D 220 1.06 12.29 21.21
C ALA D 220 1.34 13.33 20.13
N ASN D 221 2.45 14.07 20.25
CA ASN D 221 2.81 15.02 19.21
C ASN D 221 3.22 14.31 17.93
N ARG D 222 3.91 13.18 18.05
CA ARG D 222 4.22 12.39 16.86
C ARG D 222 2.94 11.89 16.19
N PHE D 223 1.99 11.39 16.99
CA PHE D 223 0.72 10.94 16.43
C PHE D 223 -0.04 12.09 15.78
N ARG D 224 0.02 13.28 16.39
CA ARG D 224 -0.66 14.44 15.81
C ARG D 224 0.00 14.89 14.52
N CYS D 225 1.33 14.77 14.43
CA CYS D 225 2.01 15.08 13.18
C CYS D 225 1.63 14.09 12.08
N GLN D 226 1.53 12.81 12.44
CA GLN D 226 1.07 11.82 11.47
C GLN D 226 -0.36 12.14 11.00
N ASP D 227 -1.24 12.49 11.94
CA ASP D 227 -2.61 12.83 11.59
C ASP D 227 -2.66 14.08 10.71
N GLU D 228 -1.78 15.05 10.99
CA GLU D 228 -1.75 16.26 10.17
C GLU D 228 -1.26 15.95 8.76
N SER D 229 -0.27 15.07 8.64
CA SER D 229 0.17 14.64 7.31
C SER D 229 -0.95 13.94 6.56
N GLU D 230 -1.70 13.07 7.25
CA GLU D 230 -2.81 12.39 6.61
C GLU D 230 -3.89 13.38 6.18
N ALA D 231 -4.15 14.39 7.01
CA ALA D 231 -5.16 15.39 6.67
C ALA D 231 -4.71 16.24 5.49
N VAL D 232 -3.41 16.56 5.42
CA VAL D 232 -2.89 17.30 4.28
C VAL D 232 -3.02 16.48 3.01
N CYS D 233 -2.73 15.17 3.11
CA CYS D 233 -2.90 14.31 1.95
C CYS D 233 -4.35 14.25 1.50
N SER D 234 -5.29 14.17 2.47
CA SER D 234 -6.70 14.15 2.13
C SER D 234 -7.14 15.46 1.48
N GLU D 235 -6.64 16.58 1.99
CA GLU D 235 -6.97 17.87 1.40
C GLU D 235 -6.41 17.99 -0.01
N TRP D 236 -5.21 17.47 -0.24
CA TRP D 236 -4.65 17.48 -1.59
C TRP D 236 -5.48 16.60 -2.53
N LYS D 237 -5.92 15.43 -2.04
CA LYS D 237 -6.79 14.59 -2.85
C LYS D 237 -8.10 15.29 -3.19
N PHE D 238 -8.66 16.02 -2.22
CA PHE D 238 -9.91 16.74 -2.45
C PHE D 238 -9.70 17.87 -3.45
N ALA D 239 -8.57 18.58 -3.37
CA ALA D 239 -8.29 19.64 -4.32
C ALA D 239 -8.00 19.10 -5.70
N ALA D 240 -7.50 17.87 -5.79
CA ALA D 240 -7.24 17.25 -7.09
C ALA D 240 -8.53 16.75 -7.73
N CYS D 241 -9.43 16.17 -6.93
CA CYS D 241 -10.71 15.72 -7.47
C CYS D 241 -11.55 16.88 -7.97
N VAL D 242 -11.32 18.10 -7.45
CA VAL D 242 -12.02 19.27 -7.98
C VAL D 242 -11.69 19.47 -9.45
N VAL D 243 -10.44 19.19 -9.83
CA VAL D 243 -10.04 19.32 -11.23
C VAL D 243 -10.80 18.31 -12.09
N ASP D 244 -10.93 17.07 -11.59
CA ASP D 244 -11.68 16.06 -12.34
C ASP D 244 -13.14 16.46 -12.48
N ARG D 245 -13.73 16.99 -11.41
CA ARG D 245 -15.13 17.42 -11.47
C ARG D 245 -15.31 18.56 -12.45
N LEU D 246 -14.38 19.52 -12.46
CA LEU D 246 -14.45 20.63 -13.41
C LEU D 246 -14.31 20.13 -14.84
N CYS D 247 -13.39 19.19 -15.06
CA CYS D 247 -13.23 18.63 -16.40
C CYS D 247 -14.49 17.91 -16.85
N LEU D 248 -15.12 17.14 -15.96
CA LEU D 248 -16.37 16.48 -16.29
C LEU D 248 -17.45 17.50 -16.64
N MET D 249 -17.57 18.56 -15.83
CA MET D 249 -18.59 19.57 -16.09
C MET D 249 -18.34 20.28 -17.42
N ALA D 250 -17.06 20.48 -17.78
CA ALA D 250 -16.75 21.17 -19.02
C ALA D 250 -16.91 20.26 -20.24
N PHE D 251 -16.71 18.95 -20.07
CA PHE D 251 -16.85 18.02 -21.18
C PHE D 251 -18.27 17.51 -21.35
N SER D 252 -19.13 17.67 -20.35
CA SER D 252 -20.52 17.25 -20.49
C SER D 252 -21.16 17.90 -21.71
N VAL D 253 -20.79 19.15 -22.00
CA VAL D 253 -21.34 19.84 -23.16
C VAL D 253 -20.49 19.59 -24.42
N PHE D 254 -19.18 19.42 -24.26
CA PHE D 254 -18.32 19.17 -25.41
C PHE D 254 -18.68 17.84 -26.08
N THR D 255 -18.94 16.80 -25.28
CA THR D 255 -19.32 15.51 -25.85
C THR D 255 -20.66 15.61 -26.57
N ILE D 256 -21.61 16.36 -26.01
CA ILE D 256 -22.90 16.52 -26.65
C ILE D 256 -22.74 17.26 -27.98
N ILE D 257 -21.91 18.30 -28.01
CA ILE D 257 -21.67 19.04 -29.24
C ILE D 257 -21.02 18.14 -30.29
N CYS D 258 -20.06 17.33 -29.86
CA CYS D 258 -19.39 16.42 -30.79
C CYS D 258 -20.38 15.41 -31.36
N THR D 259 -21.25 14.86 -30.51
CA THR D 259 -22.24 13.90 -30.99
C THR D 259 -23.21 14.56 -31.95
N ILE D 260 -23.65 15.78 -31.65
CA ILE D 260 -24.57 16.48 -32.54
C ILE D 260 -23.90 16.74 -33.89
N GLY D 261 -22.63 17.12 -33.87
CA GLY D 261 -21.92 17.35 -35.12
C GLY D 261 -21.74 16.08 -35.92
N ILE D 262 -21.42 14.97 -35.25
CA ILE D 262 -21.25 13.70 -35.95
C ILE D 262 -22.58 13.22 -36.52
N LEU D 263 -23.69 13.51 -35.84
CA LEU D 263 -24.99 13.08 -36.34
C LEU D 263 -25.47 13.95 -37.50
N MET D 264 -25.25 15.26 -37.42
CA MET D 264 -25.69 16.14 -38.48
C MET D 264 -24.85 15.96 -39.75
N SER D 265 -23.59 15.57 -39.61
CA SER D 265 -22.71 15.37 -40.75
C SER D 265 -22.71 13.92 -41.25
N ALA D 266 -23.49 13.03 -40.62
CA ALA D 266 -23.51 11.65 -41.07
C ALA D 266 -24.07 11.48 -42.47
N PRO D 267 -25.15 12.15 -42.87
CA PRO D 267 -25.64 11.98 -44.25
C PRO D 267 -24.62 12.36 -45.30
N ASN D 268 -23.70 13.26 -44.98
CA ASN D 268 -22.69 13.67 -45.96
C ASN D 268 -21.75 12.51 -46.29
N PHE D 269 -21.20 11.86 -45.27
CA PHE D 269 -20.29 10.73 -45.45
C PHE D 269 -20.99 9.39 -45.28
N VAL D 270 -21.66 9.18 -44.15
CA VAL D 270 -22.38 7.94 -43.90
C VAL D 270 -23.65 7.89 -44.73
N LEU E 7 -15.20 -27.00 -39.68
CA LEU E 7 -14.47 -27.73 -38.64
C LEU E 7 -13.74 -26.77 -37.72
N TYR E 8 -12.65 -26.18 -38.22
CA TYR E 8 -11.88 -25.24 -37.41
C TYR E 8 -12.68 -23.99 -37.08
N TYR E 9 -13.56 -23.56 -37.98
CA TYR E 9 -14.35 -22.36 -37.73
C TYR E 9 -15.26 -22.53 -36.52
N GLY E 10 -15.86 -23.71 -36.38
CA GLY E 10 -16.73 -23.94 -35.24
C GLY E 10 -16.02 -23.74 -33.91
N LEU E 11 -14.86 -24.37 -33.76
CA LEU E 11 -14.10 -24.22 -32.52
C LEU E 11 -13.59 -22.79 -32.35
N ASN E 12 -13.11 -22.18 -33.44
CA ASN E 12 -12.58 -20.82 -33.36
C ASN E 12 -13.67 -19.83 -32.95
N LEU E 13 -14.93 -20.13 -33.26
CA LEU E 13 -16.03 -19.26 -32.88
C LEU E 13 -16.62 -19.61 -31.52
N LEU E 14 -16.50 -20.87 -31.09
CA LEU E 14 -17.09 -21.29 -29.82
C LEU E 14 -16.16 -21.06 -28.64
N ILE E 15 -14.88 -21.42 -28.76
CA ILE E 15 -13.98 -21.32 -27.61
C ILE E 15 -13.84 -19.89 -27.11
N PRO E 16 -13.58 -18.88 -27.95
CA PRO E 16 -13.42 -17.53 -27.41
C PRO E 16 -14.68 -16.98 -26.75
N CYS E 17 -15.85 -17.22 -27.35
CA CYS E 17 -17.09 -16.71 -26.77
C CYS E 17 -17.34 -17.32 -25.40
N VAL E 18 -17.19 -18.65 -25.29
CA VAL E 18 -17.43 -19.31 -24.02
C VAL E 18 -16.41 -18.86 -22.99
N LEU E 19 -15.15 -18.72 -23.40
CA LEU E 19 -14.11 -18.27 -22.48
C LEU E 19 -14.42 -16.88 -21.95
N ILE E 20 -14.84 -15.97 -22.83
CA ILE E 20 -15.17 -14.61 -22.39
C ILE E 20 -16.39 -14.62 -21.48
N SER E 21 -17.39 -15.43 -21.81
CA SER E 21 -18.59 -15.48 -20.97
C SER E 21 -18.28 -16.02 -19.59
N ALA E 22 -17.35 -16.98 -19.51
CA ALA E 22 -16.96 -17.51 -18.21
C ALA E 22 -16.12 -16.52 -17.42
N LEU E 23 -15.18 -15.85 -18.11
CA LEU E 23 -14.31 -14.89 -17.42
C LEU E 23 -15.11 -13.70 -16.90
N ALA E 24 -16.13 -13.28 -17.65
CA ALA E 24 -16.97 -12.18 -17.18
C ALA E 24 -17.63 -12.52 -15.85
N LEU E 25 -18.27 -13.69 -15.79
CA LEU E 25 -18.93 -14.10 -14.56
C LEU E 25 -17.92 -14.30 -13.43
N LEU E 26 -16.74 -14.84 -13.75
CA LEU E 26 -15.73 -15.05 -12.73
C LEU E 26 -15.25 -13.73 -12.15
N VAL E 27 -15.08 -12.71 -13.00
CA VAL E 27 -14.64 -11.41 -12.51
C VAL E 27 -15.75 -10.72 -11.74
N PHE E 28 -17.00 -10.91 -12.17
CA PHE E 28 -18.12 -10.30 -11.45
C PHE E 28 -18.32 -10.95 -10.08
N LEU E 29 -18.01 -12.23 -9.96
CA LEU E 29 -18.13 -12.90 -8.66
C LEU E 29 -17.17 -12.33 -7.64
N LEU E 30 -16.03 -11.83 -8.09
CA LEU E 30 -15.04 -11.25 -7.19
C LEU E 30 -15.61 -10.01 -6.51
N PRO E 31 -15.77 -10.00 -5.19
CA PRO E 31 -16.29 -8.81 -4.52
C PRO E 31 -15.43 -7.58 -4.78
N ALA E 32 -15.97 -6.43 -4.41
CA ALA E 32 -15.25 -5.17 -4.57
C ALA E 32 -13.91 -5.22 -3.86
N ASP E 33 -12.85 -4.86 -4.57
CA ASP E 33 -11.49 -4.90 -4.04
C ASP E 33 -10.75 -3.66 -4.52
N SER E 34 -9.43 -3.67 -4.35
CA SER E 34 -8.59 -2.56 -4.77
C SER E 34 -8.37 -2.62 -6.27
N GLY E 35 -7.41 -1.85 -6.78
CA GLY E 35 -7.11 -1.80 -8.19
C GLY E 35 -6.97 -3.16 -8.85
N GLU E 36 -6.63 -4.18 -8.04
CA GLU E 36 -6.55 -5.54 -8.56
C GLU E 36 -7.79 -5.89 -9.39
N LYS E 37 -8.97 -5.70 -8.81
CA LYS E 37 -10.21 -5.95 -9.53
C LYS E 37 -10.19 -5.25 -10.89
N ILE E 38 -9.87 -3.95 -10.90
CA ILE E 38 -9.85 -3.20 -12.14
C ILE E 38 -8.98 -3.90 -13.18
N SER E 39 -7.83 -4.43 -12.75
CA SER E 39 -6.97 -5.16 -13.67
C SER E 39 -7.75 -6.25 -14.40
N LEU E 40 -8.45 -7.10 -13.63
CA LEU E 40 -9.27 -8.12 -14.25
C LEU E 40 -10.31 -7.51 -15.18
N GLY E 41 -10.93 -6.40 -14.76
CA GLY E 41 -11.89 -5.71 -15.60
C GLY E 41 -11.33 -5.31 -16.95
N ILE E 42 -10.01 -5.22 -17.07
CA ILE E 42 -9.39 -4.92 -18.36
C ILE E 42 -9.06 -6.20 -19.12
N THR E 43 -8.69 -7.26 -18.40
CA THR E 43 -8.32 -8.51 -19.06
C THR E 43 -9.45 -9.02 -19.94
N VAL E 44 -10.66 -9.15 -19.38
CA VAL E 44 -11.81 -9.61 -20.16
C VAL E 44 -11.97 -8.79 -21.42
N LEU E 45 -11.57 -7.51 -21.39
CA LEU E 45 -11.60 -6.67 -22.57
C LEU E 45 -10.35 -6.82 -23.42
N LEU E 46 -9.18 -6.86 -22.79
CA LEU E 46 -7.93 -6.94 -23.52
C LEU E 46 -7.87 -8.18 -24.42
N SER E 47 -8.67 -9.20 -24.13
CA SER E 47 -8.72 -10.38 -24.97
C SER E 47 -9.77 -10.27 -26.07
N LEU E 48 -10.88 -9.58 -25.82
CA LEU E 48 -11.93 -9.47 -26.82
C LEU E 48 -11.40 -8.89 -28.11
N THR E 49 -10.61 -7.82 -28.03
CA THR E 49 -10.02 -7.22 -29.22
C THR E 49 -9.28 -8.27 -30.05
N VAL E 50 -8.58 -9.18 -29.38
CA VAL E 50 -7.87 -10.24 -30.10
C VAL E 50 -8.84 -11.00 -31.00
N PHE E 51 -9.99 -11.39 -30.46
CA PHE E 51 -11.00 -12.05 -31.28
C PHE E 51 -11.38 -11.18 -32.47
N MET E 52 -11.59 -9.88 -32.25
CA MET E 52 -11.94 -8.99 -33.34
C MET E 52 -10.91 -9.04 -34.46
N LEU E 53 -9.67 -9.36 -34.12
CA LEU E 53 -8.64 -9.54 -35.16
C LEU E 53 -8.78 -10.90 -35.82
N LEU E 54 -8.95 -11.95 -35.03
CA LEU E 54 -9.07 -13.30 -35.58
C LEU E 54 -10.22 -13.37 -36.58
N VAL E 55 -11.36 -12.77 -36.24
CA VAL E 55 -12.50 -12.74 -37.16
C VAL E 55 -12.09 -12.11 -38.48
N ALA E 56 -11.31 -11.03 -38.42
CA ALA E 56 -10.88 -10.35 -39.64
C ALA E 56 -10.13 -11.29 -40.58
N GLU E 57 -9.55 -12.38 -40.05
CA GLU E 57 -8.88 -13.34 -40.91
C GLU E 57 -9.87 -14.31 -41.55
N ILE E 58 -10.91 -14.70 -40.81
CA ILE E 58 -11.88 -15.66 -41.32
C ILE E 58 -13.13 -14.99 -41.89
N MET E 59 -13.41 -13.74 -41.50
CA MET E 59 -14.59 -13.03 -41.97
C MET E 59 -14.29 -11.54 -42.02
N PRO E 60 -13.59 -11.08 -43.06
CA PRO E 60 -13.29 -9.65 -43.16
C PRO E 60 -14.56 -8.81 -43.12
N SER E 61 -14.54 -7.78 -42.29
CA SER E 61 -15.70 -6.90 -42.14
C SER E 61 -15.92 -6.02 -43.37
N THR E 62 -15.00 -6.01 -44.33
CA THR E 62 -15.17 -5.19 -45.52
C THR E 62 -16.43 -5.58 -46.28
N SER E 63 -16.72 -6.88 -46.36
CA SER E 63 -17.89 -7.38 -47.07
C SER E 63 -18.86 -8.14 -46.16
N ASP E 64 -18.53 -8.33 -44.88
CA ASP E 64 -19.40 -9.06 -43.95
C ASP E 64 -20.56 -8.17 -43.54
N SER E 65 -21.50 -8.01 -44.47
CA SER E 65 -22.71 -7.21 -44.25
C SER E 65 -23.84 -8.11 -43.78
N SER E 66 -23.73 -8.56 -42.54
CA SER E 66 -24.70 -9.46 -41.93
C SER E 66 -25.20 -8.84 -40.63
N PRO E 67 -26.35 -8.15 -40.64
CA PRO E 67 -26.85 -7.57 -39.39
C PRO E 67 -27.31 -8.58 -38.36
N SER E 68 -27.58 -9.82 -38.78
CA SER E 68 -28.00 -10.85 -37.83
C SER E 68 -26.91 -11.10 -36.78
N ILE E 69 -25.67 -11.30 -37.23
CA ILE E 69 -24.57 -11.51 -36.31
C ILE E 69 -24.09 -10.21 -35.68
N ALA E 70 -24.44 -9.06 -36.27
CA ALA E 70 -24.05 -7.78 -35.68
C ALA E 70 -24.66 -7.59 -34.30
N GLN E 71 -25.86 -8.11 -34.07
CA GLN E 71 -26.48 -8.00 -32.76
C GLN E 71 -25.60 -8.67 -31.70
N TYR E 72 -25.15 -9.89 -31.96
CA TYR E 72 -24.29 -10.58 -31.01
C TYR E 72 -22.91 -9.94 -30.92
N PHE E 73 -22.39 -9.45 -32.04
CA PHE E 73 -21.09 -8.77 -32.02
C PHE E 73 -21.13 -7.52 -31.16
N ALA E 74 -22.28 -6.82 -31.13
CA ALA E 74 -22.42 -5.65 -30.27
C ALA E 74 -22.74 -6.04 -28.83
N SER E 75 -23.49 -7.12 -28.63
CA SER E 75 -23.79 -7.58 -27.28
C SER E 75 -22.50 -8.00 -26.57
N THR E 76 -21.61 -8.69 -27.27
CA THR E 76 -20.35 -9.10 -26.67
C THR E 76 -19.50 -7.88 -26.31
N MET E 77 -19.45 -6.89 -27.20
CA MET E 77 -18.71 -5.67 -26.91
C MET E 77 -19.27 -4.97 -25.69
N ILE E 78 -20.60 -4.88 -25.58
CA ILE E 78 -21.22 -4.24 -24.44
C ILE E 78 -20.92 -5.02 -23.17
N ILE E 79 -20.94 -6.35 -23.25
CA ILE E 79 -20.67 -7.18 -22.08
C ILE E 79 -19.24 -6.98 -21.59
N VAL E 80 -18.28 -6.92 -22.52
CA VAL E 80 -16.88 -6.76 -22.11
C VAL E 80 -16.63 -5.34 -21.64
N GLY E 81 -17.39 -4.36 -22.15
CA GLY E 81 -17.22 -2.99 -21.71
C GLY E 81 -17.87 -2.69 -20.37
N LEU E 82 -18.92 -3.43 -20.03
CA LEU E 82 -19.61 -3.21 -18.76
C LEU E 82 -18.70 -3.40 -17.56
N SER E 83 -17.56 -4.07 -17.73
CA SER E 83 -16.63 -4.24 -16.63
C SER E 83 -16.08 -2.88 -16.17
N VAL E 84 -15.78 -2.00 -17.11
CA VAL E 84 -15.26 -0.68 -16.74
C VAL E 84 -16.30 0.13 -16.01
N VAL E 85 -17.58 -0.04 -16.36
CA VAL E 85 -18.65 0.68 -15.66
C VAL E 85 -18.86 0.10 -14.27
N VAL E 86 -18.79 -1.23 -14.16
CA VAL E 86 -18.95 -1.87 -12.85
C VAL E 86 -17.82 -1.44 -11.92
N THR E 87 -16.59 -1.40 -12.42
CA THR E 87 -15.47 -0.97 -11.58
C THR E 87 -15.60 0.49 -11.19
N VAL E 88 -16.08 1.34 -12.11
CA VAL E 88 -16.28 2.75 -11.80
C VAL E 88 -17.32 2.91 -10.70
N ILE E 89 -18.42 2.17 -10.81
CA ILE E 89 -19.47 2.26 -9.79
C ILE E 89 -18.95 1.73 -8.46
N VAL E 90 -18.14 0.68 -8.48
CA VAL E 90 -17.56 0.13 -7.25
C VAL E 90 -16.68 1.19 -6.58
N LEU E 91 -15.83 1.83 -7.37
CA LEU E 91 -14.96 2.87 -6.81
C LEU E 91 -15.77 4.03 -6.26
N GLN E 92 -16.84 4.42 -6.97
CA GLN E 92 -17.69 5.51 -6.50
C GLN E 92 -18.33 5.17 -5.16
N TYR E 93 -18.88 3.95 -5.05
CA TYR E 93 -19.52 3.54 -3.81
C TYR E 93 -18.52 3.24 -2.70
N HIS E 94 -17.25 3.04 -3.05
CA HIS E 94 -16.22 2.80 -2.04
C HIS E 94 -15.55 4.07 -1.56
N HIS E 95 -15.56 5.13 -2.35
CA HIS E 95 -14.92 6.38 -1.96
C HIS E 95 -15.90 7.33 -1.25
N HIS E 96 -17.07 7.56 -1.86
CA HIS E 96 -18.07 8.46 -1.29
C HIS E 96 -17.48 9.85 -1.02
N ASP E 97 -17.07 10.50 -2.10
CA ASP E 97 -16.48 11.83 -1.99
C ASP E 97 -17.48 12.77 -1.30
N PRO E 98 -17.01 13.68 -0.45
CA PRO E 98 -17.94 14.61 0.21
C PRO E 98 -18.81 15.38 -0.76
N ASP E 99 -18.28 15.76 -1.93
CA ASP E 99 -19.06 16.53 -2.89
C ASP E 99 -20.06 15.64 -3.63
N GLY E 100 -19.64 14.44 -4.01
CA GLY E 100 -20.49 13.50 -4.74
C GLY E 100 -20.98 12.39 -3.85
N GLY E 101 -21.00 11.18 -4.40
CA GLY E 101 -21.46 10.02 -3.67
C GLY E 101 -22.98 10.01 -3.51
N LYS E 102 -23.43 9.07 -2.68
CA LYS E 102 -24.84 8.89 -2.39
C LYS E 102 -25.11 9.20 -0.92
N MET E 103 -26.38 9.41 -0.61
CA MET E 103 -26.78 9.72 0.76
C MET E 103 -26.51 8.51 1.66
N PRO E 104 -25.60 8.60 2.63
CA PRO E 104 -25.33 7.42 3.48
C PRO E 104 -26.56 6.96 4.25
N LYS E 105 -27.33 7.89 4.81
CA LYS E 105 -28.49 7.49 5.62
C LYS E 105 -29.52 6.76 4.78
N TRP E 106 -29.79 7.24 3.56
CA TRP E 106 -30.80 6.61 2.72
C TRP E 106 -30.41 5.18 2.37
N THR E 107 -29.15 4.95 2.00
CA THR E 107 -28.69 3.63 1.60
C THR E 107 -28.36 2.73 2.78
N ARG E 108 -28.28 3.28 4.00
CA ARG E 108 -27.93 2.46 5.16
C ARG E 108 -28.98 1.38 5.41
N VAL E 109 -30.25 1.75 5.35
CA VAL E 109 -31.32 0.79 5.60
C VAL E 109 -31.32 -0.29 4.51
N ILE E 110 -31.14 0.12 3.25
CA ILE E 110 -31.13 -0.84 2.15
C ILE E 110 -29.97 -1.82 2.32
N LEU E 111 -28.79 -1.31 2.70
CA LEU E 111 -27.64 -2.18 2.88
C LEU E 111 -27.86 -3.13 4.05
N LEU E 112 -28.41 -2.62 5.16
CA LEU E 112 -28.66 -3.49 6.31
C LEU E 112 -29.67 -4.58 5.97
N ASN E 113 -30.67 -4.25 5.16
CA ASN E 113 -31.67 -5.26 4.77
C ASN E 113 -31.06 -6.28 3.81
N TRP E 114 -30.27 -5.83 2.85
CA TRP E 114 -29.69 -6.75 1.87
C TRP E 114 -28.64 -7.65 2.50
N CYS E 115 -27.91 -7.15 3.50
CA CYS E 115 -26.94 -7.99 4.19
C CYS E 115 -27.62 -9.19 4.83
N ALA E 116 -28.80 -8.99 5.43
CA ALA E 116 -29.54 -10.09 6.02
C ALA E 116 -30.20 -10.95 4.95
N TRP E 117 -30.67 -10.33 3.86
CA TRP E 117 -31.29 -11.09 2.79
C TRP E 117 -30.30 -12.02 2.11
N PHE E 118 -29.01 -11.64 2.07
CA PHE E 118 -28.00 -12.51 1.48
C PHE E 118 -27.64 -13.66 2.41
N LEU E 119 -27.56 -13.39 3.71
CA LEU E 119 -27.25 -14.44 4.67
C LEU E 119 -28.49 -15.28 4.98
N ARG E 120 -29.53 -14.64 5.49
CA ARG E 120 -30.80 -15.29 5.81
C ARG E 120 -31.85 -14.74 4.86
N MET E 121 -32.01 -15.40 3.71
CA MET E 121 -32.95 -14.94 2.70
C MET E 121 -34.37 -14.95 3.26
N LYS E 122 -35.17 -13.96 2.84
CA LYS E 122 -36.55 -13.84 3.27
C LYS E 122 -37.39 -14.86 2.49
N ARG E 123 -37.32 -16.10 2.92
CA ARG E 123 -38.03 -17.20 2.29
C ARG E 123 -38.68 -18.04 3.38
N PRO E 124 -39.66 -18.88 3.01
CA PRO E 124 -40.31 -19.71 4.05
C PRO E 124 -39.34 -20.63 4.77
N GLY E 125 -38.33 -21.16 4.08
CA GLY E 125 -37.40 -22.07 4.70
C GLY E 125 -36.68 -21.46 5.89
N GLU E 126 -36.45 -20.15 5.86
CA GLU E 126 -35.77 -19.46 6.95
C GLU E 126 -36.72 -18.78 7.92
N ASP E 127 -37.96 -18.51 7.51
CA ASP E 127 -38.93 -17.84 8.37
C ASP E 127 -39.70 -18.83 9.24
N LYS E 128 -40.10 -19.98 8.68
CA LYS E 128 -40.87 -20.95 9.43
C LYS E 128 -39.99 -21.84 10.29
N VAL E 129 -38.74 -22.07 9.88
CA VAL E 129 -37.83 -22.94 10.61
C VAL E 129 -37.13 -22.07 11.65
N ARG E 130 -37.78 -21.89 12.78
CA ARG E 130 -37.24 -21.10 13.89
C ARG E 130 -38.18 -21.23 15.07
N PRO E 131 -37.70 -20.93 16.28
CA PRO E 131 -38.58 -21.02 17.46
C PRO E 131 -39.77 -20.08 17.34
N ALA E 132 -40.88 -20.50 17.92
CA ALA E 132 -42.10 -19.70 17.91
C ALA E 132 -42.90 -19.98 19.17
N CYS E 133 -43.55 -18.94 19.69
CA CYS E 133 -44.36 -19.07 20.89
C CYS E 133 -45.21 -17.82 21.04
N GLN E 134 -46.39 -18.00 21.63
CA GLN E 134 -47.32 -16.89 21.85
C GLN E 134 -46.92 -16.01 23.02
N HIS E 135 -45.93 -16.42 23.82
CA HIS E 135 -45.51 -15.64 24.98
C HIS E 135 -44.99 -14.28 24.51
N LYS E 136 -44.82 -13.37 25.48
CA LYS E 136 -44.34 -12.03 25.19
C LYS E 136 -42.91 -12.01 24.68
N GLN E 137 -42.19 -13.13 24.76
CA GLN E 137 -40.81 -13.18 24.27
C GLN E 137 -40.73 -12.80 22.80
N ARG E 138 -41.77 -13.11 22.02
CA ARG E 138 -41.80 -12.80 20.60
C ARG E 138 -42.74 -11.64 20.27
N ARG E 139 -43.24 -10.94 21.29
CA ARG E 139 -44.13 -9.80 21.08
C ARG E 139 -43.35 -8.50 21.08
N CYS E 140 -44.03 -7.41 20.72
CA CYS E 140 -43.44 -6.10 20.65
C CYS E 140 -43.99 -5.22 21.76
N SER E 141 -43.20 -4.21 22.15
CA SER E 141 -43.58 -3.28 23.20
C SER E 141 -43.03 -1.91 22.86
N LEU E 142 -43.24 -0.96 23.77
CA LEU E 142 -42.76 0.40 23.55
C LEU E 142 -41.24 0.44 23.43
N ALA E 143 -40.53 -0.50 24.07
CA ALA E 143 -39.08 -0.52 24.00
C ALA E 143 -38.58 -0.87 22.60
N SER E 144 -39.41 -1.54 21.79
CA SER E 144 -39.02 -1.92 20.44
C SER E 144 -39.41 -0.89 19.39
N VAL E 145 -40.28 0.06 19.72
CA VAL E 145 -40.71 1.08 18.77
C VAL E 145 -39.53 2.02 18.54
N GLU E 146 -39.00 2.02 17.32
CA GLU E 146 -37.87 2.86 16.95
C GLU E 146 -38.24 3.92 15.90
N MET E 147 -39.54 4.11 15.65
CA MET E 147 -39.98 5.09 14.68
C MET E 147 -39.93 6.52 15.20
N SER E 148 -39.55 6.73 16.46
CA SER E 148 -39.47 8.05 17.06
C SER E 148 -38.04 8.49 17.31
N ALA E 149 -37.07 7.86 16.66
CA ALA E 149 -35.65 8.21 16.81
C ALA E 149 -35.22 8.08 18.27
N VAL E 150 -35.33 6.85 18.79
CA VAL E 150 -34.95 6.55 20.16
C VAL E 150 -33.77 5.59 20.13
N ALA E 151 -33.22 5.33 21.32
CA ALA E 151 -32.07 4.43 21.43
C ALA E 151 -32.48 3.02 21.01
N PRO E 152 -31.70 2.33 20.19
CA PRO E 152 -32.04 0.96 19.81
C PRO E 152 -32.15 0.06 21.03
N PRO E 153 -32.76 -1.11 20.89
CA PRO E 153 -32.88 -2.03 22.03
C PRO E 153 -31.51 -2.41 22.57
N PRO E 154 -31.29 -2.27 23.88
CA PRO E 154 -29.98 -2.69 24.44
C PRO E 154 -29.69 -4.14 24.14
N ALA E 155 -28.62 -4.37 23.38
CA ALA E 155 -28.23 -5.71 22.99
C ALA E 155 -26.73 -5.73 22.71
N SER E 156 -26.10 -6.87 22.96
CA SER E 156 -24.67 -7.03 22.75
C SER E 156 -24.30 -7.22 21.28
N ASN E 157 -25.28 -7.20 20.38
CA ASN E 157 -25.02 -7.37 18.96
C ASN E 157 -24.62 -6.07 18.26
N GLY E 158 -24.25 -5.04 19.03
CA GLY E 158 -23.86 -3.77 18.47
C GLY E 158 -24.77 -2.63 18.85
N ASN E 159 -25.53 -2.81 19.93
CA ASN E 159 -26.45 -1.78 20.43
C ASN E 159 -26.05 -1.27 21.80
N LEU E 160 -25.83 -2.16 22.76
CA LEU E 160 -25.43 -1.72 24.10
C LEU E 160 -24.08 -1.03 24.08
N LEU E 161 -23.07 -1.70 23.50
CA LEU E 161 -21.75 -1.08 23.40
C LEU E 161 -21.80 0.18 22.55
N TYR E 162 -22.64 0.20 21.52
CA TYR E 162 -22.78 1.39 20.70
C TYR E 162 -23.28 2.57 21.53
N ILE E 163 -24.39 2.39 22.25
CA ILE E 163 -24.94 3.46 23.07
C ILE E 163 -23.97 3.86 24.16
N GLY E 164 -23.20 2.91 24.69
CA GLY E 164 -22.23 3.24 25.73
C GLY E 164 -21.09 4.09 25.21
N PHE E 165 -20.47 3.65 24.12
CA PHE E 165 -19.31 4.37 23.59
C PHE E 165 -19.73 5.73 23.03
N ARG E 166 -20.81 5.78 22.27
CA ARG E 166 -21.29 7.02 21.65
C ARG E 166 -22.43 7.64 22.41
N GLY E 167 -22.42 7.53 23.75
CA GLY E 167 -23.48 8.14 24.53
C GLY E 167 -23.64 9.62 24.28
N LEU E 168 -22.51 10.34 24.20
CA LEU E 168 -22.52 11.77 23.93
C LEU E 168 -23.34 12.52 24.98
N ASP E 169 -22.86 12.45 26.23
CA ASP E 169 -23.49 13.09 27.37
C ASP E 169 -24.85 12.47 27.72
N GLY E 170 -25.08 11.24 27.30
CA GLY E 170 -26.33 10.57 27.60
C GLY E 170 -26.28 9.80 28.90
N VAL E 171 -26.68 8.53 28.87
CA VAL E 171 -26.67 7.71 30.08
C VAL E 171 -25.26 7.24 30.45
N HIS E 172 -24.35 7.17 29.48
CA HIS E 172 -23.00 6.71 29.78
C HIS E 172 -22.22 7.73 30.60
N CYS E 173 -22.49 9.02 30.40
CA CYS E 173 -21.78 10.06 31.15
C CYS E 173 -22.37 10.30 32.52
N VAL E 174 -23.57 9.82 32.79
CA VAL E 174 -24.21 9.98 34.10
C VAL E 174 -24.96 8.71 34.44
N PRO E 175 -24.26 7.57 34.63
CA PRO E 175 -24.92 6.30 34.99
C PRO E 175 -25.26 6.19 36.47
N THR E 176 -25.94 7.20 37.00
CA THR E 176 -26.30 7.25 38.41
C THR E 176 -27.73 7.77 38.54
N PRO E 177 -28.72 6.88 38.42
CA PRO E 177 -30.11 7.31 38.57
C PRO E 177 -30.36 7.90 39.95
N ASP E 178 -31.57 8.44 40.13
CA ASP E 178 -31.94 9.08 41.38
C ASP E 178 -32.23 8.04 42.45
N SER E 179 -31.21 7.63 43.20
CA SER E 179 -31.36 6.65 44.27
C SER E 179 -30.69 7.06 45.57
N GLY E 180 -29.73 7.98 45.56
CA GLY E 180 -29.06 8.39 46.77
C GLY E 180 -27.77 7.64 47.05
N VAL E 181 -27.09 7.15 46.02
CA VAL E 181 -25.84 6.42 46.22
C VAL E 181 -24.80 7.29 46.90
N VAL E 182 -24.89 8.61 46.71
CA VAL E 182 -23.94 9.52 47.35
C VAL E 182 -24.09 9.47 48.86
N CYS E 183 -25.30 9.17 49.35
CA CYS E 183 -25.53 9.10 50.79
C CYS E 183 -26.41 7.91 51.17
N GLY E 184 -26.53 6.90 50.31
CA GLY E 184 -27.36 5.75 50.59
C GLY E 184 -26.59 4.44 50.56
N ARG E 185 -25.47 4.42 49.83
CA ARG E 185 -24.64 3.24 49.71
C ARG E 185 -23.19 3.60 49.93
N MET E 186 -22.44 2.65 50.50
CA MET E 186 -21.01 2.84 50.78
C MET E 186 -20.13 1.96 49.91
N ALA E 187 -20.71 1.25 48.94
CA ALA E 187 -19.95 0.37 48.07
C ALA E 187 -19.15 1.22 47.09
N CYS E 188 -17.84 1.35 47.35
CA CYS E 188 -16.95 2.14 46.51
C CYS E 188 -17.42 3.59 46.40
N SER E 189 -18.10 4.09 47.43
CA SER E 189 -18.60 5.45 47.44
C SER E 189 -18.80 5.92 48.87
N PRO E 190 -17.78 6.47 49.51
CA PRO E 190 -17.94 6.95 50.89
C PRO E 190 -19.07 7.97 50.99
N THR E 191 -19.99 7.73 51.93
CA THR E 191 -21.14 8.60 52.12
C THR E 191 -20.68 9.90 52.78
N HIS E 192 -20.51 10.95 51.97
CA HIS E 192 -20.12 12.27 52.44
C HIS E 192 -18.98 12.20 53.45
N ASP E 193 -18.07 11.25 53.26
CA ASP E 193 -16.93 11.07 54.16
C ASP E 193 -15.82 12.02 53.74
N GLU E 194 -15.69 13.15 54.44
CA GLU E 194 -14.66 14.13 54.14
C GLU E 194 -13.36 13.86 54.88
N HIS E 195 -13.39 13.07 55.95
CA HIS E 195 -12.21 12.76 56.73
C HIS E 195 -11.54 11.46 56.30
N LEU E 196 -11.83 10.98 55.09
CA LEU E 196 -11.22 9.76 54.58
C LEU E 196 -9.81 10.09 54.10
N LEU E 197 -8.84 9.90 55.00
CA LEU E 197 -7.44 10.19 54.72
C LEU E 197 -6.65 8.89 54.80
N HIS E 198 -5.94 8.57 53.71
CA HIS E 198 -5.12 7.35 53.66
C HIS E 198 -3.81 7.60 54.40
N GLY E 199 -3.91 7.61 55.73
CA GLY E 199 -2.75 7.86 56.56
C GLY E 199 -2.21 9.27 56.46
N GLY E 200 -3.07 10.24 56.16
CA GLY E 200 -2.68 11.63 56.03
C GLY E 200 -2.64 12.13 54.60
N GLN E 201 -2.52 11.25 53.62
CA GLN E 201 -2.46 11.64 52.22
C GLN E 201 -3.81 11.40 51.58
N PRO E 202 -4.57 12.43 51.23
CA PRO E 202 -5.87 12.22 50.55
C PRO E 202 -5.65 11.59 49.18
N PRO E 203 -6.74 11.28 48.47
CA PRO E 203 -6.60 10.70 47.13
C PRO E 203 -5.88 11.66 46.19
N GLU E 204 -5.62 11.16 44.98
CA GLU E 204 -4.89 11.93 43.97
C GLU E 204 -3.52 12.34 44.48
N GLY E 205 -2.69 11.33 44.74
CA GLY E 205 -1.36 11.58 45.27
C GLY E 205 -0.58 12.60 44.47
N ASP E 206 -0.72 12.58 43.15
CA ASP E 206 0.00 13.50 42.28
C ASP E 206 -0.88 13.95 41.13
N PRO E 207 -1.15 15.25 40.98
CA PRO E 207 -1.96 15.70 39.84
C PRO E 207 -1.35 15.34 38.50
N ASP E 208 -0.05 15.07 38.42
CA ASP E 208 0.56 14.68 37.16
C ASP E 208 -0.07 13.41 36.61
N LEU E 209 -0.56 12.54 37.49
CA LEU E 209 -1.25 11.33 37.04
C LEU E 209 -2.49 11.67 36.24
N ALA E 210 -3.19 12.75 36.62
CA ALA E 210 -4.37 13.16 35.86
C ALA E 210 -3.99 13.59 34.46
N LYS E 211 -2.90 14.34 34.31
CA LYS E 211 -2.45 14.75 32.98
C LYS E 211 -1.99 13.55 32.16
N ILE E 212 -1.31 12.60 32.81
CA ILE E 212 -0.90 11.38 32.11
C ILE E 212 -2.12 10.61 31.61
N LEU E 213 -3.14 10.49 32.46
CA LEU E 213 -4.36 9.80 32.05
C LEU E 213 -5.05 10.55 30.91
N GLU E 214 -5.05 11.87 30.95
CA GLU E 214 -5.68 12.65 29.89
C GLU E 214 -4.94 12.45 28.57
N GLU E 215 -3.61 12.44 28.60
CA GLU E 215 -2.84 12.22 27.38
C GLU E 215 -3.06 10.81 26.84
N VAL E 216 -3.10 9.81 27.73
CA VAL E 216 -3.36 8.45 27.29
C VAL E 216 -4.75 8.33 26.70
N ARG E 217 -5.72 9.08 27.25
CA ARG E 217 -7.07 9.07 26.71
C ARG E 217 -7.11 9.74 25.35
N TYR E 218 -6.32 10.80 25.15
CA TYR E 218 -6.22 11.42 23.83
C TYR E 218 -5.61 10.46 22.82
N ILE E 219 -4.59 9.71 23.22
CA ILE E 219 -3.99 8.71 22.34
C ILE E 219 -5.01 7.63 21.99
N ALA E 220 -5.78 7.19 22.99
CA ALA E 220 -6.82 6.19 22.74
C ALA E 220 -7.91 6.75 21.83
N ASN E 221 -8.22 8.04 21.94
CA ASN E 221 -9.21 8.64 21.04
C ASN E 221 -8.67 8.72 19.62
N ARG E 222 -7.38 9.01 19.45
CA ARG E 222 -6.78 8.96 18.13
C ARG E 222 -6.86 7.56 17.54
N PHE E 223 -6.53 6.55 18.34
CA PHE E 223 -6.63 5.17 17.87
C PHE E 223 -8.06 4.80 17.52
N ARG E 224 -9.03 5.27 18.31
CA ARG E 224 -10.43 4.98 18.02
C ARG E 224 -10.89 5.69 16.75
N CYS E 225 -10.39 6.89 16.49
CA CYS E 225 -10.72 7.57 15.25
C CYS E 225 -10.14 6.82 14.05
N GLN E 226 -8.90 6.33 14.19
CA GLN E 226 -8.32 5.51 13.12
C GLN E 226 -9.15 4.25 12.89
N ASP E 227 -9.57 3.59 13.97
CA ASP E 227 -10.38 2.38 13.83
C ASP E 227 -11.73 2.71 13.20
N GLU E 228 -12.31 3.86 13.53
CA GLU E 228 -13.58 4.25 12.94
C GLU E 228 -13.43 4.53 11.45
N SER E 229 -12.32 5.17 11.06
CA SER E 229 -12.06 5.38 9.64
C SER E 229 -11.91 4.04 8.92
N GLU E 230 -11.19 3.09 9.53
CA GLU E 230 -11.03 1.78 8.93
C GLU E 230 -12.38 1.07 8.79
N ALA E 231 -13.23 1.20 9.81
CA ALA E 231 -14.55 0.56 9.77
C ALA E 231 -15.43 1.20 8.71
N VAL E 232 -15.33 2.52 8.54
CA VAL E 232 -16.09 3.20 7.49
C VAL E 232 -15.61 2.74 6.12
N CYS E 233 -14.30 2.58 5.96
CA CYS E 233 -13.77 2.07 4.69
C CYS E 233 -14.26 0.66 4.42
N SER E 234 -14.29 -0.19 5.46
CA SER E 234 -14.78 -1.55 5.28
C SER E 234 -16.26 -1.56 4.94
N GLU E 235 -17.05 -0.69 5.56
CA GLU E 235 -18.47 -0.62 5.24
C GLU E 235 -18.69 -0.12 3.82
N TRP E 236 -17.88 0.83 3.37
CA TRP E 236 -17.98 1.28 1.98
C TRP E 236 -17.60 0.16 1.02
N LYS E 237 -16.58 -0.62 1.34
CA LYS E 237 -16.21 -1.76 0.51
C LYS E 237 -17.34 -2.78 0.45
N PHE E 238 -18.00 -3.03 1.59
CA PHE E 238 -19.11 -3.98 1.63
C PHE E 238 -20.30 -3.46 0.82
N ALA E 239 -20.57 -2.16 0.88
CA ALA E 239 -21.66 -1.58 0.11
C ALA E 239 -21.34 -1.58 -1.38
N ALA E 240 -20.06 -1.50 -1.73
CA ALA E 240 -19.67 -1.54 -3.14
C ALA E 240 -19.73 -2.95 -3.70
N CYS E 241 -19.31 -3.94 -2.91
CA CYS E 241 -19.41 -5.33 -3.36
C CYS E 241 -20.85 -5.77 -3.55
N VAL E 242 -21.80 -5.11 -2.88
CA VAL E 242 -23.21 -5.41 -3.10
C VAL E 242 -23.59 -5.12 -4.55
N VAL E 243 -23.02 -4.06 -5.12
CA VAL E 243 -23.29 -3.73 -6.52
C VAL E 243 -22.76 -4.81 -7.44
N ASP E 244 -21.56 -5.32 -7.16
CA ASP E 244 -21.00 -6.40 -7.96
C ASP E 244 -21.85 -7.66 -7.86
N ARG E 245 -22.33 -7.98 -6.65
CA ARG E 245 -23.17 -9.16 -6.47
C ARG E 245 -24.49 -9.00 -7.23
N LEU E 246 -25.09 -7.81 -7.18
CA LEU E 246 -26.33 -7.57 -7.90
C LEU E 246 -26.10 -7.68 -9.40
N CYS E 247 -24.98 -7.14 -9.90
CA CYS E 247 -24.67 -7.24 -11.31
C CYS E 247 -24.50 -8.70 -11.72
N LEU E 248 -23.81 -9.49 -10.91
CA LEU E 248 -23.65 -10.91 -11.20
C LEU E 248 -25.00 -11.61 -11.23
N MET E 249 -25.87 -11.33 -10.26
CA MET E 249 -27.18 -11.97 -10.22
C MET E 249 -28.02 -11.57 -11.42
N ALA E 250 -27.88 -10.33 -11.89
CA ALA E 250 -28.67 -9.87 -13.04
C ALA E 250 -28.12 -10.40 -14.35
N PHE E 251 -26.81 -10.62 -14.44
CA PHE E 251 -26.21 -11.12 -15.66
C PHE E 251 -26.20 -12.64 -15.75
N SER E 252 -26.43 -13.35 -14.65
CA SER E 252 -26.50 -14.80 -14.70
C SER E 252 -27.55 -15.26 -15.70
N VAL E 253 -28.65 -14.51 -15.82
CA VAL E 253 -29.70 -14.87 -16.77
C VAL E 253 -29.45 -14.22 -18.13
N PHE E 254 -28.84 -13.03 -18.17
CA PHE E 254 -28.58 -12.38 -19.44
C PHE E 254 -27.59 -13.18 -20.27
N THR E 255 -26.54 -13.73 -19.64
CA THR E 255 -25.59 -14.54 -20.38
C THR E 255 -26.23 -15.80 -20.91
N ILE E 256 -27.11 -16.42 -20.11
CA ILE E 256 -27.80 -17.63 -20.57
C ILE E 256 -28.70 -17.31 -21.76
N ILE E 257 -29.41 -16.18 -21.70
CA ILE E 257 -30.27 -15.78 -22.81
C ILE E 257 -29.44 -15.53 -24.06
N CYS E 258 -28.29 -14.85 -23.90
CA CYS E 258 -27.43 -14.58 -25.05
C CYS E 258 -26.91 -15.87 -25.66
N THR E 259 -26.51 -16.83 -24.82
CA THR E 259 -26.02 -18.11 -25.33
C THR E 259 -27.13 -18.87 -26.05
N ILE E 260 -28.34 -18.86 -25.49
CA ILE E 260 -29.46 -19.53 -26.13
C ILE E 260 -29.76 -18.90 -27.48
N GLY E 261 -29.71 -17.57 -27.56
CA GLY E 261 -29.95 -16.89 -28.82
C GLY E 261 -28.87 -17.19 -29.85
N ILE E 262 -27.62 -17.22 -29.42
CA ILE E 262 -26.52 -17.52 -30.34
C ILE E 262 -26.60 -18.95 -30.82
N LEU E 263 -27.07 -19.87 -29.98
CA LEU E 263 -27.18 -21.27 -30.38
C LEU E 263 -28.37 -21.50 -31.31
N MET E 264 -29.51 -20.85 -31.03
CA MET E 264 -30.68 -21.03 -31.87
C MET E 264 -30.50 -20.38 -33.25
N SER E 265 -29.71 -19.31 -33.32
CA SER E 265 -29.47 -18.61 -34.58
C SER E 265 -28.23 -19.11 -35.31
N ALA E 266 -27.54 -20.10 -34.76
CA ALA E 266 -26.34 -20.61 -35.42
C ALA E 266 -26.65 -21.26 -36.76
N PRO E 267 -27.69 -22.09 -36.91
CA PRO E 267 -27.95 -22.69 -38.23
C PRO E 267 -28.20 -21.65 -39.32
N ASN E 268 -28.68 -20.46 -38.96
CA ASN E 268 -28.93 -19.43 -39.96
C ASN E 268 -27.63 -18.96 -40.60
N PHE E 269 -26.66 -18.59 -39.77
CA PHE E 269 -25.36 -18.12 -40.25
C PHE E 269 -24.30 -19.21 -40.23
N VAL E 270 -24.09 -19.85 -39.08
CA VAL E 270 -23.11 -20.91 -38.97
C VAL E 270 -23.62 -22.18 -39.64
N LEU A 7 13.16 -25.67 -39.57
CA LEU A 7 12.23 -24.78 -40.26
C LEU A 7 11.73 -23.68 -39.32
N TYR A 8 11.74 -22.45 -39.83
CA TYR A 8 11.29 -21.32 -39.02
C TYR A 8 9.78 -21.37 -38.76
N TYR A 9 9.02 -21.92 -39.71
CA TYR A 9 7.57 -21.99 -39.54
C TYR A 9 7.20 -22.82 -38.32
N GLY A 10 7.89 -23.95 -38.12
CA GLY A 10 7.58 -24.79 -36.98
C GLY A 10 8.01 -24.17 -35.66
N LEU A 11 9.19 -23.57 -35.63
CA LEU A 11 9.67 -22.95 -34.39
C LEU A 11 8.82 -21.76 -34.00
N ASN A 12 8.34 -20.99 -34.98
CA ASN A 12 7.53 -19.82 -34.67
C ASN A 12 6.26 -20.20 -33.91
N LEU A 13 5.77 -21.42 -34.11
CA LEU A 13 4.59 -21.90 -33.39
C LEU A 13 4.94 -22.74 -32.18
N LEU A 14 6.13 -23.36 -32.16
CA LEU A 14 6.52 -24.17 -31.02
C LEU A 14 6.99 -23.33 -29.84
N ILE A 15 7.80 -22.30 -30.11
CA ILE A 15 8.35 -21.49 -29.02
C ILE A 15 7.27 -20.79 -28.22
N PRO A 16 6.30 -20.09 -28.83
CA PRO A 16 5.29 -19.41 -28.01
C PRO A 16 4.46 -20.37 -27.18
N CYS A 17 4.16 -21.56 -27.69
CA CYS A 17 3.36 -22.52 -26.95
C CYS A 17 4.05 -22.90 -25.65
N VAL A 18 5.30 -23.37 -25.74
CA VAL A 18 6.04 -23.75 -24.54
C VAL A 18 6.29 -22.55 -23.65
N LEU A 19 6.49 -21.36 -24.24
CA LEU A 19 6.69 -20.16 -23.45
C LEU A 19 5.47 -19.87 -22.57
N ILE A 20 4.28 -19.91 -23.16
CA ILE A 20 3.06 -19.66 -22.40
C ILE A 20 2.83 -20.78 -21.39
N SER A 21 3.15 -22.02 -21.77
CA SER A 21 2.98 -23.14 -20.84
C SER A 21 3.85 -22.98 -19.61
N ALA A 22 5.08 -22.47 -19.80
CA ALA A 22 5.97 -22.25 -18.67
C ALA A 22 5.57 -21.02 -17.87
N LEU A 23 5.07 -19.99 -18.55
CA LEU A 23 4.64 -18.78 -17.86
C LEU A 23 3.44 -19.06 -16.95
N ALA A 24 2.51 -19.89 -17.43
CA ALA A 24 1.36 -20.24 -16.61
C ALA A 24 1.80 -20.95 -15.33
N LEU A 25 2.73 -21.89 -15.45
CA LEU A 25 3.21 -22.61 -14.27
C LEU A 25 3.98 -21.68 -13.33
N LEU A 26 4.79 -20.78 -13.89
CA LEU A 26 5.53 -19.85 -13.05
C LEU A 26 4.59 -18.92 -12.31
N VAL A 27 3.48 -18.52 -12.94
CA VAL A 27 2.51 -17.67 -12.27
C VAL A 27 1.79 -18.45 -11.17
N PHE A 28 1.37 -19.68 -11.48
CA PHE A 28 0.70 -20.50 -10.48
C PHE A 28 1.60 -20.84 -9.31
N LEU A 29 2.92 -20.87 -9.52
CA LEU A 29 3.83 -21.21 -8.43
C LEU A 29 3.87 -20.12 -7.37
N LEU A 30 3.62 -18.86 -7.75
CA LEU A 30 3.68 -17.76 -6.81
C LEU A 30 2.63 -17.95 -5.71
N PRO A 31 2.84 -17.33 -4.56
CA PRO A 31 1.88 -17.46 -3.46
C PRO A 31 0.63 -16.62 -3.72
N ALA A 32 -0.29 -16.65 -2.75
CA ALA A 32 -1.54 -15.92 -2.85
C ALA A 32 -1.27 -14.45 -2.54
N ASP A 33 -1.05 -13.66 -3.59
CA ASP A 33 -0.82 -12.22 -3.47
C ASP A 33 -2.02 -11.51 -4.08
N SER A 34 -2.78 -10.80 -3.24
CA SER A 34 -4.00 -10.15 -3.71
C SER A 34 -3.72 -9.15 -4.83
N GLY A 35 -2.65 -8.38 -4.69
CA GLY A 35 -2.35 -7.33 -5.66
C GLY A 35 -1.41 -7.76 -6.77
N GLU A 36 -0.68 -8.85 -6.56
CA GLU A 36 0.32 -9.32 -7.51
C GLU A 36 -0.09 -10.57 -8.27
N LYS A 37 -0.67 -11.56 -7.58
CA LYS A 37 -1.03 -12.81 -8.24
C LYS A 37 -1.92 -12.56 -9.44
N ILE A 38 -2.84 -11.59 -9.33
CA ILE A 38 -3.71 -11.29 -10.45
C ILE A 38 -2.99 -10.47 -11.52
N SER A 39 -2.07 -9.59 -11.10
CA SER A 39 -1.38 -8.72 -12.05
C SER A 39 -0.82 -9.51 -13.22
N LEU A 40 -0.27 -10.70 -12.94
CA LEU A 40 0.20 -11.56 -14.02
C LEU A 40 -0.95 -12.23 -14.74
N GLY A 41 -1.85 -12.87 -13.99
CA GLY A 41 -2.94 -13.61 -14.60
C GLY A 41 -3.71 -12.82 -15.64
N ILE A 42 -3.74 -11.50 -15.49
CA ILE A 42 -4.40 -10.65 -16.48
C ILE A 42 -3.63 -10.69 -17.80
N THR A 43 -2.36 -10.26 -17.76
CA THR A 43 -1.58 -10.17 -18.99
C THR A 43 -1.37 -11.53 -19.63
N VAL A 44 -1.24 -12.58 -18.80
CA VAL A 44 -1.11 -13.93 -19.35
C VAL A 44 -2.24 -14.25 -20.32
N LEU A 45 -3.40 -13.64 -20.11
CA LEU A 45 -4.51 -13.80 -21.06
C LEU A 45 -4.31 -12.90 -22.27
N LEU A 46 -4.02 -11.61 -22.04
CA LEU A 46 -3.83 -10.68 -23.14
C LEU A 46 -2.72 -11.15 -24.08
N SER A 47 -1.60 -11.61 -23.50
CA SER A 47 -0.50 -12.08 -24.33
C SER A 47 -0.94 -13.17 -25.29
N LEU A 48 -2.01 -13.90 -24.95
CA LEU A 48 -2.51 -14.94 -25.84
C LEU A 48 -3.34 -14.35 -26.98
N THR A 49 -4.13 -13.32 -26.68
CA THR A 49 -4.99 -12.73 -27.71
C THR A 49 -4.18 -12.29 -28.91
N VAL A 50 -3.08 -11.58 -28.67
CA VAL A 50 -2.21 -11.15 -29.77
C VAL A 50 -1.75 -12.36 -30.58
N PHE A 51 -1.42 -13.46 -29.90
CA PHE A 51 -1.00 -14.66 -30.61
C PHE A 51 -2.08 -15.16 -31.55
N MET A 52 -3.35 -15.00 -31.18
CA MET A 52 -4.44 -15.43 -32.04
C MET A 52 -4.37 -14.75 -33.40
N LEU A 53 -3.76 -13.56 -33.47
CA LEU A 53 -3.60 -12.89 -34.76
C LEU A 53 -2.50 -13.56 -35.58
N LEU A 54 -1.40 -13.95 -34.93
CA LEU A 54 -0.30 -14.60 -35.66
C LEU A 54 -0.78 -15.86 -36.36
N VAL A 55 -1.57 -16.68 -35.66
CA VAL A 55 -2.12 -17.90 -36.26
C VAL A 55 -3.32 -17.64 -37.15
N ALA A 56 -3.72 -16.38 -37.31
CA ALA A 56 -4.88 -16.06 -38.15
C ALA A 56 -4.52 -15.84 -39.61
N GLU A 57 -3.26 -15.49 -39.90
CA GLU A 57 -2.81 -15.26 -41.27
C GLU A 57 -2.14 -16.48 -41.87
N ILE A 58 -1.18 -17.06 -41.16
CA ILE A 58 -0.47 -18.24 -41.68
C ILE A 58 -1.43 -19.42 -41.81
N MET A 59 -2.47 -19.47 -40.98
CA MET A 59 -3.45 -20.56 -41.00
C MET A 59 -4.83 -19.95 -41.24
N PRO A 60 -5.22 -19.71 -42.50
CA PRO A 60 -6.54 -19.15 -42.77
C PRO A 60 -7.64 -20.02 -42.20
N SER A 61 -8.53 -19.40 -41.41
CA SER A 61 -9.61 -20.14 -40.79
C SER A 61 -10.63 -20.62 -41.82
N THR A 62 -10.77 -19.89 -42.93
CA THR A 62 -11.72 -20.26 -43.98
C THR A 62 -11.24 -21.43 -44.82
N SER A 63 -9.96 -21.80 -44.73
CA SER A 63 -9.41 -22.90 -45.51
C SER A 63 -8.88 -24.04 -44.65
N ASP A 64 -8.22 -23.74 -43.54
CA ASP A 64 -7.66 -24.77 -42.66
C ASP A 64 -8.71 -25.13 -41.61
N SER A 65 -9.69 -25.91 -42.04
CA SER A 65 -10.77 -26.36 -41.16
C SER A 65 -10.43 -27.75 -40.61
N SER A 66 -9.40 -27.78 -39.76
CA SER A 66 -8.96 -29.02 -39.14
C SER A 66 -9.45 -29.08 -37.71
N PRO A 67 -10.24 -30.09 -37.33
CA PRO A 67 -10.74 -30.13 -35.94
C PRO A 67 -9.66 -30.47 -34.92
N SER A 68 -8.53 -31.05 -35.36
CA SER A 68 -7.46 -31.40 -34.42
C SER A 68 -6.78 -30.14 -33.90
N ILE A 69 -6.26 -29.31 -34.83
CA ILE A 69 -5.63 -28.06 -34.42
C ILE A 69 -6.64 -27.14 -33.75
N ALA A 70 -7.89 -27.17 -34.20
CA ALA A 70 -8.93 -26.35 -33.58
C ALA A 70 -9.15 -26.77 -32.13
N GLN A 71 -9.25 -28.09 -31.88
CA GLN A 71 -9.43 -28.57 -30.52
C GLN A 71 -8.21 -28.27 -29.67
N TYR A 72 -7.00 -28.37 -30.24
CA TYR A 72 -5.80 -28.04 -29.50
C TYR A 72 -5.78 -26.58 -29.09
N PHE A 73 -6.13 -25.69 -30.03
CA PHE A 73 -6.17 -24.26 -29.70
C PHE A 73 -7.25 -23.96 -28.67
N ALA A 74 -8.40 -24.65 -28.75
CA ALA A 74 -9.44 -24.46 -27.76
C ALA A 74 -8.97 -24.89 -26.37
N SER A 75 -8.31 -26.04 -26.29
CA SER A 75 -7.79 -26.50 -25.01
C SER A 75 -6.74 -25.54 -24.46
N THR A 76 -5.87 -25.02 -25.34
CA THR A 76 -4.87 -24.06 -24.89
C THR A 76 -5.51 -22.79 -24.37
N MET A 77 -6.52 -22.28 -25.08
CA MET A 77 -7.21 -21.08 -24.62
C MET A 77 -7.92 -21.32 -23.30
N ILE A 78 -8.50 -22.51 -23.11
CA ILE A 78 -9.16 -22.82 -21.85
C ILE A 78 -8.16 -22.89 -20.71
N ILE A 79 -6.99 -23.50 -20.97
CA ILE A 79 -5.97 -23.60 -19.94
C ILE A 79 -5.44 -22.21 -19.58
N VAL A 80 -5.34 -21.32 -20.58
CA VAL A 80 -4.84 -19.97 -20.30
C VAL A 80 -5.90 -19.14 -19.58
N GLY A 81 -7.18 -19.39 -19.86
CA GLY A 81 -8.24 -18.66 -19.17
C GLY A 81 -8.47 -19.16 -17.75
N LEU A 82 -8.16 -20.42 -17.48
CA LEU A 82 -8.26 -20.94 -16.12
C LEU A 82 -7.35 -20.18 -15.16
N SER A 83 -6.34 -19.49 -15.68
CA SER A 83 -5.49 -18.65 -14.83
C SER A 83 -6.32 -17.58 -14.14
N VAL A 84 -7.20 -16.91 -14.88
CA VAL A 84 -8.05 -15.89 -14.29
C VAL A 84 -8.97 -16.50 -13.24
N VAL A 85 -9.49 -17.69 -13.52
CA VAL A 85 -10.38 -18.35 -12.57
C VAL A 85 -9.65 -18.65 -11.26
N VAL A 86 -8.46 -19.23 -11.36
CA VAL A 86 -7.72 -19.59 -10.16
C VAL A 86 -7.29 -18.35 -9.40
N THR A 87 -6.93 -17.28 -10.11
CA THR A 87 -6.56 -16.04 -9.43
C THR A 87 -7.75 -15.43 -8.71
N VAL A 88 -8.93 -15.46 -9.34
CA VAL A 88 -10.13 -14.94 -8.69
C VAL A 88 -10.46 -15.77 -7.45
N ILE A 89 -10.30 -17.09 -7.55
CA ILE A 89 -10.56 -17.95 -6.40
C ILE A 89 -9.58 -17.65 -5.28
N VAL A 90 -8.31 -17.44 -5.62
CA VAL A 90 -7.30 -17.10 -4.62
C VAL A 90 -7.65 -15.79 -3.93
N LEU A 91 -8.05 -14.78 -4.71
CA LEU A 91 -8.41 -13.50 -4.12
C LEU A 91 -9.64 -13.62 -3.22
N GLN A 92 -10.64 -14.39 -3.67
CA GLN A 92 -11.84 -14.58 -2.85
C GLN A 92 -11.50 -15.28 -1.54
N TYR A 93 -10.62 -16.28 -1.59
CA TYR A 93 -10.21 -16.96 -0.37
C TYR A 93 -9.40 -16.04 0.54
N HIS A 94 -8.57 -15.16 -0.05
CA HIS A 94 -7.82 -14.20 0.75
C HIS A 94 -8.75 -13.19 1.41
N HIS A 95 -9.86 -12.87 0.77
CA HIS A 95 -10.88 -11.98 1.33
C HIS A 95 -12.18 -12.74 1.59
N HIS A 96 -12.06 -13.98 2.07
CA HIS A 96 -13.23 -14.80 2.34
C HIS A 96 -14.05 -14.22 3.49
N ASP A 97 -15.35 -14.48 3.46
CA ASP A 97 -16.26 -14.01 4.48
C ASP A 97 -16.64 -15.18 5.39
N PRO A 98 -16.24 -15.19 6.65
CA PRO A 98 -16.57 -16.32 7.54
C PRO A 98 -18.01 -16.31 8.05
N ASP A 99 -18.87 -15.43 7.55
CA ASP A 99 -20.25 -15.36 8.03
C ASP A 99 -21.12 -16.42 7.38
N GLY A 100 -20.96 -16.64 6.08
CA GLY A 100 -21.78 -17.60 5.36
C GLY A 100 -20.98 -18.57 4.53
N GLY A 101 -19.83 -18.99 5.04
CA GLY A 101 -18.98 -19.93 4.32
C GLY A 101 -18.82 -21.26 5.05
N LYS A 102 -17.74 -21.97 4.74
CA LYS A 102 -17.46 -23.27 5.35
C LYS A 102 -16.44 -23.17 6.46
N MET A 103 -16.44 -22.07 7.21
CA MET A 103 -15.51 -21.83 8.29
C MET A 103 -16.17 -22.11 9.64
N PRO A 104 -15.38 -22.27 10.72
CA PRO A 104 -13.92 -22.29 10.75
C PRO A 104 -13.31 -23.69 10.86
N LYS A 105 -14.12 -24.67 11.27
CA LYS A 105 -13.61 -26.01 11.54
C LYS A 105 -13.06 -26.65 10.27
N TRP A 106 -13.85 -26.66 9.19
CA TRP A 106 -13.43 -27.33 7.96
C TRP A 106 -12.19 -26.66 7.38
N THR A 107 -12.18 -25.32 7.34
CA THR A 107 -11.03 -24.61 6.78
C THR A 107 -9.79 -24.83 7.63
N ARG A 108 -9.93 -24.85 8.96
CA ARG A 108 -8.79 -25.09 9.82
C ARG A 108 -8.24 -26.49 9.63
N VAL A 109 -9.13 -27.48 9.48
CA VAL A 109 -8.68 -28.85 9.26
C VAL A 109 -7.96 -28.96 7.92
N ILE A 110 -8.49 -28.31 6.88
CA ILE A 110 -7.84 -28.35 5.57
C ILE A 110 -6.47 -27.68 5.65
N LEU A 111 -6.37 -26.56 6.37
CA LEU A 111 -5.09 -25.88 6.50
C LEU A 111 -4.08 -26.75 7.23
N LEU A 112 -4.51 -27.41 8.32
CA LEU A 112 -3.61 -28.29 9.06
C LEU A 112 -3.14 -29.44 8.18
N ASN A 113 -4.06 -30.05 7.43
CA ASN A 113 -3.68 -31.16 6.56
C ASN A 113 -2.70 -30.70 5.49
N TRP A 114 -2.95 -29.54 4.88
CA TRP A 114 -2.04 -29.04 3.85
C TRP A 114 -0.67 -28.73 4.42
N CYS A 115 -0.62 -28.13 5.62
CA CYS A 115 0.66 -27.85 6.24
C CYS A 115 1.41 -29.13 6.55
N ALA A 116 0.71 -30.14 7.07
CA ALA A 116 1.37 -31.41 7.39
C ALA A 116 1.88 -32.09 6.13
N TRP A 117 1.14 -31.99 5.03
CA TRP A 117 1.53 -32.66 3.80
C TRP A 117 2.59 -31.88 3.01
N PHE A 118 2.73 -30.58 3.25
CA PHE A 118 3.70 -29.76 2.53
C PHE A 118 5.00 -29.56 3.29
N LEU A 119 4.92 -29.08 4.54
CA LEU A 119 6.14 -28.80 5.30
C LEU A 119 6.87 -30.08 5.68
N ARG A 120 6.12 -31.13 6.04
CA ARG A 120 6.71 -32.39 6.44
C ARG A 120 6.70 -33.44 5.34
N MET A 121 5.67 -33.46 4.49
CA MET A 121 5.57 -34.42 3.41
C MET A 121 5.61 -35.85 3.96
N LYS A 122 4.59 -36.18 4.75
CA LYS A 122 4.50 -37.50 5.37
C LYS A 122 4.69 -38.59 4.33
N ARG A 123 5.68 -39.45 4.56
CA ARG A 123 5.99 -40.56 3.67
C ARG A 123 6.97 -41.51 4.36
N PRO A 124 7.17 -42.72 3.83
CA PRO A 124 8.10 -43.64 4.49
C PRO A 124 9.50 -43.06 4.67
N GLY A 125 10.06 -42.46 3.62
CA GLY A 125 11.40 -41.91 3.72
C GLY A 125 11.54 -40.84 4.79
N GLU A 126 10.44 -40.15 5.09
CA GLU A 126 10.44 -39.12 6.12
C GLU A 126 9.83 -39.58 7.44
N ASP A 127 9.02 -40.63 7.41
CA ASP A 127 8.39 -41.14 8.63
C ASP A 127 9.28 -42.12 9.38
N LYS A 128 10.11 -42.89 8.66
CA LYS A 128 10.97 -43.86 9.32
C LYS A 128 12.26 -43.23 9.82
N VAL A 129 12.74 -42.17 9.16
CA VAL A 129 13.98 -41.51 9.55
C VAL A 129 13.59 -40.42 10.54
N ARG A 130 13.48 -40.79 11.81
CA ARG A 130 13.14 -39.87 12.88
C ARG A 130 13.25 -40.61 14.21
N PRO A 131 13.44 -39.89 15.31
CA PRO A 131 13.51 -40.54 16.62
C PRO A 131 12.22 -41.29 16.93
N ALA A 132 12.35 -42.56 17.27
CA ALA A 132 11.19 -43.39 17.59
C ALA A 132 11.62 -44.45 18.60
N CYS A 133 10.78 -44.65 19.61
CA CYS A 133 11.05 -45.64 20.65
C CYS A 133 9.75 -45.97 21.36
N GLN A 134 9.80 -46.98 22.23
CA GLN A 134 8.66 -47.41 23.02
C GLN A 134 8.67 -46.82 24.43
N HIS A 135 9.28 -45.66 24.61
CA HIS A 135 9.34 -45.03 25.91
C HIS A 135 8.04 -44.31 26.22
N LYS A 136 7.85 -43.99 27.51
CA LYS A 136 6.64 -43.30 27.93
C LYS A 136 6.50 -41.93 27.28
N GLN A 137 7.62 -41.33 26.87
CA GLN A 137 7.56 -40.01 26.25
C GLN A 137 6.86 -40.04 24.89
N ARG A 138 6.72 -41.21 24.28
CA ARG A 138 6.05 -41.35 23.00
C ARG A 138 4.65 -41.94 23.10
N ARG A 139 4.19 -42.24 24.32
CA ARG A 139 2.87 -42.81 24.52
C ARG A 139 1.84 -41.68 24.66
N CYS A 140 0.57 -42.07 24.84
CA CYS A 140 -0.53 -41.14 24.99
C CYS A 140 -1.09 -41.22 26.40
N SER A 141 -1.92 -40.23 26.74
CA SER A 141 -2.54 -40.16 28.05
C SER A 141 -3.92 -39.51 27.89
N LEU A 142 -4.59 -39.32 29.03
CA LEU A 142 -5.92 -38.71 29.01
C LEU A 142 -5.88 -37.25 28.57
N ALA A 143 -4.72 -36.62 28.58
CA ALA A 143 -4.59 -35.21 28.18
C ALA A 143 -4.37 -35.06 26.68
N SER A 144 -4.29 -36.16 25.93
CA SER A 144 -4.07 -36.10 24.49
C SER A 144 -5.23 -36.67 23.67
N VAL A 145 -6.07 -37.51 24.27
CA VAL A 145 -7.20 -38.09 23.55
C VAL A 145 -8.16 -36.97 23.15
N GLU A 146 -8.30 -36.74 21.85
CA GLU A 146 -9.17 -35.69 21.32
C GLU A 146 -10.60 -36.17 21.10
N MET A 147 -10.97 -37.33 21.64
CA MET A 147 -12.33 -37.84 21.46
C MET A 147 -13.36 -36.97 22.18
N SER A 148 -12.95 -36.21 23.20
CA SER A 148 -13.86 -35.34 23.95
C SER A 148 -13.36 -33.90 23.97
N ALA A 149 -12.47 -33.53 23.06
CA ALA A 149 -11.93 -32.17 22.97
C ALA A 149 -11.29 -31.76 24.31
N VAL A 150 -10.33 -32.58 24.75
CA VAL A 150 -9.61 -32.32 25.98
C VAL A 150 -8.55 -31.26 25.74
N ALA A 151 -8.01 -30.70 26.81
CA ALA A 151 -6.96 -29.70 26.70
C ALA A 151 -5.75 -30.28 25.96
N PRO A 152 -5.39 -29.76 24.79
CA PRO A 152 -4.22 -30.29 24.07
C PRO A 152 -2.96 -30.16 24.91
N PRO A 153 -1.88 -30.83 24.53
CA PRO A 153 -0.63 -30.71 25.29
C PRO A 153 -0.15 -29.28 25.35
N PRO A 154 -0.02 -28.71 26.55
CA PRO A 154 0.48 -27.33 26.66
C PRO A 154 1.86 -27.19 26.02
N ALA A 155 1.93 -26.38 24.97
CA ALA A 155 3.17 -26.16 24.25
C ALA A 155 3.16 -24.75 23.67
N SER A 156 4.33 -24.29 23.26
CA SER A 156 4.49 -22.96 22.68
C SER A 156 4.19 -22.92 21.19
N ASN A 157 3.74 -24.03 20.60
CA ASN A 157 3.42 -24.09 19.19
C ASN A 157 1.97 -23.72 18.89
N GLY A 158 1.30 -23.05 19.81
CA GLY A 158 -0.07 -22.65 19.65
C GLY A 158 -1.06 -23.29 20.62
N ASN A 159 -0.59 -23.81 21.75
CA ASN A 159 -1.46 -24.45 22.74
C ASN A 159 -1.40 -23.79 24.10
N LEU A 160 -0.21 -23.36 24.55
CA LEU A 160 -0.08 -22.72 25.85
C LEU A 160 -0.54 -21.27 25.80
N LEU A 161 -0.10 -20.53 24.77
CA LEU A 161 -0.50 -19.14 24.63
C LEU A 161 -1.90 -18.97 24.08
N TYR A 162 -2.44 -20.00 23.41
CA TYR A 162 -3.78 -19.91 22.85
C TYR A 162 -4.82 -19.79 23.95
N ILE A 163 -4.90 -20.79 24.83
CA ILE A 163 -5.88 -20.79 25.91
C ILE A 163 -5.70 -19.58 26.83
N GLY A 164 -4.50 -19.00 26.86
CA GLY A 164 -4.29 -17.83 27.70
C GLY A 164 -5.23 -16.69 27.37
N PHE A 165 -5.32 -16.34 26.08
CA PHE A 165 -6.17 -15.25 25.63
C PHE A 165 -7.52 -15.72 25.12
N ARG A 166 -7.70 -17.02 24.87
CA ARG A 166 -8.96 -17.56 24.38
C ARG A 166 -9.61 -18.53 25.37
N GLY A 167 -9.12 -18.59 26.60
CA GLY A 167 -9.67 -19.49 27.60
C GLY A 167 -10.55 -18.79 28.60
N LEU A 168 -11.37 -17.85 28.14
CA LEU A 168 -12.26 -17.11 29.03
C LEU A 168 -13.11 -18.09 29.84
N ASP A 169 -13.40 -17.70 31.08
CA ASP A 169 -14.18 -18.50 32.02
C ASP A 169 -13.49 -19.81 32.40
N GLY A 170 -12.22 -19.96 32.05
CA GLY A 170 -11.47 -21.16 32.35
C GLY A 170 -10.50 -20.96 33.51
N VAL A 171 -9.36 -21.65 33.43
CA VAL A 171 -8.36 -21.56 34.49
C VAL A 171 -7.62 -20.23 34.43
N HIS A 172 -7.60 -19.56 33.28
CA HIS A 172 -6.87 -18.30 33.14
C HIS A 172 -7.62 -17.15 33.80
N CYS A 173 -8.96 -17.17 33.77
CA CYS A 173 -9.75 -16.09 34.34
C CYS A 173 -10.02 -16.28 35.83
N VAL A 174 -9.92 -17.51 36.34
CA VAL A 174 -10.16 -17.78 37.77
C VAL A 174 -9.13 -18.80 38.24
N PRO A 175 -7.84 -18.47 38.23
CA PRO A 175 -6.83 -19.43 38.68
C PRO A 175 -6.82 -19.57 40.19
N THR A 176 -7.88 -20.15 40.75
CA THR A 176 -8.02 -20.34 42.20
C THR A 176 -8.58 -21.72 42.45
N PRO A 177 -7.75 -22.76 42.32
CA PRO A 177 -8.24 -24.12 42.57
C PRO A 177 -8.75 -24.28 44.00
N ASP A 178 -9.51 -25.36 44.20
CA ASP A 178 -10.09 -25.66 45.51
C ASP A 178 -9.00 -26.24 46.42
N SER A 179 -8.08 -25.37 46.81
CA SER A 179 -6.97 -25.74 47.69
C SER A 179 -6.88 -24.86 48.93
N GLY A 180 -7.21 -23.57 48.81
CA GLY A 180 -7.15 -22.67 49.95
C GLY A 180 -5.80 -22.03 50.19
N VAL A 181 -4.95 -21.95 49.17
CA VAL A 181 -3.63 -21.34 49.34
C VAL A 181 -3.77 -19.91 49.82
N VAL A 182 -4.84 -19.21 49.41
CA VAL A 182 -5.06 -17.84 49.83
C VAL A 182 -5.06 -17.71 51.35
N CYS A 183 -5.34 -18.80 52.07
CA CYS A 183 -5.33 -18.80 53.52
C CYS A 183 -4.25 -19.71 54.10
N GLY A 184 -3.43 -20.34 53.26
CA GLY A 184 -2.39 -21.22 53.73
C GLY A 184 -1.02 -20.86 53.20
N ARG A 185 -0.98 -20.08 52.11
CA ARG A 185 0.26 -19.67 51.48
C ARG A 185 0.60 -18.23 51.86
N MET A 186 1.88 -17.91 51.80
CA MET A 186 2.38 -16.58 52.13
C MET A 186 3.14 -15.92 50.99
N ALA A 187 3.74 -16.69 50.10
CA ALA A 187 4.49 -16.12 48.98
C ALA A 187 3.52 -15.46 48.00
N CYS A 188 3.51 -14.13 47.99
CA CYS A 188 2.62 -13.37 47.10
C CYS A 188 1.16 -13.74 47.34
N SER A 189 0.81 -14.03 48.59
CA SER A 189 -0.54 -14.41 48.95
C SER A 189 -0.81 -14.09 50.41
N PRO A 190 -1.34 -12.90 50.71
CA PRO A 190 -1.64 -12.57 52.12
C PRO A 190 -2.58 -13.60 52.73
N THR A 191 -2.28 -13.99 53.97
CA THR A 191 -3.07 -14.97 54.71
C THR A 191 -4.35 -14.30 55.23
N HIS A 192 -5.25 -14.03 54.29
CA HIS A 192 -6.54 -13.40 54.59
C HIS A 192 -6.38 -12.22 55.55
N ASP A 193 -5.27 -11.50 55.43
CA ASP A 193 -5.00 -10.35 56.30
C ASP A 193 -5.69 -9.12 55.70
N GLU A 194 -6.85 -8.76 56.27
CA GLU A 194 -7.60 -7.61 55.78
C GLU A 194 -7.08 -6.29 56.34
N HIS A 195 -6.27 -6.34 57.40
CA HIS A 195 -5.72 -5.14 58.02
C HIS A 195 -4.33 -4.80 57.51
N LEU A 196 -3.87 -5.45 56.44
CA LEU A 196 -2.55 -5.18 55.89
C LEU A 196 -2.55 -3.82 55.21
N LEU A 197 -1.92 -2.84 55.83
CA LEU A 197 -1.85 -1.48 55.31
C LEU A 197 -0.43 -1.18 54.84
N HIS A 198 -0.34 -0.27 53.87
CA HIS A 198 0.95 0.14 53.31
C HIS A 198 1.63 1.11 54.29
N GLY A 199 2.18 0.54 55.35
CA GLY A 199 2.84 1.34 56.36
C GLY A 199 1.94 2.36 57.01
N GLY A 200 0.70 1.98 57.33
CA GLY A 200 -0.26 2.86 57.94
C GLY A 200 -1.26 3.46 56.98
N GLN A 201 -1.05 3.31 55.68
CA GLN A 201 -1.95 3.84 54.66
C GLN A 201 -2.52 2.71 53.82
N PRO A 202 -3.61 2.93 53.11
CA PRO A 202 -4.19 1.88 52.27
C PRO A 202 -3.20 1.40 51.24
N PRO A 203 -3.43 0.21 50.65
CA PRO A 203 -2.51 -0.33 49.63
C PRO A 203 -2.73 0.24 48.24
N GLU A 204 -2.81 1.56 48.15
CA GLU A 204 -3.01 2.24 46.87
C GLU A 204 -2.65 3.70 47.04
N GLY A 205 -1.80 4.21 46.14
CA GLY A 205 -1.38 5.59 46.20
C GLY A 205 -2.38 6.54 45.57
N ASP A 206 -2.91 6.17 44.41
CA ASP A 206 -3.86 7.01 43.69
C ASP A 206 -4.76 6.14 42.83
N PRO A 207 -6.09 6.22 43.00
CA PRO A 207 -6.98 5.41 42.14
C PRO A 207 -6.78 5.68 40.65
N ASP A 208 -6.22 6.83 40.28
CA ASP A 208 -5.99 7.11 38.86
C ASP A 208 -5.05 6.08 38.24
N LEU A 209 -4.20 5.45 39.04
CA LEU A 209 -3.32 4.41 38.52
C LEU A 209 -4.12 3.24 37.98
N ALA A 210 -5.23 2.89 38.63
CA ALA A 210 -6.08 1.81 38.13
C ALA A 210 -6.67 2.16 36.78
N LYS A 211 -7.11 3.41 36.60
CA LYS A 211 -7.66 3.82 35.31
C LYS A 211 -6.58 3.84 34.24
N ILE A 212 -5.37 4.27 34.60
CA ILE A 212 -4.26 4.26 33.64
C ILE A 212 -3.96 2.83 33.21
N LEU A 213 -3.93 1.90 34.16
CA LEU A 213 -3.68 0.50 33.84
C LEU A 213 -4.79 -0.06 32.95
N GLU A 214 -6.04 0.30 33.24
CA GLU A 214 -7.16 -0.18 32.42
C GLU A 214 -7.05 0.35 31.00
N GLU A 215 -6.68 1.62 30.84
CA GLU A 215 -6.56 2.19 29.50
C GLU A 215 -5.38 1.56 28.75
N VAL A 216 -4.28 1.30 29.45
CA VAL A 216 -3.14 0.64 28.82
C VAL A 216 -3.51 -0.76 28.38
N ARG A 217 -4.29 -1.48 29.21
CA ARG A 217 -4.75 -2.81 28.83
C ARG A 217 -5.70 -2.75 27.64
N TYR A 218 -6.53 -1.71 27.58
CA TYR A 218 -7.41 -1.53 26.43
C TYR A 218 -6.60 -1.29 25.16
N ILE A 219 -5.52 -0.50 25.26
CA ILE A 219 -4.66 -0.27 24.10
C ILE A 219 -3.98 -1.57 23.69
N ALA A 220 -3.54 -2.36 24.67
CA ALA A 220 -2.93 -3.64 24.37
C ALA A 220 -3.92 -4.57 23.67
N ASN A 221 -5.17 -4.55 24.11
CA ASN A 221 -6.21 -5.36 23.47
C ASN A 221 -6.48 -4.86 22.05
N ARG A 222 -6.44 -3.55 21.85
CA ARG A 222 -6.61 -3.00 20.50
C ARG A 222 -5.48 -3.46 19.58
N PHE A 223 -4.25 -3.48 20.10
CA PHE A 223 -3.14 -3.99 19.29
C PHE A 223 -3.28 -5.49 19.03
N ARG A 224 -3.73 -6.24 20.03
CA ARG A 224 -3.95 -7.67 19.84
C ARG A 224 -5.06 -7.92 18.82
N CYS A 225 -6.02 -7.01 18.70
CA CYS A 225 -7.04 -7.13 17.67
C CYS A 225 -6.43 -7.05 16.28
N GLN A 226 -5.52 -6.10 16.05
CA GLN A 226 -4.82 -6.02 14.77
C GLN A 226 -3.94 -7.24 14.55
N ASP A 227 -3.31 -7.74 15.62
CA ASP A 227 -2.50 -8.94 15.49
C ASP A 227 -3.36 -10.13 15.05
N GLU A 228 -4.55 -10.27 15.64
CA GLU A 228 -5.44 -11.37 15.27
C GLU A 228 -5.97 -11.18 13.85
N SER A 229 -6.20 -9.93 13.44
CA SER A 229 -6.61 -9.68 12.06
C SER A 229 -5.51 -10.09 11.09
N GLU A 230 -4.26 -9.79 11.42
CA GLU A 230 -3.15 -10.20 10.57
C GLU A 230 -3.02 -11.73 10.54
N ALA A 231 -3.26 -12.38 11.69
CA ALA A 231 -3.21 -13.83 11.73
C ALA A 231 -4.31 -14.44 10.85
N VAL A 232 -5.50 -13.86 10.89
CA VAL A 232 -6.59 -14.35 10.05
C VAL A 232 -6.28 -14.11 8.58
N CYS A 233 -5.65 -12.97 8.27
CA CYS A 233 -5.24 -12.71 6.90
C CYS A 233 -4.22 -13.75 6.42
N SER A 234 -3.28 -14.12 7.30
CA SER A 234 -2.30 -15.15 6.95
C SER A 234 -2.97 -16.50 6.76
N GLU A 235 -3.95 -16.82 7.62
CA GLU A 235 -4.69 -18.07 7.46
C GLU A 235 -5.45 -18.11 6.13
N TRP A 236 -6.06 -16.99 5.75
CA TRP A 236 -6.74 -16.93 4.46
C TRP A 236 -5.75 -17.03 3.31
N LYS A 237 -4.56 -16.44 3.47
CA LYS A 237 -3.53 -16.56 2.45
C LYS A 237 -3.11 -18.02 2.28
N PHE A 238 -2.98 -18.74 3.39
CA PHE A 238 -2.64 -20.17 3.31
C PHE A 238 -3.77 -20.97 2.68
N ALA A 239 -5.02 -20.63 3.01
CA ALA A 239 -6.16 -21.32 2.40
C ALA A 239 -6.18 -21.09 0.89
N ALA A 240 -5.77 -19.89 0.45
CA ALA A 240 -5.70 -19.61 -0.98
C ALA A 240 -4.52 -20.33 -1.63
N CYS A 241 -3.39 -20.39 -0.92
CA CYS A 241 -2.22 -21.10 -1.43
C CYS A 241 -2.46 -22.60 -1.53
N VAL A 242 -3.41 -23.12 -0.76
CA VAL A 242 -3.84 -24.50 -0.97
C VAL A 242 -4.26 -24.71 -2.42
N VAL A 243 -5.05 -23.78 -2.96
CA VAL A 243 -5.48 -23.87 -4.35
C VAL A 243 -4.29 -23.70 -5.30
N ASP A 244 -3.35 -22.83 -4.94
CA ASP A 244 -2.15 -22.66 -5.76
C ASP A 244 -1.36 -23.95 -5.84
N ARG A 245 -1.26 -24.68 -4.74
CA ARG A 245 -0.56 -25.96 -4.73
C ARG A 245 -1.32 -27.01 -5.52
N LEU A 246 -2.64 -27.07 -5.35
CA LEU A 246 -3.44 -27.98 -6.15
C LEU A 246 -3.25 -27.71 -7.64
N CYS A 247 -3.16 -26.43 -8.02
CA CYS A 247 -2.92 -26.09 -9.42
C CYS A 247 -1.52 -26.53 -9.86
N LEU A 248 -0.50 -26.16 -9.10
CA LEU A 248 0.87 -26.58 -9.42
C LEU A 248 0.97 -28.09 -9.54
N MET A 249 0.09 -28.84 -8.88
CA MET A 249 0.12 -30.30 -8.95
C MET A 249 -0.65 -30.84 -10.15
N ALA A 250 -1.81 -30.25 -10.47
CA ALA A 250 -2.66 -30.78 -11.53
C ALA A 250 -2.30 -30.21 -12.91
N PHE A 251 -2.25 -28.88 -13.03
CA PHE A 251 -1.94 -28.25 -14.31
C PHE A 251 -0.54 -28.63 -14.78
N SER A 252 0.37 -28.94 -13.85
CA SER A 252 1.71 -29.35 -14.26
C SER A 252 1.65 -30.68 -15.02
N VAL A 253 0.96 -31.67 -14.45
CA VAL A 253 0.80 -32.95 -15.12
C VAL A 253 0.02 -32.78 -16.42
N PHE A 254 -0.97 -31.89 -16.42
CA PHE A 254 -1.73 -31.64 -17.64
C PHE A 254 -0.84 -31.09 -18.74
N THR A 255 0.01 -30.12 -18.41
CA THR A 255 0.92 -29.54 -19.40
C THR A 255 1.95 -30.58 -19.86
N ILE A 256 2.40 -31.44 -18.95
CA ILE A 256 3.34 -32.50 -19.34
C ILE A 256 2.68 -33.43 -20.35
N ILE A 257 1.43 -33.83 -20.08
CA ILE A 257 0.72 -34.72 -20.98
C ILE A 257 0.49 -34.03 -22.33
N CYS A 258 0.16 -32.74 -22.30
CA CYS A 258 -0.06 -32.01 -23.55
C CYS A 258 1.22 -31.91 -24.37
N THR A 259 2.35 -31.66 -23.72
CA THR A 259 3.62 -31.59 -24.43
C THR A 259 4.03 -32.95 -24.97
N ILE A 260 3.71 -34.03 -24.25
CA ILE A 260 4.01 -35.36 -24.75
C ILE A 260 3.14 -35.68 -25.96
N GLY A 261 1.87 -35.28 -25.92
CA GLY A 261 0.98 -35.53 -27.03
C GLY A 261 1.36 -34.74 -28.27
N ILE A 262 1.71 -33.46 -28.09
CA ILE A 262 2.11 -32.63 -29.22
C ILE A 262 3.31 -33.23 -29.93
N LEU A 263 4.19 -33.91 -29.18
CA LEU A 263 5.34 -34.56 -29.80
C LEU A 263 4.96 -35.90 -30.42
N MET A 264 4.05 -36.63 -29.79
CA MET A 264 3.63 -37.92 -30.32
C MET A 264 2.56 -37.78 -31.40
N SER A 265 1.75 -36.73 -31.33
CA SER A 265 0.68 -36.51 -32.29
C SER A 265 1.05 -35.49 -33.36
N ALA A 266 2.34 -35.18 -33.51
CA ALA A 266 2.77 -34.22 -34.52
C ALA A 266 2.47 -34.69 -35.94
N PRO A 267 2.69 -35.94 -36.31
CA PRO A 267 2.38 -36.37 -37.69
C PRO A 267 0.93 -36.15 -38.09
N ASN A 268 0.00 -36.10 -37.13
CA ASN A 268 -1.40 -35.91 -37.45
C ASN A 268 -1.62 -34.56 -38.14
N PHE A 269 -1.12 -33.48 -37.53
CA PHE A 269 -1.26 -32.13 -38.08
C PHE A 269 0.04 -31.63 -38.69
N VAL A 270 1.14 -31.66 -37.94
CA VAL A 270 2.42 -31.20 -38.45
C VAL A 270 3.01 -32.22 -39.40
N LEU B 7 19.96 1.82 -44.73
CA LEU B 7 18.71 1.17 -45.11
C LEU B 7 17.74 1.11 -43.94
N TYR B 8 16.48 1.51 -44.19
CA TYR B 8 15.49 1.50 -43.14
C TYR B 8 15.12 0.09 -42.72
N TYR B 9 15.18 -0.87 -43.65
CA TYR B 9 14.83 -2.25 -43.31
C TYR B 9 15.73 -2.80 -42.23
N GLY B 10 17.03 -2.52 -42.31
CA GLY B 10 17.95 -3.02 -41.30
C GLY B 10 17.77 -2.35 -39.96
N LEU B 11 17.57 -1.03 -39.96
CA LEU B 11 17.40 -0.31 -38.71
C LEU B 11 16.10 -0.71 -38.02
N ASN B 12 15.04 -0.97 -38.79
CA ASN B 12 13.76 -1.34 -38.20
C ASN B 12 13.87 -2.61 -37.37
N LEU B 13 14.80 -3.50 -37.72
CA LEU B 13 15.04 -4.72 -36.97
C LEU B 13 16.17 -4.61 -35.97
N LEU B 14 17.10 -3.66 -36.17
CA LEU B 14 18.22 -3.51 -35.24
C LEU B 14 17.82 -2.71 -34.01
N ILE B 15 17.05 -1.64 -34.18
CA ILE B 15 16.69 -0.79 -33.06
C ILE B 15 15.86 -1.53 -32.02
N PRO B 16 14.80 -2.25 -32.38
CA PRO B 16 14.01 -2.95 -31.35
C PRO B 16 14.80 -4.00 -30.60
N CYS B 17 15.72 -4.69 -31.28
CA CYS B 17 16.52 -5.72 -30.62
C CYS B 17 17.35 -5.11 -29.48
N VAL B 18 18.14 -4.10 -29.79
CA VAL B 18 18.98 -3.46 -28.79
C VAL B 18 18.11 -2.78 -27.74
N LEU B 19 16.96 -2.25 -28.14
CA LEU B 19 16.06 -1.61 -27.18
C LEU B 19 15.59 -2.61 -26.13
N ILE B 20 15.13 -3.78 -26.57
CA ILE B 20 14.68 -4.81 -25.64
C ILE B 20 15.85 -5.33 -24.82
N SER B 21 17.02 -5.46 -25.43
CA SER B 21 18.19 -5.95 -24.71
C SER B 21 18.57 -4.99 -23.59
N ALA B 22 18.44 -3.69 -23.81
CA ALA B 22 18.74 -2.71 -22.78
C ALA B 22 17.63 -2.65 -21.74
N LEU B 23 16.37 -2.80 -22.17
CA LEU B 23 15.25 -2.77 -21.23
C LEU B 23 15.33 -3.94 -20.26
N ALA B 24 15.71 -5.13 -20.75
CA ALA B 24 15.85 -6.28 -19.87
C ALA B 24 16.90 -6.02 -18.79
N LEU B 25 18.05 -5.47 -19.18
CA LEU B 25 19.09 -5.18 -18.21
C LEU B 25 18.67 -4.11 -17.23
N LEU B 26 17.96 -3.07 -17.71
CA LEU B 26 17.49 -2.02 -16.82
C LEU B 26 16.49 -2.57 -15.82
N VAL B 27 15.65 -3.51 -16.24
CA VAL B 27 14.69 -4.12 -15.32
C VAL B 27 15.41 -4.99 -14.31
N PHE B 28 16.36 -5.81 -14.77
CA PHE B 28 17.10 -6.66 -13.85
C PHE B 28 17.95 -5.85 -12.87
N LEU B 29 18.35 -4.64 -13.23
CA LEU B 29 19.16 -3.83 -12.34
C LEU B 29 18.38 -3.38 -11.10
N LEU B 30 17.07 -3.20 -11.24
CA LEU B 30 16.26 -2.75 -10.13
C LEU B 30 16.32 -3.75 -8.97
N PRO B 31 16.04 -3.30 -7.76
CA PRO B 31 16.08 -4.20 -6.59
C PRO B 31 14.85 -5.11 -6.57
N ALA B 32 14.78 -5.92 -5.52
CA ALA B 32 13.68 -6.87 -5.34
C ALA B 32 12.46 -6.11 -4.83
N ASP B 33 11.63 -5.65 -5.75
CA ASP B 33 10.38 -4.96 -5.44
C ASP B 33 9.22 -5.90 -5.75
N SER B 34 8.53 -6.34 -4.71
CA SER B 34 7.45 -7.31 -4.89
C SER B 34 6.38 -6.78 -5.84
N GLY B 35 6.01 -5.51 -5.70
CA GLY B 35 4.94 -4.94 -6.48
C GLY B 35 5.39 -4.27 -7.76
N GLU B 36 6.65 -3.91 -7.85
CA GLU B 36 7.19 -3.19 -9.01
C GLU B 36 8.07 -4.04 -9.90
N LYS B 37 8.96 -4.85 -9.33
CA LYS B 37 9.88 -5.65 -10.14
C LYS B 37 9.12 -6.47 -11.17
N ILE B 38 7.96 -7.02 -10.80
CA ILE B 38 7.18 -7.81 -11.73
C ILE B 38 6.44 -6.93 -12.72
N SER B 39 5.97 -5.76 -12.26
CA SER B 39 5.19 -4.87 -13.12
C SER B 39 5.90 -4.64 -14.46
N LEU B 40 7.22 -4.52 -14.44
CA LEU B 40 7.97 -4.38 -15.68
C LEU B 40 8.08 -5.74 -16.39
N GLY B 41 8.55 -6.76 -15.66
CA GLY B 41 8.77 -8.05 -16.28
C GLY B 41 7.58 -8.56 -17.07
N ILE B 42 6.37 -8.15 -16.68
CA ILE B 42 5.18 -8.55 -17.43
C ILE B 42 5.19 -7.90 -18.81
N THR B 43 5.20 -6.57 -18.85
CA THR B 43 5.11 -5.87 -20.14
C THR B 43 6.30 -6.19 -21.01
N VAL B 44 7.49 -6.37 -20.41
CA VAL B 44 8.68 -6.72 -21.18
C VAL B 44 8.40 -7.95 -22.04
N LEU B 45 7.51 -8.83 -21.59
CA LEU B 45 7.11 -9.97 -22.41
C LEU B 45 6.10 -9.55 -23.47
N LEU B 46 5.05 -8.85 -23.06
CA LEU B 46 4.02 -8.43 -24.01
C LEU B 46 4.62 -7.57 -25.13
N SER B 47 5.51 -6.65 -24.78
CA SER B 47 6.13 -5.80 -25.78
C SER B 47 6.82 -6.63 -26.86
N LEU B 48 7.23 -7.86 -26.54
CA LEU B 48 7.85 -8.72 -27.52
C LEU B 48 6.83 -9.37 -28.44
N THR B 49 5.67 -9.76 -27.89
CA THR B 49 4.65 -10.43 -28.69
C THR B 49 4.27 -9.58 -29.90
N VAL B 50 4.00 -8.29 -29.67
CA VAL B 50 3.66 -7.40 -30.77
C VAL B 50 4.76 -7.41 -31.82
N PHE B 51 6.02 -7.42 -31.39
CA PHE B 51 7.13 -7.46 -32.33
C PHE B 51 7.06 -8.71 -33.22
N MET B 52 6.58 -9.82 -32.67
CA MET B 52 6.48 -11.04 -33.47
C MET B 52 5.59 -10.82 -34.69
N LEU B 53 4.67 -9.86 -34.62
CA LEU B 53 3.84 -9.55 -35.78
C LEU B 53 4.64 -8.78 -36.83
N LEU B 54 5.48 -7.84 -36.40
CA LEU B 54 6.27 -7.06 -37.34
C LEU B 54 7.16 -7.96 -38.19
N VAL B 55 7.81 -8.95 -37.56
CA VAL B 55 8.66 -9.89 -38.29
C VAL B 55 7.86 -10.99 -38.98
N ALA B 56 6.53 -10.97 -38.87
CA ALA B 56 5.70 -11.98 -39.49
C ALA B 56 5.31 -11.64 -40.93
N GLU B 57 5.32 -10.37 -41.30
CA GLU B 57 4.96 -9.94 -42.65
C GLU B 57 6.20 -9.73 -43.53
N ILE B 58 7.19 -8.98 -43.04
CA ILE B 58 8.38 -8.73 -43.84
C ILE B 58 9.16 -10.03 -44.06
N MET B 59 9.05 -10.98 -43.13
CA MET B 59 9.75 -12.26 -43.23
C MET B 59 8.70 -13.38 -43.20
N PRO B 60 8.12 -13.73 -44.35
CA PRO B 60 7.13 -14.80 -44.37
C PRO B 60 7.71 -16.10 -43.82
N SER B 61 7.01 -16.69 -42.85
CA SER B 61 7.49 -17.93 -42.24
C SER B 61 7.40 -19.09 -43.21
N THR B 62 6.46 -19.04 -44.16
CA THR B 62 6.30 -20.12 -45.13
C THR B 62 7.36 -20.10 -46.22
N SER B 63 8.13 -19.02 -46.34
CA SER B 63 9.17 -18.89 -47.35
C SER B 63 10.56 -18.73 -46.77
N ASP B 64 10.71 -17.94 -45.71
CA ASP B 64 12.02 -17.70 -45.09
C ASP B 64 12.23 -18.74 -44.00
N SER B 65 12.57 -19.96 -44.44
CA SER B 65 12.84 -21.07 -43.53
C SER B 65 14.33 -21.19 -43.27
N SER B 66 14.85 -20.18 -42.56
CA SER B 66 16.26 -20.12 -42.23
C SER B 66 16.45 -20.53 -40.78
N PRO B 67 17.22 -21.59 -40.48
CA PRO B 67 17.39 -21.99 -39.08
C PRO B 67 18.25 -21.04 -38.27
N SER B 68 19.05 -20.19 -38.93
CA SER B 68 19.89 -19.24 -38.19
C SER B 68 19.03 -18.15 -37.55
N ILE B 69 18.24 -17.45 -38.37
CA ILE B 69 17.35 -16.42 -37.83
C ILE B 69 16.32 -17.03 -36.90
N ALA B 70 15.86 -18.25 -37.20
CA ALA B 70 14.91 -18.92 -36.32
C ALA B 70 15.54 -19.19 -34.95
N GLN B 71 16.76 -19.71 -34.93
CA GLN B 71 17.44 -19.96 -33.66
C GLN B 71 17.71 -18.66 -32.92
N TYR B 72 18.06 -17.59 -33.64
CA TYR B 72 18.28 -16.30 -32.99
C TYR B 72 17.00 -15.79 -32.34
N PHE B 73 15.88 -15.87 -33.06
CA PHE B 73 14.61 -15.44 -32.50
C PHE B 73 14.20 -16.30 -31.30
N ALA B 74 14.47 -17.60 -31.37
CA ALA B 74 14.17 -18.48 -30.24
C ALA B 74 14.99 -18.09 -29.02
N SER B 75 16.28 -17.84 -29.22
CA SER B 75 17.14 -17.43 -28.10
C SER B 75 16.68 -16.10 -27.52
N THR B 76 16.29 -15.15 -28.39
CA THR B 76 15.81 -13.87 -27.90
C THR B 76 14.52 -14.04 -27.09
N MET B 77 13.59 -14.86 -27.58
CA MET B 77 12.36 -15.09 -26.86
C MET B 77 12.63 -15.77 -25.51
N ILE B 78 13.58 -16.69 -25.48
CA ILE B 78 13.91 -17.36 -24.22
C ILE B 78 14.53 -16.37 -23.24
N ILE B 79 15.41 -15.49 -23.72
CA ILE B 79 16.02 -14.49 -22.86
C ILE B 79 14.97 -13.51 -22.34
N VAL B 80 13.98 -13.19 -23.16
CA VAL B 80 12.93 -12.27 -22.71
C VAL B 80 11.99 -12.96 -21.72
N GLY B 81 11.73 -14.25 -21.90
CA GLY B 81 10.89 -14.97 -20.98
C GLY B 81 11.55 -15.26 -19.66
N LEU B 82 12.88 -15.38 -19.65
CA LEU B 82 13.60 -15.56 -18.40
C LEU B 82 13.38 -14.39 -17.44
N SER B 83 12.95 -13.24 -17.95
CA SER B 83 12.60 -12.13 -17.06
C SER B 83 11.49 -12.52 -16.10
N VAL B 84 10.44 -13.17 -16.62
CA VAL B 84 9.34 -13.61 -15.75
C VAL B 84 9.84 -14.61 -14.73
N VAL B 85 10.74 -15.51 -15.15
CA VAL B 85 11.26 -16.52 -14.24
C VAL B 85 12.03 -15.86 -13.09
N VAL B 86 12.91 -14.92 -13.43
CA VAL B 86 13.72 -14.28 -12.40
C VAL B 86 12.85 -13.43 -11.49
N THR B 87 11.83 -12.78 -12.04
CA THR B 87 10.93 -11.99 -11.21
C THR B 87 10.14 -12.88 -10.26
N VAL B 88 9.67 -14.04 -10.74
CA VAL B 88 8.94 -14.96 -9.88
C VAL B 88 9.86 -15.49 -8.78
N ILE B 89 11.11 -15.77 -9.12
CA ILE B 89 12.07 -16.24 -8.11
C ILE B 89 12.31 -15.15 -7.07
N VAL B 90 12.44 -13.90 -7.51
CA VAL B 90 12.65 -12.79 -6.60
C VAL B 90 11.47 -12.65 -5.65
N LEU B 91 10.24 -12.75 -6.20
CA LEU B 91 9.06 -12.63 -5.35
C LEU B 91 8.97 -13.79 -4.36
N GLN B 92 9.28 -15.00 -4.80
CA GLN B 92 9.25 -16.15 -3.91
C GLN B 92 10.27 -15.99 -2.79
N TYR B 93 11.46 -15.49 -3.10
CA TYR B 93 12.47 -15.26 -2.07
C TYR B 93 12.05 -14.14 -1.13
N HIS B 94 11.38 -13.11 -1.64
CA HIS B 94 10.88 -12.05 -0.78
C HIS B 94 9.79 -12.55 0.15
N HIS B 95 9.01 -13.54 -0.30
CA HIS B 95 7.98 -14.18 0.52
C HIS B 95 8.33 -15.64 0.81
N HIS B 96 9.62 -15.91 1.04
CA HIS B 96 10.07 -17.25 1.30
C HIS B 96 9.50 -17.78 2.61
N ASP B 97 9.34 -19.09 2.69
CA ASP B 97 8.82 -19.75 3.89
C ASP B 97 9.97 -20.42 4.62
N PRO B 98 10.35 -19.98 5.81
CA PRO B 98 11.47 -20.61 6.53
C PRO B 98 11.13 -21.93 7.19
N ASP B 99 9.94 -22.50 6.95
CA ASP B 99 9.56 -23.74 7.59
C ASP B 99 10.11 -24.96 6.85
N GLY B 100 10.09 -24.93 5.52
CA GLY B 100 10.55 -26.05 4.73
C GLY B 100 11.54 -25.66 3.65
N GLY B 101 12.42 -24.71 3.96
CA GLY B 101 13.42 -24.26 3.00
C GLY B 101 14.84 -24.51 3.47
N LYS B 102 15.79 -23.75 2.92
CA LYS B 102 17.20 -23.87 3.26
C LYS B 102 17.64 -22.81 4.25
N MET B 103 16.76 -22.42 5.18
CA MET B 103 17.05 -21.40 6.17
C MET B 103 17.37 -22.04 7.51
N PRO B 104 17.99 -21.29 8.44
CA PRO B 104 18.47 -19.92 8.31
C PRO B 104 19.98 -19.80 8.10
N LYS B 105 20.72 -20.86 8.44
CA LYS B 105 22.18 -20.80 8.40
C LYS B 105 22.69 -20.55 6.99
N TRP B 106 22.24 -21.36 6.03
CA TRP B 106 22.74 -21.24 4.66
C TRP B 106 22.39 -19.89 4.07
N THR B 107 21.14 -19.45 4.25
CA THR B 107 20.72 -18.17 3.69
C THR B 107 21.49 -17.02 4.34
N ARG B 108 21.72 -17.09 5.65
CA ARG B 108 22.47 -16.04 6.32
C ARG B 108 23.91 -15.99 5.83
N VAL B 109 24.53 -17.16 5.62
CA VAL B 109 25.90 -17.21 5.11
C VAL B 109 25.95 -16.62 3.71
N ILE B 110 24.98 -16.98 2.86
CA ILE B 110 24.94 -16.45 1.50
C ILE B 110 24.77 -14.94 1.52
N LEU B 111 23.91 -14.43 2.41
CA LEU B 111 23.70 -12.99 2.52
C LEU B 111 24.97 -12.28 2.97
N LEU B 112 25.66 -12.84 3.97
CA LEU B 112 26.90 -12.24 4.44
C LEU B 112 27.95 -12.23 3.33
N ASN B 113 28.08 -13.33 2.59
CA ASN B 113 29.05 -13.38 1.50
C ASN B 113 28.72 -12.36 0.42
N TRP B 114 27.45 -12.26 0.05
CA TRP B 114 27.05 -11.29 -0.97
C TRP B 114 27.31 -9.87 -0.52
N CYS B 115 27.01 -9.56 0.74
CA CYS B 115 27.26 -8.22 1.26
C CYS B 115 28.76 -7.92 1.25
N ALA B 116 29.58 -8.88 1.67
CA ALA B 116 31.03 -8.66 1.68
C ALA B 116 31.56 -8.47 0.27
N TRP B 117 31.03 -9.20 -0.69
CA TRP B 117 31.53 -9.11 -2.07
C TRP B 117 30.97 -7.90 -2.82
N PHE B 118 29.85 -7.33 -2.38
CA PHE B 118 29.24 -6.19 -3.06
C PHE B 118 29.62 -4.86 -2.42
N LEU B 119 29.40 -4.70 -1.12
CA LEU B 119 29.66 -3.42 -0.47
C LEU B 119 31.16 -3.14 -0.40
N ARG B 120 31.97 -4.15 -0.14
CA ARG B 120 33.42 -3.99 -0.03
C ARG B 120 34.16 -4.40 -1.29
N MET B 121 33.68 -5.43 -1.99
CA MET B 121 34.33 -5.90 -3.22
C MET B 121 35.78 -6.31 -2.93
N LYS B 122 35.94 -7.32 -2.10
CA LYS B 122 37.25 -7.80 -1.71
C LYS B 122 38.13 -8.05 -2.93
N ARG B 123 39.28 -7.38 -2.96
CA ARG B 123 40.21 -7.50 -4.07
C ARG B 123 41.54 -6.84 -3.67
N PRO B 124 42.62 -7.08 -4.42
CA PRO B 124 43.90 -6.46 -4.04
C PRO B 124 43.84 -4.96 -3.92
N GLY B 125 43.24 -4.28 -4.92
CA GLY B 125 43.18 -2.83 -4.87
C GLY B 125 42.44 -2.30 -3.66
N GLU B 126 41.51 -3.09 -3.12
CA GLU B 126 40.77 -2.69 -1.93
C GLU B 126 41.26 -3.35 -0.65
N ASP B 127 41.98 -4.47 -0.76
CA ASP B 127 42.50 -5.15 0.41
C ASP B 127 43.84 -4.60 0.86
N LYS B 128 44.67 -4.11 -0.06
CA LYS B 128 45.97 -3.57 0.31
C LYS B 128 45.89 -2.13 0.77
N VAL B 129 44.93 -1.37 0.25
CA VAL B 129 44.77 0.05 0.60
C VAL B 129 43.83 0.09 1.80
N ARG B 130 44.40 -0.08 2.99
CA ARG B 130 43.65 -0.03 4.23
C ARG B 130 44.64 -0.10 5.39
N PRO B 131 44.24 0.38 6.57
CA PRO B 131 45.14 0.30 7.73
C PRO B 131 45.48 -1.15 8.06
N ALA B 132 46.78 -1.43 8.16
CA ALA B 132 47.26 -2.77 8.46
C ALA B 132 48.58 -2.66 9.22
N CYS B 133 48.71 -3.46 10.27
CA CYS B 133 49.92 -3.48 11.08
C CYS B 133 49.95 -4.77 11.88
N GLN B 134 51.09 -5.00 12.54
CA GLN B 134 51.29 -6.18 13.37
C GLN B 134 51.03 -5.91 14.85
N HIS B 135 50.18 -4.94 15.15
CA HIS B 135 49.88 -4.60 16.53
C HIS B 135 48.86 -5.58 17.11
N LYS B 136 48.76 -5.58 18.45
CA LYS B 136 47.83 -6.47 19.12
C LYS B 136 46.39 -6.20 18.73
N GLN B 137 46.09 -4.97 18.30
CA GLN B 137 44.72 -4.63 17.93
C GLN B 137 44.26 -5.36 16.68
N ARG B 138 45.19 -5.92 15.91
CA ARG B 138 44.85 -6.66 14.69
C ARG B 138 44.99 -8.16 14.86
N ARG B 139 45.37 -8.63 16.05
CA ARG B 139 45.52 -10.05 16.30
C ARG B 139 44.18 -10.65 16.76
N CYS B 140 44.19 -11.95 17.01
CA CYS B 140 43.00 -12.68 17.44
C CYS B 140 43.19 -13.17 18.87
N SER B 141 42.08 -13.60 19.47
CA SER B 141 42.08 -14.10 20.83
C SER B 141 41.03 -15.19 20.96
N LEU B 142 40.85 -15.70 22.18
CA LEU B 142 39.88 -16.76 22.42
C LEU B 142 38.45 -16.27 22.23
N ALA B 143 38.21 -14.97 22.22
CA ALA B 143 36.88 -14.41 22.06
C ALA B 143 36.49 -14.23 20.59
N SER B 144 37.39 -14.55 19.65
CA SER B 144 37.12 -14.41 18.23
C SER B 144 37.13 -15.72 17.47
N VAL B 145 37.75 -16.77 18.00
CA VAL B 145 37.80 -18.06 17.33
C VAL B 145 36.39 -18.63 17.25
N GLU B 146 35.87 -18.76 16.03
CA GLU B 146 34.52 -19.26 15.80
C GLU B 146 34.48 -20.77 15.66
N MET B 147 35.55 -21.48 16.03
CA MET B 147 35.57 -22.93 15.93
C MET B 147 34.58 -23.59 16.89
N SER B 148 34.21 -22.89 17.97
CA SER B 148 33.26 -23.43 18.95
C SER B 148 32.07 -22.49 19.17
N ALA B 149 31.84 -21.56 18.24
CA ALA B 149 30.73 -20.62 18.33
C ALA B 149 30.82 -19.82 19.63
N VAL B 150 31.95 -19.14 19.81
CA VAL B 150 32.19 -18.32 20.98
C VAL B 150 31.48 -16.99 20.80
N ALA B 151 31.35 -16.24 21.89
CA ALA B 151 30.70 -14.93 21.84
C ALA B 151 31.46 -14.01 20.88
N PRO B 152 30.86 -13.56 19.78
CA PRO B 152 31.57 -12.66 18.87
C PRO B 152 32.01 -11.40 19.57
N PRO B 153 32.89 -10.62 18.95
CA PRO B 153 33.35 -9.37 19.58
C PRO B 153 32.18 -8.43 19.84
N PRO B 154 31.95 -8.03 21.08
CA PRO B 154 30.85 -7.09 21.35
C PRO B 154 31.03 -5.80 20.55
N ALA B 155 30.07 -5.53 19.67
CA ALA B 155 30.11 -4.34 18.84
C ALA B 155 28.68 -3.91 18.54
N SER B 156 28.55 -2.68 18.05
CA SER B 156 27.25 -2.11 17.72
C SER B 156 26.80 -2.45 16.31
N ASN B 157 27.55 -3.27 15.58
CA ASN B 157 27.20 -3.67 14.23
C ASN B 157 26.35 -4.94 14.19
N GLY B 158 25.72 -5.30 15.29
CA GLY B 158 24.89 -6.49 15.36
C GLY B 158 25.39 -7.57 16.30
N ASN B 159 26.24 -7.24 17.27
CA ASN B 159 26.76 -8.22 18.23
C ASN B 159 26.44 -7.87 19.67
N LEU B 160 26.48 -6.59 20.03
CA LEU B 160 26.18 -6.18 21.40
C LEU B 160 24.68 -6.15 21.65
N LEU B 161 23.92 -5.54 20.73
CA LEU B 161 22.47 -5.47 20.88
C LEU B 161 21.77 -6.77 20.52
N TYR B 162 22.43 -7.65 19.76
CA TYR B 162 21.82 -8.91 19.39
C TYR B 162 21.61 -9.80 20.61
N ILE B 163 22.70 -10.13 21.30
CA ILE B 163 22.61 -11.01 22.47
C ILE B 163 21.73 -10.40 23.56
N GLY B 164 21.57 -9.08 23.56
CA GLY B 164 20.73 -8.44 24.56
C GLY B 164 19.31 -8.97 24.54
N PHE B 165 18.71 -9.03 23.35
CA PHE B 165 17.34 -9.49 23.19
C PHE B 165 17.24 -10.96 22.77
N ARG B 166 18.35 -11.57 22.34
CA ARG B 166 18.35 -12.96 21.91
C ARG B 166 19.24 -13.84 22.79
N GLY B 167 19.72 -13.32 23.92
CA GLY B 167 20.58 -14.08 24.80
C GLY B 167 19.85 -14.63 26.01
N LEU B 168 18.63 -15.12 25.80
CA LEU B 168 17.84 -15.69 26.89
C LEU B 168 18.64 -16.76 27.62
N ASP B 169 18.45 -16.83 28.93
CA ASP B 169 19.13 -17.77 29.81
C ASP B 169 20.64 -17.53 29.87
N GLY B 170 21.11 -16.40 29.36
CA GLY B 170 22.52 -16.06 29.35
C GLY B 170 22.86 -15.03 30.40
N VAL B 171 23.85 -14.19 30.07
CA VAL B 171 24.28 -13.15 31.00
C VAL B 171 23.26 -12.02 31.09
N HIS B 172 22.43 -11.85 30.07
CA HIS B 172 21.45 -10.75 30.08
C HIS B 172 20.27 -11.05 31.00
N CYS B 173 19.87 -12.31 31.13
CA CYS B 173 18.75 -12.67 31.98
C CYS B 173 19.14 -12.90 33.43
N VAL B 174 20.40 -13.20 33.70
CA VAL B 174 20.88 -13.41 35.07
C VAL B 174 22.24 -12.75 35.24
N PRO B 175 22.32 -11.43 35.15
CA PRO B 175 23.62 -10.76 35.32
C PRO B 175 24.06 -10.72 36.77
N THR B 176 24.37 -11.89 37.33
CA THR B 176 24.80 -12.01 38.73
C THR B 176 25.96 -12.98 38.80
N PRO B 177 27.16 -12.54 38.39
CA PRO B 177 28.33 -13.43 38.46
C PRO B 177 28.60 -13.88 39.89
N ASP B 178 29.41 -14.94 39.99
CA ASP B 178 29.76 -15.53 41.28
C ASP B 178 30.82 -14.64 41.95
N SER B 179 30.38 -13.47 42.39
CA SER B 179 31.23 -12.51 43.05
C SER B 179 30.69 -12.06 44.40
N GLY B 180 29.37 -11.95 44.54
CA GLY B 180 28.79 -11.54 45.81
C GLY B 180 28.65 -10.05 45.99
N VAL B 181 28.64 -9.27 44.91
CA VAL B 181 28.53 -7.82 45.03
C VAL B 181 27.25 -7.44 45.76
N VAL B 182 26.20 -8.25 45.62
CA VAL B 182 24.93 -7.97 46.29
C VAL B 182 25.12 -7.86 47.80
N CYS B 183 26.19 -8.44 48.34
CA CYS B 183 26.49 -8.35 49.76
C CYS B 183 27.79 -7.59 50.04
N GLY B 184 28.46 -7.07 49.01
CA GLY B 184 29.70 -6.35 49.20
C GLY B 184 29.69 -4.97 48.58
N ARG B 185 28.76 -4.73 47.66
CA ARG B 185 28.64 -3.46 46.97
C ARG B 185 27.49 -2.65 47.54
N MET B 186 27.58 -1.33 47.41
CA MET B 186 26.55 -0.42 47.90
C MET B 186 25.94 0.44 46.80
N ALA B 187 26.65 0.70 45.71
CA ALA B 187 26.13 1.52 44.63
C ALA B 187 25.01 0.76 43.91
N CYS B 188 23.77 1.20 44.13
CA CYS B 188 22.61 0.57 43.51
C CYS B 188 22.56 -0.92 43.84
N SER B 189 22.97 -1.27 45.06
CA SER B 189 23.00 -2.66 45.49
C SER B 189 22.90 -2.73 47.01
N PRO B 190 21.69 -2.81 47.58
CA PRO B 190 21.58 -2.91 49.03
C PRO B 190 22.34 -4.11 49.58
N THR B 191 23.05 -3.89 50.68
CA THR B 191 23.86 -4.93 51.31
C THR B 191 22.94 -5.88 52.08
N HIS B 192 22.21 -6.70 51.32
CA HIS B 192 21.27 -7.68 51.87
C HIS B 192 20.42 -7.09 52.99
N ASP B 193 20.09 -5.81 52.88
CA ASP B 193 19.28 -5.13 53.89
C ASP B 193 17.81 -5.40 53.59
N GLU B 194 17.21 -6.33 54.33
CA GLU B 194 15.81 -6.66 54.14
C GLU B 194 14.87 -5.71 54.86
N HIS B 195 15.38 -4.92 55.80
CA HIS B 195 14.57 -3.97 56.55
C HIS B 195 14.59 -2.57 55.94
N LEU B 196 15.12 -2.42 54.73
CA LEU B 196 15.17 -1.12 54.08
C LEU B 196 13.77 -0.72 53.65
N LEU B 197 13.19 0.26 54.36
CA LEU B 197 11.85 0.73 54.07
C LEU B 197 11.91 2.15 53.50
N HIS B 198 10.90 2.48 52.70
CA HIS B 198 10.82 3.81 52.07
C HIS B 198 10.33 4.80 53.11
N GLY B 199 11.24 5.20 53.98
CA GLY B 199 10.91 6.15 55.04
C GLY B 199 9.80 5.67 55.96
N GLY B 200 9.85 4.39 56.34
CA GLY B 200 8.85 3.81 57.21
C GLY B 200 7.78 3.00 56.49
N GLN B 201 7.72 3.08 55.16
CA GLN B 201 6.76 2.35 54.36
C GLN B 201 7.48 1.39 53.41
N PRO B 202 6.78 0.39 52.89
CA PRO B 202 7.42 -0.54 51.96
C PRO B 202 7.96 0.18 50.74
N PRO B 203 8.88 -0.45 49.99
CA PRO B 203 9.47 0.18 48.80
C PRO B 203 8.60 0.08 47.55
N GLU B 204 7.32 0.44 47.70
CA GLU B 204 6.38 0.40 46.60
C GLU B 204 5.16 1.24 46.96
N GLY B 205 4.78 2.15 46.07
CA GLY B 205 3.64 3.02 46.32
C GLY B 205 2.32 2.35 45.99
N ASP B 206 2.26 1.67 44.85
CA ASP B 206 1.04 1.01 44.41
C ASP B 206 1.39 -0.19 43.52
N PRO B 207 0.95 -1.39 43.86
CA PRO B 207 1.25 -2.54 42.97
C PRO B 207 0.74 -2.36 41.55
N ASP B 208 -0.21 -1.47 41.32
CA ASP B 208 -0.69 -1.22 39.97
C ASP B 208 0.42 -0.72 39.06
N LEU B 209 1.44 -0.08 39.63
CA LEU B 209 2.56 0.39 38.83
C LEU B 209 3.30 -0.79 38.19
N ALA B 210 3.41 -1.90 38.91
CA ALA B 210 4.05 -3.08 38.34
C ALA B 210 3.27 -3.60 37.14
N LYS B 211 1.94 -3.64 37.24
CA LYS B 211 1.13 -4.08 36.11
C LYS B 211 1.23 -3.11 34.94
N ILE B 212 1.28 -1.81 35.23
CA ILE B 212 1.43 -0.83 34.16
C ILE B 212 2.76 -1.03 33.45
N LEU B 213 3.83 -1.26 34.22
CA LEU B 213 5.14 -1.50 33.62
C LEU B 213 5.14 -2.77 32.79
N GLU B 214 4.49 -3.83 33.29
CA GLU B 214 4.42 -5.08 32.54
C GLU B 214 3.68 -4.89 31.23
N GLU B 215 2.57 -4.14 31.24
CA GLU B 215 1.82 -3.90 30.02
C GLU B 215 2.61 -3.05 29.04
N VAL B 216 3.33 -2.05 29.55
CA VAL B 216 4.16 -1.22 28.68
C VAL B 216 5.27 -2.05 28.05
N ARG B 217 5.85 -2.97 28.82
CA ARG B 217 6.88 -3.85 28.28
C ARG B 217 6.28 -4.81 27.25
N TYR B 218 5.05 -5.25 27.46
CA TYR B 218 4.38 -6.09 26.47
C TYR B 218 4.15 -5.32 25.17
N ILE B 219 3.77 -4.05 25.28
CA ILE B 219 3.59 -3.22 24.10
C ILE B 219 4.92 -3.02 23.39
N ALA B 220 5.99 -2.81 24.15
CA ALA B 220 7.31 -2.66 23.56
C ALA B 220 7.74 -3.94 22.84
N ASN B 221 7.41 -5.10 23.41
CA ASN B 221 7.72 -6.37 22.76
C ASN B 221 6.88 -6.55 21.50
N ARG B 222 5.63 -6.09 21.52
CA ARG B 222 4.80 -6.16 20.32
C ARG B 222 5.38 -5.30 19.22
N PHE B 223 5.90 -4.12 19.56
CA PHE B 223 6.55 -3.27 18.57
C PHE B 223 7.84 -3.91 18.07
N ARG B 224 8.61 -4.53 18.97
CA ARG B 224 9.82 -5.22 18.56
C ARG B 224 9.51 -6.40 17.65
N CYS B 225 8.33 -7.00 17.80
CA CYS B 225 7.93 -8.07 16.89
C CYS B 225 7.78 -7.54 15.47
N GLN B 226 7.12 -6.39 15.31
CA GLN B 226 7.00 -5.77 13.99
C GLN B 226 8.36 -5.36 13.46
N ASP B 227 9.24 -4.86 14.35
CA ASP B 227 10.59 -4.50 13.93
C ASP B 227 11.33 -5.72 13.39
N GLU B 228 11.23 -6.86 14.08
CA GLU B 228 11.88 -8.07 13.62
C GLU B 228 11.27 -8.59 12.34
N SER B 229 9.95 -8.43 12.18
CA SER B 229 9.31 -8.81 10.93
C SER B 229 9.83 -7.97 9.77
N GLU B 230 10.01 -6.67 9.99
CA GLU B 230 10.58 -5.80 8.97
C GLU B 230 12.02 -6.18 8.67
N ALA B 231 12.79 -6.54 9.70
CA ALA B 231 14.17 -6.98 9.48
C ALA B 231 14.21 -8.25 8.65
N VAL B 232 13.30 -9.20 8.92
CA VAL B 232 13.25 -10.42 8.15
C VAL B 232 12.83 -10.14 6.71
N CYS B 233 11.91 -9.19 6.53
CA CYS B 233 11.52 -8.80 5.18
C CYS B 233 12.70 -8.20 4.42
N SER B 234 13.51 -7.39 5.11
CA SER B 234 14.70 -6.82 4.47
C SER B 234 15.71 -7.91 4.14
N GLU B 235 15.88 -8.89 5.02
CA GLU B 235 16.78 -10.00 4.75
C GLU B 235 16.31 -10.79 3.53
N TRP B 236 15.00 -11.03 3.42
CA TRP B 236 14.47 -11.72 2.26
C TRP B 236 14.66 -10.88 0.99
N LYS B 237 14.50 -9.56 1.11
CA LYS B 237 14.73 -8.69 -0.03
C LYS B 237 16.18 -8.77 -0.49
N PHE B 238 17.12 -8.83 0.46
CA PHE B 238 18.53 -8.98 0.09
C PHE B 238 18.79 -10.34 -0.54
N ALA B 239 18.16 -11.39 -0.01
CA ALA B 239 18.32 -12.72 -0.59
C ALA B 239 17.80 -12.75 -2.02
N ALA B 240 16.73 -11.99 -2.29
CA ALA B 240 16.20 -11.91 -3.66
C ALA B 240 17.10 -11.07 -4.54
N CYS B 241 17.66 -9.98 -4.00
CA CYS B 241 18.57 -9.14 -4.77
C CYS B 241 19.87 -9.87 -5.08
N VAL B 242 20.22 -10.90 -4.32
CA VAL B 242 21.33 -11.76 -4.70
C VAL B 242 21.10 -12.30 -6.11
N VAL B 243 19.88 -12.77 -6.39
CA VAL B 243 19.55 -13.28 -7.71
C VAL B 243 19.58 -12.15 -8.74
N ASP B 244 19.13 -10.96 -8.35
CA ASP B 244 19.18 -9.82 -9.27
C ASP B 244 20.61 -9.50 -9.67
N ARG B 245 21.54 -9.59 -8.72
CA ARG B 245 22.95 -9.34 -9.02
C ARG B 245 23.53 -10.45 -9.89
N LEU B 246 23.20 -11.71 -9.57
CA LEU B 246 23.64 -12.81 -10.42
C LEU B 246 23.15 -12.62 -11.85
N CYS B 247 21.92 -12.13 -12.02
CA CYS B 247 21.39 -11.86 -13.35
C CYS B 247 22.15 -10.72 -14.02
N LEU B 248 22.27 -9.58 -13.33
CA LEU B 248 23.03 -8.46 -13.88
C LEU B 248 24.45 -8.86 -14.26
N MET B 249 24.99 -9.90 -13.64
CA MET B 249 26.34 -10.35 -13.97
C MET B 249 26.36 -11.33 -15.15
N ALA B 250 25.40 -12.24 -15.22
CA ALA B 250 25.40 -13.28 -16.25
C ALA B 250 24.71 -12.82 -17.54
N PHE B 251 23.47 -12.35 -17.43
CA PHE B 251 22.72 -11.92 -18.62
C PHE B 251 23.41 -10.75 -19.30
N SER B 252 24.16 -9.94 -18.56
CA SER B 252 24.90 -8.84 -19.18
C SER B 252 25.96 -9.37 -20.14
N VAL B 253 26.77 -10.31 -19.68
CA VAL B 253 27.78 -10.91 -20.54
C VAL B 253 27.11 -11.66 -21.69
N PHE B 254 25.97 -12.30 -21.42
CA PHE B 254 25.26 -13.02 -22.48
C PHE B 254 24.81 -12.05 -23.57
N THR B 255 24.24 -10.91 -23.17
CA THR B 255 23.80 -9.92 -24.15
C THR B 255 24.98 -9.32 -24.90
N ILE B 256 26.11 -9.11 -24.21
CA ILE B 256 27.30 -8.61 -24.89
C ILE B 256 27.76 -9.59 -25.95
N ILE B 257 27.80 -10.87 -25.61
CA ILE B 257 28.21 -11.89 -26.57
C ILE B 257 27.24 -11.96 -27.74
N CYS B 258 25.94 -11.83 -27.46
CA CYS B 258 24.94 -11.88 -28.52
C CYS B 258 25.09 -10.69 -29.45
N THR B 259 25.33 -9.50 -28.90
CA THR B 259 25.51 -8.31 -29.74
C THR B 259 26.80 -8.40 -30.55
N ILE B 260 27.84 -9.01 -29.99
CA ILE B 260 29.08 -9.20 -30.75
C ILE B 260 28.87 -10.19 -31.89
N GLY B 261 28.10 -11.26 -31.62
CA GLY B 261 27.84 -12.23 -32.66
C GLY B 261 26.96 -11.69 -33.78
N ILE B 262 25.93 -10.92 -33.42
CA ILE B 262 25.05 -10.34 -34.43
C ILE B 262 25.84 -9.45 -35.36
N LEU B 263 26.89 -8.80 -34.86
CA LEU B 263 27.73 -7.96 -35.71
C LEU B 263 28.73 -8.79 -36.49
N MET B 264 29.26 -9.85 -35.90
CA MET B 264 30.21 -10.71 -36.59
C MET B 264 29.53 -11.72 -37.50
N SER B 265 28.32 -12.14 -37.16
CA SER B 265 27.58 -13.13 -37.92
C SER B 265 26.55 -12.49 -38.85
N ALA B 266 26.62 -11.18 -39.07
CA ALA B 266 25.65 -10.53 -39.95
C ALA B 266 25.72 -11.04 -41.38
N PRO B 267 26.89 -11.26 -42.00
CA PRO B 267 26.91 -11.76 -43.38
C PRO B 267 26.18 -13.07 -43.56
N ASN B 268 26.05 -13.88 -42.51
CA ASN B 268 25.37 -15.16 -42.65
C ASN B 268 23.90 -14.96 -43.05
N PHE B 269 23.18 -14.11 -42.33
CA PHE B 269 21.78 -13.84 -42.62
C PHE B 269 21.59 -12.48 -43.29
N VAL B 270 22.11 -11.42 -42.68
CA VAL B 270 21.97 -10.08 -43.24
C VAL B 270 22.92 -9.91 -44.42
N LEU C 7 -4.42 17.04 -45.80
CA LEU C 7 -4.28 15.63 -46.15
C LEU C 7 -4.30 14.77 -44.90
N TYR C 8 -5.11 13.71 -44.93
CA TYR C 8 -5.21 12.81 -43.78
C TYR C 8 -3.92 12.03 -43.57
N TYR C 9 -3.19 11.72 -44.65
CA TYR C 9 -1.95 10.95 -44.52
C TYR C 9 -0.93 11.69 -43.66
N GLY C 10 -0.81 13.01 -43.85
CA GLY C 10 0.14 13.77 -43.05
C GLY C 10 -0.28 13.88 -41.60
N LEU C 11 -1.56 14.13 -41.35
CA LEU C 11 -2.04 14.27 -39.97
C LEU C 11 -1.94 12.95 -39.22
N ASN C 12 -2.18 11.82 -39.90
CA ASN C 12 -2.11 10.53 -39.24
C ASN C 12 -0.73 10.26 -38.66
N LEU C 13 0.32 10.84 -39.26
CA LEU C 13 1.67 10.68 -38.76
C LEU C 13 2.12 11.86 -37.90
N LEU C 14 1.50 13.02 -38.04
CA LEU C 14 1.88 14.18 -37.24
C LEU C 14 1.27 14.14 -35.84
N ILE C 15 -0.01 13.74 -35.74
CA ILE C 15 -0.68 13.76 -34.45
C ILE C 15 -0.05 12.78 -33.47
N PRO C 16 0.22 11.52 -33.82
CA PRO C 16 0.83 10.61 -32.84
C PRO C 16 2.20 11.06 -32.37
N CYS C 17 3.00 11.66 -33.27
CA CYS C 17 4.33 12.10 -32.89
C CYS C 17 4.26 13.14 -31.77
N VAL C 18 3.50 14.22 -32.01
CA VAL C 18 3.37 15.27 -30.99
C VAL C 18 2.68 14.73 -29.75
N LEU C 19 1.74 13.79 -29.92
CA LEU C 19 1.06 13.20 -28.76
C LEU C 19 2.05 12.49 -27.86
N ILE C 20 2.91 11.65 -28.44
CA ILE C 20 3.91 10.93 -27.65
C ILE C 20 4.92 11.91 -27.07
N SER C 21 5.29 12.94 -27.84
CA SER C 21 6.25 13.92 -27.35
C SER C 21 5.71 14.65 -26.12
N ALA C 22 4.40 14.94 -26.11
CA ALA C 22 3.80 15.61 -24.96
C ALA C 22 3.60 14.64 -23.80
N LEU C 23 3.27 13.37 -24.11
CA LEU C 23 3.08 12.38 -23.06
C LEU C 23 4.39 12.12 -22.31
N ALA C 24 5.50 12.06 -23.04
CA ALA C 24 6.80 11.87 -22.41
C ALA C 24 7.10 13.00 -21.42
N LEU C 25 6.87 14.24 -21.84
CA LEU C 25 7.13 15.37 -20.97
C LEU C 25 6.19 15.37 -19.77
N LEU C 26 4.91 15.02 -19.98
CA LEU C 26 3.96 14.97 -18.87
C LEU C 26 4.36 13.91 -17.87
N VAL C 27 4.89 12.78 -18.35
CA VAL C 27 5.33 11.72 -17.45
C VAL C 27 6.57 12.17 -16.67
N PHE C 28 7.53 12.78 -17.38
CA PHE C 28 8.75 13.25 -16.72
C PHE C 28 8.47 14.36 -15.72
N LEU C 29 7.38 15.12 -15.91
CA LEU C 29 7.06 16.19 -14.98
C LEU C 29 6.65 15.67 -13.62
N LEU C 30 6.05 14.48 -13.57
CA LEU C 30 5.59 13.92 -12.31
C LEU C 30 6.77 13.72 -11.36
N PRO C 31 6.51 13.68 -10.06
CA PRO C 31 7.58 13.48 -9.07
C PRO C 31 8.05 12.03 -9.07
N ALA C 32 8.98 11.74 -8.16
CA ALA C 32 9.56 10.41 -8.04
C ALA C 32 8.59 9.53 -7.25
N ASP C 33 7.71 8.83 -7.97
CA ASP C 33 6.75 7.91 -7.38
C ASP C 33 7.20 6.49 -7.72
N SER C 34 7.58 5.73 -6.69
CA SER C 34 8.11 4.39 -6.92
C SER C 34 7.09 3.50 -7.65
N GLY C 35 5.83 3.58 -7.26
CA GLY C 35 4.82 2.71 -7.82
C GLY C 35 4.07 3.30 -9.00
N GLU C 36 4.13 4.61 -9.17
CA GLU C 36 3.39 5.31 -10.22
C GLU C 36 4.26 5.82 -11.34
N LYS C 37 5.42 6.42 -11.03
CA LYS C 37 6.29 6.97 -12.06
C LYS C 37 6.60 5.93 -13.14
N ILE C 38 6.82 4.68 -12.73
CA ILE C 38 7.12 3.63 -13.69
C ILE C 38 5.86 3.18 -14.42
N SER C 39 4.72 3.16 -13.72
CA SER C 39 3.48 2.66 -14.33
C SER C 39 3.23 3.30 -15.67
N LEU C 40 3.52 4.60 -15.80
CA LEU C 40 3.40 5.26 -17.09
C LEU C 40 4.56 4.90 -18.01
N GLY C 41 5.79 5.03 -17.52
CA GLY C 41 6.95 4.79 -18.36
C GLY C 41 6.90 3.46 -19.09
N ILE C 42 6.22 2.47 -18.51
CA ILE C 42 6.07 1.18 -19.18
C ILE C 42 5.19 1.33 -20.41
N THR C 43 3.94 1.78 -20.21
CA THR C 43 3.00 1.86 -21.33
C THR C 43 3.47 2.84 -22.38
N VAL C 44 4.13 3.93 -21.96
CA VAL C 44 4.66 4.90 -22.92
C VAL C 44 5.54 4.20 -23.95
N LEU C 45 6.18 3.10 -23.56
CA LEU C 45 6.96 2.31 -24.52
C LEU C 45 6.05 1.42 -25.36
N LEU C 46 5.13 0.69 -24.71
CA LEU C 46 4.24 -0.19 -25.45
C LEU C 46 3.42 0.58 -26.47
N SER C 47 2.89 1.74 -26.08
CA SER C 47 2.12 2.56 -27.01
C SER C 47 2.90 2.89 -28.28
N LEU C 48 4.23 2.88 -28.21
CA LEU C 48 5.04 3.14 -29.40
C LEU C 48 5.14 1.90 -30.28
N THR C 49 5.25 0.71 -29.67
CA THR C 49 5.40 -0.51 -30.46
C THR C 49 4.24 -0.67 -31.44
N VAL C 50 3.01 -0.48 -30.96
CA VAL C 50 1.86 -0.57 -31.86
C VAL C 50 2.00 0.40 -33.01
N PHE C 51 2.49 1.61 -32.74
CA PHE C 51 2.68 2.60 -33.80
C PHE C 51 3.63 2.07 -34.86
N MET C 52 4.64 1.29 -34.46
CA MET C 52 5.57 0.73 -35.44
C MET C 52 4.85 -0.10 -36.50
N LEU C 53 3.67 -0.64 -36.16
CA LEU C 53 2.90 -1.39 -37.14
C LEU C 53 2.22 -0.45 -38.13
N LEU C 54 1.69 0.67 -37.63
CA LEU C 54 1.03 1.62 -38.53
C LEU C 54 1.97 2.11 -39.61
N VAL C 55 3.21 2.45 -39.24
CA VAL C 55 4.20 2.90 -40.21
C VAL C 55 4.84 1.75 -40.97
N ALA C 56 4.43 0.51 -40.72
CA ALA C 56 4.99 -0.64 -41.40
C ALA C 56 4.28 -0.97 -42.70
N GLU C 57 3.02 -0.56 -42.85
CA GLU C 57 2.24 -0.83 -44.05
C GLU C 57 2.26 0.35 -45.03
N ILE C 58 1.96 1.56 -44.53
CA ILE C 58 1.95 2.74 -45.40
C ILE C 58 3.35 3.02 -45.93
N MET C 59 4.39 2.66 -45.18
CA MET C 59 5.78 2.88 -45.57
C MET C 59 6.49 1.54 -45.62
N PRO C 60 6.40 0.81 -46.73
CA PRO C 60 7.09 -0.48 -46.82
C PRO C 60 8.59 -0.33 -46.58
N SER C 61 9.11 -1.12 -45.65
CA SER C 61 10.53 -1.05 -45.31
C SER C 61 11.40 -1.57 -46.45
N THR C 62 10.87 -2.49 -47.27
CA THR C 62 11.62 -3.04 -48.38
C THR C 62 11.72 -2.09 -49.56
N SER C 63 10.94 -1.02 -49.58
CA SER C 63 10.94 -0.05 -50.68
C SER C 63 11.33 1.34 -50.24
N ASP C 64 10.86 1.80 -49.08
CA ASP C 64 11.18 3.14 -48.59
C ASP C 64 12.43 3.06 -47.72
N SER C 65 13.57 2.95 -48.40
CA SER C 65 14.87 2.88 -47.73
C SER C 65 15.49 4.27 -47.67
N SER C 66 14.86 5.14 -46.87
CA SER C 66 15.32 6.51 -46.70
C SER C 66 16.05 6.63 -45.36
N PRO C 67 17.33 7.02 -45.34
CA PRO C 67 18.03 7.12 -44.05
C PRO C 67 17.57 8.29 -43.20
N SER C 68 16.90 9.28 -43.79
CA SER C 68 16.43 10.43 -43.01
C SER C 68 15.28 10.02 -42.10
N ILE C 69 14.22 9.44 -42.69
CA ILE C 69 13.09 8.99 -41.88
C ILE C 69 13.52 7.86 -40.96
N ALA C 70 14.44 7.01 -41.41
CA ALA C 70 14.93 5.93 -40.56
C ALA C 70 15.65 6.50 -39.34
N GLN C 71 16.52 7.49 -39.55
CA GLN C 71 17.23 8.11 -38.43
C GLN C 71 16.26 8.83 -37.50
N TYR C 72 15.23 9.48 -38.07
CA TYR C 72 14.24 10.15 -37.24
C TYR C 72 13.50 9.15 -36.37
N PHE C 73 13.07 8.03 -36.95
CA PHE C 73 12.37 7.01 -36.17
C PHE C 73 13.29 6.40 -35.11
N ALA C 74 14.57 6.21 -35.44
CA ALA C 74 15.51 5.69 -34.46
C ALA C 74 15.67 6.66 -33.29
N SER C 75 15.79 7.96 -33.57
CA SER C 75 15.91 8.95 -32.52
C SER C 75 14.65 8.99 -31.66
N THR C 76 13.48 8.90 -32.30
CA THR C 76 12.23 8.89 -31.55
C THR C 76 12.15 7.67 -30.64
N MET C 77 12.51 6.50 -31.15
CA MET C 77 12.48 5.29 -30.34
C MET C 77 13.47 5.38 -29.18
N ILE C 78 14.64 5.98 -29.41
CA ILE C 78 15.61 6.15 -28.34
C ILE C 78 15.08 7.09 -27.28
N ILE C 79 14.45 8.20 -27.70
CA ILE C 79 13.90 9.15 -26.74
C ILE C 79 12.76 8.51 -25.95
N VAL C 80 11.97 7.64 -26.58
CA VAL C 80 10.88 6.98 -25.86
C VAL C 80 11.42 5.91 -24.91
N GLY C 81 12.50 5.23 -25.29
CA GLY C 81 13.09 4.24 -24.41
C GLY C 81 13.83 4.84 -23.24
N LEU C 82 14.36 6.05 -23.41
CA LEU C 82 15.01 6.74 -22.29
C LEU C 82 14.05 6.97 -21.13
N SER C 83 12.75 6.92 -21.38
CA SER C 83 11.78 7.01 -20.29
C SER C 83 11.99 5.89 -19.28
N VAL C 84 12.14 4.66 -19.77
CA VAL C 84 12.36 3.53 -18.87
C VAL C 84 13.67 3.72 -18.10
N VAL C 85 14.70 4.24 -18.77
CA VAL C 85 15.99 4.44 -18.11
C VAL C 85 15.85 5.44 -16.97
N VAL C 86 15.20 6.57 -17.24
CA VAL C 86 15.07 7.60 -16.22
C VAL C 86 14.17 7.12 -15.08
N THR C 87 13.14 6.34 -15.39
CA THR C 87 12.28 5.80 -14.34
C THR C 87 13.04 4.82 -13.46
N VAL C 88 13.87 3.96 -14.08
CA VAL C 88 14.67 3.02 -13.31
C VAL C 88 15.66 3.76 -12.42
N ILE C 89 16.26 4.83 -12.95
CA ILE C 89 17.19 5.62 -12.16
C ILE C 89 16.47 6.27 -10.99
N VAL C 90 15.27 6.80 -11.23
CA VAL C 90 14.48 7.41 -10.17
C VAL C 90 14.17 6.39 -9.08
N LEU C 91 13.77 5.18 -9.48
CA LEU C 91 13.44 4.15 -8.50
C LEU C 91 14.69 3.74 -7.71
N GLN C 92 15.83 3.60 -8.39
CA GLN C 92 17.06 3.24 -7.70
C GLN C 92 17.46 4.31 -6.70
N TYR C 93 17.30 5.58 -7.07
CA TYR C 93 17.62 6.66 -6.14
C TYR C 93 16.64 6.69 -4.98
N HIS C 94 15.36 6.37 -5.23
CA HIS C 94 14.39 6.30 -4.15
C HIS C 94 14.71 5.15 -3.19
N HIS C 95 15.29 4.07 -3.70
CA HIS C 95 15.73 2.94 -2.89
C HIS C 95 17.24 2.81 -2.91
N HIS C 96 17.94 3.94 -2.87
CA HIS C 96 19.39 3.94 -2.90
C HIS C 96 19.96 3.30 -1.63
N ASP C 97 21.15 2.72 -1.77
CA ASP C 97 21.83 2.09 -0.65
C ASP C 97 22.96 2.99 -0.19
N PRO C 98 22.90 3.56 1.02
CA PRO C 98 23.99 4.44 1.48
C PRO C 98 25.25 3.72 1.95
N ASP C 99 25.35 2.40 1.73
CA ASP C 99 26.51 1.66 2.20
C ASP C 99 27.66 1.75 1.20
N GLY C 100 27.37 1.66 -0.09
CA GLY C 100 28.40 1.68 -1.11
C GLY C 100 28.13 2.69 -2.21
N GLY C 101 27.58 3.85 -1.85
CA GLY C 101 27.28 4.89 -2.82
C GLY C 101 28.05 6.16 -2.58
N LYS C 102 27.54 7.28 -3.09
CA LYS C 102 28.16 8.59 -2.94
C LYS C 102 27.51 9.41 -1.83
N MET C 103 27.07 8.76 -0.77
CA MET C 103 26.40 9.42 0.34
C MET C 103 27.36 9.59 1.51
N PRO C 104 27.04 10.46 2.47
CA PRO C 104 25.88 11.36 2.54
C PRO C 104 26.22 12.82 2.17
N LYS C 105 27.50 13.17 2.23
CA LYS C 105 27.89 14.57 2.04
C LYS C 105 27.54 15.06 0.64
N TRP C 106 27.96 14.32 -0.38
CA TRP C 106 27.74 14.75 -1.76
C TRP C 106 26.25 14.83 -2.07
N THR C 107 25.49 13.81 -1.67
CA THR C 107 24.05 13.81 -1.94
C THR C 107 23.36 14.95 -1.21
N ARG C 108 23.76 15.22 0.03
CA ARG C 108 23.16 16.31 0.79
C ARG C 108 23.47 17.65 0.14
N VAL C 109 24.71 17.83 -0.33
CA VAL C 109 25.06 19.09 -0.99
C VAL C 109 24.27 19.25 -2.28
N ILE C 110 24.11 18.17 -3.05
CA ILE C 110 23.35 18.25 -4.29
C ILE C 110 21.88 18.58 -3.98
N LEU C 111 21.33 17.98 -2.93
CA LEU C 111 19.95 18.26 -2.55
C LEU C 111 19.78 19.72 -2.15
N LEU C 112 20.71 20.24 -1.34
CA LEU C 112 20.63 21.63 -0.92
C LEU C 112 20.73 22.57 -2.13
N ASN C 113 21.65 22.28 -3.05
CA ASN C 113 21.79 23.12 -4.23
C ASN C 113 20.52 23.09 -5.08
N TRP C 114 19.95 21.90 -5.28
CA TRP C 114 18.72 21.79 -6.07
C TRP C 114 17.57 22.54 -5.41
N CYS C 115 17.45 22.41 -4.09
CA CYS C 115 16.39 23.12 -3.39
C CYS C 115 16.57 24.63 -3.52
N ALA C 116 17.80 25.11 -3.36
CA ALA C 116 18.05 26.55 -3.48
C ALA C 116 17.77 27.05 -4.88
N TRP C 117 18.07 26.24 -5.90
CA TRP C 117 17.88 26.67 -7.28
C TRP C 117 16.44 26.51 -7.75
N PHE C 118 15.64 25.66 -7.09
CA PHE C 118 14.26 25.44 -7.49
C PHE C 118 13.27 26.26 -6.69
N LEU C 119 13.31 26.17 -5.35
CA LEU C 119 12.34 26.87 -4.53
C LEU C 119 12.56 28.39 -4.59
N ARG C 120 13.81 28.83 -4.60
CA ARG C 120 14.13 30.25 -4.63
C ARG C 120 14.49 30.75 -6.03
N MET C 121 15.16 29.92 -6.84
CA MET C 121 15.56 30.32 -8.18
C MET C 121 16.44 31.57 -8.15
N LYS C 122 17.60 31.42 -7.52
CA LYS C 122 18.54 32.52 -7.37
C LYS C 122 18.79 33.19 -8.71
N ARG C 123 18.53 34.49 -8.76
CA ARG C 123 18.72 35.29 -9.97
C ARG C 123 18.60 36.77 -9.63
N PRO C 124 19.01 37.67 -10.52
CA PRO C 124 18.92 39.11 -10.20
C PRO C 124 17.52 39.55 -9.82
N GLY C 125 16.51 39.15 -10.60
CA GLY C 125 15.14 39.57 -10.31
C GLY C 125 14.67 39.12 -8.94
N GLU C 126 15.21 38.01 -8.44
CA GLU C 126 14.85 37.50 -7.12
C GLU C 126 15.87 37.83 -6.05
N ASP C 127 17.11 38.13 -6.43
CA ASP C 127 18.15 38.45 -5.46
C ASP C 127 18.14 39.93 -5.07
N LYS C 128 17.76 40.82 -5.99
CA LYS C 128 17.75 42.24 -5.69
C LYS C 128 16.47 42.67 -4.98
N VAL C 129 15.35 41.98 -5.25
CA VAL C 129 14.07 42.32 -4.64
C VAL C 129 13.97 41.51 -3.35
N ARG C 130 14.54 42.06 -2.29
CA ARG C 130 14.51 41.43 -0.97
C ARG C 130 15.11 42.41 0.04
N PRO C 131 14.79 42.25 1.32
CA PRO C 131 15.37 43.13 2.34
C PRO C 131 16.89 43.00 2.37
N ALA C 132 17.57 44.15 2.27
CA ALA C 132 19.02 44.17 2.28
C ALA C 132 19.49 45.48 2.88
N CYS C 133 20.48 45.40 3.76
CA CYS C 133 21.04 46.58 4.41
C CYS C 133 22.41 46.22 4.97
N GLN C 134 23.11 47.26 5.45
CA GLN C 134 24.44 47.10 6.03
C GLN C 134 24.40 47.02 7.55
N HIS C 135 23.29 46.55 8.12
CA HIS C 135 23.15 46.45 9.56
C HIS C 135 23.86 45.21 10.08
N LYS C 136 24.09 45.19 11.40
CA LYS C 136 24.78 44.06 12.01
C LYS C 136 23.99 42.77 11.85
N GLN C 137 22.66 42.86 11.67
CA GLN C 137 21.84 41.67 11.52
C GLN C 137 22.13 40.92 10.23
N ARG C 138 22.79 41.56 9.26
CA ARG C 138 23.12 40.94 7.99
C ARG C 138 24.60 40.58 7.89
N ARG C 139 25.39 40.84 8.92
CA ARG C 139 26.81 40.54 8.90
C ARG C 139 27.04 39.11 9.40
N CYS C 140 28.30 38.69 9.42
CA CYS C 140 28.69 37.36 9.86
C CYS C 140 29.49 37.45 11.15
N SER C 141 29.65 36.29 11.79
CA SER C 141 30.40 36.20 13.05
C SER C 141 31.10 34.86 13.10
N LEU C 142 31.76 34.60 14.23
CA LEU C 142 32.48 33.34 14.40
C LEU C 142 31.55 32.13 14.46
N ALA C 143 30.26 32.35 14.70
CA ALA C 143 29.29 31.27 14.79
C ALA C 143 28.72 30.88 13.43
N SER C 144 29.10 31.58 12.36
CA SER C 144 28.60 31.29 11.02
C SER C 144 29.68 30.82 10.05
N VAL C 145 30.95 31.10 10.31
CA VAL C 145 32.04 30.68 9.43
C VAL C 145 32.10 29.15 9.42
N GLU C 146 31.81 28.57 8.26
CA GLU C 146 31.81 27.11 8.10
C GLU C 146 33.17 26.56 7.72
N MET C 147 34.24 27.37 7.83
CA MET C 147 35.57 26.89 7.49
C MET C 147 36.06 25.80 8.43
N SER C 148 35.52 25.73 9.66
CA SER C 148 35.91 24.72 10.64
C SER C 148 34.72 23.93 11.14
N ALA C 149 33.59 23.95 10.42
CA ALA C 149 32.39 23.23 10.80
C ALA C 149 31.93 23.64 12.20
N VAL C 150 31.70 24.94 12.35
CA VAL C 150 31.24 25.50 13.62
C VAL C 150 29.74 25.26 13.75
N ALA C 151 29.21 25.44 14.96
CA ALA C 151 27.79 25.26 15.21
C ALA C 151 27.00 26.23 14.33
N PRO C 152 26.17 25.75 13.41
CA PRO C 152 25.37 26.66 12.58
C PRO C 152 24.47 27.53 13.43
N PRO C 153 23.91 28.60 12.87
CA PRO C 153 23.02 29.47 13.64
C PRO C 153 21.83 28.69 14.18
N PRO C 154 21.63 28.67 15.50
CA PRO C 154 20.46 27.97 16.05
C PRO C 154 19.17 28.51 15.48
N ALA C 155 18.45 27.65 14.76
CA ALA C 155 17.18 28.04 14.15
C ALA C 155 16.27 26.81 14.09
N SER C 156 14.99 27.07 13.84
CA SER C 156 13.98 26.01 13.76
C SER C 156 13.87 25.40 12.38
N ASN C 157 14.74 25.80 11.44
CA ASN C 157 14.73 25.27 10.09
C ASN C 157 15.64 24.05 9.92
N GLY C 158 15.99 23.39 11.02
CA GLY C 158 16.85 22.22 10.99
C GLY C 158 18.20 22.39 11.65
N ASN C 159 18.36 23.35 12.56
CA ASN C 159 19.61 23.57 13.27
C ASN C 159 19.47 23.46 14.78
N LEU C 160 18.37 23.94 15.34
CA LEU C 160 18.18 23.88 16.79
C LEU C 160 17.72 22.48 17.22
N LEU C 161 16.74 21.91 16.50
CA LEU C 161 16.24 20.58 16.83
C LEU C 161 17.16 19.47 16.34
N TYR C 162 18.03 19.76 15.37
CA TYR C 162 18.94 18.74 14.86
C TYR C 162 19.94 18.32 15.93
N ILE C 163 20.74 19.27 16.43
CA ILE C 163 21.75 18.97 17.43
C ILE C 163 21.12 18.40 18.70
N GLY C 164 19.84 18.68 18.93
CA GLY C 164 19.18 18.14 20.12
C GLY C 164 19.24 16.63 20.17
N PHE C 165 18.84 15.98 19.08
CA PHE C 165 18.82 14.52 19.01
C PHE C 165 20.06 13.94 18.35
N ARG C 166 20.89 14.76 17.70
CA ARG C 166 22.10 14.28 17.05
C ARG C 166 23.37 14.88 17.65
N GLY C 167 23.26 15.55 18.79
CA GLY C 167 24.41 16.16 19.43
C GLY C 167 24.93 15.36 20.59
N LEU C 168 24.98 14.04 20.44
CA LEU C 168 25.47 13.17 21.50
C LEU C 168 26.86 13.61 21.94
N ASP C 169 27.13 13.47 23.23
CA ASP C 169 28.40 13.85 23.85
C ASP C 169 28.66 15.35 23.78
N GLY C 170 27.66 16.14 23.41
CA GLY C 170 27.78 17.58 23.30
C GLY C 170 27.14 18.31 24.47
N VAL C 171 26.60 19.49 24.18
CA VAL C 171 25.96 20.29 25.22
C VAL C 171 24.61 19.72 25.62
N HIS C 172 23.97 18.92 24.74
CA HIS C 172 22.67 18.37 25.05
C HIS C 172 22.75 17.21 26.04
N CYS C 173 23.82 16.42 26.00
CA CYS C 173 23.97 15.28 26.89
C CYS C 173 24.60 15.65 28.22
N VAL C 174 25.32 16.77 28.30
CA VAL C 174 25.94 17.21 29.54
C VAL C 174 25.80 18.72 29.67
N PRO C 175 24.57 19.24 29.80
CA PRO C 175 24.39 20.69 29.93
C PRO C 175 24.79 21.20 31.31
N THR C 176 26.08 21.13 31.61
CA THR C 176 26.60 21.57 32.91
C THR C 176 27.88 22.36 32.69
N PRO C 177 27.76 23.60 32.21
CA PRO C 177 28.97 24.41 31.99
C PRO C 177 29.77 24.59 33.28
N ASP C 178 31.03 25.00 33.11
CA ASP C 178 31.93 25.22 34.24
C ASP C 178 31.58 26.55 34.92
N SER C 179 30.44 26.54 35.59
CA SER C 179 29.94 27.71 36.31
C SER C 179 29.64 27.42 37.77
N GLY C 180 29.15 26.22 38.08
CA GLY C 180 28.84 25.87 39.46
C GLY C 180 27.45 26.25 39.90
N VAL C 181 26.50 26.44 38.98
CA VAL C 181 25.15 26.81 39.37
C VAL C 181 24.54 25.76 40.29
N VAL C 182 24.93 24.49 40.13
CA VAL C 182 24.41 23.43 40.99
C VAL C 182 24.68 23.72 42.46
N CYS C 183 25.65 24.57 42.76
CA CYS C 183 25.94 24.96 44.13
C CYS C 183 25.71 26.44 44.39
N GLY C 184 25.22 27.19 43.40
CA GLY C 184 24.98 28.61 43.56
C GLY C 184 23.57 29.02 43.19
N ARG C 185 22.87 28.17 42.43
CA ARG C 185 21.51 28.44 41.99
C ARG C 185 20.52 27.65 42.82
N MET C 186 19.30 28.17 42.91
CA MET C 186 18.22 27.54 43.66
C MET C 186 17.00 27.18 42.82
N ALA C 187 16.78 27.88 41.72
CA ALA C 187 15.63 27.60 40.86
C ALA C 187 15.83 26.25 40.17
N CYS C 188 15.09 25.24 40.61
CA CYS C 188 15.17 23.90 40.04
C CYS C 188 16.60 23.37 40.08
N SER C 189 17.32 23.72 41.16
CA SER C 189 18.71 23.30 41.32
C SER C 189 19.04 23.30 42.80
N PRO C 190 18.86 22.15 43.48
CA PRO C 190 19.21 22.09 44.90
C PRO C 190 20.66 22.46 45.15
N THR C 191 20.88 23.26 46.19
CA THR C 191 22.23 23.72 46.54
C THR C 191 22.97 22.58 47.25
N HIS C 192 23.35 21.57 46.44
CA HIS C 192 24.08 20.40 46.90
C HIS C 192 23.50 19.86 48.20
N ASP C 193 22.18 19.94 48.35
CA ASP C 193 21.51 19.46 49.55
C ASP C 193 21.25 17.96 49.39
N GLU C 194 22.08 17.14 50.03
CA GLU C 194 21.93 15.69 49.95
C GLU C 194 20.90 15.16 50.93
N HIS C 195 20.49 15.95 51.92
CA HIS C 195 19.52 15.53 52.90
C HIS C 195 18.10 15.98 52.56
N LEU C 196 17.88 16.48 51.34
CA LEU C 196 16.56 16.92 50.92
C LEU C 196 15.66 15.70 50.73
N LEU C 197 14.72 15.51 51.65
CA LEU C 197 13.79 14.39 51.62
C LEU C 197 12.39 14.87 51.30
N HIS C 198 11.59 14.00 50.68
CA HIS C 198 10.22 14.30 50.31
C HIS C 198 9.34 14.23 51.56
N GLY C 199 9.44 15.28 52.38
CA GLY C 199 8.66 15.33 53.61
C GLY C 199 8.96 14.19 54.55
N GLY C 200 10.23 13.83 54.70
CA GLY C 200 10.64 12.75 55.56
C GLY C 200 10.91 11.44 54.85
N GLN C 201 10.56 11.32 53.58
CA GLN C 201 10.78 10.13 52.79
C GLN C 201 11.68 10.43 51.61
N PRO C 202 12.30 9.43 51.01
CA PRO C 202 13.18 9.66 49.85
C PRO C 202 12.43 10.34 48.73
N PRO C 203 13.14 10.96 47.76
CA PRO C 203 12.49 11.64 46.64
C PRO C 203 12.06 10.70 45.51
N GLU C 204 11.37 9.62 45.88
CA GLU C 204 10.90 8.65 44.91
C GLU C 204 9.84 7.78 45.57
N GLY C 205 8.69 7.66 44.91
CA GLY C 205 7.59 6.87 45.43
C GLY C 205 7.72 5.40 45.12
N ASP C 206 8.12 5.07 43.90
CA ASP C 206 8.25 3.69 43.47
C ASP C 206 9.29 3.59 42.34
N PRO C 207 10.35 2.79 42.51
CA PRO C 207 11.32 2.64 41.41
C PRO C 207 10.70 2.18 40.10
N ASP C 208 9.52 1.56 40.14
CA ASP C 208 8.87 1.13 38.90
C ASP C 208 8.57 2.30 37.98
N LEU C 209 8.42 3.51 38.55
CA LEU C 209 8.19 4.68 37.72
C LEU C 209 9.37 4.95 36.80
N ALA C 210 10.60 4.73 37.30
CA ALA C 210 11.77 4.92 36.46
C ALA C 210 11.77 3.95 35.29
N LYS C 211 11.40 2.70 35.53
CA LYS C 211 11.33 1.71 34.45
C LYS C 211 10.23 2.07 33.46
N ILE C 212 9.10 2.55 33.95
CA ILE C 212 8.02 2.96 33.06
C ILE C 212 8.48 4.11 32.18
N LEU C 213 9.17 5.09 32.77
CA LEU C 213 9.69 6.22 32.00
C LEU C 213 10.70 5.75 30.96
N GLU C 214 11.57 4.81 31.34
CA GLU C 214 12.57 4.30 30.40
C GLU C 214 11.90 3.58 29.23
N GLU C 215 10.86 2.79 29.51
CA GLU C 215 10.16 2.09 28.44
C GLU C 215 9.42 3.07 27.54
N VAL C 216 8.81 4.11 28.13
CA VAL C 216 8.14 5.12 27.32
C VAL C 216 9.14 5.86 26.43
N ARG C 217 10.33 6.14 26.97
CA ARG C 217 11.36 6.79 26.16
C ARG C 217 11.85 5.86 25.05
N TYR C 218 11.92 4.56 25.33
CA TYR C 218 12.28 3.60 24.29
C TYR C 218 11.23 3.57 23.19
N ILE C 219 9.96 3.64 23.55
CA ILE C 219 8.90 3.68 22.56
C ILE C 219 8.98 4.96 21.74
N ALA C 220 9.28 6.08 22.40
CA ALA C 220 9.44 7.35 21.69
C ALA C 220 10.62 7.28 20.72
N ASN C 221 11.70 6.62 21.12
CA ASN C 221 12.85 6.46 20.23
C ASN C 221 12.50 5.55 19.07
N ARG C 222 11.69 4.52 19.31
CA ARG C 222 11.24 3.65 18.22
C ARG C 222 10.41 4.43 17.21
N PHE C 223 9.54 5.32 17.70
CA PHE C 223 8.76 6.16 16.80
C PHE C 223 9.66 7.15 16.05
N ARG C 224 10.65 7.71 16.73
CA ARG C 224 11.60 8.60 16.07
C ARG C 224 12.40 7.87 15.02
N CYS C 225 12.64 6.58 15.21
CA CYS C 225 13.31 5.79 14.18
C CYS C 225 12.49 5.73 12.89
N GLN C 226 11.19 5.50 13.02
CA GLN C 226 10.31 5.51 11.85
C GLN C 226 10.25 6.91 11.24
N ASP C 227 10.24 7.94 12.08
CA ASP C 227 10.24 9.31 11.57
C ASP C 227 11.49 9.58 10.75
N GLU C 228 12.65 9.14 11.25
CA GLU C 228 13.90 9.34 10.52
C GLU C 228 13.92 8.51 9.24
N SER C 229 13.34 7.31 9.27
CA SER C 229 13.23 6.52 8.04
C SER C 229 12.39 7.23 7.00
N GLU C 230 11.27 7.84 7.43
CA GLU C 230 10.45 8.60 6.51
C GLU C 230 11.19 9.81 5.97
N ALA C 231 11.98 10.48 6.83
CA ALA C 231 12.76 11.62 6.38
C ALA C 231 13.80 11.19 5.35
N VAL C 232 14.44 10.05 5.56
CA VAL C 232 15.43 9.55 4.60
C VAL C 232 14.73 9.17 3.30
N CYS C 233 13.52 8.61 3.39
CA CYS C 233 12.77 8.30 2.18
C CYS C 233 12.44 9.57 1.40
N SER C 234 12.07 10.64 2.11
CA SER C 234 11.78 11.91 1.44
C SER C 234 13.04 12.48 0.82
N GLU C 235 14.18 12.36 1.51
CA GLU C 235 15.44 12.84 0.94
C GLU C 235 15.79 12.07 -0.33
N TRP C 236 15.59 10.75 -0.33
CA TRP C 236 15.83 9.96 -1.54
C TRP C 236 14.85 10.35 -2.65
N LYS C 237 13.60 10.64 -2.29
CA LYS C 237 12.63 11.09 -3.28
C LYS C 237 13.07 12.40 -3.91
N PHE C 238 13.61 13.32 -3.11
CA PHE C 238 14.11 14.57 -3.65
C PHE C 238 15.34 14.35 -4.53
N ALA C 239 16.23 13.43 -4.11
CA ALA C 239 17.39 13.11 -4.93
C ALA C 239 16.97 12.54 -6.28
N ALA C 240 15.88 11.75 -6.29
CA ALA C 240 15.38 11.21 -7.55
C ALA C 240 14.69 12.29 -8.37
N CYS C 241 13.97 13.20 -7.72
CA CYS C 241 13.32 14.31 -8.43
C CYS C 241 14.34 15.27 -9.01
N VAL C 242 15.55 15.30 -8.48
CA VAL C 242 16.62 16.04 -9.14
C VAL C 242 16.78 15.57 -10.58
N VAL C 243 16.77 14.26 -10.79
CA VAL C 243 16.88 13.71 -12.13
C VAL C 243 15.64 14.04 -12.95
N ASP C 244 14.46 14.04 -12.31
CA ASP C 244 13.24 14.41 -13.03
C ASP C 244 13.32 15.84 -13.52
N ARG C 245 13.87 16.74 -12.72
CA ARG C 245 14.03 18.13 -13.13
C ARG C 245 15.06 18.26 -14.23
N LEU C 246 16.19 17.56 -14.10
CA LEU C 246 17.18 17.56 -15.18
C LEU C 246 16.56 17.09 -16.49
N CYS C 247 15.69 16.09 -16.42
CA CYS C 247 15.02 15.59 -17.62
C CYS C 247 14.06 16.65 -18.17
N LEU C 248 13.18 17.18 -17.31
CA LEU C 248 12.27 18.23 -17.74
C LEU C 248 13.00 19.41 -18.36
N MET C 249 14.27 19.62 -17.99
CA MET C 249 15.04 20.72 -18.54
C MET C 249 15.72 20.37 -19.86
N ALA C 250 16.24 19.14 -19.98
CA ALA C 250 16.99 18.75 -21.17
C ALA C 250 16.11 18.18 -22.27
N PHE C 251 15.30 17.17 -21.94
CA PHE C 251 14.44 16.56 -22.94
C PHE C 251 13.42 17.55 -23.49
N SER C 252 13.05 18.57 -22.70
CA SER C 252 12.14 19.59 -23.21
C SER C 252 12.77 20.36 -24.37
N VAL C 253 14.00 20.83 -24.17
CA VAL C 253 14.71 21.55 -25.24
C VAL C 253 14.96 20.61 -26.41
N PHE C 254 15.25 19.33 -26.12
CA PHE C 254 15.47 18.38 -27.20
C PHE C 254 14.22 18.20 -28.05
N THR C 255 13.06 18.07 -27.40
CA THR C 255 11.81 17.93 -28.13
C THR C 255 11.47 19.20 -28.90
N ILE C 256 11.77 20.36 -28.32
CA ILE C 256 11.54 21.62 -29.03
C ILE C 256 12.37 21.67 -30.30
N ILE C 257 13.66 21.31 -30.19
CA ILE C 257 14.54 21.32 -31.36
C ILE C 257 14.07 20.31 -32.39
N CYS C 258 13.59 19.14 -31.94
CA CYS C 258 13.11 18.13 -32.87
C CYS C 258 11.87 18.61 -33.60
N THR C 259 10.95 19.26 -32.89
CA THR C 259 9.74 19.78 -33.52
C THR C 259 10.06 20.92 -34.48
N ILE C 260 11.08 21.73 -34.17
CA ILE C 260 11.49 22.80 -35.08
C ILE C 260 12.12 22.19 -36.33
N GLY C 261 12.92 21.14 -36.17
CA GLY C 261 13.54 20.52 -37.33
C GLY C 261 12.53 19.81 -38.22
N ILE C 262 11.57 19.10 -37.62
CA ILE C 262 10.55 18.42 -38.40
C ILE C 262 9.78 19.42 -39.26
N LEU C 263 9.61 20.65 -38.77
CA LEU C 263 8.92 21.67 -39.55
C LEU C 263 9.85 22.30 -40.59
N MET C 264 11.12 22.47 -40.25
CA MET C 264 12.07 23.07 -41.18
C MET C 264 12.62 22.04 -42.16
N SER C 265 12.71 20.77 -41.76
CA SER C 265 13.23 19.71 -42.61
C SER C 265 12.14 18.89 -43.28
N ALA C 266 10.90 19.40 -43.30
CA ALA C 266 9.81 18.65 -43.93
C ALA C 266 10.03 18.46 -45.43
N PRO C 267 10.47 19.45 -46.19
CA PRO C 267 10.67 19.23 -47.64
C PRO C 267 11.63 18.09 -47.95
N ASN C 268 12.54 17.75 -47.05
CA ASN C 268 13.49 16.67 -47.31
C ASN C 268 12.78 15.35 -47.50
N PHE C 269 11.89 14.99 -46.57
CA PHE C 269 11.13 13.75 -46.64
C PHE C 269 9.68 13.98 -47.04
N VAL C 270 8.98 14.85 -46.33
CA VAL C 270 7.59 15.14 -46.63
C VAL C 270 7.49 16.02 -47.87
N LEU D 7 -26.34 -1.11 -41.36
CA LEU D 7 -25.05 -1.46 -41.95
C LEU D 7 -24.00 -1.69 -40.87
N TYR D 8 -23.26 -2.79 -40.99
CA TYR D 8 -22.23 -3.12 -40.00
C TYR D 8 -21.07 -2.15 -40.09
N TYR D 9 -20.78 -1.62 -41.28
CA TYR D 9 -19.66 -0.70 -41.43
C TYR D 9 -19.84 0.55 -40.58
N GLY D 10 -21.07 1.09 -40.56
CA GLY D 10 -21.32 2.27 -39.76
C GLY D 10 -21.26 2.00 -38.27
N LEU D 11 -21.84 0.88 -37.84
CA LEU D 11 -21.84 0.55 -36.41
C LEU D 11 -20.44 0.27 -35.91
N ASN D 12 -19.60 -0.37 -36.74
CA ASN D 12 -18.24 -0.70 -36.32
C ASN D 12 -17.45 0.56 -35.97
N LEU D 13 -17.78 1.69 -36.58
CA LEU D 13 -17.12 2.96 -36.27
C LEU D 13 -17.89 3.81 -35.28
N LEU D 14 -19.21 3.59 -35.14
CA LEU D 14 -20.00 4.37 -34.20
C LEU D 14 -19.86 3.86 -32.78
N ILE D 15 -19.89 2.53 -32.60
CA ILE D 15 -19.84 1.97 -31.25
C ILE D 15 -18.54 2.31 -30.53
N PRO D 16 -17.35 2.13 -31.13
CA PRO D 16 -16.12 2.46 -30.39
C PRO D 16 -16.02 3.93 -30.02
N CYS D 17 -16.50 4.83 -30.89
CA CYS D 17 -16.44 6.25 -30.59
C CYS D 17 -17.21 6.59 -29.32
N VAL D 18 -18.49 6.20 -29.26
CA VAL D 18 -19.30 6.48 -28.09
C VAL D 18 -18.77 5.71 -26.88
N LEU D 19 -18.21 4.52 -27.10
CA LEU D 19 -17.65 3.75 -25.99
C LEU D 19 -16.50 4.50 -25.34
N ILE D 20 -15.57 5.02 -26.15
CA ILE D 20 -14.44 5.76 -25.62
C ILE D 20 -14.91 7.07 -25.01
N SER D 21 -15.91 7.71 -25.61
CA SER D 21 -16.43 8.96 -25.08
C SER D 21 -17.04 8.75 -23.69
N ALA D 22 -17.70 7.63 -23.48
CA ALA D 22 -18.28 7.33 -22.18
C ALA D 22 -17.20 6.89 -21.19
N LEU D 23 -16.20 6.15 -21.66
CA LEU D 23 -15.11 5.72 -20.78
C LEU D 23 -14.33 6.91 -20.25
N ALA D 24 -14.07 7.90 -21.10
CA ALA D 24 -13.35 9.09 -20.66
C ALA D 24 -14.12 9.79 -19.55
N LEU D 25 -15.44 9.95 -19.72
CA LEU D 25 -16.24 10.62 -18.71
C LEU D 25 -16.29 9.80 -17.41
N LEU D 26 -16.40 8.48 -17.54
CA LEU D 26 -16.43 7.63 -16.35
C LEU D 26 -15.11 7.71 -15.59
N VAL D 27 -14.00 7.81 -16.32
CA VAL D 27 -12.70 7.94 -15.66
C VAL D 27 -12.58 9.30 -14.99
N PHE D 28 -12.97 10.37 -15.69
CA PHE D 28 -12.90 11.71 -15.10
C PHE D 28 -13.82 11.85 -13.90
N LEU D 29 -14.88 11.05 -13.84
CA LEU D 29 -15.81 11.14 -12.71
C LEU D 29 -15.18 10.65 -11.42
N LEU D 30 -14.24 9.70 -11.50
CA LEU D 30 -13.62 9.16 -10.31
C LEU D 30 -12.88 10.26 -9.55
N PRO D 31 -12.66 10.07 -8.25
CA PRO D 31 -11.95 11.07 -7.45
C PRO D 31 -10.44 11.04 -7.75
N ALA D 32 -9.72 11.88 -7.03
CA ALA D 32 -8.26 12.00 -7.19
C ALA D 32 -7.60 10.84 -6.46
N ASP D 33 -7.37 9.75 -7.19
CA ASP D 33 -6.69 8.57 -6.66
C ASP D 33 -5.30 8.50 -7.29
N SER D 34 -4.27 8.70 -6.46
CA SER D 34 -2.91 8.75 -6.98
C SER D 34 -2.54 7.46 -7.72
N GLY D 35 -2.94 6.32 -7.17
CA GLY D 35 -2.55 5.03 -7.74
C GLY D 35 -3.56 4.45 -8.71
N GLU D 36 -4.80 4.92 -8.65
CA GLU D 36 -5.87 4.39 -9.48
C GLU D 36 -6.30 5.33 -10.60
N LYS D 37 -6.43 6.62 -10.32
CA LYS D 37 -6.89 7.57 -11.34
C LYS D 37 -6.04 7.47 -12.60
N ILE D 38 -4.73 7.30 -12.45
CA ILE D 38 -3.85 7.19 -13.60
C ILE D 38 -3.97 5.81 -14.24
N SER D 39 -4.15 4.78 -13.42
CA SER D 39 -4.20 3.40 -13.94
C SER D 39 -5.15 3.29 -15.12
N LEU D 40 -6.29 3.99 -15.05
CA LEU D 40 -7.22 4.01 -16.18
C LEU D 40 -6.70 4.92 -17.29
N GLY D 41 -6.36 6.16 -16.95
CA GLY D 41 -5.94 7.12 -17.96
C GLY D 41 -4.86 6.59 -18.89
N ILE D 42 -4.03 5.67 -18.39
CA ILE D 42 -3.01 5.06 -19.24
C ILE D 42 -3.67 4.22 -20.33
N THR D 43 -4.43 3.20 -19.92
CA THR D 43 -5.02 2.28 -20.90
C THR D 43 -5.99 3.01 -21.81
N VAL D 44 -6.71 4.00 -21.28
CA VAL D 44 -7.62 4.79 -22.11
C VAL D 44 -6.91 5.33 -23.33
N LEU D 45 -5.61 5.58 -23.22
CA LEU D 45 -4.83 6.01 -24.38
C LEU D 45 -4.47 4.81 -25.26
N LEU D 46 -3.94 3.75 -24.64
CA LEU D 46 -3.54 2.57 -25.41
C LEU D 46 -4.72 1.99 -26.19
N SER D 47 -5.88 1.91 -25.55
CA SER D 47 -7.07 1.39 -26.22
C SER D 47 -7.39 2.15 -27.50
N LEU D 48 -6.96 3.41 -27.59
CA LEU D 48 -7.18 4.19 -28.81
C LEU D 48 -6.17 3.82 -29.90
N THR D 49 -4.92 3.58 -29.52
CA THR D 49 -3.89 3.27 -30.51
C THR D 49 -4.29 2.08 -31.37
N VAL D 50 -4.76 1.00 -30.72
CA VAL D 50 -5.21 -0.16 -31.48
C VAL D 50 -6.30 0.23 -32.46
N PHE D 51 -7.23 1.10 -32.04
CA PHE D 51 -8.29 1.55 -32.93
C PHE D 51 -7.72 2.22 -34.17
N MET D 52 -6.60 2.93 -34.04
CA MET D 52 -5.99 3.58 -35.20
C MET D 52 -5.65 2.57 -36.28
N LEU D 53 -5.44 1.30 -35.92
CA LEU D 53 -5.19 0.27 -36.91
C LEU D 53 -6.48 -0.12 -37.64
N LEU D 54 -7.59 -0.21 -36.90
CA LEU D 54 -8.86 -0.58 -37.52
C LEU D 54 -9.24 0.41 -38.61
N VAL D 55 -9.08 1.72 -38.34
CA VAL D 55 -9.39 2.75 -39.33
C VAL D 55 -8.28 2.92 -40.34
N ALA D 56 -7.21 2.14 -40.26
CA ALA D 56 -6.09 2.27 -41.20
C ALA D 56 -6.27 1.41 -42.44
N GLU D 57 -7.07 0.35 -42.37
CA GLU D 57 -7.31 -0.54 -43.51
C GLU D 57 -8.59 -0.20 -44.25
N ILE D 58 -9.71 -0.05 -43.53
CA ILE D 58 -10.97 0.27 -44.17
C ILE D 58 -10.91 1.66 -44.81
N MET D 59 -10.11 2.56 -44.26
CA MET D 59 -9.96 3.93 -44.75
C MET D 59 -8.50 4.16 -45.11
N PRO D 60 -8.08 3.78 -46.32
CA PRO D 60 -6.67 4.00 -46.71
C PRO D 60 -6.31 5.48 -46.62
N SER D 61 -5.22 5.76 -45.89
CA SER D 61 -4.78 7.14 -45.73
C SER D 61 -4.27 7.73 -47.04
N THR D 62 -3.73 6.89 -47.93
CA THR D 62 -3.21 7.35 -49.20
C THR D 62 -4.30 7.69 -50.21
N SER D 63 -5.54 7.29 -49.95
CA SER D 63 -6.65 7.55 -50.86
C SER D 63 -7.74 8.40 -50.23
N ASP D 64 -8.09 8.17 -48.97
CA ASP D 64 -9.14 8.93 -48.29
C ASP D 64 -8.51 10.14 -47.61
N SER D 65 -8.19 11.15 -48.43
CA SER D 65 -7.58 12.38 -47.94
C SER D 65 -8.67 13.43 -47.72
N SER D 66 -9.51 13.15 -46.70
CA SER D 66 -10.60 14.05 -46.35
C SER D 66 -10.23 14.84 -45.12
N PRO D 67 -10.18 16.18 -45.18
CA PRO D 67 -9.81 16.95 -43.98
C PRO D 67 -10.87 16.95 -42.89
N SER D 68 -12.11 16.61 -43.22
CA SER D 68 -13.16 16.58 -42.20
C SER D 68 -12.96 15.41 -41.25
N ILE D 69 -12.88 14.19 -41.79
CA ILE D 69 -12.63 13.02 -40.95
C ILE D 69 -11.26 13.11 -40.30
N ALA D 70 -10.28 13.69 -40.99
CA ALA D 70 -8.96 13.85 -40.40
C ALA D 70 -9.02 14.78 -39.19
N GLN D 71 -9.72 15.91 -39.33
CA GLN D 71 -9.86 16.84 -38.21
C GLN D 71 -10.64 16.21 -37.06
N TYR D 72 -11.67 15.41 -37.39
CA TYR D 72 -12.43 14.75 -36.34
C TYR D 72 -11.56 13.75 -35.58
N PHE D 73 -10.76 12.96 -36.29
CA PHE D 73 -9.86 12.02 -35.63
C PHE D 73 -8.81 12.75 -34.80
N ALA D 74 -8.31 13.87 -35.30
CA ALA D 74 -7.34 14.65 -34.53
C ALA D 74 -7.96 15.17 -33.24
N SER D 75 -9.18 15.70 -33.32
CA SER D 75 -9.86 16.19 -32.12
C SER D 75 -10.12 15.05 -31.14
N THR D 76 -10.51 13.88 -31.65
CA THR D 76 -10.74 12.74 -30.77
C THR D 76 -9.45 12.31 -30.08
N MET D 77 -8.35 12.25 -30.83
CA MET D 77 -7.07 11.88 -30.24
C MET D 77 -6.62 12.90 -29.19
N ILE D 78 -6.88 14.19 -29.45
CA ILE D 78 -6.51 15.22 -28.48
C ILE D 78 -7.35 15.08 -27.21
N ILE D 79 -8.65 14.82 -27.38
CA ILE D 79 -9.51 14.64 -26.21
C ILE D 79 -9.11 13.42 -25.41
N VAL D 80 -8.67 12.36 -26.09
CA VAL D 80 -8.25 11.15 -25.38
C VAL D 80 -6.90 11.37 -24.70
N GLY D 81 -6.01 12.15 -25.30
CA GLY D 81 -4.73 12.43 -24.67
C GLY D 81 -4.82 13.40 -23.51
N LEU D 82 -5.82 14.28 -23.53
CA LEU D 82 -6.05 15.17 -22.40
C LEU D 82 -6.32 14.40 -21.11
N SER D 83 -6.71 13.13 -21.21
CA SER D 83 -6.88 12.31 -20.02
C SER D 83 -5.57 12.20 -19.25
N VAL D 84 -4.47 11.94 -19.96
CA VAL D 84 -3.17 11.83 -19.31
C VAL D 84 -2.79 13.16 -18.67
N VAL D 85 -3.09 14.26 -19.35
CA VAL D 85 -2.76 15.58 -18.82
C VAL D 85 -3.50 15.84 -17.51
N VAL D 86 -4.81 15.57 -17.51
CA VAL D 86 -5.61 15.84 -16.32
C VAL D 86 -5.21 14.91 -15.18
N THR D 87 -4.86 13.66 -15.50
CA THR D 87 -4.42 12.73 -14.46
C THR D 87 -3.08 13.18 -13.87
N VAL D 88 -2.16 13.64 -14.71
CA VAL D 88 -0.88 14.14 -14.22
C VAL D 88 -1.09 15.37 -13.35
N ILE D 89 -2.01 16.25 -13.74
CA ILE D 89 -2.29 17.43 -12.94
C ILE D 89 -2.90 17.03 -11.59
N VAL D 90 -3.79 16.04 -11.60
CA VAL D 90 -4.39 15.56 -10.36
C VAL D 90 -3.32 14.99 -9.43
N LEU D 91 -2.39 14.20 -10.00
CA LEU D 91 -1.34 13.62 -9.17
C LEU D 91 -0.42 14.70 -8.62
N GLN D 92 -0.07 15.70 -9.44
CA GLN D 92 0.78 16.78 -8.97
C GLN D 92 0.10 17.56 -7.85
N TYR D 93 -1.20 17.80 -7.98
CA TYR D 93 -1.92 18.50 -6.91
C TYR D 93 -2.01 17.65 -5.66
N HIS D 94 -2.16 16.33 -5.81
CA HIS D 94 -2.18 15.45 -4.65
C HIS D 94 -0.83 15.42 -3.95
N HIS D 95 0.26 15.59 -4.71
CA HIS D 95 1.61 15.67 -4.16
C HIS D 95 2.19 17.07 -4.37
N HIS D 96 1.36 18.09 -4.22
CA HIS D 96 1.81 19.46 -4.42
C HIS D 96 2.83 19.86 -3.36
N ASP D 97 3.72 20.79 -3.73
CA ASP D 97 4.74 21.28 -2.83
C ASP D 97 4.35 22.67 -2.35
N PRO D 98 4.04 22.87 -1.07
CA PRO D 98 3.65 24.21 -0.60
C PRO D 98 4.81 25.18 -0.41
N ASP D 99 6.01 24.83 -0.85
CA ASP D 99 7.16 25.72 -0.67
C ASP D 99 7.23 26.79 -1.76
N GLY D 100 6.96 26.41 -3.00
CA GLY D 100 7.05 27.34 -4.12
C GLY D 100 5.81 27.35 -4.99
N GLY D 101 4.64 27.22 -4.37
CA GLY D 101 3.39 27.23 -5.10
C GLY D 101 2.48 28.38 -4.73
N LYS D 102 1.18 28.23 -4.98
CA LYS D 102 0.19 29.26 -4.68
C LYS D 102 -0.56 28.97 -3.38
N MET D 103 0.12 28.39 -2.40
CA MET D 103 -0.48 28.05 -1.12
C MET D 103 -0.09 29.06 -0.06
N PRO D 104 -0.81 29.11 1.07
CA PRO D 104 -2.00 28.31 1.42
C PRO D 104 -3.31 29.07 1.27
N LYS D 105 -3.24 30.41 1.25
CA LYS D 105 -4.46 31.22 1.26
C LYS D 105 -5.30 30.97 0.01
N TRP D 106 -4.68 31.07 -1.17
CA TRP D 106 -5.43 30.93 -2.42
C TRP D 106 -6.03 29.52 -2.54
N THR D 107 -5.23 28.50 -2.23
CA THR D 107 -5.73 27.13 -2.32
C THR D 107 -6.86 26.89 -1.33
N ARG D 108 -6.73 27.42 -0.11
CA ARG D 108 -7.79 27.25 0.89
C ARG D 108 -9.07 27.95 0.45
N VAL D 109 -8.95 29.14 -0.13
CA VAL D 109 -10.13 29.85 -0.61
C VAL D 109 -10.80 29.08 -1.74
N ILE D 110 -9.99 28.55 -2.67
CA ILE D 110 -10.55 27.77 -3.77
C ILE D 110 -11.25 26.53 -3.24
N LEU D 111 -10.64 25.86 -2.26
CA LEU D 111 -11.27 24.67 -1.69
C LEU D 111 -12.59 25.01 -1.01
N LEU D 112 -12.62 26.11 -0.25
CA LEU D 112 -13.86 26.51 0.41
C LEU D 112 -14.94 26.83 -0.61
N ASN D 113 -14.58 27.56 -1.67
CA ASN D 113 -15.55 27.90 -2.70
C ASN D 113 -16.08 26.64 -3.39
N TRP D 114 -15.19 25.71 -3.72
CA TRP D 114 -15.63 24.48 -4.37
C TRP D 114 -16.54 23.67 -3.46
N CYS D 115 -16.20 23.57 -2.18
CA CYS D 115 -17.06 22.85 -1.24
C CYS D 115 -18.43 23.50 -1.13
N ALA D 116 -18.46 24.84 -1.04
CA ALA D 116 -19.74 25.54 -0.93
C ALA D 116 -20.57 25.35 -2.19
N TRP D 117 -19.93 25.32 -3.36
CA TRP D 117 -20.65 25.19 -4.61
C TRP D 117 -21.06 23.75 -4.93
N PHE D 118 -20.38 22.77 -4.35
CA PHE D 118 -20.68 21.36 -4.61
C PHE D 118 -21.59 20.74 -3.57
N LEU D 119 -21.23 20.83 -2.29
CA LEU D 119 -22.01 20.18 -1.25
C LEU D 119 -23.36 20.87 -1.07
N ARG D 120 -23.39 22.20 -1.14
CA ARG D 120 -24.62 22.96 -0.97
C ARG D 120 -25.26 23.39 -2.28
N MET D 121 -24.45 23.70 -3.30
CA MET D 121 -24.97 24.14 -4.60
C MET D 121 -25.85 25.37 -4.44
N LYS D 122 -25.22 26.45 -3.99
CA LYS D 122 -25.92 27.71 -3.77
C LYS D 122 -26.75 28.10 -4.99
N ARG D 123 -28.06 28.27 -4.78
CA ARG D 123 -28.97 28.63 -5.86
C ARG D 123 -30.32 29.02 -5.25
N PRO D 124 -31.21 29.66 -6.02
CA PRO D 124 -32.51 30.05 -5.44
C PRO D 124 -33.27 28.89 -4.82
N GLY D 125 -33.36 27.77 -5.54
CA GLY D 125 -34.11 26.63 -5.02
C GLY D 125 -33.56 26.11 -3.71
N GLU D 126 -32.26 26.31 -3.46
CA GLU D 126 -31.63 25.87 -2.23
C GLU D 126 -31.40 27.00 -1.24
N ASP D 127 -31.38 28.25 -1.71
CA ASP D 127 -31.17 29.39 -0.83
C ASP D 127 -32.46 29.88 -0.19
N LYS D 128 -33.59 29.77 -0.90
CA LYS D 128 -34.86 30.23 -0.35
C LYS D 128 -35.50 29.20 0.56
N VAL D 129 -35.27 27.91 0.30
CA VAL D 129 -35.86 26.83 1.11
C VAL D 129 -34.88 26.55 2.24
N ARG D 130 -35.00 27.32 3.31
CA ARG D 130 -34.16 27.16 4.49
C ARG D 130 -34.67 28.10 5.58
N PRO D 131 -34.37 27.81 6.85
CA PRO D 131 -34.82 28.71 7.92
C PRO D 131 -34.22 30.10 7.76
N ALA D 132 -35.10 31.11 7.76
CA ALA D 132 -34.67 32.49 7.62
C ALA D 132 -35.63 33.39 8.38
N CYS D 133 -35.07 34.36 9.09
CA CYS D 133 -35.87 35.31 9.86
C CYS D 133 -35.00 36.50 10.20
N GLN D 134 -35.64 37.53 10.77
CA GLN D 134 -34.97 38.76 11.16
C GLN D 134 -34.61 38.78 12.64
N HIS D 135 -34.40 37.61 13.24
CA HIS D 135 -34.06 37.53 14.65
C HIS D 135 -32.58 37.81 14.86
N LYS D 136 -32.22 38.10 16.12
CA LYS D 136 -30.83 38.41 16.44
C LYS D 136 -29.91 37.24 16.15
N GLN D 137 -30.45 36.01 16.15
CA GLN D 137 -29.63 34.84 15.89
C GLN D 137 -29.10 34.81 14.47
N ARG D 138 -29.69 35.58 13.56
CA ARG D 138 -29.25 35.62 12.16
C ARG D 138 -28.49 36.90 11.83
N ARG D 139 -28.27 37.78 12.80
CA ARG D 139 -27.55 39.02 12.58
C ARG D 139 -26.06 38.79 12.79
N CYS D 140 -25.27 39.85 12.60
CA CYS D 140 -23.83 39.81 12.76
C CYS D 140 -23.40 40.68 13.94
N SER D 141 -22.14 40.50 14.35
CA SER D 141 -21.58 41.24 15.46
C SER D 141 -20.10 41.47 15.19
N LEU D 142 -19.43 42.08 16.17
CA LEU D 142 -18.00 42.35 16.03
C LEU D 142 -17.16 41.08 16.00
N ALA D 143 -17.71 39.95 16.43
CA ALA D 143 -17.00 38.68 16.44
C ALA D 143 -17.09 37.94 15.11
N SER D 144 -17.83 38.47 14.14
CA SER D 144 -17.98 37.83 12.84
C SER D 144 -17.41 38.63 11.68
N VAL D 145 -17.22 39.94 11.84
CA VAL D 145 -16.67 40.78 10.77
C VAL D 145 -15.24 40.34 10.49
N GLU D 146 -15.01 39.81 9.29
CA GLU D 146 -13.69 39.33 8.89
C GLU D 146 -12.83 40.42 8.26
N MET D 147 -13.22 41.69 8.39
CA MET D 147 -12.44 42.77 7.81
C MET D 147 -11.09 42.94 8.49
N SER D 148 -10.95 42.47 9.73
CA SER D 148 -9.69 42.56 10.48
C SER D 148 -9.22 41.20 10.97
N ALA D 149 -9.74 40.12 10.40
CA ALA D 149 -9.35 38.76 10.79
C ALA D 149 -9.60 38.53 12.28
N VAL D 150 -10.85 38.76 12.68
CA VAL D 150 -11.27 38.57 14.08
C VAL D 150 -11.48 37.10 14.33
N ALA D 151 -11.56 36.73 15.61
CA ALA D 151 -11.78 35.33 15.99
C ALA D 151 -13.11 34.84 15.40
N PRO D 152 -13.10 33.85 14.50
CA PRO D 152 -14.37 33.36 13.94
C PRO D 152 -15.28 32.83 15.03
N PRO D 153 -16.56 32.62 14.72
CA PRO D 153 -17.49 32.10 15.74
C PRO D 153 -17.02 30.77 16.27
N PRO D 154 -16.80 30.64 17.57
CA PRO D 154 -16.40 29.34 18.14
C PRO D 154 -17.42 28.26 17.81
N ALA D 155 -16.99 27.25 17.05
CA ALA D 155 -17.86 26.16 16.66
C ALA D 155 -17.01 24.90 16.51
N SER D 156 -17.69 23.76 16.45
CA SER D 156 -17.04 22.47 16.32
C SER D 156 -16.78 22.09 14.86
N ASN D 157 -17.07 22.98 13.92
CA ASN D 157 -16.85 22.72 12.50
C ASN D 157 -15.47 23.17 12.03
N GLY D 158 -14.53 23.35 12.94
CA GLY D 158 -13.19 23.78 12.61
C GLY D 158 -12.79 25.15 13.14
N ASN D 159 -13.45 25.65 14.17
CA ASN D 159 -13.13 26.95 14.75
C ASN D 159 -12.76 26.86 16.23
N LEU D 160 -13.44 26.01 17.00
CA LEU D 160 -13.15 25.88 18.42
C LEU D 160 -11.91 25.03 18.64
N LEU D 161 -11.82 23.88 17.97
CA LEU D 161 -10.68 22.99 18.11
C LEU D 161 -9.46 23.48 17.35
N TYR D 162 -9.65 24.34 16.34
CA TYR D 162 -8.53 24.84 15.56
C TYR D 162 -7.61 25.70 16.41
N ILE D 163 -8.15 26.79 16.98
CA ILE D 163 -7.36 27.70 17.79
C ILE D 163 -6.76 26.99 19.00
N GLY D 164 -7.37 25.89 19.43
CA GLY D 164 -6.84 25.16 20.58
C GLY D 164 -5.40 24.72 20.35
N PHE D 165 -5.14 24.07 19.22
CA PHE D 165 -3.81 23.58 18.90
C PHE D 165 -3.01 24.52 18.02
N ARG D 166 -3.65 25.54 17.42
CA ARG D 166 -2.97 26.49 16.55
C ARG D 166 -3.01 27.91 17.10
N GLY D 167 -3.44 28.10 18.35
CA GLY D 167 -3.53 29.41 18.94
C GLY D 167 -2.38 29.72 19.88
N LEU D 168 -1.17 29.31 19.49
CA LEU D 168 0.00 29.55 20.33
C LEU D 168 0.12 31.03 20.66
N ASP D 169 0.59 31.31 21.89
CA ASP D 169 0.74 32.66 22.40
C ASP D 169 -0.58 33.39 22.57
N GLY D 170 -1.70 32.68 22.46
CA GLY D 170 -3.02 33.27 22.59
C GLY D 170 -3.66 32.96 23.92
N VAL D 171 -4.99 32.82 23.91
CA VAL D 171 -5.72 32.54 25.14
C VAL D 171 -5.53 31.09 25.58
N HIS D 172 -5.15 30.19 24.67
CA HIS D 172 -4.98 28.79 25.03
C HIS D 172 -3.68 28.55 25.78
N CYS D 173 -2.63 29.31 25.48
CA CYS D 173 -1.34 29.13 26.14
C CYS D 173 -1.22 29.91 27.44
N VAL D 174 -2.03 30.96 27.61
CA VAL D 174 -1.99 31.75 28.83
C VAL D 174 -3.42 32.11 29.24
N PRO D 175 -4.26 31.13 29.60
CA PRO D 175 -5.63 31.45 29.99
C PRO D 175 -5.71 32.06 31.38
N THR D 176 -5.19 33.27 31.52
CA THR D 176 -5.18 33.97 32.81
C THR D 176 -5.55 35.43 32.58
N PRO D 177 -6.84 35.70 32.34
CA PRO D 177 -7.26 37.09 32.13
C PRO D 177 -6.93 37.97 33.32
N ASP D 178 -6.96 39.28 33.08
CA ASP D 178 -6.65 40.27 34.12
C ASP D 178 -7.86 40.41 35.05
N SER D 179 -8.06 39.37 35.85
CA SER D 179 -9.16 39.31 36.80
C SER D 179 -8.70 39.00 38.21
N GLY D 180 -7.67 38.17 38.38
CA GLY D 180 -7.16 37.84 39.69
C GLY D 180 -7.86 36.67 40.36
N VAL D 181 -8.51 35.80 39.59
CA VAL D 181 -9.20 34.66 40.19
C VAL D 181 -8.23 33.79 40.99
N VAL D 182 -6.97 33.74 40.57
CA VAL D 182 -5.96 32.95 41.28
C VAL D 182 -5.85 33.36 42.73
N CYS D 183 -6.29 34.58 43.07
CA CYS D 183 -6.28 35.06 44.44
C CYS D 183 -7.68 35.33 44.98
N GLY D 184 -8.73 35.08 44.19
CA GLY D 184 -10.08 35.32 44.62
C GLY D 184 -10.97 34.10 44.49
N ARG D 185 -10.56 33.13 43.69
CA ARG D 185 -11.32 31.92 43.46
C ARG D 185 -10.73 30.76 44.25
N MET D 186 -11.58 29.79 44.57
CA MET D 186 -11.18 28.61 45.32
C MET D 186 -11.39 27.30 44.57
N ALA D 187 -12.34 27.25 43.63
CA ALA D 187 -12.60 26.03 42.87
C ALA D 187 -11.42 25.75 41.94
N CYS D 188 -10.63 24.74 42.28
CA CYS D 188 -9.46 24.36 41.48
C CYS D 188 -8.52 25.55 41.29
N SER D 189 -8.40 26.37 42.33
CA SER D 189 -7.54 27.55 42.28
C SER D 189 -7.11 27.94 43.68
N PRO D 190 -5.96 27.45 44.16
CA PRO D 190 -5.50 27.83 45.50
C PRO D 190 -5.35 29.34 45.63
N THR D 191 -5.81 29.87 46.76
CA THR D 191 -5.76 31.30 47.02
C THR D 191 -4.33 31.69 47.42
N HIS D 192 -3.45 31.67 46.43
CA HIS D 192 -2.04 32.01 46.60
C HIS D 192 -1.45 31.36 47.84
N ASP D 193 -1.90 30.14 48.15
CA ASP D 193 -1.42 29.41 49.32
C ASP D 193 -0.15 28.67 48.93
N GLU D 194 1.00 29.22 49.32
CA GLU D 194 2.28 28.60 49.01
C GLU D 194 2.65 27.51 49.99
N HIS D 195 1.99 27.43 51.14
CA HIS D 195 2.28 26.42 52.15
C HIS D 195 1.35 25.22 52.05
N LEU D 196 0.57 25.11 50.97
CA LEU D 196 -0.33 23.99 50.79
C LEU D 196 0.48 22.72 50.50
N LEU D 197 0.55 21.83 51.47
CA LEU D 197 1.30 20.58 51.35
C LEU D 197 0.34 19.40 51.28
N HIS D 198 0.80 18.33 50.63
CA HIS D 198 -0.01 17.12 50.47
C HIS D 198 0.04 16.34 51.78
N GLY D 199 -0.73 16.81 52.75
CA GLY D 199 -0.78 16.16 54.06
C GLY D 199 0.56 16.12 54.74
N GLY D 200 1.33 17.21 54.69
CA GLY D 200 2.64 17.27 55.29
C GLY D 200 3.80 17.07 54.34
N GLN D 201 3.52 16.62 53.11
CA GLN D 201 4.54 16.38 52.11
C GLN D 201 4.31 17.29 50.90
N PRO D 202 5.32 17.50 50.06
CA PRO D 202 5.15 18.34 48.88
C PRO D 202 4.04 17.81 47.98
N PRO D 203 3.51 18.65 47.07
CA PRO D 203 2.43 18.22 46.17
C PRO D 203 2.93 17.43 44.96
N GLU D 204 3.78 16.44 45.19
CA GLU D 204 4.33 15.62 44.13
C GLU D 204 4.92 14.36 44.73
N GLY D 205 4.51 13.21 44.20
CA GLY D 205 5.00 11.93 44.69
C GLY D 205 6.36 11.57 44.14
N ASP D 206 6.55 11.75 42.84
CA ASP D 206 7.81 11.40 42.19
C ASP D 206 8.01 12.29 40.96
N PRO D 207 9.12 13.03 40.87
CA PRO D 207 9.35 13.84 39.67
C PRO D 207 9.34 13.04 38.38
N ASP D 208 9.57 11.73 38.44
CA ASP D 208 9.53 10.91 37.23
C ASP D 208 8.16 10.97 36.56
N LEU D 209 7.10 11.24 37.34
CA LEU D 209 5.77 11.36 36.75
C LEU D 209 5.71 12.51 35.76
N ALA D 210 6.40 13.62 36.06
CA ALA D 210 6.44 14.74 35.14
C ALA D 210 7.10 14.35 33.82
N LYS D 211 8.20 13.60 33.89
CA LYS D 211 8.87 13.16 32.67
C LYS D 211 8.00 12.19 31.89
N ILE D 212 7.28 11.30 32.60
CA ILE D 212 6.38 10.38 31.92
C ILE D 212 5.28 11.13 31.20
N LEU D 213 4.72 12.15 31.87
CA LEU D 213 3.67 12.96 31.23
C LEU D 213 4.22 13.71 30.03
N GLU D 214 5.44 14.24 30.14
CA GLU D 214 6.04 14.95 29.01
C GLU D 214 6.26 14.02 27.83
N GLU D 215 6.73 12.80 28.09
CA GLU D 215 6.94 11.86 27.00
C GLU D 215 5.62 11.42 26.37
N VAL D 216 4.58 11.24 27.19
CA VAL D 216 3.27 10.88 26.66
C VAL D 216 2.72 12.01 25.80
N ARG D 217 2.94 13.27 26.23
CA ARG D 217 2.50 14.41 25.43
C ARG D 217 3.29 14.50 24.14
N TYR D 218 4.58 14.14 24.18
CA TYR D 218 5.37 14.13 22.95
C TYR D 218 4.86 13.07 21.98
N ILE D 219 4.47 11.90 22.51
CA ILE D 219 3.90 10.86 21.66
C ILE D 219 2.57 11.33 21.07
N ALA D 220 1.75 12.00 21.88
CA ALA D 220 0.49 12.53 21.38
C ALA D 220 0.72 13.56 20.29
N ASN D 221 1.75 14.40 20.44
CA ASN D 221 2.08 15.37 19.41
C ASN D 221 2.59 14.69 18.14
N ARG D 222 3.34 13.59 18.31
CA ARG D 222 3.79 12.84 17.14
C ARG D 222 2.61 12.24 16.39
N PHE D 223 1.60 11.75 17.12
CA PHE D 223 0.40 11.24 16.47
C PHE D 223 -0.39 12.36 15.80
N ARG D 224 -0.45 13.52 16.45
CA ARG D 224 -1.13 14.67 15.86
C ARG D 224 -0.41 15.13 14.60
N CYS D 225 0.90 14.94 14.52
CA CYS D 225 1.63 15.26 13.31
C CYS D 225 1.17 14.40 12.15
N GLN D 226 1.01 13.10 12.38
CA GLN D 226 0.49 12.22 11.33
C GLN D 226 -0.95 12.57 10.98
N ASP D 227 -1.74 12.94 11.99
CA ASP D 227 -3.11 13.37 11.73
C ASP D 227 -3.14 14.60 10.82
N GLU D 228 -2.27 15.57 11.10
CA GLU D 228 -2.21 16.78 10.27
C GLU D 228 -1.69 16.46 8.88
N SER D 229 -0.76 15.51 8.77
CA SER D 229 -0.30 15.09 7.46
C SER D 229 -1.43 14.46 6.65
N GLU D 230 -2.25 13.64 7.30
CA GLU D 230 -3.41 13.05 6.62
C GLU D 230 -4.41 14.13 6.23
N ALA D 231 -4.60 15.12 7.09
CA ALA D 231 -5.51 16.22 6.76
C ALA D 231 -5.01 17.00 5.55
N VAL D 232 -3.70 17.25 5.49
CA VAL D 232 -3.13 17.95 4.35
C VAL D 232 -3.25 17.11 3.09
N CYS D 233 -3.08 15.79 3.21
CA CYS D 233 -3.27 14.91 2.07
C CYS D 233 -4.71 14.96 1.57
N SER D 234 -5.67 14.99 2.49
CA SER D 234 -7.08 15.11 2.09
C SER D 234 -7.36 16.46 1.43
N GLU D 235 -6.74 17.53 1.95
CA GLU D 235 -6.90 18.84 1.33
C GLU D 235 -6.34 18.85 -0.09
N TRP D 236 -5.18 18.22 -0.29
CA TRP D 236 -4.61 18.12 -1.63
C TRP D 236 -5.49 17.27 -2.54
N LYS D 237 -6.08 16.20 -2.00
CA LYS D 237 -7.00 15.39 -2.77
C LYS D 237 -8.21 16.19 -3.22
N PHE D 238 -8.74 17.04 -2.33
CA PHE D 238 -9.86 17.90 -2.70
C PHE D 238 -9.44 18.93 -3.75
N ALA D 239 -8.24 19.49 -3.60
CA ALA D 239 -7.74 20.44 -4.60
C ALA D 239 -7.60 19.78 -5.96
N ALA D 240 -7.22 18.50 -5.98
CA ALA D 240 -7.12 17.77 -7.25
C ALA D 240 -8.50 17.44 -7.79
N CYS D 241 -9.44 17.08 -6.92
CA CYS D 241 -10.81 16.79 -7.33
C CYS D 241 -11.51 18.03 -7.86
N VAL D 242 -11.05 19.22 -7.48
CA VAL D 242 -11.54 20.44 -8.12
C VAL D 242 -11.34 20.35 -9.63
N VAL D 243 -10.16 19.90 -10.05
CA VAL D 243 -9.89 19.75 -11.48
C VAL D 243 -10.75 18.65 -12.07
N ASP D 244 -10.99 17.57 -11.32
CA ASP D 244 -11.85 16.51 -11.81
C ASP D 244 -13.26 17.02 -12.06
N ARG D 245 -13.76 17.88 -11.18
CA ARG D 245 -15.09 18.45 -11.36
C ARG D 245 -15.12 19.41 -12.54
N LEU D 246 -14.08 20.26 -12.66
CA LEU D 246 -13.99 21.13 -13.83
C LEU D 246 -14.01 20.33 -15.12
N CYS D 247 -13.33 19.18 -15.13
CA CYS D 247 -13.33 18.31 -16.31
C CYS D 247 -14.72 17.73 -16.55
N LEU D 248 -15.30 17.11 -15.51
CA LEU D 248 -16.65 16.56 -15.65
C LEU D 248 -17.65 17.61 -16.13
N MET D 249 -17.38 18.89 -15.88
CA MET D 249 -18.28 19.95 -16.33
C MET D 249 -18.00 20.40 -17.75
N ALA D 250 -16.73 20.49 -18.15
CA ALA D 250 -16.37 21.01 -19.46
C ALA D 250 -16.33 19.93 -20.53
N PHE D 251 -15.57 18.86 -20.29
CA PHE D 251 -15.47 17.79 -21.27
C PHE D 251 -16.81 17.12 -21.52
N SER D 252 -17.72 17.15 -20.54
CA SER D 252 -19.05 16.59 -20.75
C SER D 252 -19.80 17.37 -21.82
N VAL D 253 -19.83 18.70 -21.69
CA VAL D 253 -20.48 19.53 -22.69
C VAL D 253 -19.77 19.41 -24.03
N PHE D 254 -18.44 19.29 -24.00
CA PHE D 254 -17.70 19.13 -25.25
C PHE D 254 -18.09 17.84 -25.96
N THR D 255 -18.19 16.73 -25.22
CA THR D 255 -18.60 15.46 -25.80
C THR D 255 -20.03 15.52 -26.30
N ILE D 256 -20.91 16.21 -25.57
CA ILE D 256 -22.29 16.36 -26.02
C ILE D 256 -22.33 17.11 -27.35
N ILE D 257 -21.57 18.19 -27.45
CA ILE D 257 -21.55 18.97 -28.70
C ILE D 257 -20.96 18.14 -29.83
N CYS D 258 -19.93 17.34 -29.54
CA CYS D 258 -19.33 16.51 -30.57
C CYS D 258 -20.30 15.44 -31.05
N THR D 259 -21.05 14.83 -30.13
CA THR D 259 -22.03 13.83 -30.52
C THR D 259 -23.19 14.44 -31.30
N ILE D 260 -23.56 15.68 -30.97
CA ILE D 260 -24.62 16.36 -31.72
C ILE D 260 -24.12 16.69 -33.13
N GLY D 261 -22.86 17.11 -33.24
CA GLY D 261 -22.32 17.43 -34.56
C GLY D 261 -22.15 16.20 -35.43
N ILE D 262 -21.67 15.10 -34.85
CA ILE D 262 -21.50 13.87 -35.63
C ILE D 262 -22.84 13.41 -36.20
N LEU D 263 -23.94 13.68 -35.49
CA LEU D 263 -25.26 13.32 -36.00
C LEU D 263 -25.77 14.34 -37.01
N MET D 264 -25.46 15.62 -36.79
CA MET D 264 -25.91 16.66 -37.72
C MET D 264 -24.98 16.79 -38.92
N SER D 265 -23.70 16.48 -38.75
CA SER D 265 -22.72 16.59 -39.83
C SER D 265 -22.43 15.25 -40.50
N ALA D 266 -23.28 14.25 -40.28
CA ALA D 266 -23.05 12.94 -40.90
C ALA D 266 -23.11 13.00 -42.42
N PRO D 267 -24.05 13.70 -43.06
CA PRO D 267 -24.06 13.73 -44.53
C PRO D 267 -22.78 14.24 -45.14
N ASN D 268 -21.99 15.05 -44.43
CA ASN D 268 -20.75 15.59 -44.98
C ASN D 268 -19.78 14.46 -45.31
N PHE D 269 -19.53 13.56 -44.36
CA PHE D 269 -18.62 12.44 -44.55
C PHE D 269 -19.37 11.13 -44.73
N VAL D 270 -20.25 10.79 -43.80
CA VAL D 270 -21.01 9.54 -43.89
C VAL D 270 -22.11 9.68 -44.94
N LEU E 7 -15.46 -27.48 -37.53
CA LEU E 7 -14.85 -26.42 -38.33
C LEU E 7 -14.09 -25.45 -37.44
N TYR E 8 -12.86 -25.13 -37.84
CA TYR E 8 -12.03 -24.20 -37.06
C TYR E 8 -12.58 -22.79 -37.12
N TYR E 9 -13.22 -22.41 -38.22
CA TYR E 9 -13.76 -21.06 -38.35
C TYR E 9 -14.81 -20.79 -37.28
N GLY E 10 -15.68 -21.75 -37.01
CA GLY E 10 -16.71 -21.56 -36.00
C GLY E 10 -16.14 -21.51 -34.59
N LEU E 11 -15.19 -22.40 -34.30
CA LEU E 11 -14.61 -22.43 -32.96
C LEU E 11 -13.80 -21.17 -32.69
N ASN E 12 -13.12 -20.65 -33.70
CA ASN E 12 -12.31 -19.45 -33.50
C ASN E 12 -13.14 -18.27 -33.03
N LEU E 13 -14.42 -18.24 -33.39
CA LEU E 13 -15.33 -17.20 -32.95
C LEU E 13 -16.15 -17.59 -31.74
N LEU E 14 -16.36 -18.88 -31.51
CA LEU E 14 -17.14 -19.32 -30.35
C LEU E 14 -16.32 -19.29 -29.06
N ILE E 15 -15.06 -19.73 -29.12
CA ILE E 15 -14.26 -19.80 -27.90
C ILE E 15 -14.03 -18.42 -27.29
N PRO E 16 -13.61 -17.39 -28.05
CA PRO E 16 -13.39 -16.09 -27.42
C PRO E 16 -14.64 -15.48 -26.82
N CYS E 17 -15.79 -15.70 -27.45
CA CYS E 17 -17.04 -15.14 -26.92
C CYS E 17 -17.34 -15.69 -25.53
N VAL E 18 -17.37 -17.01 -25.39
CA VAL E 18 -17.64 -17.62 -24.10
C VAL E 18 -16.53 -17.30 -23.11
N LEU E 19 -15.28 -17.20 -23.60
CA LEU E 19 -14.17 -16.85 -22.71
C LEU E 19 -14.38 -15.49 -22.08
N ILE E 20 -14.73 -14.49 -22.90
CA ILE E 20 -14.97 -13.14 -22.38
C ILE E 20 -16.20 -13.13 -21.49
N SER E 21 -17.23 -13.90 -21.86
CA SER E 21 -18.45 -13.94 -21.06
C SER E 21 -18.17 -14.50 -19.68
N ALA E 22 -17.29 -15.49 -19.58
CA ALA E 22 -16.93 -16.05 -18.28
C ALA E 22 -15.98 -15.14 -17.52
N LEU E 23 -15.08 -14.46 -18.23
CA LEU E 23 -14.15 -13.54 -17.57
C LEU E 23 -14.91 -12.36 -16.95
N ALA E 24 -15.92 -11.85 -17.63
CA ALA E 24 -16.71 -10.76 -17.08
C ALA E 24 -17.38 -11.18 -15.78
N LEU E 25 -17.98 -12.37 -15.76
CA LEU E 25 -18.64 -12.86 -14.55
C LEU E 25 -17.63 -13.10 -13.44
N LEU E 26 -16.46 -13.65 -13.77
CA LEU E 26 -15.45 -13.89 -12.76
C LEU E 26 -14.95 -12.58 -12.15
N VAL E 27 -14.84 -11.53 -12.98
CA VAL E 27 -14.42 -10.23 -12.47
C VAL E 27 -15.50 -9.63 -11.59
N PHE E 28 -16.76 -9.70 -12.04
CA PHE E 28 -17.86 -9.16 -11.25
C PHE E 28 -18.04 -9.91 -9.93
N LEU E 29 -17.64 -11.18 -9.87
CA LEU E 29 -17.79 -11.96 -8.65
C LEU E 29 -16.88 -11.45 -7.54
N LEU E 30 -15.73 -10.89 -7.90
CA LEU E 30 -14.79 -10.42 -6.89
C LEU E 30 -15.41 -9.31 -6.05
N PRO E 31 -14.90 -9.09 -4.83
CA PRO E 31 -15.46 -8.03 -3.98
C PRO E 31 -15.05 -6.64 -4.43
N ALA E 32 -15.46 -5.63 -3.67
CA ALA E 32 -15.15 -4.23 -3.99
C ALA E 32 -13.72 -3.95 -3.57
N ASP E 33 -12.78 -4.14 -4.49
CA ASP E 33 -11.37 -3.86 -4.27
C ASP E 33 -11.01 -2.61 -5.06
N SER E 34 -10.69 -1.53 -4.34
CA SER E 34 -10.42 -0.25 -5.00
C SER E 34 -9.26 -0.38 -5.98
N GLY E 35 -8.20 -1.09 -5.59
CA GLY E 35 -7.01 -1.18 -6.41
C GLY E 35 -6.97 -2.37 -7.34
N GLU E 36 -7.79 -3.39 -7.06
CA GLU E 36 -7.80 -4.63 -7.83
C GLU E 36 -9.03 -4.78 -8.72
N LYS E 37 -10.21 -4.47 -8.21
CA LYS E 37 -11.43 -4.65 -8.99
C LYS E 37 -11.34 -3.94 -10.34
N ILE E 38 -10.73 -2.75 -10.37
CA ILE E 38 -10.58 -2.03 -11.63
C ILE E 38 -9.46 -2.62 -12.47
N SER E 39 -8.39 -3.11 -11.83
CA SER E 39 -7.24 -3.62 -12.58
C SER E 39 -7.68 -4.62 -13.64
N LEU E 40 -8.66 -5.46 -13.33
CA LEU E 40 -9.20 -6.39 -14.31
C LEU E 40 -10.10 -5.66 -15.30
N GLY E 41 -11.08 -4.90 -14.79
CA GLY E 41 -12.04 -4.24 -15.65
C GLY E 41 -11.41 -3.47 -16.78
N ILE E 42 -10.20 -2.94 -16.56
CA ILE E 42 -9.49 -2.23 -17.62
C ILE E 42 -9.13 -3.20 -18.74
N THR E 43 -8.34 -4.23 -18.42
CA THR E 43 -7.87 -5.14 -19.46
C THR E 43 -9.03 -5.87 -20.12
N VAL E 44 -10.07 -6.19 -19.35
CA VAL E 44 -11.24 -6.85 -19.92
C VAL E 44 -11.77 -6.07 -21.11
N LEU E 45 -11.58 -4.75 -21.11
CA LEU E 45 -11.96 -3.94 -22.27
C LEU E 45 -10.91 -4.04 -23.36
N LEU E 46 -9.64 -3.86 -23.01
CA LEU E 46 -8.58 -3.92 -24.02
C LEU E 46 -8.56 -5.27 -24.72
N SER E 47 -8.71 -6.36 -23.97
CA SER E 47 -8.73 -7.69 -24.57
C SER E 47 -9.79 -7.79 -25.66
N LEU E 48 -10.84 -6.97 -25.58
CA LEU E 48 -11.88 -7.00 -26.61
C LEU E 48 -11.44 -6.23 -27.85
N THR E 49 -10.75 -5.10 -27.68
CA THR E 49 -10.34 -4.29 -28.81
C THR E 49 -9.54 -5.11 -29.81
N VAL E 50 -8.55 -5.87 -29.32
CA VAL E 50 -7.77 -6.72 -30.20
C VAL E 50 -8.67 -7.68 -30.97
N PHE E 51 -9.67 -8.24 -30.28
CA PHE E 51 -10.60 -9.13 -30.96
C PHE E 51 -11.29 -8.46 -32.13
N MET E 52 -11.58 -7.15 -32.00
CA MET E 52 -12.23 -6.44 -33.10
C MET E 52 -11.41 -6.50 -34.37
N LEU E 53 -10.09 -6.70 -34.25
CA LEU E 53 -9.25 -6.85 -35.44
C LEU E 53 -9.45 -8.23 -36.07
N LEU E 54 -9.55 -9.27 -35.24
CA LEU E 54 -9.72 -10.62 -35.76
C LEU E 54 -10.98 -10.71 -36.60
N VAL E 55 -12.09 -10.13 -36.13
CA VAL E 55 -13.34 -10.14 -36.89
C VAL E 55 -13.37 -9.09 -37.99
N ALA E 56 -12.28 -8.32 -38.16
CA ALA E 56 -12.24 -7.29 -39.18
C ALA E 56 -11.75 -7.81 -40.53
N GLU E 57 -10.99 -8.90 -40.54
CA GLU E 57 -10.47 -9.48 -41.78
C GLU E 57 -11.34 -10.62 -42.30
N ILE E 58 -11.68 -11.58 -41.43
CA ILE E 58 -12.51 -12.71 -41.87
C ILE E 58 -13.91 -12.24 -42.26
N MET E 59 -14.38 -11.14 -41.66
CA MET E 59 -15.70 -10.59 -41.93
C MET E 59 -15.53 -9.16 -42.42
N PRO E 60 -15.29 -8.94 -43.71
CA PRO E 60 -15.14 -7.58 -44.22
C PRO E 60 -16.38 -6.74 -43.92
N SER E 61 -16.16 -5.58 -43.29
CA SER E 61 -17.27 -4.70 -42.96
C SER E 61 -17.91 -4.10 -44.19
N THR E 62 -17.14 -3.92 -45.27
CA THR E 62 -17.67 -3.35 -46.50
C THR E 62 -18.53 -4.32 -47.30
N SER E 63 -18.49 -5.61 -46.97
CA SER E 63 -19.26 -6.62 -47.67
C SER E 63 -20.27 -7.34 -46.78
N ASP E 64 -19.90 -7.66 -45.55
CA ASP E 64 -20.80 -8.37 -44.63
C ASP E 64 -21.59 -7.34 -43.84
N SER E 65 -22.59 -6.76 -44.49
CA SER E 65 -23.45 -5.75 -43.87
C SER E 65 -24.72 -6.43 -43.35
N SER E 66 -24.52 -7.24 -42.31
CA SER E 66 -25.61 -7.96 -41.68
C SER E 66 -26.00 -7.27 -40.37
N PRO E 67 -27.24 -6.80 -40.21
CA PRO E 67 -27.59 -6.12 -38.96
C PRO E 67 -27.71 -7.06 -37.77
N SER E 68 -27.84 -8.36 -38.00
CA SER E 68 -27.94 -9.32 -36.89
C SER E 68 -26.59 -9.46 -36.18
N ILE E 69 -25.55 -9.81 -36.93
CA ILE E 69 -24.22 -9.93 -36.34
C ILE E 69 -23.74 -8.57 -35.84
N ALA E 70 -24.10 -7.49 -36.53
CA ALA E 70 -23.73 -6.15 -36.09
C ALA E 70 -24.37 -5.84 -34.74
N GLN E 71 -25.66 -6.13 -34.59
CA GLN E 71 -26.34 -5.89 -33.33
C GLN E 71 -25.77 -6.77 -32.23
N TYR E 72 -25.42 -8.01 -32.55
CA TYR E 72 -24.82 -8.90 -31.56
C TYR E 72 -23.48 -8.36 -31.08
N PHE E 73 -22.64 -7.90 -32.01
CA PHE E 73 -21.35 -7.34 -31.63
C PHE E 73 -21.53 -6.06 -30.82
N ALA E 74 -22.52 -5.24 -31.18
CA ALA E 74 -22.79 -4.03 -30.40
C ALA E 74 -23.21 -4.38 -28.97
N SER E 75 -24.10 -5.35 -28.82
CA SER E 75 -24.52 -5.76 -27.49
C SER E 75 -23.35 -6.32 -26.69
N THR E 76 -22.49 -7.11 -27.34
CA THR E 76 -21.32 -7.66 -26.65
C THR E 76 -20.39 -6.53 -26.20
N MET E 77 -20.14 -5.56 -27.07
CA MET E 77 -19.27 -4.44 -26.71
C MET E 77 -19.87 -3.64 -25.56
N ILE E 78 -21.20 -3.46 -25.57
CA ILE E 78 -21.85 -2.72 -24.48
C ILE E 78 -21.72 -3.49 -23.17
N ILE E 79 -21.92 -4.80 -23.22
CA ILE E 79 -21.81 -5.60 -22.00
C ILE E 79 -20.38 -5.59 -21.49
N VAL E 80 -19.39 -5.56 -22.37
CA VAL E 80 -18.00 -5.52 -21.93
C VAL E 80 -17.64 -4.14 -21.39
N GLY E 81 -18.21 -3.08 -21.95
CA GLY E 81 -17.94 -1.75 -21.45
C GLY E 81 -18.64 -1.46 -20.13
N LEU E 82 -19.78 -2.11 -19.88
CA LEU E 82 -20.44 -1.95 -18.59
C LEU E 82 -19.56 -2.39 -17.44
N SER E 83 -18.53 -3.19 -17.70
CA SER E 83 -17.57 -3.55 -16.67
C SER E 83 -16.90 -2.31 -16.09
N VAL E 84 -16.46 -1.41 -16.95
CA VAL E 84 -15.82 -0.18 -16.48
C VAL E 84 -16.81 0.65 -15.68
N VAL E 85 -18.07 0.69 -16.11
CA VAL E 85 -19.07 1.48 -15.41
C VAL E 85 -19.29 0.92 -14.00
N VAL E 86 -19.45 -0.40 -13.89
CA VAL E 86 -19.71 -0.99 -12.58
C VAL E 86 -18.49 -0.85 -11.68
N THR E 87 -17.28 -0.96 -12.25
CA THR E 87 -16.08 -0.78 -11.44
C THR E 87 -15.95 0.65 -10.94
N VAL E 88 -16.27 1.63 -11.80
CA VAL E 88 -16.23 3.03 -11.37
C VAL E 88 -17.26 3.28 -10.29
N ILE E 89 -18.45 2.68 -10.42
CA ILE E 89 -19.47 2.84 -9.39
C ILE E 89 -19.02 2.23 -8.07
N VAL E 90 -18.38 1.05 -8.15
CA VAL E 90 -17.87 0.40 -6.94
C VAL E 90 -16.83 1.28 -6.27
N LEU E 91 -15.91 1.84 -7.05
CA LEU E 91 -14.88 2.70 -6.48
C LEU E 91 -15.49 3.96 -5.86
N GLN E 92 -16.47 4.56 -6.53
CA GLN E 92 -17.11 5.75 -5.99
C GLN E 92 -17.83 5.43 -4.68
N TYR E 93 -18.49 4.27 -4.60
CA TYR E 93 -19.15 3.88 -3.36
C TYR E 93 -18.13 3.58 -2.27
N HIS E 94 -16.99 3.00 -2.62
CA HIS E 94 -15.94 2.76 -1.65
C HIS E 94 -15.35 4.07 -1.12
N HIS E 95 -15.32 5.10 -1.96
CA HIS E 95 -14.86 6.43 -1.57
C HIS E 95 -16.02 7.44 -1.60
N HIS E 96 -17.21 7.00 -1.19
CA HIS E 96 -18.38 7.85 -1.20
C HIS E 96 -18.21 9.00 -0.21
N ASP E 97 -18.87 10.13 -0.52
CA ASP E 97 -18.83 11.30 0.33
C ASP E 97 -20.15 11.42 1.08
N PRO E 98 -20.17 11.26 2.41
CA PRO E 98 -21.43 11.36 3.15
C PRO E 98 -21.94 12.77 3.36
N ASP E 99 -21.34 13.78 2.73
CA ASP E 99 -21.76 15.16 2.93
C ASP E 99 -22.95 15.52 2.06
N GLY E 100 -22.94 15.07 0.80
CA GLY E 100 -24.01 15.40 -0.14
C GLY E 100 -24.58 14.19 -0.84
N GLY E 101 -24.70 13.08 -0.12
CA GLY E 101 -25.23 11.85 -0.70
C GLY E 101 -26.52 11.40 -0.04
N LYS E 102 -26.82 10.11 -0.16
CA LYS E 102 -28.02 9.53 0.42
C LYS E 102 -27.74 8.80 1.74
N MET E 103 -26.79 9.31 2.52
CA MET E 103 -26.40 8.70 3.78
C MET E 103 -27.03 9.45 4.95
N PRO E 104 -27.06 8.85 6.15
CA PRO E 104 -26.62 7.49 6.48
C PRO E 104 -27.77 6.49 6.62
N LYS E 105 -29.00 7.00 6.82
CA LYS E 105 -30.12 6.12 7.11
C LYS E 105 -30.41 5.17 5.95
N TRP E 106 -30.54 5.72 4.74
CA TRP E 106 -30.89 4.89 3.58
C TRP E 106 -29.81 3.87 3.30
N THR E 107 -28.54 4.29 3.33
CA THR E 107 -27.44 3.37 3.06
C THR E 107 -27.36 2.28 4.12
N ARG E 108 -27.58 2.65 5.38
CA ARG E 108 -27.55 1.65 6.45
C ARG E 108 -28.68 0.65 6.30
N VAL E 109 -29.87 1.12 5.92
CA VAL E 109 -31.00 0.21 5.72
C VAL E 109 -30.72 -0.72 4.55
N ILE E 110 -30.15 -0.19 3.46
CA ILE E 110 -29.83 -1.03 2.31
C ILE E 110 -28.78 -2.08 2.70
N LEU E 111 -27.78 -1.68 3.48
CA LEU E 111 -26.75 -2.62 3.91
C LEU E 111 -27.35 -3.71 4.79
N LEU E 112 -28.21 -3.34 5.72
CA LEU E 112 -28.85 -4.34 6.58
C LEU E 112 -29.69 -5.31 5.75
N ASN E 113 -30.47 -4.79 4.80
CA ASN E 113 -31.29 -5.66 3.96
C ASN E 113 -30.43 -6.60 3.14
N TRP E 114 -29.34 -6.09 2.56
CA TRP E 114 -28.46 -6.94 1.76
C TRP E 114 -27.81 -8.02 2.62
N CYS E 115 -27.36 -7.66 3.82
CA CYS E 115 -26.77 -8.65 4.71
C CYS E 115 -27.79 -9.72 5.10
N ALA E 116 -29.02 -9.31 5.41
CA ALA E 116 -30.05 -10.28 5.78
C ALA E 116 -30.38 -11.20 4.62
N TRP E 117 -30.39 -10.67 3.40
CA TRP E 117 -30.75 -11.47 2.23
C TRP E 117 -29.60 -12.32 1.72
N PHE E 118 -28.36 -11.98 2.05
CA PHE E 118 -27.20 -12.74 1.59
C PHE E 118 -26.69 -13.75 2.61
N LEU E 119 -26.41 -13.30 3.84
CA LEU E 119 -25.84 -14.21 4.83
C LEU E 119 -26.87 -15.24 5.28
N ARG E 120 -28.13 -14.83 5.43
CA ARG E 120 -29.19 -15.73 5.88
C ARG E 120 -30.04 -16.25 4.75
N MET E 121 -30.28 -15.45 3.71
CA MET E 121 -31.10 -15.86 2.57
C MET E 121 -32.51 -16.28 3.03
N LYS E 122 -33.22 -15.30 3.60
CA LYS E 122 -34.56 -15.55 4.11
C LYS E 122 -35.42 -16.26 3.07
N ARG E 123 -35.95 -17.42 3.46
CA ARG E 123 -36.79 -18.23 2.59
C ARG E 123 -37.45 -19.33 3.39
N PRO E 124 -38.47 -20.00 2.86
CA PRO E 124 -39.13 -21.06 3.65
C PRO E 124 -38.16 -22.14 4.13
N GLY E 125 -37.30 -22.65 3.25
CA GLY E 125 -36.37 -23.69 3.65
C GLY E 125 -35.45 -23.28 4.77
N GLU E 126 -35.17 -21.98 4.90
CA GLU E 126 -34.32 -21.47 5.95
C GLU E 126 -35.10 -20.83 7.09
N ASP E 127 -36.35 -20.41 6.85
CA ASP E 127 -37.16 -19.80 7.89
C ASP E 127 -37.90 -20.81 8.74
N LYS E 128 -38.28 -21.96 8.17
CA LYS E 128 -39.00 -22.96 8.93
C LYS E 128 -38.05 -23.87 9.72
N VAL E 129 -36.84 -24.08 9.23
CA VAL E 129 -35.86 -24.95 9.90
C VAL E 129 -35.07 -24.05 10.84
N ARG E 130 -35.62 -23.84 12.04
CA ARG E 130 -34.96 -23.05 13.07
C ARG E 130 -35.78 -23.16 14.35
N PRO E 131 -35.16 -22.90 15.50
CA PRO E 131 -35.92 -22.96 16.77
C PRO E 131 -37.06 -21.95 16.77
N ALA E 132 -38.27 -22.44 17.05
CA ALA E 132 -39.45 -21.59 17.09
C ALA E 132 -40.43 -22.15 18.11
N CYS E 133 -41.00 -21.27 18.92
CA CYS E 133 -41.97 -21.67 19.93
C CYS E 133 -42.76 -20.44 20.35
N GLN E 134 -43.79 -20.68 21.16
CA GLN E 134 -44.66 -19.62 21.67
C GLN E 134 -44.27 -19.19 23.09
N HIS E 135 -43.00 -19.34 23.45
CA HIS E 135 -42.54 -18.97 24.77
C HIS E 135 -42.30 -17.47 24.85
N LYS E 136 -42.20 -16.97 26.08
CA LYS E 136 -41.99 -15.54 26.30
C LYS E 136 -40.67 -15.07 25.71
N GLN E 137 -39.70 -15.98 25.56
CA GLN E 137 -38.40 -15.60 25.01
C GLN E 137 -38.49 -15.19 23.54
N ARG E 138 -39.57 -15.55 22.86
CA ARG E 138 -39.75 -15.21 21.45
C ARG E 138 -40.77 -14.09 21.25
N ARG E 139 -41.34 -13.55 22.33
CA ARG E 139 -42.31 -12.46 22.22
C ARG E 139 -41.59 -11.11 22.22
N CYS E 140 -42.37 -10.04 22.12
CA CYS E 140 -41.85 -8.69 22.08
C CYS E 140 -42.27 -7.94 23.35
N SER E 141 -41.63 -6.80 23.56
CA SER E 141 -41.91 -5.96 24.73
C SER E 141 -41.72 -4.50 24.34
N LEU E 142 -41.88 -3.61 25.32
CA LEU E 142 -41.72 -2.19 25.07
C LEU E 142 -40.28 -1.81 24.71
N ALA E 143 -39.31 -2.68 25.01
CA ALA E 143 -37.92 -2.42 24.71
C ALA E 143 -37.52 -2.82 23.30
N SER E 144 -38.44 -3.39 22.52
CA SER E 144 -38.16 -3.82 21.16
C SER E 144 -38.95 -3.08 20.10
N VAL E 145 -40.08 -2.46 20.46
CA VAL E 145 -40.90 -1.72 19.49
C VAL E 145 -40.10 -0.54 18.97
N GLU E 146 -39.78 -0.56 17.68
CA GLU E 146 -39.00 0.50 17.06
C GLU E 146 -39.87 1.63 16.52
N MET E 147 -41.15 1.68 16.91
CA MET E 147 -42.03 2.74 16.45
C MET E 147 -41.62 4.11 16.98
N SER E 148 -40.90 4.16 18.09
CA SER E 148 -40.44 5.42 18.68
C SER E 148 -38.94 5.44 18.88
N ALA E 149 -38.20 4.57 18.20
CA ALA E 149 -36.75 4.51 18.31
C ALA E 149 -36.31 4.28 19.76
N VAL E 150 -36.82 3.19 20.33
CA VAL E 150 -36.51 2.84 21.71
C VAL E 150 -35.14 2.15 21.74
N ALA E 151 -34.57 2.02 22.92
CA ALA E 151 -33.28 1.37 23.08
C ALA E 151 -33.35 -0.06 22.57
N PRO E 152 -32.61 -0.43 21.54
CA PRO E 152 -32.66 -1.82 21.05
C PRO E 152 -32.24 -2.79 22.13
N PRO E 153 -32.49 -4.08 21.95
CA PRO E 153 -32.11 -5.07 22.95
C PRO E 153 -30.60 -5.05 23.18
N PRO E 154 -30.17 -4.81 24.42
CA PRO E 154 -28.72 -4.83 24.69
C PRO E 154 -28.10 -6.16 24.31
N ALA E 155 -27.18 -6.12 23.35
CA ALA E 155 -26.51 -7.32 22.88
C ALA E 155 -25.11 -6.95 22.42
N SER E 156 -24.27 -7.97 22.25
CA SER E 156 -22.90 -7.79 21.81
C SER E 156 -22.75 -7.75 20.30
N ASN E 157 -23.86 -7.78 19.56
CA ASN E 157 -23.83 -7.74 18.11
C ASN E 157 -23.93 -6.31 17.57
N GLY E 158 -23.62 -5.32 18.38
CA GLY E 158 -23.66 -3.93 17.97
C GLY E 158 -24.69 -3.07 18.67
N ASN E 159 -25.17 -3.48 19.84
CA ASN E 159 -26.15 -2.71 20.60
C ASN E 159 -25.66 -2.31 21.98
N LEU E 160 -24.94 -3.19 22.67
CA LEU E 160 -24.44 -2.87 24.01
C LEU E 160 -23.20 -1.97 23.93
N LEU E 161 -22.25 -2.31 23.07
CA LEU E 161 -21.04 -1.52 22.92
C LEU E 161 -21.27 -0.25 22.10
N TYR E 162 -22.32 -0.21 21.29
CA TYR E 162 -22.59 0.97 20.48
C TYR E 162 -22.94 2.16 21.36
N ILE E 163 -24.00 2.04 22.15
CA ILE E 163 -24.44 3.15 23.01
C ILE E 163 -23.36 3.54 24.00
N GLY E 164 -22.42 2.63 24.30
CA GLY E 164 -21.36 2.96 25.23
C GLY E 164 -20.54 4.15 24.78
N PHE E 165 -20.11 4.13 23.52
CA PHE E 165 -19.30 5.21 22.96
C PHE E 165 -20.11 6.23 22.17
N ARG E 166 -21.36 5.91 21.82
CA ARG E 166 -22.21 6.82 21.05
C ARG E 166 -23.43 7.26 21.83
N GLY E 167 -23.48 7.01 23.14
CA GLY E 167 -24.62 7.40 23.96
C GLY E 167 -24.35 8.62 24.81
N LEU E 168 -23.66 9.61 24.24
CA LEU E 168 -23.36 10.83 24.97
C LEU E 168 -24.64 11.44 25.54
N ASP E 169 -24.51 12.04 26.72
CA ASP E 169 -25.61 12.67 27.44
C ASP E 169 -26.67 11.66 27.88
N GLY E 170 -26.38 10.38 27.79
CA GLY E 170 -27.31 9.33 28.17
C GLY E 170 -26.95 8.70 29.50
N VAL E 171 -27.24 7.40 29.62
CA VAL E 171 -26.95 6.68 30.85
C VAL E 171 -25.46 6.42 31.02
N HIS E 172 -24.70 6.43 29.92
CA HIS E 172 -23.26 6.14 30.01
C HIS E 172 -22.48 7.33 30.55
N CYS E 173 -22.92 8.56 30.26
CA CYS E 173 -22.22 9.74 30.73
C CYS E 173 -22.65 10.19 32.11
N VAL E 174 -23.84 9.79 32.57
CA VAL E 174 -24.32 10.15 33.90
C VAL E 174 -25.02 8.94 34.51
N PRO E 175 -24.30 7.85 34.79
CA PRO E 175 -24.94 6.67 35.39
C PRO E 175 -25.25 6.88 36.87
N THR E 176 -26.19 7.78 37.16
CA THR E 176 -26.58 8.09 38.54
C THR E 176 -28.10 8.21 38.59
N PRO E 177 -28.80 7.07 38.57
CA PRO E 177 -30.26 7.11 38.64
C PRO E 177 -30.75 7.78 39.93
N ASP E 178 -32.02 8.17 39.92
CA ASP E 178 -32.63 8.84 41.06
C ASP E 178 -32.94 7.80 42.14
N SER E 179 -31.88 7.31 42.76
CA SER E 179 -31.99 6.30 43.83
C SER E 179 -31.27 6.73 45.10
N GLY E 180 -30.15 7.43 44.99
CA GLY E 180 -29.41 7.87 46.15
C GLY E 180 -28.42 6.87 46.69
N VAL E 181 -27.95 5.92 45.87
CA VAL E 181 -26.99 4.93 46.34
C VAL E 181 -25.73 5.61 46.86
N VAL E 182 -25.37 6.76 46.29
CA VAL E 182 -24.18 7.48 46.74
C VAL E 182 -24.24 7.80 48.22
N CYS E 183 -25.45 7.82 48.81
CA CYS E 183 -25.62 8.05 50.24
C CYS E 183 -26.20 6.85 50.96
N GLY E 184 -26.44 5.74 50.27
CA GLY E 184 -26.99 4.56 50.90
C GLY E 184 -26.17 3.31 50.67
N ARG E 185 -25.30 3.35 49.67
CA ARG E 185 -24.45 2.22 49.32
C ARG E 185 -23.03 2.44 49.83
N MET E 186 -22.32 1.35 50.07
CA MET E 186 -20.95 1.38 50.56
C MET E 186 -19.95 0.71 49.63
N ALA E 187 -20.39 -0.24 48.80
CA ALA E 187 -19.49 -0.93 47.89
C ALA E 187 -19.05 0.02 46.79
N CYS E 188 -17.80 0.46 46.85
CA CYS E 188 -17.25 1.39 45.86
C CYS E 188 -18.09 2.66 45.77
N SER E 189 -18.62 3.10 46.91
CA SER E 189 -19.46 4.29 46.95
C SER E 189 -19.41 4.89 48.36
N PRO E 190 -18.49 5.82 48.61
CA PRO E 190 -18.44 6.45 49.94
C PRO E 190 -19.76 7.11 50.30
N THR E 191 -20.19 6.91 51.54
CA THR E 191 -21.45 7.46 52.04
C THR E 191 -21.27 8.95 52.33
N HIS E 192 -21.17 9.72 51.24
CA HIS E 192 -21.01 11.17 51.31
C HIS E 192 -19.96 11.58 52.34
N ASP E 193 -18.93 10.76 52.50
CA ASP E 193 -17.86 11.03 53.46
C ASP E 193 -16.84 11.95 52.80
N GLU E 194 -16.91 13.25 53.12
CA GLU E 194 -15.99 14.22 52.56
C GLU E 194 -14.66 14.26 53.29
N HIS E 195 -14.58 13.70 54.49
CA HIS E 195 -13.36 13.68 55.28
C HIS E 195 -12.54 12.41 55.08
N LEU E 196 -12.90 11.59 54.09
CA LEU E 196 -12.17 10.36 53.82
C LEU E 196 -10.81 10.69 53.24
N LEU E 197 -9.75 10.51 54.03
CA LEU E 197 -8.39 10.80 53.61
C LEU E 197 -7.61 9.51 53.45
N HIS E 198 -6.60 9.54 52.58
CA HIS E 198 -5.75 8.38 52.31
C HIS E 198 -4.75 8.24 53.46
N GLY E 199 -5.24 7.73 54.58
CA GLY E 199 -4.39 7.56 55.75
C GLY E 199 -3.79 8.85 56.26
N GLY E 200 -4.58 9.92 56.29
CA GLY E 200 -4.12 11.21 56.74
C GLY E 200 -3.75 12.18 55.64
N GLN E 201 -3.68 11.71 54.40
CA GLN E 201 -3.35 12.54 53.25
C GLN E 201 -4.50 12.54 52.26
N PRO E 202 -4.54 13.51 51.35
CA PRO E 202 -5.63 13.56 50.36
C PRO E 202 -5.64 12.30 49.51
N PRO E 203 -6.77 12.00 48.84
CA PRO E 203 -6.88 10.81 48.00
C PRO E 203 -6.25 10.96 46.62
N GLU E 204 -5.01 11.46 46.58
CA GLU E 204 -4.29 11.64 45.33
C GLU E 204 -2.81 11.83 45.64
N GLY E 205 -1.97 11.05 44.97
CA GLY E 205 -0.54 11.12 45.18
C GLY E 205 0.12 12.26 44.42
N ASP E 206 -0.26 12.42 43.16
CA ASP E 206 0.32 13.46 42.30
C ASP E 206 -0.68 13.87 41.22
N PRO E 207 -1.05 15.14 41.13
CA PRO E 207 -1.98 15.54 40.06
C PRO E 207 -1.49 15.21 38.66
N ASP E 208 -0.19 14.98 38.49
CA ASP E 208 0.32 14.61 37.17
C ASP E 208 -0.28 13.29 36.69
N LEU E 209 -0.71 12.43 37.62
CA LEU E 209 -1.35 11.18 37.23
C LEU E 209 -2.65 11.44 36.46
N ALA E 210 -3.40 12.46 36.87
CA ALA E 210 -4.62 12.81 36.16
C ALA E 210 -4.32 13.23 34.73
N LYS E 211 -3.27 14.03 34.54
CA LYS E 211 -2.91 14.46 33.19
C LYS E 211 -2.42 13.29 32.36
N ILE E 212 -1.67 12.36 32.97
CA ILE E 212 -1.21 11.18 32.25
C ILE E 212 -2.42 10.35 31.82
N LEU E 213 -3.40 10.17 32.70
CA LEU E 213 -4.60 9.42 32.35
C LEU E 213 -5.37 10.11 31.24
N GLU E 214 -5.46 11.44 31.30
CA GLU E 214 -6.17 12.17 30.26
C GLU E 214 -5.48 12.02 28.91
N GLU E 215 -4.15 12.08 28.89
CA GLU E 215 -3.43 11.92 27.63
C GLU E 215 -3.56 10.50 27.10
N VAL E 216 -3.53 9.50 27.99
CA VAL E 216 -3.72 8.12 27.56
C VAL E 216 -5.11 7.93 26.99
N ARG E 217 -6.12 8.55 27.60
CA ARG E 217 -7.48 8.47 27.06
C ARG E 217 -7.58 9.17 25.73
N TYR E 218 -6.85 10.28 25.55
CA TYR E 218 -6.83 10.96 24.26
C TYR E 218 -6.20 10.08 23.19
N ILE E 219 -5.13 9.35 23.54
CA ILE E 219 -4.52 8.43 22.59
C ILE E 219 -5.47 7.29 22.26
N ALA E 220 -6.19 6.79 23.26
CA ALA E 220 -7.18 5.74 23.01
C ALA E 220 -8.28 6.24 22.09
N ASN E 221 -8.71 7.49 22.26
CA ASN E 221 -9.73 8.06 21.39
C ASN E 221 -9.17 8.25 19.98
N ARG E 222 -7.90 8.61 19.86
CA ARG E 222 -7.29 8.73 18.53
C ARG E 222 -7.26 7.37 17.84
N PHE E 223 -6.96 6.30 18.58
CA PHE E 223 -6.99 4.96 17.99
C PHE E 223 -8.41 4.56 17.62
N ARG E 224 -9.38 4.91 18.47
CA ARG E 224 -10.78 4.62 18.17
C ARG E 224 -11.24 5.38 16.93
N CYS E 225 -10.67 6.56 16.68
CA CYS E 225 -10.99 7.28 15.45
C CYS E 225 -10.56 6.50 14.22
N GLN E 226 -9.35 5.94 14.24
CA GLN E 226 -8.91 5.10 13.12
C GLN E 226 -9.75 3.84 13.02
N ASP E 227 -10.15 3.26 14.16
CA ASP E 227 -11.02 2.10 14.13
C ASP E 227 -12.35 2.43 13.47
N GLU E 228 -12.93 3.58 13.80
CA GLU E 228 -14.19 3.99 13.19
C GLU E 228 -14.03 4.30 11.71
N SER E 229 -12.87 4.86 11.33
CA SER E 229 -12.60 5.09 9.92
C SER E 229 -12.53 3.77 9.16
N GLU E 230 -11.88 2.76 9.75
CA GLU E 230 -11.84 1.44 9.12
C GLU E 230 -13.23 0.82 9.04
N ALA E 231 -14.04 1.01 10.07
CA ALA E 231 -15.42 0.50 10.04
C ALA E 231 -16.23 1.17 8.94
N VAL E 232 -16.06 2.48 8.76
CA VAL E 232 -16.76 3.19 7.70
C VAL E 232 -16.27 2.72 6.34
N CYS E 233 -14.97 2.46 6.22
CA CYS E 233 -14.44 1.92 4.97
C CYS E 233 -15.03 0.56 4.66
N SER E 234 -15.19 -0.28 5.68
CA SER E 234 -15.81 -1.60 5.47
C SER E 234 -17.28 -1.44 5.09
N GLU E 235 -17.98 -0.50 5.71
CA GLU E 235 -19.37 -0.25 5.34
C GLU E 235 -19.49 0.20 3.90
N TRP E 236 -18.58 1.09 3.45
CA TRP E 236 -18.59 1.52 2.06
C TRP E 236 -18.25 0.35 1.13
N LYS E 237 -17.34 -0.52 1.55
CA LYS E 237 -17.01 -1.70 0.76
C LYS E 237 -18.23 -2.60 0.60
N PHE E 238 -19.01 -2.77 1.67
CA PHE E 238 -20.22 -3.56 1.58
C PHE E 238 -21.27 -2.88 0.70
N ALA E 239 -21.38 -1.56 0.79
CA ALA E 239 -22.31 -0.84 -0.08
C ALA E 239 -21.92 -0.99 -1.54
N ALA E 240 -20.62 -1.06 -1.83
CA ALA E 240 -20.17 -1.27 -3.20
C ALA E 240 -20.40 -2.71 -3.63
N CYS E 241 -20.18 -3.67 -2.72
CA CYS E 241 -20.43 -5.08 -3.03
C CYS E 241 -21.89 -5.36 -3.25
N VAL E 242 -22.78 -4.51 -2.71
CA VAL E 242 -24.20 -4.62 -3.08
C VAL E 242 -24.36 -4.55 -4.60
N VAL E 243 -23.65 -3.60 -5.23
CA VAL E 243 -23.72 -3.48 -6.68
C VAL E 243 -23.08 -4.68 -7.35
N ASP E 244 -22.00 -5.21 -6.77
CA ASP E 244 -21.38 -6.41 -7.33
C ASP E 244 -22.34 -7.59 -7.32
N ARG E 245 -23.12 -7.72 -6.24
CA ARG E 245 -24.10 -8.80 -6.17
C ARG E 245 -25.23 -8.57 -7.16
N LEU E 246 -25.73 -7.33 -7.26
CA LEU E 246 -26.75 -7.03 -8.26
C LEU E 246 -26.26 -7.37 -9.65
N CYS E 247 -24.98 -7.11 -9.94
CA CYS E 247 -24.41 -7.47 -11.24
C CYS E 247 -24.35 -8.97 -11.41
N LEU E 248 -23.76 -9.68 -10.44
CA LEU E 248 -23.70 -11.12 -10.50
C LEU E 248 -25.08 -11.75 -10.68
N MET E 249 -26.13 -11.07 -10.25
CA MET E 249 -27.48 -11.58 -10.40
C MET E 249 -28.10 -11.25 -11.75
N ALA E 250 -27.87 -10.04 -12.26
CA ALA E 250 -28.51 -9.61 -13.51
C ALA E 250 -27.70 -10.00 -14.75
N PHE E 251 -26.41 -9.62 -14.78
CA PHE E 251 -25.58 -9.93 -15.93
C PHE E 251 -25.44 -11.42 -16.14
N SER E 252 -25.55 -12.22 -15.07
CA SER E 252 -25.48 -13.67 -15.22
C SER E 252 -26.66 -14.18 -16.04
N VAL E 253 -27.88 -13.76 -15.68
CA VAL E 253 -29.06 -14.16 -16.44
C VAL E 253 -28.99 -13.61 -17.85
N PHE E 254 -28.45 -12.39 -18.01
CA PHE E 254 -28.32 -11.80 -19.33
C PHE E 254 -27.40 -12.64 -20.20
N THR E 255 -26.25 -13.06 -19.66
CA THR E 255 -25.31 -13.88 -20.41
C THR E 255 -25.91 -15.25 -20.72
N ILE E 256 -26.69 -15.81 -19.78
CA ILE E 256 -27.34 -17.09 -20.03
C ILE E 256 -28.31 -16.97 -21.19
N ILE E 257 -29.11 -15.89 -21.20
CA ILE E 257 -30.07 -15.69 -22.28
C ILE E 257 -29.34 -15.47 -23.60
N CYS E 258 -28.22 -14.74 -23.56
CA CYS E 258 -27.46 -14.51 -24.79
C CYS E 258 -26.87 -15.80 -25.34
N THR E 259 -26.35 -16.66 -24.46
CA THR E 259 -25.81 -17.94 -24.90
C THR E 259 -26.90 -18.86 -25.42
N ILE E 260 -28.10 -18.79 -24.84
CA ILE E 260 -29.21 -19.59 -25.33
C ILE E 260 -29.65 -19.09 -26.71
N GLY E 261 -29.67 -17.77 -26.90
CA GLY E 261 -30.06 -17.23 -28.19
C GLY E 261 -29.04 -17.53 -29.28
N ILE E 262 -27.75 -17.41 -28.96
CA ILE E 262 -26.71 -17.69 -29.94
C ILE E 262 -26.81 -19.13 -30.42
N LEU E 263 -27.28 -20.04 -29.56
CA LEU E 263 -27.45 -21.43 -29.97
C LEU E 263 -28.76 -21.63 -30.72
N MET E 264 -29.81 -20.91 -30.33
CA MET E 264 -31.09 -21.04 -31.00
C MET E 264 -31.17 -20.18 -32.26
N SER E 265 -30.43 -19.07 -32.30
CA SER E 265 -30.45 -18.16 -33.44
C SER E 265 -29.25 -18.37 -34.36
N ALA E 266 -28.53 -19.48 -34.21
CA ALA E 266 -27.38 -19.74 -35.07
C ALA E 266 -27.76 -19.86 -36.55
N PRO E 267 -28.83 -20.56 -36.92
CA PRO E 267 -29.16 -20.66 -38.36
C PRO E 267 -29.37 -19.31 -39.03
N ASN E 268 -29.73 -18.26 -38.27
CA ASN E 268 -29.95 -16.96 -38.88
C ASN E 268 -28.67 -16.42 -39.52
N PHE E 269 -27.57 -16.43 -38.77
CA PHE E 269 -26.28 -15.95 -39.26
C PHE E 269 -25.33 -17.09 -39.58
N VAL E 270 -25.10 -17.99 -38.62
CA VAL E 270 -24.19 -19.12 -38.83
C VAL E 270 -24.87 -20.16 -39.69
N LEU A 7 11.62 -25.14 -40.03
CA LEU A 7 12.02 -25.14 -38.62
C LEU A 7 11.39 -23.96 -37.88
N TYR A 8 11.69 -22.75 -38.36
CA TYR A 8 11.13 -21.56 -37.72
C TYR A 8 9.62 -21.57 -37.75
N TYR A 9 9.03 -22.08 -38.83
CA TYR A 9 7.58 -22.12 -38.94
C TYR A 9 6.94 -22.91 -37.81
N GLY A 10 7.62 -23.94 -37.32
CA GLY A 10 7.10 -24.75 -36.24
C GLY A 10 7.45 -24.19 -34.87
N LEU A 11 8.66 -23.63 -34.75
CA LEU A 11 9.09 -23.07 -33.48
C LEU A 11 8.25 -21.85 -33.11
N ASN A 12 7.93 -21.00 -34.09
CA ASN A 12 7.16 -19.80 -33.82
C ASN A 12 5.78 -20.12 -33.27
N LEU A 13 5.24 -21.31 -33.55
CA LEU A 13 3.96 -21.73 -33.02
C LEU A 13 4.08 -22.63 -31.79
N LEU A 14 5.23 -23.28 -31.60
CA LEU A 14 5.40 -24.15 -30.45
C LEU A 14 5.83 -23.36 -29.20
N ILE A 15 6.70 -22.38 -29.37
CA ILE A 15 7.21 -21.63 -28.22
C ILE A 15 6.11 -20.82 -27.54
N PRO A 16 5.25 -20.09 -28.25
CA PRO A 16 4.21 -19.31 -27.54
C PRO A 16 3.31 -20.16 -26.67
N CYS A 17 2.94 -21.35 -27.13
CA CYS A 17 2.08 -22.22 -26.32
C CYS A 17 2.76 -22.63 -25.03
N VAL A 18 4.03 -23.05 -25.12
CA VAL A 18 4.76 -23.45 -23.92
C VAL A 18 4.94 -22.26 -22.98
N LEU A 19 5.16 -21.07 -23.55
CA LEU A 19 5.33 -19.88 -22.72
C LEU A 19 4.03 -19.55 -21.98
N ILE A 20 2.90 -19.63 -22.66
CA ILE A 20 1.61 -19.37 -22.02
C ILE A 20 1.35 -20.41 -20.94
N SER A 21 1.68 -21.68 -21.22
CA SER A 21 1.49 -22.72 -20.22
C SER A 21 2.34 -22.46 -18.98
N ALA A 22 3.60 -22.07 -19.18
CA ALA A 22 4.47 -21.76 -18.05
C ALA A 22 3.96 -20.55 -17.27
N LEU A 23 3.48 -19.52 -17.98
CA LEU A 23 2.94 -18.35 -17.30
C LEU A 23 1.71 -18.71 -16.48
N ALA A 24 0.86 -19.59 -17.00
CA ALA A 24 -0.32 -20.01 -16.25
C ALA A 24 0.07 -20.85 -15.04
N LEU A 25 1.03 -21.76 -15.21
CA LEU A 25 1.50 -22.56 -14.08
C LEU A 25 2.12 -21.68 -13.00
N LEU A 26 2.80 -20.60 -13.39
CA LEU A 26 3.39 -19.70 -12.41
C LEU A 26 2.30 -19.02 -11.59
N VAL A 27 1.26 -18.51 -12.25
CA VAL A 27 0.18 -17.84 -11.54
C VAL A 27 -0.58 -18.83 -10.66
N PHE A 28 -0.72 -20.08 -11.10
CA PHE A 28 -1.42 -21.06 -10.30
C PHE A 28 -0.58 -21.54 -9.12
N LEU A 29 0.74 -21.49 -9.24
CA LEU A 29 1.63 -21.89 -8.15
C LEU A 29 1.81 -20.79 -7.11
N LEU A 30 1.46 -19.55 -7.45
CA LEU A 30 1.71 -18.42 -6.56
C LEU A 30 0.65 -18.36 -5.45
N PRO A 31 1.03 -18.04 -4.21
CA PRO A 31 0.03 -17.86 -3.16
C PRO A 31 -0.77 -16.58 -3.33
N ALA A 32 -1.60 -16.23 -2.36
CA ALA A 32 -2.46 -15.06 -2.49
C ALA A 32 -1.61 -13.81 -2.64
N ASP A 33 -1.57 -13.27 -3.85
CA ASP A 33 -0.76 -12.10 -4.18
C ASP A 33 -1.59 -11.14 -5.02
N SER A 34 -2.79 -10.82 -4.53
CA SER A 34 -3.72 -9.93 -5.24
C SER A 34 -2.99 -8.78 -5.93
N GLY A 35 -2.06 -8.14 -5.22
CA GLY A 35 -1.30 -7.06 -5.83
C GLY A 35 -0.47 -7.49 -7.02
N GLU A 36 -0.23 -8.79 -7.17
CA GLU A 36 0.55 -9.34 -8.28
C GLU A 36 -0.29 -10.20 -9.21
N LYS A 37 -1.05 -11.16 -8.66
CA LYS A 37 -1.82 -12.07 -9.50
C LYS A 37 -2.73 -11.32 -10.46
N ILE A 38 -3.40 -10.28 -9.97
CA ILE A 38 -4.32 -9.52 -10.82
C ILE A 38 -3.62 -9.05 -12.09
N SER A 39 -2.34 -8.69 -11.97
CA SER A 39 -1.58 -8.26 -13.15
C SER A 39 -1.21 -9.46 -14.02
N LEU A 40 -0.80 -10.56 -13.41
CA LEU A 40 -0.39 -11.73 -14.18
C LEU A 40 -1.59 -12.48 -14.73
N GLY A 41 -2.68 -12.55 -13.97
CA GLY A 41 -3.84 -13.30 -14.41
C GLY A 41 -4.54 -12.67 -15.61
N ILE A 42 -4.66 -11.34 -15.61
CA ILE A 42 -5.33 -10.65 -16.70
C ILE A 42 -4.41 -10.34 -17.88
N THR A 43 -3.10 -10.22 -17.64
CA THR A 43 -2.18 -9.91 -18.72
C THR A 43 -1.80 -11.17 -19.51
N VAL A 44 -1.63 -12.30 -18.81
CA VAL A 44 -1.26 -13.54 -19.50
C VAL A 44 -2.28 -13.89 -20.57
N LEU A 45 -3.55 -13.52 -20.36
CA LEU A 45 -4.56 -13.76 -21.38
C LEU A 45 -4.36 -12.83 -22.58
N LEU A 46 -4.05 -11.55 -22.32
CA LEU A 46 -3.83 -10.61 -23.42
C LEU A 46 -2.69 -11.07 -24.31
N SER A 47 -1.63 -11.63 -23.72
CA SER A 47 -0.52 -12.12 -24.52
C SER A 47 -0.97 -13.16 -25.54
N LEU A 48 -2.07 -13.85 -25.27
CA LEU A 48 -2.60 -14.82 -26.23
C LEU A 48 -3.41 -14.16 -27.33
N THR A 49 -4.10 -13.05 -27.03
CA THR A 49 -4.88 -12.37 -28.05
C THR A 49 -4.01 -11.90 -29.19
N VAL A 50 -2.77 -11.49 -28.89
CA VAL A 50 -1.84 -11.10 -29.94
C VAL A 50 -1.34 -12.32 -30.70
N PHE A 51 -1.27 -13.48 -30.03
CA PHE A 51 -0.82 -14.70 -30.70
C PHE A 51 -1.89 -15.23 -31.64
N MET A 52 -3.13 -15.34 -31.16
CA MET A 52 -4.22 -15.82 -32.01
C MET A 52 -4.34 -15.01 -33.29
N LEU A 53 -4.06 -13.70 -33.21
CA LEU A 53 -4.08 -12.88 -34.42
C LEU A 53 -2.95 -13.25 -35.35
N LEU A 54 -1.74 -13.43 -34.80
CA LEU A 54 -0.60 -13.81 -35.63
C LEU A 54 -0.90 -15.06 -36.44
N VAL A 55 -1.45 -16.09 -35.78
CA VAL A 55 -1.82 -17.32 -36.48
C VAL A 55 -2.76 -16.99 -37.63
N ALA A 56 -3.75 -16.12 -37.39
CA ALA A 56 -4.71 -15.77 -38.43
C ALA A 56 -4.04 -15.23 -39.68
N GLU A 57 -2.81 -14.72 -39.56
CA GLU A 57 -2.10 -14.21 -40.73
C GLU A 57 -1.46 -15.35 -41.51
N ILE A 58 -0.93 -16.37 -40.82
CA ILE A 58 -0.28 -17.48 -41.50
C ILE A 58 -1.22 -18.67 -41.69
N MET A 59 -2.21 -18.83 -40.81
CA MET A 59 -3.16 -19.93 -40.88
C MET A 59 -4.57 -19.35 -40.81
N PRO A 60 -5.17 -19.02 -41.96
CA PRO A 60 -6.53 -18.49 -41.94
C PRO A 60 -7.50 -19.45 -41.26
N SER A 61 -8.37 -18.89 -40.41
CA SER A 61 -9.33 -19.72 -39.69
C SER A 61 -10.28 -20.43 -40.64
N THR A 62 -10.48 -19.88 -41.84
CA THR A 62 -11.36 -20.54 -42.81
C THR A 62 -10.77 -21.85 -43.30
N SER A 63 -9.46 -21.92 -43.47
CA SER A 63 -8.78 -23.13 -43.92
C SER A 63 -8.12 -23.90 -42.79
N ASP A 64 -7.77 -23.24 -41.69
CA ASP A 64 -7.12 -23.90 -40.56
C ASP A 64 -8.18 -24.58 -39.69
N SER A 65 -8.73 -25.67 -40.24
CA SER A 65 -9.76 -26.45 -39.57
C SER A 65 -9.24 -27.79 -39.08
N SER A 66 -7.96 -27.86 -38.73
CA SER A 66 -7.39 -29.11 -38.24
C SER A 66 -8.00 -29.46 -36.88
N PRO A 67 -8.28 -30.74 -36.63
CA PRO A 67 -8.91 -31.10 -35.35
C PRO A 67 -7.99 -30.95 -34.17
N SER A 68 -6.75 -31.44 -34.30
CA SER A 68 -5.81 -31.40 -33.19
C SER A 68 -5.40 -29.98 -32.84
N ILE A 69 -5.05 -29.19 -33.85
CA ILE A 69 -4.62 -27.81 -33.60
C ILE A 69 -5.78 -27.00 -33.05
N ALA A 70 -6.98 -27.18 -33.60
CA ALA A 70 -8.14 -26.45 -33.09
C ALA A 70 -8.44 -26.83 -31.66
N GLN A 71 -8.38 -28.12 -31.34
CA GLN A 71 -8.64 -28.56 -29.97
C GLN A 71 -7.60 -27.99 -29.00
N TYR A 72 -6.33 -27.99 -29.40
CA TYR A 72 -5.28 -27.45 -28.54
C TYR A 72 -5.47 -25.96 -28.32
N PHE A 73 -5.82 -25.22 -29.38
CA PHE A 73 -6.06 -23.79 -29.24
C PHE A 73 -7.24 -23.52 -28.33
N ALA A 74 -8.33 -24.29 -28.50
CA ALA A 74 -9.49 -24.11 -27.63
C ALA A 74 -9.15 -24.42 -26.18
N SER A 75 -8.36 -25.46 -25.95
CA SER A 75 -7.97 -25.80 -24.58
C SER A 75 -7.12 -24.70 -23.96
N THR A 76 -6.16 -24.16 -24.73
CA THR A 76 -5.33 -23.08 -24.22
C THR A 76 -6.16 -21.85 -23.90
N MET A 77 -7.11 -21.51 -24.79
CA MET A 77 -7.98 -20.36 -24.55
C MET A 77 -8.82 -20.58 -23.30
N ILE A 78 -9.38 -21.77 -23.14
CA ILE A 78 -10.20 -22.07 -21.96
C ILE A 78 -9.36 -21.98 -20.70
N ILE A 79 -8.10 -22.43 -20.77
CA ILE A 79 -7.24 -22.40 -19.59
C ILE A 79 -6.92 -20.95 -19.21
N VAL A 80 -6.53 -20.14 -20.19
CA VAL A 80 -6.18 -18.76 -19.89
C VAL A 80 -7.41 -17.98 -19.45
N GLY A 81 -8.61 -18.39 -19.87
CA GLY A 81 -9.81 -17.74 -19.44
C GLY A 81 -10.23 -18.13 -18.04
N LEU A 82 -10.09 -19.42 -17.71
CA LEU A 82 -10.43 -19.91 -16.39
C LEU A 82 -9.37 -19.56 -15.34
N SER A 83 -8.18 -19.14 -15.76
CA SER A 83 -7.20 -18.65 -14.81
C SER A 83 -7.76 -17.47 -14.01
N VAL A 84 -8.45 -16.56 -14.68
CA VAL A 84 -9.02 -15.40 -13.99
C VAL A 84 -10.12 -15.86 -13.03
N VAL A 85 -10.95 -16.81 -13.46
CA VAL A 85 -12.01 -17.32 -12.58
C VAL A 85 -11.39 -17.96 -11.34
N VAL A 86 -10.30 -18.71 -11.52
CA VAL A 86 -9.65 -19.36 -10.39
C VAL A 86 -9.07 -18.33 -9.44
N THR A 87 -8.40 -17.31 -9.99
CA THR A 87 -7.84 -16.26 -9.13
C THR A 87 -8.94 -15.54 -8.36
N VAL A 88 -10.08 -15.30 -9.01
CA VAL A 88 -11.18 -14.61 -8.33
C VAL A 88 -11.76 -15.49 -7.22
N ILE A 89 -11.97 -16.77 -7.51
CA ILE A 89 -12.49 -17.68 -6.49
C ILE A 89 -11.52 -17.81 -5.34
N VAL A 90 -10.21 -17.70 -5.61
CA VAL A 90 -9.22 -17.79 -4.55
C VAL A 90 -9.22 -16.53 -3.70
N LEU A 91 -9.30 -15.36 -4.35
CA LEU A 91 -9.36 -14.11 -3.60
C LEU A 91 -10.68 -13.94 -2.86
N GLN A 92 -11.72 -14.68 -3.25
CA GLN A 92 -12.96 -14.66 -2.49
C GLN A 92 -12.73 -15.07 -1.04
N TYR A 93 -11.74 -15.93 -0.80
CA TYR A 93 -11.38 -16.30 0.57
C TYR A 93 -10.48 -15.27 1.23
N HIS A 94 -9.88 -14.37 0.44
CA HIS A 94 -9.01 -13.34 0.98
C HIS A 94 -9.77 -12.08 1.38
N HIS A 95 -10.81 -11.73 0.61
CA HIS A 95 -11.63 -10.56 0.94
C HIS A 95 -12.99 -10.90 1.52
N HIS A 96 -13.50 -12.10 1.25
CA HIS A 96 -14.75 -12.59 1.85
C HIS A 96 -15.90 -11.61 1.63
N ASP A 97 -16.26 -11.48 0.36
CA ASP A 97 -17.39 -10.63 -0.04
C ASP A 97 -18.57 -10.86 0.88
N PRO A 98 -19.03 -9.85 1.63
CA PRO A 98 -20.16 -10.07 2.55
C PRO A 98 -21.41 -10.59 1.87
N ASP A 99 -21.59 -10.35 0.58
CA ASP A 99 -22.77 -10.84 -0.14
C ASP A 99 -22.69 -12.33 -0.44
N GLY A 100 -21.67 -13.03 0.04
CA GLY A 100 -21.56 -14.46 -0.18
C GLY A 100 -20.41 -15.08 0.59
N GLY A 101 -19.74 -16.04 0.00
CA GLY A 101 -18.61 -16.72 0.61
C GLY A 101 -18.91 -18.19 0.86
N LYS A 102 -18.06 -18.80 1.68
CA LYS A 102 -18.17 -20.21 2.03
C LYS A 102 -18.31 -20.33 3.55
N MET A 103 -18.27 -21.57 4.03
CA MET A 103 -18.38 -21.86 5.46
C MET A 103 -16.99 -22.08 6.04
N PRO A 104 -16.44 -21.14 6.81
CA PRO A 104 -15.09 -21.35 7.35
C PRO A 104 -14.98 -22.56 8.25
N LYS A 105 -16.06 -22.95 8.93
CA LYS A 105 -16.01 -24.11 9.80
C LYS A 105 -15.65 -25.37 9.04
N TRP A 106 -16.32 -25.60 7.91
CA TRP A 106 -16.05 -26.80 7.12
C TRP A 106 -14.62 -26.81 6.59
N THR A 107 -14.09 -25.66 6.21
CA THR A 107 -12.75 -25.55 5.65
C THR A 107 -11.67 -25.42 6.72
N ARG A 108 -12.04 -25.36 8.00
CA ARG A 108 -11.04 -25.25 9.06
C ARG A 108 -10.19 -26.51 9.14
N VAL A 109 -10.82 -27.68 9.14
CA VAL A 109 -10.06 -28.93 9.17
C VAL A 109 -9.34 -29.14 7.84
N ILE A 110 -9.91 -28.63 6.74
CA ILE A 110 -9.25 -28.74 5.44
C ILE A 110 -7.89 -28.07 5.50
N LEU A 111 -7.79 -26.92 6.18
CA LEU A 111 -6.51 -26.25 6.36
C LEU A 111 -5.56 -27.11 7.18
N LEU A 112 -5.98 -27.50 8.39
CA LEU A 112 -5.13 -28.33 9.24
C LEU A 112 -4.63 -29.56 8.51
N ASN A 113 -5.38 -30.04 7.52
CA ASN A 113 -4.96 -31.22 6.76
C ASN A 113 -3.97 -30.84 5.66
N TRP A 114 -4.34 -29.88 4.80
CA TRP A 114 -3.53 -29.58 3.62
C TRP A 114 -2.22 -28.88 3.98
N CYS A 115 -2.28 -27.89 4.88
CA CYS A 115 -1.06 -27.20 5.29
C CYS A 115 -0.08 -28.16 5.95
N ALA A 116 -0.58 -29.19 6.63
CA ALA A 116 0.30 -30.16 7.27
C ALA A 116 0.83 -31.17 6.25
N TRP A 117 0.02 -31.57 5.28
CA TRP A 117 0.46 -32.50 4.27
C TRP A 117 1.44 -31.88 3.29
N PHE A 118 1.37 -30.56 3.08
CA PHE A 118 2.30 -29.90 2.17
C PHE A 118 3.67 -29.72 2.81
N LEU A 119 3.72 -29.09 3.98
CA LEU A 119 4.99 -28.92 4.69
C LEU A 119 5.60 -30.27 5.04
N ARG A 120 4.82 -31.12 5.72
CA ARG A 120 5.24 -32.48 6.07
C ARG A 120 4.63 -33.41 5.03
N MET A 121 5.41 -33.71 3.99
CA MET A 121 4.94 -34.55 2.90
C MET A 121 4.42 -35.88 3.43
N LYS A 122 3.16 -36.19 3.09
CA LYS A 122 2.50 -37.41 3.53
C LYS A 122 2.50 -38.49 2.43
N ARG A 123 3.54 -38.53 1.61
CA ARG A 123 3.66 -39.49 0.53
C ARG A 123 4.82 -40.44 0.79
N PRO A 124 4.86 -41.59 0.10
CA PRO A 124 5.96 -42.54 0.31
C PRO A 124 7.33 -41.95 -0.01
N GLY A 125 7.39 -40.86 -0.76
CA GLY A 125 8.68 -40.27 -1.10
C GLY A 125 9.45 -39.78 0.11
N GLU A 126 8.73 -39.30 1.13
CA GLU A 126 9.36 -38.78 2.35
C GLU A 126 8.98 -39.55 3.60
N ASP A 127 7.78 -40.11 3.67
CA ASP A 127 7.37 -40.85 4.86
C ASP A 127 8.27 -42.06 5.08
N LYS A 128 8.61 -42.77 4.01
CA LYS A 128 9.46 -43.95 4.10
C LYS A 128 10.94 -43.59 4.08
N VAL A 129 11.33 -42.64 3.23
CA VAL A 129 12.73 -42.22 3.10
C VAL A 129 12.92 -41.08 4.11
N ARG A 130 13.24 -41.45 5.35
CA ARG A 130 13.48 -40.47 6.40
C ARG A 130 14.17 -41.14 7.58
N PRO A 131 14.92 -40.39 8.40
CA PRO A 131 15.59 -41.01 9.55
C PRO A 131 14.58 -41.42 10.61
N ALA A 132 14.69 -42.69 11.04
CA ALA A 132 13.79 -43.23 12.05
C ALA A 132 14.57 -44.22 12.91
N CYS A 133 14.24 -44.25 14.20
CA CYS A 133 14.89 -45.13 15.15
C CYS A 133 13.82 -45.80 16.01
N GLN A 134 14.27 -46.75 16.84
CA GLN A 134 13.39 -47.48 17.73
C GLN A 134 13.32 -46.88 19.13
N HIS A 135 14.01 -45.76 19.36
CA HIS A 135 14.00 -45.14 20.67
C HIS A 135 12.61 -44.60 21.00
N LYS A 136 12.34 -44.43 22.29
CA LYS A 136 11.05 -43.93 22.75
C LYS A 136 10.84 -42.46 22.41
N GLN A 137 11.86 -41.76 21.90
CA GLN A 137 11.71 -40.36 21.56
C GLN A 137 10.76 -40.15 20.39
N ARG A 138 10.56 -41.16 19.55
CA ARG A 138 9.65 -41.07 18.42
C ARG A 138 8.33 -41.79 18.66
N ARG A 139 8.12 -42.34 19.85
CA ARG A 139 6.89 -43.05 20.17
C ARG A 139 5.90 -42.11 20.86
N CYS A 140 4.69 -42.60 21.03
CA CYS A 140 3.61 -41.84 21.66
C CYS A 140 3.30 -42.44 23.04
N SER A 141 2.96 -41.56 23.98
CA SER A 141 2.64 -41.97 25.34
C SER A 141 1.44 -41.14 25.82
N LEU A 142 1.09 -41.31 27.10
CA LEU A 142 -0.03 -40.56 27.65
C LEU A 142 0.20 -39.06 27.56
N ALA A 143 1.46 -38.62 27.60
CA ALA A 143 1.74 -37.19 27.51
C ALA A 143 1.54 -36.67 26.09
N SER A 144 1.81 -37.50 25.09
CA SER A 144 1.64 -37.09 23.70
C SER A 144 0.22 -37.30 23.18
N VAL A 145 -0.47 -38.32 23.67
CA VAL A 145 -1.84 -38.61 23.25
C VAL A 145 -2.76 -37.59 23.92
N GLU A 146 -3.19 -36.59 23.17
CA GLU A 146 -4.07 -35.53 23.66
C GLU A 146 -5.39 -35.52 22.91
N MET A 147 -5.94 -36.71 22.65
CA MET A 147 -7.21 -36.84 21.94
C MET A 147 -8.42 -36.61 22.84
N SER A 148 -8.22 -36.59 24.16
CA SER A 148 -9.33 -36.38 25.10
C SER A 148 -9.50 -34.93 25.50
N ALA A 149 -9.10 -33.99 24.63
CA ALA A 149 -9.25 -32.56 24.91
C ALA A 149 -8.49 -32.15 26.15
N VAL A 150 -7.30 -32.73 26.33
CA VAL A 150 -6.45 -32.42 27.47
C VAL A 150 -5.35 -31.47 27.04
N ALA A 151 -4.96 -30.58 27.94
CA ALA A 151 -3.92 -29.61 27.64
C ALA A 151 -2.61 -30.32 27.32
N PRO A 152 -2.07 -30.18 26.11
CA PRO A 152 -0.80 -30.83 25.79
C PRO A 152 0.31 -30.36 26.72
N PRO A 153 1.44 -31.07 26.76
CA PRO A 153 2.54 -30.67 27.65
C PRO A 153 3.05 -29.28 27.27
N PRO A 154 3.75 -28.60 28.17
CA PRO A 154 4.29 -27.28 27.84
C PRO A 154 5.29 -27.36 26.71
N ALA A 155 5.10 -26.51 25.69
CA ALA A 155 5.99 -26.46 24.55
C ALA A 155 5.91 -25.08 23.92
N SER A 156 7.06 -24.61 23.42
CA SER A 156 7.16 -23.30 22.79
C SER A 156 6.89 -23.35 21.29
N ASN A 157 6.49 -24.51 20.76
CA ASN A 157 6.20 -24.67 19.35
C ASN A 157 4.75 -24.37 19.00
N GLY A 158 4.05 -23.60 19.82
CA GLY A 158 2.67 -23.26 19.60
C GLY A 158 1.69 -23.85 20.59
N ASN A 159 2.14 -24.33 21.75
CA ASN A 159 1.26 -24.91 22.75
C ASN A 159 1.27 -24.13 24.05
N LEU A 160 2.44 -23.71 24.53
CA LEU A 160 2.51 -22.97 25.78
C LEU A 160 1.79 -21.63 25.67
N LEU A 161 2.14 -20.83 24.66
CA LEU A 161 1.48 -19.54 24.47
C LEU A 161 0.00 -19.71 24.19
N TYR A 162 -0.39 -20.80 23.52
CA TYR A 162 -1.81 -21.06 23.28
C TYR A 162 -2.54 -21.30 24.58
N ILE A 163 -2.07 -22.26 25.37
CA ILE A 163 -2.70 -22.55 26.66
C ILE A 163 -2.72 -21.30 27.53
N GLY A 164 -1.71 -20.44 27.41
CA GLY A 164 -1.67 -19.22 28.19
C GLY A 164 -2.70 -18.21 27.76
N PHE A 165 -2.55 -17.66 26.55
CA PHE A 165 -3.47 -16.64 26.05
C PHE A 165 -4.58 -17.25 25.19
N ARG A 166 -5.18 -18.34 25.67
CA ARG A 166 -6.41 -18.84 25.09
C ARG A 166 -7.39 -19.39 26.12
N GLY A 167 -7.09 -19.28 27.41
CA GLY A 167 -7.92 -19.85 28.44
C GLY A 167 -8.65 -18.81 29.26
N LEU A 168 -9.17 -17.77 28.60
CA LEU A 168 -9.91 -16.73 29.29
C LEU A 168 -10.97 -17.34 30.20
N ASP A 169 -10.98 -16.91 31.46
CA ASP A 169 -11.89 -17.39 32.49
C ASP A 169 -11.58 -18.83 32.90
N GLY A 170 -10.44 -19.38 32.47
CA GLY A 170 -10.07 -20.74 32.81
C GLY A 170 -8.90 -20.80 33.77
N VAL A 171 -7.98 -21.73 33.52
CA VAL A 171 -6.82 -21.89 34.40
C VAL A 171 -5.91 -20.67 34.37
N HIS A 172 -6.01 -19.83 33.33
CA HIS A 172 -5.15 -18.65 33.22
C HIS A 172 -5.68 -17.48 34.03
N CYS A 173 -7.01 -17.40 34.23
CA CYS A 173 -7.60 -16.30 34.97
C CYS A 173 -7.77 -16.61 36.46
N VAL A 174 -7.82 -17.88 36.84
CA VAL A 174 -7.96 -18.27 38.23
C VAL A 174 -6.95 -19.38 38.54
N PRO A 175 -5.66 -19.11 38.45
CA PRO A 175 -4.65 -20.15 38.77
C PRO A 175 -4.45 -20.34 40.27
N THR A 176 -5.35 -21.12 40.87
CA THR A 176 -5.33 -21.38 42.32
C THR A 176 -5.60 -22.85 42.55
N PRO A 177 -4.60 -23.71 42.30
CA PRO A 177 -4.78 -25.14 42.55
C PRO A 177 -5.06 -25.43 44.01
N ASP A 178 -5.41 -26.69 44.29
CA ASP A 178 -5.69 -27.14 45.65
C ASP A 178 -4.38 -27.45 46.36
N SER A 179 -3.64 -26.39 46.66
CA SER A 179 -2.34 -26.48 47.31
C SER A 179 -2.25 -25.63 48.57
N GLY A 180 -2.89 -24.46 48.58
CA GLY A 180 -2.84 -23.59 49.73
C GLY A 180 -1.70 -22.60 49.73
N VAL A 181 -1.19 -22.24 48.54
CA VAL A 181 -0.07 -21.29 48.47
C VAL A 181 -0.47 -19.94 49.07
N VAL A 182 -1.77 -19.61 49.03
CA VAL A 182 -2.24 -18.36 49.61
C VAL A 182 -2.04 -18.32 51.12
N CYS A 183 -1.91 -19.49 51.75
CA CYS A 183 -1.72 -19.56 53.19
C CYS A 183 -0.64 -20.54 53.62
N GLY A 184 -0.01 -21.25 52.69
CA GLY A 184 1.02 -22.21 53.04
C GLY A 184 2.43 -21.70 52.79
N ARG A 185 2.61 -20.98 51.68
CA ARG A 185 3.90 -20.43 51.31
C ARG A 185 3.82 -18.92 51.21
N MET A 186 4.95 -18.26 51.42
CA MET A 186 5.05 -16.81 51.35
C MET A 186 5.79 -16.34 50.10
N ALA A 187 5.83 -17.16 49.06
CA ALA A 187 6.50 -16.80 47.81
C ALA A 187 5.59 -15.86 47.03
N CYS A 188 5.83 -14.55 47.21
CA CYS A 188 5.03 -13.52 46.55
C CYS A 188 3.55 -13.66 46.89
N SER A 189 3.25 -14.17 48.09
CA SER A 189 1.87 -14.36 48.52
C SER A 189 1.81 -14.41 50.05
N PRO A 190 1.68 -13.27 50.72
CA PRO A 190 1.61 -13.28 52.18
C PRO A 190 0.49 -14.19 52.67
N THR A 191 0.81 -14.99 53.69
CA THR A 191 -0.14 -15.94 54.25
C THR A 191 -1.20 -15.22 55.08
N HIS A 192 -2.33 -14.91 54.47
CA HIS A 192 -3.45 -14.23 55.13
C HIS A 192 -2.96 -13.13 56.07
N ASP A 193 -1.98 -12.35 55.62
CA ASP A 193 -1.44 -11.25 56.43
C ASP A 193 -2.30 -10.02 56.22
N GLU A 194 -3.28 -9.83 57.11
CA GLU A 194 -4.17 -8.68 57.01
C GLU A 194 -3.54 -7.40 57.52
N HIS A 195 -2.50 -7.49 58.35
CA HIS A 195 -1.83 -6.31 58.89
C HIS A 195 -0.64 -5.87 58.04
N LEU A 196 -0.54 -6.35 56.81
CA LEU A 196 0.55 -5.98 55.91
C LEU A 196 0.22 -4.63 55.30
N LEU A 197 0.87 -3.58 55.78
CA LEU A 197 0.66 -2.23 55.29
C LEU A 197 1.96 -1.68 54.72
N HIS A 198 1.83 -0.82 53.71
CA HIS A 198 2.97 -0.20 53.05
C HIS A 198 3.52 0.90 53.95
N GLY A 199 4.27 0.50 54.97
CA GLY A 199 4.84 1.45 55.91
C GLY A 199 3.81 2.29 56.63
N GLY A 200 2.67 1.68 56.97
CA GLY A 200 1.59 2.37 57.64
C GLY A 200 0.37 2.61 56.78
N GLN A 201 0.52 2.60 55.47
CA GLN A 201 -0.57 2.82 54.54
C GLN A 201 -0.92 1.54 53.80
N PRO A 202 -2.12 1.45 53.21
CA PRO A 202 -2.47 0.25 52.47
C PRO A 202 -1.56 0.07 51.29
N PRO A 203 -1.42 -1.17 50.79
CA PRO A 203 -0.57 -1.40 49.60
C PRO A 203 -1.19 -0.85 48.33
N GLU A 204 -1.41 0.47 48.28
CA GLU A 204 -2.00 1.10 47.10
C GLU A 204 -1.67 2.58 47.14
N GLY A 205 -0.91 3.05 46.16
CA GLY A 205 -0.54 4.46 46.13
C GLY A 205 -1.67 5.35 45.67
N ASP A 206 -2.34 4.97 44.59
CA ASP A 206 -3.42 5.77 44.02
C ASP A 206 -4.36 4.89 43.20
N PRO A 207 -5.67 4.90 43.49
CA PRO A 207 -6.60 4.14 42.64
C PRO A 207 -6.49 4.48 41.16
N ASP A 208 -6.02 5.69 40.83
CA ASP A 208 -5.85 6.05 39.42
C ASP A 208 -4.77 5.20 38.76
N LEU A 209 -3.82 4.69 39.53
CA LEU A 209 -2.82 3.79 38.96
C LEU A 209 -3.48 2.51 38.44
N ALA A 210 -4.52 2.04 39.12
CA ALA A 210 -5.26 0.89 38.62
C ALA A 210 -5.93 1.21 37.28
N LYS A 211 -6.45 2.43 37.12
CA LYS A 211 -7.05 2.81 35.85
C LYS A 211 -6.01 2.92 34.75
N ILE A 212 -4.82 3.43 35.08
CA ILE A 212 -3.73 3.49 34.10
C ILE A 212 -3.33 2.08 33.69
N LEU A 213 -3.27 1.16 34.65
CA LEU A 213 -2.97 -0.24 34.35
C LEU A 213 -4.02 -0.82 33.42
N GLU A 214 -5.30 -0.55 33.71
CA GLU A 214 -6.38 -1.05 32.85
C GLU A 214 -6.28 -0.46 31.46
N GLU A 215 -5.87 0.81 31.34
CA GLU A 215 -5.75 1.43 30.03
C GLU A 215 -4.61 0.83 29.23
N VAL A 216 -3.46 0.61 29.86
CA VAL A 216 -2.36 -0.02 29.14
C VAL A 216 -2.71 -1.46 28.78
N ARG A 217 -3.51 -2.14 29.64
CA ARG A 217 -3.96 -3.48 29.30
C ARG A 217 -4.91 -3.46 28.12
N TYR A 218 -5.76 -2.43 28.02
CA TYR A 218 -6.63 -2.30 26.86
C TYR A 218 -5.83 -2.01 25.61
N ILE A 219 -4.74 -1.25 25.72
CA ILE A 219 -3.86 -1.02 24.58
C ILE A 219 -3.22 -2.33 24.15
N ALA A 220 -2.76 -3.13 25.12
CA ALA A 220 -2.19 -4.44 24.79
C ALA A 220 -3.24 -5.34 24.14
N ASN A 221 -4.49 -5.25 24.59
CA ASN A 221 -5.56 -6.04 23.98
C ASN A 221 -5.85 -5.57 22.57
N ARG A 222 -5.74 -4.27 22.30
CA ARG A 222 -5.87 -3.78 20.93
C ARG A 222 -4.74 -4.31 20.05
N PHE A 223 -3.52 -4.33 20.57
CA PHE A 223 -2.41 -4.92 19.81
C PHE A 223 -2.65 -6.40 19.57
N ARG A 224 -3.20 -7.11 20.56
CA ARG A 224 -3.51 -8.53 20.38
C ARG A 224 -4.61 -8.73 19.36
N CYS A 225 -5.58 -7.82 19.30
CA CYS A 225 -6.63 -7.91 18.28
C CYS A 225 -6.06 -7.66 16.90
N GLN A 226 -5.11 -6.72 16.79
CA GLN A 226 -4.42 -6.53 15.51
C GLN A 226 -3.66 -7.80 15.11
N ASP A 227 -2.99 -8.43 16.07
CA ASP A 227 -2.30 -9.68 15.79
C ASP A 227 -3.28 -10.78 15.37
N GLU A 228 -4.47 -10.80 15.98
CA GLU A 228 -5.47 -11.78 15.61
C GLU A 228 -5.99 -11.53 14.20
N SER A 229 -6.17 -10.26 13.83
CA SER A 229 -6.56 -9.95 12.47
C SER A 229 -5.47 -10.38 11.48
N GLU A 230 -4.20 -10.18 11.85
CA GLU A 230 -3.11 -10.64 11.01
C GLU A 230 -3.14 -12.16 10.87
N ALA A 231 -3.45 -12.87 11.95
CA ALA A 231 -3.53 -14.32 11.89
C ALA A 231 -4.70 -14.78 11.04
N VAL A 232 -5.82 -14.05 11.09
CA VAL A 232 -6.95 -14.36 10.23
C VAL A 232 -6.59 -14.15 8.77
N CYS A 233 -5.85 -13.09 8.48
CA CYS A 233 -5.37 -12.86 7.11
C CYS A 233 -4.43 -13.98 6.68
N SER A 234 -3.58 -14.45 7.59
CA SER A 234 -2.68 -15.56 7.27
C SER A 234 -3.47 -16.83 7.00
N GLU A 235 -4.55 -17.06 7.75
CA GLU A 235 -5.40 -18.22 7.51
C GLU A 235 -6.10 -18.11 6.15
N TRP A 236 -6.56 -16.91 5.81
CA TRP A 236 -7.14 -16.69 4.48
C TRP A 236 -6.12 -16.97 3.39
N LYS A 237 -4.86 -16.55 3.60
CA LYS A 237 -3.82 -16.83 2.63
C LYS A 237 -3.52 -18.32 2.54
N PHE A 238 -3.59 -19.03 3.66
CA PHE A 238 -3.39 -20.48 3.64
C PHE A 238 -4.51 -21.16 2.87
N ALA A 239 -5.75 -20.70 3.04
CA ALA A 239 -6.86 -21.26 2.27
C ALA A 239 -6.75 -20.90 0.79
N ALA A 240 -6.17 -19.75 0.48
CA ALA A 240 -5.99 -19.35 -0.92
C ALA A 240 -4.92 -20.20 -1.59
N CYS A 241 -3.75 -20.33 -0.97
CA CYS A 241 -2.65 -21.06 -1.59
C CYS A 241 -2.97 -22.54 -1.72
N VAL A 242 -3.78 -23.09 -0.81
CA VAL A 242 -4.17 -24.49 -0.93
C VAL A 242 -4.94 -24.72 -2.23
N VAL A 243 -5.97 -23.90 -2.47
CA VAL A 243 -6.74 -24.02 -3.70
C VAL A 243 -5.88 -23.70 -4.90
N ASP A 244 -4.94 -22.76 -4.77
CA ASP A 244 -4.04 -22.46 -5.88
C ASP A 244 -3.23 -23.69 -6.27
N ARG A 245 -2.61 -24.35 -5.29
CA ARG A 245 -1.83 -25.55 -5.58
C ARG A 245 -2.70 -26.68 -6.09
N LEU A 246 -3.93 -26.80 -5.58
CA LEU A 246 -4.85 -27.83 -6.07
C LEU A 246 -5.15 -27.62 -7.55
N CYS A 247 -5.51 -26.39 -7.92
CA CYS A 247 -5.78 -26.09 -9.33
C CYS A 247 -4.53 -26.28 -10.18
N LEU A 248 -3.36 -25.94 -9.65
CA LEU A 248 -2.12 -26.15 -10.38
C LEU A 248 -1.91 -27.63 -10.68
N MET A 249 -2.04 -28.47 -9.66
CA MET A 249 -1.85 -29.90 -9.86
C MET A 249 -2.92 -30.48 -10.77
N ALA A 250 -4.13 -29.92 -10.75
CA ALA A 250 -5.19 -30.41 -11.62
C ALA A 250 -4.92 -30.06 -13.08
N PHE A 251 -4.48 -28.83 -13.34
CA PHE A 251 -4.24 -28.38 -14.71
C PHE A 251 -2.93 -28.88 -15.27
N SER A 252 -1.95 -29.23 -14.42
CA SER A 252 -0.68 -29.73 -14.93
C SER A 252 -0.86 -31.04 -15.69
N VAL A 253 -1.65 -31.95 -15.13
CA VAL A 253 -1.88 -33.24 -15.79
C VAL A 253 -2.58 -33.03 -17.12
N PHE A 254 -3.57 -32.13 -17.17
CA PHE A 254 -4.28 -31.86 -18.41
C PHE A 254 -3.35 -31.27 -19.45
N THR A 255 -2.51 -30.31 -19.06
CA THR A 255 -1.57 -29.71 -20.00
C THR A 255 -0.59 -30.74 -20.52
N ILE A 256 -0.09 -31.61 -19.64
CA ILE A 256 0.86 -32.64 -20.05
C ILE A 256 0.20 -33.61 -21.02
N ILE A 257 -1.06 -33.98 -20.75
CA ILE A 257 -1.77 -34.90 -21.64
C ILE A 257 -1.99 -34.25 -23.00
N CYS A 258 -2.37 -32.97 -23.02
CA CYS A 258 -2.56 -32.28 -24.29
C CYS A 258 -1.26 -32.19 -25.07
N THR A 259 -0.15 -31.90 -24.37
CA THR A 259 1.15 -31.83 -25.04
C THR A 259 1.52 -33.17 -25.65
N ILE A 260 1.39 -34.25 -24.87
CA ILE A 260 1.71 -35.58 -25.37
C ILE A 260 0.83 -35.93 -26.56
N GLY A 261 -0.44 -35.52 -26.51
CA GLY A 261 -1.33 -35.81 -27.62
C GLY A 261 -0.91 -35.09 -28.89
N ILE A 262 -0.68 -33.77 -28.79
CA ILE A 262 -0.29 -33.01 -29.98
C ILE A 262 1.07 -33.47 -30.50
N LEU A 263 1.91 -34.02 -29.62
CA LEU A 263 3.22 -34.50 -30.06
C LEU A 263 3.14 -35.89 -30.69
N MET A 264 2.18 -36.72 -30.27
CA MET A 264 2.06 -38.07 -30.79
C MET A 264 0.91 -38.24 -31.77
N SER A 265 -0.15 -37.43 -31.66
CA SER A 265 -1.29 -37.57 -32.55
C SER A 265 -1.10 -36.82 -33.86
N ALA A 266 -0.37 -35.70 -33.85
CA ALA A 266 -0.18 -34.94 -35.07
C ALA A 266 0.70 -35.68 -36.07
N PRO A 267 1.86 -36.22 -35.69
CA PRO A 267 2.68 -36.93 -36.69
C PRO A 267 2.00 -38.15 -37.27
N ASN A 268 1.12 -38.79 -36.50
CA ASN A 268 0.44 -39.99 -36.99
C ASN A 268 -0.77 -39.64 -37.84
N PHE A 269 -1.68 -38.83 -37.30
CA PHE A 269 -2.89 -38.46 -38.04
C PHE A 269 -2.61 -37.36 -39.05
N VAL A 270 -2.13 -36.21 -38.58
CA VAL A 270 -1.85 -35.08 -39.46
C VAL A 270 -0.56 -35.35 -40.24
N LEU B 7 18.94 0.49 -44.82
CA LEU B 7 19.34 0.96 -43.50
C LEU B 7 18.20 0.81 -42.50
N TYR B 8 17.08 1.45 -42.79
CA TYR B 8 15.91 1.37 -41.91
C TYR B 8 15.45 -0.07 -41.76
N TYR B 9 15.52 -0.86 -42.84
CA TYR B 9 15.07 -2.24 -42.77
C TYR B 9 15.84 -3.03 -41.72
N GLY B 10 17.12 -2.71 -41.50
CA GLY B 10 17.91 -3.41 -40.52
C GLY B 10 17.77 -2.82 -39.13
N LEU B 11 17.65 -1.50 -39.05
CA LEU B 11 17.50 -0.85 -37.76
C LEU B 11 16.18 -1.21 -37.10
N ASN B 12 15.10 -1.29 -37.89
CA ASN B 12 13.79 -1.62 -37.34
C ASN B 12 13.78 -2.99 -36.68
N LEU B 13 14.66 -3.89 -37.09
CA LEU B 13 14.76 -5.22 -36.49
C LEU B 13 15.88 -5.32 -35.46
N LEU B 14 16.89 -4.45 -35.52
CA LEU B 14 17.98 -4.51 -34.55
C LEU B 14 17.63 -3.77 -33.27
N ILE B 15 16.94 -2.63 -33.36
CA ILE B 15 16.64 -1.85 -32.17
C ILE B 15 15.69 -2.59 -31.22
N PRO B 16 14.60 -3.19 -31.70
CA PRO B 16 13.69 -3.87 -30.75
C PRO B 16 14.37 -4.96 -29.93
N CYS B 17 15.27 -5.73 -30.55
CA CYS B 17 15.96 -6.79 -29.81
C CYS B 17 16.82 -6.20 -28.70
N VAL B 18 17.58 -5.16 -29.00
CA VAL B 18 18.43 -4.53 -27.99
C VAL B 18 17.57 -3.92 -26.89
N LEU B 19 16.42 -3.35 -27.26
CA LEU B 19 15.54 -2.76 -26.26
C LEU B 19 14.98 -3.82 -25.33
N ILE B 20 14.56 -4.96 -25.88
CA ILE B 20 14.04 -6.04 -25.06
C ILE B 20 15.14 -6.58 -24.15
N SER B 21 16.36 -6.69 -24.67
CA SER B 21 17.48 -7.16 -23.85
C SER B 21 17.75 -6.20 -22.70
N ALA B 22 17.73 -4.90 -22.97
CA ALA B 22 17.95 -3.92 -21.92
C ALA B 22 16.83 -3.97 -20.89
N LEU B 23 15.58 -4.11 -21.34
CA LEU B 23 14.46 -4.19 -20.41
C LEU B 23 14.57 -5.42 -19.53
N ALA B 24 15.02 -6.55 -20.09
CA ALA B 24 15.20 -7.76 -19.29
C ALA B 24 16.33 -7.60 -18.29
N LEU B 25 17.46 -7.01 -18.74
CA LEU B 25 18.57 -6.77 -17.83
C LEU B 25 18.17 -5.84 -16.69
N LEU B 26 17.31 -4.86 -16.97
CA LEU B 26 16.85 -3.96 -15.92
C LEU B 26 16.04 -4.72 -14.87
N VAL B 27 15.10 -5.56 -15.31
CA VAL B 27 14.29 -6.32 -14.38
C VAL B 27 15.15 -7.31 -13.59
N PHE B 28 16.18 -7.87 -14.22
CA PHE B 28 17.04 -8.83 -13.53
C PHE B 28 17.97 -8.12 -12.56
N LEU B 29 18.32 -6.86 -12.82
CA LEU B 29 19.19 -6.10 -11.92
C LEU B 29 18.43 -5.51 -10.75
N LEU B 30 17.10 -5.44 -10.83
CA LEU B 30 16.32 -4.78 -9.79
C LEU B 30 16.15 -5.71 -8.59
N PRO B 31 16.21 -5.18 -7.35
CA PRO B 31 15.96 -6.02 -6.18
C PRO B 31 14.47 -6.35 -6.05
N ALA B 32 14.09 -6.98 -4.93
CA ALA B 32 12.71 -7.42 -4.76
C ALA B 32 11.77 -6.21 -4.77
N ASP B 33 11.05 -6.05 -5.88
CA ASP B 33 10.15 -4.93 -6.09
C ASP B 33 8.82 -5.43 -6.65
N SER B 34 8.25 -6.43 -5.97
CA SER B 34 7.00 -7.04 -6.42
C SER B 34 6.01 -6.02 -6.97
N GLY B 35 5.85 -4.89 -6.27
CA GLY B 35 4.97 -3.85 -6.77
C GLY B 35 5.39 -3.27 -8.10
N GLU B 36 6.65 -3.48 -8.50
CA GLU B 36 7.18 -2.99 -9.76
C GLU B 36 7.53 -4.11 -10.72
N LYS B 37 8.29 -5.11 -10.27
CA LYS B 37 8.72 -6.19 -11.15
C LYS B 37 7.55 -6.84 -11.86
N ILE B 38 6.46 -7.11 -11.12
CA ILE B 38 5.30 -7.77 -11.72
C ILE B 38 4.83 -7.00 -12.94
N SER B 39 4.92 -5.67 -12.90
CA SER B 39 4.51 -4.87 -14.05
C SER B 39 5.54 -4.98 -15.18
N LEU B 40 6.83 -4.94 -14.84
CA LEU B 40 7.87 -4.99 -15.85
C LEU B 40 8.07 -6.40 -16.38
N GLY B 41 7.95 -7.41 -15.53
CA GLY B 41 8.22 -8.78 -15.95
C GLY B 41 7.18 -9.30 -16.93
N ILE B 42 5.91 -8.98 -16.70
CA ILE B 42 4.85 -9.46 -17.57
C ILE B 42 4.63 -8.55 -18.78
N THR B 43 4.98 -7.26 -18.65
CA THR B 43 4.79 -6.34 -19.77
C THR B 43 5.90 -6.44 -20.79
N VAL B 44 7.14 -6.63 -20.33
CA VAL B 44 8.27 -6.73 -21.25
C VAL B 44 8.05 -7.86 -22.25
N LEU B 45 7.36 -8.92 -21.83
CA LEU B 45 7.05 -10.00 -22.75
C LEU B 45 6.01 -9.57 -23.78
N LEU B 46 4.97 -8.86 -23.33
CA LEU B 46 3.94 -8.39 -24.25
C LEU B 46 4.54 -7.51 -25.34
N SER B 47 5.50 -6.67 -24.97
CA SER B 47 6.15 -5.81 -25.97
C SER B 47 6.76 -6.62 -27.11
N LEU B 48 7.11 -7.88 -26.84
CA LEU B 48 7.66 -8.73 -27.88
C LEU B 48 6.57 -9.34 -28.75
N THR B 49 5.40 -9.60 -28.19
CA THR B 49 4.32 -10.19 -28.97
C THR B 49 3.92 -9.28 -30.13
N VAL B 50 3.97 -7.97 -29.92
CA VAL B 50 3.69 -7.03 -31.00
C VAL B 50 4.83 -7.00 -32.00
N PHE B 51 6.06 -7.27 -31.54
CA PHE B 51 7.20 -7.27 -32.44
C PHE B 51 7.17 -8.51 -33.34
N MET B 52 7.01 -9.69 -32.74
CA MET B 52 6.95 -10.92 -33.53
C MET B 52 5.89 -10.84 -34.63
N LEU B 53 4.78 -10.14 -34.36
CA LEU B 53 3.76 -9.96 -35.39
C LEU B 53 4.28 -9.06 -36.52
N LEU B 54 4.92 -7.95 -36.16
CA LEU B 54 5.47 -7.05 -37.17
C LEU B 54 6.37 -7.79 -38.14
N VAL B 55 7.28 -8.61 -37.60
CA VAL B 55 8.16 -9.41 -38.46
C VAL B 55 7.33 -10.26 -39.42
N ALA B 56 6.27 -10.88 -38.92
CA ALA B 56 5.43 -11.73 -39.77
C ALA B 56 4.89 -10.98 -40.98
N GLU B 57 4.83 -9.64 -40.91
CA GLU B 57 4.36 -8.86 -42.05
C GLU B 57 5.46 -8.67 -43.08
N ILE B 58 6.70 -8.49 -42.63
CA ILE B 58 7.80 -8.27 -43.56
C ILE B 58 8.58 -9.56 -43.84
N MET B 59 8.59 -10.50 -42.90
CA MET B 59 9.31 -11.77 -43.05
C MET B 59 8.33 -12.90 -42.72
N PRO B 60 7.61 -13.41 -43.71
CA PRO B 60 6.69 -14.53 -43.44
C PRO B 60 7.42 -15.72 -42.84
N SER B 61 6.80 -16.31 -41.81
CA SER B 61 7.41 -17.45 -41.14
C SER B 61 7.59 -18.63 -42.09
N THR B 62 6.79 -18.70 -43.16
CA THR B 62 6.92 -19.79 -44.11
C THR B 62 8.24 -19.69 -44.88
N SER B 63 8.66 -18.47 -45.20
CA SER B 63 9.90 -18.26 -45.93
C SER B 63 11.06 -17.83 -45.03
N ASP B 64 10.77 -17.24 -43.87
CA ASP B 64 11.82 -16.78 -42.96
C ASP B 64 12.29 -17.97 -42.11
N SER B 65 13.02 -18.86 -42.78
CA SER B 65 13.56 -20.06 -42.15
C SER B 65 15.08 -19.98 -41.96
N SER B 66 15.59 -18.77 -41.76
CA SER B 66 17.02 -18.61 -41.55
C SER B 66 17.43 -19.24 -40.21
N PRO B 67 18.59 -19.91 -40.15
CA PRO B 67 18.99 -20.56 -38.90
C PRO B 67 19.38 -19.56 -37.81
N SER B 68 20.19 -18.56 -38.17
CA SER B 68 20.68 -17.60 -37.18
C SER B 68 19.54 -16.73 -36.65
N ILE B 69 18.72 -16.19 -37.55
CA ILE B 69 17.61 -15.33 -37.12
C ILE B 69 16.61 -16.13 -36.30
N ALA B 70 16.29 -17.34 -36.73
CA ALA B 70 15.36 -18.18 -35.98
C ALA B 70 15.90 -18.50 -34.59
N GLN B 71 17.19 -18.85 -34.51
CA GLN B 71 17.80 -19.16 -33.22
C GLN B 71 17.78 -17.95 -32.31
N TYR B 72 18.11 -16.77 -32.84
CA TYR B 72 18.10 -15.56 -32.02
C TYR B 72 16.69 -15.24 -31.53
N PHE B 73 15.69 -15.37 -32.40
CA PHE B 73 14.31 -15.12 -31.99
C PHE B 73 13.87 -16.10 -30.91
N ALA B 74 14.22 -17.39 -31.09
CA ALA B 74 13.86 -18.38 -30.07
C ALA B 74 14.55 -18.07 -28.75
N SER B 75 15.81 -17.66 -28.78
CA SER B 75 16.52 -17.33 -27.55
C SER B 75 15.89 -16.13 -26.86
N THR B 76 15.54 -15.10 -27.64
CA THR B 76 14.89 -13.93 -27.04
C THR B 76 13.55 -14.30 -26.43
N MET B 77 12.76 -15.12 -27.12
CA MET B 77 11.47 -15.54 -26.58
C MET B 77 11.66 -16.34 -25.30
N ILE B 78 12.62 -17.26 -25.29
CA ILE B 78 12.88 -18.06 -24.10
C ILE B 78 13.32 -17.17 -22.94
N ILE B 79 14.11 -16.15 -23.23
CA ILE B 79 14.58 -15.25 -22.18
C ILE B 79 13.42 -14.45 -21.60
N VAL B 80 12.59 -13.87 -22.46
CA VAL B 80 11.47 -13.07 -21.96
C VAL B 80 10.45 -13.96 -21.25
N GLY B 81 10.39 -15.24 -21.61
CA GLY B 81 9.49 -16.15 -20.93
C GLY B 81 10.00 -16.59 -19.58
N LEU B 82 11.30 -16.87 -19.49
CA LEU B 82 11.92 -17.28 -18.23
C LEU B 82 12.13 -16.11 -17.29
N SER B 83 12.04 -14.87 -17.76
CA SER B 83 12.09 -13.72 -16.85
C SER B 83 10.99 -13.82 -15.81
N VAL B 84 9.78 -14.20 -16.23
CA VAL B 84 8.67 -14.33 -15.28
C VAL B 84 8.94 -15.46 -14.29
N VAL B 85 9.48 -16.58 -14.78
CA VAL B 85 9.80 -17.69 -13.89
C VAL B 85 10.84 -17.26 -12.86
N VAL B 86 11.83 -16.49 -13.29
CA VAL B 86 12.87 -16.03 -12.38
C VAL B 86 12.29 -15.10 -11.33
N THR B 87 11.44 -14.15 -11.77
CA THR B 87 10.81 -13.24 -10.82
C THR B 87 9.96 -13.99 -9.81
N VAL B 88 9.25 -15.03 -10.27
CA VAL B 88 8.41 -15.80 -9.36
C VAL B 88 9.25 -16.58 -8.36
N ILE B 89 10.33 -17.20 -8.83
CA ILE B 89 11.21 -17.96 -7.94
C ILE B 89 11.87 -17.01 -6.95
N VAL B 90 12.11 -15.76 -7.34
CA VAL B 90 12.72 -14.80 -6.44
C VAL B 90 11.72 -14.34 -5.39
N LEU B 91 10.48 -14.07 -5.80
CA LEU B 91 9.44 -13.67 -4.86
C LEU B 91 9.03 -14.83 -3.95
N GLN B 92 9.32 -16.07 -4.34
CA GLN B 92 9.08 -17.19 -3.46
C GLN B 92 9.81 -17.03 -2.14
N TYR B 93 10.97 -16.36 -2.16
CA TYR B 93 11.69 -16.07 -0.92
C TYR B 93 11.15 -14.85 -0.21
N HIS B 94 10.34 -14.03 -0.88
CA HIS B 94 9.77 -12.84 -0.29
C HIS B 94 8.44 -13.13 0.42
N HIS B 95 7.62 -14.03 -0.16
CA HIS B 95 6.36 -14.40 0.46
C HIS B 95 6.38 -15.77 1.13
N HIS B 96 7.27 -16.67 0.70
CA HIS B 96 7.46 -17.96 1.36
C HIS B 96 6.14 -18.73 1.45
N ASP B 97 5.65 -19.11 0.27
CA ASP B 97 4.43 -19.91 0.15
C ASP B 97 4.47 -21.06 1.16
N PRO B 98 3.53 -21.11 2.11
CA PRO B 98 3.56 -22.21 3.09
C PRO B 98 3.54 -23.59 2.48
N ASP B 99 2.99 -23.75 1.28
CA ASP B 99 2.94 -25.05 0.63
C ASP B 99 4.28 -25.50 0.08
N GLY B 100 5.35 -24.73 0.29
CA GLY B 100 6.67 -25.10 -0.18
C GLY B 100 7.75 -24.18 0.35
N GLY B 101 8.74 -23.90 -0.48
CA GLY B 101 9.84 -23.03 -0.13
C GLY B 101 11.16 -23.77 -0.10
N LYS B 102 12.15 -23.13 0.51
CA LYS B 102 13.50 -23.68 0.63
C LYS B 102 13.88 -23.76 2.11
N MET B 103 15.14 -24.11 2.36
CA MET B 103 15.65 -24.24 3.71
C MET B 103 16.41 -22.97 4.08
N PRO B 104 15.86 -22.09 4.93
CA PRO B 104 16.58 -20.85 5.26
C PRO B 104 17.92 -21.10 5.92
N LYS B 105 18.07 -22.21 6.65
CA LYS B 105 19.35 -22.49 7.31
C LYS B 105 20.47 -22.61 6.29
N TRP B 106 20.25 -23.38 5.23
CA TRP B 106 21.29 -23.57 4.22
C TRP B 106 21.66 -22.25 3.54
N THR B 107 20.67 -21.39 3.31
CA THR B 107 20.89 -20.12 2.63
C THR B 107 21.32 -19.00 3.56
N ARG B 108 21.40 -19.26 4.88
CA ARG B 108 21.82 -18.23 5.81
C ARG B 108 23.27 -17.83 5.58
N VAL B 109 24.17 -18.81 5.44
CA VAL B 109 25.55 -18.51 5.16
C VAL B 109 25.71 -17.96 3.73
N ILE B 110 24.85 -18.40 2.82
CA ILE B 110 24.89 -17.88 1.46
C ILE B 110 24.69 -16.37 1.46
N LEU B 111 23.80 -15.87 2.32
CA LEU B 111 23.61 -14.44 2.46
C LEU B 111 24.87 -13.77 3.00
N LEU B 112 25.34 -14.22 4.16
CA LEU B 112 26.54 -13.64 4.76
C LEU B 112 27.71 -13.62 3.77
N ASN B 113 27.72 -14.54 2.80
CA ASN B 113 28.78 -14.57 1.81
C ASN B 113 28.52 -13.57 0.68
N TRP B 114 27.34 -13.65 0.05
CA TRP B 114 27.09 -12.86 -1.15
C TRP B 114 26.91 -11.38 -0.82
N CYS B 115 26.15 -11.06 0.23
CA CYS B 115 25.98 -9.66 0.61
C CYS B 115 27.30 -9.01 0.96
N ALA B 116 28.24 -9.79 1.53
CA ALA B 116 29.54 -9.24 1.87
C ALA B 116 30.44 -9.12 0.64
N TRP B 117 30.36 -10.08 -0.28
CA TRP B 117 31.17 -10.02 -1.49
C TRP B 117 30.69 -8.94 -2.45
N PHE B 118 29.41 -8.58 -2.41
CA PHE B 118 28.90 -7.54 -3.30
C PHE B 118 29.28 -6.15 -2.80
N LEU B 119 28.95 -5.84 -1.54
CA LEU B 119 29.34 -4.55 -0.97
C LEU B 119 30.85 -4.41 -0.93
N ARG B 120 31.53 -5.37 -0.32
CA ARG B 120 32.99 -5.41 -0.27
C ARG B 120 33.47 -6.34 -1.38
N MET B 121 33.76 -5.76 -2.54
CA MET B 121 34.19 -6.54 -3.69
C MET B 121 35.36 -7.45 -3.34
N LYS B 122 35.19 -8.75 -3.59
CA LYS B 122 36.22 -9.75 -3.29
C LYS B 122 36.99 -10.16 -4.55
N ARG B 123 37.19 -9.24 -5.47
CA ARG B 123 37.90 -9.50 -6.71
C ARG B 123 39.20 -8.71 -6.76
N PRO B 124 40.13 -9.08 -7.64
CA PRO B 124 41.40 -8.34 -7.72
C PRO B 124 41.23 -6.88 -8.09
N GLY B 125 40.07 -6.49 -8.64
CA GLY B 125 39.86 -5.11 -9.03
C GLY B 125 39.89 -4.16 -7.85
N GLU B 126 39.43 -4.62 -6.68
CA GLU B 126 39.38 -3.80 -5.48
C GLU B 126 40.23 -4.33 -4.33
N ASP B 127 40.39 -5.65 -4.23
CA ASP B 127 41.19 -6.21 -3.14
C ASP B 127 42.64 -5.75 -3.24
N LYS B 128 43.19 -5.73 -4.45
CA LYS B 128 44.56 -5.30 -4.66
C LYS B 128 44.69 -3.78 -4.79
N VAL B 129 43.76 -3.16 -5.51
CA VAL B 129 43.78 -1.70 -5.72
C VAL B 129 42.98 -1.09 -4.57
N ARG B 130 43.68 -0.85 -3.46
CA ARG B 130 43.05 -0.24 -2.29
C ARG B 130 44.12 0.26 -1.33
N PRO B 131 43.82 1.25 -0.48
CA PRO B 131 44.84 1.75 0.45
C PRO B 131 45.13 0.72 1.54
N ALA B 132 46.42 0.42 1.73
CA ALA B 132 46.84 -0.54 2.73
C ALA B 132 48.17 -0.09 3.30
N CYS B 133 48.36 -0.34 4.60
CA CYS B 133 49.58 0.03 5.31
C CYS B 133 50.04 -1.14 6.16
N GLN B 134 51.23 -0.99 6.74
CA GLN B 134 51.81 -2.02 7.60
C GLN B 134 51.51 -1.80 9.08
N HIS B 135 50.74 -0.78 9.42
CA HIS B 135 50.41 -0.51 10.81
C HIS B 135 49.55 -1.62 11.38
N LYS B 136 49.57 -1.76 12.71
CA LYS B 136 48.80 -2.78 13.40
C LYS B 136 47.29 -2.51 13.34
N GLN B 137 46.87 -1.36 12.84
CA GLN B 137 45.44 -1.05 12.76
C GLN B 137 44.71 -1.95 11.77
N ARG B 138 45.42 -2.50 10.80
CA ARG B 138 44.83 -3.40 9.81
C ARG B 138 45.13 -4.86 10.07
N ARG B 139 45.83 -5.18 11.17
CA ARG B 139 46.16 -6.55 11.51
C ARG B 139 45.11 -7.14 12.45
N CYS B 140 45.23 -8.44 12.69
CA CYS B 140 44.32 -9.17 13.56
C CYS B 140 45.05 -9.58 14.84
N SER B 141 44.33 -9.57 15.95
CA SER B 141 44.88 -9.93 17.25
C SER B 141 43.83 -10.76 17.99
N LEU B 142 44.13 -11.07 19.25
CA LEU B 142 43.20 -11.87 20.06
C LEU B 142 41.86 -11.16 20.21
N ALA B 143 41.85 -9.83 20.18
CA ALA B 143 40.59 -9.09 20.30
C ALA B 143 39.77 -9.19 19.03
N SER B 144 40.41 -9.26 17.87
CA SER B 144 39.70 -9.35 16.60
C SER B 144 39.35 -10.79 16.22
N VAL B 145 40.18 -11.76 16.61
CA VAL B 145 39.93 -13.16 16.30
C VAL B 145 38.85 -13.66 17.24
N GLU B 146 37.62 -13.78 16.72
CA GLU B 146 36.47 -14.23 17.50
C GLU B 146 35.90 -15.52 16.92
N MET B 147 36.78 -16.44 16.52
CA MET B 147 36.36 -17.71 15.95
C MET B 147 35.95 -18.73 17.01
N SER B 148 36.25 -18.48 18.29
CA SER B 148 35.91 -19.40 19.36
C SER B 148 34.58 -19.05 20.03
N ALA B 149 33.66 -18.43 19.30
CA ALA B 149 32.34 -18.08 19.83
C ALA B 149 32.45 -17.16 21.04
N VAL B 150 33.39 -16.22 20.97
CA VAL B 150 33.61 -15.25 22.04
C VAL B 150 32.97 -13.93 21.65
N ALA B 151 32.45 -13.22 22.63
CA ALA B 151 31.81 -11.93 22.39
C ALA B 151 32.82 -10.95 21.81
N PRO B 152 32.61 -10.46 20.59
CA PRO B 152 33.55 -9.49 20.01
C PRO B 152 33.65 -8.24 20.88
N PRO B 153 34.66 -7.41 20.65
CA PRO B 153 34.80 -6.19 21.46
C PRO B 153 33.61 -5.27 21.27
N PRO B 154 33.38 -4.34 22.19
CA PRO B 154 32.24 -3.42 22.04
C PRO B 154 32.40 -2.56 20.79
N ALA B 155 31.35 -2.52 19.98
CA ALA B 155 31.35 -1.72 18.76
C ALA B 155 29.92 -1.37 18.39
N SER B 156 29.75 -0.16 17.85
CA SER B 156 28.44 0.32 17.45
C SER B 156 28.10 -0.03 16.01
N ASN B 157 28.94 -0.82 15.34
CA ASN B 157 28.71 -1.22 13.95
C ASN B 157 27.91 -2.51 13.83
N GLY B 158 27.15 -2.87 14.85
CA GLY B 158 26.35 -4.06 14.85
C GLY B 158 26.79 -5.14 15.84
N ASN B 159 27.61 -4.80 16.83
CA ASN B 159 28.08 -5.77 17.82
C ASN B 159 27.62 -5.44 19.22
N LEU B 160 27.68 -4.17 19.63
CA LEU B 160 27.27 -3.80 20.98
C LEU B 160 25.78 -4.05 21.18
N LEU B 161 24.94 -3.50 20.28
CA LEU B 161 23.51 -3.71 20.40
C LEU B 161 23.15 -5.18 20.28
N TYR B 162 23.89 -5.93 19.47
CA TYR B 162 23.65 -7.37 19.35
C TYR B 162 23.90 -8.08 20.67
N ILE B 163 25.11 -7.91 21.23
CA ILE B 163 25.43 -8.52 22.51
C ILE B 163 24.45 -8.08 23.59
N GLY B 164 23.95 -6.85 23.50
CA GLY B 164 22.98 -6.37 24.46
C GLY B 164 21.62 -7.04 24.34
N PHE B 165 20.92 -6.78 23.23
CA PHE B 165 19.59 -7.35 23.02
C PHE B 165 19.64 -8.62 22.20
N ARG B 166 20.56 -9.53 22.56
CA ARG B 166 20.53 -10.89 22.04
C ARG B 166 20.94 -11.93 23.08
N GLY B 167 21.19 -11.54 24.32
CA GLY B 167 21.66 -12.46 25.33
C GLY B 167 20.64 -12.76 26.40
N LEU B 168 19.37 -12.94 25.99
CA LEU B 168 18.31 -13.27 26.93
C LEU B 168 18.73 -14.42 27.83
N ASP B 169 18.58 -14.22 29.14
CA ASP B 169 18.97 -15.18 30.17
C ASP B 169 20.47 -15.33 30.29
N GLY B 170 21.25 -14.46 29.63
CA GLY B 170 22.70 -14.54 29.69
C GLY B 170 23.32 -13.40 30.49
N VAL B 171 24.41 -12.84 29.97
CA VAL B 171 25.10 -11.76 30.66
C VAL B 171 24.23 -10.50 30.75
N HIS B 172 23.23 -10.38 29.89
CA HIS B 172 22.37 -9.20 29.89
C HIS B 172 21.28 -9.27 30.95
N CYS B 173 20.83 -10.48 31.30
CA CYS B 173 19.78 -10.65 32.29
C CYS B 173 20.32 -10.82 33.70
N VAL B 174 21.55 -11.26 33.86
CA VAL B 174 22.15 -11.45 35.19
C VAL B 174 23.55 -10.85 35.18
N PRO B 175 23.69 -9.54 34.99
CA PRO B 175 25.04 -8.91 35.01
C PRO B 175 25.57 -8.70 36.43
N THR B 176 26.12 -9.77 36.99
CA THR B 176 26.66 -9.77 38.35
C THR B 176 27.99 -10.49 38.36
N PRO B 177 29.05 -9.86 37.84
CA PRO B 177 30.37 -10.49 37.86
C PRO B 177 30.86 -10.73 39.28
N ASP B 178 31.96 -11.47 39.38
CA ASP B 178 32.56 -11.80 40.67
C ASP B 178 33.43 -10.62 41.13
N SER B 179 32.75 -9.53 41.49
CA SER B 179 33.42 -8.33 41.98
C SER B 179 32.87 -7.92 43.33
N GLY B 180 31.58 -8.13 43.56
CA GLY B 180 30.97 -7.78 44.82
C GLY B 180 30.42 -6.37 44.90
N VAL B 181 30.03 -5.78 43.76
CA VAL B 181 29.49 -4.43 43.78
C VAL B 181 28.23 -4.37 44.64
N VAL B 182 27.52 -5.48 44.78
CA VAL B 182 26.31 -5.51 45.61
C VAL B 182 26.65 -5.23 47.07
N CYS B 183 27.90 -5.44 47.49
CA CYS B 183 28.30 -5.18 48.86
C CYS B 183 29.64 -4.46 48.97
N GLY B 184 30.30 -4.15 47.86
CA GLY B 184 31.59 -3.48 47.90
C GLY B 184 31.51 -2.00 47.59
N ARG B 185 30.66 -1.64 46.62
CA ARG B 185 30.49 -0.27 46.20
C ARG B 185 29.03 0.15 46.37
N MET B 186 28.82 1.45 46.56
CA MET B 186 27.49 2.02 46.74
C MET B 186 27.02 2.80 45.51
N ALA B 187 27.59 2.51 44.35
CA ALA B 187 27.22 3.19 43.11
C ALA B 187 25.90 2.60 42.63
N CYS B 188 24.80 3.26 42.99
CA CYS B 188 23.46 2.81 42.62
C CYS B 188 23.18 1.39 43.11
N SER B 189 23.81 1.01 44.22
CA SER B 189 23.65 -0.33 44.78
C SER B 189 23.98 -0.32 46.27
N PRO B 190 23.01 -0.03 47.13
CA PRO B 190 23.29 -0.02 48.58
C PRO B 190 23.89 -1.35 49.04
N THR B 191 24.94 -1.25 49.86
CA THR B 191 25.63 -2.44 50.35
C THR B 191 24.79 -3.14 51.41
N HIS B 192 24.02 -4.14 50.99
CA HIS B 192 23.18 -4.93 51.89
C HIS B 192 22.50 -4.06 52.93
N ASP B 193 21.99 -2.90 52.52
CA ASP B 193 21.31 -1.98 53.43
C ASP B 193 19.85 -2.41 53.52
N GLU B 194 19.54 -3.20 54.56
CA GLU B 194 18.18 -3.68 54.76
C GLU B 194 17.28 -2.63 55.40
N HIS B 195 17.86 -1.63 56.07
CA HIS B 195 17.08 -0.58 56.72
C HIS B 195 16.88 0.63 55.83
N LEU B 196 17.11 0.50 54.52
CA LEU B 196 16.92 1.60 53.59
C LEU B 196 15.44 1.71 53.25
N LEU B 197 14.78 2.70 53.84
CA LEU B 197 13.35 2.91 53.61
C LEU B 197 13.13 4.29 53.01
N HIS B 198 12.09 4.39 52.17
CA HIS B 198 11.74 5.65 51.51
C HIS B 198 11.05 6.56 52.52
N GLY B 199 11.86 7.19 53.36
CA GLY B 199 11.33 8.10 54.36
C GLY B 199 10.39 7.44 55.33
N GLY B 200 10.66 6.17 55.69
CA GLY B 200 9.83 5.42 56.59
C GLY B 200 9.06 4.29 55.94
N GLN B 201 8.86 4.36 54.63
CA GLN B 201 8.13 3.33 53.88
C GLN B 201 9.08 2.57 52.97
N PRO B 202 8.69 1.37 52.53
CA PRO B 202 9.56 0.59 51.64
C PRO B 202 9.78 1.31 50.33
N PRO B 203 10.86 0.98 49.60
CA PRO B 203 11.10 1.63 48.30
C PRO B 203 10.12 1.16 47.23
N GLU B 204 8.83 1.40 47.44
CA GLU B 204 7.81 0.99 46.47
C GLU B 204 6.56 1.81 46.75
N GLY B 205 6.15 2.63 45.77
CA GLY B 205 4.96 3.44 45.96
C GLY B 205 3.68 2.64 45.80
N ASP B 206 3.60 1.82 44.75
CA ASP B 206 2.41 1.04 44.46
C ASP B 206 2.76 -0.17 43.61
N PRO B 207 2.41 -1.39 44.03
CA PRO B 207 2.65 -2.55 43.17
C PRO B 207 2.04 -2.42 41.78
N ASP B 208 1.01 -1.60 41.61
CA ASP B 208 0.44 -1.40 40.29
C ASP B 208 1.42 -0.70 39.36
N LEU B 209 2.35 0.08 39.92
CA LEU B 209 3.38 0.70 39.09
C LEU B 209 4.26 -0.36 38.44
N ALA B 210 4.50 -1.46 39.14
CA ALA B 210 5.24 -2.57 38.54
C ALA B 210 4.48 -3.16 37.37
N LYS B 211 3.16 -3.26 37.49
CA LYS B 211 2.35 -3.79 36.39
C LYS B 211 2.36 -2.83 35.21
N ILE B 212 2.32 -1.52 35.48
CA ILE B 212 2.41 -0.54 34.39
C ILE B 212 3.77 -0.64 33.70
N LEU B 213 4.83 -0.82 34.48
CA LEU B 213 6.16 -1.02 33.90
C LEU B 213 6.20 -2.26 33.03
N GLU B 214 5.60 -3.36 33.50
CA GLU B 214 5.57 -4.58 32.70
C GLU B 214 4.76 -4.39 31.43
N GLU B 215 3.69 -3.59 31.50
CA GLU B 215 2.88 -3.34 30.30
C GLU B 215 3.63 -2.51 29.28
N VAL B 216 4.32 -1.47 29.72
CA VAL B 216 5.11 -0.67 28.78
C VAL B 216 6.27 -1.50 28.23
N ARG B 217 6.82 -2.42 29.03
CA ARG B 217 7.86 -3.30 28.53
C ARG B 217 7.32 -4.26 27.49
N TYR B 218 6.08 -4.72 27.67
CA TYR B 218 5.44 -5.56 26.67
C TYR B 218 5.18 -4.78 25.38
N ILE B 219 4.83 -3.50 25.51
CA ILE B 219 4.66 -2.67 24.32
C ILE B 219 6.00 -2.50 23.60
N ALA B 220 7.08 -2.28 24.36
CA ALA B 220 8.39 -2.20 23.75
C ALA B 220 8.79 -3.51 23.08
N ASN B 221 8.40 -4.63 23.68
CA ASN B 221 8.68 -5.94 23.08
C ASN B 221 7.86 -6.14 21.80
N ARG B 222 6.64 -5.61 21.75
CA ARG B 222 5.87 -5.66 20.52
C ARG B 222 6.54 -4.83 19.43
N PHE B 223 7.03 -3.64 19.79
CA PHE B 223 7.77 -2.83 18.82
C PHE B 223 9.02 -3.55 18.35
N ARG B 224 9.71 -4.25 19.27
CA ARG B 224 10.89 -5.00 18.88
C ARG B 224 10.54 -6.18 17.98
N CYS B 225 9.37 -6.80 18.20
CA CYS B 225 8.93 -7.88 17.31
C CYS B 225 8.60 -7.34 15.93
N GLN B 226 8.01 -6.14 15.87
CA GLN B 226 7.79 -5.49 14.58
C GLN B 226 9.12 -5.22 13.88
N ASP B 227 10.11 -4.73 14.63
CA ASP B 227 11.43 -4.50 14.05
C ASP B 227 12.06 -5.81 13.57
N GLU B 228 11.84 -6.90 14.31
CA GLU B 228 12.37 -8.20 13.89
C GLU B 228 11.68 -8.69 12.62
N SER B 229 10.39 -8.46 12.50
CA SER B 229 9.69 -8.80 11.25
C SER B 229 10.23 -7.96 10.09
N GLU B 230 10.51 -6.69 10.34
CA GLU B 230 11.11 -5.85 9.30
C GLU B 230 12.48 -6.37 8.91
N ALA B 231 13.27 -6.84 9.89
CA ALA B 231 14.58 -7.39 9.59
C ALA B 231 14.46 -8.71 8.81
N VAL B 232 13.45 -9.51 9.11
CA VAL B 232 13.21 -10.73 8.35
C VAL B 232 12.83 -10.39 6.92
N CYS B 233 12.01 -9.36 6.72
CA CYS B 233 11.68 -8.92 5.38
C CYS B 233 12.92 -8.42 4.65
N SER B 234 13.81 -7.72 5.36
CA SER B 234 15.06 -7.26 4.75
C SER B 234 15.93 -8.44 4.37
N GLU B 235 15.96 -9.49 5.19
CA GLU B 235 16.73 -10.68 4.84
C GLU B 235 16.13 -11.37 3.62
N TRP B 236 14.80 -11.44 3.54
CA TRP B 236 14.16 -11.99 2.34
C TRP B 236 14.52 -11.17 1.11
N LYS B 237 14.56 -9.84 1.25
CA LYS B 237 14.95 -9.00 0.12
C LYS B 237 16.41 -9.21 -0.25
N PHE B 238 17.28 -9.45 0.73
CA PHE B 238 18.68 -9.75 0.44
C PHE B 238 18.81 -11.06 -0.31
N ALA B 239 18.02 -12.06 0.08
CA ALA B 239 18.03 -13.34 -0.63
C ALA B 239 17.45 -13.20 -2.03
N ALA B 240 16.49 -12.29 -2.21
CA ALA B 240 15.90 -12.07 -3.53
C ALA B 240 16.88 -11.37 -4.46
N CYS B 241 17.50 -10.28 -4.01
CA CYS B 241 18.39 -9.50 -4.86
C CYS B 241 19.65 -10.30 -5.21
N VAL B 242 20.09 -11.19 -4.32
CA VAL B 242 21.25 -12.03 -4.63
C VAL B 242 20.95 -12.90 -5.84
N VAL B 243 19.82 -13.61 -5.82
CA VAL B 243 19.44 -14.45 -6.96
C VAL B 243 19.18 -13.60 -8.19
N ASP B 244 18.62 -12.39 -8.00
CA ASP B 244 18.41 -11.50 -9.14
C ASP B 244 19.72 -11.17 -9.84
N ARG B 245 20.72 -10.74 -9.06
CA ARG B 245 22.03 -10.41 -9.64
C ARG B 245 22.70 -11.65 -10.23
N LEU B 246 22.52 -12.82 -9.61
CA LEU B 246 23.10 -14.04 -10.16
C LEU B 246 22.51 -14.34 -11.54
N CYS B 247 21.18 -14.28 -11.65
CA CYS B 247 20.53 -14.52 -12.93
C CYS B 247 20.93 -13.47 -13.95
N LEU B 248 21.09 -12.22 -13.50
CA LEU B 248 21.52 -11.15 -14.40
C LEU B 248 22.90 -11.46 -14.98
N MET B 249 23.86 -11.80 -14.11
CA MET B 249 25.20 -12.11 -14.57
C MET B 249 25.23 -13.36 -15.42
N ALA B 250 24.31 -14.30 -15.18
CA ALA B 250 24.27 -15.51 -15.98
C ALA B 250 23.73 -15.22 -17.39
N PHE B 251 22.67 -14.42 -17.48
CA PHE B 251 22.06 -14.13 -18.77
C PHE B 251 22.82 -13.09 -19.57
N SER B 252 23.62 -12.23 -18.91
CA SER B 252 24.37 -11.23 -19.64
C SER B 252 25.38 -11.87 -20.59
N VAL B 253 26.10 -12.88 -20.11
CA VAL B 253 27.09 -13.56 -20.95
C VAL B 253 26.41 -14.23 -22.14
N PHE B 254 25.26 -14.86 -21.90
CA PHE B 254 24.54 -15.51 -23.00
C PHE B 254 24.06 -14.50 -24.02
N THR B 255 23.51 -13.37 -23.57
CA THR B 255 23.06 -12.34 -24.50
C THR B 255 24.22 -11.77 -25.30
N ILE B 256 25.36 -11.55 -24.64
CA ILE B 256 26.53 -11.01 -25.34
C ILE B 256 27.03 -12.01 -26.38
N ILE B 257 27.04 -13.29 -26.03
CA ILE B 257 27.48 -14.32 -26.97
C ILE B 257 26.54 -14.38 -28.17
N CYS B 258 25.23 -14.32 -27.92
CA CYS B 258 24.27 -14.35 -29.02
C CYS B 258 24.43 -13.13 -29.92
N THR B 259 24.66 -11.96 -29.32
CA THR B 259 24.86 -10.74 -30.10
C THR B 259 26.10 -10.87 -30.97
N ILE B 260 27.22 -11.30 -30.38
CA ILE B 260 28.45 -11.46 -31.14
C ILE B 260 28.27 -12.47 -32.26
N GLY B 261 27.50 -13.53 -32.00
CA GLY B 261 27.26 -14.53 -33.03
C GLY B 261 26.47 -13.96 -34.20
N ILE B 262 25.34 -13.31 -33.90
CA ILE B 262 24.52 -12.76 -34.98
C ILE B 262 25.27 -11.65 -35.72
N LEU B 263 26.22 -10.99 -35.06
CA LEU B 263 26.98 -9.94 -35.72
C LEU B 263 28.12 -10.51 -36.56
N MET B 264 28.67 -11.66 -36.19
CA MET B 264 29.79 -12.25 -36.91
C MET B 264 29.39 -13.45 -37.77
N SER B 265 28.33 -14.16 -37.39
CA SER B 265 27.92 -15.34 -38.16
C SER B 265 27.03 -14.98 -39.34
N ALA B 266 26.21 -13.93 -39.21
CA ALA B 266 25.32 -13.56 -40.30
C ALA B 266 26.08 -13.02 -41.51
N PRO B 267 27.02 -12.09 -41.36
CA PRO B 267 27.73 -11.61 -42.56
C PRO B 267 28.54 -12.68 -43.26
N ASN B 268 29.02 -13.68 -42.52
CA ASN B 268 29.83 -14.74 -43.12
C ASN B 268 28.94 -15.81 -43.76
N PHE B 269 28.01 -16.38 -42.98
CA PHE B 269 27.15 -17.44 -43.50
C PHE B 269 26.00 -16.86 -44.33
N VAL B 270 25.18 -16.01 -43.73
CA VAL B 270 24.05 -15.42 -44.42
C VAL B 270 24.54 -14.35 -45.39
N LEU C 7 -3.47 15.64 -45.98
CA LEU C 7 -3.51 16.25 -44.65
C LEU C 7 -3.53 15.17 -43.57
N TYR C 8 -4.54 14.31 -43.61
CA TYR C 8 -4.65 13.24 -42.62
C TYR C 8 -3.44 12.32 -42.66
N TYR C 9 -2.90 12.08 -43.87
CA TYR C 9 -1.75 11.20 -43.99
C TYR C 9 -0.56 11.70 -43.18
N GLY C 10 -0.41 13.02 -43.07
CA GLY C 10 0.69 13.60 -42.31
C GLY C 10 0.38 13.73 -40.84
N LEU C 11 -0.88 14.07 -40.52
CA LEU C 11 -1.27 14.21 -39.11
C LEU C 11 -1.21 12.87 -38.39
N ASN C 12 -1.65 11.80 -39.06
CA ASN C 12 -1.65 10.48 -38.42
C ASN C 12 -0.24 10.04 -38.02
N LEU C 13 0.79 10.56 -38.68
CA LEU C 13 2.17 10.24 -38.32
C LEU C 13 2.83 11.31 -37.46
N LEU C 14 2.32 12.54 -37.49
CA LEU C 14 2.91 13.60 -36.68
C LEU C 14 2.38 13.59 -35.25
N ILE C 15 1.09 13.32 -35.07
CA ILE C 15 0.47 13.38 -33.75
C ILE C 15 1.05 12.31 -32.82
N PRO C 16 1.20 11.06 -33.27
CA PRO C 16 1.75 10.04 -32.36
C PRO C 16 3.13 10.38 -31.83
N CYS C 17 4.00 10.95 -32.66
CA CYS C 17 5.34 11.30 -32.21
C CYS C 17 5.29 12.36 -31.11
N VAL C 18 4.49 13.40 -31.32
CA VAL C 18 4.38 14.46 -30.31
C VAL C 18 3.76 13.90 -29.03
N LEU C 19 2.79 13.00 -29.17
CA LEU C 19 2.16 12.41 -28.00
C LEU C 19 3.16 11.57 -27.20
N ILE C 20 3.98 10.78 -27.90
CA ILE C 20 4.99 9.98 -27.21
C ILE C 20 6.02 10.87 -26.55
N SER C 21 6.41 11.97 -27.21
CA SER C 21 7.36 12.90 -26.62
C SER C 21 6.78 13.53 -25.36
N ALA C 22 5.51 13.92 -25.39
CA ALA C 22 4.88 14.49 -24.21
C ALA C 22 4.78 13.48 -23.09
N LEU C 23 4.42 12.23 -23.42
CA LEU C 23 4.33 11.19 -22.40
C LEU C 23 5.68 10.94 -21.76
N ALA C 24 6.76 10.96 -22.55
CA ALA C 24 8.09 10.76 -21.99
C ALA C 24 8.50 11.94 -21.12
N LEU C 25 8.22 13.17 -21.57
CA LEU C 25 8.54 14.34 -20.77
C LEU C 25 7.77 14.33 -19.46
N LEU C 26 6.54 13.83 -19.45
CA LEU C 26 5.77 13.75 -18.22
C LEU C 26 6.42 12.80 -17.23
N VAL C 27 6.82 11.61 -17.69
CA VAL C 27 7.46 10.64 -16.82
C VAL C 27 8.80 11.17 -16.33
N PHE C 28 9.52 11.92 -17.16
CA PHE C 28 10.81 12.45 -16.75
C PHE C 28 10.65 13.62 -15.78
N LEU C 29 9.55 14.34 -15.86
CA LEU C 29 9.29 15.46 -14.95
C LEU C 29 8.73 15.01 -13.61
N LEU C 30 8.23 13.78 -13.53
CA LEU C 30 7.59 13.31 -12.31
C LEU C 30 8.64 12.91 -11.26
N PRO C 31 8.40 13.21 -9.98
CA PRO C 31 9.33 12.76 -8.94
C PRO C 31 9.21 11.26 -8.69
N ALA C 32 9.89 10.75 -7.66
CA ALA C 32 9.89 9.32 -7.40
C ALA C 32 8.48 8.83 -7.12
N ASP C 33 7.89 8.14 -8.09
CA ASP C 33 6.51 7.66 -7.99
C ASP C 33 6.46 6.20 -8.47
N SER C 34 7.35 5.38 -7.91
CA SER C 34 7.44 3.96 -8.31
C SER C 34 6.07 3.34 -8.57
N GLY C 35 5.11 3.60 -7.67
CA GLY C 35 3.76 3.08 -7.87
C GLY C 35 3.10 3.59 -9.13
N GLU C 36 3.60 4.69 -9.70
CA GLU C 36 3.07 5.28 -10.92
C GLU C 36 4.03 5.19 -12.09
N LYS C 37 5.28 5.61 -11.91
CA LYS C 37 6.24 5.62 -13.00
C LYS C 37 6.35 4.25 -13.67
N ILE C 38 6.40 3.18 -12.87
CA ILE C 38 6.53 1.84 -13.42
C ILE C 38 5.44 1.57 -14.45
N SER C 39 4.24 2.09 -14.20
CA SER C 39 3.14 1.91 -15.15
C SER C 39 3.34 2.80 -16.38
N LEU C 40 3.77 4.04 -16.17
CA LEU C 40 3.94 4.97 -17.30
C LEU C 40 5.20 4.68 -18.07
N GLY C 41 6.27 4.28 -17.39
CA GLY C 41 7.54 4.04 -18.07
C GLY C 41 7.50 2.85 -18.99
N ILE C 42 6.84 1.76 -18.56
CA ILE C 42 6.77 0.55 -19.37
C ILE C 42 5.62 0.57 -20.36
N THR C 43 4.55 1.32 -20.09
CA THR C 43 3.42 1.36 -21.00
C THR C 43 3.66 2.34 -22.14
N VAL C 44 4.30 3.49 -21.86
CA VAL C 44 4.56 4.46 -22.91
C VAL C 44 5.35 3.84 -24.05
N LEU C 45 6.21 2.86 -23.74
CA LEU C 45 6.94 2.16 -24.80
C LEU C 45 6.01 1.28 -25.62
N LEU C 46 5.10 0.55 -24.95
CA LEU C 46 4.17 -0.31 -25.66
C LEU C 46 3.33 0.49 -26.65
N SER C 47 2.92 1.70 -26.26
CA SER C 47 2.13 2.54 -27.16
C SER C 47 2.87 2.79 -28.48
N LEU C 48 4.20 2.72 -28.47
CA LEU C 48 4.96 2.89 -29.70
C LEU C 48 5.01 1.62 -30.53
N THR C 49 5.00 0.45 -29.88
CA THR C 49 5.04 -0.81 -30.63
C THR C 49 3.84 -0.93 -31.54
N VAL C 50 2.68 -0.44 -31.11
CA VAL C 50 1.49 -0.46 -31.95
C VAL C 50 1.61 0.57 -33.07
N PHE C 51 2.33 1.67 -32.82
CA PHE C 51 2.51 2.69 -33.84
C PHE C 51 3.47 2.21 -34.92
N MET C 52 4.62 1.70 -34.53
CA MET C 52 5.59 1.20 -35.50
C MET C 52 4.97 0.17 -36.43
N LEU C 53 4.02 -0.63 -35.92
CA LEU C 53 3.34 -1.59 -36.77
C LEU C 53 2.44 -0.88 -37.78
N LEU C 54 1.68 0.12 -37.33
CA LEU C 54 0.81 0.87 -38.23
C LEU C 54 1.60 1.42 -39.41
N VAL C 55 2.76 2.03 -39.13
CA VAL C 55 3.61 2.55 -40.20
C VAL C 55 3.94 1.44 -41.19
N ALA C 56 4.28 0.24 -40.68
CA ALA C 56 4.63 -0.86 -41.56
C ALA C 56 3.53 -1.20 -42.54
N GLU C 57 2.29 -0.80 -42.25
CA GLU C 57 1.19 -1.05 -43.18
C GLU C 57 1.15 0.00 -44.29
N ILE C 58 1.45 1.26 -43.96
CA ILE C 58 1.40 2.32 -44.95
C ILE C 58 2.79 2.61 -45.55
N MET C 59 3.85 2.37 -44.78
CA MET C 59 5.22 2.61 -45.23
C MET C 59 6.04 1.34 -44.99
N PRO C 60 6.09 0.44 -45.97
CA PRO C 60 6.89 -0.78 -45.79
C PRO C 60 8.35 -0.46 -45.48
N SER C 61 8.90 -1.17 -44.50
CA SER C 61 10.29 -0.95 -44.11
C SER C 61 11.24 -1.22 -45.26
N THR C 62 10.86 -2.06 -46.21
CA THR C 62 11.72 -2.35 -47.35
C THR C 62 11.90 -1.13 -48.24
N SER C 63 10.84 -0.34 -48.40
CA SER C 63 10.89 0.87 -49.23
C SER C 63 11.03 2.15 -48.41
N ASP C 64 10.60 2.14 -47.14
CA ASP C 64 10.69 3.32 -46.29
C ASP C 64 12.10 3.42 -45.71
N SER C 65 13.05 3.77 -46.58
CA SER C 65 14.45 3.91 -46.22
C SER C 65 14.89 5.37 -46.21
N SER C 66 13.98 6.28 -45.88
CA SER C 66 14.32 7.69 -45.83
C SER C 66 15.30 7.94 -44.67
N PRO C 67 16.30 8.81 -44.85
CA PRO C 67 17.27 9.03 -43.78
C PRO C 67 16.69 9.79 -42.60
N SER C 68 15.95 10.87 -42.88
CA SER C 68 15.41 11.69 -41.81
C SER C 68 14.36 10.94 -41.01
N ILE C 69 13.41 10.31 -41.70
CA ILE C 69 12.35 9.58 -41.00
C ILE C 69 12.93 8.42 -40.21
N ALA C 70 13.88 7.68 -40.81
CA ALA C 70 14.50 6.57 -40.11
C ALA C 70 15.26 7.06 -38.87
N GLN C 71 16.00 8.16 -39.00
CA GLN C 71 16.74 8.69 -37.86
C GLN C 71 15.78 9.13 -36.75
N TYR C 72 14.69 9.79 -37.12
CA TYR C 72 13.73 10.24 -36.10
C TYR C 72 13.08 9.05 -35.41
N PHE C 73 12.72 8.01 -36.17
CA PHE C 73 12.13 6.82 -35.56
C PHE C 73 13.12 6.14 -34.62
N ALA C 74 14.38 6.03 -35.04
CA ALA C 74 15.40 5.42 -34.19
C ALA C 74 15.60 6.23 -32.91
N SER C 75 15.61 7.55 -33.03
CA SER C 75 15.77 8.40 -31.85
C SER C 75 14.60 8.24 -30.89
N THR C 76 13.37 8.21 -31.44
CA THR C 76 12.20 8.03 -30.58
C THR C 76 12.24 6.67 -29.88
N MET C 77 12.62 5.62 -30.61
CA MET C 77 12.71 4.29 -30.01
C MET C 77 13.77 4.27 -28.91
N ILE C 78 14.92 4.88 -29.17
CA ILE C 78 15.99 4.92 -28.17
C ILE C 78 15.53 5.69 -26.94
N ILE C 79 14.77 6.76 -27.14
CA ILE C 79 14.30 7.56 -26.01
C ILE C 79 13.31 6.76 -25.17
N VAL C 80 12.33 6.12 -25.82
CA VAL C 80 11.34 5.36 -25.07
C VAL C 80 11.98 4.15 -24.40
N GLY C 81 13.08 3.64 -24.96
CA GLY C 81 13.78 2.53 -24.35
C GLY C 81 14.61 2.94 -23.16
N LEU C 82 15.29 4.09 -23.27
CA LEU C 82 16.11 4.61 -22.19
C LEU C 82 15.29 5.25 -21.08
N SER C 83 14.02 5.54 -21.33
CA SER C 83 13.16 6.01 -20.24
C SER C 83 13.10 5.00 -19.11
N VAL C 84 12.99 3.72 -19.44
CA VAL C 84 12.95 2.67 -18.41
C VAL C 84 14.28 2.60 -17.67
N VAL C 85 15.39 2.72 -18.41
CA VAL C 85 16.71 2.70 -17.76
C VAL C 85 16.84 3.87 -16.80
N VAL C 86 16.36 5.04 -17.21
CA VAL C 86 16.43 6.22 -16.35
C VAL C 86 15.58 6.03 -15.10
N THR C 87 14.36 5.52 -15.26
CA THR C 87 13.51 5.29 -14.11
C THR C 87 14.14 4.28 -13.16
N VAL C 88 14.78 3.25 -13.70
CA VAL C 88 15.42 2.24 -12.85
C VAL C 88 16.61 2.84 -12.10
N ILE C 89 17.44 3.61 -12.80
CA ILE C 89 18.58 4.26 -12.15
C ILE C 89 18.12 5.24 -11.09
N VAL C 90 16.95 5.85 -11.29
CA VAL C 90 16.43 6.80 -10.31
C VAL C 90 15.89 6.07 -9.09
N LEU C 91 15.17 4.96 -9.31
CA LEU C 91 14.66 4.17 -8.20
C LEU C 91 15.78 3.44 -7.46
N GLN C 92 16.95 3.29 -8.08
CA GLN C 92 18.09 2.72 -7.38
C GLN C 92 18.44 3.55 -6.14
N TYR C 93 18.18 4.86 -6.19
CA TYR C 93 18.37 5.73 -5.04
C TYR C 93 17.21 5.66 -4.06
N HIS C 94 16.07 5.10 -4.46
CA HIS C 94 14.91 4.99 -3.59
C HIS C 94 14.91 3.67 -2.81
N HIS C 95 15.35 2.58 -3.44
CA HIS C 95 15.41 1.29 -2.77
C HIS C 95 16.81 0.90 -2.35
N HIS C 96 17.84 1.41 -3.02
CA HIS C 96 19.24 1.20 -2.64
C HIS C 96 19.56 -0.29 -2.52
N ASP C 97 19.52 -0.95 -3.68
CA ASP C 97 19.86 -2.36 -3.78
C ASP C 97 21.13 -2.65 -3.00
N PRO C 98 21.08 -3.51 -1.96
CA PRO C 98 22.30 -3.77 -1.18
C PRO C 98 23.46 -4.29 -2.00
N ASP C 99 23.21 -4.91 -3.15
CA ASP C 99 24.28 -5.43 -4.00
C ASP C 99 25.02 -4.34 -4.75
N GLY C 100 24.69 -3.07 -4.52
CA GLY C 100 25.37 -1.98 -5.19
C GLY C 100 24.95 -0.62 -4.66
N GLY C 101 24.86 0.36 -5.55
CA GLY C 101 24.46 1.71 -5.20
C GLY C 101 25.56 2.71 -5.46
N LYS C 102 25.39 3.90 -4.89
CA LYS C 102 26.34 4.99 -5.02
C LYS C 102 26.82 5.41 -3.63
N MET C 103 27.59 6.50 -3.59
CA MET C 103 28.13 7.02 -2.34
C MET C 103 27.26 8.17 -1.86
N PRO C 104 26.44 7.97 -0.81
CA PRO C 104 25.58 9.09 -0.35
C PRO C 104 26.37 10.31 0.10
N LYS C 105 27.59 10.12 0.60
CA LYS C 105 28.39 11.26 1.05
C LYS C 105 28.65 12.23 -0.09
N TRP C 106 29.06 11.70 -1.25
CA TRP C 106 29.37 12.56 -2.39
C TRP C 106 28.12 13.30 -2.87
N THR C 107 26.96 12.64 -2.82
CA THR C 107 25.72 13.22 -3.29
C THR C 107 25.02 14.07 -2.24
N ARG C 108 25.54 14.12 -1.01
CA ARG C 108 24.90 14.92 0.04
C ARG C 108 24.94 16.40 -0.31
N VAL C 109 26.12 16.91 -0.71
CA VAL C 109 26.21 18.31 -1.10
C VAL C 109 25.48 18.55 -2.41
N ILE C 110 25.42 17.53 -3.29
CA ILE C 110 24.68 17.67 -4.53
C ILE C 110 23.22 17.99 -4.24
N LEU C 111 22.66 17.36 -3.21
CA LEU C 111 21.28 17.66 -2.82
C LEU C 111 21.17 19.10 -2.31
N LEU C 112 21.97 19.46 -1.31
CA LEU C 112 21.93 20.81 -0.77
C LEU C 112 22.06 21.85 -1.87
N ASN C 113 22.74 21.51 -2.96
CA ASN C 113 22.90 22.46 -4.07
C ASN C 113 21.67 22.47 -4.97
N TRP C 114 21.24 21.31 -5.45
CA TRP C 114 20.19 21.26 -6.47
C TRP C 114 18.82 21.60 -5.88
N CYS C 115 18.50 21.04 -4.70
CA CYS C 115 17.22 21.36 -4.07
C CYS C 115 17.11 22.85 -3.77
N ALA C 116 18.23 23.51 -3.46
CA ALA C 116 18.19 24.93 -3.19
C ALA C 116 18.13 25.75 -4.47
N TRP C 117 18.80 25.30 -5.53
CA TRP C 117 18.77 26.02 -6.80
C TRP C 117 17.42 25.88 -7.50
N PHE C 118 16.69 24.79 -7.25
CA PHE C 118 15.39 24.61 -7.89
C PHE C 118 14.32 25.46 -7.21
N LEU C 119 14.18 25.32 -5.88
CA LEU C 119 13.22 26.14 -5.16
C LEU C 119 13.58 27.62 -5.26
N ARG C 120 14.81 27.97 -4.92
CA ARG C 120 15.31 29.34 -5.04
C ARG C 120 16.11 29.41 -6.33
N MET C 121 15.45 29.84 -7.41
CA MET C 121 16.08 29.92 -8.72
C MET C 121 17.35 30.75 -8.65
N LYS C 122 18.45 30.14 -9.10
CA LYS C 122 19.76 30.80 -9.11
C LYS C 122 20.14 31.31 -10.50
N ARG C 123 19.16 31.76 -11.27
CA ARG C 123 19.38 32.28 -12.61
C ARG C 123 19.05 33.76 -12.67
N PRO C 124 19.51 34.47 -13.71
CA PRO C 124 19.20 35.90 -13.81
C PRO C 124 17.71 36.19 -13.91
N GLY C 125 16.89 35.21 -14.25
CA GLY C 125 15.46 35.45 -14.36
C GLY C 125 14.83 35.85 -13.04
N GLU C 126 15.33 35.33 -11.93
CA GLU C 126 14.80 35.62 -10.61
C GLU C 126 15.79 36.30 -9.68
N ASP C 127 17.09 36.02 -9.82
CA ASP C 127 18.07 36.65 -8.94
C ASP C 127 18.09 38.16 -9.12
N LYS C 128 17.99 38.63 -10.37
CA LYS C 128 17.99 40.05 -10.65
C LYS C 128 16.59 40.66 -10.55
N VAL C 129 15.57 39.95 -11.03
CA VAL C 129 14.20 40.44 -10.99
C VAL C 129 13.60 39.96 -9.67
N ARG C 130 13.82 40.75 -8.62
CA ARG C 130 13.29 40.43 -7.29
C ARG C 130 13.36 41.65 -6.39
N PRO C 131 12.51 41.75 -5.37
CA PRO C 131 12.55 42.91 -4.48
C PRO C 131 13.82 42.91 -3.64
N ALA C 132 14.53 44.03 -3.65
CA ALA C 132 15.75 44.17 -2.88
C ALA C 132 15.87 45.61 -2.40
N CYS C 133 16.42 45.77 -1.19
CA CYS C 133 16.60 47.09 -0.59
C CYS C 133 18.00 47.18 0.00
N GLN C 134 18.35 48.38 0.46
CA GLN C 134 19.67 48.63 1.05
C GLN C 134 19.66 48.50 2.56
N HIS C 135 18.53 48.13 3.17
CA HIS C 135 18.46 47.99 4.61
C HIS C 135 19.34 46.83 5.09
N LYS C 136 19.73 46.89 6.36
CA LYS C 136 20.56 45.85 6.94
C LYS C 136 19.84 44.52 7.12
N GLN C 137 18.53 44.47 6.87
CA GLN C 137 17.79 43.23 7.02
C GLN C 137 18.19 42.20 5.98
N ARG C 138 18.74 42.63 4.84
CA ARG C 138 19.18 41.72 3.79
C ARG C 138 20.69 41.53 3.77
N ARG C 139 21.42 42.14 4.71
CA ARG C 139 22.86 42.02 4.76
C ARG C 139 23.27 40.89 5.71
N CYS C 140 24.56 40.58 5.71
CA CYS C 140 25.13 39.53 6.54
C CYS C 140 25.99 40.14 7.63
N SER C 141 25.97 39.53 8.81
CA SER C 141 26.74 40.00 9.96
C SER C 141 27.33 38.78 10.67
N LEU C 142 27.96 39.03 11.81
CA LEU C 142 28.56 37.93 12.58
C LEU C 142 27.52 36.91 12.99
N ALA C 143 26.27 37.34 13.19
CA ALA C 143 25.22 36.41 13.58
C ALA C 143 24.79 35.52 12.42
N SER C 144 24.84 36.04 11.19
CA SER C 144 24.44 35.28 10.02
C SER C 144 25.59 34.46 9.45
N VAL C 145 26.82 34.93 9.57
CA VAL C 145 27.99 34.22 9.05
C VAL C 145 28.29 33.08 10.01
N GLU C 146 27.92 31.86 9.63
CA GLU C 146 28.12 30.67 10.45
C GLU C 146 29.03 29.67 9.72
N MET C 147 30.08 30.17 9.08
CA MET C 147 31.01 29.32 8.35
C MET C 147 32.03 28.66 9.26
N SER C 148 32.15 29.10 10.51
CA SER C 148 33.11 28.53 11.46
C SER C 148 32.51 27.42 12.32
N ALA C 149 31.49 26.73 11.83
CA ALA C 149 30.86 25.63 12.55
C ALA C 149 30.28 26.11 13.87
N VAL C 150 29.68 27.29 13.87
CA VAL C 150 29.07 27.89 15.05
C VAL C 150 27.56 27.70 14.96
N ALA C 151 26.94 27.50 16.12
CA ALA C 151 25.50 27.30 16.18
C ALA C 151 24.78 28.54 15.65
N PRO C 152 24.02 28.44 14.55
CA PRO C 152 23.30 29.61 14.04
C PRO C 152 22.35 30.17 15.09
N PRO C 153 21.84 31.38 14.90
CA PRO C 153 20.92 31.98 15.87
C PRO C 153 19.66 31.14 16.00
N PRO C 154 18.91 31.28 17.09
CA PRO C 154 17.67 30.53 17.24
C PRO C 154 16.67 30.89 16.16
N ALA C 155 16.16 29.87 15.47
CA ALA C 155 15.18 30.07 14.41
C ALA C 155 14.33 28.81 14.27
N SER C 156 13.06 29.01 13.97
CA SER C 156 12.11 27.91 13.81
C SER C 156 12.04 27.40 12.38
N ASN C 157 12.90 27.89 11.49
CA ASN C 157 12.91 27.48 10.09
C ASN C 157 13.85 26.30 9.85
N GLY C 158 14.14 25.51 10.87
CA GLY C 158 15.01 24.36 10.75
C GLY C 158 16.33 24.48 11.47
N ASN C 159 16.47 25.41 12.42
CA ASN C 159 17.71 25.59 13.16
C ASN C 159 17.54 25.34 14.65
N LEU C 160 16.46 25.85 15.25
CA LEU C 160 16.25 25.66 16.69
C LEU C 160 16.06 24.18 17.01
N LEU C 161 15.11 23.52 16.33
CA LEU C 161 14.88 22.11 16.58
C LEU C 161 16.10 21.27 16.24
N TYR C 162 16.88 21.69 15.24
CA TYR C 162 18.11 20.97 14.91
C TYR C 162 19.11 21.05 16.06
N ILE C 163 19.44 22.27 16.49
CA ILE C 163 20.36 22.44 17.60
C ILE C 163 19.86 21.72 18.84
N GLY C 164 18.54 21.65 19.02
CA GLY C 164 17.99 20.95 20.16
C GLY C 164 18.15 19.45 20.08
N PHE C 165 17.47 18.81 19.14
CA PHE C 165 17.52 17.36 18.99
C PHE C 165 18.57 16.93 17.96
N ARG C 166 19.77 17.52 18.05
CA ARG C 166 20.91 17.00 17.31
C ARG C 166 22.22 17.10 18.09
N GLY C 167 22.19 17.54 19.35
CA GLY C 167 23.40 17.74 20.13
C GLY C 167 23.56 16.72 21.25
N LEU C 168 23.25 15.47 20.96
CA LEU C 168 23.40 14.40 21.94
C LEU C 168 24.78 14.46 22.58
N ASP C 169 24.81 14.45 23.91
CA ASP C 169 26.02 14.56 24.72
C ASP C 169 26.66 15.93 24.63
N GLY C 170 25.97 16.92 24.06
CA GLY C 170 26.50 18.26 23.93
C GLY C 170 25.80 19.26 24.82
N VAL C 171 25.54 20.45 24.29
CA VAL C 171 24.88 21.49 25.08
C VAL C 171 23.46 21.10 25.46
N HIS C 172 22.85 20.14 24.76
CA HIS C 172 21.49 19.73 25.07
C HIS C 172 21.43 18.73 26.21
N CYS C 173 22.48 17.93 26.41
CA CYS C 173 22.49 16.94 27.46
C CYS C 173 23.10 17.46 28.76
N VAL C 174 23.94 18.48 28.70
CA VAL C 174 24.55 19.06 29.89
C VAL C 174 24.44 20.58 29.82
N PRO C 175 23.23 21.14 29.83
CA PRO C 175 23.08 22.61 29.80
C PRO C 175 23.33 23.26 31.16
N THR C 176 24.62 23.47 31.45
CA THR C 176 25.05 24.05 32.72
C THR C 176 26.14 25.08 32.45
N PRO C 177 25.78 26.25 31.95
CA PRO C 177 26.77 27.29 31.69
C PRO C 177 27.46 27.73 32.98
N ASP C 178 28.50 28.54 32.81
CA ASP C 178 29.27 29.07 33.95
C ASP C 178 28.54 30.28 34.53
N SER C 179 27.42 29.99 35.17
CA SER C 179 26.57 31.02 35.77
C SER C 179 26.27 30.75 37.24
N GLY C 180 26.13 29.48 37.64
CA GLY C 180 25.84 29.16 39.01
C GLY C 180 24.37 29.09 39.34
N VAL C 181 23.51 28.81 38.36
CA VAL C 181 22.07 28.74 38.63
C VAL C 181 21.76 27.64 39.63
N VAL C 182 22.60 26.61 39.69
CA VAL C 182 22.38 25.53 40.64
C VAL C 182 22.52 26.01 42.08
N CYS C 183 23.21 27.13 42.29
CA CYS C 183 23.40 27.68 43.63
C CYS C 183 23.19 29.18 43.71
N GLY C 184 22.87 29.85 42.61
CA GLY C 184 22.67 31.30 42.62
C GLY C 184 21.21 31.68 42.58
N ARG C 185 20.42 30.96 41.79
CA ARG C 185 18.99 31.22 41.64
C ARG C 185 18.20 29.99 42.05
N MET C 186 16.94 30.23 42.44
CA MET C 186 16.04 29.18 42.88
C MET C 186 14.92 28.93 41.86
N ALA C 187 15.14 29.31 40.60
CA ALA C 187 14.14 29.11 39.55
C ALA C 187 14.17 27.65 39.13
N CYS C 188 13.29 26.85 39.73
CA CYS C 188 13.21 25.42 39.44
C CYS C 188 14.54 24.72 39.71
N SER C 189 15.31 25.24 40.67
CA SER C 189 16.61 24.67 41.00
C SER C 189 17.01 25.07 42.41
N PRO C 190 16.61 24.30 43.42
CA PRO C 190 16.98 24.65 44.80
C PRO C 190 18.49 24.80 44.95
N THR C 191 18.89 25.87 45.65
CA THR C 191 20.30 26.16 45.85
C THR C 191 20.92 25.20 46.86
N HIS C 192 21.52 24.11 46.37
CA HIS C 192 22.17 23.11 47.21
C HIS C 192 21.36 22.81 48.47
N ASP C 193 20.05 22.69 48.32
CA ASP C 193 19.16 22.40 49.44
C ASP C 193 19.12 20.89 49.65
N GLU C 194 19.96 20.40 50.55
CA GLU C 194 20.02 18.97 50.83
C GLU C 194 18.90 18.51 51.74
N HIS C 195 18.29 19.41 52.50
CA HIS C 195 17.21 19.07 53.41
C HIS C 195 15.83 19.23 52.77
N LEU C 196 15.76 19.33 51.44
CA LEU C 196 14.49 19.46 50.74
C LEU C 196 13.87 18.08 50.60
N LEU C 197 12.86 17.80 51.42
CA LEU C 197 12.17 16.52 51.41
C LEU C 197 10.71 16.72 51.07
N HIS C 198 10.13 15.73 50.40
CA HIS C 198 8.72 15.77 50.00
C HIS C 198 7.85 15.47 51.21
N GLY C 199 7.69 16.49 52.06
CA GLY C 199 6.89 16.35 53.26
C GLY C 199 7.40 15.28 54.19
N GLY C 200 8.72 15.14 54.30
CA GLY C 200 9.35 14.15 55.15
C GLY C 200 10.01 13.02 54.40
N GLN C 201 9.62 12.78 53.15
CA GLN C 201 10.18 11.73 52.33
C GLN C 201 11.02 12.31 51.19
N PRO C 202 11.91 11.52 50.60
CA PRO C 202 12.73 12.04 49.49
C PRO C 202 11.85 12.42 48.31
N PRO C 203 12.35 13.28 47.41
CA PRO C 203 11.54 13.64 46.23
C PRO C 203 11.47 12.51 45.21
N GLU C 204 10.90 11.38 45.61
CA GLU C 204 10.77 10.24 44.72
C GLU C 204 9.70 9.31 45.27
N GLY C 205 8.61 9.15 44.51
CA GLY C 205 7.53 8.29 44.97
C GLY C 205 7.84 6.82 44.83
N ASP C 206 8.37 6.43 43.66
CA ASP C 206 8.66 5.03 43.38
C ASP C 206 9.74 4.94 42.29
N PRO C 207 10.83 4.21 42.52
CA PRO C 207 11.84 4.05 41.46
C PRO C 207 11.25 3.47 40.18
N ASP C 208 10.13 2.75 40.30
CA ASP C 208 9.47 2.21 39.11
C ASP C 208 8.94 3.32 38.22
N LEU C 209 8.63 4.48 38.79
CA LEU C 209 8.21 5.61 37.97
C LEU C 209 9.33 6.06 37.04
N ALA C 210 10.58 5.98 37.51
CA ALA C 210 11.71 6.28 36.64
C ALA C 210 11.78 5.29 35.48
N LYS C 211 11.48 4.02 35.74
CA LYS C 211 11.50 3.03 34.67
C LYS C 211 10.37 3.27 33.68
N ILE C 212 9.19 3.69 34.17
CA ILE C 212 8.10 4.04 33.27
C ILE C 212 8.47 5.24 32.43
N LEU C 213 9.14 6.23 33.03
CA LEU C 213 9.62 7.38 32.28
C LEU C 213 10.60 6.96 31.19
N GLU C 214 11.54 6.07 31.54
CA GLU C 214 12.50 5.57 30.55
C GLU C 214 11.80 4.82 29.43
N GLU C 215 10.73 4.08 29.76
CA GLU C 215 10.01 3.32 28.74
C GLU C 215 9.27 4.24 27.78
N VAL C 216 8.60 5.27 28.32
CA VAL C 216 7.93 6.22 27.45
C VAL C 216 8.95 7.01 26.62
N ARG C 217 10.13 7.26 27.19
CA ARG C 217 11.17 7.93 26.42
C ARG C 217 11.69 7.03 25.31
N TYR C 218 11.76 5.72 25.55
CA TYR C 218 12.15 4.79 24.50
C TYR C 218 11.09 4.73 23.40
N ILE C 219 9.81 4.84 23.79
CA ILE C 219 8.75 4.89 22.79
C ILE C 219 8.87 6.16 21.95
N ALA C 220 9.16 7.29 22.61
CA ALA C 220 9.37 8.53 21.88
C ALA C 220 10.57 8.43 20.95
N ASN C 221 11.62 7.72 21.39
CA ASN C 221 12.79 7.53 20.55
C ASN C 221 12.47 6.62 19.36
N ARG C 222 11.60 5.64 19.54
CA ARG C 222 11.14 4.83 18.41
C ARG C 222 10.37 5.68 17.41
N PHE C 223 9.50 6.55 17.91
CA PHE C 223 8.79 7.47 17.01
C PHE C 223 9.76 8.38 16.29
N ARG C 224 10.79 8.85 16.99
CA ARG C 224 11.80 9.70 16.35
C ARG C 224 12.60 8.94 15.31
N CYS C 225 12.86 7.65 15.55
CA CYS C 225 13.54 6.83 14.54
C CYS C 225 12.65 6.62 13.32
N GLN C 226 11.35 6.45 13.54
CA GLN C 226 10.42 6.40 12.41
C GLN C 226 10.44 7.69 11.62
N ASP C 227 10.44 8.83 12.32
CA ASP C 227 10.53 10.12 11.64
C ASP C 227 11.84 10.26 10.88
N GLU C 228 12.93 9.72 11.43
CA GLU C 228 14.22 9.78 10.75
C GLU C 228 14.21 8.90 9.50
N SER C 229 13.56 7.74 9.57
CA SER C 229 13.41 6.91 8.37
C SER C 229 12.57 7.62 7.32
N GLU C 230 11.53 8.32 7.75
CA GLU C 230 10.74 9.12 6.81
C GLU C 230 11.57 10.21 6.17
N ALA C 231 12.44 10.85 6.96
CA ALA C 231 13.31 11.90 6.42
C ALA C 231 14.32 11.30 5.44
N VAL C 232 14.80 10.10 5.72
CA VAL C 232 15.72 9.44 4.79
C VAL C 232 15.00 9.09 3.49
N CYS C 233 13.75 8.65 3.58
CA CYS C 233 12.96 8.41 2.37
C CYS C 233 12.75 9.70 1.60
N SER C 234 12.53 10.80 2.31
CA SER C 234 12.37 12.10 1.64
C SER C 234 13.66 12.53 0.95
N GLU C 235 14.81 12.26 1.58
CA GLU C 235 16.09 12.56 0.95
C GLU C 235 16.30 11.71 -0.29
N TRP C 236 15.91 10.43 -0.23
CA TRP C 236 15.99 9.58 -1.41
C TRP C 236 15.09 10.12 -2.51
N LYS C 237 13.90 10.60 -2.16
CA LYS C 237 13.01 11.17 -3.15
C LYS C 237 13.59 12.45 -3.75
N PHE C 238 14.29 13.24 -2.93
CA PHE C 238 14.94 14.45 -3.44
C PHE C 238 16.06 14.08 -4.41
N ALA C 239 16.84 13.04 -4.09
CA ALA C 239 17.88 12.60 -5.00
C ALA C 239 17.29 12.02 -6.28
N ALA C 240 16.11 11.42 -6.19
CA ALA C 240 15.45 10.86 -7.37
C ALA C 240 14.94 11.97 -8.29
N CYS C 241 14.20 12.93 -7.72
CA CYS C 241 13.61 13.98 -8.53
C CYS C 241 14.67 14.89 -9.16
N VAL C 242 15.81 15.05 -8.50
CA VAL C 242 16.90 15.85 -9.07
C VAL C 242 17.37 15.22 -10.37
N VAL C 243 17.68 13.91 -10.34
CA VAL C 243 18.11 13.22 -11.55
C VAL C 243 16.99 13.19 -12.58
N ASP C 244 15.74 13.07 -12.13
CA ASP C 244 14.62 13.10 -13.06
C ASP C 244 14.58 14.41 -13.84
N ARG C 245 14.67 15.54 -13.12
CA ARG C 245 14.65 16.84 -13.79
C ARG C 245 15.89 17.04 -14.65
N LEU C 246 17.03 16.53 -14.23
CA LEU C 246 18.24 16.63 -15.04
C LEU C 246 18.06 15.91 -16.36
N CYS C 247 17.57 14.67 -16.31
CA CYS C 247 17.33 13.91 -17.54
C CYS C 247 16.28 14.58 -18.40
N LEU C 248 15.25 15.15 -17.77
CA LEU C 248 14.22 15.86 -18.51
C LEU C 248 14.82 17.03 -19.29
N MET C 249 15.61 17.87 -18.61
CA MET C 249 16.22 19.02 -19.27
C MET C 249 17.23 18.59 -20.33
N ALA C 250 17.87 17.43 -20.13
CA ALA C 250 18.82 16.94 -21.13
C ALA C 250 18.10 16.45 -22.38
N PHE C 251 17.02 15.71 -22.22
CA PHE C 251 16.29 15.15 -23.36
C PHE C 251 15.40 16.18 -24.06
N SER C 252 14.99 17.24 -23.35
CA SER C 252 14.15 18.24 -23.99
C SER C 252 14.87 18.93 -25.14
N VAL C 253 16.13 19.31 -24.93
CA VAL C 253 16.90 19.97 -25.98
C VAL C 253 17.07 19.04 -27.18
N PHE C 254 17.35 17.76 -26.92
CA PHE C 254 17.51 16.80 -28.01
C PHE C 254 16.22 16.64 -28.80
N THR C 255 15.09 16.52 -28.09
CA THR C 255 13.80 16.38 -28.78
C THR C 255 13.49 17.61 -29.60
N ILE C 256 13.76 18.80 -29.04
CA ILE C 256 13.49 20.03 -29.78
C ILE C 256 14.37 20.12 -31.02
N ILE C 257 15.64 19.73 -30.90
CA ILE C 257 16.54 19.76 -32.04
C ILE C 257 16.06 18.79 -33.12
N CYS C 258 15.65 17.59 -32.72
CA CYS C 258 15.16 16.61 -33.68
C CYS C 258 13.90 17.12 -34.38
N THR C 259 13.00 17.75 -33.61
CA THR C 259 11.78 18.29 -34.21
C THR C 259 12.11 19.38 -35.21
N ILE C 260 12.98 20.32 -34.84
CA ILE C 260 13.36 21.39 -35.75
C ILE C 260 14.03 20.82 -37.00
N GLY C 261 14.82 19.77 -36.84
CA GLY C 261 15.46 19.16 -37.99
C GLY C 261 14.47 18.53 -38.94
N ILE C 262 13.57 17.69 -38.41
CA ILE C 262 12.58 17.04 -39.27
C ILE C 262 11.64 18.07 -39.89
N LEU C 263 11.46 19.22 -39.25
CA LEU C 263 10.60 20.26 -39.80
C LEU C 263 11.30 21.08 -40.87
N MET C 264 12.61 21.28 -40.75
CA MET C 264 13.36 22.09 -41.69
C MET C 264 14.17 21.28 -42.69
N SER C 265 14.58 20.07 -42.33
CA SER C 265 15.38 19.25 -43.23
C SER C 265 14.52 18.46 -44.21
N ALA C 266 13.32 18.05 -43.81
CA ALA C 266 12.47 17.26 -44.69
C ALA C 266 11.99 18.08 -45.89
N PRO C 267 11.45 19.30 -45.71
CA PRO C 267 11.00 20.07 -46.89
C PRO C 267 12.13 20.42 -47.84
N ASN C 268 13.35 20.57 -47.34
CA ASN C 268 14.47 20.94 -48.21
C ASN C 268 15.06 19.72 -48.90
N PHE C 269 15.43 18.71 -48.12
CA PHE C 269 16.04 17.51 -48.70
C PHE C 269 14.98 16.57 -49.28
N VAL C 270 14.06 16.12 -48.46
CA VAL C 270 13.01 15.21 -48.90
C VAL C 270 11.97 15.98 -49.72
N LEU D 7 -24.82 -0.78 -41.93
CA LEU D 7 -25.14 -0.51 -40.54
C LEU D 7 -23.94 -0.81 -39.64
N TYR D 8 -23.44 -2.04 -39.71
CA TYR D 8 -22.29 -2.42 -38.90
C TYR D 8 -21.07 -1.57 -39.24
N TYR D 9 -20.92 -1.20 -40.52
CA TYR D 9 -19.77 -0.41 -40.93
C TYR D 9 -19.71 0.93 -40.18
N GLY D 10 -20.87 1.50 -39.86
CA GLY D 10 -20.92 2.76 -39.16
C GLY D 10 -20.84 2.59 -37.65
N LEU D 11 -21.47 1.52 -37.14
CA LEU D 11 -21.45 1.28 -35.70
C LEU D 11 -20.05 0.94 -35.23
N ASN D 12 -19.31 0.14 -36.01
CA ASN D 12 -17.96 -0.24 -35.62
C ASN D 12 -17.04 0.97 -35.45
N LEU D 13 -17.34 2.08 -36.12
CA LEU D 13 -16.55 3.29 -35.99
C LEU D 13 -17.17 4.31 -35.04
N LEU D 14 -18.48 4.23 -34.79
CA LEU D 14 -19.13 5.17 -33.89
C LEU D 14 -18.98 4.75 -32.43
N ILE D 15 -19.10 3.44 -32.15
CA ILE D 15 -19.03 2.97 -30.77
C ILE D 15 -17.67 3.21 -30.14
N PRO D 16 -16.54 2.90 -30.80
CA PRO D 16 -15.24 3.12 -30.15
C PRO D 16 -15.02 4.57 -29.74
N CYS D 17 -15.43 5.53 -30.56
CA CYS D 17 -15.25 6.94 -30.20
C CYS D 17 -16.02 7.29 -28.95
N VAL D 18 -17.29 6.87 -28.87
CA VAL D 18 -18.11 7.16 -27.70
C VAL D 18 -17.53 6.47 -26.47
N LEU D 19 -17.01 5.26 -26.64
CA LEU D 19 -16.42 4.54 -25.52
C LEU D 19 -15.17 5.25 -25.01
N ILE D 20 -14.32 5.73 -25.91
CA ILE D 20 -13.12 6.46 -25.50
C ILE D 20 -13.52 7.76 -24.81
N SER D 21 -14.55 8.44 -25.32
CA SER D 21 -15.01 9.67 -24.70
C SER D 21 -15.52 9.41 -23.28
N ALA D 22 -16.30 8.34 -23.11
CA ALA D 22 -16.79 7.99 -21.77
C ALA D 22 -15.66 7.62 -20.84
N LEU D 23 -14.67 6.87 -21.33
CA LEU D 23 -13.53 6.50 -20.50
C LEU D 23 -12.75 7.73 -20.07
N ALA D 24 -12.59 8.70 -20.97
CA ALA D 24 -11.89 9.94 -20.62
C ALA D 24 -12.69 10.76 -19.61
N LEU D 25 -14.01 10.87 -19.81
CA LEU D 25 -14.84 11.59 -18.86
C LEU D 25 -14.80 10.94 -17.49
N LEU D 26 -14.72 9.60 -17.43
CA LEU D 26 -14.63 8.92 -16.15
C LEU D 26 -13.35 9.28 -15.42
N VAL D 27 -12.22 9.25 -16.14
CA VAL D 27 -10.94 9.58 -15.52
C VAL D 27 -10.92 11.03 -15.09
N PHE D 28 -11.56 11.92 -15.86
CA PHE D 28 -11.57 13.34 -15.51
C PHE D 28 -12.51 13.62 -14.34
N LEU D 29 -13.55 12.80 -14.17
CA LEU D 29 -14.48 12.98 -13.06
C LEU D 29 -13.96 12.38 -11.76
N LEU D 30 -12.95 11.52 -11.83
CA LEU D 30 -12.47 10.82 -10.64
C LEU D 30 -11.56 11.74 -9.82
N PRO D 31 -11.65 11.69 -8.49
CA PRO D 31 -10.73 12.49 -7.66
C PRO D 31 -9.32 11.90 -7.65
N ALA D 32 -8.44 12.43 -6.82
CA ALA D 32 -7.05 11.99 -6.82
C ALA D 32 -6.98 10.51 -6.46
N ASP D 33 -6.71 9.66 -7.45
CA ASP D 33 -6.66 8.22 -7.29
C ASP D 33 -5.43 7.66 -7.99
N SER D 34 -4.27 8.26 -7.70
CA SER D 34 -3.01 7.87 -8.33
C SER D 34 -2.92 6.35 -8.54
N GLY D 35 -3.26 5.59 -7.50
CA GLY D 35 -3.25 4.14 -7.63
C GLY D 35 -4.19 3.60 -8.70
N GLU D 36 -5.16 4.40 -9.12
CA GLU D 36 -6.12 4.02 -10.14
C GLU D 36 -5.98 4.84 -11.42
N LYS D 37 -5.94 6.17 -11.31
CA LYS D 37 -5.87 7.02 -12.49
C LYS D 37 -4.71 6.63 -13.39
N ILE D 38 -3.54 6.38 -12.80
CA ILE D 38 -2.35 6.03 -13.59
C ILE D 38 -2.65 4.85 -14.50
N SER D 39 -3.46 3.89 -14.01
CA SER D 39 -3.83 2.75 -14.84
C SER D 39 -4.82 3.14 -15.92
N LEU D 40 -5.80 3.98 -15.57
CA LEU D 40 -6.83 4.37 -16.53
C LEU D 40 -6.31 5.42 -17.51
N GLY D 41 -5.48 6.35 -17.03
CA GLY D 41 -5.01 7.42 -17.89
C GLY D 41 -4.10 6.94 -19.00
N ILE D 42 -3.21 6.00 -18.70
CA ILE D 42 -2.27 5.51 -19.70
C ILE D 42 -2.86 4.37 -20.52
N THR D 43 -3.83 3.63 -19.98
CA THR D 43 -4.43 2.53 -20.71
C THR D 43 -5.47 3.01 -21.70
N VAL D 44 -6.28 4.01 -21.31
CA VAL D 44 -7.32 4.53 -22.20
C VAL D 44 -6.71 5.00 -23.52
N LEU D 45 -5.47 5.49 -23.49
CA LEU D 45 -4.81 5.88 -24.72
C LEU D 45 -4.44 4.67 -25.56
N LEU D 46 -3.91 3.63 -24.91
CA LEU D 46 -3.55 2.42 -25.64
C LEU D 46 -4.75 1.82 -26.37
N SER D 47 -5.93 1.86 -25.73
CA SER D 47 -7.13 1.34 -26.37
C SER D 47 -7.39 2.02 -27.71
N LEU D 48 -6.91 3.26 -27.87
CA LEU D 48 -7.09 3.96 -29.14
C LEU D 48 -6.06 3.54 -30.17
N THR D 49 -4.86 3.18 -29.74
CA THR D 49 -3.83 2.76 -30.68
C THR D 49 -4.26 1.55 -31.48
N VAL D 50 -5.01 0.63 -30.85
CA VAL D 50 -5.53 -0.52 -31.56
C VAL D 50 -6.67 -0.12 -32.48
N PHE D 51 -7.39 0.95 -32.13
CA PHE D 51 -8.48 1.41 -32.98
C PHE D 51 -7.96 2.09 -34.22
N MET D 52 -7.01 3.03 -34.06
CA MET D 52 -6.45 3.73 -35.20
C MET D 52 -5.88 2.74 -36.23
N LEU D 53 -5.32 1.62 -35.76
CA LEU D 53 -4.83 0.61 -36.68
C LEU D 53 -5.98 -0.06 -37.42
N LEU D 54 -7.03 -0.42 -36.70
CA LEU D 54 -8.20 -1.04 -37.33
C LEU D 54 -8.70 -0.18 -38.49
N VAL D 55 -8.87 1.12 -38.25
CA VAL D 55 -9.33 2.02 -39.31
C VAL D 55 -8.38 1.93 -40.51
N ALA D 56 -7.07 1.89 -40.26
CA ALA D 56 -6.10 1.82 -41.34
C ALA D 56 -6.33 0.62 -42.24
N GLU D 57 -7.01 -0.42 -41.75
CA GLU D 57 -7.30 -1.59 -42.57
C GLU D 57 -8.50 -1.34 -43.48
N ILE D 58 -9.51 -0.63 -42.98
CA ILE D 58 -10.71 -0.37 -43.77
C ILE D 58 -10.66 0.99 -44.46
N MET D 59 -9.95 1.96 -43.87
CA MET D 59 -9.84 3.31 -44.42
C MET D 59 -8.37 3.67 -44.50
N PRO D 60 -7.70 3.38 -45.62
CA PRO D 60 -6.28 3.74 -45.74
C PRO D 60 -6.07 5.24 -45.55
N SER D 61 -5.03 5.58 -44.78
CA SER D 61 -4.73 6.97 -44.53
C SER D 61 -4.43 7.73 -45.81
N THR D 62 -3.95 7.03 -46.84
CA THR D 62 -3.64 7.69 -48.11
C THR D 62 -4.91 8.20 -48.79
N SER D 63 -6.00 7.45 -48.68
CA SER D 63 -7.27 7.84 -49.29
C SER D 63 -8.26 8.44 -48.29
N ASP D 64 -8.12 8.12 -47.00
CA ASP D 64 -9.02 8.63 -45.96
C ASP D 64 -8.56 10.04 -45.56
N SER D 65 -8.78 10.98 -46.47
CA SER D 65 -8.41 12.37 -46.28
C SER D 65 -9.64 13.26 -46.06
N SER D 66 -10.68 12.72 -45.46
CA SER D 66 -11.88 13.51 -45.20
C SER D 66 -11.59 14.57 -44.14
N PRO D 67 -12.13 15.78 -44.29
CA PRO D 67 -11.83 16.83 -43.31
C PRO D 67 -12.48 16.59 -41.96
N SER D 68 -13.75 16.22 -41.96
CA SER D 68 -14.49 16.03 -40.71
C SER D 68 -13.94 14.84 -39.93
N ILE D 69 -13.78 13.71 -40.60
CA ILE D 69 -13.30 12.51 -39.92
C ILE D 69 -11.87 12.72 -39.41
N ALA D 70 -11.02 13.34 -40.23
CA ALA D 70 -9.65 13.61 -39.81
C ALA D 70 -9.62 14.55 -38.62
N GLN D 71 -10.44 15.60 -38.65
CA GLN D 71 -10.48 16.54 -37.52
C GLN D 71 -10.95 15.85 -36.25
N TYR D 72 -11.98 15.00 -36.36
CA TYR D 72 -12.49 14.30 -35.18
C TYR D 72 -11.44 13.34 -34.63
N PHE D 73 -10.74 12.62 -35.51
CA PHE D 73 -9.69 11.70 -35.05
C PHE D 73 -8.56 12.47 -34.37
N ALA D 74 -8.16 13.60 -34.95
CA ALA D 74 -7.11 14.41 -34.34
C ALA D 74 -7.54 14.93 -32.98
N SER D 75 -8.80 15.37 -32.86
CA SER D 75 -9.29 15.86 -31.59
C SER D 75 -9.31 14.75 -30.54
N THR D 76 -9.78 13.56 -30.92
CA THR D 76 -9.80 12.44 -29.99
C THR D 76 -8.38 12.07 -29.54
N MET D 77 -7.43 12.05 -30.49
CA MET D 77 -6.05 11.74 -30.13
C MET D 77 -5.48 12.79 -29.19
N ILE D 78 -5.74 14.07 -29.47
CA ILE D 78 -5.25 15.14 -28.61
C ILE D 78 -5.85 15.03 -27.21
N ILE D 79 -7.13 14.64 -27.14
CA ILE D 79 -7.79 14.52 -25.84
C ILE D 79 -7.18 13.37 -25.04
N VAL D 80 -7.02 12.22 -25.68
CA VAL D 80 -6.47 11.07 -24.96
C VAL D 80 -5.01 11.32 -24.59
N GLY D 81 -4.31 12.16 -25.35
CA GLY D 81 -2.93 12.49 -25.02
C GLY D 81 -2.83 13.49 -23.89
N LEU D 82 -3.71 14.49 -23.88
CA LEU D 82 -3.72 15.49 -22.83
C LEU D 82 -4.34 14.99 -21.54
N SER D 83 -5.06 13.86 -21.57
CA SER D 83 -5.55 13.26 -20.34
C SER D 83 -4.39 12.94 -19.39
N VAL D 84 -3.30 12.41 -19.94
CA VAL D 84 -2.13 12.09 -19.12
C VAL D 84 -1.52 13.36 -18.55
N VAL D 85 -1.42 14.41 -19.36
CA VAL D 85 -0.88 15.68 -18.89
C VAL D 85 -1.73 16.24 -17.77
N VAL D 86 -3.05 16.14 -17.91
CA VAL D 86 -3.95 16.65 -16.88
C VAL D 86 -3.79 15.85 -15.58
N THR D 87 -3.72 14.52 -15.69
CA THR D 87 -3.53 13.69 -14.51
C THR D 87 -2.21 14.02 -13.82
N VAL D 88 -1.15 14.27 -14.61
CA VAL D 88 0.14 14.58 -14.02
C VAL D 88 0.10 15.94 -13.33
N ILE D 89 -0.52 16.94 -13.97
CA ILE D 89 -0.62 18.26 -13.36
C ILE D 89 -1.46 18.20 -12.09
N VAL D 90 -2.44 17.29 -12.05
CA VAL D 90 -3.28 17.15 -10.87
C VAL D 90 -2.51 16.47 -9.74
N LEU D 91 -1.75 15.42 -10.06
CA LEU D 91 -0.94 14.75 -9.05
C LEU D 91 0.22 15.60 -8.59
N GLN D 92 0.60 16.63 -9.37
CA GLN D 92 1.62 17.55 -8.89
C GLN D 92 1.21 18.22 -7.59
N TYR D 93 -0.09 18.40 -7.38
CA TYR D 93 -0.59 18.93 -6.12
C TYR D 93 -0.68 17.86 -5.04
N HIS D 94 -0.64 16.58 -5.42
CA HIS D 94 -0.71 15.49 -4.45
C HIS D 94 0.65 15.09 -3.92
N HIS D 95 1.69 15.15 -4.76
CA HIS D 95 3.05 14.83 -4.32
C HIS D 95 3.93 16.06 -4.14
N HIS D 96 3.63 17.16 -4.82
CA HIS D 96 4.34 18.43 -4.63
C HIS D 96 5.85 18.25 -4.82
N ASP D 97 6.21 17.94 -6.06
CA ASP D 97 7.61 17.79 -6.45
C ASP D 97 8.44 18.93 -5.87
N PRO D 98 9.41 18.65 -5.01
CA PRO D 98 10.21 19.74 -4.42
C PRO D 98 10.89 20.63 -5.44
N ASP D 99 11.16 20.13 -6.64
CA ASP D 99 11.81 20.92 -7.68
C ASP D 99 10.86 21.94 -8.33
N GLY D 100 9.63 22.05 -7.85
CA GLY D 100 8.69 23.02 -8.40
C GLY D 100 7.40 23.08 -7.60
N GLY D 101 6.28 23.27 -8.29
CA GLY D 101 4.98 23.34 -7.67
C GLY D 101 4.34 24.68 -7.88
N LYS D 102 3.29 24.94 -7.10
CA LYS D 102 2.54 26.18 -7.16
C LYS D 102 2.58 26.85 -5.78
N MET D 103 1.81 27.93 -5.64
CA MET D 103 1.74 28.70 -4.40
C MET D 103 0.50 28.27 -3.62
N PRO D 104 0.64 27.50 -2.54
CA PRO D 104 -0.56 27.08 -1.79
C PRO D 104 -1.37 28.24 -1.24
N LYS D 105 -0.73 29.38 -0.94
CA LYS D 105 -1.44 30.52 -0.39
C LYS D 105 -2.49 31.02 -1.37
N TRP D 106 -2.10 31.19 -2.65
CA TRP D 106 -3.04 31.70 -3.64
C TRP D 106 -4.21 30.73 -3.85
N THR D 107 -3.95 29.43 -3.77
CA THR D 107 -4.97 28.42 -4.00
C THR D 107 -5.76 28.08 -2.74
N ARG D 108 -5.39 28.66 -1.58
CA ARG D 108 -6.11 28.37 -0.35
C ARG D 108 -7.55 28.87 -0.43
N VAL D 109 -7.75 30.11 -0.87
CA VAL D 109 -9.10 30.64 -1.02
C VAL D 109 -9.82 29.96 -2.17
N ILE D 110 -9.06 29.53 -3.19
CA ILE D 110 -9.67 28.81 -4.31
C ILE D 110 -10.36 27.54 -3.80
N LEU D 111 -9.75 26.87 -2.83
CA LEU D 111 -10.37 25.69 -2.23
C LEU D 111 -11.64 26.08 -1.48
N LEU D 112 -11.53 27.01 -0.53
CA LEU D 112 -12.70 27.45 0.23
C LEU D 112 -13.85 27.85 -0.67
N ASN D 113 -13.53 28.31 -1.89
CA ASN D 113 -14.58 28.71 -2.83
C ASN D 113 -15.17 27.50 -3.56
N TRP D 114 -14.30 26.69 -4.19
CA TRP D 114 -14.79 25.63 -5.06
C TRP D 114 -15.41 24.48 -4.26
N CYS D 115 -14.76 24.07 -3.18
CA CYS D 115 -15.32 23.00 -2.36
C CYS D 115 -16.67 23.39 -1.78
N ALA D 116 -16.88 24.67 -1.51
CA ALA D 116 -18.16 25.14 -0.99
C ALA D 116 -19.20 25.26 -2.09
N TRP D 117 -18.79 25.70 -3.28
CA TRP D 117 -19.72 25.83 -4.39
C TRP D 117 -20.15 24.47 -4.95
N PHE D 118 -19.31 23.44 -4.80
CA PHE D 118 -19.67 22.12 -5.30
C PHE D 118 -20.66 21.42 -4.37
N LEU D 119 -20.30 21.32 -3.08
CA LEU D 119 -21.22 20.72 -2.12
C LEU D 119 -22.50 21.53 -2.00
N ARG D 120 -22.37 22.83 -1.75
CA ARG D 120 -23.51 23.74 -1.69
C ARG D 120 -23.60 24.45 -3.04
N MET D 121 -24.42 23.90 -3.93
CA MET D 121 -24.56 24.45 -5.27
C MET D 121 -24.92 25.92 -5.23
N LYS D 122 -24.11 26.74 -5.89
CA LYS D 122 -24.32 28.19 -5.94
C LYS D 122 -24.95 28.63 -7.25
N ARG D 123 -25.83 27.81 -7.82
CA ARG D 123 -26.51 28.11 -9.06
C ARG D 123 -28.01 28.28 -8.83
N PRO D 124 -28.73 28.88 -9.78
CA PRO D 124 -30.18 29.06 -9.59
C PRO D 124 -30.93 27.74 -9.47
N GLY D 125 -30.33 26.63 -9.87
CA GLY D 125 -31.02 25.35 -9.77
C GLY D 125 -31.33 24.95 -8.34
N GLU D 126 -30.46 25.33 -7.40
CA GLU D 126 -30.63 24.99 -5.99
C GLU D 126 -30.77 26.20 -5.09
N ASP D 127 -30.14 27.32 -5.42
CA ASP D 127 -30.24 28.50 -4.57
C ASP D 127 -31.68 29.01 -4.49
N LYS D 128 -32.39 29.00 -5.62
CA LYS D 128 -33.78 29.44 -5.65
C LYS D 128 -34.75 28.33 -5.27
N VAL D 129 -34.51 27.11 -5.76
CA VAL D 129 -35.38 25.98 -5.47
C VAL D 129 -34.85 25.34 -4.19
N ARG D 130 -35.31 25.84 -3.05
CA ARG D 130 -34.90 25.32 -1.75
C ARG D 130 -35.84 25.84 -0.66
N PRO D 131 -35.99 25.11 0.45
CA PRO D 131 -36.88 25.59 1.52
C PRO D 131 -36.31 26.83 2.20
N ALA D 132 -37.14 27.87 2.30
CA ALA D 132 -36.73 29.11 2.93
C ALA D 132 -37.94 29.72 3.63
N CYS D 133 -37.68 30.35 4.78
CA CYS D 133 -38.72 30.99 5.57
C CYS D 133 -38.25 32.37 5.99
N GLN D 134 -39.16 33.12 6.61
CA GLN D 134 -38.88 34.47 7.09
C GLN D 134 -38.46 34.50 8.55
N HIS D 135 -38.33 33.35 9.20
CA HIS D 135 -37.94 33.32 10.60
C HIS D 135 -36.50 33.80 10.76
N LYS D 136 -36.17 34.25 11.97
CA LYS D 136 -34.83 34.74 12.25
C LYS D 136 -33.78 33.63 12.28
N GLN D 137 -34.21 32.36 12.19
CA GLN D 137 -33.25 31.26 12.20
C GLN D 137 -32.36 31.25 10.96
N ARG D 138 -32.82 31.84 9.86
CA ARG D 138 -32.05 31.91 8.63
C ARG D 138 -31.41 33.27 8.40
N ARG D 139 -31.57 34.20 9.33
CA ARG D 139 -31.00 35.53 9.20
C ARG D 139 -29.64 35.60 9.91
N CYS D 140 -28.95 36.72 9.70
CA CYS D 140 -27.64 36.95 10.29
C CYS D 140 -27.73 38.03 11.36
N SER D 141 -26.91 37.88 12.40
CA SER D 141 -26.87 38.83 13.51
C SER D 141 -25.41 39.03 13.91
N LEU D 142 -25.21 39.78 14.99
CA LEU D 142 -23.85 40.03 15.47
C LEU D 142 -23.13 38.73 15.82
N ALA D 143 -23.88 37.70 16.25
CA ALA D 143 -23.26 36.43 16.59
C ALA D 143 -22.81 35.67 15.35
N SER D 144 -23.53 35.82 14.23
CA SER D 144 -23.18 35.13 13.00
C SER D 144 -22.17 35.91 12.16
N VAL D 145 -22.21 37.25 12.21
CA VAL D 145 -21.29 38.08 11.44
C VAL D 145 -19.94 38.04 12.16
N GLU D 146 -19.00 37.28 11.62
CA GLU D 146 -17.66 37.13 12.18
C GLU D 146 -16.61 37.61 11.20
N MET D 147 -16.88 38.73 10.53
CA MET D 147 -15.94 39.30 9.56
C MET D 147 -14.83 40.09 10.21
N SER D 148 -14.94 40.40 11.50
CA SER D 148 -13.94 41.19 12.22
C SER D 148 -12.92 40.30 12.94
N ALA D 149 -12.69 39.08 12.45
CA ALA D 149 -11.71 38.18 13.05
C ALA D 149 -12.07 37.85 14.50
N VAL D 150 -13.37 37.68 14.76
CA VAL D 150 -13.86 37.35 16.09
C VAL D 150 -14.18 35.87 16.14
N ALA D 151 -13.95 35.27 17.32
CA ALA D 151 -14.20 33.85 17.51
C ALA D 151 -15.68 33.55 17.29
N PRO D 152 -16.04 32.74 16.30
CA PRO D 152 -17.46 32.42 16.08
C PRO D 152 -18.06 31.76 17.31
N PRO D 153 -19.39 31.68 17.39
CA PRO D 153 -20.02 31.05 18.56
C PRO D 153 -19.61 29.59 18.69
N PRO D 154 -19.76 29.00 19.86
CA PRO D 154 -19.41 27.58 20.02
C PRO D 154 -20.27 26.69 19.14
N ALA D 155 -19.62 25.85 18.36
CA ALA D 155 -20.32 24.93 17.47
C ALA D 155 -19.44 23.71 17.21
N SER D 156 -20.09 22.55 17.11
CA SER D 156 -19.39 21.29 16.86
C SER D 156 -19.22 20.98 15.38
N ASN D 157 -19.60 21.91 14.50
CA ASN D 157 -19.48 21.71 13.07
C ASN D 157 -18.15 22.18 12.51
N GLY D 158 -17.12 22.26 13.34
CA GLY D 158 -15.81 22.70 12.93
C GLY D 158 -15.36 24.03 13.49
N ASN D 159 -15.99 24.52 14.56
CA ASN D 159 -15.63 25.78 15.18
C ASN D 159 -15.15 25.62 16.61
N LEU D 160 -15.83 24.81 17.41
CA LEU D 160 -15.42 24.63 18.81
C LEU D 160 -14.06 23.97 18.90
N LEU D 161 -13.88 22.83 18.23
CA LEU D 161 -12.58 22.16 18.24
C LEU D 161 -11.49 23.03 17.63
N TYR D 162 -11.83 23.84 16.64
CA TYR D 162 -10.86 24.75 16.04
C TYR D 162 -10.39 25.78 17.06
N ILE D 163 -11.34 26.51 17.65
CA ILE D 163 -10.99 27.51 18.67
C ILE D 163 -10.21 26.86 19.81
N GLY D 164 -10.53 25.61 20.13
CA GLY D 164 -9.82 24.92 21.19
C GLY D 164 -8.38 24.59 20.83
N PHE D 165 -8.19 23.68 19.89
CA PHE D 165 -6.86 23.25 19.48
C PHE D 165 -6.35 24.04 18.28
N ARG D 166 -6.50 25.37 18.32
CA ARG D 166 -5.82 26.24 17.38
C ARG D 166 -5.36 27.55 18.01
N GLY D 167 -5.52 27.73 19.32
CA GLY D 167 -5.17 28.98 19.97
C GLY D 167 -3.96 28.86 20.87
N LEU D 168 -2.93 28.14 20.40
CA LEU D 168 -1.71 28.00 21.17
C LEU D 168 -1.20 29.35 21.64
N ASP D 169 -0.91 29.45 22.95
CA ASP D 169 -0.48 30.66 23.60
C ASP D 169 -1.57 31.72 23.67
N GLY D 170 -2.81 31.36 23.37
CA GLY D 170 -3.92 32.29 23.41
C GLY D 170 -4.89 32.01 24.54
N VAL D 171 -6.19 32.11 24.26
CA VAL D 171 -7.21 31.88 25.28
C VAL D 171 -7.20 30.43 25.76
N HIS D 172 -6.63 29.52 24.98
CA HIS D 172 -6.62 28.10 25.37
C HIS D 172 -5.48 27.79 26.33
N CYS D 173 -4.38 28.52 26.25
CA CYS D 173 -3.23 28.27 27.12
C CYS D 173 -3.26 29.09 28.40
N VAL D 174 -3.97 30.22 28.42
CA VAL D 174 -4.08 31.05 29.60
C VAL D 174 -5.53 31.43 29.81
N PRO D 175 -6.43 30.47 30.07
CA PRO D 175 -7.86 30.80 30.31
C PRO D 175 -8.11 31.34 31.71
N THR D 176 -7.84 32.63 31.89
CA THR D 176 -8.00 33.30 33.18
C THR D 176 -8.66 34.65 32.97
N PRO D 177 -9.98 34.65 32.72
CA PRO D 177 -10.68 35.92 32.54
C PRO D 177 -10.61 36.78 33.79
N ASP D 178 -11.08 38.02 33.64
CA ASP D 178 -11.10 38.98 34.75
C ASP D 178 -12.34 38.72 35.62
N SER D 179 -12.30 37.60 36.32
CA SER D 179 -13.38 37.17 37.19
C SER D 179 -12.93 36.88 38.62
N GLY D 180 -11.72 36.36 38.80
CA GLY D 180 -11.23 36.04 40.13
C GLY D 180 -11.55 34.65 40.61
N VAL D 181 -11.76 33.70 39.70
CA VAL D 181 -12.09 32.34 40.11
C VAL D 181 -10.96 31.73 40.94
N VAL D 182 -9.72 32.19 40.72
CA VAL D 182 -8.59 31.69 41.49
C VAL D 182 -8.71 32.06 42.97
N CYS D 183 -9.51 33.09 43.29
CA CYS D 183 -9.68 33.51 44.67
C CYS D 183 -11.13 33.81 45.03
N GLY D 184 -12.07 33.68 44.11
CA GLY D 184 -13.47 33.95 44.39
C GLY D 184 -14.29 32.69 44.58
N ARG D 185 -14.02 31.68 43.77
CA ARG D 185 -14.74 30.41 43.83
C ARG D 185 -13.77 29.27 44.10
N MET D 186 -14.29 28.21 44.72
CA MET D 186 -13.50 27.03 45.06
C MET D 186 -13.82 25.84 44.15
N ALA D 187 -14.36 26.10 42.97
CA ALA D 187 -14.70 25.04 42.02
C ALA D 187 -13.41 24.57 41.34
N CYS D 188 -12.82 23.51 41.89
CA CYS D 188 -11.57 22.94 41.38
C CYS D 188 -10.46 23.98 41.36
N SER D 189 -10.52 24.95 42.30
CA SER D 189 -9.52 26.00 42.37
C SER D 189 -9.48 26.58 43.78
N PRO D 190 -8.69 26.02 44.68
CA PRO D 190 -8.62 26.55 46.04
C PRO D 190 -8.26 28.04 46.04
N THR D 191 -8.98 28.80 46.85
CA THR D 191 -8.77 30.23 46.94
C THR D 191 -7.50 30.56 47.69
N HIS D 192 -6.40 30.75 46.96
CA HIS D 192 -5.09 31.08 47.53
C HIS D 192 -4.81 30.29 48.80
N ASP D 193 -5.13 28.99 48.79
CA ASP D 193 -4.92 28.13 49.95
C ASP D 193 -3.48 27.61 49.88
N GLU D 194 -2.58 28.29 50.57
CA GLU D 194 -1.17 27.90 50.59
C GLU D 194 -0.92 26.74 51.54
N HIS D 195 -1.79 26.51 52.51
CA HIS D 195 -1.62 25.41 53.46
C HIS D 195 -2.33 24.13 53.03
N LEU D 196 -2.71 24.03 51.75
CA LEU D 196 -3.38 22.84 51.24
C LEU D 196 -2.30 21.80 50.93
N LEU D 197 -2.19 20.80 51.81
CA LEU D 197 -1.21 19.73 51.65
C LEU D 197 -1.94 18.39 51.53
N HIS D 198 -1.33 17.48 50.78
CA HIS D 198 -1.89 16.14 50.56
C HIS D 198 -1.64 15.31 51.82
N GLY D 199 -2.48 15.53 52.83
CA GLY D 199 -2.36 14.80 54.08
C GLY D 199 -1.02 15.00 54.76
N GLY D 200 -0.47 16.21 54.69
CA GLY D 200 0.81 16.53 55.28
C GLY D 200 1.92 16.75 54.28
N GLN D 201 1.78 16.22 53.06
CA GLN D 201 2.79 16.37 52.02
C GLN D 201 2.29 17.27 50.91
N PRO D 202 3.18 17.83 50.09
CA PRO D 202 2.74 18.68 49.01
C PRO D 202 1.88 17.91 48.03
N PRO D 203 1.02 18.60 47.26
CA PRO D 203 0.18 17.89 46.28
C PRO D 203 0.99 17.39 45.09
N GLU D 204 1.95 16.51 45.34
CA GLU D 204 2.79 15.95 44.28
C GLU D 204 3.43 14.68 44.78
N GLY D 205 3.10 13.55 44.14
CA GLY D 205 3.66 12.28 44.57
C GLY D 205 5.10 12.10 44.13
N ASP D 206 5.37 12.40 42.85
CA ASP D 206 6.72 12.21 42.31
C ASP D 206 6.92 13.12 41.09
N PRO D 207 7.96 13.95 41.08
CA PRO D 207 8.22 14.76 39.88
C PRO D 207 8.34 13.95 38.61
N ASP D 208 8.69 12.66 38.70
CA ASP D 208 8.77 11.82 37.51
C ASP D 208 7.39 11.64 36.88
N LEU D 209 6.33 11.75 37.67
CA LEU D 209 4.98 11.68 37.10
C LEU D 209 4.74 12.84 36.15
N ALA D 210 5.30 14.01 36.45
CA ALA D 210 5.20 15.13 35.52
C ALA D 210 5.90 14.83 34.20
N LYS D 211 7.05 14.13 34.27
CA LYS D 211 7.76 13.78 33.05
C LYS D 211 6.98 12.74 32.25
N ILE D 212 6.33 11.79 32.95
CA ILE D 212 5.49 10.82 32.25
C ILE D 212 4.31 11.51 31.58
N LEU D 213 3.72 12.49 32.27
CA LEU D 213 2.65 13.28 31.68
C LEU D 213 3.13 14.02 30.44
N GLU D 214 4.32 14.63 30.52
CA GLU D 214 4.86 15.32 29.36
C GLU D 214 5.12 14.36 28.21
N GLU D 215 5.54 13.13 28.52
CA GLU D 215 5.82 12.16 27.47
C GLU D 215 4.53 11.69 26.79
N VAL D 216 3.49 11.43 27.57
CA VAL D 216 2.22 11.05 26.96
C VAL D 216 1.64 12.22 26.17
N ARG D 217 1.87 13.45 26.63
CA ARG D 217 1.42 14.61 25.87
C ARG D 217 2.19 14.75 24.56
N TYR D 218 3.49 14.40 24.57
CA TYR D 218 4.25 14.40 23.33
C TYR D 218 3.76 13.32 22.39
N ILE D 219 3.35 12.18 22.93
CA ILE D 219 2.77 11.13 22.08
C ILE D 219 1.46 11.61 21.47
N ALA D 220 0.63 12.29 22.26
CA ALA D 220 -0.61 12.85 21.75
C ALA D 220 -0.32 13.90 20.68
N ASN D 221 0.74 14.69 20.87
CA ASN D 221 1.12 15.68 19.86
C ASN D 221 1.62 15.01 18.59
N ARG D 222 2.30 13.88 18.70
CA ARG D 222 2.69 13.13 17.52
C ARG D 222 1.47 12.61 16.77
N PHE D 223 0.47 12.09 17.51
CA PHE D 223 -0.77 11.68 16.88
C PHE D 223 -1.47 12.85 16.20
N ARG D 224 -1.44 14.02 16.84
CA ARG D 224 -2.05 15.21 16.24
C ARG D 224 -1.29 15.66 15.00
N CYS D 225 0.04 15.49 14.98
CA CYS D 225 0.81 15.80 13.78
C CYS D 225 0.48 14.84 12.66
N GLN D 226 0.27 13.56 12.99
CA GLN D 226 -0.19 12.61 11.98
C GLN D 226 -1.55 13.01 11.43
N ASP D 227 -2.46 13.44 12.32
CA ASP D 227 -3.77 13.90 11.87
C ASP D 227 -3.64 15.14 10.98
N GLU D 228 -2.69 16.02 11.30
CA GLU D 228 -2.48 17.21 10.49
C GLU D 228 -1.92 16.85 9.12
N SER D 229 -1.03 15.86 9.07
CA SER D 229 -0.54 15.38 7.78
C SER D 229 -1.68 14.77 6.96
N GLU D 230 -2.57 14.03 7.63
CA GLU D 230 -3.74 13.50 6.93
C GLU D 230 -4.63 14.61 6.40
N ALA D 231 -4.80 15.68 7.19
CA ALA D 231 -5.60 16.82 6.74
C ALA D 231 -4.93 17.52 5.55
N VAL D 232 -3.60 17.60 5.56
CA VAL D 232 -2.89 18.19 4.43
C VAL D 232 -3.07 17.33 3.19
N CYS D 233 -3.02 16.01 3.34
CA CYS D 233 -3.30 15.12 2.21
C CYS D 233 -4.71 15.31 1.71
N SER D 234 -5.67 15.49 2.62
CA SER D 234 -7.05 15.74 2.22
C SER D 234 -7.18 17.06 1.46
N GLU D 235 -6.44 18.08 1.89
CA GLU D 235 -6.45 19.36 1.17
C GLU D 235 -5.84 19.21 -0.21
N TRP D 236 -4.76 18.43 -0.33
CA TRP D 236 -4.18 18.16 -1.64
C TRP D 236 -5.18 17.44 -2.52
N LYS D 237 -5.94 16.49 -1.95
CA LYS D 237 -6.96 15.79 -2.73
C LYS D 237 -8.09 16.73 -3.14
N PHE D 238 -8.44 17.69 -2.28
CA PHE D 238 -9.45 18.68 -2.64
C PHE D 238 -8.97 19.56 -3.78
N ALA D 239 -7.70 19.95 -3.75
CA ALA D 239 -7.14 20.73 -4.85
C ALA D 239 -7.04 19.91 -6.13
N ALA D 240 -6.84 18.60 -6.00
CA ALA D 240 -6.76 17.74 -7.18
C ALA D 240 -8.13 17.56 -7.82
N CYS D 241 -9.14 17.21 -7.01
CA CYS D 241 -10.47 16.94 -7.56
C CYS D 241 -11.10 18.21 -8.14
N VAL D 242 -10.78 19.38 -7.60
CA VAL D 242 -11.29 20.63 -8.15
C VAL D 242 -10.82 20.79 -9.59
N VAL D 243 -9.51 20.65 -9.81
CA VAL D 243 -8.97 20.76 -11.17
C VAL D 243 -9.50 19.64 -12.05
N ASP D 244 -9.69 18.44 -11.49
CA ASP D 244 -10.25 17.34 -12.26
C ASP D 244 -11.62 17.69 -12.79
N ARG D 245 -12.51 18.18 -11.90
CA ARG D 245 -13.85 18.55 -12.33
C ARG D 245 -13.84 19.74 -13.28
N LEU D 246 -12.92 20.68 -13.08
CA LEU D 246 -12.81 21.81 -14.02
C LEU D 246 -12.45 21.32 -15.42
N CYS D 247 -11.44 20.46 -15.52
CA CYS D 247 -11.05 19.92 -16.81
C CYS D 247 -12.18 19.08 -17.41
N LEU D 248 -12.91 18.35 -16.58
CA LEU D 248 -14.03 17.57 -17.07
C LEU D 248 -15.09 18.47 -17.69
N MET D 249 -15.49 19.52 -16.97
CA MET D 249 -16.50 20.43 -17.49
C MET D 249 -16.01 21.18 -18.72
N ALA D 250 -14.69 21.42 -18.81
CA ALA D 250 -14.16 22.11 -19.98
C ALA D 250 -14.17 21.20 -21.21
N PHE D 251 -13.76 19.94 -21.04
CA PHE D 251 -13.70 19.02 -22.16
C PHE D 251 -15.07 18.47 -22.57
N SER D 252 -16.05 18.48 -21.66
CA SER D 252 -17.38 17.97 -21.99
C SER D 252 -18.02 18.82 -23.08
N VAL D 253 -17.93 20.14 -22.96
CA VAL D 253 -18.52 21.02 -23.97
C VAL D 253 -17.86 20.81 -25.31
N PHE D 254 -16.52 20.67 -25.32
CA PHE D 254 -15.81 20.46 -26.58
C PHE D 254 -16.21 19.14 -27.22
N THR D 255 -16.30 18.07 -26.42
CA THR D 255 -16.71 16.78 -26.96
C THR D 255 -18.13 16.83 -27.51
N ILE D 256 -19.03 17.51 -26.80
CA ILE D 256 -20.41 17.62 -27.27
C ILE D 256 -20.47 18.41 -28.57
N ILE D 257 -19.68 19.48 -28.68
CA ILE D 257 -19.67 20.28 -29.89
C ILE D 257 -19.12 19.45 -31.06
N CYS D 258 -18.05 18.70 -30.82
CA CYS D 258 -17.49 17.85 -31.87
C CYS D 258 -18.50 16.79 -32.32
N THR D 259 -19.21 16.20 -31.36
CA THR D 259 -20.21 15.19 -31.71
C THR D 259 -21.33 15.80 -32.54
N ILE D 260 -21.85 16.95 -32.11
CA ILE D 260 -22.91 17.61 -32.87
C ILE D 260 -22.42 17.98 -34.26
N GLY D 261 -21.17 18.40 -34.37
CA GLY D 261 -20.64 18.74 -35.68
C GLY D 261 -20.55 17.54 -36.60
N ILE D 262 -19.95 16.45 -36.12
CA ILE D 262 -19.82 15.27 -36.97
C ILE D 262 -21.19 14.69 -37.30
N LEU D 263 -22.19 14.91 -36.44
CA LEU D 263 -23.53 14.40 -36.71
C LEU D 263 -24.30 15.28 -37.68
N MET D 264 -24.03 16.58 -37.68
CA MET D 264 -24.74 17.52 -38.54
C MET D 264 -23.94 17.95 -39.76
N SER D 265 -22.61 17.95 -39.68
CA SER D 265 -21.79 18.39 -40.80
C SER D 265 -21.53 17.27 -41.79
N ALA D 266 -21.42 16.03 -41.32
CA ALA D 266 -21.14 14.92 -42.23
C ALA D 266 -22.30 14.67 -43.19
N PRO D 267 -23.56 14.57 -42.74
CA PRO D 267 -24.64 14.32 -43.70
C PRO D 267 -24.82 15.44 -44.71
N ASN D 268 -24.49 16.68 -44.34
CA ASN D 268 -24.65 17.81 -45.25
C ASN D 268 -23.47 17.93 -46.21
N PHE D 269 -22.26 18.00 -45.67
CA PHE D 269 -21.07 18.14 -46.52
C PHE D 269 -20.66 16.81 -47.13
N VAL D 270 -20.35 15.83 -46.28
CA VAL D 270 -19.92 14.53 -46.76
C VAL D 270 -21.12 13.75 -47.31
N LEU E 7 -15.52 -25.89 -38.13
CA LEU E 7 -15.52 -26.04 -36.68
C LEU E 7 -14.68 -24.95 -36.03
N TYR E 8 -13.39 -24.92 -36.38
CA TYR E 8 -12.49 -23.91 -35.82
C TYR E 8 -12.96 -22.50 -36.15
N TYR E 9 -13.51 -22.31 -37.35
CA TYR E 9 -13.97 -20.98 -37.75
C TYR E 9 -15.05 -20.46 -36.80
N GLY E 10 -15.87 -21.35 -36.25
CA GLY E 10 -16.92 -20.92 -35.34
C GLY E 10 -16.43 -20.83 -33.91
N LEU E 11 -15.55 -21.74 -33.51
CA LEU E 11 -15.02 -21.71 -32.14
C LEU E 11 -14.17 -20.48 -31.91
N ASN E 12 -13.36 -20.09 -32.90
CA ASN E 12 -12.49 -18.94 -32.75
C ASN E 12 -13.29 -17.66 -32.49
N LEU E 13 -14.55 -17.61 -32.92
CA LEU E 13 -15.40 -16.46 -32.68
C LEU E 13 -16.35 -16.65 -31.50
N LEU E 14 -16.64 -17.89 -31.12
CA LEU E 14 -17.54 -18.14 -29.99
C LEU E 14 -16.80 -18.07 -28.66
N ILE E 15 -15.57 -18.58 -28.59
CA ILE E 15 -14.83 -18.65 -27.34
C ILE E 15 -14.51 -17.25 -26.83
N PRO E 16 -14.03 -16.33 -27.66
CA PRO E 16 -13.71 -14.99 -27.14
C PRO E 16 -14.91 -14.29 -26.50
N CYS E 17 -16.09 -14.43 -27.10
CA CYS E 17 -17.28 -13.77 -26.54
C CYS E 17 -17.59 -14.31 -25.15
N VAL E 18 -17.58 -15.65 -25.00
CA VAL E 18 -17.86 -16.25 -23.70
C VAL E 18 -16.80 -15.87 -22.68
N LEU E 19 -15.54 -15.78 -23.13
CA LEU E 19 -14.47 -15.39 -22.22
C LEU E 19 -14.63 -13.96 -21.75
N ILE E 20 -14.99 -13.05 -22.65
CA ILE E 20 -15.21 -11.66 -22.27
C ILE E 20 -16.41 -11.56 -21.33
N SER E 21 -17.46 -12.33 -21.59
CA SER E 21 -18.62 -12.32 -20.70
C SER E 21 -18.25 -12.81 -19.31
N ALA E 22 -17.46 -13.88 -19.23
CA ALA E 22 -17.04 -14.39 -17.92
C ALA E 22 -16.14 -13.38 -17.21
N LEU E 23 -15.23 -12.73 -17.95
CA LEU E 23 -14.37 -11.73 -17.33
C LEU E 23 -15.18 -10.56 -16.79
N ALA E 24 -16.21 -10.14 -17.52
CA ALA E 24 -17.07 -9.06 -17.05
C ALA E 24 -17.86 -9.48 -15.82
N LEU E 25 -18.43 -10.70 -15.85
CA LEU E 25 -19.16 -11.20 -14.70
C LEU E 25 -18.27 -11.30 -13.47
N LEU E 26 -17.00 -11.66 -13.66
CA LEU E 26 -16.08 -11.73 -12.52
C LEU E 26 -15.86 -10.36 -11.90
N VAL E 27 -15.62 -9.34 -12.73
CA VAL E 27 -15.42 -8.00 -12.21
C VAL E 27 -16.68 -7.48 -11.56
N PHE E 28 -17.85 -7.83 -12.08
CA PHE E 28 -19.10 -7.36 -11.50
C PHE E 28 -19.42 -8.09 -10.20
N LEU E 29 -18.95 -9.32 -10.04
CA LEU E 29 -19.18 -10.08 -8.83
C LEU E 29 -18.20 -9.72 -7.72
N LEU E 30 -17.10 -9.05 -8.05
CA LEU E 30 -16.07 -8.77 -7.06
C LEU E 30 -16.46 -7.56 -6.21
N PRO E 31 -16.18 -7.60 -4.90
CA PRO E 31 -16.46 -6.43 -4.06
C PRO E 31 -15.48 -5.29 -4.33
N ALA E 32 -15.52 -4.24 -3.52
CA ALA E 32 -14.68 -3.08 -3.75
C ALA E 32 -13.21 -3.47 -3.65
N ASP E 33 -12.55 -3.55 -4.81
CA ASP E 33 -11.15 -3.97 -4.91
C ASP E 33 -10.41 -3.03 -5.84
N SER E 34 -10.52 -1.72 -5.58
CA SER E 34 -9.89 -0.71 -6.42
C SER E 34 -8.50 -1.12 -6.88
N GLY E 35 -7.69 -1.65 -5.97
CA GLY E 35 -6.37 -2.12 -6.35
C GLY E 35 -6.38 -3.22 -7.36
N GLU E 36 -7.51 -3.91 -7.54
CA GLU E 36 -7.66 -5.00 -8.49
C GLU E 36 -8.63 -4.66 -9.62
N LYS E 37 -9.83 -4.18 -9.29
CA LYS E 37 -10.84 -3.91 -10.30
C LYS E 37 -10.30 -2.99 -11.39
N ILE E 38 -9.58 -1.92 -11.00
CA ILE E 38 -9.06 -0.97 -11.97
C ILE E 38 -8.25 -1.69 -13.03
N SER E 39 -7.51 -2.74 -12.63
CA SER E 39 -6.73 -3.50 -13.60
C SER E 39 -7.64 -4.37 -14.46
N LEU E 40 -8.63 -5.02 -13.85
CA LEU E 40 -9.51 -5.91 -14.60
C LEU E 40 -10.52 -5.13 -15.44
N GLY E 41 -11.01 -4.00 -14.91
CA GLY E 41 -12.05 -3.25 -15.62
C GLY E 41 -11.54 -2.61 -16.90
N ILE E 42 -10.32 -2.07 -16.86
CA ILE E 42 -9.76 -1.40 -18.03
C ILE E 42 -9.06 -2.37 -18.96
N THR E 43 -8.57 -3.50 -18.45
CA THR E 43 -7.87 -4.46 -19.29
C THR E 43 -8.85 -5.35 -20.05
N VAL E 44 -9.95 -5.75 -19.40
CA VAL E 44 -10.93 -6.61 -20.06
C VAL E 44 -11.43 -5.96 -21.34
N LEU E 45 -11.51 -4.62 -21.36
CA LEU E 45 -11.92 -3.94 -22.58
C LEU E 45 -10.84 -4.02 -23.65
N LEU E 46 -9.57 -3.84 -23.27
CA LEU E 46 -8.49 -3.92 -24.22
C LEU E 46 -8.46 -5.29 -24.90
N SER E 47 -8.72 -6.35 -24.14
CA SER E 47 -8.74 -7.69 -24.71
C SER E 47 -9.73 -7.79 -25.86
N LEU E 48 -10.76 -6.95 -25.87
CA LEU E 48 -11.73 -6.95 -26.96
C LEU E 48 -11.23 -6.17 -28.16
N THR E 49 -10.43 -5.12 -27.94
CA THR E 49 -9.92 -4.33 -29.06
C THR E 49 -9.09 -5.19 -30.00
N VAL E 50 -8.33 -6.15 -29.45
CA VAL E 50 -7.56 -7.05 -30.28
C VAL E 50 -8.47 -8.06 -30.97
N PHE E 51 -9.61 -8.39 -30.36
CA PHE E 51 -10.55 -9.32 -30.98
C PHE E 51 -11.28 -8.67 -32.14
N MET E 52 -11.83 -7.48 -31.93
CA MET E 52 -12.54 -6.78 -33.00
C MET E 52 -11.66 -6.61 -34.23
N LEU E 53 -10.35 -6.43 -34.03
CA LEU E 53 -9.44 -6.34 -35.17
C LEU E 53 -9.33 -7.68 -35.88
N LEU E 54 -9.17 -8.77 -35.13
CA LEU E 54 -9.08 -10.09 -35.73
C LEU E 54 -10.27 -10.36 -36.65
N VAL E 55 -11.48 -10.05 -36.17
CA VAL E 55 -12.67 -10.24 -37.00
C VAL E 55 -12.53 -9.46 -38.30
N ALA E 56 -12.04 -8.21 -38.21
CA ALA E 56 -11.88 -7.39 -39.41
C ALA E 56 -11.02 -8.06 -40.46
N GLU E 57 -10.17 -9.02 -40.07
CA GLU E 57 -9.34 -9.73 -41.04
C GLU E 57 -10.12 -10.83 -41.74
N ILE E 58 -11.00 -11.51 -41.01
CA ILE E 58 -11.77 -12.61 -41.59
C ILE E 58 -13.16 -12.15 -42.03
N MET E 59 -13.73 -11.14 -41.37
CA MET E 59 -15.06 -10.63 -41.69
C MET E 59 -14.95 -9.12 -41.88
N PRO E 60 -14.69 -8.65 -43.10
CA PRO E 60 -14.61 -7.20 -43.34
C PRO E 60 -15.90 -6.50 -42.92
N SER E 61 -15.74 -5.37 -42.24
CA SER E 61 -16.89 -4.61 -41.77
C SER E 61 -17.76 -4.14 -42.94
N THR E 62 -17.17 -3.98 -44.13
CA THR E 62 -17.94 -3.55 -45.29
C THR E 62 -18.95 -4.61 -45.70
N SER E 63 -18.57 -5.89 -45.61
CA SER E 63 -19.44 -6.99 -45.98
C SER E 63 -20.11 -7.66 -44.78
N ASP E 64 -19.51 -7.58 -43.60
CA ASP E 64 -20.06 -8.19 -42.39
C ASP E 64 -21.14 -7.28 -41.80
N SER E 65 -22.27 -7.23 -42.52
CA SER E 65 -23.40 -6.41 -42.12
C SER E 65 -24.57 -7.25 -41.61
N SER E 66 -24.27 -8.40 -40.99
CA SER E 66 -25.32 -9.24 -40.46
C SER E 66 -25.99 -8.56 -39.27
N PRO E 67 -27.32 -8.68 -39.15
CA PRO E 67 -28.01 -7.99 -38.04
C PRO E 67 -27.71 -8.61 -36.69
N SER E 68 -27.78 -9.94 -36.60
CA SER E 68 -27.59 -10.61 -35.32
C SER E 68 -26.15 -10.45 -34.83
N ILE E 69 -25.17 -10.69 -35.70
CA ILE E 69 -23.77 -10.60 -35.31
C ILE E 69 -23.43 -9.16 -34.93
N ALA E 70 -23.90 -8.20 -35.73
CA ALA E 70 -23.64 -6.80 -35.43
C ALA E 70 -24.26 -6.39 -34.11
N GLN E 71 -25.50 -6.82 -33.85
CA GLN E 71 -26.16 -6.50 -32.59
C GLN E 71 -25.40 -7.10 -31.40
N TYR E 72 -24.97 -8.36 -31.54
CA TYR E 72 -24.24 -8.99 -30.45
C TYR E 72 -22.91 -8.29 -30.20
N PHE E 73 -22.19 -7.91 -31.26
CA PHE E 73 -20.93 -7.20 -31.09
C PHE E 73 -21.16 -5.85 -30.43
N ALA E 74 -22.20 -5.13 -30.85
CA ALA E 74 -22.50 -3.84 -30.24
C ALA E 74 -22.85 -4.01 -28.76
N SER E 75 -23.62 -5.05 -28.42
CA SER E 75 -23.98 -5.28 -27.03
C SER E 75 -22.74 -5.60 -26.20
N THR E 76 -21.84 -6.44 -26.73
CA THR E 76 -20.63 -6.77 -26.01
C THR E 76 -19.76 -5.55 -25.80
N MET E 77 -19.63 -4.70 -26.84
CA MET E 77 -18.85 -3.49 -26.71
C MET E 77 -19.46 -2.55 -25.66
N ILE E 78 -20.78 -2.39 -25.69
CA ILE E 78 -21.45 -1.53 -24.72
C ILE E 78 -21.25 -2.07 -23.31
N ILE E 79 -21.27 -3.39 -23.15
CA ILE E 79 -21.10 -3.99 -21.83
C ILE E 79 -19.69 -3.74 -21.31
N VAL E 80 -18.69 -4.00 -22.16
CA VAL E 80 -17.30 -3.81 -21.72
C VAL E 80 -17.01 -2.33 -21.49
N GLY E 81 -17.73 -1.44 -22.16
CA GLY E 81 -17.55 -0.02 -21.94
C GLY E 81 -18.21 0.48 -20.68
N LEU E 82 -19.40 -0.03 -20.39
CA LEU E 82 -20.13 0.35 -19.18
C LEU E 82 -19.59 -0.34 -17.94
N SER E 83 -18.78 -1.39 -18.09
CA SER E 83 -18.12 -1.98 -16.92
C SER E 83 -17.28 -0.93 -16.20
N VAL E 84 -16.54 -0.10 -16.94
CA VAL E 84 -15.72 0.93 -16.33
C VAL E 84 -16.59 1.96 -15.63
N VAL E 85 -17.71 2.35 -16.26
CA VAL E 85 -18.61 3.31 -15.64
C VAL E 85 -19.18 2.74 -14.34
N VAL E 86 -19.53 1.46 -14.35
CA VAL E 86 -20.08 0.84 -13.14
C VAL E 86 -19.02 0.80 -12.04
N THR E 87 -17.79 0.42 -12.38
CA THR E 87 -16.73 0.39 -11.38
C THR E 87 -16.47 1.78 -10.81
N VAL E 88 -16.53 2.81 -11.66
CA VAL E 88 -16.31 4.17 -11.18
C VAL E 88 -17.44 4.61 -10.26
N ILE E 89 -18.69 4.33 -10.65
CA ILE E 89 -19.82 4.69 -9.81
C ILE E 89 -19.77 3.95 -8.48
N VAL E 90 -19.22 2.73 -8.49
CA VAL E 90 -19.13 1.96 -7.25
C VAL E 90 -18.02 2.51 -6.36
N LEU E 91 -16.88 2.88 -6.95
CA LEU E 91 -15.79 3.47 -6.17
C LEU E 91 -16.14 4.88 -5.70
N GLN E 92 -17.12 5.52 -6.33
CA GLN E 92 -17.57 6.82 -5.84
C GLN E 92 -18.06 6.72 -4.39
N TYR E 93 -18.59 5.55 -4.00
CA TYR E 93 -18.98 5.33 -2.62
C TYR E 93 -17.81 4.94 -1.74
N HIS E 94 -16.68 4.55 -2.34
CA HIS E 94 -15.49 4.17 -1.57
C HIS E 94 -14.60 5.37 -1.27
N HIS E 95 -14.49 6.32 -2.20
CA HIS E 95 -13.69 7.52 -1.99
C HIS E 95 -14.52 8.77 -1.71
N HIS E 96 -15.78 8.80 -2.16
CA HIS E 96 -16.70 9.89 -1.84
C HIS E 96 -16.10 11.25 -2.23
N ASP E 97 -15.94 11.41 -3.54
CA ASP E 97 -15.45 12.66 -4.11
C ASP E 97 -16.12 13.86 -3.45
N PRO E 98 -15.37 14.74 -2.78
CA PRO E 98 -16.02 15.88 -2.12
C PRO E 98 -16.84 16.75 -3.04
N ASP E 99 -16.55 16.76 -4.35
CA ASP E 99 -17.31 17.57 -5.29
C ASP E 99 -18.67 16.98 -5.63
N GLY E 100 -19.06 15.88 -4.99
CA GLY E 100 -20.36 15.29 -5.23
C GLY E 100 -20.67 14.14 -4.28
N GLY E 101 -21.32 13.11 -4.80
CA GLY E 101 -21.67 11.94 -4.02
C GLY E 101 -23.17 11.76 -3.91
N LYS E 102 -23.56 10.90 -2.99
CA LYS E 102 -24.96 10.59 -2.73
C LYS E 102 -25.31 10.93 -1.28
N MET E 103 -26.51 10.55 -0.86
CA MET E 103 -27.00 10.81 0.48
C MET E 103 -26.81 9.55 1.33
N PRO E 104 -25.85 9.51 2.25
CA PRO E 104 -25.67 8.29 3.05
C PRO E 104 -26.90 7.93 3.89
N LYS E 105 -27.68 8.92 4.31
CA LYS E 105 -28.86 8.65 5.12
C LYS E 105 -29.84 7.77 4.36
N TRP E 106 -30.13 8.13 3.11
CA TRP E 106 -31.09 7.35 2.32
C TRP E 106 -30.60 5.93 2.08
N THR E 107 -29.30 5.76 1.89
CA THR E 107 -28.72 4.45 1.62
C THR E 107 -28.38 3.67 2.88
N ARG E 108 -28.61 4.25 4.06
CA ARG E 108 -28.30 3.54 5.30
C ARG E 108 -29.23 2.34 5.48
N VAL E 109 -30.53 2.54 5.29
CA VAL E 109 -31.48 1.44 5.40
C VAL E 109 -31.30 0.47 4.24
N ILE E 110 -30.87 0.98 3.07
CA ILE E 110 -30.61 0.10 1.93
C ILE E 110 -29.56 -0.93 2.29
N LEU E 111 -28.54 -0.53 3.04
CA LEU E 111 -27.52 -1.47 3.50
C LEU E 111 -28.12 -2.49 4.46
N LEU E 112 -28.76 -2.02 5.52
CA LEU E 112 -29.37 -2.93 6.48
C LEU E 112 -30.30 -3.93 5.80
N ASN E 113 -30.87 -3.56 4.66
CA ASN E 113 -31.75 -4.46 3.94
C ASN E 113 -30.96 -5.45 3.08
N TRP E 114 -30.07 -4.95 2.23
CA TRP E 114 -29.41 -5.80 1.25
C TRP E 114 -28.38 -6.72 1.90
N CYS E 115 -27.57 -6.18 2.82
CA CYS E 115 -26.59 -7.02 3.50
C CYS E 115 -27.26 -8.14 4.29
N ALA E 116 -28.46 -7.88 4.81
CA ALA E 116 -29.18 -8.92 5.55
C ALA E 116 -29.84 -9.92 4.62
N TRP E 117 -30.36 -9.45 3.47
CA TRP E 117 -31.00 -10.35 2.51
C TRP E 117 -29.99 -11.23 1.79
N PHE E 118 -28.74 -10.76 1.65
CA PHE E 118 -27.73 -11.57 0.97
C PHE E 118 -27.19 -12.67 1.88
N LEU E 119 -26.73 -12.30 3.08
CA LEU E 119 -26.25 -13.31 4.03
C LEU E 119 -27.38 -14.25 4.43
N ARG E 120 -28.50 -13.69 4.89
CA ARG E 120 -29.69 -14.46 5.24
C ARG E 120 -30.65 -14.38 4.05
N MET E 121 -30.57 -15.39 3.18
CA MET E 121 -31.38 -15.41 1.97
C MET E 121 -32.86 -15.27 2.32
N LYS E 122 -33.51 -14.27 1.72
CA LYS E 122 -34.92 -13.99 1.94
C LYS E 122 -35.80 -14.53 0.81
N ARG E 123 -35.42 -15.66 0.21
CA ARG E 123 -36.16 -16.27 -0.88
C ARG E 123 -36.74 -17.61 -0.45
N PRO E 124 -37.72 -18.13 -1.18
CA PRO E 124 -38.29 -19.44 -0.81
C PRO E 124 -37.29 -20.57 -0.82
N GLY E 125 -36.14 -20.40 -1.48
CA GLY E 125 -35.15 -21.46 -1.52
C GLY E 125 -34.58 -21.80 -0.15
N GLU E 126 -34.48 -20.81 0.74
CA GLU E 126 -33.94 -21.00 2.06
C GLU E 126 -34.92 -20.69 3.19
N ASP E 127 -35.83 -19.74 2.98
CA ASP E 127 -36.79 -19.40 4.03
C ASP E 127 -37.69 -20.59 4.36
N LYS E 128 -38.12 -21.33 3.34
CA LYS E 128 -38.98 -22.49 3.55
C LYS E 128 -38.17 -23.75 3.83
N VAL E 129 -37.06 -23.95 3.13
CA VAL E 129 -36.21 -25.13 3.31
C VAL E 129 -35.20 -24.77 4.39
N ARG E 130 -35.59 -24.97 5.65
CA ARG E 130 -34.71 -24.69 6.78
C ARG E 130 -35.26 -25.34 8.04
N PRO E 131 -34.41 -25.65 9.03
CA PRO E 131 -34.92 -26.29 10.25
C PRO E 131 -35.75 -25.32 11.06
N ALA E 132 -36.96 -25.75 11.43
CA ALA E 132 -37.86 -24.92 12.22
C ALA E 132 -38.66 -25.82 13.16
N CYS E 133 -38.94 -25.31 14.35
CA CYS E 133 -39.69 -26.03 15.37
C CYS E 133 -40.75 -25.11 15.96
N GLN E 134 -41.60 -25.70 16.80
CA GLN E 134 -42.67 -24.96 17.46
C GLN E 134 -42.28 -24.47 18.84
N HIS E 135 -41.04 -24.70 19.28
CA HIS E 135 -40.61 -24.26 20.59
C HIS E 135 -40.56 -22.74 20.66
N LYS E 136 -40.64 -22.21 21.88
CA LYS E 136 -40.62 -20.77 22.10
C LYS E 136 -39.26 -20.15 21.80
N GLN E 137 -38.23 -20.96 21.54
CA GLN E 137 -36.90 -20.42 21.25
C GLN E 137 -36.86 -19.66 19.93
N ARG E 138 -37.79 -19.95 19.02
CA ARG E 138 -37.86 -19.28 17.73
C ARG E 138 -38.96 -18.24 17.67
N ARG E 139 -39.70 -18.04 18.76
CA ARG E 139 -40.77 -17.06 18.79
C ARG E 139 -40.27 -15.73 19.33
N CYS E 140 -41.14 -14.72 19.25
CA CYS E 140 -40.83 -13.37 19.71
C CYS E 140 -41.64 -13.05 20.96
N SER E 141 -41.05 -12.26 21.85
CA SER E 141 -41.69 -11.85 23.10
C SER E 141 -41.33 -10.40 23.35
N LEU E 142 -41.76 -9.90 24.52
CA LEU E 142 -41.46 -8.50 24.87
C LEU E 142 -39.97 -8.24 24.91
N ALA E 143 -39.17 -9.25 25.22
CA ALA E 143 -37.72 -9.07 25.28
C ALA E 143 -37.12 -8.96 23.87
N SER E 144 -37.71 -9.65 22.89
CA SER E 144 -37.21 -9.61 21.53
C SER E 144 -37.79 -8.45 20.72
N VAL E 145 -39.03 -8.05 21.01
CA VAL E 145 -39.67 -6.95 20.30
C VAL E 145 -39.08 -5.65 20.83
N GLU E 146 -38.18 -5.05 20.05
CA GLU E 146 -37.52 -3.81 20.43
C GLU E 146 -37.83 -2.70 19.42
N MET E 147 -39.09 -2.63 19.00
CA MET E 147 -39.52 -1.62 18.04
C MET E 147 -39.79 -0.26 18.69
N SER E 148 -39.85 -0.20 20.02
CA SER E 148 -40.12 1.05 20.73
C SER E 148 -38.84 1.75 21.17
N ALA E 149 -37.75 1.55 20.45
CA ALA E 149 -36.47 2.20 20.77
C ALA E 149 -35.99 1.84 22.16
N VAL E 150 -36.18 0.58 22.55
CA VAL E 150 -35.77 0.08 23.85
C VAL E 150 -34.47 -0.70 23.69
N ALA E 151 -33.62 -0.61 24.70
CA ALA E 151 -32.34 -1.32 24.67
C ALA E 151 -32.57 -2.82 24.58
N PRO E 152 -32.13 -3.49 23.51
CA PRO E 152 -32.31 -4.94 23.42
C PRO E 152 -31.63 -5.65 24.57
N PRO E 153 -31.95 -6.92 24.80
CA PRO E 153 -31.32 -7.66 25.90
C PRO E 153 -29.83 -7.75 25.71
N PRO E 154 -29.07 -8.02 26.78
CA PRO E 154 -27.61 -8.15 26.63
C PRO E 154 -27.24 -9.30 25.72
N ALA E 155 -26.39 -9.01 24.74
CA ALA E 155 -25.93 -10.03 23.79
C ALA E 155 -24.58 -9.61 23.24
N SER E 156 -23.72 -10.60 23.01
CA SER E 156 -22.38 -10.38 22.48
C SER E 156 -22.34 -10.40 20.96
N ASN E 157 -23.50 -10.50 20.30
CA ASN E 157 -23.57 -10.53 18.84
C ASN E 157 -23.70 -9.14 18.23
N GLY E 158 -23.29 -8.10 18.94
CA GLY E 158 -23.36 -6.75 18.46
C GLY E 158 -24.34 -5.85 19.19
N ASN E 159 -24.79 -6.23 20.40
CA ASN E 159 -25.73 -5.43 21.18
C ASN E 159 -25.14 -4.96 22.49
N LEU E 160 -24.44 -5.83 23.21
CA LEU E 160 -23.86 -5.43 24.49
C LEU E 160 -22.82 -4.34 24.31
N LEU E 161 -21.83 -4.59 23.44
CA LEU E 161 -20.80 -3.58 23.19
C LEU E 161 -21.39 -2.30 22.62
N TYR E 162 -22.46 -2.42 21.82
CA TYR E 162 -23.12 -1.23 21.28
C TYR E 162 -23.72 -0.40 22.40
N ILE E 163 -24.57 -1.01 23.22
CA ILE E 163 -25.18 -0.31 24.34
C ILE E 163 -24.12 0.27 25.25
N GLY E 164 -22.98 -0.41 25.38
CA GLY E 164 -21.91 0.08 26.22
C GLY E 164 -21.23 1.31 25.65
N PHE E 165 -20.52 1.14 24.53
CA PHE E 165 -19.79 2.24 23.91
C PHE E 165 -20.61 2.92 22.81
N ARG E 166 -21.88 3.21 23.10
CA ARG E 166 -22.67 4.08 22.26
C ARG E 166 -23.61 5.00 23.04
N GLY E 167 -23.57 4.97 24.37
CA GLY E 167 -24.48 5.74 25.18
C GLY E 167 -23.82 6.89 25.90
N LEU E 168 -22.93 7.60 25.20
CA LEU E 168 -22.25 8.75 25.78
C LEU E 168 -23.27 9.70 26.42
N ASP E 169 -23.00 10.06 27.68
CA ASP E 169 -23.87 10.91 28.48
C ASP E 169 -25.17 10.23 28.87
N GLY E 170 -25.29 8.92 28.64
CA GLY E 170 -26.49 8.18 28.98
C GLY E 170 -26.29 7.25 30.14
N VAL E 171 -26.85 6.04 30.04
CA VAL E 171 -26.74 5.06 31.11
C VAL E 171 -25.30 4.61 31.34
N HIS E 172 -24.43 4.80 30.34
CA HIS E 172 -23.04 4.37 30.47
C HIS E 172 -22.20 5.40 31.23
N CYS E 173 -22.55 6.68 31.15
CA CYS E 173 -21.79 7.73 31.82
C CYS E 173 -22.30 8.04 33.22
N VAL E 174 -23.56 7.73 33.52
CA VAL E 174 -24.13 7.97 34.84
C VAL E 174 -24.90 6.73 35.28
N PRO E 175 -24.23 5.59 35.47
CA PRO E 175 -24.94 4.36 35.92
C PRO E 175 -25.23 4.39 37.43
N THR E 176 -26.31 5.07 37.79
CA THR E 176 -26.71 5.21 39.19
C THR E 176 -28.22 5.02 39.29
N PRO E 177 -28.68 3.77 39.20
CA PRO E 177 -30.13 3.51 39.32
C PRO E 177 -30.65 3.92 40.69
N ASP E 178 -31.97 3.87 40.81
CA ASP E 178 -32.66 4.23 42.07
C ASP E 178 -32.62 3.02 43.01
N SER E 179 -31.42 2.74 43.50
CA SER E 179 -31.18 1.61 44.40
C SER E 179 -30.49 2.03 45.69
N GLY E 180 -29.59 3.00 45.64
CA GLY E 180 -28.88 3.44 46.83
C GLY E 180 -27.59 2.70 47.10
N VAL E 181 -26.96 2.14 46.07
CA VAL E 181 -25.71 1.41 46.27
C VAL E 181 -24.63 2.33 46.85
N VAL E 182 -24.72 3.63 46.56
CA VAL E 182 -23.75 4.57 47.10
C VAL E 182 -23.83 4.66 48.62
N CYS E 183 -24.97 4.26 49.20
CA CYS E 183 -25.14 4.32 50.65
C CYS E 183 -25.78 3.07 51.23
N GLY E 184 -26.14 2.09 50.41
CA GLY E 184 -26.77 0.87 50.90
C GLY E 184 -25.82 -0.31 50.96
N ARG E 185 -24.95 -0.43 49.96
CA ARG E 185 -23.99 -1.52 49.88
C ARG E 185 -22.58 -0.96 49.85
N MET E 186 -21.62 -1.77 50.32
CA MET E 186 -20.22 -1.38 50.35
C MET E 186 -19.40 -2.13 49.31
N ALA E 187 -20.04 -2.62 48.25
CA ALA E 187 -19.35 -3.33 47.17
C ALA E 187 -18.65 -2.31 46.29
N CYS E 188 -17.37 -2.08 46.57
CA CYS E 188 -16.57 -1.11 45.82
C CYS E 188 -17.19 0.28 45.86
N SER E 189 -17.91 0.59 46.94
CA SER E 189 -18.57 1.87 47.08
C SER E 189 -18.81 2.18 48.56
N PRO E 190 -17.85 2.80 49.25
CA PRO E 190 -18.06 3.11 50.67
C PRO E 190 -19.32 3.93 50.88
N THR E 191 -20.10 3.55 51.90
CA THR E 191 -21.36 4.22 52.20
C THR E 191 -21.10 5.58 52.84
N HIS E 192 -21.09 6.63 52.03
CA HIS E 192 -20.88 8.01 52.48
C HIS E 192 -19.81 8.08 53.56
N ASP E 193 -18.70 7.35 53.37
CA ASP E 193 -17.60 7.34 54.32
C ASP E 193 -16.68 8.52 54.00
N GLU E 194 -16.91 9.63 54.70
CA GLU E 194 -16.09 10.83 54.49
C GLU E 194 -14.73 10.75 55.18
N HIS E 195 -14.60 9.89 56.19
CA HIS E 195 -13.34 9.75 56.91
C HIS E 195 -12.45 8.64 56.34
N LEU E 196 -12.75 8.17 55.13
CA LEU E 196 -11.93 7.12 54.49
C LEU E 196 -10.70 7.77 53.90
N LEU E 197 -9.56 7.61 54.56
CA LEU E 197 -8.29 8.16 54.11
C LEU E 197 -7.30 7.04 53.84
N HIS E 198 -6.41 7.27 52.86
CA HIS E 198 -5.40 6.30 52.49
C HIS E 198 -4.29 6.32 53.54
N GLY E 199 -4.55 5.66 54.66
CA GLY E 199 -3.59 5.60 55.74
C GLY E 199 -3.21 6.96 56.29
N GLY E 200 -4.17 7.88 56.36
CA GLY E 200 -3.95 9.22 56.85
C GLY E 200 -4.00 10.29 55.78
N GLN E 201 -3.82 9.92 54.52
CA GLN E 201 -3.84 10.86 53.40
C GLN E 201 -5.07 10.62 52.53
N PRO E 202 -5.47 11.59 51.72
CA PRO E 202 -6.64 11.40 50.86
C PRO E 202 -6.38 10.28 49.89
N PRO E 203 -7.45 9.66 49.36
CA PRO E 203 -7.25 8.58 48.37
C PRO E 203 -6.80 9.12 47.03
N GLU E 204 -5.61 9.74 47.00
CA GLU E 204 -5.07 10.29 45.76
C GLU E 204 -3.58 10.48 45.93
N GLY E 205 -2.79 9.77 45.13
CA GLY E 205 -1.34 9.88 45.25
C GLY E 205 -0.81 11.16 44.62
N ASP E 206 -1.24 11.46 43.40
CA ASP E 206 -0.76 12.64 42.70
C ASP E 206 -1.78 13.08 41.65
N PRO E 207 -2.21 14.34 41.67
CA PRO E 207 -3.12 14.80 40.61
C PRO E 207 -2.58 14.56 39.20
N ASP E 208 -1.26 14.48 39.04
CA ASP E 208 -0.69 14.20 37.72
C ASP E 208 -1.07 12.81 37.24
N LEU E 209 -1.35 11.88 38.16
CA LEU E 209 -1.82 10.56 37.77
C LEU E 209 -3.16 10.67 37.06
N ALA E 210 -4.02 11.59 37.48
CA ALA E 210 -5.28 11.82 36.78
C ALA E 210 -5.03 12.31 35.36
N LYS E 211 -4.03 13.17 35.17
CA LYS E 211 -3.71 13.64 33.82
C LYS E 211 -3.15 12.52 32.97
N ILE E 212 -2.33 11.64 33.55
CA ILE E 212 -1.83 10.49 32.81
C ILE E 212 -2.98 9.57 32.41
N LEU E 213 -3.95 9.37 33.32
CA LEU E 213 -5.13 8.58 33.00
C LEU E 213 -5.91 9.21 31.85
N GLU E 214 -6.08 10.53 31.89
CA GLU E 214 -6.80 11.21 30.81
C GLU E 214 -6.05 11.09 29.49
N GLU E 215 -4.71 11.11 29.54
CA GLU E 215 -3.93 10.98 28.32
C GLU E 215 -4.04 9.59 27.72
N VAL E 216 -3.96 8.55 28.56
CA VAL E 216 -4.14 7.20 28.04
C VAL E 216 -5.57 6.99 27.55
N ARG E 217 -6.53 7.65 28.18
CA ARG E 217 -7.91 7.57 27.69
C ARG E 217 -8.06 8.25 26.34
N TYR E 218 -7.33 9.36 26.15
CA TYR E 218 -7.34 10.01 24.84
C TYR E 218 -6.68 9.14 23.78
N ILE E 219 -5.63 8.41 24.16
CA ILE E 219 -5.02 7.47 23.23
C ILE E 219 -6.00 6.37 22.87
N ALA E 220 -6.72 5.85 23.85
CA ALA E 220 -7.73 4.84 23.59
C ALA E 220 -8.84 5.39 22.69
N ASN E 221 -9.20 6.67 22.89
CA ASN E 221 -10.20 7.29 22.04
C ASN E 221 -9.69 7.48 20.62
N ARG E 222 -8.40 7.75 20.45
CA ARG E 222 -7.82 7.81 19.11
C ARG E 222 -7.87 6.45 18.44
N PHE E 223 -7.55 5.38 19.18
CA PHE E 223 -7.68 4.03 18.64
C PHE E 223 -9.13 3.72 18.27
N ARG E 224 -10.07 4.18 19.09
CA ARG E 224 -11.49 3.96 18.79
C ARG E 224 -11.91 4.75 17.56
N CYS E 225 -11.36 5.94 17.36
CA CYS E 225 -11.66 6.71 16.15
C CYS E 225 -11.08 6.02 14.91
N GLN E 226 -9.89 5.43 15.04
CA GLN E 226 -9.35 4.63 13.95
C GLN E 226 -10.25 3.45 13.64
N ASP E 227 -10.75 2.77 14.68
CA ASP E 227 -11.68 1.67 14.48
C ASP E 227 -12.97 2.14 13.81
N GLU E 228 -13.43 3.34 14.17
CA GLU E 228 -14.63 3.89 13.55
C GLU E 228 -14.39 4.22 12.08
N SER E 229 -13.21 4.73 11.76
CA SER E 229 -12.87 4.96 10.36
C SER E 229 -12.82 3.65 9.59
N GLU E 230 -12.28 2.60 10.21
CA GLU E 230 -12.28 1.29 9.58
C GLU E 230 -13.71 0.79 9.36
N ALA E 231 -14.59 1.03 10.32
CA ALA E 231 -15.98 0.62 10.18
C ALA E 231 -16.68 1.41 9.07
N VAL E 232 -16.34 2.69 8.94
CA VAL E 232 -16.90 3.49 7.84
C VAL E 232 -16.41 2.97 6.50
N CYS E 233 -15.13 2.59 6.42
CA CYS E 233 -14.61 1.99 5.20
C CYS E 233 -15.32 0.68 4.89
N SER E 234 -15.60 -0.12 5.93
CA SER E 234 -16.34 -1.37 5.74
C SER E 234 -17.75 -1.10 5.24
N GLU E 235 -18.39 -0.04 5.75
CA GLU E 235 -19.72 0.32 5.27
C GLU E 235 -19.68 0.78 3.83
N TRP E 236 -18.65 1.55 3.45
CA TRP E 236 -18.48 1.92 2.06
C TRP E 236 -18.29 0.70 1.18
N LYS E 237 -17.53 -0.29 1.65
CA LYS E 237 -17.35 -1.51 0.90
C LYS E 237 -18.65 -2.31 0.79
N PHE E 238 -19.47 -2.29 1.83
CA PHE E 238 -20.78 -2.94 1.77
C PHE E 238 -21.68 -2.26 0.76
N ALA E 239 -21.65 -0.93 0.71
CA ALA E 239 -22.44 -0.21 -0.29
C ALA E 239 -21.90 -0.45 -1.70
N ALA E 240 -20.60 -0.66 -1.83
CA ALA E 240 -20.01 -0.94 -3.13
C ALA E 240 -20.39 -2.32 -3.64
N CYS E 241 -20.21 -3.34 -2.80
CA CYS E 241 -20.49 -4.71 -3.22
C CYS E 241 -21.97 -4.94 -3.50
N VAL E 242 -22.85 -4.20 -2.80
CA VAL E 242 -24.28 -4.32 -3.06
C VAL E 242 -24.58 -3.89 -4.50
N VAL E 243 -24.09 -2.72 -4.90
CA VAL E 243 -24.30 -2.24 -6.26
C VAL E 243 -23.60 -3.16 -7.26
N ASP E 244 -22.44 -3.69 -6.89
CA ASP E 244 -21.74 -4.63 -7.76
C ASP E 244 -22.61 -5.85 -8.06
N ARG E 245 -23.16 -6.47 -7.01
CA ARG E 245 -24.01 -7.63 -7.21
C ARG E 245 -25.29 -7.28 -7.94
N LEU E 246 -25.85 -6.09 -7.68
CA LEU E 246 -27.04 -5.66 -8.41
C LEU E 246 -26.77 -5.57 -9.91
N CYS E 247 -25.68 -4.90 -10.27
CA CYS E 247 -25.32 -4.79 -11.69
C CYS E 247 -25.01 -6.15 -12.29
N LEU E 248 -24.38 -7.04 -11.51
CA LEU E 248 -24.10 -8.39 -11.99
C LEU E 248 -25.39 -9.12 -12.32
N MET E 249 -26.36 -9.11 -11.39
CA MET E 249 -27.63 -9.78 -11.63
C MET E 249 -28.40 -9.13 -12.77
N ALA E 250 -28.26 -7.82 -12.96
CA ALA E 250 -28.95 -7.14 -14.04
C ALA E 250 -28.36 -7.53 -15.40
N PHE E 251 -27.04 -7.57 -15.49
CA PHE E 251 -26.38 -7.89 -16.76
C PHE E 251 -26.38 -9.37 -17.08
N SER E 252 -26.50 -10.25 -16.08
CA SER E 252 -26.52 -11.68 -16.35
C SER E 252 -27.72 -12.08 -17.19
N VAL E 253 -28.91 -11.54 -16.86
CA VAL E 253 -30.10 -11.86 -17.62
C VAL E 253 -29.97 -11.37 -19.05
N PHE E 254 -29.42 -10.17 -19.24
CA PHE E 254 -29.25 -9.64 -20.58
C PHE E 254 -28.28 -10.49 -21.39
N THR E 255 -27.16 -10.88 -20.78
CA THR E 255 -26.19 -11.72 -21.48
C THR E 255 -26.80 -13.06 -21.85
N ILE E 256 -27.57 -13.66 -20.93
CA ILE E 256 -28.20 -14.95 -21.21
C ILE E 256 -29.20 -14.81 -22.35
N ILE E 257 -29.97 -13.72 -22.35
CA ILE E 257 -30.96 -13.51 -23.41
C ILE E 257 -30.25 -13.34 -24.75
N CYS E 258 -29.17 -12.56 -24.77
CA CYS E 258 -28.42 -12.38 -26.02
C CYS E 258 -27.84 -13.68 -26.52
N THR E 259 -27.31 -14.50 -25.60
CA THR E 259 -26.75 -15.80 -25.98
C THR E 259 -27.84 -16.69 -26.58
N ILE E 260 -28.98 -16.79 -25.89
CA ILE E 260 -30.08 -17.61 -26.39
C ILE E 260 -30.54 -17.11 -27.76
N GLY E 261 -30.57 -15.79 -27.95
CA GLY E 261 -30.98 -15.24 -29.23
C GLY E 261 -30.02 -15.61 -30.35
N ILE E 262 -28.72 -15.38 -30.13
CA ILE E 262 -27.75 -15.71 -31.17
C ILE E 262 -27.70 -17.20 -31.42
N LEU E 263 -28.06 -18.02 -30.43
CA LEU E 263 -28.06 -19.46 -30.62
C LEU E 263 -29.31 -19.95 -31.34
N MET E 264 -30.44 -19.26 -31.16
CA MET E 264 -31.69 -19.68 -31.76
C MET E 264 -32.09 -18.83 -32.96
N SER E 265 -31.67 -17.57 -33.02
CA SER E 265 -32.06 -16.70 -34.13
C SER E 265 -31.15 -16.87 -35.34
N ALA E 266 -29.86 -17.17 -35.11
CA ALA E 266 -28.93 -17.31 -36.23
C ALA E 266 -29.25 -18.54 -37.07
N PRO E 267 -29.44 -19.72 -36.50
CA PRO E 267 -29.74 -20.90 -37.35
C PRO E 267 -31.04 -20.76 -38.12
N ASN E 268 -32.02 -20.02 -37.58
CA ASN E 268 -33.30 -19.87 -38.26
C ASN E 268 -33.24 -18.77 -39.32
N PHE E 269 -32.81 -17.57 -38.92
CA PHE E 269 -32.77 -16.45 -39.86
C PHE E 269 -31.52 -16.52 -40.74
N VAL E 270 -30.34 -16.51 -40.12
CA VAL E 270 -29.09 -16.56 -40.86
C VAL E 270 -28.85 -17.96 -41.39
N LEU A 7 9.06 -26.13 -42.05
CA LEU A 7 9.32 -26.43 -40.64
C LEU A 7 9.11 -25.19 -39.77
N TYR A 8 9.45 -24.02 -40.32
CA TYR A 8 9.30 -22.78 -39.57
C TYR A 8 7.83 -22.50 -39.26
N TYR A 9 6.92 -22.88 -40.16
CA TYR A 9 5.50 -22.68 -39.91
C TYR A 9 5.04 -23.45 -38.69
N GLY A 10 5.48 -24.71 -38.56
CA GLY A 10 5.10 -25.50 -37.39
C GLY A 10 5.68 -24.93 -36.10
N LEU A 11 6.92 -24.45 -36.15
CA LEU A 11 7.53 -23.86 -34.97
C LEU A 11 6.81 -22.58 -34.55
N ASN A 12 6.37 -21.79 -35.53
CA ASN A 12 5.67 -20.54 -35.23
C ASN A 12 4.43 -20.80 -34.36
N LEU A 13 3.82 -21.97 -34.49
CA LEU A 13 2.65 -22.31 -33.68
C LEU A 13 3.00 -23.17 -32.47
N LEU A 14 4.12 -23.90 -32.50
CA LEU A 14 4.50 -24.73 -31.38
C LEU A 14 5.15 -23.91 -30.26
N ILE A 15 6.05 -23.00 -30.60
CA ILE A 15 6.76 -22.24 -29.57
C ILE A 15 5.81 -21.39 -28.74
N PRO A 16 4.91 -20.60 -29.32
CA PRO A 16 4.01 -19.80 -28.48
C PRO A 16 3.11 -20.65 -27.59
N CYS A 17 2.65 -21.79 -28.09
CA CYS A 17 1.81 -22.67 -27.28
C CYS A 17 2.56 -23.15 -26.05
N VAL A 18 3.79 -23.63 -26.23
CA VAL A 18 4.58 -24.10 -25.10
C VAL A 18 4.90 -22.95 -24.14
N LEU A 19 5.20 -21.77 -24.69
CA LEU A 19 5.48 -20.62 -23.84
C LEU A 19 4.27 -20.27 -22.98
N ILE A 20 3.07 -20.26 -23.57
CA ILE A 20 1.87 -19.94 -22.81
C ILE A 20 1.58 -21.03 -21.78
N SER A 21 1.81 -22.30 -22.15
CA SER A 21 1.59 -23.39 -21.20
C SER A 21 2.53 -23.27 -20.01
N ALA A 22 3.77 -22.85 -20.25
CA ALA A 22 4.72 -22.68 -19.15
C ALA A 22 4.36 -21.46 -18.30
N LEU A 23 3.93 -20.37 -18.94
CA LEU A 23 3.52 -19.19 -18.20
C LEU A 23 2.32 -19.48 -17.32
N ALA A 24 1.40 -20.32 -17.81
CA ALA A 24 0.24 -20.69 -16.99
C ALA A 24 0.67 -21.40 -15.72
N LEU A 25 1.59 -22.36 -15.84
CA LEU A 25 2.08 -23.07 -14.65
C LEU A 25 2.84 -22.12 -13.74
N LEU A 26 3.60 -21.18 -14.31
CA LEU A 26 4.35 -20.23 -13.49
C LEU A 26 3.43 -19.31 -12.72
N VAL A 27 2.29 -18.94 -13.32
CA VAL A 27 1.34 -18.08 -12.62
C VAL A 27 0.85 -18.75 -11.33
N PHE A 28 0.62 -20.06 -11.39
CA PHE A 28 0.20 -20.79 -10.20
C PHE A 28 1.36 -21.04 -9.25
N LEU A 29 2.58 -21.22 -9.78
CA LEU A 29 3.74 -21.42 -8.92
C LEU A 29 3.97 -20.23 -8.01
N LEU A 30 3.60 -19.03 -8.45
CA LEU A 30 3.77 -17.85 -7.62
C LEU A 30 2.85 -17.94 -6.41
N PRO A 31 3.34 -17.69 -5.19
CA PRO A 31 2.46 -17.72 -4.02
C PRO A 31 1.35 -16.69 -4.13
N ALA A 32 0.44 -16.74 -3.16
CA ALA A 32 -0.71 -15.85 -3.15
C ALA A 32 -0.29 -14.39 -3.05
N ASP A 33 -0.51 -13.63 -4.12
CA ASP A 33 -0.19 -12.21 -4.14
C ASP A 33 -1.36 -11.48 -4.80
N SER A 34 -1.97 -10.55 -4.05
CA SER A 34 -3.16 -9.87 -4.54
C SER A 34 -2.84 -9.00 -5.74
N GLY A 35 -1.94 -8.03 -5.58
CA GLY A 35 -1.66 -7.06 -6.61
C GLY A 35 -0.75 -7.53 -7.72
N GLU A 36 -0.14 -8.70 -7.59
CA GLU A 36 0.81 -9.21 -8.59
C GLU A 36 0.20 -10.31 -9.45
N LYS A 37 -0.45 -11.30 -8.83
CA LYS A 37 -1.00 -12.41 -9.59
C LYS A 37 -1.92 -11.92 -10.71
N ILE A 38 -2.71 -10.89 -10.43
CA ILE A 38 -3.59 -10.33 -11.46
C ILE A 38 -2.77 -9.91 -12.68
N SER A 39 -1.69 -9.16 -12.45
CA SER A 39 -0.82 -8.76 -13.54
C SER A 39 -0.34 -9.95 -14.35
N LEU A 40 -0.15 -11.10 -13.70
CA LEU A 40 0.24 -12.31 -14.40
C LEU A 40 -0.94 -13.03 -15.00
N GLY A 41 -2.12 -12.95 -14.36
CA GLY A 41 -3.29 -13.64 -14.86
C GLY A 41 -4.04 -12.90 -15.95
N ILE A 42 -3.81 -11.59 -16.08
CA ILE A 42 -4.53 -10.79 -17.07
C ILE A 42 -3.76 -10.79 -18.38
N THR A 43 -2.51 -10.32 -18.36
CA THR A 43 -1.73 -10.22 -19.59
C THR A 43 -1.54 -11.57 -20.26
N VAL A 44 -1.47 -12.65 -19.47
CA VAL A 44 -1.31 -13.99 -20.03
C VAL A 44 -2.43 -14.27 -21.03
N LEU A 45 -3.61 -13.68 -20.82
CA LEU A 45 -4.70 -13.84 -21.79
C LEU A 45 -4.45 -13.01 -23.03
N LEU A 46 -4.03 -11.76 -22.86
CA LEU A 46 -3.76 -10.90 -24.01
C LEU A 46 -2.73 -11.55 -24.93
N SER A 47 -1.62 -12.04 -24.38
CA SER A 47 -0.61 -12.69 -25.19
C SER A 47 -1.19 -13.82 -26.02
N LEU A 48 -2.28 -14.43 -25.56
CA LEU A 48 -2.92 -15.48 -26.34
C LEU A 48 -3.73 -14.89 -27.49
N THR A 49 -4.50 -13.83 -27.22
CA THR A 49 -5.30 -13.22 -28.28
C THR A 49 -4.42 -12.75 -29.43
N VAL A 50 -3.35 -12.02 -29.12
CA VAL A 50 -2.43 -11.56 -30.16
C VAL A 50 -1.93 -12.74 -30.98
N PHE A 51 -1.81 -13.92 -30.36
CA PHE A 51 -1.41 -15.11 -31.10
C PHE A 51 -2.56 -15.63 -31.95
N MET A 52 -3.76 -15.72 -31.37
CA MET A 52 -4.92 -16.21 -32.10
C MET A 52 -5.10 -15.43 -33.40
N LEU A 53 -5.07 -14.10 -33.32
CA LEU A 53 -5.20 -13.27 -34.52
C LEU A 53 -4.19 -13.70 -35.58
N LEU A 54 -2.94 -13.93 -35.17
CA LEU A 54 -1.90 -14.33 -36.12
C LEU A 54 -2.33 -15.55 -36.91
N VAL A 55 -3.00 -16.50 -36.26
CA VAL A 55 -3.50 -17.68 -36.97
C VAL A 55 -4.39 -17.25 -38.13
N ALA A 56 -5.38 -16.40 -37.85
CA ALA A 56 -6.27 -15.93 -38.90
C ALA A 56 -5.53 -15.28 -40.06
N GLU A 57 -4.29 -14.83 -39.83
CA GLU A 57 -3.48 -14.23 -40.88
C GLU A 57 -2.72 -15.27 -41.69
N ILE A 58 -2.25 -16.34 -41.05
CA ILE A 58 -1.46 -17.36 -41.72
C ILE A 58 -2.32 -18.57 -42.10
N MET A 59 -3.30 -18.92 -41.26
CA MET A 59 -4.15 -20.07 -41.53
C MET A 59 -5.47 -19.61 -42.11
N PRO A 60 -5.98 -20.25 -43.18
CA PRO A 60 -7.26 -19.83 -43.75
C PRO A 60 -8.41 -20.21 -42.83
N SER A 61 -9.14 -19.19 -42.36
CA SER A 61 -10.25 -19.44 -41.45
C SER A 61 -11.48 -20.00 -42.16
N THR A 62 -11.64 -19.70 -43.45
CA THR A 62 -12.80 -20.14 -44.21
C THR A 62 -12.58 -21.45 -44.94
N SER A 63 -11.37 -22.02 -44.87
CA SER A 63 -11.07 -23.27 -45.57
C SER A 63 -10.53 -24.33 -44.62
N ASP A 64 -9.77 -23.91 -43.61
CA ASP A 64 -9.17 -24.84 -42.66
C ASP A 64 -10.24 -25.32 -41.69
N SER A 65 -11.04 -26.28 -42.16
CA SER A 65 -12.11 -26.87 -41.35
C SER A 65 -11.50 -28.00 -40.52
N SER A 66 -10.79 -27.61 -39.46
CA SER A 66 -10.12 -28.55 -38.57
C SER A 66 -10.63 -28.36 -37.15
N PRO A 67 -11.58 -29.16 -36.69
CA PRO A 67 -12.10 -28.97 -35.32
C PRO A 67 -11.11 -29.31 -34.23
N SER A 68 -10.03 -30.03 -34.54
CA SER A 68 -9.05 -30.39 -33.51
C SER A 68 -8.32 -29.15 -33.01
N ILE A 69 -7.80 -28.34 -33.92
CA ILE A 69 -7.11 -27.11 -33.51
C ILE A 69 -8.08 -26.16 -32.81
N ALA A 70 -9.34 -26.13 -33.26
CA ALA A 70 -10.33 -25.29 -32.61
C ALA A 70 -10.56 -25.74 -31.17
N GLN A 71 -10.71 -27.04 -30.95
CA GLN A 71 -10.91 -27.55 -29.60
C GLN A 71 -9.68 -27.30 -28.74
N TYR A 72 -8.48 -27.40 -29.32
CA TYR A 72 -7.26 -27.15 -28.55
C TYR A 72 -7.17 -25.68 -28.14
N PHE A 73 -7.49 -24.77 -29.06
CA PHE A 73 -7.48 -23.35 -28.72
C PHE A 73 -8.55 -23.04 -27.67
N ALA A 74 -9.72 -23.69 -27.77
CA ALA A 74 -10.76 -23.48 -26.77
C ALA A 74 -10.30 -23.98 -25.41
N SER A 75 -9.61 -25.12 -25.36
CA SER A 75 -9.10 -25.63 -24.09
C SER A 75 -8.05 -24.69 -23.51
N THR A 76 -7.16 -24.16 -24.36
CA THR A 76 -6.17 -23.21 -23.88
C THR A 76 -6.81 -21.96 -23.33
N MET A 77 -7.84 -21.44 -24.01
CA MET A 77 -8.56 -20.28 -23.52
C MET A 77 -9.25 -20.57 -22.20
N ILE A 78 -9.85 -21.76 -22.09
CA ILE A 78 -10.52 -22.14 -20.84
C ILE A 78 -9.51 -22.24 -19.70
N ILE A 79 -8.29 -22.72 -20.01
CA ILE A 79 -7.28 -22.85 -18.97
C ILE A 79 -6.81 -21.47 -18.51
N VAL A 80 -6.50 -20.58 -19.46
CA VAL A 80 -6.06 -19.24 -19.09
C VAL A 80 -7.19 -18.46 -18.41
N GLY A 81 -8.44 -18.83 -18.65
CA GLY A 81 -9.55 -18.21 -17.94
C GLY A 81 -9.70 -18.74 -16.54
N LEU A 82 -9.59 -20.06 -16.38
CA LEU A 82 -9.62 -20.67 -15.06
C LEU A 82 -8.48 -20.14 -14.20
N SER A 83 -7.36 -19.77 -14.81
CA SER A 83 -6.33 -19.06 -14.08
C SER A 83 -6.87 -17.76 -13.49
N VAL A 84 -7.65 -17.01 -14.28
CA VAL A 84 -8.26 -15.78 -13.78
C VAL A 84 -9.26 -16.10 -12.68
N VAL A 85 -10.01 -17.20 -12.81
CA VAL A 85 -10.97 -17.59 -11.78
C VAL A 85 -10.24 -17.91 -10.48
N VAL A 86 -9.08 -18.57 -10.58
CA VAL A 86 -8.32 -18.91 -9.39
C VAL A 86 -7.76 -17.67 -8.74
N THR A 87 -7.26 -16.72 -9.53
CA THR A 87 -6.79 -15.46 -8.97
C THR A 87 -7.92 -14.71 -8.28
N VAL A 88 -9.12 -14.74 -8.88
CA VAL A 88 -10.27 -14.07 -8.27
C VAL A 88 -10.66 -14.75 -6.97
N ILE A 89 -10.60 -16.07 -6.93
CA ILE A 89 -10.91 -16.80 -5.69
C ILE A 89 -9.89 -16.46 -4.62
N VAL A 90 -8.62 -16.34 -4.99
CA VAL A 90 -7.59 -15.96 -4.03
C VAL A 90 -7.84 -14.55 -3.51
N LEU A 91 -8.19 -13.62 -4.40
CA LEU A 91 -8.49 -12.27 -3.97
C LEU A 91 -9.71 -12.24 -3.04
N GLN A 92 -10.71 -13.09 -3.30
CA GLN A 92 -11.87 -13.15 -2.44
C GLN A 92 -11.52 -13.71 -1.07
N TYR A 93 -10.69 -14.75 -1.04
CA TYR A 93 -10.24 -15.29 0.24
C TYR A 93 -9.42 -14.28 1.01
N HIS A 94 -8.66 -13.44 0.31
CA HIS A 94 -7.91 -12.38 0.97
C HIS A 94 -8.78 -11.19 1.34
N HIS A 95 -9.98 -11.09 0.77
CA HIS A 95 -10.90 -9.97 1.02
C HIS A 95 -12.30 -10.51 1.29
N HIS A 96 -12.41 -11.47 2.19
CA HIS A 96 -13.69 -12.08 2.54
C HIS A 96 -14.73 -11.02 2.86
N ASP A 97 -16.01 -11.34 2.67
CA ASP A 97 -17.10 -10.40 2.91
C ASP A 97 -17.58 -10.53 4.35
N PRO A 98 -17.64 -9.43 5.12
CA PRO A 98 -18.09 -9.56 6.51
C PRO A 98 -19.49 -10.12 6.66
N ASP A 99 -20.34 -10.02 5.63
CA ASP A 99 -21.70 -10.51 5.74
C ASP A 99 -21.76 -12.04 5.65
N GLY A 100 -20.83 -12.65 4.94
CA GLY A 100 -20.83 -14.10 4.81
C GLY A 100 -19.67 -14.55 3.94
N GLY A 101 -19.51 -15.87 3.87
CA GLY A 101 -18.44 -16.44 3.08
C GLY A 101 -18.35 -17.93 3.29
N LYS A 102 -17.19 -18.49 2.93
CA LYS A 102 -16.97 -19.91 3.08
C LYS A 102 -17.08 -20.32 4.55
N MET A 103 -17.51 -21.55 4.77
CA MET A 103 -17.64 -22.09 6.12
C MET A 103 -16.29 -22.03 6.83
N PRO A 104 -16.19 -21.34 7.98
CA PRO A 104 -14.88 -21.25 8.64
C PRO A 104 -14.28 -22.60 9.00
N LYS A 105 -15.04 -23.45 9.71
CA LYS A 105 -14.49 -24.71 10.18
C LYS A 105 -14.23 -25.68 9.04
N TRP A 106 -15.12 -25.72 8.05
CA TRP A 106 -14.96 -26.63 6.93
C TRP A 106 -13.64 -26.38 6.21
N THR A 107 -13.26 -25.11 6.05
CA THR A 107 -11.99 -24.77 5.41
C THR A 107 -10.82 -24.90 6.36
N ARG A 108 -11.02 -24.60 7.65
CA ARG A 108 -9.93 -24.70 8.61
C ARG A 108 -9.48 -26.14 8.78
N VAL A 109 -10.41 -27.08 8.76
CA VAL A 109 -10.04 -28.49 8.89
C VAL A 109 -9.19 -28.92 7.69
N ILE A 110 -9.62 -28.53 6.49
CA ILE A 110 -8.86 -28.88 5.29
C ILE A 110 -7.47 -28.25 5.33
N LEU A 111 -7.38 -27.00 5.79
CA LEU A 111 -6.09 -26.33 5.87
C LEU A 111 -5.18 -27.00 6.88
N LEU A 112 -5.72 -27.40 8.03
CA LEU A 112 -4.91 -28.07 9.04
C LEU A 112 -4.49 -29.46 8.57
N ASN A 113 -5.29 -30.11 7.73
CA ASN A 113 -4.92 -31.41 7.19
C ASN A 113 -3.90 -31.30 6.07
N TRP A 114 -3.92 -30.20 5.32
CA TRP A 114 -2.98 -30.02 4.21
C TRP A 114 -1.66 -29.41 4.66
N CYS A 115 -1.64 -28.65 5.75
CA CYS A 115 -0.40 -28.04 6.21
C CYS A 115 0.61 -29.10 6.64
N ALA A 116 0.14 -30.15 7.31
CA ALA A 116 1.04 -31.23 7.73
C ALA A 116 1.52 -32.02 6.52
N TRP A 117 0.66 -32.25 5.54
CA TRP A 117 1.07 -32.98 4.35
C TRP A 117 2.11 -32.19 3.55
N PHE A 118 1.93 -30.88 3.42
CA PHE A 118 2.87 -30.08 2.65
C PHE A 118 4.24 -30.03 3.32
N LEU A 119 4.27 -30.03 4.65
CA LEU A 119 5.54 -29.99 5.39
C LEU A 119 6.05 -31.40 5.68
N ARG A 120 5.22 -32.22 6.31
CA ARG A 120 5.56 -33.61 6.63
C ARG A 120 4.69 -34.51 5.76
N MET A 121 5.22 -34.87 4.60
CA MET A 121 4.47 -35.71 3.65
C MET A 121 3.96 -36.97 4.33
N LYS A 122 2.65 -37.21 4.19
CA LYS A 122 2.01 -38.37 4.80
C LYS A 122 2.12 -39.59 3.87
N ARG A 123 3.36 -39.95 3.58
CA ARG A 123 3.68 -41.09 2.72
C ARG A 123 4.68 -41.98 3.43
N PRO A 124 4.83 -43.23 2.99
CA PRO A 124 5.79 -44.13 3.66
C PRO A 124 7.21 -43.60 3.66
N GLY A 125 7.65 -43.01 2.54
CA GLY A 125 9.02 -42.51 2.47
C GLY A 125 9.35 -41.51 3.56
N GLU A 126 8.38 -40.69 3.96
CA GLU A 126 8.59 -39.70 5.00
C GLU A 126 8.11 -40.15 6.36
N ASP A 127 7.24 -41.16 6.43
CA ASP A 127 6.75 -41.64 7.71
C ASP A 127 7.70 -42.64 8.34
N LYS A 128 8.28 -43.53 7.54
CA LYS A 128 9.18 -44.55 8.08
C LYS A 128 10.60 -44.01 8.26
N VAL A 129 11.05 -43.12 7.37
CA VAL A 129 12.40 -42.58 7.44
C VAL A 129 12.31 -41.34 8.33
N ARG A 130 12.42 -41.56 9.63
CA ARG A 130 12.39 -40.48 10.62
C ARG A 130 12.73 -41.07 11.98
N PRO A 131 13.12 -40.23 12.94
CA PRO A 131 13.44 -40.75 14.28
C PRO A 131 12.24 -41.46 14.89
N ALA A 132 12.48 -42.68 15.35
CA ALA A 132 11.43 -43.48 15.98
C ALA A 132 12.05 -44.40 17.02
N CYS A 133 11.29 -44.68 18.06
CA CYS A 133 11.75 -45.55 19.14
C CYS A 133 10.54 -45.92 20.00
N GLN A 134 10.78 -46.80 20.97
CA GLN A 134 9.75 -47.25 21.89
C GLN A 134 9.69 -46.40 23.16
N HIS A 135 10.42 -45.30 23.22
CA HIS A 135 10.42 -44.46 24.41
C HIS A 135 9.05 -43.79 24.58
N LYS A 136 8.84 -43.23 25.78
CA LYS A 136 7.58 -42.55 26.08
C LYS A 136 7.34 -41.36 25.16
N GLN A 137 8.38 -40.82 24.54
CA GLN A 137 8.21 -39.69 23.63
C GLN A 137 7.35 -40.03 22.43
N ARG A 138 7.18 -41.33 22.12
CA ARG A 138 6.38 -41.77 20.99
C ARG A 138 5.14 -42.52 21.44
N ARG A 139 4.74 -42.39 22.69
CA ARG A 139 3.56 -43.06 23.23
C ARG A 139 2.39 -42.09 23.29
N CYS A 140 1.20 -42.66 23.51
CA CYS A 140 -0.03 -41.88 23.59
C CYS A 140 -0.51 -41.83 25.04
N SER A 141 -1.13 -40.72 25.40
CA SER A 141 -1.67 -40.51 26.73
C SER A 141 -2.97 -39.73 26.63
N LEU A 142 -3.62 -39.51 27.78
CA LEU A 142 -4.88 -38.77 27.79
C LEU A 142 -4.71 -37.36 27.25
N ALA A 143 -3.54 -36.75 27.46
CA ALA A 143 -3.30 -35.39 26.96
C ALA A 143 -3.28 -35.34 25.45
N SER A 144 -2.80 -36.41 24.79
CA SER A 144 -2.73 -36.42 23.34
C SER A 144 -4.09 -36.70 22.70
N VAL A 145 -4.97 -37.42 23.41
CA VAL A 145 -6.29 -37.74 22.89
C VAL A 145 -7.16 -36.51 22.94
N GLU A 146 -7.38 -35.87 21.79
CA GLU A 146 -8.21 -34.68 21.69
C GLU A 146 -9.62 -34.99 21.23
N MET A 147 -10.13 -36.18 21.53
CA MET A 147 -11.48 -36.55 21.13
C MET A 147 -12.54 -35.82 21.94
N SER A 148 -12.20 -35.41 23.16
CA SER A 148 -13.14 -34.69 24.03
C SER A 148 -12.63 -33.30 24.37
N ALA A 149 -11.95 -32.66 23.42
CA ALA A 149 -11.41 -31.31 23.62
C ALA A 149 -10.49 -31.27 24.83
N VAL A 150 -9.51 -32.15 24.83
CA VAL A 150 -8.53 -32.23 25.91
C VAL A 150 -7.39 -31.27 25.65
N ALA A 151 -6.81 -30.73 26.71
CA ALA A 151 -5.71 -29.80 26.60
C ALA A 151 -4.53 -30.46 25.90
N PRO A 152 -4.13 -30.01 24.71
CA PRO A 152 -2.97 -30.63 24.03
C PRO A 152 -1.72 -30.51 24.89
N PRO A 153 -0.65 -31.23 24.54
CA PRO A 153 0.57 -31.16 25.32
C PRO A 153 1.15 -29.75 25.32
N PRO A 154 1.97 -29.40 26.30
CA PRO A 154 2.56 -28.05 26.33
C PRO A 154 3.43 -27.81 25.10
N ALA A 155 3.11 -26.75 24.36
CA ALA A 155 3.86 -26.39 23.18
C ALA A 155 3.57 -24.94 22.82
N SER A 156 4.53 -24.32 22.13
CA SER A 156 4.41 -22.92 21.73
C SER A 156 3.88 -22.77 20.31
N ASN A 157 3.43 -23.86 19.68
CA ASN A 157 2.92 -23.82 18.32
C ASN A 157 1.41 -23.61 18.26
N GLY A 158 0.81 -23.14 19.36
CA GLY A 158 -0.62 -22.88 19.39
C GLY A 158 -1.35 -23.76 20.39
N ASN A 159 -0.60 -24.33 21.34
CA ASN A 159 -1.18 -25.19 22.37
C ASN A 159 -1.07 -24.57 23.76
N LEU A 160 0.12 -24.15 24.18
CA LEU A 160 0.28 -23.51 25.48
C LEU A 160 -0.12 -22.05 25.43
N LEU A 161 0.22 -21.36 24.34
CA LEU A 161 -0.19 -19.96 24.19
C LEU A 161 -1.71 -19.83 24.21
N TYR A 162 -2.43 -20.86 23.78
CA TYR A 162 -3.89 -20.85 23.87
C TYR A 162 -4.33 -20.68 25.31
N ILE A 163 -3.98 -21.64 26.18
CA ILE A 163 -4.35 -21.55 27.59
C ILE A 163 -3.78 -20.30 28.23
N GLY A 164 -2.66 -19.80 27.71
CA GLY A 164 -2.05 -18.60 28.26
C GLY A 164 -2.85 -17.35 28.02
N PHE A 165 -3.09 -17.01 26.75
CA PHE A 165 -3.75 -15.75 26.40
C PHE A 165 -5.26 -15.91 26.27
N ARG A 166 -5.71 -16.91 25.51
CA ARG A 166 -7.13 -17.11 25.26
C ARG A 166 -7.85 -17.77 26.42
N GLY A 167 -7.24 -17.81 27.61
CA GLY A 167 -7.86 -18.40 28.77
C GLY A 167 -8.84 -17.45 29.42
N LEU A 168 -10.04 -17.33 28.83
CA LEU A 168 -11.06 -16.40 29.30
C LEU A 168 -11.33 -16.61 30.79
N ASP A 169 -11.97 -15.61 31.42
CA ASP A 169 -12.22 -15.67 32.86
C ASP A 169 -12.88 -16.97 33.27
N GLY A 170 -13.70 -17.55 32.40
CA GLY A 170 -14.41 -18.78 32.73
C GLY A 170 -13.52 -19.92 33.17
N VAL A 171 -12.24 -19.90 32.78
CA VAL A 171 -11.33 -21.00 33.10
C VAL A 171 -10.08 -20.49 33.79
N HIS A 172 -9.86 -19.17 33.76
CA HIS A 172 -8.65 -18.57 34.28
C HIS A 172 -8.88 -17.72 35.52
N CYS A 173 -9.78 -16.74 35.44
CA CYS A 173 -10.03 -15.84 36.56
C CYS A 173 -11.03 -16.40 37.57
N VAL A 174 -11.37 -17.69 37.48
CA VAL A 174 -12.29 -18.32 38.42
C VAL A 174 -11.66 -19.62 38.90
N PRO A 175 -10.62 -19.58 39.73
CA PRO A 175 -9.98 -20.80 40.24
C PRO A 175 -10.74 -21.42 41.43
N THR A 176 -11.80 -22.15 41.11
CA THR A 176 -12.60 -22.80 42.13
C THR A 176 -11.83 -23.92 42.83
N PRO A 177 -10.95 -24.66 42.15
CA PRO A 177 -10.18 -25.69 42.87
C PRO A 177 -9.34 -25.07 43.97
N ASP A 178 -9.31 -25.77 45.12
CA ASP A 178 -8.54 -25.31 46.26
C ASP A 178 -7.05 -25.58 46.02
N SER A 179 -6.33 -24.56 45.55
CA SER A 179 -4.91 -24.72 45.27
C SER A 179 -4.07 -24.63 46.54
N GLY A 180 -4.54 -23.90 47.55
CA GLY A 180 -3.81 -23.75 48.79
C GLY A 180 -2.82 -22.61 48.82
N VAL A 181 -2.73 -21.81 47.76
CA VAL A 181 -1.78 -20.71 47.74
C VAL A 181 -2.32 -19.51 48.50
N VAL A 182 -3.65 -19.38 48.61
CA VAL A 182 -4.23 -18.23 49.29
C VAL A 182 -3.91 -18.26 50.78
N CYS A 183 -3.73 -19.45 51.36
CA CYS A 183 -3.46 -19.58 52.79
C CYS A 183 -2.33 -20.54 53.12
N GLY A 184 -1.79 -21.27 52.14
CA GLY A 184 -0.74 -22.23 52.41
C GLY A 184 0.63 -21.72 52.01
N ARG A 185 0.70 -20.98 50.91
CA ARG A 185 1.95 -20.44 50.41
C ARG A 185 1.98 -18.92 50.56
N MET A 186 3.18 -18.38 50.76
CA MET A 186 3.37 -16.95 50.95
C MET A 186 4.12 -16.31 49.78
N ALA A 187 4.35 -17.05 48.70
CA ALA A 187 5.06 -16.53 47.54
C ALA A 187 4.15 -15.56 46.80
N CYS A 188 4.35 -14.26 47.01
CA CYS A 188 3.55 -13.22 46.37
C CYS A 188 2.07 -13.39 46.67
N SER A 189 1.76 -13.94 47.85
CA SER A 189 0.38 -14.17 48.24
C SER A 189 0.28 -14.27 49.76
N PRO A 190 0.13 -13.14 50.46
CA PRO A 190 0.00 -13.20 51.93
C PRO A 190 -1.15 -14.09 52.36
N THR A 191 -0.93 -14.85 53.43
CA THR A 191 -1.93 -15.78 53.95
C THR A 191 -2.99 -14.98 54.70
N HIS A 192 -4.00 -14.54 53.96
CA HIS A 192 -5.13 -13.79 54.52
C HIS A 192 -4.67 -12.71 55.50
N ASP A 193 -3.53 -12.10 55.23
CA ASP A 193 -2.98 -11.06 56.10
C ASP A 193 -3.72 -9.76 55.81
N GLU A 194 -4.70 -9.44 56.66
CA GLU A 194 -5.47 -8.22 56.49
C GLU A 194 -4.78 -7.00 57.07
N HIS A 195 -3.83 -7.19 58.00
CA HIS A 195 -3.12 -6.08 58.62
C HIS A 195 -1.85 -5.71 57.87
N LEU A 196 -1.63 -6.26 56.68
CA LEU A 196 -0.43 -5.96 55.90
C LEU A 196 -0.56 -4.55 55.33
N LEU A 197 0.10 -3.60 55.98
CA LEU A 197 0.10 -2.20 55.57
C LEU A 197 1.47 -1.80 55.06
N HIS A 198 1.49 -1.02 53.98
CA HIS A 198 2.75 -0.56 53.39
C HIS A 198 3.31 0.58 54.25
N GLY A 199 3.94 0.18 55.35
CA GLY A 199 4.54 1.14 56.26
C GLY A 199 3.52 2.10 56.85
N GLY A 200 2.37 1.57 57.28
CA GLY A 200 1.33 2.36 57.89
C GLY A 200 0.14 2.63 56.98
N GLN A 201 0.32 2.50 55.66
CA GLN A 201 -0.75 2.74 54.72
C GLN A 201 -1.17 1.45 54.02
N PRO A 202 -2.42 1.35 53.57
CA PRO A 202 -2.87 0.13 52.90
C PRO A 202 -2.42 0.10 51.46
N PRO A 203 -2.58 -1.04 50.77
CA PRO A 203 -2.19 -1.10 49.35
C PRO A 203 -3.02 -0.18 48.49
N GLU A 204 -2.71 -0.13 47.18
CA GLU A 204 -3.43 0.71 46.24
C GLU A 204 -3.35 2.18 46.65
N GLY A 205 -2.11 2.70 46.64
CA GLY A 205 -1.90 4.08 47.04
C GLY A 205 -2.76 5.06 46.27
N ASP A 206 -3.04 4.77 45.00
CA ASP A 206 -3.84 5.65 44.17
C ASP A 206 -4.68 4.84 43.18
N PRO A 207 -6.01 4.84 43.31
CA PRO A 207 -6.83 4.08 42.35
C PRO A 207 -6.62 4.49 40.90
N ASP A 208 -6.11 5.70 40.66
CA ASP A 208 -5.86 6.13 39.29
C ASP A 208 -4.87 5.20 38.59
N LEU A 209 -3.90 4.66 39.34
CA LEU A 209 -2.96 3.71 38.74
C LEU A 209 -3.66 2.44 38.29
N ALA A 210 -4.69 2.01 39.02
CA ALA A 210 -5.44 0.83 38.62
C ALA A 210 -6.11 1.03 37.27
N LYS A 211 -6.61 2.24 37.01
CA LYS A 211 -7.24 2.53 35.72
C LYS A 211 -6.20 2.73 34.63
N ILE A 212 -5.05 3.33 34.97
CA ILE A 212 -3.98 3.46 34.00
C ILE A 212 -3.51 2.09 33.54
N LEU A 213 -3.35 1.16 34.48
CA LEU A 213 -2.96 -0.19 34.12
C LEU A 213 -4.03 -0.88 33.28
N GLU A 214 -5.31 -0.65 33.61
CA GLU A 214 -6.38 -1.25 32.84
C GLU A 214 -6.37 -0.75 31.40
N GLU A 215 -6.12 0.56 31.21
CA GLU A 215 -6.08 1.11 29.85
C GLU A 215 -4.84 0.62 29.11
N VAL A 216 -3.70 0.51 29.80
CA VAL A 216 -2.49 0.00 29.16
C VAL A 216 -2.67 -1.45 28.77
N ARG A 217 -3.48 -2.21 29.52
CA ARG A 217 -3.77 -3.59 29.17
C ARG A 217 -4.79 -3.67 28.03
N TYR A 218 -5.73 -2.72 27.96
CA TYR A 218 -6.61 -2.63 26.80
C TYR A 218 -5.82 -2.32 25.54
N ILE A 219 -4.75 -1.52 25.67
CA ILE A 219 -3.88 -1.26 24.52
C ILE A 219 -3.21 -2.56 24.06
N ALA A 220 -2.74 -3.37 25.02
CA ALA A 220 -2.15 -4.65 24.66
C ALA A 220 -3.17 -5.59 24.04
N ASN A 221 -4.42 -5.52 24.51
CA ASN A 221 -5.47 -6.33 23.91
C ASN A 221 -5.77 -5.89 22.48
N ARG A 222 -5.70 -4.58 22.22
CA ARG A 222 -5.85 -4.09 20.85
C ARG A 222 -4.70 -4.58 19.97
N PHE A 223 -3.48 -4.54 20.50
CA PHE A 223 -2.35 -5.07 19.75
C PHE A 223 -2.52 -6.55 19.47
N ARG A 224 -3.05 -7.30 20.43
CA ARG A 224 -3.28 -8.72 20.23
C ARG A 224 -4.37 -8.97 19.20
N CYS A 225 -5.40 -8.11 19.18
CA CYS A 225 -6.42 -8.22 18.15
C CYS A 225 -5.84 -7.94 16.76
N GLN A 226 -4.95 -6.95 16.67
CA GLN A 226 -4.26 -6.69 15.41
C GLN A 226 -3.43 -7.91 15.00
N ASP A 227 -2.73 -8.53 15.95
CA ASP A 227 -1.95 -9.72 15.65
C ASP A 227 -2.85 -10.86 15.18
N GLU A 228 -4.04 -10.99 15.78
CA GLU A 228 -4.98 -12.03 15.37
C GLU A 228 -5.49 -11.76 13.95
N SER A 229 -5.75 -10.50 13.62
CA SER A 229 -6.14 -10.16 12.26
C SER A 229 -5.02 -10.49 11.28
N GLU A 230 -3.77 -10.20 11.65
CA GLU A 230 -2.65 -10.56 10.79
C GLU A 230 -2.55 -12.07 10.62
N ALA A 231 -2.81 -12.82 11.70
CA ALA A 231 -2.78 -14.27 11.61
C ALA A 231 -3.88 -14.80 10.71
N VAL A 232 -5.06 -14.19 10.77
CA VAL A 232 -6.15 -14.58 9.88
C VAL A 232 -5.78 -14.28 8.43
N CYS A 233 -5.15 -13.14 8.18
CA CYS A 233 -4.69 -12.83 6.84
C CYS A 233 -3.66 -13.83 6.36
N SER A 234 -2.74 -14.25 7.25
CA SER A 234 -1.74 -15.24 6.88
C SER A 234 -2.39 -16.59 6.59
N GLU A 235 -3.44 -16.94 7.35
CA GLU A 235 -4.16 -18.17 7.09
C GLU A 235 -4.86 -18.13 5.74
N TRP A 236 -5.46 -16.99 5.40
CA TRP A 236 -6.07 -16.83 4.08
C TRP A 236 -5.03 -16.94 2.99
N LYS A 237 -3.85 -16.37 3.21
CA LYS A 237 -2.75 -16.47 2.25
C LYS A 237 -2.32 -17.92 2.07
N PHE A 238 -2.22 -18.66 3.17
CA PHE A 238 -1.85 -20.08 3.10
C PHE A 238 -2.90 -20.87 2.34
N ALA A 239 -4.18 -20.58 2.58
CA ALA A 239 -5.24 -21.26 1.84
C ALA A 239 -5.17 -20.94 0.36
N ALA A 240 -4.90 -19.68 0.02
CA ALA A 240 -4.76 -19.31 -1.39
C ALA A 240 -3.61 -20.05 -2.03
N CYS A 241 -2.46 -20.14 -1.34
CA CYS A 241 -1.32 -20.86 -1.89
C CYS A 241 -1.63 -22.34 -2.05
N VAL A 242 -2.38 -22.92 -1.10
CA VAL A 242 -2.72 -24.34 -1.16
C VAL A 242 -3.61 -24.60 -2.37
N VAL A 243 -4.64 -23.77 -2.56
CA VAL A 243 -5.53 -23.97 -3.70
C VAL A 243 -4.79 -23.73 -5.01
N ASP A 244 -3.85 -22.78 -5.03
CA ASP A 244 -3.06 -22.54 -6.23
C ASP A 244 -2.21 -23.77 -6.56
N ARG A 245 -1.56 -24.35 -5.55
CA ARG A 245 -0.75 -25.54 -5.80
C ARG A 245 -1.61 -26.71 -6.24
N LEU A 246 -2.82 -26.84 -5.66
CA LEU A 246 -3.72 -27.90 -6.08
C LEU A 246 -4.14 -27.73 -7.54
N CYS A 247 -4.48 -26.50 -7.92
CA CYS A 247 -4.84 -26.25 -9.32
C CYS A 247 -3.66 -26.52 -10.25
N LEU A 248 -2.45 -26.17 -9.82
CA LEU A 248 -1.27 -26.44 -10.63
C LEU A 248 -1.07 -27.94 -10.82
N MET A 249 -1.19 -28.72 -9.73
CA MET A 249 -1.03 -30.16 -9.83
C MET A 249 -2.12 -30.78 -10.69
N ALA A 250 -3.34 -30.24 -10.64
CA ALA A 250 -4.43 -30.78 -11.43
C ALA A 250 -4.31 -30.42 -12.90
N PHE A 251 -3.72 -29.26 -13.22
CA PHE A 251 -3.57 -28.82 -14.60
C PHE A 251 -2.30 -29.35 -15.25
N SER A 252 -1.31 -29.79 -14.46
CA SER A 252 -0.10 -30.36 -15.04
C SER A 252 -0.44 -31.58 -15.90
N VAL A 253 -1.24 -32.50 -15.37
CA VAL A 253 -1.60 -33.70 -16.12
C VAL A 253 -2.44 -33.35 -17.34
N PHE A 254 -3.32 -32.36 -17.20
CA PHE A 254 -4.14 -31.93 -18.34
C PHE A 254 -3.26 -31.38 -19.46
N THR A 255 -2.28 -30.54 -19.10
CA THR A 255 -1.38 -29.99 -20.12
C THR A 255 -0.52 -31.09 -20.74
N ILE A 256 -0.09 -32.07 -19.94
CA ILE A 256 0.68 -33.17 -20.48
C ILE A 256 -0.14 -33.96 -21.48
N ILE A 257 -1.40 -34.24 -21.14
CA ILE A 257 -2.27 -34.98 -22.05
C ILE A 257 -2.53 -34.18 -23.32
N CYS A 258 -2.72 -32.86 -23.18
CA CYS A 258 -2.94 -32.03 -24.35
C CYS A 258 -1.73 -32.03 -25.27
N THR A 259 -0.52 -31.96 -24.69
CA THR A 259 0.69 -32.02 -25.50
C THR A 259 0.84 -33.37 -26.19
N ILE A 260 0.56 -34.46 -25.46
CA ILE A 260 0.64 -35.79 -26.05
C ILE A 260 -0.34 -35.90 -27.22
N GLY A 261 -1.53 -35.34 -27.06
CA GLY A 261 -2.50 -35.38 -28.14
C GLY A 261 -2.06 -34.57 -29.34
N ILE A 262 -1.59 -33.34 -29.09
CA ILE A 262 -1.11 -32.50 -30.19
C ILE A 262 0.03 -33.18 -30.92
N LEU A 263 0.86 -33.95 -30.21
CA LEU A 263 1.95 -34.67 -30.86
C LEU A 263 1.42 -35.84 -31.69
N MET A 264 0.51 -36.62 -31.10
CA MET A 264 -0.05 -37.77 -31.81
C MET A 264 -1.07 -37.36 -32.86
N SER A 265 -1.70 -36.20 -32.70
CA SER A 265 -2.71 -35.73 -33.63
C SER A 265 -2.14 -34.78 -34.68
N ALA A 266 -0.82 -34.62 -34.74
CA ALA A 266 -0.20 -33.74 -35.72
C ALA A 266 -0.40 -34.27 -37.13
N PRO A 267 -0.21 -35.57 -37.38
CA PRO A 267 -0.44 -36.08 -38.74
C PRO A 267 -1.84 -35.84 -39.27
N ASN A 268 -2.84 -35.77 -38.39
CA ASN A 268 -4.21 -35.55 -38.83
C ASN A 268 -4.38 -34.16 -39.44
N PHE A 269 -3.80 -33.14 -38.79
CA PHE A 269 -3.90 -31.77 -39.29
C PHE A 269 -2.74 -31.43 -40.22
N VAL A 270 -1.51 -31.57 -39.73
CA VAL A 270 -0.32 -31.28 -40.53
C VAL A 270 -0.12 -32.38 -41.57
N LEU B 7 18.66 -2.32 -46.68
CA LEU B 7 19.30 -2.09 -45.39
C LEU B 7 18.26 -1.84 -44.31
N TYR B 8 17.17 -1.15 -44.68
CA TYR B 8 16.12 -0.86 -43.71
C TYR B 8 15.47 -2.14 -43.18
N TYR B 9 15.36 -3.16 -44.03
CA TYR B 9 14.76 -4.42 -43.60
C TYR B 9 15.59 -5.04 -42.48
N GLY B 10 16.91 -5.05 -42.61
CA GLY B 10 17.75 -5.60 -41.56
C GLY B 10 17.68 -4.81 -40.27
N LEU B 11 17.60 -3.48 -40.39
CA LEU B 11 17.48 -2.65 -39.19
C LEU B 11 16.15 -2.88 -38.49
N ASN B 12 15.08 -3.08 -39.25
CA ASN B 12 13.77 -3.33 -38.66
C ASN B 12 13.79 -4.52 -37.71
N LEU B 13 14.67 -5.49 -37.97
CA LEU B 13 14.79 -6.66 -37.11
C LEU B 13 15.93 -6.55 -36.11
N LEU B 14 16.95 -5.73 -36.39
CA LEU B 14 18.07 -5.59 -35.48
C LEU B 14 17.74 -4.66 -34.31
N ILE B 15 17.10 -3.52 -34.60
CA ILE B 15 16.84 -2.54 -33.55
C ILE B 15 15.91 -3.11 -32.48
N PRO B 16 14.78 -3.74 -32.81
CA PRO B 16 13.92 -4.27 -31.74
C PRO B 16 14.61 -5.35 -30.91
N CYS B 17 15.42 -6.19 -31.54
CA CYS B 17 16.13 -7.23 -30.80
C CYS B 17 17.07 -6.61 -29.77
N VAL B 18 17.86 -5.61 -30.18
CA VAL B 18 18.77 -4.97 -29.24
C VAL B 18 17.99 -4.24 -28.15
N LEU B 19 16.88 -3.60 -28.51
CA LEU B 19 16.07 -2.91 -27.52
C LEU B 19 15.54 -3.88 -26.47
N ILE B 20 15.04 -5.04 -26.91
CA ILE B 20 14.53 -6.03 -25.98
C ILE B 20 15.65 -6.60 -25.13
N SER B 21 16.82 -6.82 -25.72
CA SER B 21 17.95 -7.33 -24.96
C SER B 21 18.39 -6.35 -23.88
N ALA B 22 18.34 -5.05 -24.19
CA ALA B 22 18.69 -4.04 -23.20
C ALA B 22 17.62 -3.94 -22.11
N LEU B 23 16.35 -4.02 -22.51
CA LEU B 23 15.27 -3.97 -21.52
C LEU B 23 15.33 -5.16 -20.58
N ALA B 24 15.73 -6.32 -21.08
CA ALA B 24 15.88 -7.49 -20.23
C ALA B 24 16.92 -7.26 -19.15
N LEU B 25 18.08 -6.72 -19.54
CA LEU B 25 19.13 -6.42 -18.56
C LEU B 25 18.67 -5.33 -17.59
N LEU B 26 17.92 -4.34 -18.07
CA LEU B 26 17.45 -3.28 -17.20
C LEU B 26 16.46 -3.80 -16.17
N VAL B 27 15.63 -4.78 -16.56
CA VAL B 27 14.68 -5.36 -15.62
C VAL B 27 15.41 -5.97 -14.42
N PHE B 28 16.54 -6.62 -14.67
CA PHE B 28 17.32 -7.20 -13.59
C PHE B 28 18.11 -6.14 -12.83
N LEU B 29 18.56 -5.08 -13.53
CA LEU B 29 19.29 -4.01 -12.86
C LEU B 29 18.44 -3.34 -11.78
N LEU B 30 17.13 -3.31 -11.96
CA LEU B 30 16.25 -2.72 -10.96
C LEU B 30 16.29 -3.55 -9.68
N PRO B 31 16.44 -2.95 -8.51
CA PRO B 31 16.42 -3.73 -7.27
C PRO B 31 15.10 -4.46 -7.09
N ALA B 32 15.05 -5.28 -6.04
CA ALA B 32 13.86 -6.07 -5.76
C ALA B 32 12.66 -5.19 -5.44
N ASP B 33 11.67 -5.20 -6.33
CA ASP B 33 10.44 -4.44 -6.15
C ASP B 33 9.27 -5.32 -6.52
N SER B 34 8.36 -5.56 -5.56
CA SER B 34 7.27 -6.48 -5.78
C SER B 34 6.31 -5.95 -6.85
N GLY B 35 5.74 -4.77 -6.62
CA GLY B 35 4.72 -4.25 -7.51
C GLY B 35 5.20 -3.60 -8.78
N GLU B 36 6.52 -3.40 -8.92
CA GLU B 36 7.08 -2.75 -10.09
C GLU B 36 7.76 -3.71 -11.04
N LYS B 37 8.59 -4.62 -10.53
CA LYS B 37 9.30 -5.54 -11.41
C LYS B 37 8.34 -6.31 -12.31
N ILE B 38 7.18 -6.71 -11.77
CA ILE B 38 6.19 -7.40 -12.58
C ILE B 38 5.81 -6.55 -13.78
N SER B 39 5.50 -5.28 -13.56
CA SER B 39 5.15 -4.39 -14.66
C SER B 39 6.27 -4.36 -15.70
N LEU B 40 7.52 -4.52 -15.28
CA LEU B 40 8.62 -4.59 -16.23
C LEU B 40 8.80 -5.98 -16.80
N GLY B 41 8.50 -7.02 -16.02
CA GLY B 41 8.67 -8.38 -16.50
C GLY B 41 7.54 -8.91 -17.34
N ILE B 42 6.37 -8.27 -17.28
CA ILE B 42 5.20 -8.74 -18.03
C ILE B 42 5.18 -8.10 -19.40
N THR B 43 5.14 -6.76 -19.45
CA THR B 43 5.03 -6.06 -20.72
C THR B 43 6.22 -6.36 -21.62
N VAL B 44 7.40 -6.60 -21.05
CA VAL B 44 8.57 -6.93 -21.85
C VAL B 44 8.29 -8.13 -22.75
N LEU B 45 7.41 -9.04 -22.30
CA LEU B 45 7.03 -10.16 -23.14
C LEU B 45 6.08 -9.73 -24.25
N LEU B 46 5.08 -8.90 -23.92
CA LEU B 46 4.14 -8.43 -24.92
C LEU B 46 4.87 -7.73 -26.07
N SER B 47 5.79 -6.81 -25.73
CA SER B 47 6.55 -6.10 -26.75
C SER B 47 7.24 -7.07 -27.69
N LEU B 48 7.56 -8.28 -27.22
CA LEU B 48 8.18 -9.28 -28.09
C LEU B 48 7.14 -9.90 -29.03
N THR B 49 5.98 -10.26 -28.49
CA THR B 49 4.94 -10.87 -29.32
C THR B 49 4.55 -9.95 -30.47
N VAL B 50 4.27 -8.68 -30.17
CA VAL B 50 3.93 -7.72 -31.20
C VAL B 50 5.01 -7.67 -32.27
N PHE B 51 6.27 -7.92 -31.89
CA PHE B 51 7.34 -7.98 -32.87
C PHE B 51 7.29 -9.28 -33.66
N MET B 52 7.12 -10.40 -32.96
CA MET B 52 7.07 -11.69 -33.63
C MET B 52 6.03 -11.68 -34.75
N LEU B 53 4.82 -11.21 -34.44
CA LEU B 53 3.77 -11.10 -35.46
C LEU B 53 4.28 -10.36 -36.68
N LEU B 54 4.97 -9.23 -36.46
CA LEU B 54 5.46 -8.44 -37.59
C LEU B 54 6.31 -9.29 -38.53
N VAL B 55 7.11 -10.20 -37.96
CA VAL B 55 7.91 -11.10 -38.80
C VAL B 55 6.99 -11.86 -39.76
N ALA B 56 5.95 -12.50 -39.23
CA ALA B 56 5.02 -13.24 -40.07
C ALA B 56 4.43 -12.38 -41.17
N GLU B 57 4.44 -11.05 -41.01
CA GLU B 57 3.92 -10.16 -42.04
C GLU B 57 4.96 -9.82 -43.10
N ILE B 58 6.23 -9.71 -42.71
CA ILE B 58 7.30 -9.34 -43.64
C ILE B 58 8.07 -10.56 -44.11
N MET B 59 8.26 -11.55 -43.24
CA MET B 59 9.01 -12.75 -43.60
C MET B 59 8.05 -13.87 -43.94
N PRO B 60 8.28 -14.62 -45.03
CA PRO B 60 7.38 -15.73 -45.37
C PRO B 60 7.56 -16.88 -44.40
N SER B 61 6.49 -17.23 -43.69
CA SER B 61 6.55 -18.31 -42.70
C SER B 61 6.54 -19.68 -43.35
N THR B 62 5.95 -19.81 -44.53
CA THR B 62 5.84 -21.09 -45.22
C THR B 62 6.98 -21.35 -46.19
N SER B 63 7.90 -20.40 -46.36
CA SER B 63 9.00 -20.57 -47.30
C SER B 63 10.35 -20.37 -46.61
N ASP B 64 10.41 -19.45 -45.64
CA ASP B 64 11.66 -19.13 -44.95
C ASP B 64 11.96 -20.26 -43.95
N SER B 65 12.50 -21.35 -44.48
CA SER B 65 12.89 -22.49 -43.67
C SER B 65 14.30 -22.25 -43.12
N SER B 66 14.36 -21.39 -42.12
CA SER B 66 15.63 -21.02 -41.48
C SER B 66 15.57 -21.35 -40.00
N PRO B 67 16.12 -22.50 -39.57
CA PRO B 67 16.05 -22.85 -38.13
C PRO B 67 16.90 -21.96 -37.25
N SER B 68 17.85 -21.20 -37.81
CA SER B 68 18.68 -20.34 -36.98
C SER B 68 17.87 -19.21 -36.35
N ILE B 69 17.09 -18.49 -37.16
CA ILE B 69 16.25 -17.42 -36.63
C ILE B 69 15.21 -17.99 -35.67
N ALA B 70 14.69 -19.19 -35.95
CA ALA B 70 13.73 -19.81 -35.05
C ALA B 70 14.36 -20.09 -33.70
N GLN B 71 15.57 -20.65 -33.70
CA GLN B 71 16.25 -20.94 -32.44
C GLN B 71 16.57 -19.64 -31.70
N TYR B 72 16.93 -18.59 -32.42
CA TYR B 72 17.23 -17.32 -31.76
C TYR B 72 15.98 -16.73 -31.13
N PHE B 73 14.85 -16.78 -31.83
CA PHE B 73 13.60 -16.29 -31.25
C PHE B 73 13.19 -17.13 -30.05
N ALA B 74 13.40 -18.44 -30.12
CA ALA B 74 13.08 -19.31 -29.00
C ALA B 74 13.95 -18.97 -27.79
N SER B 75 15.24 -18.70 -28.02
CA SER B 75 16.13 -18.31 -26.93
C SER B 75 15.71 -16.98 -26.32
N THR B 76 15.32 -16.02 -27.16
CA THR B 76 14.85 -14.73 -26.64
C THR B 76 13.59 -14.91 -25.81
N MET B 77 12.66 -15.74 -26.28
CA MET B 77 11.45 -16.01 -25.52
C MET B 77 11.77 -16.69 -24.20
N ILE B 78 12.70 -17.63 -24.21
CA ILE B 78 13.09 -18.33 -22.99
C ILE B 78 13.74 -17.35 -22.01
N ILE B 79 14.49 -16.37 -22.52
CA ILE B 79 15.13 -15.40 -21.65
C ILE B 79 14.10 -14.49 -21.02
N VAL B 80 13.19 -13.96 -21.83
CA VAL B 80 12.15 -13.08 -21.29
C VAL B 80 11.21 -13.84 -20.36
N GLY B 81 11.10 -15.16 -20.52
CA GLY B 81 10.33 -15.96 -19.59
C GLY B 81 11.06 -16.20 -18.29
N LEU B 82 12.34 -16.53 -18.38
CA LEU B 82 13.16 -16.69 -17.18
C LEU B 82 13.21 -15.39 -16.38
N SER B 83 13.08 -14.25 -17.05
CA SER B 83 12.90 -13.00 -16.32
C SER B 83 11.64 -13.06 -15.46
N VAL B 84 10.55 -13.58 -16.01
CA VAL B 84 9.31 -13.72 -15.24
C VAL B 84 9.52 -14.71 -14.10
N VAL B 85 10.27 -15.79 -14.34
CA VAL B 85 10.54 -16.76 -13.28
C VAL B 85 11.33 -16.12 -12.15
N VAL B 86 12.28 -15.25 -12.50
CA VAL B 86 13.08 -14.58 -11.48
C VAL B 86 12.23 -13.61 -10.68
N THR B 87 11.36 -12.87 -11.37
CA THR B 87 10.45 -11.97 -10.65
C THR B 87 9.52 -12.76 -9.72
N VAL B 88 9.06 -13.92 -10.16
CA VAL B 88 8.21 -14.76 -9.33
C VAL B 88 8.97 -15.28 -8.12
N ILE B 89 10.23 -15.67 -8.32
CA ILE B 89 11.05 -16.13 -7.20
C ILE B 89 11.28 -15.00 -6.21
N VAL B 90 11.48 -13.78 -6.70
CA VAL B 90 11.65 -12.64 -5.82
C VAL B 90 10.37 -12.39 -5.03
N LEU B 91 9.22 -12.46 -5.69
CA LEU B 91 7.94 -12.27 -5.01
C LEU B 91 7.73 -13.35 -3.95
N GLN B 92 8.15 -14.58 -4.25
CA GLN B 92 8.01 -15.67 -3.28
C GLN B 92 8.92 -15.45 -2.07
N TYR B 93 10.16 -15.00 -2.32
CA TYR B 93 11.06 -14.69 -1.22
C TYR B 93 10.53 -13.54 -0.37
N HIS B 94 9.84 -12.58 -1.00
CA HIS B 94 9.22 -11.49 -0.27
C HIS B 94 7.92 -11.91 0.41
N HIS B 95 7.33 -13.03 0.01
CA HIS B 95 6.07 -13.52 0.54
C HIS B 95 6.17 -15.00 0.87
N HIS B 96 7.22 -15.36 1.61
CA HIS B 96 7.45 -16.76 1.98
C HIS B 96 6.21 -17.38 2.61
N ASP B 97 6.07 -18.70 2.51
CA ASP B 97 4.91 -19.41 3.03
C ASP B 97 5.17 -19.83 4.48
N PRO B 98 4.29 -19.48 5.42
CA PRO B 98 4.53 -19.87 6.82
C PRO B 98 4.65 -21.38 7.02
N ASP B 99 4.09 -22.19 6.13
CA ASP B 99 4.15 -23.63 6.31
C ASP B 99 5.52 -24.19 5.97
N GLY B 100 6.25 -23.56 5.06
CA GLY B 100 7.57 -24.03 4.69
C GLY B 100 8.17 -23.13 3.63
N GLY B 101 9.43 -23.42 3.31
CA GLY B 101 10.13 -22.64 2.30
C GLY B 101 11.60 -23.04 2.24
N LYS B 102 12.40 -22.14 1.67
CA LYS B 102 13.82 -22.40 1.54
C LYS B 102 14.46 -22.55 2.92
N MET B 103 15.52 -23.36 2.97
CA MET B 103 16.25 -23.58 4.21
C MET B 103 16.75 -22.25 4.77
N PRO B 104 16.38 -21.87 6.00
CA PRO B 104 16.83 -20.56 6.50
C PRO B 104 18.35 -20.43 6.56
N LYS B 105 19.04 -21.38 7.19
CA LYS B 105 20.48 -21.25 7.38
C LYS B 105 21.23 -21.38 6.06
N TRP B 106 20.78 -22.30 5.19
CA TRP B 106 21.47 -22.49 3.91
C TRP B 106 21.49 -21.21 3.10
N THR B 107 20.40 -20.45 3.13
CA THR B 107 20.36 -19.18 2.40
C THR B 107 21.04 -18.05 3.18
N ARG B 108 20.94 -18.08 4.52
CA ARG B 108 21.57 -17.03 5.32
C ARG B 108 23.08 -17.07 5.18
N VAL B 109 23.66 -18.26 5.11
CA VAL B 109 25.11 -18.37 4.94
C VAL B 109 25.54 -17.77 3.60
N ILE B 110 24.80 -18.10 2.54
CA ILE B 110 25.14 -17.57 1.22
C ILE B 110 24.97 -16.05 1.21
N LEU B 111 23.93 -15.54 1.87
CA LEU B 111 23.73 -14.10 1.91
C LEU B 111 24.85 -13.40 2.68
N LEU B 112 25.28 -13.98 3.80
CA LEU B 112 26.37 -13.38 4.56
C LEU B 112 27.68 -13.46 3.82
N ASN B 113 27.86 -14.48 2.98
CA ASN B 113 29.08 -14.58 2.18
C ASN B 113 29.07 -13.65 0.99
N TRP B 114 27.89 -13.34 0.44
CA TRP B 114 27.79 -12.46 -0.70
C TRP B 114 27.74 -10.99 -0.32
N CYS B 115 27.25 -10.67 0.88
CA CYS B 115 27.17 -9.27 1.29
C CYS B 115 28.55 -8.64 1.41
N ALA B 116 29.52 -9.40 1.94
CA ALA B 116 30.87 -8.88 2.06
C ALA B 116 31.52 -8.73 0.69
N TRP B 117 31.26 -9.68 -0.21
CA TRP B 117 31.83 -9.59 -1.56
C TRP B 117 31.27 -8.40 -2.32
N PHE B 118 29.97 -8.16 -2.20
CA PHE B 118 29.36 -7.04 -2.92
C PHE B 118 29.87 -5.69 -2.41
N LEU B 119 30.15 -5.59 -1.11
CA LEU B 119 30.66 -4.35 -0.54
C LEU B 119 32.18 -4.32 -0.56
N ARG B 120 32.82 -5.33 0.01
CA ARG B 120 34.27 -5.45 0.05
C ARG B 120 34.66 -6.62 -0.86
N MET B 121 34.94 -6.30 -2.12
CA MET B 121 35.28 -7.33 -3.10
C MET B 121 36.44 -8.18 -2.59
N LYS B 122 36.23 -9.50 -2.63
CA LYS B 122 37.24 -10.46 -2.15
C LYS B 122 38.22 -10.80 -3.28
N ARG B 123 38.88 -9.76 -3.78
CA ARG B 123 39.86 -9.88 -4.85
C ARG B 123 41.14 -9.19 -4.43
N PRO B 124 42.26 -9.48 -5.11
CA PRO B 124 43.53 -8.84 -4.73
C PRO B 124 43.47 -7.32 -4.79
N GLY B 125 42.84 -6.77 -5.83
CA GLY B 125 42.79 -5.32 -5.97
C GLY B 125 42.19 -4.62 -4.77
N GLU B 126 41.19 -5.25 -4.13
CA GLU B 126 40.54 -4.67 -2.97
C GLU B 126 41.08 -5.21 -1.65
N ASP B 127 41.76 -6.35 -1.67
CA ASP B 127 42.30 -6.91 -0.43
C ASP B 127 43.65 -6.30 -0.09
N LYS B 128 44.51 -6.08 -1.09
CA LYS B 128 45.84 -5.54 -0.84
C LYS B 128 45.82 -4.02 -0.73
N VAL B 129 44.97 -3.36 -1.50
CA VAL B 129 44.89 -1.89 -1.49
C VAL B 129 43.89 -1.51 -0.41
N ARG B 130 44.39 -1.42 0.83
CA ARG B 130 43.58 -1.05 1.97
C ARG B 130 44.51 -0.85 3.16
N PRO B 131 44.04 -0.14 4.20
CA PRO B 131 44.89 0.06 5.38
C PRO B 131 45.30 -1.27 6.00
N ALA B 132 46.61 -1.43 6.22
CA ALA B 132 47.14 -2.64 6.81
C ALA B 132 48.40 -2.30 7.59
N CYS B 133 48.63 -3.06 8.66
CA CYS B 133 49.80 -2.85 9.51
C CYS B 133 49.94 -4.07 10.42
N GLN B 134 51.02 -4.07 11.19
CA GLN B 134 51.30 -5.14 12.14
C GLN B 134 50.77 -4.86 13.54
N HIS B 135 49.97 -3.81 13.70
CA HIS B 135 49.43 -3.47 15.01
C HIS B 135 48.41 -4.52 15.45
N LYS B 136 48.07 -4.48 16.74
CA LYS B 136 47.11 -5.42 17.30
C LYS B 136 45.75 -5.32 16.63
N GLN B 137 45.44 -4.19 15.99
CA GLN B 137 44.15 -4.02 15.32
C GLN B 137 43.97 -5.01 14.18
N ARG B 138 45.05 -5.61 13.68
CA ARG B 138 44.99 -6.57 12.60
C ARG B 138 45.40 -7.98 13.04
N ARG B 139 45.39 -8.23 14.34
CA ARG B 139 45.76 -9.53 14.88
C ARG B 139 44.51 -10.32 15.25
N CYS B 140 44.70 -11.62 15.51
CA CYS B 140 43.62 -12.52 15.86
C CYS B 140 43.71 -12.88 17.33
N SER B 141 42.55 -13.09 17.95
CA SER B 141 42.46 -13.45 19.36
C SER B 141 41.31 -14.43 19.54
N LEU B 142 41.14 -14.90 20.77
CA LEU B 142 40.06 -15.85 21.07
C LEU B 142 38.69 -15.25 20.76
N ALA B 143 38.54 -13.94 20.93
CA ALA B 143 37.25 -13.31 20.66
C ALA B 143 36.91 -13.33 19.18
N SER B 144 37.92 -13.28 18.31
CA SER B 144 37.66 -13.29 16.87
C SER B 144 37.37 -14.69 16.35
N VAL B 145 37.90 -15.72 17.02
CA VAL B 145 37.68 -17.10 16.60
C VAL B 145 36.28 -17.52 16.98
N GLU B 146 35.38 -17.58 15.98
CA GLU B 146 34.00 -17.97 16.18
C GLU B 146 33.75 -19.45 15.85
N MET B 147 34.77 -20.29 16.00
CA MET B 147 34.61 -21.71 15.69
C MET B 147 33.77 -22.42 16.73
N SER B 148 33.72 -21.90 17.96
CA SER B 148 32.96 -22.50 19.05
C SER B 148 31.88 -21.55 19.56
N ALA B 149 31.30 -20.76 18.66
CA ALA B 149 30.26 -19.80 19.02
C ALA B 149 30.74 -18.83 20.10
N VAL B 150 31.88 -18.20 19.85
CA VAL B 150 32.48 -17.26 20.77
C VAL B 150 31.88 -15.88 20.54
N ALA B 151 31.77 -15.10 21.61
CA ALA B 151 31.22 -13.76 21.53
C ALA B 151 32.07 -12.90 20.60
N PRO B 152 31.54 -12.44 19.47
CA PRO B 152 32.33 -11.59 18.57
C PRO B 152 32.78 -10.32 19.28
N PRO B 153 33.71 -9.57 18.69
CA PRO B 153 34.18 -8.34 19.32
C PRO B 153 33.04 -7.34 19.50
N PRO B 154 33.17 -6.40 20.43
CA PRO B 154 32.11 -5.41 20.61
C PRO B 154 31.92 -4.57 19.36
N ALA B 155 30.68 -4.56 18.85
CA ALA B 155 30.36 -3.79 17.67
C ALA B 155 28.85 -3.61 17.60
N SER B 156 28.42 -2.53 16.94
CA SER B 156 27.01 -2.22 16.79
C SER B 156 26.43 -2.74 15.48
N ASN B 157 27.17 -3.57 14.75
CA ASN B 157 26.72 -4.12 13.48
C ASN B 157 26.04 -5.46 13.63
N GLY B 158 25.62 -5.82 14.85
CA GLY B 158 24.95 -7.09 15.09
C GLY B 158 25.74 -8.01 16.00
N ASN B 159 26.69 -7.44 16.75
CA ASN B 159 27.52 -8.19 17.68
C ASN B 159 27.25 -7.82 19.13
N LEU B 160 27.32 -6.53 19.46
CA LEU B 160 27.04 -6.10 20.83
C LEU B 160 25.54 -6.01 21.09
N LEU B 161 24.78 -5.52 20.10
CA LEU B 161 23.33 -5.46 20.24
C LEU B 161 22.74 -6.84 20.47
N TYR B 162 23.39 -7.89 19.95
CA TYR B 162 22.95 -9.25 20.22
C TYR B 162 22.94 -9.54 21.71
N ILE B 163 24.12 -9.46 22.35
CA ILE B 163 24.19 -9.70 23.78
C ILE B 163 23.34 -8.71 24.56
N GLY B 164 23.11 -7.53 24.00
CA GLY B 164 22.31 -6.52 24.67
C GLY B 164 20.84 -6.87 24.76
N PHE B 165 20.21 -7.09 23.60
CA PHE B 165 18.77 -7.32 23.54
C PHE B 165 18.41 -8.80 23.56
N ARG B 166 19.05 -9.60 22.70
CA ARG B 166 18.73 -11.02 22.59
C ARG B 166 19.36 -11.86 23.69
N GLY B 167 19.83 -11.22 24.77
CA GLY B 167 20.41 -11.95 25.89
C GLY B 167 19.35 -12.53 26.80
N LEU B 168 18.74 -13.64 26.38
CA LEU B 168 17.67 -14.26 27.12
C LEU B 168 18.06 -14.51 28.57
N ASP B 169 17.07 -14.75 29.43
CA ASP B 169 17.33 -14.93 30.85
C ASP B 169 18.43 -15.96 31.12
N GLY B 170 18.53 -16.97 30.25
CA GLY B 170 19.51 -18.03 30.44
C GLY B 170 20.94 -17.54 30.58
N VAL B 171 21.24 -16.35 30.06
CA VAL B 171 22.61 -15.83 30.06
C VAL B 171 22.66 -14.44 30.69
N HIS B 172 21.50 -13.81 30.86
CA HIS B 172 21.43 -12.43 31.33
C HIS B 172 20.81 -12.32 32.72
N CYS B 173 19.60 -12.85 32.92
CA CYS B 173 18.91 -12.72 34.19
C CYS B 173 19.33 -13.79 35.20
N VAL B 174 20.40 -14.54 34.92
CA VAL B 174 20.88 -15.57 35.84
C VAL B 174 22.39 -15.38 36.01
N PRO B 175 22.83 -14.34 36.72
CA PRO B 175 24.27 -14.12 36.93
C PRO B 175 24.84 -14.96 38.07
N THR B 176 25.14 -16.21 37.75
CA THR B 176 25.70 -17.14 38.73
C THR B 176 27.12 -16.74 39.14
N PRO B 177 27.95 -16.19 38.24
CA PRO B 177 29.29 -15.76 38.67
C PRO B 177 29.21 -14.70 39.76
N ASP B 178 30.07 -14.84 40.76
CA ASP B 178 30.13 -13.90 41.88
C ASP B 178 30.79 -12.61 41.41
N SER B 179 29.98 -11.62 41.05
CA SER B 179 30.52 -10.35 40.58
C SER B 179 30.94 -9.45 41.74
N GLY B 180 30.31 -9.59 42.90
CA GLY B 180 30.66 -8.80 44.07
C GLY B 180 29.91 -7.49 44.17
N VAL B 181 28.99 -7.20 43.26
CA VAL B 181 28.24 -5.94 43.33
C VAL B 181 27.11 -6.03 44.34
N VAL B 182 26.61 -7.23 44.62
CA VAL B 182 25.50 -7.38 45.56
C VAL B 182 25.92 -6.97 46.96
N CYS B 183 27.19 -7.17 47.32
CA CYS B 183 27.67 -6.83 48.65
C CYS B 183 28.99 -6.07 48.67
N GLY B 184 29.66 -5.89 47.54
CA GLY B 184 30.93 -5.19 47.51
C GLY B 184 30.81 -3.76 47.06
N ARG B 185 29.93 -3.50 46.10
CA ARG B 185 29.71 -2.16 45.56
C ARG B 185 28.34 -1.65 45.98
N MET B 186 28.25 -0.33 46.13
CA MET B 186 27.01 0.33 46.53
C MET B 186 26.43 1.19 45.41
N ALA B 187 26.97 1.11 44.20
CA ALA B 187 26.46 1.89 43.07
C ALA B 187 25.13 1.31 42.62
N CYS B 188 24.03 1.94 43.03
CA CYS B 188 22.69 1.48 42.68
C CYS B 188 22.44 0.05 43.12
N SER B 189 23.10 -0.37 44.21
CA SER B 189 22.96 -1.73 44.72
C SER B 189 23.32 -1.77 46.19
N PRO B 190 22.38 -1.51 47.10
CA PRO B 190 22.69 -1.56 48.53
C PRO B 190 23.23 -2.92 48.92
N THR B 191 24.23 -2.90 49.82
CA THR B 191 24.88 -4.13 50.28
C THR B 191 23.95 -4.82 51.28
N HIS B 192 23.07 -5.67 50.74
CA HIS B 192 22.14 -6.46 51.54
C HIS B 192 21.48 -5.61 52.63
N ASP B 193 21.22 -4.34 52.34
CA ASP B 193 20.59 -3.44 53.30
C ASP B 193 19.10 -3.74 53.35
N GLU B 194 18.68 -4.51 54.36
CA GLU B 194 17.28 -4.86 54.49
C GLU B 194 16.46 -3.77 55.18
N HIS B 195 17.10 -2.89 55.94
CA HIS B 195 16.43 -1.81 56.64
C HIS B 195 16.32 -0.54 55.83
N LEU B 196 16.65 -0.59 54.54
CA LEU B 196 16.59 0.58 53.66
C LEU B 196 15.12 0.91 53.39
N LEU B 197 14.58 1.88 54.11
CA LEU B 197 13.20 2.31 53.95
C LEU B 197 13.16 3.71 53.35
N HIS B 198 12.22 3.93 52.44
CA HIS B 198 12.04 5.23 51.79
C HIS B 198 11.36 6.18 52.75
N GLY B 199 12.14 6.72 53.68
CA GLY B 199 11.62 7.65 54.66
C GLY B 199 10.55 7.04 55.54
N GLY B 200 10.78 5.82 56.01
CA GLY B 200 9.84 5.13 56.86
C GLY B 200 9.04 4.04 56.17
N GLN B 201 8.94 4.09 54.84
CA GLN B 201 8.19 3.10 54.09
C GLN B 201 9.12 2.24 53.23
N PRO B 202 8.73 1.01 52.93
CA PRO B 202 9.60 0.15 52.12
C PRO B 202 9.46 0.47 50.64
N PRO B 203 10.33 -0.08 49.79
CA PRO B 203 10.22 0.18 48.35
C PRO B 203 8.92 -0.34 47.76
N GLU B 204 8.71 -0.10 46.47
CA GLU B 204 7.52 -0.55 45.76
C GLU B 204 6.26 0.04 46.42
N GLY B 205 6.17 1.37 46.37
CA GLY B 205 5.02 2.05 46.95
C GLY B 205 3.69 1.53 46.46
N ASP B 206 3.63 1.09 45.20
CA ASP B 206 2.40 0.58 44.63
C ASP B 206 2.69 -0.53 43.63
N PRO B 207 2.32 -1.78 43.92
CA PRO B 207 2.58 -2.86 42.96
C PRO B 207 1.97 -2.62 41.59
N ASP B 208 0.97 -1.73 41.49
CA ASP B 208 0.38 -1.44 40.18
C ASP B 208 1.40 -0.87 39.22
N LEU B 209 2.35 -0.09 39.73
CA LEU B 209 3.40 0.45 38.87
C LEU B 209 4.28 -0.65 38.31
N ALA B 210 4.49 -1.72 39.07
CA ALA B 210 5.28 -2.85 38.58
C ALA B 210 4.62 -3.49 37.37
N LYS B 211 3.29 -3.57 37.37
CA LYS B 211 2.57 -4.12 36.22
C LYS B 211 2.49 -3.12 35.07
N ILE B 212 2.35 -1.83 35.37
CA ILE B 212 2.37 -0.82 34.32
C ILE B 212 3.70 -0.85 33.58
N LEU B 213 4.80 -0.96 34.31
CA LEU B 213 6.11 -1.04 33.68
C LEU B 213 6.24 -2.33 32.86
N GLU B 214 5.71 -3.45 33.38
CA GLU B 214 5.77 -4.70 32.64
C GLU B 214 5.01 -4.59 31.32
N GLU B 215 3.85 -3.94 31.34
CA GLU B 215 3.07 -3.79 30.11
C GLU B 215 3.76 -2.82 29.15
N VAL B 216 4.36 -1.75 29.67
CA VAL B 216 5.07 -0.82 28.80
C VAL B 216 6.29 -1.48 28.19
N ARG B 217 6.89 -2.44 28.90
CA ARG B 217 8.00 -3.19 28.34
C ARG B 217 7.53 -4.24 27.33
N TYR B 218 6.35 -4.81 27.54
CA TYR B 218 5.76 -5.68 26.54
C TYR B 218 5.47 -4.89 25.25
N ILE B 219 5.07 -3.63 25.38
CA ILE B 219 4.88 -2.79 24.21
C ILE B 219 6.19 -2.60 23.47
N ALA B 220 7.29 -2.37 24.21
CA ALA B 220 8.60 -2.25 23.57
C ALA B 220 9.02 -3.56 22.92
N ASN B 221 8.67 -4.70 23.54
CA ASN B 221 8.98 -5.99 22.93
C ASN B 221 8.18 -6.19 21.64
N ARG B 222 6.93 -5.72 21.60
CA ARG B 222 6.16 -5.77 20.37
C ARG B 222 6.79 -4.90 19.29
N PHE B 223 7.24 -3.69 19.67
CA PHE B 223 7.93 -2.84 18.71
C PHE B 223 9.20 -3.50 18.20
N ARG B 224 9.92 -4.20 19.09
CA ARG B 224 11.14 -4.90 18.67
C ARG B 224 10.82 -6.07 17.74
N CYS B 225 9.71 -6.75 17.98
CA CYS B 225 9.28 -7.80 17.07
C CYS B 225 8.92 -7.24 15.71
N GLN B 226 8.26 -6.07 15.69
CA GLN B 226 7.99 -5.40 14.42
C GLN B 226 9.29 -5.04 13.70
N ASP B 227 10.27 -4.53 14.45
CA ASP B 227 11.56 -4.21 13.86
C ASP B 227 12.25 -5.46 13.31
N GLU B 228 12.11 -6.58 14.01
CA GLU B 228 12.70 -7.83 13.53
C GLU B 228 12.01 -8.31 12.26
N SER B 229 10.70 -8.16 12.19
CA SER B 229 9.99 -8.49 10.95
C SER B 229 10.44 -7.60 9.81
N GLU B 230 10.64 -6.31 10.07
CA GLU B 230 11.14 -5.40 9.05
C GLU B 230 12.55 -5.81 8.61
N ALA B 231 13.38 -6.24 9.56
CA ALA B 231 14.72 -6.69 9.21
C ALA B 231 14.69 -7.96 8.37
N VAL B 232 13.76 -8.87 8.68
CA VAL B 232 13.61 -10.08 7.86
C VAL B 232 13.15 -9.71 6.45
N CYS B 233 12.24 -8.74 6.33
CA CYS B 233 11.82 -8.28 5.02
C CYS B 233 12.99 -7.66 4.26
N SER B 234 13.82 -6.89 4.95
CA SER B 234 14.99 -6.29 4.30
C SER B 234 15.99 -7.36 3.87
N GLU B 235 16.13 -8.41 4.66
CA GLU B 235 17.01 -9.52 4.27
C GLU B 235 16.48 -10.23 3.05
N TRP B 236 15.17 -10.45 2.99
CA TRP B 236 14.57 -11.05 1.80
C TRP B 236 14.76 -10.16 0.58
N LYS B 237 14.63 -8.84 0.76
CA LYS B 237 14.89 -7.90 -0.33
C LYS B 237 16.33 -7.98 -0.80
N PHE B 238 17.28 -8.06 0.14
CA PHE B 238 18.68 -8.18 -0.23
C PHE B 238 18.95 -9.48 -0.98
N ALA B 239 18.33 -10.58 -0.54
CA ALA B 239 18.48 -11.84 -1.25
C ALA B 239 17.91 -11.76 -2.66
N ALA B 240 16.75 -11.11 -2.80
CA ALA B 240 16.16 -10.92 -4.13
C ALA B 240 17.08 -10.12 -5.03
N CYS B 241 17.65 -9.03 -4.50
CA CYS B 241 18.58 -8.22 -5.30
C CYS B 241 19.82 -9.01 -5.66
N VAL B 242 20.32 -9.85 -4.75
CA VAL B 242 21.51 -10.64 -5.02
C VAL B 242 21.24 -11.63 -6.14
N VAL B 243 20.11 -12.34 -6.07
CA VAL B 243 19.79 -13.30 -7.11
C VAL B 243 19.53 -12.60 -8.44
N ASP B 244 18.94 -11.41 -8.39
CA ASP B 244 18.72 -10.65 -9.63
C ASP B 244 20.06 -10.27 -10.27
N ARG B 245 21.01 -9.78 -9.46
CA ARG B 245 22.32 -9.43 -9.99
C ARG B 245 23.05 -10.65 -10.52
N LEU B 246 22.91 -11.80 -9.84
CA LEU B 246 23.53 -13.02 -10.33
C LEU B 246 22.94 -13.44 -11.67
N CYS B 247 21.62 -13.38 -11.81
CA CYS B 247 20.99 -13.71 -13.08
C CYS B 247 21.43 -12.75 -14.17
N LEU B 248 21.55 -11.46 -13.84
CA LEU B 248 22.02 -10.48 -14.82
C LEU B 248 23.42 -10.80 -15.28
N MET B 249 24.32 -11.10 -14.34
CA MET B 249 25.70 -11.43 -14.71
C MET B 249 25.76 -12.71 -15.52
N ALA B 250 24.88 -13.68 -15.23
CA ALA B 250 24.89 -14.93 -15.98
C ALA B 250 24.31 -14.76 -17.38
N PHE B 251 23.34 -13.85 -17.54
CA PHE B 251 22.71 -13.64 -18.83
C PHE B 251 23.47 -12.65 -19.71
N SER B 252 24.34 -11.83 -19.13
CA SER B 252 25.13 -10.90 -19.94
C SER B 252 25.99 -11.65 -20.94
N VAL B 253 26.71 -12.68 -20.49
CA VAL B 253 27.56 -13.45 -21.38
C VAL B 253 26.73 -14.18 -22.42
N PHE B 254 25.56 -14.69 -22.02
CA PHE B 254 24.69 -15.38 -22.97
C PHE B 254 24.22 -14.43 -24.07
N THR B 255 23.81 -13.22 -23.70
CA THR B 255 23.39 -12.24 -24.69
C THR B 255 24.54 -11.83 -25.59
N ILE B 256 25.74 -11.70 -25.02
CA ILE B 256 26.91 -11.35 -25.83
C ILE B 256 27.19 -12.45 -26.85
N ILE B 257 27.13 -13.71 -26.42
CA ILE B 257 27.36 -14.81 -27.33
C ILE B 257 26.28 -14.87 -28.41
N CYS B 258 25.02 -14.61 -28.02
CA CYS B 258 23.94 -14.61 -29.00
C CYS B 258 24.15 -13.50 -30.04
N THR B 259 24.57 -12.32 -29.60
CA THR B 259 24.83 -11.24 -30.54
C THR B 259 26.00 -11.58 -31.46
N ILE B 260 27.07 -12.16 -30.90
CA ILE B 260 28.21 -12.55 -31.73
C ILE B 260 27.78 -13.57 -32.77
N GLY B 261 26.92 -14.51 -32.38
CA GLY B 261 26.44 -15.50 -33.33
C GLY B 261 25.58 -14.89 -34.42
N ILE B 262 24.63 -14.02 -34.03
CA ILE B 262 23.78 -13.35 -35.01
C ILE B 262 24.63 -12.53 -35.97
N LEU B 263 25.74 -11.97 -35.50
CA LEU B 263 26.62 -11.20 -36.38
C LEU B 263 27.39 -12.13 -37.32
N MET B 264 27.92 -13.23 -36.79
CA MET B 264 28.67 -14.17 -37.62
C MET B 264 27.76 -15.05 -38.46
N SER B 265 26.52 -15.27 -38.03
CA SER B 265 25.57 -16.12 -38.74
C SER B 265 24.66 -15.32 -39.67
N ALA B 266 24.92 -14.03 -39.86
CA ALA B 266 24.09 -13.20 -40.73
C ALA B 266 24.25 -13.64 -42.19
N PRO B 267 25.46 -13.92 -42.67
CA PRO B 267 25.60 -14.36 -44.07
C PRO B 267 24.82 -15.63 -44.38
N ASN B 268 24.63 -16.51 -43.39
CA ASN B 268 23.90 -17.75 -43.63
C ASN B 268 22.44 -17.47 -43.96
N PHE B 269 21.81 -16.57 -43.22
CA PHE B 269 20.41 -16.24 -43.46
C PHE B 269 20.26 -15.08 -44.44
N VAL B 270 20.88 -13.94 -44.14
CA VAL B 270 20.82 -12.77 -45.00
C VAL B 270 21.69 -12.99 -46.23
N LEU C 7 -1.36 14.32 -48.27
CA LEU C 7 -1.11 15.07 -47.05
C LEU C 7 -1.45 14.23 -45.82
N TYR C 8 -2.50 13.42 -45.94
CA TYR C 8 -2.91 12.58 -44.82
C TYR C 8 -1.82 11.57 -44.45
N TYR C 9 -1.07 11.08 -45.44
CA TYR C 9 0.00 10.13 -45.15
C TYR C 9 1.06 10.76 -44.26
N GLY C 10 1.45 12.00 -44.55
CA GLY C 10 2.44 12.68 -43.72
C GLY C 10 1.93 12.93 -42.31
N LEU C 11 0.65 13.28 -42.19
CA LEU C 11 0.07 13.51 -40.86
C LEU C 11 0.02 12.21 -40.05
N ASN C 12 -0.27 11.09 -40.72
CA ASN C 12 -0.34 9.82 -40.02
C ASN C 12 0.97 9.50 -39.31
N LEU C 13 2.10 9.99 -39.83
CA LEU C 13 3.39 9.77 -39.20
C LEU C 13 3.84 10.94 -38.33
N LEU C 14 3.33 12.15 -38.59
CA LEU C 14 3.73 13.30 -37.80
C LEU C 14 2.99 13.36 -36.47
N ILE C 15 1.68 13.11 -36.47
CA ILE C 15 0.90 13.23 -35.25
C ILE C 15 1.36 12.23 -34.18
N PRO C 16 1.52 10.94 -34.48
CA PRO C 16 1.97 10.02 -33.44
C PRO C 16 3.35 10.36 -32.89
N CYS C 17 4.26 10.82 -33.75
CA CYS C 17 5.59 11.19 -33.28
C CYS C 17 5.51 12.33 -32.27
N VAL C 18 4.75 13.37 -32.59
CA VAL C 18 4.62 14.50 -31.67
C VAL C 18 3.92 14.07 -30.39
N LEU C 19 2.91 13.20 -30.51
CA LEU C 19 2.21 12.72 -29.32
C LEU C 19 3.16 11.96 -28.41
N ILE C 20 3.99 11.09 -28.97
CA ILE C 20 4.94 10.32 -28.15
C ILE C 20 5.99 11.25 -27.55
N SER C 21 6.43 12.25 -28.31
CA SER C 21 7.41 13.18 -27.78
C SER C 21 6.84 13.97 -26.62
N ALA C 22 5.56 14.34 -26.68
CA ALA C 22 4.93 15.05 -25.59
C ALA C 22 4.72 14.14 -24.38
N LEU C 23 4.32 12.88 -24.64
CA LEU C 23 4.13 11.94 -23.54
C LEU C 23 5.45 11.67 -22.83
N ALA C 24 6.56 11.63 -23.57
CA ALA C 24 7.86 11.42 -22.95
C ALA C 24 8.17 12.55 -21.97
N LEU C 25 7.96 13.80 -22.39
CA LEU C 25 8.21 14.93 -21.51
C LEU C 25 7.25 14.91 -20.31
N LEU C 26 6.00 14.51 -20.54
CA LEU C 26 5.03 14.45 -19.45
C LEU C 26 5.42 13.40 -18.42
N VAL C 27 6.00 12.28 -18.87
CA VAL C 27 6.42 11.24 -17.94
C VAL C 27 7.45 11.80 -16.95
N PHE C 28 8.36 12.64 -17.44
CA PHE C 28 9.36 13.25 -16.56
C PHE C 28 8.77 14.38 -15.74
N LEU C 29 7.78 15.11 -16.28
CA LEU C 29 7.16 16.18 -15.53
C LEU C 29 6.49 15.66 -14.27
N LEU C 30 6.02 14.42 -14.28
CA LEU C 30 5.40 13.84 -13.10
C LEU C 30 6.44 13.67 -12.00
N PRO C 31 6.15 14.07 -10.77
CA PRO C 31 7.11 13.86 -9.68
C PRO C 31 7.41 12.39 -9.48
N ALA C 32 8.37 12.13 -8.59
CA ALA C 32 8.80 10.76 -8.32
C ALA C 32 7.67 9.95 -7.73
N ASP C 33 7.19 8.95 -8.47
CA ASP C 33 6.13 8.06 -8.01
C ASP C 33 6.51 6.64 -8.40
N SER C 34 6.65 5.76 -7.40
CA SER C 34 7.12 4.41 -7.64
C SER C 34 6.12 3.63 -8.50
N GLY C 35 4.89 3.49 -8.01
CA GLY C 35 3.90 2.64 -8.66
C GLY C 35 3.21 3.25 -9.85
N GLU C 36 3.41 4.55 -10.11
CA GLU C 36 2.74 5.23 -11.20
C GLU C 36 3.66 5.50 -12.39
N LYS C 37 4.86 6.02 -12.14
CA LYS C 37 5.78 6.34 -13.23
C LYS C 37 6.00 5.14 -14.13
N ILE C 38 6.12 3.94 -13.54
CA ILE C 38 6.29 2.74 -14.33
C ILE C 38 5.15 2.59 -15.33
N SER C 39 3.92 2.72 -14.85
CA SER C 39 2.76 2.64 -15.74
C SER C 39 2.87 3.63 -16.88
N LEU C 40 3.50 4.78 -16.64
CA LEU C 40 3.69 5.76 -17.70
C LEU C 40 4.92 5.43 -18.54
N GLY C 41 5.96 4.87 -17.92
CA GLY C 41 7.19 4.55 -18.63
C GLY C 41 7.15 3.26 -19.40
N ILE C 42 6.20 2.36 -19.11
CA ILE C 42 6.11 1.07 -19.78
C ILE C 42 5.24 1.19 -21.01
N THR C 43 3.98 1.58 -20.82
CA THR C 43 3.05 1.65 -21.94
C THR C 43 3.52 2.61 -23.01
N VAL C 44 4.23 3.68 -22.62
CA VAL C 44 4.74 4.63 -23.61
C VAL C 44 5.58 3.92 -24.65
N LEU C 45 6.25 2.82 -24.27
CA LEU C 45 7.01 2.04 -25.23
C LEU C 45 6.09 1.23 -26.13
N LEU C 46 5.07 0.60 -25.55
CA LEU C 46 4.14 -0.19 -26.35
C LEU C 46 3.49 0.66 -27.42
N SER C 47 2.98 1.85 -27.04
CA SER C 47 2.36 2.75 -28.01
C SER C 47 3.29 3.05 -29.18
N LEU C 48 4.61 2.94 -28.96
CA LEU C 48 5.55 3.15 -30.06
C LEU C 48 5.62 1.93 -30.96
N THR C 49 5.70 0.73 -30.37
CA THR C 49 5.79 -0.49 -31.17
C THR C 49 4.59 -0.61 -32.09
N VAL C 50 3.38 -0.45 -31.55
CA VAL C 50 2.18 -0.51 -32.37
C VAL C 50 2.26 0.47 -33.54
N PHE C 51 2.96 1.59 -33.34
CA PHE C 51 3.15 2.54 -34.43
C PHE C 51 4.19 2.01 -35.42
N MET C 52 5.32 1.51 -34.92
CA MET C 52 6.36 1.00 -35.79
C MET C 52 5.80 -0.05 -36.75
N LEU C 53 5.04 -1.01 -36.22
CA LEU C 53 4.41 -2.02 -37.08
C LEU C 53 3.64 -1.36 -38.21
N LEU C 54 2.85 -0.33 -37.88
CA LEU C 54 2.05 0.33 -38.90
C LEU C 54 2.92 0.81 -40.06
N VAL C 55 4.12 1.30 -39.75
CA VAL C 55 5.04 1.71 -40.82
C VAL C 55 5.27 0.56 -41.79
N ALA C 56 5.64 -0.60 -41.26
CA ALA C 56 5.88 -1.77 -42.11
C ALA C 56 4.68 -2.12 -42.97
N GLU C 57 3.49 -1.66 -42.59
CA GLU C 57 2.29 -1.92 -43.38
C GLU C 57 2.09 -0.87 -44.48
N ILE C 58 2.44 0.38 -44.21
CA ILE C 58 2.24 1.46 -45.18
C ILE C 58 3.53 1.77 -45.95
N MET C 59 4.68 1.67 -45.28
CA MET C 59 5.96 1.96 -45.93
C MET C 59 6.64 0.67 -46.35
N PRO C 60 7.18 0.58 -47.56
CA PRO C 60 7.87 -0.65 -47.98
C PRO C 60 9.19 -0.80 -47.25
N SER C 61 9.33 -1.88 -46.49
CA SER C 61 10.54 -2.12 -45.72
C SER C 61 11.69 -2.62 -46.59
N THR C 62 11.38 -3.28 -47.71
CA THR C 62 12.40 -3.84 -48.58
C THR C 62 12.80 -2.89 -49.71
N SER C 63 12.17 -1.72 -49.82
CA SER C 63 12.47 -0.78 -50.89
C SER C 63 12.83 0.59 -50.34
N ASP C 64 12.19 0.99 -49.24
CA ASP C 64 12.42 2.31 -48.64
C ASP C 64 13.76 2.29 -47.90
N SER C 65 14.84 2.42 -48.67
CA SER C 65 16.19 2.45 -48.12
C SER C 65 16.50 3.89 -47.72
N SER C 66 15.98 4.29 -46.57
CA SER C 66 16.16 5.65 -46.04
C SER C 66 16.74 5.56 -44.64
N PRO C 67 18.05 5.74 -44.48
CA PRO C 67 18.63 5.64 -43.12
C PRO C 67 18.24 6.77 -42.20
N SER C 68 17.71 7.88 -42.71
CA SER C 68 17.32 8.99 -41.86
C SER C 68 16.15 8.61 -40.95
N ILE C 69 15.08 8.07 -41.54
CA ILE C 69 13.94 7.65 -40.75
C ILE C 69 14.32 6.54 -39.78
N ALA C 70 15.24 5.65 -40.20
CA ALA C 70 15.69 4.58 -39.32
C ALA C 70 16.43 5.15 -38.11
N GLN C 71 17.32 6.11 -38.35
CA GLN C 71 18.04 6.73 -37.24
C GLN C 71 17.10 7.49 -36.33
N TYR C 72 16.07 8.14 -36.90
CA TYR C 72 15.11 8.86 -36.08
C TYR C 72 14.30 7.92 -35.21
N PHE C 73 13.86 6.79 -35.78
CA PHE C 73 13.13 5.80 -34.98
C PHE C 73 14.02 5.20 -33.90
N ALA C 74 15.30 4.97 -34.23
CA ALA C 74 16.24 4.45 -33.23
C ALA C 74 16.42 5.46 -32.10
N SER C 75 16.52 6.75 -32.42
CA SER C 75 16.66 7.77 -31.39
C SER C 75 15.42 7.84 -30.52
N THR C 76 14.23 7.75 -31.13
CA THR C 76 13.00 7.76 -30.35
C THR C 76 12.93 6.55 -29.42
N MET C 77 13.32 5.37 -29.92
CA MET C 77 13.34 4.18 -29.08
C MET C 77 14.33 4.33 -27.94
N ILE C 78 15.50 4.90 -28.22
CA ILE C 78 16.50 5.10 -27.18
C ILE C 78 16.00 6.08 -26.13
N ILE C 79 15.24 7.09 -26.56
CA ILE C 79 14.70 8.07 -25.61
C ILE C 79 13.65 7.42 -24.71
N VAL C 80 12.72 6.68 -25.31
CA VAL C 80 11.68 6.02 -24.51
C VAL C 80 12.28 4.94 -23.63
N GLY C 81 13.44 4.39 -24.00
CA GLY C 81 14.13 3.44 -23.14
C GLY C 81 14.84 4.12 -21.99
N LEU C 82 15.53 5.22 -22.28
CA LEU C 82 16.16 6.00 -21.22
C LEU C 82 15.15 6.51 -20.23
N SER C 83 13.91 6.74 -20.67
CA SER C 83 12.83 7.01 -19.73
C SER C 83 12.67 5.86 -18.74
N VAL C 84 12.70 4.62 -19.25
CA VAL C 84 12.60 3.46 -18.38
C VAL C 84 13.82 3.38 -17.46
N VAL C 85 14.99 3.73 -17.96
CA VAL C 85 16.20 3.71 -17.13
C VAL C 85 16.07 4.73 -16.01
N VAL C 86 15.49 5.90 -16.31
CA VAL C 86 15.33 6.93 -15.28
C VAL C 86 14.31 6.48 -14.24
N THR C 87 13.22 5.86 -14.68
CA THR C 87 12.25 5.35 -13.71
C THR C 87 12.88 4.27 -12.83
N VAL C 88 13.73 3.42 -13.42
CA VAL C 88 14.40 2.38 -12.64
C VAL C 88 15.36 2.99 -11.64
N ILE C 89 16.07 4.05 -12.05
CA ILE C 89 16.99 4.73 -11.13
C ILE C 89 16.21 5.36 -9.98
N VAL C 90 15.03 5.93 -10.28
CA VAL C 90 14.20 6.52 -9.24
C VAL C 90 13.72 5.44 -8.27
N LEU C 91 13.30 4.29 -8.81
CA LEU C 91 12.86 3.19 -7.95
C LEU C 91 14.02 2.69 -7.09
N GLN C 92 15.23 2.67 -7.63
CA GLN C 92 16.39 2.23 -6.85
C GLN C 92 16.71 3.23 -5.75
N TYR C 93 16.63 4.53 -6.05
CA TYR C 93 16.85 5.54 -5.02
C TYR C 93 15.77 5.46 -3.94
N HIS C 94 14.55 5.09 -4.31
CA HIS C 94 13.49 4.90 -3.33
C HIS C 94 13.60 3.59 -2.59
N HIS C 95 14.39 2.64 -3.11
CA HIS C 95 14.55 1.31 -2.52
C HIS C 95 16.03 0.94 -2.47
N HIS C 96 16.85 1.85 -1.93
CA HIS C 96 18.28 1.64 -1.82
C HIS C 96 18.60 0.30 -1.18
N ASP C 97 19.76 -0.27 -1.49
CA ASP C 97 20.16 -1.57 -0.97
C ASP C 97 20.92 -1.39 0.34
N PRO C 98 20.52 -2.05 1.43
CA PRO C 98 21.24 -1.88 2.70
C PRO C 98 22.71 -2.24 2.63
N ASP C 99 23.12 -3.09 1.67
CA ASP C 99 24.51 -3.50 1.59
C ASP C 99 25.39 -2.41 1.00
N GLY C 100 24.84 -1.55 0.15
CA GLY C 100 25.62 -0.49 -0.45
C GLY C 100 24.75 0.32 -1.39
N GLY C 101 25.34 1.40 -1.90
CA GLY C 101 24.63 2.27 -2.82
C GLY C 101 25.45 3.50 -3.13
N LYS C 102 24.76 4.53 -3.63
CA LYS C 102 25.41 5.78 -3.96
C LYS C 102 26.03 6.41 -2.72
N MET C 103 27.12 7.15 -2.93
CA MET C 103 27.80 7.82 -1.84
C MET C 103 26.83 8.76 -1.12
N PRO C 104 26.61 8.60 0.18
CA PRO C 104 25.63 9.49 0.85
C PRO C 104 26.00 10.96 0.75
N LYS C 105 27.22 11.34 1.13
CA LYS C 105 27.58 12.75 1.17
C LYS C 105 27.69 13.34 -0.23
N TRP C 106 28.21 12.58 -1.19
CA TRP C 106 28.35 13.09 -2.55
C TRP C 106 27.00 13.49 -3.13
N THR C 107 25.95 12.71 -2.85
CA THR C 107 24.62 13.05 -3.33
C THR C 107 23.95 14.09 -2.45
N ARG C 108 24.21 14.08 -1.15
CA ARG C 108 23.59 15.04 -0.25
C ARG C 108 24.06 16.46 -0.56
N VAL C 109 25.34 16.62 -0.91
CA VAL C 109 25.86 17.94 -1.26
C VAL C 109 25.17 18.46 -2.51
N ILE C 110 25.04 17.60 -3.52
CA ILE C 110 24.38 18.01 -4.76
C ILE C 110 22.92 18.36 -4.49
N LEU C 111 22.26 17.59 -3.64
CA LEU C 111 20.86 17.86 -3.33
C LEU C 111 20.71 19.19 -2.60
N LEU C 112 21.60 19.47 -1.64
CA LEU C 112 21.53 20.73 -0.91
C LEU C 112 21.88 21.91 -1.81
N ASN C 113 22.71 21.70 -2.82
CA ASN C 113 23.03 22.77 -3.75
C ASN C 113 21.91 23.00 -4.76
N TRP C 114 21.16 21.96 -5.11
CA TRP C 114 20.07 22.10 -6.08
C TRP C 114 18.76 22.54 -5.44
N CYS C 115 18.55 22.26 -4.15
CA CYS C 115 17.31 22.65 -3.51
C CYS C 115 17.18 24.17 -3.43
N ALA C 116 18.29 24.86 -3.16
CA ALA C 116 18.26 26.32 -3.11
C ALA C 116 18.05 26.91 -4.50
N TRP C 117 18.67 26.30 -5.52
CA TRP C 117 18.50 26.78 -6.89
C TRP C 117 17.07 26.62 -7.35
N PHE C 118 16.45 25.47 -7.05
CA PHE C 118 15.08 25.23 -7.49
C PHE C 118 14.10 26.18 -6.83
N LEU C 119 14.35 26.54 -5.57
CA LEU C 119 13.46 27.45 -4.85
C LEU C 119 13.91 28.91 -5.04
N ARG C 120 15.16 29.20 -4.73
CA ARG C 120 15.74 30.54 -4.88
C ARG C 120 16.75 30.47 -6.02
N MET C 121 16.30 30.78 -7.24
CA MET C 121 17.16 30.71 -8.40
C MET C 121 18.42 31.53 -8.19
N LYS C 122 19.57 30.90 -8.43
CA LYS C 122 20.87 31.56 -8.26
C LYS C 122 21.26 32.31 -9.54
N ARG C 123 20.41 33.26 -9.90
CA ARG C 123 20.61 34.09 -11.08
C ARG C 123 20.44 35.55 -10.69
N PRO C 124 20.93 36.48 -11.51
CA PRO C 124 20.80 37.90 -11.16
C PRO C 124 19.36 38.34 -10.98
N GLY C 125 18.45 37.86 -11.83
CA GLY C 125 17.06 38.27 -11.73
C GLY C 125 16.45 38.00 -10.37
N GLU C 126 16.85 36.90 -9.73
CA GLU C 126 16.35 36.53 -8.42
C GLU C 126 17.27 36.95 -7.28
N ASP C 127 18.55 37.21 -7.57
CA ASP C 127 19.48 37.62 -6.52
C ASP C 127 19.40 39.11 -6.24
N LYS C 128 19.27 39.93 -7.28
CA LYS C 128 19.23 41.38 -7.09
C LYS C 128 17.82 41.86 -6.73
N VAL C 129 16.78 41.23 -7.27
CA VAL C 129 15.41 41.64 -7.01
C VAL C 129 14.96 40.88 -5.75
N ARG C 130 15.28 41.44 -4.60
CA ARG C 130 14.90 40.87 -3.31
C ARG C 130 15.23 41.88 -2.21
N PRO C 131 14.65 41.72 -1.03
CA PRO C 131 14.96 42.65 0.06
C PRO C 131 16.45 42.64 0.39
N ALA C 132 17.05 43.83 0.43
CA ALA C 132 18.46 43.97 0.73
C ALA C 132 18.69 45.31 1.42
N CYS C 133 19.68 45.33 2.30
CA CYS C 133 20.02 46.55 3.04
C CYS C 133 21.36 46.33 3.71
N GLN C 134 21.87 47.39 4.34
CA GLN C 134 23.15 47.35 5.04
C GLN C 134 22.99 47.00 6.52
N HIS C 135 21.80 46.61 6.96
CA HIS C 135 21.57 46.28 8.35
C HIS C 135 22.32 45.00 8.72
N LYS C 136 22.43 44.77 10.04
CA LYS C 136 23.13 43.58 10.52
C LYS C 136 22.47 42.29 10.05
N GLN C 137 21.19 42.34 9.65
CA GLN C 137 20.52 41.14 9.18
C GLN C 137 21.15 40.58 7.91
N ARG C 138 21.94 41.38 7.20
CA ARG C 138 22.60 40.95 5.97
C ARG C 138 24.11 40.90 6.12
N ARG C 139 24.62 40.89 7.35
CA ARG C 139 26.05 40.84 7.62
C ARG C 139 26.47 39.41 7.98
N CYS C 140 27.77 39.19 7.99
CA CYS C 140 28.35 37.89 8.31
C CYS C 140 29.02 37.94 9.68
N SER C 141 28.96 36.81 10.38
CA SER C 141 29.55 36.68 11.70
C SER C 141 30.14 35.28 11.85
N LEU C 142 30.77 35.03 13.00
CA LEU C 142 31.38 33.72 13.24
C LEU C 142 30.33 32.62 13.20
N ALA C 143 29.10 32.90 13.61
CA ALA C 143 28.06 31.89 13.60
C ALA C 143 27.69 31.47 12.18
N SER C 144 27.76 32.39 11.22
CA SER C 144 27.42 32.06 9.84
C SER C 144 28.53 31.31 9.13
N VAL C 145 29.78 31.51 9.55
CA VAL C 145 30.92 30.83 8.92
C VAL C 145 30.94 29.38 9.38
N GLU C 146 30.52 28.47 8.50
CA GLU C 146 30.49 27.04 8.80
C GLU C 146 31.72 26.31 8.24
N MET C 147 32.85 27.01 8.13
CA MET C 147 34.05 26.38 7.60
C MET C 147 34.67 25.40 8.60
N SER C 148 34.41 25.60 9.89
CA SER C 148 34.95 24.74 10.94
C SER C 148 33.83 24.06 11.73
N ALA C 149 32.73 23.73 11.06
CA ALA C 149 31.59 23.08 11.69
C ALA C 149 31.06 23.90 12.87
N VAL C 150 30.77 25.17 12.58
CA VAL C 150 30.27 26.10 13.59
C VAL C 150 28.76 25.96 13.66
N ALA C 151 28.22 26.19 14.86
CA ALA C 151 26.78 26.10 15.07
C ALA C 151 26.05 27.12 14.22
N PRO C 152 25.24 26.71 13.25
CA PRO C 152 24.52 27.70 12.42
C PRO C 152 23.62 28.57 13.28
N PRO C 153 23.10 29.67 12.72
CA PRO C 153 22.23 30.55 13.50
C PRO C 153 20.99 29.82 13.97
N PRO C 154 20.34 30.29 15.03
CA PRO C 154 19.11 29.63 15.51
C PRO C 154 18.03 29.65 14.45
N ALA C 155 17.54 28.46 14.09
CA ALA C 155 16.49 28.33 13.10
C ALA C 155 15.83 26.97 13.24
N SER C 156 14.58 26.88 12.82
CA SER C 156 13.80 25.65 12.89
C SER C 156 13.85 24.85 11.60
N ASN C 157 14.69 25.24 10.64
CA ASN C 157 14.79 24.55 9.36
C ASN C 157 15.87 23.48 9.36
N GLY C 158 16.32 23.04 10.54
CA GLY C 158 17.34 22.01 10.63
C GLY C 158 18.61 22.50 11.28
N ASN C 159 18.54 23.62 12.00
CA ASN C 159 19.68 24.20 12.68
C ASN C 159 19.55 24.15 14.20
N LEU C 160 18.45 24.66 14.74
CA LEU C 160 18.23 24.60 16.18
C LEU C 160 17.73 23.23 16.62
N LEU C 161 16.84 22.62 15.83
CA LEU C 161 16.37 21.29 16.15
C LEU C 161 17.51 20.28 16.20
N TYR C 162 18.58 20.53 15.43
CA TYR C 162 19.77 19.68 15.51
C TYR C 162 20.32 19.66 16.92
N ILE C 163 20.74 20.83 17.43
CA ILE C 163 21.29 20.90 18.77
C ILE C 163 20.27 20.46 19.81
N GLY C 164 18.98 20.60 19.49
CA GLY C 164 17.93 20.21 20.41
C GLY C 164 17.82 18.72 20.62
N PHE C 165 17.59 17.99 19.52
CA PHE C 165 17.34 16.55 19.59
C PHE C 165 18.61 15.72 19.40
N ARG C 166 19.38 16.01 18.35
CA ARG C 166 20.58 15.25 18.04
C ARG C 166 21.77 15.63 18.90
N GLY C 167 21.54 16.32 20.01
CA GLY C 167 22.63 16.70 20.91
C GLY C 167 23.03 15.57 21.83
N LEU C 168 23.78 14.60 21.29
CA LEU C 168 24.18 13.42 22.04
C LEU C 168 24.87 13.80 23.34
N ASP C 169 24.97 12.84 24.27
CA ASP C 169 25.55 13.11 25.58
C ASP C 169 26.90 13.80 25.47
N GLY C 170 27.65 13.52 24.41
CA GLY C 170 28.98 14.12 24.24
C GLY C 170 28.96 15.63 24.29
N VAL C 171 27.82 16.26 24.02
CA VAL C 171 27.72 17.72 24.04
C VAL C 171 26.58 18.25 24.89
N HIS C 172 25.60 17.43 25.26
CA HIS C 172 24.43 17.88 26.01
C HIS C 172 24.42 17.38 27.45
N CYS C 173 24.52 16.08 27.66
CA CYS C 173 24.46 15.50 29.00
C CYS C 173 25.77 15.55 29.74
N VAL C 174 26.75 16.31 29.25
CA VAL C 174 28.04 16.47 29.93
C VAL C 174 28.36 17.95 29.98
N PRO C 175 27.66 18.74 30.80
CA PRO C 175 27.93 20.19 30.91
C PRO C 175 29.13 20.51 31.80
N THR C 176 30.32 20.37 31.24
CA THR C 176 31.55 20.65 31.97
C THR C 176 31.69 22.13 32.29
N PRO C 177 31.24 23.05 31.41
CA PRO C 177 31.38 24.47 31.74
C PRO C 177 30.61 24.84 33.00
N ASP C 178 31.24 25.68 33.82
CA ASP C 178 30.63 26.13 35.08
C ASP C 178 29.56 27.16 34.76
N SER C 179 28.31 26.70 34.67
CA SER C 179 27.19 27.61 34.36
C SER C 179 26.73 28.37 35.59
N GLY C 180 26.90 27.80 36.78
CA GLY C 180 26.50 28.44 38.01
C GLY C 180 25.07 28.15 38.44
N VAL C 181 24.33 27.32 37.70
CA VAL C 181 22.96 27.02 38.06
C VAL C 181 22.87 25.97 39.16
N VAL C 182 23.88 25.12 39.31
CA VAL C 182 23.83 24.07 40.33
C VAL C 182 23.88 24.67 41.74
N CYS C 183 24.54 25.82 41.89
CA CYS C 183 24.69 26.45 43.20
C CYS C 183 24.39 27.95 43.21
N GLY C 184 24.18 28.57 42.05
CA GLY C 184 23.92 29.99 42.00
C GLY C 184 22.45 30.32 41.81
N ARG C 185 21.75 29.52 41.02
CA ARG C 185 20.34 29.72 40.74
C ARG C 185 19.51 28.62 41.40
N MET C 186 18.29 28.97 41.77
CA MET C 186 17.36 28.05 42.42
C MET C 186 16.16 27.72 41.54
N ALA C 187 16.17 28.13 40.28
CA ALA C 187 15.05 27.86 39.37
C ALA C 187 15.09 26.39 38.99
N CYS C 188 14.23 25.59 39.63
CA CYS C 188 14.16 24.15 39.36
C CYS C 188 15.50 23.47 39.58
N SER C 189 16.31 24.01 40.49
CA SER C 189 17.63 23.45 40.78
C SER C 189 18.08 23.86 42.16
N PRO C 190 17.72 23.12 43.21
CA PRO C 190 18.16 23.47 44.55
C PRO C 190 19.67 23.56 44.64
N THR C 191 20.15 24.55 45.40
CA THR C 191 21.59 24.79 45.56
C THR C 191 22.14 23.75 46.53
N HIS C 192 22.57 22.62 45.98
CA HIS C 192 23.18 21.53 46.75
C HIS C 192 22.40 21.25 48.03
N ASP C 193 21.08 21.38 47.97
CA ASP C 193 20.23 21.14 49.14
C ASP C 193 20.04 19.63 49.30
N GLU C 194 20.82 19.02 50.20
CA GLU C 194 20.73 17.59 50.43
C GLU C 194 19.61 17.23 51.40
N HIS C 195 19.15 18.17 52.22
CA HIS C 195 18.09 17.92 53.18
C HIS C 195 16.71 18.19 52.62
N LEU C 196 16.59 18.43 51.31
CA LEU C 196 15.30 18.71 50.68
C LEU C 196 14.50 17.42 50.63
N LEU C 197 13.57 17.26 51.56
CA LEU C 197 12.70 16.09 51.64
C LEU C 197 11.27 16.48 51.30
N HIS C 198 10.58 15.62 50.55
CA HIS C 198 9.20 15.86 50.16
C HIS C 198 8.30 15.56 51.35
N GLY C 199 8.23 16.52 52.27
CA GLY C 199 7.41 16.37 53.46
C GLY C 199 7.83 15.20 54.32
N GLY C 200 9.13 15.05 54.54
CA GLY C 200 9.68 13.99 55.36
C GLY C 200 10.27 12.84 54.59
N GLN C 201 9.93 12.69 53.31
CA GLN C 201 10.46 11.61 52.48
C GLN C 201 11.36 12.17 51.39
N PRO C 202 12.34 11.39 50.91
CA PRO C 202 13.23 11.88 49.86
C PRO C 202 12.58 11.79 48.50
N PRO C 203 13.20 12.38 47.47
CA PRO C 203 12.63 12.29 46.11
C PRO C 203 12.60 10.86 45.59
N GLU C 204 12.05 10.67 44.39
CA GLU C 204 11.96 9.36 43.76
C GLU C 204 11.16 8.39 44.65
N GLY C 205 9.89 8.73 44.83
CA GLY C 205 9.01 7.91 45.66
C GLY C 205 8.99 6.46 45.24
N ASP C 206 9.14 6.18 43.95
CA ASP C 206 9.11 4.82 43.45
C ASP C 206 10.05 4.69 42.25
N PRO C 207 11.14 3.93 42.35
CA PRO C 207 12.04 3.77 41.20
C PRO C 207 11.35 3.21 39.97
N ASP C 208 10.20 2.54 40.12
CA ASP C 208 9.49 2.00 38.96
C ASP C 208 9.07 3.12 38.01
N LEU C 209 8.75 4.30 38.55
CA LEU C 209 8.39 5.43 37.69
C LEU C 209 9.57 5.87 36.83
N ALA C 210 10.80 5.77 37.35
CA ALA C 210 11.96 6.13 36.56
C ALA C 210 12.11 5.22 35.35
N LYS C 211 11.78 3.93 35.51
CA LYS C 211 11.85 3.00 34.40
C LYS C 211 10.67 3.19 33.45
N ILE C 212 9.49 3.50 33.98
CA ILE C 212 8.34 3.78 33.13
C ILE C 212 8.63 4.99 32.24
N LEU C 213 9.23 6.04 32.81
CA LEU C 213 9.58 7.21 32.03
C LEU C 213 10.67 6.88 31.00
N GLU C 214 11.63 6.03 31.37
CA GLU C 214 12.67 5.64 30.43
C GLU C 214 12.08 4.90 29.24
N GLU C 215 11.12 4.01 29.50
CA GLU C 215 10.49 3.28 28.40
C GLU C 215 9.60 4.19 27.55
N VAL C 216 8.91 5.13 28.19
CA VAL C 216 8.10 6.08 27.43
C VAL C 216 8.98 6.97 26.57
N ARG C 217 10.19 7.27 27.02
CA ARG C 217 11.14 8.04 26.22
C ARG C 217 11.74 7.19 25.11
N TYR C 218 11.95 5.90 25.35
CA TYR C 218 12.36 5.01 24.27
C TYR C 218 11.29 4.91 23.20
N ILE C 219 10.02 4.97 23.59
CA ILE C 219 8.94 5.00 22.62
C ILE C 219 9.03 6.26 21.76
N ALA C 220 9.28 7.40 22.39
CA ALA C 220 9.47 8.65 21.64
C ALA C 220 10.69 8.58 20.73
N ASN C 221 11.75 7.91 21.18
CA ASN C 221 12.92 7.74 20.32
C ASN C 221 12.61 6.86 19.12
N ARG C 222 11.77 5.83 19.32
CA ARG C 222 11.33 5.02 18.19
C ARG C 222 10.50 5.84 17.21
N PHE C 223 9.60 6.68 17.73
CA PHE C 223 8.83 7.56 16.87
C PHE C 223 9.74 8.52 16.10
N ARG C 224 10.79 9.01 16.76
CA ARG C 224 11.73 9.91 16.10
C ARG C 224 12.53 9.17 15.02
N CYS C 225 12.86 7.91 15.27
CA CYS C 225 13.53 7.11 14.25
C CYS C 225 12.62 6.88 13.06
N GLN C 226 11.33 6.63 13.30
CA GLN C 226 10.37 6.53 12.21
C GLN C 226 10.29 7.83 11.42
N ASP C 227 10.29 8.97 12.13
CA ASP C 227 10.25 10.26 11.45
C ASP C 227 11.52 10.47 10.62
N GLU C 228 12.67 10.02 11.13
CA GLU C 228 13.91 10.15 10.39
C GLU C 228 13.89 9.27 9.14
N SER C 229 13.32 8.07 9.24
CA SER C 229 13.16 7.22 8.06
C SER C 229 12.25 7.89 7.04
N GLU C 230 11.15 8.50 7.50
CA GLU C 230 10.27 9.21 6.59
C GLU C 230 11.00 10.38 5.93
N ALA C 231 11.85 11.08 6.69
CA ALA C 231 12.62 12.18 6.12
C ALA C 231 13.61 11.69 5.09
N VAL C 232 14.23 10.53 5.33
CA VAL C 232 15.15 9.95 4.35
C VAL C 232 14.38 9.57 3.09
N CYS C 233 13.18 9.02 3.25
CA CYS C 233 12.36 8.70 2.09
C CYS C 233 11.99 9.96 1.30
N SER C 234 11.67 11.04 2.02
CA SER C 234 11.35 12.30 1.35
C SER C 234 12.57 12.87 0.62
N GLU C 235 13.76 12.71 1.21
CA GLU C 235 14.98 13.15 0.54
C GLU C 235 15.23 12.34 -0.72
N TRP C 236 15.02 11.03 -0.66
CA TRP C 236 15.15 10.21 -1.86
C TRP C 236 14.14 10.63 -2.92
N LYS C 237 12.92 10.94 -2.50
CA LYS C 237 11.90 11.43 -3.44
C LYS C 237 12.33 12.75 -4.08
N PHE C 238 12.89 13.66 -3.29
CA PHE C 238 13.35 14.92 -3.83
C PHE C 238 14.49 14.71 -4.82
N ALA C 239 15.41 13.79 -4.51
CA ALA C 239 16.50 13.48 -5.43
C ALA C 239 15.95 12.89 -6.73
N ALA C 240 14.97 12.00 -6.63
CA ALA C 240 14.35 11.44 -7.82
C ALA C 240 13.70 12.53 -8.67
N CYS C 241 12.97 13.45 -8.04
CA CYS C 241 12.35 14.54 -8.78
C CYS C 241 13.40 15.43 -9.43
N VAL C 242 14.52 15.68 -8.72
CA VAL C 242 15.56 16.53 -9.26
C VAL C 242 16.19 15.89 -10.50
N VAL C 243 16.51 14.60 -10.42
CA VAL C 243 17.10 13.93 -11.57
C VAL C 243 16.10 13.84 -12.71
N ASP C 244 14.81 13.67 -12.40
CA ASP C 244 13.80 13.66 -13.46
C ASP C 244 13.72 15.00 -14.17
N ARG C 245 13.73 16.10 -13.40
CA ARG C 245 13.71 17.42 -14.01
C ARG C 245 14.96 17.68 -14.83
N LEU C 246 16.12 17.21 -14.35
CA LEU C 246 17.36 17.37 -15.09
C LEU C 246 17.29 16.61 -16.42
N CYS C 247 16.80 15.37 -16.38
CA CYS C 247 16.65 14.60 -17.62
C CYS C 247 15.68 15.27 -18.56
N LEU C 248 14.59 15.83 -18.04
CA LEU C 248 13.63 16.53 -18.88
C LEU C 248 14.27 17.73 -19.55
N MET C 249 15.02 18.54 -18.79
CA MET C 249 15.68 19.70 -19.36
C MET C 249 16.73 19.29 -20.39
N ALA C 250 17.41 18.17 -20.17
CA ALA C 250 18.43 17.73 -21.11
C ALA C 250 17.81 17.15 -22.38
N PHE C 251 16.64 16.54 -22.27
CA PHE C 251 15.98 15.94 -23.43
C PHE C 251 15.12 16.92 -24.20
N SER C 252 14.74 18.06 -23.60
CA SER C 252 13.96 19.05 -24.32
C SER C 252 14.74 19.57 -25.54
N VAL C 253 16.00 19.93 -25.34
CA VAL C 253 16.81 20.44 -26.45
C VAL C 253 17.03 19.36 -27.50
N PHE C 254 17.21 18.11 -27.06
CA PHE C 254 17.39 17.02 -28.00
C PHE C 254 16.15 16.83 -28.86
N THR C 255 14.96 16.85 -28.24
CA THR C 255 13.73 16.72 -29.00
C THR C 255 13.52 17.90 -29.94
N ILE C 256 13.89 19.11 -29.50
CA ILE C 256 13.76 20.28 -30.37
C ILE C 256 14.67 20.12 -31.59
N ILE C 257 15.91 19.67 -31.38
CA ILE C 257 16.83 19.49 -32.48
C ILE C 257 16.33 18.39 -33.42
N CYS C 258 15.78 17.32 -32.86
CA CYS C 258 15.24 16.25 -33.69
C CYS C 258 14.08 16.74 -34.55
N THR C 259 13.19 17.55 -33.96
CA THR C 259 12.08 18.10 -34.72
C THR C 259 12.58 19.04 -35.81
N ILE C 260 13.56 19.89 -35.50
CA ILE C 260 14.11 20.79 -36.49
C ILE C 260 14.72 20.00 -37.64
N GLY C 261 15.40 18.90 -37.33
CA GLY C 261 15.98 18.08 -38.37
C GLY C 261 14.93 17.41 -39.23
N ILE C 262 13.91 16.82 -38.59
CA ILE C 262 12.82 16.18 -39.33
C ILE C 262 12.14 17.20 -40.23
N LEU C 263 12.05 18.46 -39.80
CA LEU C 263 11.44 19.48 -40.64
C LEU C 263 12.35 19.86 -41.80
N MET C 264 13.64 20.02 -41.54
CA MET C 264 14.59 20.38 -42.59
C MET C 264 14.96 19.18 -43.46
N SER C 265 14.86 17.97 -42.93
CA SER C 265 15.21 16.76 -43.66
C SER C 265 14.01 16.12 -44.34
N ALA C 266 12.85 16.76 -44.32
CA ALA C 266 11.65 16.21 -44.94
C ALA C 266 11.81 16.13 -46.46
N PRO C 267 12.35 17.16 -47.12
CA PRO C 267 12.52 17.08 -48.58
C PRO C 267 13.40 15.92 -49.01
N ASN C 268 14.35 15.50 -48.17
CA ASN C 268 15.24 14.39 -48.53
C ASN C 268 14.47 13.08 -48.64
N PHE C 269 13.56 12.82 -47.69
CA PHE C 269 12.78 11.60 -47.71
C PHE C 269 11.46 11.79 -48.46
N VAL C 270 10.66 12.76 -48.03
CA VAL C 270 9.38 13.03 -48.67
C VAL C 270 9.61 13.72 -50.01
N LEU D 7 -23.38 0.76 -44.59
CA LEU D 7 -23.76 1.31 -43.29
C LEU D 7 -22.84 0.79 -42.20
N TYR D 8 -22.42 -0.47 -42.33
CA TYR D 8 -21.55 -1.07 -41.33
C TYR D 8 -20.20 -0.36 -41.28
N TYR D 9 -19.71 0.14 -42.42
CA TYR D 9 -18.45 0.86 -42.42
C TYR D 9 -18.52 2.12 -41.57
N GLY D 10 -19.61 2.87 -41.68
CA GLY D 10 -19.76 4.06 -40.86
C GLY D 10 -19.88 3.74 -39.39
N LEU D 11 -20.57 2.66 -39.05
CA LEU D 11 -20.70 2.26 -37.65
C LEU D 11 -19.35 1.83 -37.08
N ASN D 12 -18.53 1.16 -37.88
CA ASN D 12 -17.23 0.72 -37.42
C ASN D 12 -16.39 1.88 -36.92
N LEU D 13 -16.59 3.07 -37.47
CA LEU D 13 -15.87 4.27 -37.05
C LEU D 13 -16.64 5.11 -36.05
N LEU D 14 -17.97 5.02 -36.04
CA LEU D 14 -18.76 5.82 -35.11
C LEU D 14 -18.77 5.22 -33.72
N ILE D 15 -18.95 3.90 -33.61
CA ILE D 15 -19.06 3.26 -32.30
C ILE D 15 -17.78 3.43 -31.49
N PRO D 16 -16.59 3.14 -32.02
CA PRO D 16 -15.37 3.32 -31.21
C PRO D 16 -15.16 4.76 -30.78
N CYS D 17 -15.48 5.73 -31.64
CA CYS D 17 -15.32 7.13 -31.28
C CYS D 17 -16.20 7.49 -30.08
N VAL D 18 -17.48 7.09 -30.12
CA VAL D 18 -18.38 7.37 -29.02
C VAL D 18 -17.93 6.64 -27.75
N LEU D 19 -17.46 5.40 -27.90
CA LEU D 19 -16.99 4.65 -26.75
C LEU D 19 -15.81 5.34 -26.09
N ILE D 20 -14.85 5.83 -26.89
CA ILE D 20 -13.69 6.51 -26.34
C ILE D 20 -14.10 7.84 -25.71
N SER D 21 -15.04 8.54 -26.33
CA SER D 21 -15.52 9.81 -25.77
C SER D 21 -16.19 9.59 -24.43
N ALA D 22 -16.93 8.49 -24.28
CA ALA D 22 -17.57 8.19 -23.01
C ALA D 22 -16.54 7.76 -21.97
N LEU D 23 -15.55 6.97 -22.38
CA LEU D 23 -14.50 6.54 -21.45
C LEU D 23 -13.70 7.74 -20.95
N ALA D 24 -13.48 8.73 -21.82
CA ALA D 24 -12.76 9.93 -21.40
C ALA D 24 -13.52 10.64 -20.28
N LEU D 25 -14.82 10.82 -20.45
CA LEU D 25 -15.63 11.47 -19.42
C LEU D 25 -15.66 10.63 -18.14
N LEU D 26 -15.71 9.29 -18.29
CA LEU D 26 -15.74 8.43 -17.12
C LEU D 26 -14.44 8.50 -16.34
N VAL D 27 -13.31 8.67 -17.03
CA VAL D 27 -12.02 8.78 -16.35
C VAL D 27 -12.03 9.98 -15.43
N PHE D 28 -12.62 11.09 -15.86
CA PHE D 28 -12.70 12.27 -15.01
C PHE D 28 -13.78 12.13 -13.95
N LEU D 29 -14.86 11.42 -14.24
CA LEU D 29 -15.91 11.20 -13.24
C LEU D 29 -15.37 10.48 -12.02
N LEU D 30 -14.37 9.63 -12.20
CA LEU D 30 -13.79 8.91 -11.07
C LEU D 30 -13.09 9.90 -10.14
N PRO D 31 -13.30 9.83 -8.82
CA PRO D 31 -12.60 10.74 -7.92
C PRO D 31 -11.09 10.55 -8.00
N ALA D 32 -10.37 11.43 -7.29
CA ALA D 32 -8.92 11.41 -7.31
C ALA D 32 -8.39 10.10 -6.73
N ASP D 33 -7.76 9.28 -7.58
CA ASP D 33 -7.16 8.02 -7.16
C ASP D 33 -5.80 7.89 -7.82
N SER D 34 -4.76 7.79 -7.02
CA SER D 34 -3.39 7.76 -7.55
C SER D 34 -3.15 6.52 -8.39
N GLY D 35 -3.30 5.35 -7.79
CA GLY D 35 -2.95 4.10 -8.46
C GLY D 35 -3.98 3.58 -9.44
N GLU D 36 -5.18 4.18 -9.50
CA GLU D 36 -6.24 3.71 -10.37
C GLU D 36 -6.44 4.60 -11.59
N LYS D 37 -6.48 5.92 -11.39
CA LYS D 37 -6.71 6.83 -12.52
C LYS D 37 -5.71 6.58 -13.64
N ILE D 38 -4.44 6.35 -13.28
CA ILE D 38 -3.43 6.06 -14.28
C ILE D 38 -3.85 4.88 -15.13
N SER D 39 -4.27 3.78 -14.50
CA SER D 39 -4.73 2.62 -15.23
C SER D 39 -5.85 2.98 -16.21
N LEU D 40 -6.68 3.96 -15.85
CA LEU D 40 -7.72 4.42 -16.75
C LEU D 40 -7.21 5.44 -17.76
N GLY D 41 -6.22 6.24 -17.37
CA GLY D 41 -5.70 7.27 -18.26
C GLY D 41 -4.66 6.77 -19.26
N ILE D 42 -4.08 5.60 -19.01
CA ILE D 42 -3.04 5.07 -19.88
C ILE D 42 -3.67 4.21 -20.96
N THR D 43 -4.39 3.16 -20.56
CA THR D 43 -4.97 2.24 -21.53
C THR D 43 -5.94 2.95 -22.46
N VAL D 44 -6.63 3.99 -21.98
CA VAL D 44 -7.56 4.73 -22.84
C VAL D 44 -6.85 5.24 -24.08
N LEU D 45 -5.55 5.50 -23.98
CA LEU D 45 -4.79 5.92 -25.15
C LEU D 45 -4.49 4.73 -26.06
N LEU D 46 -4.08 3.60 -25.48
CA LEU D 46 -3.79 2.42 -26.28
C LEU D 46 -5.01 2.02 -27.11
N SER D 47 -6.18 1.96 -26.48
CA SER D 47 -7.40 1.61 -27.21
C SER D 47 -7.61 2.51 -28.41
N LEU D 48 -7.10 3.74 -28.36
CA LEU D 48 -7.22 4.64 -29.50
C LEU D 48 -6.24 4.25 -30.61
N THR D 49 -4.98 3.97 -30.24
CA THR D 49 -3.99 3.61 -31.23
C THR D 49 -4.43 2.38 -32.03
N VAL D 50 -4.85 1.33 -31.31
CA VAL D 50 -5.33 0.13 -31.98
C VAL D 50 -6.44 0.45 -32.95
N PHE D 51 -7.23 1.49 -32.66
CA PHE D 51 -8.27 1.92 -33.58
C PHE D 51 -7.66 2.68 -34.77
N MET D 52 -6.75 3.62 -34.48
CA MET D 52 -6.13 4.39 -35.54
C MET D 52 -5.52 3.47 -36.60
N LEU D 53 -4.76 2.47 -36.18
CA LEU D 53 -4.18 1.51 -37.11
C LEU D 53 -5.25 0.92 -38.01
N LEU D 54 -6.39 0.53 -37.42
CA LEU D 54 -7.47 -0.07 -38.22
C LEU D 54 -7.86 0.84 -39.38
N VAL D 55 -7.88 2.16 -39.14
CA VAL D 55 -8.18 3.10 -40.22
C VAL D 55 -7.24 2.87 -41.39
N ALA D 56 -5.93 2.86 -41.11
CA ALA D 56 -4.94 2.66 -42.16
C ALA D 56 -5.17 1.36 -42.93
N GLU D 57 -5.90 0.41 -42.34
CA GLU D 57 -6.20 -0.84 -43.01
C GLU D 57 -7.45 -0.75 -43.88
N ILE D 58 -8.44 0.01 -43.45
CA ILE D 58 -9.70 0.13 -44.18
C ILE D 58 -9.74 1.40 -45.04
N MET D 59 -9.15 2.49 -44.55
CA MET D 59 -9.16 3.75 -45.28
C MET D 59 -7.83 3.95 -45.99
N PRO D 60 -7.84 4.36 -47.26
CA PRO D 60 -6.56 4.57 -47.96
C PRO D 60 -5.85 5.81 -47.42
N SER D 61 -4.64 5.62 -46.89
CA SER D 61 -3.89 6.72 -46.32
C SER D 61 -3.25 7.60 -47.39
N THR D 62 -2.95 7.02 -48.56
CA THR D 62 -2.29 7.76 -49.63
C THR D 62 -3.26 8.38 -50.62
N SER D 63 -4.57 8.17 -50.45
CA SER D 63 -5.56 8.71 -51.37
C SER D 63 -6.61 9.53 -50.64
N ASP D 64 -6.96 9.14 -49.43
CA ASP D 64 -7.99 9.82 -48.65
C ASP D 64 -7.40 11.11 -48.08
N SER D 65 -7.38 12.13 -48.93
CA SER D 65 -6.88 13.46 -48.54
C SER D 65 -8.03 14.24 -47.93
N SER D 66 -8.33 13.93 -46.67
CA SER D 66 -9.42 14.56 -45.94
C SER D 66 -8.88 15.17 -44.65
N PRO D 67 -8.59 16.47 -44.62
CA PRO D 67 -8.05 17.06 -43.38
C PRO D 67 -9.03 17.12 -42.23
N SER D 68 -10.34 16.95 -42.50
CA SER D 68 -11.32 17.01 -41.42
C SER D 68 -11.16 15.84 -40.46
N ILE D 69 -11.11 14.61 -41.00
CA ILE D 69 -10.93 13.43 -40.15
C ILE D 69 -9.58 13.50 -39.46
N ALA D 70 -8.55 14.04 -40.13
CA ALA D 70 -7.24 14.17 -39.50
C ALA D 70 -7.30 15.12 -38.31
N GLN D 71 -7.96 16.26 -38.48
CA GLN D 71 -8.09 17.21 -37.38
C GLN D 71 -8.92 16.61 -36.24
N TYR D 72 -9.94 15.83 -36.57
CA TYR D 72 -10.75 15.20 -35.52
C TYR D 72 -9.94 14.17 -34.74
N PHE D 73 -9.15 13.35 -35.43
CA PHE D 73 -8.30 12.39 -34.74
C PHE D 73 -7.25 13.10 -33.90
N ALA D 74 -6.71 14.21 -34.41
CA ALA D 74 -5.74 14.98 -33.63
C ALA D 74 -6.38 15.55 -32.37
N SER D 75 -7.61 16.04 -32.47
CA SER D 75 -8.31 16.57 -31.31
C SER D 75 -8.59 15.45 -30.30
N THR D 76 -8.99 14.27 -30.78
CA THR D 76 -9.22 13.16 -29.87
C THR D 76 -7.94 12.75 -29.15
N MET D 77 -6.82 12.71 -29.89
CA MET D 77 -5.54 12.38 -29.27
C MET D 77 -5.14 13.43 -28.25
N ILE D 78 -5.37 14.71 -28.56
CA ILE D 78 -5.04 15.78 -27.63
C ILE D 78 -5.90 15.67 -26.38
N ILE D 79 -7.16 15.26 -26.53
CA ILE D 79 -8.04 15.12 -25.38
C ILE D 79 -7.59 13.97 -24.48
N VAL D 80 -7.31 12.81 -25.09
CA VAL D 80 -6.86 11.67 -24.30
C VAL D 80 -5.48 11.93 -23.70
N GLY D 81 -4.70 12.83 -24.28
CA GLY D 81 -3.42 13.21 -23.68
C GLY D 81 -3.61 14.17 -22.52
N LEU D 82 -4.48 15.16 -22.70
CA LEU D 82 -4.80 16.07 -21.61
C LEU D 82 -5.39 15.33 -20.42
N SER D 83 -6.07 14.22 -20.68
CA SER D 83 -6.47 13.34 -19.58
C SER D 83 -5.26 12.86 -18.79
N VAL D 84 -4.19 12.47 -19.51
CA VAL D 84 -2.97 12.04 -18.85
C VAL D 84 -2.34 13.21 -18.09
N VAL D 85 -2.39 14.41 -18.68
CA VAL D 85 -1.84 15.58 -18.00
C VAL D 85 -2.60 15.86 -16.70
N VAL D 86 -3.92 15.68 -16.74
CA VAL D 86 -4.73 15.92 -15.54
C VAL D 86 -4.42 14.88 -14.47
N THR D 87 -4.27 13.61 -14.88
CA THR D 87 -3.89 12.58 -13.92
C THR D 87 -2.52 12.87 -13.31
N VAL D 88 -1.59 13.37 -14.13
CA VAL D 88 -0.27 13.69 -13.64
C VAL D 88 -0.33 14.86 -12.66
N ILE D 89 -1.18 15.86 -12.96
CA ILE D 89 -1.33 16.99 -12.05
C ILE D 89 -1.94 16.53 -10.72
N VAL D 90 -2.89 15.59 -10.79
CA VAL D 90 -3.49 15.06 -9.57
C VAL D 90 -2.44 14.30 -8.75
N LEU D 91 -1.61 13.51 -9.43
CA LEU D 91 -0.55 12.78 -8.73
C LEU D 91 0.44 13.75 -8.10
N GLN D 92 0.73 14.86 -8.78
CA GLN D 92 1.65 15.85 -8.22
C GLN D 92 1.04 16.53 -7.01
N TYR D 93 -0.25 16.87 -7.07
CA TYR D 93 -0.91 17.46 -5.91
C TYR D 93 -0.96 16.49 -4.76
N HIS D 94 -1.06 15.19 -5.04
CA HIS D 94 -1.03 14.18 -3.99
C HIS D 94 0.39 13.89 -3.50
N HIS D 95 1.40 14.29 -4.25
CA HIS D 95 2.80 14.04 -3.92
C HIS D 95 3.62 15.32 -4.10
N HIS D 96 3.13 16.41 -3.52
CA HIS D 96 3.80 17.71 -3.63
C HIS D 96 5.27 17.60 -3.25
N ASP D 97 6.10 18.50 -3.81
CA ASP D 97 7.53 18.48 -3.55
C ASP D 97 7.86 19.33 -2.33
N PRO D 98 8.57 18.80 -1.34
CA PRO D 98 8.88 19.60 -0.14
C PRO D 98 9.67 20.87 -0.45
N ASP D 99 10.39 20.91 -1.57
CA ASP D 99 11.19 22.10 -1.88
C ASP D 99 10.33 23.25 -2.37
N GLY D 100 9.20 22.97 -3.01
CA GLY D 100 8.32 24.02 -3.49
C GLY D 100 7.12 23.42 -4.18
N GLY D 101 6.19 24.29 -4.56
CA GLY D 101 4.98 23.86 -5.23
C GLY D 101 4.02 25.01 -5.42
N LYS D 102 2.76 24.67 -5.65
CA LYS D 102 1.73 25.68 -5.84
C LYS D 102 1.59 26.55 -4.59
N MET D 103 1.21 27.79 -4.80
CA MET D 103 1.01 28.73 -3.69
C MET D 103 -0.03 28.16 -2.72
N PRO D 104 0.31 27.97 -1.44
CA PRO D 104 -0.68 27.38 -0.52
C PRO D 104 -1.96 28.19 -0.41
N LYS D 105 -1.85 29.48 -0.12
CA LYS D 105 -3.04 30.29 0.13
C LYS D 105 -3.84 30.50 -1.16
N TRP D 106 -3.15 30.70 -2.28
CA TRP D 106 -3.86 30.93 -3.54
C TRP D 106 -4.77 29.76 -3.88
N THR D 107 -4.32 28.53 -3.63
CA THR D 107 -5.13 27.36 -3.88
C THR D 107 -6.14 27.10 -2.77
N ARG D 108 -5.78 27.42 -1.53
CA ARG D 108 -6.70 27.20 -0.41
C ARG D 108 -7.93 28.10 -0.53
N VAL D 109 -7.74 29.33 -0.99
CA VAL D 109 -8.88 30.24 -1.16
C VAL D 109 -9.83 29.69 -2.22
N ILE D 110 -9.28 29.22 -3.34
CA ILE D 110 -10.11 28.67 -4.41
C ILE D 110 -10.83 27.43 -3.91
N LEU D 111 -10.16 26.59 -3.14
CA LEU D 111 -10.78 25.38 -2.62
C LEU D 111 -11.91 25.71 -1.65
N LEU D 112 -11.70 26.70 -0.77
CA LEU D 112 -12.75 27.09 0.16
C LEU D 112 -13.92 27.75 -0.55
N ASN D 113 -13.66 28.41 -1.69
CA ASN D 113 -14.75 29.01 -2.45
C ASN D 113 -15.51 27.98 -3.27
N TRP D 114 -14.85 26.90 -3.69
CA TRP D 114 -15.50 25.87 -4.49
C TRP D 114 -16.20 24.82 -3.64
N CYS D 115 -15.74 24.60 -2.40
CA CYS D 115 -16.37 23.59 -1.56
C CYS D 115 -17.80 23.98 -1.22
N ALA D 116 -18.05 25.26 -0.96
CA ALA D 116 -19.40 25.71 -0.66
C ALA D 116 -20.29 25.63 -1.89
N TRP D 117 -19.74 25.96 -3.07
CA TRP D 117 -20.52 25.88 -4.30
C TRP D 117 -20.90 24.45 -4.62
N PHE D 118 -19.96 23.51 -4.45
CA PHE D 118 -20.25 22.11 -4.76
C PHE D 118 -21.31 21.53 -3.83
N LEU D 119 -21.31 21.95 -2.57
CA LEU D 119 -22.30 21.46 -1.61
C LEU D 119 -23.54 22.34 -1.60
N ARG D 120 -23.37 23.64 -1.38
CA ARG D 120 -24.47 24.61 -1.36
C ARG D 120 -24.32 25.48 -2.61
N MET D 121 -24.98 25.09 -3.69
CA MET D 121 -24.88 25.81 -4.96
C MET D 121 -25.22 27.28 -4.75
N LYS D 122 -24.33 28.15 -5.22
CA LYS D 122 -24.50 29.59 -5.07
C LYS D 122 -25.33 30.15 -6.25
N ARG D 123 -26.54 29.63 -6.36
CA ARG D 123 -27.48 30.02 -7.39
C ARG D 123 -28.81 30.38 -6.75
N PRO D 124 -29.69 31.10 -7.46
CA PRO D 124 -30.98 31.46 -6.86
C PRO D 124 -31.80 30.25 -6.43
N GLY D 125 -31.82 29.18 -7.23
CA GLY D 125 -32.61 28.02 -6.89
C GLY D 125 -32.27 27.44 -5.54
N GLU D 126 -30.99 27.49 -5.14
CA GLU D 126 -30.56 26.97 -3.86
C GLU D 126 -30.43 28.04 -2.79
N ASP D 127 -30.33 29.32 -3.17
CA ASP D 127 -30.20 30.39 -2.20
C ASP D 127 -31.57 30.82 -1.66
N LYS D 128 -32.57 30.90 -2.52
CA LYS D 128 -33.90 31.34 -2.09
C LYS D 128 -34.71 30.20 -1.49
N VAL D 129 -34.55 28.98 -2.00
CA VAL D 129 -35.30 27.82 -1.51
C VAL D 129 -34.48 27.23 -0.37
N ARG D 130 -34.69 27.78 0.82
CA ARG D 130 -34.01 27.30 2.03
C ARG D 130 -34.61 28.01 3.23
N PRO D 131 -34.42 27.48 4.43
CA PRO D 131 -34.97 28.12 5.63
C PRO D 131 -34.43 29.54 5.77
N ALA D 132 -35.34 30.49 5.94
CA ALA D 132 -34.97 31.89 6.10
C ALA D 132 -36.01 32.59 6.97
N CYS D 133 -35.55 33.58 7.73
CA CYS D 133 -36.42 34.34 8.62
C CYS D 133 -35.66 35.58 9.08
N GLN D 134 -36.37 36.43 9.82
CA GLN D 134 -35.79 37.66 10.35
C GLN D 134 -35.23 37.49 11.76
N HIS D 135 -35.15 36.25 12.25
CA HIS D 135 -34.64 36.01 13.59
C HIS D 135 -33.14 36.33 13.65
N LYS D 136 -32.63 36.43 14.89
CA LYS D 136 -31.21 36.71 15.08
C LYS D 136 -30.31 35.65 14.47
N GLN D 137 -30.83 34.45 14.24
CA GLN D 137 -30.02 33.39 13.65
C GLN D 137 -29.56 33.73 12.24
N ARG D 138 -30.20 34.70 11.58
CA ARG D 138 -29.84 35.11 10.23
C ARG D 138 -29.30 36.54 10.19
N ARG D 139 -28.88 37.08 11.33
CA ARG D 139 -28.34 38.42 11.41
C ARG D 139 -26.82 38.39 11.48
N CYS D 140 -26.21 39.55 11.28
CA CYS D 140 -24.77 39.70 11.30
C CYS D 140 -24.32 40.39 12.58
N SER D 141 -23.15 39.99 13.07
CA SER D 141 -22.58 40.56 14.29
C SER D 141 -21.07 40.68 14.11
N LEU D 142 -20.41 41.25 15.14
CA LEU D 142 -18.96 41.40 15.07
C LEU D 142 -18.25 40.06 14.96
N ALA D 143 -18.81 39.01 15.57
CA ALA D 143 -18.17 37.70 15.51
C ALA D 143 -18.17 37.14 14.09
N SER D 144 -19.21 37.44 13.30
CA SER D 144 -19.29 36.93 11.95
C SER D 144 -18.38 37.69 10.98
N VAL D 145 -18.10 38.97 11.27
CA VAL D 145 -17.26 39.78 10.42
C VAL D 145 -15.80 39.36 10.61
N GLU D 146 -15.26 38.62 9.63
CA GLU D 146 -13.89 38.15 9.68
C GLU D 146 -12.94 39.02 8.88
N MET D 147 -13.25 40.32 8.75
CA MET D 147 -12.40 41.22 7.99
C MET D 147 -11.10 41.53 8.72
N SER D 148 -11.11 41.43 10.05
CA SER D 148 -9.93 41.71 10.87
C SER D 148 -9.50 40.48 11.65
N ALA D 149 -9.66 39.29 11.07
CA ALA D 149 -9.28 38.03 11.71
C ALA D 149 -9.98 37.88 13.06
N VAL D 150 -11.31 38.01 13.04
CA VAL D 150 -12.12 37.89 14.25
C VAL D 150 -12.46 36.42 14.47
N ALA D 151 -12.59 36.05 15.73
CA ALA D 151 -12.91 34.68 16.10
C ALA D 151 -14.27 34.28 15.52
N PRO D 152 -14.34 33.32 14.60
CA PRO D 152 -15.63 32.92 14.04
C PRO D 152 -16.56 32.42 15.14
N PRO D 153 -17.85 32.25 14.84
CA PRO D 153 -18.78 31.76 15.86
C PRO D 153 -18.40 30.37 16.33
N PRO D 154 -18.83 29.97 17.54
CA PRO D 154 -18.50 28.63 18.03
C PRO D 154 -19.07 27.55 17.11
N ALA D 155 -18.18 26.68 16.62
CA ALA D 155 -18.59 25.59 15.75
C ALA D 155 -17.50 24.54 15.74
N SER D 156 -17.90 23.30 15.45
CA SER D 156 -16.97 22.18 15.40
C SER D 156 -16.47 21.89 13.99
N ASN D 157 -16.78 22.75 13.03
CA ASN D 157 -16.35 22.56 11.64
C ASN D 157 -15.02 23.22 11.33
N GLY D 158 -14.24 23.56 12.36
CA GLY D 158 -12.95 24.19 12.15
C GLY D 158 -12.88 25.60 12.72
N ASN D 159 -13.80 25.93 13.63
CA ASN D 159 -13.85 27.23 14.26
C ASN D 159 -13.53 27.18 15.75
N LEU D 160 -14.24 26.32 16.49
CA LEU D 160 -13.97 26.18 17.93
C LEU D 160 -12.77 25.29 18.18
N LEU D 161 -12.64 24.20 17.40
CA LEU D 161 -11.48 23.34 17.53
C LEU D 161 -10.18 24.09 17.28
N TYR D 162 -10.23 25.15 16.45
CA TYR D 162 -9.06 25.98 16.25
C TYR D 162 -8.58 26.58 17.56
N ILE D 163 -9.44 27.39 18.21
CA ILE D 163 -9.07 28.00 19.48
C ILE D 163 -8.76 26.93 20.52
N GLY D 164 -9.37 25.75 20.38
CA GLY D 164 -9.14 24.68 21.34
C GLY D 164 -7.75 24.10 21.28
N PHE D 165 -7.36 23.58 20.12
CA PHE D 165 -6.09 22.88 19.97
C PHE D 165 -4.97 23.80 19.49
N ARG D 166 -5.21 24.57 18.42
CA ARG D 166 -4.19 25.43 17.84
C ARG D 166 -4.01 26.72 18.61
N GLY D 167 -4.51 26.80 19.84
CA GLY D 167 -4.33 27.99 20.67
C GLY D 167 -2.97 28.03 21.32
N LEU D 168 -1.96 28.41 20.54
CA LEU D 168 -0.58 28.43 21.03
C LEU D 168 -0.46 29.24 22.31
N ASP D 169 0.64 29.05 23.03
CA ASP D 169 0.83 29.71 24.32
C ASP D 169 0.59 31.21 24.24
N GLY D 170 0.88 31.82 23.08
CA GLY D 170 0.73 33.25 22.93
C GLY D 170 -0.67 33.77 23.24
N VAL D 171 -1.68 32.92 23.14
CA VAL D 171 -3.06 33.33 23.34
C VAL D 171 -3.75 32.47 24.39
N HIS D 172 -3.14 31.34 24.75
CA HIS D 172 -3.75 30.37 25.65
C HIS D 172 -3.03 30.28 27.00
N CYS D 173 -1.73 30.01 26.99
CA CYS D 173 -0.97 29.85 28.22
C CYS D 173 -0.51 31.17 28.82
N VAL D 174 -1.00 32.29 28.33
CA VAL D 174 -0.63 33.61 28.86
C VAL D 174 -1.91 34.40 29.10
N PRO D 175 -2.71 34.06 30.12
CA PRO D 175 -3.94 34.81 30.42
C PRO D 175 -3.69 36.08 31.20
N THR D 176 -3.28 37.14 30.49
CA THR D 176 -3.02 38.43 31.12
C THR D 176 -4.30 39.07 31.65
N PRO D 177 -5.45 38.91 31.00
CA PRO D 177 -6.67 39.49 31.56
C PRO D 177 -6.98 38.92 32.94
N ASP D 178 -7.40 39.81 33.85
CA ASP D 178 -7.73 39.42 35.22
C ASP D 178 -9.09 38.71 35.22
N SER D 179 -9.06 37.38 35.19
CA SER D 179 -10.30 36.61 35.18
C SER D 179 -10.90 36.48 36.58
N GLY D 180 -10.07 36.52 37.62
CA GLY D 180 -10.55 36.42 38.99
C GLY D 180 -10.66 35.01 39.52
N VAL D 181 -10.27 34.00 38.74
CA VAL D 181 -10.37 32.62 39.21
C VAL D 181 -9.19 32.28 40.11
N VAL D 182 -8.06 32.96 39.97
CA VAL D 182 -6.90 32.66 40.80
C VAL D 182 -7.16 32.96 42.26
N CYS D 183 -8.00 33.96 42.55
CA CYS D 183 -8.30 34.34 43.93
C CYS D 183 -9.78 34.56 44.21
N GLY D 184 -10.65 34.52 43.21
CA GLY D 184 -12.07 34.74 43.44
C GLY D 184 -12.87 33.46 43.49
N ARG D 185 -12.50 32.49 42.66
CA ARG D 185 -13.18 31.21 42.59
C ARG D 185 -12.29 30.11 43.14
N MET D 186 -12.92 29.08 43.71
CA MET D 186 -12.22 27.95 44.30
C MET D 186 -12.45 26.66 43.52
N ALA D 187 -13.09 26.73 42.36
CA ALA D 187 -13.36 25.54 41.55
C ALA D 187 -12.06 25.08 40.91
N CYS D 188 -11.45 24.05 41.50
CA CYS D 188 -10.19 23.50 40.99
C CYS D 188 -9.10 24.57 40.93
N SER D 189 -9.16 25.56 41.82
CA SER D 189 -8.18 26.63 41.85
C SER D 189 -8.14 27.26 43.24
N PRO D 190 -7.35 26.73 44.16
CA PRO D 190 -7.27 27.34 45.50
C PRO D 190 -6.86 28.80 45.42
N THR D 191 -7.49 29.61 46.29
CA THR D 191 -7.23 31.04 46.33
C THR D 191 -5.90 31.27 47.02
N HIS D 192 -4.82 31.26 46.23
CA HIS D 192 -3.47 31.50 46.71
C HIS D 192 -3.18 30.75 48.00
N ASP D 193 -3.75 29.56 48.15
CA ASP D 193 -3.55 28.75 49.35
C ASP D 193 -2.17 28.10 49.27
N GLU D 194 -1.20 28.70 49.96
CA GLU D 194 0.16 28.16 49.96
C GLU D 194 0.35 27.03 50.96
N HIS D 195 -0.51 26.95 51.98
CA HIS D 195 -0.41 25.90 52.99
C HIS D 195 -1.22 24.67 52.64
N LEU D 196 -1.72 24.56 51.41
CA LEU D 196 -2.50 23.41 50.99
C LEU D 196 -1.57 22.22 50.81
N LEU D 197 -1.53 21.33 51.81
CA LEU D 197 -0.69 20.14 51.78
C LEU D 197 -1.57 18.90 51.69
N HIS D 198 -1.12 17.94 50.89
CA HIS D 198 -1.86 16.68 50.70
C HIS D 198 -1.62 15.80 51.92
N GLY D 199 -2.36 16.10 52.99
CA GLY D 199 -2.25 15.34 54.22
C GLY D 199 -0.86 15.38 54.82
N GLY D 200 -0.26 16.57 54.86
CA GLY D 200 1.06 16.76 55.41
C GLY D 200 2.16 16.91 54.38
N GLN D 201 1.93 16.48 53.14
CA GLN D 201 2.93 16.58 52.09
C GLN D 201 2.48 17.57 51.02
N PRO D 202 3.41 18.20 50.31
CA PRO D 202 3.03 19.15 49.27
C PRO D 202 2.63 18.45 47.98
N PRO D 203 2.08 19.17 47.01
CA PRO D 203 1.72 18.54 45.74
C PRO D 203 2.92 18.00 44.99
N GLU D 204 2.68 17.37 43.84
CA GLU D 204 3.75 16.81 43.02
C GLU D 204 4.56 15.78 43.80
N GLY D 205 3.87 14.70 44.18
CA GLY D 205 4.52 13.65 44.95
C GLY D 205 5.79 13.12 44.31
N ASP D 206 5.83 13.10 42.97
CA ASP D 206 7.00 12.60 42.26
C ASP D 206 7.19 13.38 40.96
N PRO D 207 8.26 14.16 40.82
CA PRO D 207 8.47 14.88 39.55
C PRO D 207 8.53 13.99 38.33
N ASP D 208 8.82 12.70 38.51
CA ASP D 208 8.87 11.78 37.37
C ASP D 208 7.52 11.70 36.67
N LEU D 209 6.42 11.82 37.43
CA LEU D 209 5.11 11.81 36.82
C LEU D 209 4.89 13.03 35.93
N ALA D 210 5.48 14.16 36.28
CA ALA D 210 5.36 15.36 35.43
C ALA D 210 6.01 15.13 34.08
N LYS D 211 7.11 14.38 34.04
CA LYS D 211 7.77 14.08 32.78
C LYS D 211 7.05 12.97 32.02
N ILE D 212 6.49 12.00 32.75
CA ILE D 212 5.69 10.96 32.09
C ILE D 212 4.49 11.58 31.39
N LEU D 213 3.82 12.53 32.07
CA LEU D 213 2.68 13.20 31.46
C LEU D 213 3.13 14.05 30.26
N GLU D 214 4.28 14.70 30.37
CA GLU D 214 4.79 15.49 29.26
C GLU D 214 5.05 14.62 28.04
N GLU D 215 5.64 13.44 28.25
CA GLU D 215 5.90 12.55 27.13
C GLU D 215 4.61 11.96 26.55
N VAL D 216 3.65 11.64 27.41
CA VAL D 216 2.38 11.13 26.92
C VAL D 216 1.63 12.21 26.14
N ARG D 217 1.84 13.48 26.49
CA ARG D 217 1.25 14.58 25.74
C ARG D 217 2.00 14.82 24.43
N TYR D 218 3.32 14.62 24.42
CA TYR D 218 4.06 14.66 23.17
C TYR D 218 3.58 13.56 22.23
N ILE D 219 3.22 12.41 22.76
CA ILE D 219 2.66 11.34 21.93
C ILE D 219 1.34 11.79 21.30
N ALA D 220 0.49 12.45 22.09
CA ALA D 220 -0.76 12.98 21.55
C ALA D 220 -0.50 14.05 20.51
N ASN D 221 0.54 14.86 20.71
CA ASN D 221 0.90 15.87 19.71
C ASN D 221 1.38 15.22 18.42
N ARG D 222 2.11 14.11 18.52
CA ARG D 222 2.51 13.37 17.34
C ARG D 222 1.29 12.80 16.62
N PHE D 223 0.33 12.26 17.38
CA PHE D 223 -0.90 11.76 16.76
C PHE D 223 -1.66 12.90 16.08
N ARG D 224 -1.66 14.08 16.69
CA ARG D 224 -2.33 15.23 16.09
C ARG D 224 -1.62 15.69 14.82
N CYS D 225 -0.29 15.60 14.80
CA CYS D 225 0.45 15.92 13.59
C CYS D 225 0.14 14.92 12.48
N GLN D 226 0.01 13.64 12.83
CA GLN D 226 -0.40 12.64 11.86
C GLN D 226 -1.79 12.95 11.33
N ASP D 227 -2.72 13.34 12.22
CA ASP D 227 -4.06 13.72 11.77
C ASP D 227 -4.02 14.92 10.86
N GLU D 228 -3.14 15.89 11.14
CA GLU D 228 -3.01 17.06 10.28
C GLU D 228 -2.47 16.69 8.92
N SER D 229 -1.50 15.76 8.87
CA SER D 229 -1.00 15.27 7.60
C SER D 229 -2.10 14.57 6.82
N GLU D 230 -2.93 13.77 7.51
CA GLU D 230 -4.05 13.12 6.84
C GLU D 230 -5.04 14.15 6.31
N ALA D 231 -5.27 15.23 7.07
CA ALA D 231 -6.17 16.28 6.61
C ALA D 231 -5.60 17.00 5.40
N VAL D 232 -4.29 17.21 5.37
CA VAL D 232 -3.67 17.83 4.20
C VAL D 232 -3.80 16.93 2.99
N CYS D 233 -3.63 15.61 3.19
CA CYS D 233 -3.82 14.67 2.10
C CYS D 233 -5.25 14.70 1.59
N SER D 234 -6.23 14.79 2.51
CA SER D 234 -7.62 14.86 2.11
C SER D 234 -7.92 16.14 1.36
N GLU D 235 -7.28 17.26 1.77
CA GLU D 235 -7.46 18.50 1.05
C GLU D 235 -6.87 18.41 -0.36
N TRP D 236 -5.71 17.78 -0.50
CA TRP D 236 -5.14 17.57 -1.83
C TRP D 236 -6.06 16.69 -2.68
N LYS D 237 -6.66 15.67 -2.07
CA LYS D 237 -7.61 14.82 -2.79
C LYS D 237 -8.82 15.61 -3.23
N PHE D 238 -9.33 16.49 -2.37
CA PHE D 238 -10.48 17.32 -2.73
C PHE D 238 -10.12 18.26 -3.87
N ALA D 239 -8.92 18.85 -3.83
CA ALA D 239 -8.48 19.71 -4.92
C ALA D 239 -8.36 18.94 -6.22
N ALA D 240 -7.83 17.72 -6.17
CA ALA D 240 -7.73 16.89 -7.35
C ALA D 240 -9.11 16.59 -7.93
N CYS D 241 -10.07 16.23 -7.06
CA CYS D 241 -11.42 15.96 -7.53
C CYS D 241 -12.07 17.22 -8.12
N VAL D 242 -11.80 18.38 -7.53
CA VAL D 242 -12.38 19.62 -8.04
C VAL D 242 -11.83 19.93 -9.42
N VAL D 243 -10.52 19.82 -9.60
CA VAL D 243 -9.94 20.09 -10.91
C VAL D 243 -10.40 19.05 -11.93
N ASP D 244 -10.57 17.80 -11.50
CA ASP D 244 -11.09 16.78 -12.42
C ASP D 244 -12.50 17.12 -12.88
N ARG D 245 -13.37 17.52 -11.94
CA ARG D 245 -14.73 17.89 -12.31
C ARG D 245 -14.74 19.13 -13.21
N LEU D 246 -13.85 20.08 -12.95
CA LEU D 246 -13.76 21.26 -13.80
C LEU D 246 -13.35 20.88 -15.21
N CYS D 247 -12.33 20.01 -15.34
CA CYS D 247 -11.92 19.56 -16.66
C CYS D 247 -13.04 18.80 -17.36
N LEU D 248 -13.78 17.99 -16.62
CA LEU D 248 -14.90 17.26 -17.21
C LEU D 248 -15.96 18.23 -17.74
N MET D 249 -16.32 19.23 -16.94
CA MET D 249 -17.31 20.21 -17.38
C MET D 249 -16.81 21.01 -18.57
N ALA D 250 -15.51 21.29 -18.63
CA ALA D 250 -14.97 22.06 -19.75
C ALA D 250 -14.89 21.22 -21.02
N PHE D 251 -14.66 19.91 -20.88
CA PHE D 251 -14.54 19.03 -22.04
C PHE D 251 -15.88 18.51 -22.52
N SER D 252 -16.92 18.56 -21.70
CA SER D 252 -18.24 18.12 -22.14
C SER D 252 -18.71 18.93 -23.33
N VAL D 253 -18.61 20.26 -23.24
CA VAL D 253 -19.06 21.12 -24.32
C VAL D 253 -18.20 20.92 -25.55
N PHE D 254 -16.89 20.70 -25.36
CA PHE D 254 -16.00 20.45 -26.50
C PHE D 254 -16.39 19.18 -27.22
N THR D 255 -16.67 18.11 -26.47
CA THR D 255 -17.07 16.86 -27.09
C THR D 255 -18.41 17.01 -27.79
N ILE D 256 -19.33 17.77 -27.19
CA ILE D 256 -20.63 17.99 -27.83
C ILE D 256 -20.46 18.72 -29.15
N ILE D 257 -19.60 19.75 -29.17
CA ILE D 257 -19.37 20.49 -30.40
C ILE D 257 -18.70 19.61 -31.43
N CYS D 258 -17.75 18.76 -31.00
CA CYS D 258 -17.09 17.86 -31.94
C CYS D 258 -18.07 16.88 -32.55
N THR D 259 -18.99 16.35 -31.73
CA THR D 259 -20.00 15.43 -32.26
C THR D 259 -20.94 16.15 -33.23
N ILE D 260 -21.36 17.38 -32.88
CA ILE D 260 -22.23 18.14 -33.77
C ILE D 260 -21.53 18.38 -35.10
N GLY D 261 -20.23 18.67 -35.06
CA GLY D 261 -19.49 18.90 -36.29
C GLY D 261 -19.36 17.64 -37.12
N ILE D 262 -19.01 16.52 -36.47
CA ILE D 262 -18.91 15.25 -37.18
C ILE D 262 -20.24 14.89 -37.82
N LEU D 263 -21.34 15.24 -37.17
CA LEU D 263 -22.66 14.96 -37.74
C LEU D 263 -22.96 15.88 -38.93
N MET D 264 -22.66 17.17 -38.79
CA MET D 264 -22.91 18.12 -39.87
C MET D 264 -21.86 18.04 -40.97
N SER D 265 -20.65 17.57 -40.64
CA SER D 265 -19.58 17.46 -41.62
C SER D 265 -19.48 16.08 -42.25
N ALA D 266 -20.45 15.20 -41.97
CA ALA D 266 -20.43 13.86 -42.54
C ALA D 266 -20.61 13.89 -44.05
N PRO D 267 -21.54 14.70 -44.58
CA PRO D 267 -21.68 14.75 -46.05
C PRO D 267 -20.41 15.17 -46.77
N ASN D 268 -19.57 15.98 -46.13
CA ASN D 268 -18.35 16.43 -46.79
C ASN D 268 -17.39 15.27 -47.03
N PHE D 269 -17.23 14.38 -46.05
CA PHE D 269 -16.34 13.24 -46.17
C PHE D 269 -17.08 12.02 -46.71
N VAL D 270 -18.14 11.60 -46.04
CA VAL D 270 -18.92 10.45 -46.47
C VAL D 270 -19.76 10.82 -47.68
N LEU E 7 -16.94 -24.25 -40.75
CA LEU E 7 -17.31 -24.36 -39.34
C LEU E 7 -16.31 -23.61 -38.47
N TYR E 8 -15.04 -23.64 -38.86
CA TYR E 8 -14.01 -22.95 -38.09
C TYR E 8 -14.24 -21.45 -38.07
N TYR E 9 -14.77 -20.89 -39.15
CA TYR E 9 -15.04 -19.45 -39.19
C TYR E 9 -16.06 -19.07 -38.13
N GLY E 10 -17.13 -19.85 -37.98
CA GLY E 10 -18.11 -19.55 -36.95
C GLY E 10 -17.56 -19.69 -35.55
N LEU E 11 -16.71 -20.69 -35.34
CA LEU E 11 -16.10 -20.86 -34.01
C LEU E 11 -15.16 -19.70 -33.70
N ASN E 12 -14.44 -19.19 -34.69
CA ASN E 12 -13.52 -18.08 -34.46
C ASN E 12 -14.25 -16.88 -33.88
N LEU E 13 -15.53 -16.71 -34.19
CA LEU E 13 -16.31 -15.61 -33.65
C LEU E 13 -17.15 -16.00 -32.45
N LEU E 14 -17.48 -17.29 -32.29
CA LEU E 14 -18.28 -17.73 -31.14
C LEU E 14 -17.43 -17.85 -29.88
N ILE E 15 -16.25 -18.46 -29.99
CA ILE E 15 -15.42 -18.68 -28.80
C ILE E 15 -15.02 -17.38 -28.13
N PRO E 16 -14.49 -16.38 -28.84
CA PRO E 16 -14.12 -15.14 -28.15
C PRO E 16 -15.30 -14.43 -27.52
N CYS E 17 -16.47 -14.47 -28.16
CA CYS E 17 -17.65 -13.84 -27.57
C CYS E 17 -18.01 -14.48 -26.24
N VAL E 18 -18.05 -15.81 -26.20
CA VAL E 18 -18.38 -16.51 -24.96
C VAL E 18 -17.31 -16.26 -23.91
N LEU E 19 -16.04 -16.23 -24.32
CA LEU E 19 -14.96 -15.98 -23.37
C LEU E 19 -15.11 -14.59 -22.75
N ILE E 20 -15.41 -13.58 -23.57
CA ILE E 20 -15.58 -12.23 -23.04
C ILE E 20 -16.81 -12.14 -22.16
N SER E 21 -17.88 -12.84 -22.54
CA SER E 21 -19.09 -12.83 -21.71
C SER E 21 -18.83 -13.47 -20.36
N ALA E 22 -18.01 -14.52 -20.31
CA ALA E 22 -17.68 -15.15 -19.04
C ALA E 22 -16.75 -14.27 -18.22
N LEU E 23 -15.78 -13.61 -18.87
CA LEU E 23 -14.88 -12.72 -18.17
C LEU E 23 -15.63 -11.55 -17.56
N ALA E 24 -16.66 -11.05 -18.27
CA ALA E 24 -17.47 -9.96 -17.73
C ALA E 24 -18.14 -10.37 -16.43
N LEU E 25 -18.75 -11.55 -16.41
CA LEU E 25 -19.39 -12.03 -15.19
C LEU E 25 -18.36 -12.28 -14.09
N LEU E 26 -17.17 -12.78 -14.45
CA LEU E 26 -16.14 -13.03 -13.45
C LEU E 26 -15.66 -11.73 -12.84
N VAL E 27 -15.60 -10.65 -13.63
CA VAL E 27 -15.16 -9.36 -13.09
C VAL E 27 -16.09 -8.91 -11.96
N PHE E 28 -17.39 -9.14 -12.13
CA PHE E 28 -18.35 -8.78 -11.09
C PHE E 28 -18.33 -9.78 -9.94
N LEU E 29 -18.06 -11.06 -10.23
CA LEU E 29 -17.98 -12.05 -9.17
C LEU E 29 -16.89 -11.71 -8.16
N LEU E 30 -15.83 -11.05 -8.60
CA LEU E 30 -14.75 -10.67 -7.69
C LEU E 30 -15.27 -9.64 -6.69
N PRO E 31 -15.02 -9.80 -5.40
CA PRO E 31 -15.47 -8.79 -4.43
C PRO E 31 -14.83 -7.44 -4.71
N ALA E 32 -15.28 -6.44 -3.95
CA ALA E 32 -14.81 -5.08 -4.13
C ALA E 32 -13.32 -4.97 -3.86
N ASP E 33 -12.53 -4.69 -4.90
CA ASP E 33 -11.09 -4.51 -4.78
C ASP E 33 -10.69 -3.31 -5.61
N SER E 34 -10.08 -2.31 -4.95
CA SER E 34 -9.75 -1.07 -5.63
C SER E 34 -8.69 -1.28 -6.71
N GLY E 35 -7.52 -1.79 -6.32
CA GLY E 35 -6.40 -1.90 -7.24
C GLY E 35 -6.44 -3.10 -8.17
N GLU E 36 -7.37 -4.03 -7.96
CA GLU E 36 -7.44 -5.24 -8.77
C GLU E 36 -8.58 -5.20 -9.79
N LYS E 37 -9.77 -4.81 -9.37
CA LYS E 37 -10.92 -4.78 -10.29
C LYS E 37 -10.60 -3.97 -11.54
N ILE E 38 -9.90 -2.85 -11.37
CA ILE E 38 -9.54 -2.03 -12.52
C ILE E 38 -8.75 -2.86 -13.52
N SER E 39 -7.73 -3.59 -13.04
CA SER E 39 -6.94 -4.45 -13.92
C SER E 39 -7.84 -5.43 -14.68
N LEU E 40 -8.93 -5.87 -14.06
CA LEU E 40 -9.87 -6.75 -14.73
C LEU E 40 -10.85 -5.98 -15.61
N GLY E 41 -11.22 -4.75 -15.21
CA GLY E 41 -12.17 -3.97 -15.97
C GLY E 41 -11.58 -3.23 -17.14
N ILE E 42 -10.26 -3.03 -17.16
CA ILE E 42 -9.61 -2.28 -18.23
C ILE E 42 -9.22 -3.22 -19.36
N THR E 43 -8.39 -4.22 -19.06
CA THR E 43 -7.90 -5.12 -20.09
C THR E 43 -9.04 -5.86 -20.78
N VAL E 44 -10.13 -6.14 -20.05
CA VAL E 44 -11.27 -6.82 -20.65
C VAL E 44 -11.77 -6.06 -21.87
N LEU E 45 -11.61 -4.73 -21.87
CA LEU E 45 -11.99 -3.94 -23.03
C LEU E 45 -10.98 -4.11 -24.16
N LEU E 46 -9.69 -4.07 -23.83
CA LEU E 46 -8.67 -4.24 -24.86
C LEU E 46 -8.85 -5.56 -25.60
N SER E 47 -9.03 -6.66 -24.85
CA SER E 47 -9.23 -7.96 -25.47
C SER E 47 -10.38 -7.92 -26.47
N LEU E 48 -11.36 -7.03 -26.27
CA LEU E 48 -12.45 -6.90 -27.22
C LEU E 48 -12.01 -6.17 -28.48
N THR E 49 -11.28 -5.06 -28.31
CA THR E 49 -10.83 -4.30 -29.47
C THR E 49 -9.99 -5.16 -30.39
N VAL E 50 -9.00 -5.87 -29.84
CA VAL E 50 -8.16 -6.75 -30.65
C VAL E 50 -9.02 -7.74 -31.42
N PHE E 51 -10.17 -8.13 -30.86
CA PHE E 51 -11.08 -9.01 -31.57
C PHE E 51 -11.83 -8.26 -32.66
N MET E 52 -12.36 -7.07 -32.33
CA MET E 52 -13.09 -6.28 -33.31
C MET E 52 -12.26 -6.08 -34.57
N LEU E 53 -11.00 -5.66 -34.41
CA LEU E 53 -10.12 -5.48 -35.56
C LEU E 53 -10.08 -6.74 -36.42
N LEU E 54 -9.97 -7.91 -35.78
CA LEU E 54 -9.91 -9.16 -36.53
C LEU E 54 -11.11 -9.30 -37.46
N VAL E 55 -12.29 -8.87 -37.01
CA VAL E 55 -13.47 -8.90 -37.87
C VAL E 55 -13.20 -8.15 -39.15
N ALA E 56 -12.73 -6.90 -39.05
CA ALA E 56 -12.44 -6.10 -40.22
C ALA E 56 -11.46 -6.79 -41.17
N GLU E 57 -10.69 -7.76 -40.66
CA GLU E 57 -9.75 -8.49 -41.51
C GLU E 57 -10.40 -9.68 -42.20
N ILE E 58 -11.34 -10.34 -41.53
CA ILE E 58 -11.98 -11.53 -42.08
C ILE E 58 -13.34 -11.21 -42.67
N MET E 59 -14.07 -10.27 -42.08
CA MET E 59 -15.39 -9.89 -42.57
C MET E 59 -15.31 -8.62 -43.40
N PRO E 60 -15.94 -8.55 -44.56
CA PRO E 60 -15.89 -7.32 -45.36
C PRO E 60 -16.72 -6.22 -44.71
N SER E 61 -16.06 -5.11 -44.36
CA SER E 61 -16.74 -4.01 -43.69
C SER E 61 -17.56 -3.18 -44.67
N THR E 62 -17.18 -3.15 -45.94
CA THR E 62 -17.87 -2.35 -46.94
C THR E 62 -18.95 -3.13 -47.68
N SER E 63 -19.12 -4.42 -47.41
CA SER E 63 -20.12 -5.22 -48.10
C SER E 63 -21.05 -5.90 -47.11
N ASP E 64 -20.54 -6.30 -45.95
CA ASP E 64 -21.35 -7.01 -44.95
C ASP E 64 -22.24 -6.01 -44.24
N SER E 65 -23.34 -5.65 -44.91
CA SER E 65 -24.33 -4.72 -44.36
C SER E 65 -25.30 -5.52 -43.51
N SER E 66 -24.86 -5.84 -42.29
CA SER E 66 -25.65 -6.62 -41.34
C SER E 66 -25.79 -5.84 -40.04
N PRO E 67 -26.91 -5.15 -39.81
CA PRO E 67 -27.04 -4.37 -38.57
C PRO E 67 -27.17 -5.22 -37.32
N SER E 68 -27.46 -6.52 -37.45
CA SER E 68 -27.61 -7.37 -36.27
C SER E 68 -26.27 -7.56 -35.56
N ILE E 69 -25.23 -7.94 -36.30
CA ILE E 69 -23.91 -8.09 -35.70
C ILE E 69 -23.40 -6.77 -35.16
N ALA E 70 -23.72 -5.67 -35.85
CA ALA E 70 -23.30 -4.35 -35.36
C ALA E 70 -23.97 -4.03 -34.03
N GLN E 71 -25.27 -4.29 -33.92
CA GLN E 71 -25.97 -4.04 -32.66
C GLN E 71 -25.44 -4.95 -31.56
N TYR E 72 -25.10 -6.19 -31.90
CA TYR E 72 -24.57 -7.10 -30.88
C TYR E 72 -23.20 -6.64 -30.39
N PHE E 73 -22.33 -6.20 -31.30
CA PHE E 73 -21.04 -5.68 -30.90
C PHE E 73 -21.19 -4.41 -30.07
N ALA E 74 -22.15 -3.56 -30.43
CA ALA E 74 -22.40 -2.35 -29.66
C ALA E 74 -22.89 -2.69 -28.25
N SER E 75 -23.75 -3.71 -28.13
CA SER E 75 -24.22 -4.13 -26.82
C SER E 75 -23.07 -4.70 -25.98
N THR E 76 -22.20 -5.49 -26.61
CA THR E 76 -21.05 -6.03 -25.89
C THR E 76 -20.13 -4.90 -25.41
N MET E 77 -19.89 -3.91 -26.26
CA MET E 77 -19.06 -2.77 -25.87
C MET E 77 -19.72 -2.00 -24.73
N ILE E 78 -21.04 -1.81 -24.79
CA ILE E 78 -21.74 -1.09 -23.73
C ILE E 78 -21.66 -1.88 -22.42
N ILE E 79 -21.70 -3.21 -22.50
CA ILE E 79 -21.61 -4.02 -21.29
C ILE E 79 -20.22 -3.92 -20.67
N VAL E 80 -19.17 -4.07 -21.50
CA VAL E 80 -17.82 -3.97 -20.97
C VAL E 80 -17.51 -2.56 -20.50
N GLY E 81 -18.22 -1.55 -21.00
CA GLY E 81 -18.06 -0.20 -20.51
C GLY E 81 -18.78 0.01 -19.18
N LEU E 82 -20.01 -0.50 -19.08
CA LEU E 82 -20.74 -0.45 -17.82
C LEU E 82 -19.98 -1.18 -16.72
N SER E 83 -19.21 -2.21 -17.08
CA SER E 83 -18.31 -2.81 -16.11
C SER E 83 -17.32 -1.77 -15.57
N VAL E 84 -16.77 -0.95 -16.45
CA VAL E 84 -15.86 0.11 -16.03
C VAL E 84 -16.60 1.13 -15.17
N VAL E 85 -17.84 1.45 -15.52
CA VAL E 85 -18.62 2.38 -14.71
C VAL E 85 -18.86 1.83 -13.32
N VAL E 86 -19.11 0.52 -13.22
CA VAL E 86 -19.35 -0.10 -11.91
C VAL E 86 -18.06 -0.08 -11.09
N THR E 87 -16.93 -0.39 -11.72
CA THR E 87 -15.65 -0.32 -11.01
C THR E 87 -15.38 1.11 -10.53
N VAL E 88 -15.72 2.10 -11.35
CA VAL E 88 -15.51 3.49 -10.96
C VAL E 88 -16.42 3.86 -9.80
N ILE E 89 -17.65 3.38 -9.82
CA ILE E 89 -18.58 3.64 -8.71
C ILE E 89 -18.07 2.99 -7.43
N VAL E 90 -17.51 1.78 -7.54
CA VAL E 90 -16.95 1.12 -6.37
C VAL E 90 -15.76 1.91 -5.82
N LEU E 91 -14.90 2.38 -6.72
CA LEU E 91 -13.76 3.18 -6.28
C LEU E 91 -14.22 4.47 -5.62
N GLN E 92 -15.30 5.08 -6.12
CA GLN E 92 -15.82 6.30 -5.53
C GLN E 92 -16.40 6.01 -4.14
N TYR E 93 -17.13 4.90 -4.00
CA TYR E 93 -17.65 4.54 -2.69
C TYR E 93 -16.52 4.24 -1.71
N HIS E 94 -15.41 3.69 -2.20
CA HIS E 94 -14.25 3.45 -1.35
C HIS E 94 -13.45 4.72 -1.09
N HIS E 95 -13.66 5.77 -1.88
CA HIS E 95 -12.93 7.03 -1.76
C HIS E 95 -13.90 8.20 -1.82
N HIS E 96 -14.94 8.14 -0.99
CA HIS E 96 -15.96 9.18 -0.96
C HIS E 96 -15.32 10.56 -0.78
N ASP E 97 -16.00 11.60 -1.26
CA ASP E 97 -15.48 12.97 -1.20
C ASP E 97 -15.92 13.62 0.11
N PRO E 98 -15.01 14.17 0.91
CA PRO E 98 -15.41 14.80 2.17
C PRO E 98 -16.41 15.94 1.99
N ASP E 99 -16.45 16.58 0.82
CA ASP E 99 -17.36 17.70 0.63
C ASP E 99 -18.80 17.25 0.45
N GLY E 100 -19.01 16.05 -0.09
CA GLY E 100 -20.36 15.54 -0.28
C GLY E 100 -20.31 14.17 -0.92
N GLY E 101 -21.49 13.57 -1.03
CA GLY E 101 -21.60 12.25 -1.62
C GLY E 101 -23.01 11.71 -1.48
N LYS E 102 -23.14 10.40 -1.62
CA LYS E 102 -24.44 9.75 -1.51
C LYS E 102 -25.03 9.97 -0.12
N MET E 103 -26.36 10.01 -0.07
CA MET E 103 -27.05 10.19 1.19
C MET E 103 -26.66 9.08 2.18
N PRO E 104 -26.11 9.41 3.35
CA PRO E 104 -25.69 8.33 4.26
C PRO E 104 -26.83 7.40 4.67
N LYS E 105 -27.94 7.94 5.17
CA LYS E 105 -29.01 7.10 5.68
C LYS E 105 -29.71 6.35 4.55
N TRP E 106 -29.90 6.99 3.40
CA TRP E 106 -30.59 6.34 2.29
C TRP E 106 -29.86 5.07 1.86
N THR E 107 -28.52 5.12 1.86
CA THR E 107 -27.74 3.94 1.50
C THR E 107 -27.59 2.97 2.66
N ARG E 108 -27.53 3.48 3.89
CA ARG E 108 -27.39 2.61 5.05
C ARG E 108 -28.62 1.73 5.23
N VAL E 109 -29.82 2.29 4.98
CA VAL E 109 -31.04 1.50 5.10
C VAL E 109 -31.04 0.37 4.08
N ILE E 110 -30.66 0.68 2.83
CA ILE E 110 -30.62 -0.34 1.80
C ILE E 110 -29.59 -1.41 2.15
N LEU E 111 -28.44 -1.00 2.68
CA LEU E 111 -27.41 -1.97 3.05
C LEU E 111 -27.88 -2.87 4.18
N LEU E 112 -28.55 -2.30 5.19
CA LEU E 112 -29.05 -3.10 6.29
C LEU E 112 -30.18 -4.02 5.86
N ASN E 113 -30.94 -3.64 4.83
CA ASN E 113 -31.99 -4.50 4.31
C ASN E 113 -31.44 -5.61 3.42
N TRP E 114 -30.33 -5.36 2.74
CA TRP E 114 -29.73 -6.35 1.87
C TRP E 114 -28.80 -7.31 2.60
N CYS E 115 -28.20 -6.89 3.71
CA CYS E 115 -27.29 -7.76 4.43
C CYS E 115 -28.02 -8.97 5.01
N ALA E 116 -29.24 -8.76 5.51
CA ALA E 116 -30.02 -9.87 6.04
C ALA E 116 -30.48 -10.81 4.93
N TRP E 117 -30.84 -10.24 3.77
CA TRP E 117 -31.27 -11.07 2.65
C TRP E 117 -30.12 -11.92 2.12
N PHE E 118 -28.92 -11.33 2.02
CA PHE E 118 -27.77 -12.09 1.51
C PHE E 118 -27.37 -13.22 2.44
N LEU E 119 -27.52 -13.02 3.75
CA LEU E 119 -27.17 -14.06 4.73
C LEU E 119 -28.38 -14.94 5.03
N ARG E 120 -29.49 -14.33 5.44
CA ARG E 120 -30.73 -15.04 5.75
C ARG E 120 -31.74 -14.69 4.67
N MET E 121 -31.79 -15.50 3.62
CA MET E 121 -32.69 -15.24 2.51
C MET E 121 -34.13 -15.07 3.00
N LYS E 122 -34.75 -13.96 2.59
CA LYS E 122 -36.12 -13.64 2.99
C LYS E 122 -37.12 -14.30 2.04
N ARG E 123 -37.04 -15.62 1.98
CA ARG E 123 -37.92 -16.44 1.15
C ARG E 123 -38.52 -17.54 2.00
N PRO E 124 -39.61 -18.17 1.52
CA PRO E 124 -40.23 -19.23 2.32
C PRO E 124 -39.28 -20.38 2.64
N GLY E 125 -38.46 -20.79 1.67
CA GLY E 125 -37.56 -21.91 1.89
C GLY E 125 -36.64 -21.71 3.08
N GLU E 126 -36.21 -20.46 3.33
CA GLU E 126 -35.33 -20.15 4.43
C GLU E 126 -36.07 -19.62 5.65
N ASP E 127 -37.30 -19.13 5.48
CA ASP E 127 -38.06 -18.60 6.61
C ASP E 127 -38.77 -19.71 7.37
N LYS E 128 -39.35 -20.68 6.66
CA LYS E 128 -40.08 -21.76 7.32
C LYS E 128 -39.15 -22.86 7.80
N VAL E 129 -38.07 -23.14 7.07
CA VAL E 129 -37.14 -24.20 7.44
C VAL E 129 -36.10 -23.57 8.37
N ARG E 130 -36.42 -23.51 9.66
CA ARG E 130 -35.53 -22.96 10.66
C ARG E 130 -36.14 -23.24 12.04
N PRO E 131 -35.34 -23.17 13.10
CA PRO E 131 -35.88 -23.40 14.44
C PRO E 131 -37.00 -22.43 14.77
N ALA E 132 -38.13 -22.97 15.20
CA ALA E 132 -39.29 -22.16 15.56
C ALA E 132 -40.08 -22.87 16.65
N CYS E 133 -40.70 -22.07 17.50
CA CYS E 133 -41.51 -22.60 18.61
C CYS E 133 -42.32 -21.45 19.18
N GLN E 134 -43.19 -21.76 20.13
CA GLN E 134 -44.04 -20.79 20.79
C GLN E 134 -43.42 -20.23 22.06
N HIS E 135 -42.15 -20.54 22.33
CA HIS E 135 -41.50 -20.05 23.54
C HIS E 135 -41.31 -18.53 23.47
N LYS E 136 -40.99 -17.95 24.63
CA LYS E 136 -40.78 -16.51 24.70
C LYS E 136 -39.63 -16.05 23.82
N GLN E 137 -38.72 -16.95 23.44
CA GLN E 137 -37.60 -16.57 22.59
C GLN E 137 -38.05 -16.10 21.21
N ARG E 138 -39.29 -16.41 20.81
CA ARG E 138 -39.82 -16.02 19.53
C ARG E 138 -40.97 -15.03 19.67
N ARG E 139 -41.12 -14.40 20.83
CA ARG E 139 -42.18 -13.44 21.08
C ARG E 139 -41.64 -12.02 20.95
N CYS E 140 -42.57 -11.06 20.91
CA CYS E 140 -42.24 -9.65 20.78
C CYS E 140 -42.50 -8.93 22.09
N SER E 141 -41.68 -7.93 22.38
CA SER E 141 -41.81 -7.14 23.59
C SER E 141 -41.47 -5.68 23.27
N LEU E 142 -41.60 -4.81 24.28
CA LEU E 142 -41.30 -3.40 24.07
C LEU E 142 -39.85 -3.19 23.65
N ALA E 143 -38.94 -4.04 24.12
CA ALA E 143 -37.54 -3.89 23.77
C ALA E 143 -37.30 -4.17 22.29
N SER E 144 -38.08 -5.07 21.70
CA SER E 144 -37.90 -5.39 20.28
C SER E 144 -38.52 -4.33 19.37
N VAL E 145 -39.54 -3.63 19.84
CA VAL E 145 -40.20 -2.61 19.05
C VAL E 145 -39.31 -1.37 19.00
N GLU E 146 -38.66 -1.16 17.85
CA GLU E 146 -37.77 -0.02 17.65
C GLU E 146 -38.46 1.12 16.91
N MET E 147 -39.78 1.25 17.05
CA MET E 147 -40.51 2.30 16.35
C MET E 147 -40.23 3.67 16.96
N SER E 148 -39.88 3.71 18.26
CA SER E 148 -39.61 4.95 18.96
C SER E 148 -38.17 5.00 19.47
N ALA E 149 -37.24 4.42 18.71
CA ALA E 149 -35.82 4.41 19.08
C ALA E 149 -35.63 3.76 20.45
N VAL E 150 -36.16 2.56 20.61
CA VAL E 150 -36.07 1.82 21.86
C VAL E 150 -34.77 1.03 21.87
N ALA E 151 -34.20 0.86 23.06
CA ALA E 151 -32.96 0.11 23.21
C ALA E 151 -33.13 -1.32 22.74
N PRO E 152 -32.45 -1.75 21.68
CA PRO E 152 -32.59 -3.14 21.23
C PRO E 152 -32.19 -4.12 22.31
N PRO E 153 -32.49 -5.40 22.14
CA PRO E 153 -32.13 -6.39 23.17
C PRO E 153 -30.63 -6.45 23.36
N PRO E 154 -30.16 -6.93 24.50
CA PRO E 154 -28.70 -7.04 24.71
C PRO E 154 -28.06 -7.98 23.71
N ALA E 155 -27.08 -7.46 22.97
CA ALA E 155 -26.37 -8.25 21.98
C ALA E 155 -25.05 -7.57 21.65
N SER E 156 -24.08 -8.36 21.21
CA SER E 156 -22.77 -7.86 20.85
C SER E 156 -22.62 -7.57 19.37
N ASN E 157 -23.71 -7.62 18.61
CA ASN E 157 -23.68 -7.36 17.18
C ASN E 157 -23.94 -5.90 16.83
N GLY E 158 -23.81 -5.00 17.79
CA GLY E 158 -24.02 -3.59 17.56
C GLY E 158 -25.19 -3.02 18.34
N ASN E 159 -25.60 -3.74 19.39
CA ASN E 159 -26.71 -3.31 20.25
C ASN E 159 -26.26 -2.96 21.65
N LEU E 160 -25.54 -3.86 22.32
CA LEU E 160 -25.04 -3.58 23.67
C LEU E 160 -23.78 -2.73 23.61
N LEU E 161 -22.89 -3.01 22.65
CA LEU E 161 -21.69 -2.19 22.49
C LEU E 161 -22.04 -0.74 22.23
N TYR E 162 -23.19 -0.48 21.61
CA TYR E 162 -23.64 0.89 21.40
C TYR E 162 -23.79 1.61 22.74
N ILE E 163 -24.67 1.11 23.60
CA ILE E 163 -24.87 1.73 24.91
C ILE E 163 -23.57 1.71 25.71
N GLY E 164 -22.69 0.75 25.45
CA GLY E 164 -21.44 0.66 26.18
C GLY E 164 -20.47 1.78 25.86
N PHE E 165 -20.11 1.91 24.58
CA PHE E 165 -19.09 2.87 24.17
C PHE E 165 -19.69 4.20 23.72
N ARG E 166 -20.69 4.17 22.84
CA ARG E 166 -21.29 5.38 22.30
C ARG E 166 -22.28 6.04 23.26
N GLY E 167 -22.25 5.65 24.53
CA GLY E 167 -23.13 6.25 25.52
C GLY E 167 -22.62 7.59 26.01
N LEU E 168 -22.81 8.62 25.19
CA LEU E 168 -22.29 9.96 25.51
C LEU E 168 -22.76 10.41 26.89
N ASP E 169 -22.09 11.43 27.44
CA ASP E 169 -22.39 11.89 28.78
C ASP E 169 -23.87 12.15 28.98
N GLY E 170 -24.58 12.56 27.93
CA GLY E 170 -25.99 12.88 28.04
C GLY E 170 -26.84 11.76 28.58
N VAL E 171 -26.38 10.51 28.47
CA VAL E 171 -27.17 9.36 28.90
C VAL E 171 -26.37 8.49 29.86
N HIS E 172 -25.06 8.71 29.94
CA HIS E 172 -24.18 7.87 30.74
C HIS E 172 -23.60 8.58 31.95
N CYS E 173 -22.95 9.72 31.74
CA CYS E 173 -22.31 10.45 32.84
C CYS E 173 -23.28 11.36 33.59
N VAL E 174 -24.59 11.22 33.37
CA VAL E 174 -25.58 12.01 34.07
C VAL E 174 -26.66 11.09 34.61
N PRO E 175 -26.37 10.30 35.65
CA PRO E 175 -27.37 9.38 36.23
C PRO E 175 -28.33 10.08 37.19
N THR E 176 -29.31 10.77 36.61
CA THR E 176 -30.31 11.49 37.40
C THR E 176 -31.21 10.52 38.16
N PRO E 177 -31.55 9.35 37.62
CA PRO E 177 -32.37 8.41 38.40
C PRO E 177 -31.68 8.01 39.69
N ASP E 178 -32.45 7.97 40.78
CA ASP E 178 -31.91 7.61 42.09
C ASP E 178 -31.69 6.11 42.14
N SER E 179 -30.45 5.69 41.90
CA SER E 179 -30.12 4.27 41.91
C SER E 179 -29.92 3.74 43.32
N GLY E 180 -29.48 4.60 44.25
CA GLY E 180 -29.26 4.19 45.62
C GLY E 180 -27.88 3.65 45.93
N VAL E 181 -26.97 3.64 44.94
CA VAL E 181 -25.63 3.12 45.17
C VAL E 181 -24.74 4.15 45.86
N VAL E 182 -25.04 5.44 45.72
CA VAL E 182 -24.19 6.46 46.33
C VAL E 182 -24.29 6.42 47.85
N CYS E 183 -25.42 5.97 48.39
CA CYS E 183 -25.63 5.91 49.84
C CYS E 183 -26.23 4.61 50.33
N GLY E 184 -26.64 3.71 49.45
CA GLY E 184 -27.25 2.46 49.86
C GLY E 184 -26.31 1.28 49.79
N ARG E 185 -25.46 1.26 48.76
CA ARG E 185 -24.50 0.18 48.56
C ARG E 185 -23.09 0.69 48.79
N MET E 186 -22.22 -0.21 49.26
CA MET E 186 -20.83 0.11 49.55
C MET E 186 -19.86 -0.59 48.60
N ALA E 187 -20.36 -1.22 47.54
CA ALA E 187 -19.50 -1.91 46.58
C ALA E 187 -18.80 -0.88 45.73
N CYS E 188 -17.53 -0.60 46.04
CA CYS E 188 -16.72 0.38 45.31
C CYS E 188 -17.39 1.74 45.32
N SER E 189 -18.14 2.06 46.36
CA SER E 189 -18.83 3.33 46.47
C SER E 189 -19.13 3.65 47.93
N PRO E 190 -18.20 4.28 48.65
CA PRO E 190 -18.47 4.62 50.05
C PRO E 190 -19.71 5.48 50.18
N THR E 191 -20.47 5.21 51.24
CA THR E 191 -21.73 5.93 51.50
C THR E 191 -21.39 7.30 52.05
N HIS E 192 -21.20 8.27 51.15
CA HIS E 192 -20.90 9.66 51.49
C HIS E 192 -19.86 9.75 52.61
N ASP E 193 -18.90 8.83 52.60
CA ASP E 193 -17.84 8.82 53.61
C ASP E 193 -16.82 9.90 53.26
N GLU E 194 -16.93 11.05 53.92
CA GLU E 194 -16.02 12.16 53.67
C GLU E 194 -14.71 12.02 54.43
N HIS E 195 -14.69 11.25 55.51
CA HIS E 195 -13.49 11.06 56.32
C HIS E 195 -12.66 9.86 55.86
N LEU E 196 -12.96 9.30 54.69
CA LEU E 196 -12.21 8.16 54.18
C LEU E 196 -10.85 8.63 53.70
N LEU E 197 -9.83 8.43 54.54
CA LEU E 197 -8.46 8.82 54.22
C LEU E 197 -7.60 7.57 54.03
N HIS E 198 -6.74 7.61 53.02
CA HIS E 198 -5.84 6.50 52.71
C HIS E 198 -4.70 6.51 53.71
N GLY E 199 -4.99 5.99 54.90
CA GLY E 199 -3.99 5.93 55.96
C GLY E 199 -3.49 7.30 56.39
N GLY E 200 -4.41 8.24 56.55
CA GLY E 200 -4.08 9.58 56.98
C GLY E 200 -4.10 10.61 55.87
N GLN E 201 -4.01 10.18 54.61
CA GLN E 201 -4.01 11.09 53.48
C GLN E 201 -5.27 10.92 52.64
N PRO E 202 -5.71 11.97 51.95
CA PRO E 202 -6.93 11.85 51.14
C PRO E 202 -6.64 11.18 49.81
N PRO E 203 -7.67 10.83 49.04
CA PRO E 203 -7.45 10.20 47.73
C PRO E 203 -6.72 11.13 46.76
N GLU E 204 -6.43 10.64 45.56
CA GLU E 204 -5.75 11.42 44.53
C GLU E 204 -4.39 11.90 45.03
N GLY E 205 -3.52 10.94 45.31
CA GLY E 205 -2.19 11.25 45.80
C GLY E 205 -1.44 12.24 44.92
N ASP E 206 -1.67 12.20 43.61
CA ASP E 206 -0.99 13.09 42.69
C ASP E 206 -1.91 13.42 41.52
N PRO E 207 -2.34 14.67 41.37
CA PRO E 207 -3.21 15.01 40.22
C PRO E 207 -2.58 14.71 38.88
N ASP E 208 -1.25 14.58 38.80
CA ASP E 208 -0.61 14.24 37.53
C ASP E 208 -1.10 12.90 37.00
N LEU E 209 -1.40 11.96 37.89
CA LEU E 209 -1.92 10.67 37.46
C LEU E 209 -3.29 10.82 36.81
N ALA E 210 -4.10 11.77 37.29
CA ALA E 210 -5.41 12.00 36.69
C ALA E 210 -5.27 12.45 35.24
N LYS E 211 -4.26 13.27 34.95
CA LYS E 211 -4.04 13.74 33.58
C LYS E 211 -3.40 12.64 32.73
N ILE E 212 -2.51 11.84 33.33
CA ILE E 212 -1.92 10.72 32.60
C ILE E 212 -3.02 9.75 32.17
N LEU E 213 -3.96 9.45 33.06
CA LEU E 213 -5.06 8.57 32.72
C LEU E 213 -5.96 9.20 31.66
N GLU E 214 -6.19 10.51 31.74
CA GLU E 214 -7.00 11.17 30.73
C GLU E 214 -6.35 11.09 29.36
N GLU E 215 -5.03 11.25 29.29
CA GLU E 215 -4.33 11.16 28.01
C GLU E 215 -4.31 9.73 27.50
N VAL E 216 -4.13 8.75 28.40
CA VAL E 216 -4.17 7.36 27.97
C VAL E 216 -5.55 6.98 27.48
N ARG E 217 -6.60 7.61 28.02
CA ARG E 217 -7.95 7.36 27.53
C ARG E 217 -8.21 8.08 26.22
N TYR E 218 -7.61 9.25 26.02
CA TYR E 218 -7.66 9.89 24.71
C TYR E 218 -6.98 9.04 23.66
N ILE E 219 -5.91 8.35 24.03
CA ILE E 219 -5.26 7.43 23.10
C ILE E 219 -6.21 6.30 22.72
N ALA E 220 -6.93 5.75 23.70
CA ALA E 220 -7.92 4.72 23.40
C ALA E 220 -9.05 5.26 22.54
N ASN E 221 -9.43 6.52 22.75
CA ASN E 221 -10.46 7.13 21.90
C ASN E 221 -9.97 7.29 20.47
N ARG E 222 -8.68 7.62 20.30
CA ARG E 222 -8.11 7.69 18.96
C ARG E 222 -8.10 6.31 18.31
N PHE E 223 -7.74 5.29 19.07
CA PHE E 223 -7.80 3.92 18.53
C PHE E 223 -9.23 3.55 18.14
N ARG E 224 -10.21 3.96 18.94
CA ARG E 224 -11.60 3.67 18.62
C ARG E 224 -12.05 4.43 17.38
N CYS E 225 -11.56 5.65 17.19
CA CYS E 225 -11.87 6.40 15.98
C CYS E 225 -11.26 5.71 14.76
N GLN E 226 -10.03 5.20 14.89
CA GLN E 226 -9.43 4.42 13.81
C GLN E 226 -10.26 3.18 13.51
N ASP E 227 -10.74 2.49 14.54
CA ASP E 227 -11.59 1.32 14.34
C ASP E 227 -12.89 1.70 13.65
N GLU E 228 -13.45 2.87 13.99
CA GLU E 228 -14.67 3.33 13.34
C GLU E 228 -14.42 3.65 11.88
N SER E 229 -13.27 4.25 11.56
CA SER E 229 -12.92 4.49 10.17
C SER E 229 -12.77 3.17 9.41
N GLU E 230 -12.14 2.17 10.04
CA GLU E 230 -12.03 0.86 9.41
C GLU E 230 -13.41 0.24 9.19
N ALA E 231 -14.32 0.42 10.14
CA ALA E 231 -15.67 -0.11 9.98
C ALA E 231 -16.41 0.60 8.86
N VAL E 232 -16.21 1.91 8.70
CA VAL E 232 -16.82 2.64 7.59
C VAL E 232 -16.26 2.14 6.27
N CYS E 233 -14.95 1.88 6.23
CA CYS E 233 -14.35 1.33 5.01
C CYS E 233 -14.93 -0.04 4.69
N SER E 234 -15.13 -0.88 5.73
CA SER E 234 -15.72 -2.20 5.51
C SER E 234 -17.15 -2.09 5.03
N GLU E 235 -17.90 -1.10 5.54
CA GLU E 235 -19.27 -0.88 5.07
C GLU E 235 -19.28 -0.45 3.61
N TRP E 236 -18.35 0.44 3.23
CA TRP E 236 -18.25 0.82 1.83
C TRP E 236 -17.90 -0.38 0.95
N LYS E 237 -17.01 -1.24 1.44
CA LYS E 237 -16.66 -2.45 0.71
C LYS E 237 -17.86 -3.36 0.55
N PHE E 238 -18.66 -3.52 1.61
CA PHE E 238 -19.86 -4.34 1.53
C PHE E 238 -20.85 -3.76 0.53
N ALA E 239 -21.01 -2.43 0.53
CA ALA E 239 -21.90 -1.79 -0.44
C ALA E 239 -21.41 -2.01 -1.86
N ALA E 240 -20.10 -1.89 -2.07
CA ALA E 240 -19.53 -2.15 -3.39
C ALA E 240 -19.81 -3.58 -3.83
N CYS E 241 -19.60 -4.55 -2.93
CA CYS E 241 -19.86 -5.94 -3.28
C CYS E 241 -21.34 -6.17 -3.58
N VAL E 242 -22.22 -5.50 -2.83
CA VAL E 242 -23.66 -5.67 -3.04
C VAL E 242 -24.05 -5.13 -4.41
N VAL E 243 -23.57 -3.93 -4.76
CA VAL E 243 -23.91 -3.38 -6.06
C VAL E 243 -23.29 -4.20 -7.19
N ASP E 244 -22.09 -4.77 -6.96
CA ASP E 244 -21.49 -5.64 -7.97
C ASP E 244 -22.34 -6.89 -8.19
N ARG E 245 -22.80 -7.51 -7.11
CA ARG E 245 -23.64 -8.69 -7.24
C ARG E 245 -24.97 -8.34 -7.90
N LEU E 246 -25.53 -7.18 -7.59
CA LEU E 246 -26.77 -6.75 -8.24
C LEU E 246 -26.56 -6.57 -9.73
N CYS E 247 -25.47 -5.91 -10.12
CA CYS E 247 -25.18 -5.73 -11.54
C CYS E 247 -24.97 -7.07 -12.23
N LEU E 248 -24.30 -8.02 -11.55
CA LEU E 248 -24.10 -9.34 -12.13
C LEU E 248 -25.43 -10.05 -12.35
N MET E 249 -26.32 -10.00 -11.35
CA MET E 249 -27.62 -10.65 -11.49
C MET E 249 -28.45 -9.98 -12.58
N ALA E 250 -28.32 -8.67 -12.75
CA ALA E 250 -29.09 -7.97 -13.77
C ALA E 250 -28.53 -8.22 -15.17
N PHE E 251 -27.22 -8.42 -15.29
CA PHE E 251 -26.60 -8.67 -16.59
C PHE E 251 -26.63 -10.13 -16.99
N SER E 252 -26.82 -11.05 -16.05
CA SER E 252 -26.92 -12.47 -16.41
C SER E 252 -28.07 -12.70 -17.39
N VAL E 253 -29.26 -12.17 -17.06
CA VAL E 253 -30.42 -12.36 -17.93
C VAL E 253 -30.19 -11.68 -19.28
N PHE E 254 -29.56 -10.51 -19.28
CA PHE E 254 -29.27 -9.82 -20.53
C PHE E 254 -28.35 -10.64 -21.41
N THR E 255 -27.30 -11.21 -20.83
CA THR E 255 -26.38 -12.04 -21.61
C THR E 255 -27.07 -13.31 -22.10
N ILE E 256 -27.95 -13.89 -21.29
CA ILE E 256 -28.69 -15.07 -21.72
C ILE E 256 -29.59 -14.74 -22.91
N ILE E 257 -30.27 -13.60 -22.84
CA ILE E 257 -31.14 -13.20 -23.95
C ILE E 257 -30.33 -12.91 -25.19
N CYS E 258 -29.16 -12.28 -25.02
CA CYS E 258 -28.30 -12.00 -26.17
C CYS E 258 -27.82 -13.29 -26.82
N THR E 259 -27.44 -14.28 -26.01
CA THR E 259 -27.02 -15.56 -26.56
C THR E 259 -28.17 -16.26 -27.27
N ILE E 260 -29.37 -16.24 -26.68
CA ILE E 260 -30.53 -16.86 -27.32
C ILE E 260 -30.82 -16.19 -28.65
N GLY E 261 -30.66 -14.87 -28.72
CA GLY E 261 -30.90 -14.16 -29.97
C GLY E 261 -29.84 -14.50 -31.02
N ILE E 262 -28.57 -14.50 -30.61
CA ILE E 262 -27.50 -14.86 -31.54
C ILE E 262 -27.71 -16.28 -32.07
N LEU E 263 -28.25 -17.17 -31.24
CA LEU E 263 -28.52 -18.53 -31.70
C LEU E 263 -29.69 -18.57 -32.66
N MET E 264 -30.78 -17.85 -32.34
CA MET E 264 -31.95 -17.84 -33.20
C MET E 264 -31.77 -16.94 -34.41
N SER E 265 -30.89 -15.95 -34.32
CA SER E 265 -30.66 -15.01 -35.41
C SER E 265 -29.47 -15.41 -36.27
N ALA E 266 -28.90 -16.60 -36.05
CA ALA E 266 -27.75 -17.06 -36.84
C ALA E 266 -28.15 -17.30 -38.29
N PRO E 267 -29.30 -17.93 -38.56
CA PRO E 267 -29.68 -18.14 -39.97
C PRO E 267 -29.82 -16.84 -40.75
N ASN E 268 -30.19 -15.74 -40.09
CA ASN E 268 -30.35 -14.47 -40.80
C ASN E 268 -29.02 -13.98 -41.34
N PHE E 269 -27.95 -14.05 -40.54
CA PHE E 269 -26.63 -13.60 -40.97
C PHE E 269 -25.84 -14.73 -41.62
N VAL E 270 -25.65 -15.83 -40.91
CA VAL E 270 -24.91 -16.97 -41.43
C VAL E 270 -25.76 -17.70 -42.47
N LEU A 7 10.55 -27.00 -38.20
CA LEU A 7 11.64 -26.20 -37.70
C LEU A 7 11.18 -24.78 -37.40
N TYR A 8 11.14 -23.94 -38.44
CA TYR A 8 10.71 -22.55 -38.26
C TYR A 8 9.22 -22.48 -37.94
N TYR A 9 8.39 -23.01 -38.84
CA TYR A 9 6.94 -22.99 -38.61
C TYR A 9 6.57 -23.79 -37.37
N GLY A 10 7.21 -24.93 -37.16
CA GLY A 10 6.92 -25.74 -36.00
C GLY A 10 7.22 -25.01 -34.70
N LEU A 11 8.43 -24.45 -34.59
CA LEU A 11 8.80 -23.73 -33.38
C LEU A 11 7.92 -22.50 -33.18
N ASN A 12 7.59 -21.80 -34.26
CA ASN A 12 6.78 -20.59 -34.16
C ASN A 12 5.45 -20.86 -33.47
N LEU A 13 4.95 -22.10 -33.54
CA LEU A 13 3.71 -22.47 -32.87
C LEU A 13 3.93 -23.26 -31.59
N LEU A 14 5.11 -23.87 -31.42
CA LEU A 14 5.36 -24.66 -30.23
C LEU A 14 5.84 -23.79 -29.06
N ILE A 15 6.66 -22.78 -29.34
CA ILE A 15 7.24 -21.95 -28.28
C ILE A 15 6.15 -21.11 -27.63
N PRO A 16 5.30 -20.40 -28.39
CA PRO A 16 4.27 -19.57 -27.74
C PRO A 16 3.29 -20.39 -26.92
N CYS A 17 2.90 -21.57 -27.40
CA CYS A 17 1.96 -22.40 -26.66
C CYS A 17 2.54 -22.82 -25.31
N VAL A 18 3.79 -23.30 -25.31
CA VAL A 18 4.43 -23.71 -24.07
C VAL A 18 4.62 -22.52 -23.15
N LEU A 19 4.97 -21.36 -23.71
CA LEU A 19 5.13 -20.16 -22.88
C LEU A 19 3.83 -19.77 -22.22
N ILE A 20 2.72 -19.80 -22.96
CA ILE A 20 1.42 -19.43 -22.40
C ILE A 20 0.99 -20.46 -21.36
N SER A 21 1.30 -21.74 -21.59
CA SER A 21 0.94 -22.77 -20.62
C SER A 21 1.74 -22.63 -19.34
N ALA A 22 3.00 -22.20 -19.44
CA ALA A 22 3.82 -22.02 -18.25
C ALA A 22 3.51 -20.73 -17.52
N LEU A 23 3.04 -19.70 -18.24
CA LEU A 23 2.72 -18.43 -17.60
C LEU A 23 1.59 -18.59 -16.58
N ALA A 24 0.57 -19.38 -16.93
CA ALA A 24 -0.53 -19.60 -16.00
C ALA A 24 -0.05 -20.32 -14.75
N LEU A 25 0.78 -21.35 -14.91
CA LEU A 25 1.30 -22.07 -13.75
C LEU A 25 2.16 -21.16 -12.88
N LEU A 26 2.98 -20.31 -13.51
CA LEU A 26 3.81 -19.38 -12.75
C LEU A 26 2.95 -18.38 -11.98
N VAL A 27 1.90 -17.86 -12.61
CA VAL A 27 1.02 -16.92 -11.92
C VAL A 27 0.31 -17.60 -10.75
N PHE A 28 -0.10 -18.85 -10.95
CA PHE A 28 -0.75 -19.59 -9.86
C PHE A 28 0.22 -19.84 -8.71
N LEU A 29 1.48 -20.12 -9.03
CA LEU A 29 2.46 -20.39 -7.99
C LEU A 29 2.65 -19.20 -7.06
N LEU A 30 2.51 -17.98 -7.60
CA LEU A 30 2.71 -16.79 -6.79
C LEU A 30 1.74 -16.78 -5.61
N PRO A 31 2.12 -16.16 -4.49
CA PRO A 31 1.22 -16.13 -3.33
C PRO A 31 -0.09 -15.43 -3.65
N ALA A 32 -1.03 -15.53 -2.71
CA ALA A 32 -2.34 -14.90 -2.85
C ALA A 32 -2.22 -13.43 -2.45
N ASP A 33 -1.87 -12.59 -3.42
CA ASP A 33 -1.70 -11.17 -3.18
C ASP A 33 -3.05 -10.46 -3.31
N SER A 34 -3.04 -9.14 -3.33
CA SER A 34 -4.25 -8.35 -3.45
C SER A 34 -4.78 -8.44 -4.88
N GLY A 35 -5.82 -7.67 -5.17
CA GLY A 35 -6.43 -7.66 -6.49
C GLY A 35 -5.44 -7.43 -7.61
N GLU A 36 -4.29 -6.84 -7.29
CA GLU A 36 -3.25 -6.64 -8.30
C GLU A 36 -2.90 -7.94 -9.01
N LYS A 37 -2.91 -9.06 -8.28
CA LYS A 37 -2.62 -10.35 -8.88
C LYS A 37 -3.50 -10.60 -10.10
N ILE A 38 -4.77 -10.23 -10.02
CA ILE A 38 -5.68 -10.42 -11.14
C ILE A 38 -5.13 -9.73 -12.38
N SER A 39 -4.63 -8.50 -12.22
CA SER A 39 -4.08 -7.77 -13.36
C SER A 39 -3.04 -8.58 -14.11
N LEU A 40 -2.36 -9.50 -13.42
CA LEU A 40 -1.39 -10.37 -14.08
C LEU A 40 -2.10 -11.42 -14.93
N GLY A 41 -3.04 -12.15 -14.33
CA GLY A 41 -3.71 -13.22 -15.05
C GLY A 41 -4.32 -12.75 -16.36
N ILE A 42 -5.12 -11.67 -16.29
CA ILE A 42 -5.74 -11.13 -17.50
C ILE A 42 -4.68 -10.82 -18.55
N THR A 43 -3.54 -10.28 -18.11
CA THR A 43 -2.48 -9.95 -19.05
C THR A 43 -2.07 -11.16 -19.87
N VAL A 44 -2.03 -12.35 -19.23
CA VAL A 44 -1.69 -13.56 -19.96
C VAL A 44 -2.61 -13.73 -21.16
N LEU A 45 -3.91 -13.54 -20.95
CA LEU A 45 -4.85 -13.66 -22.06
C LEU A 45 -4.46 -12.76 -23.21
N LEU A 46 -3.97 -11.56 -22.92
CA LEU A 46 -3.53 -10.66 -23.98
C LEU A 46 -2.47 -11.32 -24.84
N SER A 47 -1.47 -11.95 -24.20
CA SER A 47 -0.42 -12.62 -24.95
C SER A 47 -0.97 -13.65 -25.93
N LEU A 48 -2.18 -14.16 -25.67
CA LEU A 48 -2.80 -15.09 -26.61
C LEU A 48 -3.51 -14.36 -27.74
N THR A 49 -4.19 -13.26 -27.43
CA THR A 49 -4.97 -12.56 -28.45
C THR A 49 -4.11 -12.22 -29.66
N VAL A 50 -3.01 -11.51 -29.44
CA VAL A 50 -2.11 -11.17 -30.54
C VAL A 50 -1.69 -12.42 -31.28
N PHE A 51 -1.39 -13.50 -30.54
CA PHE A 51 -0.98 -14.75 -31.19
C PHE A 51 -2.05 -15.24 -32.16
N MET A 52 -3.32 -15.10 -31.79
CA MET A 52 -4.40 -15.53 -32.68
C MET A 52 -4.27 -14.86 -34.04
N LEU A 53 -3.85 -13.59 -34.07
CA LEU A 53 -3.66 -12.90 -35.34
C LEU A 53 -2.74 -13.70 -36.25
N LEU A 54 -1.61 -14.16 -35.72
CA LEU A 54 -0.69 -14.98 -36.51
C LEU A 54 -1.41 -16.20 -37.08
N VAL A 55 -2.27 -16.83 -36.28
CA VAL A 55 -3.01 -17.99 -36.75
C VAL A 55 -3.84 -17.61 -37.97
N ALA A 56 -4.44 -16.42 -37.96
CA ALA A 56 -5.25 -15.98 -39.10
C ALA A 56 -4.45 -15.99 -40.39
N GLU A 57 -3.13 -15.87 -40.30
CA GLU A 57 -2.30 -15.89 -41.49
C GLU A 57 -2.06 -17.32 -41.98
N ILE A 58 -1.94 -18.27 -41.06
CA ILE A 58 -1.67 -19.65 -41.42
C ILE A 58 -2.93 -20.52 -41.44
N MET A 59 -3.98 -20.13 -40.71
CA MET A 59 -5.23 -20.88 -40.65
C MET A 59 -6.40 -19.92 -40.65
N PRO A 60 -6.70 -19.32 -41.80
CA PRO A 60 -7.84 -18.39 -41.87
C PRO A 60 -9.14 -19.09 -41.49
N SER A 61 -9.93 -18.42 -40.65
CA SER A 61 -11.20 -19.00 -40.20
C SER A 61 -12.18 -19.15 -41.36
N THR A 62 -12.08 -18.31 -42.38
CA THR A 62 -12.99 -18.38 -43.52
C THR A 62 -12.65 -19.52 -44.47
N SER A 63 -11.42 -20.04 -44.42
CA SER A 63 -10.99 -21.11 -45.30
C SER A 63 -10.70 -22.41 -44.53
N ASP A 64 -9.87 -22.35 -43.50
CA ASP A 64 -9.54 -23.55 -42.74
C ASP A 64 -10.78 -24.10 -42.04
N SER A 65 -11.04 -25.39 -42.25
CA SER A 65 -12.18 -26.08 -41.63
C SER A 65 -11.73 -27.43 -41.07
N SER A 66 -10.60 -27.42 -40.38
CA SER A 66 -10.05 -28.65 -39.81
C SER A 66 -10.57 -28.82 -38.39
N PRO A 67 -11.45 -29.79 -38.11
CA PRO A 67 -11.96 -29.96 -36.75
C PRO A 67 -10.92 -30.48 -35.76
N SER A 68 -9.79 -30.98 -36.23
CA SER A 68 -8.77 -31.49 -35.32
C SER A 68 -8.06 -30.34 -34.60
N ILE A 69 -7.65 -29.32 -35.35
CA ILE A 69 -6.99 -28.17 -34.75
C ILE A 69 -7.98 -27.23 -34.08
N ALA A 70 -9.25 -27.23 -34.52
CA ALA A 70 -10.24 -26.38 -33.90
C ALA A 70 -10.46 -26.74 -32.44
N GLN A 71 -10.56 -28.04 -32.15
CA GLN A 71 -10.74 -28.47 -30.76
C GLN A 71 -9.53 -28.12 -29.92
N TYR A 72 -8.33 -28.27 -30.47
CA TYR A 72 -7.12 -27.92 -29.74
C TYR A 72 -7.09 -26.43 -29.41
N PHE A 73 -7.42 -25.59 -30.40
CA PHE A 73 -7.43 -24.15 -30.17
C PHE A 73 -8.50 -23.77 -29.15
N ALA A 74 -9.67 -24.43 -29.20
CA ALA A 74 -10.71 -24.15 -28.23
C ALA A 74 -10.28 -24.53 -26.83
N SER A 75 -9.63 -25.69 -26.67
CA SER A 75 -9.16 -26.11 -25.37
C SER A 75 -8.08 -25.16 -24.85
N THR A 76 -7.19 -24.71 -25.74
CA THR A 76 -6.15 -23.76 -25.33
C THR A 76 -6.78 -22.45 -24.86
N MET A 77 -7.75 -21.95 -25.60
CA MET A 77 -8.41 -20.70 -25.21
C MET A 77 -9.13 -20.87 -23.88
N ILE A 78 -9.77 -22.02 -23.68
CA ILE A 78 -10.48 -22.25 -22.41
C ILE A 78 -9.49 -22.31 -21.25
N ILE A 79 -8.36 -22.98 -21.45
CA ILE A 79 -7.36 -23.08 -20.39
C ILE A 79 -6.75 -21.72 -20.10
N VAL A 80 -6.59 -20.87 -21.12
CA VAL A 80 -6.03 -19.54 -20.88
C VAL A 80 -7.05 -18.63 -20.21
N GLY A 81 -8.33 -18.83 -20.49
CA GLY A 81 -9.36 -18.03 -19.85
C GLY A 81 -9.66 -18.45 -18.42
N LEU A 82 -9.52 -19.74 -18.12
CA LEU A 82 -9.77 -20.23 -16.77
C LEU A 82 -8.80 -19.65 -15.74
N SER A 83 -7.75 -18.97 -16.18
CA SER A 83 -6.82 -18.36 -15.23
C SER A 83 -7.52 -17.34 -14.34
N VAL A 84 -8.38 -16.50 -14.93
CA VAL A 84 -9.09 -15.49 -14.16
C VAL A 84 -10.05 -16.15 -13.19
N VAL A 85 -10.73 -17.22 -13.62
CA VAL A 85 -11.65 -17.93 -12.73
C VAL A 85 -10.89 -18.54 -11.56
N VAL A 86 -9.72 -19.12 -11.83
CA VAL A 86 -8.92 -19.71 -10.77
C VAL A 86 -8.44 -18.65 -9.79
N THR A 87 -8.01 -17.50 -10.31
CA THR A 87 -7.57 -16.41 -9.45
C THR A 87 -8.71 -15.91 -8.58
N VAL A 88 -9.92 -15.82 -9.15
CA VAL A 88 -11.07 -15.38 -8.37
C VAL A 88 -11.42 -16.40 -7.28
N ILE A 89 -11.35 -17.69 -7.63
CA ILE A 89 -11.65 -18.73 -6.64
C ILE A 89 -10.62 -18.69 -5.52
N VAL A 90 -9.36 -18.39 -5.86
CA VAL A 90 -8.32 -18.33 -4.84
C VAL A 90 -8.52 -17.10 -3.95
N LEU A 91 -8.86 -15.96 -4.55
CA LEU A 91 -9.09 -14.75 -3.77
C LEU A 91 -10.35 -14.83 -2.92
N GLN A 92 -11.29 -15.71 -3.30
CA GLN A 92 -12.48 -15.91 -2.47
C GLN A 92 -12.10 -16.38 -1.07
N TYR A 93 -11.06 -17.22 -0.97
CA TYR A 93 -10.59 -17.71 0.31
C TYR A 93 -9.61 -16.76 0.99
N HIS A 94 -9.14 -15.73 0.29
CA HIS A 94 -8.21 -14.76 0.85
C HIS A 94 -8.94 -13.54 1.42
N HIS A 95 -9.86 -12.97 0.65
CA HIS A 95 -10.64 -11.83 1.11
C HIS A 95 -11.88 -12.24 1.88
N HIS A 96 -12.51 -13.36 1.52
CA HIS A 96 -13.71 -13.86 2.20
C HIS A 96 -14.82 -12.80 2.19
N ASP A 97 -15.29 -12.49 0.98
CA ASP A 97 -16.36 -11.53 0.81
C ASP A 97 -17.53 -11.87 1.73
N PRO A 98 -17.90 -10.99 2.67
CA PRO A 98 -18.98 -11.34 3.60
C PRO A 98 -20.28 -11.73 2.92
N ASP A 99 -20.59 -11.14 1.78
CA ASP A 99 -21.82 -11.44 1.06
C ASP A 99 -21.76 -12.76 0.30
N GLY A 100 -20.71 -13.56 0.50
CA GLY A 100 -20.60 -14.84 -0.17
C GLY A 100 -19.41 -15.64 0.30
N GLY A 101 -18.78 -16.39 -0.61
CA GLY A 101 -17.64 -17.19 -0.26
C GLY A 101 -18.01 -18.44 0.53
N LYS A 102 -17.09 -19.39 0.52
CA LYS A 102 -17.29 -20.64 1.24
C LYS A 102 -17.13 -20.45 2.74
N MET A 103 -17.97 -21.12 3.50
CA MET A 103 -17.92 -21.02 4.96
C MET A 103 -16.55 -21.46 5.46
N PRO A 104 -15.80 -20.58 6.15
CA PRO A 104 -14.48 -21.00 6.64
C PRO A 104 -14.52 -22.19 7.58
N LYS A 105 -15.69 -22.52 8.15
CA LYS A 105 -15.77 -23.65 9.07
C LYS A 105 -15.34 -24.94 8.40
N TRP A 106 -15.69 -25.12 7.12
CA TRP A 106 -15.34 -26.33 6.39
C TRP A 106 -13.97 -26.28 5.76
N THR A 107 -13.40 -25.09 5.53
CA THR A 107 -12.10 -24.94 4.90
C THR A 107 -10.97 -24.76 5.91
N ARG A 108 -11.28 -24.62 7.20
CA ARG A 108 -10.24 -24.46 8.21
C ARG A 108 -9.65 -25.78 8.67
N VAL A 109 -10.46 -26.85 8.72
CA VAL A 109 -9.95 -28.15 9.13
C VAL A 109 -9.13 -28.78 8.01
N ILE A 110 -9.60 -28.67 6.76
CA ILE A 110 -8.85 -29.22 5.64
C ILE A 110 -7.52 -28.49 5.48
N LEU A 111 -7.49 -27.19 5.78
CA LEU A 111 -6.24 -26.43 5.71
C LEU A 111 -5.23 -26.99 6.70
N LEU A 112 -5.64 -27.21 7.95
CA LEU A 112 -4.73 -27.76 8.95
C LEU A 112 -4.32 -29.19 8.59
N ASN A 113 -5.23 -29.96 8.00
CA ASN A 113 -4.91 -31.33 7.62
C ASN A 113 -3.87 -31.36 6.49
N TRP A 114 -3.98 -30.43 5.54
CA TRP A 114 -3.06 -30.41 4.41
C TRP A 114 -1.76 -29.66 4.72
N CYS A 115 -1.73 -28.86 5.78
CA CYS A 115 -0.50 -28.16 6.15
C CYS A 115 0.63 -29.15 6.40
N ALA A 116 0.32 -30.32 6.97
CA ALA A 116 1.33 -31.33 7.23
C ALA A 116 1.59 -32.23 6.03
N TRP A 117 0.60 -32.42 5.16
CA TRP A 117 0.77 -33.27 3.99
C TRP A 117 1.48 -32.56 2.85
N PHE A 118 1.47 -31.23 2.83
CA PHE A 118 2.15 -30.50 1.76
C PHE A 118 3.66 -30.55 1.94
N LEU A 119 4.15 -30.34 3.16
CA LEU A 119 5.58 -30.38 3.44
C LEU A 119 6.04 -31.81 3.74
N ARG A 120 5.43 -32.45 4.74
CA ARG A 120 5.74 -33.83 5.11
C ARG A 120 4.71 -34.73 4.45
N MET A 121 4.93 -35.03 3.17
CA MET A 121 4.01 -35.86 2.42
C MET A 121 3.84 -37.22 3.09
N LYS A 122 2.62 -37.76 2.98
CA LYS A 122 2.29 -39.06 3.57
C LYS A 122 2.86 -40.15 2.67
N ARG A 123 4.12 -40.51 2.92
CA ARG A 123 4.79 -41.53 2.15
C ARG A 123 5.87 -42.15 3.02
N PRO A 124 6.38 -43.34 2.65
CA PRO A 124 7.42 -43.96 3.47
C PRO A 124 8.66 -43.10 3.64
N GLY A 125 9.11 -42.44 2.56
CA GLY A 125 10.31 -41.63 2.63
C GLY A 125 10.27 -40.55 3.70
N GLU A 126 9.07 -40.13 4.11
CA GLU A 126 8.92 -39.11 5.13
C GLU A 126 8.44 -39.66 6.47
N ASP A 127 7.85 -40.85 6.48
CA ASP A 127 7.36 -41.45 7.72
C ASP A 127 8.40 -42.31 8.41
N LYS A 128 9.16 -43.09 7.63
CA LYS A 128 10.18 -43.97 8.21
C LYS A 128 11.51 -43.28 8.41
N VAL A 129 11.85 -42.29 7.59
CA VAL A 129 13.12 -41.57 7.68
C VAL A 129 12.88 -40.42 8.66
N ARG A 130 13.02 -40.71 9.95
CA ARG A 130 12.85 -39.73 11.00
C ARG A 130 13.21 -40.38 12.33
N PRO A 131 13.49 -39.58 13.35
CA PRO A 131 13.80 -40.16 14.67
C PRO A 131 12.66 -41.01 15.19
N ALA A 132 12.99 -42.23 15.61
CA ALA A 132 12.00 -43.17 16.13
C ALA A 132 12.65 -44.06 17.18
N CYS A 133 11.89 -44.41 18.20
CA CYS A 133 12.37 -45.26 19.27
C CYS A 133 11.18 -45.72 20.10
N GLN A 134 11.45 -46.63 21.04
CA GLN A 134 10.43 -47.18 21.91
C GLN A 134 10.34 -46.42 23.25
N HIS A 135 10.83 -45.19 23.30
CA HIS A 135 10.79 -44.41 24.53
C HIS A 135 9.39 -43.85 24.76
N LYS A 136 9.16 -43.39 25.99
CA LYS A 136 7.87 -42.83 26.34
C LYS A 136 7.52 -41.60 25.52
N GLN A 137 8.52 -40.92 24.94
CA GLN A 137 8.26 -39.74 24.14
C GLN A 137 7.43 -40.06 22.91
N ARG A 138 7.48 -41.30 22.43
CA ARG A 138 6.73 -41.72 21.25
C ARG A 138 5.50 -42.55 21.62
N ARG A 139 5.16 -42.62 22.90
CA ARG A 139 4.00 -43.38 23.34
C ARG A 139 2.76 -42.50 23.38
N CYS A 140 1.60 -43.13 23.55
CA CYS A 140 0.32 -42.43 23.61
C CYS A 140 -0.14 -42.31 25.05
N SER A 141 -0.64 -41.14 25.40
CA SER A 141 -1.14 -40.86 26.75
C SER A 141 -2.44 -40.08 26.63
N LEU A 142 -2.93 -39.58 27.77
CA LEU A 142 -4.16 -38.81 27.77
C LEU A 142 -4.04 -37.56 26.91
N ALA A 143 -2.84 -36.99 26.83
CA ALA A 143 -2.66 -35.77 26.04
C ALA A 143 -2.77 -36.06 24.54
N SER A 144 -2.47 -37.29 24.13
CA SER A 144 -2.54 -37.63 22.71
C SER A 144 -3.97 -37.97 22.28
N VAL A 145 -4.79 -38.47 23.19
CA VAL A 145 -6.17 -38.82 22.88
C VAL A 145 -7.03 -37.57 22.95
N GLU A 146 -7.21 -36.89 21.80
CA GLU A 146 -8.00 -35.67 21.73
C GLU A 146 -9.45 -35.93 21.32
N MET A 147 -9.97 -37.13 21.61
CA MET A 147 -11.35 -37.46 21.25
C MET A 147 -12.36 -36.73 22.12
N SER A 148 -11.94 -36.24 23.29
CA SER A 148 -12.84 -35.53 24.21
C SER A 148 -12.57 -34.03 24.22
N ALA A 149 -12.15 -33.48 23.08
CA ALA A 149 -11.87 -32.05 22.94
C ALA A 149 -10.78 -31.63 23.93
N VAL A 150 -9.62 -32.26 23.78
CA VAL A 150 -8.47 -31.99 24.63
C VAL A 150 -7.58 -30.96 23.94
N ALA A 151 -6.88 -30.15 24.75
CA ALA A 151 -6.00 -29.15 24.20
C ALA A 151 -4.89 -29.79 23.38
N PRO A 152 -4.34 -29.08 22.40
CA PRO A 152 -3.27 -29.66 21.58
C PRO A 152 -1.99 -29.80 22.37
N PRO A 153 -0.98 -30.47 21.81
CA PRO A 153 0.30 -30.63 22.53
C PRO A 153 0.91 -29.28 22.86
N PRO A 154 1.28 -29.03 24.11
CA PRO A 154 1.92 -27.76 24.45
C PRO A 154 3.18 -27.53 23.63
N ALA A 155 3.23 -26.40 22.93
CA ALA A 155 4.38 -26.06 22.11
C ALA A 155 4.39 -24.56 21.87
N SER A 156 5.57 -24.05 21.49
CA SER A 156 5.74 -22.63 21.23
C SER A 156 5.29 -22.21 19.84
N ASN A 157 4.82 -23.15 19.01
CA ASN A 157 4.39 -22.84 17.66
C ASN A 157 2.95 -22.34 17.60
N GLY A 158 2.34 -22.01 18.74
CA GLY A 158 0.97 -21.52 18.76
C GLY A 158 0.04 -22.41 19.55
N ASN A 159 0.59 -23.17 20.50
CA ASN A 159 -0.20 -24.06 21.33
C ASN A 159 -0.14 -23.69 22.80
N LEU A 160 1.06 -23.42 23.34
CA LEU A 160 1.18 -23.05 24.75
C LEU A 160 0.83 -21.58 24.95
N LEU A 161 1.48 -20.68 24.21
CA LEU A 161 1.20 -19.26 24.35
C LEU A 161 -0.22 -18.93 23.96
N TYR A 162 -0.78 -19.65 22.98
CA TYR A 162 -2.17 -19.43 22.59
C TYR A 162 -3.12 -19.72 23.74
N ILE A 163 -2.99 -20.90 24.33
CA ILE A 163 -3.85 -21.26 25.46
C ILE A 163 -3.60 -20.35 26.65
N GLY A 164 -2.36 -19.84 26.79
CA GLY A 164 -2.08 -18.94 27.89
C GLY A 164 -2.78 -17.60 27.72
N PHE A 165 -2.69 -17.02 26.51
CA PHE A 165 -3.34 -15.74 26.25
C PHE A 165 -4.85 -15.87 26.14
N ARG A 166 -5.37 -17.07 25.86
CA ARG A 166 -6.80 -17.31 25.77
C ARG A 166 -7.39 -17.80 27.09
N GLY A 167 -6.81 -17.42 28.21
CA GLY A 167 -7.29 -17.85 29.52
C GLY A 167 -8.47 -17.05 30.00
N LEU A 168 -9.65 -17.32 29.44
CA LEU A 168 -10.86 -16.61 29.84
C LEU A 168 -11.02 -16.64 31.35
N ASP A 169 -11.70 -15.61 31.88
CA ASP A 169 -11.88 -15.50 33.32
C ASP A 169 -12.59 -16.72 33.90
N GLY A 170 -13.45 -17.37 33.12
CA GLY A 170 -14.20 -18.51 33.62
C GLY A 170 -13.33 -19.68 34.03
N VAL A 171 -12.07 -19.72 33.57
CA VAL A 171 -11.17 -20.81 33.88
C VAL A 171 -9.83 -20.27 34.37
N HIS A 172 -9.64 -18.95 34.28
CA HIS A 172 -8.37 -18.32 34.62
C HIS A 172 -8.43 -17.42 35.83
N CYS A 173 -9.59 -16.85 36.15
CA CYS A 173 -9.72 -15.94 37.27
C CYS A 173 -9.94 -16.66 38.61
N VAL A 174 -9.95 -17.99 38.62
CA VAL A 174 -10.11 -18.75 39.85
C VAL A 174 -9.11 -19.88 39.89
N PRO A 175 -7.79 -19.59 39.89
CA PRO A 175 -6.76 -20.64 39.98
C PRO A 175 -6.46 -21.06 41.42
N THR A 176 -7.52 -21.31 42.20
CA THR A 176 -7.40 -21.67 43.61
C THR A 176 -7.93 -23.09 43.79
N PRO A 177 -7.11 -24.10 43.48
CA PRO A 177 -7.54 -25.49 43.69
C PRO A 177 -7.60 -25.86 45.15
N ASP A 178 -7.96 -27.10 45.46
CA ASP A 178 -8.05 -27.57 46.84
C ASP A 178 -6.65 -27.84 47.38
N SER A 179 -5.88 -26.77 47.50
CA SER A 179 -4.51 -26.84 48.00
C SER A 179 -4.26 -25.90 49.18
N GLY A 180 -4.85 -24.71 49.16
CA GLY A 180 -4.66 -23.76 50.24
C GLY A 180 -3.42 -22.90 50.11
N VAL A 181 -2.88 -22.75 48.90
CA VAL A 181 -1.67 -21.94 48.71
C VAL A 181 -1.93 -20.51 49.13
N VAL A 182 -3.16 -20.02 48.97
CA VAL A 182 -3.47 -18.65 49.36
C VAL A 182 -3.34 -18.48 50.87
N CYS A 183 -3.48 -19.57 51.64
CA CYS A 183 -3.36 -19.52 53.09
C CYS A 183 -2.36 -20.53 53.64
N GLY A 184 -1.61 -21.20 52.77
CA GLY A 184 -0.63 -22.18 53.21
C GLY A 184 0.79 -21.75 52.97
N ARG A 185 1.01 -20.96 51.92
CA ARG A 185 2.33 -20.46 51.57
C ARG A 185 2.32 -18.93 51.55
N MET A 186 3.50 -18.35 51.77
CA MET A 186 3.67 -16.90 51.79
C MET A 186 4.47 -16.40 50.59
N ALA A 187 4.59 -17.21 49.54
CA ALA A 187 5.35 -16.82 48.35
C ALA A 187 4.52 -15.83 47.55
N CYS A 188 4.77 -14.54 47.78
CA CYS A 188 4.06 -13.46 47.11
C CYS A 188 2.55 -13.56 47.34
N SER A 189 2.15 -14.09 48.49
CA SER A 189 0.74 -14.24 48.82
C SER A 189 0.55 -14.31 50.33
N PRO A 190 0.43 -13.17 51.01
CA PRO A 190 0.23 -13.20 52.46
C PRO A 190 -0.98 -14.05 52.84
N THR A 191 -0.82 -14.83 53.91
CA THR A 191 -1.88 -15.71 54.39
C THR A 191 -2.93 -14.87 55.12
N HIS A 192 -3.86 -14.33 54.36
CA HIS A 192 -4.96 -13.52 54.88
C HIS A 192 -4.47 -12.53 55.94
N ASP A 193 -3.28 -11.96 55.72
CA ASP A 193 -2.71 -11.00 56.66
C ASP A 193 -3.44 -9.67 56.54
N GLU A 194 -4.41 -9.44 57.42
CA GLU A 194 -5.18 -8.21 57.39
C GLU A 194 -4.42 -7.02 57.96
N HIS A 195 -3.34 -7.26 58.71
CA HIS A 195 -2.55 -6.19 59.30
C HIS A 195 -1.38 -5.77 58.42
N LEU A 196 -1.24 -6.36 57.23
CA LEU A 196 -0.15 -6.00 56.32
C LEU A 196 -0.48 -4.66 55.68
N LEU A 197 0.06 -3.59 56.24
CA LEU A 197 -0.17 -2.24 55.75
C LEU A 197 1.11 -1.67 55.14
N HIS A 198 0.94 -0.79 54.15
CA HIS A 198 2.07 -0.15 53.47
C HIS A 198 2.62 0.97 54.35
N GLY A 199 3.32 0.57 55.40
CA GLY A 199 3.90 1.51 56.34
C GLY A 199 2.88 2.44 56.95
N GLY A 200 1.76 1.86 57.41
CA GLY A 200 0.68 2.63 58.00
C GLY A 200 -0.47 2.92 57.07
N GLN A 201 -0.28 2.75 55.76
CA GLN A 201 -1.31 2.98 54.77
C GLN A 201 -1.77 1.67 54.15
N PRO A 202 -2.95 1.65 53.53
CA PRO A 202 -3.41 0.42 52.87
C PRO A 202 -2.48 0.02 51.74
N PRO A 203 -2.68 -1.17 51.13
CA PRO A 203 -1.84 -1.61 50.01
C PRO A 203 -2.19 -0.93 48.69
N GLU A 204 -2.28 0.40 48.72
CA GLU A 204 -2.60 1.17 47.52
C GLU A 204 -2.27 2.65 47.74
N GLY A 205 -1.50 3.23 46.84
CA GLY A 205 -1.12 4.63 46.95
C GLY A 205 -2.21 5.58 46.46
N ASP A 206 -2.79 5.26 45.30
CA ASP A 206 -3.83 6.09 44.72
C ASP A 206 -4.68 5.26 43.76
N PRO A 207 -6.01 5.23 43.94
CA PRO A 207 -6.84 4.47 42.98
C PRO A 207 -6.64 4.86 41.53
N ASP A 208 -6.09 6.06 41.27
CA ASP A 208 -5.83 6.46 39.89
C ASP A 208 -4.86 5.50 39.21
N LEU A 209 -4.01 4.83 39.98
CA LEU A 209 -3.11 3.84 39.40
C LEU A 209 -3.88 2.69 38.78
N ALA A 210 -4.99 2.28 39.41
CA ALA A 210 -5.84 1.26 38.81
C ALA A 210 -6.47 1.74 37.52
N LYS A 211 -6.84 3.02 37.46
CA LYS A 211 -7.40 3.57 36.23
C LYS A 211 -6.35 3.58 35.12
N ILE A 212 -5.10 3.95 35.43
CA ILE A 212 -4.04 3.92 34.44
C ILE A 212 -3.78 2.49 33.99
N LEU A 213 -3.83 1.54 34.93
CA LEU A 213 -3.65 0.13 34.57
C LEU A 213 -4.73 -0.33 33.61
N GLU A 214 -5.98 0.05 33.87
CA GLU A 214 -7.07 -0.31 32.96
C GLU A 214 -6.91 0.37 31.61
N GLU A 215 -6.43 1.61 31.59
CA GLU A 215 -6.22 2.32 30.34
C GLU A 215 -5.16 1.63 29.50
N VAL A 216 -4.05 1.21 30.12
CA VAL A 216 -3.01 0.51 29.36
C VAL A 216 -3.47 -0.88 28.97
N ARG A 217 -4.32 -1.52 29.79
CA ARG A 217 -4.88 -2.81 29.42
C ARG A 217 -5.80 -2.68 28.21
N TYR A 218 -6.47 -1.55 28.06
CA TYR A 218 -7.27 -1.31 26.86
C TYR A 218 -6.38 -1.31 25.61
N ILE A 219 -5.23 -0.64 25.68
CA ILE A 219 -4.31 -0.63 24.55
C ILE A 219 -3.73 -2.02 24.31
N ALA A 220 -3.48 -2.77 25.38
CA ALA A 220 -3.00 -4.14 25.23
C ALA A 220 -4.04 -5.00 24.52
N ASN A 221 -5.31 -4.83 24.88
CA ASN A 221 -6.37 -5.58 24.21
C ASN A 221 -6.53 -5.16 22.76
N ARG A 222 -6.33 -3.87 22.48
CA ARG A 222 -6.36 -3.42 21.09
C ARG A 222 -5.24 -4.08 20.28
N PHE A 223 -4.03 -4.13 20.84
CA PHE A 223 -2.93 -4.78 20.17
C PHE A 223 -3.18 -6.27 19.99
N ARG A 224 -3.82 -6.89 20.98
CA ARG A 224 -4.16 -8.31 20.86
C ARG A 224 -5.17 -8.54 19.74
N CYS A 225 -6.17 -7.65 19.63
CA CYS A 225 -7.13 -7.76 18.54
C CYS A 225 -6.46 -7.55 17.20
N GLN A 226 -5.50 -6.62 17.12
CA GLN A 226 -4.75 -6.43 15.87
C GLN A 226 -3.97 -7.69 15.52
N ASP A 227 -3.32 -8.30 16.51
CA ASP A 227 -2.59 -9.54 16.26
C ASP A 227 -3.53 -10.66 15.82
N GLU A 228 -4.73 -10.71 16.40
CA GLU A 228 -5.70 -11.72 16.00
C GLU A 228 -6.15 -11.51 14.56
N SER A 229 -6.38 -10.24 14.17
CA SER A 229 -6.73 -9.94 12.78
C SER A 229 -5.60 -10.32 11.85
N GLU A 230 -4.35 -10.06 12.25
CA GLU A 230 -3.21 -10.44 11.43
C GLU A 230 -3.13 -11.95 11.28
N ALA A 231 -3.39 -12.70 12.35
CA ALA A 231 -3.38 -14.15 12.28
C ALA A 231 -4.51 -14.66 11.38
N VAL A 232 -5.68 -14.02 11.44
CA VAL A 232 -6.78 -14.41 10.56
C VAL A 232 -6.40 -14.17 9.10
N CYS A 233 -5.76 -13.04 8.83
CA CYS A 233 -5.30 -12.76 7.47
C CYS A 233 -4.26 -13.78 7.02
N SER A 234 -3.37 -14.17 7.92
CA SER A 234 -2.37 -15.18 7.58
C SER A 234 -3.02 -16.53 7.29
N GLU A 235 -4.04 -16.89 8.06
CA GLU A 235 -4.76 -18.13 7.79
C GLU A 235 -5.49 -18.07 6.46
N TRP A 236 -6.06 -16.91 6.14
CA TRP A 236 -6.71 -16.76 4.83
C TRP A 236 -5.71 -16.88 3.70
N LYS A 237 -4.52 -16.29 3.87
CA LYS A 237 -3.48 -16.43 2.86
C LYS A 237 -3.03 -17.88 2.73
N PHE A 238 -2.94 -18.59 3.85
CA PHE A 238 -2.61 -20.02 3.80
C PHE A 238 -3.65 -20.79 3.01
N ALA A 239 -4.93 -20.55 3.29
CA ALA A 239 -6.00 -21.25 2.57
C ALA A 239 -5.97 -20.90 1.09
N ALA A 240 -5.62 -19.67 0.75
CA ALA A 240 -5.57 -19.26 -0.65
C ALA A 240 -4.39 -19.90 -1.36
N CYS A 241 -3.25 -20.02 -0.68
CA CYS A 241 -2.09 -20.66 -1.28
C CYS A 241 -2.28 -22.16 -1.42
N VAL A 242 -3.06 -22.77 -0.52
CA VAL A 242 -3.38 -24.19 -0.65
C VAL A 242 -4.08 -24.44 -1.98
N VAL A 243 -5.08 -23.60 -2.31
CA VAL A 243 -5.80 -23.76 -3.57
C VAL A 243 -4.87 -23.47 -4.75
N ASP A 244 -3.97 -22.51 -4.60
CA ASP A 244 -3.01 -22.21 -5.66
C ASP A 244 -2.16 -23.45 -5.96
N ARG A 245 -1.63 -24.09 -4.92
CA ARG A 245 -0.80 -25.27 -5.11
C ARG A 245 -1.62 -26.43 -5.67
N LEU A 246 -2.86 -26.58 -5.20
CA LEU A 246 -3.72 -27.63 -5.73
C LEU A 246 -3.94 -27.46 -7.23
N CYS A 247 -4.22 -26.22 -7.66
CA CYS A 247 -4.42 -25.94 -9.07
C CYS A 247 -3.13 -26.14 -9.87
N LEU A 248 -2.00 -25.72 -9.31
CA LEU A 248 -0.72 -25.91 -9.99
C LEU A 248 -0.42 -27.38 -10.18
N MET A 249 -0.80 -28.23 -9.22
CA MET A 249 -0.54 -29.66 -9.35
C MET A 249 -1.56 -30.34 -10.24
N ALA A 250 -2.79 -29.81 -10.30
CA ALA A 250 -3.82 -30.44 -11.13
C ALA A 250 -3.63 -30.09 -12.61
N PHE A 251 -3.37 -28.83 -12.91
CA PHE A 251 -3.24 -28.41 -14.31
C PHE A 251 -2.00 -28.99 -14.98
N SER A 252 -0.99 -29.38 -14.21
CA SER A 252 0.22 -29.95 -14.80
C SER A 252 -0.10 -31.24 -15.56
N VAL A 253 -0.88 -32.13 -14.95
CA VAL A 253 -1.23 -33.39 -15.60
C VAL A 253 -2.09 -33.13 -16.83
N PHE A 254 -3.01 -32.17 -16.74
CA PHE A 254 -3.85 -31.85 -17.89
C PHE A 254 -3.03 -31.32 -19.05
N THR A 255 -2.07 -30.43 -18.77
CA THR A 255 -1.22 -29.89 -19.82
C THR A 255 -0.35 -30.99 -20.41
N ILE A 256 0.17 -31.90 -19.57
CA ILE A 256 0.99 -33.00 -20.08
C ILE A 256 0.17 -33.89 -21.00
N ILE A 257 -1.07 -34.19 -20.60
CA ILE A 257 -1.93 -35.03 -21.42
C ILE A 257 -2.25 -34.34 -22.74
N CYS A 258 -2.53 -33.04 -22.70
CA CYS A 258 -2.81 -32.29 -23.92
C CYS A 258 -1.60 -32.30 -24.85
N THR A 259 -0.40 -32.12 -24.29
CA THR A 259 0.80 -32.14 -25.13
C THR A 259 1.01 -33.52 -25.74
N ILE A 260 0.82 -34.58 -24.95
CA ILE A 260 0.98 -35.93 -25.46
C ILE A 260 -0.02 -36.19 -26.58
N GLY A 261 -1.25 -35.72 -26.42
CA GLY A 261 -2.24 -35.90 -27.46
C GLY A 261 -1.91 -35.14 -28.73
N ILE A 262 -1.47 -33.88 -28.58
CA ILE A 262 -1.09 -33.09 -29.75
C ILE A 262 0.09 -33.71 -30.46
N LEU A 263 1.01 -34.33 -29.71
CA LEU A 263 2.17 -34.97 -30.34
C LEU A 263 1.77 -36.25 -31.05
N MET A 264 0.91 -37.07 -30.43
CA MET A 264 0.48 -38.31 -31.04
C MET A 264 -0.56 -38.11 -32.13
N SER A 265 -1.25 -36.97 -32.14
CA SER A 265 -2.27 -36.68 -33.15
C SER A 265 -1.72 -35.93 -34.34
N ALA A 266 -0.40 -35.73 -34.42
CA ALA A 266 0.17 -35.01 -35.55
C ALA A 266 -0.06 -35.72 -36.88
N PRO A 267 0.09 -37.04 -36.99
CA PRO A 267 -0.12 -37.70 -38.29
C PRO A 267 -1.52 -37.51 -38.86
N ASN A 268 -2.48 -37.05 -38.06
CA ASN A 268 -3.84 -36.88 -38.54
C ASN A 268 -3.89 -35.81 -39.64
N PHE A 269 -3.48 -34.59 -39.30
CA PHE A 269 -3.50 -33.48 -40.25
C PHE A 269 -2.14 -32.80 -40.33
N VAL A 270 -1.39 -32.83 -39.24
CA VAL A 270 -0.06 -32.20 -39.22
C VAL A 270 0.92 -33.06 -40.01
N LEU B 7 20.71 -1.00 -43.25
CA LEU B 7 20.41 0.34 -42.73
C LEU B 7 19.00 0.38 -42.14
N TYR B 8 18.00 0.56 -43.01
CA TYR B 8 16.62 0.62 -42.55
C TYR B 8 16.15 -0.75 -42.06
N TYR B 9 16.20 -1.75 -42.92
CA TYR B 9 15.77 -3.10 -42.54
C TYR B 9 16.65 -3.64 -41.41
N GLY B 10 17.95 -3.38 -41.47
CA GLY B 10 18.84 -3.86 -40.43
C GLY B 10 18.52 -3.27 -39.07
N LEU B 11 18.39 -1.94 -39.01
CA LEU B 11 18.06 -1.29 -37.74
C LEU B 11 16.69 -1.72 -37.24
N ASN B 12 15.72 -1.86 -38.15
CA ASN B 12 14.37 -2.23 -37.75
C ASN B 12 14.34 -3.53 -36.98
N LEU B 13 15.33 -4.41 -37.19
CA LEU B 13 15.41 -5.66 -36.46
C LEU B 13 16.47 -5.65 -35.38
N LEU B 14 17.44 -4.72 -35.44
CA LEU B 14 18.49 -4.68 -34.43
C LEU B 14 18.05 -3.89 -33.19
N ILE B 15 17.31 -2.79 -33.39
CA ILE B 15 16.92 -1.92 -32.28
C ILE B 15 15.93 -2.65 -31.36
N PRO B 16 14.87 -3.27 -31.90
CA PRO B 16 13.91 -3.93 -31.01
C PRO B 16 14.52 -5.08 -30.23
N CYS B 17 15.40 -5.86 -30.86
CA CYS B 17 16.02 -6.98 -30.16
C CYS B 17 16.87 -6.49 -28.99
N VAL B 18 17.69 -5.47 -29.22
CA VAL B 18 18.54 -4.93 -28.15
C VAL B 18 17.67 -4.33 -27.06
N LEU B 19 16.60 -3.64 -27.44
CA LEU B 19 15.70 -3.05 -26.45
C LEU B 19 15.06 -4.12 -25.58
N ILE B 20 14.60 -5.21 -26.20
CA ILE B 20 13.96 -6.28 -25.44
C ILE B 20 14.99 -6.97 -24.54
N SER B 21 16.22 -7.11 -25.02
CA SER B 21 17.26 -7.74 -24.21
C SER B 21 17.65 -6.85 -23.03
N ALA B 22 17.62 -5.54 -23.19
CA ALA B 22 17.95 -4.63 -22.10
C ALA B 22 16.79 -4.47 -21.13
N LEU B 23 15.55 -4.62 -21.59
CA LEU B 23 14.40 -4.48 -20.71
C LEU B 23 14.42 -5.53 -19.61
N ALA B 24 14.75 -6.78 -19.95
CA ALA B 24 14.82 -7.83 -18.95
C ALA B 24 15.88 -7.53 -17.90
N LEU B 25 17.06 -7.08 -18.33
CA LEU B 25 18.12 -6.76 -17.39
C LEU B 25 17.72 -5.59 -16.50
N LEU B 26 17.04 -4.59 -17.06
CA LEU B 26 16.60 -3.45 -16.27
C LEU B 26 15.55 -3.87 -15.24
N VAL B 27 14.63 -4.75 -15.63
CA VAL B 27 13.62 -5.23 -14.70
C VAL B 27 14.26 -6.05 -13.59
N PHE B 28 15.26 -6.87 -13.93
CA PHE B 28 15.95 -7.65 -12.91
C PHE B 28 16.72 -6.76 -11.96
N LEU B 29 17.32 -5.68 -12.48
CA LEU B 29 18.09 -4.78 -11.62
C LEU B 29 17.21 -4.15 -10.54
N LEU B 30 15.93 -3.92 -10.83
CA LEU B 30 15.05 -3.30 -9.87
C LEU B 30 14.99 -4.13 -8.59
N PRO B 31 14.75 -3.51 -7.43
CA PRO B 31 14.68 -4.28 -6.18
C PRO B 31 13.57 -5.32 -6.21
N ALA B 32 13.57 -6.17 -5.20
CA ALA B 32 12.57 -7.22 -5.07
C ALA B 32 11.32 -6.61 -4.44
N ASP B 33 10.44 -6.09 -5.31
CA ASP B 33 9.20 -5.48 -4.86
C ASP B 33 8.13 -6.54 -4.69
N SER B 34 6.89 -6.11 -4.49
CA SER B 34 5.76 -7.03 -4.31
C SER B 34 5.38 -7.62 -5.67
N GLY B 35 4.27 -8.34 -5.70
CA GLY B 35 3.79 -8.96 -6.92
C GLY B 35 3.66 -7.99 -8.08
N GLU B 36 3.54 -6.69 -7.77
CA GLU B 36 3.47 -5.68 -8.83
C GLU B 36 4.65 -5.81 -9.79
N LYS B 37 5.82 -6.16 -9.26
CA LYS B 37 6.99 -6.33 -10.12
C LYS B 37 6.72 -7.30 -11.26
N ILE B 38 5.99 -8.38 -10.97
CA ILE B 38 5.66 -9.35 -12.01
C ILE B 38 4.94 -8.66 -13.16
N SER B 39 4.00 -7.77 -12.84
CA SER B 39 3.26 -7.06 -13.89
C SER B 39 4.21 -6.40 -14.90
N LEU B 40 5.41 -6.04 -14.46
CA LEU B 40 6.39 -5.47 -15.39
C LEU B 40 6.95 -6.55 -16.30
N GLY B 41 7.45 -7.64 -15.72
CA GLY B 41 8.08 -8.67 -16.54
C GLY B 41 7.18 -9.16 -17.65
N ILE B 42 5.95 -9.56 -17.31
CA ILE B 42 5.01 -10.03 -18.32
C ILE B 42 4.84 -8.99 -19.41
N THR B 43 4.79 -7.70 -19.03
CA THR B 43 4.62 -6.65 -20.02
C THR B 43 5.72 -6.70 -21.07
N VAL B 44 6.94 -7.03 -20.66
CA VAL B 44 8.04 -7.14 -21.61
C VAL B 44 7.67 -8.13 -22.71
N LEU B 45 7.12 -9.29 -22.33
CA LEU B 45 6.71 -10.28 -23.33
C LEU B 45 5.77 -9.66 -24.36
N LEU B 46 4.88 -8.78 -23.92
CA LEU B 46 3.98 -8.11 -24.85
C LEU B 46 4.77 -7.37 -25.93
N SER B 47 5.80 -6.61 -25.53
CA SER B 47 6.61 -5.90 -26.49
C SER B 47 7.18 -6.81 -27.56
N LEU B 48 7.31 -8.11 -27.28
CA LEU B 48 7.79 -9.05 -28.27
C LEU B 48 6.65 -9.53 -29.18
N THR B 49 5.47 -9.79 -28.61
CA THR B 49 4.36 -10.33 -29.38
C THR B 49 4.08 -9.48 -30.61
N VAL B 50 3.83 -8.18 -30.40
CA VAL B 50 3.59 -7.28 -31.52
C VAL B 50 4.74 -7.35 -32.52
N PHE B 51 5.98 -7.39 -32.02
CA PHE B 51 7.13 -7.45 -32.92
C PHE B 51 7.04 -8.68 -33.82
N MET B 52 6.58 -9.81 -33.27
CA MET B 52 6.45 -11.01 -34.09
C MET B 52 5.60 -10.74 -35.33
N LEU B 53 4.55 -9.94 -35.18
CA LEU B 53 3.71 -9.59 -36.32
C LEU B 53 4.56 -9.03 -37.46
N LEU B 54 5.45 -8.08 -37.13
CA LEU B 54 6.33 -7.52 -38.15
C LEU B 54 7.12 -8.62 -38.84
N VAL B 55 7.61 -9.59 -38.07
CA VAL B 55 8.36 -10.70 -38.66
C VAL B 55 7.51 -11.42 -39.70
N ALA B 56 6.22 -11.60 -39.41
CA ALA B 56 5.33 -12.27 -40.35
C ALA B 56 5.31 -11.59 -41.70
N GLU B 57 5.62 -10.28 -41.75
CA GLU B 57 5.65 -9.58 -43.03
C GLU B 57 6.94 -9.85 -43.78
N ILE B 58 8.05 -10.01 -43.06
CA ILE B 58 9.35 -10.23 -43.68
C ILE B 58 9.74 -11.71 -43.73
N MET B 59 9.21 -12.53 -42.83
CA MET B 59 9.53 -13.95 -42.77
C MET B 59 8.27 -14.74 -42.46
N PRO B 60 7.39 -14.90 -43.45
CA PRO B 60 6.17 -15.68 -43.21
C PRO B 60 6.49 -17.11 -42.79
N SER B 61 5.79 -17.59 -41.76
CA SER B 61 6.02 -18.93 -41.27
C SER B 61 5.63 -19.99 -42.29
N THR B 62 4.67 -19.68 -43.17
CA THR B 62 4.23 -20.64 -44.17
C THR B 62 5.20 -20.75 -45.35
N SER B 63 6.08 -19.76 -45.54
CA SER B 63 7.04 -19.75 -46.63
C SER B 63 8.48 -19.88 -46.14
N ASP B 64 8.90 -19.02 -45.22
CA ASP B 64 10.27 -19.05 -44.73
C ASP B 64 10.54 -20.36 -44.00
N SER B 65 11.61 -21.04 -44.39
CA SER B 65 12.03 -22.30 -43.79
C SER B 65 13.53 -22.29 -43.53
N SER B 66 14.02 -21.19 -42.98
CA SER B 66 15.44 -21.03 -42.70
C SER B 66 15.72 -21.51 -41.28
N PRO B 67 16.42 -22.64 -41.09
CA PRO B 67 16.68 -23.11 -39.71
C PRO B 67 17.69 -22.26 -38.96
N SER B 68 18.41 -21.37 -39.64
CA SER B 68 19.39 -20.53 -38.94
C SER B 68 18.68 -19.45 -38.13
N ILE B 69 17.70 -18.78 -38.73
CA ILE B 69 16.95 -17.75 -38.01
C ILE B 69 15.91 -18.34 -37.08
N ALA B 70 15.43 -19.55 -37.37
CA ALA B 70 14.45 -20.20 -36.49
C ALA B 70 15.03 -20.41 -35.09
N GLN B 71 16.27 -20.91 -35.02
CA GLN B 71 16.90 -21.15 -33.72
C GLN B 71 17.11 -19.82 -32.98
N TYR B 72 17.51 -18.78 -33.70
CA TYR B 72 17.70 -17.48 -33.06
C TYR B 72 16.38 -16.95 -32.49
N PHE B 73 15.30 -17.04 -33.27
CA PHE B 73 14.00 -16.59 -32.79
C PHE B 73 13.53 -17.42 -31.60
N ALA B 74 13.77 -18.73 -31.63
CA ALA B 74 13.39 -19.58 -30.50
C ALA B 74 14.16 -19.20 -29.25
N SER B 75 15.47 -18.97 -29.39
CA SER B 75 16.27 -18.57 -28.23
C SER B 75 15.83 -17.21 -27.69
N THR B 76 15.50 -16.29 -28.58
CA THR B 76 15.02 -14.97 -28.14
C THR B 76 13.71 -15.10 -27.39
N MET B 77 12.78 -15.91 -27.91
CA MET B 77 11.50 -16.11 -27.23
C MET B 77 11.70 -16.77 -25.87
N ILE B 78 12.62 -17.74 -25.79
CA ILE B 78 12.87 -18.41 -24.53
C ILE B 78 13.48 -17.43 -23.51
N ILE B 79 14.39 -16.58 -23.96
CA ILE B 79 15.01 -15.61 -23.06
C ILE B 79 14.00 -14.59 -22.60
N VAL B 80 13.05 -14.22 -23.47
CA VAL B 80 12.04 -13.24 -23.08
C VAL B 80 11.02 -13.87 -22.14
N GLY B 81 10.75 -15.17 -22.30
CA GLY B 81 9.81 -15.84 -21.41
C GLY B 81 10.39 -16.17 -20.05
N LEU B 82 11.71 -16.45 -20.00
CA LEU B 82 12.35 -16.77 -18.73
C LEU B 82 12.33 -15.62 -17.75
N SER B 83 11.93 -14.42 -18.17
CA SER B 83 11.85 -13.29 -17.24
C SER B 83 10.86 -13.57 -16.12
N VAL B 84 9.70 -14.13 -16.46
CA VAL B 84 8.69 -14.42 -15.45
C VAL B 84 9.20 -15.50 -14.49
N VAL B 85 9.90 -16.51 -15.02
CA VAL B 85 10.44 -17.56 -14.16
C VAL B 85 11.49 -16.98 -13.22
N VAL B 86 12.33 -16.09 -13.72
CA VAL B 86 13.35 -15.46 -12.88
C VAL B 86 12.70 -14.61 -11.79
N THR B 87 11.67 -13.85 -12.15
CA THR B 87 10.97 -13.03 -11.17
C THR B 87 10.31 -13.91 -10.10
N VAL B 88 9.74 -15.04 -10.50
CA VAL B 88 9.12 -15.94 -9.54
C VAL B 88 10.17 -16.54 -8.61
N ILE B 89 11.32 -16.93 -9.17
CA ILE B 89 12.39 -17.50 -8.34
C ILE B 89 12.92 -16.46 -7.36
N VAL B 90 12.95 -15.19 -7.79
CA VAL B 90 13.43 -14.13 -6.91
C VAL B 90 12.42 -13.86 -5.80
N LEU B 91 11.12 -13.86 -6.15
CA LEU B 91 10.09 -13.64 -5.15
C LEU B 91 9.94 -14.82 -4.19
N GLN B 92 10.39 -16.00 -4.60
CA GLN B 92 10.37 -17.14 -3.68
C GLN B 92 11.20 -16.86 -2.44
N TYR B 93 12.33 -16.15 -2.61
CA TYR B 93 13.17 -15.79 -1.48
C TYR B 93 12.74 -14.51 -0.78
N HIS B 94 11.78 -13.78 -1.35
CA HIS B 94 11.28 -12.56 -0.74
C HIS B 94 10.05 -12.82 0.11
N HIS B 95 9.07 -13.54 -0.43
CA HIS B 95 7.86 -13.87 0.30
C HIS B 95 8.01 -15.14 1.14
N HIS B 96 8.78 -16.12 0.65
CA HIS B 96 9.00 -17.36 1.37
C HIS B 96 7.67 -18.07 1.67
N ASP B 97 7.00 -18.48 0.60
CA ASP B 97 5.73 -19.19 0.71
C ASP B 97 5.88 -20.35 1.69
N PRO B 98 5.12 -20.36 2.80
CA PRO B 98 5.30 -21.46 3.78
C PRO B 98 5.13 -22.84 3.18
N ASP B 99 4.23 -22.99 2.19
CA ASP B 99 3.99 -24.29 1.58
C ASP B 99 5.08 -24.69 0.59
N GLY B 100 6.18 -23.96 0.54
CA GLY B 100 7.27 -24.30 -0.37
C GLY B 100 8.49 -23.42 -0.16
N GLY B 101 9.20 -23.11 -1.24
CA GLY B 101 10.37 -22.28 -1.17
C GLY B 101 11.57 -23.01 -0.57
N LYS B 102 12.75 -22.45 -0.83
CA LYS B 102 13.98 -23.03 -0.33
C LYS B 102 14.16 -22.73 1.15
N MET B 103 14.67 -23.70 1.89
CA MET B 103 14.88 -23.55 3.32
C MET B 103 15.82 -22.37 3.58
N PRO B 104 15.39 -21.34 4.32
CA PRO B 104 16.29 -20.20 4.58
C PRO B 104 17.57 -20.58 5.30
N LYS B 105 17.61 -21.76 5.92
CA LYS B 105 18.82 -22.17 6.64
C LYS B 105 20.03 -22.23 5.71
N TRP B 106 19.82 -22.67 4.47
CA TRP B 106 20.91 -22.78 3.51
C TRP B 106 21.17 -21.50 2.73
N THR B 107 20.18 -20.60 2.66
CA THR B 107 20.33 -19.35 1.92
C THR B 107 20.72 -18.17 2.81
N ARG B 108 20.75 -18.36 4.13
CA ARG B 108 21.13 -17.27 5.02
C ARG B 108 22.63 -17.12 5.18
N VAL B 109 23.38 -18.23 5.13
CA VAL B 109 24.83 -18.15 5.24
C VAL B 109 25.45 -17.65 3.95
N ILE B 110 24.94 -18.13 2.80
CA ILE B 110 25.45 -17.66 1.51
C ILE B 110 25.17 -16.18 1.33
N LEU B 111 24.03 -15.72 1.84
CA LEU B 111 23.71 -14.29 1.76
C LEU B 111 24.75 -13.46 2.51
N LEU B 112 25.08 -13.84 3.74
CA LEU B 112 26.08 -13.12 4.51
C LEU B 112 27.45 -13.22 3.86
N ASN B 113 27.76 -14.37 3.25
CA ASN B 113 29.06 -14.54 2.60
C ASN B 113 29.18 -13.63 1.39
N TRP B 114 28.09 -13.49 0.62
CA TRP B 114 28.12 -12.68 -0.59
C TRP B 114 27.90 -11.19 -0.32
N CYS B 115 27.38 -10.83 0.86
CA CYS B 115 27.20 -9.42 1.18
C CYS B 115 28.52 -8.67 1.13
N ALA B 116 29.61 -9.32 1.57
CA ALA B 116 30.92 -8.68 1.55
C ALA B 116 31.59 -8.78 0.19
N TRP B 117 31.27 -9.82 -0.59
CA TRP B 117 31.89 -10.00 -1.90
C TRP B 117 31.23 -9.17 -2.99
N PHE B 118 29.98 -8.74 -2.79
CA PHE B 118 29.32 -7.92 -3.80
C PHE B 118 29.88 -6.50 -3.81
N LEU B 119 30.07 -5.90 -2.62
CA LEU B 119 30.62 -4.56 -2.52
C LEU B 119 32.15 -4.59 -2.52
N ARG B 120 32.74 -5.32 -1.58
CA ARG B 120 34.19 -5.46 -1.50
C ARG B 120 34.58 -6.77 -2.18
N MET B 121 34.68 -6.71 -3.51
CA MET B 121 35.01 -7.90 -4.28
C MET B 121 36.35 -8.47 -3.83
N LYS B 122 36.46 -9.80 -3.89
CA LYS B 122 37.67 -10.50 -3.50
C LYS B 122 38.68 -10.37 -4.64
N ARG B 123 39.46 -9.30 -4.60
CA ARG B 123 40.47 -9.03 -5.61
C ARG B 123 41.56 -8.18 -4.99
N PRO B 124 42.73 -8.11 -5.61
CA PRO B 124 43.81 -7.29 -5.03
C PRO B 124 43.44 -5.83 -4.86
N GLY B 125 42.75 -5.24 -5.85
CA GLY B 125 42.39 -3.84 -5.78
C GLY B 125 41.59 -3.47 -4.54
N GLU B 126 40.89 -4.43 -3.94
CA GLU B 126 40.10 -4.19 -2.73
C GLU B 126 40.73 -4.76 -1.47
N ASP B 127 41.66 -5.70 -1.59
CA ASP B 127 42.30 -6.31 -0.43
C ASP B 127 43.58 -5.56 -0.02
N LYS B 128 44.39 -5.14 -1.00
CA LYS B 128 45.64 -4.45 -0.70
C LYS B 128 45.45 -2.95 -0.53
N VAL B 129 44.48 -2.36 -1.22
CA VAL B 129 44.24 -0.92 -1.13
C VAL B 129 43.28 -0.70 0.04
N ARG B 130 43.84 -0.61 1.23
CA ARG B 130 43.07 -0.39 2.45
C ARG B 130 44.05 -0.19 3.61
N PRO B 131 43.59 0.39 4.71
CA PRO B 131 44.49 0.58 5.86
C PRO B 131 45.03 -0.76 6.36
N ALA B 132 46.35 -0.84 6.50
CA ALA B 132 47.00 -2.05 6.98
C ALA B 132 48.25 -1.67 7.74
N CYS B 133 48.56 -2.45 8.78
CA CYS B 133 49.73 -2.21 9.61
C CYS B 133 49.96 -3.44 10.47
N GLN B 134 51.08 -3.43 11.20
CA GLN B 134 51.45 -4.52 12.08
C GLN B 134 51.00 -4.29 13.52
N HIS B 135 50.01 -3.43 13.73
CA HIS B 135 49.52 -3.15 15.08
C HIS B 135 48.60 -4.27 15.55
N LYS B 136 48.34 -4.27 16.87
CA LYS B 136 47.47 -5.29 17.45
C LYS B 136 46.06 -5.22 16.89
N GLN B 137 45.65 -4.08 16.32
CA GLN B 137 44.30 -3.96 15.78
C GLN B 137 44.08 -4.93 14.62
N ARG B 138 45.16 -5.33 13.94
CA ARG B 138 45.08 -6.25 12.81
C ARG B 138 45.53 -7.66 13.16
N ARG B 139 45.76 -7.94 14.44
CA ARG B 139 46.19 -9.26 14.87
C ARG B 139 44.98 -10.13 15.22
N CYS B 140 45.25 -11.42 15.40
CA CYS B 140 44.22 -12.40 15.73
C CYS B 140 44.25 -12.72 17.22
N SER B 141 43.07 -12.78 17.82
CA SER B 141 42.94 -13.09 19.25
C SER B 141 41.78 -14.06 19.41
N LEU B 142 41.39 -14.30 20.68
CA LEU B 142 40.30 -15.21 20.95
C LEU B 142 38.99 -14.73 20.32
N ALA B 143 38.82 -13.41 20.20
CA ALA B 143 37.59 -12.89 19.61
C ALA B 143 37.52 -13.16 18.12
N SER B 144 38.67 -13.30 17.46
CA SER B 144 38.68 -13.57 16.02
C SER B 144 38.45 -15.05 15.70
N VAL B 145 38.85 -15.94 16.61
CA VAL B 145 38.68 -17.37 16.40
C VAL B 145 37.26 -17.76 16.79
N GLU B 146 36.35 -17.78 15.81
CA GLU B 146 34.95 -18.12 16.04
C GLU B 146 34.68 -19.60 15.76
N MET B 147 35.67 -20.47 15.90
CA MET B 147 35.47 -21.88 15.65
C MET B 147 34.65 -22.56 16.75
N SER B 148 34.56 -21.95 17.93
CA SER B 148 33.82 -22.50 19.04
C SER B 148 32.51 -21.75 19.29
N ALA B 149 31.89 -21.25 18.22
CA ALA B 149 30.63 -20.52 18.31
C ALA B 149 30.77 -19.29 19.21
N VAL B 150 31.69 -18.41 18.83
CA VAL B 150 31.97 -17.19 19.57
C VAL B 150 31.15 -16.06 18.97
N ALA B 151 30.79 -15.10 19.81
CA ALA B 151 30.01 -13.95 19.36
C ALA B 151 30.80 -13.17 18.31
N PRO B 152 30.12 -12.46 17.41
CA PRO B 152 30.82 -11.69 16.38
C PRO B 152 31.52 -10.48 16.98
N PRO B 153 32.34 -9.78 16.21
CA PRO B 153 33.03 -8.60 16.73
C PRO B 153 32.03 -7.56 17.22
N PRO B 154 32.17 -7.06 18.44
CA PRO B 154 31.26 -6.02 18.92
C PRO B 154 31.28 -4.80 18.00
N ALA B 155 30.10 -4.42 17.52
CA ALA B 155 29.98 -3.27 16.64
C ALA B 155 28.54 -2.78 16.67
N SER B 156 28.36 -1.53 16.24
CA SER B 156 27.04 -0.91 16.22
C SER B 156 26.24 -1.25 14.98
N ASN B 157 26.80 -2.06 14.07
CA ASN B 157 26.10 -2.44 12.84
C ASN B 157 25.16 -3.64 13.04
N GLY B 158 24.91 -4.04 14.28
CA GLY B 158 24.03 -5.16 14.54
C GLY B 158 24.72 -6.29 15.27
N ASN B 159 25.78 -5.97 16.00
CA ASN B 159 26.54 -6.97 16.76
C ASN B 159 26.51 -6.71 18.25
N LEU B 160 26.74 -5.47 18.68
CA LEU B 160 26.71 -5.15 20.10
C LEU B 160 25.28 -4.99 20.61
N LEU B 161 24.51 -4.11 19.96
CA LEU B 161 23.13 -3.91 20.38
C LEU B 161 22.30 -5.17 20.22
N TYR B 162 22.60 -5.98 19.20
CA TYR B 162 21.87 -7.23 19.01
C TYR B 162 22.08 -8.16 20.19
N ILE B 163 23.34 -8.39 20.56
CA ILE B 163 23.64 -9.27 21.71
C ILE B 163 23.10 -8.66 22.99
N GLY B 164 23.04 -7.34 23.08
CA GLY B 164 22.51 -6.71 24.27
C GLY B 164 21.01 -6.93 24.42
N PHE B 165 20.27 -6.72 23.34
CA PHE B 165 18.82 -6.93 23.38
C PHE B 165 18.45 -8.41 23.42
N ARG B 166 19.35 -9.30 23.00
CA ARG B 166 19.10 -10.73 23.03
C ARG B 166 19.64 -11.39 24.29
N GLY B 167 19.70 -10.64 25.40
CA GLY B 167 20.22 -11.18 26.65
C GLY B 167 19.20 -12.00 27.41
N LEU B 168 18.97 -13.23 26.95
CA LEU B 168 18.02 -14.12 27.60
C LEU B 168 18.28 -14.19 29.10
N ASP B 169 17.23 -14.45 29.87
CA ASP B 169 17.35 -14.52 31.31
C ASP B 169 18.39 -15.55 31.75
N GLY B 170 18.54 -16.63 30.98
CA GLY B 170 19.48 -17.68 31.36
C GLY B 170 20.92 -17.22 31.45
N VAL B 171 21.25 -16.08 30.85
CA VAL B 171 22.62 -15.57 30.87
C VAL B 171 22.63 -14.10 31.28
N HIS B 172 21.44 -13.49 31.40
CA HIS B 172 21.33 -12.06 31.69
C HIS B 172 20.72 -11.76 33.04
N CYS B 173 19.88 -12.66 33.58
CA CYS B 173 19.22 -12.42 34.85
C CYS B 173 20.09 -12.79 36.06
N VAL B 174 21.32 -13.24 35.83
CA VAL B 174 22.22 -13.57 36.93
C VAL B 174 23.60 -12.99 36.65
N PRO B 175 23.74 -11.65 36.54
CA PRO B 175 25.05 -11.03 36.33
C PRO B 175 25.83 -10.81 37.63
N THR B 176 25.89 -11.84 38.47
CA THR B 176 26.54 -11.78 39.78
C THR B 176 27.74 -12.73 39.77
N PRO B 177 28.86 -12.31 39.19
CA PRO B 177 30.06 -13.16 39.21
C PRO B 177 30.68 -13.26 40.59
N ASP B 178 31.78 -14.00 40.72
CA ASP B 178 32.46 -14.16 42.00
C ASP B 178 33.27 -12.91 42.31
N SER B 179 32.55 -11.81 42.52
CA SER B 179 33.13 -10.52 42.84
C SER B 179 32.59 -9.92 44.12
N GLY B 180 31.29 -10.08 44.38
CA GLY B 180 30.69 -9.52 45.58
C GLY B 180 30.26 -8.07 45.46
N VAL B 181 30.04 -7.58 44.24
CA VAL B 181 29.63 -6.19 44.06
C VAL B 181 28.30 -5.93 44.75
N VAL B 182 27.43 -6.95 44.82
CA VAL B 182 26.15 -6.78 45.50
C VAL B 182 26.34 -6.53 46.98
N CYS B 183 27.46 -6.96 47.57
CA CYS B 183 27.73 -6.76 48.98
C CYS B 183 29.08 -6.10 49.23
N GLY B 184 29.77 -5.66 48.18
CA GLY B 184 31.08 -5.03 48.33
C GLY B 184 31.06 -3.56 48.01
N ARG B 185 30.19 -3.15 47.08
CA ARG B 185 30.06 -1.76 46.67
C ARG B 185 28.64 -1.27 46.92
N MET B 186 28.51 0.04 47.09
CA MET B 186 27.22 0.68 47.33
C MET B 186 26.77 1.55 46.16
N ALA B 187 27.35 1.33 44.98
CA ALA B 187 26.99 2.10 43.79
C ALA B 187 25.64 1.59 43.27
N CYS B 188 24.57 2.27 43.70
CA CYS B 188 23.22 1.91 43.30
C CYS B 188 22.89 0.47 43.68
N SER B 189 23.48 -0.01 44.77
CA SER B 189 23.26 -1.38 45.23
C SER B 189 23.56 -1.48 46.71
N PRO B 190 22.60 -1.20 47.59
CA PRO B 190 22.86 -1.32 49.03
C PRO B 190 23.33 -2.71 49.39
N THR B 191 24.32 -2.77 50.29
CA THR B 191 24.91 -4.03 50.73
C THR B 191 23.95 -4.69 51.71
N HIS B 192 22.99 -5.45 51.16
CA HIS B 192 22.00 -6.18 51.95
C HIS B 192 21.45 -5.33 53.09
N ASP B 193 21.25 -4.04 52.84
CA ASP B 193 20.73 -3.13 53.86
C ASP B 193 19.23 -3.39 54.05
N GLU B 194 18.89 -4.18 55.06
CA GLU B 194 17.50 -4.51 55.33
C GLU B 194 16.75 -3.36 56.00
N HIS B 195 17.46 -2.39 56.57
CA HIS B 195 16.83 -1.26 57.24
C HIS B 195 16.62 -0.06 56.31
N LEU B 196 16.99 -0.18 55.04
CA LEU B 196 16.82 0.91 54.07
C LEU B 196 15.35 1.00 53.71
N LEU B 197 14.62 1.90 54.38
CA LEU B 197 13.21 2.10 54.15
C LEU B 197 12.97 3.45 53.50
N HIS B 198 11.90 3.55 52.72
CA HIS B 198 11.53 4.78 52.03
C HIS B 198 10.84 5.72 53.01
N GLY B 199 11.64 6.30 53.90
CA GLY B 199 11.13 7.20 54.90
C GLY B 199 10.07 6.58 55.78
N GLY B 200 10.34 5.37 56.26
CA GLY B 200 9.41 4.63 57.09
C GLY B 200 8.60 3.59 56.36
N GLN B 201 8.57 3.63 55.04
CA GLN B 201 7.83 2.68 54.22
C GLN B 201 8.78 1.78 53.45
N PRO B 202 8.31 0.63 52.97
CA PRO B 202 9.18 -0.25 52.18
C PRO B 202 9.60 0.42 50.88
N PRO B 203 10.54 -0.17 50.14
CA PRO B 203 10.98 0.44 48.88
C PRO B 203 9.96 0.25 47.76
N GLU B 204 8.71 0.61 48.01
CA GLU B 204 7.65 0.49 47.02
C GLU B 204 6.43 1.29 47.44
N GLY B 205 5.95 2.17 46.55
CA GLY B 205 4.79 2.99 46.86
C GLY B 205 3.48 2.25 46.66
N ASP B 206 3.35 1.53 45.55
CA ASP B 206 2.13 0.80 45.24
C ASP B 206 2.44 -0.34 44.27
N PRO B 207 2.08 -1.59 44.60
CA PRO B 207 2.33 -2.68 43.65
C PRO B 207 1.73 -2.44 42.28
N ASP B 208 0.73 -1.55 42.15
CA ASP B 208 0.18 -1.24 40.84
C ASP B 208 1.24 -0.69 39.90
N LEU B 209 2.28 -0.07 40.44
CA LEU B 209 3.36 0.43 39.60
C LEU B 209 4.06 -0.72 38.87
N ALA B 210 4.21 -1.86 39.55
CA ALA B 210 4.79 -3.03 38.89
C ALA B 210 3.87 -3.53 37.77
N LYS B 211 2.56 -3.46 37.98
CA LYS B 211 1.63 -3.86 36.94
C LYS B 211 1.72 -2.94 35.73
N ILE B 212 1.84 -1.63 35.97
CA ILE B 212 2.00 -0.69 34.87
C ILE B 212 3.32 -0.94 34.15
N LEU B 213 4.38 -1.25 34.90
CA LEU B 213 5.67 -1.56 34.30
C LEU B 213 5.56 -2.79 33.40
N GLU B 214 4.86 -3.82 33.86
CA GLU B 214 4.68 -5.01 33.04
C GLU B 214 3.83 -4.71 31.81
N GLU B 215 2.83 -3.85 31.97
CA GLU B 215 1.98 -3.48 30.83
C GLU B 215 2.78 -2.75 29.76
N VAL B 216 3.65 -1.82 30.17
CA VAL B 216 4.47 -1.11 29.19
C VAL B 216 5.55 -2.02 28.62
N ARG B 217 6.03 -2.98 29.42
CA ARG B 217 6.98 -3.96 28.89
C ARG B 217 6.33 -4.85 27.83
N TYR B 218 5.03 -5.11 27.96
CA TYR B 218 4.33 -5.85 26.92
C TYR B 218 4.35 -5.09 25.59
N ILE B 219 4.11 -3.77 25.65
CA ILE B 219 4.16 -2.96 24.43
C ILE B 219 5.58 -2.90 23.90
N ALA B 220 6.57 -2.83 24.79
CA ALA B 220 7.96 -2.85 24.35
C ALA B 220 8.30 -4.15 23.63
N ASN B 221 7.80 -5.27 24.14
CA ASN B 221 8.04 -6.56 23.49
C ASN B 221 7.31 -6.64 22.16
N ARG B 222 6.11 -6.05 22.08
CA ARG B 222 5.41 -6.00 20.80
C ARG B 222 6.20 -5.20 19.77
N PHE B 223 6.74 -4.05 20.18
CA PHE B 223 7.56 -3.26 19.26
C PHE B 223 8.83 -4.00 18.87
N ARG B 224 9.42 -4.75 19.81
CA ARG B 224 10.59 -5.54 19.48
C ARG B 224 10.26 -6.64 18.47
N CYS B 225 9.10 -7.27 18.62
CA CYS B 225 8.68 -8.28 17.66
C CYS B 225 8.43 -7.65 16.29
N GLN B 226 7.85 -6.44 16.27
CA GLN B 226 7.66 -5.74 15.00
C GLN B 226 9.00 -5.43 14.35
N ASP B 227 9.97 -4.99 15.13
CA ASP B 227 11.30 -4.71 14.59
C ASP B 227 11.96 -5.98 14.07
N GLU B 228 11.75 -7.10 14.76
CA GLU B 228 12.30 -8.37 14.31
C GLU B 228 11.67 -8.80 13.00
N SER B 229 10.35 -8.62 12.86
CA SER B 229 9.68 -8.93 11.60
C SER B 229 10.20 -8.03 10.48
N GLU B 230 10.42 -6.75 10.77
CA GLU B 230 10.97 -5.84 9.78
C GLU B 230 12.37 -6.27 9.35
N ALA B 231 13.19 -6.71 10.31
CA ALA B 231 14.53 -7.18 9.98
C ALA B 231 14.48 -8.45 9.15
N VAL B 232 13.53 -9.35 9.45
CA VAL B 232 13.37 -10.56 8.65
C VAL B 232 12.97 -10.20 7.23
N CYS B 233 12.05 -9.23 7.08
CA CYS B 233 11.66 -8.79 5.75
C CYS B 233 12.83 -8.17 5.00
N SER B 234 13.67 -7.41 5.71
CA SER B 234 14.84 -6.81 5.09
C SER B 234 15.83 -7.89 4.65
N GLU B 235 16.01 -8.93 5.45
CA GLU B 235 16.89 -10.03 5.07
C GLU B 235 16.33 -10.77 3.86
N TRP B 236 15.01 -10.96 3.81
CA TRP B 236 14.40 -11.58 2.64
C TRP B 236 14.61 -10.74 1.39
N LYS B 237 14.46 -9.42 1.52
CA LYS B 237 14.71 -8.53 0.38
C LYS B 237 16.17 -8.58 -0.05
N PHE B 238 17.08 -8.69 0.91
CA PHE B 238 18.50 -8.84 0.58
C PHE B 238 18.73 -10.11 -0.21
N ALA B 239 18.16 -11.23 0.26
CA ALA B 239 18.33 -12.50 -0.44
C ALA B 239 17.73 -12.45 -1.83
N ALA B 240 16.61 -11.73 -1.98
CA ALA B 240 15.98 -11.62 -3.30
C ALA B 240 16.80 -10.75 -4.25
N CYS B 241 17.40 -9.68 -3.72
CA CYS B 241 18.24 -8.83 -4.56
C CYS B 241 19.55 -9.51 -4.92
N VAL B 242 20.04 -10.41 -4.06
CA VAL B 242 21.23 -11.18 -4.41
C VAL B 242 20.97 -12.00 -5.67
N VAL B 243 19.83 -12.67 -5.73
CA VAL B 243 19.49 -13.47 -6.91
C VAL B 243 19.29 -12.57 -8.12
N ASP B 244 18.69 -11.38 -7.91
CA ASP B 244 18.52 -10.44 -9.01
C ASP B 244 19.87 -10.05 -9.61
N ARG B 245 20.84 -9.72 -8.75
CA ARG B 245 22.16 -9.34 -9.24
C ARG B 245 22.87 -10.53 -9.90
N LEU B 246 22.72 -11.72 -9.33
CA LEU B 246 23.32 -12.90 -9.94
C LEU B 246 22.77 -13.13 -11.35
N CYS B 247 21.46 -13.00 -11.51
CA CYS B 247 20.86 -13.17 -12.83
C CYS B 247 21.29 -12.07 -13.78
N LEU B 248 21.36 -10.83 -13.30
CA LEU B 248 21.81 -9.72 -14.14
C LEU B 248 23.24 -9.93 -14.61
N MET B 249 24.09 -10.52 -13.78
CA MET B 249 25.47 -10.77 -14.16
C MET B 249 25.61 -12.00 -15.05
N ALA B 250 24.72 -12.98 -14.89
CA ALA B 250 24.81 -14.20 -15.68
C ALA B 250 24.26 -14.00 -17.09
N PHE B 251 23.09 -13.34 -17.21
CA PHE B 251 22.47 -13.17 -18.51
C PHE B 251 23.26 -12.22 -19.40
N SER B 252 24.10 -11.36 -18.84
CA SER B 252 24.88 -10.44 -19.66
C SER B 252 25.82 -11.21 -20.59
N VAL B 253 26.53 -12.20 -20.05
CA VAL B 253 27.46 -12.98 -20.87
C VAL B 253 26.70 -13.77 -21.93
N PHE B 254 25.54 -14.32 -21.56
CA PHE B 254 24.74 -15.08 -22.52
C PHE B 254 24.28 -14.18 -23.67
N THR B 255 23.80 -12.98 -23.35
CA THR B 255 23.37 -12.05 -24.39
C THR B 255 24.54 -11.62 -25.26
N ILE B 256 25.71 -11.39 -24.66
CA ILE B 256 26.88 -11.00 -25.44
C ILE B 256 27.27 -12.13 -26.40
N ILE B 257 27.24 -13.37 -25.92
CA ILE B 257 27.58 -14.50 -26.77
C ILE B 257 26.57 -14.64 -27.90
N CYS B 258 25.29 -14.47 -27.60
CA CYS B 258 24.26 -14.56 -28.63
C CYS B 258 24.45 -13.48 -29.68
N THR B 259 24.77 -12.25 -29.25
CA THR B 259 25.00 -11.17 -30.20
C THR B 259 26.23 -11.46 -31.06
N ILE B 260 27.31 -11.94 -30.46
CA ILE B 260 28.51 -12.26 -31.21
C ILE B 260 28.22 -13.35 -32.23
N GLY B 261 27.42 -14.34 -31.85
CA GLY B 261 27.07 -15.41 -32.78
C GLY B 261 26.22 -14.91 -33.93
N ILE B 262 25.22 -14.07 -33.62
CA ILE B 262 24.36 -13.52 -34.67
C ILE B 262 25.17 -12.65 -35.61
N LEU B 263 26.18 -11.94 -35.09
CA LEU B 263 27.01 -11.10 -35.94
C LEU B 263 27.93 -11.94 -36.82
N MET B 264 28.55 -12.97 -36.25
CA MET B 264 29.45 -13.83 -37.01
C MET B 264 28.72 -14.79 -37.93
N SER B 265 27.44 -15.08 -37.65
CA SER B 265 26.66 -16.00 -38.47
C SER B 265 25.89 -15.30 -39.58
N ALA B 266 26.09 -13.99 -39.76
CA ALA B 266 25.38 -13.28 -40.82
C ALA B 266 25.70 -13.80 -42.21
N PRO B 267 26.95 -14.09 -42.57
CA PRO B 267 27.24 -14.58 -43.93
C PRO B 267 26.51 -15.85 -44.29
N ASN B 268 25.95 -16.58 -43.32
CA ASN B 268 25.26 -17.83 -43.61
C ASN B 268 24.04 -17.58 -44.48
N PHE B 269 23.10 -16.77 -43.99
CA PHE B 269 21.87 -16.48 -44.73
C PHE B 269 21.63 -14.98 -44.83
N VAL B 270 22.12 -14.21 -43.86
CA VAL B 270 21.96 -12.76 -43.88
C VAL B 270 22.90 -12.15 -44.91
N LEU C 7 -1.29 16.87 -44.90
CA LEU C 7 -2.52 17.05 -44.13
C LEU C 7 -2.88 15.77 -43.39
N TYR C 8 -3.54 14.85 -44.08
CA TYR C 8 -3.93 13.58 -43.47
C TYR C 8 -2.71 12.73 -43.17
N TYR C 9 -1.94 12.39 -44.21
CA TYR C 9 -0.75 11.57 -44.02
C TYR C 9 0.27 12.27 -43.12
N GLY C 10 0.42 13.59 -43.27
CA GLY C 10 1.36 14.31 -42.44
C GLY C 10 0.98 14.27 -40.98
N LEU C 11 -0.28 14.58 -40.67
CA LEU C 11 -0.74 14.56 -39.29
C LEU C 11 -0.66 13.15 -38.71
N ASN C 12 -1.01 12.14 -39.51
CA ASN C 12 -1.00 10.76 -39.02
C ASN C 12 0.36 10.36 -38.49
N LEU C 13 1.44 11.00 -38.97
CA LEU C 13 2.79 10.71 -38.50
C LEU C 13 3.31 11.78 -37.55
N LEU C 14 2.73 12.97 -37.54
CA LEU C 14 3.19 14.04 -36.67
C LEU C 14 2.56 13.97 -35.28
N ILE C 15 1.28 13.61 -35.19
CA ILE C 15 0.58 13.60 -33.90
C ILE C 15 1.13 12.47 -33.03
N PRO C 16 1.26 11.25 -33.53
CA PRO C 16 1.77 10.17 -32.65
C PRO C 16 3.18 10.41 -32.16
N CYS C 17 4.06 10.96 -33.01
CA CYS C 17 5.43 11.22 -32.59
C CYS C 17 5.47 12.24 -31.46
N VAL C 18 4.73 13.34 -31.61
CA VAL C 18 4.71 14.37 -30.57
C VAL C 18 4.09 13.81 -29.30
N LEU C 19 3.03 13.00 -29.44
CA LEU C 19 2.41 12.41 -28.26
C LEU C 19 3.38 11.50 -27.51
N ILE C 20 4.12 10.67 -28.25
CA ILE C 20 5.07 9.77 -27.61
C ILE C 20 6.21 10.56 -26.98
N SER C 21 6.63 11.65 -27.61
CA SER C 21 7.70 12.47 -27.05
C SER C 21 7.24 13.18 -25.78
N ALA C 22 5.97 13.58 -25.72
CA ALA C 22 5.45 14.24 -24.53
C ALA C 22 5.13 13.26 -23.41
N LEU C 23 4.79 12.02 -23.75
CA LEU C 23 4.47 11.03 -22.73
C LEU C 23 5.67 10.75 -21.84
N ALA C 24 6.86 10.64 -22.44
CA ALA C 24 8.06 10.40 -21.65
C ALA C 24 8.34 11.55 -20.70
N LEU C 25 8.21 12.79 -21.18
CA LEU C 25 8.43 13.94 -20.33
C LEU C 25 7.42 13.99 -19.20
N LEU C 26 6.15 13.67 -19.49
CA LEU C 26 5.13 13.66 -18.46
C LEU C 26 5.42 12.59 -17.41
N VAL C 27 5.84 11.40 -17.85
CA VAL C 27 6.16 10.34 -16.90
C VAL C 27 7.35 10.74 -16.03
N PHE C 28 8.35 11.39 -16.64
CA PHE C 28 9.51 11.85 -15.86
C PHE C 28 9.11 12.92 -14.85
N LEU C 29 8.18 13.80 -15.22
CA LEU C 29 7.76 14.86 -14.32
C LEU C 29 7.13 14.30 -13.05
N LEU C 30 6.46 13.16 -13.14
CA LEU C 30 5.81 12.58 -11.99
C LEU C 30 6.83 12.31 -10.89
N PRO C 31 6.42 12.34 -9.62
CA PRO C 31 7.37 12.09 -8.53
C PRO C 31 7.95 10.69 -8.62
N ALA C 32 8.97 10.45 -7.78
CA ALA C 32 9.63 9.15 -7.72
C ALA C 32 8.78 8.22 -6.87
N ASP C 33 7.85 7.54 -7.51
CA ASP C 33 6.95 6.62 -6.83
C ASP C 33 7.62 5.25 -6.72
N SER C 34 6.84 4.25 -6.31
CA SER C 34 7.36 2.89 -6.17
C SER C 34 7.54 2.27 -7.56
N GLY C 35 7.88 0.99 -7.59
CA GLY C 35 8.08 0.28 -8.83
C GLY C 35 6.93 0.41 -9.80
N GLU C 36 5.74 0.72 -9.29
CA GLU C 36 4.57 0.92 -10.15
C GLU C 36 4.87 1.94 -11.23
N LYS C 37 5.66 2.97 -10.91
CA LYS C 37 6.01 3.99 -11.89
C LYS C 37 6.61 3.36 -13.14
N ILE C 38 7.46 2.34 -12.96
CA ILE C 38 8.07 1.66 -14.10
C ILE C 38 6.99 1.14 -15.04
N SER C 39 5.93 0.55 -14.47
CA SER C 39 4.84 0.03 -15.29
C SER C 39 4.31 1.06 -16.27
N LEU C 40 4.43 2.35 -15.92
CA LEU C 40 4.02 3.40 -16.84
C LEU C 40 5.00 3.54 -17.99
N GLY C 41 6.29 3.69 -17.68
CA GLY C 41 7.28 3.90 -18.72
C GLY C 41 7.24 2.82 -19.78
N ILE C 42 7.29 1.55 -19.36
CA ILE C 42 7.23 0.45 -20.30
C ILE C 42 5.99 0.56 -21.18
N THR C 43 4.86 0.95 -20.58
CA THR C 43 3.62 1.07 -21.35
C THR C 43 3.80 2.04 -22.51
N VAL C 44 4.57 3.11 -22.30
CA VAL C 44 4.82 4.07 -23.38
C VAL C 44 5.40 3.35 -24.58
N LEU C 45 6.38 2.47 -24.35
CA LEU C 45 6.98 1.71 -25.44
C LEU C 45 5.92 0.97 -26.24
N LEU C 46 4.91 0.43 -25.55
CA LEU C 46 3.83 -0.26 -26.24
C LEU C 46 3.17 0.66 -27.26
N SER C 47 2.86 1.89 -26.85
CA SER C 47 2.23 2.84 -27.76
C SER C 47 3.05 3.04 -29.03
N LEU C 48 4.35 2.77 -28.98
CA LEU C 48 5.18 2.87 -30.18
C LEU C 48 5.11 1.60 -31.01
N THR C 49 5.11 0.43 -30.37
CA THR C 49 5.13 -0.83 -31.10
C THR C 49 3.99 -0.89 -32.13
N VAL C 50 2.75 -0.68 -31.67
CA VAL C 50 1.62 -0.68 -32.58
C VAL C 50 1.84 0.32 -33.71
N PHE C 51 2.36 1.51 -33.38
CA PHE C 51 2.61 2.51 -34.41
C PHE C 51 3.53 1.97 -35.49
N MET C 52 4.54 1.19 -35.10
CA MET C 52 5.45 0.62 -36.09
C MET C 52 4.69 -0.16 -37.14
N LEU C 53 3.63 -0.88 -36.74
CA LEU C 53 2.83 -1.62 -37.70
C LEU C 53 2.35 -0.69 -38.81
N LEU C 54 1.81 0.47 -38.45
CA LEU C 54 1.36 1.44 -39.46
C LEU C 54 2.50 1.78 -40.41
N VAL C 55 3.71 1.95 -39.88
CA VAL C 55 4.86 2.27 -40.74
C VAL C 55 5.04 1.18 -41.78
N ALA C 56 4.86 -0.09 -41.38
CA ALA C 56 5.01 -1.19 -42.32
C ALA C 56 4.10 -1.05 -43.52
N GLU C 57 2.99 -0.33 -43.39
CA GLU C 57 2.10 -0.12 -44.53
C GLU C 57 2.61 0.98 -45.45
N ILE C 58 3.24 2.02 -44.89
CA ILE C 58 3.73 3.14 -45.67
C ILE C 58 5.22 3.04 -45.99
N MET C 59 5.99 2.29 -45.20
CA MET C 59 7.43 2.15 -45.41
C MET C 59 7.82 0.71 -45.10
N PRO C 60 7.50 -0.23 -45.99
CA PRO C 60 7.89 -1.62 -45.76
C PRO C 60 9.39 -1.76 -45.63
N SER C 61 9.83 -2.53 -44.64
CA SER C 61 11.26 -2.72 -44.42
C SER C 61 11.91 -3.49 -45.55
N THR C 62 11.15 -4.34 -46.24
CA THR C 62 11.70 -5.12 -47.34
C THR C 62 11.87 -4.31 -48.61
N SER C 63 11.19 -3.17 -48.73
CA SER C 63 11.26 -2.32 -49.92
C SER C 63 11.91 -0.98 -49.63
N ASP C 64 11.43 -0.25 -48.63
CA ASP C 64 11.98 1.06 -48.30
C ASP C 64 13.43 0.92 -47.83
N SER C 65 14.32 1.69 -48.45
CA SER C 65 15.74 1.70 -48.12
C SER C 65 16.25 3.13 -48.04
N SER C 66 15.49 3.99 -47.37
CA SER C 66 15.85 5.39 -47.23
C SER C 66 16.65 5.58 -45.95
N PRO C 67 17.95 5.87 -46.03
CA PRO C 67 18.74 6.04 -44.80
C PRO C 67 18.40 7.32 -44.03
N SER C 68 17.67 8.25 -44.63
CA SER C 68 17.32 9.48 -43.92
C SER C 68 16.27 9.23 -42.86
N ILE C 69 15.21 8.49 -43.22
CA ILE C 69 14.16 8.18 -42.26
C ILE C 69 14.58 7.04 -41.32
N ALA C 70 15.49 6.18 -41.76
CA ALA C 70 15.95 5.08 -40.90
C ALA C 70 16.62 5.63 -39.64
N GLN C 71 17.49 6.62 -39.80
CA GLN C 71 18.16 7.20 -38.64
C GLN C 71 17.17 7.87 -37.71
N TYR C 72 16.17 8.57 -38.27
CA TYR C 72 15.15 9.21 -37.45
C TYR C 72 14.37 8.18 -36.65
N PHE C 73 13.95 7.09 -37.30
CA PHE C 73 13.21 6.05 -36.61
C PHE C 73 14.07 5.39 -35.52
N ALA C 74 15.35 5.18 -35.81
CA ALA C 74 16.24 4.59 -34.81
C ALA C 74 16.39 5.50 -33.61
N SER C 75 16.56 6.81 -33.85
CA SER C 75 16.68 7.75 -32.74
C SER C 75 15.40 7.81 -31.94
N THR C 76 14.24 7.77 -32.61
CA THR C 76 12.97 7.78 -31.90
C THR C 76 12.82 6.54 -31.03
N MET C 77 13.17 5.37 -31.58
CA MET C 77 13.08 4.13 -30.80
C MET C 77 14.03 4.18 -29.61
N ILE C 78 15.23 4.72 -29.80
CA ILE C 78 16.19 4.81 -28.70
C ILE C 78 15.68 5.74 -27.62
N ILE C 79 15.09 6.87 -28.02
CA ILE C 79 14.57 7.83 -27.04
C ILE C 79 13.38 7.23 -26.29
N VAL C 80 12.57 6.42 -26.97
CA VAL C 80 11.42 5.80 -26.30
C VAL C 80 11.88 4.68 -25.38
N GLY C 81 12.95 3.98 -25.73
CA GLY C 81 13.46 2.92 -24.86
C GLY C 81 14.23 3.43 -23.67
N LEU C 82 14.90 4.58 -23.81
CA LEU C 82 15.67 5.13 -22.70
C LEU C 82 14.80 5.56 -21.53
N SER C 83 13.47 5.56 -21.68
CA SER C 83 12.60 5.91 -20.57
C SER C 83 12.76 4.93 -19.41
N VAL C 84 12.85 3.63 -19.71
CA VAL C 84 13.02 2.64 -18.67
C VAL C 84 14.36 2.83 -17.96
N VAL C 85 15.42 3.12 -18.72
CA VAL C 85 16.74 3.33 -18.13
C VAL C 85 16.72 4.56 -17.24
N VAL C 86 16.05 5.63 -17.68
CA VAL C 86 15.97 6.84 -16.87
C VAL C 86 15.20 6.58 -15.58
N THR C 87 14.09 5.85 -15.68
CA THR C 87 13.31 5.54 -14.48
C THR C 87 14.12 4.67 -13.52
N VAL C 88 14.91 3.74 -14.04
CA VAL C 88 15.73 2.90 -13.19
C VAL C 88 16.80 3.73 -12.50
N ILE C 89 17.44 4.63 -13.24
CA ILE C 89 18.46 5.49 -12.65
C ILE C 89 17.85 6.39 -11.59
N VAL C 90 16.61 6.83 -11.79
CA VAL C 90 15.95 7.68 -10.81
C VAL C 90 15.60 6.88 -9.56
N LEU C 91 15.11 5.66 -9.74
CA LEU C 91 14.77 4.81 -8.60
C LEU C 91 16.00 4.34 -7.85
N GLN C 92 17.17 4.33 -8.50
CA GLN C 92 18.40 3.98 -7.81
C GLN C 92 18.65 4.92 -6.64
N TYR C 93 18.31 6.20 -6.81
CA TYR C 93 18.48 7.18 -5.74
C TYR C 93 17.30 7.22 -4.79
N HIS C 94 16.21 6.53 -5.10
CA HIS C 94 15.03 6.50 -4.24
C HIS C 94 15.06 5.29 -3.31
N HIS C 95 15.31 4.11 -3.85
CA HIS C 95 15.39 2.89 -3.05
C HIS C 95 16.79 2.66 -2.47
N HIS C 96 17.84 3.04 -3.19
CA HIS C 96 19.22 2.88 -2.74
C HIS C 96 19.51 1.42 -2.41
N ASP C 97 19.47 0.59 -3.45
CA ASP C 97 19.76 -0.83 -3.32
C ASP C 97 21.08 -1.03 -2.58
N PRO C 98 21.07 -1.67 -1.40
CA PRO C 98 22.32 -1.82 -0.64
C PRO C 98 23.44 -2.47 -1.44
N ASP C 99 23.12 -3.42 -2.34
CA ASP C 99 24.13 -4.11 -3.12
C ASP C 99 24.65 -3.26 -4.28
N GLY C 100 24.31 -1.98 -4.35
CA GLY C 100 24.78 -1.12 -5.41
C GLY C 100 24.39 0.33 -5.20
N GLY C 101 24.12 1.04 -6.28
CA GLY C 101 23.71 2.43 -6.21
C GLY C 101 24.88 3.34 -5.88
N LYS C 102 24.68 4.63 -6.18
CA LYS C 102 25.70 5.64 -5.94
C LYS C 102 25.77 5.99 -4.45
N MET C 103 26.98 6.20 -3.96
CA MET C 103 27.19 6.53 -2.56
C MET C 103 26.44 7.82 -2.22
N PRO C 104 25.49 7.79 -1.27
CA PRO C 104 24.76 9.02 -0.93
C PRO C 104 25.66 10.14 -0.45
N LYS C 105 26.90 9.85 -0.03
CA LYS C 105 27.78 10.89 0.45
C LYS C 105 28.03 11.96 -0.61
N TRP C 106 28.13 11.54 -1.87
CA TRP C 106 28.38 12.49 -2.96
C TRP C 106 27.11 13.11 -3.52
N THR C 107 25.96 12.47 -3.32
CA THR C 107 24.69 12.97 -3.85
C THR C 107 23.89 13.77 -2.83
N ARG C 108 24.33 13.81 -1.58
CA ARG C 108 23.62 14.57 -0.55
C ARG C 108 23.98 16.05 -0.55
N VAL C 109 25.23 16.40 -0.87
CA VAL C 109 25.64 17.79 -0.92
C VAL C 109 25.10 18.46 -2.18
N ILE C 110 25.15 17.77 -3.32
CA ILE C 110 24.63 18.34 -4.55
C ILE C 110 23.12 18.55 -4.44
N LEU C 111 22.43 17.64 -3.73
CA LEU C 111 20.99 17.81 -3.53
C LEU C 111 20.70 19.10 -2.78
N LEU C 112 21.42 19.34 -1.68
CA LEU C 112 21.20 20.57 -0.91
C LEU C 112 21.59 21.80 -1.72
N ASN C 113 22.63 21.68 -2.55
CA ASN C 113 23.04 22.82 -3.37
C ASN C 113 22.00 23.15 -4.42
N TRP C 114 21.37 22.14 -5.02
CA TRP C 114 20.40 22.37 -6.06
C TRP C 114 19.00 22.66 -5.51
N CYS C 115 18.74 22.35 -4.24
CA CYS C 115 17.44 22.65 -3.66
C CYS C 115 17.14 24.14 -3.73
N ALA C 116 18.17 24.98 -3.54
CA ALA C 116 17.97 26.42 -3.60
C ALA C 116 18.01 26.96 -5.02
N TRP C 117 18.70 26.27 -5.92
CA TRP C 117 18.80 26.72 -7.30
C TRP C 117 17.60 26.32 -8.14
N PHE C 118 16.86 25.29 -7.74
CA PHE C 118 15.69 24.87 -8.49
C PHE C 118 14.54 25.87 -8.34
N LEU C 119 14.28 26.31 -7.10
CA LEU C 119 13.22 27.28 -6.84
C LEU C 119 13.73 28.71 -7.02
N ARG C 120 14.78 29.08 -6.29
CA ARG C 120 15.38 30.40 -6.40
C ARG C 120 16.58 30.31 -7.34
N MET C 121 16.30 30.34 -8.64
CA MET C 121 17.34 30.22 -9.64
C MET C 121 18.39 31.32 -9.45
N LYS C 122 19.64 30.98 -9.75
CA LYS C 122 20.75 31.93 -9.63
C LYS C 122 20.71 32.87 -10.83
N ARG C 123 19.96 33.95 -10.70
CA ARG C 123 19.83 34.93 -11.77
C ARG C 123 19.49 36.27 -11.14
N PRO C 124 19.68 37.37 -11.87
CA PRO C 124 19.37 38.69 -11.29
C PRO C 124 17.93 38.82 -10.82
N GLY C 125 16.97 38.31 -11.61
CA GLY C 125 15.57 38.43 -11.26
C GLY C 125 15.21 37.87 -9.90
N GLU C 126 16.02 36.93 -9.39
CA GLU C 126 15.79 36.33 -8.08
C GLU C 126 16.77 36.80 -7.01
N ASP C 127 17.91 37.37 -7.40
CA ASP C 127 18.90 37.84 -6.44
C ASP C 127 18.69 39.30 -6.07
N LYS C 128 18.34 40.15 -7.04
CA LYS C 128 18.15 41.56 -6.78
C LYS C 128 16.73 41.90 -6.33
N VAL C 129 15.74 41.14 -6.79
CA VAL C 129 14.34 41.38 -6.43
C VAL C 129 14.08 40.60 -5.14
N ARG C 130 14.41 41.24 -4.01
CA ARG C 130 14.21 40.64 -2.70
C ARG C 130 14.56 41.69 -1.64
N PRO C 131 14.10 41.52 -0.41
CA PRO C 131 14.43 42.48 0.64
C PRO C 131 15.94 42.58 0.84
N ALA C 132 16.44 43.80 0.83
CA ALA C 132 17.87 44.05 0.99
C ALA C 132 18.06 45.40 1.66
N CYS C 133 19.08 45.49 2.51
CA CYS C 133 19.39 46.73 3.23
C CYS C 133 20.78 46.58 3.84
N GLN C 134 21.26 47.69 4.42
CA GLN C 134 22.57 47.73 5.06
C GLN C 134 22.50 47.45 6.55
N HIS C 135 21.44 46.81 7.03
CA HIS C 135 21.29 46.52 8.44
C HIS C 135 22.14 45.30 8.83
N LYS C 136 22.32 45.13 10.14
CA LYS C 136 23.11 44.01 10.64
C LYS C 136 22.50 42.66 10.26
N GLN C 137 21.21 42.63 9.95
CA GLN C 137 20.58 41.36 9.59
C GLN C 137 21.18 40.78 8.32
N ARG C 138 21.74 41.62 7.46
CA ARG C 138 22.35 41.18 6.21
C ARG C 138 23.86 41.17 6.26
N ARG C 139 24.45 41.36 7.43
CA ARG C 139 25.90 41.37 7.58
C ARG C 139 26.40 39.96 7.89
N CYS C 140 27.73 39.80 7.84
CA CYS C 140 28.37 38.53 8.10
C CYS C 140 28.97 38.54 9.50
N SER C 141 28.80 37.43 10.23
CA SER C 141 29.32 37.28 11.57
C SER C 141 29.90 35.88 11.71
N LEU C 142 30.26 35.51 12.94
CA LEU C 142 30.82 34.19 13.18
C LEU C 142 29.84 33.08 12.80
N ALA C 143 28.54 33.34 12.92
CA ALA C 143 27.55 32.32 12.58
C ALA C 143 27.49 32.09 11.08
N SER C 144 27.84 33.09 10.27
CA SER C 144 27.80 32.93 8.82
C SER C 144 29.04 32.22 8.29
N VAL C 145 30.18 32.35 8.98
CA VAL C 145 31.42 31.71 8.54
C VAL C 145 31.42 30.27 9.02
N GLU C 146 30.95 29.35 8.16
CA GLU C 146 30.89 27.94 8.49
C GLU C 146 32.11 27.17 7.99
N MET C 147 33.26 27.84 7.86
CA MET C 147 34.47 27.17 7.39
C MET C 147 35.06 26.25 8.45
N SER C 148 34.70 26.42 9.72
CA SER C 148 35.21 25.59 10.81
C SER C 148 34.16 24.62 11.32
N ALA C 149 33.28 24.14 10.43
CA ALA C 149 32.22 23.20 10.79
C ALA C 149 31.31 23.78 11.87
N VAL C 150 30.71 24.91 11.53
CA VAL C 150 29.81 25.61 12.45
C VAL C 150 28.38 25.18 12.14
N ALA C 151 27.54 25.20 13.18
CA ALA C 151 26.15 24.80 13.02
C ALA C 151 25.45 25.75 12.03
N PRO C 152 24.40 25.29 11.36
CA PRO C 152 23.70 26.15 10.40
C PRO C 152 22.92 27.23 11.12
N PRO C 153 22.36 28.20 10.39
CA PRO C 153 21.58 29.25 11.02
C PRO C 153 20.40 28.68 11.79
N PRO C 154 20.22 29.04 13.06
CA PRO C 154 19.07 28.54 13.80
C PRO C 154 17.76 28.92 13.11
N ALA C 155 16.94 27.90 12.85
CA ALA C 155 15.66 28.12 12.19
C ALA C 155 14.76 26.92 12.47
N SER C 156 13.46 27.13 12.28
CA SER C 156 12.47 26.09 12.52
C SER C 156 12.30 25.15 11.34
N ASN C 157 13.04 25.36 10.25
CA ASN C 157 12.93 24.51 9.07
C ASN C 157 13.79 23.26 9.16
N GLY C 158 14.33 22.94 10.33
CA GLY C 158 15.16 21.77 10.50
C GLY C 158 16.57 22.09 10.93
N ASN C 159 16.76 23.24 11.59
CA ASN C 159 18.06 23.66 12.07
C ASN C 159 18.10 23.80 13.58
N LEU C 160 17.11 24.44 14.19
CA LEU C 160 17.09 24.61 15.64
C LEU C 160 16.60 23.34 16.32
N LEU C 161 15.42 22.85 15.92
CA LEU C 161 14.87 21.64 16.52
C LEU C 161 15.76 20.43 16.25
N TYR C 162 16.40 20.39 15.08
CA TYR C 162 17.30 19.30 14.77
C TYR C 162 18.47 19.25 15.74
N ILE C 163 19.15 20.39 15.91
CA ILE C 163 20.28 20.44 16.85
C ILE C 163 19.81 20.21 18.28
N GLY C 164 18.58 20.59 18.59
CA GLY C 164 18.06 20.35 19.93
C GLY C 164 17.83 18.88 20.21
N PHE C 165 17.20 18.17 19.27
CA PHE C 165 16.95 16.74 19.44
C PHE C 165 18.21 15.91 19.27
N ARG C 166 19.24 16.45 18.60
CA ARG C 166 20.51 15.76 18.42
C ARG C 166 21.53 16.12 19.48
N GLY C 167 21.08 16.48 20.68
CA GLY C 167 21.97 16.85 21.76
C GLY C 167 22.58 15.66 22.47
N LEU C 168 23.57 15.02 21.84
CA LEU C 168 24.22 13.86 22.43
C LEU C 168 24.68 14.18 23.85
N ASP C 169 24.75 13.13 24.68
CA ASP C 169 25.14 13.31 26.08
C ASP C 169 26.50 13.97 26.20
N GLY C 170 27.40 13.74 25.25
CA GLY C 170 28.74 14.30 25.33
C GLY C 170 28.78 15.81 25.33
N VAL C 171 27.70 16.46 24.91
CA VAL C 171 27.64 17.92 24.85
C VAL C 171 26.38 18.43 25.51
N HIS C 172 25.47 17.52 25.86
CA HIS C 172 24.16 17.89 26.40
C HIS C 172 23.96 17.48 27.85
N CYS C 173 24.65 16.44 28.32
CA CYS C 173 24.47 15.96 29.69
C CYS C 173 25.32 16.73 30.70
N VAL C 174 26.07 17.73 30.26
CA VAL C 174 26.89 18.53 31.17
C VAL C 174 26.72 20.00 30.85
N PRO C 175 25.50 20.57 30.96
CA PRO C 175 25.28 22.00 30.71
C PRO C 175 25.57 22.87 31.93
N THR C 176 26.72 22.64 32.57
CA THR C 176 27.13 23.34 33.78
C THR C 176 28.37 24.17 33.47
N PRO C 177 28.22 25.33 32.85
CA PRO C 177 29.38 26.18 32.58
C PRO C 177 29.94 26.81 33.85
N ASP C 178 30.99 27.61 33.72
CA ASP C 178 31.62 28.27 34.86
C ASP C 178 30.76 29.47 35.29
N SER C 179 29.57 29.14 35.78
CA SER C 179 28.60 30.14 36.25
C SER C 179 28.13 29.88 37.66
N GLY C 180 27.93 28.61 38.04
CA GLY C 180 27.46 28.29 39.37
C GLY C 180 25.96 28.35 39.55
N VAL C 181 25.19 28.24 38.46
CA VAL C 181 23.74 28.29 38.57
C VAL C 181 23.23 27.16 39.44
N VAL C 182 23.91 26.02 39.44
CA VAL C 182 23.48 24.89 40.26
C VAL C 182 23.59 25.23 41.74
N CYS C 183 24.47 26.17 42.09
CA CYS C 183 24.65 26.58 43.48
C CYS C 183 24.52 28.09 43.68
N GLY C 184 24.11 28.82 42.64
CA GLY C 184 23.97 30.27 42.74
C GLY C 184 22.53 30.72 42.69
N ARG C 185 21.70 29.98 41.95
CA ARG C 185 20.28 30.29 41.81
C ARG C 185 19.44 29.12 42.30
N MET C 186 18.22 29.44 42.71
CA MET C 186 17.28 28.44 43.21
C MET C 186 16.10 28.23 42.27
N ALA C 187 16.23 28.65 41.01
CA ALA C 187 15.17 28.50 40.03
C ALA C 187 15.11 27.04 39.59
N CYS C 188 14.23 26.27 40.24
CA CYS C 188 14.07 24.85 39.95
C CYS C 188 15.37 24.09 40.11
N SER C 189 16.23 24.55 41.03
CA SER C 189 17.53 23.91 41.26
C SER C 189 18.02 24.24 42.67
N PRO C 190 17.63 23.48 43.68
CA PRO C 190 18.11 23.77 45.04
C PRO C 190 19.63 23.78 45.10
N THR C 191 20.16 24.74 45.85
CA THR C 191 21.61 24.92 46.00
C THR C 191 22.13 23.84 46.95
N HIS C 192 22.42 22.66 46.40
CA HIS C 192 22.95 21.53 47.15
C HIS C 192 22.23 21.36 48.48
N ASP C 193 20.91 21.57 48.48
CA ASP C 193 20.10 21.43 49.70
C ASP C 193 19.93 19.95 50.00
N GLU C 194 20.76 19.43 50.91
CA GLU C 194 20.69 18.02 51.28
C GLU C 194 19.52 17.72 52.22
N HIS C 195 18.96 18.74 52.86
CA HIS C 195 17.85 18.55 53.78
C HIS C 195 16.49 18.70 53.11
N LEU C 196 16.45 18.93 51.79
CA LEU C 196 15.20 19.06 51.07
C LEU C 196 14.58 17.68 50.90
N LEU C 197 13.66 17.34 51.80
CA LEU C 197 12.98 16.05 51.77
C LEU C 197 11.52 16.24 51.41
N HIS C 198 10.95 15.21 50.78
CA HIS C 198 9.54 15.22 50.37
C HIS C 198 8.66 14.92 51.58
N GLY C 199 8.55 15.92 52.45
CA GLY C 199 7.76 15.79 53.66
C GLY C 199 8.19 14.64 54.52
N GLY C 200 9.50 14.52 54.75
CA GLY C 200 10.07 13.45 55.55
C GLY C 200 10.63 12.30 54.74
N GLN C 201 10.30 12.21 53.45
CA GLN C 201 10.79 11.16 52.58
C GLN C 201 11.76 11.71 51.55
N PRO C 202 12.58 10.87 50.94
CA PRO C 202 13.50 11.34 49.91
C PRO C 202 12.75 11.91 48.72
N PRO C 203 13.45 12.55 47.76
CA PRO C 203 12.79 13.09 46.57
C PRO C 203 12.40 12.03 45.54
N GLU C 204 11.74 10.97 46.01
CA GLU C 204 11.30 9.89 45.13
C GLU C 204 10.27 9.03 45.83
N GLY C 205 9.12 8.82 45.19
CA GLY C 205 8.07 8.01 45.76
C GLY C 205 8.32 6.52 45.61
N ASP C 206 8.72 6.11 44.41
CA ASP C 206 8.97 4.70 44.11
C ASP C 206 9.92 4.58 42.93
N PRO C 207 11.04 3.87 43.07
CA PRO C 207 11.93 3.69 41.91
C PRO C 207 11.24 3.14 40.67
N ASP C 208 10.08 2.49 40.82
CA ASP C 208 9.36 1.99 39.65
C ASP C 208 8.99 3.12 38.70
N LEU C 209 8.84 4.34 39.23
CA LEU C 209 8.56 5.48 38.36
C LEU C 209 9.70 5.71 37.38
N ALA C 210 10.94 5.52 37.82
CA ALA C 210 12.08 5.63 36.91
C ALA C 210 12.03 4.55 35.84
N LYS C 211 11.58 3.35 36.20
CA LYS C 211 11.46 2.28 35.21
C LYS C 211 10.39 2.61 34.19
N ILE C 212 9.26 3.18 34.62
CA ILE C 212 8.22 3.58 33.69
C ILE C 212 8.72 4.71 32.80
N LEU C 213 9.49 5.63 33.36
CA LEU C 213 10.07 6.72 32.57
C LEU C 213 10.98 6.16 31.49
N GLU C 214 11.82 5.19 31.84
CA GLU C 214 12.71 4.58 30.85
C GLU C 214 11.91 3.81 29.80
N GLU C 215 10.83 3.16 30.21
CA GLU C 215 10.01 2.42 29.27
C GLU C 215 9.36 3.36 28.25
N VAL C 216 8.85 4.50 28.72
CA VAL C 216 8.25 5.46 27.78
C VAL C 216 9.32 6.14 26.95
N ARG C 217 10.53 6.33 27.50
CA ARG C 217 11.63 6.86 26.71
C ARG C 217 12.04 5.92 25.60
N TYR C 218 11.90 4.60 25.82
CA TYR C 218 12.16 3.65 24.76
C TYR C 218 11.18 3.85 23.60
N ILE C 219 9.90 4.05 23.90
CA ILE C 219 8.93 4.30 22.85
C ILE C 219 9.20 5.64 22.17
N ALA C 220 9.63 6.64 22.94
CA ALA C 220 9.99 7.92 22.35
C ALA C 220 11.16 7.76 21.38
N ASN C 221 12.16 6.96 21.74
CA ASN C 221 13.29 6.73 20.86
C ASN C 221 12.88 5.94 19.63
N ARG C 222 11.93 5.00 19.79
CA ARG C 222 11.41 4.29 18.63
C ARG C 222 10.71 5.24 17.67
N PHE C 223 9.89 6.15 18.20
CA PHE C 223 9.22 7.13 17.35
C PHE C 223 10.23 8.06 16.69
N ARG C 224 11.30 8.42 17.40
CA ARG C 224 12.34 9.26 16.81
C ARG C 224 13.04 8.52 15.67
N CYS C 225 13.31 7.23 15.85
CA CYS C 225 13.92 6.45 14.77
C CYS C 225 12.99 6.34 13.58
N GLN C 226 11.68 6.18 13.83
CA GLN C 226 10.72 6.17 12.74
C GLN C 226 10.71 7.50 12.00
N ASP C 227 10.75 8.61 12.73
CA ASP C 227 10.80 9.92 12.08
C ASP C 227 12.09 10.09 11.29
N GLU C 228 13.20 9.57 11.80
CA GLU C 228 14.46 9.65 11.07
C GLU C 228 14.40 8.84 9.78
N SER C 229 13.79 7.64 9.84
CA SER C 229 13.62 6.84 8.63
C SER C 229 12.72 7.56 7.62
N GLU C 230 11.66 8.21 8.11
CA GLU C 230 10.79 8.97 7.22
C GLU C 230 11.55 10.13 6.57
N ALA C 231 12.40 10.81 7.34
CA ALA C 231 13.19 11.90 6.78
C ALA C 231 14.19 11.39 5.76
N VAL C 232 14.78 10.22 6.01
CA VAL C 232 15.69 9.63 5.04
C VAL C 232 14.95 9.29 3.75
N CYS C 233 13.75 8.73 3.87
CA CYS C 233 12.94 8.44 2.69
C CYS C 233 12.59 9.71 1.94
N SER C 234 12.27 10.79 2.67
CA SER C 234 11.97 12.06 2.03
C SER C 234 13.19 12.62 1.29
N GLU C 235 14.37 12.49 1.89
CA GLU C 235 15.59 12.93 1.21
C GLU C 235 15.86 12.10 -0.03
N TRP C 236 15.61 10.78 0.04
CA TRP C 236 15.77 9.94 -1.14
C TRP C 236 14.80 10.35 -2.24
N LYS C 237 13.56 10.65 -1.87
CA LYS C 237 12.58 11.11 -2.86
C LYS C 237 13.00 12.45 -3.46
N PHE C 238 13.57 13.33 -2.64
CA PHE C 238 14.09 14.59 -3.15
C PHE C 238 15.20 14.36 -4.18
N ALA C 239 16.15 13.48 -3.83
CA ALA C 239 17.24 13.19 -4.75
C ALA C 239 16.72 12.56 -6.04
N ALA C 240 15.68 11.74 -5.94
CA ALA C 240 15.13 11.10 -7.13
C ALA C 240 14.39 12.10 -8.00
N CYS C 241 13.68 13.05 -7.38
CA CYS C 241 12.97 14.07 -8.15
C CYS C 241 13.95 15.06 -8.78
N VAL C 242 15.10 15.28 -8.15
CA VAL C 242 16.12 16.13 -8.75
C VAL C 242 16.55 15.57 -10.10
N VAL C 243 16.80 14.25 -10.14
CA VAL C 243 17.20 13.62 -11.40
C VAL C 243 16.06 13.65 -12.40
N ASP C 244 14.83 13.48 -11.93
CA ASP C 244 13.67 13.57 -12.82
C ASP C 244 13.61 14.93 -13.50
N ARG C 245 13.77 16.00 -12.71
CA ARG C 245 13.73 17.35 -13.28
C ARG C 245 14.91 17.60 -14.21
N LEU C 246 16.10 17.09 -13.83
CA LEU C 246 17.26 17.24 -14.70
C LEU C 246 17.02 16.58 -16.05
N CYS C 247 16.46 15.37 -16.05
CA CYS C 247 16.17 14.67 -17.29
C CYS C 247 15.09 15.40 -18.09
N LEU C 248 14.05 15.89 -17.40
CA LEU C 248 12.99 16.63 -18.09
C LEU C 248 13.54 17.89 -18.75
N MET C 249 14.52 18.54 -18.14
CA MET C 249 15.10 19.74 -18.72
C MET C 249 16.12 19.43 -19.81
N ALA C 250 16.78 18.27 -19.72
CA ALA C 250 17.78 17.91 -20.71
C ALA C 250 17.15 17.38 -22.00
N PHE C 251 16.15 16.49 -21.86
CA PHE C 251 15.53 15.89 -23.03
C PHE C 251 14.72 16.89 -23.84
N SER C 252 14.29 18.00 -23.23
CA SER C 252 13.52 19.00 -23.97
C SER C 252 14.33 19.57 -25.11
N VAL C 253 15.57 19.96 -24.84
CA VAL C 253 16.43 20.53 -25.88
C VAL C 253 16.72 19.50 -26.96
N PHE C 254 16.94 18.25 -26.57
CA PHE C 254 17.20 17.20 -27.56
C PHE C 254 16.00 17.00 -28.46
N THR C 255 14.80 16.96 -27.88
CA THR C 255 13.60 16.80 -28.69
C THR C 255 13.38 18.00 -29.61
N ILE C 256 13.65 19.20 -29.12
CA ILE C 256 13.49 20.40 -29.95
C ILE C 256 14.47 20.35 -31.12
N ILE C 257 15.71 19.94 -30.86
CA ILE C 257 16.71 19.85 -31.92
C ILE C 257 16.30 18.79 -32.94
N CYS C 258 15.80 17.65 -32.46
CA CYS C 258 15.36 16.59 -33.38
C CYS C 258 14.20 17.07 -34.24
N THR C 259 13.25 17.79 -33.65
CA THR C 259 12.13 18.32 -34.42
C THR C 259 12.60 19.33 -35.45
N ILE C 260 13.51 20.23 -35.06
CA ILE C 260 14.03 21.23 -36.00
C ILE C 260 14.74 20.54 -37.15
N GLY C 261 15.50 19.48 -36.85
CA GLY C 261 16.19 18.76 -37.91
C GLY C 261 15.23 18.05 -38.84
N ILE C 262 14.21 17.39 -38.29
CA ILE C 262 13.22 16.71 -39.12
C ILE C 262 12.47 17.72 -39.99
N LEU C 263 12.23 18.92 -39.47
CA LEU C 263 11.53 19.94 -40.26
C LEU C 263 12.43 20.49 -41.36
N MET C 264 13.69 20.75 -41.06
CA MET C 264 14.62 21.29 -42.04
C MET C 264 15.11 20.24 -43.03
N SER C 265 15.02 18.95 -42.66
CA SER C 265 15.47 17.86 -43.53
C SER C 265 14.37 17.31 -44.41
N ALA C 266 13.18 17.92 -44.38
CA ALA C 266 12.08 17.42 -45.21
C ALA C 266 12.39 17.48 -46.70
N PRO C 267 12.98 18.55 -47.24
CA PRO C 267 13.25 18.59 -48.68
C PRO C 267 14.14 17.46 -49.18
N ASN C 268 14.83 16.75 -48.28
CA ASN C 268 15.72 15.67 -48.70
C ASN C 268 14.93 14.55 -49.38
N PHE C 269 13.99 13.95 -48.65
CA PHE C 269 13.19 12.85 -49.17
C PHE C 269 11.69 13.12 -49.00
N VAL C 270 11.34 13.89 -47.98
CA VAL C 270 9.93 14.21 -47.72
C VAL C 270 9.46 15.23 -48.75
N LEU D 7 -25.04 1.86 -40.85
CA LEU D 7 -25.44 0.79 -39.94
C LEU D 7 -24.21 0.08 -39.38
N TYR D 8 -23.69 -0.88 -40.15
CA TYR D 8 -22.51 -1.63 -39.72
C TYR D 8 -21.28 -0.74 -39.71
N TYR D 9 -20.93 -0.16 -40.86
CA TYR D 9 -19.77 0.70 -40.95
C TYR D 9 -19.93 1.93 -40.06
N GLY D 10 -21.14 2.49 -40.02
CA GLY D 10 -21.37 3.66 -39.18
C GLY D 10 -21.15 3.36 -37.71
N LEU D 11 -21.77 2.29 -37.20
CA LEU D 11 -21.61 1.94 -35.80
C LEU D 11 -20.16 1.57 -35.49
N ASN D 12 -19.50 0.87 -36.41
CA ASN D 12 -18.13 0.45 -36.16
C ASN D 12 -17.21 1.63 -35.87
N LEU D 13 -17.56 2.82 -36.35
CA LEU D 13 -16.78 4.02 -36.09
C LEU D 13 -17.41 4.92 -35.03
N LEU D 14 -18.71 4.77 -34.78
CA LEU D 14 -19.38 5.62 -33.79
C LEU D 14 -19.21 5.08 -32.37
N ILE D 15 -19.26 3.77 -32.20
CA ILE D 15 -19.21 3.17 -30.87
C ILE D 15 -17.82 3.35 -30.27
N PRO D 16 -16.74 3.05 -30.99
CA PRO D 16 -15.41 3.22 -30.37
C PRO D 16 -15.09 4.66 -30.01
N CYS D 17 -15.50 5.62 -30.86
CA CYS D 17 -15.22 7.02 -30.56
C CYS D 17 -15.93 7.45 -29.28
N VAL D 18 -17.22 7.11 -29.16
CA VAL D 18 -17.97 7.48 -27.96
C VAL D 18 -17.40 6.78 -26.74
N LEU D 19 -17.00 5.52 -26.89
CA LEU D 19 -16.41 4.80 -25.76
C LEU D 19 -15.11 5.45 -25.30
N ILE D 20 -14.26 5.85 -26.25
CA ILE D 20 -12.99 6.48 -25.89
C ILE D 20 -13.25 7.85 -25.27
N SER D 21 -14.25 8.57 -25.76
CA SER D 21 -14.58 9.87 -25.18
C SER D 21 -15.13 9.74 -23.77
N ALA D 22 -15.87 8.68 -23.49
CA ALA D 22 -16.42 8.46 -22.16
C ALA D 22 -15.38 7.91 -21.19
N LEU D 23 -14.40 7.15 -21.70
CA LEU D 23 -13.38 6.59 -20.83
C LEU D 23 -12.57 7.69 -20.15
N ALA D 24 -12.21 8.74 -20.89
CA ALA D 24 -11.46 9.84 -20.30
C ALA D 24 -12.26 10.53 -19.20
N LEU D 25 -13.54 10.80 -19.45
CA LEU D 25 -14.38 11.42 -18.44
C LEU D 25 -14.51 10.54 -17.22
N LEU D 26 -14.66 9.23 -17.41
CA LEU D 26 -14.76 8.32 -16.29
C LEU D 26 -13.48 8.30 -15.47
N VAL D 27 -12.32 8.28 -16.15
CA VAL D 27 -11.05 8.29 -15.43
C VAL D 27 -10.88 9.59 -14.66
N PHE D 28 -11.30 10.71 -15.25
CA PHE D 28 -11.20 11.99 -14.55
C PHE D 28 -12.12 12.03 -13.34
N LEU D 29 -13.31 11.43 -13.45
CA LEU D 29 -14.25 11.43 -12.33
C LEU D 29 -13.67 10.72 -11.11
N LEU D 30 -12.84 9.70 -11.33
CA LEU D 30 -12.27 8.96 -10.21
C LEU D 30 -11.47 9.90 -9.30
N PRO D 31 -11.39 9.58 -8.00
CA PRO D 31 -10.64 10.46 -7.09
C PRO D 31 -9.17 10.56 -7.49
N ALA D 32 -8.47 11.48 -6.82
CA ALA D 32 -7.05 11.69 -7.06
C ALA D 32 -6.27 10.65 -6.27
N ASP D 33 -6.04 9.49 -6.90
CA ASP D 33 -5.33 8.40 -6.27
C ASP D 33 -3.82 8.58 -6.49
N SER D 34 -3.05 7.56 -6.15
CA SER D 34 -1.60 7.62 -6.32
C SER D 34 -1.25 7.50 -7.80
N GLY D 35 0.05 7.40 -8.09
CA GLY D 35 0.52 7.30 -9.46
C GLY D 35 -0.15 6.19 -10.25
N GLU D 36 -0.72 5.20 -9.54
CA GLU D 36 -1.43 4.13 -10.22
C GLU D 36 -2.50 4.67 -11.15
N LYS D 37 -3.15 5.77 -10.76
CA LYS D 37 -4.18 6.37 -11.60
C LYS D 37 -3.64 6.66 -13.00
N ILE D 38 -2.39 7.11 -13.10
CA ILE D 38 -1.81 7.39 -14.40
C ILE D 38 -1.85 6.15 -15.28
N SER D 39 -1.52 4.99 -14.70
CA SER D 39 -1.54 3.74 -15.47
C SER D 39 -2.87 3.53 -16.17
N LEU D 40 -3.96 4.09 -15.63
CA LEU D 40 -5.25 4.00 -16.29
C LEU D 40 -5.30 4.91 -17.52
N GLY D 41 -4.97 6.19 -17.33
CA GLY D 41 -5.06 7.13 -18.44
C GLY D 41 -4.29 6.67 -19.67
N ILE D 42 -3.03 6.32 -19.48
CA ILE D 42 -2.21 5.85 -20.60
C ILE D 42 -2.90 4.66 -21.28
N THR D 43 -3.49 3.77 -20.48
CA THR D 43 -4.15 2.61 -21.07
C THR D 43 -5.23 3.04 -22.06
N VAL D 44 -5.95 4.12 -21.76
CA VAL D 44 -6.96 4.61 -22.69
C VAL D 44 -6.34 4.85 -24.06
N LEU D 45 -5.18 5.50 -24.09
CA LEU D 45 -4.50 5.76 -25.37
C LEU D 45 -4.31 4.47 -26.15
N LEU D 46 -3.98 3.37 -25.45
CA LEU D 46 -3.82 2.09 -26.13
C LEU D 46 -5.09 1.72 -26.89
N SER D 47 -6.25 1.86 -26.24
CA SER D 47 -7.52 1.54 -26.90
C SER D 47 -7.69 2.30 -28.21
N LEU D 48 -7.00 3.44 -28.36
CA LEU D 48 -7.07 4.18 -29.61
C LEU D 48 -6.07 3.65 -30.63
N THR D 49 -4.87 3.30 -30.19
CA THR D 49 -3.83 2.87 -31.12
C THR D 49 -4.31 1.72 -32.00
N VAL D 50 -4.78 0.64 -31.37
CA VAL D 50 -5.31 -0.48 -32.14
C VAL D 50 -6.39 -0.01 -33.09
N PHE D 51 -7.27 0.87 -32.62
CA PHE D 51 -8.35 1.36 -33.48
C PHE D 51 -7.80 2.02 -34.73
N MET D 52 -6.68 2.74 -34.61
CA MET D 52 -6.08 3.37 -35.78
C MET D 52 -5.81 2.34 -36.87
N LEU D 53 -5.39 1.13 -36.48
CA LEU D 53 -5.15 0.08 -37.46
C LEU D 53 -6.39 -0.13 -38.33
N LEU D 54 -7.57 -0.23 -37.69
CA LEU D 54 -8.80 -0.38 -38.45
C LEU D 54 -8.97 0.74 -39.46
N VAL D 55 -8.64 1.97 -39.05
CA VAL D 55 -8.75 3.11 -39.96
C VAL D 55 -7.88 2.88 -41.19
N ALA D 56 -6.67 2.32 -40.99
CA ALA D 56 -5.78 2.06 -42.11
C ALA D 56 -6.44 1.17 -43.15
N GLU D 57 -7.42 0.36 -42.75
CA GLU D 57 -8.12 -0.50 -43.71
C GLU D 57 -9.17 0.29 -44.49
N ILE D 58 -9.83 1.26 -43.85
CA ILE D 58 -10.88 2.02 -44.50
C ILE D 58 -10.38 3.37 -45.02
N MET D 59 -9.30 3.91 -44.46
CA MET D 59 -8.76 5.21 -44.87
C MET D 59 -7.24 5.14 -44.87
N PRO D 60 -6.65 4.47 -45.86
CA PRO D 60 -5.18 4.39 -45.91
C PRO D 60 -4.57 5.78 -46.00
N SER D 61 -3.51 5.99 -45.20
CA SER D 61 -2.84 7.28 -45.18
C SER D 61 -2.15 7.58 -46.51
N THR D 62 -1.74 6.54 -47.24
CA THR D 62 -1.07 6.73 -48.52
C THR D 62 -2.03 7.09 -49.64
N SER D 63 -3.32 6.82 -49.48
CA SER D 63 -4.33 7.11 -50.50
C SER D 63 -5.31 8.18 -50.06
N ASP D 64 -5.94 8.01 -48.90
CA ASP D 64 -6.92 9.00 -48.43
C ASP D 64 -6.25 10.33 -48.16
N SER D 65 -6.81 11.39 -48.76
CA SER D 65 -6.31 12.75 -48.59
C SER D 65 -7.47 13.70 -48.33
N SER D 66 -8.37 13.30 -47.43
CA SER D 66 -9.53 14.11 -47.09
C SER D 66 -9.20 15.00 -45.91
N PRO D 67 -9.08 16.32 -46.09
CA PRO D 67 -8.75 17.19 -44.95
C PRO D 67 -9.87 17.33 -43.93
N SER D 68 -11.10 16.93 -44.28
CA SER D 68 -12.20 17.04 -43.33
C SER D 68 -12.07 16.01 -42.22
N ILE D 69 -11.78 14.76 -42.57
CA ILE D 69 -11.62 13.72 -41.56
C ILE D 69 -10.25 13.79 -40.89
N ALA D 70 -9.25 14.36 -41.57
CA ALA D 70 -7.92 14.48 -40.96
C ALA D 70 -7.97 15.36 -39.73
N GLN D 71 -8.67 16.50 -39.80
CA GLN D 71 -8.76 17.39 -38.66
C GLN D 71 -9.52 16.72 -37.51
N TYR D 72 -10.58 15.97 -37.83
CA TYR D 72 -11.32 15.27 -36.79
C TYR D 72 -10.45 14.22 -36.10
N PHE D 73 -9.68 13.45 -36.88
CA PHE D 73 -8.81 12.46 -36.28
C PHE D 73 -7.72 13.11 -35.44
N ALA D 74 -7.18 14.23 -35.91
CA ALA D 74 -6.16 14.94 -35.14
C ALA D 74 -6.73 15.44 -33.82
N SER D 75 -7.94 16.02 -33.85
CA SER D 75 -8.56 16.50 -32.62
C SER D 75 -8.85 15.35 -31.66
N THR D 76 -9.29 14.21 -32.20
CA THR D 76 -9.55 13.05 -31.36
C THR D 76 -8.27 12.56 -30.70
N MET D 77 -7.19 12.47 -31.48
CA MET D 77 -5.91 12.04 -30.92
C MET D 77 -5.42 13.01 -29.86
N ILE D 78 -5.60 14.31 -30.09
CA ILE D 78 -5.16 15.30 -29.11
C ILE D 78 -5.97 15.19 -27.83
N ILE D 79 -7.28 14.98 -27.96
CA ILE D 79 -8.13 14.85 -26.78
C ILE D 79 -7.79 13.57 -26.02
N VAL D 80 -7.43 12.50 -26.72
CA VAL D 80 -7.08 11.26 -26.04
C VAL D 80 -5.71 11.37 -25.38
N GLY D 81 -4.80 12.15 -25.96
CA GLY D 81 -3.49 12.33 -25.36
C GLY D 81 -3.49 13.28 -24.19
N LEU D 82 -4.37 14.28 -24.22
CA LEU D 82 -4.44 15.25 -23.12
C LEU D 82 -4.86 14.62 -21.80
N SER D 83 -5.30 13.35 -21.80
CA SER D 83 -5.67 12.70 -20.56
C SER D 83 -4.48 12.61 -19.61
N VAL D 84 -3.30 12.27 -20.13
CA VAL D 84 -2.13 12.15 -19.29
C VAL D 84 -1.74 13.52 -18.73
N VAL D 85 -1.84 14.56 -19.56
CA VAL D 85 -1.51 15.91 -19.09
C VAL D 85 -2.48 16.34 -17.99
N VAL D 86 -3.77 16.03 -18.16
CA VAL D 86 -4.75 16.38 -17.15
C VAL D 86 -4.48 15.63 -15.85
N THR D 87 -4.15 14.34 -15.95
CA THR D 87 -3.84 13.56 -14.75
C THR D 87 -2.61 14.11 -14.05
N VAL D 88 -1.60 14.54 -14.81
CA VAL D 88 -0.40 15.10 -14.21
C VAL D 88 -0.71 16.41 -13.52
N ILE D 89 -1.53 17.25 -14.16
CA ILE D 89 -1.90 18.53 -13.56
C ILE D 89 -2.70 18.31 -12.28
N VAL D 90 -3.52 17.26 -12.27
CA VAL D 90 -4.32 16.96 -11.07
C VAL D 90 -3.42 16.45 -9.96
N LEU D 91 -2.47 15.58 -10.29
CA LEU D 91 -1.55 15.04 -9.29
C LEU D 91 -0.58 16.10 -8.79
N GLN D 92 -0.36 17.16 -9.56
CA GLN D 92 0.48 18.26 -9.07
C GLN D 92 -0.09 18.88 -7.80
N TYR D 93 -1.42 18.96 -7.71
CA TYR D 93 -2.08 19.50 -6.52
C TYR D 93 -2.28 18.45 -5.43
N HIS D 94 -2.04 17.16 -5.73
CA HIS D 94 -2.20 16.10 -4.76
C HIS D 94 -0.89 15.79 -4.05
N HIS D 95 0.19 15.62 -4.82
CA HIS D 95 1.51 15.34 -4.25
C HIS D 95 2.26 16.61 -3.89
N HIS D 96 2.09 17.67 -4.66
CA HIS D 96 2.76 18.95 -4.40
C HIS D 96 4.28 18.77 -4.35
N ASP D 97 4.83 18.40 -5.51
CA ASP D 97 6.26 18.21 -5.64
C ASP D 97 7.01 19.43 -5.10
N PRO D 98 7.83 19.28 -4.06
CA PRO D 98 8.52 20.46 -3.50
C PRO D 98 9.32 21.25 -4.52
N ASP D 99 9.88 20.60 -5.53
CA ASP D 99 10.70 21.28 -6.52
C ASP D 99 9.87 22.04 -7.55
N GLY D 100 8.55 22.16 -7.35
CA GLY D 100 7.70 22.88 -8.27
C GLY D 100 6.27 22.95 -7.80
N GLY D 101 5.33 22.84 -8.72
CA GLY D 101 3.92 22.88 -8.39
C GLY D 101 3.43 24.28 -8.06
N LYS D 102 2.12 24.49 -8.12
CA LYS D 102 1.54 25.79 -7.82
C LYS D 102 1.55 26.05 -6.32
N MET D 103 1.83 27.29 -5.94
CA MET D 103 1.87 27.67 -4.54
C MET D 103 0.52 27.39 -3.89
N PRO D 104 0.44 26.54 -2.86
CA PRO D 104 -0.86 26.28 -2.23
C PRO D 104 -1.53 27.52 -1.66
N LYS D 105 -0.78 28.61 -1.45
CA LYS D 105 -1.38 29.82 -0.90
C LYS D 105 -2.50 30.33 -1.78
N TRP D 106 -2.35 30.23 -3.09
CA TRP D 106 -3.36 30.71 -4.03
C TRP D 106 -4.44 29.69 -4.32
N THR D 107 -4.17 28.40 -4.11
CA THR D 107 -5.13 27.34 -4.38
C THR D 107 -5.92 26.91 -3.16
N ARG D 108 -5.57 27.41 -1.97
CA ARG D 108 -6.30 27.04 -0.76
C ARG D 108 -7.55 27.87 -0.54
N VAL D 109 -7.55 29.13 -0.95
CA VAL D 109 -8.74 29.97 -0.80
C VAL D 109 -9.78 29.62 -1.85
N ILE D 110 -9.35 29.38 -3.09
CA ILE D 110 -10.28 28.99 -4.15
C ILE D 110 -10.92 27.65 -3.82
N LEU D 111 -10.16 26.75 -3.20
CA LEU D 111 -10.71 25.46 -2.80
C LEU D 111 -11.86 25.64 -1.81
N LEU D 112 -11.64 26.46 -0.78
CA LEU D 112 -12.69 26.70 0.21
C LEU D 112 -13.88 27.43 -0.41
N ASN D 113 -13.61 28.33 -1.37
CA ASN D 113 -14.70 29.05 -2.02
C ASN D 113 -15.55 28.12 -2.87
N TRP D 114 -14.92 27.16 -3.55
CA TRP D 114 -15.64 26.25 -4.42
C TRP D 114 -16.24 25.06 -3.68
N CYS D 115 -15.78 24.79 -2.45
CA CYS D 115 -16.35 23.68 -1.68
C CYS D 115 -17.83 23.89 -1.46
N ALA D 116 -18.26 25.14 -1.25
CA ALA D 116 -19.68 25.42 -1.03
C ALA D 116 -20.44 25.55 -2.34
N TRP D 117 -19.77 25.93 -3.43
CA TRP D 117 -20.44 26.10 -4.71
C TRP D 117 -20.61 24.79 -5.46
N PHE D 118 -19.79 23.78 -5.14
CA PHE D 118 -19.93 22.49 -5.82
C PHE D 118 -21.17 21.75 -5.36
N LEU D 119 -21.42 21.71 -4.05
CA LEU D 119 -22.58 21.05 -3.50
C LEU D 119 -23.80 21.98 -3.50
N ARG D 120 -23.68 23.13 -2.84
CA ARG D 120 -24.74 24.13 -2.79
C ARG D 120 -24.46 25.17 -3.86
N MET D 121 -24.83 24.84 -5.10
CA MET D 121 -24.61 25.74 -6.22
C MET D 121 -25.27 27.09 -5.97
N LYS D 122 -24.62 28.15 -6.47
CA LYS D 122 -25.13 29.51 -6.32
C LYS D 122 -26.25 29.72 -7.34
N ARG D 123 -27.46 29.37 -6.94
CA ARG D 123 -28.63 29.51 -7.79
C ARG D 123 -29.86 29.66 -6.91
N PRO D 124 -30.98 30.15 -7.46
CA PRO D 124 -32.18 30.32 -6.62
C PRO D 124 -32.66 29.02 -5.99
N GLY D 125 -32.63 27.92 -6.74
CA GLY D 125 -33.11 26.65 -6.20
C GLY D 125 -32.42 26.21 -4.94
N GLU D 126 -31.19 26.68 -4.68
CA GLU D 126 -30.45 26.35 -3.48
C GLU D 126 -30.38 27.48 -2.47
N ASP D 127 -30.63 28.72 -2.88
CA ASP D 127 -30.57 29.86 -1.98
C ASP D 127 -31.91 30.16 -1.34
N LYS D 128 -33.00 30.06 -2.10
CA LYS D 128 -34.34 30.35 -1.59
C LYS D 128 -34.99 29.14 -0.93
N VAL D 129 -34.67 27.93 -1.39
CA VAL D 129 -35.26 26.71 -0.85
C VAL D 129 -34.37 26.29 0.32
N ARG D 130 -34.64 26.87 1.49
CA ARG D 130 -33.89 26.57 2.70
C ARG D 130 -34.55 27.31 3.87
N PRO D 131 -34.30 26.88 5.10
CA PRO D 131 -34.88 27.58 6.25
C PRO D 131 -34.47 29.05 6.27
N ALA D 132 -35.46 29.92 6.43
CA ALA D 132 -35.21 31.36 6.47
C ALA D 132 -36.26 32.01 7.36
N CYS D 133 -35.85 33.05 8.08
CA CYS D 133 -36.74 33.78 8.97
C CYS D 133 -36.04 35.07 9.38
N GLN D 134 -36.80 35.92 10.08
CA GLN D 134 -36.29 37.20 10.56
C GLN D 134 -35.75 37.13 11.98
N HIS D 135 -35.41 35.93 12.47
CA HIS D 135 -34.90 35.78 13.81
C HIS D 135 -33.43 36.22 13.88
N LYS D 136 -32.96 36.40 15.12
CA LYS D 136 -31.58 36.83 15.32
C LYS D 136 -30.58 35.81 14.79
N GLN D 137 -30.99 34.55 14.63
CA GLN D 137 -30.07 33.53 14.14
C GLN D 137 -29.61 33.84 12.72
N ARG D 138 -30.41 34.58 11.96
CA ARG D 138 -30.07 34.93 10.58
C ARG D 138 -29.58 36.37 10.45
N ARG D 139 -29.33 37.04 11.57
CA ARG D 139 -28.85 38.42 11.54
C ARG D 139 -27.33 38.45 11.56
N CYS D 140 -26.78 39.64 11.31
CA CYS D 140 -25.34 39.84 11.27
C CYS D 140 -24.88 40.49 12.57
N SER D 141 -23.76 40.01 13.10
CA SER D 141 -23.19 40.53 14.34
C SER D 141 -21.68 40.63 14.17
N LEU D 142 -20.98 40.90 15.26
CA LEU D 142 -19.52 41.02 15.20
C LEU D 142 -18.88 39.72 14.75
N ALA D 143 -19.50 38.58 15.08
CA ALA D 143 -18.94 37.29 14.68
C ALA D 143 -19.03 37.06 13.17
N SER D 144 -20.02 37.69 12.52
CA SER D 144 -20.18 37.52 11.08
C SER D 144 -19.24 38.43 10.30
N VAL D 145 -18.87 39.58 10.85
CA VAL D 145 -17.98 40.52 10.17
C VAL D 145 -16.54 40.08 10.39
N GLU D 146 -16.01 39.29 9.45
CA GLU D 146 -14.65 38.78 9.53
C GLU D 146 -13.65 39.66 8.78
N MET D 147 -13.94 40.95 8.63
CA MET D 147 -13.04 41.84 7.91
C MET D 147 -11.79 42.16 8.71
N SER D 148 -11.81 41.94 10.03
CA SER D 148 -10.66 42.21 10.90
C SER D 148 -9.98 40.93 11.35
N ALA D 149 -9.99 39.90 10.50
CA ALA D 149 -9.37 38.61 10.81
C ALA D 149 -9.98 38.00 12.07
N VAL D 150 -11.28 37.79 12.01
CA VAL D 150 -12.03 37.21 13.12
C VAL D 150 -12.13 35.70 12.93
N ALA D 151 -12.20 34.98 14.04
CA ALA D 151 -12.31 33.53 13.98
C ALA D 151 -13.60 33.13 13.26
N PRO D 152 -13.63 31.95 12.64
CA PRO D 152 -14.83 31.52 11.94
C PRO D 152 -15.94 31.16 12.92
N PRO D 153 -17.15 30.92 12.43
CA PRO D 153 -18.26 30.57 13.32
C PRO D 153 -17.94 29.30 14.11
N PRO D 154 -18.08 29.33 15.44
CA PRO D 154 -17.82 28.11 16.23
C PRO D 154 -18.71 26.97 15.77
N ALA D 155 -18.07 25.85 15.42
CA ALA D 155 -18.80 24.67 14.96
C ALA D 155 -17.91 23.45 15.14
N SER D 156 -18.55 22.28 15.16
CA SER D 156 -17.84 21.02 15.32
C SER D 156 -17.25 20.49 14.02
N ASN D 157 -17.44 21.18 12.90
CA ASN D 157 -16.92 20.75 11.62
C ASN D 157 -15.48 21.15 11.39
N GLY D 158 -14.78 21.63 12.42
CA GLY D 158 -13.39 22.03 12.28
C GLY D 158 -13.16 23.49 12.60
N ASN D 159 -14.05 24.07 13.41
CA ASN D 159 -13.94 25.47 13.80
C ASN D 159 -13.75 25.64 15.30
N LEU D 160 -14.54 24.95 16.12
CA LEU D 160 -14.40 25.06 17.57
C LEU D 160 -13.24 24.22 18.08
N LEU D 161 -13.24 22.92 17.75
CA LEU D 161 -12.16 22.05 18.19
C LEU D 161 -10.81 22.48 17.60
N TYR D 162 -10.82 23.00 16.39
CA TYR D 162 -9.58 23.48 15.78
C TYR D 162 -8.98 24.62 16.59
N ILE D 163 -9.78 25.64 16.88
CA ILE D 163 -9.30 26.78 17.66
C ILE D 163 -8.94 26.34 19.07
N GLY D 164 -9.62 25.31 19.59
CA GLY D 164 -9.29 24.82 20.92
C GLY D 164 -7.93 24.14 20.97
N PHE D 165 -7.66 23.26 20.00
CA PHE D 165 -6.39 22.57 19.95
C PHE D 165 -5.25 23.49 19.50
N ARG D 166 -5.56 24.59 18.82
CA ARG D 166 -4.56 25.54 18.37
C ARG D 166 -4.37 26.69 19.36
N GLY D 167 -4.60 26.45 20.64
CA GLY D 167 -4.46 27.48 21.65
C GLY D 167 -3.02 27.70 22.07
N LEU D 168 -2.25 28.39 21.23
CA LEU D 168 -0.85 28.66 21.53
C LEU D 168 -0.72 29.27 22.93
N ASP D 169 0.44 29.04 23.54
CA ASP D 169 0.68 29.54 24.90
C ASP D 169 0.52 31.05 24.98
N GLY D 170 0.83 31.77 23.89
CA GLY D 170 0.74 33.22 23.92
C GLY D 170 -0.65 33.75 24.17
N VAL D 171 -1.68 32.91 23.99
CA VAL D 171 -3.06 33.35 24.20
C VAL D 171 -3.80 32.34 25.07
N HIS D 172 -3.17 31.21 25.37
CA HIS D 172 -3.81 30.14 26.11
C HIS D 172 -3.19 29.88 27.48
N CYS D 173 -1.92 30.21 27.68
CA CYS D 173 -1.26 29.97 28.96
C CYS D 173 -1.50 31.08 29.98
N VAL D 174 -2.29 32.10 29.64
CA VAL D 174 -2.59 33.17 30.57
C VAL D 174 -4.08 33.48 30.52
N PRO D 175 -4.97 32.52 30.87
CA PRO D 175 -6.41 32.77 30.89
C PRO D 175 -6.90 33.40 32.20
N THR D 176 -6.19 34.44 32.65
CA THR D 176 -6.48 35.12 33.91
C THR D 176 -6.92 36.55 33.61
N PRO D 177 -8.17 36.75 33.21
CA PRO D 177 -8.65 38.12 32.96
C PRO D 177 -8.80 38.92 34.24
N ASP D 178 -9.25 40.16 34.13
CA ASP D 178 -9.44 41.03 35.29
C ASP D 178 -10.73 40.63 36.01
N SER D 179 -10.71 39.43 36.56
CA SER D 179 -11.84 38.88 37.30
C SER D 179 -11.47 38.42 38.71
N GLY D 180 -10.28 37.84 38.88
CA GLY D 180 -9.86 37.37 40.19
C GLY D 180 -10.35 35.99 40.54
N VAL D 181 -10.69 35.17 39.56
CA VAL D 181 -11.18 33.82 39.84
C VAL D 181 -10.12 33.01 40.56
N VAL D 182 -8.84 33.29 40.29
CA VAL D 182 -7.75 32.58 40.96
C VAL D 182 -7.74 32.88 42.46
N CYS D 183 -8.28 34.03 42.88
CA CYS D 183 -8.32 34.40 44.28
C CYS D 183 -9.72 34.76 44.75
N GLY D 184 -10.74 34.57 43.92
CA GLY D 184 -12.10 34.91 44.28
C GLY D 184 -12.98 33.68 44.47
N ARG D 185 -12.70 32.62 43.72
CA ARG D 185 -13.45 31.38 43.79
C ARG D 185 -12.53 30.23 44.16
N MET D 186 -13.12 29.19 44.76
CA MET D 186 -12.39 28.01 45.18
C MET D 186 -12.75 26.78 44.36
N ALA D 187 -13.34 26.97 43.18
CA ALA D 187 -13.74 25.87 42.31
C ALA D 187 -12.48 25.31 41.65
N CYS D 188 -11.91 24.28 42.25
CA CYS D 188 -10.69 23.64 41.75
C CYS D 188 -9.55 24.64 41.62
N SER D 189 -9.53 25.64 42.49
CA SER D 189 -8.49 26.67 42.46
C SER D 189 -8.37 27.33 43.83
N PRO D 190 -7.58 26.75 44.74
CA PRO D 190 -7.42 27.38 46.06
C PRO D 190 -6.95 28.82 45.95
N THR D 191 -7.53 29.67 46.79
CA THR D 191 -7.20 31.10 46.79
C THR D 191 -5.86 31.29 47.49
N HIS D 192 -4.78 31.16 46.71
CA HIS D 192 -3.42 31.32 47.19
C HIS D 192 -3.21 30.65 48.55
N ASP D 193 -3.81 29.48 48.73
CA ASP D 193 -3.70 28.75 49.99
C ASP D 193 -2.31 28.12 50.06
N GLU D 194 -1.39 28.78 50.75
CA GLU D 194 -0.03 28.27 50.88
C GLU D 194 0.07 27.12 51.88
N HIS D 195 -0.92 26.95 52.75
CA HIS D 195 -0.90 25.89 53.75
C HIS D 195 -1.60 24.62 53.27
N LEU D 196 -2.08 24.59 52.03
CA LEU D 196 -2.76 23.41 51.49
C LEU D 196 -1.70 22.37 51.17
N LEU D 197 -1.48 21.44 52.09
CA LEU D 197 -0.50 20.38 51.92
C LEU D 197 -1.20 19.03 51.76
N HIS D 198 -0.56 18.13 51.03
CA HIS D 198 -1.09 16.78 50.79
C HIS D 198 -0.85 15.92 52.02
N GLY D 199 -1.64 16.19 53.06
CA GLY D 199 -1.55 15.46 54.31
C GLY D 199 -0.15 15.53 54.91
N GLY D 200 0.41 16.73 54.96
CA GLY D 200 1.73 16.95 55.49
C GLY D 200 2.82 17.06 54.44
N GLN D 201 2.55 16.65 53.21
CA GLN D 201 3.51 16.71 52.12
C GLN D 201 3.10 17.75 51.10
N PRO D 202 4.02 18.22 50.26
CA PRO D 202 3.67 19.19 49.23
C PRO D 202 2.67 18.62 48.25
N PRO D 203 2.11 19.43 47.34
CA PRO D 203 1.16 18.95 46.33
C PRO D 203 1.81 18.17 45.19
N GLU D 204 2.68 17.22 45.54
CA GLU D 204 3.37 16.40 44.54
C GLU D 204 3.99 15.18 45.20
N GLY D 205 3.69 13.99 44.68
CA GLY D 205 4.22 12.76 45.21
C GLY D 205 5.65 12.50 44.77
N ASP D 206 5.93 12.68 43.49
CA ASP D 206 7.26 12.44 42.93
C ASP D 206 7.43 13.23 41.65
N PRO D 207 8.48 14.05 41.53
CA PRO D 207 8.70 14.79 40.27
C PRO D 207 8.76 13.89 39.05
N ASP D 208 9.03 12.60 39.21
CA ASP D 208 9.03 11.69 38.08
C ASP D 208 7.67 11.65 37.38
N LEU D 209 6.60 11.94 38.11
CA LEU D 209 5.28 12.00 37.50
C LEU D 209 5.22 13.10 36.45
N ALA D 210 5.88 14.24 36.70
CA ALA D 210 5.94 15.29 35.70
C ALA D 210 6.72 14.83 34.47
N LYS D 211 7.77 14.04 34.67
CA LYS D 211 8.53 13.52 33.54
C LYS D 211 7.68 12.56 32.71
N ILE D 212 6.91 11.70 33.37
CA ILE D 212 6.02 10.80 32.64
C ILE D 212 4.95 11.59 31.90
N LEU D 213 4.44 12.65 32.53
CA LEU D 213 3.46 13.51 31.87
C LEU D 213 4.04 14.13 30.60
N GLU D 214 5.28 14.62 30.69
CA GLU D 214 5.92 15.20 29.51
C GLU D 214 6.17 14.14 28.45
N GLU D 215 6.53 12.93 28.86
CA GLU D 215 6.77 11.85 27.91
C GLU D 215 5.48 11.50 27.15
N VAL D 216 4.36 11.42 27.86
CA VAL D 216 3.10 11.11 27.19
C VAL D 216 2.63 12.30 26.36
N ARG D 217 2.95 13.53 26.79
CA ARG D 217 2.63 14.69 25.98
C ARG D 217 3.41 14.71 24.68
N TYR D 218 4.64 14.17 24.70
CA TYR D 218 5.40 14.04 23.46
C TYR D 218 4.67 13.13 22.46
N ILE D 219 4.14 12.00 22.95
CA ILE D 219 3.40 11.10 22.08
C ILE D 219 2.11 11.76 21.61
N ALA D 220 1.47 12.54 22.48
CA ALA D 220 0.27 13.26 22.08
C ALA D 220 0.57 14.26 20.97
N ASN D 221 1.70 14.95 21.08
CA ASN D 221 2.10 15.91 20.04
C ASN D 221 2.45 15.18 18.75
N ARG D 222 3.06 14.00 18.85
CA ARG D 222 3.34 13.21 17.66
C ARG D 222 2.04 12.81 16.97
N PHE D 223 1.05 12.36 17.73
CA PHE D 223 -0.24 12.01 17.15
C PHE D 223 -0.93 13.22 16.55
N ARG D 224 -0.78 14.39 17.19
CA ARG D 224 -1.36 15.61 16.64
C ARG D 224 -0.69 15.98 15.32
N CYS D 225 0.63 15.82 15.23
CA CYS D 225 1.33 16.08 13.97
C CYS D 225 0.90 15.09 12.90
N GLN D 226 0.69 13.83 13.27
CA GLN D 226 0.18 12.85 12.30
C GLN D 226 -1.20 13.23 11.80
N ASP D 227 -2.07 13.68 12.71
CA ASP D 227 -3.41 14.12 12.31
C ASP D 227 -3.33 15.35 11.40
N GLU D 228 -2.39 16.25 11.68
CA GLU D 228 -2.22 17.43 10.84
C GLU D 228 -1.75 17.04 9.45
N SER D 229 -0.81 16.08 9.36
CA SER D 229 -0.37 15.59 8.05
C SER D 229 -1.51 14.93 7.30
N GLU D 230 -2.35 14.16 8.02
CA GLU D 230 -3.51 13.54 7.39
C GLU D 230 -4.48 14.59 6.86
N ALA D 231 -4.69 15.66 7.63
CA ALA D 231 -5.57 16.73 7.18
C ALA D 231 -4.99 17.45 5.97
N VAL D 232 -3.67 17.64 5.94
CA VAL D 232 -3.03 18.26 4.78
C VAL D 232 -3.21 17.38 3.56
N CYS D 233 -3.04 16.06 3.72
CA CYS D 233 -3.26 15.15 2.61
C CYS D 233 -4.70 15.18 2.14
N SER D 234 -5.65 15.28 3.08
CA SER D 234 -7.06 15.37 2.69
C SER D 234 -7.34 16.67 1.93
N GLU D 235 -6.73 17.77 2.35
CA GLU D 235 -6.91 19.03 1.63
C GLU D 235 -6.30 18.95 0.24
N TRP D 236 -5.14 18.28 0.10
CA TRP D 236 -4.54 18.09 -1.21
C TRP D 236 -5.45 17.25 -2.11
N LYS D 237 -6.04 16.20 -1.54
CA LYS D 237 -6.97 15.37 -2.32
C LYS D 237 -8.20 16.18 -2.73
N PHE D 238 -8.68 17.04 -1.84
CA PHE D 238 -9.80 17.92 -2.17
C PHE D 238 -9.44 18.82 -3.35
N ALA D 239 -8.27 19.46 -3.28
CA ALA D 239 -7.84 20.35 -4.36
C ALA D 239 -7.67 19.59 -5.66
N ALA D 240 -7.21 18.33 -5.58
CA ALA D 240 -7.02 17.54 -6.79
C ALA D 240 -8.36 17.12 -7.38
N CYS D 241 -9.34 16.79 -6.53
CA CYS D 241 -10.66 16.42 -7.03
C CYS D 241 -11.41 17.62 -7.59
N VAL D 242 -11.13 18.82 -7.06
CA VAL D 242 -11.73 20.03 -7.63
C VAL D 242 -11.33 20.17 -9.09
N VAL D 243 -10.04 19.98 -9.39
CA VAL D 243 -9.58 20.08 -10.77
C VAL D 243 -10.16 18.96 -11.61
N ASP D 244 -10.30 17.77 -11.03
CA ASP D 244 -10.91 16.65 -11.76
C ASP D 244 -12.33 17.01 -12.18
N ARG D 245 -13.12 17.55 -11.25
CA ARG D 245 -14.50 17.92 -11.57
C ARG D 245 -14.54 19.06 -12.57
N LEU D 246 -13.64 20.03 -12.43
CA LEU D 246 -13.59 21.13 -13.39
C LEU D 246 -13.32 20.62 -14.80
N CYS D 247 -12.36 19.69 -14.93
CA CYS D 247 -12.05 19.13 -16.25
C CYS D 247 -13.21 18.30 -16.77
N LEU D 248 -13.85 17.52 -15.90
CA LEU D 248 -15.00 16.72 -16.31
C LEU D 248 -16.14 17.60 -16.82
N MET D 249 -16.32 18.78 -16.22
CA MET D 249 -17.38 19.67 -16.65
C MET D 249 -16.98 20.47 -17.89
N ALA D 250 -15.69 20.74 -18.07
CA ALA D 250 -15.24 21.51 -19.22
C ALA D 250 -15.21 20.66 -20.48
N PHE D 251 -14.66 19.44 -20.39
CA PHE D 251 -14.54 18.59 -21.57
C PHE D 251 -15.88 18.12 -22.10
N SER D 252 -16.92 18.10 -21.25
CA SER D 252 -18.24 17.66 -21.72
C SER D 252 -18.75 18.56 -22.83
N VAL D 253 -18.66 19.88 -22.65
CA VAL D 253 -19.15 20.81 -23.66
C VAL D 253 -18.31 20.69 -24.93
N PHE D 254 -17.00 20.51 -24.79
CA PHE D 254 -16.15 20.36 -25.97
C PHE D 254 -16.51 19.11 -26.75
N THR D 255 -16.73 18.00 -26.06
CA THR D 255 -17.11 16.76 -26.73
C THR D 255 -18.47 16.90 -27.39
N ILE D 256 -19.42 17.57 -26.73
CA ILE D 256 -20.74 17.78 -27.33
C ILE D 256 -20.63 18.61 -28.59
N ILE D 257 -19.81 19.67 -28.55
CA ILE D 257 -19.64 20.51 -29.73
C ILE D 257 -18.98 19.73 -30.85
N CYS D 258 -17.98 18.91 -30.53
CA CYS D 258 -17.32 18.09 -31.55
C CYS D 258 -18.30 17.12 -32.18
N THR D 259 -19.14 16.48 -31.36
CA THR D 259 -20.13 15.55 -31.89
C THR D 259 -21.14 16.28 -32.78
N ILE D 260 -21.61 17.45 -32.36
CA ILE D 260 -22.56 18.21 -33.16
C ILE D 260 -21.92 18.59 -34.49
N GLY D 261 -20.65 18.98 -34.48
CA GLY D 261 -19.97 19.33 -35.71
C GLY D 261 -19.80 18.14 -36.63
N ILE D 262 -19.40 16.99 -36.08
CA ILE D 262 -19.24 15.80 -36.89
C ILE D 262 -20.58 15.37 -37.48
N LEU D 263 -21.67 15.57 -36.74
CA LEU D 263 -22.98 15.19 -37.25
C LEU D 263 -23.44 16.15 -38.34
N MET D 264 -23.23 17.45 -38.15
CA MET D 264 -23.64 18.45 -39.14
C MET D 264 -22.70 18.50 -40.34
N SER D 265 -21.47 18.03 -40.19
CA SER D 265 -20.50 18.04 -41.27
C SER D 265 -20.50 16.77 -42.10
N ALA D 266 -21.43 15.84 -41.83
CA ALA D 266 -21.46 14.61 -42.60
C ALA D 266 -21.72 14.83 -44.08
N PRO D 267 -22.64 15.71 -44.50
CA PRO D 267 -22.88 15.89 -45.94
C PRO D 267 -21.66 16.34 -46.72
N ASN D 268 -20.61 16.82 -46.05
CA ASN D 268 -19.42 17.28 -46.75
C ASN D 268 -18.75 16.13 -47.50
N PHE D 269 -18.34 15.09 -46.78
CA PHE D 269 -17.67 13.95 -47.40
C PHE D 269 -18.34 12.65 -47.01
N VAL D 270 -18.95 12.59 -45.84
CA VAL D 270 -19.63 11.40 -45.37
C VAL D 270 -20.94 11.23 -46.14
N LEU E 7 -17.72 -25.23 -36.73
CA LEU E 7 -16.68 -25.91 -35.96
C LEU E 7 -15.51 -24.96 -35.69
N TYR E 8 -14.61 -24.83 -36.66
CA TYR E 8 -13.46 -23.94 -36.50
C TYR E 8 -13.89 -22.48 -36.49
N TYR E 9 -14.55 -22.04 -37.57
CA TYR E 9 -15.01 -20.65 -37.64
C TYR E 9 -16.02 -20.35 -36.54
N GLY E 10 -16.91 -21.29 -36.25
CA GLY E 10 -17.91 -21.07 -35.22
C GLY E 10 -17.27 -20.89 -33.84
N LEU E 11 -16.37 -21.80 -33.48
CA LEU E 11 -15.71 -21.70 -32.19
C LEU E 11 -14.85 -20.43 -32.11
N ASN E 12 -14.18 -20.07 -33.21
CA ASN E 12 -13.30 -18.91 -33.20
C ASN E 12 -14.06 -17.64 -32.81
N LEU E 13 -15.37 -17.62 -33.04
CA LEU E 13 -16.19 -16.47 -32.65
C LEU E 13 -17.02 -16.72 -31.39
N LEU E 14 -17.23 -17.98 -31.02
CA LEU E 14 -18.03 -18.27 -29.83
C LEU E 14 -17.19 -18.22 -28.56
N ILE E 15 -15.95 -18.69 -28.61
CA ILE E 15 -15.10 -18.76 -27.42
C ILE E 15 -14.73 -17.36 -26.96
N PRO E 16 -14.25 -16.47 -27.85
CA PRO E 16 -13.87 -15.13 -27.37
C PRO E 16 -15.04 -14.34 -26.81
N CYS E 17 -16.22 -14.45 -27.42
CA CYS E 17 -17.38 -13.73 -26.92
C CYS E 17 -17.75 -14.18 -25.51
N VAL E 18 -17.81 -15.50 -25.30
CA VAL E 18 -18.14 -16.02 -23.97
C VAL E 18 -17.07 -15.64 -22.97
N LEU E 19 -15.80 -15.68 -23.38
CA LEU E 19 -14.72 -15.30 -22.48
C LEU E 19 -14.84 -13.84 -22.06
N ILE E 20 -15.12 -12.96 -23.02
CA ILE E 20 -15.25 -11.54 -22.71
C ILE E 20 -16.47 -11.29 -21.83
N SER E 21 -17.55 -12.03 -22.06
CA SER E 21 -18.74 -11.88 -21.24
C SER E 21 -18.51 -12.36 -19.82
N ALA E 22 -17.71 -13.40 -19.65
CA ALA E 22 -17.42 -13.91 -18.31
C ALA E 22 -16.38 -13.07 -17.58
N LEU E 23 -15.48 -12.42 -18.32
CA LEU E 23 -14.46 -11.59 -17.68
C LEU E 23 -15.09 -10.43 -16.93
N ALA E 24 -16.10 -9.79 -17.52
CA ALA E 24 -16.76 -8.68 -16.84
C ALA E 24 -17.43 -9.15 -15.55
N LEU E 25 -18.13 -10.28 -15.60
CA LEU E 25 -18.77 -10.81 -14.40
C LEU E 25 -17.75 -11.17 -13.34
N LEU E 26 -16.62 -11.74 -13.75
CA LEU E 26 -15.57 -12.07 -12.79
C LEU E 26 -14.99 -10.82 -12.14
N VAL E 27 -14.75 -9.78 -12.94
CA VAL E 27 -14.22 -8.54 -12.40
C VAL E 27 -15.22 -7.91 -11.44
N PHE E 28 -16.51 -7.96 -11.77
CA PHE E 28 -17.53 -7.42 -10.88
C PHE E 28 -17.59 -8.20 -9.58
N LEU E 29 -17.44 -9.53 -9.65
CA LEU E 29 -17.50 -10.35 -8.45
C LEU E 29 -16.42 -9.97 -7.45
N LEU E 30 -15.26 -9.53 -7.93
CA LEU E 30 -14.17 -9.18 -7.04
C LEU E 30 -14.61 -8.07 -6.07
N PRO E 31 -14.04 -8.03 -4.87
CA PRO E 31 -14.44 -6.98 -3.91
C PRO E 31 -14.15 -5.59 -4.45
N ALA E 32 -14.65 -4.60 -3.73
CA ALA E 32 -14.44 -3.19 -4.09
C ALA E 32 -13.06 -2.77 -3.59
N ASP E 33 -12.07 -2.99 -4.45
CA ASP E 33 -10.69 -2.65 -4.12
C ASP E 33 -10.43 -1.18 -4.46
N SER E 34 -9.16 -0.78 -4.41
CA SER E 34 -8.78 0.60 -4.72
C SER E 34 -8.88 0.83 -6.22
N GLY E 35 -8.44 2.01 -6.66
CA GLY E 35 -8.47 2.36 -8.07
C GLY E 35 -7.81 1.32 -8.97
N GLU E 36 -6.93 0.51 -8.40
CA GLU E 36 -6.29 -0.55 -9.18
C GLU E 36 -7.33 -1.44 -9.87
N LYS E 37 -8.46 -1.67 -9.20
CA LYS E 37 -9.52 -2.48 -9.80
C LYS E 37 -9.91 -1.96 -11.17
N ILE E 38 -9.96 -0.63 -11.33
CA ILE E 38 -10.31 -0.06 -12.63
C ILE E 38 -9.36 -0.55 -13.70
N SER E 39 -8.06 -0.59 -13.39
CA SER E 39 -7.06 -1.05 -14.36
C SER E 39 -7.43 -2.42 -14.92
N LEU E 40 -8.16 -3.24 -14.14
CA LEU E 40 -8.61 -4.53 -14.65
C LEU E 40 -9.71 -4.35 -15.68
N GLY E 41 -10.77 -3.62 -15.32
CA GLY E 41 -11.90 -3.46 -16.23
C GLY E 41 -11.48 -2.96 -17.60
N ILE E 42 -10.73 -1.86 -17.63
CA ILE E 42 -10.26 -1.32 -18.90
C ILE E 42 -9.51 -2.37 -19.69
N THR E 43 -8.69 -3.19 -19.01
CA THR E 43 -7.93 -4.23 -19.69
C THR E 43 -8.85 -5.15 -20.47
N VAL E 44 -10.03 -5.45 -19.92
CA VAL E 44 -10.98 -6.31 -20.62
C VAL E 44 -11.30 -5.72 -22.00
N LEU E 45 -11.54 -4.40 -22.05
CA LEU E 45 -11.82 -3.75 -23.32
C LEU E 45 -10.71 -4.03 -24.33
N LEU E 46 -9.46 -4.05 -23.86
CA LEU E 46 -8.34 -4.35 -24.76
C LEU E 46 -8.54 -5.70 -25.43
N SER E 47 -8.91 -6.72 -24.64
CA SER E 47 -9.13 -8.05 -25.19
C SER E 47 -10.16 -8.03 -26.32
N LEU E 48 -11.04 -7.03 -26.35
CA LEU E 48 -12.00 -6.92 -27.43
C LEU E 48 -11.39 -6.21 -28.64
N THR E 49 -10.59 -5.16 -28.42
CA THR E 49 -10.05 -4.39 -29.52
C THR E 49 -9.33 -5.28 -30.52
N VAL E 50 -8.34 -6.05 -30.04
CA VAL E 50 -7.62 -6.96 -30.92
C VAL E 50 -8.60 -7.88 -31.64
N PHE E 51 -9.61 -8.38 -30.93
CA PHE E 51 -10.58 -9.27 -31.54
C PHE E 51 -11.26 -8.60 -32.73
N MET E 52 -11.56 -7.31 -32.61
CA MET E 52 -12.18 -6.59 -33.72
C MET E 52 -11.37 -6.73 -34.98
N LEU E 53 -10.04 -6.72 -34.86
CA LEU E 53 -9.18 -6.89 -36.03
C LEU E 53 -9.54 -8.16 -36.77
N LEU E 54 -9.69 -9.27 -36.04
CA LEU E 54 -10.08 -10.53 -36.67
C LEU E 54 -11.39 -10.36 -37.44
N VAL E 55 -12.34 -9.63 -36.86
CA VAL E 55 -13.61 -9.40 -37.55
C VAL E 55 -13.38 -8.73 -38.89
N ALA E 56 -12.45 -7.76 -38.93
CA ALA E 56 -12.15 -7.08 -40.18
C ALA E 56 -11.72 -8.04 -41.28
N GLU E 57 -11.20 -9.22 -40.91
CA GLU E 57 -10.82 -10.20 -41.92
C GLU E 57 -12.03 -10.97 -42.43
N ILE E 58 -12.99 -11.25 -41.55
CA ILE E 58 -14.17 -12.02 -41.93
C ILE E 58 -15.38 -11.14 -42.27
N MET E 59 -15.43 -9.91 -41.76
CA MET E 59 -16.54 -9.00 -41.99
C MET E 59 -16.00 -7.59 -42.17
N PRO E 60 -15.40 -7.31 -43.33
CA PRO E 60 -14.89 -5.95 -43.57
C PRO E 60 -15.99 -4.92 -43.48
N SER E 61 -15.70 -3.81 -42.78
CA SER E 61 -16.69 -2.75 -42.62
C SER E 61 -17.01 -2.08 -43.94
N THR E 62 -16.08 -2.07 -44.88
CA THR E 62 -16.30 -1.43 -46.18
C THR E 62 -17.17 -2.28 -47.11
N SER E 63 -17.28 -3.58 -46.84
CA SER E 63 -18.06 -4.49 -47.68
C SER E 63 -19.28 -5.05 -46.95
N ASP E 64 -19.09 -5.62 -45.77
CA ASP E 64 -20.20 -6.20 -45.02
C ASP E 64 -21.19 -5.11 -44.62
N SER E 65 -22.46 -5.33 -44.94
CA SER E 65 -23.54 -4.39 -44.60
C SER E 65 -24.72 -5.16 -44.04
N SER E 66 -24.46 -6.10 -43.13
CA SER E 66 -25.50 -6.91 -42.53
C SER E 66 -26.00 -6.24 -41.26
N PRO E 67 -27.22 -5.70 -41.22
CA PRO E 67 -27.70 -5.05 -39.99
C PRO E 67 -27.98 -6.02 -38.85
N SER E 68 -28.04 -7.32 -39.12
CA SER E 68 -28.30 -8.28 -38.04
C SER E 68 -27.09 -8.43 -37.14
N ILE E 69 -25.90 -8.60 -37.74
CA ILE E 69 -24.69 -8.73 -36.94
C ILE E 69 -24.19 -7.38 -36.44
N ALA E 70 -24.54 -6.29 -37.12
CA ALA E 70 -24.11 -4.97 -36.68
C ALA E 70 -24.69 -4.64 -35.30
N GLN E 71 -25.98 -4.92 -35.10
CA GLN E 71 -26.61 -4.65 -33.81
C GLN E 71 -25.99 -5.52 -32.72
N TYR E 72 -25.69 -6.79 -33.04
CA TYR E 72 -25.06 -7.67 -32.05
C TYR E 72 -23.69 -7.15 -31.66
N PHE E 73 -22.88 -6.73 -32.64
CA PHE E 73 -21.56 -6.20 -32.34
C PHE E 73 -21.67 -4.91 -31.53
N ALA E 74 -22.64 -4.06 -31.86
CA ALA E 74 -22.82 -2.82 -31.10
C ALA E 74 -23.20 -3.12 -29.65
N SER E 75 -24.12 -4.07 -29.45
CA SER E 75 -24.51 -4.42 -28.09
C SER E 75 -23.34 -5.02 -27.32
N THR E 76 -22.53 -5.86 -27.98
CA THR E 76 -21.36 -6.43 -27.33
C THR E 76 -20.37 -5.35 -26.93
N MET E 77 -20.11 -4.39 -27.82
CA MET E 77 -19.20 -3.30 -27.50
C MET E 77 -19.73 -2.46 -26.35
N ILE E 78 -21.05 -2.21 -26.34
CA ILE E 78 -21.63 -1.42 -25.26
C ILE E 78 -21.52 -2.15 -23.94
N ILE E 79 -21.77 -3.46 -23.94
CA ILE E 79 -21.67 -4.24 -22.71
C ILE E 79 -20.23 -4.29 -22.22
N VAL E 80 -19.26 -4.35 -23.13
CA VAL E 80 -17.86 -4.39 -22.72
C VAL E 80 -17.41 -3.03 -22.21
N GLY E 81 -17.97 -1.95 -22.77
CA GLY E 81 -17.61 -0.62 -22.30
C GLY E 81 -18.25 -0.24 -20.98
N LEU E 82 -19.47 -0.75 -20.73
CA LEU E 82 -20.16 -0.44 -19.49
C LEU E 82 -19.44 -0.97 -18.26
N SER E 83 -18.41 -1.80 -18.44
CA SER E 83 -17.67 -2.31 -17.28
C SER E 83 -17.02 -1.17 -16.51
N VAL E 84 -16.43 -0.19 -17.21
CA VAL E 84 -15.79 0.93 -16.53
C VAL E 84 -16.83 1.78 -15.81
N VAL E 85 -17.99 1.98 -16.43
CA VAL E 85 -19.05 2.75 -15.78
C VAL E 85 -19.53 2.05 -14.52
N VAL E 86 -19.68 0.72 -14.58
CA VAL E 86 -20.12 -0.03 -13.42
C VAL E 86 -19.08 0.05 -12.32
N THR E 87 -17.80 -0.07 -12.67
CA THR E 87 -16.74 0.03 -11.67
C THR E 87 -16.73 1.41 -11.03
N VAL E 88 -16.95 2.46 -11.81
CA VAL E 88 -16.98 3.81 -11.27
C VAL E 88 -18.17 3.98 -10.33
N ILE E 89 -19.34 3.44 -10.72
CA ILE E 89 -20.52 3.54 -9.88
C ILE E 89 -20.30 2.79 -8.58
N VAL E 90 -19.58 1.66 -8.63
CA VAL E 90 -19.31 0.89 -7.42
C VAL E 90 -18.33 1.63 -6.52
N LEU E 91 -17.29 2.22 -7.12
CA LEU E 91 -16.30 2.96 -6.33
C LEU E 91 -16.88 4.25 -5.77
N GLN E 92 -17.96 4.77 -6.36
CA GLN E 92 -18.61 5.96 -5.80
C GLN E 92 -19.10 5.69 -4.39
N TYR E 93 -19.58 4.47 -4.12
CA TYR E 93 -20.05 4.10 -2.80
C TYR E 93 -18.91 3.61 -1.89
N HIS E 94 -17.72 3.40 -2.42
CA HIS E 94 -16.58 2.96 -1.62
C HIS E 94 -15.73 4.13 -1.16
N HIS E 95 -15.41 5.05 -2.07
CA HIS E 95 -14.63 6.23 -1.72
C HIS E 95 -15.50 7.38 -1.22
N HIS E 96 -16.71 7.53 -1.76
CA HIS E 96 -17.63 8.58 -1.35
C HIS E 96 -16.97 9.96 -1.52
N ASP E 97 -16.71 10.31 -2.78
CA ASP E 97 -16.10 11.59 -3.11
C ASP E 97 -16.90 12.72 -2.46
N PRO E 98 -16.28 13.51 -1.56
CA PRO E 98 -17.05 14.56 -0.88
C PRO E 98 -17.75 15.51 -1.83
N ASP E 99 -17.15 15.81 -2.99
CA ASP E 99 -17.73 16.73 -3.94
C ASP E 99 -18.86 16.12 -4.75
N GLY E 100 -19.32 14.92 -4.39
CA GLY E 100 -20.41 14.28 -5.11
C GLY E 100 -20.84 12.98 -4.46
N GLY E 101 -21.25 12.01 -5.26
CA GLY E 101 -21.68 10.74 -4.74
C GLY E 101 -23.07 10.80 -4.11
N LYS E 102 -23.68 9.62 -3.99
CA LYS E 102 -25.01 9.53 -3.41
C LYS E 102 -24.95 9.69 -1.90
N MET E 103 -25.95 10.38 -1.35
CA MET E 103 -26.01 10.62 0.09
C MET E 103 -26.04 9.28 0.83
N PRO E 104 -25.07 9.00 1.71
CA PRO E 104 -25.10 7.71 2.43
C PRO E 104 -26.35 7.53 3.27
N LYS E 105 -27.09 8.59 3.57
CA LYS E 105 -28.29 8.46 4.40
C LYS E 105 -29.29 7.51 3.75
N TRP E 106 -29.41 7.56 2.42
CA TRP E 106 -30.36 6.71 1.71
C TRP E 106 -29.80 5.33 1.37
N THR E 107 -28.48 5.18 1.33
CA THR E 107 -27.86 3.91 0.99
C THR E 107 -27.45 3.09 2.21
N ARG E 108 -27.57 3.64 3.42
CA ARG E 108 -27.21 2.92 4.62
C ARG E 108 -28.33 2.00 5.12
N VAL E 109 -29.58 2.41 4.94
CA VAL E 109 -30.70 1.58 5.37
C VAL E 109 -30.91 0.42 4.40
N ILE E 110 -30.80 0.68 3.09
CA ILE E 110 -30.95 -0.38 2.11
C ILE E 110 -29.84 -1.41 2.27
N LEU E 111 -28.64 -0.96 2.63
CA LEU E 111 -27.54 -1.88 2.87
C LEU E 111 -27.86 -2.85 4.00
N LEU E 112 -28.35 -2.32 5.12
CA LEU E 112 -28.70 -3.18 6.24
C LEU E 112 -29.87 -4.09 5.89
N ASN E 113 -30.82 -3.60 5.09
CA ASN E 113 -31.96 -4.42 4.70
C ASN E 113 -31.53 -5.57 3.81
N TRP E 114 -30.58 -5.33 2.91
CA TRP E 114 -30.13 -6.37 1.99
C TRP E 114 -29.06 -7.27 2.58
N CYS E 115 -28.42 -6.86 3.67
CA CYS E 115 -27.42 -7.72 4.31
C CYS E 115 -28.04 -9.05 4.74
N ALA E 116 -29.29 -9.03 5.20
CA ALA E 116 -29.95 -10.25 5.63
C ALA E 116 -30.58 -10.99 4.46
N TRP E 117 -30.93 -10.30 3.39
CA TRP E 117 -31.56 -10.94 2.24
C TRP E 117 -30.55 -11.57 1.30
N PHE E 118 -29.29 -11.13 1.33
CA PHE E 118 -28.27 -11.71 0.46
C PHE E 118 -27.87 -13.11 0.94
N LEU E 119 -27.65 -13.28 2.24
CA LEU E 119 -27.29 -14.58 2.79
C LEU E 119 -28.53 -15.41 3.10
N ARG E 120 -29.42 -14.88 3.93
CA ARG E 120 -30.67 -15.56 4.28
C ARG E 120 -31.78 -15.02 3.37
N MET E 121 -31.83 -15.54 2.16
CA MET E 121 -32.82 -15.09 1.18
C MET E 121 -34.24 -15.26 1.73
N LYS E 122 -35.11 -14.33 1.36
CA LYS E 122 -36.50 -14.35 1.79
C LYS E 122 -37.25 -15.39 0.97
N ARG E 123 -37.23 -16.63 1.44
CA ARG E 123 -37.89 -17.73 0.77
C ARG E 123 -38.25 -18.79 1.81
N PRO E 124 -39.15 -19.71 1.48
CA PRO E 124 -39.52 -20.74 2.46
C PRO E 124 -38.34 -21.57 2.93
N GLY E 125 -37.45 -21.97 2.01
CA GLY E 125 -36.32 -22.80 2.37
C GLY E 125 -35.44 -22.22 3.45
N GLU E 126 -35.46 -20.89 3.63
CA GLU E 126 -34.67 -20.25 4.66
C GLU E 126 -35.50 -19.74 5.84
N ASP E 127 -36.80 -19.59 5.67
CA ASP E 127 -37.66 -19.11 6.75
C ASP E 127 -38.23 -20.25 7.58
N LYS E 128 -38.64 -21.35 6.94
CA LYS E 128 -39.23 -22.47 7.66
C LYS E 128 -38.18 -23.45 8.18
N VAL E 129 -37.05 -23.58 7.49
CA VAL E 129 -35.99 -24.51 7.88
C VAL E 129 -35.08 -23.74 8.84
N ARG E 130 -35.47 -23.73 10.12
CA ARG E 130 -34.70 -23.05 11.16
C ARG E 130 -35.35 -23.37 12.50
N PRO E 131 -34.62 -23.18 13.61
CA PRO E 131 -35.22 -23.44 14.92
C PRO E 131 -36.44 -22.57 15.16
N ALA E 132 -37.54 -23.20 15.55
CA ALA E 132 -38.78 -22.50 15.81
C ALA E 132 -39.55 -23.24 16.90
N CYS E 133 -40.24 -22.48 17.73
CA CYS E 133 -41.03 -23.04 18.82
C CYS E 133 -41.93 -21.95 19.38
N GLN E 134 -42.82 -22.35 20.29
CA GLN E 134 -43.77 -21.43 20.92
C GLN E 134 -43.25 -20.87 22.24
N HIS E 135 -41.93 -20.90 22.46
CA HIS E 135 -41.37 -20.39 23.69
C HIS E 135 -41.29 -18.87 23.66
N LYS E 136 -41.07 -18.29 24.85
CA LYS E 136 -40.97 -16.83 24.96
C LYS E 136 -39.81 -16.27 24.15
N GLN E 137 -38.81 -17.09 23.82
CA GLN E 137 -37.67 -16.60 23.05
C GLN E 137 -38.08 -16.13 21.67
N ARG E 138 -39.19 -16.66 21.14
CA ARG E 138 -39.68 -16.30 19.82
C ARG E 138 -40.89 -15.37 19.89
N ARG E 139 -41.23 -14.86 21.07
CA ARG E 139 -42.36 -13.96 21.22
C ARG E 139 -41.91 -12.50 21.06
N CYS E 140 -42.90 -11.62 20.97
CA CYS E 140 -42.64 -10.20 20.80
C CYS E 140 -42.84 -9.47 22.13
N SER E 141 -41.94 -8.55 22.44
CA SER E 141 -42.00 -7.78 23.67
C SER E 141 -41.66 -6.33 23.33
N LEU E 142 -41.47 -5.52 24.38
CA LEU E 142 -41.14 -4.11 24.17
C LEU E 142 -39.81 -3.96 23.44
N ALA E 143 -38.88 -4.90 23.62
CA ALA E 143 -37.59 -4.81 22.95
C ALA E 143 -37.72 -5.06 21.46
N SER E 144 -38.74 -5.81 21.03
CA SER E 144 -38.92 -6.09 19.61
C SER E 144 -39.62 -4.95 18.89
N VAL E 145 -40.46 -4.20 19.59
CA VAL E 145 -41.19 -3.09 18.98
C VAL E 145 -40.28 -1.87 18.96
N GLU E 146 -39.57 -1.67 17.84
CA GLU E 146 -38.66 -0.54 17.67
C GLU E 146 -39.32 0.64 16.97
N MET E 147 -40.64 0.78 17.08
CA MET E 147 -41.34 1.89 16.43
C MET E 147 -41.07 3.22 17.12
N SER E 148 -40.62 3.20 18.38
CA SER E 148 -40.33 4.41 19.14
C SER E 148 -38.84 4.65 19.28
N ALA E 149 -38.06 4.27 18.27
CA ALA E 149 -36.60 4.45 18.28
C ALA E 149 -35.98 3.74 19.49
N VAL E 150 -36.19 2.43 19.54
CA VAL E 150 -35.67 1.59 20.62
C VAL E 150 -34.35 1.00 20.18
N ALA E 151 -33.47 0.76 21.15
CA ALA E 151 -32.18 0.18 20.85
C ALA E 151 -32.34 -1.20 20.23
N PRO E 152 -31.38 -1.66 19.43
CA PRO E 152 -31.50 -2.98 18.81
C PRO E 152 -31.32 -4.09 19.83
N PRO E 153 -31.57 -5.34 19.45
CA PRO E 153 -31.40 -6.44 20.40
C PRO E 153 -29.98 -6.51 20.91
N PRO E 154 -29.78 -6.56 22.23
CA PRO E 154 -28.42 -6.68 22.76
C PRO E 154 -27.71 -7.92 22.22
N ALA E 155 -26.54 -7.71 21.61
CA ALA E 155 -25.78 -8.80 21.06
C ALA E 155 -24.32 -8.36 20.91
N SER E 156 -23.44 -9.35 20.79
CA SER E 156 -22.01 -9.08 20.66
C SER E 156 -21.60 -8.78 19.23
N ASN E 157 -22.53 -8.78 18.27
CA ASN E 157 -22.22 -8.51 16.88
C ASN E 157 -22.18 -7.02 16.56
N GLY E 158 -22.20 -6.16 17.57
CA GLY E 158 -22.17 -4.72 17.34
C GLY E 158 -23.39 -4.01 17.88
N ASN E 159 -24.04 -4.60 18.87
CA ASN E 159 -25.23 -4.03 19.48
C ASN E 159 -25.03 -3.71 20.95
N LEU E 160 -24.47 -4.64 21.74
CA LEU E 160 -24.24 -4.38 23.15
C LEU E 160 -23.00 -3.54 23.37
N LEU E 161 -21.86 -3.98 22.83
CA LEU E 161 -20.62 -3.23 22.98
C LEU E 161 -20.72 -1.86 22.33
N TYR E 162 -21.45 -1.75 21.23
CA TYR E 162 -21.62 -0.45 20.57
C TYR E 162 -22.33 0.53 21.49
N ILE E 163 -23.48 0.11 22.05
CA ILE E 163 -24.23 0.98 22.95
C ILE E 163 -23.42 1.25 24.21
N GLY E 164 -22.58 0.32 24.62
CA GLY E 164 -21.75 0.53 25.80
C GLY E 164 -20.70 1.59 25.57
N PHE E 165 -19.98 1.50 24.44
CA PHE E 165 -18.95 2.48 24.13
C PHE E 165 -19.54 3.83 23.71
N ARG E 166 -20.79 3.86 23.27
CA ARG E 166 -21.46 5.10 22.87
C ARG E 166 -22.26 5.71 24.01
N GLY E 167 -21.86 5.48 25.26
CA GLY E 167 -22.57 6.00 26.41
C GLY E 167 -22.24 7.45 26.68
N LEU E 168 -22.81 8.36 25.89
CA LEU E 168 -22.56 9.78 26.07
C LEU E 168 -22.81 10.19 27.53
N ASP E 169 -22.11 11.24 27.96
CA ASP E 169 -22.22 11.70 29.34
C ASP E 169 -23.66 12.05 29.70
N GLY E 170 -24.45 12.51 28.72
CA GLY E 170 -25.81 12.91 29.00
C GLY E 170 -26.69 11.79 29.51
N VAL E 171 -26.28 10.53 29.31
CA VAL E 171 -27.07 9.39 29.74
C VAL E 171 -26.19 8.40 30.51
N HIS E 172 -24.88 8.65 30.54
CA HIS E 172 -23.94 7.73 31.16
C HIS E 172 -23.24 8.30 32.38
N CYS E 173 -23.10 9.62 32.48
CA CYS E 173 -22.42 10.23 33.61
C CYS E 173 -23.32 10.43 34.82
N VAL E 174 -24.58 10.00 34.76
CA VAL E 174 -25.49 10.12 35.89
C VAL E 174 -26.25 8.81 36.08
N PRO E 175 -25.56 7.68 36.34
CA PRO E 175 -26.24 6.40 36.59
C PRO E 175 -26.71 6.23 38.03
N THR E 176 -27.37 7.26 38.56
CA THR E 176 -27.84 7.28 39.95
C THR E 176 -29.35 7.32 39.94
N PRO E 177 -30.02 6.18 39.74
CA PRO E 177 -31.49 6.16 39.78
C PRO E 177 -32.02 6.35 41.19
N ASP E 178 -33.35 6.33 41.34
CA ASP E 178 -33.97 6.50 42.66
C ASP E 178 -33.87 5.20 43.45
N SER E 179 -32.62 4.85 43.78
CA SER E 179 -32.32 3.64 44.54
C SER E 179 -31.50 3.92 45.78
N GLY E 180 -30.56 4.85 45.72
CA GLY E 180 -29.73 5.16 46.87
C GLY E 180 -28.53 4.28 47.04
N VAL E 181 -28.07 3.62 45.97
CA VAL E 181 -26.91 2.73 46.07
C VAL E 181 -25.68 3.52 46.52
N VAL E 182 -25.59 4.80 46.15
CA VAL E 182 -24.46 5.62 46.55
C VAL E 182 -24.43 5.82 48.06
N CYS E 183 -25.58 5.71 48.74
CA CYS E 183 -25.66 5.87 50.18
C CYS E 183 -26.35 4.69 50.87
N GLY E 184 -26.65 3.62 50.13
CA GLY E 184 -27.31 2.46 50.71
C GLY E 184 -26.42 1.25 50.79
N ARG E 185 -25.49 1.12 49.83
CA ARG E 185 -24.57 0.01 49.78
C ARG E 185 -23.13 0.52 49.84
N MET E 186 -22.24 -0.35 50.32
CA MET E 186 -20.82 -0.02 50.45
C MET E 186 -19.95 -0.82 49.46
N ALA E 187 -20.56 -1.37 48.42
CA ALA E 187 -19.83 -2.15 47.42
C ALA E 187 -19.06 -1.19 46.53
N CYS E 188 -17.80 -0.96 46.88
CA CYS E 188 -16.92 -0.05 46.13
C CYS E 188 -17.52 1.35 46.04
N SER E 189 -18.27 1.75 47.07
CA SER E 189 -18.90 3.07 47.10
C SER E 189 -19.20 3.46 48.53
N PRO E 190 -18.24 4.08 49.23
CA PRO E 190 -18.50 4.50 50.61
C PRO E 190 -19.71 5.41 50.70
N THR E 191 -20.53 5.19 51.73
CA THR E 191 -21.75 5.97 51.94
C THR E 191 -21.37 7.34 52.49
N HIS E 192 -21.06 8.26 51.58
CA HIS E 192 -20.69 9.64 51.93
C HIS E 192 -19.73 9.68 53.11
N ASP E 193 -18.80 8.74 53.17
CA ASP E 193 -17.82 8.68 54.25
C ASP E 193 -16.79 9.77 54.06
N GLU E 194 -16.97 10.91 54.74
CA GLU E 194 -16.05 12.02 54.61
C GLU E 194 -14.76 11.80 55.39
N HIS E 195 -14.74 10.86 56.32
CA HIS E 195 -13.55 10.57 57.11
C HIS E 195 -12.68 9.47 56.51
N LEU E 196 -13.05 8.94 55.35
CA LEU E 196 -12.28 7.89 54.69
C LEU E 196 -11.04 8.53 54.08
N LEU E 197 -9.92 8.48 54.79
CA LEU E 197 -8.67 9.05 54.34
C LEU E 197 -7.67 7.93 54.02
N HIS E 198 -6.77 8.22 53.08
CA HIS E 198 -5.75 7.25 52.68
C HIS E 198 -4.62 7.26 53.71
N GLY E 199 -4.90 6.65 54.85
CA GLY E 199 -3.94 6.59 55.94
C GLY E 199 -3.46 7.95 56.39
N GLY E 200 -4.40 8.87 56.58
CA GLY E 200 -4.08 10.23 56.99
C GLY E 200 -4.06 11.23 55.86
N GLN E 201 -4.02 10.78 54.61
CA GLN E 201 -4.00 11.64 53.45
C GLN E 201 -5.30 11.54 52.67
N PRO E 202 -5.62 12.52 51.84
CA PRO E 202 -6.85 12.44 51.03
C PRO E 202 -6.80 11.26 50.09
N PRO E 203 -7.91 10.95 49.39
CA PRO E 203 -7.94 9.84 48.42
C PRO E 203 -7.24 10.16 47.11
N GLU E 204 -6.02 10.69 47.19
CA GLU E 204 -5.25 11.03 46.01
C GLU E 204 -3.79 11.26 46.37
N GLY E 205 -2.88 10.57 45.68
CA GLY E 205 -1.46 10.71 45.94
C GLY E 205 -0.86 11.94 45.30
N ASP E 206 -1.20 12.17 44.03
CA ASP E 206 -0.67 13.31 43.29
C ASP E 206 -1.61 13.66 42.14
N PRO E 207 -2.08 14.90 42.03
CA PRO E 207 -2.95 15.26 40.89
C PRO E 207 -2.33 14.96 39.54
N ASP E 208 -1.00 14.79 39.45
CA ASP E 208 -0.39 14.43 38.19
C ASP E 208 -0.91 13.10 37.66
N LEU E 209 -1.37 12.22 38.55
CA LEU E 209 -1.97 10.97 38.11
C LEU E 209 -3.21 11.21 37.27
N ALA E 210 -4.01 12.22 37.65
CA ALA E 210 -5.18 12.57 36.84
C ALA E 210 -4.75 13.08 35.47
N LYS E 211 -3.65 13.83 35.41
CA LYS E 211 -3.15 14.31 34.12
C LYS E 211 -2.70 13.15 33.25
N ILE E 212 -2.01 12.18 33.84
CA ILE E 212 -1.59 11.00 33.08
C ILE E 212 -2.81 10.21 32.61
N LEU E 213 -3.83 10.12 33.47
CA LEU E 213 -5.06 9.43 33.08
C LEU E 213 -5.71 10.11 31.89
N GLU E 214 -5.77 11.46 31.91
CA GLU E 214 -6.35 12.18 30.78
C GLU E 214 -5.49 12.01 29.52
N GLU E 215 -4.17 11.98 29.68
CA GLU E 215 -3.29 11.79 28.53
C GLU E 215 -3.52 10.43 27.88
N VAL E 216 -3.65 9.38 28.69
CA VAL E 216 -3.89 8.05 28.13
C VAL E 216 -5.31 7.96 27.58
N ARG E 217 -6.26 8.68 28.18
CA ARG E 217 -7.61 8.71 27.63
C ARG E 217 -7.64 9.40 26.27
N TYR E 218 -6.76 10.37 26.05
CA TYR E 218 -6.65 10.97 24.72
C TYR E 218 -6.22 9.93 23.69
N ILE E 219 -5.25 9.09 24.02
CA ILE E 219 -4.81 8.05 23.10
C ILE E 219 -5.92 7.02 22.91
N ALA E 220 -6.66 6.72 23.97
CA ALA E 220 -7.80 5.81 23.84
C ALA E 220 -8.85 6.36 22.89
N ASN E 221 -9.13 7.66 22.99
CA ASN E 221 -10.09 8.29 22.08
C ASN E 221 -9.57 8.31 20.66
N ARG E 222 -8.26 8.51 20.48
CA ARG E 222 -7.68 8.44 19.15
C ARG E 222 -7.85 7.05 18.55
N PHE E 223 -7.59 6.01 19.35
CA PHE E 223 -7.78 4.64 18.86
C PHE E 223 -9.24 4.36 18.56
N ARG E 224 -10.16 4.91 19.37
CA ARG E 224 -11.58 4.74 19.11
C ARG E 224 -11.97 5.42 17.80
N CYS E 225 -11.43 6.61 17.53
CA CYS E 225 -11.70 7.28 16.26
C CYS E 225 -11.14 6.50 15.09
N GLN E 226 -9.96 5.91 15.26
CA GLN E 226 -9.40 5.06 14.22
C GLN E 226 -10.29 3.85 13.95
N ASP E 227 -10.79 3.22 15.01
CA ASP E 227 -11.69 2.09 14.85
C ASP E 227 -12.99 2.52 14.17
N GLU E 228 -13.49 3.72 14.49
CA GLU E 228 -14.70 4.21 13.85
C GLU E 228 -14.46 4.46 12.36
N SER E 229 -13.30 5.01 12.00
CA SER E 229 -12.97 5.21 10.60
C SER E 229 -12.85 3.87 9.88
N GLU E 230 -12.27 2.87 10.54
CA GLU E 230 -12.18 1.54 9.95
C GLU E 230 -13.56 0.94 9.72
N ALA E 231 -14.47 1.13 10.69
CA ALA E 231 -15.82 0.63 10.54
C ALA E 231 -16.56 1.35 9.41
N VAL E 232 -16.32 2.65 9.26
CA VAL E 232 -16.93 3.40 8.16
C VAL E 232 -16.41 2.88 6.83
N CYS E 233 -15.10 2.61 6.74
CA CYS E 233 -14.54 2.05 5.52
C CYS E 233 -15.12 0.68 5.23
N SER E 234 -15.33 -0.13 6.27
CA SER E 234 -15.93 -1.45 6.08
C SER E 234 -17.37 -1.34 5.60
N GLU E 235 -18.12 -0.39 6.13
CA GLU E 235 -19.49 -0.17 5.65
C GLU E 235 -19.50 0.30 4.21
N TRP E 236 -18.55 1.16 3.84
CA TRP E 236 -18.45 1.59 2.45
C TRP E 236 -18.12 0.41 1.54
N LYS E 237 -17.21 -0.47 1.97
CA LYS E 237 -16.90 -1.65 1.18
C LYS E 237 -18.11 -2.57 1.06
N PHE E 238 -18.89 -2.69 2.13
CA PHE E 238 -20.11 -3.47 2.08
C PHE E 238 -21.08 -2.90 1.05
N ALA E 239 -21.29 -1.58 1.09
CA ALA E 239 -22.19 -0.94 0.13
C ALA E 239 -21.69 -1.11 -1.29
N ALA E 240 -20.37 -1.08 -1.48
CA ALA E 240 -19.81 -1.23 -2.82
C ALA E 240 -19.96 -2.67 -3.32
N CYS E 241 -19.80 -3.65 -2.43
CA CYS E 241 -19.96 -5.04 -2.82
C CYS E 241 -21.42 -5.38 -3.08
N VAL E 242 -22.34 -4.69 -2.40
CA VAL E 242 -23.76 -4.89 -2.67
C VAL E 242 -24.06 -4.55 -4.12
N VAL E 243 -23.55 -3.41 -4.60
CA VAL E 243 -23.77 -3.01 -5.99
C VAL E 243 -23.08 -3.99 -6.93
N ASP E 244 -21.90 -4.48 -6.57
CA ASP E 244 -21.21 -5.46 -7.39
C ASP E 244 -22.07 -6.71 -7.57
N ARG E 245 -22.62 -7.22 -6.47
CA ARG E 245 -23.46 -8.42 -6.56
C ARG E 245 -24.74 -8.13 -7.34
N LEU E 246 -25.33 -6.96 -7.15
CA LEU E 246 -26.53 -6.60 -7.90
C LEU E 246 -26.25 -6.60 -9.40
N CYS E 247 -25.12 -6.01 -9.80
CA CYS E 247 -24.75 -5.97 -11.21
C CYS E 247 -24.45 -7.37 -11.74
N LEU E 248 -23.76 -8.19 -10.93
CA LEU E 248 -23.47 -9.56 -11.35
C LEU E 248 -24.74 -10.36 -11.55
N MET E 249 -25.77 -10.10 -10.74
CA MET E 249 -27.02 -10.84 -10.88
C MET E 249 -27.88 -10.27 -12.00
N ALA E 250 -27.76 -8.97 -12.30
CA ALA E 250 -28.57 -8.37 -13.34
C ALA E 250 -28.02 -8.67 -14.72
N PHE E 251 -26.71 -8.54 -14.91
CA PHE E 251 -26.11 -8.77 -16.23
C PHE E 251 -26.19 -10.22 -16.67
N SER E 252 -26.33 -11.16 -15.73
CA SER E 252 -26.43 -12.57 -16.10
C SER E 252 -27.65 -12.82 -16.98
N VAL E 253 -28.80 -12.30 -16.58
CA VAL E 253 -30.02 -12.50 -17.35
C VAL E 253 -29.91 -11.83 -18.72
N PHE E 254 -29.31 -10.64 -18.76
CA PHE E 254 -29.13 -9.94 -20.04
C PHE E 254 -28.24 -10.75 -20.97
N THR E 255 -27.13 -11.29 -20.46
CA THR E 255 -26.24 -12.08 -21.29
C THR E 255 -26.93 -13.35 -21.75
N ILE E 256 -27.72 -13.98 -20.89
CA ILE E 256 -28.43 -15.20 -21.28
C ILE E 256 -29.43 -14.89 -22.38
N ILE E 257 -30.15 -13.76 -22.26
CA ILE E 257 -31.11 -13.38 -23.28
C ILE E 257 -30.41 -13.09 -24.60
N CYS E 258 -29.27 -12.40 -24.54
CA CYS E 258 -28.52 -12.10 -25.75
C CYS E 258 -28.04 -13.37 -26.42
N THR E 259 -27.55 -14.34 -25.64
CA THR E 259 -27.10 -15.60 -26.19
C THR E 259 -28.26 -16.37 -26.83
N ILE E 260 -29.42 -16.40 -26.15
CA ILE E 260 -30.58 -17.09 -26.70
C ILE E 260 -31.00 -16.44 -28.01
N GLY E 261 -30.96 -15.11 -28.08
CA GLY E 261 -31.32 -14.42 -29.30
C GLY E 261 -30.35 -14.70 -30.43
N ILE E 262 -29.05 -14.67 -30.13
CA ILE E 262 -28.04 -14.95 -31.15
C ILE E 262 -28.18 -16.39 -31.64
N LEU E 263 -28.56 -17.31 -30.76
CA LEU E 263 -28.73 -18.70 -31.18
C LEU E 263 -29.98 -18.88 -32.02
N MET E 264 -31.09 -18.24 -31.63
CA MET E 264 -32.33 -18.36 -32.38
C MET E 264 -32.34 -17.52 -33.65
N SER E 265 -31.47 -16.51 -33.73
CA SER E 265 -31.41 -15.64 -34.90
C SER E 265 -30.39 -16.11 -35.92
N ALA E 266 -29.77 -17.27 -35.72
CA ALA E 266 -28.79 -17.77 -36.67
C ALA E 266 -29.38 -18.02 -38.06
N PRO E 267 -30.56 -18.62 -38.21
CA PRO E 267 -31.10 -18.86 -39.55
C PRO E 267 -31.28 -17.60 -40.38
N ASN E 268 -31.25 -16.42 -39.76
CA ASN E 268 -31.45 -15.18 -40.52
C ASN E 268 -30.33 -14.97 -41.52
N PHE E 269 -29.08 -14.89 -41.05
CA PHE E 269 -27.94 -14.66 -41.92
C PHE E 269 -26.86 -15.72 -41.68
N VAL E 270 -26.78 -16.24 -40.47
CA VAL E 270 -25.79 -17.26 -40.14
C VAL E 270 -26.19 -18.60 -40.77
N LEU A 7 12.12 -25.44 -39.84
CA LEU A 7 12.73 -24.91 -38.63
C LEU A 7 12.14 -23.55 -38.27
N TYR A 8 12.13 -22.64 -39.23
CA TYR A 8 11.58 -21.30 -39.00
C TYR A 8 10.10 -21.36 -38.65
N TYR A 9 9.38 -22.35 -39.18
CA TYR A 9 7.96 -22.50 -38.90
C TYR A 9 7.71 -23.37 -37.67
N GLY A 10 8.35 -24.53 -37.61
CA GLY A 10 8.16 -25.42 -36.47
C GLY A 10 8.57 -24.77 -35.16
N LEU A 11 9.73 -24.12 -35.15
CA LEU A 11 10.18 -23.45 -33.93
C LEU A 11 9.28 -22.28 -33.57
N ASN A 12 8.88 -21.49 -34.56
CA ASN A 12 8.00 -20.35 -34.30
C ASN A 12 6.65 -20.80 -33.76
N LEU A 13 6.20 -22.00 -34.14
CA LEU A 13 4.93 -22.52 -33.64
C LEU A 13 5.06 -23.25 -32.32
N LEU A 14 6.24 -23.79 -32.01
CA LEU A 14 6.43 -24.55 -30.77
C LEU A 14 6.84 -23.67 -29.60
N ILE A 15 7.72 -22.68 -29.83
CA ILE A 15 8.21 -21.85 -28.71
C ILE A 15 7.06 -21.17 -27.99
N PRO A 16 6.08 -20.56 -28.67
CA PRO A 16 5.01 -19.88 -27.92
C PRO A 16 4.23 -20.82 -27.01
N CYS A 17 3.95 -22.04 -27.46
CA CYS A 17 3.19 -22.97 -26.63
C CYS A 17 3.92 -23.30 -25.34
N VAL A 18 5.20 -23.70 -25.45
CA VAL A 18 5.98 -24.03 -24.27
C VAL A 18 6.17 -22.81 -23.39
N LEU A 19 6.31 -21.63 -23.99
CA LEU A 19 6.47 -20.40 -23.20
C LEU A 19 5.21 -20.13 -22.39
N ILE A 20 4.03 -20.25 -23.01
CA ILE A 20 2.79 -20.03 -22.29
C ILE A 20 2.61 -21.09 -21.20
N SER A 21 3.00 -22.34 -21.49
CA SER A 21 2.89 -23.39 -20.49
C SER A 21 3.77 -23.08 -19.28
N ALA A 22 5.01 -22.66 -19.53
CA ALA A 22 5.91 -22.32 -18.43
C ALA A 22 5.39 -21.11 -17.64
N LEU A 23 4.83 -20.12 -18.35
CA LEU A 23 4.28 -18.97 -17.66
C LEU A 23 3.11 -19.36 -16.77
N ALA A 24 2.22 -20.23 -17.27
CA ALA A 24 1.10 -20.69 -16.46
C ALA A 24 1.58 -21.50 -15.26
N LEU A 25 2.58 -22.37 -15.47
CA LEU A 25 3.13 -23.13 -14.35
C LEU A 25 3.72 -22.22 -13.28
N LEU A 26 4.43 -21.17 -13.71
CA LEU A 26 5.02 -20.24 -12.75
C LEU A 26 3.93 -19.44 -12.03
N VAL A 27 2.88 -19.04 -12.74
CA VAL A 27 1.78 -18.33 -12.09
C VAL A 27 1.11 -19.21 -11.06
N PHE A 28 0.95 -20.50 -11.37
CA PHE A 28 0.36 -21.43 -10.40
C PHE A 28 1.30 -21.69 -9.24
N LEU A 29 2.62 -21.60 -9.47
CA LEU A 29 3.59 -21.85 -8.41
C LEU A 29 3.72 -20.68 -7.46
N LEU A 30 3.48 -19.46 -7.94
CA LEU A 30 3.63 -18.28 -7.11
C LEU A 30 2.56 -18.28 -6.01
N PRO A 31 2.82 -17.55 -4.91
CA PRO A 31 1.81 -17.50 -3.84
C PRO A 31 0.55 -16.74 -4.26
N ALA A 32 -0.42 -16.65 -3.35
CA ALA A 32 -1.67 -15.93 -3.63
C ALA A 32 -1.43 -14.43 -3.44
N ASP A 33 -0.70 -13.85 -4.40
CA ASP A 33 -0.37 -12.44 -4.40
C ASP A 33 -1.24 -11.75 -5.45
N SER A 34 -2.20 -10.95 -4.98
CA SER A 34 -3.13 -10.28 -5.89
C SER A 34 -2.38 -9.32 -6.82
N GLY A 35 -1.62 -8.39 -6.23
CA GLY A 35 -0.93 -7.40 -7.04
C GLY A 35 0.01 -7.99 -8.06
N GLU A 36 0.57 -9.17 -7.78
CA GLU A 36 1.54 -9.80 -8.67
C GLU A 36 0.90 -10.89 -9.54
N LYS A 37 0.30 -11.89 -8.91
CA LYS A 37 -0.25 -13.02 -9.66
C LYS A 37 -1.19 -12.54 -10.77
N ILE A 38 -2.15 -11.68 -10.41
CA ILE A 38 -3.07 -11.15 -11.41
C ILE A 38 -2.29 -10.56 -12.59
N SER A 39 -1.32 -9.71 -12.28
CA SER A 39 -0.55 -9.04 -13.35
C SER A 39 -0.02 -10.04 -14.36
N LEU A 40 0.31 -11.26 -13.91
CA LEU A 40 0.71 -12.32 -14.82
C LEU A 40 -0.49 -13.11 -15.32
N GLY A 41 -1.40 -13.48 -14.42
CA GLY A 41 -2.53 -14.31 -14.80
C GLY A 41 -3.32 -13.75 -15.97
N ILE A 42 -3.30 -12.43 -16.15
CA ILE A 42 -3.99 -11.82 -17.26
C ILE A 42 -3.14 -11.87 -18.52
N THR A 43 -1.86 -11.54 -18.41
CA THR A 43 -1.01 -11.47 -19.58
C THR A 43 -0.98 -12.79 -20.32
N VAL A 44 -0.81 -13.90 -19.60
CA VAL A 44 -0.75 -15.22 -20.22
C VAL A 44 -1.91 -15.43 -21.18
N LEU A 45 -3.04 -14.76 -20.93
CA LEU A 45 -4.17 -14.81 -21.84
C LEU A 45 -4.08 -13.71 -22.89
N LEU A 46 -3.88 -12.47 -22.46
CA LEU A 46 -3.87 -11.34 -23.39
C LEU A 46 -2.84 -11.55 -24.49
N SER A 47 -1.62 -11.92 -24.12
CA SER A 47 -0.58 -12.16 -25.11
C SER A 47 -1.05 -13.16 -26.18
N LEU A 48 -1.78 -14.19 -25.75
CA LEU A 48 -2.24 -15.20 -26.69
C LEU A 48 -3.03 -14.57 -27.83
N THR A 49 -3.83 -13.55 -27.52
CA THR A 49 -4.61 -12.87 -28.56
C THR A 49 -3.69 -12.39 -29.68
N VAL A 50 -2.57 -11.77 -29.31
CA VAL A 50 -1.62 -11.31 -30.32
C VAL A 50 -1.19 -12.47 -31.20
N PHE A 51 -0.91 -13.63 -30.58
CA PHE A 51 -0.51 -14.80 -31.36
C PHE A 51 -1.57 -15.15 -32.40
N MET A 52 -2.85 -14.99 -32.05
CA MET A 52 -3.92 -15.29 -33.01
C MET A 52 -3.77 -14.44 -34.26
N LEU A 53 -3.35 -13.18 -34.10
CA LEU A 53 -3.15 -12.31 -35.26
C LEU A 53 -2.20 -12.95 -36.26
N LEU A 54 -1.21 -13.70 -35.79
CA LEU A 54 -0.31 -14.40 -36.69
C LEU A 54 -0.93 -15.68 -37.21
N VAL A 55 -1.72 -16.38 -36.38
CA VAL A 55 -2.33 -17.63 -36.79
C VAL A 55 -3.15 -17.43 -38.06
N ALA A 56 -4.09 -16.48 -38.03
CA ALA A 56 -4.92 -16.21 -39.20
C ALA A 56 -4.08 -15.88 -40.42
N GLU A 57 -2.84 -15.43 -40.24
CA GLU A 57 -1.98 -15.15 -41.38
C GLU A 57 -1.35 -16.41 -41.94
N ILE A 58 -0.98 -17.35 -41.07
CA ILE A 58 -0.34 -18.58 -41.52
C ILE A 58 -1.35 -19.70 -41.74
N MET A 59 -2.47 -19.68 -41.00
CA MET A 59 -3.51 -20.70 -41.11
C MET A 59 -4.85 -20.01 -41.35
N PRO A 60 -5.13 -19.65 -42.60
CA PRO A 60 -6.42 -18.98 -42.90
C PRO A 60 -7.58 -19.94 -42.68
N SER A 61 -8.49 -19.55 -41.79
CA SER A 61 -9.64 -20.40 -41.45
C SER A 61 -10.63 -20.52 -42.61
N THR A 62 -10.53 -19.67 -43.62
CA THR A 62 -11.47 -19.74 -44.74
C THR A 62 -11.32 -21.03 -45.54
N SER A 63 -10.11 -21.60 -45.57
CA SER A 63 -9.87 -22.82 -46.33
C SER A 63 -9.22 -23.89 -45.45
N ASP A 64 -8.39 -23.47 -44.50
CA ASP A 64 -7.68 -24.39 -43.62
C ASP A 64 -8.67 -24.94 -42.58
N SER A 65 -9.44 -25.93 -43.00
CA SER A 65 -10.43 -26.58 -42.15
C SER A 65 -9.83 -27.88 -41.63
N SER A 66 -9.07 -27.79 -40.55
CA SER A 66 -8.43 -28.95 -39.93
C SER A 66 -8.93 -29.09 -38.49
N PRO A 67 -9.61 -30.18 -38.14
CA PRO A 67 -10.12 -30.29 -36.76
C PRO A 67 -9.03 -30.48 -35.73
N SER A 68 -7.87 -31.02 -36.11
CA SER A 68 -6.81 -31.25 -35.14
C SER A 68 -6.30 -29.93 -34.57
N ILE A 69 -5.91 -29.00 -35.44
CA ILE A 69 -5.42 -27.71 -34.97
C ILE A 69 -6.52 -26.94 -34.26
N ALA A 70 -7.77 -27.11 -34.71
CA ALA A 70 -8.89 -26.46 -34.03
C ALA A 70 -9.00 -26.93 -32.59
N GLN A 71 -8.95 -28.24 -32.38
CA GLN A 71 -9.03 -28.79 -31.02
C GLN A 71 -7.82 -28.37 -30.20
N TYR A 72 -6.63 -28.33 -30.82
CA TYR A 72 -5.44 -27.91 -30.09
C TYR A 72 -5.57 -26.46 -29.62
N PHE A 73 -6.04 -25.58 -30.50
CA PHE A 73 -6.20 -24.18 -30.13
C PHE A 73 -7.29 -24.02 -29.08
N ALA A 74 -8.37 -24.80 -29.19
CA ALA A 74 -9.41 -24.74 -28.17
C ALA A 74 -8.88 -25.17 -26.81
N SER A 75 -8.08 -26.24 -26.79
CA SER A 75 -7.50 -26.70 -25.53
C SER A 75 -6.54 -25.67 -24.96
N THR A 76 -5.74 -25.03 -25.82
CA THR A 76 -4.83 -23.99 -25.35
C THR A 76 -5.59 -22.81 -24.76
N MET A 77 -6.68 -22.40 -25.43
CA MET A 77 -7.49 -21.30 -24.92
C MET A 77 -8.11 -21.67 -23.57
N ILE A 78 -8.63 -22.89 -23.46
CA ILE A 78 -9.22 -23.33 -22.18
C ILE A 78 -8.16 -23.34 -21.10
N ILE A 79 -6.94 -23.77 -21.43
CA ILE A 79 -5.87 -23.85 -20.43
C ILE A 79 -5.50 -22.45 -19.95
N VAL A 80 -5.35 -21.51 -20.88
CA VAL A 80 -4.96 -20.15 -20.49
C VAL A 80 -6.08 -19.47 -19.72
N GLY A 81 -7.34 -19.80 -20.04
CA GLY A 81 -8.45 -19.25 -19.28
C GLY A 81 -8.56 -19.84 -17.89
N LEU A 82 -8.21 -21.12 -17.74
CA LEU A 82 -8.21 -21.75 -16.43
C LEU A 82 -7.28 -21.04 -15.45
N SER A 83 -6.20 -20.43 -15.97
CA SER A 83 -5.31 -19.66 -15.11
C SER A 83 -6.07 -18.55 -14.41
N VAL A 84 -6.73 -17.69 -15.19
CA VAL A 84 -7.49 -16.59 -14.61
C VAL A 84 -8.64 -17.12 -13.75
N VAL A 85 -9.27 -18.21 -14.19
CA VAL A 85 -10.37 -18.78 -13.41
C VAL A 85 -9.90 -19.16 -12.02
N VAL A 86 -8.79 -19.90 -11.93
CA VAL A 86 -8.26 -20.33 -10.63
C VAL A 86 -7.78 -19.12 -9.84
N THR A 87 -7.17 -18.13 -10.51
CA THR A 87 -6.72 -16.94 -9.82
C THR A 87 -7.89 -16.24 -9.13
N VAL A 88 -9.00 -16.06 -9.85
CA VAL A 88 -10.16 -15.40 -9.27
C VAL A 88 -10.78 -16.26 -8.17
N ILE A 89 -10.85 -17.57 -8.38
CA ILE A 89 -11.43 -18.45 -7.37
C ILE A 89 -10.62 -18.39 -6.09
N VAL A 90 -9.30 -18.27 -6.21
CA VAL A 90 -8.44 -18.21 -5.03
C VAL A 90 -8.53 -16.84 -4.36
N LEU A 91 -8.57 -15.77 -5.16
CA LEU A 91 -8.69 -14.44 -4.58
C LEU A 91 -10.02 -14.26 -3.88
N GLN A 92 -11.07 -14.97 -4.33
CA GLN A 92 -12.35 -14.91 -3.65
C GLN A 92 -12.26 -15.43 -2.23
N TYR A 93 -11.37 -16.40 -1.98
CA TYR A 93 -11.19 -16.96 -0.65
C TYR A 93 -10.39 -16.04 0.28
N HIS A 94 -9.74 -15.02 -0.26
CA HIS A 94 -9.00 -14.08 0.59
C HIS A 94 -9.92 -13.06 1.23
N HIS A 95 -10.73 -12.38 0.42
CA HIS A 95 -11.69 -11.39 0.92
C HIS A 95 -13.02 -12.10 1.13
N HIS A 96 -13.16 -12.73 2.29
CA HIS A 96 -14.37 -13.49 2.62
C HIS A 96 -15.54 -12.52 2.75
N ASP A 97 -16.42 -12.53 1.77
CA ASP A 97 -17.60 -11.67 1.80
C ASP A 97 -18.52 -12.11 2.94
N PRO A 98 -18.83 -11.25 3.91
CA PRO A 98 -19.74 -11.67 4.99
C PRO A 98 -21.07 -12.19 4.49
N ASP A 99 -21.56 -11.70 3.35
CA ASP A 99 -22.83 -12.16 2.81
C ASP A 99 -22.71 -13.50 2.09
N GLY A 100 -21.51 -13.96 1.79
CA GLY A 100 -21.32 -15.24 1.11
C GLY A 100 -20.01 -15.87 1.51
N GLY A 101 -19.29 -16.41 0.54
CA GLY A 101 -18.02 -17.04 0.79
C GLY A 101 -18.16 -18.44 1.35
N LYS A 102 -17.09 -19.22 1.19
CA LYS A 102 -17.07 -20.59 1.69
C LYS A 102 -16.89 -20.60 3.19
N MET A 103 -17.64 -21.47 3.87
CA MET A 103 -17.59 -21.60 5.31
C MET A 103 -16.16 -21.91 5.75
N PRO A 104 -15.47 -20.97 6.41
CA PRO A 104 -14.08 -21.26 6.85
C PRO A 104 -13.99 -22.38 7.87
N LYS A 105 -15.08 -22.70 8.57
CA LYS A 105 -15.03 -23.74 9.59
C LYS A 105 -14.66 -25.09 8.98
N TRP A 106 -15.33 -25.48 7.90
CA TRP A 106 -15.08 -26.77 7.29
C TRP A 106 -13.68 -26.83 6.68
N THR A 107 -13.21 -25.72 6.11
CA THR A 107 -11.91 -25.69 5.45
C THR A 107 -10.75 -25.57 6.43
N ARG A 108 -11.01 -25.13 7.66
CA ARG A 108 -9.92 -24.97 8.63
C ARG A 108 -9.30 -26.31 8.99
N VAL A 109 -10.13 -27.33 9.20
CA VAL A 109 -9.60 -28.65 9.54
C VAL A 109 -8.78 -29.21 8.39
N ILE A 110 -9.27 -29.05 7.16
CA ILE A 110 -8.52 -29.54 6.00
C ILE A 110 -7.19 -28.82 5.87
N LEU A 111 -7.19 -27.50 6.07
CA LEU A 111 -5.95 -26.73 5.99
C LEU A 111 -4.97 -27.18 7.07
N LEU A 112 -5.44 -27.38 8.29
CA LEU A 112 -4.57 -27.81 9.37
C LEU A 112 -4.00 -29.20 9.11
N ASN A 113 -4.80 -30.08 8.51
CA ASN A 113 -4.34 -31.43 8.23
C ASN A 113 -3.35 -31.45 7.07
N TRP A 114 -3.53 -30.59 6.08
CA TRP A 114 -2.67 -30.59 4.90
C TRP A 114 -1.41 -29.78 5.09
N CYS A 115 -1.40 -28.81 6.01
CA CYS A 115 -0.19 -28.03 6.25
C CYS A 115 0.96 -28.92 6.70
N ALA A 116 0.72 -29.79 7.67
CA ALA A 116 1.75 -30.70 8.13
C ALA A 116 2.18 -31.66 7.03
N TRP A 117 1.20 -32.18 6.27
CA TRP A 117 1.53 -33.09 5.18
C TRP A 117 2.45 -32.43 4.16
N PHE A 118 2.20 -31.16 3.85
CA PHE A 118 3.06 -30.45 2.90
C PHE A 118 4.43 -30.16 3.52
N LEU A 119 4.46 -29.79 4.81
CA LEU A 119 5.71 -29.50 5.48
C LEU A 119 6.43 -30.79 5.87
N ARG A 120 5.79 -31.60 6.70
CA ARG A 120 6.34 -32.87 7.17
C ARG A 120 5.51 -33.99 6.55
N MET A 121 6.04 -34.61 5.49
CA MET A 121 5.33 -35.67 4.80
C MET A 121 4.94 -36.78 5.77
N LYS A 122 3.63 -37.04 5.88
CA LYS A 122 3.12 -38.07 6.79
C LYS A 122 3.07 -39.43 6.10
N ARG A 123 4.26 -39.90 5.74
CA ARG A 123 4.42 -41.18 5.07
C ARG A 123 5.30 -42.11 5.91
N PRO A 124 5.28 -43.41 5.65
CA PRO A 124 6.11 -44.31 6.46
C PRO A 124 7.59 -43.97 6.43
N GLY A 125 8.10 -43.55 5.26
CA GLY A 125 9.52 -43.24 5.17
C GLY A 125 9.98 -42.21 6.17
N GLU A 126 9.10 -41.27 6.54
CA GLU A 126 9.43 -40.24 7.51
C GLU A 126 8.84 -40.51 8.88
N ASP A 127 7.85 -41.40 8.98
CA ASP A 127 7.24 -41.71 10.28
C ASP A 127 8.05 -42.75 11.03
N LYS A 128 8.64 -43.72 10.31
CA LYS A 128 9.41 -44.78 10.94
C LYS A 128 10.86 -44.38 11.19
N VAL A 129 11.42 -43.51 10.35
CA VAL A 129 12.82 -43.08 10.52
C VAL A 129 12.78 -41.86 11.43
N ARG A 130 12.77 -42.13 12.72
CA ARG A 130 12.75 -41.09 13.74
C ARG A 130 12.87 -41.76 15.12
N PRO A 131 13.22 -40.99 16.14
CA PRO A 131 13.30 -41.57 17.50
C PRO A 131 11.96 -42.15 17.92
N ALA A 132 11.97 -43.43 18.26
CA ALA A 132 10.75 -44.13 18.67
C ALA A 132 11.12 -45.21 19.68
N CYS A 133 10.25 -45.40 20.67
CA CYS A 133 10.45 -46.41 21.70
C CYS A 133 9.11 -47.02 22.06
N GLN A 134 9.17 -48.08 22.87
CA GLN A 134 7.97 -48.80 23.28
C GLN A 134 7.38 -48.28 24.60
N HIS A 135 8.03 -47.32 25.24
CA HIS A 135 7.55 -46.79 26.51
C HIS A 135 6.60 -45.62 26.23
N LYS A 136 6.28 -44.86 27.28
CA LYS A 136 5.27 -43.80 27.18
C LYS A 136 5.56 -42.81 26.06
N GLN A 137 6.80 -42.77 25.56
CA GLN A 137 7.13 -41.83 24.48
C GLN A 137 6.22 -42.04 23.26
N ARG A 138 5.74 -43.27 23.06
CA ARG A 138 4.87 -43.61 21.95
C ARG A 138 3.53 -44.12 22.45
N ARG A 139 2.97 -43.46 23.45
CA ARG A 139 1.68 -43.82 24.03
C ARG A 139 0.80 -42.59 24.09
N CYS A 140 -0.44 -42.78 24.54
CA CYS A 140 -1.41 -41.71 24.65
C CYS A 140 -2.23 -41.90 25.92
N SER A 141 -2.96 -40.85 26.30
CA SER A 141 -3.79 -40.87 27.49
C SER A 141 -4.99 -39.97 27.26
N LEU A 142 -5.80 -39.80 28.30
CA LEU A 142 -6.99 -38.96 28.20
C LEU A 142 -6.62 -37.51 27.96
N ALA A 143 -5.49 -37.06 28.51
CA ALA A 143 -5.09 -35.66 28.32
C ALA A 143 -4.69 -35.37 26.88
N SER A 144 -4.13 -36.37 26.19
CA SER A 144 -3.71 -36.17 24.80
C SER A 144 -4.86 -36.26 23.81
N VAL A 145 -5.97 -36.89 24.20
CA VAL A 145 -7.14 -37.03 23.33
C VAL A 145 -8.10 -35.91 23.68
N GLU A 146 -8.21 -34.92 22.78
CA GLU A 146 -9.09 -33.77 22.97
C GLU A 146 -10.43 -33.95 22.26
N MET A 147 -10.82 -35.20 21.97
CA MET A 147 -12.10 -35.43 21.30
C MET A 147 -13.26 -34.94 22.14
N SER A 148 -13.17 -35.10 23.46
CA SER A 148 -14.22 -34.66 24.38
C SER A 148 -13.90 -33.31 25.02
N ALA A 149 -13.20 -32.43 24.29
CA ALA A 149 -12.84 -31.12 24.79
C ALA A 149 -11.97 -31.22 26.04
N VAL A 150 -10.90 -32.01 25.93
CA VAL A 150 -9.96 -32.21 27.02
C VAL A 150 -8.76 -31.30 26.80
N ALA A 151 -8.17 -30.85 27.90
CA ALA A 151 -7.00 -29.98 27.86
C ALA A 151 -5.86 -30.69 27.13
N PRO A 152 -5.45 -30.21 25.95
CA PRO A 152 -4.37 -30.89 25.22
C PRO A 152 -3.04 -30.71 25.93
N PRO A 153 -2.00 -31.38 25.46
CA PRO A 153 -0.67 -31.24 26.10
C PRO A 153 -0.23 -29.80 26.08
N PRO A 154 -0.02 -29.19 27.25
CA PRO A 154 0.47 -27.79 27.28
C PRO A 154 1.78 -27.66 26.54
N ALA A 155 1.76 -26.86 25.47
CA ALA A 155 2.94 -26.64 24.64
C ALA A 155 2.87 -25.25 24.04
N SER A 156 4.04 -24.71 23.72
CA SER A 156 4.14 -23.37 23.13
C SER A 156 3.82 -23.35 21.64
N ASN A 157 3.46 -24.48 21.05
CA ASN A 157 3.14 -24.55 19.63
C ASN A 157 1.70 -24.14 19.33
N GLY A 158 0.98 -23.60 20.30
CA GLY A 158 -0.39 -23.17 20.10
C GLY A 158 -1.37 -23.86 21.03
N ASN A 159 -0.87 -24.36 22.16
CA ASN A 159 -1.70 -25.04 23.14
C ASN A 159 -1.72 -24.34 24.49
N LEU A 160 -0.56 -23.89 24.99
CA LEU A 160 -0.53 -23.20 26.28
C LEU A 160 -0.87 -21.72 26.12
N LEU A 161 -0.41 -21.09 25.04
CA LEU A 161 -0.71 -19.69 24.81
C LEU A 161 -2.21 -19.45 24.77
N TYR A 162 -2.97 -20.39 24.21
CA TYR A 162 -4.42 -20.25 24.11
C TYR A 162 -5.07 -20.45 25.48
N ILE A 163 -4.73 -21.53 26.17
CA ILE A 163 -5.27 -21.77 27.50
C ILE A 163 -4.88 -20.65 28.45
N GLY A 164 -3.89 -19.84 28.08
CA GLY A 164 -3.48 -18.71 28.88
C GLY A 164 -4.07 -17.40 28.37
N PHE A 165 -3.29 -16.70 27.53
CA PHE A 165 -3.69 -15.36 27.11
C PHE A 165 -5.09 -15.35 26.52
N ARG A 166 -5.41 -16.31 25.66
CA ARG A 166 -6.71 -16.40 25.02
C ARG A 166 -7.67 -17.33 25.78
N GLY A 167 -7.51 -17.44 27.09
CA GLY A 167 -8.38 -18.30 27.87
C GLY A 167 -9.85 -17.94 27.75
N LEU A 168 -10.15 -16.65 27.58
CA LEU A 168 -11.52 -16.18 27.46
C LEU A 168 -12.35 -16.57 28.68
N ASP A 169 -11.93 -16.05 29.84
CA ASP A 169 -12.59 -16.31 31.12
C ASP A 169 -12.48 -17.78 31.52
N GLY A 170 -11.39 -18.43 31.11
CA GLY A 170 -11.18 -19.83 31.44
C GLY A 170 -10.48 -20.01 32.78
N VAL A 171 -9.63 -21.03 32.88
CA VAL A 171 -8.91 -21.27 34.13
C VAL A 171 -7.82 -20.23 34.34
N HIS A 172 -7.29 -19.66 33.26
CA HIS A 172 -6.23 -18.66 33.39
C HIS A 172 -6.75 -17.38 34.06
N CYS A 173 -8.04 -17.09 33.93
CA CYS A 173 -8.60 -15.88 34.53
C CYS A 173 -8.99 -16.08 35.98
N VAL A 174 -9.10 -17.32 36.45
CA VAL A 174 -9.45 -17.59 37.84
C VAL A 174 -8.56 -18.72 38.35
N PRO A 175 -7.25 -18.53 38.44
CA PRO A 175 -6.34 -19.60 38.92
C PRO A 175 -6.38 -19.73 40.44
N THR A 176 -7.51 -20.26 40.94
CA THR A 176 -7.72 -20.45 42.38
C THR A 176 -8.35 -21.82 42.60
N PRO A 177 -7.58 -22.89 42.47
CA PRO A 177 -8.12 -24.23 42.70
C PRO A 177 -8.63 -24.39 44.12
N ASP A 178 -9.35 -25.49 44.35
CA ASP A 178 -9.91 -25.80 45.66
C ASP A 178 -8.81 -26.39 46.55
N SER A 179 -7.87 -25.53 46.90
CA SER A 179 -6.74 -25.91 47.74
C SER A 179 -6.63 -25.00 48.96
N GLY A 180 -6.96 -23.73 48.79
CA GLY A 180 -6.88 -22.78 49.87
C GLY A 180 -5.49 -22.26 50.15
N VAL A 181 -4.64 -22.16 49.12
CA VAL A 181 -3.27 -21.67 49.32
C VAL A 181 -3.29 -20.28 49.91
N VAL A 182 -4.35 -19.51 49.66
CA VAL A 182 -4.45 -18.16 50.21
C VAL A 182 -4.35 -18.16 51.73
N CYS A 183 -4.65 -19.30 52.37
CA CYS A 183 -4.54 -19.43 53.82
C CYS A 183 -3.45 -20.41 54.24
N GLY A 184 -2.70 -20.98 53.28
CA GLY A 184 -1.65 -21.92 53.61
C GLY A 184 -0.31 -21.54 53.01
N ARG A 185 -0.32 -20.67 52.01
CA ARG A 185 0.89 -20.23 51.34
C ARG A 185 1.25 -18.80 51.77
N MET A 186 2.55 -18.51 51.76
CA MET A 186 3.06 -17.21 52.13
C MET A 186 3.77 -16.48 51.01
N ALA A 187 4.37 -17.21 50.06
CA ALA A 187 5.07 -16.58 48.94
C ALA A 187 4.07 -15.85 48.05
N CYS A 188 4.11 -14.52 48.08
CA CYS A 188 3.21 -13.69 47.28
C CYS A 188 1.74 -13.99 47.61
N SER A 189 1.47 -14.35 48.86
CA SER A 189 0.11 -14.67 49.30
C SER A 189 -0.02 -14.46 50.79
N PRO A 190 -0.41 -13.26 51.23
CA PRO A 190 -0.58 -13.03 52.67
C PRO A 190 -1.56 -14.01 53.29
N THR A 191 -1.18 -14.56 54.44
CA THR A 191 -2.01 -15.54 55.14
C THR A 191 -3.14 -14.81 55.87
N HIS A 192 -4.11 -14.36 55.08
CA HIS A 192 -5.29 -13.65 55.57
C HIS A 192 -4.92 -12.60 56.60
N ASP A 193 -3.77 -11.96 56.42
CA ASP A 193 -3.30 -10.93 57.35
C ASP A 193 -4.08 -9.65 57.07
N GLU A 194 -5.12 -9.40 57.86
CA GLU A 194 -5.95 -8.22 57.69
C GLU A 194 -5.25 -6.95 58.19
N HIS A 195 -4.14 -7.07 58.90
CA HIS A 195 -3.42 -5.92 59.43
C HIS A 195 -2.27 -5.49 58.53
N LEU A 196 -2.07 -6.14 57.39
CA LEU A 196 -1.00 -5.78 56.47
C LEU A 196 -1.42 -4.53 55.70
N LEU A 197 -0.91 -3.38 56.13
CA LEU A 197 -1.22 -2.11 55.50
C LEU A 197 0.07 -1.42 55.07
N HIS A 198 -0.08 -0.47 54.14
CA HIS A 198 1.05 0.31 53.62
C HIS A 198 1.43 1.37 54.64
N GLY A 199 2.06 0.91 55.73
CA GLY A 199 2.48 1.79 56.80
C GLY A 199 1.33 2.61 57.35
N GLY A 200 0.19 1.98 57.59
CA GLY A 200 -1.00 2.65 58.09
C GLY A 200 -1.99 3.04 57.02
N GLN A 201 -1.66 2.87 55.75
CA GLN A 201 -2.55 3.21 54.65
C GLN A 201 -2.91 1.96 53.85
N PRO A 202 -4.06 1.95 53.18
CA PRO A 202 -4.46 0.77 52.42
C PRO A 202 -3.55 0.55 51.23
N PRO A 203 -3.60 -0.63 50.60
CA PRO A 203 -2.73 -0.88 49.43
C PRO A 203 -3.17 -0.11 48.19
N GLU A 204 -3.21 1.22 48.30
CA GLU A 204 -3.62 2.06 47.17
C GLU A 204 -3.12 3.47 47.43
N GLY A 205 -2.33 4.01 46.50
CA GLY A 205 -1.79 5.34 46.63
C GLY A 205 -2.65 6.40 45.97
N ASP A 206 -3.11 6.10 44.76
CA ASP A 206 -3.93 7.04 43.99
C ASP A 206 -4.87 6.28 43.07
N PRO A 207 -6.20 6.49 43.17
CA PRO A 207 -7.11 5.77 42.27
C PRO A 207 -6.83 6.01 40.79
N ASP A 208 -6.09 7.08 40.45
CA ASP A 208 -5.78 7.32 39.04
C ASP A 208 -5.02 6.15 38.43
N LEU A 209 -4.21 5.44 39.23
CA LEU A 209 -3.51 4.27 38.72
C LEU A 209 -4.48 3.18 38.32
N ALA A 210 -5.58 3.03 39.06
CA ALA A 210 -6.60 2.04 38.69
C ALA A 210 -7.20 2.35 37.33
N LYS A 211 -7.35 3.65 37.00
CA LYS A 211 -7.88 4.02 35.70
C LYS A 211 -6.84 3.86 34.60
N ILE A 212 -5.57 4.19 34.91
CA ILE A 212 -4.51 3.99 33.95
C ILE A 212 -4.35 2.51 33.61
N LEU A 213 -4.63 1.64 34.58
CA LEU A 213 -4.57 0.21 34.33
C LEU A 213 -5.57 -0.20 33.25
N GLU A 214 -6.82 0.25 33.39
CA GLU A 214 -7.82 -0.05 32.37
C GLU A 214 -7.47 0.62 31.04
N GLU A 215 -6.89 1.82 31.10
CA GLU A 215 -6.50 2.51 29.87
C GLU A 215 -5.46 1.70 29.10
N VAL A 216 -4.46 1.16 29.79
CA VAL A 216 -3.44 0.36 29.11
C VAL A 216 -4.00 -1.00 28.72
N ARG A 217 -4.94 -1.54 29.49
CA ARG A 217 -5.58 -2.79 29.11
C ARG A 217 -6.39 -2.62 27.84
N TYR A 218 -6.94 -1.44 27.61
CA TYR A 218 -7.64 -1.18 26.35
C TYR A 218 -6.69 -1.30 25.16
N ILE A 219 -5.49 -0.71 25.26
CA ILE A 219 -4.52 -0.83 24.20
C ILE A 219 -4.03 -2.27 24.05
N ALA A 220 -3.92 -2.98 25.18
CA ALA A 220 -3.54 -4.38 25.10
C ALA A 220 -4.58 -5.21 24.36
N ASN A 221 -5.86 -4.96 24.62
CA ASN A 221 -6.92 -5.66 23.91
C ASN A 221 -6.94 -5.28 22.44
N ARG A 222 -6.66 -4.01 22.13
CA ARG A 222 -6.58 -3.60 20.73
C ARG A 222 -5.45 -4.33 20.01
N PHE A 223 -4.29 -4.45 20.66
CA PHE A 223 -3.18 -5.19 20.07
C PHE A 223 -3.52 -6.67 19.91
N ARG A 224 -4.25 -7.22 20.88
CA ARG A 224 -4.67 -8.62 20.77
C ARG A 224 -5.61 -8.80 19.58
N CYS A 225 -6.55 -7.88 19.39
CA CYS A 225 -7.45 -7.96 18.24
C CYS A 225 -6.69 -7.81 16.93
N GLN A 226 -5.70 -6.92 16.90
CA GLN A 226 -4.88 -6.78 15.70
C GLN A 226 -4.12 -8.06 15.40
N ASP A 227 -3.57 -8.70 16.43
CA ASP A 227 -2.86 -9.95 16.24
C ASP A 227 -3.80 -11.05 15.75
N GLU A 228 -5.03 -11.08 16.28
CA GLU A 228 -6.01 -12.06 15.83
C GLU A 228 -6.36 -11.83 14.36
N SER A 229 -6.54 -10.57 13.96
CA SER A 229 -6.82 -10.28 12.56
C SER A 229 -5.65 -10.69 11.66
N GLU A 230 -4.43 -10.43 12.12
CA GLU A 230 -3.25 -10.84 11.35
C GLU A 230 -3.18 -12.35 11.22
N ALA A 231 -3.51 -13.08 12.29
CA ALA A 231 -3.51 -14.53 12.23
C ALA A 231 -4.58 -15.04 11.28
N VAL A 232 -5.76 -14.42 11.28
CA VAL A 232 -6.82 -14.80 10.36
C VAL A 232 -6.37 -14.56 8.92
N CYS A 233 -5.71 -13.42 8.67
CA CYS A 233 -5.22 -13.14 7.34
C CYS A 233 -4.16 -14.15 6.91
N SER A 234 -3.28 -14.54 7.83
CA SER A 234 -2.27 -15.54 7.51
C SER A 234 -2.91 -16.89 7.21
N GLU A 235 -3.96 -17.25 7.96
CA GLU A 235 -4.66 -18.50 7.71
C GLU A 235 -5.34 -18.48 6.34
N TRP A 236 -5.93 -17.34 5.98
CA TRP A 236 -6.54 -17.21 4.65
C TRP A 236 -5.48 -17.33 3.57
N LYS A 237 -4.32 -16.71 3.78
CA LYS A 237 -3.24 -16.80 2.79
C LYS A 237 -2.75 -18.24 2.65
N PHE A 238 -2.67 -18.97 3.76
CA PHE A 238 -2.25 -20.37 3.70
C PHE A 238 -3.29 -21.21 2.98
N ALA A 239 -4.59 -20.95 3.23
CA ALA A 239 -5.64 -21.67 2.52
C ALA A 239 -5.58 -21.38 1.02
N ALA A 240 -5.24 -20.14 0.65
CA ALA A 240 -5.12 -19.80 -0.76
C ALA A 240 -3.91 -20.50 -1.39
N CYS A 241 -2.77 -20.51 -0.68
CA CYS A 241 -1.59 -21.19 -1.20
C CYS A 241 -1.82 -22.69 -1.33
N VAL A 242 -2.65 -23.27 -0.46
CA VAL A 242 -2.97 -24.68 -0.57
C VAL A 242 -3.66 -24.97 -1.89
N VAL A 243 -4.68 -24.17 -2.22
CA VAL A 243 -5.39 -24.34 -3.48
C VAL A 243 -4.45 -24.07 -4.66
N ASP A 244 -3.56 -23.09 -4.52
CA ASP A 244 -2.60 -22.80 -5.57
C ASP A 244 -1.72 -24.02 -5.85
N ARG A 245 -1.20 -24.64 -4.79
CA ARG A 245 -0.35 -25.81 -4.95
C ARG A 245 -1.14 -26.99 -5.52
N LEU A 246 -2.39 -27.16 -5.06
CA LEU A 246 -3.22 -28.23 -5.60
C LEU A 246 -3.43 -28.05 -7.10
N CYS A 247 -3.72 -26.82 -7.54
CA CYS A 247 -3.90 -26.58 -8.97
C CYS A 247 -2.60 -26.77 -9.74
N LEU A 248 -1.48 -26.34 -9.17
CA LEU A 248 -0.19 -26.53 -9.83
C LEU A 248 0.11 -28.02 -10.01
N MET A 249 -0.25 -28.84 -9.03
CA MET A 249 0.00 -30.27 -9.11
C MET A 249 -0.99 -30.97 -10.02
N ALA A 250 -2.21 -30.45 -10.13
CA ALA A 250 -3.23 -31.08 -10.97
C ALA A 250 -3.01 -30.76 -12.45
N PHE A 251 -2.93 -29.46 -12.78
CA PHE A 251 -2.79 -29.06 -14.18
C PHE A 251 -1.48 -29.53 -14.79
N SER A 252 -0.49 -29.90 -13.97
CA SER A 252 0.79 -30.35 -14.50
C SER A 252 0.63 -31.62 -15.34
N VAL A 253 -0.09 -32.60 -14.79
CA VAL A 253 -0.29 -33.86 -15.52
C VAL A 253 -1.10 -33.61 -16.78
N PHE A 254 -2.11 -32.73 -16.71
CA PHE A 254 -2.91 -32.42 -17.88
C PHE A 254 -2.06 -31.78 -18.98
N THR A 255 -1.20 -30.83 -18.61
CA THR A 255 -0.33 -30.20 -19.59
C THR A 255 0.66 -31.19 -20.18
N ILE A 256 1.20 -32.10 -19.34
CA ILE A 256 2.12 -33.10 -19.84
C ILE A 256 1.42 -34.01 -20.84
N ILE A 257 0.19 -34.43 -20.53
CA ILE A 257 -0.55 -35.30 -21.44
C ILE A 257 -0.85 -34.57 -22.74
N CYS A 258 -1.22 -33.29 -22.65
CA CYS A 258 -1.50 -32.52 -23.86
C CYS A 258 -0.27 -32.38 -24.73
N THR A 259 0.89 -32.12 -24.11
CA THR A 259 2.13 -32.02 -24.87
C THR A 259 2.48 -33.35 -25.52
N ILE A 260 2.32 -34.45 -24.79
CA ILE A 260 2.62 -35.77 -25.34
C ILE A 260 1.71 -36.06 -26.53
N GLY A 261 0.42 -35.71 -26.41
CA GLY A 261 -0.50 -35.94 -27.52
C GLY A 261 -0.18 -35.08 -28.72
N ILE A 262 0.18 -33.82 -28.50
CA ILE A 262 0.54 -32.94 -29.61
C ILE A 262 1.81 -33.43 -30.28
N LEU A 263 2.75 -33.99 -29.52
CA LEU A 263 3.98 -34.50 -30.11
C LEU A 263 3.72 -35.79 -30.89
N MET A 264 2.84 -36.66 -30.37
CA MET A 264 2.55 -37.91 -31.07
C MET A 264 1.73 -37.66 -32.33
N SER A 265 0.90 -36.62 -32.34
CA SER A 265 0.07 -36.31 -33.50
C SER A 265 0.71 -35.27 -34.40
N ALA A 266 1.99 -34.95 -34.20
CA ALA A 266 2.68 -33.97 -35.02
C ALA A 266 2.84 -34.48 -36.45
N PRO A 267 3.22 -35.75 -36.66
CA PRO A 267 3.37 -36.23 -38.05
C PRO A 267 2.10 -36.11 -38.87
N ASN A 268 0.93 -36.15 -38.22
CA ASN A 268 -0.33 -36.05 -38.96
C ASN A 268 -0.48 -34.69 -39.60
N PHE A 269 -0.13 -33.62 -38.88
CA PHE A 269 -0.22 -32.26 -39.38
C PHE A 269 1.14 -31.67 -39.74
N VAL A 270 2.09 -31.71 -38.82
CA VAL A 270 3.42 -31.16 -39.06
C VAL A 270 4.24 -32.16 -39.87
N LEU B 7 19.44 0.82 -44.82
CA LEU B 7 19.39 1.66 -43.63
C LEU B 7 18.00 1.57 -42.98
N TYR B 8 16.96 1.83 -43.77
CA TYR B 8 15.60 1.78 -43.25
C TYR B 8 15.25 0.39 -42.74
N TYR B 9 15.83 -0.66 -43.34
CA TYR B 9 15.57 -2.03 -42.92
C TYR B 9 16.53 -2.48 -41.83
N GLY B 10 17.83 -2.27 -42.05
CA GLY B 10 18.81 -2.68 -41.06
C GLY B 10 18.60 -2.00 -39.71
N LEU B 11 18.37 -0.69 -39.73
CA LEU B 11 18.14 0.04 -38.48
C LEU B 11 16.84 -0.40 -37.83
N ASN B 12 15.77 -0.57 -38.63
CA ASN B 12 14.50 -1.00 -38.06
C ASN B 12 14.59 -2.39 -37.46
N LEU B 13 15.49 -3.23 -37.96
CA LEU B 13 15.67 -4.57 -37.42
C LEU B 13 16.64 -4.61 -36.25
N LEU B 14 17.58 -3.66 -36.18
CA LEU B 14 18.58 -3.67 -35.12
C LEU B 14 18.13 -2.91 -33.88
N ILE B 15 17.44 -1.78 -34.04
CA ILE B 15 17.05 -0.98 -32.88
C ILE B 15 16.18 -1.78 -31.92
N PRO B 16 15.18 -2.56 -32.36
CA PRO B 16 14.36 -3.30 -31.39
C PRO B 16 15.16 -4.28 -30.56
N CYS B 17 16.12 -4.98 -31.17
CA CYS B 17 16.91 -5.97 -30.43
C CYS B 17 17.71 -5.30 -29.33
N VAL B 18 18.46 -4.24 -29.65
CA VAL B 18 19.25 -3.55 -28.64
C VAL B 18 18.36 -2.91 -27.60
N LEU B 19 17.19 -2.42 -28.00
CA LEU B 19 16.27 -1.82 -27.04
C LEU B 19 15.77 -2.85 -26.04
N ILE B 20 15.39 -4.03 -26.53
CA ILE B 20 14.93 -5.10 -25.64
C ILE B 20 16.07 -5.56 -24.74
N SER B 21 17.29 -5.63 -25.28
CA SER B 21 18.43 -6.03 -24.46
C SER B 21 18.68 -5.03 -23.34
N ALA B 22 18.63 -3.74 -23.65
CA ALA B 22 18.82 -2.71 -22.63
C ALA B 22 17.70 -2.76 -21.59
N LEU B 23 16.47 -2.98 -22.04
CA LEU B 23 15.35 -3.07 -21.11
C LEU B 23 15.53 -4.25 -20.17
N ALA B 24 15.94 -5.40 -20.69
CA ALA B 24 16.16 -6.57 -19.84
C ALA B 24 17.30 -6.33 -18.86
N LEU B 25 18.38 -5.69 -19.33
CA LEU B 25 19.49 -5.38 -18.44
C LEU B 25 19.06 -4.45 -17.32
N LEU B 26 18.24 -3.44 -17.65
CA LEU B 26 17.77 -2.51 -16.63
C LEU B 26 16.83 -3.22 -15.65
N VAL B 27 15.98 -4.11 -16.15
CA VAL B 27 15.07 -4.84 -15.26
C VAL B 27 15.87 -5.72 -14.31
N PHE B 28 16.92 -6.37 -14.82
CA PHE B 28 17.75 -7.21 -13.95
C PHE B 28 18.57 -6.38 -12.98
N LEU B 29 18.92 -5.15 -13.35
CA LEU B 29 19.70 -4.29 -12.48
C LEU B 29 18.88 -3.72 -11.34
N LEU B 30 17.57 -3.58 -11.53
CA LEU B 30 16.72 -2.99 -10.50
C LEU B 30 16.60 -3.94 -9.31
N PRO B 31 16.22 -3.41 -8.14
CA PRO B 31 16.06 -4.30 -6.97
C PRO B 31 14.89 -5.25 -7.12
N ALA B 32 14.66 -6.09 -6.11
CA ALA B 32 13.55 -7.05 -6.13
C ALA B 32 12.27 -6.34 -5.69
N ASP B 33 11.77 -5.50 -6.60
CA ASP B 33 10.54 -4.74 -6.38
C ASP B 33 9.43 -5.38 -7.19
N SER B 34 8.47 -5.99 -6.50
CA SER B 34 7.37 -6.68 -7.18
C SER B 34 6.54 -5.70 -7.98
N GLY B 35 6.04 -4.64 -7.33
CA GLY B 35 5.17 -3.70 -8.00
C GLY B 35 5.81 -3.06 -9.22
N GLU B 36 7.14 -2.94 -9.22
CA GLU B 36 7.86 -2.29 -10.31
C GLU B 36 8.46 -3.30 -11.28
N LYS B 37 9.33 -4.18 -10.79
CA LYS B 37 10.02 -5.12 -11.67
C LYS B 37 9.05 -5.87 -12.56
N ILE B 38 8.02 -6.46 -11.95
CA ILE B 38 7.01 -7.20 -12.74
C ILE B 38 6.49 -6.31 -13.85
N SER B 39 6.07 -5.08 -13.51
CA SER B 39 5.49 -4.19 -14.51
C SER B 39 6.38 -4.06 -15.73
N LEU B 40 7.69 -4.17 -15.56
CA LEU B 40 8.62 -4.17 -16.68
C LEU B 40 8.88 -5.57 -17.20
N GLY B 41 9.08 -6.53 -16.28
CA GLY B 41 9.42 -7.88 -16.69
C GLY B 41 8.41 -8.48 -17.65
N ILE B 42 7.17 -8.03 -17.59
CA ILE B 42 6.15 -8.51 -18.52
C ILE B 42 6.25 -7.79 -19.85
N THR B 43 6.42 -6.46 -19.81
CA THR B 43 6.44 -5.68 -21.05
C THR B 43 7.50 -6.19 -22.01
N VAL B 44 8.73 -6.38 -21.51
CA VAL B 44 9.83 -6.83 -22.36
C VAL B 44 9.42 -8.06 -23.16
N LEU B 45 8.50 -8.86 -22.63
CA LEU B 45 7.97 -10.00 -23.36
C LEU B 45 6.78 -9.60 -24.23
N LEU B 46 5.78 -8.95 -23.62
CA LEU B 46 4.56 -8.60 -24.35
C LEU B 46 4.88 -7.81 -25.61
N SER B 47 5.68 -6.74 -25.47
CA SER B 47 6.04 -5.93 -26.63
C SER B 47 6.62 -6.78 -27.74
N LEU B 48 7.42 -7.80 -27.39
CA LEU B 48 8.03 -8.65 -28.40
C LEU B 48 6.97 -9.24 -29.33
N THR B 49 5.83 -9.63 -28.78
CA THR B 49 4.76 -10.18 -29.61
C THR B 49 4.39 -9.22 -30.72
N VAL B 50 4.24 -7.93 -30.38
CA VAL B 50 3.93 -6.93 -31.39
C VAL B 50 4.97 -6.94 -32.49
N PHE B 51 6.25 -7.05 -32.12
CA PHE B 51 7.31 -7.11 -33.13
C PHE B 51 7.08 -8.26 -34.10
N MET B 52 6.61 -9.40 -33.59
CA MET B 52 6.35 -10.53 -34.47
C MET B 52 5.34 -10.17 -35.55
N LEU B 53 4.35 -9.34 -35.21
CA LEU B 53 3.37 -8.92 -36.20
C LEU B 53 4.05 -8.28 -37.41
N LEU B 54 5.16 -7.57 -37.19
CA LEU B 54 5.91 -6.99 -38.30
C LEU B 54 6.79 -8.03 -38.97
N VAL B 55 7.35 -8.96 -38.19
CA VAL B 55 8.24 -9.97 -38.75
C VAL B 55 7.54 -10.74 -39.87
N ALA B 56 6.38 -11.31 -39.57
CA ALA B 56 5.63 -12.06 -40.57
C ALA B 56 5.33 -11.23 -41.80
N GLU B 57 5.35 -9.90 -41.69
CA GLU B 57 5.11 -9.05 -42.85
C GLU B 57 6.37 -8.89 -43.69
N ILE B 58 7.53 -8.82 -43.04
CA ILE B 58 8.78 -8.64 -43.78
C ILE B 58 9.47 -9.97 -44.06
N MET B 59 9.23 -10.98 -43.23
CA MET B 59 9.85 -12.30 -43.37
C MET B 59 8.74 -13.36 -43.33
N PRO B 60 8.07 -13.59 -44.45
CA PRO B 60 7.00 -14.62 -44.47
C PRO B 60 7.57 -16.01 -44.26
N SER B 61 7.11 -16.68 -43.21
CA SER B 61 7.60 -18.01 -42.88
C SER B 61 7.23 -19.04 -43.93
N THR B 62 6.26 -18.74 -44.80
CA THR B 62 5.83 -19.71 -45.81
C THR B 62 6.93 -19.99 -46.81
N SER B 63 7.80 -19.01 -47.08
CA SER B 63 8.86 -19.18 -48.07
C SER B 63 10.23 -18.83 -47.47
N ASP B 64 10.26 -17.84 -46.59
CA ASP B 64 11.50 -17.38 -45.97
C ASP B 64 11.93 -18.40 -44.92
N SER B 65 12.54 -19.48 -45.40
CA SER B 65 13.04 -20.56 -44.54
C SER B 65 14.55 -20.36 -44.39
N SER B 66 14.94 -19.57 -43.39
CA SER B 66 16.34 -19.29 -43.11
C SER B 66 16.66 -19.74 -41.69
N PRO B 67 17.61 -20.66 -41.48
CA PRO B 67 17.87 -21.12 -40.11
C PRO B 67 18.53 -20.08 -39.24
N SER B 68 19.26 -19.12 -39.82
CA SER B 68 19.94 -18.11 -39.03
C SER B 68 18.94 -17.23 -38.27
N ILE B 69 18.00 -16.62 -38.99
CA ILE B 69 17.00 -15.78 -38.35
C ILE B 69 16.12 -16.60 -37.43
N ALA B 70 15.85 -17.85 -37.80
CA ALA B 70 15.06 -18.73 -36.93
C ALA B 70 15.75 -18.92 -35.59
N GLN B 71 17.04 -19.24 -35.62
CA GLN B 71 17.79 -19.43 -34.37
C GLN B 71 17.88 -18.13 -33.59
N TYR B 72 18.05 -17.00 -34.28
CA TYR B 72 18.12 -15.72 -33.59
C TYR B 72 16.81 -15.42 -32.86
N PHE B 73 15.68 -15.63 -33.53
CA PHE B 73 14.39 -15.38 -32.90
C PHE B 73 14.13 -16.37 -31.77
N ALA B 74 14.55 -17.62 -31.93
CA ALA B 74 14.41 -18.60 -30.85
C ALA B 74 15.22 -18.17 -29.63
N SER B 75 16.45 -17.69 -29.86
CA SER B 75 17.28 -17.24 -28.74
C SER B 75 16.66 -16.02 -28.06
N THR B 76 16.12 -15.08 -28.85
CA THR B 76 15.47 -13.92 -28.28
C THR B 76 14.27 -14.32 -27.43
N MET B 77 13.45 -15.23 -27.95
CA MET B 77 12.29 -15.72 -27.18
C MET B 77 12.74 -16.39 -25.90
N ILE B 78 13.77 -17.23 -25.98
CA ILE B 78 14.27 -17.92 -24.79
C ILE B 78 14.79 -16.91 -23.77
N ILE B 79 15.43 -15.85 -24.24
CA ILE B 79 15.97 -14.84 -23.32
C ILE B 79 14.84 -14.09 -22.63
N VAL B 80 13.83 -13.65 -23.40
CA VAL B 80 12.73 -12.91 -22.80
C VAL B 80 11.92 -13.81 -21.86
N GLY B 81 11.90 -15.13 -22.13
CA GLY B 81 11.22 -16.03 -21.21
C GLY B 81 12.01 -16.26 -19.95
N LEU B 82 13.33 -16.44 -20.07
CA LEU B 82 14.18 -16.62 -18.90
C LEU B 82 14.18 -15.37 -18.03
N SER B 83 13.99 -14.19 -18.63
CA SER B 83 13.86 -12.98 -17.85
C SER B 83 12.71 -13.09 -16.85
N VAL B 84 11.51 -13.42 -17.33
CA VAL B 84 10.36 -13.56 -16.45
C VAL B 84 10.54 -14.75 -15.51
N VAL B 85 11.20 -15.82 -15.98
CA VAL B 85 11.44 -16.97 -15.11
C VAL B 85 12.26 -16.55 -13.90
N VAL B 86 13.35 -15.81 -14.15
CA VAL B 86 14.21 -15.36 -13.07
C VAL B 86 13.47 -14.36 -12.18
N THR B 87 12.67 -13.49 -12.78
CA THR B 87 11.88 -12.55 -11.99
C THR B 87 10.97 -13.29 -11.01
N VAL B 88 10.27 -14.31 -11.50
CA VAL B 88 9.36 -15.07 -10.65
C VAL B 88 10.13 -15.84 -9.59
N ILE B 89 11.27 -16.42 -9.98
CA ILE B 89 12.08 -17.18 -9.02
C ILE B 89 12.57 -16.27 -7.90
N VAL B 90 12.92 -15.04 -8.23
CA VAL B 90 13.40 -14.10 -7.23
C VAL B 90 12.26 -13.63 -6.34
N LEU B 91 11.09 -13.36 -6.95
CA LEU B 91 9.94 -12.94 -6.17
C LEU B 91 9.47 -14.04 -5.23
N GLN B 92 9.68 -15.30 -5.60
CA GLN B 92 9.29 -16.41 -4.73
C GLN B 92 10.10 -16.39 -3.42
N TYR B 93 11.33 -15.89 -3.46
CA TYR B 93 12.16 -15.84 -2.26
C TYR B 93 11.70 -14.77 -1.28
N HIS B 94 10.79 -13.89 -1.68
CA HIS B 94 10.30 -12.87 -0.77
C HIS B 94 9.18 -13.42 0.12
N HIS B 95 8.17 -14.03 -0.49
CA HIS B 95 7.06 -14.63 0.25
C HIS B 95 7.37 -16.10 0.47
N HIS B 96 8.15 -16.38 1.52
CA HIS B 96 8.56 -17.74 1.84
C HIS B 96 7.34 -18.54 2.28
N ASP B 97 6.86 -19.43 1.43
CA ASP B 97 5.72 -20.27 1.75
C ASP B 97 6.08 -21.22 2.89
N PRO B 98 5.40 -21.18 4.04
CA PRO B 98 5.74 -22.11 5.12
C PRO B 98 5.69 -23.57 4.70
N ASP B 99 4.85 -23.92 3.73
CA ASP B 99 4.75 -25.29 3.27
C ASP B 99 5.87 -25.68 2.32
N GLY B 100 6.62 -24.72 1.79
CA GLY B 100 7.71 -25.01 0.88
C GLY B 100 8.80 -23.98 1.00
N GLY B 101 9.34 -23.55 -0.13
CA GLY B 101 10.38 -22.55 -0.15
C GLY B 101 11.75 -23.13 0.18
N LYS B 102 12.79 -22.41 -0.23
CA LYS B 102 14.16 -22.83 0.03
C LYS B 102 14.52 -22.58 1.48
N MET B 103 15.24 -23.54 2.07
CA MET B 103 15.67 -23.45 3.46
C MET B 103 16.47 -22.17 3.68
N PRO B 104 15.93 -21.18 4.40
CA PRO B 104 16.70 -19.94 4.62
C PRO B 104 17.98 -20.16 5.42
N LYS B 105 18.09 -21.24 6.17
CA LYS B 105 19.29 -21.47 6.98
C LYS B 105 20.52 -21.60 6.10
N TRP B 106 20.44 -22.44 5.07
CA TRP B 106 21.60 -22.65 4.20
C TRP B 106 21.97 -21.39 3.44
N THR B 107 20.97 -20.60 3.04
CA THR B 107 21.23 -19.40 2.25
C THR B 107 21.67 -18.21 3.10
N ARG B 108 21.42 -18.24 4.41
CA ARG B 108 21.79 -17.12 5.26
C ARG B 108 23.31 -16.96 5.31
N VAL B 109 24.05 -18.06 5.44
CA VAL B 109 25.50 -17.98 5.49
C VAL B 109 26.05 -17.44 4.17
N ILE B 110 25.50 -17.92 3.05
CA ILE B 110 25.96 -17.44 1.75
C ILE B 110 25.69 -15.96 1.59
N LEU B 111 24.50 -15.51 2.01
CA LEU B 111 24.17 -14.10 1.94
C LEU B 111 25.10 -13.26 2.79
N LEU B 112 25.37 -13.71 4.01
CA LEU B 112 26.27 -12.97 4.89
C LEU B 112 27.68 -12.91 4.33
N ASN B 113 28.12 -13.99 3.69
CA ASN B 113 29.48 -14.01 3.13
C ASN B 113 29.58 -13.15 1.87
N TRP B 114 28.50 -13.08 1.08
CA TRP B 114 28.54 -12.33 -0.17
C TRP B 114 28.21 -10.85 0.00
N CYS B 115 27.50 -10.47 1.07
CA CYS B 115 27.19 -9.06 1.29
C CYS B 115 28.46 -8.24 1.43
N ALA B 116 29.39 -8.71 2.27
CA ALA B 116 30.66 -8.00 2.45
C ALA B 116 31.47 -7.99 1.15
N TRP B 117 31.50 -9.12 0.43
CA TRP B 117 32.23 -9.19 -0.81
C TRP B 117 31.70 -8.15 -1.82
N PHE B 118 30.38 -7.98 -1.86
CA PHE B 118 29.81 -6.99 -2.77
C PHE B 118 30.08 -5.57 -2.28
N LEU B 119 29.99 -5.35 -0.97
CA LEU B 119 30.25 -4.02 -0.42
C LEU B 119 31.75 -3.74 -0.33
N ARG B 120 32.47 -4.57 0.42
CA ARG B 120 33.91 -4.45 0.59
C ARG B 120 34.58 -5.63 -0.11
N MET B 121 35.09 -5.39 -1.31
CA MET B 121 35.72 -6.44 -2.09
C MET B 121 36.82 -7.12 -1.29
N LYS B 122 36.68 -8.42 -1.07
CA LYS B 122 37.66 -9.19 -0.29
C LYS B 122 38.76 -9.72 -1.21
N ARG B 123 39.50 -8.79 -1.78
CA ARG B 123 40.61 -9.08 -2.68
C ARG B 123 41.90 -8.51 -2.11
N PRO B 124 43.06 -8.97 -2.60
CA PRO B 124 44.32 -8.45 -2.06
C PRO B 124 44.45 -6.94 -2.21
N GLY B 125 43.98 -6.38 -3.32
CA GLY B 125 44.10 -4.94 -3.52
C GLY B 125 43.50 -4.12 -2.41
N GLU B 126 42.41 -4.61 -1.81
CA GLU B 126 41.75 -3.91 -0.71
C GLU B 126 42.10 -4.49 0.66
N ASP B 127 42.64 -5.71 0.71
CA ASP B 127 43.00 -6.31 1.98
C ASP B 127 44.38 -5.85 2.45
N LYS B 128 45.32 -5.66 1.52
CA LYS B 128 46.67 -5.24 1.87
C LYS B 128 46.79 -3.72 2.01
N VAL B 129 45.99 -2.96 1.28
CA VAL B 129 46.06 -1.48 1.35
C VAL B 129 45.11 -1.07 2.46
N ARG B 130 45.62 -1.11 3.69
CA ARG B 130 44.85 -0.73 4.87
C ARG B 130 45.79 -0.76 6.07
N PRO B 131 45.41 -0.12 7.18
CA PRO B 131 46.25 -0.16 8.39
C PRO B 131 46.46 -1.60 8.86
N ALA B 132 47.72 -1.99 8.99
CA ALA B 132 48.08 -3.34 9.41
C ALA B 132 49.38 -3.29 10.17
N CYS B 133 49.48 -4.13 11.20
CA CYS B 133 50.68 -4.21 12.04
C CYS B 133 50.90 -5.66 12.43
N GLN B 134 52.06 -5.92 13.04
CA GLN B 134 52.44 -7.26 13.46
C GLN B 134 52.03 -7.57 14.89
N HIS B 135 51.47 -6.61 15.62
CA HIS B 135 51.07 -6.83 17.00
C HIS B 135 49.64 -7.36 17.05
N LYS B 136 49.03 -7.37 18.23
CA LYS B 136 47.72 -7.97 18.43
C LYS B 136 46.67 -7.43 17.47
N GLN B 137 46.91 -6.27 16.83
CA GLN B 137 45.94 -5.72 15.91
C GLN B 137 45.62 -6.69 14.78
N ARG B 138 46.56 -7.57 14.43
CA ARG B 138 46.38 -8.55 13.38
C ARG B 138 46.55 -9.97 13.93
N ARG B 139 45.95 -10.22 15.10
CA ARG B 139 46.01 -11.53 15.74
C ARG B 139 44.59 -11.96 16.11
N CYS B 140 44.48 -13.17 16.66
CA CYS B 140 43.20 -13.72 17.06
C CYS B 140 43.38 -14.48 18.37
N SER B 141 42.26 -14.81 19.00
CA SER B 141 42.26 -15.54 20.26
C SER B 141 41.00 -16.40 20.33
N LEU B 142 40.80 -17.05 21.48
CA LEU B 142 39.63 -17.90 21.65
C LEU B 142 38.34 -17.09 21.63
N ALA B 143 38.38 -15.84 22.11
CA ALA B 143 37.19 -15.01 22.13
C ALA B 143 36.75 -14.62 20.73
N SER B 144 37.70 -14.46 19.81
CA SER B 144 37.38 -14.07 18.44
C SER B 144 36.90 -15.24 17.59
N VAL B 145 37.22 -16.47 17.98
CA VAL B 145 36.82 -17.66 17.25
C VAL B 145 35.53 -18.18 17.89
N GLU B 146 34.41 -18.01 17.19
CA GLU B 146 33.11 -18.45 17.68
C GLU B 146 32.71 -19.81 17.10
N MET B 147 33.69 -20.61 16.65
CA MET B 147 33.38 -21.92 16.10
C MET B 147 32.72 -22.82 17.14
N SER B 148 33.16 -22.71 18.39
CA SER B 148 32.63 -23.51 19.49
C SER B 148 31.60 -22.73 20.31
N ALA B 149 30.85 -21.83 19.67
CA ALA B 149 29.83 -21.03 20.35
C ALA B 149 30.45 -20.17 21.45
N VAL B 150 31.50 -19.42 21.08
CA VAL B 150 32.20 -18.54 22.00
C VAL B 150 31.69 -17.13 21.81
N ALA B 151 31.66 -16.36 22.90
CA ALA B 151 31.21 -14.99 22.87
C ALA B 151 32.08 -14.18 21.90
N PRO B 152 31.53 -13.70 20.79
CA PRO B 152 32.34 -12.94 19.84
C PRO B 152 32.73 -11.58 20.40
N PRO B 153 33.60 -10.84 19.72
CA PRO B 153 34.00 -9.52 20.21
C PRO B 153 32.79 -8.62 20.39
N PRO B 154 32.52 -8.17 21.62
CA PRO B 154 31.38 -7.25 21.83
C PRO B 154 31.51 -6.01 20.97
N ALA B 155 30.56 -5.83 20.06
CA ALA B 155 30.55 -4.69 19.17
C ALA B 155 29.12 -4.32 18.83
N SER B 156 28.91 -3.06 18.47
CA SER B 156 27.58 -2.56 18.12
C SER B 156 27.17 -2.94 16.70
N ASN B 157 28.00 -3.68 15.97
CA ASN B 157 27.67 -4.08 14.60
C ASN B 157 26.78 -5.31 14.54
N GLY B 158 26.25 -5.76 15.67
CA GLY B 158 25.39 -6.93 15.70
C GLY B 158 25.91 -8.03 16.60
N ASN B 159 26.75 -7.66 17.56
CA ASN B 159 27.33 -8.62 18.50
C ASN B 159 26.93 -8.34 19.95
N LEU B 160 26.99 -7.08 20.38
CA LEU B 160 26.61 -6.75 21.75
C LEU B 160 25.10 -6.60 21.89
N LEU B 161 24.45 -6.01 20.89
CA LEU B 161 23.00 -5.84 20.95
C LEU B 161 22.30 -7.18 21.12
N TYR B 162 22.83 -8.24 20.49
CA TYR B 162 22.23 -9.56 20.59
C TYR B 162 22.48 -10.17 21.97
N ILE B 163 23.73 -10.17 22.42
CA ILE B 163 24.06 -10.68 23.75
C ILE B 163 23.33 -9.90 24.83
N GLY B 164 22.81 -8.72 24.50
CA GLY B 164 22.04 -7.91 25.42
C GLY B 164 20.55 -8.07 25.22
N PHE B 165 19.97 -7.16 24.43
CA PHE B 165 18.52 -7.11 24.28
C PHE B 165 17.95 -8.46 23.87
N ARG B 166 18.57 -9.12 22.90
CA ARG B 166 18.13 -10.42 22.41
C ARG B 166 18.83 -11.57 23.10
N GLY B 167 19.25 -11.40 24.36
CA GLY B 167 19.94 -12.47 25.06
C GLY B 167 19.12 -13.73 25.17
N LEU B 168 17.79 -13.61 25.27
CA LEU B 168 16.90 -14.76 25.38
C LEU B 168 17.26 -15.59 26.62
N ASP B 169 17.13 -14.98 27.78
CA ASP B 169 17.43 -15.62 29.06
C ASP B 169 18.91 -15.96 29.19
N GLY B 170 19.77 -15.18 28.55
CA GLY B 170 21.20 -15.42 28.61
C GLY B 170 21.85 -14.75 29.81
N VAL B 171 23.08 -14.26 29.64
CA VAL B 171 23.79 -13.61 30.73
C VAL B 171 23.20 -12.23 30.99
N HIS B 172 22.61 -11.59 29.97
CA HIS B 172 22.05 -10.26 30.16
C HIS B 172 20.84 -10.29 31.09
N CYS B 173 20.13 -11.42 31.16
CA CYS B 173 18.96 -11.53 32.02
C CYS B 173 19.32 -11.87 33.46
N VAL B 174 20.52 -12.37 33.71
CA VAL B 174 20.96 -12.71 35.06
C VAL B 174 22.39 -12.22 35.26
N PRO B 175 22.63 -10.90 35.22
CA PRO B 175 23.99 -10.38 35.42
C PRO B 175 24.42 -10.39 36.88
N THR B 176 24.66 -11.59 37.41
CA THR B 176 25.06 -11.78 38.81
C THR B 176 26.18 -12.81 38.85
N PRO B 177 27.39 -12.44 38.46
CA PRO B 177 28.51 -13.38 38.50
C PRO B 177 28.79 -13.84 39.94
N ASP B 178 29.63 -14.87 40.04
CA ASP B 178 30.01 -15.43 41.34
C ASP B 178 31.07 -14.54 41.98
N SER B 179 30.64 -13.35 42.37
CA SER B 179 31.52 -12.37 42.99
C SER B 179 30.94 -11.90 44.32
N GLY B 180 29.61 -11.80 44.40
CA GLY B 180 28.97 -11.34 45.62
C GLY B 180 28.98 -9.85 45.81
N VAL B 181 28.93 -9.07 44.73
CA VAL B 181 28.95 -7.61 44.86
C VAL B 181 27.78 -7.13 45.70
N VAL B 182 26.68 -7.88 45.73
CA VAL B 182 25.53 -7.51 46.52
C VAL B 182 25.89 -7.35 47.99
N CYS B 183 26.98 -7.96 48.43
CA CYS B 183 27.46 -7.84 49.81
C CYS B 183 28.78 -7.11 49.91
N GLY B 184 29.33 -6.64 48.80
CA GLY B 184 30.60 -5.93 48.82
C GLY B 184 30.52 -4.57 48.14
N ARG B 185 29.50 -4.36 47.33
CA ARG B 185 29.32 -3.10 46.62
C ARG B 185 28.21 -2.28 47.26
N MET B 186 28.32 -0.97 47.13
CA MET B 186 27.34 -0.04 47.67
C MET B 186 26.67 0.82 46.62
N ALA B 187 27.33 1.10 45.50
CA ALA B 187 26.74 1.92 44.44
C ALA B 187 25.58 1.17 43.82
N CYS B 188 24.36 1.64 44.07
CA CYS B 188 23.15 1.02 43.54
C CYS B 188 23.04 -0.45 43.97
N SER B 189 23.55 -0.76 45.15
CA SER B 189 23.51 -2.13 45.67
C SER B 189 23.57 -2.10 47.18
N PRO B 190 22.43 -2.06 47.87
CA PRO B 190 22.44 -2.06 49.34
C PRO B 190 23.17 -3.28 49.88
N THR B 191 24.03 -3.05 50.87
CA THR B 191 24.81 -4.13 51.49
C THR B 191 23.92 -4.91 52.44
N HIS B 192 23.04 -5.72 51.84
CA HIS B 192 22.10 -6.56 52.58
C HIS B 192 21.43 -5.81 53.72
N ASP B 193 21.19 -4.52 53.53
CA ASP B 193 20.57 -3.68 54.56
C ASP B 193 19.07 -4.02 54.62
N GLU B 194 18.70 -4.88 55.56
CA GLU B 194 17.31 -5.28 55.70
C GLU B 194 16.44 -4.19 56.33
N HIS B 195 17.04 -3.14 56.88
CA HIS B 195 16.31 -2.05 57.50
C HIS B 195 16.09 -0.87 56.58
N LEU B 196 16.53 -0.96 55.31
CA LEU B 196 16.35 0.12 54.36
C LEU B 196 14.91 0.10 53.86
N LEU B 197 14.08 0.99 54.42
CA LEU B 197 12.68 1.09 54.06
C LEU B 197 12.36 2.51 53.60
N HIS B 198 11.25 2.65 52.87
CA HIS B 198 10.80 3.94 52.38
C HIS B 198 10.14 4.71 53.51
N GLY B 199 10.98 5.20 54.43
CA GLY B 199 10.51 5.94 55.58
C GLY B 199 9.49 5.17 56.39
N GLY B 200 9.77 3.89 56.64
CA GLY B 200 8.87 3.03 57.38
C GLY B 200 7.97 2.16 56.52
N GLN B 201 7.98 2.36 55.20
CA GLN B 201 7.16 1.59 54.29
C GLN B 201 8.05 0.77 53.34
N PRO B 202 7.55 -0.33 52.81
CA PRO B 202 8.36 -1.16 51.91
C PRO B 202 8.61 -0.43 50.60
N PRO B 203 9.55 -0.90 49.77
CA PRO B 203 9.83 -0.23 48.49
C PRO B 203 8.72 -0.46 47.47
N GLU B 204 7.50 -0.08 47.82
CA GLU B 204 6.36 -0.25 46.90
C GLU B 204 5.24 0.68 47.36
N GLY B 205 4.80 1.56 46.47
CA GLY B 205 3.74 2.49 46.79
C GLY B 205 2.36 1.99 46.40
N ASP B 206 2.25 1.42 45.20
CA ASP B 206 0.99 0.92 44.70
C ASP B 206 1.23 -0.27 43.78
N PRO B 207 0.64 -1.44 44.06
CA PRO B 207 0.85 -2.59 43.15
C PRO B 207 0.43 -2.32 41.72
N ASP B 208 -0.40 -1.30 41.48
CA ASP B 208 -0.81 -0.99 40.12
C ASP B 208 0.38 -0.69 39.22
N LEU B 209 1.46 -0.13 39.80
CA LEU B 209 2.66 0.13 39.01
C LEU B 209 3.30 -1.17 38.54
N ALA B 210 3.24 -2.21 39.37
CA ALA B 210 3.77 -3.51 38.96
C ALA B 210 3.02 -4.06 37.75
N LYS B 211 1.71 -3.80 37.67
CA LYS B 211 0.94 -4.25 36.51
C LYS B 211 1.19 -3.37 35.30
N ILE B 212 1.34 -2.06 35.52
CA ILE B 212 1.66 -1.17 34.41
C ILE B 212 3.01 -1.53 33.82
N LEU B 213 3.95 -2.01 34.64
CA LEU B 213 5.24 -2.45 34.15
C LEU B 213 5.09 -3.57 33.13
N GLU B 214 4.31 -4.60 33.48
CA GLU B 214 4.07 -5.69 32.55
C GLU B 214 3.29 -5.22 31.33
N GLU B 215 2.37 -4.28 31.52
CA GLU B 215 1.60 -3.75 30.40
C GLU B 215 2.52 -3.09 29.38
N VAL B 216 3.47 -2.27 29.85
CA VAL B 216 4.39 -1.61 28.94
C VAL B 216 5.41 -2.59 28.37
N ARG B 217 5.78 -3.62 29.15
CA ARG B 217 6.66 -4.65 28.63
C ARG B 217 6.01 -5.43 27.51
N TYR B 218 4.68 -5.57 27.55
CA TYR B 218 3.98 -6.22 26.44
C TYR B 218 4.15 -5.43 25.16
N ILE B 219 3.99 -4.11 25.22
CA ILE B 219 4.18 -3.28 24.04
C ILE B 219 5.64 -3.30 23.60
N ALA B 220 6.57 -3.36 24.56
CA ALA B 220 7.98 -3.47 24.21
C ALA B 220 8.26 -4.76 23.44
N ASN B 221 7.69 -5.87 23.90
CA ASN B 221 7.88 -7.14 23.21
C ASN B 221 7.21 -7.12 21.83
N ARG B 222 6.06 -6.45 21.72
CA ARG B 222 5.43 -6.31 20.41
C ARG B 222 6.31 -5.53 19.45
N PHE B 223 6.92 -4.43 19.93
CA PHE B 223 7.82 -3.67 19.10
C PHE B 223 9.05 -4.47 18.73
N ARG B 224 9.55 -5.30 19.66
CA ARG B 224 10.68 -6.16 19.35
C ARG B 224 10.33 -7.17 18.26
N CYS B 225 9.14 -7.75 18.35
CA CYS B 225 8.70 -8.69 17.33
C CYS B 225 8.53 -8.00 15.97
N GLN B 226 8.01 -6.78 15.98
CA GLN B 226 7.89 -6.02 14.74
C GLN B 226 9.25 -5.73 14.13
N ASP B 227 10.23 -5.37 14.98
CA ASP B 227 11.58 -5.13 14.48
C ASP B 227 12.20 -6.40 13.93
N GLU B 228 11.95 -7.53 14.58
CA GLU B 228 12.47 -8.81 14.08
C GLU B 228 11.86 -9.14 12.73
N SER B 229 10.55 -8.92 12.58
CA SER B 229 9.91 -9.16 11.29
C SER B 229 10.47 -8.24 10.21
N GLU B 230 10.70 -6.97 10.56
CA GLU B 230 11.28 -6.04 9.60
C GLU B 230 12.68 -6.48 9.20
N ALA B 231 13.47 -6.97 10.15
CA ALA B 231 14.82 -7.45 9.85
C ALA B 231 14.78 -8.68 8.95
N VAL B 232 13.82 -9.59 9.21
CA VAL B 232 13.67 -10.76 8.36
C VAL B 232 13.29 -10.35 6.94
N CYS B 233 12.40 -9.37 6.82
CA CYS B 233 12.01 -8.87 5.50
C CYS B 233 13.20 -8.23 4.78
N SER B 234 14.01 -7.47 5.52
CA SER B 234 15.19 -6.86 4.92
C SER B 234 16.18 -7.93 4.46
N GLU B 235 16.34 -8.98 5.25
CA GLU B 235 17.24 -10.07 4.87
C GLU B 235 16.73 -10.77 3.62
N TRP B 236 15.42 -11.00 3.53
CA TRP B 236 14.85 -11.59 2.32
C TRP B 236 15.06 -10.69 1.12
N LYS B 237 14.89 -9.38 1.30
CA LYS B 237 15.11 -8.45 0.19
C LYS B 237 16.57 -8.46 -0.25
N PHE B 238 17.50 -8.55 0.70
CA PHE B 238 18.92 -8.63 0.35
C PHE B 238 19.22 -9.93 -0.39
N ALA B 239 18.64 -11.04 0.06
CA ALA B 239 18.85 -12.31 -0.63
C ALA B 239 18.30 -12.25 -2.05
N ALA B 240 17.18 -11.56 -2.25
CA ALA B 240 16.61 -11.41 -3.58
C ALA B 240 17.50 -10.53 -4.46
N CYS B 241 18.01 -9.43 -3.90
CA CYS B 241 18.89 -8.54 -4.65
C CYS B 241 20.20 -9.23 -5.02
N VAL B 242 20.66 -10.15 -4.16
CA VAL B 242 21.88 -10.89 -4.48
C VAL B 242 21.67 -11.75 -5.72
N VAL B 243 20.55 -12.46 -5.79
CA VAL B 243 20.25 -13.27 -6.96
C VAL B 243 20.04 -12.39 -8.18
N ASP B 244 19.41 -11.22 -8.00
CA ASP B 244 19.23 -10.29 -9.11
C ASP B 244 20.58 -9.86 -9.67
N ARG B 245 21.52 -9.49 -8.80
CA ARG B 245 22.84 -9.08 -9.26
C ARG B 245 23.57 -10.23 -9.93
N LEU B 246 23.47 -11.43 -9.36
CA LEU B 246 24.11 -12.60 -9.97
C LEU B 246 23.58 -12.84 -11.37
N CYS B 247 22.26 -12.75 -11.55
CA CYS B 247 21.68 -12.97 -12.87
C CYS B 247 22.08 -11.85 -13.84
N LEU B 248 22.13 -10.61 -13.35
CA LEU B 248 22.58 -9.50 -14.19
C LEU B 248 24.02 -9.71 -14.66
N MET B 249 24.87 -10.23 -13.77
CA MET B 249 26.27 -10.46 -14.14
C MET B 249 26.43 -11.67 -15.04
N ALA B 250 25.54 -12.67 -14.92
CA ALA B 250 25.65 -13.87 -15.73
C ALA B 250 25.11 -13.65 -17.13
N PHE B 251 23.85 -13.19 -17.24
CA PHE B 251 23.23 -13.01 -18.54
C PHE B 251 23.94 -11.95 -19.38
N SER B 252 24.73 -11.07 -18.76
CA SER B 252 25.42 -10.03 -19.51
C SER B 252 26.40 -10.63 -20.51
N VAL B 253 27.20 -11.60 -20.07
CA VAL B 253 28.18 -12.23 -20.96
C VAL B 253 27.46 -12.99 -22.07
N PHE B 254 26.36 -13.66 -21.74
CA PHE B 254 25.60 -14.38 -22.76
C PHE B 254 25.04 -13.43 -23.81
N THR B 255 24.49 -12.30 -23.38
CA THR B 255 23.97 -11.32 -24.32
C THR B 255 25.08 -10.73 -25.18
N ILE B 256 26.24 -10.47 -24.58
CA ILE B 256 27.36 -9.93 -25.35
C ILE B 256 27.80 -10.94 -26.40
N ILE B 257 27.88 -12.22 -26.02
CA ILE B 257 28.28 -13.25 -26.98
C ILE B 257 27.26 -13.37 -28.09
N CYS B 258 25.97 -13.32 -27.75
CA CYS B 258 24.93 -13.41 -28.77
C CYS B 258 25.01 -12.23 -29.73
N THR B 259 25.24 -11.03 -29.22
CA THR B 259 25.37 -9.86 -30.08
C THR B 259 26.59 -9.97 -30.99
N ILE B 260 27.72 -10.44 -30.43
CA ILE B 260 28.92 -10.61 -31.24
C ILE B 260 28.68 -11.63 -32.36
N GLY B 261 27.99 -12.73 -32.03
CA GLY B 261 27.69 -13.72 -33.04
C GLY B 261 26.76 -13.21 -34.11
N ILE B 262 25.74 -12.45 -33.72
CA ILE B 262 24.81 -11.89 -34.70
C ILE B 262 25.53 -10.88 -35.59
N LEU B 263 26.49 -10.13 -35.03
CA LEU B 263 27.22 -9.16 -35.85
C LEU B 263 28.19 -9.86 -36.79
N MET B 264 28.83 -10.93 -36.34
CA MET B 264 29.78 -11.64 -37.20
C MET B 264 29.08 -12.39 -38.31
N SER B 265 27.85 -12.86 -38.07
CA SER B 265 27.08 -13.60 -39.06
C SER B 265 26.13 -12.70 -39.84
N ALA B 266 26.26 -11.38 -39.72
CA ALA B 266 25.39 -10.46 -40.43
C ALA B 266 25.60 -10.55 -41.94
N PRO B 267 26.85 -10.63 -42.43
CA PRO B 267 27.05 -10.74 -43.88
C PRO B 267 26.38 -11.95 -44.50
N ASN B 268 26.15 -13.01 -43.72
CA ASN B 268 25.51 -14.21 -44.27
C ASN B 268 24.07 -13.93 -44.66
N PHE B 269 23.32 -13.21 -43.82
CA PHE B 269 21.93 -12.87 -44.08
C PHE B 269 21.76 -11.42 -44.49
N VAL B 270 22.26 -10.49 -43.68
CA VAL B 270 22.13 -9.07 -43.99
C VAL B 270 23.16 -8.67 -45.03
N LEU C 7 -3.72 16.17 -46.09
CA LEU C 7 -4.21 16.47 -44.75
C LEU C 7 -4.42 15.20 -43.94
N TYR C 8 -5.14 14.24 -44.53
CA TYR C 8 -5.41 12.98 -43.86
C TYR C 8 -4.12 12.24 -43.54
N TYR C 9 -3.10 12.38 -44.37
CA TYR C 9 -1.82 11.71 -44.17
C TYR C 9 -0.88 12.53 -43.29
N GLY C 10 -0.72 13.83 -43.61
CA GLY C 10 0.16 14.66 -42.83
C GLY C 10 -0.28 14.76 -41.37
N LEU C 11 -1.57 14.97 -41.15
CA LEU C 11 -2.08 15.05 -39.79
C LEU C 11 -1.94 13.72 -39.06
N ASN C 12 -2.28 12.62 -39.74
CA ASN C 12 -2.18 11.30 -39.12
C ASN C 12 -0.73 10.97 -38.76
N LEU C 13 0.23 11.51 -39.50
CA LEU C 13 1.64 11.25 -39.21
C LEU C 13 2.22 12.23 -38.20
N LEU C 14 1.66 13.43 -38.08
CA LEU C 14 2.18 14.44 -37.17
C LEU C 14 1.58 14.34 -35.77
N ILE C 15 0.29 14.04 -35.67
CA ILE C 15 -0.36 14.01 -34.34
C ILE C 15 0.30 12.99 -33.43
N PRO C 16 0.62 11.77 -33.88
CA PRO C 16 1.25 10.81 -32.95
C PRO C 16 2.58 11.29 -32.40
N CYS C 17 3.40 11.93 -33.23
CA CYS C 17 4.71 12.38 -32.77
C CYS C 17 4.57 13.42 -31.67
N VAL C 18 3.75 14.46 -31.90
CA VAL C 18 3.55 15.49 -30.89
C VAL C 18 2.89 14.92 -29.66
N LEU C 19 1.99 13.95 -29.82
CA LEU C 19 1.33 13.34 -28.67
C LEU C 19 2.34 12.60 -27.81
N ILE C 20 3.22 11.81 -28.44
CA ILE C 20 4.24 11.09 -27.70
C ILE C 20 5.21 12.06 -27.03
N SER C 21 5.54 13.16 -27.71
CA SER C 21 6.44 14.15 -27.13
C SER C 21 5.81 14.77 -25.88
N ALA C 22 4.53 15.14 -25.96
CA ALA C 22 3.84 15.71 -24.81
C ALA C 22 3.74 14.70 -23.68
N LEU C 23 3.47 13.44 -24.01
CA LEU C 23 3.40 12.41 -22.97
C LEU C 23 4.74 12.24 -22.27
N ALA C 24 5.84 12.23 -23.04
CA ALA C 24 7.17 12.11 -22.43
C ALA C 24 7.48 13.33 -21.57
N LEU C 25 7.14 14.52 -22.04
CA LEU C 25 7.37 15.72 -21.25
C LEU C 25 6.59 15.68 -19.94
N LEU C 26 5.33 15.21 -20.00
CA LEU C 26 4.53 15.12 -18.78
C LEU C 26 5.09 14.07 -17.83
N VAL C 27 5.56 12.94 -18.37
CA VAL C 27 6.17 11.91 -17.52
C VAL C 27 7.41 12.45 -16.84
N PHE C 28 8.24 13.20 -17.58
CA PHE C 28 9.43 13.79 -16.98
C PHE C 28 9.08 14.86 -15.96
N LEU C 29 7.95 15.56 -16.15
CA LEU C 29 7.56 16.61 -15.23
C LEU C 29 7.01 16.05 -13.92
N LEU C 30 6.44 14.85 -13.95
CA LEU C 30 5.86 14.27 -12.75
C LEU C 30 6.94 13.93 -11.72
N PRO C 31 6.56 13.79 -10.44
CA PRO C 31 7.56 13.43 -9.43
C PRO C 31 8.07 12.01 -9.60
N ALA C 32 8.98 11.59 -8.72
CA ALA C 32 9.53 10.23 -8.77
C ALA C 32 8.56 9.26 -8.09
N ASP C 33 7.46 9.01 -8.78
CA ASP C 33 6.42 8.09 -8.31
C ASP C 33 6.53 6.79 -9.09
N SER C 34 6.96 5.73 -8.41
CA SER C 34 7.15 4.44 -9.06
C SER C 34 5.83 3.90 -9.60
N GLY C 35 4.83 3.77 -8.73
CA GLY C 35 3.55 3.19 -9.13
C GLY C 35 2.90 3.94 -10.27
N GLU C 36 3.18 5.25 -10.40
CA GLU C 36 2.56 6.08 -11.42
C GLU C 36 3.48 6.27 -12.63
N LYS C 37 4.68 6.83 -12.40
CA LYS C 37 5.58 7.14 -13.51
C LYS C 37 5.77 5.93 -14.41
N ILE C 38 6.11 4.78 -13.81
CA ILE C 38 6.30 3.56 -14.58
C ILE C 38 5.09 3.31 -15.47
N SER C 39 3.90 3.33 -14.88
CA SER C 39 2.69 3.05 -15.63
C SER C 39 2.61 3.87 -16.90
N LEU C 40 3.16 5.09 -16.88
CA LEU C 40 3.21 5.92 -18.07
C LEU C 40 4.50 5.67 -18.86
N GLY C 41 5.63 5.59 -18.16
CA GLY C 41 6.91 5.44 -18.84
C GLY C 41 6.95 4.26 -19.79
N ILE C 42 6.15 3.22 -19.51
CA ILE C 42 6.10 2.07 -20.39
C ILE C 42 5.18 2.34 -21.58
N THR C 43 4.02 2.94 -21.33
CA THR C 43 3.04 3.15 -22.38
C THR C 43 3.65 3.95 -23.53
N VAL C 44 4.29 5.07 -23.22
CA VAL C 44 4.88 5.92 -24.25
C VAL C 44 5.75 5.10 -25.21
N LEU C 45 6.33 4.01 -24.72
CA LEU C 45 7.07 3.09 -25.57
C LEU C 45 6.16 2.05 -26.20
N LEU C 46 5.38 1.35 -25.38
CA LEU C 46 4.55 0.25 -25.87
C LEU C 46 3.62 0.74 -26.99
N SER C 47 2.93 1.85 -26.75
CA SER C 47 2.02 2.39 -27.76
C SER C 47 2.75 2.58 -29.09
N LEU C 48 4.00 3.04 -29.04
CA LEU C 48 4.74 3.27 -30.28
C LEU C 48 4.79 2.02 -31.14
N THR C 49 4.93 0.85 -30.51
CA THR C 49 4.95 -0.39 -31.27
C THR C 49 3.72 -0.52 -32.15
N VAL C 50 2.55 -0.21 -31.59
CA VAL C 50 1.32 -0.25 -32.37
C VAL C 50 1.44 0.65 -33.59
N PHE C 51 1.99 1.85 -33.40
CA PHE C 51 2.17 2.77 -34.52
C PHE C 51 3.00 2.13 -35.63
N MET C 52 4.01 1.33 -35.26
CA MET C 52 4.82 0.67 -36.27
C MET C 52 3.97 -0.22 -37.16
N LEU C 53 2.96 -0.87 -36.59
CA LEU C 53 2.07 -1.71 -37.39
C LEU C 53 1.46 -0.91 -38.54
N LEU C 54 1.19 0.37 -38.32
CA LEU C 54 0.68 1.22 -39.39
C LEU C 54 1.79 1.68 -40.32
N VAL C 55 2.99 1.94 -39.76
CA VAL C 55 4.10 2.42 -40.58
C VAL C 55 4.38 1.46 -41.72
N ALA C 56 4.62 0.18 -41.40
CA ALA C 56 4.88 -0.82 -42.42
C ALA C 56 3.76 -0.90 -43.45
N GLU C 57 2.56 -0.45 -43.09
CA GLU C 57 1.44 -0.46 -44.05
C GLU C 57 1.52 0.73 -45.00
N ILE C 58 1.93 1.89 -44.49
CA ILE C 58 2.00 3.09 -45.33
C ILE C 58 3.39 3.28 -45.92
N MET C 59 4.44 2.79 -45.25
CA MET C 59 5.82 2.92 -45.71
C MET C 59 6.45 1.54 -45.73
N PRO C 60 6.22 0.75 -46.78
CA PRO C 60 6.81 -0.58 -46.86
C PRO C 60 8.33 -0.50 -46.98
N SER C 61 9.03 -1.11 -46.02
CA SER C 61 10.49 -1.08 -46.00
C SER C 61 11.11 -1.86 -47.15
N THR C 62 10.35 -2.71 -47.84
CA THR C 62 10.90 -3.50 -48.92
C THR C 62 11.34 -2.62 -50.08
N SER C 63 10.68 -1.48 -50.29
CA SER C 63 11.02 -0.59 -51.40
C SER C 63 11.28 0.82 -50.91
N ASP C 64 10.57 1.24 -49.86
CA ASP C 64 10.70 2.59 -49.32
C ASP C 64 12.00 2.67 -48.52
N SER C 65 13.10 2.86 -49.25
CA SER C 65 14.43 2.97 -48.66
C SER C 65 14.80 4.45 -48.63
N SER C 66 14.38 5.14 -47.58
CA SER C 66 14.66 6.56 -47.39
C SER C 66 15.44 6.76 -46.09
N PRO C 67 16.67 7.28 -46.13
CA PRO C 67 17.42 7.42 -44.88
C PRO C 67 16.86 8.47 -43.94
N SER C 68 16.16 9.48 -44.47
CA SER C 68 15.62 10.54 -43.62
C SER C 68 14.60 9.98 -42.63
N ILE C 69 13.59 9.27 -43.15
CA ILE C 69 12.56 8.70 -42.28
C ILE C 69 13.16 7.64 -41.37
N ALA C 70 14.17 6.90 -41.84
CA ALA C 70 14.84 5.92 -41.01
C ALA C 70 15.50 6.59 -39.81
N GLN C 71 16.23 7.67 -40.04
CA GLN C 71 16.88 8.39 -38.96
C GLN C 71 15.86 9.01 -38.02
N TYR C 72 14.75 9.53 -38.57
CA TYR C 72 13.71 10.10 -37.73
C TYR C 72 13.11 9.04 -36.81
N PHE C 73 12.80 7.87 -37.36
CA PHE C 73 12.22 6.81 -36.54
C PHE C 73 13.22 6.30 -35.51
N ALA C 74 14.50 6.22 -35.87
CA ALA C 74 15.52 5.82 -34.91
C ALA C 74 15.62 6.82 -33.77
N SER C 75 15.57 8.11 -34.08
CA SER C 75 15.63 9.14 -33.06
C SER C 75 14.40 9.07 -32.16
N THR C 76 13.22 8.85 -32.75
CA THR C 76 12.00 8.73 -31.95
C THR C 76 12.08 7.52 -31.02
N MET C 77 12.58 6.39 -31.52
CA MET C 77 12.72 5.20 -30.68
C MET C 77 13.70 5.46 -29.54
N ILE C 78 14.83 6.11 -29.84
CA ILE C 78 15.81 6.42 -28.80
C ILE C 78 15.20 7.35 -27.76
N ILE C 79 14.39 8.32 -28.21
CA ILE C 79 13.79 9.27 -27.29
C ILE C 79 12.80 8.55 -26.36
N VAL C 80 11.94 7.69 -26.93
CA VAL C 80 10.97 7.00 -26.10
C VAL C 80 11.65 6.02 -25.16
N GLY C 81 12.77 5.42 -25.58
CA GLY C 81 13.49 4.54 -24.69
C GLY C 81 14.20 5.29 -23.57
N LEU C 82 14.67 6.51 -23.85
CA LEU C 82 15.32 7.31 -22.83
C LEU C 82 14.38 7.59 -21.67
N SER C 83 13.07 7.65 -21.93
CA SER C 83 12.10 7.84 -20.85
C SER C 83 12.22 6.72 -19.83
N VAL C 84 12.11 5.46 -20.28
CA VAL C 84 12.20 4.33 -19.37
C VAL C 84 13.60 4.24 -18.76
N VAL C 85 14.62 4.59 -19.55
CA VAL C 85 15.99 4.55 -19.04
C VAL C 85 16.13 5.49 -17.84
N VAL C 86 15.69 6.73 -17.99
CA VAL C 86 15.78 7.70 -16.90
C VAL C 86 14.89 7.30 -15.74
N THR C 87 13.71 6.74 -16.04
CA THR C 87 12.83 6.29 -14.98
C THR C 87 13.51 5.23 -14.11
N VAL C 88 14.15 4.25 -14.75
CA VAL C 88 14.83 3.20 -14.00
C VAL C 88 16.03 3.77 -13.26
N ILE C 89 16.79 4.66 -13.90
CA ILE C 89 17.96 5.23 -13.26
C ILE C 89 17.56 6.01 -12.01
N VAL C 90 16.41 6.69 -12.06
CA VAL C 90 15.94 7.46 -10.92
C VAL C 90 15.39 6.54 -9.83
N LEU C 91 14.63 5.52 -10.22
CA LEU C 91 14.11 4.58 -9.23
C LEU C 91 15.22 3.81 -8.53
N GLN C 92 16.35 3.62 -9.21
CA GLN C 92 17.49 2.96 -8.57
C GLN C 92 18.02 3.78 -7.40
N TYR C 93 17.89 5.12 -7.48
CA TYR C 93 18.34 5.98 -6.40
C TYR C 93 17.39 6.00 -5.21
N HIS C 94 16.17 5.49 -5.36
CA HIS C 94 15.23 5.44 -4.25
C HIS C 94 15.52 4.27 -3.32
N HIS C 95 15.61 3.07 -3.87
CA HIS C 95 15.93 1.87 -3.08
C HIS C 95 17.44 1.65 -3.15
N HIS C 96 18.15 2.36 -2.27
CA HIS C 96 19.61 2.29 -2.23
C HIS C 96 20.04 0.90 -1.79
N ASP C 97 20.54 0.10 -2.71
CA ASP C 97 21.01 -1.24 -2.40
C ASP C 97 22.23 -1.15 -1.49
N PRO C 98 22.20 -1.73 -0.28
CA PRO C 98 23.39 -1.66 0.58
C PRO C 98 24.64 -2.20 -0.08
N ASP C 99 24.51 -3.15 -1.00
CA ASP C 99 25.67 -3.72 -1.68
C ASP C 99 26.19 -2.83 -2.80
N GLY C 100 25.42 -1.83 -3.23
CA GLY C 100 25.85 -0.92 -4.29
C GLY C 100 25.25 0.44 -4.11
N GLY C 101 24.77 1.03 -5.20
CA GLY C 101 24.16 2.33 -5.17
C GLY C 101 25.18 3.46 -5.10
N LYS C 102 24.73 4.64 -5.51
CA LYS C 102 25.59 5.82 -5.51
C LYS C 102 25.76 6.33 -4.08
N MET C 103 27.00 6.73 -3.76
CA MET C 103 27.31 7.24 -2.43
C MET C 103 26.43 8.44 -2.10
N PRO C 104 25.49 8.32 -1.16
CA PRO C 104 24.63 9.46 -0.84
C PRO C 104 25.39 10.65 -0.26
N LYS C 105 26.59 10.42 0.29
CA LYS C 105 27.34 11.52 0.90
C LYS C 105 27.67 12.59 -0.13
N TRP C 106 28.21 12.19 -1.28
CA TRP C 106 28.60 13.16 -2.29
C TRP C 106 27.39 13.88 -2.86
N THR C 107 26.27 13.19 -3.00
CA THR C 107 25.07 13.78 -3.60
C THR C 107 24.29 14.64 -2.61
N ARG C 108 24.50 14.46 -1.31
CA ARG C 108 23.75 15.23 -0.32
C ARG C 108 24.07 16.72 -0.42
N VAL C 109 25.36 17.05 -0.58
CA VAL C 109 25.75 18.47 -0.69
C VAL C 109 25.16 19.08 -1.95
N ILE C 110 25.20 18.35 -3.06
CA ILE C 110 24.65 18.87 -4.31
C ILE C 110 23.14 19.09 -4.17
N LEU C 111 22.45 18.14 -3.54
CA LEU C 111 21.01 18.29 -3.34
C LEU C 111 20.70 19.49 -2.46
N LEU C 112 21.46 19.67 -1.38
CA LEU C 112 21.20 20.80 -0.48
C LEU C 112 21.49 22.12 -1.19
N ASN C 113 22.49 22.15 -2.07
CA ASN C 113 22.82 23.38 -2.77
C ASN C 113 21.81 23.70 -3.86
N TRP C 114 21.26 22.67 -4.51
CA TRP C 114 20.31 22.89 -5.61
C TRP C 114 18.88 23.07 -5.14
N CYS C 115 18.52 22.59 -3.95
CA CYS C 115 17.16 22.76 -3.46
C CYS C 115 16.83 24.25 -3.31
N ALA C 116 17.72 25.01 -2.69
CA ALA C 116 17.50 26.45 -2.54
C ALA C 116 17.48 27.14 -3.89
N TRP C 117 18.40 26.76 -4.79
CA TRP C 117 18.44 27.37 -6.12
C TRP C 117 17.12 27.15 -6.86
N PHE C 118 16.53 25.98 -6.72
CA PHE C 118 15.24 25.71 -7.37
C PHE C 118 14.12 26.46 -6.67
N LEU C 119 14.14 26.51 -5.35
CA LEU C 119 13.10 27.22 -4.60
C LEU C 119 13.33 28.73 -4.65
N ARG C 120 14.48 29.18 -4.15
CA ARG C 120 14.85 30.59 -4.13
C ARG C 120 16.02 30.78 -5.10
N MET C 121 15.72 31.29 -6.30
CA MET C 121 16.74 31.48 -7.31
C MET C 121 17.86 32.35 -6.76
N LYS C 122 19.08 31.80 -6.75
CA LYS C 122 20.24 32.51 -6.23
C LYS C 122 20.90 33.33 -7.35
N ARG C 123 20.15 34.31 -7.84
CA ARG C 123 20.59 35.20 -8.90
C ARG C 123 20.58 36.64 -8.39
N PRO C 124 21.28 37.55 -9.09
CA PRO C 124 21.28 38.96 -8.63
C PRO C 124 19.90 39.56 -8.53
N GLY C 125 19.00 39.24 -9.47
CA GLY C 125 17.67 39.83 -9.45
C GLY C 125 16.93 39.57 -8.16
N GLU C 126 17.18 38.43 -7.52
CA GLU C 126 16.55 38.09 -6.26
C GLU C 126 17.45 38.29 -5.05
N ASP C 127 18.76 38.39 -5.26
CA ASP C 127 19.69 38.61 -4.15
C ASP C 127 19.80 40.08 -3.78
N LYS C 128 19.72 40.98 -4.76
CA LYS C 128 19.84 42.41 -4.49
C LYS C 128 18.51 43.04 -4.10
N VAL C 129 17.40 42.52 -4.59
CA VAL C 129 16.07 43.07 -4.27
C VAL C 129 15.60 42.37 -3.01
N ARG C 130 16.05 42.89 -1.87
CA ARG C 130 15.68 42.36 -0.57
C ARG C 130 16.25 43.27 0.51
N PRO C 131 15.75 43.18 1.74
CA PRO C 131 16.30 44.01 2.82
C PRO C 131 17.79 43.77 3.01
N ALA C 132 18.57 44.83 2.90
CA ALA C 132 20.02 44.74 3.04
C ALA C 132 20.55 46.04 3.63
N CYS C 133 21.56 45.92 4.48
CA CYS C 133 22.17 47.07 5.13
C CYS C 133 23.67 46.83 5.25
N GLN C 134 24.38 47.88 5.66
CA GLN C 134 25.84 47.82 5.80
C GLN C 134 26.29 47.41 7.19
N HIS C 135 25.37 47.24 8.14
CA HIS C 135 25.72 46.87 9.49
C HIS C 135 25.77 45.34 9.62
N LYS C 136 25.82 44.85 10.86
CA LYS C 136 26.00 43.42 11.10
C LYS C 136 24.98 42.55 10.38
N GLN C 137 23.86 43.13 9.93
CA GLN C 137 22.86 42.33 9.23
C GLN C 137 23.44 41.65 8.00
N ARG C 138 24.47 42.23 7.39
CA ARG C 138 25.12 41.67 6.21
C ARG C 138 26.60 41.39 6.49
N ARG C 139 26.88 40.82 7.66
CA ARG C 139 28.24 40.47 8.07
C ARG C 139 28.27 39.03 8.52
N CYS C 140 29.47 38.55 8.86
CA CYS C 140 29.66 37.18 9.32
C CYS C 140 30.68 37.16 10.44
N SER C 141 30.76 36.03 11.14
CA SER C 141 31.69 35.86 12.25
C SER C 141 32.10 34.40 12.31
N LEU C 142 32.88 34.07 13.34
CA LEU C 142 33.33 32.68 13.50
C LEU C 142 32.18 31.73 13.77
N ALA C 143 31.13 32.21 14.45
CA ALA C 143 29.98 31.36 14.75
C ALA C 143 29.20 31.00 13.49
N SER C 144 29.17 31.90 12.51
CA SER C 144 28.43 31.65 11.28
C SER C 144 29.20 30.77 10.30
N VAL C 145 30.53 30.69 10.44
CA VAL C 145 31.36 29.87 9.56
C VAL C 145 31.56 28.53 10.24
N GLU C 146 30.91 27.48 9.73
CA GLU C 146 31.01 26.14 10.28
C GLU C 146 32.05 25.29 9.53
N MET C 147 32.99 25.92 8.84
CA MET C 147 34.00 25.16 8.11
C MET C 147 34.83 24.31 9.05
N SER C 148 35.13 24.83 10.24
CA SER C 148 35.91 24.11 11.24
C SER C 148 35.03 23.45 12.30
N ALA C 149 33.84 23.01 11.92
CA ALA C 149 32.91 22.35 12.84
C ALA C 149 32.52 23.28 13.98
N VAL C 150 32.10 24.48 13.63
CA VAL C 150 31.68 25.49 14.60
C VAL C 150 30.17 25.46 14.71
N ALA C 151 29.67 25.76 15.92
CA ALA C 151 28.24 25.77 16.17
C ALA C 151 27.56 26.81 15.27
N PRO C 152 26.72 26.39 14.31
CA PRO C 152 26.09 27.36 13.42
C PRO C 152 25.07 28.20 14.16
N PRO C 153 24.51 29.22 13.52
CA PRO C 153 23.51 30.06 14.18
C PRO C 153 22.33 29.24 14.66
N PRO C 154 22.07 29.20 15.96
CA PRO C 154 20.91 28.43 16.45
C PRO C 154 19.62 28.92 15.82
N ALA C 155 18.97 28.03 15.07
CA ALA C 155 17.73 28.36 14.39
C ALA C 155 16.87 27.10 14.28
N SER C 156 15.56 27.31 14.17
CA SER C 156 14.61 26.20 14.07
C SER C 156 14.55 25.61 12.66
N ASN C 157 15.35 26.10 11.72
CA ASN C 157 15.35 25.59 10.36
C ASN C 157 16.20 24.33 10.19
N GLY C 158 16.68 23.75 11.29
CA GLY C 158 17.50 22.55 11.22
C GLY C 158 18.86 22.73 11.84
N ASN C 159 18.98 23.71 12.75
CA ASN C 159 20.24 23.99 13.44
C ASN C 159 20.14 23.78 14.94
N LEU C 160 19.07 24.27 15.58
CA LEU C 160 18.92 24.10 17.02
C LEU C 160 18.34 22.73 17.36
N LEU C 161 17.38 22.25 16.55
CA LEU C 161 16.79 20.94 16.81
C LEU C 161 17.84 19.86 16.84
N TYR C 162 18.87 19.98 15.98
CA TYR C 162 19.93 18.97 15.92
C TYR C 162 20.85 19.08 17.13
N ILE C 163 21.33 20.29 17.42
CA ILE C 163 22.17 20.50 18.60
C ILE C 163 21.43 20.13 19.87
N GLY C 164 20.11 20.01 19.81
CA GLY C 164 19.31 19.60 20.94
C GLY C 164 18.93 18.13 20.89
N PHE C 165 17.76 17.84 20.34
CA PHE C 165 17.22 16.48 20.38
C PHE C 165 18.22 15.47 19.82
N ARG C 166 18.84 15.80 18.68
CA ARG C 166 19.80 14.92 18.03
C ARG C 166 21.24 15.25 18.42
N GLY C 167 21.45 15.76 19.62
CA GLY C 167 22.81 16.10 20.06
C GLY C 167 23.75 14.92 20.04
N LEU C 168 23.23 13.72 20.31
CA LEU C 168 24.04 12.50 20.34
C LEU C 168 25.18 12.62 21.35
N ASP C 169 24.79 12.77 22.62
CA ASP C 169 25.74 12.92 23.73
C ASP C 169 26.55 14.20 23.61
N GLY C 170 25.96 15.24 23.03
CA GLY C 170 26.64 16.52 22.89
C GLY C 170 26.46 17.41 24.09
N VAL C 171 26.37 18.72 23.86
CA VAL C 171 26.20 19.66 24.96
C VAL C 171 24.78 19.57 25.52
N HIS C 172 23.81 19.18 24.70
CA HIS C 172 22.43 19.09 25.18
C HIS C 172 22.27 17.99 26.22
N CYS C 173 23.11 16.95 26.18
CA CYS C 173 23.01 15.86 27.14
C CYS C 173 23.73 16.16 28.44
N VAL C 174 24.62 17.16 28.47
CA VAL C 174 25.35 17.52 29.68
C VAL C 174 25.38 19.04 29.80
N PRO C 175 24.22 19.70 29.95
CA PRO C 175 24.21 21.18 30.07
C PRO C 175 24.63 21.65 31.45
N THR C 176 25.93 21.50 31.74
CA THR C 176 26.51 21.90 33.02
C THR C 176 27.84 22.61 32.77
N PRO C 177 27.78 23.86 32.30
CA PRO C 177 29.02 24.61 32.06
C PRO C 177 29.82 24.79 33.35
N ASP C 178 31.06 25.25 33.17
CA ASP C 178 31.96 25.49 34.30
C ASP C 178 31.60 26.82 34.96
N SER C 179 30.42 26.83 35.60
CA SER C 179 29.92 28.01 36.28
C SER C 179 29.56 27.70 37.72
N GLY C 180 29.07 26.49 37.96
CA GLY C 180 28.68 26.09 39.31
C GLY C 180 27.34 26.62 39.76
N VAL C 181 26.39 26.77 38.83
CA VAL C 181 25.07 27.27 39.21
C VAL C 181 24.43 26.37 40.25
N VAL C 182 24.79 25.08 40.27
CA VAL C 182 24.23 24.17 41.26
C VAL C 182 24.49 24.63 42.67
N CYS C 183 25.50 25.49 42.88
CA CYS C 183 25.80 26.05 44.19
C CYS C 183 25.57 27.54 44.26
N GLY C 184 25.07 28.16 43.19
CA GLY C 184 24.81 29.59 43.18
C GLY C 184 23.39 29.94 42.76
N ARG C 185 22.72 29.00 42.12
CA ARG C 185 21.35 29.20 41.65
C ARG C 185 20.37 28.45 42.56
N MET C 186 19.15 28.99 42.64
CA MET C 186 18.10 28.40 43.45
C MET C 186 16.87 27.99 42.64
N ALA C 187 16.60 28.65 41.52
CA ALA C 187 15.45 28.31 40.69
C ALA C 187 15.65 26.93 40.08
N CYS C 188 14.88 25.95 40.56
CA CYS C 188 14.98 24.58 40.07
C CYS C 188 16.38 24.01 40.25
N SER C 189 17.07 24.45 41.31
CA SER C 189 18.43 24.00 41.58
C SER C 189 18.73 24.14 43.06
N PRO C 190 18.45 23.11 43.87
CA PRO C 190 18.76 23.21 45.30
C PRO C 190 20.23 23.51 45.54
N THR C 191 20.49 24.45 46.45
CA THR C 191 21.85 24.87 46.78
C THR C 191 22.49 23.82 47.69
N HIS C 192 22.83 22.70 47.07
CA HIS C 192 23.47 21.56 47.74
C HIS C 192 22.80 21.26 49.08
N ASP C 193 21.48 21.45 49.14
CA ASP C 193 20.72 21.18 50.36
C ASP C 193 20.58 19.68 50.52
N GLU C 194 21.44 19.08 51.35
CA GLU C 194 21.41 17.64 51.57
C GLU C 194 20.26 17.23 52.48
N HIS C 195 19.57 18.17 53.13
CA HIS C 195 18.46 17.87 54.01
C HIS C 195 17.10 18.00 53.32
N LEU C 196 17.08 18.31 52.03
CA LEU C 196 15.82 18.44 51.30
C LEU C 196 15.30 17.05 50.98
N LEU C 197 14.33 16.59 51.78
CA LEU C 197 13.73 15.28 51.60
C LEU C 197 12.22 15.42 51.44
N HIS C 198 11.61 14.37 50.88
CA HIS C 198 10.16 14.33 50.65
C HIS C 198 9.47 14.02 51.98
N GLY C 199 9.46 15.02 52.86
CA GLY C 199 8.85 14.88 54.17
C GLY C 199 9.42 13.71 54.94
N GLY C 200 10.74 13.57 54.94
CA GLY C 200 11.42 12.49 55.63
C GLY C 200 11.78 11.32 54.74
N GLN C 201 11.34 11.32 53.48
CA GLN C 201 11.63 10.24 52.55
C GLN C 201 12.46 10.77 51.38
N PRO C 202 13.24 9.91 50.73
CA PRO C 202 14.06 10.38 49.60
C PRO C 202 13.20 10.77 48.42
N PRO C 203 13.77 11.48 47.43
CA PRO C 203 12.96 11.87 46.27
C PRO C 203 12.63 10.70 45.35
N GLU C 204 11.94 9.69 45.88
CA GLU C 204 11.57 8.52 45.10
C GLU C 204 10.44 7.80 45.82
N GLY C 205 9.32 7.62 45.13
CA GLY C 205 8.17 6.96 45.71
C GLY C 205 8.12 5.48 45.42
N ASP C 206 8.41 5.11 44.17
CA ASP C 206 8.39 3.71 43.76
C ASP C 206 9.37 3.49 42.62
N PRO C 207 10.34 2.58 42.77
CA PRO C 207 11.29 2.34 41.66
C PRO C 207 10.61 1.94 40.35
N ASP C 208 9.36 1.48 40.39
CA ASP C 208 8.67 1.12 39.16
C ASP C 208 8.59 2.30 38.20
N LEU C 209 8.51 3.53 38.73
CA LEU C 209 8.49 4.70 37.86
C LEU C 209 9.80 4.85 37.11
N ALA C 210 10.92 4.50 37.75
CA ALA C 210 12.20 4.55 37.06
C ALA C 210 12.23 3.59 35.87
N LYS C 211 11.57 2.45 35.98
CA LYS C 211 11.51 1.50 34.88
C LYS C 211 10.53 1.96 33.81
N ILE C 212 9.40 2.54 34.22
CA ILE C 212 8.46 3.08 33.25
C ILE C 212 9.09 4.20 32.45
N LEU C 213 10.00 4.96 33.08
CA LEU C 213 10.70 6.02 32.35
C LEU C 213 11.51 5.44 31.19
N GLU C 214 12.28 4.39 31.45
CA GLU C 214 13.03 3.75 30.37
C GLU C 214 12.10 3.11 29.36
N GLU C 215 10.97 2.55 29.82
CA GLU C 215 10.02 1.94 28.90
C GLU C 215 9.47 2.97 27.91
N VAL C 216 9.14 4.17 28.40
CA VAL C 216 8.63 5.20 27.51
C VAL C 216 9.75 5.81 26.67
N ARG C 217 10.97 5.87 27.22
CA ARG C 217 12.11 6.34 26.43
C ARG C 217 12.39 5.39 25.26
N TYR C 218 12.12 4.11 25.43
CA TYR C 218 12.27 3.16 24.32
C TYR C 218 11.34 3.52 23.18
N ILE C 219 10.07 3.81 23.49
CA ILE C 219 9.12 4.21 22.45
C ILE C 219 9.52 5.54 21.86
N ALA C 220 10.06 6.45 22.67
CA ALA C 220 10.53 7.72 22.15
C ALA C 220 11.67 7.53 21.15
N ASN C 221 12.61 6.65 21.47
CA ASN C 221 13.70 6.36 20.55
C ASN C 221 13.21 5.68 19.29
N ARG C 222 12.20 4.81 19.43
CA ARG C 222 11.60 4.18 18.25
C ARG C 222 10.96 5.23 17.34
N PHE C 223 10.24 6.18 17.93
CA PHE C 223 9.63 7.25 17.13
C PHE C 223 10.71 8.12 16.49
N ARG C 224 11.81 8.37 17.21
CA ARG C 224 12.91 9.14 16.63
C ARG C 224 13.52 8.41 15.43
N CYS C 225 13.70 7.09 15.55
CA CYS C 225 14.23 6.33 14.43
C CYS C 225 13.27 6.33 13.25
N GLN C 226 11.97 6.24 13.53
CA GLN C 226 10.98 6.31 12.45
C GLN C 226 11.03 7.66 11.76
N ASP C 227 11.16 8.74 12.53
CA ASP C 227 11.25 10.07 11.94
C ASP C 227 12.52 10.21 11.11
N GLU C 228 13.63 9.63 11.58
CA GLU C 228 14.87 9.67 10.81
C GLU C 228 14.73 8.91 9.51
N SER C 229 14.08 7.74 9.54
CA SER C 229 13.84 6.99 8.31
C SER C 229 12.95 7.77 7.36
N GLU C 230 11.92 8.42 7.88
CA GLU C 230 11.05 9.23 7.03
C GLU C 230 11.81 10.39 6.41
N ALA C 231 12.71 11.02 7.17
CA ALA C 231 13.51 12.11 6.63
C ALA C 231 14.47 11.61 5.55
N VAL C 232 15.06 10.43 5.75
CA VAL C 232 15.92 9.85 4.74
C VAL C 232 15.13 9.57 3.47
N CYS C 233 13.92 9.04 3.62
CA CYS C 233 13.08 8.77 2.46
C CYS C 233 12.71 10.06 1.73
N SER C 234 12.41 11.11 2.48
CA SER C 234 12.10 12.40 1.86
C SER C 234 13.31 12.96 1.13
N GLU C 235 14.51 12.80 1.70
CA GLU C 235 15.72 13.26 1.04
C GLU C 235 15.96 12.48 -0.25
N TRP C 236 15.72 11.17 -0.23
CA TRP C 236 15.86 10.37 -1.44
C TRP C 236 14.85 10.81 -2.49
N LYS C 237 13.61 11.10 -2.08
CA LYS C 237 12.60 11.56 -3.02
C LYS C 237 12.98 12.91 -3.63
N PHE C 238 13.56 13.80 -2.81
CA PHE C 238 14.01 15.08 -3.33
C PHE C 238 15.16 14.91 -4.32
N ALA C 239 16.10 14.01 -4.00
CA ALA C 239 17.19 13.73 -4.92
C ALA C 239 16.67 13.17 -6.24
N ALA C 240 15.64 12.33 -6.17
CA ALA C 240 15.04 11.78 -7.39
C ALA C 240 14.34 12.87 -8.20
N CYS C 241 13.59 13.74 -7.52
CA CYS C 241 12.91 14.83 -8.21
C CYS C 241 13.91 15.79 -8.84
N VAL C 242 15.08 15.97 -8.22
CA VAL C 242 16.11 16.82 -8.80
C VAL C 242 16.55 16.27 -10.15
N VAL C 243 16.83 14.96 -10.22
CA VAL C 243 17.22 14.35 -11.47
C VAL C 243 16.08 14.40 -12.48
N ASP C 244 14.85 14.23 -12.00
CA ASP C 244 13.70 14.32 -12.90
C ASP C 244 13.62 15.69 -13.54
N ARG C 245 13.78 16.75 -12.75
CA ARG C 245 13.72 18.11 -13.28
C ARG C 245 14.90 18.37 -14.21
N LEU C 246 16.08 17.87 -13.87
CA LEU C 246 17.24 18.04 -14.75
C LEU C 246 17.00 17.39 -16.10
N CYS C 247 16.44 16.17 -16.11
CA CYS C 247 16.15 15.50 -17.36
C CYS C 247 15.06 16.22 -18.14
N LEU C 248 14.04 16.72 -17.45
CA LEU C 248 12.98 17.48 -18.12
C LEU C 248 13.55 18.73 -18.79
N MET C 249 14.50 19.39 -18.13
CA MET C 249 15.07 20.61 -18.68
C MET C 249 16.08 20.30 -19.79
N ALA C 250 16.73 19.14 -19.74
CA ALA C 250 17.71 18.79 -20.76
C ALA C 250 17.04 18.29 -22.03
N PHE C 251 16.20 17.26 -21.92
CA PHE C 251 15.57 16.68 -23.09
C PHE C 251 14.65 17.65 -23.81
N SER C 252 14.23 18.73 -23.15
CA SER C 252 13.33 19.70 -23.78
C SER C 252 14.01 20.35 -24.99
N VAL C 253 15.25 20.81 -24.81
CA VAL C 253 15.96 21.46 -25.91
C VAL C 253 16.21 20.47 -27.03
N PHE C 254 16.54 19.21 -26.69
CA PHE C 254 16.77 18.20 -27.71
C PHE C 254 15.50 17.94 -28.52
N THR C 255 14.36 17.83 -27.84
CA THR C 255 13.10 17.61 -28.54
C THR C 255 12.74 18.81 -29.42
N ILE C 256 12.99 20.03 -28.92
CA ILE C 256 12.70 21.22 -29.71
C ILE C 256 13.57 21.23 -30.97
N ILE C 257 14.85 20.90 -30.83
CA ILE C 257 15.74 20.88 -31.98
C ILE C 257 15.32 19.81 -32.98
N CYS C 258 14.91 18.63 -32.47
CA CYS C 258 14.46 17.57 -33.36
C CYS C 258 13.21 17.98 -34.12
N THR C 259 12.27 18.65 -33.43
CA THR C 259 11.06 19.11 -34.09
C THR C 259 11.38 20.16 -35.15
N ILE C 260 12.28 21.09 -34.82
CA ILE C 260 12.65 22.12 -35.79
C ILE C 260 13.30 21.49 -37.01
N GLY C 261 14.15 20.49 -36.80
CA GLY C 261 14.79 19.82 -37.92
C GLY C 261 13.80 19.05 -38.77
N ILE C 262 12.85 18.36 -38.13
CA ILE C 262 11.84 17.63 -38.88
C ILE C 262 10.96 18.59 -39.67
N LEU C 263 10.68 19.77 -39.12
CA LEU C 263 9.86 20.74 -39.84
C LEU C 263 10.62 21.36 -41.00
N MET C 264 11.92 21.63 -40.82
CA MET C 264 12.72 22.22 -41.89
C MET C 264 12.96 21.22 -43.01
N SER C 265 13.04 19.93 -42.69
CA SER C 265 13.28 18.89 -43.69
C SER C 265 11.99 18.26 -44.19
N ALA C 266 10.84 18.84 -43.88
CA ALA C 266 9.55 18.29 -44.33
C ALA C 266 9.42 18.40 -45.84
N PRO C 267 9.79 19.53 -46.46
CA PRO C 267 9.65 19.62 -47.92
C PRO C 267 10.45 18.56 -48.66
N ASN C 268 11.53 18.05 -48.07
CA ASN C 268 12.33 17.03 -48.75
C ASN C 268 11.54 15.73 -48.91
N PHE C 269 10.83 15.32 -47.86
CA PHE C 269 10.03 14.10 -47.89
C PHE C 269 8.55 14.38 -48.00
N VAL C 270 8.01 15.21 -47.11
CA VAL C 270 6.59 15.54 -47.14
C VAL C 270 6.32 16.59 -48.22
N LEU D 7 -25.37 -0.73 -41.88
CA LEU D 7 -25.55 -1.03 -40.46
C LEU D 7 -24.27 -1.61 -39.86
N TYR D 8 -23.73 -2.64 -40.53
CA TYR D 8 -22.51 -3.27 -40.04
C TYR D 8 -21.34 -2.28 -40.01
N TYR D 9 -21.33 -1.32 -40.93
CA TYR D 9 -20.26 -0.32 -40.99
C TYR D 9 -20.56 0.88 -40.10
N GLY D 10 -21.76 1.44 -40.22
CA GLY D 10 -22.10 2.60 -39.41
C GLY D 10 -22.05 2.30 -37.93
N LEU D 11 -22.61 1.17 -37.51
CA LEU D 11 -22.58 0.80 -36.10
C LEU D 11 -21.16 0.52 -35.64
N ASN D 12 -20.37 -0.19 -36.44
CA ASN D 12 -19.00 -0.50 -36.07
C ASN D 12 -18.16 0.76 -35.95
N LEU D 13 -18.51 1.81 -36.71
CA LEU D 13 -17.78 3.07 -36.63
C LEU D 13 -18.29 4.00 -35.54
N LEU D 14 -19.56 3.86 -35.14
CA LEU D 14 -20.15 4.74 -34.14
C LEU D 14 -19.96 4.23 -32.72
N ILE D 15 -20.06 2.90 -32.52
CA ILE D 15 -19.96 2.36 -31.16
C ILE D 15 -18.63 2.70 -30.52
N PRO D 16 -17.48 2.58 -31.21
CA PRO D 16 -16.21 2.91 -30.54
C PRO D 16 -16.13 4.36 -30.08
N CYS D 17 -16.65 5.30 -30.87
CA CYS D 17 -16.59 6.70 -30.50
C CYS D 17 -17.37 6.96 -29.21
N VAL D 18 -18.62 6.52 -29.17
CA VAL D 18 -19.45 6.73 -27.98
C VAL D 18 -18.86 5.98 -26.79
N LEU D 19 -18.27 4.80 -27.02
CA LEU D 19 -17.67 4.06 -25.93
C LEU D 19 -16.49 4.82 -25.33
N ILE D 20 -15.63 5.36 -26.19
CA ILE D 20 -14.48 6.13 -25.71
C ILE D 20 -14.96 7.40 -25.01
N SER D 21 -16.01 8.03 -25.52
CA SER D 21 -16.55 9.22 -24.87
C SER D 21 -17.06 8.90 -23.48
N ALA D 22 -17.82 7.80 -23.34
CA ALA D 22 -18.32 7.40 -22.03
C ALA D 22 -17.19 7.04 -21.09
N LEU D 23 -16.16 6.37 -21.59
CA LEU D 23 -15.01 6.03 -20.76
C LEU D 23 -14.30 7.29 -20.26
N ALA D 24 -14.12 8.27 -21.14
CA ALA D 24 -13.47 9.52 -20.73
C ALA D 24 -14.33 10.25 -19.71
N LEU D 25 -15.65 10.30 -19.92
CA LEU D 25 -16.53 10.94 -18.96
C LEU D 25 -16.46 10.26 -17.60
N LEU D 26 -16.42 8.92 -17.58
CA LEU D 26 -16.33 8.20 -16.33
C LEU D 26 -14.99 8.45 -15.65
N VAL D 27 -13.90 8.50 -16.42
CA VAL D 27 -12.59 8.78 -15.85
C VAL D 27 -12.57 10.18 -15.24
N PHE D 28 -13.20 11.15 -15.90
CA PHE D 28 -13.25 12.50 -15.37
C PHE D 28 -14.16 12.58 -14.15
N LEU D 29 -15.16 11.71 -14.06
CA LEU D 29 -16.09 11.73 -12.94
C LEU D 29 -15.48 11.11 -11.69
N LEU D 30 -14.55 10.18 -11.85
CA LEU D 30 -13.95 9.50 -10.71
C LEU D 30 -13.08 10.47 -9.90
N PRO D 31 -12.82 10.15 -8.64
CA PRO D 31 -11.96 11.03 -7.82
C PRO D 31 -10.52 11.02 -8.30
N ALA D 32 -9.66 11.80 -7.63
CA ALA D 32 -8.24 11.87 -7.97
C ALA D 32 -7.51 10.67 -7.35
N ASP D 33 -7.76 9.51 -7.94
CA ASP D 33 -7.15 8.25 -7.50
C ASP D 33 -6.05 7.88 -8.48
N SER D 34 -4.80 7.94 -8.03
CA SER D 34 -3.67 7.66 -8.91
C SER D 34 -3.70 6.21 -9.38
N GLY D 35 -3.73 5.26 -8.44
CA GLY D 35 -3.69 3.86 -8.80
C GLY D 35 -4.83 3.43 -9.70
N GLU D 36 -5.97 4.12 -9.62
CA GLU D 36 -7.14 3.77 -10.41
C GLU D 36 -7.28 4.63 -11.66
N LYS D 37 -7.38 5.95 -11.48
CA LYS D 37 -7.61 6.84 -12.62
C LYS D 37 -6.59 6.60 -13.73
N ILE D 38 -5.31 6.59 -13.37
CA ILE D 38 -4.26 6.34 -14.37
C ILE D 38 -4.56 5.05 -15.13
N SER D 39 -4.86 3.97 -14.40
CA SER D 39 -5.11 2.68 -15.04
C SER D 39 -6.15 2.80 -16.15
N LEU D 40 -7.10 3.72 -16.00
CA LEU D 40 -8.08 3.98 -17.05
C LEU D 40 -7.59 5.07 -18.00
N GLY D 41 -7.04 6.15 -17.46
CA GLY D 41 -6.62 7.27 -18.29
C GLY D 41 -5.70 6.87 -19.42
N ILE D 42 -4.95 5.77 -19.23
CA ILE D 42 -4.06 5.30 -20.29
C ILE D 42 -4.83 4.47 -21.31
N THR D 43 -5.69 3.56 -20.83
CA THR D 43 -6.39 2.66 -21.74
C THR D 43 -7.17 3.44 -22.79
N VAL D 44 -7.96 4.43 -22.35
CA VAL D 44 -8.78 5.23 -23.27
C VAL D 44 -7.94 5.71 -24.45
N LEU D 45 -6.64 5.93 -24.24
CA LEU D 45 -5.75 6.28 -25.32
C LEU D 45 -5.18 5.05 -26.01
N LEU D 46 -4.60 4.13 -25.24
CA LEU D 46 -3.94 2.96 -25.84
C LEU D 46 -4.91 2.19 -26.72
N SER D 47 -6.11 1.91 -26.21
CA SER D 47 -7.10 1.19 -26.99
C SER D 47 -7.33 1.85 -28.35
N LEU D 48 -7.36 3.18 -28.37
CA LEU D 48 -7.60 3.90 -29.62
C LEU D 48 -6.59 3.48 -30.69
N THR D 49 -5.34 3.25 -30.30
CA THR D 49 -4.33 2.83 -31.26
C THR D 49 -4.79 1.57 -32.00
N VAL D 50 -5.32 0.59 -31.25
CA VAL D 50 -5.82 -0.62 -31.88
C VAL D 50 -6.87 -0.28 -32.93
N PHE D 51 -7.78 0.65 -32.60
CA PHE D 51 -8.79 1.06 -33.55
C PHE D 51 -8.16 1.56 -34.85
N MET D 52 -7.05 2.28 -34.74
CA MET D 52 -6.38 2.78 -35.93
C MET D 52 -5.99 1.64 -36.86
N LEU D 53 -5.58 0.51 -36.29
CA LEU D 53 -5.22 -0.65 -37.11
C LEU D 53 -6.37 -1.04 -38.03
N LEU D 54 -7.62 -0.86 -37.57
CA LEU D 54 -8.77 -1.13 -38.41
C LEU D 54 -9.04 0.01 -39.38
N VAL D 55 -8.81 1.25 -38.93
CA VAL D 55 -9.08 2.42 -39.77
C VAL D 55 -8.31 2.31 -41.08
N ALA D 56 -6.99 2.13 -41.00
CA ALA D 56 -6.17 1.99 -42.20
C ALA D 56 -6.65 0.86 -43.10
N GLU D 57 -7.39 -0.11 -42.56
CA GLU D 57 -7.91 -1.19 -43.38
C GLU D 57 -9.18 -0.77 -44.11
N ILE D 58 -10.04 0.02 -43.46
CA ILE D 58 -11.29 0.45 -44.07
C ILE D 58 -11.15 1.80 -44.77
N MET D 59 -10.24 2.66 -44.30
CA MET D 59 -10.02 3.99 -44.86
C MET D 59 -8.55 4.14 -45.19
N PRO D 60 -8.11 3.62 -46.35
CA PRO D 60 -6.70 3.74 -46.72
C PRO D 60 -6.32 5.20 -46.96
N SER D 61 -5.32 5.69 -46.20
CA SER D 61 -4.90 7.07 -46.33
C SER D 61 -4.19 7.33 -47.65
N THR D 62 -3.75 6.28 -48.36
CA THR D 62 -3.05 6.48 -49.62
C THR D 62 -3.95 7.10 -50.68
N SER D 63 -5.25 6.83 -50.61
CA SER D 63 -6.20 7.36 -51.59
C SER D 63 -7.36 8.09 -50.95
N ASP D 64 -7.82 7.65 -49.78
CA ASP D 64 -8.95 8.28 -49.10
C ASP D 64 -8.47 9.58 -48.45
N SER D 65 -8.43 10.63 -49.26
CA SER D 65 -7.99 11.96 -48.81
C SER D 65 -9.23 12.81 -48.58
N SER D 66 -9.80 12.70 -47.38
CA SER D 66 -10.98 13.45 -46.99
C SER D 66 -10.66 14.30 -45.77
N PRO D 67 -10.78 15.64 -45.84
CA PRO D 67 -10.42 16.44 -44.67
C PRO D 67 -11.39 16.31 -43.51
N SER D 68 -12.65 15.94 -43.77
CA SER D 68 -13.62 15.81 -42.69
C SER D 68 -13.22 14.71 -41.72
N ILE D 69 -12.96 13.50 -42.23
CA ILE D 69 -12.57 12.39 -41.37
C ILE D 69 -11.21 12.69 -40.73
N ALA D 70 -10.33 13.38 -41.44
CA ALA D 70 -9.04 13.75 -40.86
C ALA D 70 -9.23 14.64 -39.63
N GLN D 71 -10.07 15.67 -39.76
CA GLN D 71 -10.32 16.57 -38.64
C GLN D 71 -11.02 15.83 -37.51
N TYR D 72 -11.94 14.92 -37.84
CA TYR D 72 -12.62 14.14 -36.81
C TYR D 72 -11.64 13.29 -36.02
N PHE D 73 -10.74 12.60 -36.72
CA PHE D 73 -9.75 11.77 -36.05
C PHE D 73 -8.78 12.61 -35.23
N ALA D 74 -8.39 13.78 -35.74
CA ALA D 74 -7.53 14.68 -34.98
C ALA D 74 -8.21 15.14 -33.70
N SER D 75 -9.50 15.50 -33.79
CA SER D 75 -10.24 15.92 -32.61
C SER D 75 -10.36 14.77 -31.60
N THR D 76 -10.62 13.56 -32.09
CA THR D 76 -10.71 12.41 -31.19
C THR D 76 -9.38 12.15 -30.50
N MET D 77 -8.27 12.24 -31.24
CA MET D 77 -6.95 12.05 -30.64
C MET D 77 -6.67 13.11 -29.59
N ILE D 78 -7.00 14.37 -29.90
CA ILE D 78 -6.79 15.45 -28.94
C ILE D 78 -7.63 15.22 -27.69
N ILE D 79 -8.86 14.74 -27.88
CA ILE D 79 -9.75 14.52 -26.73
C ILE D 79 -9.20 13.40 -25.84
N VAL D 80 -8.76 12.31 -26.45
CA VAL D 80 -8.25 11.19 -25.65
C VAL D 80 -6.94 11.58 -24.97
N GLY D 81 -6.13 12.43 -25.61
CA GLY D 81 -4.91 12.90 -24.98
C GLY D 81 -5.17 13.87 -23.84
N LEU D 82 -6.23 14.68 -23.96
CA LEU D 82 -6.58 15.60 -22.89
C LEU D 82 -6.89 14.87 -21.60
N SER D 83 -7.40 13.65 -21.69
CA SER D 83 -7.65 12.85 -20.50
C SER D 83 -6.37 12.65 -19.69
N VAL D 84 -5.33 12.13 -20.35
CA VAL D 84 -4.06 11.89 -19.68
C VAL D 84 -3.44 13.22 -19.25
N VAL D 85 -3.60 14.27 -20.08
CA VAL D 85 -3.04 15.57 -19.73
C VAL D 85 -3.63 16.07 -18.40
N VAL D 86 -4.95 16.04 -18.29
CA VAL D 86 -5.62 16.50 -17.08
C VAL D 86 -5.28 15.59 -15.91
N THR D 87 -5.19 14.27 -16.16
CA THR D 87 -4.83 13.35 -15.09
C THR D 87 -3.47 13.70 -14.50
N VAL D 88 -2.49 13.94 -15.36
CA VAL D 88 -1.14 14.28 -14.89
C VAL D 88 -1.15 15.65 -14.21
N ILE D 89 -1.87 16.61 -14.77
CA ILE D 89 -1.93 17.95 -14.17
C ILE D 89 -2.53 17.87 -12.77
N VAL D 90 -3.52 17.00 -12.58
CA VAL D 90 -4.16 16.88 -11.27
C VAL D 90 -3.26 16.12 -10.31
N LEU D 91 -2.60 15.05 -10.78
CA LEU D 91 -1.69 14.30 -9.91
C LEU D 91 -0.50 15.16 -9.49
N GLN D 92 -0.11 16.13 -10.31
CA GLN D 92 0.97 17.04 -9.92
C GLN D 92 0.59 17.86 -8.71
N TYR D 93 -0.69 18.17 -8.54
CA TYR D 93 -1.16 18.94 -7.40
C TYR D 93 -1.23 18.12 -6.12
N HIS D 94 -1.13 16.79 -6.21
CA HIS D 94 -1.18 15.95 -5.01
C HIS D 94 0.19 15.89 -4.34
N HIS D 95 1.23 15.55 -5.09
CA HIS D 95 2.60 15.50 -4.57
C HIS D 95 3.26 16.84 -4.84
N HIS D 96 3.01 17.79 -3.94
CA HIS D 96 3.54 19.15 -4.08
C HIS D 96 5.05 19.12 -3.93
N ASP D 97 5.75 19.27 -5.04
CA ASP D 97 7.22 19.29 -5.01
C ASP D 97 7.70 20.53 -4.25
N PRO D 98 8.46 20.38 -3.17
CA PRO D 98 8.93 21.57 -2.45
C PRO D 98 9.70 22.55 -3.34
N ASP D 99 10.37 22.05 -4.38
CA ASP D 99 11.11 22.92 -5.28
C ASP D 99 10.22 23.64 -6.29
N GLY D 100 8.97 23.23 -6.44
CA GLY D 100 8.05 23.85 -7.38
C GLY D 100 6.63 23.74 -6.89
N GLY D 101 5.72 23.43 -7.81
CA GLY D 101 4.31 23.28 -7.47
C GLY D 101 3.61 24.62 -7.34
N LYS D 102 2.28 24.57 -7.48
CA LYS D 102 1.46 25.76 -7.37
C LYS D 102 1.32 26.18 -5.91
N MET D 103 1.38 27.49 -5.67
CA MET D 103 1.27 28.03 -4.33
C MET D 103 -0.05 27.60 -3.69
N PRO D 104 -0.03 26.73 -2.68
CA PRO D 104 -1.29 26.29 -2.07
C PRO D 104 -2.05 27.43 -1.39
N LYS D 105 -1.38 28.52 -1.03
CA LYS D 105 -2.06 29.60 -0.34
C LYS D 105 -3.15 30.23 -1.21
N TRP D 106 -2.82 30.54 -2.46
CA TRP D 106 -3.79 31.17 -3.35
C TRP D 106 -4.96 30.25 -3.64
N THR D 107 -4.70 28.95 -3.77
CA THR D 107 -5.75 28.00 -4.11
C THR D 107 -6.58 27.58 -2.90
N ARG D 108 -6.08 27.79 -1.68
CA ARG D 108 -6.83 27.39 -0.49
C ARG D 108 -8.13 28.16 -0.38
N VAL D 109 -8.08 29.48 -0.61
CA VAL D 109 -9.29 30.30 -0.51
C VAL D 109 -10.30 29.87 -1.58
N ILE D 110 -9.84 29.62 -2.80
CA ILE D 110 -10.73 29.18 -3.86
C ILE D 110 -11.38 27.85 -3.51
N LEU D 111 -10.59 26.91 -2.98
CA LEU D 111 -11.12 25.62 -2.59
C LEU D 111 -12.17 25.77 -1.49
N LEU D 112 -11.88 26.59 -0.48
CA LEU D 112 -12.82 26.78 0.61
C LEU D 112 -14.10 27.43 0.13
N ASN D 113 -14.00 28.35 -0.84
CA ASN D 113 -15.19 29.03 -1.36
C ASN D 113 -16.01 28.10 -2.25
N TRP D 114 -15.36 27.22 -3.01
CA TRP D 114 -16.07 26.34 -3.92
C TRP D 114 -16.59 25.07 -3.28
N CYS D 115 -16.01 24.64 -2.15
CA CYS D 115 -16.51 23.45 -1.48
C CYS D 115 -17.95 23.62 -1.04
N ALA D 116 -18.26 24.75 -0.41
CA ALA D 116 -19.64 25.02 0.01
C ALA D 116 -20.56 25.15 -1.21
N TRP D 117 -20.10 25.84 -2.25
CA TRP D 117 -20.92 26.00 -3.45
C TRP D 117 -21.28 24.66 -4.05
N PHE D 118 -20.34 23.71 -4.05
CA PHE D 118 -20.61 22.38 -4.58
C PHE D 118 -21.53 21.60 -3.64
N LEU D 119 -21.30 21.71 -2.33
CA LEU D 119 -22.14 21.00 -1.37
C LEU D 119 -23.48 21.71 -1.18
N ARG D 120 -23.44 22.97 -0.74
CA ARG D 120 -24.63 23.78 -0.53
C ARG D 120 -24.64 24.89 -1.57
N MET D 121 -25.43 24.71 -2.63
CA MET D 121 -25.50 25.69 -3.70
C MET D 121 -25.85 27.06 -3.15
N LYS D 122 -24.96 28.03 -3.38
CA LYS D 122 -25.16 29.39 -2.90
C LYS D 122 -25.94 30.22 -3.93
N ARG D 123 -27.18 29.79 -4.15
CA ARG D 123 -28.09 30.44 -5.08
C ARG D 123 -29.33 30.92 -4.35
N PRO D 124 -30.10 31.84 -4.96
CA PRO D 124 -31.31 32.33 -4.27
C PRO D 124 -32.28 31.22 -3.90
N GLY D 125 -32.46 30.23 -4.77
CA GLY D 125 -33.41 29.17 -4.49
C GLY D 125 -33.14 28.45 -3.19
N GLU D 126 -31.87 28.36 -2.80
CA GLU D 126 -31.49 27.71 -1.54
C GLU D 126 -31.17 28.70 -0.44
N ASP D 127 -30.90 29.96 -0.78
CA ASP D 127 -30.58 30.97 0.24
C ASP D 127 -31.85 31.57 0.84
N LYS D 128 -32.90 31.74 0.05
CA LYS D 128 -34.15 32.33 0.54
C LYS D 128 -35.06 31.31 1.19
N VAL D 129 -35.02 30.05 0.75
CA VAL D 129 -35.89 29.00 1.31
C VAL D 129 -35.12 28.41 2.48
N ARG D 130 -35.24 29.05 3.63
CA ARG D 130 -34.59 28.60 4.85
C ARG D 130 -35.06 29.50 6.00
N PRO D 131 -34.88 29.07 7.24
CA PRO D 131 -35.27 29.91 8.39
C PRO D 131 -34.54 31.25 8.35
N ALA D 132 -35.31 32.33 8.34
CA ALA D 132 -34.75 33.67 8.29
C ALA D 132 -35.68 34.62 9.03
N CYS D 133 -35.08 35.59 9.73
CA CYS D 133 -35.83 36.57 10.48
C CYS D 133 -35.12 37.92 10.39
N GLN D 134 -35.78 38.96 10.89
CA GLN D 134 -35.26 40.31 10.84
C GLN D 134 -34.46 40.69 12.08
N HIS D 135 -34.39 39.82 13.08
CA HIS D 135 -33.67 40.10 14.31
C HIS D 135 -32.22 39.66 14.16
N LYS D 136 -31.48 39.61 15.28
CA LYS D 136 -30.06 39.34 15.25
C LYS D 136 -29.71 38.04 14.51
N GLN D 137 -30.69 37.15 14.31
CA GLN D 137 -30.40 35.91 13.61
C GLN D 137 -29.82 36.16 12.22
N ARG D 138 -30.17 37.29 11.60
CA ARG D 138 -29.67 37.66 10.28
C ARG D 138 -28.91 38.98 10.33
N ARG D 139 -28.05 39.12 11.34
CA ARG D 139 -27.23 40.32 11.52
C ARG D 139 -25.78 39.89 11.72
N CYS D 140 -24.90 40.88 11.83
CA CYS D 140 -23.47 40.64 12.02
C CYS D 140 -22.93 41.67 13.00
N SER D 141 -21.71 41.41 13.47
CA SER D 141 -21.04 42.29 14.42
C SER D 141 -19.53 42.21 14.19
N LEU D 142 -18.78 42.88 15.05
CA LEU D 142 -17.33 42.88 14.92
C LEU D 142 -16.76 41.48 15.15
N ALA D 143 -17.38 40.69 16.02
CA ALA D 143 -16.88 39.35 16.30
C ALA D 143 -17.04 38.43 15.10
N SER D 144 -18.09 38.63 14.30
CA SER D 144 -18.32 37.79 13.13
C SER D 144 -17.47 38.17 11.94
N VAL D 145 -16.96 39.40 11.90
CA VAL D 145 -16.11 39.87 10.81
C VAL D 145 -14.65 39.67 11.22
N GLU D 146 -14.00 38.68 10.61
CA GLU D 146 -12.61 38.37 10.91
C GLU D 146 -11.64 39.02 9.91
N MET D 147 -12.07 40.08 9.23
CA MET D 147 -11.20 40.74 8.27
C MET D 147 -9.96 41.31 8.96
N SER D 148 -10.11 41.82 10.18
CA SER D 148 -9.01 42.39 10.94
C SER D 148 -8.46 41.40 11.96
N ALA D 149 -8.49 40.10 11.65
CA ALA D 149 -7.97 39.06 12.54
C ALA D 149 -8.73 39.07 13.88
N VAL D 150 -10.06 39.04 13.78
CA VAL D 150 -10.93 39.02 14.95
C VAL D 150 -11.35 37.59 15.24
N ALA D 151 -11.54 37.28 16.52
CA ALA D 151 -11.95 35.95 16.94
C ALA D 151 -13.29 35.60 16.30
N PRO D 152 -13.36 34.63 15.40
CA PRO D 152 -14.63 34.29 14.76
C PRO D 152 -15.59 33.65 15.76
N PRO D 153 -16.84 33.42 15.36
CA PRO D 153 -17.80 32.78 16.27
C PRO D 153 -17.30 31.43 16.73
N PRO D 154 -17.10 31.24 18.03
CA PRO D 154 -16.64 29.92 18.52
C PRO D 154 -17.62 28.83 18.13
N ALA D 155 -17.14 27.88 17.32
CA ALA D 155 -17.97 26.78 16.86
C ALA D 155 -17.08 25.56 16.64
N SER D 156 -17.70 24.38 16.72
CA SER D 156 -16.99 23.13 16.53
C SER D 156 -16.74 22.79 15.07
N ASN D 157 -17.14 23.65 14.14
CA ASN D 157 -16.94 23.42 12.71
C ASN D 157 -15.54 23.80 12.23
N GLY D 158 -14.63 24.12 13.15
CA GLY D 158 -13.28 24.50 12.79
C GLY D 158 -12.90 25.88 13.27
N ASN D 159 -13.57 26.35 14.31
CA ASN D 159 -13.32 27.67 14.89
C ASN D 159 -12.85 27.60 16.34
N LEU D 160 -13.51 26.78 17.17
CA LEU D 160 -13.11 26.66 18.57
C LEU D 160 -11.96 25.68 18.73
N LEU D 161 -11.97 24.58 17.98
CA LEU D 161 -10.89 23.61 18.06
C LEU D 161 -9.54 24.26 17.78
N TYR D 162 -9.50 25.21 16.83
CA TYR D 162 -8.26 25.88 16.49
C TYR D 162 -7.83 26.85 17.59
N ILE D 163 -8.75 27.72 18.02
CA ILE D 163 -8.45 28.64 19.12
C ILE D 163 -8.08 27.89 20.39
N GLY D 164 -8.38 26.60 20.45
CA GLY D 164 -8.02 25.77 21.59
C GLY D 164 -6.79 24.94 21.32
N PHE D 165 -7.00 23.71 20.88
CA PHE D 165 -5.89 22.76 20.74
C PHE D 165 -4.76 23.34 19.90
N ARG D 166 -5.10 23.96 18.77
CA ARG D 166 -4.11 24.55 17.87
C ARG D 166 -3.88 26.03 18.14
N GLY D 167 -4.06 26.47 19.39
CA GLY D 167 -3.87 27.88 19.70
C GLY D 167 -2.47 28.38 19.39
N LEU D 168 -1.47 27.51 19.50
CA LEU D 168 -0.09 27.88 19.23
C LEU D 168 0.35 29.06 20.11
N ASP D 169 0.35 28.81 21.42
CA ASP D 169 0.74 29.81 22.41
C ASP D 169 -0.24 30.99 22.43
N GLY D 170 -1.50 30.75 22.10
CA GLY D 170 -2.50 31.79 22.10
C GLY D 170 -3.14 31.98 23.46
N VAL D 171 -4.44 32.31 23.46
CA VAL D 171 -5.15 32.51 24.72
C VAL D 171 -5.40 31.19 25.43
N HIS D 172 -5.49 30.09 24.67
CA HIS D 172 -5.74 28.79 25.28
C HIS D 172 -4.57 28.33 26.13
N CYS D 173 -3.35 28.79 25.82
CA CYS D 173 -2.17 28.39 26.58
C CYS D 173 -1.96 29.24 27.82
N VAL D 174 -2.61 30.40 27.91
CA VAL D 174 -2.48 31.27 29.07
C VAL D 174 -3.87 31.80 29.45
N PRO D 175 -4.80 30.94 29.84
CA PRO D 175 -6.15 31.41 30.22
C PRO D 175 -6.19 32.05 31.60
N THR D 176 -5.60 33.24 31.70
CA THR D 176 -5.52 33.98 32.96
C THR D 176 -5.83 35.45 32.68
N PRO D 177 -7.09 35.78 32.44
CA PRO D 177 -7.46 37.19 32.19
C PRO D 177 -7.12 38.07 33.39
N ASP D 178 -7.20 39.38 33.16
CA ASP D 178 -6.92 40.36 34.20
C ASP D 178 -8.13 40.50 35.12
N SER D 179 -8.38 39.43 35.87
CA SER D 179 -9.51 39.38 36.80
C SER D 179 -9.03 39.02 38.20
N GLY D 180 -8.02 38.17 38.29
CA GLY D 180 -7.49 37.75 39.58
C GLY D 180 -8.31 36.68 40.26
N VAL D 181 -8.92 35.78 39.49
CA VAL D 181 -9.73 34.72 40.09
C VAL D 181 -8.89 33.87 41.04
N VAL D 182 -7.58 33.80 40.80
CA VAL D 182 -6.69 33.02 41.66
C VAL D 182 -6.77 33.51 43.11
N CYS D 183 -7.21 34.74 43.33
CA CYS D 183 -7.37 35.28 44.68
C CYS D 183 -8.83 35.55 45.04
N GLY D 184 -9.77 35.23 44.15
CA GLY D 184 -11.18 35.46 44.41
C GLY D 184 -12.01 34.20 44.23
N ARG D 185 -11.48 33.21 43.52
CA ARG D 185 -12.19 31.98 43.26
C ARG D 185 -11.62 30.85 44.13
N MET D 186 -12.48 29.89 44.45
CA MET D 186 -12.10 28.73 45.25
C MET D 186 -12.26 27.41 44.53
N ALA D 187 -13.18 27.30 43.57
CA ALA D 187 -13.38 26.06 42.84
C ALA D 187 -12.16 25.77 41.99
N CYS D 188 -11.40 24.74 42.37
CA CYS D 188 -10.19 24.36 41.65
C CYS D 188 -9.19 25.52 41.57
N SER D 189 -9.18 26.36 42.59
CA SER D 189 -8.28 27.51 42.62
C SER D 189 -8.02 27.92 44.06
N PRO D 190 -6.99 27.38 44.71
CA PRO D 190 -6.70 27.78 46.09
C PRO D 190 -6.48 29.28 46.20
N THR D 191 -7.10 29.88 47.22
CA THR D 191 -6.99 31.32 47.47
C THR D 191 -5.64 31.62 48.09
N HIS D 192 -4.60 31.55 47.26
CA HIS D 192 -3.23 31.82 47.66
C HIS D 192 -2.88 31.16 48.98
N ASP D 193 -3.46 29.98 49.24
CA ASP D 193 -3.21 29.24 50.47
C ASP D 193 -1.82 28.63 50.40
N GLU D 194 -0.84 29.30 51.00
CA GLU D 194 0.53 28.80 50.99
C GLU D 194 0.74 27.63 51.94
N HIS D 195 -0.22 27.33 52.81
CA HIS D 195 -0.10 26.24 53.76
C HIS D 195 -0.78 24.96 53.27
N LEU D 196 -1.31 24.95 52.05
CA LEU D 196 -1.97 23.77 51.50
C LEU D 196 -0.89 22.80 51.01
N LEU D 197 -0.61 21.78 51.82
CA LEU D 197 0.39 20.79 51.50
C LEU D 197 -0.23 19.39 51.53
N HIS D 198 0.45 18.45 50.87
CA HIS D 198 0.00 17.06 50.83
C HIS D 198 0.34 16.37 52.16
N GLY D 199 -0.41 16.74 53.19
CA GLY D 199 -0.20 16.20 54.51
C GLY D 199 1.22 16.41 55.00
N GLY D 200 1.75 17.61 54.82
CA GLY D 200 3.11 17.93 55.21
C GLY D 200 4.12 17.84 54.11
N GLN D 201 3.74 17.35 52.92
CA GLN D 201 4.63 17.22 51.79
C GLN D 201 4.17 18.10 50.64
N PRO D 202 5.07 18.53 49.76
CA PRO D 202 4.68 19.40 48.65
C PRO D 202 3.80 18.64 47.66
N PRO D 203 3.13 19.35 46.75
CA PRO D 203 2.27 18.65 45.77
C PRO D 203 3.08 17.92 44.71
N GLU D 204 3.91 16.96 45.15
CA GLU D 204 4.72 16.18 44.22
C GLU D 204 5.18 14.92 44.93
N GLY D 205 4.85 13.76 44.36
CA GLY D 205 5.23 12.50 44.95
C GLY D 205 6.53 11.95 44.40
N ASP D 206 6.72 12.03 43.10
CA ASP D 206 7.92 11.52 42.45
C ASP D 206 8.21 12.33 41.18
N PRO D 207 9.38 12.94 41.06
CA PRO D 207 9.68 13.69 39.82
C PRO D 207 9.58 12.86 38.55
N ASP D 208 9.62 11.52 38.66
CA ASP D 208 9.49 10.69 37.47
C ASP D 208 8.18 10.94 36.75
N LEU D 209 7.12 11.29 37.48
CA LEU D 209 5.85 11.61 36.85
C LEU D 209 5.97 12.85 35.98
N ALA D 210 6.77 13.83 36.41
CA ALA D 210 6.99 15.02 35.60
C ALA D 210 7.65 14.68 34.27
N LYS D 211 8.53 13.68 34.26
CA LYS D 211 9.17 13.26 33.01
C LYS D 211 8.23 12.42 32.17
N ILE D 212 7.41 11.58 32.80
CA ILE D 212 6.42 10.80 32.06
C ILE D 212 5.42 11.72 31.39
N LEU D 213 5.12 12.86 32.03
CA LEU D 213 4.22 13.83 31.42
C LEU D 213 4.76 14.34 30.10
N GLU D 214 6.03 14.75 30.08
CA GLU D 214 6.64 15.20 28.84
C GLU D 214 6.75 14.06 27.83
N GLU D 215 7.00 12.83 28.31
CA GLU D 215 7.09 11.69 27.41
C GLU D 215 5.77 11.46 26.69
N VAL D 216 4.65 11.53 27.41
CA VAL D 216 3.35 11.34 26.77
C VAL D 216 2.97 12.55 25.94
N ARG D 217 3.42 13.75 26.34
CA ARG D 217 3.17 14.93 25.52
C ARG D 217 3.90 14.84 24.19
N TYR D 218 5.05 14.17 24.16
CA TYR D 218 5.75 13.95 22.91
C TYR D 218 4.90 13.12 21.94
N ILE D 219 4.30 12.05 22.45
CA ILE D 219 3.43 11.22 21.61
C ILE D 219 2.19 11.99 21.21
N ALA D 220 1.68 12.84 22.09
CA ALA D 220 0.53 13.67 21.76
C ALA D 220 0.87 14.63 20.61
N ASN D 221 2.04 15.24 20.67
CA ASN D 221 2.46 16.14 19.59
C ASN D 221 2.70 15.37 18.30
N ARG D 222 3.22 14.16 18.40
CA ARG D 222 3.38 13.32 17.20
C ARG D 222 2.03 13.01 16.57
N PHE D 223 1.04 12.67 17.38
CA PHE D 223 -0.29 12.40 16.87
C PHE D 223 -0.90 13.66 16.27
N ARG D 224 -0.65 14.82 16.88
CA ARG D 224 -1.14 16.08 16.32
C ARG D 224 -0.52 16.35 14.95
N CYS D 225 0.79 16.11 14.82
CA CYS D 225 1.45 16.29 13.53
C CYS D 225 0.91 15.32 12.49
N GLN D 226 0.65 14.08 12.89
CA GLN D 226 0.06 13.11 11.97
C GLN D 226 -1.32 13.55 11.52
N ASP D 227 -2.13 14.07 12.44
CA ASP D 227 -3.45 14.57 12.08
C ASP D 227 -3.35 15.77 11.14
N GLU D 228 -2.39 16.64 11.38
CA GLU D 228 -2.18 17.79 10.49
C GLU D 228 -1.79 17.34 9.10
N SER D 229 -0.90 16.35 9.01
CA SER D 229 -0.51 15.81 7.70
C SER D 229 -1.70 15.17 7.00
N GLU D 230 -2.53 14.43 7.75
CA GLU D 230 -3.73 13.83 7.16
C GLU D 230 -4.69 14.90 6.66
N ALA D 231 -4.83 15.99 7.41
CA ALA D 231 -5.71 17.07 6.98
C ALA D 231 -5.17 17.75 5.72
N VAL D 232 -3.85 17.93 5.65
CA VAL D 232 -3.24 18.52 4.45
C VAL D 232 -3.47 17.61 3.25
N CYS D 233 -3.33 16.30 3.45
CA CYS D 233 -3.57 15.35 2.37
C CYS D 233 -5.02 15.39 1.92
N SER D 234 -5.96 15.49 2.88
CA SER D 234 -7.37 15.58 2.53
C SER D 234 -7.67 16.86 1.77
N GLU D 235 -7.03 17.97 2.16
CA GLU D 235 -7.22 19.22 1.44
C GLU D 235 -6.68 19.13 0.03
N TRP D 236 -5.53 18.49 -0.15
CA TRP D 236 -4.98 18.29 -1.48
C TRP D 236 -5.91 17.42 -2.33
N LYS D 237 -6.48 16.37 -1.73
CA LYS D 237 -7.41 15.51 -2.46
C LYS D 237 -8.66 16.28 -2.86
N PHE D 238 -9.15 17.16 -1.98
CA PHE D 238 -10.32 17.97 -2.31
C PHE D 238 -9.99 18.95 -3.44
N ALA D 239 -8.80 19.55 -3.40
CA ALA D 239 -8.39 20.45 -4.47
C ALA D 239 -8.29 19.70 -5.80
N ALA D 240 -7.81 18.46 -5.76
CA ALA D 240 -7.72 17.66 -6.97
C ALA D 240 -9.12 17.30 -7.49
N CYS D 241 -10.03 16.92 -6.60
CA CYS D 241 -11.39 16.59 -7.01
C CYS D 241 -12.10 17.81 -7.58
N VAL D 242 -11.78 19.00 -7.08
CA VAL D 242 -12.37 20.22 -7.62
C VAL D 242 -11.99 20.38 -9.09
N VAL D 243 -10.70 20.23 -9.40
CA VAL D 243 -10.26 20.32 -10.79
C VAL D 243 -10.87 19.20 -11.63
N ASP D 244 -10.98 18.01 -11.04
CA ASP D 244 -11.61 16.90 -11.77
C ASP D 244 -13.03 17.24 -12.16
N ARG D 245 -13.81 17.78 -11.22
CA ARG D 245 -15.20 18.14 -11.51
C ARG D 245 -15.26 19.28 -12.51
N LEU D 246 -14.36 20.25 -12.39
CA LEU D 246 -14.33 21.36 -13.35
C LEU D 246 -14.08 20.84 -14.76
N CYS D 247 -13.12 19.93 -14.91
CA CYS D 247 -12.84 19.36 -16.23
C CYS D 247 -14.01 18.53 -16.74
N LEU D 248 -14.65 17.76 -15.86
CA LEU D 248 -15.80 16.97 -16.26
C LEU D 248 -16.94 17.87 -16.75
N MET D 249 -17.12 19.02 -16.11
CA MET D 249 -18.19 19.94 -16.50
C MET D 249 -17.81 20.73 -17.75
N ALA D 250 -16.53 20.96 -17.99
CA ALA D 250 -16.10 21.73 -19.15
C ALA D 250 -16.10 20.87 -20.42
N PHE D 251 -15.38 19.74 -20.37
CA PHE D 251 -15.27 18.90 -21.56
C PHE D 251 -16.61 18.31 -21.98
N SER D 252 -17.61 18.30 -21.10
CA SER D 252 -18.90 17.74 -21.46
C SER D 252 -19.55 18.52 -22.61
N VAL D 253 -19.55 19.85 -22.51
CA VAL D 253 -20.15 20.67 -23.56
C VAL D 253 -19.36 20.51 -24.86
N PHE D 254 -18.04 20.43 -24.76
CA PHE D 254 -17.22 20.25 -25.96
C PHE D 254 -17.54 18.93 -26.64
N THR D 255 -17.65 17.84 -25.87
CA THR D 255 -17.98 16.55 -26.44
C THR D 255 -19.38 16.56 -27.05
N ILE D 256 -20.33 17.23 -26.39
CA ILE D 256 -21.68 17.30 -26.92
C ILE D 256 -21.69 18.04 -28.25
N ILE D 257 -20.94 19.16 -28.33
CA ILE D 257 -20.88 19.92 -29.57
C ILE D 257 -20.21 19.11 -30.67
N CYS D 258 -19.15 18.38 -30.32
CA CYS D 258 -18.47 17.54 -31.32
C CYS D 258 -19.40 16.46 -31.85
N THR D 259 -20.17 15.82 -30.95
CA THR D 259 -21.11 14.79 -31.39
C THR D 259 -22.20 15.39 -32.27
N ILE D 260 -22.72 16.56 -31.90
CA ILE D 260 -23.74 17.20 -32.71
C ILE D 260 -23.20 17.53 -34.09
N GLY D 261 -21.96 18.03 -34.16
CA GLY D 261 -21.37 18.34 -35.45
C GLY D 261 -21.13 17.11 -36.29
N ILE D 262 -20.66 16.02 -35.67
CA ILE D 262 -20.44 14.79 -36.41
C ILE D 262 -21.76 14.23 -36.92
N LEU D 263 -22.84 14.39 -36.15
CA LEU D 263 -24.14 13.88 -36.59
C LEU D 263 -24.71 14.75 -37.71
N MET D 264 -24.52 16.07 -37.63
CA MET D 264 -25.04 16.95 -38.67
C MET D 264 -24.26 16.80 -39.97
N SER D 265 -22.96 16.47 -39.89
CA SER D 265 -22.12 16.31 -41.06
C SER D 265 -22.03 14.85 -41.53
N ALA D 266 -22.88 13.97 -40.98
CA ALA D 266 -22.85 12.56 -41.36
C ALA D 266 -23.30 12.38 -42.81
N PRO D 267 -24.36 13.06 -43.27
CA PRO D 267 -24.77 12.90 -44.66
C PRO D 267 -23.68 13.25 -45.67
N ASN D 268 -22.76 14.14 -45.30
CA ASN D 268 -21.70 14.53 -46.22
C ASN D 268 -20.77 13.36 -46.51
N PHE D 269 -20.39 12.61 -45.47
CA PHE D 269 -19.51 11.45 -45.61
C PHE D 269 -20.25 10.13 -45.50
N VAL D 270 -21.02 9.94 -44.44
CA VAL D 270 -21.78 8.71 -44.24
C VAL D 270 -23.04 8.74 -45.09
N LEU E 7 -15.69 -26.45 -38.00
CA LEU E 7 -15.12 -26.64 -36.67
C LEU E 7 -14.06 -25.60 -36.37
N TYR E 8 -13.08 -25.48 -37.26
CA TYR E 8 -12.01 -24.51 -37.07
C TYR E 8 -12.55 -23.09 -37.02
N TYR E 9 -13.64 -22.81 -37.74
CA TYR E 9 -14.24 -21.49 -37.76
C TYR E 9 -15.27 -21.32 -36.65
N GLY E 10 -16.20 -22.27 -36.52
CA GLY E 10 -17.21 -22.17 -35.49
C GLY E 10 -16.62 -22.13 -34.10
N LEU E 11 -15.66 -23.02 -33.82
CA LEU E 11 -15.03 -23.02 -32.50
C LEU E 11 -14.23 -21.74 -32.26
N ASN E 12 -13.49 -21.28 -33.27
CA ASN E 12 -12.71 -20.05 -33.12
C ASN E 12 -13.61 -18.85 -32.89
N LEU E 13 -14.84 -18.88 -33.41
CA LEU E 13 -15.77 -17.78 -33.21
C LEU E 13 -16.56 -17.90 -31.91
N LEU E 14 -16.75 -19.12 -31.41
CA LEU E 14 -17.54 -19.32 -30.20
C LEU E 14 -16.72 -19.23 -28.92
N ILE E 15 -15.49 -19.74 -28.94
CA ILE E 15 -14.67 -19.74 -27.72
C ILE E 15 -14.46 -18.33 -27.20
N PRO E 16 -14.12 -17.33 -28.02
CA PRO E 16 -13.91 -15.98 -27.46
C PRO E 16 -15.13 -15.42 -26.77
N CYS E 17 -16.33 -15.64 -27.32
CA CYS E 17 -17.54 -15.10 -26.71
C CYS E 17 -17.76 -15.68 -25.32
N VAL E 18 -17.73 -17.01 -25.21
CA VAL E 18 -17.93 -17.65 -23.91
C VAL E 18 -16.81 -17.29 -22.95
N LEU E 19 -15.58 -17.12 -23.45
CA LEU E 19 -14.48 -16.74 -22.58
C LEU E 19 -14.70 -15.35 -22.01
N ILE E 20 -15.11 -14.40 -22.85
CA ILE E 20 -15.38 -13.04 -22.37
C ILE E 20 -16.55 -13.03 -21.41
N SER E 21 -17.57 -13.86 -21.67
CA SER E 21 -18.71 -13.94 -20.77
C SER E 21 -18.29 -14.45 -19.40
N ALA E 22 -17.48 -15.51 -19.37
CA ALA E 22 -16.99 -16.05 -18.11
C ALA E 22 -16.11 -15.05 -17.38
N LEU E 23 -15.28 -14.32 -18.12
CA LEU E 23 -14.42 -13.31 -17.50
C LEU E 23 -15.28 -12.20 -16.87
N ALA E 24 -16.31 -11.75 -17.58
CA ALA E 24 -17.18 -10.72 -17.03
C ALA E 24 -17.93 -11.23 -15.81
N LEU E 25 -18.42 -12.47 -15.85
CA LEU E 25 -19.10 -13.04 -14.70
C LEU E 25 -18.17 -13.12 -13.49
N LEU E 26 -16.91 -13.53 -13.72
CA LEU E 26 -15.95 -13.61 -12.62
C LEU E 26 -15.63 -12.22 -12.07
N VAL E 27 -15.50 -11.23 -12.94
CA VAL E 27 -15.23 -9.86 -12.49
C VAL E 27 -16.38 -9.35 -11.65
N PHE E 28 -17.62 -9.66 -12.07
CA PHE E 28 -18.78 -9.24 -11.29
C PHE E 28 -18.89 -9.99 -9.97
N LEU E 29 -18.41 -11.24 -9.94
CA LEU E 29 -18.49 -12.03 -8.72
C LEU E 29 -17.47 -11.60 -7.68
N LEU E 30 -16.35 -11.02 -8.12
CA LEU E 30 -15.31 -10.63 -7.18
C LEU E 30 -15.77 -9.46 -6.33
N PRO E 31 -15.13 -9.25 -5.17
CA PRO E 31 -15.51 -8.10 -4.33
C PRO E 31 -15.14 -6.77 -4.96
N ALA E 32 -15.47 -5.67 -4.27
CA ALA E 32 -15.16 -4.32 -4.76
C ALA E 32 -13.69 -3.99 -4.44
N ASP E 33 -12.81 -4.64 -5.18
CA ASP E 33 -11.36 -4.45 -5.04
C ASP E 33 -10.87 -3.60 -6.20
N SER E 34 -10.47 -2.36 -5.90
CA SER E 34 -10.02 -1.45 -6.94
C SER E 34 -8.77 -1.98 -7.64
N GLY E 35 -7.73 -2.26 -6.87
CA GLY E 35 -6.48 -2.70 -7.47
C GLY E 35 -6.61 -3.97 -8.30
N GLU E 36 -7.59 -4.81 -7.97
CA GLU E 36 -7.78 -6.08 -8.66
C GLU E 36 -8.88 -6.00 -9.72
N LYS E 37 -10.10 -5.66 -9.31
CA LYS E 37 -11.23 -5.64 -10.23
C LYS E 37 -10.91 -4.82 -11.48
N ILE E 38 -10.44 -3.59 -11.29
CA ILE E 38 -10.07 -2.74 -12.42
C ILE E 38 -9.13 -3.49 -13.35
N SER E 39 -8.07 -4.08 -12.79
CA SER E 39 -7.08 -4.76 -13.62
C SER E 39 -7.73 -5.75 -14.56
N LEU E 40 -8.84 -6.36 -14.16
CA LEU E 40 -9.60 -7.25 -15.04
C LEU E 40 -10.65 -6.47 -15.83
N GLY E 41 -11.38 -5.58 -15.16
CA GLY E 41 -12.47 -4.87 -15.83
C GLY E 41 -12.03 -4.17 -17.10
N ILE E 42 -10.75 -3.81 -17.20
CA ILE E 42 -10.26 -3.16 -18.40
C ILE E 42 -9.91 -4.19 -19.46
N THR E 43 -9.21 -5.26 -19.08
CA THR E 43 -8.75 -6.24 -20.06
C THR E 43 -9.92 -6.82 -20.83
N VAL E 44 -11.00 -7.21 -20.14
CA VAL E 44 -12.16 -7.81 -20.80
C VAL E 44 -12.61 -6.95 -21.97
N LEU E 45 -12.37 -5.64 -21.91
CA LEU E 45 -12.67 -4.75 -23.03
C LEU E 45 -11.48 -4.67 -23.99
N LEU E 46 -10.29 -4.39 -23.45
CA LEU E 46 -9.13 -4.19 -24.31
C LEU E 46 -8.88 -5.40 -25.20
N SER E 47 -8.90 -6.60 -24.60
CA SER E 47 -8.69 -7.81 -25.39
C SER E 47 -9.66 -7.88 -26.56
N LEU E 48 -10.91 -7.46 -26.34
CA LEU E 48 -11.91 -7.53 -27.42
C LEU E 48 -11.42 -6.77 -28.65
N THR E 49 -10.74 -5.64 -28.45
CA THR E 49 -10.23 -4.88 -29.58
C THR E 49 -9.35 -5.77 -30.46
N VAL E 50 -8.46 -6.54 -29.85
CA VAL E 50 -7.62 -7.47 -30.63
C VAL E 50 -8.48 -8.39 -31.46
N PHE E 51 -9.57 -8.92 -30.87
CA PHE E 51 -10.46 -9.80 -31.61
C PHE E 51 -10.98 -9.11 -32.87
N MET E 52 -11.27 -7.81 -32.77
CA MET E 52 -11.78 -7.08 -33.93
C MET E 52 -10.78 -7.14 -35.08
N LEU E 53 -9.48 -7.10 -34.76
CA LEU E 53 -8.47 -7.20 -35.81
C LEU E 53 -8.66 -8.47 -36.64
N LEU E 54 -9.12 -9.55 -36.01
CA LEU E 54 -9.39 -10.78 -36.75
C LEU E 54 -10.73 -10.70 -37.46
N VAL E 55 -11.72 -10.04 -36.85
CA VAL E 55 -13.06 -9.96 -37.45
C VAL E 55 -12.97 -9.35 -38.84
N ALA E 56 -12.37 -8.17 -38.94
CA ALA E 56 -12.23 -7.51 -40.23
C ALA E 56 -11.52 -8.38 -41.25
N GLU E 57 -10.73 -9.36 -40.80
CA GLU E 57 -10.06 -10.26 -41.72
C GLU E 57 -10.99 -11.36 -42.21
N ILE E 58 -11.86 -11.87 -41.34
CA ILE E 58 -12.76 -12.94 -41.73
C ILE E 58 -14.11 -12.40 -42.19
N MET E 59 -14.54 -11.24 -41.70
CA MET E 59 -15.82 -10.63 -42.06
C MET E 59 -15.55 -9.20 -42.53
N PRO E 60 -15.17 -9.02 -43.79
CA PRO E 60 -14.91 -7.66 -44.30
C PRO E 60 -16.20 -6.85 -44.34
N SER E 61 -16.20 -5.73 -43.62
CA SER E 61 -17.38 -4.88 -43.56
C SER E 61 -17.68 -4.21 -44.89
N THR E 62 -16.72 -4.17 -45.81
CA THR E 62 -16.93 -3.50 -47.09
C THR E 62 -18.00 -4.21 -47.92
N SER E 63 -18.15 -5.52 -47.75
CA SER E 63 -19.13 -6.28 -48.52
C SER E 63 -20.04 -7.08 -47.60
N ASP E 64 -19.52 -7.56 -46.48
CA ASP E 64 -20.29 -8.37 -45.54
C ASP E 64 -21.21 -7.44 -44.74
N SER E 65 -22.34 -7.11 -45.36
CA SER E 65 -23.34 -6.24 -44.75
C SER E 65 -24.47 -7.12 -44.23
N SER E 66 -24.31 -7.63 -43.01
CA SER E 66 -25.30 -8.50 -42.37
C SER E 66 -25.74 -7.85 -41.07
N PRO E 67 -27.03 -7.51 -40.90
CA PRO E 67 -27.45 -6.85 -39.66
C PRO E 67 -27.40 -7.77 -38.44
N SER E 68 -27.50 -9.08 -38.61
CA SER E 68 -27.48 -9.98 -37.46
C SER E 68 -26.14 -9.92 -36.74
N ILE E 69 -25.04 -10.11 -37.47
CA ILE E 69 -23.72 -10.04 -36.86
C ILE E 69 -23.43 -8.65 -36.34
N ALA E 70 -23.94 -7.62 -37.03
CA ALA E 70 -23.77 -6.25 -36.55
C ALA E 70 -24.40 -6.07 -35.18
N GLN E 71 -25.65 -6.52 -35.03
CA GLN E 71 -26.33 -6.40 -33.74
C GLN E 71 -25.65 -7.25 -32.68
N TYR E 72 -25.16 -8.43 -33.06
CA TYR E 72 -24.45 -9.28 -32.09
C TYR E 72 -23.20 -8.60 -31.59
N PHE E 73 -22.42 -8.01 -32.49
CA PHE E 73 -21.19 -7.32 -32.09
C PHE E 73 -21.51 -6.08 -31.26
N ALA E 74 -22.58 -5.36 -31.60
CA ALA E 74 -22.97 -4.21 -30.81
C ALA E 74 -23.36 -4.62 -29.40
N SER E 75 -24.12 -5.72 -29.28
CA SER E 75 -24.51 -6.21 -27.95
C SER E 75 -23.29 -6.65 -27.16
N THR E 76 -22.34 -7.33 -27.81
CA THR E 76 -21.12 -7.74 -27.12
C THR E 76 -20.33 -6.54 -26.63
N MET E 77 -20.21 -5.51 -27.47
CA MET E 77 -19.49 -4.30 -27.07
C MET E 77 -20.19 -3.62 -25.91
N ILE E 78 -21.52 -3.53 -25.95
CA ILE E 78 -22.26 -2.91 -24.85
C ILE E 78 -22.07 -3.71 -23.57
N ILE E 79 -22.06 -5.05 -23.69
CA ILE E 79 -21.89 -5.89 -22.51
C ILE E 79 -20.51 -5.69 -21.89
N VAL E 80 -19.47 -5.68 -22.72
CA VAL E 80 -18.12 -5.52 -22.18
C VAL E 80 -17.93 -4.12 -21.61
N GLY E 81 -18.59 -3.11 -22.19
CA GLY E 81 -18.51 -1.78 -21.63
C GLY E 81 -19.27 -1.63 -20.33
N LEU E 82 -20.38 -2.37 -20.18
CA LEU E 82 -21.13 -2.33 -18.94
C LEU E 82 -20.30 -2.80 -17.76
N SER E 83 -19.33 -3.70 -17.99
CA SER E 83 -18.44 -4.12 -16.93
C SER E 83 -17.69 -2.94 -16.34
N VAL E 84 -17.01 -2.17 -17.20
CA VAL E 84 -16.26 -1.00 -16.73
C VAL E 84 -17.21 0.04 -16.15
N VAL E 85 -18.39 0.18 -16.75
CA VAL E 85 -19.36 1.16 -16.25
C VAL E 85 -19.73 0.84 -14.82
N VAL E 86 -20.09 -0.42 -14.55
CA VAL E 86 -20.49 -0.82 -13.20
C VAL E 86 -19.29 -0.74 -12.26
N THR E 87 -18.10 -1.09 -12.74
CA THR E 87 -16.91 -1.00 -11.90
C THR E 87 -16.70 0.43 -11.43
N VAL E 88 -16.80 1.39 -12.34
CA VAL E 88 -16.61 2.79 -11.98
C VAL E 88 -17.72 3.28 -11.08
N ILE E 89 -18.97 2.87 -11.37
CA ILE E 89 -20.09 3.30 -10.55
C ILE E 89 -19.93 2.80 -9.12
N VAL E 90 -19.39 1.59 -8.96
CA VAL E 90 -19.21 1.02 -7.64
C VAL E 90 -18.02 1.67 -6.93
N LEU E 91 -16.93 1.91 -7.65
CA LEU E 91 -15.78 2.57 -7.04
C LEU E 91 -16.11 3.99 -6.62
N GLN E 92 -17.05 4.63 -7.30
CA GLN E 92 -17.47 5.97 -6.91
C GLN E 92 -18.11 5.96 -5.53
N TYR E 93 -18.76 4.86 -5.15
CA TYR E 93 -19.39 4.75 -3.84
C TYR E 93 -18.40 4.47 -2.73
N HIS E 94 -17.16 4.10 -3.05
CA HIS E 94 -16.15 3.85 -2.03
C HIS E 94 -15.54 5.16 -1.54
N HIS E 95 -15.06 6.00 -2.47
CA HIS E 95 -14.49 7.30 -2.12
C HIS E 95 -15.59 8.35 -2.21
N HIS E 96 -16.35 8.46 -1.12
CA HIS E 96 -17.47 9.40 -1.06
C HIS E 96 -16.93 10.83 -1.10
N ASP E 97 -17.11 11.48 -2.24
CA ASP E 97 -16.68 12.86 -2.39
C ASP E 97 -17.53 13.77 -1.51
N PRO E 98 -16.93 14.51 -0.56
CA PRO E 98 -17.75 15.40 0.27
C PRO E 98 -18.58 16.38 -0.52
N ASP E 99 -18.12 16.78 -1.71
CA ASP E 99 -18.88 17.72 -2.54
C ASP E 99 -20.02 17.05 -3.30
N GLY E 100 -20.05 15.73 -3.37
CA GLY E 100 -21.11 15.01 -4.07
C GLY E 100 -21.36 13.67 -3.44
N GLY E 101 -21.53 12.66 -4.29
CA GLY E 101 -21.76 11.30 -3.83
C GLY E 101 -23.19 11.08 -3.38
N LYS E 102 -23.58 9.80 -3.37
CA LYS E 102 -24.92 9.43 -2.95
C LYS E 102 -25.06 9.51 -1.44
N MET E 103 -26.19 10.04 -0.98
CA MET E 103 -26.47 10.19 0.44
C MET E 103 -26.35 8.84 1.13
N PRO E 104 -25.33 8.62 1.97
CA PRO E 104 -25.22 7.31 2.65
C PRO E 104 -26.36 7.03 3.60
N LYS E 105 -27.09 8.05 4.06
CA LYS E 105 -28.17 7.82 5.01
C LYS E 105 -29.26 6.95 4.40
N TRP E 106 -29.71 7.28 3.19
CA TRP E 106 -30.77 6.50 2.56
C TRP E 106 -30.32 5.09 2.24
N THR E 107 -29.05 4.91 1.87
CA THR E 107 -28.56 3.59 1.49
C THR E 107 -28.21 2.72 2.69
N ARG E 108 -28.00 3.33 3.86
CA ARG E 108 -27.63 2.54 5.05
C ARG E 108 -28.75 1.58 5.44
N VAL E 109 -30.00 2.05 5.43
CA VAL E 109 -31.11 1.19 5.80
C VAL E 109 -31.25 0.04 4.82
N ILE E 110 -31.11 0.33 3.52
CA ILE E 110 -31.20 -0.71 2.50
C ILE E 110 -30.10 -1.73 2.68
N LEU E 111 -28.88 -1.27 2.96
CA LEU E 111 -27.76 -2.19 3.18
C LEU E 111 -28.00 -3.06 4.40
N LEU E 112 -28.48 -2.47 5.50
CA LEU E 112 -28.74 -3.24 6.71
C LEU E 112 -29.84 -4.26 6.49
N ASN E 113 -30.85 -3.91 5.69
CA ASN E 113 -31.96 -4.83 5.43
C ASN E 113 -31.53 -5.96 4.50
N TRP E 114 -30.65 -5.68 3.54
CA TRP E 114 -30.25 -6.68 2.56
C TRP E 114 -29.10 -7.56 3.05
N CYS E 115 -28.30 -7.09 4.00
CA CYS E 115 -27.21 -7.92 4.51
C CYS E 115 -27.74 -9.20 5.14
N ALA E 116 -28.76 -9.08 5.99
CA ALA E 116 -29.35 -10.27 6.60
C ALA E 116 -30.01 -11.16 5.56
N TRP E 117 -30.71 -10.56 4.59
CA TRP E 117 -31.36 -11.34 3.55
C TRP E 117 -30.34 -12.15 2.77
N PHE E 118 -29.17 -11.57 2.48
CA PHE E 118 -28.13 -12.31 1.77
C PHE E 118 -27.51 -13.38 2.66
N LEU E 119 -27.27 -13.06 3.94
CA LEU E 119 -26.69 -14.02 4.86
C LEU E 119 -27.72 -15.04 5.32
N ARG E 120 -28.79 -14.56 5.95
CA ARG E 120 -29.87 -15.42 6.45
C ARG E 120 -31.11 -15.11 5.61
N MET E 121 -31.40 -15.98 4.65
CA MET E 121 -32.55 -15.78 3.77
C MET E 121 -33.82 -15.63 4.59
N LYS E 122 -34.49 -14.48 4.43
CA LYS E 122 -35.72 -14.19 5.17
C LYS E 122 -36.93 -14.72 4.40
N ARG E 123 -36.98 -16.03 4.25
CA ARG E 123 -38.05 -16.72 3.56
C ARG E 123 -38.74 -17.70 4.50
N PRO E 124 -39.95 -18.16 4.15
CA PRO E 124 -40.64 -19.09 5.05
C PRO E 124 -39.85 -20.36 5.33
N GLY E 125 -39.15 -20.89 4.33
CA GLY E 125 -38.41 -22.12 4.52
C GLY E 125 -37.39 -22.03 5.65
N GLU E 126 -36.83 -20.85 5.87
CA GLU E 126 -35.86 -20.64 6.94
C GLU E 126 -36.45 -19.95 8.16
N ASP E 127 -37.61 -19.30 8.01
CA ASP E 127 -38.24 -18.63 9.14
C ASP E 127 -39.07 -19.58 9.98
N LYS E 128 -39.71 -20.57 9.36
CA LYS E 128 -40.55 -21.52 10.08
C LYS E 128 -39.76 -22.69 10.65
N VAL E 129 -38.67 -23.07 10.00
CA VAL E 129 -37.85 -24.20 10.47
C VAL E 129 -36.83 -23.62 11.43
N ARG E 130 -37.25 -23.46 12.67
CA ARG E 130 -36.38 -22.93 13.72
C ARG E 130 -37.15 -23.02 15.05
N PRO E 131 -36.44 -22.93 16.17
CA PRO E 131 -37.13 -22.96 17.47
C PRO E 131 -38.14 -21.83 17.59
N ALA E 132 -39.39 -22.20 17.87
CA ALA E 132 -40.47 -21.24 17.99
C ALA E 132 -41.48 -21.75 19.00
N CYS E 133 -42.05 -20.82 19.77
CA CYS E 133 -43.04 -21.16 20.79
C CYS E 133 -44.09 -20.05 20.84
N GLN E 134 -45.16 -20.30 21.59
CA GLN E 134 -46.26 -19.36 21.71
C GLN E 134 -46.10 -18.40 22.89
N HIS E 135 -45.07 -18.58 23.71
CA HIS E 135 -44.86 -17.73 24.87
C HIS E 135 -44.02 -16.52 24.47
N LYS E 136 -43.53 -15.79 25.47
CA LYS E 136 -42.83 -14.52 25.22
C LYS E 136 -41.67 -14.67 24.24
N GLN E 137 -41.19 -15.89 24.00
CA GLN E 137 -40.09 -16.08 23.06
C GLN E 137 -40.43 -15.53 21.67
N ARG E 138 -41.71 -15.52 21.32
CA ARG E 138 -42.17 -15.01 20.03
C ARG E 138 -43.14 -13.84 20.22
N ARG E 139 -42.80 -12.93 21.13
CA ARG E 139 -43.61 -11.76 21.42
C ARG E 139 -42.73 -10.52 21.36
N CYS E 140 -43.35 -9.36 21.53
CA CYS E 140 -42.64 -8.09 21.51
C CYS E 140 -43.22 -7.17 22.58
N SER E 141 -42.50 -6.08 22.86
CA SER E 141 -42.93 -5.11 23.85
C SER E 141 -42.43 -3.74 23.43
N LEU E 142 -42.65 -2.75 24.30
CA LEU E 142 -42.21 -1.39 24.00
C LEU E 142 -40.69 -1.30 23.93
N ALA E 143 -39.97 -2.10 24.72
CA ALA E 143 -38.51 -2.05 24.70
C ALA E 143 -37.96 -2.58 23.38
N SER E 144 -38.63 -3.54 22.75
CA SER E 144 -38.15 -4.10 21.51
C SER E 144 -38.48 -3.23 20.30
N VAL E 145 -39.46 -2.35 20.42
CA VAL E 145 -39.86 -1.45 19.33
C VAL E 145 -39.13 -0.13 19.53
N GLU E 146 -38.14 0.13 18.69
CA GLU E 146 -37.36 1.36 18.76
C GLU E 146 -37.85 2.42 17.79
N MET E 147 -39.12 2.33 17.35
CA MET E 147 -39.65 3.32 16.42
C MET E 147 -39.65 4.70 17.04
N SER E 148 -39.92 4.80 18.34
CA SER E 148 -39.95 6.06 19.05
C SER E 148 -38.65 6.33 19.81
N ALA E 149 -37.52 5.85 19.29
CA ALA E 149 -36.22 6.03 19.93
C ALA E 149 -36.19 5.40 21.32
N VAL E 150 -36.59 4.13 21.38
CA VAL E 150 -36.62 3.37 22.63
C VAL E 150 -35.37 2.52 22.71
N ALA E 151 -34.88 2.32 23.93
CA ALA E 151 -33.69 1.50 24.16
C ALA E 151 -33.92 0.09 23.64
N PRO E 152 -33.21 -0.34 22.60
CA PRO E 152 -33.43 -1.69 22.06
C PRO E 152 -32.93 -2.74 23.03
N PRO E 153 -33.19 -4.02 22.76
CA PRO E 153 -32.71 -5.09 23.65
C PRO E 153 -31.21 -5.04 23.80
N PRO E 154 -30.70 -4.83 25.02
CA PRO E 154 -29.24 -4.82 25.22
C PRO E 154 -28.61 -6.12 24.76
N ALA E 155 -27.76 -6.03 23.76
CA ALA E 155 -27.07 -7.19 23.21
C ALA E 155 -25.72 -6.77 22.68
N SER E 156 -24.80 -7.74 22.63
CA SER E 156 -23.44 -7.50 22.15
C SER E 156 -23.35 -7.45 20.62
N ASN E 157 -24.47 -7.59 19.91
CA ASN E 157 -24.47 -7.56 18.45
C ASN E 157 -24.48 -6.15 17.89
N GLY E 158 -24.31 -5.12 18.74
CA GLY E 158 -24.31 -3.75 18.28
C GLY E 158 -25.37 -2.90 18.95
N ASN E 159 -25.82 -3.34 20.12
CA ASN E 159 -26.84 -2.63 20.89
C ASN E 159 -26.34 -2.14 22.23
N LEU E 160 -25.62 -2.97 22.99
CA LEU E 160 -25.11 -2.56 24.29
C LEU E 160 -23.80 -1.78 24.14
N LEU E 161 -22.94 -2.20 23.22
CA LEU E 161 -21.67 -1.50 23.01
C LEU E 161 -21.91 -0.03 22.69
N TYR E 162 -22.98 0.26 21.93
CA TYR E 162 -23.28 1.64 21.55
C TYR E 162 -23.83 2.43 22.75
N ILE E 163 -24.82 1.87 23.44
CA ILE E 163 -25.37 2.52 24.62
C ILE E 163 -24.30 2.69 25.69
N GLY E 164 -23.19 1.98 25.57
CA GLY E 164 -22.08 2.11 26.49
C GLY E 164 -20.97 2.98 25.95
N PHE E 165 -19.98 2.36 25.32
CA PHE E 165 -18.78 3.08 24.90
C PHE E 165 -19.14 4.29 24.04
N ARG E 166 -20.05 4.11 23.09
CA ARG E 166 -20.46 5.18 22.19
C ARG E 166 -21.72 5.91 22.69
N GLY E 167 -21.94 5.96 24.00
CA GLY E 167 -23.12 6.62 24.53
C GLY E 167 -23.21 8.08 24.14
N LEU E 168 -22.07 8.75 23.99
CA LEU E 168 -22.03 10.16 23.62
C LEU E 168 -22.80 11.01 24.63
N ASP E 169 -22.32 10.99 25.87
CA ASP E 169 -22.92 11.74 26.97
C ASP E 169 -24.32 11.22 27.30
N GLY E 170 -24.55 9.92 27.08
CA GLY E 170 -25.84 9.33 27.39
C GLY E 170 -25.94 8.86 28.82
N VAL E 171 -26.65 7.75 29.03
CA VAL E 171 -26.81 7.22 30.39
C VAL E 171 -25.51 6.58 30.87
N HIS E 172 -24.68 6.09 29.95
CA HIS E 172 -23.42 5.46 30.35
C HIS E 172 -22.46 6.46 30.97
N CYS E 173 -22.57 7.74 30.59
CA CYS E 173 -21.67 8.76 31.13
C CYS E 173 -22.14 9.31 32.47
N VAL E 174 -23.40 9.09 32.84
CA VAL E 174 -23.94 9.56 34.11
C VAL E 174 -24.79 8.46 34.73
N PRO E 175 -24.21 7.31 35.08
CA PRO E 175 -24.99 6.21 35.69
C PRO E 175 -25.31 6.47 37.16
N THR E 176 -26.21 7.42 37.39
CA THR E 176 -26.63 7.80 38.74
C THR E 176 -28.14 7.98 38.75
N PRO E 177 -28.89 6.89 38.72
CA PRO E 177 -30.35 7.00 38.76
C PRO E 177 -30.83 7.66 40.05
N ASP E 178 -32.12 8.01 40.06
CA ASP E 178 -32.75 8.65 41.22
C ASP E 178 -33.05 7.59 42.27
N SER E 179 -31.99 7.05 42.85
CA SER E 179 -32.11 6.01 43.87
C SER E 179 -31.36 6.42 45.14
N GLY E 180 -30.24 7.11 44.98
CA GLY E 180 -29.45 7.54 46.12
C GLY E 180 -28.56 6.46 46.70
N VAL E 181 -28.08 5.54 45.86
CA VAL E 181 -27.22 4.46 46.36
C VAL E 181 -25.98 5.03 47.02
N VAL E 182 -25.55 6.23 46.61
CA VAL E 182 -24.38 6.86 47.21
C VAL E 182 -24.54 7.02 48.71
N CYS E 183 -25.77 7.03 49.21
CA CYS E 183 -26.05 7.13 50.64
C CYS E 183 -26.67 5.87 51.21
N GLY E 184 -26.86 4.83 50.40
CA GLY E 184 -27.46 3.59 50.87
C GLY E 184 -26.60 2.38 50.56
N ARG E 185 -25.67 2.51 49.64
CA ARG E 185 -24.79 1.42 49.25
C ARG E 185 -23.40 1.63 49.83
N MET E 186 -22.70 0.53 50.08
CA MET E 186 -21.35 0.54 50.62
C MET E 186 -20.31 -0.08 49.72
N ALA E 187 -20.70 -1.03 48.87
CA ALA E 187 -19.76 -1.68 47.96
C ALA E 187 -19.27 -0.66 46.93
N CYS E 188 -18.00 -0.26 47.03
CA CYS E 188 -17.42 0.71 46.12
C CYS E 188 -18.20 2.03 46.13
N SER E 189 -18.77 2.38 47.27
CA SER E 189 -19.56 3.60 47.40
C SER E 189 -19.57 4.06 48.85
N PRO E 190 -18.61 4.89 49.27
CA PRO E 190 -18.61 5.36 50.65
C PRO E 190 -19.91 6.08 51.00
N THR E 191 -20.46 5.74 52.18
CA THR E 191 -21.72 6.33 52.64
C THR E 191 -21.45 7.75 53.15
N HIS E 192 -21.22 8.65 52.19
CA HIS E 192 -20.96 10.05 52.47
C HIS E 192 -19.97 10.24 53.62
N ASP E 193 -19.01 9.33 53.72
CA ASP E 193 -18.00 9.38 54.77
C ASP E 193 -17.00 10.49 54.43
N GLU E 194 -17.21 11.67 55.02
CA GLU E 194 -16.32 12.81 54.75
C GLU E 194 -14.97 12.67 55.45
N HIS E 195 -14.82 11.71 56.37
CA HIS E 195 -13.57 11.51 57.09
C HIS E 195 -12.70 10.43 56.47
N LEU E 196 -13.11 9.84 55.35
CA LEU E 196 -12.34 8.79 54.69
C LEU E 196 -11.20 9.46 53.93
N LEU E 197 -10.00 9.44 54.51
CA LEU E 197 -8.82 10.03 53.90
C LEU E 197 -7.72 8.98 53.78
N HIS E 198 -6.76 9.27 52.90
CA HIS E 198 -5.63 8.38 52.66
C HIS E 198 -4.61 8.55 53.80
N GLY E 199 -4.99 8.01 54.96
CA GLY E 199 -4.16 8.11 56.14
C GLY E 199 -3.79 9.53 56.50
N GLY E 200 -4.79 10.42 56.45
CA GLY E 200 -4.58 11.82 56.74
C GLY E 200 -4.39 12.70 55.52
N GLN E 201 -4.30 12.11 54.33
CA GLN E 201 -4.12 12.85 53.09
C GLN E 201 -5.33 12.65 52.19
N PRO E 202 -5.61 13.59 51.29
CA PRO E 202 -6.76 13.45 50.39
C PRO E 202 -6.55 12.32 49.40
N PRO E 203 -7.59 11.86 48.70
CA PRO E 203 -7.42 10.78 47.73
C PRO E 203 -6.69 11.24 46.47
N GLU E 204 -5.47 11.72 46.63
CA GLU E 204 -4.67 12.19 45.49
C GLU E 204 -3.21 12.24 45.92
N GLY E 205 -2.36 11.52 45.20
CA GLY E 205 -0.94 11.49 45.51
C GLY E 205 -0.14 12.51 44.73
N ASP E 206 -0.42 12.64 43.44
CA ASP E 206 0.29 13.58 42.58
C ASP E 206 -0.62 14.04 41.45
N PRO E 207 -0.85 15.36 41.30
CA PRO E 207 -1.70 15.82 40.19
C PRO E 207 -1.21 15.38 38.82
N ASP E 208 0.06 15.00 38.69
CA ASP E 208 0.56 14.53 37.40
C ASP E 208 -0.23 13.34 36.88
N LEU E 209 -0.74 12.50 37.78
CA LEU E 209 -1.55 11.36 37.36
C LEU E 209 -2.85 11.84 36.71
N ALA E 210 -3.42 12.93 37.21
CA ALA E 210 -4.63 13.48 36.60
C ALA E 210 -4.37 13.91 35.16
N LYS E 211 -3.17 14.43 34.87
CA LYS E 211 -2.83 14.82 33.52
C LYS E 211 -2.51 13.61 32.65
N ILE E 212 -1.85 12.61 33.22
CA ILE E 212 -1.59 11.37 32.47
C ILE E 212 -2.89 10.70 32.10
N LEU E 213 -3.91 10.82 32.96
CA LEU E 213 -5.22 10.25 32.63
C LEU E 213 -5.79 10.85 31.36
N GLU E 214 -5.77 12.19 31.26
CA GLU E 214 -6.25 12.84 30.05
C GLU E 214 -5.36 12.51 28.86
N GLU E 215 -4.05 12.38 29.10
CA GLU E 215 -3.14 12.04 28.01
C GLU E 215 -3.48 10.68 27.41
N VAL E 216 -3.75 9.69 28.27
CA VAL E 216 -4.10 8.37 27.76
C VAL E 216 -5.51 8.36 27.19
N ARG E 217 -6.41 9.19 27.74
CA ARG E 217 -7.75 9.30 27.17
C ARG E 217 -7.70 9.89 25.76
N TYR E 218 -6.73 10.75 25.49
CA TYR E 218 -6.56 11.27 24.14
C TYR E 218 -6.25 10.14 23.16
N ILE E 219 -5.33 9.25 23.54
CA ILE E 219 -4.99 8.12 22.67
C ILE E 219 -6.18 7.18 22.55
N ALA E 220 -6.96 7.03 23.64
CA ALA E 220 -8.14 6.19 23.57
C ALA E 220 -9.16 6.75 22.58
N ASN E 221 -9.36 8.07 22.60
CA ASN E 221 -10.28 8.70 21.66
C ASN E 221 -9.75 8.60 20.24
N ARG E 222 -8.43 8.71 20.06
CA ARG E 222 -7.85 8.52 18.73
C ARG E 222 -8.11 7.11 18.22
N PHE E 223 -7.93 6.10 19.07
CA PHE E 223 -8.20 4.73 18.67
C PHE E 223 -9.69 4.53 18.37
N ARG E 224 -10.56 5.18 19.14
CA ARG E 224 -11.99 5.11 18.87
C ARG E 224 -12.32 5.71 17.50
N CYS E 225 -11.71 6.85 17.18
CA CYS E 225 -11.95 7.47 15.87
C CYS E 225 -11.42 6.58 14.76
N GLN E 226 -10.26 5.95 14.96
CA GLN E 226 -9.74 5.03 13.96
C GLN E 226 -10.67 3.85 13.76
N ASP E 227 -11.22 3.31 14.85
CA ASP E 227 -12.16 2.20 14.73
C ASP E 227 -13.43 2.63 14.01
N GLU E 228 -13.90 3.85 14.28
CA GLU E 228 -15.08 4.36 13.58
C GLU E 228 -14.81 4.51 12.10
N SER E 229 -13.63 5.03 11.73
CA SER E 229 -13.28 5.15 10.32
C SER E 229 -13.19 3.77 9.67
N GLU E 230 -12.62 2.79 10.37
CA GLU E 230 -12.54 1.44 9.82
C GLU E 230 -13.94 0.85 9.62
N ALA E 231 -14.84 1.11 10.57
CA ALA E 231 -16.22 0.61 10.44
C ALA E 231 -16.93 1.28 9.26
N VAL E 232 -16.70 2.58 9.07
CA VAL E 232 -17.29 3.27 7.92
C VAL E 232 -16.76 2.70 6.62
N CYS E 233 -15.45 2.41 6.57
CA CYS E 233 -14.87 1.81 5.37
C CYS E 233 -15.44 0.42 5.12
N SER E 234 -15.64 -0.37 6.17
CA SER E 234 -16.23 -1.69 6.01
C SER E 234 -17.67 -1.58 5.52
N GLU E 235 -18.42 -0.60 6.03
CA GLU E 235 -19.79 -0.40 5.56
C GLU E 235 -19.82 0.00 4.10
N TRP E 236 -18.90 0.86 3.68
CA TRP E 236 -18.81 1.23 2.27
C TRP E 236 -18.46 0.02 1.41
N LYS E 237 -17.54 -0.82 1.88
CA LYS E 237 -17.18 -2.01 1.14
C LYS E 237 -18.36 -2.97 1.02
N PHE E 238 -19.16 -3.09 2.08
CA PHE E 238 -20.35 -3.94 2.03
C PHE E 238 -21.38 -3.37 1.06
N ALA E 239 -21.57 -2.05 1.07
CA ALA E 239 -22.48 -1.43 0.12
C ALA E 239 -22.02 -1.66 -1.31
N ALA E 240 -20.71 -1.61 -1.54
CA ALA E 240 -20.18 -1.87 -2.88
C ALA E 240 -20.39 -3.33 -3.29
N CYS E 241 -20.12 -4.26 -2.38
CA CYS E 241 -20.33 -5.67 -2.68
C CYS E 241 -21.81 -5.97 -2.93
N VAL E 242 -22.71 -5.24 -2.27
CA VAL E 242 -24.14 -5.43 -2.53
C VAL E 242 -24.47 -5.09 -3.97
N VAL E 243 -23.98 -3.95 -4.47
CA VAL E 243 -24.22 -3.58 -5.85
C VAL E 243 -23.54 -4.56 -6.80
N ASP E 244 -22.36 -5.04 -6.42
CA ASP E 244 -21.67 -6.03 -7.24
C ASP E 244 -22.51 -7.29 -7.40
N ARG E 245 -23.06 -7.79 -6.29
CA ARG E 245 -23.89 -8.98 -6.34
C ARG E 245 -25.17 -8.73 -7.12
N LEU E 246 -25.77 -7.55 -6.95
CA LEU E 246 -26.97 -7.22 -7.70
C LEU E 246 -26.70 -7.23 -9.20
N CYS E 247 -25.57 -6.64 -9.61
CA CYS E 247 -25.23 -6.63 -11.04
C CYS E 247 -24.92 -8.03 -11.54
N LEU E 248 -24.23 -8.84 -10.73
CA LEU E 248 -23.94 -10.22 -11.13
C LEU E 248 -25.23 -11.01 -11.32
N MET E 249 -26.23 -10.77 -10.47
CA MET E 249 -27.49 -11.49 -10.59
C MET E 249 -28.36 -10.96 -11.72
N ALA E 250 -28.22 -9.67 -12.04
CA ALA E 250 -29.03 -9.08 -13.11
C ALA E 250 -28.48 -9.43 -14.48
N PHE E 251 -27.20 -9.14 -14.72
CA PHE E 251 -26.63 -9.38 -16.04
C PHE E 251 -26.58 -10.86 -16.40
N SER E 252 -26.73 -11.75 -15.41
CA SER E 252 -26.68 -13.18 -15.71
C SER E 252 -27.84 -13.59 -16.62
N VAL E 253 -29.05 -13.15 -16.30
CA VAL E 253 -30.21 -13.49 -17.12
C VAL E 253 -30.08 -12.87 -18.51
N PHE E 254 -29.57 -11.65 -18.58
CA PHE E 254 -29.39 -11.00 -19.88
C PHE E 254 -28.39 -11.78 -20.74
N THR E 255 -27.27 -12.20 -20.15
CA THR E 255 -26.29 -12.97 -20.90
C THR E 255 -26.85 -14.32 -21.33
N ILE E 256 -27.63 -14.96 -20.46
CA ILE E 256 -28.24 -16.23 -20.81
C ILE E 256 -29.19 -16.06 -21.99
N ILE E 257 -30.01 -15.01 -21.95
CA ILE E 257 -30.95 -14.76 -23.05
C ILE E 257 -30.21 -14.45 -24.33
N CYS E 258 -29.12 -13.68 -24.25
CA CYS E 258 -28.34 -13.37 -25.44
C CYS E 258 -27.72 -14.63 -26.03
N THR E 259 -27.20 -15.51 -25.18
CA THR E 259 -26.63 -16.76 -25.68
C THR E 259 -27.69 -17.64 -26.31
N ILE E 260 -28.88 -17.72 -25.69
CA ILE E 260 -29.96 -18.52 -26.25
C ILE E 260 -30.37 -17.98 -27.61
N GLY E 261 -30.45 -16.65 -27.73
CA GLY E 261 -30.82 -16.07 -29.00
C GLY E 261 -29.76 -16.28 -30.08
N ILE E 262 -28.49 -16.17 -29.71
CA ILE E 262 -27.42 -16.42 -30.67
C ILE E 262 -27.41 -17.87 -31.11
N LEU E 263 -27.74 -18.79 -30.21
CA LEU E 263 -27.78 -20.20 -30.57
C LEU E 263 -28.97 -20.52 -31.45
N MET E 264 -30.13 -19.89 -31.16
CA MET E 264 -31.32 -20.15 -31.97
C MET E 264 -31.19 -19.53 -33.36
N SER E 265 -30.47 -18.42 -33.49
CA SER E 265 -30.28 -17.75 -34.76
C SER E 265 -29.00 -18.17 -35.47
N ALA E 266 -28.34 -19.22 -35.00
CA ALA E 266 -27.10 -19.69 -35.61
C ALA E 266 -27.36 -20.24 -37.00
N PRO E 267 -28.42 -21.04 -37.21
CA PRO E 267 -28.68 -21.57 -38.56
C PRO E 267 -28.87 -20.49 -39.60
N ASN E 268 -29.33 -19.30 -39.20
CA ASN E 268 -29.54 -18.23 -40.16
C ASN E 268 -28.22 -17.74 -40.76
N PHE E 269 -27.19 -17.58 -39.91
CA PHE E 269 -25.88 -17.14 -40.35
C PHE E 269 -24.86 -18.27 -40.39
N VAL E 270 -24.71 -19.00 -39.29
CA VAL E 270 -23.76 -20.10 -39.22
C VAL E 270 -24.36 -21.33 -39.89
N LEU A 7 12.20 -28.34 -40.40
CA LEU A 7 12.24 -27.27 -41.40
C LEU A 7 12.21 -25.91 -40.72
N TYR A 8 12.43 -24.86 -41.52
CA TYR A 8 12.40 -23.50 -40.98
C TYR A 8 11.05 -23.17 -40.37
N TYR A 9 9.96 -23.56 -41.04
CA TYR A 9 8.63 -23.29 -40.52
C TYR A 9 8.41 -23.98 -39.18
N GLY A 10 8.78 -25.26 -39.10
CA GLY A 10 8.60 -25.99 -37.85
C GLY A 10 9.50 -25.46 -36.75
N LEU A 11 10.76 -25.12 -37.08
CA LEU A 11 11.65 -24.57 -36.08
C LEU A 11 11.14 -23.23 -35.55
N ASN A 12 10.52 -22.44 -36.42
CA ASN A 12 9.98 -21.15 -35.98
C ASN A 12 8.71 -21.33 -35.16
N LEU A 13 7.89 -22.32 -35.50
CA LEU A 13 6.64 -22.54 -34.80
C LEU A 13 6.83 -23.29 -33.48
N LEU A 14 7.96 -23.97 -33.30
CA LEU A 14 8.18 -24.73 -32.06
C LEU A 14 8.64 -23.85 -30.91
N ILE A 15 9.21 -22.67 -31.18
CA ILE A 15 9.72 -21.81 -30.13
C ILE A 15 8.56 -21.16 -29.39
N PRO A 16 7.55 -20.61 -30.08
CA PRO A 16 6.39 -20.06 -29.37
C PRO A 16 5.74 -21.06 -28.43
N CYS A 17 5.76 -22.36 -28.76
CA CYS A 17 5.17 -23.36 -27.89
C CYS A 17 5.85 -23.37 -26.53
N VAL A 18 7.18 -23.55 -26.52
CA VAL A 18 7.92 -23.57 -25.27
C VAL A 18 7.84 -22.22 -24.57
N LEU A 19 7.76 -21.14 -25.34
CA LEU A 19 7.64 -19.81 -24.73
C LEU A 19 6.34 -19.70 -23.95
N ILE A 20 5.23 -20.09 -24.57
CA ILE A 20 3.93 -20.04 -23.89
C ILE A 20 3.90 -21.00 -22.71
N SER A 21 4.55 -22.16 -22.85
CA SER A 21 4.60 -23.11 -21.75
C SER A 21 5.33 -22.51 -20.54
N ALA A 22 6.49 -21.89 -20.78
CA ALA A 22 7.23 -21.26 -19.69
C ALA A 22 6.46 -20.10 -19.10
N LEU A 23 5.77 -19.32 -19.93
CA LEU A 23 4.96 -18.23 -19.43
C LEU A 23 3.84 -18.73 -18.52
N ALA A 24 3.14 -19.79 -18.94
CA ALA A 24 2.09 -20.35 -18.11
C ALA A 24 2.66 -20.91 -16.81
N LEU A 25 3.79 -21.60 -16.88
CA LEU A 25 4.41 -22.12 -15.66
C LEU A 25 4.76 -20.99 -14.70
N LEU A 26 5.33 -19.91 -15.21
CA LEU A 26 5.69 -18.79 -14.35
C LEU A 26 4.46 -18.10 -13.78
N VAL A 27 3.37 -18.02 -14.55
CA VAL A 27 2.14 -17.42 -14.05
C VAL A 27 1.56 -18.28 -12.92
N PHE A 28 1.66 -19.60 -13.04
CA PHE A 28 1.18 -20.48 -11.99
C PHE A 28 2.08 -20.44 -10.76
N LEU A 29 3.38 -20.19 -10.96
CA LEU A 29 4.33 -20.13 -9.86
C LEU A 29 4.28 -18.80 -9.11
N LEU A 30 3.37 -17.91 -9.46
CA LEU A 30 3.30 -16.61 -8.80
C LEU A 30 2.83 -16.79 -7.35
N PRO A 31 3.50 -16.17 -6.36
CA PRO A 31 3.02 -16.29 -4.99
C PRO A 31 1.65 -15.65 -4.80
N ALA A 32 1.08 -15.77 -3.60
CA ALA A 32 -0.23 -15.21 -3.30
C ALA A 32 -0.10 -13.71 -3.13
N ASP A 33 0.04 -13.01 -4.25
CA ASP A 33 0.15 -11.56 -4.27
C ASP A 33 -1.26 -10.96 -4.38
N SER A 34 -1.32 -9.65 -4.65
CA SER A 34 -2.59 -8.96 -4.78
C SER A 34 -3.24 -9.32 -6.11
N GLY A 35 -4.35 -8.65 -6.43
CA GLY A 35 -5.06 -8.92 -7.67
C GLY A 35 -4.21 -8.72 -8.91
N GLU A 36 -3.08 -8.03 -8.80
CA GLU A 36 -2.22 -7.81 -9.96
C GLU A 36 -1.90 -9.11 -10.69
N LYS A 37 -1.94 -10.24 -9.99
CA LYS A 37 -1.72 -11.54 -10.62
C LYS A 37 -2.56 -11.66 -11.89
N ILE A 38 -3.86 -11.38 -11.78
CA ILE A 38 -4.74 -11.47 -12.95
C ILE A 38 -4.24 -10.57 -14.06
N SER A 39 -3.86 -9.34 -13.72
CA SER A 39 -3.35 -8.42 -14.73
C SER A 39 -2.21 -9.02 -15.54
N LEU A 40 -1.49 -9.97 -14.96
CA LEU A 40 -0.44 -10.68 -15.69
C LEU A 40 -1.03 -11.79 -16.55
N GLY A 41 -1.88 -12.63 -15.95
CA GLY A 41 -2.45 -13.76 -16.69
C GLY A 41 -3.12 -13.32 -17.97
N ILE A 42 -4.08 -12.40 -17.87
CA ILE A 42 -4.76 -11.90 -19.06
C ILE A 42 -3.76 -11.41 -20.08
N THR A 43 -2.68 -10.77 -19.62
CA THR A 43 -1.66 -10.27 -20.55
C THR A 43 -1.16 -11.38 -21.45
N VAL A 44 -0.89 -12.56 -20.89
CA VAL A 44 -0.46 -13.69 -21.69
C VAL A 44 -1.47 -13.95 -22.81
N LEU A 45 -2.76 -14.02 -22.45
CA LEU A 45 -3.79 -14.23 -23.45
C LEU A 45 -3.68 -13.22 -24.58
N LEU A 46 -3.36 -11.97 -24.24
CA LEU A 46 -3.20 -10.94 -25.27
C LEU A 46 -2.21 -11.40 -26.34
N SER A 47 -1.03 -11.86 -25.91
CA SER A 47 -0.04 -12.35 -26.86
C SER A 47 -0.64 -13.39 -27.78
N LEU A 48 -1.47 -14.29 -27.23
CA LEU A 48 -2.11 -15.30 -28.06
C LEU A 48 -2.91 -14.66 -29.18
N THR A 49 -3.72 -13.65 -28.86
CA THR A 49 -4.51 -12.99 -29.88
C THR A 49 -3.65 -12.46 -31.02
N VAL A 50 -2.37 -12.22 -30.77
CA VAL A 50 -1.46 -11.83 -31.84
C VAL A 50 -0.94 -13.06 -32.57
N PHE A 51 -0.46 -14.04 -31.82
CA PHE A 51 0.09 -15.26 -32.43
C PHE A 51 -0.93 -15.90 -33.37
N MET A 52 -2.12 -16.20 -32.85
CA MET A 52 -3.17 -16.77 -33.68
C MET A 52 -3.43 -15.92 -34.92
N LEU A 53 -3.31 -14.60 -34.77
CA LEU A 53 -3.51 -13.71 -35.90
C LEU A 53 -2.60 -14.09 -37.06
N LEU A 54 -1.31 -14.32 -36.76
CA LEU A 54 -0.39 -14.77 -37.79
C LEU A 54 -0.86 -16.08 -38.42
N VAL A 55 -1.34 -17.01 -37.60
CA VAL A 55 -1.84 -18.28 -38.12
C VAL A 55 -3.00 -18.05 -39.07
N ALA A 56 -3.74 -16.95 -38.88
CA ALA A 56 -4.85 -16.61 -39.76
C ALA A 56 -4.43 -15.80 -40.97
N GLU A 57 -3.20 -15.28 -40.99
CA GLU A 57 -2.74 -14.45 -42.10
C GLU A 57 -2.16 -15.30 -43.24
N ILE A 58 -1.18 -16.14 -42.93
CA ILE A 58 -0.52 -16.94 -43.97
C ILE A 58 -1.32 -18.20 -44.27
N MET A 59 -2.10 -18.71 -43.32
CA MET A 59 -2.88 -19.93 -43.49
C MET A 59 -4.23 -19.76 -42.83
N PRO A 60 -5.15 -19.02 -43.47
CA PRO A 60 -6.48 -18.83 -42.88
C PRO A 60 -7.16 -20.17 -42.62
N SER A 61 -8.06 -20.16 -41.64
CA SER A 61 -8.78 -21.38 -41.26
C SER A 61 -9.81 -21.80 -42.29
N THR A 62 -10.13 -20.94 -43.27
CA THR A 62 -11.11 -21.31 -44.28
C THR A 62 -10.59 -22.40 -45.20
N SER A 63 -9.26 -22.52 -45.34
CA SER A 63 -8.65 -23.53 -46.20
C SER A 63 -7.66 -24.43 -45.47
N ASP A 64 -6.97 -23.92 -44.45
CA ASP A 64 -5.98 -24.70 -43.72
C ASP A 64 -6.73 -25.64 -42.77
N SER A 65 -7.08 -26.81 -43.28
CA SER A 65 -7.79 -27.82 -42.49
C SER A 65 -6.75 -28.66 -41.74
N SER A 66 -6.22 -28.09 -40.66
CA SER A 66 -5.21 -28.73 -39.83
C SER A 66 -5.84 -29.12 -38.49
N PRO A 67 -6.37 -30.34 -38.36
CA PRO A 67 -6.97 -30.74 -37.08
C PRO A 67 -5.96 -30.97 -35.97
N SER A 68 -4.65 -30.91 -36.27
CA SER A 68 -3.63 -31.12 -35.24
C SER A 68 -3.29 -29.86 -34.49
N ILE A 69 -3.34 -28.70 -35.16
CA ILE A 69 -3.03 -27.44 -34.49
C ILE A 69 -4.24 -26.91 -33.72
N ALA A 70 -5.45 -27.27 -34.15
CA ALA A 70 -6.64 -26.81 -33.45
C ALA A 70 -6.69 -27.38 -32.03
N GLN A 71 -6.36 -28.66 -31.87
CA GLN A 71 -6.34 -29.26 -30.54
C GLN A 71 -5.28 -28.60 -29.66
N TYR A 72 -4.11 -28.31 -30.22
CA TYR A 72 -3.06 -27.65 -29.45
C TYR A 72 -3.50 -26.26 -29.01
N PHE A 73 -4.12 -25.50 -29.91
CA PHE A 73 -4.61 -24.17 -29.55
C PHE A 73 -5.69 -24.24 -28.48
N ALA A 74 -6.59 -25.23 -28.59
CA ALA A 74 -7.64 -25.39 -27.60
C ALA A 74 -7.05 -25.73 -26.23
N SER A 75 -6.03 -26.59 -26.21
CA SER A 75 -5.39 -26.95 -24.94
C SER A 75 -4.66 -25.75 -24.35
N THR A 76 -4.00 -24.96 -25.20
CA THR A 76 -3.29 -23.79 -24.71
C THR A 76 -4.26 -22.76 -24.13
N MET A 77 -5.38 -22.52 -24.83
CA MET A 77 -6.38 -21.59 -24.31
C MET A 77 -6.92 -22.06 -22.96
N ILE A 78 -7.18 -23.37 -22.84
CA ILE A 78 -7.69 -23.89 -21.58
C ILE A 78 -6.66 -23.75 -20.47
N ILE A 79 -5.39 -24.01 -20.78
CA ILE A 79 -4.36 -23.96 -19.74
C ILE A 79 -4.08 -22.52 -19.32
N VAL A 80 -4.26 -21.55 -20.22
CA VAL A 80 -4.05 -20.17 -19.84
C VAL A 80 -5.29 -19.62 -19.12
N GLY A 81 -6.48 -20.15 -19.42
CA GLY A 81 -7.66 -19.74 -18.69
C GLY A 81 -7.73 -20.32 -17.29
N LEU A 82 -7.22 -21.54 -17.11
CA LEU A 82 -7.16 -22.13 -15.78
C LEU A 82 -6.27 -21.30 -14.86
N SER A 83 -5.20 -20.70 -15.39
CA SER A 83 -4.36 -19.84 -14.57
C SER A 83 -5.13 -18.62 -14.08
N VAL A 84 -5.90 -17.99 -14.98
CA VAL A 84 -6.70 -16.83 -14.58
C VAL A 84 -7.76 -17.24 -13.56
N VAL A 85 -8.36 -18.42 -13.75
CA VAL A 85 -9.36 -18.90 -12.80
C VAL A 85 -8.73 -19.10 -11.43
N VAL A 86 -7.53 -19.69 -11.39
CA VAL A 86 -6.85 -19.92 -10.12
C VAL A 86 -6.48 -18.61 -9.46
N THR A 87 -6.02 -17.63 -10.24
CA THR A 87 -5.69 -16.32 -9.68
C THR A 87 -6.92 -15.65 -9.10
N VAL A 88 -8.05 -15.75 -9.80
CA VAL A 88 -9.29 -15.16 -9.29
C VAL A 88 -9.72 -15.86 -8.00
N ILE A 89 -9.59 -17.19 -7.95
CA ILE A 89 -9.97 -17.93 -6.75
C ILE A 89 -9.08 -17.52 -5.58
N VAL A 90 -7.78 -17.34 -5.84
CA VAL A 90 -6.86 -16.92 -4.79
C VAL A 90 -7.20 -15.52 -4.30
N LEU A 91 -7.52 -14.62 -5.23
CA LEU A 91 -7.90 -13.25 -4.83
C LEU A 91 -9.17 -13.28 -4.00
N GLN A 92 -10.13 -14.13 -4.37
CA GLN A 92 -11.37 -14.23 -3.60
C GLN A 92 -11.09 -14.77 -2.20
N TYR A 93 -10.30 -15.83 -2.10
CA TYR A 93 -9.97 -16.39 -0.79
C TYR A 93 -9.20 -15.38 0.06
N HIS A 94 -8.40 -14.52 -0.56
CA HIS A 94 -7.66 -13.52 0.19
C HIS A 94 -8.58 -12.41 0.68
N HIS A 95 -9.48 -11.94 -0.20
CA HIS A 95 -10.41 -10.89 0.20
C HIS A 95 -11.43 -11.41 1.21
N HIS A 96 -11.98 -12.60 0.96
CA HIS A 96 -12.97 -13.21 1.85
C HIS A 96 -14.18 -12.30 2.03
N ASP A 97 -14.85 -12.02 0.91
CA ASP A 97 -16.03 -11.17 0.90
C ASP A 97 -17.10 -11.76 1.82
N PRO A 98 -17.40 -11.11 2.95
CA PRO A 98 -18.45 -11.67 3.83
C PRO A 98 -19.81 -11.70 3.18
N ASP A 99 -20.10 -10.78 2.25
CA ASP A 99 -21.39 -10.73 1.57
C ASP A 99 -21.41 -11.56 0.28
N GLY A 100 -20.54 -12.57 0.18
CA GLY A 100 -20.50 -13.40 -1.00
C GLY A 100 -19.45 -14.47 -0.91
N GLY A 101 -18.78 -14.75 -2.03
CA GLY A 101 -17.74 -15.77 -2.07
C GLY A 101 -18.29 -17.16 -1.83
N LYS A 102 -17.98 -17.74 -0.67
CA LYS A 102 -18.44 -19.07 -0.32
C LYS A 102 -18.40 -19.20 1.20
N MET A 103 -18.58 -20.43 1.70
CA MET A 103 -18.56 -20.73 3.12
C MET A 103 -17.30 -21.50 3.46
N PRO A 104 -16.20 -20.83 3.78
CA PRO A 104 -14.94 -21.53 4.10
C PRO A 104 -14.91 -22.17 5.48
N LYS A 105 -16.03 -22.20 6.20
CA LYS A 105 -16.05 -22.83 7.52
C LYS A 105 -15.75 -24.32 7.43
N TRP A 106 -16.23 -24.97 6.36
CA TRP A 106 -15.97 -26.40 6.19
C TRP A 106 -14.53 -26.67 5.80
N THR A 107 -13.89 -25.73 5.10
CA THR A 107 -12.50 -25.89 4.69
C THR A 107 -11.50 -25.44 5.75
N ARG A 108 -11.95 -24.65 6.73
CA ARG A 108 -11.04 -24.23 7.81
C ARG A 108 -10.54 -25.43 8.61
N VAL A 109 -11.37 -26.46 8.76
CA VAL A 109 -10.94 -27.64 9.51
C VAL A 109 -9.90 -28.43 8.73
N ILE A 110 -10.10 -28.55 7.41
CA ILE A 110 -9.14 -29.27 6.58
C ILE A 110 -7.85 -28.47 6.44
N LEU A 111 -7.92 -27.15 6.59
CA LEU A 111 -6.72 -26.33 6.51
C LEU A 111 -5.75 -26.68 7.63
N LEU A 112 -6.25 -26.90 8.85
CA LEU A 112 -5.37 -27.24 9.96
C LEU A 112 -4.70 -28.59 9.72
N ASN A 113 -5.43 -29.54 9.12
CA ASN A 113 -4.84 -30.84 8.82
C ASN A 113 -3.80 -30.73 7.72
N TRP A 114 -4.07 -29.95 6.68
CA TRP A 114 -3.11 -29.77 5.61
C TRP A 114 -1.86 -29.06 6.08
N CYS A 115 -1.99 -28.14 7.04
CA CYS A 115 -0.82 -27.45 7.58
C CYS A 115 0.18 -28.44 8.14
N ALA A 116 -0.30 -29.49 8.81
CA ALA A 116 0.59 -30.50 9.36
C ALA A 116 0.99 -31.54 8.32
N TRP A 117 0.10 -31.83 7.36
CA TRP A 117 0.42 -32.81 6.33
C TRP A 117 1.50 -32.30 5.39
N PHE A 118 1.60 -30.98 5.21
CA PHE A 118 2.62 -30.42 4.34
C PHE A 118 4.02 -30.82 4.80
N LEU A 119 4.24 -30.86 6.12
CA LEU A 119 5.54 -31.26 6.65
C LEU A 119 5.75 -32.76 6.53
N ARG A 120 4.70 -33.55 6.76
CA ARG A 120 4.76 -35.00 6.68
C ARG A 120 3.56 -35.49 5.89
N MET A 121 3.79 -35.93 4.66
CA MET A 121 2.70 -36.39 3.81
C MET A 121 1.97 -37.55 4.47
N LYS A 122 0.68 -37.67 4.16
CA LYS A 122 -0.15 -38.73 4.70
C LYS A 122 0.06 -40.07 4.01
N ARG A 123 0.93 -40.14 3.01
CA ARG A 123 1.18 -41.38 2.30
C ARG A 123 2.04 -42.32 3.15
N PRO A 124 2.05 -43.61 2.81
CA PRO A 124 2.87 -44.55 3.59
C PRO A 124 4.36 -44.20 3.58
N GLY A 125 4.87 -43.66 2.47
CA GLY A 125 6.28 -43.34 2.40
C GLY A 125 6.76 -42.43 3.52
N GLU A 126 5.88 -41.55 4.01
CA GLU A 126 6.21 -40.64 5.09
C GLU A 126 5.70 -41.11 6.45
N ASP A 127 4.66 -41.95 6.48
CA ASP A 127 4.13 -42.45 7.74
C ASP A 127 4.93 -43.61 8.30
N LYS A 128 5.60 -44.38 7.43
CA LYS A 128 6.40 -45.51 7.87
C LYS A 128 7.81 -45.13 8.28
N VAL A 129 8.37 -44.07 7.69
CA VAL A 129 9.73 -43.63 8.00
C VAL A 129 9.61 -42.65 9.15
N ARG A 130 9.58 -43.17 10.37
CA ARG A 130 9.50 -42.36 11.58
C ARG A 130 9.63 -43.28 12.78
N PRO A 131 9.96 -42.73 13.95
CA PRO A 131 10.07 -43.57 15.15
C PRO A 131 8.76 -44.28 15.45
N ALA A 132 8.85 -45.60 15.63
CA ALA A 132 7.68 -46.42 15.92
C ALA A 132 8.07 -47.51 16.91
N CYS A 133 7.34 -47.61 18.00
CA CYS A 133 7.60 -48.61 19.03
C CYS A 133 6.28 -49.02 19.66
N GLN A 134 6.35 -50.01 20.54
CA GLN A 134 5.18 -50.53 21.24
C GLN A 134 5.02 -49.93 22.63
N HIS A 135 5.81 -48.91 22.96
CA HIS A 135 5.71 -48.28 24.27
C HIS A 135 4.37 -47.57 24.42
N LYS A 136 3.95 -47.40 25.69
CA LYS A 136 2.69 -46.74 25.98
C LYS A 136 2.69 -45.26 25.65
N GLN A 137 3.85 -44.69 25.32
CA GLN A 137 3.93 -43.27 24.99
C GLN A 137 3.28 -42.94 23.65
N ARG A 138 2.98 -43.93 22.83
CA ARG A 138 2.36 -43.72 21.52
C ARG A 138 0.88 -44.07 21.50
N ARG A 139 0.32 -44.50 22.64
CA ARG A 139 -1.09 -44.86 22.70
C ARG A 139 -1.94 -43.60 22.88
N CYS A 140 -3.26 -43.81 22.85
CA CYS A 140 -4.23 -42.72 23.01
C CYS A 140 -4.81 -42.74 24.41
N SER A 141 -5.46 -41.63 24.77
CA SER A 141 -6.08 -41.49 26.08
C SER A 141 -7.20 -40.47 25.96
N LEU A 142 -7.76 -40.08 27.11
CA LEU A 142 -8.85 -39.10 27.11
C LEU A 142 -8.40 -37.76 26.56
N ALA A 143 -7.11 -37.43 26.71
CA ALA A 143 -6.61 -36.15 26.21
C ALA A 143 -6.71 -36.08 24.70
N SER A 144 -6.48 -37.20 24.00
CA SER A 144 -6.54 -37.20 22.54
C SER A 144 -7.98 -37.31 22.05
N VAL A 145 -8.87 -37.92 22.83
CA VAL A 145 -10.27 -38.07 22.45
C VAL A 145 -10.96 -36.74 22.72
N GLU A 146 -11.17 -35.95 21.66
CA GLU A 146 -11.82 -34.65 21.78
C GLU A 146 -13.29 -34.69 21.38
N MET A 147 -13.97 -35.81 21.64
CA MET A 147 -15.38 -35.95 21.30
C MET A 147 -16.29 -35.19 22.25
N SER A 148 -15.78 -34.73 23.39
CA SER A 148 -16.57 -33.99 24.37
C SER A 148 -16.07 -32.55 24.50
N ALA A 149 -15.60 -31.97 23.40
CA ALA A 149 -15.10 -30.60 23.39
C ALA A 149 -13.94 -30.43 24.38
N VAL A 150 -12.91 -31.24 24.18
CA VAL A 150 -11.72 -31.21 25.03
C VAL A 150 -10.71 -30.24 24.42
N ALA A 151 -9.98 -29.55 25.29
CA ALA A 151 -8.99 -28.59 24.83
C ALA A 151 -7.85 -29.31 24.10
N PRO A 152 -7.10 -28.59 23.28
CA PRO A 152 -5.98 -29.21 22.57
C PRO A 152 -4.94 -29.76 23.54
N PRO A 153 -4.04 -30.62 23.08
CA PRO A 153 -3.00 -31.15 23.97
C PRO A 153 -2.15 -30.03 24.53
N PRO A 154 -2.11 -29.86 25.85
CA PRO A 154 -1.26 -28.80 26.43
C PRO A 154 0.19 -28.97 26.02
N ALA A 155 0.70 -27.99 25.28
CA ALA A 155 2.08 -28.01 24.81
C ALA A 155 2.61 -26.59 24.75
N SER A 156 3.94 -26.47 24.85
CA SER A 156 4.58 -25.16 24.81
C SER A 156 4.59 -24.56 23.40
N ASN A 157 4.14 -25.29 22.39
CA ASN A 157 4.14 -24.78 21.02
C ASN A 157 3.06 -23.73 20.78
N GLY A 158 2.22 -23.45 21.77
CA GLY A 158 1.17 -22.45 21.61
C GLY A 158 -0.16 -22.90 22.19
N ASN A 159 -0.39 -24.22 22.21
CA ASN A 159 -1.64 -24.73 22.76
C ASN A 159 -1.80 -24.36 24.22
N LEU A 160 -0.72 -24.45 25.00
CA LEU A 160 -0.79 -24.10 26.41
C LEU A 160 -1.10 -22.62 26.59
N LEU A 161 -0.41 -21.76 25.83
CA LEU A 161 -0.68 -20.33 25.92
C LEU A 161 -2.11 -20.01 25.55
N TYR A 162 -2.65 -20.68 24.52
CA TYR A 162 -4.04 -20.47 24.14
C TYR A 162 -4.99 -20.90 25.25
N ILE A 163 -4.81 -22.12 25.77
CA ILE A 163 -5.67 -22.61 26.83
C ILE A 163 -5.60 -21.70 28.06
N GLY A 164 -4.45 -21.07 28.28
CA GLY A 164 -4.29 -20.18 29.41
C GLY A 164 -4.97 -18.84 29.22
N PHE A 165 -4.70 -18.17 28.09
CA PHE A 165 -5.24 -16.84 27.86
C PHE A 165 -6.71 -16.89 27.45
N ARG A 166 -7.01 -17.56 26.34
CA ARG A 166 -8.37 -17.62 25.83
C ARG A 166 -9.31 -18.45 26.69
N GLY A 167 -8.82 -19.07 27.75
CA GLY A 167 -9.66 -19.87 28.62
C GLY A 167 -10.50 -19.02 29.56
N LEU A 168 -11.45 -18.29 29.00
CA LEU A 168 -12.31 -17.43 29.81
C LEU A 168 -13.10 -18.27 30.81
N ASP A 169 -13.31 -17.72 32.01
CA ASP A 169 -14.04 -18.39 33.08
C ASP A 169 -13.38 -19.70 33.50
N GLY A 170 -12.10 -19.89 33.15
CA GLY A 170 -11.37 -21.08 33.49
C GLY A 170 -10.57 -20.93 34.76
N VAL A 171 -9.58 -21.82 34.92
CA VAL A 171 -8.73 -21.77 36.10
C VAL A 171 -7.84 -20.54 36.09
N HIS A 172 -7.54 -20.00 34.91
CA HIS A 172 -6.69 -18.82 34.81
C HIS A 172 -7.40 -17.59 35.33
N CYS A 173 -8.64 -17.37 34.90
CA CYS A 173 -9.41 -16.21 35.32
C CYS A 173 -10.28 -16.49 36.55
N VAL A 174 -10.69 -17.75 36.74
CA VAL A 174 -11.53 -18.12 37.88
C VAL A 174 -11.00 -19.42 38.46
N PRO A 175 -9.97 -19.37 39.32
CA PRO A 175 -9.42 -20.61 39.89
C PRO A 175 -10.30 -21.21 41.00
N THR A 176 -11.32 -21.95 40.56
CA THR A 176 -12.25 -22.59 41.48
C THR A 176 -11.58 -23.72 42.25
N PRO A 177 -10.66 -24.50 41.65
CA PRO A 177 -10.03 -25.58 42.42
C PRO A 177 -9.26 -25.03 43.60
N ASP A 178 -9.55 -25.57 44.79
CA ASP A 178 -8.89 -25.14 46.01
C ASP A 178 -7.43 -25.56 45.97
N SER A 179 -6.54 -24.59 45.76
CA SER A 179 -5.11 -24.86 45.72
C SER A 179 -4.42 -24.63 47.06
N GLY A 180 -4.95 -23.72 47.88
CA GLY A 180 -4.36 -23.44 49.17
C GLY A 180 -3.23 -22.42 49.16
N VAL A 181 -3.05 -21.71 48.06
CA VAL A 181 -1.98 -20.72 47.99
C VAL A 181 -2.37 -19.45 48.75
N VAL A 182 -3.67 -19.20 48.91
CA VAL A 182 -4.12 -17.99 49.61
C VAL A 182 -3.70 -18.03 51.07
N CYS A 183 -3.60 -19.23 51.66
CA CYS A 183 -3.25 -19.35 53.07
C CYS A 183 -2.25 -20.48 53.33
N GLY A 184 -1.63 -21.04 52.29
CA GLY A 184 -0.68 -22.12 52.47
C GLY A 184 0.73 -21.74 52.08
N ARG A 185 0.86 -20.80 51.15
CA ARG A 185 2.16 -20.34 50.66
C ARG A 185 2.26 -18.83 50.84
N MET A 186 3.46 -18.37 51.18
CA MET A 186 3.72 -16.95 51.39
C MET A 186 4.48 -16.32 50.24
N ALA A 187 4.66 -17.04 49.13
CA ALA A 187 5.39 -16.52 47.98
C ALA A 187 4.51 -15.50 47.28
N CYS A 188 4.77 -14.21 47.52
CA CYS A 188 4.01 -13.12 46.91
C CYS A 188 2.52 -13.22 47.24
N SER A 189 2.21 -13.83 48.40
CA SER A 189 0.82 -14.00 48.81
C SER A 189 0.75 -14.20 50.32
N PRO A 190 0.71 -13.12 51.10
CA PRO A 190 0.62 -13.27 52.57
C PRO A 190 -0.60 -14.09 52.96
N THR A 191 -0.40 -15.03 53.88
CA THR A 191 -1.47 -15.90 54.34
C THR A 191 -2.40 -15.16 55.29
N HIS A 192 -3.50 -14.61 54.73
CA HIS A 192 -4.51 -13.90 55.50
C HIS A 192 -3.88 -12.95 56.52
N ASP A 193 -2.75 -12.34 56.16
CA ASP A 193 -2.06 -11.41 57.04
C ASP A 193 -2.73 -10.05 56.94
N GLU A 194 -3.60 -9.73 57.89
CA GLU A 194 -4.28 -8.45 57.89
C GLU A 194 -3.44 -7.33 58.50
N HIS A 195 -2.37 -7.67 59.23
CA HIS A 195 -1.52 -6.69 59.85
C HIS A 195 -0.39 -6.21 58.95
N LEU A 196 -0.28 -6.76 57.74
CA LEU A 196 0.77 -6.34 56.80
C LEU A 196 0.40 -4.99 56.22
N LEU A 197 0.96 -3.93 56.78
CA LEU A 197 0.70 -2.56 56.33
C LEU A 197 1.99 -1.92 55.85
N HIS A 198 1.85 -0.92 54.98
CA HIS A 198 2.99 -0.20 54.42
C HIS A 198 3.52 0.79 55.48
N GLY A 199 4.17 0.21 56.49
CA GLY A 199 4.73 1.01 57.57
C GLY A 199 3.71 1.83 58.31
N GLY A 200 2.52 1.27 58.54
CA GLY A 200 1.44 1.93 59.25
C GLY A 200 0.20 2.16 58.40
N GLN A 201 0.38 2.38 57.09
CA GLN A 201 -0.73 2.63 56.18
C GLN A 201 -0.92 1.43 55.26
N PRO A 202 -2.14 1.20 54.77
CA PRO A 202 -2.39 0.07 53.89
C PRO A 202 -1.78 0.32 52.51
N PRO A 203 -1.50 -0.74 51.74
CA PRO A 203 -0.91 -0.53 50.41
C PRO A 203 -1.92 0.03 49.42
N GLU A 204 -1.80 1.30 49.08
CA GLU A 204 -2.67 1.93 48.10
C GLU A 204 -1.98 3.20 47.60
N GLY A 205 -1.62 3.22 46.32
CA GLY A 205 -0.95 4.36 45.75
C GLY A 205 -1.88 5.49 45.35
N ASP A 206 -2.78 5.21 44.42
CA ASP A 206 -3.69 6.23 43.91
C ASP A 206 -4.85 5.57 43.17
N PRO A 207 -6.11 5.89 43.51
CA PRO A 207 -7.22 5.33 42.73
C PRO A 207 -7.15 5.63 41.24
N ASP A 208 -6.43 6.68 40.84
CA ASP A 208 -6.28 6.97 39.42
C ASP A 208 -5.41 5.93 38.73
N LEU A 209 -4.46 5.32 39.46
CA LEU A 209 -3.66 4.26 38.87
C LEU A 209 -4.51 3.05 38.49
N ALA A 210 -5.59 2.81 39.22
CA ALA A 210 -6.51 1.72 38.87
C ALA A 210 -7.12 1.97 37.49
N LYS A 211 -7.44 3.23 37.18
CA LYS A 211 -7.99 3.56 35.88
C LYS A 211 -6.91 3.58 34.79
N ILE A 212 -5.70 4.01 35.13
CA ILE A 212 -4.61 3.96 34.17
C ILE A 212 -4.32 2.52 33.77
N LEU A 213 -4.36 1.60 34.74
CA LEU A 213 -4.15 0.19 34.43
C LEU A 213 -5.26 -0.35 33.55
N GLU A 214 -6.50 0.07 33.80
CA GLU A 214 -7.61 -0.36 32.96
C GLU A 214 -7.45 0.15 31.52
N GLU A 215 -7.02 1.40 31.37
CA GLU A 215 -6.79 1.94 30.03
C GLU A 215 -5.66 1.21 29.34
N VAL A 216 -4.59 0.87 30.07
CA VAL A 216 -3.48 0.12 29.49
C VAL A 216 -3.95 -1.26 29.06
N ARG A 217 -4.82 -1.89 29.86
CA ARG A 217 -5.34 -3.20 29.50
C ARG A 217 -6.24 -3.11 28.27
N TYR A 218 -7.02 -2.02 28.15
CA TYR A 218 -7.83 -1.84 26.96
C TYR A 218 -6.96 -1.64 25.72
N ILE A 219 -5.85 -0.90 25.86
CA ILE A 219 -4.94 -0.72 24.75
C ILE A 219 -4.30 -2.05 24.36
N ALA A 220 -3.95 -2.87 25.37
CA ALA A 220 -3.38 -4.18 25.08
C ALA A 220 -4.40 -5.07 24.39
N ASN A 221 -5.67 -4.98 24.78
CA ASN A 221 -6.71 -5.76 24.12
C ASN A 221 -6.91 -5.30 22.68
N ARG A 222 -6.81 -4.00 22.43
CA ARG A 222 -6.89 -3.49 21.06
C ARG A 222 -5.73 -4.03 20.23
N PHE A 223 -4.52 -4.00 20.78
CA PHE A 223 -3.37 -4.55 20.06
C PHE A 223 -3.54 -6.04 19.81
N ARG A 224 -4.12 -6.75 20.77
CA ARG A 224 -4.34 -8.19 20.60
C ARG A 224 -5.38 -8.44 19.50
N CYS A 225 -6.42 -7.61 19.43
CA CYS A 225 -7.41 -7.76 18.36
C CYS A 225 -6.77 -7.47 17.01
N GLN A 226 -5.90 -6.47 16.93
CA GLN A 226 -5.18 -6.19 15.69
C GLN A 226 -4.32 -7.38 15.30
N ASP A 227 -3.60 -7.96 16.26
CA ASP A 227 -2.77 -9.13 15.97
C ASP A 227 -3.63 -10.31 15.53
N GLU A 228 -4.82 -10.46 16.10
CA GLU A 228 -5.71 -11.54 15.70
C GLU A 228 -6.20 -11.34 14.28
N SER A 229 -6.54 -10.10 13.91
CA SER A 229 -6.92 -9.82 12.53
C SER A 229 -5.78 -10.11 11.57
N GLU A 230 -4.56 -9.73 11.96
CA GLU A 230 -3.39 -10.01 11.11
C GLU A 230 -3.19 -11.51 10.97
N ALA A 231 -3.38 -12.27 12.05
CA ALA A 231 -3.22 -13.72 12.00
C ALA A 231 -4.31 -14.35 11.14
N VAL A 232 -5.52 -13.80 11.18
CA VAL A 232 -6.59 -14.31 10.32
C VAL A 232 -6.25 -14.06 8.86
N CYS A 233 -5.73 -12.86 8.54
CA CYS A 233 -5.31 -12.57 7.17
C CYS A 233 -4.20 -13.51 6.73
N SER A 234 -3.24 -13.78 7.63
CA SER A 234 -2.16 -14.70 7.30
C SER A 234 -2.68 -16.11 7.07
N GLU A 235 -3.66 -16.54 7.87
CA GLU A 235 -4.24 -17.86 7.67
C GLU A 235 -4.98 -17.93 6.34
N TRP A 236 -5.67 -16.86 5.97
CA TRP A 236 -6.35 -16.82 4.67
C TRP A 236 -5.34 -16.91 3.53
N LYS A 237 -4.24 -16.17 3.63
CA LYS A 237 -3.23 -16.22 2.58
C LYS A 237 -2.54 -17.58 2.53
N PHE A 238 -2.36 -18.23 3.68
CA PHE A 238 -1.81 -19.58 3.69
C PHE A 238 -2.76 -20.57 3.05
N ALA A 239 -4.06 -20.44 3.33
CA ALA A 239 -5.05 -21.32 2.69
C ALA A 239 -5.07 -21.11 1.18
N ALA A 240 -4.89 -19.87 0.74
CA ALA A 240 -4.83 -19.60 -0.70
C ALA A 240 -3.58 -20.20 -1.32
N CYS A 241 -2.43 -20.05 -0.64
CA CYS A 241 -1.19 -20.65 -1.14
C CYS A 241 -1.30 -22.16 -1.19
N VAL A 242 -2.03 -22.77 -0.25
CA VAL A 242 -2.21 -24.22 -0.27
C VAL A 242 -2.91 -24.65 -1.54
N VAL A 243 -4.01 -23.98 -1.88
CA VAL A 243 -4.74 -24.32 -3.10
C VAL A 243 -3.89 -24.04 -4.33
N ASP A 244 -3.11 -22.96 -4.29
CA ASP A 244 -2.23 -22.64 -5.42
C ASP A 244 -1.22 -23.76 -5.65
N ARG A 245 -0.58 -24.22 -4.57
CA ARG A 245 0.41 -25.29 -4.70
C ARG A 245 -0.25 -26.59 -5.12
N LEU A 246 -1.45 -26.87 -4.62
CA LEU A 246 -2.16 -28.08 -5.04
C LEU A 246 -2.45 -28.04 -6.53
N CYS A 247 -2.93 -26.91 -7.04
CA CYS A 247 -3.21 -26.77 -8.46
C CYS A 247 -1.92 -26.90 -9.27
N LEU A 248 -0.83 -26.30 -8.80
CA LEU A 248 0.44 -26.41 -9.50
C LEU A 248 0.89 -27.86 -9.59
N MET A 249 0.80 -28.59 -8.48
CA MET A 249 1.21 -29.99 -8.49
C MET A 249 0.31 -30.83 -9.39
N ALA A 250 -0.99 -30.51 -9.42
CA ALA A 250 -1.91 -31.28 -10.26
C ALA A 250 -1.70 -30.97 -11.74
N PHE A 251 -1.28 -29.74 -12.07
CA PHE A 251 -1.08 -29.36 -13.45
C PHE A 251 0.32 -29.67 -13.97
N SER A 252 1.29 -29.91 -13.08
CA SER A 252 2.63 -30.26 -13.54
C SER A 252 2.60 -31.55 -14.35
N VAL A 253 1.92 -32.58 -13.84
CA VAL A 253 1.86 -33.85 -14.56
C VAL A 253 1.12 -33.69 -15.88
N PHE A 254 0.06 -32.88 -15.88
CA PHE A 254 -0.69 -32.65 -17.11
C PHE A 254 0.18 -31.97 -18.16
N THR A 255 0.93 -30.95 -17.76
CA THR A 255 1.82 -30.26 -18.69
C THR A 255 2.92 -31.19 -19.19
N ILE A 256 3.44 -32.05 -18.31
CA ILE A 256 4.48 -33.00 -18.72
C ILE A 256 3.92 -33.98 -19.75
N ILE A 257 2.71 -34.48 -19.51
CA ILE A 257 2.10 -35.42 -20.46
C ILE A 257 1.83 -34.72 -21.79
N CYS A 258 1.39 -33.46 -21.74
CA CYS A 258 1.14 -32.72 -22.98
C CYS A 258 2.43 -32.51 -23.76
N THR A 259 3.51 -32.17 -23.06
CA THR A 259 4.80 -31.98 -23.74
C THR A 259 5.31 -33.28 -24.32
N ILE A 260 5.10 -34.40 -23.62
CA ILE A 260 5.54 -35.69 -24.13
C ILE A 260 4.72 -36.07 -25.37
N GLY A 261 3.41 -35.78 -25.35
CA GLY A 261 2.59 -36.10 -26.50
C GLY A 261 2.92 -35.23 -27.70
N ILE A 262 3.23 -33.96 -27.46
CA ILE A 262 3.61 -33.06 -28.56
C ILE A 262 4.87 -33.56 -29.24
N LEU A 263 5.78 -34.18 -28.47
CA LEU A 263 7.00 -34.72 -29.06
C LEU A 263 6.74 -36.05 -29.75
N MET A 264 5.90 -36.91 -29.16
CA MET A 264 5.57 -38.18 -29.79
C MET A 264 4.74 -37.99 -31.05
N SER A 265 3.97 -36.91 -31.12
CA SER A 265 3.13 -36.62 -32.28
C SER A 265 3.82 -35.71 -33.28
N ALA A 266 5.13 -35.55 -33.19
CA ALA A 266 5.84 -34.68 -34.12
C ALA A 266 5.74 -35.15 -35.56
N PRO A 267 5.88 -36.45 -35.88
CA PRO A 267 5.76 -36.87 -37.28
C PRO A 267 4.44 -36.49 -37.93
N ASN A 268 3.38 -36.27 -37.15
CA ASN A 268 2.08 -35.90 -37.72
C ASN A 268 2.06 -34.42 -38.09
N PHE A 269 2.43 -33.55 -37.16
CA PHE A 269 2.43 -32.12 -37.43
C PHE A 269 3.67 -31.71 -38.22
N VAL A 270 4.86 -32.07 -37.73
CA VAL A 270 6.10 -31.73 -38.41
C VAL A 270 6.31 -32.67 -39.58
N LEU B 7 21.99 0.00 -45.82
CA LEU B 7 20.81 0.33 -46.61
C LEU B 7 19.67 0.79 -45.72
N TYR B 8 18.60 1.30 -46.34
CA TYR B 8 17.45 1.76 -45.58
C TYR B 8 16.84 0.61 -44.76
N TYR B 9 16.72 -0.57 -45.37
CA TYR B 9 16.16 -1.72 -44.65
C TYR B 9 17.00 -2.07 -43.44
N GLY B 10 18.33 -2.15 -43.62
CA GLY B 10 19.19 -2.48 -42.50
C GLY B 10 19.20 -1.41 -41.43
N LEU B 11 19.21 -0.14 -41.85
CA LEU B 11 19.18 0.96 -40.88
C LEU B 11 17.89 0.93 -40.08
N ASN B 12 16.78 0.57 -40.72
CA ASN B 12 15.51 0.51 -40.01
C ASN B 12 15.44 -0.71 -39.08
N LEU B 13 16.03 -1.83 -39.50
CA LEU B 13 15.99 -3.04 -38.69
C LEU B 13 17.01 -3.04 -37.56
N LEU B 14 18.03 -2.19 -37.62
CA LEU B 14 19.04 -2.16 -36.58
C LEU B 14 18.61 -1.38 -35.34
N ILE B 15 17.65 -0.47 -35.48
CA ILE B 15 17.21 0.36 -34.36
C ILE B 15 16.39 -0.48 -33.39
N PRO B 16 15.43 -1.29 -33.86
CA PRO B 16 14.71 -2.17 -32.92
C PRO B 16 15.62 -3.06 -32.11
N CYS B 17 16.76 -3.48 -32.65
CA CYS B 17 17.68 -4.33 -31.91
C CYS B 17 18.18 -3.61 -30.66
N VAL B 18 18.75 -2.42 -30.83
CA VAL B 18 19.26 -1.66 -29.70
C VAL B 18 18.12 -1.26 -28.77
N LEU B 19 16.93 -1.00 -29.34
CA LEU B 19 15.78 -0.65 -28.50
C LEU B 19 15.44 -1.80 -27.56
N ILE B 20 15.32 -3.01 -28.10
CA ILE B 20 15.00 -4.17 -27.28
C ILE B 20 16.13 -4.46 -26.28
N SER B 21 17.38 -4.23 -26.70
CA SER B 21 18.50 -4.43 -25.79
C SER B 21 18.40 -3.49 -24.60
N ALA B 22 18.15 -2.20 -24.85
CA ALA B 22 18.02 -1.24 -23.77
C ALA B 22 16.82 -1.55 -22.90
N LEU B 23 15.71 -2.00 -23.50
CA LEU B 23 14.54 -2.36 -22.72
C LEU B 23 14.84 -3.53 -21.79
N ALA B 24 15.52 -4.56 -22.30
CA ALA B 24 15.89 -5.70 -21.47
C ALA B 24 16.83 -5.27 -20.35
N LEU B 25 17.82 -4.44 -20.67
CA LEU B 25 18.75 -3.96 -19.64
C LEU B 25 18.00 -3.22 -18.55
N LEU B 26 17.07 -2.33 -18.92
CA LEU B 26 16.32 -1.58 -17.93
C LEU B 26 15.41 -2.49 -17.11
N VAL B 27 14.84 -3.53 -17.73
CA VAL B 27 13.99 -4.46 -16.99
C VAL B 27 14.83 -5.22 -15.97
N PHE B 28 16.07 -5.57 -16.32
CA PHE B 28 16.94 -6.25 -15.38
C PHE B 28 17.43 -5.32 -14.28
N LEU B 29 17.58 -4.03 -14.59
CA LEU B 29 18.04 -3.05 -13.61
C LEU B 29 16.94 -2.62 -12.64
N LEU B 30 15.75 -3.21 -12.73
CA LEU B 30 14.66 -2.82 -11.84
C LEU B 30 14.97 -3.25 -10.41
N PRO B 31 14.81 -2.35 -9.41
CA PRO B 31 15.03 -2.77 -8.02
C PRO B 31 14.04 -3.85 -7.58
N ALA B 32 14.21 -4.35 -6.36
CA ALA B 32 13.34 -5.40 -5.83
C ALA B 32 12.01 -4.75 -5.42
N ASP B 33 11.20 -4.44 -6.42
CA ASP B 33 9.88 -3.87 -6.22
C ASP B 33 8.86 -5.00 -6.05
N SER B 34 7.58 -4.65 -6.08
CA SER B 34 6.51 -5.64 -5.92
C SER B 34 6.37 -6.44 -7.21
N GLY B 35 5.34 -7.28 -7.27
CA GLY B 35 5.13 -8.11 -8.45
C GLY B 35 4.96 -7.33 -9.74
N GLU B 36 4.69 -6.03 -9.64
CA GLU B 36 4.52 -5.21 -10.85
C GLU B 36 5.68 -5.38 -11.81
N LYS B 37 6.86 -5.74 -11.30
CA LYS B 37 8.01 -5.99 -12.18
C LYS B 37 7.62 -6.90 -13.34
N ILE B 38 6.98 -8.03 -13.04
CA ILE B 38 6.56 -8.95 -14.08
C ILE B 38 5.66 -8.24 -15.09
N SER B 39 4.70 -7.46 -14.59
CA SER B 39 3.79 -6.74 -15.48
C SER B 39 4.55 -5.91 -16.51
N LEU B 40 5.78 -5.50 -16.18
CA LEU B 40 6.60 -4.79 -17.15
C LEU B 40 7.28 -5.75 -18.11
N GLY B 41 7.91 -6.79 -17.56
CA GLY B 41 8.64 -7.73 -18.42
C GLY B 41 7.77 -8.30 -19.51
N ILE B 42 6.63 -8.88 -19.14
CA ILE B 42 5.72 -9.44 -20.15
C ILE B 42 5.37 -8.39 -21.19
N THR B 43 5.20 -7.13 -20.75
CA THR B 43 4.87 -6.06 -21.69
C THR B 43 5.89 -6.00 -22.82
N VAL B 44 7.17 -6.11 -22.49
CA VAL B 44 8.21 -6.12 -23.53
C VAL B 44 7.90 -7.21 -24.55
N LEU B 45 7.63 -8.43 -24.07
CA LEU B 45 7.30 -9.53 -24.97
C LEU B 45 6.17 -9.14 -25.91
N LEU B 46 5.18 -8.41 -25.40
CA LEU B 46 4.08 -7.97 -26.25
C LEU B 46 4.61 -7.24 -27.48
N SER B 47 5.50 -6.27 -27.28
CA SER B 47 6.08 -5.54 -28.41
C SER B 47 6.67 -6.51 -29.42
N LEU B 48 7.36 -7.56 -28.94
CA LEU B 48 7.93 -8.54 -29.85
C LEU B 48 6.85 -9.14 -30.75
N THR B 49 5.72 -9.55 -30.16
CA THR B 49 4.65 -10.13 -30.95
C THR B 49 4.19 -9.22 -32.06
N VAL B 50 4.41 -7.90 -31.92
CA VAL B 50 4.12 -6.98 -33.01
C VAL B 50 5.27 -6.94 -34.00
N PHE B 51 6.49 -6.77 -33.50
CA PHE B 51 7.66 -6.68 -34.36
C PHE B 51 7.75 -7.91 -35.27
N MET B 52 7.77 -9.10 -34.69
CA MET B 52 7.81 -10.33 -35.48
C MET B 52 6.68 -10.35 -36.50
N LEU B 53 5.52 -9.79 -36.14
CA LEU B 53 4.40 -9.75 -37.08
C LEU B 53 4.82 -9.08 -38.38
N LEU B 54 5.50 -7.92 -38.28
CA LEU B 54 5.99 -7.26 -39.48
C LEU B 54 6.93 -8.18 -40.26
N VAL B 55 7.81 -8.89 -39.55
CA VAL B 55 8.73 -9.81 -40.23
C VAL B 55 7.95 -10.88 -40.98
N ALA B 56 6.74 -11.19 -40.53
CA ALA B 56 5.89 -12.18 -41.20
C ALA B 56 5.02 -11.56 -42.28
N GLU B 57 4.91 -10.24 -42.33
CA GLU B 57 4.06 -9.58 -43.33
C GLU B 57 4.79 -9.38 -44.65
N ILE B 58 5.97 -8.75 -44.62
CA ILE B 58 6.70 -8.46 -45.84
C ILE B 58 7.58 -9.64 -46.27
N MET B 59 7.99 -10.49 -45.34
CA MET B 59 8.86 -11.63 -45.64
C MET B 59 8.41 -12.82 -44.80
N PRO B 60 7.32 -13.47 -45.20
CA PRO B 60 6.85 -14.65 -44.44
C PRO B 60 7.94 -15.71 -44.33
N SER B 61 7.85 -16.51 -43.27
CA SER B 61 8.83 -17.56 -43.03
C SER B 61 8.70 -18.73 -43.99
N THR B 62 7.61 -18.80 -44.76
CA THR B 62 7.44 -19.91 -45.71
C THR B 62 8.43 -19.81 -46.86
N SER B 63 8.91 -18.62 -47.17
CA SER B 63 9.87 -18.41 -48.25
C SER B 63 11.16 -17.73 -47.81
N ASP B 64 11.10 -16.84 -46.82
CA ASP B 64 12.29 -16.13 -46.34
C ASP B 64 13.11 -17.09 -45.49
N SER B 65 14.01 -17.82 -46.15
CA SER B 65 14.88 -18.78 -45.47
C SER B 65 16.13 -18.03 -44.99
N SER B 66 15.96 -17.30 -43.89
CA SER B 66 17.02 -16.50 -43.28
C SER B 66 17.45 -17.15 -41.98
N PRO B 67 18.43 -18.06 -42.01
CA PRO B 67 18.87 -18.69 -40.75
C PRO B 67 19.64 -17.77 -39.83
N SER B 68 19.94 -16.54 -40.25
CA SER B 68 20.67 -15.59 -39.41
C SER B 68 19.75 -14.80 -38.50
N ILE B 69 18.53 -14.49 -38.94
CA ILE B 69 17.60 -13.74 -38.11
C ILE B 69 16.88 -14.67 -37.13
N ALA B 70 16.74 -15.95 -37.47
CA ALA B 70 16.09 -16.89 -36.56
C ALA B 70 16.88 -17.03 -35.27
N GLN B 71 18.21 -17.14 -35.37
CA GLN B 71 19.04 -17.24 -34.18
C GLN B 71 18.93 -15.99 -33.32
N TYR B 72 18.91 -14.82 -33.95
CA TYR B 72 18.78 -13.58 -33.21
C TYR B 72 17.44 -13.50 -32.49
N PHE B 73 16.36 -13.89 -33.17
CA PHE B 73 15.05 -13.90 -32.53
C PHE B 73 15.00 -14.88 -31.38
N ALA B 74 15.61 -16.06 -31.55
CA ALA B 74 15.63 -17.04 -30.48
C ALA B 74 16.41 -16.53 -29.27
N SER B 75 17.53 -15.85 -29.52
CA SER B 75 18.31 -15.28 -28.42
C SER B 75 17.54 -14.17 -27.72
N THR B 76 16.84 -13.33 -28.48
CA THR B 76 16.07 -12.25 -27.88
C THR B 76 14.92 -12.80 -27.03
N MET B 77 14.22 -13.82 -27.54
CA MET B 77 13.15 -14.43 -26.76
C MET B 77 13.68 -15.02 -25.46
N ILE B 78 14.84 -15.68 -25.52
CA ILE B 78 15.41 -16.27 -24.32
C ILE B 78 15.83 -15.18 -23.34
N ILE B 79 16.40 -14.08 -23.84
CA ILE B 79 16.88 -13.03 -22.95
C ILE B 79 15.71 -12.29 -22.31
N VAL B 80 14.58 -12.19 -23.01
CA VAL B 80 13.43 -11.53 -22.40
C VAL B 80 12.68 -12.48 -21.46
N GLY B 81 12.76 -13.79 -21.71
CA GLY B 81 12.17 -14.73 -20.79
C GLY B 81 12.97 -14.90 -19.51
N LEU B 82 14.30 -14.81 -19.61
CA LEU B 82 15.13 -14.86 -18.42
C LEU B 82 14.81 -13.71 -17.47
N SER B 83 14.48 -12.54 -18.02
CA SER B 83 14.10 -11.40 -17.18
C SER B 83 12.84 -11.70 -16.39
N VAL B 84 11.83 -12.28 -17.06
CA VAL B 84 10.59 -12.63 -16.37
C VAL B 84 10.85 -13.70 -15.32
N VAL B 85 11.73 -14.66 -15.63
CA VAL B 85 12.06 -15.70 -14.67
C VAL B 85 12.72 -15.09 -13.45
N VAL B 86 13.64 -14.15 -13.66
CA VAL B 86 14.33 -13.51 -12.54
C VAL B 86 13.34 -12.70 -11.70
N THR B 87 12.41 -12.00 -12.36
CA THR B 87 11.42 -11.23 -11.62
C THR B 87 10.54 -12.15 -10.78
N VAL B 88 10.14 -13.30 -11.34
CA VAL B 88 9.31 -14.24 -10.61
C VAL B 88 10.08 -14.81 -9.42
N ILE B 89 11.37 -15.11 -9.62
CA ILE B 89 12.18 -15.63 -8.53
C ILE B 89 12.32 -14.59 -7.42
N VAL B 90 12.49 -13.32 -7.79
CA VAL B 90 12.60 -12.26 -6.81
C VAL B 90 11.29 -12.11 -6.04
N LEU B 91 10.17 -12.16 -6.75
CA LEU B 91 8.86 -12.06 -6.08
C LEU B 91 8.66 -13.23 -5.12
N GLN B 92 9.09 -14.43 -5.52
CA GLN B 92 8.95 -15.59 -4.64
C GLN B 92 9.82 -15.43 -3.40
N TYR B 93 11.08 -15.01 -3.57
CA TYR B 93 11.96 -14.82 -2.43
C TYR B 93 11.43 -13.72 -1.51
N HIS B 94 10.75 -12.72 -2.06
CA HIS B 94 10.20 -11.65 -1.24
C HIS B 94 8.98 -12.15 -0.46
N HIS B 95 8.09 -12.88 -1.13
CA HIS B 95 6.91 -13.41 -0.45
C HIS B 95 7.29 -14.49 0.55
N HIS B 96 8.16 -15.41 0.16
CA HIS B 96 8.61 -16.50 1.04
C HIS B 96 7.43 -17.33 1.51
N ASP B 97 6.73 -17.92 0.54
CA ASP B 97 5.56 -18.76 0.81
C ASP B 97 5.96 -19.91 1.73
N PRO B 98 5.49 -19.93 2.99
CA PRO B 98 5.86 -21.05 3.87
C PRO B 98 5.32 -22.39 3.38
N ASP B 99 4.20 -22.40 2.68
CA ASP B 99 3.60 -23.62 2.17
C ASP B 99 4.09 -23.97 0.77
N GLY B 100 5.27 -23.50 0.38
CA GLY B 100 5.80 -23.79 -0.93
C GLY B 100 7.15 -23.14 -1.17
N GLY B 101 7.40 -22.68 -2.39
CA GLY B 101 8.66 -22.05 -2.72
C GLY B 101 9.83 -23.01 -2.65
N LYS B 102 10.69 -22.84 -1.66
CA LYS B 102 11.86 -23.70 -1.48
C LYS B 102 12.29 -23.61 -0.02
N MET B 103 13.47 -24.16 0.28
CA MET B 103 14.03 -24.17 1.62
C MET B 103 15.23 -23.23 1.67
N PRO B 104 15.04 -21.95 1.97
CA PRO B 104 16.17 -21.01 2.01
C PRO B 104 17.03 -21.10 3.25
N LYS B 105 16.85 -22.13 4.08
CA LYS B 105 17.69 -22.28 5.26
C LYS B 105 19.15 -22.48 4.90
N TRP B 106 19.41 -23.20 3.80
CA TRP B 106 20.79 -23.42 3.37
C TRP B 106 21.40 -22.16 2.78
N THR B 107 20.58 -21.30 2.19
CA THR B 107 21.07 -20.05 1.60
C THR B 107 21.17 -18.91 2.60
N ARG B 108 20.50 -19.03 3.75
CA ARG B 108 20.59 -17.99 4.77
C ARG B 108 22.01 -17.86 5.30
N VAL B 109 22.76 -18.97 5.37
CA VAL B 109 24.13 -18.91 5.84
C VAL B 109 25.02 -18.22 4.82
N ILE B 110 24.84 -18.52 3.54
CA ILE B 110 25.62 -17.88 2.49
C ILE B 110 25.24 -16.41 2.34
N LEU B 111 24.02 -16.04 2.71
CA LEU B 111 23.63 -14.63 2.64
C LEU B 111 24.49 -13.76 3.55
N LEU B 112 24.76 -14.25 4.77
CA LEU B 112 25.58 -13.48 5.70
C LEU B 112 27.00 -13.30 5.15
N ASN B 113 27.53 -14.33 4.50
CA ASN B 113 28.87 -14.22 3.91
C ASN B 113 28.87 -13.26 2.73
N TRP B 114 27.84 -13.33 1.88
CA TRP B 114 27.76 -12.43 0.74
C TRP B 114 27.60 -10.98 1.18
N CYS B 115 26.90 -10.75 2.30
CA CYS B 115 26.73 -9.39 2.79
C CYS B 115 28.07 -8.74 3.06
N ALA B 116 29.03 -9.50 3.60
CA ALA B 116 30.37 -8.96 3.84
C ALA B 116 31.23 -8.99 2.60
N TRP B 117 31.03 -9.98 1.72
CA TRP B 117 31.84 -10.05 0.50
C TRP B 117 31.51 -8.91 -0.45
N PHE B 118 30.27 -8.40 -0.41
CA PHE B 118 29.91 -7.30 -1.28
C PHE B 118 30.80 -6.08 -1.07
N LEU B 119 31.17 -5.82 0.20
CA LEU B 119 32.05 -4.70 0.49
C LEU B 119 33.49 -5.00 0.09
N ARG B 120 33.94 -6.23 0.31
CA ARG B 120 35.30 -6.65 -0.04
C ARG B 120 35.21 -7.99 -0.75
N MET B 121 35.43 -7.98 -2.06
CA MET B 121 35.36 -9.21 -2.84
C MET B 121 36.34 -10.25 -2.32
N LYS B 122 35.98 -11.52 -2.49
CA LYS B 122 36.81 -12.63 -2.05
C LYS B 122 37.98 -12.90 -2.99
N ARG B 123 38.12 -12.15 -4.07
CA ARG B 123 39.20 -12.36 -5.01
C ARG B 123 40.52 -11.81 -4.46
N PRO B 124 41.65 -12.25 -4.99
CA PRO B 124 42.94 -11.74 -4.47
C PRO B 124 43.09 -10.24 -4.60
N GLY B 125 42.52 -9.63 -5.65
CA GLY B 125 42.65 -8.20 -5.84
C GLY B 125 42.18 -7.39 -4.65
N GLU B 126 41.18 -7.90 -3.92
CA GLU B 126 40.66 -7.23 -2.75
C GLU B 126 41.20 -7.79 -1.44
N ASP B 127 41.67 -9.04 -1.44
CA ASP B 127 42.19 -9.64 -0.22
C ASP B 127 43.64 -9.23 0.04
N LYS B 128 44.39 -8.90 -1.01
CA LYS B 128 45.79 -8.50 -0.86
C LYS B 128 45.95 -7.02 -0.56
N VAL B 129 45.03 -6.18 -1.02
CA VAL B 129 45.11 -4.73 -0.81
C VAL B 129 44.37 -4.46 0.50
N ARG B 130 45.11 -4.60 1.61
CA ARG B 130 44.56 -4.34 2.94
C ARG B 130 45.71 -4.45 3.94
N PRO B 131 45.52 -3.89 5.15
CA PRO B 131 46.58 -4.00 6.17
C PRO B 131 46.89 -5.46 6.48
N ALA B 132 48.18 -5.79 6.43
CA ALA B 132 48.64 -7.15 6.70
C ALA B 132 49.97 -7.08 7.43
N CYS B 133 50.06 -7.75 8.58
CA CYS B 133 51.26 -7.78 9.38
C CYS B 133 51.37 -9.13 10.07
N GLN B 134 52.49 -9.33 10.75
CA GLN B 134 52.75 -10.57 11.49
C GLN B 134 52.42 -10.44 12.97
N HIS B 135 51.78 -9.35 13.38
CA HIS B 135 51.43 -9.17 14.78
C HIS B 135 50.38 -10.19 15.21
N LYS B 136 50.35 -10.45 16.51
CA LYS B 136 49.40 -11.42 17.06
C LYS B 136 47.96 -10.96 16.98
N GLN B 137 47.72 -9.69 16.64
CA GLN B 137 46.36 -9.17 16.55
C GLN B 137 45.58 -9.74 15.37
N ARG B 138 46.25 -10.40 14.43
CA ARG B 138 45.60 -10.99 13.26
C ARG B 138 45.46 -12.50 13.35
N ARG B 139 45.91 -13.11 14.45
CA ARG B 139 45.81 -14.55 14.61
C ARG B 139 44.43 -14.93 15.12
N CYS B 140 44.19 -16.24 15.19
CA CYS B 140 42.93 -16.79 15.65
C CYS B 140 43.04 -17.28 17.09
N SER B 141 41.88 -17.50 17.71
CA SER B 141 41.82 -17.98 19.08
C SER B 141 40.49 -18.70 19.27
N LEU B 142 40.19 -19.04 20.53
CA LEU B 142 38.94 -19.75 20.82
C LEU B 142 37.73 -18.90 20.47
N ALA B 143 37.84 -17.57 20.51
CA ALA B 143 36.72 -16.71 20.19
C ALA B 143 36.31 -16.87 18.72
N SER B 144 37.29 -17.05 17.84
CA SER B 144 36.98 -17.20 16.41
C SER B 144 36.53 -18.61 16.07
N VAL B 145 36.97 -19.61 16.83
CA VAL B 145 36.60 -20.99 16.59
C VAL B 145 35.20 -21.19 17.18
N GLU B 146 34.19 -21.19 16.30
CA GLU B 146 32.80 -21.36 16.71
C GLU B 146 32.31 -22.79 16.48
N MET B 147 33.19 -23.78 16.64
CA MET B 147 32.81 -25.17 16.44
C MET B 147 31.99 -25.73 17.60
N SER B 148 31.96 -25.03 18.74
CA SER B 148 31.22 -25.47 19.92
C SER B 148 30.07 -24.52 20.24
N ALA B 149 29.46 -23.94 19.21
CA ALA B 149 28.34 -23.02 19.36
C ALA B 149 28.75 -21.82 20.23
N VAL B 150 29.78 -21.13 19.77
CA VAL B 150 30.30 -19.95 20.46
C VAL B 150 29.61 -18.71 19.92
N ALA B 151 29.36 -17.74 20.79
CA ALA B 151 28.70 -16.52 20.39
C ALA B 151 29.57 -15.74 19.42
N PRO B 152 28.98 -14.83 18.65
CA PRO B 152 29.76 -14.02 17.71
C PRO B 152 30.80 -13.18 18.44
N PRO B 153 31.77 -12.62 17.73
CA PRO B 153 32.77 -11.76 18.38
C PRO B 153 32.10 -10.57 19.04
N PRO B 154 32.24 -10.42 20.37
CA PRO B 154 31.65 -9.25 21.03
C PRO B 154 32.16 -7.95 20.44
N ALA B 155 31.25 -7.18 19.86
CA ALA B 155 31.60 -5.91 19.23
C ALA B 155 30.42 -4.95 19.36
N SER B 156 30.72 -3.65 19.32
CA SER B 156 29.70 -2.63 19.43
C SER B 156 28.86 -2.50 18.16
N ASN B 157 29.21 -3.21 17.09
CA ASN B 157 28.47 -3.13 15.84
C ASN B 157 27.11 -3.82 15.90
N GLY B 158 26.78 -4.47 17.02
CA GLY B 158 25.50 -5.15 17.15
C GLY B 158 25.62 -6.51 17.79
N ASN B 159 26.77 -7.16 17.62
CA ASN B 159 26.98 -8.49 18.19
C ASN B 159 26.87 -8.43 19.72
N LEU B 160 27.44 -7.40 20.34
CA LEU B 160 27.37 -7.27 21.79
C LEU B 160 25.95 -7.07 22.25
N LEU B 161 25.21 -6.19 21.57
CA LEU B 161 23.81 -5.95 21.93
C LEU B 161 22.99 -7.23 21.79
N TYR B 162 23.25 -8.01 20.75
CA TYR B 162 22.53 -9.28 20.57
C TYR B 162 22.86 -10.24 21.70
N ILE B 163 24.16 -10.45 21.97
CA ILE B 163 24.56 -11.36 23.04
C ILE B 163 23.98 -10.93 24.37
N GLY B 164 23.80 -9.62 24.57
CA GLY B 164 23.24 -9.12 25.81
C GLY B 164 21.74 -9.34 25.93
N PHE B 165 20.99 -8.92 24.90
CA PHE B 165 19.54 -9.00 24.97
C PHE B 165 19.05 -10.42 24.73
N ARG B 166 19.36 -10.99 23.57
CA ARG B 166 18.87 -12.32 23.22
C ARG B 166 19.53 -13.43 24.02
N GLY B 167 20.47 -13.11 24.90
CA GLY B 167 21.13 -14.12 25.71
C GLY B 167 20.26 -14.58 26.86
N LEU B 168 19.17 -15.28 26.56
CA LEU B 168 18.28 -15.76 27.59
C LEU B 168 19.01 -16.73 28.51
N ASP B 169 18.67 -16.68 29.81
CA ASP B 169 19.28 -17.54 30.82
C ASP B 169 20.79 -17.31 30.93
N GLY B 170 21.28 -16.20 30.41
CA GLY B 170 22.69 -15.88 30.45
C GLY B 170 23.06 -14.99 31.63
N VAL B 171 24.22 -14.34 31.52
CA VAL B 171 24.68 -13.46 32.59
C VAL B 171 23.81 -12.22 32.68
N HIS B 172 23.16 -11.83 31.57
CA HIS B 172 22.32 -10.64 31.59
C HIS B 172 21.05 -10.88 32.39
N CYS B 173 20.37 -12.01 32.15
CA CYS B 173 19.15 -12.33 32.86
C CYS B 173 19.38 -13.17 34.11
N VAL B 174 20.45 -13.96 34.13
CA VAL B 174 20.77 -14.81 35.27
C VAL B 174 22.26 -14.70 35.57
N PRO B 175 22.71 -13.67 36.29
CA PRO B 175 24.15 -13.53 36.58
C PRO B 175 24.64 -14.51 37.65
N THR B 176 24.93 -15.72 37.22
CA THR B 176 25.42 -16.76 38.11
C THR B 176 26.84 -16.46 38.60
N PRO B 177 27.71 -15.88 37.77
CA PRO B 177 29.07 -15.59 38.25
C PRO B 177 29.04 -14.62 39.42
N ASP B 178 29.69 -15.02 40.52
CA ASP B 178 29.75 -14.18 41.72
C ASP B 178 30.58 -12.94 41.44
N SER B 179 29.91 -11.80 41.30
CA SER B 179 30.60 -10.54 41.04
C SER B 179 30.87 -9.74 42.31
N GLY B 180 30.03 -9.90 43.33
CA GLY B 180 30.20 -9.18 44.57
C GLY B 180 29.61 -7.78 44.61
N VAL B 181 28.78 -7.43 43.62
CA VAL B 181 28.18 -6.10 43.61
C VAL B 181 27.04 -6.01 44.61
N VAL B 182 26.43 -7.15 44.96
CA VAL B 182 25.32 -7.13 45.90
C VAL B 182 25.77 -6.68 47.29
N CYS B 183 27.03 -6.94 47.64
CA CYS B 183 27.54 -6.56 48.95
C CYS B 183 28.95 -5.99 48.90
N GLY B 184 29.46 -5.64 47.72
CA GLY B 184 30.79 -5.09 47.59
C GLY B 184 30.81 -3.66 47.10
N ARG B 185 29.79 -3.28 46.34
CA ARG B 185 29.66 -1.94 45.80
C ARG B 185 28.34 -1.33 46.23
N MET B 186 28.34 -0.02 46.51
CA MET B 186 27.15 0.70 46.93
C MET B 186 26.57 1.57 45.83
N ALA B 187 27.07 1.45 44.60
CA ALA B 187 26.57 2.24 43.48
C ALA B 187 25.20 1.69 43.07
N CYS B 188 24.13 2.37 43.51
CA CYS B 188 22.77 1.96 43.21
C CYS B 188 22.50 0.53 43.67
N SER B 189 23.17 0.10 44.73
CA SER B 189 23.00 -1.25 45.25
C SER B 189 23.44 -1.31 46.71
N PRO B 190 22.56 -0.99 47.65
CA PRO B 190 22.94 -1.06 49.07
C PRO B 190 23.45 -2.44 49.45
N THR B 191 24.56 -2.47 50.18
CA THR B 191 25.19 -3.72 50.60
C THR B 191 24.39 -4.29 51.76
N HIS B 192 23.42 -5.16 51.43
CA HIS B 192 22.58 -5.85 52.41
C HIS B 192 22.10 -4.89 53.51
N ASP B 193 21.83 -3.64 53.13
CA ASP B 193 21.36 -2.63 54.09
C ASP B 193 19.86 -2.82 54.28
N GLU B 194 19.48 -3.49 55.38
CA GLU B 194 18.08 -3.73 55.67
C GLU B 194 17.40 -2.56 56.36
N HIS B 195 18.17 -1.60 56.88
CA HIS B 195 17.61 -0.44 57.57
C HIS B 195 17.34 0.73 56.64
N LEU B 196 17.67 0.61 55.36
CA LEU B 196 17.44 1.68 54.40
C LEU B 196 15.94 1.74 54.10
N LEU B 197 15.25 2.68 54.74
CA LEU B 197 13.82 2.85 54.57
C LEU B 197 13.52 4.26 54.05
N HIS B 198 12.39 4.40 53.38
CA HIS B 198 11.94 5.69 52.84
C HIS B 198 11.42 6.57 53.97
N GLY B 199 12.37 7.04 54.78
CA GLY B 199 12.00 7.89 55.90
C GLY B 199 11.08 7.22 56.90
N GLY B 200 11.28 5.93 57.16
CA GLY B 200 10.47 5.17 58.09
C GLY B 200 9.71 4.04 57.44
N GLN B 201 9.30 4.21 56.18
CA GLN B 201 8.54 3.20 55.46
C GLN B 201 9.41 2.57 54.37
N PRO B 202 9.14 1.32 54.00
CA PRO B 202 9.95 0.67 52.95
C PRO B 202 9.63 1.26 51.59
N PRO B 203 10.54 1.14 50.62
CA PRO B 203 10.27 1.69 49.29
C PRO B 203 9.24 0.87 48.52
N GLU B 204 8.02 1.39 48.41
CA GLU B 204 6.96 0.72 47.65
C GLU B 204 5.91 1.76 47.31
N GLY B 205 5.74 2.05 46.02
CA GLY B 205 4.76 3.03 45.59
C GLY B 205 3.35 2.49 45.50
N ASP B 206 3.14 1.51 44.64
CA ASP B 206 1.81 0.95 44.43
C ASP B 206 1.92 -0.41 43.74
N PRO B 207 1.31 -1.46 44.30
CA PRO B 207 1.33 -2.75 43.59
C PRO B 207 0.78 -2.69 42.18
N ASP B 208 -0.06 -1.70 41.86
CA ASP B 208 -0.56 -1.56 40.51
C ASP B 208 0.53 -1.13 39.54
N LEU B 209 1.53 -0.38 40.03
CA LEU B 209 2.65 0.00 39.18
C LEU B 209 3.42 -1.23 38.71
N ALA B 210 3.46 -2.29 39.52
CA ALA B 210 4.11 -3.52 39.10
C ALA B 210 3.43 -4.11 37.87
N LYS B 211 2.10 -4.01 37.80
CA LYS B 211 1.37 -4.50 36.65
C LYS B 211 1.47 -3.54 35.47
N ILE B 212 1.52 -2.23 35.74
CA ILE B 212 1.71 -1.26 34.66
C ILE B 212 3.06 -1.48 33.99
N LEU B 213 4.09 -1.77 34.78
CA LEU B 213 5.41 -2.04 34.21
C LEU B 213 5.39 -3.31 33.39
N GLU B 214 4.67 -4.33 33.84
CA GLU B 214 4.56 -5.56 33.07
C GLU B 214 3.85 -5.33 31.75
N GLU B 215 2.78 -4.52 31.76
CA GLU B 215 2.08 -4.20 30.52
C GLU B 215 2.98 -3.40 29.57
N VAL B 216 3.76 -2.46 30.12
CA VAL B 216 4.68 -1.69 29.29
C VAL B 216 5.75 -2.61 28.68
N ARG B 217 6.22 -3.59 29.46
CA ARG B 217 7.20 -4.53 28.94
C ARG B 217 6.59 -5.41 27.86
N TYR B 218 5.32 -5.80 28.01
CA TYR B 218 4.66 -6.57 26.96
C TYR B 218 4.50 -5.74 25.70
N ILE B 219 4.18 -4.45 25.84
CA ILE B 219 4.07 -3.59 24.67
C ILE B 219 5.43 -3.44 23.99
N ALA B 220 6.49 -3.31 24.78
CA ALA B 220 7.84 -3.22 24.22
C ALA B 220 8.21 -4.52 23.50
N ASN B 221 7.81 -5.66 24.05
CA ASN B 221 8.07 -6.94 23.38
C ASN B 221 7.30 -7.04 22.08
N ARG B 222 6.06 -6.54 22.06
CA ARG B 222 5.30 -6.52 20.81
C ARG B 222 5.99 -5.65 19.76
N PHE B 223 6.45 -4.46 20.17
CA PHE B 223 7.17 -3.60 19.24
C PHE B 223 8.45 -4.25 18.76
N ARG B 224 9.13 -4.98 19.64
CA ARG B 224 10.35 -5.68 19.24
C ARG B 224 10.05 -6.80 18.25
N CYS B 225 8.95 -7.52 18.44
CA CYS B 225 8.55 -8.54 17.49
C CYS B 225 8.21 -7.93 16.13
N GLN B 226 7.53 -6.78 16.14
CA GLN B 226 7.25 -6.08 14.89
C GLN B 226 8.55 -5.67 14.20
N ASP B 227 9.49 -5.13 14.96
CA ASP B 227 10.78 -4.74 14.38
C ASP B 227 11.53 -5.96 13.83
N GLU B 228 11.41 -7.10 14.50
CA GLU B 228 12.06 -8.31 14.04
C GLU B 228 11.44 -8.81 12.74
N SER B 229 10.11 -8.74 12.64
CA SER B 229 9.45 -9.08 11.38
C SER B 229 9.87 -8.15 10.25
N GLU B 230 9.97 -6.86 10.55
CA GLU B 230 10.44 -5.90 9.54
C GLU B 230 11.87 -6.20 9.12
N ALA B 231 12.72 -6.57 10.07
CA ALA B 231 14.10 -6.90 9.75
C ALA B 231 14.19 -8.17 8.93
N VAL B 232 13.31 -9.15 9.20
CA VAL B 232 13.27 -10.36 8.40
C VAL B 232 12.85 -10.04 6.97
N CYS B 233 11.84 -9.18 6.81
CA CYS B 233 11.42 -8.77 5.48
C CYS B 233 12.55 -8.04 4.75
N SER B 234 13.28 -7.18 5.46
CA SER B 234 14.40 -6.47 4.86
C SER B 234 15.51 -7.44 4.45
N GLU B 235 15.76 -8.46 5.27
CA GLU B 235 16.76 -9.46 4.92
C GLU B 235 16.34 -10.25 3.70
N TRP B 236 15.05 -10.57 3.59
CA TRP B 236 14.55 -11.28 2.42
C TRP B 236 14.71 -10.42 1.17
N LYS B 237 14.38 -9.13 1.26
CA LYS B 237 14.53 -8.25 0.11
C LYS B 237 16.00 -8.06 -0.26
N PHE B 238 16.89 -8.03 0.73
CA PHE B 238 18.32 -7.95 0.44
C PHE B 238 18.82 -9.21 -0.25
N ALA B 239 18.35 -10.38 0.21
CA ALA B 239 18.73 -11.63 -0.44
C ALA B 239 18.23 -11.67 -1.88
N ALA B 240 17.04 -11.13 -2.12
CA ALA B 240 16.52 -11.07 -3.49
C ALA B 240 17.33 -10.12 -4.35
N CYS B 241 17.69 -8.95 -3.81
CA CYS B 241 18.53 -8.01 -4.53
C CYS B 241 19.90 -8.59 -4.83
N VAL B 242 20.42 -9.43 -3.94
CA VAL B 242 21.72 -10.07 -4.17
C VAL B 242 21.64 -10.95 -5.42
N VAL B 243 20.62 -11.79 -5.50
CA VAL B 243 20.46 -12.67 -6.66
C VAL B 243 20.21 -11.84 -7.92
N ASP B 244 19.45 -10.76 -7.79
CA ASP B 244 19.19 -9.89 -8.94
C ASP B 244 20.50 -9.31 -9.48
N ARG B 245 21.33 -8.79 -8.58
CA ARG B 245 22.61 -8.21 -9.01
C ARG B 245 23.55 -9.27 -9.56
N LEU B 246 23.54 -10.46 -8.98
CA LEU B 246 24.37 -11.55 -9.50
C LEU B 246 23.95 -11.91 -10.92
N CYS B 247 22.64 -12.03 -11.17
CA CYS B 247 22.15 -12.34 -12.50
C CYS B 247 22.47 -11.21 -13.47
N LEU B 248 22.34 -9.95 -13.04
CA LEU B 248 22.69 -8.83 -13.89
C LEU B 248 24.15 -8.87 -14.29
N MET B 249 25.04 -9.13 -13.32
CA MET B 249 26.47 -9.20 -13.62
C MET B 249 26.78 -10.37 -14.54
N ALA B 250 26.09 -11.50 -14.36
CA ALA B 250 26.34 -12.66 -15.21
C ALA B 250 25.82 -12.44 -16.62
N PHE B 251 24.76 -11.66 -16.78
CA PHE B 251 24.18 -11.41 -18.09
C PHE B 251 24.80 -10.23 -18.81
N SER B 252 25.49 -9.35 -18.10
CA SER B 252 26.16 -8.23 -18.76
C SER B 252 27.18 -8.71 -19.77
N VAL B 253 28.03 -9.66 -19.37
CA VAL B 253 29.06 -10.17 -20.28
C VAL B 253 28.42 -10.89 -21.45
N PHE B 254 27.34 -11.63 -21.21
CA PHE B 254 26.65 -12.33 -22.29
C PHE B 254 26.08 -11.33 -23.30
N THR B 255 25.43 -10.27 -22.81
CA THR B 255 24.89 -9.26 -23.71
C THR B 255 25.99 -8.55 -24.48
N ILE B 256 27.12 -8.29 -23.82
CA ILE B 256 28.24 -7.64 -24.50
C ILE B 256 28.77 -8.54 -25.62
N ILE B 257 28.92 -9.84 -25.33
CA ILE B 257 29.40 -10.78 -26.35
C ILE B 257 28.41 -10.87 -27.50
N CYS B 258 27.11 -10.87 -27.19
CA CYS B 258 26.10 -10.93 -28.24
C CYS B 258 26.15 -9.68 -29.11
N THR B 259 26.29 -8.51 -28.50
CA THR B 259 26.39 -7.27 -29.27
C THR B 259 27.64 -7.26 -30.14
N ILE B 260 28.76 -7.77 -29.61
CA ILE B 260 29.99 -7.82 -30.39
C ILE B 260 29.84 -8.78 -31.57
N GLY B 261 29.17 -9.91 -31.35
CA GLY B 261 28.97 -10.86 -32.44
C GLY B 261 28.03 -10.33 -33.51
N ILE B 262 27.00 -9.60 -33.09
CA ILE B 262 26.07 -9.00 -34.05
C ILE B 262 26.79 -8.01 -34.94
N LEU B 263 27.80 -7.32 -34.40
CA LEU B 263 28.58 -6.38 -35.21
C LEU B 263 29.60 -7.10 -36.09
N MET B 264 30.23 -8.15 -35.55
CA MET B 264 31.19 -8.90 -36.36
C MET B 264 30.51 -9.70 -37.46
N SER B 265 29.24 -10.08 -37.26
CA SER B 265 28.49 -10.83 -38.24
C SER B 265 27.64 -9.94 -39.15
N ALA B 266 27.93 -8.64 -39.17
CA ALA B 266 27.16 -7.73 -40.02
C ALA B 266 27.28 -8.06 -41.50
N PRO B 267 28.45 -8.38 -42.05
CA PRO B 267 28.52 -8.70 -43.49
C PRO B 267 27.63 -9.86 -43.90
N ASN B 268 27.27 -10.74 -42.97
CA ASN B 268 26.40 -11.87 -43.32
C ASN B 268 24.94 -11.44 -43.43
N PHE B 269 24.43 -10.75 -42.41
CA PHE B 269 23.04 -10.29 -42.43
C PHE B 269 22.90 -9.03 -43.27
N VAL B 270 23.69 -8.01 -43.00
CA VAL B 270 23.64 -6.76 -43.74
C VAL B 270 24.35 -6.92 -45.07
N LEU C 7 -2.30 18.29 -47.41
CA LEU C 7 -3.14 17.26 -47.99
C LEU C 7 -3.74 16.38 -46.90
N TYR C 8 -4.67 15.50 -47.30
CA TYR C 8 -5.30 14.60 -46.34
C TYR C 8 -4.27 13.71 -45.67
N TYR C 9 -3.33 13.17 -46.45
CA TYR C 9 -2.30 12.30 -45.89
C TYR C 9 -1.46 13.05 -44.85
N GLY C 10 -1.01 14.25 -45.20
CA GLY C 10 -0.21 15.03 -44.26
C GLY C 10 -0.99 15.44 -43.03
N LEU C 11 -2.25 15.85 -43.22
CA LEU C 11 -3.07 16.23 -42.08
C LEU C 11 -3.30 15.05 -41.14
N ASN C 12 -3.43 13.85 -41.71
CA ASN C 12 -3.63 12.66 -40.87
C ASN C 12 -2.34 12.26 -40.18
N LEU C 13 -1.20 12.42 -40.85
CA LEU C 13 0.08 12.02 -40.27
C LEU C 13 0.62 13.05 -39.27
N LEU C 14 0.13 14.29 -39.31
CA LEU C 14 0.63 15.31 -38.39
C LEU C 14 0.02 15.22 -37.00
N ILE C 15 -1.16 14.61 -36.87
CA ILE C 15 -1.84 14.53 -35.57
C ILE C 15 -1.11 13.52 -34.68
N PRO C 16 -0.76 12.33 -35.16
CA PRO C 16 0.01 11.41 -34.32
C PRO C 16 1.30 12.02 -33.77
N CYS C 17 1.93 12.93 -34.52
CA CYS C 17 3.15 13.55 -34.04
C CYS C 17 2.89 14.33 -32.75
N VAL C 18 1.94 15.26 -32.79
CA VAL C 18 1.61 16.05 -31.61
C VAL C 18 1.06 15.15 -30.50
N LEU C 19 0.35 14.08 -30.86
CA LEU C 19 -0.17 13.17 -29.85
C LEU C 19 0.98 12.50 -29.09
N ILE C 20 1.96 11.98 -29.82
CA ILE C 20 3.10 11.34 -29.18
C ILE C 20 3.91 12.36 -28.39
N SER C 21 4.01 13.59 -28.89
CA SER C 21 4.73 14.62 -28.17
C SER C 21 4.06 14.91 -26.83
N ALA C 22 2.74 15.08 -26.83
CA ALA C 22 2.01 15.32 -25.59
C ALA C 22 2.12 14.14 -24.65
N LEU C 23 2.05 12.92 -25.19
CA LEU C 23 2.19 11.73 -24.35
C LEU C 23 3.56 11.68 -23.68
N ALA C 24 4.62 11.97 -24.43
CA ALA C 24 5.96 11.98 -23.85
C ALA C 24 6.08 13.07 -22.80
N LEU C 25 5.56 14.27 -23.09
CA LEU C 25 5.61 15.35 -22.11
C LEU C 25 4.89 14.96 -20.82
N LEU C 26 3.72 14.32 -20.94
CA LEU C 26 2.98 13.92 -19.75
C LEU C 26 3.69 12.81 -18.99
N VAL C 27 4.36 11.90 -19.70
CA VAL C 27 5.11 10.84 -19.03
C VAL C 27 6.29 11.43 -18.27
N PHE C 28 6.92 12.46 -18.82
CA PHE C 28 8.02 13.12 -18.12
C PHE C 28 7.52 13.94 -16.94
N LEU C 29 6.31 14.50 -17.05
CA LEU C 29 5.73 15.30 -15.97
C LEU C 29 5.19 14.46 -14.82
N LEU C 30 5.35 13.15 -14.87
CA LEU C 30 4.82 12.29 -13.80
C LEU C 30 5.60 12.52 -12.51
N PRO C 31 4.93 12.73 -11.37
CA PRO C 31 5.67 12.86 -10.11
C PRO C 31 6.44 11.61 -9.75
N ALA C 32 7.22 11.66 -8.66
CA ALA C 32 8.01 10.52 -8.22
C ALA C 32 7.09 9.51 -7.55
N ASP C 33 6.34 8.79 -8.39
CA ASP C 33 5.44 7.75 -7.93
C ASP C 33 6.19 6.43 -7.83
N SER C 34 5.46 5.33 -7.65
CA SER C 34 6.06 4.01 -7.53
C SER C 34 6.52 3.54 -8.92
N GLY C 35 6.95 2.29 -9.01
CA GLY C 35 7.42 1.74 -10.27
C GLY C 35 6.38 1.78 -11.37
N GLU C 36 5.10 1.96 -11.03
CA GLU C 36 4.05 2.01 -12.04
C GLU C 36 4.38 2.99 -13.16
N LYS C 37 5.20 4.01 -12.87
CA LYS C 37 5.62 4.95 -13.90
C LYS C 37 6.10 4.22 -15.14
N ILE C 38 7.00 3.25 -14.96
CA ILE C 38 7.52 2.50 -16.10
C ILE C 38 6.38 1.83 -16.85
N SER C 39 5.45 1.21 -16.12
CA SER C 39 4.31 0.55 -16.76
C SER C 39 3.59 1.48 -17.71
N LEU C 40 3.65 2.80 -17.46
CA LEU C 40 3.06 3.75 -18.38
C LEU C 40 3.99 4.02 -19.56
N GLY C 41 5.26 4.29 -19.29
CA GLY C 41 6.19 4.62 -20.36
C GLY C 41 6.22 3.56 -21.44
N ILE C 42 6.49 2.31 -21.05
CA ILE C 42 6.52 1.22 -22.02
C ILE C 42 5.22 1.18 -22.82
N THR C 43 4.09 1.46 -22.15
CA THR C 43 2.81 1.45 -22.85
C THR C 43 2.84 2.36 -24.07
N VAL C 44 3.41 3.56 -23.91
CA VAL C 44 3.53 4.47 -25.04
C VAL C 44 4.24 3.77 -26.20
N LEU C 45 5.38 3.14 -25.90
CA LEU C 45 6.12 2.42 -26.94
C LEU C 45 5.24 1.43 -27.66
N LEU C 46 4.33 0.76 -26.92
CA LEU C 46 3.42 -0.18 -27.55
C LEU C 46 2.67 0.49 -28.70
N SER C 47 2.08 1.66 -28.44
CA SER C 47 1.37 2.37 -29.49
C SER C 47 2.24 2.57 -30.71
N LEU C 48 3.53 2.88 -30.49
CA LEU C 48 4.45 3.05 -31.61
C LEU C 48 4.48 1.79 -32.47
N THR C 49 4.63 0.62 -31.85
CA THR C 49 4.67 -0.62 -32.60
C THR C 49 3.44 -0.81 -33.48
N VAL C 50 2.33 -0.15 -33.14
CA VAL C 50 1.16 -0.17 -34.00
C VAL C 50 1.28 0.88 -35.09
N PHE C 51 1.60 2.12 -34.70
CA PHE C 51 1.71 3.20 -35.67
C PHE C 51 2.68 2.84 -36.78
N MET C 52 3.93 2.51 -36.42
CA MET C 52 4.91 2.10 -37.42
C MET C 52 4.37 0.97 -38.29
N LEU C 53 3.58 0.07 -37.71
CA LEU C 53 3.00 -1.02 -38.50
C LEU C 53 2.26 -0.48 -39.70
N LEU C 54 1.41 0.54 -39.49
CA LEU C 54 0.72 1.16 -40.61
C LEU C 54 1.70 1.71 -41.63
N VAL C 55 2.78 2.36 -41.16
CA VAL C 55 3.79 2.88 -42.07
C VAL C 55 4.39 1.77 -42.90
N ALA C 56 4.40 0.54 -42.38
CA ALA C 56 4.93 -0.60 -43.11
C ALA C 56 3.89 -1.29 -43.97
N GLU C 57 2.61 -0.98 -43.80
CA GLU C 57 1.55 -1.62 -44.56
C GLU C 57 1.31 -0.93 -45.90
N ILE C 58 1.05 0.38 -45.89
CA ILE C 58 0.76 1.09 -47.12
C ILE C 58 2.04 1.50 -47.85
N MET C 59 3.15 1.66 -47.13
CA MET C 59 4.42 2.08 -47.71
C MET C 59 5.54 1.32 -47.04
N PRO C 60 5.74 0.05 -47.42
CA PRO C 60 6.82 -0.74 -46.82
C PRO C 60 8.17 -0.07 -47.02
N SER C 61 9.10 -0.35 -46.11
CA SER C 61 10.43 0.24 -46.16
C SER C 61 11.28 -0.32 -47.29
N THR C 62 10.85 -1.41 -47.93
CA THR C 62 11.63 -1.98 -49.03
C THR C 62 11.64 -1.07 -50.25
N SER C 63 10.61 -0.24 -50.40
CA SER C 63 10.51 0.67 -51.53
C SER C 63 10.38 2.14 -51.13
N ASP C 64 9.74 2.43 -50.00
CA ASP C 64 9.54 3.81 -49.54
C ASP C 64 10.86 4.32 -48.98
N SER C 65 11.70 4.88 -49.86
CA SER C 65 12.99 5.42 -49.46
C SER C 65 12.78 6.87 -49.00
N SER C 66 12.26 7.01 -47.78
CA SER C 66 11.97 8.31 -47.18
C SER C 66 12.97 8.57 -46.06
N PRO C 67 14.12 9.19 -46.36
CA PRO C 67 15.10 9.47 -45.29
C PRO C 67 14.67 10.55 -44.32
N SER C 68 13.53 11.21 -44.56
CA SER C 68 13.05 12.25 -43.66
C SER C 68 12.21 11.71 -42.53
N ILE C 69 11.46 10.63 -42.77
CA ILE C 69 10.63 10.05 -41.71
C ILE C 69 11.46 9.13 -40.83
N ALA C 70 12.53 8.54 -41.37
CA ALA C 70 13.39 7.67 -40.56
C ALA C 70 14.02 8.44 -39.41
N GLN C 71 14.53 9.65 -39.68
CA GLN C 71 15.12 10.46 -38.63
C GLN C 71 14.09 10.82 -37.57
N TYR C 72 12.87 11.16 -37.99
CA TYR C 72 11.82 11.48 -37.02
C TYR C 72 11.48 10.28 -36.15
N PHE C 73 11.37 9.10 -36.76
CA PHE C 73 11.08 7.90 -35.99
C PHE C 73 12.22 7.59 -35.02
N ALA C 74 13.47 7.76 -35.45
CA ALA C 74 14.60 7.51 -34.57
C ALA C 74 14.61 8.49 -33.39
N SER C 75 14.28 9.75 -33.65
CA SER C 75 14.22 10.73 -32.57
C SER C 75 13.09 10.41 -31.61
N THR C 76 11.93 10.00 -32.13
CA THR C 76 10.81 9.65 -31.26
C THR C 76 11.13 8.44 -30.40
N MET C 77 11.75 7.41 -30.98
CA MET C 77 12.14 6.24 -30.20
C MET C 77 13.11 6.62 -29.10
N ILE C 78 14.08 7.49 -29.41
CA ILE C 78 15.05 7.91 -28.41
C ILE C 78 14.37 8.70 -27.30
N ILE C 79 13.43 9.58 -27.66
CA ILE C 79 12.79 10.43 -26.66
C ILE C 79 11.85 9.61 -25.78
N VAL C 80 11.27 8.55 -26.31
CA VAL C 80 10.41 7.70 -25.48
C VAL C 80 11.24 6.73 -24.64
N GLY C 81 12.42 6.35 -25.11
CA GLY C 81 13.30 5.52 -24.30
C GLY C 81 13.97 6.29 -23.18
N LEU C 82 14.28 7.57 -23.42
CA LEU C 82 14.83 8.40 -22.35
C LEU C 82 13.84 8.54 -21.19
N SER C 83 12.55 8.58 -21.49
CA SER C 83 11.54 8.65 -20.43
C SER C 83 11.58 7.40 -19.57
N VAL C 84 11.66 6.23 -20.20
CA VAL C 84 11.73 4.98 -19.44
C VAL C 84 13.02 4.93 -18.63
N VAL C 85 14.12 5.40 -19.20
CA VAL C 85 15.39 5.43 -18.48
C VAL C 85 15.28 6.32 -17.24
N VAL C 86 14.65 7.49 -17.40
CA VAL C 86 14.50 8.41 -16.27
C VAL C 86 13.61 7.79 -15.21
N THR C 87 12.53 7.12 -15.62
CA THR C 87 11.65 6.47 -14.65
C THR C 87 12.39 5.38 -13.89
N VAL C 88 13.22 4.60 -14.59
CA VAL C 88 13.98 3.55 -13.93
C VAL C 88 14.99 4.15 -12.96
N ILE C 89 15.63 5.24 -13.35
CA ILE C 89 16.59 5.90 -12.46
C ILE C 89 15.89 6.43 -11.22
N VAL C 90 14.69 6.99 -11.39
CA VAL C 90 13.94 7.51 -10.25
C VAL C 90 13.54 6.37 -9.33
N LEU C 91 13.09 5.25 -9.90
CA LEU C 91 12.72 4.10 -9.08
C LEU C 91 13.93 3.56 -8.31
N GLN C 92 15.10 3.54 -8.96
CA GLN C 92 16.31 3.08 -8.28
C GLN C 92 16.68 4.02 -7.14
N TYR C 93 16.66 5.33 -7.39
CA TYR C 93 16.98 6.29 -6.34
C TYR C 93 15.99 6.21 -5.18
N HIS C 94 14.73 5.87 -5.48
CA HIS C 94 13.73 5.74 -4.42
C HIS C 94 13.96 4.47 -3.61
N HIS C 95 14.23 3.35 -4.28
CA HIS C 95 14.48 2.10 -3.57
C HIS C 95 15.80 2.15 -2.82
N HIS C 96 16.85 2.66 -3.45
CA HIS C 96 18.18 2.76 -2.84
C HIS C 96 18.67 1.40 -2.38
N ASP C 97 18.80 0.49 -3.34
CA ASP C 97 19.26 -0.87 -3.08
C ASP C 97 20.64 -0.83 -2.43
N PRO C 98 20.76 -1.19 -1.15
CA PRO C 98 22.10 -1.19 -0.51
C PRO C 98 23.08 -2.15 -1.15
N ASP C 99 22.58 -3.25 -1.72
CA ASP C 99 23.44 -4.25 -2.36
C ASP C 99 23.66 -3.97 -3.83
N GLY C 100 23.51 -2.72 -4.27
CA GLY C 100 23.71 -2.38 -5.66
C GLY C 100 23.49 -0.90 -5.93
N GLY C 101 22.88 -0.59 -7.07
CA GLY C 101 22.60 0.79 -7.43
C GLY C 101 23.88 1.59 -7.68
N LYS C 102 24.19 2.49 -6.77
CA LYS C 102 25.37 3.33 -6.90
C LYS C 102 25.73 3.85 -5.51
N MET C 103 26.67 4.80 -5.45
CA MET C 103 27.12 5.41 -4.20
C MET C 103 26.64 6.84 -4.14
N PRO C 104 25.45 7.10 -3.60
CA PRO C 104 24.93 8.47 -3.53
C PRO C 104 25.54 9.32 -2.43
N LYS C 105 26.60 8.86 -1.78
CA LYS C 105 27.24 9.67 -0.74
C LYS C 105 27.82 10.96 -1.32
N TRP C 106 28.34 10.91 -2.54
CA TRP C 106 28.89 12.12 -3.16
C TRP C 106 27.79 13.08 -3.60
N THR C 107 26.61 12.56 -3.94
CA THR C 107 25.50 13.40 -4.35
C THR C 107 24.68 13.91 -3.18
N ARG C 108 24.81 13.31 -2.00
CA ARG C 108 24.08 13.80 -0.84
C ARG C 108 24.51 15.21 -0.45
N VAL C 109 25.79 15.54 -0.68
CA VAL C 109 26.28 16.88 -0.36
C VAL C 109 25.70 17.90 -1.34
N ILE C 110 25.64 17.54 -2.64
CA ILE C 110 25.09 18.45 -3.63
C ILE C 110 23.58 18.57 -3.49
N LEU C 111 22.92 17.56 -2.91
CA LEU C 111 21.48 17.65 -2.71
C LEU C 111 21.12 18.78 -1.77
N LEU C 112 21.89 18.95 -0.68
CA LEU C 112 21.62 20.04 0.26
C LEU C 112 21.79 21.39 -0.41
N ASN C 113 22.78 21.53 -1.29
CA ASN C 113 22.98 22.79 -1.99
C ASN C 113 21.86 23.05 -2.98
N TRP C 114 21.44 22.01 -3.71
CA TRP C 114 20.35 22.17 -4.66
C TRP C 114 19.03 22.51 -3.96
N CYS C 115 18.83 21.98 -2.76
CA CYS C 115 17.61 22.30 -2.02
C CYS C 115 17.47 23.80 -1.80
N ALA C 116 18.59 24.48 -1.52
CA ALA C 116 18.56 25.92 -1.33
C ALA C 116 18.61 26.67 -2.66
N TRP C 117 19.29 26.12 -3.66
CA TRP C 117 19.36 26.78 -4.96
C TRP C 117 18.01 26.79 -5.67
N PHE C 118 17.16 25.80 -5.39
CA PHE C 118 15.85 25.76 -6.01
C PHE C 118 15.04 27.02 -5.70
N LEU C 119 15.16 27.53 -4.46
CA LEU C 119 14.45 28.74 -4.09
C LEU C 119 15.10 29.98 -4.69
N ARG C 120 16.43 30.01 -4.74
CA ARG C 120 17.18 31.13 -5.30
C ARG C 120 18.26 30.57 -6.22
N MET C 121 18.06 30.72 -7.53
CA MET C 121 19.02 30.20 -8.49
C MET C 121 20.39 30.81 -8.27
N LYS C 122 21.43 30.04 -8.62
CA LYS C 122 22.81 30.48 -8.48
C LYS C 122 23.24 31.45 -9.57
N ARG C 123 22.37 31.77 -10.52
CA ARG C 123 22.72 32.67 -11.60
C ARG C 123 22.73 34.12 -11.11
N PRO C 124 23.38 35.02 -11.85
CA PRO C 124 23.40 36.43 -11.42
C PRO C 124 22.02 37.05 -11.29
N GLY C 125 21.08 36.65 -12.14
CA GLY C 125 19.74 37.23 -12.10
C GLY C 125 19.09 37.11 -10.73
N GLU C 126 19.40 36.05 -9.99
CA GLU C 126 18.86 35.85 -8.66
C GLU C 126 19.81 36.25 -7.55
N ASP C 127 21.11 36.28 -7.82
CA ASP C 127 22.08 36.65 -6.79
C ASP C 127 22.20 38.17 -6.65
N LYS C 128 21.91 38.91 -7.70
CA LYS C 128 22.01 40.37 -7.65
C LYS C 128 20.75 41.03 -7.12
N VAL C 129 19.59 40.41 -7.33
CA VAL C 129 18.31 40.97 -6.86
C VAL C 129 18.09 40.44 -5.45
N ARG C 130 18.67 41.15 -4.48
CA ARG C 130 18.53 40.79 -3.07
C ARG C 130 19.19 41.89 -2.24
N PRO C 131 18.86 41.97 -0.96
CA PRO C 131 19.49 42.97 -0.10
C PRO C 131 20.99 42.81 -0.07
N ALA C 132 21.70 43.91 -0.33
CA ALA C 132 23.16 43.92 -0.35
C ALA C 132 23.66 45.23 0.22
N CYS C 133 24.53 45.15 1.22
CA CYS C 133 25.10 46.32 1.86
C CYS C 133 26.52 46.02 2.30
N GLN C 134 27.20 47.05 2.79
CA GLN C 134 28.57 46.93 3.27
C GLN C 134 28.65 46.74 4.78
N HIS C 135 27.52 46.52 5.44
CA HIS C 135 27.52 46.32 6.88
C HIS C 135 28.22 45.02 7.25
N LYS C 136 28.72 44.97 8.49
CA LYS C 136 29.43 43.79 8.97
C LYS C 136 28.53 42.58 9.14
N GLN C 137 27.21 42.76 9.04
CA GLN C 137 26.29 41.64 9.20
C GLN C 137 26.35 40.65 8.04
N ARG C 138 26.97 41.02 6.93
CA ARG C 138 27.08 40.14 5.77
C ARG C 138 28.46 39.52 5.62
N ARG C 139 29.38 39.80 6.53
CA ARG C 139 30.72 39.25 6.45
C ARG C 139 30.75 37.83 7.04
N CYS C 140 31.91 37.19 6.92
CA CYS C 140 32.11 35.83 7.42
C CYS C 140 32.89 35.86 8.73
N SER C 141 32.85 34.73 9.42
CA SER C 141 33.55 34.59 10.71
C SER C 141 33.85 33.11 10.92
N LEU C 142 34.31 32.78 12.12
CA LEU C 142 34.64 31.39 12.44
C LEU C 142 33.41 30.51 12.37
N ALA C 143 32.22 31.06 12.63
CA ALA C 143 31.01 30.26 12.59
C ALA C 143 30.73 29.74 11.18
N SER C 144 31.02 30.56 10.17
CA SER C 144 30.79 30.15 8.79
C SER C 144 31.89 29.24 8.26
N VAL C 145 33.11 29.37 8.79
CA VAL C 145 34.23 28.54 8.36
C VAL C 145 34.09 27.19 9.06
N GLU C 146 33.60 26.19 8.32
CA GLU C 146 33.40 24.85 8.85
C GLU C 146 34.53 23.90 8.45
N MET C 147 35.75 24.42 8.32
CA MET C 147 36.89 23.58 7.93
C MET C 147 37.39 22.70 9.08
N SER C 148 36.96 22.96 10.31
CA SER C 148 37.37 22.18 11.47
C SER C 148 36.19 21.42 12.08
N ALA C 149 35.25 20.98 11.23
CA ALA C 149 34.08 20.24 11.68
C ALA C 149 33.27 21.07 12.68
N VAL C 150 32.85 22.25 12.24
CA VAL C 150 32.05 23.16 13.05
C VAL C 150 30.58 22.88 12.81
N ALA C 151 29.78 23.01 13.86
CA ALA C 151 28.35 22.76 13.76
C ALA C 151 27.71 23.80 12.84
N PRO C 152 26.52 23.50 12.31
CA PRO C 152 25.84 24.45 11.43
C PRO C 152 25.52 25.74 12.18
N PRO C 153 25.17 26.81 11.46
CA PRO C 153 24.81 28.06 12.14
C PRO C 153 23.62 27.87 13.07
N PRO C 154 23.80 28.12 14.37
CA PRO C 154 22.66 27.98 15.30
C PRO C 154 21.49 28.87 14.87
N ALA C 155 20.37 28.22 14.54
CA ALA C 155 19.18 28.94 14.11
C ALA C 155 17.95 28.15 14.53
N SER C 156 16.83 28.86 14.68
CA SER C 156 15.59 28.23 15.08
C SER C 156 14.95 27.41 13.96
N ASN C 157 15.51 27.46 12.75
CA ASN C 157 14.95 26.71 11.62
C ASN C 157 15.18 25.20 11.73
N GLY C 158 15.90 24.73 12.75
CA GLY C 158 16.15 23.32 12.91
C GLY C 158 17.59 23.02 13.30
N ASN C 159 18.52 23.88 12.88
CA ASN C 159 19.92 23.67 13.20
C ASN C 159 20.15 23.67 14.70
N LEU C 160 19.49 24.58 15.42
CA LEU C 160 19.64 24.65 16.87
C LEU C 160 19.09 23.39 17.53
N LEU C 161 17.90 22.94 17.10
CA LEU C 161 17.32 21.72 17.66
C LEU C 161 18.22 20.52 17.39
N TYR C 162 18.83 20.45 16.20
CA TYR C 162 19.74 19.35 15.90
C TYR C 162 20.97 19.40 16.80
N ILE C 163 21.62 20.58 16.88
CA ILE C 163 22.80 20.71 17.72
C ILE C 163 22.48 20.38 19.17
N GLY C 164 21.25 20.64 19.61
CA GLY C 164 20.86 20.35 20.97
C GLY C 164 20.61 18.88 21.22
N PHE C 165 19.79 18.24 20.38
CA PHE C 165 19.42 16.86 20.59
C PHE C 165 20.54 15.91 20.18
N ARG C 166 20.94 15.96 18.91
CA ARG C 166 21.95 15.04 18.40
C ARG C 166 23.34 15.33 18.92
N GLY C 167 23.52 16.36 19.75
CA GLY C 167 24.82 16.68 20.30
C GLY C 167 25.21 15.75 21.43
N LEU C 168 25.46 14.48 21.11
CA LEU C 168 25.85 13.51 22.13
C LEU C 168 27.15 13.93 22.80
N ASP C 169 27.22 13.73 24.11
CA ASP C 169 28.38 14.09 24.91
C ASP C 169 28.68 15.58 24.87
N GLY C 170 27.72 16.39 24.45
CA GLY C 170 27.88 17.83 24.36
C GLY C 170 27.42 18.54 25.62
N VAL C 171 27.16 19.84 25.47
CA VAL C 171 26.71 20.64 26.61
C VAL C 171 25.30 20.25 27.01
N HIS C 172 24.51 19.70 26.09
CA HIS C 172 23.15 19.31 26.41
C HIS C 172 23.12 18.10 27.33
N CYS C 173 23.90 17.07 26.99
CA CYS C 173 23.94 15.84 27.79
C CYS C 173 25.06 15.87 28.84
N VAL C 174 26.13 16.61 28.58
CA VAL C 174 27.25 16.70 29.51
C VAL C 174 27.69 18.15 29.62
N PRO C 175 27.01 18.97 30.43
CA PRO C 175 27.38 20.40 30.55
C PRO C 175 28.63 20.60 31.40
N THR C 176 29.79 20.43 30.76
CA THR C 176 31.07 20.59 31.44
C THR C 176 31.33 22.05 31.80
N PRO C 177 30.91 23.03 30.98
CA PRO C 177 31.17 24.43 31.36
C PRO C 177 30.49 24.78 32.68
N ASP C 178 31.29 25.33 33.60
CA ASP C 178 30.78 25.71 34.92
C ASP C 178 29.82 26.89 34.76
N SER C 179 28.52 26.63 34.90
CA SER C 179 27.52 27.67 34.78
C SER C 179 27.11 28.26 36.12
N GLY C 180 27.20 27.48 37.20
CA GLY C 180 26.84 27.95 38.52
C GLY C 180 25.37 27.84 38.86
N VAL C 181 24.58 27.14 38.04
CA VAL C 181 23.15 27.01 38.33
C VAL C 181 22.91 26.00 39.45
N VAL C 182 23.85 25.07 39.65
CA VAL C 182 23.68 24.07 40.69
C VAL C 182 23.67 24.70 42.08
N CYS C 183 24.38 25.83 42.25
CA CYS C 183 24.46 26.49 43.54
C CYS C 183 24.35 28.00 43.45
N GLY C 184 23.95 28.54 42.29
CA GLY C 184 23.83 29.98 42.13
C GLY C 184 22.41 30.43 41.90
N ARG C 185 21.59 29.56 41.33
CA ARG C 185 20.19 29.86 41.05
C ARG C 185 19.30 28.82 41.71
N MET C 186 18.14 29.27 42.20
CA MET C 186 17.19 28.40 42.88
C MET C 186 15.99 28.08 42.01
N ALA C 187 16.01 28.46 40.74
CA ALA C 187 14.89 28.18 39.83
C ALA C 187 14.89 26.70 39.49
N CYS C 188 14.01 25.94 40.15
CA CYS C 188 13.90 24.49 39.93
C CYS C 188 15.22 23.78 40.17
N SER C 189 16.06 24.35 41.05
CA SER C 189 17.37 23.77 41.35
C SER C 189 17.84 24.25 42.71
N PRO C 190 17.47 23.57 43.79
CA PRO C 190 17.93 24.00 45.12
C PRO C 190 19.45 24.03 45.20
N THR C 191 19.97 25.11 45.78
CA THR C 191 21.42 25.31 45.89
C THR C 191 21.93 24.43 47.02
N HIS C 192 22.36 23.20 46.66
CA HIS C 192 22.92 22.25 47.61
C HIS C 192 22.11 22.16 48.90
N ASP C 193 20.79 22.31 48.79
CA ASP C 193 19.91 22.26 49.94
C ASP C 193 19.64 20.79 50.28
N GLU C 194 20.36 20.28 51.27
CA GLU C 194 20.20 18.88 51.69
C GLU C 194 19.03 18.69 52.64
N HIS C 195 18.51 19.76 53.22
CA HIS C 195 17.40 19.68 54.16
C HIS C 195 16.03 19.74 53.47
N LEU C 196 16.00 19.93 52.15
CA LEU C 196 14.74 19.99 51.42
C LEU C 196 14.16 18.59 51.33
N LEU C 197 13.20 18.28 52.19
CA LEU C 197 12.56 16.97 52.23
C LEU C 197 11.05 17.12 52.02
N HIS C 198 10.44 16.05 51.54
CA HIS C 198 9.00 16.04 51.28
C HIS C 198 8.25 15.88 52.61
N GLY C 199 8.26 16.97 53.38
CA GLY C 199 7.60 16.99 54.67
C GLY C 199 8.13 15.94 55.62
N GLY C 200 9.44 15.71 55.62
CA GLY C 200 10.08 14.76 56.50
C GLY C 200 10.78 13.63 55.75
N GLN C 201 10.22 13.22 54.61
CA GLN C 201 10.79 12.15 53.81
C GLN C 201 11.42 12.69 52.54
N PRO C 202 12.42 12.02 51.99
CA PRO C 202 13.06 12.50 50.76
C PRO C 202 12.14 12.32 49.56
N PRO C 203 12.34 13.09 48.49
CA PRO C 203 11.47 12.94 47.31
C PRO C 203 11.76 11.66 46.54
N GLU C 204 10.87 10.67 46.66
CA GLU C 204 11.01 9.43 45.92
C GLU C 204 9.65 8.75 45.89
N GLY C 205 9.08 8.61 44.70
CA GLY C 205 7.77 8.01 44.56
C GLY C 205 7.80 6.49 44.54
N ASP C 206 8.49 5.92 43.55
CA ASP C 206 8.54 4.47 43.40
C ASP C 206 9.70 4.08 42.47
N PRO C 207 10.60 3.20 42.89
CA PRO C 207 11.65 2.75 41.98
C PRO C 207 11.13 2.18 40.68
N ASP C 208 9.89 1.70 40.64
CA ASP C 208 9.33 1.19 39.39
C ASP C 208 9.08 2.32 38.40
N LEU C 209 8.80 3.53 38.89
CA LEU C 209 8.63 4.66 37.99
C LEU C 209 9.92 4.97 37.23
N ALA C 210 11.08 4.70 37.83
CA ALA C 210 12.34 4.88 37.12
C ALA C 210 12.41 3.97 35.90
N LYS C 211 11.90 2.75 36.01
CA LYS C 211 11.88 1.83 34.88
C LYS C 211 10.79 2.18 33.88
N ILE C 212 9.64 2.67 34.37
CA ILE C 212 8.58 3.12 33.46
C ILE C 212 9.09 4.28 32.61
N LEU C 213 9.83 5.20 33.21
CA LEU C 213 10.38 6.32 32.46
C LEU C 213 11.40 5.83 31.43
N GLU C 214 12.21 4.83 31.79
CA GLU C 214 13.16 4.28 30.83
C GLU C 214 12.45 3.62 29.66
N GLU C 215 11.36 2.89 29.94
CA GLU C 215 10.61 2.27 28.86
C GLU C 215 9.96 3.33 27.96
N VAL C 216 9.44 4.41 28.57
CA VAL C 216 8.86 5.48 27.78
C VAL C 216 9.92 6.15 26.91
N ARG C 217 11.13 6.31 27.45
CA ARG C 217 12.21 6.89 26.66
C ARG C 217 12.62 5.97 25.52
N TYR C 218 12.62 4.66 25.75
CA TYR C 218 12.91 3.72 24.68
C TYR C 218 11.84 3.78 23.59
N ILE C 219 10.57 3.91 23.99
CA ILE C 219 9.50 4.03 23.01
C ILE C 219 9.66 5.32 22.21
N ALA C 220 10.04 6.41 22.89
CA ALA C 220 10.26 7.67 22.20
C ALA C 220 11.43 7.56 21.22
N ASN C 221 12.48 6.83 21.61
CA ASN C 221 13.61 6.62 20.72
C ASN C 221 13.22 5.79 19.51
N ARG C 222 12.35 4.80 19.71
CA ARG C 222 11.85 4.01 18.59
C ARG C 222 11.05 4.89 17.63
N PHE C 223 10.17 5.73 18.18
CA PHE C 223 9.41 6.65 17.34
C PHE C 223 10.33 7.61 16.60
N ARG C 224 11.39 8.06 17.26
CA ARG C 224 12.35 8.97 16.62
C ARG C 224 13.09 8.26 15.49
N CYS C 225 13.45 6.99 15.68
CA CYS C 225 14.09 6.24 14.62
C CYS C 225 13.14 6.04 13.44
N GLN C 226 11.86 5.78 13.72
CA GLN C 226 10.88 5.68 12.64
C GLN C 226 10.77 6.99 11.88
N ASP C 227 10.72 8.11 12.61
CA ASP C 227 10.65 9.42 11.97
C ASP C 227 11.90 9.69 11.14
N GLU C 228 13.06 9.24 11.63
CA GLU C 228 14.30 9.42 10.88
C GLU C 228 14.28 8.60 9.59
N SER C 229 13.78 7.37 9.65
CA SER C 229 13.65 6.57 8.44
C SER C 229 12.69 7.23 7.46
N GLU C 230 11.57 7.76 7.96
CA GLU C 230 10.64 8.46 7.08
C GLU C 230 11.28 9.69 6.45
N ALA C 231 12.08 10.43 7.22
CA ALA C 231 12.75 11.60 6.68
C ALA C 231 13.80 11.21 5.64
N VAL C 232 14.47 10.08 5.85
CA VAL C 232 15.43 9.60 4.86
C VAL C 232 14.71 9.23 3.57
N CYS C 233 13.58 8.55 3.68
CA CYS C 233 12.79 8.23 2.49
C CYS C 233 12.32 9.49 1.78
N SER C 234 11.90 10.50 2.54
CA SER C 234 11.46 11.75 1.94
C SER C 234 12.63 12.45 1.24
N GLU C 235 13.82 12.41 1.85
CA GLU C 235 14.99 13.01 1.21
C GLU C 235 15.35 12.27 -0.08
N TRP C 236 15.23 10.94 -0.08
CA TRP C 236 15.47 10.17 -1.29
C TRP C 236 14.49 10.55 -2.39
N LYS C 237 13.21 10.67 -2.04
CA LYS C 237 12.20 11.04 -3.03
C LYS C 237 12.41 12.47 -3.53
N PHE C 238 12.86 13.36 -2.66
CA PHE C 238 13.17 14.72 -3.09
C PHE C 238 14.36 14.74 -4.04
N ALA C 239 15.39 13.94 -3.74
CA ALA C 239 16.54 13.85 -4.64
C ALA C 239 16.14 13.29 -5.99
N ALA C 240 15.21 12.32 -6.00
CA ALA C 240 14.72 11.78 -7.26
C ALA C 240 13.91 12.82 -8.04
N CYS C 241 13.05 13.57 -7.34
CA CYS C 241 12.29 14.62 -8.00
C CYS C 241 13.21 15.71 -8.55
N VAL C 242 14.32 15.98 -7.87
CA VAL C 242 15.28 16.97 -8.36
C VAL C 242 15.82 16.55 -9.72
N VAL C 243 16.26 15.29 -9.82
CA VAL C 243 16.80 14.80 -11.09
C VAL C 243 15.70 14.76 -12.15
N ASP C 244 14.48 14.41 -11.76
CA ASP C 244 13.37 14.39 -12.71
C ASP C 244 13.12 15.79 -13.29
N ARG C 245 13.09 16.81 -12.42
CA ARG C 245 12.87 18.17 -12.88
C ARG C 245 14.04 18.67 -13.72
N LEU C 246 15.26 18.30 -13.35
CA LEU C 246 16.42 18.70 -14.14
C LEU C 246 16.33 18.10 -15.55
N CYS C 247 15.98 16.82 -15.64
CA CYS C 247 15.86 16.18 -16.96
C CYS C 247 14.72 16.81 -17.75
N LEU C 248 13.61 17.12 -17.09
CA LEU C 248 12.49 17.77 -17.78
C LEU C 248 12.91 19.12 -18.35
N MET C 249 13.62 19.92 -17.54
CA MET C 249 14.06 21.22 -18.02
C MET C 249 15.07 21.09 -19.15
N ALA C 250 15.94 20.08 -19.08
CA ALA C 250 16.93 19.88 -20.14
C ALA C 250 16.29 19.39 -21.43
N PHE C 251 15.20 18.64 -21.33
CA PHE C 251 14.53 18.09 -22.50
C PHE C 251 13.48 19.03 -23.08
N SER C 252 13.03 20.02 -22.30
CA SER C 252 12.05 20.98 -22.83
C SER C 252 12.62 21.73 -24.03
N VAL C 253 13.85 22.24 -23.89
CA VAL C 253 14.46 23.00 -24.98
C VAL C 253 14.69 22.09 -26.19
N PHE C 254 15.09 20.84 -25.95
CA PHE C 254 15.30 19.91 -27.05
C PHE C 254 14.00 19.63 -27.79
N THR C 255 12.91 19.41 -27.06
CA THR C 255 11.62 19.18 -27.70
C THR C 255 11.16 20.41 -28.46
N ILE C 256 11.40 21.60 -27.92
CA ILE C 256 11.01 22.83 -28.60
C ILE C 256 11.79 22.97 -29.90
N ILE C 257 13.09 22.69 -29.86
CA ILE C 257 13.92 22.78 -31.07
C ILE C 257 13.46 21.76 -32.10
N CYS C 258 13.12 20.55 -31.65
CA CYS C 258 12.65 19.52 -32.56
C CYS C 258 11.33 19.93 -33.22
N THR C 259 10.41 20.50 -32.43
CA THR C 259 9.14 20.94 -32.98
C THR C 259 9.35 22.08 -33.97
N ILE C 260 10.27 22.99 -33.67
CA ILE C 260 10.56 24.10 -34.59
C ILE C 260 11.16 23.58 -35.89
N GLY C 261 12.05 22.59 -35.79
CA GLY C 261 12.64 22.03 -37.00
C GLY C 261 11.64 21.26 -37.84
N ILE C 262 10.72 20.55 -37.18
CA ILE C 262 9.70 19.81 -37.91
C ILE C 262 8.81 20.77 -38.70
N LEU C 263 8.60 21.99 -38.17
CA LEU C 263 7.81 22.98 -38.89
C LEU C 263 8.61 23.65 -39.99
N MET C 264 9.89 23.93 -39.73
CA MET C 264 10.74 24.56 -40.74
C MET C 264 11.05 23.58 -41.88
N SER C 265 11.04 22.28 -41.60
CA SER C 265 11.31 21.27 -42.60
C SER C 265 10.03 20.72 -43.24
N ALA C 266 8.91 21.42 -43.08
CA ALA C 266 7.66 20.94 -43.67
C ALA C 266 7.71 20.86 -45.19
N PRO C 267 8.26 21.84 -45.91
CA PRO C 267 8.29 21.72 -47.38
C PRO C 267 9.00 20.48 -47.87
N ASN C 268 9.90 19.89 -47.09
CA ASN C 268 10.61 18.68 -47.51
C ASN C 268 9.73 17.45 -47.38
N PHE C 269 9.13 17.25 -46.19
CA PHE C 269 8.27 16.10 -45.98
C PHE C 269 6.88 16.32 -46.58
N VAL C 270 6.23 17.42 -46.21
CA VAL C 270 4.91 17.73 -46.72
C VAL C 270 5.01 18.27 -48.15
N LEU D 7 -27.14 1.31 -43.03
CA LEU D 7 -26.57 0.12 -43.67
C LEU D 7 -25.73 -0.68 -42.68
N TYR D 8 -25.31 -1.87 -43.09
CA TYR D 8 -24.50 -2.71 -42.22
C TYR D 8 -23.20 -2.00 -41.83
N TYR D 9 -22.56 -1.35 -42.80
CA TYR D 9 -21.30 -0.65 -42.51
C TYR D 9 -21.52 0.46 -41.49
N GLY D 10 -22.57 1.25 -41.66
CA GLY D 10 -22.85 2.32 -40.72
C GLY D 10 -23.24 1.79 -39.35
N LEU D 11 -24.06 0.73 -39.30
CA LEU D 11 -24.43 0.14 -38.03
C LEU D 11 -23.21 -0.40 -37.30
N ASN D 12 -22.25 -0.95 -38.04
CA ASN D 12 -21.05 -1.48 -37.41
C ASN D 12 -20.13 -0.36 -36.94
N LEU D 13 -20.03 0.73 -37.71
CA LEU D 13 -19.16 1.83 -37.35
C LEU D 13 -19.75 2.73 -36.27
N LEU D 14 -21.06 2.67 -36.03
CA LEU D 14 -21.69 3.51 -35.02
C LEU D 14 -21.50 2.98 -33.60
N ILE D 15 -21.26 1.69 -33.44
CA ILE D 15 -21.13 1.08 -32.11
C ILE D 15 -19.80 1.50 -31.48
N PRO D 16 -18.68 1.41 -32.20
CA PRO D 16 -17.42 1.90 -31.63
C PRO D 16 -17.48 3.33 -31.13
N CYS D 17 -18.28 4.19 -31.78
CA CYS D 17 -18.40 5.57 -31.34
C CYS D 17 -18.95 5.64 -29.92
N VAL D 18 -20.12 5.03 -29.69
CA VAL D 18 -20.71 5.04 -28.36
C VAL D 18 -19.82 4.30 -27.37
N LEU D 19 -19.12 3.26 -27.82
CA LEU D 19 -18.22 2.53 -26.93
C LEU D 19 -17.11 3.44 -26.42
N ILE D 20 -16.46 4.16 -27.34
CA ILE D 20 -15.38 5.07 -26.95
C ILE D 20 -15.93 6.20 -26.11
N SER D 21 -17.15 6.66 -26.40
CA SER D 21 -17.75 7.72 -25.59
C SER D 21 -17.95 7.27 -24.15
N ALA D 22 -18.52 6.06 -23.98
CA ALA D 22 -18.72 5.52 -22.64
C ALA D 22 -17.40 5.29 -21.93
N LEU D 23 -16.39 4.81 -22.66
CA LEU D 23 -15.08 4.59 -22.06
C LEU D 23 -14.48 5.91 -21.57
N ALA D 24 -14.56 6.97 -22.38
CA ALA D 24 -14.05 8.26 -21.97
C ALA D 24 -14.82 8.79 -20.77
N LEU D 25 -16.14 8.65 -20.78
CA LEU D 25 -16.94 9.11 -19.64
C LEU D 25 -16.53 8.37 -18.37
N LEU D 26 -16.35 7.05 -18.44
CA LEU D 26 -15.95 6.29 -17.26
C LEU D 26 -14.55 6.67 -16.81
N VAL D 27 -13.64 6.96 -17.74
CA VAL D 27 -12.30 7.37 -17.37
C VAL D 27 -12.33 8.71 -16.65
N PHE D 28 -13.20 9.63 -17.08
CA PHE D 28 -13.33 10.91 -16.41
C PHE D 28 -14.01 10.77 -15.07
N LEU D 29 -14.90 9.79 -14.92
CA LEU D 29 -15.61 9.56 -13.67
C LEU D 29 -14.76 8.83 -12.63
N LEU D 30 -13.49 8.55 -12.91
CA LEU D 30 -12.65 7.83 -11.97
C LEU D 30 -12.37 8.72 -10.75
N PRO D 31 -12.53 8.20 -9.52
CA PRO D 31 -12.18 9.01 -8.35
C PRO D 31 -10.71 9.36 -8.30
N ALA D 32 -10.31 10.17 -7.32
CA ALA D 32 -8.92 10.58 -7.16
C ALA D 32 -8.12 9.43 -6.58
N ASP D 33 -7.87 8.43 -7.43
CA ASP D 33 -7.09 7.27 -7.04
C ASP D 33 -5.61 7.55 -7.29
N SER D 34 -4.78 6.51 -7.21
CA SER D 34 -3.34 6.65 -7.40
C SER D 34 -3.06 6.85 -8.89
N GLY D 35 -1.77 6.85 -9.25
CA GLY D 35 -1.37 7.05 -10.63
C GLY D 35 -1.93 6.02 -11.59
N GLU D 36 -2.43 4.89 -11.07
CA GLU D 36 -2.98 3.86 -11.94
C GLU D 36 -4.03 4.41 -12.90
N LYS D 37 -4.67 5.52 -12.53
CA LYS D 37 -5.62 6.17 -13.43
C LYS D 37 -5.05 6.33 -14.83
N ILE D 38 -3.83 6.88 -14.92
CA ILE D 38 -3.20 7.07 -16.22
C ILE D 38 -3.07 5.74 -16.94
N SER D 39 -2.64 4.69 -16.23
CA SER D 39 -2.49 3.37 -16.84
C SER D 39 -3.79 2.94 -17.53
N LEU D 40 -4.93 3.42 -17.06
CA LEU D 40 -6.19 3.13 -17.73
C LEU D 40 -6.39 4.03 -18.94
N GLY D 41 -6.21 5.34 -18.77
CA GLY D 41 -6.44 6.26 -19.87
C GLY D 41 -5.65 5.89 -21.11
N ILE D 42 -4.34 5.74 -20.97
CA ILE D 42 -3.51 5.37 -22.11
C ILE D 42 -4.03 4.08 -22.75
N THR D 43 -4.51 3.15 -21.92
CA THR D 43 -5.04 1.90 -22.46
C THR D 43 -6.13 2.17 -23.49
N VAL D 44 -7.03 3.10 -23.19
CA VAL D 44 -8.07 3.47 -24.15
C VAL D 44 -7.43 3.86 -25.48
N LEU D 45 -6.43 4.74 -25.43
CA LEU D 45 -5.74 5.16 -26.65
C LEU D 45 -5.26 3.95 -27.43
N LEU D 46 -4.75 2.93 -26.73
CA LEU D 46 -4.29 1.72 -27.41
C LEU D 46 -5.37 1.16 -28.32
N SER D 47 -6.59 1.02 -27.79
CA SER D 47 -7.69 0.52 -28.60
C SER D 47 -7.82 1.33 -29.88
N LEU D 48 -7.69 2.66 -29.79
CA LEU D 48 -7.78 3.50 -30.97
C LEU D 48 -6.77 3.06 -32.02
N THR D 49 -5.51 2.86 -31.60
CA THR D 49 -4.48 2.44 -32.54
C THR D 49 -4.88 1.18 -33.30
N VAL D 50 -5.76 0.36 -32.74
CA VAL D 50 -6.27 -0.80 -33.46
C VAL D 50 -7.42 -0.39 -34.36
N PHE D 51 -8.39 0.35 -33.82
CA PHE D 51 -9.55 0.75 -34.60
C PHE D 51 -9.13 1.50 -35.86
N MET D 52 -8.35 2.56 -35.69
CA MET D 52 -7.86 3.32 -36.84
C MET D 52 -7.16 2.41 -37.83
N LEU D 53 -6.46 1.38 -37.33
CA LEU D 53 -5.79 0.43 -38.21
C LEU D 53 -6.76 -0.16 -39.22
N LEU D 54 -7.93 -0.61 -38.73
CA LEU D 54 -8.96 -1.12 -39.64
C LEU D 54 -9.36 -0.07 -40.66
N VAL D 55 -9.52 1.18 -40.20
CA VAL D 55 -9.88 2.27 -41.11
C VAL D 55 -8.83 2.43 -42.20
N ALA D 56 -7.59 2.06 -41.90
CA ALA D 56 -6.50 2.15 -42.88
C ALA D 56 -6.36 0.88 -43.72
N GLU D 57 -7.03 -0.21 -43.34
CA GLU D 57 -6.91 -1.47 -44.08
C GLU D 57 -7.89 -1.54 -45.24
N ILE D 58 -9.18 -1.35 -44.97
CA ILE D 58 -10.18 -1.46 -46.03
C ILE D 58 -10.31 -0.16 -46.81
N MET D 59 -9.98 0.98 -46.20
CA MET D 59 -10.09 2.28 -46.85
C MET D 59 -8.90 3.13 -46.46
N PRO D 60 -7.73 2.87 -47.07
CA PRO D 60 -6.54 3.68 -46.74
C PRO D 60 -6.80 5.17 -46.99
N SER D 61 -6.06 5.99 -46.25
CA SER D 61 -6.21 7.44 -46.35
C SER D 61 -5.65 8.00 -47.65
N THR D 62 -4.89 7.20 -48.41
CA THR D 62 -4.34 7.70 -49.67
C THR D 62 -5.42 7.93 -50.71
N SER D 63 -6.56 7.24 -50.61
CA SER D 63 -7.66 7.37 -51.54
C SER D 63 -8.98 7.74 -50.88
N ASP D 64 -9.22 7.29 -49.65
CA ASP D 64 -10.47 7.58 -48.95
C ASP D 64 -10.42 9.02 -48.46
N SER D 65 -10.87 9.94 -49.31
CA SER D 65 -10.89 11.37 -48.98
C SER D 65 -12.21 11.67 -48.26
N SER D 66 -12.25 11.29 -46.98
CA SER D 66 -13.43 11.48 -46.13
C SER D 66 -13.14 12.57 -45.11
N PRO D 67 -13.43 13.84 -45.43
CA PRO D 67 -13.16 14.91 -44.45
C PRO D 67 -14.11 14.90 -43.26
N SER D 68 -15.13 14.03 -43.25
CA SER D 68 -16.06 13.98 -42.14
C SER D 68 -15.59 13.06 -41.02
N ILE D 69 -14.86 11.98 -41.35
CA ILE D 69 -14.37 11.08 -40.32
C ILE D 69 -13.07 11.61 -39.72
N ALA D 70 -12.31 12.41 -40.47
CA ALA D 70 -11.07 12.97 -39.93
C ALA D 70 -11.36 13.89 -38.75
N GLN D 71 -12.39 14.73 -38.87
CA GLN D 71 -12.74 15.62 -37.76
C GLN D 71 -13.18 14.82 -36.54
N TYR D 72 -13.96 13.76 -36.76
CA TYR D 72 -14.39 12.93 -35.63
C TYR D 72 -13.20 12.26 -34.95
N PHE D 73 -12.26 11.74 -35.74
CA PHE D 73 -11.06 11.12 -35.15
C PHE D 73 -10.24 12.14 -34.40
N ALA D 74 -10.11 13.35 -34.93
CA ALA D 74 -9.35 14.39 -34.24
C ALA D 74 -10.02 14.78 -32.93
N SER D 75 -11.35 14.87 -32.92
CA SER D 75 -12.06 15.18 -31.69
C SER D 75 -11.92 14.07 -30.67
N THR D 76 -11.99 12.81 -31.13
CA THR D 76 -11.84 11.69 -30.21
C THR D 76 -10.44 11.65 -29.61
N MET D 77 -9.41 11.87 -30.43
CA MET D 77 -8.05 11.89 -29.91
C MET D 77 -7.88 13.00 -28.88
N ILE D 78 -8.45 14.18 -29.14
CA ILE D 78 -8.34 15.29 -28.20
C ILE D 78 -9.07 14.96 -26.90
N ILE D 79 -10.24 14.33 -26.99
CA ILE D 79 -11.03 14.06 -25.80
C ILE D 79 -10.38 12.97 -24.97
N VAL D 80 -9.68 12.03 -25.61
CA VAL D 80 -9.00 10.99 -24.84
C VAL D 80 -7.68 11.50 -24.27
N GLY D 81 -7.04 12.47 -24.94
CA GLY D 81 -5.85 13.08 -24.40
C GLY D 81 -6.12 14.02 -23.24
N LEU D 82 -7.26 14.71 -23.29
CA LEU D 82 -7.65 15.57 -22.17
C LEU D 82 -7.84 14.75 -20.90
N SER D 83 -8.34 13.52 -21.02
CA SER D 83 -8.51 12.67 -19.85
C SER D 83 -7.15 12.33 -19.23
N VAL D 84 -6.17 11.98 -20.07
CA VAL D 84 -4.83 11.68 -19.55
C VAL D 84 -4.22 12.93 -18.92
N VAL D 85 -4.43 14.09 -19.54
CA VAL D 85 -3.91 15.33 -18.97
C VAL D 85 -4.52 15.60 -17.60
N VAL D 86 -5.83 15.37 -17.47
CA VAL D 86 -6.50 15.61 -16.19
C VAL D 86 -6.01 14.62 -15.15
N THR D 87 -5.81 13.36 -15.54
CA THR D 87 -5.29 12.37 -14.59
C THR D 87 -3.89 12.74 -14.13
N VAL D 88 -3.04 13.22 -15.05
CA VAL D 88 -1.69 13.63 -14.68
C VAL D 88 -1.75 14.84 -13.73
N ILE D 89 -2.65 15.79 -14.01
CA ILE D 89 -2.77 16.95 -13.14
C ILE D 89 -3.23 16.53 -11.75
N VAL D 90 -4.17 15.58 -11.68
CA VAL D 90 -4.65 15.10 -10.39
C VAL D 90 -3.53 14.40 -9.64
N LEU D 91 -2.75 13.58 -10.34
CA LEU D 91 -1.63 12.90 -9.68
C LEU D 91 -0.60 13.90 -9.17
N GLN D 92 -0.35 14.97 -9.94
CA GLN D 92 0.60 15.99 -9.51
C GLN D 92 0.06 16.71 -8.27
N TYR D 93 -1.20 17.11 -8.28
CA TYR D 93 -1.79 17.77 -7.12
C TYR D 93 -1.80 16.88 -5.90
N HIS D 94 -1.94 15.56 -6.09
CA HIS D 94 -1.91 14.64 -4.96
C HIS D 94 -0.51 14.49 -4.41
N HIS D 95 0.49 14.34 -5.29
CA HIS D 95 1.86 14.20 -4.84
C HIS D 95 2.38 15.50 -4.25
N HIS D 96 2.11 16.62 -4.91
CA HIS D 96 2.54 17.94 -4.44
C HIS D 96 4.07 17.98 -4.29
N ASP D 97 4.76 17.76 -5.40
CA ASP D 97 6.21 17.78 -5.44
C ASP D 97 6.74 19.12 -4.94
N PRO D 98 7.37 19.18 -3.76
CA PRO D 98 7.90 20.47 -3.30
C PRO D 98 8.97 21.05 -4.21
N ASP D 99 9.74 20.20 -4.90
CA ASP D 99 10.79 20.64 -5.79
C ASP D 99 10.31 20.86 -7.22
N GLY D 100 9.02 21.11 -7.41
CA GLY D 100 8.47 21.33 -8.73
C GLY D 100 6.98 21.58 -8.71
N GLY D 101 6.27 21.05 -9.70
CA GLY D 101 4.83 21.22 -9.78
C GLY D 101 4.44 22.67 -10.04
N LYS D 102 3.86 23.31 -9.04
CA LYS D 102 3.44 24.70 -9.15
C LYS D 102 3.34 25.28 -7.74
N MET D 103 2.75 26.48 -7.64
CA MET D 103 2.59 27.18 -6.36
C MET D 103 1.11 27.18 -6.00
N PRO D 104 0.61 26.17 -5.28
CA PRO D 104 -0.81 26.13 -4.92
C PRO D 104 -1.20 27.05 -3.76
N LYS D 105 -0.31 27.94 -3.32
CA LYS D 105 -0.66 28.86 -2.24
C LYS D 105 -1.78 29.79 -2.65
N TRP D 106 -1.82 30.21 -3.92
CA TRP D 106 -2.89 31.08 -4.38
C TRP D 106 -4.21 30.34 -4.52
N THR D 107 -4.16 29.04 -4.81
CA THR D 107 -5.37 28.24 -4.95
C THR D 107 -5.88 27.68 -3.63
N ARG D 108 -5.04 27.67 -2.59
CA ARG D 108 -5.49 27.19 -1.29
C ARG D 108 -6.60 28.07 -0.72
N VAL D 109 -6.56 29.38 -1.01
CA VAL D 109 -7.60 30.28 -0.53
C VAL D 109 -8.91 30.03 -1.26
N ILE D 110 -8.84 29.79 -2.58
CA ILE D 110 -10.06 29.53 -3.34
C ILE D 110 -10.61 28.15 -3.00
N LEU D 111 -9.76 27.23 -2.53
CA LEU D 111 -10.23 25.91 -2.14
C LEU D 111 -11.22 26.01 -0.98
N LEU D 112 -10.92 26.86 0.01
CA LEU D 112 -11.82 27.00 1.15
C LEU D 112 -13.17 27.56 0.71
N ASN D 113 -13.16 28.49 -0.25
CA ASN D 113 -14.42 29.06 -0.74
C ASN D 113 -15.20 28.02 -1.54
N TRP D 114 -14.52 27.23 -2.36
CA TRP D 114 -15.19 26.20 -3.14
C TRP D 114 -15.77 25.12 -2.24
N CYS D 115 -15.10 24.82 -1.12
CA CYS D 115 -15.62 23.81 -0.21
C CYS D 115 -17.00 24.19 0.29
N ALA D 116 -17.24 25.48 0.54
CA ALA D 116 -18.56 25.93 0.98
C ALA D 116 -19.51 26.15 -0.19
N TRP D 117 -18.98 26.55 -1.35
CA TRP D 117 -19.84 26.76 -2.51
C TRP D 117 -20.41 25.46 -3.04
N PHE D 118 -19.70 24.34 -2.84
CA PHE D 118 -20.20 23.05 -3.31
C PHE D 118 -21.55 22.73 -2.68
N LEU D 119 -21.73 23.07 -1.41
CA LEU D 119 -23.00 22.82 -0.74
C LEU D 119 -24.07 23.81 -1.20
N ARG D 120 -23.70 25.07 -1.41
CA ARG D 120 -24.62 26.10 -1.85
C ARG D 120 -23.95 26.89 -2.97
N MET D 121 -24.42 26.69 -4.20
CA MET D 121 -23.83 27.36 -5.34
C MET D 121 -23.93 28.87 -5.18
N LYS D 122 -22.97 29.58 -5.77
CA LYS D 122 -22.93 31.03 -5.71
C LYS D 122 -23.91 31.70 -6.66
N ARG D 123 -24.67 30.93 -7.44
CA ARG D 123 -25.62 31.49 -8.38
C ARG D 123 -26.86 32.00 -7.66
N PRO D 124 -27.63 32.88 -8.29
CA PRO D 124 -28.84 33.39 -7.63
C PRO D 124 -29.83 32.30 -7.24
N GLY D 125 -29.93 31.23 -8.04
CA GLY D 125 -30.87 30.17 -7.74
C GLY D 125 -30.70 29.59 -6.36
N GLU D 126 -29.47 29.57 -5.85
CA GLU D 126 -29.18 29.05 -4.52
C GLU D 126 -29.03 30.13 -3.46
N ASP D 127 -28.70 31.37 -3.87
CA ASP D 127 -28.55 32.45 -2.92
C ASP D 127 -29.88 33.07 -2.53
N LYS D 128 -30.89 32.99 -3.39
CA LYS D 128 -32.19 33.56 -3.11
C LYS D 128 -33.09 32.61 -2.32
N VAL D 129 -32.92 31.30 -2.50
CA VAL D 129 -33.74 30.30 -1.81
C VAL D 129 -33.04 30.00 -0.48
N ARG D 130 -33.32 30.82 0.52
CA ARG D 130 -32.75 30.65 1.85
C ARG D 130 -33.40 31.68 2.77
N PRO D 131 -33.31 31.46 4.09
CA PRO D 131 -33.88 32.43 5.03
C PRO D 131 -33.26 33.81 4.85
N ALA D 132 -34.12 34.82 4.70
CA ALA D 132 -33.67 36.20 4.52
C ALA D 132 -34.62 37.13 5.25
N CYS D 133 -34.08 37.98 6.10
CA CYS D 133 -34.88 38.93 6.87
C CYS D 133 -34.06 40.19 7.08
N GLN D 134 -34.70 41.20 7.66
CA GLN D 134 -34.06 42.48 7.95
C GLN D 134 -33.57 42.57 9.38
N HIS D 135 -33.58 41.47 10.12
CA HIS D 135 -33.11 41.49 11.50
C HIS D 135 -31.61 41.74 11.55
N LYS D 136 -31.15 42.27 12.69
CA LYS D 136 -29.75 42.58 12.88
C LYS D 136 -28.86 41.34 12.95
N GLN D 137 -29.45 40.15 13.03
CA GLN D 137 -28.67 38.92 13.10
C GLN D 137 -27.97 38.59 11.79
N ARG D 138 -28.34 39.24 10.69
CA ARG D 138 -27.73 38.99 9.39
C ARG D 138 -26.75 40.09 8.98
N ARG D 139 -26.55 41.10 9.81
CA ARG D 139 -25.63 42.18 9.49
C ARG D 139 -24.19 41.78 9.82
N CYS D 140 -23.25 42.65 9.45
CA CYS D 140 -21.84 42.43 9.68
C CYS D 140 -21.36 43.24 10.88
N SER D 141 -20.17 42.88 11.37
CA SER D 141 -19.57 43.56 12.51
C SER D 141 -18.06 43.37 12.44
N LEU D 142 -17.37 43.77 13.50
CA LEU D 142 -15.91 43.64 13.54
C LEU D 142 -15.48 42.18 13.46
N ALA D 143 -16.32 41.26 13.94
CA ALA D 143 -15.96 39.85 13.90
C ALA D 143 -15.84 39.34 12.48
N SER D 144 -16.71 39.84 11.59
CA SER D 144 -16.68 39.40 10.19
C SER D 144 -15.60 40.11 9.40
N VAL D 145 -15.24 41.33 9.79
CA VAL D 145 -14.21 42.11 9.10
C VAL D 145 -12.86 41.57 9.56
N GLU D 146 -12.23 40.75 8.72
CA GLU D 146 -10.93 40.15 9.04
C GLU D 146 -9.78 40.89 8.34
N MET D 147 -9.91 42.20 8.16
CA MET D 147 -8.86 42.98 7.52
C MET D 147 -7.67 43.22 8.42
N SER D 148 -7.79 42.96 9.73
CA SER D 148 -6.70 43.16 10.67
C SER D 148 -6.24 41.84 11.27
N ALA D 149 -6.29 40.76 10.49
CA ALA D 149 -5.87 39.44 10.94
C ALA D 149 -6.69 39.00 12.15
N VAL D 150 -8.01 38.97 11.97
CA VAL D 150 -8.94 38.56 13.01
C VAL D 150 -9.18 37.05 12.89
N ALA D 151 -9.34 36.41 14.04
CA ALA D 151 -9.57 34.97 14.06
C ALA D 151 -10.92 34.65 13.42
N PRO D 152 -11.11 33.41 12.98
CA PRO D 152 -12.39 33.02 12.37
C PRO D 152 -13.53 33.18 13.36
N PRO D 153 -14.78 33.16 12.89
CA PRO D 153 -15.92 33.27 13.81
C PRO D 153 -15.92 32.14 14.81
N PRO D 154 -15.84 32.45 16.11
CA PRO D 154 -15.88 31.38 17.12
C PRO D 154 -17.14 30.54 17.00
N ALA D 155 -16.96 29.26 16.69
CA ALA D 155 -18.09 28.35 16.53
C ALA D 155 -17.64 26.95 16.95
N SER D 156 -18.62 26.13 17.35
CA SER D 156 -18.34 24.76 17.78
C SER D 156 -18.01 23.84 16.62
N ASN D 157 -18.11 24.31 15.37
CA ASN D 157 -17.82 23.49 14.21
C ASN D 157 -16.34 23.21 14.03
N GLY D 158 -15.47 23.80 14.85
CA GLY D 158 -14.05 23.59 14.74
C GLY D 158 -13.24 24.86 14.89
N ASN D 159 -13.84 26.00 14.53
CA ASN D 159 -13.14 27.27 14.64
C ASN D 159 -12.77 27.57 16.08
N LEU D 160 -13.68 27.28 17.02
CA LEU D 160 -13.40 27.52 18.43
C LEU D 160 -12.26 26.63 18.92
N LEU D 161 -12.31 25.34 18.56
CA LEU D 161 -11.24 24.43 18.96
C LEU D 161 -9.90 24.87 18.40
N TYR D 162 -9.89 25.35 17.16
CA TYR D 162 -8.65 25.84 16.56
C TYR D 162 -8.13 27.07 17.30
N ILE D 163 -9.01 28.06 17.51
CA ILE D 163 -8.60 29.28 18.22
C ILE D 163 -8.09 28.95 19.62
N GLY D 164 -8.63 27.89 20.23
CA GLY D 164 -8.21 27.51 21.56
C GLY D 164 -6.86 26.81 21.58
N PHE D 165 -6.71 25.78 20.74
CA PHE D 165 -5.48 24.99 20.76
C PHE D 165 -4.34 25.72 20.06
N ARG D 166 -4.51 26.03 18.77
CA ARG D 166 -3.45 26.66 17.99
C ARG D 166 -3.19 28.11 18.39
N GLY D 167 -3.95 28.65 19.34
CA GLY D 167 -3.73 30.02 19.77
C GLY D 167 -2.55 30.15 20.70
N LEU D 168 -1.35 29.95 20.16
CA LEU D 168 -0.14 30.06 20.97
C LEU D 168 0.00 31.47 21.53
N ASP D 169 0.51 31.56 22.76
CA ASP D 169 0.70 32.83 23.44
C ASP D 169 -0.60 33.60 23.64
N GLY D 170 -1.74 32.91 23.53
CA GLY D 170 -3.03 33.51 23.69
C GLY D 170 -3.57 33.37 25.09
N VAL D 171 -4.89 33.54 25.22
CA VAL D 171 -5.53 33.42 26.53
C VAL D 171 -5.52 31.98 27.01
N HIS D 172 -5.43 31.02 26.10
CA HIS D 172 -5.43 29.61 26.49
C HIS D 172 -4.10 29.24 27.16
N CYS D 173 -2.99 29.63 26.55
CA CYS D 173 -1.67 29.33 27.09
C CYS D 173 -1.13 30.44 27.99
N VAL D 174 -1.55 31.68 27.77
CA VAL D 174 -1.09 32.81 28.56
C VAL D 174 -2.29 33.69 28.89
N PRO D 175 -3.07 33.36 29.92
CA PRO D 175 -4.24 34.19 30.26
C PRO D 175 -3.88 35.50 30.96
N THR D 176 -3.51 36.48 30.15
CA THR D 176 -3.14 37.80 30.66
C THR D 176 -4.34 38.55 31.23
N PRO D 177 -5.55 38.42 30.66
CA PRO D 177 -6.70 39.13 31.22
C PRO D 177 -6.97 38.68 32.65
N ASP D 178 -7.05 39.64 33.55
CA ASP D 178 -7.31 39.36 34.96
C ASP D 178 -8.73 38.84 35.12
N SER D 179 -8.85 37.53 35.36
CA SER D 179 -10.17 36.93 35.55
C SER D 179 -10.56 36.80 37.01
N GLY D 180 -9.60 36.69 37.91
CA GLY D 180 -9.87 36.57 39.33
C GLY D 180 -10.17 35.17 39.81
N VAL D 181 -9.90 34.15 38.99
CA VAL D 181 -10.16 32.77 39.42
C VAL D 181 -9.09 32.29 40.38
N VAL D 182 -7.90 32.88 40.32
CA VAL D 182 -6.80 32.45 41.19
C VAL D 182 -7.14 32.74 42.65
N CYS D 183 -7.93 33.78 42.92
CA CYS D 183 -8.27 34.15 44.29
C CYS D 183 -9.74 34.52 44.45
N GLY D 184 -10.59 34.26 43.46
CA GLY D 184 -12.00 34.60 43.55
C GLY D 184 -12.90 33.39 43.57
N ARG D 185 -12.46 32.29 42.96
CA ARG D 185 -13.22 31.06 42.89
C ARG D 185 -12.39 29.92 43.47
N MET D 186 -13.08 29.00 44.17
CA MET D 186 -12.43 27.85 44.78
C MET D 186 -12.68 26.55 44.02
N ALA D 187 -13.28 26.64 42.83
CA ALA D 187 -13.55 25.45 42.02
C ALA D 187 -12.24 24.94 41.43
N CYS D 188 -11.68 23.89 42.05
CA CYS D 188 -10.43 23.31 41.61
C CYS D 188 -9.29 24.33 41.59
N SER D 189 -9.39 25.34 42.44
CA SER D 189 -8.38 26.40 42.51
C SER D 189 -8.42 27.09 43.87
N PRO D 190 -7.73 26.54 44.88
CA PRO D 190 -7.74 27.20 46.19
C PRO D 190 -7.24 28.64 46.10
N THR D 191 -7.96 29.54 46.76
CA THR D 191 -7.63 30.96 46.75
C THR D 191 -6.42 31.24 47.64
N HIS D 192 -5.23 31.25 47.04
CA HIS D 192 -3.98 31.55 47.74
C HIS D 192 -3.90 30.81 49.07
N ASP D 193 -4.45 29.60 49.13
CA ASP D 193 -4.43 28.80 50.35
C ASP D 193 -3.08 28.11 50.47
N GLU D 194 -2.18 28.69 51.28
CA GLU D 194 -0.86 28.12 51.48
C GLU D 194 -0.84 26.99 52.51
N HIS D 195 -1.89 26.86 53.31
CA HIS D 195 -1.95 25.83 54.34
C HIS D 195 -2.57 24.53 53.83
N LEU D 196 -3.03 24.49 52.59
CA LEU D 196 -3.63 23.29 52.03
C LEU D 196 -2.53 22.27 51.75
N LEU D 197 -2.37 21.31 52.66
CA LEU D 197 -1.35 20.27 52.53
C LEU D 197 -2.01 18.90 52.52
N HIS D 198 -1.30 17.94 51.94
CA HIS D 198 -1.79 16.56 51.85
C HIS D 198 -1.63 15.88 53.21
N GLY D 199 -2.48 16.29 54.15
CA GLY D 199 -2.44 15.73 55.49
C GLY D 199 -1.13 15.95 56.19
N GLY D 200 -0.51 17.11 56.00
CA GLY D 200 0.77 17.46 56.62
C GLY D 200 1.88 17.69 55.62
N GLN D 201 1.86 16.97 54.49
CA GLN D 201 2.87 17.10 53.46
C GLN D 201 2.31 17.81 52.23
N PRO D 202 3.15 18.49 51.47
CA PRO D 202 2.66 19.19 50.27
C PRO D 202 2.29 18.20 49.17
N PRO D 203 1.44 18.59 48.22
CA PRO D 203 1.06 17.65 47.15
C PRO D 203 2.19 17.47 46.15
N GLU D 204 2.85 16.30 46.20
CA GLU D 204 3.90 15.99 45.24
C GLU D 204 4.10 14.48 45.25
N GLY D 205 3.81 13.84 44.13
CA GLY D 205 3.94 12.39 44.03
C GLY D 205 5.35 11.93 43.75
N ASP D 206 5.89 12.33 42.60
CA ASP D 206 7.23 11.90 42.20
C ASP D 206 7.76 12.81 41.10
N PRO D 207 8.96 13.39 41.26
CA PRO D 207 9.52 14.20 40.17
C PRO D 207 9.63 13.45 38.85
N ASP D 208 9.68 12.12 38.87
CA ASP D 208 9.72 11.36 37.63
C ASP D 208 8.40 11.44 36.88
N LEU D 209 7.29 11.60 37.60
CA LEU D 209 6.00 11.77 36.94
C LEU D 209 5.97 13.03 36.10
N ALA D 210 6.70 14.07 36.51
CA ALA D 210 6.79 15.29 35.71
C ALA D 210 7.40 15.00 34.34
N LYS D 211 8.41 14.11 34.30
CA LYS D 211 9.02 13.74 33.03
C LYS D 211 8.16 12.77 32.25
N ILE D 212 7.43 11.87 32.94
CA ILE D 212 6.52 10.97 32.25
C ILE D 212 5.42 11.77 31.56
N LEU D 213 4.91 12.81 32.22
CA LEU D 213 3.89 13.66 31.61
C LEU D 213 4.45 14.41 30.40
N GLU D 214 5.71 14.86 30.49
CA GLU D 214 6.32 15.54 29.35
C GLU D 214 6.47 14.58 28.17
N GLU D 215 6.88 13.34 28.44
CA GLU D 215 7.00 12.36 27.36
C GLU D 215 5.64 12.05 26.76
N VAL D 216 4.59 11.94 27.59
CA VAL D 216 3.26 11.70 27.07
C VAL D 216 2.80 12.87 26.21
N ARG D 217 3.13 14.09 26.63
CA ARG D 217 2.77 15.26 25.83
C ARG D 217 3.52 15.28 24.51
N TYR D 218 4.78 14.86 24.51
CA TYR D 218 5.53 14.78 23.26
C TYR D 218 4.93 13.72 22.34
N ILE D 219 4.49 12.59 22.89
CA ILE D 219 3.85 11.56 22.08
C ILE D 219 2.55 12.10 21.50
N ALA D 220 1.79 12.84 22.31
CA ALA D 220 0.54 13.43 21.82
C ALA D 220 0.82 14.45 20.72
N ASN D 221 1.90 15.22 20.84
CA ASN D 221 2.25 16.17 19.81
C ASN D 221 2.67 15.45 18.52
N ARG D 222 3.36 14.32 18.66
CA ARG D 222 3.71 13.53 17.48
C ARG D 222 2.45 13.01 16.79
N PHE D 223 1.50 12.49 17.57
CA PHE D 223 0.25 12.02 17.00
C PHE D 223 -0.51 13.16 16.33
N ARG D 224 -0.46 14.36 16.93
CA ARG D 224 -1.13 15.51 16.35
C ARG D 224 -0.48 15.92 15.04
N CYS D 225 0.86 15.86 14.97
CA CYS D 225 1.55 16.15 13.71
C CYS D 225 1.20 15.13 12.64
N GLN D 226 1.10 13.86 13.02
CA GLN D 226 0.66 12.83 12.06
C GLN D 226 -0.74 13.12 11.56
N ASP D 227 -1.65 13.48 12.47
CA ASP D 227 -3.02 13.81 12.08
C ASP D 227 -3.04 15.03 11.17
N GLU D 228 -2.17 16.00 11.43
CA GLU D 228 -2.10 17.19 10.58
C GLU D 228 -1.61 16.84 9.19
N SER D 229 -0.60 15.97 9.09
CA SER D 229 -0.15 15.51 7.79
C SER D 229 -1.25 14.77 7.04
N GLU D 230 -1.99 13.91 7.75
CA GLU D 230 -3.11 13.21 7.13
C GLU D 230 -4.17 14.18 6.64
N ALA D 231 -4.46 15.22 7.43
CA ALA D 231 -5.45 16.21 7.03
C ALA D 231 -4.97 17.01 5.83
N VAL D 232 -3.67 17.29 5.76
CA VAL D 232 -3.12 17.99 4.59
C VAL D 232 -3.26 17.12 3.35
N CYS D 233 -2.96 15.82 3.47
CA CYS D 233 -3.15 14.92 2.34
C CYS D 233 -4.61 14.85 1.92
N SER D 234 -5.52 14.82 2.89
CA SER D 234 -6.94 14.79 2.58
C SER D 234 -7.38 16.08 1.88
N GLU D 235 -6.85 17.22 2.32
CA GLU D 235 -7.16 18.48 1.66
C GLU D 235 -6.63 18.51 0.24
N TRP D 236 -5.43 17.96 0.03
CA TRP D 236 -4.88 17.89 -1.33
C TRP D 236 -5.77 17.01 -2.22
N LYS D 237 -6.20 15.86 -1.70
CA LYS D 237 -7.05 14.98 -2.50
C LYS D 237 -8.41 15.62 -2.76
N PHE D 238 -8.94 16.39 -1.81
CA PHE D 238 -10.18 17.10 -2.03
C PHE D 238 -10.02 18.17 -3.09
N ALA D 239 -8.90 18.91 -3.06
CA ALA D 239 -8.64 19.91 -4.09
C ALA D 239 -8.51 19.26 -5.46
N ALA D 240 -7.91 18.06 -5.53
CA ALA D 240 -7.82 17.35 -6.80
C ALA D 240 -9.20 16.90 -7.28
N CYS D 241 -10.01 16.37 -6.37
CA CYS D 241 -11.37 15.97 -6.74
C CYS D 241 -12.20 17.15 -7.20
N VAL D 242 -11.96 18.33 -6.63
CA VAL D 242 -12.68 19.52 -7.05
C VAL D 242 -12.40 19.82 -8.51
N VAL D 243 -11.11 19.82 -8.89
CA VAL D 243 -10.74 20.08 -10.28
C VAL D 243 -11.27 18.98 -11.19
N ASP D 244 -11.24 17.73 -10.71
CA ASP D 244 -11.77 16.64 -11.51
C ASP D 244 -13.26 16.83 -11.80
N ARG D 245 -14.04 17.18 -10.77
CA ARG D 245 -15.47 17.40 -10.96
C ARG D 245 -15.73 18.61 -11.84
N LEU D 246 -14.93 19.67 -11.69
CA LEU D 246 -15.09 20.84 -12.54
C LEU D 246 -14.85 20.48 -14.01
N CYS D 247 -13.78 19.73 -14.28
CA CYS D 247 -13.50 19.30 -15.64
C CYS D 247 -14.61 18.40 -16.18
N LEU D 248 -15.13 17.50 -15.34
CA LEU D 248 -16.22 16.63 -15.78
C LEU D 248 -17.45 17.44 -16.15
N MET D 249 -17.80 18.43 -15.32
CA MET D 249 -18.97 19.26 -15.60
C MET D 249 -18.76 20.09 -16.85
N ALA D 250 -17.53 20.58 -17.07
CA ALA D 250 -17.25 21.39 -18.24
C ALA D 250 -17.26 20.55 -19.52
N PHE D 251 -16.87 19.28 -19.43
CA PHE D 251 -16.81 18.40 -20.58
C PHE D 251 -18.13 17.69 -20.87
N SER D 252 -19.03 17.62 -19.89
CA SER D 252 -20.32 16.99 -20.13
C SER D 252 -21.08 17.71 -21.24
N VAL D 253 -21.15 19.04 -21.17
CA VAL D 253 -21.86 19.81 -22.18
C VAL D 253 -21.19 19.67 -23.54
N PHE D 254 -19.85 19.65 -23.56
CA PHE D 254 -19.14 19.48 -24.82
C PHE D 254 -19.44 18.13 -25.45
N THR D 255 -19.43 17.06 -24.65
CA THR D 255 -19.73 15.74 -25.17
C THR D 255 -21.18 15.67 -25.65
N ILE D 256 -22.10 16.31 -24.93
CA ILE D 256 -23.50 16.32 -25.35
C ILE D 256 -23.65 17.02 -26.68
N ILE D 257 -22.99 18.17 -26.85
CA ILE D 257 -23.06 18.91 -28.10
C ILE D 257 -22.45 18.09 -29.23
N CYS D 258 -21.34 17.39 -28.96
CA CYS D 258 -20.72 16.57 -29.99
C CYS D 258 -21.64 15.42 -30.40
N THR D 259 -22.29 14.78 -29.43
CA THR D 259 -23.21 13.70 -29.75
C THR D 259 -24.40 14.21 -30.54
N ILE D 260 -24.91 15.40 -30.20
CA ILE D 260 -26.02 15.97 -30.93
C ILE D 260 -25.61 16.30 -32.37
N GLY D 261 -24.40 16.83 -32.55
CA GLY D 261 -23.94 17.15 -33.89
C GLY D 261 -23.69 15.91 -34.73
N ILE D 262 -23.18 14.84 -34.10
CA ILE D 262 -22.97 13.59 -34.83
C ILE D 262 -24.29 13.03 -35.33
N LEU D 263 -25.37 13.25 -34.58
CA LEU D 263 -26.68 12.78 -35.02
C LEU D 263 -27.28 13.71 -36.08
N MET D 264 -27.10 15.02 -35.92
CA MET D 264 -27.62 15.96 -36.91
C MET D 264 -26.85 15.86 -38.22
N SER D 265 -25.58 15.46 -38.17
CA SER D 265 -24.75 15.33 -39.37
C SER D 265 -24.77 13.91 -39.93
N ALA D 266 -25.72 13.08 -39.52
CA ALA D 266 -25.79 11.72 -40.03
C ALA D 266 -26.01 11.66 -41.53
N PRO D 267 -26.89 12.45 -42.13
CA PRO D 267 -27.07 12.37 -43.60
C PRO D 267 -25.79 12.61 -44.38
N ASN D 268 -24.80 13.30 -43.81
CA ASN D 268 -23.56 13.56 -44.52
C ASN D 268 -22.65 12.33 -44.49
N PHE D 269 -22.42 11.77 -43.31
CA PHE D 269 -21.57 10.59 -43.20
C PHE D 269 -22.32 9.32 -43.58
N VAL D 270 -23.47 9.09 -42.97
CA VAL D 270 -24.27 7.91 -43.25
C VAL D 270 -25.04 8.11 -44.56
N LEU E 7 -18.22 -27.60 -38.59
CA LEU E 7 -17.09 -27.47 -39.50
C LEU E 7 -15.89 -26.87 -38.79
N TYR E 8 -14.74 -26.88 -39.46
CA TYR E 8 -13.53 -26.31 -38.87
C TYR E 8 -13.71 -24.85 -38.52
N TYR E 9 -14.33 -24.08 -39.42
CA TYR E 9 -14.55 -22.66 -39.17
C TYR E 9 -15.43 -22.45 -37.94
N GLY E 10 -16.54 -23.19 -37.85
CA GLY E 10 -17.41 -23.05 -36.70
C GLY E 10 -16.76 -23.52 -35.41
N LEU E 11 -16.01 -24.63 -35.47
CA LEU E 11 -15.32 -25.12 -34.28
C LEU E 11 -14.29 -24.10 -33.80
N ASN E 12 -13.63 -23.42 -34.73
CA ASN E 12 -12.63 -22.42 -34.34
C ASN E 12 -13.29 -21.16 -33.81
N LEU E 13 -14.45 -20.78 -34.37
CA LEU E 13 -15.13 -19.57 -33.93
C LEU E 13 -15.93 -19.77 -32.65
N LEU E 14 -16.23 -21.01 -32.28
CA LEU E 14 -17.02 -21.25 -31.07
C LEU E 14 -16.18 -21.18 -29.79
N ILE E 15 -14.87 -21.37 -29.88
CA ILE E 15 -14.01 -21.37 -28.71
C ILE E 15 -13.85 -19.95 -28.19
N PRO E 16 -13.56 -18.96 -29.05
CA PRO E 16 -13.50 -17.57 -28.55
C PRO E 16 -14.75 -17.13 -27.82
N CYS E 17 -15.92 -17.65 -28.20
CA CYS E 17 -17.16 -17.27 -27.52
C CYS E 17 -17.12 -17.69 -26.06
N VAL E 18 -16.87 -18.97 -25.80
CA VAL E 18 -16.81 -19.45 -24.42
C VAL E 18 -15.64 -18.80 -23.68
N LEU E 19 -14.55 -18.51 -24.38
CA LEU E 19 -13.41 -17.85 -23.74
C LEU E 19 -13.81 -16.47 -23.24
N ILE E 20 -14.46 -15.69 -24.09
CA ILE E 20 -14.90 -14.34 -23.69
C ILE E 20 -15.94 -14.44 -22.59
N SER E 21 -16.82 -15.44 -22.65
CA SER E 21 -17.82 -15.61 -21.60
C SER E 21 -17.16 -15.87 -20.25
N ALA E 22 -16.18 -16.78 -20.23
CA ALA E 22 -15.47 -17.08 -18.99
C ALA E 22 -14.70 -15.87 -18.49
N LEU E 23 -14.09 -15.12 -19.41
CA LEU E 23 -13.36 -13.91 -19.01
C LEU E 23 -14.29 -12.89 -18.38
N ALA E 24 -15.46 -12.67 -18.99
CA ALA E 24 -16.43 -11.74 -18.42
C ALA E 24 -16.91 -12.22 -17.05
N LEU E 25 -17.21 -13.52 -16.93
CA LEU E 25 -17.65 -14.05 -15.64
C LEU E 25 -16.58 -13.84 -14.57
N LEU E 26 -15.32 -14.10 -14.90
CA LEU E 26 -14.24 -13.92 -13.93
C LEU E 26 -14.04 -12.45 -13.59
N VAL E 27 -14.25 -11.55 -14.55
CA VAL E 27 -14.12 -10.12 -14.27
C VAL E 27 -15.23 -9.67 -13.33
N PHE E 28 -16.44 -10.21 -13.52
CA PHE E 28 -17.55 -9.87 -12.62
C PHE E 28 -17.35 -10.48 -11.24
N LEU E 29 -16.70 -11.64 -11.16
CA LEU E 29 -16.48 -12.31 -9.89
C LEU E 29 -15.32 -11.70 -9.10
N LEU E 30 -14.72 -10.62 -9.58
CA LEU E 30 -13.60 -10.02 -8.87
C LEU E 30 -14.08 -9.39 -7.56
N PRO E 31 -13.41 -9.65 -6.43
CA PRO E 31 -13.82 -8.99 -5.18
C PRO E 31 -13.66 -7.48 -5.25
N ALA E 32 -14.09 -6.78 -4.19
CA ALA E 32 -14.00 -5.32 -4.14
C ALA E 32 -12.55 -4.93 -3.86
N ASP E 33 -11.73 -5.04 -4.90
CA ASP E 33 -10.32 -4.67 -4.83
C ASP E 33 -10.17 -3.20 -5.17
N SER E 34 -8.94 -2.75 -5.37
CA SER E 34 -8.67 -1.35 -5.70
C SER E 34 -9.05 -1.09 -7.16
N GLY E 35 -8.73 0.11 -7.65
CA GLY E 35 -9.06 0.47 -9.02
C GLY E 35 -8.48 -0.47 -10.06
N GLU E 36 -7.49 -1.28 -9.70
CA GLU E 36 -6.88 -2.20 -10.64
C GLU E 36 -7.92 -3.05 -11.36
N LYS E 37 -9.08 -3.25 -10.74
CA LYS E 37 -10.16 -3.99 -11.38
C LYS E 37 -10.40 -3.47 -12.80
N ILE E 38 -10.55 -2.15 -12.94
CA ILE E 38 -10.78 -1.57 -14.26
C ILE E 38 -9.65 -1.94 -15.20
N SER E 39 -8.40 -1.83 -14.73
CA SER E 39 -7.25 -2.17 -15.56
C SER E 39 -7.39 -3.56 -16.16
N LEU E 40 -8.12 -4.45 -15.49
CA LEU E 40 -8.37 -5.78 -16.05
C LEU E 40 -9.51 -5.73 -17.06
N GLY E 41 -10.63 -5.12 -16.68
CA GLY E 41 -11.78 -5.09 -17.57
C GLY E 41 -11.43 -4.55 -18.95
N ILE E 42 -10.87 -3.34 -19.00
CA ILE E 42 -10.49 -2.75 -20.28
C ILE E 42 -9.58 -3.71 -21.05
N THR E 43 -8.70 -4.41 -20.34
CA THR E 43 -7.81 -5.35 -21.02
C THR E 43 -8.60 -6.34 -21.86
N VAL E 44 -9.70 -6.88 -21.31
CA VAL E 44 -10.54 -7.79 -22.07
C VAL E 44 -10.97 -7.14 -23.38
N LEU E 45 -11.47 -5.90 -23.28
CA LEU E 45 -11.89 -5.18 -24.49
C LEU E 45 -10.77 -5.15 -25.52
N LEU E 46 -9.52 -4.98 -25.05
CA LEU E 46 -8.39 -4.96 -25.98
C LEU E 46 -8.39 -6.22 -26.85
N SER E 47 -8.52 -7.39 -26.21
CA SER E 47 -8.56 -8.64 -26.97
C SER E 47 -9.62 -8.58 -28.06
N LEU E 48 -10.79 -8.00 -27.75
CA LEU E 48 -11.84 -7.87 -28.75
C LEU E 48 -11.34 -7.13 -29.98
N THR E 49 -10.67 -5.99 -29.76
CA THR E 49 -10.15 -5.21 -30.89
C THR E 49 -9.25 -6.05 -31.79
N VAL E 50 -8.66 -7.11 -31.26
CA VAL E 50 -7.88 -8.03 -32.10
C VAL E 50 -8.80 -9.03 -32.76
N PHE E 51 -9.68 -9.67 -31.99
CA PHE E 51 -10.58 -10.67 -32.53
C PHE E 51 -11.38 -10.12 -33.71
N MET E 52 -12.11 -9.03 -33.47
CA MET E 52 -12.88 -8.41 -34.54
C MET E 52 -12.00 -8.09 -35.73
N LEU E 53 -10.72 -7.74 -35.50
CA LEU E 53 -9.81 -7.47 -36.60
C LEU E 53 -9.77 -8.64 -37.58
N LEU E 54 -9.63 -9.85 -37.06
CA LEU E 54 -9.65 -11.03 -37.91
C LEU E 54 -10.97 -11.10 -38.69
N VAL E 55 -12.09 -10.82 -38.02
CA VAL E 55 -13.38 -10.85 -38.69
C VAL E 55 -13.41 -9.85 -39.84
N ALA E 56 -12.61 -8.78 -39.74
CA ALA E 56 -12.53 -7.78 -40.79
C ALA E 56 -11.50 -8.11 -41.86
N GLU E 57 -10.62 -9.08 -41.61
CA GLU E 57 -9.58 -9.44 -42.57
C GLU E 57 -10.08 -10.45 -43.60
N ILE E 58 -10.60 -11.58 -43.13
CA ILE E 58 -11.03 -12.64 -44.05
C ILE E 58 -12.43 -12.38 -44.58
N MET E 59 -13.25 -11.65 -43.83
CA MET E 59 -14.63 -11.36 -44.23
C MET E 59 -14.97 -9.93 -43.85
N PRO E 60 -14.49 -8.95 -44.62
CA PRO E 60 -14.81 -7.55 -44.32
C PRO E 60 -16.30 -7.31 -44.27
N SER E 61 -16.70 -6.30 -43.49
CA SER E 61 -18.11 -5.98 -43.33
C SER E 61 -18.71 -5.34 -44.58
N THR E 62 -17.89 -4.93 -45.55
CA THR E 62 -18.43 -4.32 -46.76
C THR E 62 -19.20 -5.32 -47.61
N SER E 63 -18.87 -6.61 -47.49
CA SER E 63 -19.53 -7.66 -48.24
C SER E 63 -20.15 -8.75 -47.38
N ASP E 64 -19.57 -9.06 -46.22
CA ASP E 64 -20.08 -10.10 -45.34
C ASP E 64 -21.31 -9.56 -44.61
N SER E 65 -22.47 -9.72 -45.24
CA SER E 65 -23.74 -9.26 -44.67
C SER E 65 -24.28 -10.36 -43.76
N SER E 66 -23.69 -10.46 -42.57
CA SER E 66 -24.06 -11.46 -41.58
C SER E 66 -24.78 -10.78 -40.43
N PRO E 67 -26.11 -10.65 -40.48
CA PRO E 67 -26.82 -9.99 -39.37
C PRO E 67 -26.88 -10.82 -38.10
N SER E 68 -26.39 -12.06 -38.12
CA SER E 68 -26.39 -12.90 -36.93
C SER E 68 -25.17 -12.68 -36.05
N ILE E 69 -24.02 -12.38 -36.65
CA ILE E 69 -22.81 -12.14 -35.86
C ILE E 69 -22.78 -10.72 -35.33
N ALA E 70 -23.44 -9.78 -36.02
CA ALA E 70 -23.47 -8.41 -35.54
C ALA E 70 -24.17 -8.30 -34.19
N GLN E 71 -25.30 -9.00 -34.04
CA GLN E 71 -26.01 -8.98 -32.77
C GLN E 71 -25.16 -9.59 -31.66
N TYR E 72 -24.46 -10.68 -31.95
CA TYR E 72 -23.60 -11.30 -30.96
C TYR E 72 -22.48 -10.37 -30.54
N PHE E 73 -21.85 -9.70 -31.50
CA PHE E 73 -20.78 -8.75 -31.18
C PHE E 73 -21.32 -7.58 -30.36
N ALA E 74 -22.52 -7.09 -30.70
CA ALA E 74 -23.11 -6.00 -29.95
C ALA E 74 -23.41 -6.42 -28.51
N SER E 75 -23.91 -7.65 -28.33
CA SER E 75 -24.19 -8.14 -26.98
C SER E 75 -22.91 -8.32 -26.20
N THR E 76 -21.84 -8.82 -26.85
CA THR E 76 -20.57 -9.00 -26.15
C THR E 76 -19.98 -7.67 -25.74
N MET E 77 -20.02 -6.68 -26.62
CA MET E 77 -19.51 -5.36 -26.27
C MET E 77 -20.27 -4.78 -25.07
N ILE E 78 -21.59 -4.94 -25.07
CA ILE E 78 -22.40 -4.42 -23.96
C ILE E 78 -22.06 -5.15 -22.67
N ILE E 79 -21.87 -6.47 -22.75
CA ILE E 79 -21.62 -7.25 -21.53
C ILE E 79 -20.24 -6.94 -20.98
N VAL E 80 -19.27 -6.61 -21.85
CA VAL E 80 -17.94 -6.27 -21.35
C VAL E 80 -17.90 -4.82 -20.87
N GLY E 81 -18.74 -3.95 -21.42
CA GLY E 81 -18.83 -2.59 -20.91
C GLY E 81 -19.55 -2.48 -19.60
N LEU E 82 -20.56 -3.32 -19.39
CA LEU E 82 -21.24 -3.34 -18.09
C LEU E 82 -20.30 -3.73 -16.97
N SER E 83 -19.34 -4.62 -17.25
CA SER E 83 -18.35 -4.99 -16.23
C SER E 83 -17.50 -3.80 -15.84
N VAL E 84 -17.04 -3.02 -16.84
CA VAL E 84 -16.25 -1.84 -16.54
C VAL E 84 -17.07 -0.81 -15.77
N VAL E 85 -18.35 -0.67 -16.14
CA VAL E 85 -19.23 0.26 -15.44
C VAL E 85 -19.39 -0.16 -13.98
N VAL E 86 -19.57 -1.46 -13.74
CA VAL E 86 -19.72 -1.95 -12.37
C VAL E 86 -18.44 -1.74 -11.58
N THR E 87 -17.28 -1.98 -12.21
CA THR E 87 -16.01 -1.76 -11.52
C THR E 87 -15.84 -0.28 -11.17
N VAL E 88 -16.21 0.62 -12.08
CA VAL E 88 -16.10 2.05 -11.80
C VAL E 88 -17.03 2.44 -10.67
N ILE E 89 -18.25 1.89 -10.66
CA ILE E 89 -19.20 2.20 -9.60
C ILE E 89 -18.68 1.71 -8.25
N VAL E 90 -18.07 0.52 -8.25
CA VAL E 90 -17.50 -0.02 -7.01
C VAL E 90 -16.35 0.85 -6.53
N LEU E 91 -15.49 1.28 -7.44
CA LEU E 91 -14.38 2.15 -7.06
C LEU E 91 -14.89 3.47 -6.50
N GLN E 92 -15.95 4.02 -7.10
CA GLN E 92 -16.53 5.26 -6.60
C GLN E 92 -17.11 5.08 -5.21
N TYR E 93 -17.87 4.00 -5.01
CA TYR E 93 -18.44 3.74 -3.69
C TYR E 93 -17.36 3.51 -2.65
N HIS E 94 -16.22 2.93 -3.05
CA HIS E 94 -15.13 2.72 -2.11
C HIS E 94 -14.44 4.03 -1.76
N HIS E 95 -14.17 4.87 -2.77
CA HIS E 95 -13.53 6.15 -2.52
C HIS E 95 -14.46 7.10 -1.77
N HIS E 96 -15.72 7.17 -2.19
CA HIS E 96 -16.72 8.03 -1.55
C HIS E 96 -16.26 9.49 -1.57
N ASP E 97 -16.07 10.01 -2.78
CA ASP E 97 -15.63 11.38 -2.98
C ASP E 97 -16.63 12.35 -2.33
N PRO E 98 -16.25 13.03 -1.24
CA PRO E 98 -17.19 13.98 -0.63
C PRO E 98 -17.58 15.13 -1.53
N ASP E 99 -16.69 15.53 -2.45
CA ASP E 99 -16.95 16.62 -3.37
C ASP E 99 -17.60 16.15 -4.68
N GLY E 100 -18.26 15.00 -4.66
CA GLY E 100 -18.91 14.48 -5.85
C GLY E 100 -19.60 13.16 -5.61
N GLY E 101 -19.52 12.25 -6.58
CA GLY E 101 -20.15 10.95 -6.45
C GLY E 101 -21.66 11.04 -6.42
N LYS E 102 -22.24 10.77 -5.25
CA LYS E 102 -23.69 10.82 -5.08
C LYS E 102 -23.98 11.00 -3.60
N MET E 103 -25.26 10.85 -3.23
CA MET E 103 -25.70 11.00 -1.85
C MET E 103 -26.08 9.62 -1.30
N PRO E 104 -25.13 8.87 -0.74
CA PRO E 104 -25.45 7.53 -0.21
C PRO E 104 -26.19 7.53 1.11
N LYS E 105 -26.65 8.68 1.60
CA LYS E 105 -27.39 8.71 2.84
C LYS E 105 -28.70 7.94 2.73
N TRP E 106 -29.35 7.98 1.57
CA TRP E 106 -30.59 7.24 1.38
C TRP E 106 -30.35 5.74 1.27
N THR E 107 -29.18 5.33 0.77
CA THR E 107 -28.84 3.93 0.64
C THR E 107 -28.24 3.34 1.92
N ARG E 108 -27.75 4.18 2.83
CA ARG E 108 -27.21 3.69 4.08
C ARG E 108 -28.27 2.98 4.91
N VAL E 109 -29.53 3.42 4.82
CA VAL E 109 -30.60 2.78 5.57
C VAL E 109 -30.92 1.42 4.98
N ILE E 110 -30.93 1.31 3.65
CA ILE E 110 -31.19 0.03 3.00
C ILE E 110 -30.03 -0.93 3.16
N LEU E 111 -28.81 -0.40 3.36
CA LEU E 111 -27.66 -1.27 3.58
C LEU E 111 -27.81 -2.10 4.84
N LEU E 112 -28.30 -1.48 5.92
CA LEU E 112 -28.50 -2.22 7.17
C LEU E 112 -29.53 -3.33 7.00
N ASN E 113 -30.58 -3.07 6.22
CA ASN E 113 -31.59 -4.09 5.99
C ASN E 113 -31.04 -5.22 5.12
N TRP E 114 -30.26 -4.87 4.09
CA TRP E 114 -29.68 -5.90 3.23
C TRP E 114 -28.67 -6.75 3.99
N CYS E 115 -27.96 -6.16 4.95
CA CYS E 115 -27.00 -6.93 5.74
C CYS E 115 -27.69 -8.10 6.45
N ALA E 116 -28.90 -7.87 6.94
CA ALA E 116 -29.65 -8.94 7.60
C ALA E 116 -30.39 -9.82 6.61
N TRP E 117 -30.82 -9.26 5.48
CA TRP E 117 -31.52 -10.05 4.47
C TRP E 117 -30.60 -11.05 3.81
N PHE E 118 -29.30 -10.74 3.72
CA PHE E 118 -28.34 -11.65 3.10
C PHE E 118 -28.34 -13.00 3.82
N LEU E 119 -28.46 -13.00 5.14
CA LEU E 119 -28.49 -14.24 5.90
C LEU E 119 -29.83 -14.95 5.76
N ARG E 120 -30.92 -14.20 5.73
CA ARG E 120 -32.26 -14.76 5.58
C ARG E 120 -33.01 -13.93 4.54
N MET E 121 -33.21 -14.50 3.35
CA MET E 121 -33.88 -13.78 2.29
C MET E 121 -35.29 -13.37 2.71
N LYS E 122 -35.77 -12.26 2.15
CA LYS E 122 -37.09 -11.75 2.45
C LYS E 122 -38.21 -12.51 1.74
N ARG E 123 -37.87 -13.52 0.95
CA ARG E 123 -38.89 -14.28 0.23
C ARG E 123 -39.60 -15.24 1.18
N PRO E 124 -40.78 -15.72 0.79
CA PRO E 124 -41.50 -16.65 1.67
C PRO E 124 -40.73 -17.92 1.97
N GLY E 125 -39.93 -18.42 1.02
CA GLY E 125 -39.18 -19.63 1.25
C GLY E 125 -38.30 -19.58 2.49
N GLU E 126 -37.80 -18.40 2.83
CA GLU E 126 -36.97 -18.23 4.01
C GLU E 126 -37.72 -17.66 5.21
N ASP E 127 -38.84 -16.98 4.98
CA ASP E 127 -39.61 -16.42 6.08
C ASP E 127 -40.52 -17.45 6.72
N LYS E 128 -40.94 -18.47 5.98
CA LYS E 128 -41.82 -19.50 6.51
C LYS E 128 -41.06 -20.62 7.22
N VAL E 129 -39.83 -20.90 6.80
CA VAL E 129 -39.03 -21.96 7.41
C VAL E 129 -38.26 -21.33 8.56
N ARG E 130 -38.91 -21.26 9.71
CA ARG E 130 -38.30 -20.72 10.92
C ARG E 130 -39.27 -20.93 12.08
N PRO E 131 -38.78 -20.86 13.32
CA PRO E 131 -39.67 -21.02 14.47
C PRO E 131 -40.79 -19.99 14.46
N ALA E 132 -42.03 -20.47 14.59
CA ALA E 132 -43.19 -19.60 14.60
C ALA E 132 -44.22 -20.16 15.57
N CYS E 133 -44.66 -19.32 16.50
CA CYS E 133 -45.64 -19.71 17.50
C CYS E 133 -46.52 -18.51 17.83
N GLN E 134 -47.54 -18.76 18.65
CA GLN E 134 -48.47 -17.72 19.07
C GLN E 134 -48.11 -17.13 20.44
N HIS E 135 -46.95 -17.47 20.98
CA HIS E 135 -46.53 -16.95 22.27
C HIS E 135 -46.30 -15.44 22.19
N LYS E 136 -46.42 -14.78 23.35
CA LYS E 136 -46.23 -13.33 23.41
C LYS E 136 -44.79 -12.91 23.16
N GLN E 137 -43.85 -13.86 23.11
CA GLN E 137 -42.45 -13.51 22.87
C GLN E 137 -42.18 -13.04 21.46
N ARG E 138 -43.12 -13.23 20.53
CA ARG E 138 -42.96 -12.81 19.15
C ARG E 138 -43.76 -11.55 18.81
N ARG E 139 -44.46 -10.98 19.78
CA ARG E 139 -45.24 -9.77 19.53
C ARG E 139 -44.35 -8.54 19.61
N CYS E 140 -44.94 -7.39 19.31
CA CYS E 140 -44.25 -6.11 19.32
C CYS E 140 -44.61 -5.33 20.57
N SER E 141 -43.82 -4.31 20.86
CA SER E 141 -44.03 -3.46 22.02
C SER E 141 -43.39 -2.09 21.74
N LEU E 142 -43.34 -1.25 22.77
CA LEU E 142 -42.76 0.09 22.60
C LEU E 142 -41.28 0.01 22.23
N ALA E 143 -40.59 -1.05 22.64
CA ALA E 143 -39.17 -1.17 22.33
C ALA E 143 -38.96 -1.32 20.82
N SER E 144 -39.86 -2.03 20.14
CA SER E 144 -39.72 -2.22 18.70
C SER E 144 -40.22 -1.01 17.92
N VAL E 145 -41.16 -0.25 18.47
CA VAL E 145 -41.69 0.94 17.80
C VAL E 145 -40.68 2.07 18.01
N GLU E 146 -39.87 2.34 16.97
CA GLU E 146 -38.86 3.38 17.02
C GLU E 146 -39.32 4.66 16.34
N MET E 147 -40.62 4.97 16.40
CA MET E 147 -41.14 6.18 15.78
C MET E 147 -40.82 7.44 16.56
N SER E 148 -40.35 7.31 17.81
CA SER E 148 -40.00 8.46 18.65
C SER E 148 -38.51 8.48 18.95
N ALA E 149 -37.69 8.04 18.00
CA ALA E 149 -36.24 8.02 18.16
C ALA E 149 -35.84 7.17 19.37
N VAL E 150 -36.25 5.92 19.34
CA VAL E 150 -35.96 4.95 20.40
C VAL E 150 -34.68 4.23 20.07
N ALA E 151 -33.88 3.93 21.09
CA ALA E 151 -32.62 3.24 20.89
C ALA E 151 -32.87 1.82 20.37
N PRO E 152 -31.86 1.21 19.74
CA PRO E 152 -32.03 -0.15 19.23
C PRO E 152 -32.34 -1.12 20.36
N PRO E 153 -32.80 -2.33 20.05
CA PRO E 153 -33.07 -3.31 21.09
C PRO E 153 -31.82 -3.64 21.89
N PRO E 154 -31.82 -3.38 23.20
CA PRO E 154 -30.64 -3.71 24.01
C PRO E 154 -30.29 -5.19 23.90
N ALA E 155 -29.09 -5.46 23.35
CA ALA E 155 -28.63 -6.83 23.17
C ALA E 155 -27.11 -6.85 23.29
N SER E 156 -26.58 -8.01 23.65
CA SER E 156 -25.14 -8.18 23.80
C SER E 156 -24.40 -8.23 22.47
N ASN E 157 -25.13 -8.24 21.35
CA ASN E 157 -24.50 -8.30 20.04
C ASN E 157 -23.82 -7.00 19.63
N GLY E 158 -23.93 -5.95 20.44
CA GLY E 158 -23.31 -4.68 20.12
C GLY E 158 -24.21 -3.49 20.40
N ASN E 159 -25.53 -3.71 20.30
CA ASN E 159 -26.46 -2.62 20.56
C ASN E 159 -26.34 -2.10 21.97
N LEU E 160 -26.17 -3.00 22.95
CA LEU E 160 -26.03 -2.57 24.34
C LEU E 160 -24.75 -1.77 24.53
N LEU E 161 -23.64 -2.25 23.97
CA LEU E 161 -22.37 -1.53 24.08
C LEU E 161 -22.48 -0.15 23.44
N TYR E 162 -23.17 -0.05 22.31
CA TYR E 162 -23.36 1.25 21.66
C TYR E 162 -24.18 2.18 22.54
N ILE E 163 -25.34 1.70 23.01
CA ILE E 163 -26.19 2.52 23.86
C ILE E 163 -25.45 2.97 25.11
N GLY E 164 -24.52 2.14 25.60
CA GLY E 164 -23.76 2.49 26.79
C GLY E 164 -22.68 3.52 26.52
N PHE E 165 -21.85 3.29 25.51
CA PHE E 165 -20.73 4.18 25.24
C PHE E 165 -21.19 5.47 24.56
N ARG E 166 -21.79 5.34 23.36
CA ARG E 166 -22.20 6.49 22.59
C ARG E 166 -23.38 7.23 23.20
N GLY E 167 -23.94 6.76 24.31
CA GLY E 167 -25.06 7.43 24.94
C GLY E 167 -24.62 8.65 25.74
N LEU E 168 -24.17 9.68 25.03
CA LEU E 168 -23.73 10.90 25.70
C LEU E 168 -24.88 11.53 26.47
N ASP E 169 -24.57 12.11 27.63
CA ASP E 169 -25.55 12.75 28.49
C ASP E 169 -26.62 11.78 28.97
N GLY E 170 -26.36 10.48 28.87
CA GLY E 170 -27.30 9.46 29.29
C GLY E 170 -27.05 8.98 30.70
N VAL E 171 -27.60 7.80 31.01
CA VAL E 171 -27.43 7.23 32.34
C VAL E 171 -25.98 6.81 32.57
N HIS E 172 -25.24 6.51 31.49
CA HIS E 172 -23.86 6.08 31.65
C HIS E 172 -22.97 7.24 32.08
N CYS E 173 -23.11 8.39 31.42
CA CYS E 173 -22.30 9.56 31.75
C CYS E 173 -22.98 10.48 32.74
N VAL E 174 -24.31 10.48 32.79
CA VAL E 174 -25.05 11.34 33.71
C VAL E 174 -26.18 10.52 34.32
N PRO E 175 -25.92 9.73 35.37
CA PRO E 175 -26.99 8.91 35.98
C PRO E 175 -27.94 9.72 36.84
N THR E 176 -28.92 10.35 36.18
CA THR E 176 -29.92 11.16 36.85
C THR E 176 -30.88 10.30 37.68
N PRO E 177 -31.24 9.10 37.23
CA PRO E 177 -32.15 8.28 38.05
C PRO E 177 -31.53 7.95 39.41
N ASP E 178 -32.27 8.24 40.46
CA ASP E 178 -31.80 7.99 41.82
C ASP E 178 -31.73 6.49 42.05
N SER E 179 -30.51 5.94 42.09
CA SER E 179 -30.32 4.52 42.31
C SER E 179 -30.04 4.19 43.77
N GLY E 180 -29.44 5.12 44.52
CA GLY E 180 -29.14 4.88 45.91
C GLY E 180 -27.83 4.17 46.18
N VAL E 181 -26.97 4.03 45.17
CA VAL E 181 -25.69 3.36 45.39
C VAL E 181 -24.70 4.27 46.12
N VAL E 182 -24.89 5.59 46.02
CA VAL E 182 -23.97 6.51 46.69
C VAL E 182 -24.05 6.38 48.19
N CYS E 183 -25.22 5.99 48.72
CA CYS E 183 -25.39 5.85 50.17
C CYS E 183 -26.17 4.61 50.56
N GLY E 184 -26.39 3.66 49.65
CA GLY E 184 -27.14 2.47 49.94
C GLY E 184 -26.29 1.20 49.86
N ARG E 185 -25.25 1.23 49.03
CA ARG E 185 -24.36 0.10 48.85
C ARG E 185 -22.93 0.53 49.13
N MET E 186 -22.15 -0.37 49.73
CA MET E 186 -20.77 -0.11 50.07
C MET E 186 -19.79 -0.81 49.14
N ALA E 187 -20.28 -1.41 48.05
CA ALA E 187 -19.41 -2.09 47.09
C ALA E 187 -18.65 -1.05 46.28
N CYS E 188 -17.39 -0.83 46.65
CA CYS E 188 -16.54 0.16 45.97
C CYS E 188 -17.17 1.54 45.98
N SER E 189 -17.96 1.84 47.01
CA SER E 189 -18.62 3.13 47.12
C SER E 189 -18.98 3.41 48.58
N PRO E 190 -18.08 3.98 49.36
CA PRO E 190 -18.41 4.29 50.76
C PRO E 190 -19.63 5.19 50.85
N THR E 191 -20.53 4.83 51.77
CA THR E 191 -21.78 5.57 51.97
C THR E 191 -21.47 6.83 52.75
N HIS E 192 -21.21 7.93 52.01
CA HIS E 192 -20.93 9.23 52.58
C HIS E 192 -19.96 9.15 53.75
N ASP E 193 -19.01 8.23 53.68
CA ASP E 193 -18.01 8.05 54.74
C ASP E 193 -16.91 9.09 54.56
N GLU E 194 -17.00 10.17 55.32
CA GLU E 194 -16.01 11.24 55.24
C GLU E 194 -14.76 10.94 56.05
N HIS E 195 -14.81 9.97 56.97
CA HIS E 195 -13.68 9.63 57.81
C HIS E 195 -12.76 8.59 57.18
N LEU E 196 -13.12 8.07 56.01
CA LEU E 196 -12.29 7.08 55.32
C LEU E 196 -11.06 7.77 54.75
N LEU E 197 -9.94 7.66 55.46
CA LEU E 197 -8.68 8.27 55.06
C LEU E 197 -7.62 7.20 54.86
N HIS E 198 -6.63 7.52 54.03
CA HIS E 198 -5.52 6.60 53.75
C HIS E 198 -4.56 6.60 54.95
N GLY E 199 -5.01 5.99 56.03
CA GLY E 199 -4.21 5.92 57.24
C GLY E 199 -3.85 7.26 57.81
N GLY E 200 -4.78 8.22 57.77
CA GLY E 200 -4.58 9.56 58.28
C GLY E 200 -4.65 10.64 57.21
N GLN E 201 -4.22 10.32 55.99
CA GLN E 201 -4.23 11.26 54.89
C GLN E 201 -5.32 10.90 53.87
N PRO E 202 -5.85 11.87 53.14
CA PRO E 202 -6.88 11.57 52.15
C PRO E 202 -6.31 10.84 50.95
N PRO E 203 -7.13 10.10 50.20
CA PRO E 203 -6.59 9.40 49.03
C PRO E 203 -6.26 10.34 47.88
N GLU E 204 -4.97 10.58 47.65
CA GLU E 204 -4.54 11.42 46.53
C GLU E 204 -3.08 11.10 46.26
N GLY E 205 -2.79 10.55 45.09
CA GLY E 205 -1.44 10.19 44.73
C GLY E 205 -0.62 11.36 44.21
N ASP E 206 -1.05 11.94 43.09
CA ASP E 206 -0.31 13.04 42.47
C ASP E 206 -1.22 13.79 41.51
N PRO E 207 -1.35 15.12 41.64
CA PRO E 207 -2.15 15.86 40.65
C PRO E 207 -1.70 15.65 39.22
N ASP E 208 -0.44 15.25 39.00
CA ASP E 208 0.01 14.98 37.63
C ASP E 208 -0.63 13.72 37.07
N LEU E 209 -0.99 12.78 37.94
CA LEU E 209 -1.68 11.58 37.48
C LEU E 209 -3.03 11.91 36.87
N ALA E 210 -3.68 12.97 37.35
CA ALA E 210 -4.94 13.40 36.74
C ALA E 210 -4.74 13.82 35.29
N LYS E 211 -3.61 14.46 34.99
CA LYS E 211 -3.31 14.84 33.62
C LYS E 211 -2.83 13.66 32.80
N ILE E 212 -2.10 12.72 33.40
CA ILE E 212 -1.69 11.52 32.68
C ILE E 212 -2.91 10.71 32.27
N LEU E 213 -3.91 10.61 33.15
CA LEU E 213 -5.14 9.90 32.82
C LEU E 213 -5.88 10.61 31.70
N GLU E 214 -5.90 11.94 31.72
CA GLU E 214 -6.56 12.68 30.64
C GLU E 214 -5.86 12.44 29.30
N GLU E 215 -4.53 12.43 29.31
CA GLU E 215 -3.79 12.16 28.08
C GLU E 215 -4.04 10.74 27.59
N VAL E 216 -4.11 9.78 28.51
CA VAL E 216 -4.41 8.40 28.12
C VAL E 216 -5.81 8.30 27.53
N ARG E 217 -6.77 9.04 28.11
CA ARG E 217 -8.12 9.04 27.57
C ARG E 217 -8.17 9.68 26.19
N TYR E 218 -7.38 10.74 25.97
CA TYR E 218 -7.31 11.34 24.65
C TYR E 218 -6.71 10.38 23.64
N ILE E 219 -5.68 9.64 24.04
CA ILE E 219 -5.09 8.64 23.14
C ILE E 219 -6.11 7.54 22.82
N ALA E 220 -6.87 7.12 23.82
CA ALA E 220 -7.91 6.12 23.59
C ALA E 220 -8.98 6.65 22.66
N ASN E 221 -9.35 7.93 22.79
CA ASN E 221 -10.32 8.52 21.89
C ASN E 221 -9.78 8.60 20.47
N ARG E 222 -8.49 8.89 20.32
CA ARG E 222 -7.88 8.90 18.99
C ARG E 222 -7.92 7.50 18.37
N PHE E 223 -7.58 6.48 19.17
CA PHE E 223 -7.65 5.11 18.67
C PHE E 223 -9.08 4.73 18.31
N ARG E 224 -10.06 5.20 19.09
CA ARG E 224 -11.46 4.91 18.80
C ARG E 224 -11.90 5.59 17.51
N CYS E 225 -11.43 6.82 17.26
CA CYS E 225 -11.75 7.51 16.02
C CYS E 225 -11.12 6.79 14.83
N GLN E 226 -9.89 6.30 14.99
CA GLN E 226 -9.27 5.50 13.94
C GLN E 226 -10.06 4.23 13.65
N ASP E 227 -10.50 3.54 14.72
CA ASP E 227 -11.31 2.34 14.54
C ASP E 227 -12.64 2.67 13.87
N GLU E 228 -13.22 3.82 14.18
CA GLU E 228 -14.47 4.22 13.56
C GLU E 228 -14.27 4.51 12.07
N SER E 229 -13.16 5.16 11.71
CA SER E 229 -12.86 5.38 10.30
C SER E 229 -12.66 4.05 9.57
N GLU E 230 -11.96 3.11 10.22
CA GLU E 230 -11.77 1.79 9.62
C GLU E 230 -13.10 1.08 9.43
N ALA E 231 -14.00 1.19 10.41
CA ALA E 231 -15.31 0.56 10.31
C ALA E 231 -16.15 1.21 9.21
N VAL E 232 -16.02 2.52 9.04
CA VAL E 232 -16.72 3.20 7.96
C VAL E 232 -16.21 2.73 6.61
N CYS E 233 -14.89 2.58 6.47
CA CYS E 233 -14.34 2.06 5.23
C CYS E 233 -14.81 0.63 4.97
N SER E 234 -14.87 -0.19 6.02
CA SER E 234 -15.35 -1.55 5.87
C SER E 234 -16.82 -1.58 5.47
N GLU E 235 -17.63 -0.68 6.03
CA GLU E 235 -19.03 -0.60 5.65
C GLU E 235 -19.17 -0.17 4.20
N TRP E 236 -18.34 0.77 3.75
CA TRP E 236 -18.37 1.18 2.34
C TRP E 236 -18.01 0.02 1.43
N LYS E 237 -16.96 -0.73 1.79
CA LYS E 237 -16.58 -1.87 0.96
C LYS E 237 -17.64 -2.96 0.96
N PHE E 238 -18.33 -3.14 2.09
CA PHE E 238 -19.42 -4.11 2.14
C PHE E 238 -20.59 -3.65 1.27
N ALA E 239 -20.90 -2.36 1.30
CA ALA E 239 -21.96 -1.84 0.43
C ALA E 239 -21.61 -2.01 -1.04
N ALA E 240 -20.32 -1.83 -1.37
CA ALA E 240 -19.89 -2.05 -2.75
C ALA E 240 -19.99 -3.51 -3.14
N CYS E 241 -19.57 -4.41 -2.26
CA CYS E 241 -19.68 -5.84 -2.53
C CYS E 241 -21.14 -6.27 -2.67
N VAL E 242 -22.05 -5.62 -1.93
CA VAL E 242 -23.47 -5.95 -2.05
C VAL E 242 -23.96 -5.65 -3.46
N VAL E 243 -23.64 -4.46 -3.98
CA VAL E 243 -24.05 -4.09 -5.33
C VAL E 243 -23.37 -5.00 -6.35
N ASP E 244 -22.11 -5.36 -6.11
CA ASP E 244 -21.42 -6.25 -7.03
C ASP E 244 -22.11 -7.60 -7.11
N ARG E 245 -22.47 -8.16 -5.96
CA ARG E 245 -23.15 -9.46 -5.93
C ARG E 245 -24.53 -9.37 -6.55
N LEU E 246 -25.24 -8.26 -6.30
CA LEU E 246 -26.56 -8.07 -6.91
C LEU E 246 -26.45 -8.04 -8.43
N CYS E 247 -25.47 -7.30 -8.95
CA CYS E 247 -25.30 -7.23 -10.40
C CYS E 247 -24.89 -8.59 -10.96
N LEU E 248 -24.04 -9.32 -10.24
CA LEU E 248 -23.65 -10.65 -10.70
C LEU E 248 -24.85 -11.58 -10.77
N MET E 249 -25.70 -11.55 -9.74
CA MET E 249 -26.89 -12.41 -9.74
C MET E 249 -27.86 -12.00 -10.84
N ALA E 250 -27.98 -10.70 -11.11
CA ALA E 250 -28.89 -10.24 -12.15
C ALA E 250 -28.36 -10.58 -13.54
N PHE E 251 -27.04 -10.62 -13.72
CA PHE E 251 -26.45 -10.91 -15.01
C PHE E 251 -26.25 -12.40 -15.26
N SER E 252 -26.26 -13.23 -14.21
CA SER E 252 -26.12 -14.67 -14.40
C SER E 252 -27.26 -15.21 -15.26
N VAL E 253 -28.50 -14.84 -14.95
CA VAL E 253 -29.64 -15.32 -15.72
C VAL E 253 -29.57 -14.82 -17.16
N PHE E 254 -29.14 -13.57 -17.34
CA PHE E 254 -29.01 -13.02 -18.69
C PHE E 254 -27.98 -13.79 -19.50
N THR E 255 -26.83 -14.08 -18.89
CA THR E 255 -25.79 -14.83 -19.59
C THR E 255 -26.26 -16.25 -19.89
N ILE E 256 -27.01 -16.86 -18.98
CA ILE E 256 -27.53 -18.21 -19.22
C ILE E 256 -28.51 -18.19 -20.39
N ILE E 257 -29.39 -17.19 -20.43
CA ILE E 257 -30.35 -17.09 -21.53
C ILE E 257 -29.62 -16.85 -22.85
N CYS E 258 -28.59 -16.02 -22.83
CA CYS E 258 -27.82 -15.77 -24.05
C CYS E 258 -27.13 -17.03 -24.53
N THR E 259 -26.54 -17.80 -23.62
CA THR E 259 -25.89 -19.05 -24.00
C THR E 259 -26.89 -20.05 -24.55
N ILE E 260 -28.09 -20.10 -23.96
CA ILE E 260 -29.11 -21.02 -24.44
C ILE E 260 -29.59 -20.60 -25.83
N GLY E 261 -29.73 -19.30 -26.06
CA GLY E 261 -30.14 -18.83 -27.38
C GLY E 261 -29.09 -19.06 -28.43
N ILE E 262 -27.81 -18.89 -28.07
CA ILE E 262 -26.73 -19.14 -29.02
C ILE E 262 -26.72 -20.61 -29.45
N LEU E 263 -27.11 -21.52 -28.56
CA LEU E 263 -27.18 -22.93 -28.91
C LEU E 263 -28.43 -23.24 -29.72
N MET E 264 -29.56 -22.63 -29.35
CA MET E 264 -30.80 -22.86 -30.09
C MET E 264 -30.74 -22.24 -31.48
N SER E 265 -29.95 -21.18 -31.66
CA SER E 265 -29.81 -20.51 -32.94
C SER E 265 -28.62 -21.01 -33.74
N ALA E 266 -28.06 -22.17 -33.37
CA ALA E 266 -26.92 -22.71 -34.09
C ALA E 266 -27.23 -23.03 -35.55
N PRO E 267 -28.37 -23.62 -35.90
CA PRO E 267 -28.64 -23.90 -37.32
C PRO E 267 -28.61 -22.65 -38.20
N ASN E 268 -28.84 -21.47 -37.64
CA ASN E 268 -28.82 -20.24 -38.43
C ASN E 268 -27.40 -19.80 -38.72
N PHE E 269 -26.57 -19.69 -37.69
CA PHE E 269 -25.18 -19.27 -37.88
C PHE E 269 -24.32 -20.42 -38.39
N VAL E 270 -24.34 -21.56 -37.68
CA VAL E 270 -23.55 -22.71 -38.08
C VAL E 270 -24.23 -23.43 -39.24
N LEU A 7 14.34 -26.53 -39.20
CA LEU A 7 13.24 -26.64 -38.24
C LEU A 7 12.62 -25.27 -37.97
N TYR A 8 12.55 -24.45 -39.01
CA TYR A 8 11.96 -23.11 -38.88
C TYR A 8 10.48 -23.19 -38.55
N TYR A 9 9.71 -23.84 -39.42
CA TYR A 9 8.27 -23.96 -39.18
C TYR A 9 7.96 -24.68 -37.88
N GLY A 10 8.79 -25.64 -37.49
CA GLY A 10 8.58 -26.38 -36.27
C GLY A 10 8.93 -25.59 -35.03
N LEU A 11 10.12 -24.98 -35.01
CA LEU A 11 10.56 -24.23 -33.85
C LEU A 11 9.69 -22.98 -33.64
N ASN A 12 9.34 -22.29 -34.73
CA ASN A 12 8.56 -21.07 -34.59
C ASN A 12 7.20 -21.33 -33.94
N LEU A 13 6.68 -22.56 -34.07
CA LEU A 13 5.42 -22.92 -33.47
C LEU A 13 5.58 -23.64 -32.13
N LEU A 14 6.75 -24.25 -31.88
CA LEU A 14 6.96 -24.96 -30.63
C LEU A 14 7.40 -24.02 -29.51
N ILE A 15 8.25 -23.04 -29.83
CA ILE A 15 8.76 -22.15 -28.79
C ILE A 15 7.65 -21.30 -28.18
N PRO A 16 6.75 -20.67 -28.95
CA PRO A 16 5.67 -19.89 -28.32
C PRO A 16 4.76 -20.74 -27.44
N CYS A 17 4.49 -21.99 -27.84
CA CYS A 17 3.62 -22.84 -27.03
C CYS A 17 4.24 -23.10 -25.66
N VAL A 18 5.51 -23.54 -25.63
CA VAL A 18 6.16 -23.81 -24.36
C VAL A 18 6.33 -22.52 -23.56
N LEU A 19 6.54 -21.39 -24.22
CA LEU A 19 6.66 -20.12 -23.52
C LEU A 19 5.35 -19.77 -22.82
N ILE A 20 4.23 -19.91 -23.53
CA ILE A 20 2.92 -19.62 -22.94
C ILE A 20 2.62 -20.59 -21.81
N SER A 21 3.02 -21.86 -21.97
CA SER A 21 2.80 -22.84 -20.91
C SER A 21 3.58 -22.47 -19.66
N ALA A 22 4.85 -22.08 -19.83
CA ALA A 22 5.66 -21.68 -18.69
C ALA A 22 5.09 -20.43 -18.03
N LEU A 23 4.61 -19.47 -18.83
CA LEU A 23 4.00 -18.27 -18.27
C LEU A 23 2.76 -18.62 -17.46
N ALA A 24 1.91 -19.50 -17.99
CA ALA A 24 0.71 -19.90 -17.26
C ALA A 24 1.07 -20.62 -15.97
N LEU A 25 2.07 -21.50 -16.01
CA LEU A 25 2.49 -22.20 -14.80
C LEU A 25 3.03 -21.22 -13.77
N LEU A 26 3.79 -20.22 -14.21
CA LEU A 26 4.35 -19.23 -13.29
C LEU A 26 3.26 -18.34 -12.71
N VAL A 27 2.20 -18.07 -13.47
CA VAL A 27 1.11 -17.24 -12.96
C VAL A 27 0.49 -17.88 -11.73
N PHE A 28 0.52 -19.21 -11.64
CA PHE A 28 -0.03 -19.92 -10.50
C PHE A 28 0.93 -19.99 -9.32
N LEU A 29 2.15 -19.44 -9.46
CA LEU A 29 3.13 -19.46 -8.39
C LEU A 29 3.07 -18.21 -7.49
N LEU A 30 2.26 -17.22 -7.85
CA LEU A 30 2.13 -16.02 -7.05
C LEU A 30 1.57 -16.38 -5.68
N PRO A 31 2.35 -16.23 -4.60
CA PRO A 31 1.86 -16.69 -3.28
C PRO A 31 0.70 -15.87 -2.75
N ALA A 32 0.83 -14.55 -2.75
CA ALA A 32 -0.15 -13.68 -2.12
C ALA A 32 -0.70 -12.58 -3.01
N ASP A 33 -0.18 -12.40 -4.23
CA ASP A 33 -0.70 -11.36 -5.12
C ASP A 33 -2.18 -11.60 -5.39
N SER A 34 -3.03 -10.71 -4.88
CA SER A 34 -4.47 -10.90 -4.99
C SER A 34 -5.00 -10.38 -6.33
N GLY A 35 -4.87 -9.08 -6.57
CA GLY A 35 -5.46 -8.46 -7.74
C GLY A 35 -4.65 -8.65 -9.00
N GLU A 36 -3.35 -8.30 -8.94
CA GLU A 36 -2.49 -8.40 -10.12
C GLU A 36 -2.63 -9.76 -10.79
N LYS A 37 -2.79 -10.82 -9.99
CA LYS A 37 -3.01 -12.15 -10.53
C LYS A 37 -4.01 -12.12 -11.67
N ILE A 38 -5.23 -11.68 -11.38
CA ILE A 38 -6.28 -11.61 -12.40
C ILE A 38 -5.76 -10.87 -13.63
N SER A 39 -5.17 -9.70 -13.42
CA SER A 39 -4.60 -8.94 -14.53
C SER A 39 -3.62 -9.79 -15.31
N LEU A 40 -2.67 -10.42 -14.61
CA LEU A 40 -1.73 -11.31 -15.28
C LEU A 40 -2.47 -12.45 -15.98
N GLY A 41 -3.51 -12.98 -15.34
CA GLY A 41 -4.30 -14.02 -15.97
C GLY A 41 -4.83 -13.62 -17.33
N ILE A 42 -5.05 -12.32 -17.54
CA ILE A 42 -5.45 -11.83 -18.85
C ILE A 42 -4.24 -11.41 -19.67
N THR A 43 -3.18 -10.91 -19.02
CA THR A 43 -2.00 -10.46 -19.75
C THR A 43 -1.46 -11.58 -20.64
N VAL A 44 -1.25 -12.76 -20.06
CA VAL A 44 -0.79 -13.90 -20.85
C VAL A 44 -1.72 -14.14 -22.03
N LEU A 45 -3.04 -14.03 -21.79
CA LEU A 45 -3.99 -14.24 -22.87
C LEU A 45 -3.69 -13.34 -24.06
N LEU A 46 -3.28 -12.10 -23.78
CA LEU A 46 -2.92 -11.20 -24.86
C LEU A 46 -1.81 -11.81 -25.74
N SER A 47 -0.75 -12.31 -25.09
CA SER A 47 0.33 -12.94 -25.85
C SER A 47 -0.19 -14.06 -26.73
N LEU A 48 -1.31 -14.69 -26.34
CA LEU A 48 -1.91 -15.72 -27.18
C LEU A 48 -2.64 -15.10 -28.37
N THR A 49 -3.45 -14.07 -28.13
CA THR A 49 -4.22 -13.46 -29.20
C THR A 49 -3.33 -13.05 -30.36
N VAL A 50 -2.30 -12.24 -30.06
CA VAL A 50 -1.36 -11.83 -31.10
C VAL A 50 -0.78 -13.07 -31.79
N PHE A 51 -0.42 -14.08 -31.00
CA PHE A 51 0.13 -15.30 -31.58
C PHE A 51 -0.83 -15.92 -32.58
N MET A 52 -2.13 -15.91 -32.27
CA MET A 52 -3.12 -16.44 -33.20
C MET A 52 -3.02 -15.75 -34.55
N LEU A 53 -2.76 -14.44 -34.55
CA LEU A 53 -2.60 -13.71 -35.81
C LEU A 53 -1.51 -14.33 -36.66
N LEU A 54 -0.39 -14.73 -36.03
CA LEU A 54 0.68 -15.38 -36.78
C LEU A 54 0.18 -16.62 -37.50
N VAL A 55 -0.73 -17.36 -36.85
CA VAL A 55 -1.29 -18.56 -37.48
C VAL A 55 -1.98 -18.19 -38.79
N ALA A 56 -2.68 -17.05 -38.81
CA ALA A 56 -3.35 -16.62 -40.03
C ALA A 56 -2.37 -16.46 -41.18
N GLU A 57 -1.10 -16.16 -40.88
CA GLU A 57 -0.10 -16.04 -41.93
C GLU A 57 0.23 -17.41 -42.53
N ILE A 58 0.27 -18.45 -41.71
CA ILE A 58 0.62 -19.77 -42.19
C ILE A 58 -0.60 -20.63 -42.49
N MET A 59 -1.70 -20.41 -41.77
CA MET A 59 -2.91 -21.21 -41.95
C MET A 59 -4.11 -20.32 -41.67
N PRO A 60 -4.58 -19.57 -42.68
CA PRO A 60 -5.77 -18.73 -42.48
C PRO A 60 -6.96 -19.53 -42.01
N SER A 61 -7.82 -18.88 -41.23
CA SER A 61 -9.00 -19.55 -40.68
C SER A 61 -10.02 -19.90 -41.76
N THR A 62 -9.90 -19.31 -42.95
CA THR A 62 -10.82 -19.58 -44.04
C THR A 62 -10.38 -20.75 -44.91
N SER A 63 -9.24 -21.37 -44.61
CA SER A 63 -8.73 -22.50 -45.38
C SER A 63 -8.55 -23.75 -44.54
N ASP A 64 -8.04 -23.62 -43.31
CA ASP A 64 -7.81 -24.77 -42.44
C ASP A 64 -9.15 -25.26 -41.91
N SER A 65 -9.55 -26.46 -42.32
CA SER A 65 -10.80 -27.07 -41.89
C SER A 65 -10.53 -28.37 -41.13
N SER A 66 -9.48 -28.38 -40.31
CA SER A 66 -9.10 -29.54 -39.53
C SER A 66 -9.37 -29.28 -38.06
N PRO A 67 -10.36 -29.95 -37.44
CA PRO A 67 -10.62 -29.69 -36.01
C PRO A 67 -9.58 -30.31 -35.09
N SER A 68 -8.54 -30.92 -35.67
CA SER A 68 -7.51 -31.54 -34.85
C SER A 68 -6.73 -30.50 -34.05
N ILE A 69 -6.35 -29.40 -34.70
CA ILE A 69 -5.65 -28.33 -33.99
C ILE A 69 -6.63 -27.41 -33.27
N ALA A 70 -7.87 -27.32 -33.77
CA ALA A 70 -8.87 -26.50 -33.12
C ALA A 70 -9.18 -27.02 -31.71
N GLN A 71 -9.17 -28.34 -31.53
CA GLN A 71 -9.41 -28.91 -30.22
C GLN A 71 -8.34 -28.47 -29.23
N TYR A 72 -7.07 -28.55 -29.63
CA TYR A 72 -5.98 -28.13 -28.75
C TYR A 72 -6.03 -26.63 -28.49
N PHE A 73 -6.36 -25.83 -29.50
CA PHE A 73 -6.50 -24.39 -29.30
C PHE A 73 -7.60 -24.08 -28.29
N ALA A 74 -8.75 -24.75 -28.42
CA ALA A 74 -9.84 -24.54 -27.47
C ALA A 74 -9.46 -25.00 -26.08
N SER A 75 -8.71 -26.10 -25.97
CA SER A 75 -8.26 -26.57 -24.67
C SER A 75 -7.34 -25.55 -24.02
N THR A 76 -6.40 -24.99 -24.79
CA THR A 76 -5.49 -23.98 -24.25
C THR A 76 -6.27 -22.74 -23.83
N MET A 77 -7.24 -22.31 -24.65
CA MET A 77 -8.05 -21.15 -24.30
C MET A 77 -8.83 -21.41 -23.02
N ILE A 78 -9.40 -22.60 -22.87
CA ILE A 78 -10.16 -22.92 -21.66
C ILE A 78 -9.24 -22.96 -20.45
N ILE A 79 -8.01 -23.43 -20.63
CA ILE A 79 -7.06 -23.47 -19.53
C ILE A 79 -6.71 -22.05 -19.08
N VAL A 80 -6.36 -21.18 -20.02
CA VAL A 80 -6.00 -19.81 -19.67
C VAL A 80 -7.21 -19.05 -19.14
N GLY A 81 -8.42 -19.47 -19.48
CA GLY A 81 -9.61 -18.85 -18.92
C GLY A 81 -9.87 -19.30 -17.50
N LEU A 82 -9.80 -20.62 -17.26
CA LEU A 82 -9.96 -21.15 -15.92
C LEU A 82 -8.86 -20.69 -14.99
N SER A 83 -7.71 -20.28 -15.53
CA SER A 83 -6.70 -19.64 -14.69
C SER A 83 -7.27 -18.42 -13.99
N VAL A 84 -8.08 -17.63 -14.70
CA VAL A 84 -8.69 -16.45 -14.11
C VAL A 84 -9.68 -16.85 -13.03
N VAL A 85 -10.45 -17.92 -13.26
CA VAL A 85 -11.39 -18.40 -12.25
C VAL A 85 -10.63 -18.85 -11.00
N VAL A 86 -9.50 -19.51 -11.19
CA VAL A 86 -8.70 -19.98 -10.06
C VAL A 86 -8.15 -18.79 -9.28
N THR A 87 -7.65 -17.77 -9.98
CA THR A 87 -7.15 -16.58 -9.29
C THR A 87 -8.27 -15.88 -8.53
N VAL A 88 -9.48 -15.84 -9.11
CA VAL A 88 -10.60 -15.20 -8.44
C VAL A 88 -10.99 -15.98 -7.19
N ILE A 89 -10.98 -17.32 -7.28
CA ILE A 89 -11.29 -18.14 -6.11
C ILE A 89 -10.24 -17.94 -5.03
N VAL A 90 -8.97 -17.82 -5.43
CA VAL A 90 -7.90 -17.59 -4.47
C VAL A 90 -8.09 -16.23 -3.79
N LEU A 91 -8.46 -15.22 -4.57
CA LEU A 91 -8.73 -13.90 -3.98
C LEU A 91 -9.89 -13.98 -3.00
N GLN A 92 -10.95 -14.70 -3.35
CA GLN A 92 -12.10 -14.82 -2.46
C GLN A 92 -11.71 -15.52 -1.17
N TYR A 93 -10.89 -16.58 -1.26
CA TYR A 93 -10.44 -17.29 -0.06
C TYR A 93 -9.45 -16.47 0.75
N HIS A 94 -8.75 -15.52 0.11
CA HIS A 94 -7.81 -14.68 0.82
C HIS A 94 -8.47 -13.48 1.49
N HIS A 95 -9.62 -13.03 0.97
CA HIS A 95 -10.33 -11.89 1.51
C HIS A 95 -11.49 -12.28 2.41
N HIS A 96 -12.30 -13.27 2.00
CA HIS A 96 -13.44 -13.72 2.79
C HIS A 96 -14.38 -12.56 3.11
N ASP A 97 -14.94 -11.99 2.04
CA ASP A 97 -15.88 -10.87 2.17
C ASP A 97 -17.03 -11.27 3.09
N PRO A 98 -17.71 -10.30 3.69
CA PRO A 98 -18.82 -10.64 4.60
C PRO A 98 -19.90 -11.44 3.89
N ASP A 99 -20.42 -12.45 4.59
CA ASP A 99 -21.48 -13.31 4.07
C ASP A 99 -21.06 -14.03 2.79
N GLY A 100 -19.75 -14.28 2.65
CA GLY A 100 -19.21 -14.96 1.50
C GLY A 100 -18.23 -16.04 1.92
N GLY A 101 -17.30 -16.33 1.02
CA GLY A 101 -16.29 -17.33 1.27
C GLY A 101 -16.90 -18.71 1.45
N LYS A 102 -16.16 -19.57 2.14
CA LYS A 102 -16.57 -20.94 2.43
C LYS A 102 -16.53 -21.17 3.94
N MET A 103 -17.02 -22.34 4.34
CA MET A 103 -17.06 -22.72 5.75
C MET A 103 -15.64 -22.68 6.33
N PRO A 104 -15.33 -21.74 7.23
CA PRO A 104 -13.97 -21.72 7.79
C PRO A 104 -13.58 -22.99 8.51
N LYS A 105 -14.52 -23.59 9.26
CA LYS A 105 -14.22 -24.80 10.00
C LYS A 105 -13.91 -25.97 9.07
N TRP A 106 -14.57 -26.03 7.91
CA TRP A 106 -14.33 -27.12 6.97
C TRP A 106 -12.93 -27.03 6.39
N THR A 107 -12.47 -25.83 6.05
CA THR A 107 -11.14 -25.65 5.48
C THR A 107 -10.04 -25.64 6.54
N ARG A 108 -10.39 -25.42 7.81
CA ARG A 108 -9.37 -25.36 8.85
C ARG A 108 -8.61 -26.68 8.94
N VAL A 109 -9.33 -27.80 9.04
CA VAL A 109 -8.69 -29.10 9.15
C VAL A 109 -7.95 -29.44 7.86
N ILE A 110 -8.52 -29.09 6.71
CA ILE A 110 -7.86 -29.35 5.44
C ILE A 110 -6.51 -28.65 5.39
N LEU A 111 -6.47 -27.39 5.83
CA LEU A 111 -5.21 -26.64 5.81
C LEU A 111 -4.24 -27.19 6.85
N LEU A 112 -4.73 -27.51 8.05
CA LEU A 112 -3.87 -28.07 9.08
C LEU A 112 -3.28 -29.41 8.69
N ASN A 113 -3.94 -30.14 7.79
CA ASN A 113 -3.39 -31.39 7.28
C ASN A 113 -2.45 -31.17 6.10
N TRP A 114 -2.81 -30.25 5.19
CA TRP A 114 -1.96 -29.99 4.03
C TRP A 114 -0.64 -29.36 4.44
N CYS A 115 -0.62 -28.54 5.50
CA CYS A 115 0.63 -27.96 5.96
C CYS A 115 1.59 -29.05 6.44
N ALA A 116 1.09 -29.98 7.25
CA ALA A 116 1.91 -31.08 7.72
C ALA A 116 2.32 -32.00 6.58
N TRP A 117 1.45 -32.17 5.58
CA TRP A 117 1.81 -32.99 4.43
C TRP A 117 2.95 -32.37 3.63
N PHE A 118 2.83 -31.08 3.33
CA PHE A 118 3.89 -30.39 2.59
C PHE A 118 5.18 -30.36 3.39
N LEU A 119 5.08 -30.17 4.71
CA LEU A 119 6.28 -30.17 5.54
C LEU A 119 6.83 -31.58 5.71
N ARG A 120 5.96 -32.54 6.05
CA ARG A 120 6.36 -33.95 6.21
C ARG A 120 5.26 -34.79 5.57
N MET A 121 5.46 -35.13 4.30
CA MET A 121 4.46 -35.93 3.58
C MET A 121 4.27 -37.28 4.25
N LYS A 122 3.03 -37.76 4.26
CA LYS A 122 2.69 -39.06 4.84
C LYS A 122 3.11 -40.14 3.88
N ARG A 123 4.41 -40.44 3.88
CA ARG A 123 4.99 -41.45 3.03
C ARG A 123 6.04 -42.20 3.82
N PRO A 124 6.46 -43.39 3.35
CA PRO A 124 7.46 -44.15 4.11
C PRO A 124 8.76 -43.40 4.32
N GLY A 125 9.29 -42.75 3.27
CA GLY A 125 10.55 -42.04 3.38
C GLY A 125 10.56 -40.97 4.45
N GLU A 126 9.38 -40.48 4.86
CA GLU A 126 9.28 -39.47 5.90
C GLU A 126 8.69 -40.00 7.19
N ASP A 127 7.98 -41.13 7.15
CA ASP A 127 7.38 -41.71 8.35
C ASP A 127 8.34 -42.64 9.07
N LYS A 128 9.15 -43.39 8.33
CA LYS A 128 10.09 -44.33 8.94
C LYS A 128 11.41 -43.68 9.31
N VAL A 129 11.80 -42.61 8.63
CA VAL A 129 13.06 -41.92 8.90
C VAL A 129 12.76 -40.87 9.98
N ARG A 130 12.80 -41.31 11.24
CA ARG A 130 12.55 -40.43 12.37
C ARG A 130 12.88 -41.14 13.67
N PRO A 131 13.24 -40.42 14.72
CA PRO A 131 13.55 -41.09 15.99
C PRO A 131 12.31 -41.70 16.63
N ALA A 132 12.46 -42.93 17.13
CA ALA A 132 11.37 -43.64 17.76
C ALA A 132 11.94 -44.64 18.76
N CYS A 133 11.11 -44.99 19.74
CA CYS A 133 11.51 -45.94 20.78
C CYS A 133 10.24 -46.51 21.41
N GLN A 134 10.44 -47.47 22.32
CA GLN A 134 9.33 -48.11 23.02
C GLN A 134 8.97 -47.40 24.32
N HIS A 135 9.35 -46.14 24.47
CA HIS A 135 9.06 -45.39 25.67
C HIS A 135 7.72 -44.66 25.53
N LYS A 136 7.21 -44.17 26.66
CA LYS A 136 5.94 -43.46 26.67
C LYS A 136 5.99 -42.14 25.91
N GLN A 137 7.19 -41.66 25.54
CA GLN A 137 7.28 -40.42 24.79
C GLN A 137 6.61 -40.51 23.43
N ARG A 138 6.50 -41.73 22.88
CA ARG A 138 5.87 -41.95 21.59
C ARG A 138 4.48 -42.56 21.72
N ARG A 139 3.93 -42.61 22.93
CA ARG A 139 2.60 -43.17 23.17
C ARG A 139 1.58 -42.06 23.40
N CYS A 140 0.32 -42.45 23.49
CA CYS A 140 -0.79 -41.53 23.70
C CYS A 140 -1.32 -41.68 25.11
N SER A 141 -1.68 -40.55 25.72
CA SER A 141 -2.21 -40.51 27.07
C SER A 141 -3.60 -39.86 27.04
N LEU A 142 -4.21 -39.77 28.23
CA LEU A 142 -5.53 -39.16 28.33
C LEU A 142 -5.51 -37.72 27.83
N ALA A 143 -4.46 -36.97 28.15
CA ALA A 143 -4.39 -35.59 27.72
C ALA A 143 -4.30 -35.48 26.19
N SER A 144 -3.71 -36.49 25.54
CA SER A 144 -3.57 -36.46 24.09
C SER A 144 -4.87 -36.81 23.38
N VAL A 145 -5.72 -37.63 24.01
CA VAL A 145 -6.99 -38.04 23.42
C VAL A 145 -7.95 -36.86 23.56
N GLU A 146 -8.14 -36.12 22.46
CA GLU A 146 -9.02 -34.97 22.45
C GLU A 146 -10.41 -35.31 21.91
N MET A 147 -10.82 -36.58 22.03
CA MET A 147 -12.13 -36.98 21.53
C MET A 147 -13.25 -36.30 22.31
N SER A 148 -13.01 -35.97 23.58
CA SER A 148 -14.01 -35.33 24.43
C SER A 148 -13.59 -33.91 24.80
N ALA A 149 -12.95 -33.21 23.87
CA ALA A 149 -12.50 -31.84 24.09
C ALA A 149 -11.57 -31.75 25.31
N VAL A 150 -10.67 -32.72 25.43
CA VAL A 150 -9.72 -32.73 26.55
C VAL A 150 -8.70 -31.63 26.36
N ALA A 151 -8.24 -31.08 27.48
CA ALA A 151 -7.24 -30.02 27.46
C ALA A 151 -5.98 -30.48 26.73
N PRO A 152 -5.66 -29.91 25.57
CA PRO A 152 -4.46 -30.33 24.84
C PRO A 152 -3.21 -30.12 25.68
N PRO A 153 -2.12 -30.83 25.39
CA PRO A 153 -0.88 -30.63 26.14
C PRO A 153 -0.39 -29.20 26.01
N PRO A 154 -0.23 -28.49 27.12
CA PRO A 154 0.30 -27.11 27.03
C PRO A 154 1.67 -27.09 26.38
N ALA A 155 1.76 -26.44 25.22
CA ALA A 155 3.00 -26.36 24.47
C ALA A 155 3.01 -25.07 23.67
N SER A 156 4.21 -24.66 23.26
CA SER A 156 4.38 -23.45 22.48
C SER A 156 3.93 -23.60 21.04
N ASN A 157 3.45 -24.77 20.64
CA ASN A 157 2.98 -24.99 19.27
C ASN A 157 1.60 -24.39 19.00
N GLY A 158 1.02 -23.69 19.98
CA GLY A 158 -0.28 -23.08 19.79
C GLY A 158 -1.28 -23.48 20.86
N ASN A 159 -0.78 -24.02 21.97
CA ASN A 159 -1.63 -24.43 23.09
C ASN A 159 -1.34 -23.65 24.35
N LEU A 160 -0.08 -23.60 24.79
CA LEU A 160 0.25 -22.87 26.02
C LEU A 160 -0.14 -21.40 25.90
N LEU A 161 0.45 -20.70 24.92
CA LEU A 161 0.13 -19.28 24.76
C LEU A 161 -1.32 -19.08 24.33
N TYR A 162 -1.91 -20.06 23.65
CA TYR A 162 -3.30 -19.93 23.22
C TYR A 162 -4.25 -19.90 24.41
N ILE A 163 -4.05 -20.82 25.37
CA ILE A 163 -4.90 -20.88 26.54
C ILE A 163 -4.82 -19.59 27.35
N GLY A 164 -3.70 -18.86 27.26
CA GLY A 164 -3.54 -17.62 27.99
C GLY A 164 -4.12 -16.43 27.23
N PHE A 165 -3.93 -16.41 25.91
CA PHE A 165 -4.44 -15.30 25.11
C PHE A 165 -5.96 -15.35 25.01
N ARG A 166 -6.53 -16.53 24.80
CA ARG A 166 -7.97 -16.71 24.72
C ARG A 166 -8.56 -17.18 26.05
N GLY A 167 -8.00 -16.75 27.16
CA GLY A 167 -8.47 -17.16 28.47
C GLY A 167 -9.70 -16.40 28.93
N LEU A 168 -10.85 -16.75 28.37
CA LEU A 168 -12.09 -16.10 28.76
C LEU A 168 -12.27 -16.11 30.27
N ASP A 169 -13.01 -15.12 30.77
CA ASP A 169 -13.21 -15.00 32.21
C ASP A 169 -13.82 -16.25 32.82
N GLY A 170 -14.61 -16.99 32.03
CA GLY A 170 -15.27 -18.18 32.53
C GLY A 170 -14.33 -19.30 32.91
N VAL A 171 -13.07 -19.24 32.45
CA VAL A 171 -12.10 -20.29 32.73
C VAL A 171 -10.80 -19.67 33.25
N HIS A 172 -10.65 -18.37 33.10
CA HIS A 172 -9.42 -17.68 33.48
C HIS A 172 -9.58 -16.77 34.69
N CYS A 173 -10.72 -16.09 34.83
CA CYS A 173 -10.95 -15.16 35.92
C CYS A 173 -11.36 -15.85 37.22
N VAL A 174 -11.22 -17.17 37.31
CA VAL A 174 -11.57 -17.91 38.53
C VAL A 174 -10.45 -18.89 38.85
N PRO A 175 -9.23 -18.43 39.13
CA PRO A 175 -8.13 -19.36 39.49
C PRO A 175 -8.11 -19.68 40.98
N THR A 176 -9.16 -20.37 41.44
CA THR A 176 -9.32 -20.73 42.85
C THR A 176 -9.81 -22.17 42.94
N PRO A 177 -8.93 -23.14 42.71
CA PRO A 177 -9.33 -24.54 42.84
C PRO A 177 -9.74 -24.87 44.28
N ASP A 178 -10.26 -26.08 44.45
CA ASP A 178 -10.69 -26.56 45.77
C ASP A 178 -9.49 -27.03 46.59
N SER A 179 -8.57 -26.10 46.82
CA SER A 179 -7.36 -26.38 47.59
C SER A 179 -7.21 -25.39 48.74
N GLY A 180 -7.61 -24.14 48.50
CA GLY A 180 -7.52 -23.12 49.53
C GLY A 180 -6.14 -22.50 49.66
N VAL A 181 -5.38 -22.44 48.56
CA VAL A 181 -4.03 -21.86 48.62
C VAL A 181 -4.09 -20.42 49.12
N VAL A 182 -5.19 -19.72 48.86
CA VAL A 182 -5.34 -18.35 49.32
C VAL A 182 -5.11 -18.24 50.82
N CYS A 183 -5.42 -19.30 51.56
CA CYS A 183 -5.20 -19.35 53.00
C CYS A 183 -4.06 -20.28 53.39
N GLY A 184 -3.46 -20.98 52.43
CA GLY A 184 -2.37 -21.90 52.72
C GLY A 184 -1.04 -21.42 52.18
N ARG A 185 -1.06 -20.75 51.04
CA ARG A 185 0.16 -20.25 50.40
C ARG A 185 0.45 -18.82 50.85
N MET A 186 1.74 -18.49 50.87
CA MET A 186 2.20 -17.16 51.26
C MET A 186 2.91 -16.42 50.15
N ALA A 187 3.54 -17.11 49.21
CA ALA A 187 4.25 -16.46 48.12
C ALA A 187 3.24 -15.77 47.20
N CYS A 188 3.29 -14.43 47.18
CA CYS A 188 2.38 -13.65 46.36
C CYS A 188 0.92 -13.93 46.70
N SER A 189 0.65 -14.31 47.95
CA SER A 189 -0.70 -14.63 48.38
C SER A 189 -0.82 -14.41 49.89
N PRO A 190 -1.15 -13.20 50.33
CA PRO A 190 -1.30 -12.97 51.78
C PRO A 190 -2.32 -13.90 52.40
N THR A 191 -1.99 -14.45 53.57
CA THR A 191 -2.85 -15.38 54.28
C THR A 191 -3.98 -14.60 54.97
N HIS A 192 -4.89 -14.08 54.13
CA HIS A 192 -6.04 -13.31 54.58
C HIS A 192 -5.66 -12.30 55.64
N ASP A 193 -4.45 -11.73 55.54
CA ASP A 193 -3.97 -10.74 56.50
C ASP A 193 -4.61 -9.40 56.17
N GLU A 194 -5.67 -9.05 56.92
CA GLU A 194 -6.36 -7.79 56.71
C GLU A 194 -5.62 -6.60 57.32
N HIS A 195 -4.58 -6.84 58.11
CA HIS A 195 -3.81 -5.77 58.74
C HIS A 195 -2.47 -5.53 58.06
N LEU A 196 -2.25 -6.11 56.88
CA LEU A 196 -1.00 -5.93 56.15
C LEU A 196 -1.01 -4.55 55.49
N LEU A 197 -0.72 -3.54 56.31
CA LEU A 197 -0.70 -2.16 55.85
C LEU A 197 0.70 -1.76 55.39
N HIS A 198 0.75 -0.83 54.43
CA HIS A 198 2.02 -0.34 53.89
C HIS A 198 2.61 0.65 54.89
N GLY A 199 3.19 0.09 55.95
CA GLY A 199 3.81 0.92 56.97
C GLY A 199 2.84 1.87 57.66
N GLY A 200 1.65 1.38 57.99
CA GLY A 200 0.66 2.19 58.67
C GLY A 200 -0.56 2.48 57.81
N GLN A 201 -0.34 2.68 56.51
CA GLN A 201 -1.42 2.96 55.58
C GLN A 201 -1.69 1.74 54.70
N PRO A 202 -2.92 1.58 54.22
CA PRO A 202 -3.23 0.42 53.36
C PRO A 202 -2.56 0.56 52.01
N PRO A 203 -2.38 -0.54 51.28
CA PRO A 203 -1.73 -0.44 49.95
C PRO A 203 -2.64 0.20 48.91
N GLU A 204 -2.35 1.45 48.57
CA GLU A 204 -3.11 2.16 47.54
C GLU A 204 -2.30 3.35 47.09
N GLY A 205 -1.89 3.34 45.82
CA GLY A 205 -1.09 4.42 45.28
C GLY A 205 -1.90 5.63 44.87
N ASP A 206 -2.84 5.44 43.93
CA ASP A 206 -3.64 6.53 43.41
C ASP A 206 -4.90 5.98 42.75
N PRO A 207 -6.10 6.44 43.14
CA PRO A 207 -7.31 6.01 42.42
C PRO A 207 -7.24 6.28 40.93
N ASP A 208 -6.47 7.28 40.50
CA ASP A 208 -6.32 7.54 39.07
C ASP A 208 -5.45 6.49 38.40
N LEU A 209 -4.50 5.90 39.13
CA LEU A 209 -3.69 4.84 38.56
C LEU A 209 -4.54 3.62 38.19
N ALA A 210 -5.60 3.37 38.95
CA ALA A 210 -6.49 2.26 38.62
C ALA A 210 -7.14 2.46 37.25
N LYS A 211 -7.44 3.71 36.90
CA LYS A 211 -8.02 4.00 35.59
C LYS A 211 -6.95 4.05 34.50
N ILE A 212 -5.76 4.52 34.84
CA ILE A 212 -4.66 4.50 33.87
C ILE A 212 -4.33 3.07 33.48
N LEU A 213 -4.33 2.16 34.44
CA LEU A 213 -4.08 0.75 34.14
C LEU A 213 -5.18 0.19 33.24
N GLU A 214 -6.44 0.55 33.51
CA GLU A 214 -7.54 0.06 32.68
C GLU A 214 -7.40 0.59 31.25
N GLU A 215 -7.03 1.85 31.10
CA GLU A 215 -6.86 2.41 29.77
C GLU A 215 -5.70 1.76 29.03
N VAL A 216 -4.59 1.51 29.72
CA VAL A 216 -3.46 0.84 29.10
C VAL A 216 -3.85 -0.58 28.69
N ARG A 217 -4.65 -1.25 29.53
CA ARG A 217 -5.10 -2.60 29.20
C ARG A 217 -6.03 -2.58 27.99
N TYR A 218 -6.88 -1.55 27.88
CA TYR A 218 -7.75 -1.44 26.71
C TYR A 218 -6.93 -1.19 25.45
N ILE A 219 -5.89 -0.36 25.55
CA ILE A 219 -5.01 -0.13 24.41
C ILE A 219 -4.31 -1.43 24.00
N ALA A 220 -3.85 -2.19 25.00
CA ALA A 220 -3.20 -3.47 24.71
C ALA A 220 -4.19 -4.44 24.07
N ASN A 221 -5.44 -4.41 24.50
CA ASN A 221 -6.45 -5.28 23.91
C ASN A 221 -6.74 -4.88 22.46
N ARG A 222 -6.75 -3.58 22.18
CA ARG A 222 -6.91 -3.13 20.80
C ARG A 222 -5.73 -3.58 19.94
N PHE A 223 -4.51 -3.45 20.46
CA PHE A 223 -3.35 -3.92 19.72
C PHE A 223 -3.41 -5.43 19.50
N ARG A 224 -3.91 -6.18 20.48
CA ARG A 224 -4.02 -7.62 20.34
C ARG A 224 -5.11 -7.99 19.34
N CYS A 225 -6.18 -7.21 19.26
CA CYS A 225 -7.20 -7.44 18.23
C CYS A 225 -6.62 -7.18 16.85
N GLN A 226 -5.82 -6.11 16.71
CA GLN A 226 -5.14 -5.87 15.45
C GLN A 226 -4.20 -7.01 15.09
N ASP A 227 -3.47 -7.53 16.08
CA ASP A 227 -2.58 -8.66 15.84
C ASP A 227 -3.37 -9.90 15.43
N GLU A 228 -4.54 -10.12 16.04
CA GLU A 228 -5.38 -11.25 15.65
C GLU A 228 -5.88 -11.09 14.22
N SER A 229 -6.26 -9.87 13.83
CA SER A 229 -6.66 -9.63 12.45
C SER A 229 -5.50 -9.91 11.49
N GLU A 230 -4.29 -9.48 11.86
CA GLU A 230 -3.12 -9.74 11.02
C GLU A 230 -2.84 -11.23 10.92
N ALA A 231 -3.03 -11.97 12.02
CA ALA A 231 -2.81 -13.41 12.00
C ALA A 231 -3.86 -14.11 11.13
N VAL A 232 -5.10 -13.64 11.17
CA VAL A 232 -6.14 -14.18 10.31
C VAL A 232 -5.80 -13.91 8.84
N CYS A 233 -5.30 -12.71 8.56
CA CYS A 233 -4.88 -12.39 7.20
C CYS A 233 -3.73 -13.28 6.75
N SER A 234 -2.80 -13.57 7.66
CA SER A 234 -1.68 -14.45 7.32
C SER A 234 -2.16 -15.88 7.08
N GLU A 235 -3.12 -16.34 7.87
CA GLU A 235 -3.69 -17.67 7.64
C GLU A 235 -4.42 -17.73 6.31
N TRP A 236 -5.13 -16.67 5.95
CA TRP A 236 -5.79 -16.61 4.65
C TRP A 236 -4.76 -16.61 3.52
N LYS A 237 -3.64 -15.91 3.72
CA LYS A 237 -2.57 -15.93 2.73
C LYS A 237 -1.99 -17.33 2.57
N PHE A 238 -1.81 -18.04 3.69
CA PHE A 238 -1.31 -19.41 3.64
C PHE A 238 -2.29 -20.32 2.90
N ALA A 239 -3.58 -20.17 3.18
CA ALA A 239 -4.59 -20.95 2.46
C ALA A 239 -4.56 -20.63 0.97
N ALA A 240 -4.39 -19.36 0.62
CA ALA A 240 -4.31 -18.97 -0.79
C ALA A 240 -3.12 -19.61 -1.47
N CYS A 241 -1.95 -19.57 -0.82
CA CYS A 241 -0.77 -20.18 -1.41
C CYS A 241 -0.93 -21.69 -1.53
N VAL A 242 -1.57 -22.33 -0.55
CA VAL A 242 -1.81 -23.77 -0.63
C VAL A 242 -2.71 -24.09 -1.80
N VAL A 243 -3.79 -23.32 -1.97
CA VAL A 243 -4.70 -23.54 -3.10
C VAL A 243 -3.97 -23.32 -4.42
N ASP A 244 -3.10 -22.33 -4.49
CA ASP A 244 -2.35 -22.06 -5.70
C ASP A 244 -1.42 -23.23 -6.02
N ARG A 245 -0.72 -23.75 -5.02
CA ARG A 245 0.17 -24.89 -5.23
C ARG A 245 -0.61 -26.12 -5.66
N LEU A 246 -1.79 -26.34 -5.06
CA LEU A 246 -2.62 -27.48 -5.45
C LEU A 246 -3.07 -27.35 -6.89
N CYS A 247 -3.51 -26.15 -7.29
CA CYS A 247 -3.94 -25.94 -8.67
C CYS A 247 -2.78 -26.14 -9.63
N LEU A 248 -1.59 -25.67 -9.26
CA LEU A 248 -0.41 -25.86 -10.12
C LEU A 248 -0.09 -27.34 -10.28
N MET A 249 -0.10 -28.09 -9.18
CA MET A 249 0.18 -29.52 -9.26
C MET A 249 -0.87 -30.26 -10.06
N ALA A 250 -2.13 -29.82 -9.98
CA ALA A 250 -3.20 -30.48 -10.73
C ALA A 250 -3.10 -30.16 -12.22
N PHE A 251 -2.71 -28.93 -12.56
CA PHE A 251 -2.63 -28.52 -13.96
C PHE A 251 -1.34 -28.96 -14.63
N SER A 252 -0.30 -29.28 -13.86
CA SER A 252 0.95 -29.75 -14.47
C SER A 252 0.72 -31.03 -15.26
N VAL A 253 0.01 -31.99 -14.67
CA VAL A 253 -0.24 -33.26 -15.36
C VAL A 253 -1.10 -33.03 -16.60
N PHE A 254 -2.08 -32.15 -16.49
CA PHE A 254 -2.93 -31.86 -17.64
C PHE A 254 -2.13 -31.23 -18.77
N THR A 255 -1.24 -30.29 -18.44
CA THR A 255 -0.41 -29.66 -19.46
C THR A 255 0.54 -30.68 -20.09
N ILE A 256 1.09 -31.59 -19.29
CA ILE A 256 1.97 -32.62 -19.83
C ILE A 256 1.21 -33.53 -20.78
N ILE A 257 -0.01 -33.92 -20.39
CA ILE A 257 -0.82 -34.78 -21.25
C ILE A 257 -1.16 -34.06 -22.55
N CYS A 258 -1.49 -32.77 -22.47
CA CYS A 258 -1.80 -32.01 -23.67
C CYS A 258 -0.59 -31.90 -24.59
N THR A 259 0.60 -31.67 -24.01
CA THR A 259 1.80 -31.58 -24.82
C THR A 259 2.12 -32.92 -25.48
N ILE A 260 1.91 -34.02 -24.76
CA ILE A 260 2.17 -35.34 -25.32
C ILE A 260 1.17 -35.62 -26.46
N GLY A 261 -0.08 -35.23 -26.27
CA GLY A 261 -1.08 -35.45 -27.32
C GLY A 261 -0.82 -34.61 -28.55
N ILE A 262 -0.35 -33.37 -28.36
CA ILE A 262 -0.03 -32.51 -29.50
C ILE A 262 1.06 -33.14 -30.36
N LEU A 263 2.00 -33.86 -29.73
CA LEU A 263 3.05 -34.53 -30.48
C LEU A 263 2.56 -35.83 -31.09
N MET A 264 1.73 -36.58 -30.36
CA MET A 264 1.22 -37.84 -30.90
C MET A 264 0.26 -37.61 -32.06
N SER A 265 -0.47 -36.51 -32.05
CA SER A 265 -1.42 -36.19 -33.11
C SER A 265 -0.83 -35.27 -34.17
N ALA A 266 0.48 -35.03 -34.14
CA ALA A 266 1.12 -34.16 -35.11
C ALA A 266 1.03 -34.76 -36.52
N PRO A 267 1.26 -36.06 -36.69
CA PRO A 267 1.15 -36.62 -38.04
C PRO A 267 -0.22 -36.45 -38.66
N ASN A 268 -1.28 -36.43 -37.85
CA ASN A 268 -2.63 -36.27 -38.39
C ASN A 268 -2.84 -34.87 -38.96
N PHE A 269 -2.28 -33.86 -38.30
CA PHE A 269 -2.41 -32.47 -38.72
C PHE A 269 -1.12 -31.91 -39.29
N VAL A 270 -0.01 -32.03 -38.56
CA VAL A 270 1.26 -31.51 -39.02
C VAL A 270 1.89 -32.48 -40.03
N LEU B 7 21.21 2.70 -44.58
CA LEU B 7 21.17 1.69 -43.54
C LEU B 7 19.76 1.56 -42.97
N TYR B 8 18.76 1.71 -43.84
CA TYR B 8 17.36 1.61 -43.41
C TYR B 8 17.06 0.19 -42.92
N TYR B 9 17.24 -0.80 -43.80
CA TYR B 9 16.94 -2.18 -43.43
C TYR B 9 17.77 -2.64 -42.24
N GLY B 10 19.01 -2.15 -42.13
CA GLY B 10 19.87 -2.53 -41.03
C GLY B 10 19.49 -1.87 -39.72
N LEU B 11 19.32 -0.54 -39.75
CA LEU B 11 18.98 0.18 -38.52
C LEU B 11 17.61 -0.21 -38.00
N ASN B 12 16.63 -0.36 -38.90
CA ASN B 12 15.27 -0.70 -38.47
C ASN B 12 15.23 -2.03 -37.72
N LEU B 13 16.16 -2.93 -38.02
CA LEU B 13 16.24 -4.22 -37.33
C LEU B 13 17.22 -4.22 -36.17
N LEU B 14 18.20 -3.31 -36.16
CA LEU B 14 19.17 -3.29 -35.08
C LEU B 14 18.66 -2.50 -33.88
N ILE B 15 17.95 -1.39 -34.11
CA ILE B 15 17.49 -0.57 -33.00
C ILE B 15 16.49 -1.30 -32.12
N PRO B 16 15.47 -1.98 -32.68
CA PRO B 16 14.54 -2.72 -31.80
C PRO B 16 15.22 -3.79 -30.97
N CYS B 17 16.22 -4.48 -31.54
CA CYS B 17 16.90 -5.53 -30.80
C CYS B 17 17.61 -4.96 -29.58
N VAL B 18 18.41 -3.91 -29.78
CA VAL B 18 19.12 -3.31 -28.65
C VAL B 18 18.14 -2.70 -27.67
N LEU B 19 17.02 -2.16 -28.15
CA LEU B 19 16.02 -1.60 -27.25
C LEU B 19 15.42 -2.68 -26.36
N ILE B 20 15.07 -3.82 -26.95
CA ILE B 20 14.50 -4.92 -26.17
C ILE B 20 15.55 -5.47 -25.19
N SER B 21 16.81 -5.52 -25.62
CA SER B 21 17.86 -5.99 -24.73
C SER B 21 18.03 -5.06 -23.53
N ALA B 22 18.02 -3.74 -23.78
CA ALA B 22 18.12 -2.78 -22.68
C ALA B 22 16.92 -2.88 -21.75
N LEU B 23 15.73 -3.07 -22.32
CA LEU B 23 14.54 -3.20 -21.49
C LEU B 23 14.62 -4.45 -20.61
N ALA B 24 15.07 -5.57 -21.19
CA ALA B 24 15.22 -6.79 -20.41
C ALA B 24 16.25 -6.62 -19.30
N LEU B 25 17.38 -5.97 -19.61
CA LEU B 25 18.40 -5.73 -18.61
C LEU B 25 17.88 -4.84 -17.49
N LEU B 26 17.08 -3.83 -17.83
CA LEU B 26 16.53 -2.93 -16.83
C LEU B 26 15.48 -3.62 -15.97
N VAL B 27 14.74 -4.57 -16.55
CA VAL B 27 13.74 -5.31 -15.79
C VAL B 27 14.39 -6.04 -14.62
N PHE B 28 15.65 -6.44 -14.77
CA PHE B 28 16.38 -7.12 -13.71
C PHE B 28 16.96 -6.17 -12.68
N LEU B 29 16.80 -4.86 -12.86
CA LEU B 29 17.33 -3.88 -11.92
C LEU B 29 16.34 -3.49 -10.84
N LEU B 30 15.09 -3.95 -10.92
CA LEU B 30 14.09 -3.62 -9.92
C LEU B 30 14.53 -4.20 -8.57
N PRO B 31 14.85 -3.36 -7.58
CA PRO B 31 15.39 -3.88 -6.32
C PRO B 31 14.38 -4.68 -5.51
N ALA B 32 13.19 -4.14 -5.31
CA ALA B 32 12.21 -4.74 -4.42
C ALA B 32 10.84 -4.97 -5.04
N ASP B 33 10.58 -4.48 -6.25
CA ASP B 33 9.27 -4.67 -6.88
C ASP B 33 8.98 -6.16 -7.03
N SER B 34 7.99 -6.64 -6.27
CA SER B 34 7.69 -8.08 -6.25
C SER B 34 6.77 -8.46 -7.41
N GLY B 35 5.55 -7.91 -7.42
CA GLY B 35 4.56 -8.32 -8.40
C GLY B 35 4.74 -7.68 -9.76
N GLU B 36 4.83 -6.35 -9.79
CA GLU B 36 4.96 -5.64 -11.07
C GLU B 36 6.05 -6.26 -11.93
N LYS B 37 7.14 -6.71 -11.29
CA LYS B 37 8.21 -7.38 -12.02
C LYS B 37 7.65 -8.39 -13.01
N ILE B 38 6.92 -9.38 -12.51
CA ILE B 38 6.34 -10.40 -13.39
C ILE B 38 5.56 -9.74 -14.52
N SER B 39 4.70 -8.78 -14.18
CA SER B 39 3.95 -8.07 -15.21
C SER B 39 4.89 -7.47 -16.23
N LEU B 40 5.91 -6.74 -15.78
CA LEU B 40 6.89 -6.19 -16.70
C LEU B 40 7.58 -7.30 -17.48
N GLY B 41 7.87 -8.41 -16.82
CA GLY B 41 8.47 -9.54 -17.52
C GLY B 41 7.66 -9.98 -18.72
N ILE B 42 6.34 -9.77 -18.68
CA ILE B 42 5.50 -10.06 -19.83
C ILE B 42 5.32 -8.82 -20.70
N THR B 43 5.31 -7.63 -20.10
CA THR B 43 5.11 -6.41 -20.87
C THR B 43 6.13 -6.31 -22.00
N VAL B 44 7.42 -6.46 -21.67
CA VAL B 44 8.45 -6.43 -22.70
C VAL B 44 8.16 -7.46 -23.78
N LEU B 45 7.69 -8.65 -23.39
CA LEU B 45 7.36 -9.68 -24.36
C LEU B 45 6.38 -9.17 -25.41
N LEU B 46 5.41 -8.36 -24.98
CA LEU B 46 4.48 -7.76 -25.93
C LEU B 46 5.22 -6.98 -27.01
N SER B 47 6.14 -6.10 -26.59
CA SER B 47 6.93 -5.33 -27.56
C SER B 47 7.63 -6.24 -28.55
N LEU B 48 7.93 -7.48 -28.15
CA LEU B 48 8.54 -8.43 -29.08
C LEU B 48 7.50 -8.98 -30.05
N THR B 49 6.33 -9.39 -29.54
CA THR B 49 5.31 -9.98 -30.40
C THR B 49 4.97 -9.05 -31.56
N VAL B 50 4.60 -7.81 -31.26
CA VAL B 50 4.32 -6.84 -32.31
C VAL B 50 5.50 -6.74 -33.25
N PHE B 51 6.71 -6.69 -32.70
CA PHE B 51 7.90 -6.60 -33.55
C PHE B 51 7.97 -7.77 -34.53
N MET B 52 7.62 -8.97 -34.06
CA MET B 52 7.62 -10.13 -34.96
C MET B 52 6.73 -9.88 -36.17
N LEU B 53 5.60 -9.20 -35.97
CA LEU B 53 4.72 -8.89 -37.10
C LEU B 53 5.47 -8.11 -38.16
N LEU B 54 6.30 -7.16 -37.75
CA LEU B 54 7.09 -6.38 -38.71
C LEU B 54 7.94 -7.31 -39.57
N VAL B 55 8.48 -8.38 -38.97
CA VAL B 55 9.29 -9.32 -39.72
C VAL B 55 8.47 -9.93 -40.86
N ALA B 56 7.20 -10.21 -40.60
CA ALA B 56 6.34 -10.77 -41.63
C ALA B 56 6.28 -9.86 -42.85
N GLU B 57 6.45 -8.56 -42.65
CA GLU B 57 6.44 -7.63 -43.78
C GLU B 57 7.69 -7.80 -44.64
N ILE B 58 8.83 -8.06 -44.02
CA ILE B 58 10.08 -8.18 -44.76
C ILE B 58 10.43 -9.65 -45.05
N MET B 59 10.03 -10.57 -44.18
CA MET B 59 10.36 -11.99 -44.34
C MET B 59 9.21 -12.81 -43.78
N PRO B 60 8.17 -13.07 -44.58
CA PRO B 60 7.05 -13.88 -44.10
C PRO B 60 7.52 -15.25 -43.63
N SER B 61 6.81 -15.81 -42.65
CA SER B 61 7.17 -17.10 -42.10
C SER B 61 6.94 -18.24 -43.10
N THR B 62 6.20 -18.00 -44.16
CA THR B 62 5.94 -19.02 -45.18
C THR B 62 6.99 -19.05 -46.27
N SER B 63 7.96 -18.14 -46.24
CA SER B 63 9.03 -18.09 -47.23
C SER B 63 10.42 -18.27 -46.64
N ASP B 64 10.69 -17.67 -45.49
CA ASP B 64 12.01 -17.78 -44.86
C ASP B 64 12.17 -19.17 -44.25
N SER B 65 13.05 -19.97 -44.83
CA SER B 65 13.32 -21.32 -44.36
C SER B 65 14.76 -21.46 -43.90
N SER B 66 15.27 -20.43 -43.23
CA SER B 66 16.64 -20.41 -42.72
C SER B 66 16.63 -20.50 -41.20
N PRO B 67 17.05 -21.61 -40.60
CA PRO B 67 17.04 -21.71 -39.13
C PRO B 67 18.13 -20.88 -38.47
N SER B 68 18.89 -20.13 -39.26
CA SER B 68 19.96 -19.31 -38.69
C SER B 68 19.40 -18.21 -37.81
N ILE B 69 18.35 -17.50 -38.28
CA ILE B 69 17.74 -16.46 -37.47
C ILE B 69 16.72 -17.07 -36.50
N ALA B 70 16.16 -18.24 -36.83
CA ALA B 70 15.22 -18.88 -35.93
C ALA B 70 15.88 -19.25 -34.61
N GLN B 71 17.15 -19.66 -34.66
CA GLN B 71 17.86 -20.00 -33.43
C GLN B 71 17.99 -18.78 -32.52
N TYR B 72 18.35 -17.62 -33.09
CA TYR B 72 18.48 -16.42 -32.28
C TYR B 72 17.11 -15.96 -31.76
N PHE B 73 16.07 -16.08 -32.58
CA PHE B 73 14.73 -15.73 -32.12
C PHE B 73 14.31 -16.61 -30.95
N ALA B 74 14.57 -17.92 -31.04
CA ALA B 74 14.21 -18.82 -29.96
C ALA B 74 15.05 -18.53 -28.71
N SER B 75 16.32 -18.18 -28.89
CA SER B 75 17.15 -17.83 -27.75
C SER B 75 16.61 -16.58 -27.05
N THR B 76 16.23 -15.56 -27.82
CA THR B 76 15.67 -14.35 -27.23
C THR B 76 14.36 -14.65 -26.51
N MET B 77 13.51 -15.48 -27.12
CA MET B 77 12.25 -15.85 -26.49
C MET B 77 12.50 -16.59 -25.18
N ILE B 78 13.46 -17.52 -25.18
CA ILE B 78 13.77 -18.27 -23.96
C ILE B 78 14.34 -17.34 -22.89
N ILE B 79 15.11 -16.34 -23.30
CA ILE B 79 15.66 -15.39 -22.34
C ILE B 79 14.55 -14.58 -21.70
N VAL B 80 13.66 -14.02 -22.52
CA VAL B 80 12.56 -13.22 -21.98
C VAL B 80 11.59 -14.07 -21.18
N GLY B 81 11.53 -15.38 -21.44
CA GLY B 81 10.71 -16.26 -20.64
C GLY B 81 11.33 -16.58 -19.30
N LEU B 82 12.62 -16.93 -19.31
CA LEU B 82 13.34 -17.18 -18.07
C LEU B 82 13.44 -15.92 -17.20
N SER B 83 13.29 -14.74 -17.80
CA SER B 83 13.19 -13.53 -17.00
C SER B 83 12.02 -13.63 -16.03
N VAL B 84 10.88 -14.16 -16.49
CA VAL B 84 9.72 -14.31 -15.63
C VAL B 84 10.00 -15.33 -14.53
N VAL B 85 10.71 -16.41 -14.87
CA VAL B 85 11.07 -17.41 -13.86
C VAL B 85 11.96 -16.79 -12.80
N VAL B 86 12.92 -15.95 -13.22
CA VAL B 86 13.81 -15.30 -12.28
C VAL B 86 13.03 -14.34 -11.38
N THR B 87 12.08 -13.60 -11.96
CA THR B 87 11.26 -12.70 -11.16
C THR B 87 10.42 -13.48 -10.15
N VAL B 88 9.88 -14.63 -10.55
CA VAL B 88 9.08 -15.43 -9.64
C VAL B 88 9.95 -15.99 -8.52
N ILE B 89 11.18 -16.41 -8.85
CA ILE B 89 12.08 -16.92 -7.82
C ILE B 89 12.45 -15.80 -6.85
N VAL B 90 12.66 -14.60 -7.36
CA VAL B 90 12.96 -13.46 -6.50
C VAL B 90 11.78 -13.16 -5.58
N LEU B 91 10.55 -13.21 -6.12
CA LEU B 91 9.38 -13.02 -5.30
C LEU B 91 9.29 -14.07 -4.21
N GLN B 92 9.56 -15.33 -4.55
CA GLN B 92 9.50 -16.40 -3.57
C GLN B 92 10.54 -16.20 -2.47
N TYR B 93 11.76 -15.78 -2.84
CA TYR B 93 12.79 -15.53 -1.85
C TYR B 93 12.50 -14.27 -1.03
N HIS B 94 11.71 -13.35 -1.57
CA HIS B 94 11.35 -12.14 -0.83
C HIS B 94 10.17 -12.35 0.11
N HIS B 95 9.30 -13.32 -0.20
CA HIS B 95 8.12 -13.58 0.62
C HIS B 95 8.30 -14.75 1.56
N HIS B 96 8.89 -15.86 1.10
CA HIS B 96 9.11 -17.04 1.91
C HIS B 96 7.80 -17.53 2.53
N ASP B 97 6.88 -17.93 1.66
CA ASP B 97 5.58 -18.43 2.09
C ASP B 97 5.77 -19.60 3.05
N PRO B 98 4.77 -19.90 3.90
CA PRO B 98 4.93 -21.01 4.85
C PRO B 98 5.19 -22.32 4.14
N ASP B 99 6.11 -23.11 4.70
CA ASP B 99 6.45 -24.43 4.17
C ASP B 99 7.00 -24.32 2.75
N GLY B 100 7.61 -23.19 2.41
CA GLY B 100 8.18 -22.96 1.11
C GLY B 100 9.57 -22.36 1.21
N GLY B 101 9.95 -21.62 0.18
CA GLY B 101 11.25 -21.00 0.15
C GLY B 101 12.38 -22.01 0.16
N LYS B 102 13.54 -21.56 0.61
CA LYS B 102 14.73 -22.38 0.70
C LYS B 102 15.28 -22.33 2.12
N MET B 103 16.29 -23.16 2.38
CA MET B 103 16.92 -23.23 3.69
C MET B 103 17.45 -21.85 4.10
N PRO B 104 16.85 -21.21 5.10
CA PRO B 104 17.36 -19.88 5.50
C PRO B 104 18.81 -19.89 5.94
N LYS B 105 19.23 -20.93 6.67
CA LYS B 105 20.60 -21.00 7.15
C LYS B 105 21.59 -21.15 6.00
N TRP B 106 21.20 -21.86 4.94
CA TRP B 106 22.10 -22.03 3.80
C TRP B 106 22.35 -20.71 3.08
N THR B 107 21.30 -19.91 2.90
CA THR B 107 21.43 -18.62 2.22
C THR B 107 21.96 -17.53 3.13
N ARG B 108 21.91 -17.72 4.45
CA ARG B 108 22.39 -16.68 5.36
C ARG B 108 23.87 -16.39 5.14
N VAL B 109 24.69 -17.44 5.13
CA VAL B 109 26.13 -17.25 4.94
C VAL B 109 26.42 -16.73 3.53
N ILE B 110 25.69 -17.23 2.53
CA ILE B 110 25.88 -16.75 1.16
C ILE B 110 25.64 -15.25 1.08
N LEU B 111 24.57 -14.77 1.72
CA LEU B 111 24.27 -13.34 1.69
C LEU B 111 25.28 -12.55 2.51
N LEU B 112 25.67 -13.05 3.67
CA LEU B 112 26.66 -12.36 4.50
C LEU B 112 28.00 -12.27 3.80
N ASN B 113 28.30 -13.18 2.88
CA ASN B 113 29.53 -13.10 2.11
C ASN B 113 29.38 -12.20 0.88
N TRP B 114 28.24 -12.29 0.19
CA TRP B 114 28.03 -11.47 -0.99
C TRP B 114 27.95 -9.99 -0.65
N CYS B 115 27.39 -9.66 0.52
CA CYS B 115 27.33 -8.26 0.93
C CYS B 115 28.73 -7.68 1.11
N ALA B 116 29.60 -8.42 1.81
CA ALA B 116 30.98 -7.96 1.99
C ALA B 116 31.74 -7.94 0.67
N TRP B 117 31.42 -8.86 -0.24
CA TRP B 117 32.07 -8.87 -1.54
C TRP B 117 31.69 -7.62 -2.35
N PHE B 118 30.39 -7.34 -2.45
CA PHE B 118 29.93 -6.16 -3.18
C PHE B 118 30.46 -4.89 -2.53
N LEU B 119 30.52 -4.86 -1.20
CA LEU B 119 31.06 -3.69 -0.51
C LEU B 119 32.57 -3.61 -0.65
N ARG B 120 33.26 -4.72 -0.38
CA ARG B 120 34.72 -4.81 -0.51
C ARG B 120 35.03 -6.16 -1.16
N MET B 121 35.16 -6.15 -2.48
CA MET B 121 35.44 -7.38 -3.21
C MET B 121 36.78 -7.97 -2.78
N LYS B 122 36.83 -9.30 -2.71
CA LYS B 122 38.04 -10.01 -2.31
C LYS B 122 39.00 -10.02 -3.50
N ARG B 123 39.67 -8.90 -3.70
CA ARG B 123 40.63 -8.72 -4.77
C ARG B 123 41.82 -7.93 -4.24
N PRO B 124 42.95 -7.96 -4.96
CA PRO B 124 44.12 -7.22 -4.46
C PRO B 124 43.86 -5.73 -4.28
N GLY B 125 43.22 -5.08 -5.25
CA GLY B 125 42.98 -3.66 -5.17
C GLY B 125 42.19 -3.24 -3.93
N GLU B 126 41.45 -4.16 -3.32
CA GLU B 126 40.70 -3.87 -2.11
C GLU B 126 41.26 -4.54 -0.86
N ASP B 127 42.08 -5.59 -1.02
CA ASP B 127 42.67 -6.28 0.11
C ASP B 127 43.99 -5.64 0.55
N LYS B 128 44.79 -5.15 -0.39
CA LYS B 128 46.07 -4.54 -0.07
C LYS B 128 45.96 -3.06 0.26
N VAL B 129 44.94 -2.38 -0.27
CA VAL B 129 44.75 -0.95 -0.03
C VAL B 129 43.91 -0.83 1.23
N ARG B 130 44.58 -0.86 2.38
CA ARG B 130 43.90 -0.75 3.67
C ARG B 130 44.93 -0.61 4.79
N PRO B 131 44.59 0.03 5.91
CA PRO B 131 45.56 0.17 6.99
C PRO B 131 45.87 -1.17 7.65
N ALA B 132 47.15 -1.40 7.90
CA ALA B 132 47.60 -2.63 8.53
C ALA B 132 48.90 -2.37 9.27
N CYS B 133 49.18 -3.21 10.27
CA CYS B 133 50.39 -3.09 11.07
C CYS B 133 50.65 -4.44 11.73
N GLN B 134 51.78 -4.52 12.44
CA GLN B 134 52.18 -5.73 13.14
C GLN B 134 51.67 -5.78 14.57
N HIS B 135 50.64 -4.98 14.90
CA HIS B 135 50.09 -4.95 16.24
C HIS B 135 48.96 -5.98 16.38
N LYS B 136 48.59 -6.24 17.63
CA LYS B 136 47.53 -7.21 17.91
C LYS B 136 46.17 -6.76 17.39
N GLN B 137 46.03 -5.51 16.96
CA GLN B 137 44.75 -5.05 16.44
C GLN B 137 44.35 -5.80 15.17
N ARG B 138 45.33 -6.32 14.44
CA ARG B 138 45.08 -7.06 13.21
C ARG B 138 45.25 -8.57 13.40
N ARG B 139 45.36 -9.03 14.63
CA ARG B 139 45.52 -10.46 14.93
C ARG B 139 44.22 -11.03 15.45
N CYS B 140 44.21 -12.35 15.62
CA CYS B 140 43.05 -13.08 16.10
C CYS B 140 43.29 -13.56 17.53
N SER B 141 42.27 -13.49 18.36
CA SER B 141 42.33 -13.91 19.75
C SER B 141 41.30 -15.00 20.00
N LEU B 142 41.25 -15.48 21.24
CA LEU B 142 40.31 -16.53 21.60
C LEU B 142 38.86 -16.08 21.36
N ALA B 143 38.56 -14.82 21.68
CA ALA B 143 37.20 -14.32 21.47
C ALA B 143 36.84 -14.28 20.00
N SER B 144 37.83 -14.09 19.12
CA SER B 144 37.54 -14.02 17.69
C SER B 144 37.33 -15.41 17.09
N VAL B 145 37.95 -16.44 17.66
CA VAL B 145 37.82 -17.80 17.16
C VAL B 145 36.46 -18.32 17.61
N GLU B 146 35.49 -18.32 16.69
CA GLU B 146 34.13 -18.77 16.96
C GLU B 146 33.92 -20.22 16.55
N MET B 147 34.99 -21.02 16.49
CA MET B 147 34.85 -22.41 16.09
C MET B 147 34.04 -23.21 17.10
N SER B 148 34.05 -22.81 18.37
CA SER B 148 33.32 -23.48 19.43
C SER B 148 32.21 -22.60 19.99
N ALA B 149 31.57 -21.82 19.12
CA ALA B 149 30.47 -20.93 19.52
C ALA B 149 30.93 -19.98 20.62
N VAL B 150 32.14 -19.43 20.47
CA VAL B 150 32.66 -18.49 21.44
C VAL B 150 31.92 -17.16 21.34
N ALA B 151 31.77 -16.48 22.48
CA ALA B 151 31.10 -15.19 22.53
C ALA B 151 31.77 -14.20 21.58
N PRO B 152 31.11 -13.78 20.51
CA PRO B 152 31.73 -12.82 19.58
C PRO B 152 32.08 -11.53 20.29
N PRO B 153 33.03 -10.76 19.76
CA PRO B 153 33.38 -9.48 20.39
C PRO B 153 32.18 -8.55 20.45
N PRO B 154 31.78 -8.10 21.64
CA PRO B 154 30.66 -7.15 21.73
C PRO B 154 30.95 -5.89 20.94
N ALA B 155 30.13 -5.66 19.90
CA ALA B 155 30.30 -4.50 19.05
C ALA B 155 28.94 -4.10 18.47
N SER B 156 28.85 -2.86 18.01
CA SER B 156 27.62 -2.34 17.43
C SER B 156 27.33 -2.90 16.05
N ASN B 157 28.19 -3.76 15.51
CA ASN B 157 27.99 -4.34 14.19
C ASN B 157 26.93 -5.45 14.19
N GLY B 158 26.30 -5.73 15.32
CA GLY B 158 25.29 -6.76 15.40
C GLY B 158 25.57 -7.78 16.49
N ASN B 159 26.45 -7.44 17.42
CA ASN B 159 26.78 -8.31 18.54
C ASN B 159 26.39 -7.72 19.89
N LEU B 160 26.82 -6.49 20.17
CA LEU B 160 26.50 -5.86 21.45
C LEU B 160 24.99 -5.76 21.64
N LEU B 161 24.32 -5.03 20.75
CA LEU B 161 22.88 -4.88 20.85
C LEU B 161 22.14 -6.20 20.64
N TYR B 162 22.74 -7.12 19.88
CA TYR B 162 22.11 -8.41 19.64
C TYR B 162 22.03 -9.24 20.92
N ILE B 163 23.13 -9.29 21.68
CA ILE B 163 23.16 -10.05 22.92
C ILE B 163 22.14 -9.50 23.92
N GLY B 164 21.81 -8.22 23.82
CA GLY B 164 20.85 -7.61 24.72
C GLY B 164 19.41 -7.80 24.28
N PHE B 165 19.19 -7.70 22.96
CA PHE B 165 17.83 -7.86 22.44
C PHE B 165 17.38 -9.32 22.51
N ARG B 166 18.28 -10.26 22.19
CA ARG B 166 17.98 -11.68 22.25
C ARG B 166 18.50 -12.31 23.54
N GLY B 167 18.48 -11.56 24.65
CA GLY B 167 18.97 -12.06 25.91
C GLY B 167 17.98 -12.94 26.63
N LEU B 168 17.84 -14.18 26.16
CA LEU B 168 16.91 -15.13 26.79
C LEU B 168 17.18 -15.22 28.28
N ASP B 169 16.13 -15.60 29.04
CA ASP B 169 16.25 -15.67 30.48
C ASP B 169 17.36 -16.63 30.92
N GLY B 170 17.64 -17.65 30.12
CA GLY B 170 18.66 -18.62 30.48
C GLY B 170 20.06 -18.07 30.52
N VAL B 171 20.29 -16.90 29.93
CA VAL B 171 21.62 -16.29 29.88
C VAL B 171 21.56 -14.84 30.34
N HIS B 172 20.35 -14.29 30.44
CA HIS B 172 20.16 -12.88 30.80
C HIS B 172 19.52 -12.69 32.15
N CYS B 173 18.55 -13.52 32.52
CA CYS B 173 17.83 -13.37 33.78
C CYS B 173 18.60 -13.92 34.98
N VAL B 174 19.88 -14.22 34.83
CA VAL B 174 20.70 -14.72 35.94
C VAL B 174 22.03 -13.98 35.94
N PRO B 175 22.04 -12.65 36.16
CA PRO B 175 23.33 -11.92 36.21
C PRO B 175 23.93 -11.93 37.61
N THR B 176 24.34 -13.12 38.06
CA THR B 176 24.91 -13.30 39.40
C THR B 176 26.12 -14.23 39.28
N PRO B 177 27.24 -13.73 38.78
CA PRO B 177 28.45 -14.56 38.71
C PRO B 177 28.91 -14.99 40.10
N ASP B 178 29.93 -15.85 40.11
CA ASP B 178 30.50 -16.37 41.36
C ASP B 178 31.45 -15.33 41.97
N SER B 179 30.89 -14.17 42.28
CA SER B 179 31.65 -13.07 42.87
C SER B 179 31.01 -12.54 44.14
N GLY B 180 29.68 -12.51 44.22
CA GLY B 180 29.01 -12.00 45.40
C GLY B 180 28.90 -10.50 45.45
N VAL B 181 28.85 -9.83 44.30
CA VAL B 181 28.75 -8.38 44.28
C VAL B 181 27.49 -7.91 45.01
N VAL B 182 26.45 -8.74 45.02
CA VAL B 182 25.22 -8.37 45.71
C VAL B 182 25.51 -8.03 47.18
N CYS B 183 26.54 -8.64 47.76
CA CYS B 183 26.95 -8.37 49.13
C CYS B 183 28.24 -7.58 49.20
N GLY B 184 28.89 -7.31 48.08
CA GLY B 184 30.14 -6.57 48.07
C GLY B 184 30.01 -5.18 47.47
N ARG B 185 29.13 -5.05 46.47
CA ARG B 185 28.93 -3.78 45.79
C ARG B 185 27.78 -3.01 46.45
N MET B 186 27.87 -1.69 46.37
CA MET B 186 26.86 -0.80 46.93
C MET B 186 26.16 0.07 45.89
N ALA B 187 26.82 0.39 44.78
CA ALA B 187 26.22 1.21 43.73
C ALA B 187 25.08 0.44 43.08
N CYS B 188 23.85 0.90 43.27
CA CYS B 188 22.66 0.25 42.71
C CYS B 188 22.55 -1.20 43.16
N SER B 189 23.06 -1.50 44.34
CA SER B 189 23.02 -2.85 44.89
C SER B 189 23.09 -2.82 46.40
N PRO B 190 21.95 -2.71 47.09
CA PRO B 190 21.98 -2.69 48.56
C PRO B 190 22.65 -3.94 49.12
N THR B 191 23.49 -3.73 50.13
CA THR B 191 24.24 -4.82 50.77
C THR B 191 23.29 -5.58 51.70
N HIS B 192 22.36 -6.31 51.08
CA HIS B 192 21.38 -7.13 51.78
C HIS B 192 20.77 -6.37 52.96
N ASP B 193 20.59 -5.06 52.81
CA ASP B 193 20.02 -4.23 53.87
C ASP B 193 18.51 -4.41 53.86
N GLU B 194 18.00 -5.25 54.76
CA GLU B 194 16.57 -5.49 54.86
C GLU B 194 15.82 -4.38 55.57
N HIS B 195 16.52 -3.43 56.18
CA HIS B 195 15.90 -2.32 56.89
C HIS B 195 15.95 -1.01 56.11
N LEU B 196 16.33 -1.06 54.83
CA LEU B 196 16.39 0.14 54.00
C LEU B 196 14.97 0.54 53.60
N LEU B 197 14.30 1.20 54.53
CA LEU B 197 12.93 1.64 54.32
C LEU B 197 12.91 3.06 53.78
N HIS B 198 11.87 3.36 53.00
CA HIS B 198 11.69 4.69 52.41
C HIS B 198 11.18 5.64 53.48
N GLY B 199 12.09 6.03 54.38
CA GLY B 199 11.76 6.95 55.46
C GLY B 199 10.68 6.41 56.36
N GLY B 200 10.81 5.15 56.78
CA GLY B 200 9.85 4.54 57.68
C GLY B 200 9.05 3.43 57.03
N GLN B 201 8.66 3.63 55.77
CA GLN B 201 7.88 2.65 55.03
C GLN B 201 8.76 1.95 53.99
N PRO B 202 8.45 0.71 53.64
CA PRO B 202 9.25 -0.01 52.64
C PRO B 202 9.07 0.59 51.27
N PRO B 203 10.01 0.35 50.34
CA PRO B 203 9.85 0.92 48.99
C PRO B 203 8.77 0.22 48.19
N GLU B 204 7.63 0.89 48.03
CA GLU B 204 6.53 0.35 47.24
C GLU B 204 5.59 1.49 46.89
N GLY B 205 5.48 1.79 45.60
CA GLY B 205 4.62 2.88 45.15
C GLY B 205 3.16 2.48 45.05
N ASP B 206 2.86 1.50 44.22
CA ASP B 206 1.49 1.06 43.99
C ASP B 206 1.47 -0.35 43.40
N PRO B 207 0.74 -1.29 44.01
CA PRO B 207 0.61 -2.61 43.37
C PRO B 207 0.09 -2.55 41.96
N ASP B 208 -0.68 -1.51 41.61
CA ASP B 208 -1.16 -1.38 40.24
C ASP B 208 -0.05 -0.93 39.31
N LEU B 209 0.95 -0.22 39.82
CA LEU B 209 2.09 0.18 38.98
C LEU B 209 2.87 -1.03 38.51
N ALA B 210 2.93 -2.09 39.32
CA ALA B 210 3.61 -3.30 38.90
C ALA B 210 2.95 -3.91 37.68
N LYS B 211 1.62 -3.81 37.59
CA LYS B 211 0.91 -4.31 36.42
C LYS B 211 0.97 -3.35 35.25
N ILE B 212 0.98 -2.04 35.52
CA ILE B 212 1.15 -1.06 34.44
C ILE B 212 2.50 -1.25 33.77
N LEU B 213 3.55 -1.50 34.56
CA LEU B 213 4.87 -1.75 33.99
C LEU B 213 4.86 -3.01 33.14
N GLU B 214 4.20 -4.07 33.61
CA GLU B 214 4.14 -5.31 32.85
C GLU B 214 3.40 -5.10 31.53
N GLU B 215 2.31 -4.32 31.55
CA GLU B 215 1.56 -4.06 30.33
C GLU B 215 2.38 -3.23 29.35
N VAL B 216 3.10 -2.22 29.87
CA VAL B 216 3.96 -1.41 29.00
C VAL B 216 5.07 -2.26 28.41
N ARG B 217 5.61 -3.19 29.20
CA ARG B 217 6.65 -4.08 28.69
C ARG B 217 6.10 -5.02 27.63
N TYR B 218 4.86 -5.49 27.79
CA TYR B 218 4.25 -6.33 26.77
C TYR B 218 4.01 -5.55 25.49
N ILE B 219 3.60 -4.29 25.61
CA ILE B 219 3.43 -3.44 24.42
C ILE B 219 4.76 -3.23 23.73
N ALA B 220 5.82 -2.99 24.52
CA ALA B 220 7.15 -2.82 23.94
C ALA B 220 7.62 -4.10 23.26
N ASN B 221 7.29 -5.27 23.83
CA ASN B 221 7.65 -6.53 23.21
C ASN B 221 6.90 -6.75 21.91
N ARG B 222 5.64 -6.33 21.85
CA ARG B 222 4.89 -6.41 20.60
C ARG B 222 5.50 -5.50 19.55
N PHE B 223 5.86 -4.27 19.93
CA PHE B 223 6.52 -3.37 19.00
C PHE B 223 7.85 -3.94 18.53
N ARG B 224 8.58 -4.62 19.42
CA ARG B 224 9.86 -5.20 19.04
C ARG B 224 9.68 -6.40 18.12
N CYS B 225 8.60 -7.16 18.31
CA CYS B 225 8.30 -8.24 17.38
C CYS B 225 7.94 -7.69 16.00
N GLN B 226 7.18 -6.59 15.96
CA GLN B 226 6.91 -5.93 14.69
C GLN B 226 8.20 -5.44 14.03
N ASP B 227 9.10 -4.88 14.84
CA ASP B 227 10.39 -4.43 14.29
C ASP B 227 11.22 -5.60 13.77
N GLU B 228 11.17 -6.74 14.47
CA GLU B 228 11.87 -7.92 13.99
C GLU B 228 11.29 -8.41 12.67
N SER B 229 9.97 -8.40 12.54
CA SER B 229 9.34 -8.77 11.28
C SER B 229 9.76 -7.82 10.17
N GLU B 230 9.82 -6.52 10.46
CA GLU B 230 10.26 -5.54 9.47
C GLU B 230 11.71 -5.77 9.08
N ALA B 231 12.55 -6.13 10.04
CA ALA B 231 13.95 -6.40 9.74
C ALA B 231 14.11 -7.67 8.90
N VAL B 232 13.28 -8.68 9.17
CA VAL B 232 13.30 -9.89 8.34
C VAL B 232 12.85 -9.56 6.93
N CYS B 233 11.84 -8.71 6.79
CA CYS B 233 11.41 -8.28 5.47
C CYS B 233 12.50 -7.51 4.74
N SER B 234 13.24 -6.67 5.47
CA SER B 234 14.34 -5.94 4.86
C SER B 234 15.47 -6.86 4.43
N GLU B 235 15.76 -7.88 5.24
CA GLU B 235 16.77 -8.87 4.86
C GLU B 235 16.33 -9.64 3.62
N TRP B 236 15.05 -9.99 3.55
CA TRP B 236 14.54 -10.65 2.36
C TRP B 236 14.63 -9.75 1.13
N LYS B 237 14.36 -8.46 1.31
CA LYS B 237 14.52 -7.50 0.22
C LYS B 237 15.97 -7.42 -0.24
N PHE B 238 16.90 -7.42 0.72
CA PHE B 238 18.32 -7.41 0.36
C PHE B 238 18.71 -8.66 -0.40
N ALA B 239 18.23 -9.82 0.05
CA ALA B 239 18.50 -11.06 -0.67
C ALA B 239 17.91 -11.02 -2.08
N ALA B 240 16.72 -10.45 -2.23
CA ALA B 240 16.09 -10.33 -3.54
C ALA B 240 16.92 -9.45 -4.45
N CYS B 241 17.37 -8.31 -3.96
CA CYS B 241 18.20 -7.42 -4.77
C CYS B 241 19.53 -8.07 -5.13
N VAL B 242 20.11 -8.83 -4.20
CA VAL B 242 21.36 -9.53 -4.50
C VAL B 242 21.14 -10.56 -5.60
N VAL B 243 20.06 -11.32 -5.52
CA VAL B 243 19.76 -12.32 -6.55
C VAL B 243 19.53 -11.63 -7.88
N ASP B 244 18.84 -10.49 -7.88
CA ASP B 244 18.60 -9.76 -9.12
C ASP B 244 19.91 -9.28 -9.74
N ARG B 245 20.80 -8.74 -8.92
CA ARG B 245 22.10 -8.28 -9.43
C ARG B 245 22.91 -9.44 -9.97
N LEU B 246 22.88 -10.59 -9.28
CA LEU B 246 23.60 -11.77 -9.75
C LEU B 246 23.05 -12.24 -11.10
N CYS B 247 21.72 -12.29 -11.23
CA CYS B 247 21.11 -12.69 -12.49
C CYS B 247 21.46 -11.72 -13.61
N LEU B 248 21.47 -10.42 -13.30
CA LEU B 248 21.84 -9.42 -14.30
C LEU B 248 23.28 -9.61 -14.76
N MET B 249 24.19 -9.80 -13.81
CA MET B 249 25.60 -10.01 -14.16
C MET B 249 25.80 -11.29 -14.95
N ALA B 250 25.01 -12.33 -14.66
CA ALA B 250 25.14 -13.59 -15.38
C ALA B 250 24.57 -13.47 -16.79
N PHE B 251 23.48 -12.73 -16.96
CA PHE B 251 22.85 -12.61 -18.26
C PHE B 251 23.52 -11.55 -19.15
N SER B 252 24.30 -10.64 -18.57
CA SER B 252 25.00 -9.65 -19.39
C SER B 252 25.96 -10.32 -20.36
N VAL B 253 26.75 -11.28 -19.86
CA VAL B 253 27.72 -11.96 -20.73
C VAL B 253 26.98 -12.77 -21.80
N PHE B 254 25.87 -13.40 -21.44
CA PHE B 254 25.12 -14.17 -22.42
C PHE B 254 24.55 -13.27 -23.51
N THR B 255 24.02 -12.10 -23.13
CA THR B 255 23.49 -11.17 -24.11
C THR B 255 24.60 -10.64 -25.00
N ILE B 256 25.78 -10.38 -24.44
CA ILE B 256 26.91 -9.91 -25.24
C ILE B 256 27.32 -10.97 -26.24
N ILE B 257 27.38 -12.23 -25.79
CA ILE B 257 27.76 -13.33 -26.69
C ILE B 257 26.72 -13.48 -27.80
N CYS B 258 25.44 -13.36 -27.46
CA CYS B 258 24.39 -13.48 -28.47
C CYS B 258 24.49 -12.35 -29.49
N THR B 259 24.75 -11.12 -29.02
CA THR B 259 24.89 -10.00 -29.94
C THR B 259 26.09 -10.17 -30.85
N ILE B 260 27.20 -10.70 -30.30
CA ILE B 260 28.38 -10.92 -31.12
C ILE B 260 28.12 -12.00 -32.16
N GLY B 261 27.39 -13.05 -31.76
CA GLY B 261 27.09 -14.11 -32.72
C GLY B 261 26.13 -13.66 -33.81
N ILE B 262 25.17 -12.81 -33.46
CA ILE B 262 24.24 -12.29 -34.46
C ILE B 262 25.00 -11.51 -35.53
N LEU B 263 26.08 -10.83 -35.15
CA LEU B 263 26.88 -10.08 -36.12
C LEU B 263 27.81 -11.00 -36.89
N MET B 264 28.39 -12.00 -36.21
CA MET B 264 29.30 -12.92 -36.89
C MET B 264 28.56 -13.81 -37.88
N SER B 265 27.30 -14.14 -37.59
CA SER B 265 26.50 -14.99 -38.47
C SER B 265 25.63 -14.19 -39.42
N ALA B 266 25.81 -12.88 -39.49
CA ALA B 266 25.02 -12.04 -40.37
C ALA B 266 25.26 -12.39 -41.84
N PRO B 267 26.51 -12.61 -42.26
CA PRO B 267 26.73 -12.97 -43.67
C PRO B 267 26.01 -14.25 -44.08
N ASN B 268 25.83 -15.19 -43.16
CA ASN B 268 25.16 -16.44 -43.51
C ASN B 268 23.67 -16.21 -43.79
N PHE B 269 23.04 -15.31 -43.04
CA PHE B 269 21.63 -15.00 -43.20
C PHE B 269 21.39 -13.63 -43.80
N VAL B 270 21.99 -12.59 -43.24
CA VAL B 270 21.81 -11.24 -43.76
C VAL B 270 22.70 -11.02 -44.97
N LEU C 7 -4.83 18.53 -45.64
CA LEU C 7 -3.68 18.20 -44.80
C LEU C 7 -3.89 16.86 -44.09
N TYR C 8 -4.52 15.92 -44.81
CA TYR C 8 -4.76 14.59 -44.23
C TYR C 8 -3.46 13.86 -43.97
N TYR C 9 -2.65 13.66 -45.02
CA TYR C 9 -1.39 12.95 -44.86
C TYR C 9 -0.47 13.64 -43.87
N GLY C 10 -0.51 14.97 -43.82
CA GLY C 10 0.33 15.73 -42.90
C GLY C 10 -0.14 15.66 -41.47
N LEU C 11 -1.43 15.92 -41.24
CA LEU C 11 -1.96 15.90 -39.89
C LEU C 11 -1.92 14.50 -39.29
N ASN C 12 -2.26 13.48 -40.08
CA ASN C 12 -2.28 12.12 -39.56
C ASN C 12 -0.91 11.68 -39.05
N LEU C 13 0.16 12.24 -39.60
CA LEU C 13 1.50 11.93 -39.16
C LEU C 13 2.05 12.92 -38.14
N LEU C 14 1.51 14.13 -38.09
CA LEU C 14 2.01 15.13 -37.14
C LEU C 14 1.36 14.96 -35.77
N ILE C 15 0.06 14.66 -35.72
CA ILE C 15 -0.62 14.55 -34.43
C ILE C 15 -0.08 13.40 -33.60
N PRO C 16 0.13 12.20 -34.13
CA PRO C 16 0.69 11.13 -33.28
C PRO C 16 2.07 11.45 -32.75
N CYS C 17 2.90 12.13 -33.53
CA CYS C 17 4.24 12.47 -33.07
C CYS C 17 4.19 13.40 -31.86
N VAL C 18 3.42 14.49 -31.96
CA VAL C 18 3.31 15.41 -30.84
C VAL C 18 2.63 14.74 -29.65
N LEU C 19 1.68 13.84 -29.91
CA LEU C 19 1.02 13.14 -28.81
C LEU C 19 2.02 12.27 -28.06
N ILE C 20 2.84 11.52 -28.79
CA ILE C 20 3.85 10.67 -28.15
C ILE C 20 4.88 11.53 -27.42
N SER C 21 5.24 12.68 -27.98
CA SER C 21 6.18 13.57 -27.31
C SER C 21 5.61 14.09 -26.01
N ALA C 22 4.34 14.50 -26.02
CA ALA C 22 3.69 14.98 -24.80
C ALA C 22 3.59 13.85 -23.77
N LEU C 23 3.27 12.64 -24.21
CA LEU C 23 3.20 11.51 -23.28
C LEU C 23 4.56 11.23 -22.65
N ALA C 24 5.62 11.26 -23.45
CA ALA C 24 6.96 11.04 -22.92
C ALA C 24 7.34 12.13 -21.93
N LEU C 25 7.03 13.39 -22.25
CA LEU C 25 7.34 14.49 -21.34
C LEU C 25 6.57 14.34 -20.04
N LEU C 26 5.31 13.91 -20.11
CA LEU C 26 4.51 13.74 -18.91
C LEU C 26 4.99 12.56 -18.08
N VAL C 27 5.53 11.53 -18.72
CA VAL C 27 6.04 10.38 -17.97
C VAL C 27 7.16 10.82 -17.04
N PHE C 28 7.90 11.87 -17.40
CA PHE C 28 8.98 12.37 -16.57
C PHE C 28 8.48 13.30 -15.45
N LEU C 29 7.18 13.57 -15.38
CA LEU C 29 6.62 14.45 -14.36
C LEU C 29 6.17 13.70 -13.12
N LEU C 30 6.19 12.37 -13.13
CA LEU C 30 5.78 11.58 -11.98
C LEU C 30 6.72 11.87 -10.81
N PRO C 31 6.24 12.51 -9.74
CA PRO C 31 7.15 12.91 -8.65
C PRO C 31 7.74 11.74 -7.89
N ALA C 32 6.89 10.80 -7.46
CA ALA C 32 7.32 9.73 -6.58
C ALA C 32 6.97 8.32 -7.07
N ASP C 33 6.20 8.18 -8.14
CA ASP C 33 5.84 6.87 -8.64
C ASP C 33 7.09 6.08 -9.00
N SER C 34 7.40 5.04 -8.24
CA SER C 34 8.64 4.29 -8.44
C SER C 34 8.48 3.23 -9.52
N GLY C 35 7.60 2.26 -9.30
CA GLY C 35 7.48 1.14 -10.20
C GLY C 35 6.66 1.43 -11.44
N GLU C 36 5.44 1.96 -11.26
CA GLU C 36 4.57 2.25 -12.39
C GLU C 36 5.32 3.02 -13.48
N LYS C 37 6.20 3.94 -13.07
CA LYS C 37 7.02 4.67 -14.02
C LYS C 37 7.57 3.75 -15.10
N ILE C 38 8.36 2.76 -14.69
CA ILE C 38 8.95 1.83 -15.64
C ILE C 38 7.86 1.26 -16.55
N SER C 39 6.77 0.78 -15.96
CA SER C 39 5.66 0.25 -16.75
C SER C 39 5.20 1.29 -17.77
N LEU C 40 4.93 2.51 -17.31
CA LEU C 40 4.55 3.57 -18.23
C LEU C 40 5.64 3.80 -19.27
N GLY C 41 6.90 3.74 -18.85
CA GLY C 41 8.00 3.89 -19.79
C GLY C 41 7.90 2.92 -20.95
N ILE C 42 7.30 1.75 -20.72
CA ILE C 42 7.07 0.80 -21.80
C ILE C 42 5.69 0.99 -22.42
N THR C 43 4.70 1.42 -21.63
CA THR C 43 3.35 1.60 -22.15
C THR C 43 3.36 2.53 -23.35
N VAL C 44 3.96 3.71 -23.20
CA VAL C 44 4.06 4.65 -24.32
C VAL C 44 4.70 3.96 -25.52
N LEU C 45 5.74 3.15 -25.28
CA LEU C 45 6.40 2.46 -26.38
C LEU C 45 5.40 1.66 -27.20
N LEU C 46 4.43 1.02 -26.53
CA LEU C 46 3.40 0.29 -27.25
C LEU C 46 2.68 1.20 -28.25
N SER C 47 2.26 2.37 -27.81
CA SER C 47 1.59 3.31 -28.71
C SER C 47 2.45 3.62 -29.91
N LEU C 48 3.77 3.52 -29.77
CA LEU C 48 4.66 3.72 -30.92
C LEU C 48 4.65 2.52 -31.84
N THR C 49 4.77 1.31 -31.27
CA THR C 49 4.83 0.10 -32.10
C THR C 49 3.63 0.04 -33.04
N VAL C 50 2.42 0.10 -32.48
CA VAL C 50 1.22 0.09 -33.31
C VAL C 50 1.30 1.20 -34.36
N PHE C 51 1.76 2.38 -33.96
CA PHE C 51 1.87 3.50 -34.91
C PHE C 51 2.78 3.12 -36.07
N MET C 52 3.88 2.42 -35.78
CA MET C 52 4.77 1.99 -36.85
C MET C 52 4.02 1.16 -37.89
N LEU C 53 3.08 0.33 -37.44
CA LEU C 53 2.29 -0.45 -38.39
C LEU C 53 1.59 0.46 -39.39
N LEU C 54 1.04 1.58 -38.92
CA LEU C 54 0.39 2.51 -39.82
C LEU C 54 1.35 2.98 -40.92
N VAL C 55 2.62 3.17 -40.57
CA VAL C 55 3.60 3.58 -41.57
C VAL C 55 3.68 2.55 -42.68
N ALA C 56 3.61 1.26 -42.33
CA ALA C 56 3.64 0.21 -43.34
C ALA C 56 2.54 0.39 -44.36
N GLU C 57 1.42 0.99 -43.96
CA GLU C 57 0.33 1.23 -44.91
C GLU C 57 0.71 2.29 -45.93
N ILE C 58 1.43 3.32 -45.50
CA ILE C 58 1.79 4.42 -46.39
C ILE C 58 3.19 4.24 -46.97
N MET C 59 4.10 3.61 -46.23
CA MET C 59 5.48 3.44 -46.67
C MET C 59 6.00 2.12 -46.12
N PRO C 60 5.75 1.02 -46.83
CA PRO C 60 6.26 -0.28 -46.36
C PRO C 60 7.77 -0.26 -46.20
N SER C 61 8.25 -1.07 -45.25
CA SER C 61 9.68 -1.13 -44.98
C SER C 61 10.46 -1.76 -46.13
N THR C 62 9.79 -2.45 -47.04
CA THR C 62 10.45 -3.08 -48.17
C THR C 62 10.59 -2.17 -49.38
N SER C 63 10.06 -0.96 -49.30
CA SER C 63 10.13 0.01 -50.40
C SER C 63 10.87 1.29 -50.03
N ASP C 64 10.64 1.82 -48.82
CA ASP C 64 11.28 3.05 -48.40
C ASP C 64 12.74 2.77 -48.06
N SER C 65 13.65 3.33 -48.86
CA SER C 65 15.09 3.17 -48.67
C SER C 65 15.75 4.51 -48.39
N SER C 66 15.08 5.35 -47.61
CA SER C 66 15.60 6.68 -47.28
C SER C 66 15.97 6.70 -45.80
N PRO C 67 17.26 6.79 -45.44
CA PRO C 67 17.62 6.81 -44.03
C PRO C 67 17.35 8.15 -43.36
N SER C 68 16.73 9.08 -44.09
CA SER C 68 16.42 10.38 -43.53
C SER C 68 15.39 10.26 -42.40
N ILE C 69 14.33 9.49 -42.62
CA ILE C 69 13.33 9.29 -41.57
C ILE C 69 13.76 8.20 -40.61
N ALA C 70 14.61 7.26 -41.07
CA ALA C 70 15.09 6.20 -40.19
C ALA C 70 15.90 6.78 -39.04
N GLN C 71 16.67 7.84 -39.31
CA GLN C 71 17.46 8.47 -38.24
C GLN C 71 16.54 9.04 -37.16
N TYR C 72 15.47 9.72 -37.56
CA TYR C 72 14.54 10.29 -36.58
C TYR C 72 13.80 9.18 -35.84
N PHE C 73 13.42 8.11 -36.54
CA PHE C 73 12.77 6.99 -35.88
C PHE C 73 13.69 6.37 -34.82
N ALA C 74 14.96 6.18 -35.18
CA ALA C 74 15.91 5.61 -34.22
C ALA C 74 16.15 6.55 -33.06
N SER C 75 16.18 7.86 -33.31
CA SER C 75 16.34 8.82 -32.23
C SER C 75 15.15 8.76 -31.27
N THR C 76 13.93 8.69 -31.80
CA THR C 76 12.76 8.59 -30.96
C THR C 76 12.77 7.29 -30.15
N MET C 77 13.15 6.19 -30.80
CA MET C 77 13.22 4.91 -30.09
C MET C 77 14.25 4.97 -28.96
N ILE C 78 15.41 5.57 -29.23
CA ILE C 78 16.44 5.69 -28.21
C ILE C 78 15.97 6.59 -27.07
N ILE C 79 15.21 7.64 -27.39
CA ILE C 79 14.70 8.52 -26.35
C ILE C 79 13.71 7.76 -25.45
N VAL C 80 12.75 7.07 -26.06
CA VAL C 80 11.77 6.33 -25.27
C VAL C 80 12.41 5.18 -24.52
N GLY C 81 13.56 4.68 -24.98
CA GLY C 81 14.28 3.65 -24.26
C GLY C 81 15.04 4.21 -23.07
N LEU C 82 15.77 5.30 -23.30
CA LEU C 82 16.48 5.97 -22.21
C LEU C 82 15.52 6.51 -21.17
N SER C 83 14.25 6.73 -21.53
CA SER C 83 13.26 7.08 -20.52
C SER C 83 13.18 6.00 -19.44
N VAL C 84 13.23 4.73 -19.86
CA VAL C 84 13.18 3.63 -18.90
C VAL C 84 14.43 3.61 -18.04
N VAL C 85 15.59 3.91 -18.64
CA VAL C 85 16.83 3.98 -17.87
C VAL C 85 16.74 5.08 -16.83
N VAL C 86 16.18 6.23 -17.21
CA VAL C 86 16.03 7.34 -16.27
C VAL C 86 15.09 6.97 -15.14
N THR C 87 13.98 6.29 -15.48
CA THR C 87 13.05 5.85 -14.43
C THR C 87 13.71 4.86 -13.48
N VAL C 88 14.54 3.96 -14.01
CA VAL C 88 15.21 2.99 -13.16
C VAL C 88 16.24 3.68 -12.27
N ILE C 89 16.95 4.68 -12.81
CA ILE C 89 17.91 5.42 -12.00
C ILE C 89 17.20 6.19 -10.90
N VAL C 90 16.02 6.76 -11.21
CA VAL C 90 15.25 7.46 -10.20
C VAL C 90 14.77 6.50 -9.12
N LEU C 91 14.33 5.30 -9.52
CA LEU C 91 13.94 4.29 -8.53
C LEU C 91 15.12 3.92 -7.64
N GLN C 92 16.30 3.75 -8.23
CA GLN C 92 17.48 3.39 -7.45
C GLN C 92 17.82 4.50 -6.46
N TYR C 93 17.75 5.76 -6.90
CA TYR C 93 18.03 6.87 -6.00
C TYR C 93 16.95 7.05 -4.95
N HIS C 94 15.73 6.59 -5.21
CA HIS C 94 14.65 6.68 -4.24
C HIS C 94 14.65 5.55 -3.23
N HIS C 95 15.22 4.40 -3.59
CA HIS C 95 15.25 3.23 -2.70
C HIS C 95 16.59 3.07 -1.99
N HIS C 96 17.70 3.24 -2.71
CA HIS C 96 19.03 3.10 -2.14
C HIS C 96 19.19 1.73 -1.46
N ASP C 97 19.11 0.68 -2.28
CA ASP C 97 19.25 -0.67 -1.80
C ASP C 97 20.59 -0.83 -1.07
N PRO C 98 20.73 -1.82 -0.18
CA PRO C 98 21.99 -1.98 0.54
C PRO C 98 23.15 -2.21 -0.41
N ASP C 99 24.28 -1.58 -0.10
CA ASP C 99 25.50 -1.72 -0.89
C ASP C 99 25.30 -1.24 -2.33
N GLY C 100 24.36 -0.31 -2.53
CA GLY C 100 24.07 0.23 -3.84
C GLY C 100 23.98 1.75 -3.78
N GLY C 101 23.19 2.29 -4.72
CA GLY C 101 23.01 3.72 -4.79
C GLY C 101 24.32 4.45 -5.09
N LYS C 102 24.35 5.72 -4.71
CA LYS C 102 25.50 6.57 -4.91
C LYS C 102 25.92 7.19 -3.57
N MET C 103 27.05 7.88 -3.59
CA MET C 103 27.58 8.53 -2.40
C MET C 103 26.55 9.50 -1.82
N PRO C 104 25.97 9.21 -0.65
CA PRO C 104 24.98 10.15 -0.10
C PRO C 104 25.53 11.53 0.16
N LYS C 105 26.78 11.61 0.66
CA LYS C 105 27.36 12.91 0.96
C LYS C 105 27.59 13.74 -0.30
N TRP C 106 27.91 13.08 -1.41
CA TRP C 106 28.13 13.81 -2.66
C TRP C 106 26.83 14.44 -3.17
N THR C 107 25.72 13.71 -3.07
CA THR C 107 24.44 14.21 -3.54
C THR C 107 23.76 15.13 -2.53
N ARG C 108 24.18 15.09 -1.26
CA ARG C 108 23.56 15.94 -0.25
C ARG C 108 23.70 17.42 -0.59
N VAL C 109 24.93 17.85 -0.89
CA VAL C 109 25.16 19.25 -1.20
C VAL C 109 24.49 19.62 -2.52
N ILE C 110 24.52 18.71 -3.50
CA ILE C 110 23.87 18.97 -4.78
C ILE C 110 22.38 19.23 -4.58
N LEU C 111 21.73 18.42 -3.74
CA LEU C 111 20.30 18.60 -3.49
C LEU C 111 20.04 19.87 -2.67
N LEU C 112 20.87 20.13 -1.67
CA LEU C 112 20.70 21.34 -0.86
C LEU C 112 20.90 22.60 -1.68
N ASN C 113 21.66 22.52 -2.77
CA ASN C 113 21.82 23.67 -3.67
C ASN C 113 20.69 23.75 -4.69
N TRP C 114 20.27 22.61 -5.25
CA TRP C 114 19.21 22.62 -6.23
C TRP C 114 17.88 23.04 -5.63
N CYS C 115 17.63 22.70 -4.36
CA CYS C 115 16.39 23.12 -3.71
C CYS C 115 16.34 24.65 -3.61
N ALA C 116 17.44 25.27 -3.16
CA ALA C 116 17.48 26.72 -3.07
C ALA C 116 17.43 27.36 -4.45
N TRP C 117 18.01 26.72 -5.47
CA TRP C 117 17.95 27.25 -6.81
C TRP C 117 16.52 27.26 -7.35
N PHE C 118 15.82 26.12 -7.21
CA PHE C 118 14.45 26.05 -7.66
C PHE C 118 13.55 27.00 -6.88
N LEU C 119 13.80 27.15 -5.57
CA LEU C 119 13.02 28.08 -4.77
C LEU C 119 13.41 29.52 -5.08
N ARG C 120 14.70 29.82 -5.08
CA ARG C 120 15.22 31.15 -5.39
C ARG C 120 16.44 30.98 -6.29
N MET C 121 16.21 31.03 -7.60
CA MET C 121 17.29 30.85 -8.56
C MET C 121 18.35 31.93 -8.38
N LYS C 122 19.61 31.55 -8.55
CA LYS C 122 20.73 32.47 -8.43
C LYS C 122 20.81 33.30 -9.70
N ARG C 123 19.93 34.30 -9.78
CA ARG C 123 19.85 35.20 -10.92
C ARG C 123 19.59 36.61 -10.41
N PRO C 124 19.83 37.63 -11.24
CA PRO C 124 19.61 39.01 -10.77
C PRO C 124 18.19 39.26 -10.30
N GLY C 125 17.19 38.82 -11.06
CA GLY C 125 15.81 39.05 -10.71
C GLY C 125 15.42 38.53 -9.35
N GLU C 126 16.17 37.56 -8.81
CA GLU C 126 15.90 37.01 -7.50
C GLU C 126 16.95 37.39 -6.46
N ASP C 127 18.14 37.81 -6.89
CA ASP C 127 19.19 38.20 -5.96
C ASP C 127 19.10 39.67 -5.57
N LYS C 128 18.71 40.54 -6.51
CA LYS C 128 18.62 41.96 -6.23
C LYS C 128 17.27 42.36 -5.65
N VAL C 129 16.21 41.61 -5.93
CA VAL C 129 14.88 41.91 -5.43
C VAL C 129 14.76 41.22 -4.07
N ARG C 130 15.22 41.90 -3.03
CA ARG C 130 15.17 41.36 -1.68
C ARG C 130 15.58 42.45 -0.68
N PRO C 131 15.11 42.39 0.56
CA PRO C 131 15.50 43.41 1.53
C PRO C 131 16.97 43.30 1.91
N ALA C 132 17.64 44.45 1.98
CA ALA C 132 19.05 44.50 2.32
C ALA C 132 19.36 45.85 2.95
N CYS C 133 20.42 45.88 3.74
CA CYS C 133 20.86 47.10 4.40
C CYS C 133 22.32 46.94 4.79
N GLN C 134 22.89 48.02 5.34
CA GLN C 134 24.28 48.04 5.77
C GLN C 134 24.45 47.61 7.23
N HIS C 135 23.46 46.92 7.79
CA HIS C 135 23.52 46.49 9.18
C HIS C 135 24.15 45.10 9.27
N LYS C 136 24.53 44.72 10.49
CA LYS C 136 25.15 43.42 10.73
C LYS C 136 24.21 42.26 10.44
N GLN C 137 22.91 42.52 10.26
CA GLN C 137 21.97 41.43 9.98
C GLN C 137 22.29 40.75 8.65
N ARG C 138 22.94 41.46 7.73
CA ARG C 138 23.30 40.91 6.43
C ARG C 138 24.79 40.58 6.34
N ARG C 139 25.51 40.60 7.45
CA ARG C 139 26.93 40.31 7.48
C ARG C 139 27.17 38.90 8.04
N CYS C 140 28.42 38.47 7.99
CA CYS C 140 28.84 37.17 8.47
C CYS C 140 29.65 37.32 9.75
N SER C 141 29.42 36.42 10.69
CA SER C 141 30.11 36.41 11.98
C SER C 141 30.85 35.09 12.15
N LEU C 142 31.54 34.96 13.29
CA LEU C 142 32.29 33.74 13.58
C LEU C 142 31.35 32.52 13.58
N ALA C 143 30.16 32.67 14.14
CA ALA C 143 29.22 31.54 14.20
C ALA C 143 28.78 31.13 12.80
N SER C 144 28.73 32.08 11.86
CA SER C 144 28.31 31.75 10.50
C SER C 144 29.40 31.07 9.69
N VAL C 145 30.67 31.35 10.01
CA VAL C 145 31.80 30.74 9.30
C VAL C 145 31.93 29.31 9.80
N GLU C 146 31.44 28.35 9.02
CA GLU C 146 31.50 26.94 9.37
C GLU C 146 32.69 26.23 8.74
N MET C 147 33.75 26.97 8.42
CA MET C 147 34.92 26.37 7.81
C MET C 147 35.61 25.39 8.75
N SER C 148 35.50 25.60 10.06
CA SER C 148 36.11 24.74 11.06
C SER C 148 35.06 24.02 11.89
N ALA C 149 33.95 23.63 11.25
CA ALA C 149 32.87 22.92 11.93
C ALA C 149 32.34 23.71 13.11
N VAL C 150 32.18 25.02 12.91
CA VAL C 150 31.67 25.88 13.97
C VAL C 150 30.18 25.62 14.19
N ALA C 151 29.73 25.77 15.42
CA ALA C 151 28.34 25.56 15.78
C ALA C 151 27.44 26.46 14.94
N PRO C 152 26.62 25.92 14.05
CA PRO C 152 25.75 26.78 13.23
C PRO C 152 24.80 27.58 14.11
N PRO C 153 24.27 28.69 13.61
CA PRO C 153 23.32 29.48 14.40
C PRO C 153 22.09 28.66 14.76
N PRO C 154 21.79 28.49 16.04
CA PRO C 154 20.58 27.75 16.43
C PRO C 154 19.34 28.39 15.83
N ALA C 155 18.66 27.65 14.96
CA ALA C 155 17.46 28.14 14.31
C ALA C 155 16.55 26.96 13.97
N SER C 156 15.29 27.26 13.74
CA SER C 156 14.30 26.24 13.41
C SER C 156 14.44 25.71 11.99
N ASN C 157 15.41 26.21 11.22
CA ASN C 157 15.62 25.75 9.85
C ASN C 157 16.32 24.39 9.78
N GLY C 158 16.61 23.77 10.92
CA GLY C 158 17.26 22.48 10.93
C GLY C 158 18.51 22.46 11.78
N ASN C 159 18.65 23.45 12.66
CA ASN C 159 19.80 23.54 13.56
C ASN C 159 19.39 23.44 15.02
N LEU C 160 18.45 24.26 15.47
CA LEU C 160 18.02 24.24 16.87
C LEU C 160 17.49 22.86 17.25
N LEU C 161 16.42 22.42 16.56
CA LEU C 161 15.85 21.11 16.87
C LEU C 161 16.81 19.99 16.52
N TYR C 162 17.70 20.20 15.55
CA TYR C 162 18.65 19.17 15.16
C TYR C 162 19.64 18.89 16.28
N ILE C 163 20.20 19.94 16.89
CA ILE C 163 21.15 19.78 17.97
C ILE C 163 20.53 19.07 19.16
N GLY C 164 19.21 19.17 19.32
CA GLY C 164 18.52 18.52 20.43
C GLY C 164 18.17 17.08 20.11
N PHE C 165 17.74 16.82 18.88
CA PHE C 165 17.35 15.46 18.50
C PHE C 165 18.58 14.56 18.36
N ARG C 166 19.66 15.09 17.78
CA ARG C 166 20.91 14.34 17.62
C ARG C 166 21.91 14.68 18.72
N GLY C 167 21.44 14.97 19.93
CA GLY C 167 22.31 15.34 21.02
C GLY C 167 22.96 14.14 21.69
N LEU C 168 23.97 13.57 21.04
CA LEU C 168 24.67 12.43 21.60
C LEU C 168 25.15 12.73 23.02
N ASP C 169 25.32 11.67 23.81
CA ASP C 169 25.72 11.83 25.19
C ASP C 169 27.04 12.57 25.32
N GLY C 170 27.91 12.47 24.32
CA GLY C 170 29.21 13.12 24.39
C GLY C 170 29.15 14.63 24.38
N VAL C 171 28.01 15.21 23.98
CA VAL C 171 27.87 16.66 23.92
C VAL C 171 26.59 17.10 24.62
N HIS C 172 25.70 16.15 24.92
CA HIS C 172 24.41 16.45 25.53
C HIS C 172 24.30 15.98 26.98
N CYS C 173 24.85 14.83 27.31
CA CYS C 173 24.74 14.27 28.65
C CYS C 173 25.73 14.87 29.63
N VAL C 174 26.39 15.98 29.28
CA VAL C 174 27.33 16.64 30.18
C VAL C 174 27.05 18.14 30.16
N PRO C 175 25.87 18.60 30.60
CA PRO C 175 25.60 20.05 30.64
C PRO C 175 26.08 20.70 31.93
N THR C 176 27.40 20.72 32.12
CA THR C 176 28.02 21.26 33.31
C THR C 176 29.24 22.09 32.92
N PRO C 177 29.03 23.28 32.38
CA PRO C 177 30.15 24.15 32.03
C PRO C 177 30.97 24.51 33.26
N ASP C 178 32.10 25.19 33.01
CA ASP C 178 33.00 25.62 34.07
C ASP C 178 32.48 26.89 34.74
N SER C 179 31.28 26.77 35.30
CA SER C 179 30.62 27.88 35.98
C SER C 179 30.18 27.52 37.40
N GLY C 180 29.75 26.28 37.63
CA GLY C 180 29.31 25.87 38.95
C GLY C 180 27.88 26.28 39.27
N VAL C 181 27.01 26.38 38.25
CA VAL C 181 25.63 26.77 38.51
C VAL C 181 24.95 25.78 39.44
N VAL C 182 25.39 24.52 39.43
CA VAL C 182 24.80 23.52 40.32
C VAL C 182 24.87 23.98 41.77
N CYS C 183 25.88 24.78 42.11
CA CYS C 183 26.03 25.33 43.45
C CYS C 183 25.72 26.83 43.52
N GLY C 184 25.44 27.46 42.38
CA GLY C 184 25.14 28.88 42.36
C GLY C 184 23.69 29.18 42.02
N ARG C 185 23.10 28.34 41.17
CA ARG C 185 21.71 28.53 40.75
C ARG C 185 20.77 27.75 41.65
N MET C 186 19.56 28.25 41.80
CA MET C 186 18.52 27.63 42.61
C MET C 186 17.30 27.20 41.82
N ALA C 187 16.99 27.87 40.71
CA ALA C 187 15.83 27.51 39.91
C ALA C 187 16.06 26.15 39.26
N CYS C 188 15.27 25.15 39.68
CA CYS C 188 15.39 23.79 39.16
C CYS C 188 16.80 23.23 39.36
N SER C 189 17.48 23.67 40.41
CA SER C 189 18.83 23.22 40.71
C SER C 189 19.11 23.38 42.19
N PRO C 190 18.80 22.39 43.02
CA PRO C 190 19.08 22.50 44.45
C PRO C 190 20.56 22.75 44.70
N THR C 191 20.84 23.67 45.64
CA THR C 191 22.21 24.03 45.98
C THR C 191 22.82 22.95 46.88
N HIS C 192 23.08 21.80 46.25
CA HIS C 192 23.66 20.63 46.91
C HIS C 192 23.01 20.36 48.27
N ASP C 193 21.70 20.63 48.36
CA ASP C 193 20.97 20.41 49.60
C ASP C 193 20.66 18.93 49.74
N GLU C 194 21.46 18.23 50.53
CA GLU C 194 21.26 16.81 50.75
C GLU C 194 20.14 16.50 51.73
N HIS C 195 19.60 17.51 52.40
CA HIS C 195 18.52 17.32 53.37
C HIS C 195 17.17 17.76 52.83
N LEU C 196 17.07 18.03 51.52
CA LEU C 196 15.81 18.44 50.90
C LEU C 196 14.91 17.21 50.76
N LEU C 197 14.27 16.84 51.87
CA LEU C 197 13.39 15.70 51.91
C LEU C 197 11.95 16.12 51.64
N HIS C 198 11.19 15.21 51.03
CA HIS C 198 9.79 15.46 50.70
C HIS C 198 8.96 15.32 51.97
N GLY C 199 9.03 16.35 52.81
CA GLY C 199 8.28 16.35 54.05
C GLY C 199 8.65 15.23 54.99
N GLY C 200 9.95 14.97 55.16
CA GLY C 200 10.43 13.92 56.05
C GLY C 200 11.08 12.78 55.30
N GLN C 201 10.51 12.40 54.15
CA GLN C 201 11.03 11.32 53.35
C GLN C 201 11.75 11.86 52.12
N PRO C 202 12.74 11.14 51.58
CA PRO C 202 13.44 11.61 50.39
C PRO C 202 12.54 11.55 49.17
N PRO C 203 12.86 12.32 48.11
CA PRO C 203 12.01 12.28 46.91
C PRO C 203 12.16 10.98 46.14
N GLU C 204 11.15 10.11 46.23
CA GLU C 204 11.17 8.85 45.49
C GLU C 204 9.75 8.31 45.45
N GLY C 205 9.16 8.24 44.26
CA GLY C 205 7.80 7.75 44.11
C GLY C 205 7.70 6.24 44.12
N ASP C 206 8.37 5.59 43.15
CA ASP C 206 8.30 4.14 43.02
C ASP C 206 9.48 3.64 42.21
N PRO C 207 10.25 2.68 42.71
CA PRO C 207 11.31 2.09 41.88
C PRO C 207 10.81 1.54 40.55
N ASP C 208 9.53 1.13 40.50
CA ASP C 208 8.97 0.65 39.25
C ASP C 208 8.72 1.80 38.27
N LEU C 209 8.44 3.00 38.77
CA LEU C 209 8.27 4.14 37.89
C LEU C 209 9.55 4.46 37.14
N ALA C 210 10.71 4.21 37.75
CA ALA C 210 11.97 4.43 37.05
C ALA C 210 12.08 3.54 35.81
N LYS C 211 11.55 2.32 35.90
CA LYS C 211 11.58 1.42 34.75
C LYS C 211 10.46 1.74 33.76
N ILE C 212 9.31 2.19 34.25
CA ILE C 212 8.23 2.61 33.35
C ILE C 212 8.69 3.78 32.50
N LEU C 213 9.41 4.73 33.11
CA LEU C 213 9.94 5.87 32.36
C LEU C 213 10.94 5.41 31.31
N GLU C 214 11.81 4.45 31.66
CA GLU C 214 12.78 3.95 30.71
C GLU C 214 12.10 3.26 29.54
N GLU C 215 11.04 2.49 29.82
CA GLU C 215 10.33 1.80 28.75
C GLU C 215 9.60 2.80 27.84
N VAL C 216 8.98 3.83 28.43
CA VAL C 216 8.33 4.86 27.63
C VAL C 216 9.35 5.60 26.79
N ARG C 217 10.55 5.84 27.33
CA ARG C 217 11.60 6.50 26.56
C ARG C 217 12.09 5.61 25.42
N TYR C 218 12.16 4.30 25.65
CA TYR C 218 12.55 3.39 24.58
C TYR C 218 11.49 3.37 23.48
N ILE C 219 10.22 3.38 23.86
CA ILE C 219 9.15 3.44 22.87
C ILE C 219 9.23 4.74 22.07
N ALA C 220 9.49 5.86 22.76
CA ALA C 220 9.64 7.13 22.07
C ALA C 220 10.84 7.11 21.13
N ASN C 221 11.91 6.45 21.53
CA ASN C 221 13.09 6.35 20.67
C ASN C 221 12.80 5.50 19.44
N ARG C 222 12.00 4.44 19.60
CA ARG C 222 11.59 3.64 18.45
C ARG C 222 10.73 4.46 17.50
N PHE C 223 9.78 5.23 18.06
CA PHE C 223 8.96 6.09 17.22
C PHE C 223 9.81 7.13 16.51
N ARG C 224 10.84 7.65 17.18
CA ARG C 224 11.71 8.64 16.56
C ARG C 224 12.59 8.02 15.48
N CYS C 225 13.00 6.76 15.65
CA CYS C 225 13.72 6.08 14.58
C CYS C 225 12.81 5.85 13.38
N GLN C 226 11.55 5.50 13.62
CA GLN C 226 10.60 5.39 12.52
C GLN C 226 10.42 6.72 11.81
N ASP C 227 10.34 7.81 12.58
CA ASP C 227 10.20 9.14 11.98
C ASP C 227 11.45 9.50 11.18
N GLU C 228 12.63 9.12 11.67
CA GLU C 228 13.85 9.38 10.92
C GLU C 228 13.87 8.59 9.61
N SER C 229 13.42 7.34 9.64
CA SER C 229 13.31 6.56 8.42
C SER C 229 12.33 7.21 7.43
N GLU C 230 11.20 7.71 7.95
CA GLU C 230 10.24 8.39 7.08
C GLU C 230 10.83 9.66 6.49
N ALA C 231 11.62 10.39 7.28
CA ALA C 231 12.25 11.60 6.78
C ALA C 231 13.30 11.29 5.72
N VAL C 232 14.04 10.19 5.90
CA VAL C 232 15.01 9.77 4.89
C VAL C 232 14.27 9.38 3.61
N CYS C 233 13.13 8.70 3.75
CA CYS C 233 12.34 8.35 2.57
C CYS C 233 11.83 9.61 1.87
N SER C 234 11.43 10.61 2.64
CA SER C 234 10.96 11.86 2.04
C SER C 234 12.09 12.59 1.33
N GLU C 235 13.29 12.57 1.91
CA GLU C 235 14.44 13.19 1.25
C GLU C 235 14.78 12.45 -0.04
N TRP C 236 14.67 11.12 -0.02
CA TRP C 236 14.91 10.35 -1.25
C TRP C 236 13.84 10.67 -2.30
N LYS C 237 12.60 10.86 -1.87
CA LYS C 237 11.54 11.25 -2.79
C LYS C 237 11.83 12.63 -3.39
N PHE C 238 12.31 13.56 -2.58
CA PHE C 238 12.67 14.88 -3.08
C PHE C 238 13.80 14.80 -4.09
N ALA C 239 14.82 13.98 -3.80
CA ALA C 239 15.91 13.79 -4.74
C ALA C 239 15.40 13.18 -6.04
N ALA C 240 14.48 12.23 -5.94
CA ALA C 240 13.91 11.60 -7.14
C ALA C 240 13.17 12.63 -7.98
N CYS C 241 12.34 13.46 -7.35
CA CYS C 241 11.61 14.48 -8.09
C CYS C 241 12.56 15.51 -8.71
N VAL C 242 13.64 15.85 -8.00
CA VAL C 242 14.63 16.78 -8.55
C VAL C 242 15.29 16.18 -9.79
N VAL C 243 15.67 14.91 -9.70
CA VAL C 243 16.29 14.25 -10.85
C VAL C 243 15.32 14.18 -12.02
N ASP C 244 14.04 13.92 -11.73
CA ASP C 244 13.03 13.86 -12.78
C ASP C 244 12.88 15.22 -13.46
N ARG C 245 12.81 16.29 -12.67
CA ARG C 245 12.70 17.63 -13.25
C ARG C 245 13.93 17.98 -14.07
N LEU C 246 15.12 17.60 -13.59
CA LEU C 246 16.33 17.87 -14.35
C LEU C 246 16.34 17.12 -15.68
N CYS C 247 15.94 15.84 -15.65
CA CYS C 247 15.88 15.07 -16.89
C CYS C 247 14.86 15.66 -17.86
N LEU C 248 13.71 16.11 -17.33
CA LEU C 248 12.70 16.73 -18.19
C LEU C 248 13.24 18.00 -18.83
N MET C 249 13.89 18.86 -18.04
CA MET C 249 14.44 20.09 -18.59
C MET C 249 15.54 19.82 -19.60
N ALA C 250 16.32 18.75 -19.39
CA ALA C 250 17.39 18.42 -20.34
C ALA C 250 16.83 17.85 -21.63
N PHE C 251 15.76 17.05 -21.54
CA PHE C 251 15.18 16.43 -22.72
C PHE C 251 14.25 17.36 -23.49
N SER C 252 13.76 18.43 -22.85
CA SER C 252 12.90 19.37 -23.56
C SER C 252 13.63 20.00 -24.74
N VAL C 253 14.87 20.46 -24.52
CA VAL C 253 15.63 21.09 -25.59
C VAL C 253 15.94 20.08 -26.69
N PHE C 254 16.24 18.84 -26.32
CA PHE C 254 16.52 17.82 -27.32
C PHE C 254 15.29 17.52 -28.16
N THR C 255 14.13 17.43 -27.52
CA THR C 255 12.89 17.19 -28.27
C THR C 255 12.56 18.36 -29.18
N ILE C 256 12.80 19.59 -28.72
CA ILE C 256 12.56 20.76 -29.55
C ILE C 256 13.48 20.74 -30.77
N ILE C 257 14.76 20.42 -30.56
CA ILE C 257 15.71 20.36 -31.66
C ILE C 257 15.30 19.28 -32.66
N CYS C 258 14.85 18.12 -32.15
CA CYS C 258 14.43 17.04 -33.03
C CYS C 258 13.21 17.45 -33.84
N THR C 259 12.25 18.12 -33.21
CA THR C 259 11.06 18.57 -33.92
C THR C 259 11.42 19.61 -34.98
N ILE C 260 12.36 20.51 -34.67
CA ILE C 260 12.78 21.51 -35.65
C ILE C 260 13.49 20.85 -36.82
N GLY C 261 14.32 19.83 -36.54
CA GLY C 261 15.02 19.14 -37.61
C GLY C 261 14.09 18.34 -38.49
N ILE C 262 13.05 17.73 -37.89
CA ILE C 262 12.08 16.97 -38.67
C ILE C 262 11.37 17.89 -39.67
N LEU C 263 11.16 19.15 -39.31
CA LEU C 263 10.54 20.10 -40.22
C LEU C 263 11.53 20.63 -41.24
N MET C 264 12.77 20.89 -40.81
CA MET C 264 13.77 21.40 -41.74
C MET C 264 14.16 20.35 -42.78
N SER C 265 14.14 19.08 -42.41
CA SER C 265 14.50 17.99 -43.31
C SER C 265 13.29 17.38 -44.00
N ALA C 266 12.11 17.99 -43.87
CA ALA C 266 10.91 17.46 -44.50
C ALA C 266 11.02 17.49 -46.02
N PRO C 267 11.52 18.58 -46.62
CA PRO C 267 11.66 18.59 -48.09
C PRO C 267 12.53 17.47 -48.63
N ASN C 268 13.54 17.03 -47.87
CA ASN C 268 14.41 15.97 -48.34
C ASN C 268 13.68 14.63 -48.40
N PHE C 269 12.79 14.37 -47.44
CA PHE C 269 12.04 13.13 -47.38
C PHE C 269 10.56 13.32 -47.71
N VAL C 270 9.90 14.28 -47.05
CA VAL C 270 8.49 14.52 -47.30
C VAL C 270 8.33 15.37 -48.56
N LEU D 7 -27.80 -0.94 -40.93
CA LEU D 7 -26.97 0.07 -40.28
C LEU D 7 -25.66 -0.52 -39.80
N TYR D 8 -25.12 -1.46 -40.58
CA TYR D 8 -23.86 -2.11 -40.22
C TYR D 8 -22.71 -1.10 -40.24
N TYR D 9 -22.48 -0.47 -41.39
CA TYR D 9 -21.39 0.49 -41.49
C TYR D 9 -21.56 1.65 -40.51
N GLY D 10 -22.79 2.04 -40.23
CA GLY D 10 -23.05 3.13 -39.32
C GLY D 10 -22.84 2.75 -37.87
N LEU D 11 -23.45 1.64 -37.45
CA LEU D 11 -23.33 1.21 -36.06
C LEU D 11 -21.89 0.82 -35.72
N ASN D 12 -21.21 0.12 -36.63
CA ASN D 12 -19.85 -0.32 -36.35
C ASN D 12 -18.91 0.85 -36.10
N LEU D 13 -19.22 2.02 -36.65
CA LEU D 13 -18.42 3.21 -36.43
C LEU D 13 -18.96 4.11 -35.33
N LEU D 14 -20.25 4.00 -35.01
CA LEU D 14 -20.84 4.84 -33.96
C LEU D 14 -20.62 4.26 -32.58
N ILE D 15 -20.72 2.93 -32.44
CA ILE D 15 -20.57 2.31 -31.12
C ILE D 15 -19.17 2.51 -30.56
N PRO D 16 -18.10 2.27 -31.31
CA PRO D 16 -16.76 2.49 -30.73
C PRO D 16 -16.52 3.93 -30.31
N CYS D 17 -17.06 4.90 -31.06
CA CYS D 17 -16.86 6.30 -30.70
C CYS D 17 -17.49 6.62 -29.35
N VAL D 18 -18.77 6.24 -29.18
CA VAL D 18 -19.44 6.50 -27.91
C VAL D 18 -18.80 5.71 -26.78
N LEU D 19 -18.30 4.50 -27.08
CA LEU D 19 -17.62 3.72 -26.06
C LEU D 19 -16.35 4.41 -25.58
N ILE D 20 -15.55 4.90 -26.51
CA ILE D 20 -14.32 5.60 -26.16
C ILE D 20 -14.65 6.90 -25.41
N SER D 21 -15.72 7.58 -25.81
CA SER D 21 -16.12 8.80 -25.11
C SER D 21 -16.52 8.49 -23.67
N ALA D 22 -17.30 7.43 -23.47
CA ALA D 22 -17.69 7.05 -22.12
C ALA D 22 -16.49 6.65 -21.29
N LEU D 23 -15.54 5.92 -21.89
CA LEU D 23 -14.34 5.53 -21.17
C LEU D 23 -13.53 6.76 -20.76
N ALA D 24 -13.38 7.73 -21.67
CA ALA D 24 -12.65 8.95 -21.33
C ALA D 24 -13.35 9.72 -20.22
N LEU D 25 -14.69 9.82 -20.28
CA LEU D 25 -15.42 10.52 -19.25
C LEU D 25 -15.27 9.82 -17.90
N LEU D 26 -15.28 8.49 -17.91
CA LEU D 26 -15.13 7.73 -16.66
C LEU D 26 -13.71 7.85 -16.10
N VAL D 27 -12.72 7.99 -16.97
CA VAL D 27 -11.34 8.14 -16.50
C VAL D 27 -11.21 9.38 -15.64
N PHE D 28 -12.03 10.40 -15.90
CA PHE D 28 -12.00 11.63 -15.11
C PHE D 28 -12.80 11.53 -13.82
N LEU D 29 -13.44 10.39 -13.55
CA LEU D 29 -14.22 10.21 -12.34
C LEU D 29 -13.41 9.60 -11.19
N LEU D 30 -12.17 9.18 -11.44
CA LEU D 30 -11.34 8.61 -10.41
C LEU D 30 -11.08 9.64 -9.32
N PRO D 31 -11.61 9.46 -8.10
CA PRO D 31 -11.49 10.50 -7.08
C PRO D 31 -10.06 10.73 -6.60
N ALA D 32 -9.36 9.64 -6.25
CA ALA D 32 -8.05 9.75 -5.62
C ALA D 32 -6.96 8.94 -6.30
N ASP D 33 -7.29 8.11 -7.28
CA ASP D 33 -6.26 7.30 -7.95
C ASP D 33 -5.22 8.21 -8.58
N SER D 34 -4.00 8.19 -8.06
CA SER D 34 -2.96 9.11 -8.52
C SER D 34 -2.24 8.55 -9.75
N GLY D 35 -1.58 7.40 -9.59
CA GLY D 35 -0.75 6.87 -10.65
C GLY D 35 -1.54 6.14 -11.72
N GLU D 36 -2.35 5.17 -11.31
CA GLU D 36 -3.13 4.38 -12.27
C GLU D 36 -3.83 5.27 -13.28
N LYS D 37 -4.32 6.43 -12.83
CA LYS D 37 -4.95 7.40 -13.72
C LYS D 37 -4.15 7.56 -15.00
N ILE D 38 -2.90 8.00 -14.87
CA ILE D 38 -2.04 8.20 -16.04
C ILE D 38 -2.03 6.95 -16.90
N SER D 39 -1.81 5.79 -16.27
CA SER D 39 -1.82 4.53 -17.01
C SER D 39 -3.13 4.38 -17.77
N LEU D 40 -4.26 4.55 -17.08
CA LEU D 40 -5.55 4.48 -17.76
C LEU D 40 -5.64 5.53 -18.85
N GLY D 41 -5.10 6.73 -18.60
CA GLY D 41 -5.09 7.76 -19.63
C GLY D 41 -4.45 7.29 -20.92
N ILE D 42 -3.50 6.35 -20.83
CA ILE D 42 -2.91 5.77 -22.02
C ILE D 42 -3.64 4.50 -22.43
N THR D 43 -4.18 3.75 -21.47
CA THR D 43 -4.87 2.51 -21.80
C THR D 43 -5.98 2.76 -22.81
N VAL D 44 -6.85 3.73 -22.54
CA VAL D 44 -7.91 4.07 -23.48
C VAL D 44 -7.31 4.38 -24.85
N LEU D 45 -6.19 5.11 -24.88
CA LEU D 45 -5.56 5.45 -26.14
C LEU D 45 -5.28 4.20 -26.96
N LEU D 46 -4.87 3.12 -26.29
CA LEU D 46 -4.64 1.85 -27.00
C LEU D 46 -5.90 1.43 -27.75
N SER D 47 -7.04 1.42 -27.05
CA SER D 47 -8.29 1.04 -27.70
C SER D 47 -8.56 1.89 -28.94
N LEU D 48 -8.02 3.12 -28.96
CA LEU D 48 -8.17 3.96 -30.15
C LEU D 48 -7.23 3.50 -31.26
N THR D 49 -5.96 3.26 -30.93
CA THR D 49 -4.99 2.87 -31.95
C THR D 49 -5.47 1.66 -32.74
N VAL D 50 -5.81 0.57 -32.04
CA VAL D 50 -6.34 -0.61 -32.71
C VAL D 50 -7.55 -0.22 -33.56
N PHE D 51 -8.43 0.61 -33.02
CA PHE D 51 -9.61 1.03 -33.76
C PHE D 51 -9.22 1.71 -35.07
N MET D 52 -8.17 2.52 -35.04
CA MET D 52 -7.70 3.17 -36.27
C MET D 52 -7.38 2.13 -37.34
N LEU D 53 -6.80 1.00 -36.94
CA LEU D 53 -6.51 -0.06 -37.91
C LEU D 53 -7.78 -0.47 -38.64
N LEU D 54 -8.90 -0.60 -37.92
CA LEU D 54 -10.15 -0.95 -38.57
C LEU D 54 -10.49 0.03 -39.68
N VAL D 55 -10.20 1.32 -39.46
CA VAL D 55 -10.48 2.32 -40.49
C VAL D 55 -9.71 1.99 -41.76
N ALA D 56 -8.47 1.51 -41.62
CA ALA D 56 -7.69 1.14 -42.80
C ALA D 56 -8.40 0.11 -43.64
N GLU D 57 -9.25 -0.72 -43.03
CA GLU D 57 -10.00 -1.72 -43.79
C GLU D 57 -11.09 -1.07 -44.63
N ILE D 58 -11.73 -0.02 -44.11
CA ILE D 58 -12.82 0.62 -44.82
C ILE D 58 -12.34 1.86 -45.58
N MET D 59 -11.33 2.55 -45.06
CA MET D 59 -10.83 3.78 -45.69
C MET D 59 -9.33 3.87 -45.46
N PRO D 60 -8.52 3.23 -46.31
CA PRO D 60 -7.07 3.31 -46.14
C PRO D 60 -6.58 4.75 -46.16
N SER D 61 -5.49 5.00 -45.42
CA SER D 61 -4.93 6.34 -45.33
C SER D 61 -4.34 6.80 -46.66
N THR D 62 -4.10 5.90 -47.59
CA THR D 62 -3.53 6.26 -48.89
C THR D 62 -4.59 6.63 -49.93
N SER D 63 -5.87 6.53 -49.58
CA SER D 63 -6.95 6.87 -50.49
C SER D 63 -7.84 7.99 -49.97
N ASP D 64 -8.15 8.00 -48.68
CA ASP D 64 -9.02 9.04 -48.11
C ASP D 64 -8.24 10.34 -47.99
N SER D 65 -8.61 11.32 -48.80
CA SER D 65 -7.97 12.64 -48.80
C SER D 65 -8.96 13.72 -48.38
N SER D 66 -9.80 13.41 -47.40
CA SER D 66 -10.80 14.35 -46.90
C SER D 66 -10.43 14.81 -45.50
N PRO D 67 -10.03 16.06 -45.30
CA PRO D 67 -9.65 16.50 -43.95
C PRO D 67 -10.85 16.71 -43.02
N SER D 68 -12.05 16.38 -43.51
CA SER D 68 -13.24 16.54 -42.69
C SER D 68 -13.22 15.59 -41.49
N ILE D 69 -12.88 14.32 -41.72
CA ILE D 69 -12.79 13.37 -40.61
C ILE D 69 -11.44 13.48 -39.92
N ALA D 70 -10.41 13.95 -40.62
CA ALA D 70 -9.09 14.11 -40.01
C ALA D 70 -9.14 15.13 -38.87
N GLN D 71 -9.94 16.19 -39.04
CA GLN D 71 -10.07 17.19 -37.98
C GLN D 71 -10.66 16.57 -36.72
N TYR D 72 -11.72 15.77 -36.86
CA TYR D 72 -12.33 15.12 -35.70
C TYR D 72 -11.39 14.10 -35.08
N PHE D 73 -10.65 13.36 -35.91
CA PHE D 73 -9.67 12.41 -35.37
C PHE D 73 -8.60 13.14 -34.56
N ALA D 74 -8.09 14.25 -35.09
CA ALA D 74 -7.09 15.03 -34.37
C ALA D 74 -7.66 15.61 -33.08
N SER D 75 -8.91 16.06 -33.12
CA SER D 75 -9.54 16.58 -31.90
C SER D 75 -9.67 15.49 -30.84
N THR D 76 -10.08 14.29 -31.25
CA THR D 76 -10.19 13.19 -30.29
C THR D 76 -8.82 12.82 -29.72
N MET D 77 -7.80 12.77 -30.58
CA MET D 77 -6.45 12.47 -30.12
C MET D 77 -5.96 13.52 -29.14
N ILE D 78 -6.22 14.80 -29.42
CA ILE D 78 -5.80 15.86 -28.53
C ILE D 78 -6.56 15.78 -27.21
N ILE D 79 -7.83 15.38 -27.25
CA ILE D 79 -8.59 15.25 -26.01
C ILE D 79 -8.03 14.13 -25.15
N VAL D 80 -7.80 12.96 -25.75
CA VAL D 80 -7.26 11.84 -24.99
C VAL D 80 -5.83 12.10 -24.53
N GLY D 81 -5.10 12.99 -25.21
CA GLY D 81 -3.78 13.38 -24.76
C GLY D 81 -3.84 14.34 -23.60
N LEU D 82 -4.66 15.38 -23.71
CA LEU D 82 -4.84 16.32 -22.61
C LEU D 82 -5.44 15.66 -21.38
N SER D 83 -6.11 14.52 -21.55
CA SER D 83 -6.54 13.74 -20.39
C SER D 83 -5.35 13.37 -19.53
N VAL D 84 -4.23 12.98 -20.16
CA VAL D 84 -3.03 12.62 -19.40
C VAL D 84 -2.46 13.85 -18.70
N VAL D 85 -2.50 15.00 -19.37
CA VAL D 85 -2.02 16.24 -18.75
C VAL D 85 -2.87 16.58 -17.53
N VAL D 86 -4.18 16.40 -17.64
CA VAL D 86 -5.07 16.68 -16.52
C VAL D 86 -4.78 15.71 -15.37
N THR D 87 -4.57 14.44 -15.68
CA THR D 87 -4.24 13.47 -14.63
C THR D 87 -2.93 13.83 -13.94
N VAL D 88 -1.94 14.27 -14.72
CA VAL D 88 -0.65 14.64 -14.13
C VAL D 88 -0.80 15.88 -13.25
N ILE D 89 -1.62 16.84 -13.69
CA ILE D 89 -1.85 18.04 -12.88
C ILE D 89 -2.57 17.67 -11.59
N VAL D 90 -3.52 16.74 -11.66
CA VAL D 90 -4.21 16.29 -10.46
C VAL D 90 -3.25 15.59 -9.53
N LEU D 91 -2.35 14.76 -10.06
CA LEU D 91 -1.34 14.11 -9.23
C LEU D 91 -0.45 15.15 -8.55
N GLN D 92 -0.03 16.17 -9.30
CA GLN D 92 0.82 17.21 -8.73
C GLN D 92 0.09 17.96 -7.61
N TYR D 93 -1.19 18.28 -7.82
CA TYR D 93 -1.96 18.96 -6.79
C TYR D 93 -2.25 18.04 -5.60
N HIS D 94 -2.25 16.72 -5.79
CA HIS D 94 -2.49 15.80 -4.70
C HIS D 94 -1.22 15.49 -3.91
N HIS D 95 -0.05 15.62 -4.53
CA HIS D 95 1.22 15.33 -3.86
C HIS D 95 1.92 16.58 -3.36
N HIS D 96 1.97 17.65 -4.16
CA HIS D 96 2.63 18.89 -3.78
C HIS D 96 4.08 18.64 -3.37
N ASP D 97 4.87 18.16 -4.35
CA ASP D 97 6.28 17.88 -4.12
C ASP D 97 6.98 19.13 -3.60
N PRO D 98 8.12 18.98 -2.91
CA PRO D 98 8.81 20.15 -2.38
C PRO D 98 9.19 21.13 -3.48
N ASP D 99 9.01 22.43 -3.19
CA ASP D 99 9.35 23.49 -4.12
C ASP D 99 8.57 23.38 -5.42
N GLY D 100 7.38 22.79 -5.35
CA GLY D 100 6.51 22.62 -6.51
C GLY D 100 5.08 23.03 -6.19
N GLY D 101 4.15 22.42 -6.92
CA GLY D 101 2.75 22.71 -6.74
C GLY D 101 2.42 24.17 -7.04
N LYS D 102 1.31 24.61 -6.46
CA LYS D 102 0.84 25.98 -6.63
C LYS D 102 0.67 26.64 -5.26
N MET D 103 0.38 27.93 -5.28
CA MET D 103 0.19 28.70 -4.06
C MET D 103 -0.91 28.08 -3.21
N PRO D 104 -0.60 27.49 -2.06
CA PRO D 104 -1.66 26.89 -1.25
C PRO D 104 -2.72 27.89 -0.81
N LYS D 105 -2.32 29.11 -0.46
CA LYS D 105 -3.29 30.10 -0.01
C LYS D 105 -4.24 30.51 -1.14
N TRP D 106 -3.75 30.54 -2.38
CA TRP D 106 -4.61 30.92 -3.50
C TRP D 106 -5.69 29.87 -3.73
N THR D 107 -5.34 28.59 -3.64
CA THR D 107 -6.31 27.52 -3.86
C THR D 107 -7.16 27.24 -2.63
N ARG D 108 -6.74 27.70 -1.45
CA ARG D 108 -7.51 27.44 -0.24
C ARG D 108 -8.90 28.04 -0.33
N VAL D 109 -8.99 29.32 -0.68
CA VAL D 109 -10.29 29.98 -0.78
C VAL D 109 -11.10 29.39 -1.93
N ILE D 110 -10.44 29.08 -3.05
CA ILE D 110 -11.15 28.48 -4.18
C ILE D 110 -11.81 27.17 -3.76
N LEU D 111 -11.09 26.34 -3.01
CA LEU D 111 -11.65 25.06 -2.57
C LEU D 111 -12.75 25.28 -1.53
N LEU D 112 -12.54 26.20 -0.59
CA LEU D 112 -13.54 26.48 0.43
C LEU D 112 -14.82 27.03 -0.17
N ASN D 113 -14.73 27.67 -1.34
CA ASN D 113 -15.93 28.14 -2.04
C ASN D 113 -16.56 27.04 -2.90
N TRP D 114 -15.74 26.25 -3.58
CA TRP D 114 -16.28 25.19 -4.43
C TRP D 114 -16.96 24.11 -3.61
N CYS D 115 -16.47 23.83 -2.40
CA CYS D 115 -17.11 22.84 -1.56
C CYS D 115 -18.53 23.29 -1.19
N ALA D 116 -18.67 24.54 -0.76
CA ALA D 116 -20.00 25.07 -0.43
C ALA D 116 -20.88 25.16 -1.67
N TRP D 117 -20.30 25.44 -2.83
CA TRP D 117 -21.09 25.49 -4.05
C TRP D 117 -21.64 24.11 -4.41
N PHE D 118 -20.78 23.09 -4.38
CA PHE D 118 -21.22 21.74 -4.68
C PHE D 118 -22.23 21.25 -3.66
N LEU D 119 -22.02 21.60 -2.38
CA LEU D 119 -22.97 21.21 -1.34
C LEU D 119 -24.26 22.03 -1.44
N ARG D 120 -24.13 23.36 -1.54
CA ARG D 120 -25.28 24.26 -1.67
C ARG D 120 -24.92 25.30 -2.73
N MET D 121 -25.29 25.03 -3.98
CA MET D 121 -24.98 25.93 -5.06
C MET D 121 -25.63 27.30 -4.84
N LYS D 122 -24.91 28.36 -5.21
CA LYS D 122 -25.41 29.72 -5.06
C LYS D 122 -26.41 30.00 -6.18
N ARG D 123 -27.62 29.49 -5.97
CA ARG D 123 -28.72 29.65 -6.92
C ARG D 123 -30.00 29.89 -6.15
N PRO D 124 -31.04 30.40 -6.82
CA PRO D 124 -32.29 30.67 -6.09
C PRO D 124 -32.88 29.44 -5.43
N GLY D 125 -32.93 28.31 -6.14
CA GLY D 125 -33.51 27.10 -5.59
C GLY D 125 -32.87 26.64 -4.30
N GLU D 126 -31.62 27.05 -4.03
CA GLU D 126 -30.93 26.70 -2.80
C GLU D 126 -30.75 27.87 -1.86
N ASP D 127 -30.86 29.10 -2.33
CA ASP D 127 -30.71 30.28 -1.48
C ASP D 127 -32.03 30.69 -0.84
N LYS D 128 -33.13 30.55 -1.56
CA LYS D 128 -34.45 30.95 -1.04
C LYS D 128 -35.12 29.83 -0.23
N VAL D 129 -34.79 28.58 -0.53
CA VAL D 129 -35.39 27.43 0.18
C VAL D 129 -34.51 27.18 1.39
N ARG D 130 -34.79 27.90 2.48
CA ARG D 130 -34.05 27.74 3.72
C ARG D 130 -34.72 28.54 4.83
N PRO D 131 -34.56 28.14 6.09
CA PRO D 131 -35.21 28.89 7.18
C PRO D 131 -34.57 30.27 7.36
N ALA D 132 -35.41 31.27 7.55
CA ALA D 132 -34.95 32.64 7.73
C ALA D 132 -35.99 33.40 8.54
N CYS D 133 -35.53 34.47 9.19
CA CYS D 133 -36.40 35.30 10.00
C CYS D 133 -35.72 36.66 10.18
N GLN D 134 -36.43 37.58 10.83
CA GLN D 134 -35.94 38.92 11.10
C GLN D 134 -35.20 39.02 12.43
N HIS D 135 -34.75 37.89 12.98
CA HIS D 135 -34.05 37.89 14.26
C HIS D 135 -32.54 38.04 14.03
N LYS D 136 -31.83 38.33 15.12
CA LYS D 136 -30.38 38.50 15.05
C LYS D 136 -29.65 37.22 14.69
N GLN D 137 -30.33 36.07 14.70
CA GLN D 137 -29.66 34.81 14.35
C GLN D 137 -29.20 34.82 12.90
N ARG D 138 -29.84 35.61 12.05
CA ARG D 138 -29.48 35.71 10.64
C ARG D 138 -28.74 37.00 10.31
N ARG D 139 -28.30 37.74 11.32
CA ARG D 139 -27.58 38.99 11.13
C ARG D 139 -26.10 38.79 11.42
N CYS D 140 -25.32 39.84 11.14
CA CYS D 140 -23.87 39.83 11.35
C CYS D 140 -23.51 40.70 12.53
N SER D 141 -22.56 40.25 13.33
CA SER D 141 -22.08 40.96 14.50
C SER D 141 -20.58 41.25 14.36
N LEU D 142 -20.02 41.91 15.37
CA LEU D 142 -18.60 42.23 15.35
C LEU D 142 -17.75 40.97 15.25
N ALA D 143 -18.15 39.91 15.97
CA ALA D 143 -17.39 38.66 15.93
C ALA D 143 -17.41 38.03 14.55
N SER D 144 -18.50 38.25 13.79
CA SER D 144 -18.61 37.67 12.46
C SER D 144 -17.79 38.43 11.43
N VAL D 145 -17.59 39.73 11.63
CA VAL D 145 -16.82 40.56 10.71
C VAL D 145 -15.34 40.25 10.94
N GLU D 146 -14.76 39.43 10.07
CA GLU D 146 -13.37 39.04 10.16
C GLU D 146 -12.46 39.90 9.27
N MET D 147 -12.89 41.13 8.97
CA MET D 147 -12.08 42.00 8.14
C MET D 147 -10.78 42.39 8.81
N SER D 148 -10.75 42.42 10.14
CA SER D 148 -9.56 42.78 10.90
C SER D 148 -9.05 41.59 11.72
N ALA D 149 -9.16 40.39 11.15
CA ALA D 149 -8.69 39.17 11.81
C ALA D 149 -9.37 38.99 13.16
N VAL D 150 -10.67 39.25 13.22
CA VAL D 150 -11.41 39.11 14.46
C VAL D 150 -11.58 37.63 14.79
N ALA D 151 -11.61 37.33 16.08
CA ALA D 151 -11.78 35.95 16.55
C ALA D 151 -13.07 35.37 15.99
N PRO D 152 -13.01 34.37 15.12
CA PRO D 152 -14.23 33.78 14.58
C PRO D 152 -15.08 33.18 15.68
N PRO D 153 -16.39 33.02 15.44
CA PRO D 153 -17.26 32.42 16.47
C PRO D 153 -16.79 31.02 16.82
N PRO D 154 -16.48 30.75 18.08
CA PRO D 154 -16.09 29.39 18.46
C PRO D 154 -17.19 28.39 18.14
N ALA D 155 -16.88 27.46 17.23
CA ALA D 155 -17.84 26.46 16.81
C ALA D 155 -17.09 25.20 16.38
N SER D 156 -17.82 24.08 16.37
CA SER D 156 -17.24 22.80 15.97
C SER D 156 -16.98 22.70 14.48
N ASN D 157 -17.29 23.73 13.70
CA ASN D 157 -17.08 23.69 12.26
C ASN D 157 -15.63 23.92 11.87
N GLY D 158 -14.72 24.03 12.85
CA GLY D 158 -13.32 24.24 12.56
C GLY D 158 -12.74 25.46 13.25
N ASN D 159 -13.45 25.97 14.26
CA ASN D 159 -12.99 27.12 15.03
C ASN D 159 -12.73 26.79 16.49
N LEU D 160 -13.70 26.19 17.17
CA LEU D 160 -13.53 25.86 18.58
C LEU D 160 -12.34 24.92 18.78
N LEU D 161 -12.39 23.73 18.17
CA LEU D 161 -11.30 22.79 18.30
C LEU D 161 -10.01 23.30 17.65
N TYR D 162 -10.14 24.16 16.63
CA TYR D 162 -8.96 24.70 15.97
C TYR D 162 -8.17 25.61 16.91
N ILE D 163 -8.86 26.51 17.61
CA ILE D 163 -8.19 27.42 18.54
C ILE D 163 -7.49 26.65 19.64
N GLY D 164 -7.96 25.45 19.97
CA GLY D 164 -7.34 24.66 21.02
C GLY D 164 -6.18 23.83 20.52
N PHE D 165 -6.32 23.27 19.30
CA PHE D 165 -5.25 22.45 18.74
C PHE D 165 -4.07 23.30 18.32
N ARG D 166 -4.33 24.47 17.71
CA ARG D 166 -3.28 25.39 17.29
C ARG D 166 -3.06 26.52 18.30
N GLY D 167 -3.24 26.22 19.59
CA GLY D 167 -3.09 27.22 20.62
C GLY D 167 -1.65 27.49 21.00
N LEU D 168 -0.94 28.22 20.14
CA LEU D 168 0.46 28.54 20.41
C LEU D 168 0.61 29.16 21.80
N ASP D 169 1.81 29.02 22.36
CA ASP D 169 2.06 29.53 23.71
C ASP D 169 1.80 31.02 23.81
N GLY D 170 1.96 31.75 22.71
CA GLY D 170 1.77 33.20 22.74
C GLY D 170 0.35 33.63 22.99
N VAL D 171 -0.61 32.72 22.85
CA VAL D 171 -2.03 33.06 23.04
C VAL D 171 -2.69 32.03 23.96
N HIS D 172 -2.02 30.91 24.18
CA HIS D 172 -2.58 29.82 24.98
C HIS D 172 -1.89 29.63 26.33
N CYS D 173 -0.57 29.80 26.39
CA CYS D 173 0.18 29.57 27.62
C CYS D 173 0.12 30.78 28.57
N VAL D 174 -0.78 31.72 28.34
CA VAL D 174 -0.93 32.87 29.23
C VAL D 174 -2.40 33.11 29.50
N PRO D 175 -3.11 32.17 30.14
CA PRO D 175 -4.54 32.38 30.46
C PRO D 175 -4.73 33.12 31.78
N THR D 176 -4.29 34.38 31.81
CA THR D 176 -4.37 35.21 33.00
C THR D 176 -4.84 36.61 32.62
N PRO D 177 -6.14 36.76 32.33
CA PRO D 177 -6.65 38.09 32.00
C PRO D 177 -6.49 39.06 33.17
N ASP D 178 -6.82 40.32 32.90
CA ASP D 178 -6.73 41.37 33.92
C ASP D 178 -7.94 41.33 34.85
N SER D 179 -8.09 40.18 35.52
CA SER D 179 -9.19 39.96 36.46
C SER D 179 -8.71 39.50 37.83
N GLY D 180 -7.64 38.71 37.88
CA GLY D 180 -7.14 38.23 39.16
C GLY D 180 -7.89 37.03 39.71
N VAL D 181 -8.46 36.20 38.84
CA VAL D 181 -9.19 35.03 39.31
C VAL D 181 -8.30 34.12 40.14
N VAL D 182 -6.99 34.12 39.86
CA VAL D 182 -6.06 33.29 40.62
C VAL D 182 -6.18 33.58 42.11
N CYS D 183 -6.55 34.82 42.46
CA CYS D 183 -6.74 35.20 43.85
C CYS D 183 -8.21 35.41 44.21
N GLY D 184 -9.12 35.29 43.24
CA GLY D 184 -10.54 35.47 43.49
C GLY D 184 -11.32 34.18 43.38
N ARG D 185 -10.90 33.30 42.48
CA ARG D 185 -11.60 32.04 42.26
C ARG D 185 -10.97 30.93 43.12
N MET D 186 -11.80 29.96 43.49
CA MET D 186 -11.37 28.83 44.30
C MET D 186 -11.51 27.50 43.60
N ALA D 187 -12.44 27.35 42.66
CA ALA D 187 -12.63 26.10 41.94
C ALA D 187 -11.43 25.84 41.06
N CYS D 188 -10.66 24.80 41.38
CA CYS D 188 -9.47 24.43 40.62
C CYS D 188 -8.46 25.59 40.56
N SER D 189 -8.46 26.44 41.59
CA SER D 189 -7.56 27.58 41.64
C SER D 189 -7.33 27.98 43.09
N PRO D 190 -6.33 27.40 43.75
CA PRO D 190 -6.05 27.79 45.15
C PRO D 190 -5.78 29.28 45.27
N THR D 191 -6.37 29.88 46.30
CA THR D 191 -6.21 31.32 46.55
C THR D 191 -4.84 31.58 47.16
N HIS D 192 -3.81 31.42 46.33
CA HIS D 192 -2.43 31.64 46.71
C HIS D 192 -2.11 31.01 48.06
N ASP D 193 -2.73 29.87 48.36
CA ASP D 193 -2.53 29.17 49.62
C ASP D 193 -1.20 28.40 49.54
N GLU D 194 -0.15 28.97 50.10
CA GLU D 194 1.16 28.33 50.09
C GLU D 194 1.30 27.23 51.13
N HIS D 195 0.32 27.09 52.03
CA HIS D 195 0.35 26.06 53.06
C HIS D 195 -0.58 24.89 52.76
N LEU D 196 -1.12 24.82 51.55
CA LEU D 196 -2.03 23.73 51.17
C LEU D 196 -1.20 22.49 50.90
N LEU D 197 -0.82 21.82 51.99
CA LEU D 197 -0.02 20.61 51.91
C LEU D 197 -0.90 19.38 51.88
N HIS D 198 -0.39 18.33 51.23
CA HIS D 198 -1.13 17.06 51.11
C HIS D 198 -1.01 16.31 52.43
N GLY D 199 -1.80 16.76 53.41
CA GLY D 199 -1.81 16.13 54.71
C GLY D 199 -0.46 16.16 55.40
N GLY D 200 0.21 17.30 55.35
CA GLY D 200 1.51 17.46 55.99
C GLY D 200 2.63 17.65 55.00
N GLN D 201 2.58 16.92 53.88
CA GLN D 201 3.60 17.01 52.85
C GLN D 201 3.09 17.81 51.65
N PRO D 202 3.95 18.46 50.90
CA PRO D 202 3.51 19.23 49.73
C PRO D 202 3.03 18.30 48.63
N PRO D 203 2.22 18.80 47.68
CA PRO D 203 1.75 17.92 46.60
C PRO D 203 2.84 17.60 45.60
N GLU D 204 3.35 16.37 45.66
CA GLU D 204 4.38 15.92 44.71
C GLU D 204 4.43 14.40 44.75
N GLY D 205 4.08 13.77 43.63
CA GLY D 205 4.07 12.31 43.57
C GLY D 205 5.44 11.73 43.33
N ASP D 206 6.06 12.08 42.20
CA ASP D 206 7.35 11.53 41.83
C ASP D 206 8.03 12.43 40.81
N PRO D 207 9.27 12.88 41.05
CA PRO D 207 9.98 13.65 40.02
C PRO D 207 10.06 12.91 38.68
N ASP D 208 10.03 11.57 38.71
CA ASP D 208 10.06 10.82 37.46
C ASP D 208 8.72 10.91 36.72
N LEU D 209 7.62 11.09 37.46
CA LEU D 209 6.32 11.25 36.82
C LEU D 209 6.27 12.52 35.98
N ALA D 210 6.98 13.56 36.40
CA ALA D 210 7.03 14.79 35.61
C ALA D 210 7.65 14.53 34.25
N LYS D 211 8.64 13.64 34.18
CA LYS D 211 9.25 13.30 32.90
C LYS D 211 8.42 12.29 32.12
N ILE D 212 7.73 11.38 32.80
CA ILE D 212 6.83 10.46 32.12
C ILE D 212 5.71 11.23 31.44
N LEU D 213 5.18 12.25 32.11
CA LEU D 213 4.14 13.08 31.51
C LEU D 213 4.67 13.82 30.29
N GLU D 214 5.90 14.36 30.37
CA GLU D 214 6.49 15.05 29.23
C GLU D 214 6.68 14.10 28.05
N GLU D 215 7.12 12.87 28.32
CA GLU D 215 7.31 11.92 27.24
C GLU D 215 5.98 11.51 26.61
N VAL D 216 4.95 11.31 27.44
CA VAL D 216 3.63 10.99 26.91
C VAL D 216 3.09 12.14 26.07
N ARG D 217 3.35 13.38 26.51
CA ARG D 217 2.91 14.54 25.76
C ARG D 217 3.66 14.65 24.44
N TYR D 218 4.94 14.31 24.43
CA TYR D 218 5.70 14.31 23.17
C TYR D 218 5.17 13.25 22.21
N ILE D 219 4.83 12.07 22.74
CA ILE D 219 4.25 11.03 21.91
C ILE D 219 2.91 11.48 21.34
N ALA D 220 2.10 12.14 22.17
CA ALA D 220 0.81 12.66 21.70
C ALA D 220 1.01 13.72 20.64
N ASN D 221 2.06 14.55 20.79
CA ASN D 221 2.33 15.58 19.79
C ASN D 221 2.78 14.95 18.48
N ARG D 222 3.55 13.87 18.55
CA ARG D 222 3.94 13.16 17.33
C ARG D 222 2.71 12.56 16.65
N PHE D 223 1.83 11.94 17.43
CA PHE D 223 0.59 11.41 16.85
C PHE D 223 -0.25 12.51 16.23
N ARG D 224 -0.27 13.69 16.86
CA ARG D 224 -1.05 14.80 16.32
C ARG D 224 -0.43 15.36 15.05
N CYS D 225 0.92 15.35 14.97
CA CYS D 225 1.56 15.74 13.73
C CYS D 225 1.25 14.76 12.60
N GLN D 226 1.23 13.45 12.92
CA GLN D 226 0.82 12.46 11.94
C GLN D 226 -0.62 12.69 11.50
N ASP D 227 -1.49 13.01 12.45
CA ASP D 227 -2.89 13.29 12.11
C ASP D 227 -3.01 14.54 11.24
N GLU D 228 -2.19 15.56 11.51
CA GLU D 228 -2.20 16.75 10.68
C GLU D 228 -1.72 16.43 9.27
N SER D 229 -0.69 15.60 9.14
CA SER D 229 -0.25 15.17 7.82
C SER D 229 -1.36 14.42 7.08
N GLU D 230 -2.06 13.54 7.79
CA GLU D 230 -3.17 12.80 7.18
C GLU D 230 -4.28 13.75 6.76
N ALA D 231 -4.56 14.77 7.56
CA ALA D 231 -5.59 15.74 7.21
C ALA D 231 -5.18 16.57 6.00
N VAL D 232 -3.90 16.92 5.90
CA VAL D 232 -3.42 17.63 4.72
C VAL D 232 -3.53 16.75 3.49
N CYS D 233 -3.23 15.45 3.63
CA CYS D 233 -3.39 14.53 2.52
C CYS D 233 -4.85 14.42 2.11
N SER D 234 -5.76 14.41 3.07
CA SER D 234 -7.18 14.34 2.75
C SER D 234 -7.66 15.62 2.07
N GLU D 235 -7.15 16.76 2.49
CA GLU D 235 -7.49 18.02 1.82
C GLU D 235 -6.96 18.03 0.38
N TRP D 236 -5.75 17.50 0.18
CA TRP D 236 -5.22 17.40 -1.17
C TRP D 236 -6.05 16.44 -2.02
N LYS D 237 -6.52 15.35 -1.42
CA LYS D 237 -7.41 14.43 -2.13
C LYS D 237 -8.71 15.12 -2.52
N PHE D 238 -9.26 15.93 -1.61
CA PHE D 238 -10.49 16.66 -1.92
C PHE D 238 -10.26 17.66 -3.06
N ALA D 239 -9.12 18.36 -3.03
CA ALA D 239 -8.79 19.28 -4.11
C ALA D 239 -8.64 18.53 -5.43
N ALA D 240 -8.03 17.35 -5.40
CA ALA D 240 -7.86 16.55 -6.60
C ALA D 240 -9.22 16.14 -7.16
N CYS D 241 -10.12 15.66 -6.30
CA CYS D 241 -11.44 15.27 -6.77
C CYS D 241 -12.22 16.46 -7.31
N VAL D 242 -12.07 17.63 -6.69
CA VAL D 242 -12.74 18.83 -7.18
C VAL D 242 -12.22 19.20 -8.56
N VAL D 243 -10.90 19.15 -8.75
CA VAL D 243 -10.32 19.45 -10.06
C VAL D 243 -10.79 18.45 -11.10
N ASP D 244 -10.89 17.18 -10.71
CA ASP D 244 -11.35 16.16 -11.64
C ASP D 244 -12.79 16.41 -12.05
N ARG D 245 -13.65 16.75 -11.09
CA ARG D 245 -15.05 17.03 -11.41
C ARG D 245 -15.16 18.27 -12.29
N LEU D 246 -14.36 19.30 -12.02
CA LEU D 246 -14.37 20.50 -12.85
C LEU D 246 -13.94 20.17 -14.28
N CYS D 247 -12.88 19.39 -14.44
CA CYS D 247 -12.42 19.01 -15.77
C CYS D 247 -13.49 18.19 -16.49
N LEU D 248 -14.16 17.28 -15.77
CA LEU D 248 -15.22 16.49 -16.38
C LEU D 248 -16.36 17.37 -16.86
N MET D 249 -16.79 18.32 -16.01
CA MET D 249 -17.88 19.21 -16.40
C MET D 249 -17.48 20.10 -17.57
N ALA D 250 -16.20 20.50 -17.64
CA ALA D 250 -15.76 21.35 -18.74
C ALA D 250 -15.66 20.56 -20.04
N PHE D 251 -15.24 19.29 -19.96
CA PHE D 251 -15.07 18.48 -21.16
C PHE D 251 -16.38 17.86 -21.65
N SER D 252 -17.40 17.78 -20.78
CA SER D 252 -18.68 17.23 -21.21
C SER D 252 -19.28 18.06 -22.35
N VAL D 253 -19.28 19.39 -22.18
CA VAL D 253 -19.84 20.26 -23.21
C VAL D 253 -19.04 20.15 -24.50
N PHE D 254 -17.72 20.07 -24.39
CA PHE D 254 -16.87 19.94 -25.57
C PHE D 254 -17.15 18.64 -26.31
N THR D 255 -17.29 17.54 -25.56
CA THR D 255 -17.60 16.26 -26.19
C THR D 255 -18.97 16.29 -26.85
N ILE D 256 -19.94 16.94 -26.21
CA ILE D 256 -21.27 17.04 -26.80
C ILE D 256 -21.23 17.85 -28.09
N ILE D 257 -20.48 18.95 -28.10
CA ILE D 257 -20.36 19.77 -29.29
C ILE D 257 -19.67 18.98 -30.40
N CYS D 258 -18.63 18.21 -30.06
CA CYS D 258 -17.93 17.42 -31.06
C CYS D 258 -18.85 16.35 -31.64
N THR D 259 -19.66 15.70 -30.79
CA THR D 259 -20.58 14.68 -31.28
C THR D 259 -21.65 15.30 -32.18
N ILE D 260 -22.13 16.49 -31.82
CA ILE D 260 -23.12 17.16 -32.65
C ILE D 260 -22.52 17.56 -34.00
N GLY D 261 -21.27 18.02 -33.99
CA GLY D 261 -20.63 18.40 -35.24
C GLY D 261 -20.34 17.21 -36.13
N ILE D 262 -19.97 16.07 -35.54
CA ILE D 262 -19.73 14.87 -36.32
C ILE D 262 -20.99 14.45 -37.05
N LEU D 263 -22.17 14.68 -36.46
CA LEU D 263 -23.42 14.34 -37.11
C LEU D 263 -23.81 15.40 -38.14
N MET D 264 -23.59 16.68 -37.81
CA MET D 264 -23.93 17.74 -38.75
C MET D 264 -23.05 17.72 -39.99
N SER D 265 -21.80 17.30 -39.86
CA SER D 265 -20.86 17.23 -40.97
C SER D 265 -20.80 15.85 -41.60
N ALA D 266 -21.71 14.94 -41.24
CA ALA D 266 -21.72 13.60 -41.79
C ALA D 266 -22.01 13.63 -43.29
N PRO D 267 -22.98 14.44 -43.75
CA PRO D 267 -23.25 14.48 -45.20
C PRO D 267 -22.04 14.91 -46.02
N ASN D 268 -21.18 15.75 -45.47
CA ASN D 268 -20.01 16.21 -46.22
C ASN D 268 -19.01 15.08 -46.42
N PHE D 269 -18.86 14.22 -45.43
CA PHE D 269 -17.92 13.10 -45.49
C PHE D 269 -18.62 11.75 -45.61
N VAL D 270 -19.58 11.47 -44.73
CA VAL D 270 -20.30 10.20 -44.76
C VAL D 270 -21.38 10.26 -45.83
N LEU E 7 -15.95 -28.78 -36.94
CA LEU E 7 -16.51 -27.64 -36.23
C LEU E 7 -15.46 -26.57 -36.02
N TYR E 8 -14.57 -26.41 -37.00
CA TYR E 8 -13.52 -25.41 -36.91
C TYR E 8 -14.10 -24.00 -36.89
N TYR E 9 -14.85 -23.64 -37.93
CA TYR E 9 -15.43 -22.31 -38.00
C TYR E 9 -16.36 -22.03 -36.83
N GLY E 10 -17.05 -23.06 -36.34
CA GLY E 10 -17.96 -22.89 -35.22
C GLY E 10 -17.25 -22.73 -33.89
N LEU E 11 -16.30 -23.64 -33.61
CA LEU E 11 -15.60 -23.59 -32.34
C LEU E 11 -14.72 -22.36 -32.24
N ASN E 12 -14.03 -21.99 -33.32
CA ASN E 12 -13.14 -20.84 -33.29
C ASN E 12 -13.90 -19.56 -32.95
N LEU E 13 -15.19 -19.49 -33.26
CA LEU E 13 -16.00 -18.33 -32.93
C LEU E 13 -16.80 -18.49 -31.64
N LEU E 14 -17.03 -19.73 -31.19
CA LEU E 14 -17.79 -19.94 -29.95
C LEU E 14 -16.89 -19.84 -28.73
N ILE E 15 -15.67 -20.38 -28.80
CA ILE E 15 -14.79 -20.37 -27.63
C ILE E 15 -14.41 -18.95 -27.22
N PRO E 16 -14.01 -18.05 -28.12
CA PRO E 16 -13.69 -16.68 -27.68
C PRO E 16 -14.87 -15.97 -27.04
N CYS E 17 -16.09 -16.19 -27.55
CA CYS E 17 -17.26 -15.54 -26.98
C CYS E 17 -17.47 -15.96 -25.54
N VAL E 18 -17.49 -17.26 -25.28
CA VAL E 18 -17.68 -17.74 -23.92
C VAL E 18 -16.51 -17.33 -23.02
N LEU E 19 -15.30 -17.27 -23.58
CA LEU E 19 -14.16 -16.84 -22.78
C LEU E 19 -14.30 -15.39 -22.35
N ILE E 20 -14.70 -14.52 -23.28
CA ILE E 20 -14.91 -13.11 -22.94
C ILE E 20 -16.06 -12.96 -21.96
N SER E 21 -17.11 -13.77 -22.11
CA SER E 21 -18.22 -13.70 -21.17
C SER E 21 -17.78 -14.10 -19.77
N ALA E 22 -17.00 -15.18 -19.65
CA ALA E 22 -16.48 -15.60 -18.36
C ALA E 22 -15.57 -14.53 -17.76
N LEU E 23 -14.73 -13.91 -18.59
CA LEU E 23 -13.85 -12.87 -18.09
C LEU E 23 -14.66 -11.68 -17.57
N ALA E 24 -15.69 -11.28 -18.30
CA ALA E 24 -16.53 -10.18 -17.85
C ALA E 24 -17.24 -10.53 -16.55
N LEU E 25 -17.76 -11.75 -16.45
CA LEU E 25 -18.43 -12.16 -15.23
C LEU E 25 -17.46 -12.18 -14.04
N LEU E 26 -16.22 -12.60 -14.27
CA LEU E 26 -15.24 -12.65 -13.20
C LEU E 26 -14.79 -11.24 -12.80
N VAL E 27 -14.76 -10.31 -13.75
CA VAL E 27 -14.38 -8.93 -13.42
C VAL E 27 -15.32 -8.36 -12.38
N PHE E 28 -16.57 -8.80 -12.37
CA PHE E 28 -17.55 -8.33 -11.38
C PHE E 28 -17.44 -9.03 -10.05
N LEU E 29 -16.52 -9.99 -9.90
CA LEU E 29 -16.36 -10.73 -8.66
C LEU E 29 -15.31 -10.11 -7.74
N LEU E 30 -14.59 -9.09 -8.20
CA LEU E 30 -13.58 -8.43 -7.38
C LEU E 30 -14.25 -7.79 -6.17
N PRO E 31 -13.99 -8.29 -4.95
CA PRO E 31 -14.73 -7.77 -3.78
C PRO E 31 -14.39 -6.33 -3.44
N ALA E 32 -13.09 -6.01 -3.36
CA ALA E 32 -12.66 -4.70 -2.88
C ALA E 32 -11.70 -3.98 -3.82
N ASP E 33 -11.22 -4.61 -4.89
CA ASP E 33 -10.31 -3.94 -5.80
C ASP E 33 -10.96 -2.70 -6.39
N SER E 34 -10.46 -1.52 -6.01
CA SER E 34 -11.07 -0.27 -6.44
C SER E 34 -10.60 0.16 -7.81
N GLY E 35 -9.30 0.43 -7.94
CA GLY E 35 -8.76 0.98 -9.17
C GLY E 35 -8.53 -0.06 -10.25
N GLU E 36 -7.82 -1.14 -9.91
CA GLU E 36 -7.51 -2.18 -10.89
C GLU E 36 -8.76 -2.61 -11.65
N LYS E 37 -9.89 -2.67 -10.96
CA LYS E 37 -11.16 -2.99 -11.60
C LYS E 37 -11.32 -2.24 -12.92
N ILE E 38 -11.31 -0.91 -12.85
CA ILE E 38 -11.45 -0.10 -14.05
C ILE E 38 -10.45 -0.56 -15.11
N SER E 39 -9.18 -0.68 -14.72
CA SER E 39 -8.16 -1.15 -15.66
C SER E 39 -8.59 -2.48 -16.27
N LEU E 40 -8.95 -3.45 -15.44
CA LEU E 40 -9.43 -4.72 -15.94
C LEU E 40 -10.64 -4.53 -16.83
N GLY E 41 -11.55 -3.63 -16.44
CA GLY E 41 -12.70 -3.34 -17.27
C GLY E 41 -12.33 -2.96 -18.69
N ILE E 42 -11.16 -2.36 -18.87
CA ILE E 42 -10.66 -2.05 -20.21
C ILE E 42 -9.79 -3.18 -20.75
N THR E 43 -9.07 -3.89 -19.87
CA THR E 43 -8.19 -4.97 -20.32
C THR E 43 -8.96 -5.98 -21.14
N VAL E 44 -10.08 -6.48 -20.61
CA VAL E 44 -10.91 -7.42 -21.35
C VAL E 44 -11.30 -6.83 -22.70
N LEU E 45 -11.62 -5.54 -22.73
CA LEU E 45 -12.01 -4.89 -23.99
C LEU E 45 -10.92 -5.09 -25.04
N LEU E 46 -9.65 -5.02 -24.63
CA LEU E 46 -8.55 -5.26 -25.57
C LEU E 46 -8.70 -6.62 -26.23
N SER E 47 -8.91 -7.67 -25.41
CA SER E 47 -9.09 -9.01 -25.96
C SER E 47 -10.21 -9.04 -26.99
N LEU E 48 -11.18 -8.14 -26.87
CA LEU E 48 -12.25 -8.06 -27.86
C LEU E 48 -11.75 -7.39 -29.15
N THR E 49 -11.06 -6.26 -29.01
CA THR E 49 -10.61 -5.52 -30.18
C THR E 49 -9.80 -6.43 -31.11
N VAL E 50 -8.75 -7.06 -30.59
CA VAL E 50 -7.95 -7.98 -31.38
C VAL E 50 -8.86 -9.04 -32.00
N PHE E 51 -9.79 -9.57 -31.22
CA PHE E 51 -10.70 -10.59 -31.74
C PHE E 51 -11.47 -10.06 -32.94
N MET E 52 -11.90 -8.80 -32.90
CA MET E 52 -12.61 -8.22 -34.04
C MET E 52 -11.75 -8.31 -35.30
N LEU E 53 -10.44 -8.13 -35.18
CA LEU E 53 -9.57 -8.26 -36.34
C LEU E 53 -9.71 -9.62 -36.98
N LEU E 54 -9.81 -10.67 -36.17
CA LEU E 54 -9.99 -12.01 -36.71
C LEU E 54 -11.25 -12.08 -37.58
N VAL E 55 -12.30 -11.38 -37.18
CA VAL E 55 -13.53 -11.35 -37.97
C VAL E 55 -13.24 -10.82 -39.36
N ALA E 56 -12.39 -9.80 -39.46
CA ALA E 56 -12.04 -9.24 -40.77
C ALA E 56 -11.46 -10.31 -41.68
N GLU E 57 -10.83 -11.32 -41.12
CA GLU E 57 -10.28 -12.40 -41.94
C GLU E 57 -11.39 -13.25 -42.54
N ILE E 58 -12.45 -13.49 -41.78
CA ILE E 58 -13.54 -14.34 -42.26
C ILE E 58 -14.69 -13.52 -42.84
N MET E 59 -14.91 -12.31 -42.35
CA MET E 59 -16.02 -11.47 -42.81
C MET E 59 -15.58 -10.02 -42.73
N PRO E 60 -14.91 -9.51 -43.77
CA PRO E 60 -14.50 -8.10 -43.76
C PRO E 60 -15.69 -7.17 -43.57
N SER E 61 -15.44 -6.03 -42.94
CA SER E 61 -16.49 -5.06 -42.68
C SER E 61 -17.01 -4.41 -43.96
N THR E 62 -16.28 -4.52 -45.06
CA THR E 62 -16.69 -3.94 -46.33
C THR E 62 -17.56 -4.89 -47.16
N SER E 63 -17.81 -6.10 -46.68
CA SER E 63 -18.63 -7.08 -47.38
C SER E 63 -19.85 -7.51 -46.60
N ASP E 64 -19.72 -7.72 -45.30
CA ASP E 64 -20.84 -8.17 -44.47
C ASP E 64 -21.78 -7.00 -44.23
N SER E 65 -23.00 -7.10 -44.78
CA SER E 65 -24.01 -6.07 -44.65
C SER E 65 -25.24 -6.62 -43.92
N SER E 66 -25.01 -7.45 -42.91
CA SER E 66 -26.10 -8.06 -42.14
C SER E 66 -26.12 -7.47 -40.75
N PRO E 67 -27.13 -6.67 -40.38
CA PRO E 67 -27.16 -6.09 -39.03
C PRO E 67 -27.53 -7.10 -37.95
N SER E 68 -27.69 -8.36 -38.33
CA SER E 68 -28.04 -9.39 -37.35
C SER E 68 -26.91 -9.63 -36.37
N ILE E 69 -25.67 -9.73 -36.86
CA ILE E 69 -24.54 -9.92 -35.97
C ILE E 69 -24.05 -8.58 -35.42
N ALA E 70 -24.30 -7.48 -36.15
CA ALA E 70 -23.92 -6.17 -35.66
C ALA E 70 -24.65 -5.82 -34.37
N GLN E 71 -25.92 -6.24 -34.27
CA GLN E 71 -26.69 -5.98 -33.05
C GLN E 71 -26.05 -6.66 -31.85
N TYR E 72 -25.67 -7.93 -31.99
CA TYR E 72 -25.04 -8.65 -30.90
C TYR E 72 -23.67 -8.06 -30.58
N PHE E 73 -22.91 -7.66 -31.60
CA PHE E 73 -21.62 -7.03 -31.35
C PHE E 73 -21.79 -5.73 -30.57
N ALA E 74 -22.77 -4.91 -30.95
CA ALA E 74 -23.01 -3.67 -30.23
C ALA E 74 -23.49 -3.94 -28.81
N SER E 75 -24.31 -4.97 -28.61
CA SER E 75 -24.75 -5.32 -27.27
C SER E 75 -23.57 -5.73 -26.40
N THR E 76 -22.66 -6.55 -26.95
CA THR E 76 -21.48 -6.96 -26.18
C THR E 76 -20.59 -5.76 -25.87
N MET E 77 -20.42 -4.86 -26.83
CA MET E 77 -19.62 -3.66 -26.59
C MET E 77 -20.24 -2.79 -25.50
N ILE E 78 -21.57 -2.64 -25.54
CA ILE E 78 -22.24 -1.83 -24.52
C ILE E 78 -22.14 -2.50 -23.16
N ILE E 79 -22.17 -3.84 -23.11
CA ILE E 79 -22.03 -4.53 -21.84
C ILE E 79 -20.64 -4.31 -21.26
N VAL E 80 -19.60 -4.52 -22.07
CA VAL E 80 -18.25 -4.34 -21.59
C VAL E 80 -17.96 -2.87 -21.27
N GLY E 81 -18.70 -1.94 -21.86
CA GLY E 81 -18.55 -0.54 -21.51
C GLY E 81 -19.22 -0.20 -20.20
N LEU E 82 -20.47 -0.65 -20.03
CA LEU E 82 -21.17 -0.45 -18.77
C LEU E 82 -20.51 -1.17 -17.62
N SER E 83 -19.69 -2.19 -17.90
CA SER E 83 -18.88 -2.78 -16.84
C SER E 83 -17.98 -1.74 -16.19
N VAL E 84 -17.39 -0.85 -17.01
CA VAL E 84 -16.54 0.20 -16.47
C VAL E 84 -17.36 1.19 -15.64
N VAL E 85 -18.58 1.50 -16.10
CA VAL E 85 -19.45 2.40 -15.33
C VAL E 85 -19.78 1.77 -13.98
N VAL E 86 -20.05 0.47 -13.97
CA VAL E 86 -20.37 -0.21 -12.72
C VAL E 86 -19.15 -0.20 -11.79
N THR E 87 -17.96 -0.43 -12.34
CA THR E 87 -16.76 -0.39 -11.52
C THR E 87 -16.53 1.01 -10.94
N VAL E 88 -16.79 2.04 -11.73
CA VAL E 88 -16.62 3.41 -11.24
C VAL E 88 -17.65 3.72 -10.16
N ILE E 89 -18.88 3.24 -10.33
CA ILE E 89 -19.90 3.46 -9.31
C ILE E 89 -19.53 2.74 -8.02
N VAL E 90 -18.97 1.53 -8.15
CA VAL E 90 -18.53 0.79 -6.96
C VAL E 90 -17.39 1.53 -6.27
N LEU E 91 -16.45 2.07 -7.05
CA LEU E 91 -15.37 2.86 -6.46
C LEU E 91 -15.92 4.08 -5.73
N GLN E 92 -16.90 4.77 -6.33
CA GLN E 92 -17.48 5.94 -5.69
C GLN E 92 -18.18 5.55 -4.39
N TYR E 93 -18.91 4.45 -4.38
CA TYR E 93 -19.57 3.99 -3.17
C TYR E 93 -18.59 3.49 -2.13
N HIS E 94 -17.41 3.05 -2.54
CA HIS E 94 -16.39 2.58 -1.61
C HIS E 94 -15.55 3.71 -1.04
N HIS E 95 -15.43 4.83 -1.75
CA HIS E 95 -14.63 5.96 -1.29
C HIS E 95 -15.46 7.07 -0.67
N HIS E 96 -16.59 7.42 -1.28
CA HIS E 96 -17.46 8.47 -0.76
C HIS E 96 -16.70 9.78 -0.58
N ASP E 97 -16.21 10.31 -1.70
CA ASP E 97 -15.46 11.56 -1.70
C ASP E 97 -16.29 12.66 -1.05
N PRO E 98 -15.66 13.72 -0.56
CA PRO E 98 -16.44 14.79 0.09
C PRO E 98 -17.45 15.41 -0.86
N ASP E 99 -18.65 15.68 -0.34
CA ASP E 99 -19.71 16.30 -1.12
C ASP E 99 -20.11 15.44 -2.32
N GLY E 100 -19.93 14.12 -2.20
CA GLY E 100 -20.26 13.20 -3.25
C GLY E 100 -21.02 12.00 -2.71
N GLY E 101 -20.89 10.88 -3.41
CA GLY E 101 -21.56 9.67 -3.01
C GLY E 101 -23.07 9.82 -3.04
N LYS E 102 -23.73 8.97 -2.25
CA LYS E 102 -25.18 8.95 -2.13
C LYS E 102 -25.57 9.08 -0.66
N MET E 103 -26.88 9.22 -0.43
CA MET E 103 -27.42 9.36 0.91
C MET E 103 -27.01 8.15 1.75
N PRO E 104 -26.14 8.33 2.76
CA PRO E 104 -25.75 7.17 3.58
C PRO E 104 -26.92 6.53 4.30
N LYS E 105 -27.85 7.33 4.81
CA LYS E 105 -28.99 6.77 5.53
C LYS E 105 -29.89 5.96 4.62
N TRP E 106 -30.01 6.34 3.36
CA TRP E 106 -30.85 5.60 2.43
C TRP E 106 -30.27 4.22 2.15
N THR E 107 -28.95 4.14 1.98
CA THR E 107 -28.30 2.86 1.69
C THR E 107 -28.06 2.03 2.94
N ARG E 108 -28.11 2.64 4.12
CA ARG E 108 -27.87 1.89 5.35
C ARG E 108 -28.88 0.77 5.52
N VAL E 109 -30.17 1.09 5.41
CA VAL E 109 -31.21 0.08 5.58
C VAL E 109 -31.14 -0.95 4.45
N ILE E 110 -30.86 -0.49 3.23
CA ILE E 110 -30.76 -1.41 2.10
C ILE E 110 -29.66 -2.44 2.36
N LEU E 111 -28.52 -1.99 2.87
CA LEU E 111 -27.42 -2.91 3.14
C LEU E 111 -27.74 -3.82 4.33
N LEU E 112 -28.34 -3.26 5.38
CA LEU E 112 -28.71 -4.07 6.54
C LEU E 112 -29.75 -5.13 6.19
N ASN E 113 -30.55 -4.90 5.15
CA ASN E 113 -31.49 -5.91 4.69
C ASN E 113 -30.85 -6.91 3.74
N TRP E 114 -30.00 -6.44 2.83
CA TRP E 114 -29.35 -7.34 1.88
C TRP E 114 -28.39 -8.29 2.58
N CYS E 115 -27.73 -7.85 3.66
CA CYS E 115 -26.84 -8.74 4.39
C CYS E 115 -27.63 -9.91 5.00
N ALA E 116 -28.75 -9.61 5.64
CA ALA E 116 -29.59 -10.66 6.21
C ALA E 116 -30.19 -11.54 5.12
N TRP E 117 -30.51 -10.97 3.96
CA TRP E 117 -31.04 -11.77 2.86
C TRP E 117 -30.01 -12.75 2.35
N PHE E 118 -28.78 -12.27 2.09
CA PHE E 118 -27.72 -13.15 1.62
C PHE E 118 -27.37 -14.21 2.67
N LEU E 119 -27.39 -13.82 3.95
CA LEU E 119 -27.12 -14.78 5.01
C LEU E 119 -28.29 -15.74 5.20
N ARG E 120 -29.50 -15.19 5.31
CA ARG E 120 -30.72 -15.98 5.47
C ARG E 120 -31.79 -15.35 4.58
N MET E 121 -31.90 -15.87 3.36
CA MET E 121 -32.87 -15.34 2.40
C MET E 121 -34.29 -15.49 2.94
N LYS E 122 -35.13 -14.49 2.68
CA LYS E 122 -36.52 -14.49 3.12
C LYS E 122 -37.31 -15.42 2.19
N ARG E 123 -37.18 -16.72 2.44
CA ARG E 123 -37.85 -17.75 1.67
C ARG E 123 -38.32 -18.83 2.62
N PRO E 124 -39.26 -19.68 2.18
CA PRO E 124 -39.75 -20.74 3.08
C PRO E 124 -38.65 -21.66 3.58
N GLY E 125 -37.76 -22.12 2.70
CA GLY E 125 -36.71 -23.03 3.10
C GLY E 125 -35.82 -22.51 4.21
N GLU E 126 -35.77 -21.18 4.39
CA GLU E 126 -34.97 -20.57 5.44
C GLU E 126 -35.81 -19.97 6.56
N ASP E 127 -37.10 -19.69 6.31
CA ASP E 127 -37.96 -19.12 7.34
C ASP E 127 -38.63 -20.19 8.19
N LYS E 128 -38.99 -21.33 7.59
CA LYS E 128 -39.65 -22.39 8.33
C LYS E 128 -38.68 -23.34 8.99
N VAL E 129 -37.46 -23.47 8.45
CA VAL E 129 -36.45 -24.37 9.02
C VAL E 129 -35.68 -23.56 10.06
N ARG E 130 -36.23 -23.52 11.27
CA ARG E 130 -35.60 -22.81 12.38
C ARG E 130 -36.33 -23.12 13.68
N PRO E 131 -35.66 -23.03 14.83
CA PRO E 131 -36.35 -23.33 16.10
C PRO E 131 -37.38 -22.27 16.43
N ALA E 132 -38.54 -22.73 16.88
CA ALA E 132 -39.62 -21.83 17.25
C ALA E 132 -40.50 -22.51 18.28
N CYS E 133 -41.22 -21.70 19.06
CA CYS E 133 -42.10 -22.20 20.10
C CYS E 133 -43.11 -21.11 20.43
N GLN E 134 -44.06 -21.44 21.31
CA GLN E 134 -45.10 -20.51 21.74
C GLN E 134 -44.69 -19.72 22.97
N HIS E 135 -43.40 -19.63 23.26
CA HIS E 135 -42.92 -18.90 24.42
C HIS E 135 -42.63 -17.45 24.05
N LYS E 136 -42.46 -16.62 25.09
CA LYS E 136 -42.19 -15.20 24.89
C LYS E 136 -40.84 -14.95 24.22
N GLN E 137 -39.98 -15.96 24.11
CA GLN E 137 -38.69 -15.77 23.48
C GLN E 137 -38.84 -15.40 22.01
N ARG E 138 -39.94 -15.80 21.38
CA ARG E 138 -40.20 -15.50 19.98
C ARG E 138 -41.22 -14.40 19.80
N ARG E 139 -41.59 -13.69 20.86
CA ARG E 139 -42.55 -12.61 20.80
C ARG E 139 -41.86 -11.26 20.88
N CYS E 140 -42.64 -10.20 20.69
CA CYS E 140 -42.13 -8.84 20.72
C CYS E 140 -42.61 -8.13 21.99
N SER E 141 -41.72 -7.33 22.57
CA SER E 141 -42.01 -6.59 23.79
C SER E 141 -41.83 -5.10 23.52
N LEU E 142 -42.06 -4.29 24.56
CA LEU E 142 -41.93 -2.85 24.43
C LEU E 142 -40.51 -2.48 24.02
N ALA E 143 -39.51 -3.14 24.59
CA ALA E 143 -38.12 -2.84 24.24
C ALA E 143 -37.82 -3.15 22.78
N SER E 144 -38.51 -4.14 22.20
CA SER E 144 -38.27 -4.51 20.82
C SER E 144 -38.93 -3.55 19.84
N VAL E 145 -40.04 -2.92 20.25
CA VAL E 145 -40.75 -1.97 19.39
C VAL E 145 -39.96 -0.67 19.40
N GLU E 146 -39.19 -0.44 18.33
CA GLU E 146 -38.38 0.76 18.19
C GLU E 146 -39.08 1.84 17.37
N MET E 147 -40.41 1.82 17.33
CA MET E 147 -41.14 2.82 16.57
C MET E 147 -40.95 4.22 17.14
N SER E 148 -40.70 4.33 18.45
CA SER E 148 -40.52 5.61 19.12
C SER E 148 -39.09 5.75 19.64
N ALA E 149 -38.12 5.23 18.89
CA ALA E 149 -36.71 5.30 19.27
C ALA E 149 -36.48 4.68 20.65
N VAL E 150 -37.13 3.54 20.90
CA VAL E 150 -36.98 2.86 22.18
C VAL E 150 -35.58 2.24 22.27
N ALA E 151 -35.05 2.18 23.49
CA ALA E 151 -33.73 1.60 23.73
C ALA E 151 -33.71 0.16 23.24
N PRO E 152 -32.93 -0.15 22.20
CA PRO E 152 -32.86 -1.54 21.71
C PRO E 152 -32.36 -2.48 22.78
N PRO E 153 -32.67 -3.77 22.68
CA PRO E 153 -32.18 -4.73 23.67
C PRO E 153 -30.66 -4.74 23.72
N PRO E 154 -30.06 -4.45 24.89
CA PRO E 154 -28.59 -4.52 24.98
C PRO E 154 -28.07 -5.90 24.61
N ALA E 155 -27.30 -5.97 23.53
CA ALA E 155 -26.74 -7.22 23.06
C ALA E 155 -25.43 -6.95 22.34
N SER E 156 -24.63 -8.00 22.21
CA SER E 156 -23.33 -7.89 21.55
C SER E 156 -23.45 -7.77 20.03
N ASN E 157 -24.66 -7.78 19.48
CA ASN E 157 -24.86 -7.66 18.04
C ASN E 157 -24.68 -6.24 17.53
N GLY E 158 -24.32 -5.29 18.39
CA GLY E 158 -24.13 -3.91 17.99
C GLY E 158 -24.94 -2.93 18.80
N ASN E 159 -25.44 -3.38 19.97
CA ASN E 159 -26.21 -2.53 20.86
C ASN E 159 -25.53 -2.32 22.20
N LEU E 160 -25.14 -3.39 22.88
CA LEU E 160 -24.49 -3.25 24.18
C LEU E 160 -23.21 -2.43 24.07
N LEU E 161 -22.26 -2.90 23.27
CA LEU E 161 -21.00 -2.17 23.12
C LEU E 161 -21.21 -0.83 22.42
N TYR E 162 -22.25 -0.72 21.59
CA TYR E 162 -22.52 0.54 20.90
C TYR E 162 -22.93 1.63 21.87
N ILE E 163 -23.84 1.31 22.80
CA ILE E 163 -24.28 2.28 23.79
C ILE E 163 -23.14 2.77 24.65
N GLY E 164 -22.10 1.95 24.82
CA GLY E 164 -20.96 2.32 25.64
C GLY E 164 -19.93 3.12 24.87
N PHE E 165 -19.71 2.74 23.60
CA PHE E 165 -18.72 3.45 22.78
C PHE E 165 -19.23 4.82 22.38
N ARG E 166 -20.51 4.93 22.02
CA ARG E 166 -21.13 6.19 21.65
C ARG E 166 -21.90 6.81 22.81
N GLY E 167 -21.42 6.63 24.03
CA GLY E 167 -22.10 7.15 25.21
C GLY E 167 -21.82 8.62 25.44
N LEU E 168 -22.45 9.48 24.66
CA LEU E 168 -22.28 10.92 24.81
C LEU E 168 -22.52 11.34 26.25
N ASP E 169 -21.90 12.46 26.63
CA ASP E 169 -22.03 12.94 28.02
C ASP E 169 -23.48 13.17 28.41
N GLY E 170 -24.33 13.54 27.44
CA GLY E 170 -25.71 13.82 27.75
C GLY E 170 -26.51 12.63 28.22
N VAL E 171 -26.00 11.41 28.01
CA VAL E 171 -26.70 10.20 28.40
C VAL E 171 -25.78 9.28 29.20
N HIS E 172 -24.48 9.57 29.19
CA HIS E 172 -23.49 8.73 29.85
C HIS E 172 -22.83 9.39 31.05
N CYS E 173 -22.56 10.70 30.97
CA CYS E 173 -21.87 11.40 32.05
C CYS E 173 -22.80 11.78 33.20
N VAL E 174 -24.01 11.24 33.24
CA VAL E 174 -24.95 11.53 34.33
C VAL E 174 -25.58 10.22 34.80
N PRO E 175 -24.79 9.29 35.35
CA PRO E 175 -25.38 8.03 35.87
C PRO E 175 -25.85 8.17 37.31
N THR E 176 -26.88 8.98 37.50
CA THR E 176 -27.44 9.25 38.83
C THR E 176 -28.96 9.24 38.74
N PRO E 177 -29.57 8.07 38.64
CA PRO E 177 -31.03 7.99 38.61
C PRO E 177 -31.64 8.51 39.90
N ASP E 178 -32.97 8.61 39.89
CA ASP E 178 -33.71 9.10 41.06
C ASP E 178 -33.86 7.99 42.10
N SER E 179 -32.72 7.52 42.57
CA SER E 179 -32.66 6.45 43.58
C SER E 179 -31.82 6.84 44.79
N GLY E 180 -30.72 7.58 44.58
CA GLY E 180 -29.87 7.97 45.69
C GLY E 180 -28.88 6.91 46.11
N VAL E 181 -28.46 6.04 45.18
CA VAL E 181 -27.50 4.99 45.52
C VAL E 181 -26.22 5.57 46.07
N VAL E 182 -25.87 6.80 45.65
CA VAL E 182 -24.65 7.45 46.14
C VAL E 182 -24.67 7.51 47.66
N CYS E 183 -25.85 7.59 48.26
CA CYS E 183 -26.00 7.61 49.72
C CYS E 183 -26.57 6.32 50.27
N GLY E 184 -26.93 5.36 49.41
CA GLY E 184 -27.49 4.10 49.85
C GLY E 184 -26.57 2.93 49.61
N ARG E 185 -25.80 2.98 48.53
CA ARG E 185 -24.88 1.91 48.18
C ARG E 185 -23.49 2.18 48.75
N MET E 186 -22.78 1.10 49.04
CA MET E 186 -21.43 1.19 49.59
C MET E 186 -20.37 0.57 48.69
N ALA E 187 -20.72 -0.41 47.86
CA ALA E 187 -19.75 -1.04 46.97
C ALA E 187 -19.32 -0.03 45.91
N CYS E 188 -18.05 0.37 45.97
CA CYS E 188 -17.48 1.33 45.01
C CYS E 188 -18.26 2.65 45.04
N SER E 189 -18.84 2.99 46.19
CA SER E 189 -19.61 4.21 46.33
C SER E 189 -19.62 4.66 47.79
N PRO E 190 -18.64 5.44 48.23
CA PRO E 190 -18.63 5.89 49.63
C PRO E 190 -19.91 6.65 49.97
N THR E 191 -20.45 6.36 51.15
CA THR E 191 -21.69 6.98 51.62
C THR E 191 -21.38 8.40 52.10
N HIS E 192 -21.07 9.27 51.13
CA HIS E 192 -20.77 10.67 51.38
C HIS E 192 -19.81 10.84 52.56
N ASP E 193 -18.89 9.89 52.72
CA ASP E 193 -17.92 9.93 53.82
C ASP E 193 -16.82 10.91 53.45
N GLU E 194 -16.90 12.13 53.97
CA GLU E 194 -15.90 13.15 53.70
C GLU E 194 -14.62 12.97 54.51
N HIS E 195 -14.61 12.06 55.48
CA HIS E 195 -13.44 11.81 56.31
C HIS E 195 -12.72 10.52 55.93
N LEU E 196 -13.06 9.92 54.79
CA LEU E 196 -12.41 8.69 54.34
C LEU E 196 -11.05 9.05 53.77
N LEU E 197 -10.09 9.24 54.67
CA LEU E 197 -8.73 9.60 54.30
C LEU E 197 -7.86 8.36 54.17
N HIS E 198 -6.86 8.46 53.29
CA HIS E 198 -5.94 7.35 53.04
C HIS E 198 -4.93 7.30 54.20
N GLY E 199 -5.39 6.76 55.32
CA GLY E 199 -4.54 6.64 56.50
C GLY E 199 -4.05 7.96 57.02
N GLY E 200 -4.92 8.96 57.08
CA GLY E 200 -4.55 10.28 57.58
C GLY E 200 -4.55 11.34 56.50
N GLN E 201 -4.12 10.98 55.29
CA GLN E 201 -4.09 11.90 54.18
C GLN E 201 -5.22 11.60 53.19
N PRO E 202 -5.70 12.60 52.46
CA PRO E 202 -6.78 12.36 51.50
C PRO E 202 -6.29 11.54 50.32
N PRO E 203 -7.18 10.89 49.58
CA PRO E 203 -6.73 10.10 48.42
C PRO E 203 -6.26 10.96 47.26
N GLU E 204 -4.96 11.04 47.07
CA GLU E 204 -4.40 11.80 45.95
C GLU E 204 -2.96 11.35 45.74
N GLY E 205 -2.69 10.76 44.57
CA GLY E 205 -1.36 10.27 44.27
C GLY E 205 -0.43 11.35 43.75
N ASP E 206 -0.82 11.98 42.65
CA ASP E 206 0.02 13.01 42.02
C ASP E 206 -0.83 13.89 41.12
N PRO E 207 -0.79 15.22 41.29
CA PRO E 207 -1.50 16.08 40.33
C PRO E 207 -1.08 15.86 38.89
N ASP E 208 0.15 15.39 38.66
CA ASP E 208 0.59 15.10 37.30
C ASP E 208 -0.05 13.84 36.76
N LEU E 209 -0.40 12.90 37.65
CA LEU E 209 -1.09 11.68 37.20
C LEU E 209 -2.45 12.00 36.60
N ALA E 210 -3.12 13.04 37.10
CA ALA E 210 -4.40 13.45 36.53
C ALA E 210 -4.23 13.87 35.08
N LYS E 211 -3.11 14.50 34.74
CA LYS E 211 -2.86 14.90 33.36
C LYS E 211 -2.34 13.74 32.52
N ILE E 212 -1.58 12.83 33.12
CA ILE E 212 -1.13 11.65 32.39
C ILE E 212 -2.34 10.81 31.99
N LEU E 213 -3.31 10.67 32.89
CA LEU E 213 -4.53 9.92 32.56
C LEU E 213 -5.29 10.59 31.44
N GLU E 214 -5.38 11.92 31.47
CA GLU E 214 -6.08 12.64 30.41
C GLU E 214 -5.38 12.46 29.06
N GLU E 215 -4.04 12.49 29.06
CA GLU E 215 -3.31 12.30 27.81
C GLU E 215 -3.48 10.88 27.29
N VAL E 216 -3.44 9.89 28.18
CA VAL E 216 -3.66 8.51 27.76
C VAL E 216 -5.07 8.34 27.21
N ARG E 217 -6.05 9.01 27.82
CA ARG E 217 -7.41 8.93 27.33
C ARG E 217 -7.55 9.59 25.97
N TYR E 218 -6.84 10.69 25.75
CA TYR E 218 -6.86 11.33 24.43
C TYR E 218 -6.22 10.44 23.38
N ILE E 219 -5.13 9.77 23.73
CA ILE E 219 -4.51 8.82 22.80
C ILE E 219 -5.46 7.68 22.49
N ALA E 220 -6.15 7.17 23.50
CA ALA E 220 -7.12 6.10 23.29
C ALA E 220 -8.28 6.59 22.41
N ASN E 221 -8.69 7.84 22.57
CA ASN E 221 -9.76 8.39 21.74
C ASN E 221 -9.30 8.54 20.30
N ARG E 222 -8.04 8.92 20.09
CA ARG E 222 -7.50 8.98 18.73
C ARG E 222 -7.47 7.59 18.11
N PHE E 223 -7.01 6.59 18.86
CA PHE E 223 -7.01 5.22 18.36
C PHE E 223 -8.43 4.76 18.03
N ARG E 224 -9.40 5.15 18.85
CA ARG E 224 -10.78 4.75 18.61
C ARG E 224 -11.36 5.47 17.40
N CYS E 225 -10.95 6.71 17.15
CA CYS E 225 -11.36 7.39 15.92
C CYS E 225 -10.77 6.70 14.70
N GLN E 226 -9.50 6.28 14.79
CA GLN E 226 -8.91 5.52 13.71
C GLN E 226 -9.66 4.21 13.49
N ASP E 227 -10.04 3.53 14.57
CA ASP E 227 -10.80 2.29 14.44
C ASP E 227 -12.17 2.54 13.82
N GLU E 228 -12.80 3.67 14.17
CA GLU E 228 -14.09 4.01 13.57
C GLU E 228 -13.93 4.27 12.07
N SER E 229 -12.86 4.96 11.68
CA SER E 229 -12.59 5.16 10.26
C SER E 229 -12.38 3.84 9.55
N GLU E 230 -11.64 2.92 10.18
CA GLU E 230 -11.42 1.61 9.57
C GLU E 230 -12.73 0.84 9.45
N ALA E 231 -13.62 0.96 10.44
CA ALA E 231 -14.90 0.27 10.38
C ALA E 231 -15.79 0.87 9.30
N VAL E 232 -15.73 2.19 9.12
CA VAL E 232 -16.47 2.82 8.03
C VAL E 232 -15.94 2.34 6.69
N CYS E 233 -14.61 2.23 6.56
CA CYS E 233 -14.02 1.71 5.33
C CYS E 233 -14.46 0.28 5.08
N SER E 234 -14.55 -0.54 6.14
CA SER E 234 -14.99 -1.92 5.98
C SER E 234 -16.45 -1.99 5.57
N GLU E 235 -17.29 -1.10 6.13
CA GLU E 235 -18.69 -1.06 5.73
C GLU E 235 -18.82 -0.63 4.27
N TRP E 236 -17.99 0.33 3.84
CA TRP E 236 -18.00 0.73 2.44
C TRP E 236 -17.55 -0.42 1.54
N LYS E 237 -16.56 -1.20 1.99
CA LYS E 237 -16.13 -2.38 1.23
C LYS E 237 -17.25 -3.40 1.13
N PHE E 238 -17.98 -3.60 2.22
CA PHE E 238 -19.11 -4.53 2.19
C PHE E 238 -20.19 -4.05 1.23
N ALA E 239 -20.49 -2.75 1.25
CA ALA E 239 -21.46 -2.20 0.30
C ALA E 239 -20.98 -2.37 -1.13
N ALA E 240 -19.69 -2.17 -1.37
CA ALA E 240 -19.13 -2.35 -2.71
C ALA E 240 -19.29 -3.79 -3.18
N CYS E 241 -18.97 -4.75 -2.31
CA CYS E 241 -19.10 -6.15 -2.69
C CYS E 241 -20.56 -6.53 -2.90
N VAL E 242 -21.47 -5.96 -2.11
CA VAL E 242 -22.89 -6.23 -2.30
C VAL E 242 -23.35 -5.71 -3.65
N VAL E 243 -22.93 -4.48 -4.00
CA VAL E 243 -23.30 -3.91 -5.29
C VAL E 243 -22.71 -4.74 -6.43
N ASP E 244 -21.48 -5.23 -6.26
CA ASP E 244 -20.87 -6.06 -7.29
C ASP E 244 -21.65 -7.35 -7.48
N ARG E 245 -22.02 -8.01 -6.38
CA ARG E 245 -22.79 -9.23 -6.47
C ARG E 245 -24.15 -8.99 -7.12
N LEU E 246 -24.79 -7.88 -6.77
CA LEU E 246 -26.08 -7.55 -7.39
C LEU E 246 -25.93 -7.33 -8.88
N CYS E 247 -24.90 -6.59 -9.30
CA CYS E 247 -24.68 -6.35 -10.72
C CYS E 247 -24.38 -7.67 -11.44
N LEU E 248 -23.62 -8.56 -10.82
CA LEU E 248 -23.32 -9.85 -11.42
C LEU E 248 -24.60 -10.66 -11.61
N MET E 249 -25.44 -10.71 -10.57
CA MET E 249 -26.69 -11.47 -10.66
C MET E 249 -27.63 -10.87 -11.70
N ALA E 250 -27.61 -9.54 -11.85
CA ALA E 250 -28.48 -8.90 -12.83
C ALA E 250 -27.98 -9.13 -14.25
N PHE E 251 -26.66 -9.14 -14.44
CA PHE E 251 -26.09 -9.32 -15.77
C PHE E 251 -26.01 -10.78 -16.20
N SER E 252 -26.08 -11.73 -15.25
CA SER E 252 -26.06 -13.14 -15.63
C SER E 252 -27.24 -13.49 -16.52
N VAL E 253 -28.44 -13.04 -16.13
CA VAL E 253 -29.63 -13.34 -16.92
C VAL E 253 -29.55 -12.68 -18.29
N PHE E 254 -29.02 -11.46 -18.36
CA PHE E 254 -28.89 -10.78 -19.64
C PHE E 254 -27.91 -11.52 -20.54
N THR E 255 -26.79 -11.98 -19.98
CA THR E 255 -25.82 -12.72 -20.77
C THR E 255 -26.41 -14.04 -21.26
N ILE E 256 -27.18 -14.72 -20.40
CA ILE E 256 -27.82 -15.96 -20.81
C ILE E 256 -28.80 -15.72 -21.94
N ILE E 257 -29.60 -14.65 -21.84
CA ILE E 257 -30.56 -14.33 -22.89
C ILE E 257 -29.83 -14.01 -24.19
N CYS E 258 -28.72 -13.27 -24.11
CA CYS E 258 -27.98 -12.93 -25.31
C CYS E 258 -27.38 -14.17 -25.95
N THR E 259 -26.86 -15.10 -25.13
CA THR E 259 -26.31 -16.33 -25.67
C THR E 259 -27.38 -17.18 -26.32
N ILE E 260 -28.58 -17.22 -25.72
CA ILE E 260 -29.67 -17.99 -26.29
C ILE E 260 -30.12 -17.37 -27.61
N GLY E 261 -30.17 -16.03 -27.67
CA GLY E 261 -30.57 -15.37 -28.91
C GLY E 261 -29.54 -15.55 -30.02
N ILE E 262 -28.26 -15.54 -29.67
CA ILE E 262 -27.22 -15.74 -30.68
C ILE E 262 -27.37 -17.11 -31.32
N LEU E 263 -27.83 -18.11 -30.56
CA LEU E 263 -28.04 -19.45 -31.11
C LEU E 263 -29.35 -19.52 -31.88
N MET E 264 -30.40 -18.87 -31.38
CA MET E 264 -31.69 -18.91 -32.06
C MET E 264 -31.64 -18.14 -33.39
N SER E 265 -30.83 -17.09 -33.47
CA SER E 265 -30.70 -16.29 -34.68
C SER E 265 -29.53 -16.72 -35.55
N ALA E 266 -28.90 -17.84 -35.24
CA ALA E 266 -27.77 -18.33 -36.01
C ALA E 266 -28.19 -18.68 -37.44
N PRO E 267 -29.32 -19.37 -37.64
CA PRO E 267 -29.74 -19.68 -39.01
C PRO E 267 -29.93 -18.45 -39.88
N ASN E 268 -30.34 -17.32 -39.30
CA ASN E 268 -30.54 -16.12 -40.09
C ASN E 268 -29.23 -15.55 -40.60
N PHE E 269 -28.17 -15.63 -39.80
CA PHE E 269 -26.86 -15.12 -40.16
C PHE E 269 -25.85 -16.23 -40.43
N VAL E 270 -25.71 -17.18 -39.51
CA VAL E 270 -24.76 -18.27 -39.67
C VAL E 270 -25.37 -19.34 -40.58
N LEU A 7 10.48 -25.40 -41.07
CA LEU A 7 11.02 -25.22 -39.73
C LEU A 7 10.57 -23.87 -39.15
N TYR A 8 10.54 -22.85 -40.00
CA TYR A 8 10.13 -21.52 -39.55
C TYR A 8 8.71 -21.55 -39.00
N TYR A 9 7.75 -22.03 -39.81
CA TYR A 9 6.37 -22.08 -39.36
C TYR A 9 6.19 -23.12 -38.25
N GLY A 10 6.88 -24.26 -38.36
CA GLY A 10 6.78 -25.27 -37.33
C GLY A 10 7.26 -24.78 -35.97
N LEU A 11 8.32 -23.97 -35.97
CA LEU A 11 8.82 -23.40 -34.73
C LEU A 11 7.96 -22.23 -34.25
N ASN A 12 7.41 -21.44 -35.18
CA ASN A 12 6.54 -20.34 -34.79
C ASN A 12 5.25 -20.87 -34.17
N LEU A 13 4.79 -22.04 -34.59
CA LEU A 13 3.59 -22.64 -34.00
C LEU A 13 3.90 -23.41 -32.73
N LEU A 14 5.17 -23.76 -32.49
CA LEU A 14 5.54 -24.54 -31.32
C LEU A 14 5.97 -23.65 -30.15
N ILE A 15 6.62 -22.53 -30.43
CA ILE A 15 7.09 -21.65 -29.36
C ILE A 15 5.93 -21.16 -28.49
N PRO A 16 4.80 -20.70 -29.05
CA PRO A 16 3.70 -20.25 -28.18
C PRO A 16 3.19 -21.33 -27.25
N CYS A 17 3.19 -22.59 -27.67
CA CYS A 17 2.73 -23.66 -26.80
C CYS A 17 3.58 -23.75 -25.54
N VAL A 18 4.90 -23.85 -25.72
CA VAL A 18 5.79 -23.95 -24.56
C VAL A 18 5.74 -22.66 -23.75
N LEU A 19 5.58 -21.52 -24.41
CA LEU A 19 5.50 -20.25 -23.70
C LEU A 19 4.29 -20.24 -22.76
N ILE A 20 3.13 -20.65 -23.28
CA ILE A 20 1.92 -20.67 -22.45
C ILE A 20 2.04 -21.72 -21.35
N SER A 21 2.65 -22.86 -21.67
CA SER A 21 2.84 -23.91 -20.67
C SER A 21 3.69 -23.41 -19.51
N ALA A 22 4.75 -22.64 -19.82
CA ALA A 22 5.61 -22.11 -18.76
C ALA A 22 4.92 -20.98 -18.01
N LEU A 23 4.17 -20.14 -18.72
CA LEU A 23 3.49 -19.03 -18.06
C LEU A 23 2.40 -19.52 -17.11
N ALA A 24 1.70 -20.59 -17.47
CA ALA A 24 0.66 -21.13 -16.59
C ALA A 24 1.25 -21.59 -15.26
N LEU A 25 2.44 -22.19 -15.31
CA LEU A 25 3.09 -22.63 -14.08
C LEU A 25 3.69 -21.46 -13.31
N LEU A 26 4.24 -20.48 -14.03
CA LEU A 26 4.84 -19.32 -13.36
C LEU A 26 3.80 -18.45 -12.67
N VAL A 27 2.58 -18.40 -13.21
CA VAL A 27 1.52 -17.62 -12.59
C VAL A 27 1.19 -18.19 -11.21
N PHE A 28 1.21 -19.51 -11.08
CA PHE A 28 0.93 -20.14 -9.80
C PHE A 28 2.15 -20.20 -8.90
N LEU A 29 3.36 -20.21 -9.47
CA LEU A 29 4.56 -20.16 -8.65
C LEU A 29 4.66 -18.86 -7.87
N LEU A 30 4.08 -17.78 -8.41
CA LEU A 30 4.02 -16.49 -7.72
C LEU A 30 3.24 -16.65 -6.42
N PRO A 31 3.88 -16.53 -5.24
CA PRO A 31 3.17 -16.81 -3.98
C PRO A 31 2.24 -15.68 -3.56
N ALA A 32 0.95 -15.91 -3.73
CA ALA A 32 -0.11 -15.11 -3.12
C ALA A 32 -0.01 -13.62 -3.44
N ASP A 33 0.76 -13.23 -4.44
CA ASP A 33 0.86 -11.82 -4.81
C ASP A 33 -0.39 -11.44 -5.59
N SER A 34 -1.43 -11.03 -4.85
CA SER A 34 -2.72 -10.74 -5.46
C SER A 34 -2.60 -9.70 -6.56
N GLY A 35 -2.15 -8.50 -6.21
CA GLY A 35 -2.05 -7.42 -7.18
C GLY A 35 -1.11 -7.72 -8.34
N GLU A 36 -0.27 -8.75 -8.22
CA GLU A 36 0.70 -9.09 -9.26
C GLU A 36 0.37 -10.40 -9.96
N LYS A 37 -0.55 -11.20 -9.44
CA LYS A 37 -0.85 -12.49 -10.06
C LYS A 37 -1.63 -12.32 -11.36
N ILE A 38 -2.85 -11.79 -11.27
CA ILE A 38 -3.70 -11.67 -12.44
C ILE A 38 -3.03 -10.80 -13.50
N SER A 39 -2.22 -9.83 -13.08
CA SER A 39 -1.52 -8.98 -14.04
C SER A 39 -0.79 -9.80 -15.09
N LEU A 40 -0.35 -11.02 -14.73
CA LEU A 40 0.24 -11.92 -15.72
C LEU A 40 -0.83 -12.50 -16.63
N GLY A 41 -1.83 -13.16 -16.05
CA GLY A 41 -2.86 -13.80 -16.86
C GLY A 41 -3.57 -12.81 -17.78
N ILE A 42 -3.82 -11.59 -17.29
CA ILE A 42 -4.49 -10.58 -18.10
C ILE A 42 -3.77 -10.39 -19.43
N THR A 43 -2.44 -10.54 -19.43
CA THR A 43 -1.69 -10.40 -20.67
C THR A 43 -1.69 -11.69 -21.48
N VAL A 44 -1.68 -12.84 -20.80
CA VAL A 44 -1.65 -14.12 -21.50
C VAL A 44 -2.77 -14.19 -22.53
N LEU A 45 -4.00 -13.89 -22.10
CA LEU A 45 -5.13 -13.86 -23.02
C LEU A 45 -4.80 -13.01 -24.25
N LEU A 46 -4.30 -11.79 -24.03
CA LEU A 46 -3.94 -10.92 -25.14
C LEU A 46 -2.93 -11.61 -26.05
N SER A 47 -1.92 -12.26 -25.47
CA SER A 47 -0.91 -12.94 -26.27
C SER A 47 -1.55 -13.92 -27.25
N LEU A 48 -2.71 -14.47 -26.91
CA LEU A 48 -3.39 -15.38 -27.81
C LEU A 48 -4.17 -14.63 -28.88
N THR A 49 -4.81 -13.53 -28.52
CA THR A 49 -5.64 -12.80 -29.47
C THR A 49 -4.84 -12.43 -30.72
N VAL A 50 -3.66 -11.83 -30.52
CA VAL A 50 -2.82 -11.45 -31.66
C VAL A 50 -2.52 -12.66 -32.52
N PHE A 51 -2.30 -13.82 -31.89
CA PHE A 51 -2.00 -15.03 -32.66
C PHE A 51 -3.16 -15.36 -33.60
N MET A 52 -4.40 -15.14 -33.15
CA MET A 52 -5.54 -15.40 -34.02
C MET A 52 -5.44 -14.63 -35.33
N LEU A 53 -4.79 -13.47 -35.31
CA LEU A 53 -4.57 -12.72 -36.55
C LEU A 53 -3.36 -13.26 -37.30
N LEU A 54 -2.31 -13.66 -36.59
CA LEU A 54 -1.10 -14.15 -37.24
C LEU A 54 -1.42 -15.22 -38.27
N VAL A 55 -2.04 -16.32 -37.81
CA VAL A 55 -2.42 -17.39 -38.72
C VAL A 55 -3.33 -16.84 -39.83
N ALA A 56 -4.23 -15.94 -39.47
CA ALA A 56 -5.14 -15.38 -40.47
C ALA A 56 -4.36 -14.71 -41.60
N GLU A 57 -3.18 -14.18 -41.31
CA GLU A 57 -2.33 -13.60 -42.35
C GLU A 57 -1.48 -14.63 -43.05
N ILE A 58 -1.11 -15.71 -42.35
CA ILE A 58 -0.25 -16.75 -42.93
C ILE A 58 -1.12 -17.78 -43.63
N MET A 59 -1.99 -18.44 -42.87
CA MET A 59 -2.85 -19.48 -43.43
C MET A 59 -4.23 -18.92 -43.73
N PRO A 60 -4.82 -19.27 -44.89
CA PRO A 60 -6.17 -18.77 -45.19
C PRO A 60 -7.24 -19.42 -44.33
N SER A 61 -7.85 -18.65 -43.44
CA SER A 61 -8.88 -19.18 -42.57
C SER A 61 -10.18 -19.50 -43.31
N THR A 62 -10.33 -19.02 -44.55
CA THR A 62 -11.54 -19.31 -45.31
C THR A 62 -11.73 -20.81 -45.49
N SER A 63 -10.64 -21.55 -45.72
CA SER A 63 -10.70 -22.99 -45.91
C SER A 63 -10.77 -23.64 -44.52
N ASP A 64 -11.96 -23.59 -43.93
CA ASP A 64 -12.19 -24.14 -42.60
C ASP A 64 -12.49 -25.64 -42.67
N SER A 65 -11.55 -26.36 -43.31
CA SER A 65 -11.69 -27.81 -43.49
C SER A 65 -11.04 -28.56 -42.33
N SER A 66 -9.76 -28.33 -42.10
CA SER A 66 -9.03 -29.04 -41.06
C SER A 66 -9.57 -28.64 -39.68
N PRO A 67 -10.16 -29.57 -38.91
CA PRO A 67 -10.61 -29.20 -37.56
C PRO A 67 -9.50 -29.17 -36.53
N SER A 68 -8.35 -29.78 -36.81
CA SER A 68 -7.28 -29.82 -35.82
C SER A 68 -6.76 -28.43 -35.49
N ILE A 69 -6.73 -27.52 -36.47
CA ILE A 69 -6.28 -26.16 -36.21
C ILE A 69 -7.25 -25.42 -35.30
N ALA A 70 -8.52 -25.81 -35.27
CA ALA A 70 -9.48 -25.19 -34.37
C ALA A 70 -9.30 -25.67 -32.94
N GLN A 71 -8.87 -26.92 -32.75
CA GLN A 71 -8.62 -27.43 -31.41
C GLN A 71 -7.25 -27.01 -30.88
N TYR A 72 -6.28 -26.79 -31.78
CA TYR A 72 -4.97 -26.34 -31.35
C TYR A 72 -5.06 -25.11 -30.47
N PHE A 73 -5.76 -24.07 -30.95
CA PHE A 73 -5.90 -22.85 -30.17
C PHE A 73 -6.96 -22.97 -29.09
N ALA A 74 -7.97 -23.83 -29.29
CA ALA A 74 -9.00 -24.01 -28.27
C ALA A 74 -8.41 -24.61 -27.00
N SER A 75 -7.43 -25.50 -27.13
CA SER A 75 -6.77 -26.07 -25.96
C SER A 75 -6.09 -24.98 -25.13
N THR A 76 -5.33 -24.11 -25.79
CA THR A 76 -4.66 -23.02 -25.08
C THR A 76 -5.67 -22.06 -24.48
N MET A 77 -6.77 -21.81 -25.20
CA MET A 77 -7.81 -20.93 -24.67
C MET A 77 -8.42 -21.51 -23.40
N ILE A 78 -8.72 -22.80 -23.39
CA ILE A 78 -9.29 -23.44 -22.21
C ILE A 78 -8.28 -23.44 -21.07
N ILE A 79 -7.00 -23.65 -21.39
CA ILE A 79 -5.97 -23.64 -20.35
C ILE A 79 -5.89 -22.26 -19.71
N VAL A 80 -5.91 -21.21 -20.53
CA VAL A 80 -5.83 -19.85 -19.99
C VAL A 80 -7.08 -19.53 -19.19
N GLY A 81 -8.24 -20.00 -19.65
CA GLY A 81 -9.46 -19.79 -18.88
C GLY A 81 -9.40 -20.46 -17.53
N LEU A 82 -8.91 -21.70 -17.47
CA LEU A 82 -8.76 -22.39 -16.20
C LEU A 82 -7.77 -21.68 -15.30
N SER A 83 -6.68 -21.16 -15.88
CA SER A 83 -5.71 -20.42 -15.08
C SER A 83 -6.32 -19.16 -14.49
N VAL A 84 -7.12 -18.44 -15.29
CA VAL A 84 -7.75 -17.22 -14.80
C VAL A 84 -8.78 -17.56 -13.72
N VAL A 85 -9.50 -18.66 -13.89
CA VAL A 85 -10.46 -19.08 -12.86
C VAL A 85 -9.74 -19.42 -11.57
N VAL A 86 -8.58 -20.10 -11.68
CA VAL A 86 -7.80 -20.41 -10.48
C VAL A 86 -7.31 -19.14 -9.81
N THR A 87 -6.86 -18.17 -10.61
CA THR A 87 -6.41 -16.89 -10.04
C THR A 87 -7.54 -16.17 -9.33
N VAL A 88 -8.74 -16.19 -9.91
CA VAL A 88 -9.88 -15.53 -9.29
C VAL A 88 -10.27 -16.23 -8.00
N ILE A 89 -10.20 -17.57 -7.99
CA ILE A 89 -10.52 -18.32 -6.78
C ILE A 89 -9.49 -18.03 -5.69
N VAL A 90 -8.23 -17.90 -6.06
CA VAL A 90 -7.19 -17.57 -5.09
C VAL A 90 -7.42 -16.17 -4.53
N LEU A 91 -7.78 -15.22 -5.40
CA LEU A 91 -8.09 -13.87 -4.92
C LEU A 91 -9.26 -13.88 -3.97
N GLN A 92 -10.30 -14.65 -4.27
CA GLN A 92 -11.45 -14.76 -3.39
C GLN A 92 -11.04 -15.33 -2.03
N TYR A 93 -10.30 -16.44 -2.04
CA TYR A 93 -9.85 -17.03 -0.79
C TYR A 93 -8.97 -16.08 0.01
N HIS A 94 -8.20 -15.22 -0.68
CA HIS A 94 -7.36 -14.26 0.03
C HIS A 94 -8.17 -13.11 0.59
N HIS A 95 -9.29 -12.76 -0.06
CA HIS A 95 -10.15 -11.69 0.44
C HIS A 95 -11.00 -12.17 1.61
N HIS A 96 -11.83 -13.18 1.37
CA HIS A 96 -12.66 -13.78 2.41
C HIS A 96 -13.52 -12.71 3.10
N ASP A 97 -14.41 -12.10 2.31
CA ASP A 97 -15.32 -11.10 2.83
C ASP A 97 -16.06 -11.63 4.05
N PRO A 98 -15.87 -11.05 5.24
CA PRO A 98 -16.57 -11.55 6.42
C PRO A 98 -18.09 -11.56 6.27
N ASP A 99 -18.65 -10.78 5.35
CA ASP A 99 -20.09 -10.71 5.14
C ASP A 99 -20.55 -11.41 3.87
N GLY A 100 -19.63 -11.96 3.08
CA GLY A 100 -20.00 -12.65 1.87
C GLY A 100 -18.85 -13.37 1.21
N GLY A 101 -18.78 -13.31 -0.12
CA GLY A 101 -17.71 -13.96 -0.86
C GLY A 101 -17.85 -15.46 -0.87
N LYS A 102 -16.91 -16.15 -0.22
CA LYS A 102 -16.92 -17.61 -0.14
C LYS A 102 -16.82 -18.01 1.32
N MET A 103 -17.82 -18.74 1.81
CA MET A 103 -17.87 -19.21 3.20
C MET A 103 -18.12 -20.71 3.19
N PRO A 104 -17.09 -21.51 2.93
CA PRO A 104 -17.29 -22.97 2.94
C PRO A 104 -17.70 -23.50 4.31
N LYS A 105 -16.97 -23.13 5.36
CA LYS A 105 -17.21 -23.55 6.74
C LYS A 105 -16.85 -25.01 6.97
N TRP A 106 -16.43 -25.75 5.94
CA TRP A 106 -16.05 -27.14 6.09
C TRP A 106 -14.65 -27.37 5.54
N THR A 107 -14.28 -26.61 4.51
CA THR A 107 -12.97 -26.76 3.89
C THR A 107 -11.83 -26.27 4.77
N ARG A 108 -12.13 -25.56 5.86
CA ARG A 108 -11.07 -25.08 6.74
C ARG A 108 -10.35 -26.24 7.42
N VAL A 109 -11.11 -27.25 7.87
CA VAL A 109 -10.48 -28.40 8.53
C VAL A 109 -9.64 -29.19 7.54
N ILE A 110 -10.03 -29.21 6.27
CA ILE A 110 -9.24 -29.91 5.26
C ILE A 110 -7.98 -29.12 4.92
N LEU A 111 -8.09 -27.80 4.85
CA LEU A 111 -6.92 -26.97 4.59
C LEU A 111 -5.92 -27.06 5.73
N LEU A 112 -6.40 -27.12 6.98
CA LEU A 112 -5.50 -27.28 8.11
C LEU A 112 -4.76 -28.61 8.05
N ASN A 113 -5.47 -29.68 7.70
CA ASN A 113 -4.84 -30.99 7.58
C ASN A 113 -3.82 -30.99 6.44
N TRP A 114 -4.14 -30.33 5.32
CA TRP A 114 -3.21 -30.25 4.21
C TRP A 114 -1.96 -29.48 4.61
N CYS A 115 -2.12 -28.38 5.36
CA CYS A 115 -0.96 -27.63 5.83
C CYS A 115 -0.11 -28.47 6.78
N ALA A 116 -0.76 -29.21 7.68
CA ALA A 116 -0.02 -30.06 8.60
C ALA A 116 0.75 -31.15 7.85
N TRP A 117 0.15 -31.70 6.80
CA TRP A 117 0.83 -32.73 6.02
C TRP A 117 1.98 -32.14 5.21
N PHE A 118 1.81 -30.91 4.71
CA PHE A 118 2.89 -30.26 3.99
C PHE A 118 4.07 -29.95 4.92
N LEU A 119 3.78 -29.50 6.14
CA LEU A 119 4.84 -29.26 7.11
C LEU A 119 5.46 -30.58 7.57
N ARG A 120 4.64 -31.46 8.13
CA ARG A 120 5.07 -32.80 8.54
C ARG A 120 4.66 -33.77 7.43
N MET A 121 5.65 -34.22 6.66
CA MET A 121 5.38 -35.08 5.51
C MET A 121 4.50 -36.26 5.90
N LYS A 122 3.31 -36.32 5.30
CA LYS A 122 2.35 -37.39 5.58
C LYS A 122 2.29 -38.44 4.48
N ARG A 123 2.79 -38.14 3.28
CA ARG A 123 2.75 -39.10 2.20
C ARG A 123 3.43 -40.39 2.62
N PRO A 124 2.94 -41.56 2.20
CA PRO A 124 3.59 -42.82 2.61
C PRO A 124 5.06 -42.87 2.24
N GLY A 125 5.42 -42.45 1.03
CA GLY A 125 6.81 -42.50 0.61
C GLY A 125 7.74 -41.78 1.56
N GLU A 126 7.26 -40.73 2.22
CA GLU A 126 8.04 -39.98 3.18
C GLU A 126 7.64 -40.26 4.63
N ASP A 127 6.47 -40.85 4.87
CA ASP A 127 6.04 -41.16 6.22
C ASP A 127 6.61 -42.48 6.70
N LYS A 128 6.82 -43.44 5.80
CA LYS A 128 7.36 -44.74 6.18
C LYS A 128 8.88 -44.75 6.24
N VAL A 129 9.54 -43.95 5.41
CA VAL A 129 11.01 -43.89 5.39
C VAL A 129 11.41 -42.82 6.39
N ARG A 130 11.55 -43.24 7.65
CA ARG A 130 11.94 -42.34 8.73
C ARG A 130 12.27 -43.14 9.98
N PRO A 131 13.12 -42.63 10.86
CA PRO A 131 13.45 -43.38 12.09
C PRO A 131 12.26 -43.48 13.01
N ALA A 132 12.10 -44.65 13.62
CA ALA A 132 10.99 -44.90 14.54
C ALA A 132 11.40 -46.00 15.52
N CYS A 133 10.62 -46.14 16.57
CA CYS A 133 10.88 -47.15 17.59
C CYS A 133 9.60 -47.36 18.39
N GLN A 134 9.63 -48.36 19.27
CA GLN A 134 8.50 -48.71 20.11
C GLN A 134 8.49 -47.93 21.43
N HIS A 135 9.32 -46.91 21.56
CA HIS A 135 9.36 -46.13 22.79
C HIS A 135 8.06 -45.35 22.96
N LYS A 136 7.79 -44.98 24.21
CA LYS A 136 6.57 -44.23 24.52
C LYS A 136 6.61 -42.79 24.03
N GLN A 137 7.76 -42.33 23.52
CA GLN A 137 7.86 -40.95 23.03
C GLN A 137 7.15 -40.75 21.71
N ARG A 138 6.83 -41.84 21.00
CA ARG A 138 6.14 -41.77 19.72
C ARG A 138 4.71 -42.28 19.78
N ARG A 139 4.25 -42.72 20.94
CA ARG A 139 2.90 -43.24 21.11
C ARG A 139 1.97 -42.17 21.66
N CYS A 140 0.69 -42.48 21.68
CA CYS A 140 -0.34 -41.57 22.17
C CYS A 140 -0.72 -41.92 23.61
N SER A 141 -1.22 -40.92 24.33
CA SER A 141 -1.63 -41.07 25.71
C SER A 141 -3.00 -40.40 25.90
N LEU A 142 -3.50 -40.45 27.13
CA LEU A 142 -4.79 -39.84 27.42
C LEU A 142 -4.78 -38.34 27.18
N ALA A 143 -3.63 -37.70 27.33
CA ALA A 143 -3.55 -36.26 27.11
C ALA A 143 -3.78 -35.90 25.65
N SER A 144 -3.43 -36.80 24.73
CA SER A 144 -3.59 -36.53 23.30
C SER A 144 -4.98 -36.89 22.78
N VAL A 145 -5.73 -37.73 23.51
CA VAL A 145 -7.05 -38.12 23.06
C VAL A 145 -7.95 -36.88 23.03
N GLU A 146 -8.50 -36.59 21.85
CA GLU A 146 -9.38 -35.44 21.67
C GLU A 146 -10.86 -35.83 21.66
N MET A 147 -11.18 -37.07 22.05
CA MET A 147 -12.57 -37.49 22.07
C MET A 147 -13.40 -36.67 23.04
N SER A 148 -12.82 -36.35 24.20
CA SER A 148 -13.50 -35.56 25.23
C SER A 148 -12.84 -34.21 25.45
N ALA A 149 -12.09 -33.71 24.47
CA ALA A 149 -11.42 -32.41 24.56
C ALA A 149 -10.49 -32.38 25.77
N VAL A 150 -9.59 -33.35 25.83
CA VAL A 150 -8.63 -33.42 26.94
C VAL A 150 -7.56 -32.35 26.77
N ALA A 151 -7.11 -31.78 27.88
CA ALA A 151 -6.09 -30.74 27.87
C ALA A 151 -4.81 -31.28 27.22
N PRO A 152 -4.42 -30.77 26.06
CA PRO A 152 -3.18 -31.25 25.43
C PRO A 152 -1.98 -30.99 26.32
N PRO A 153 -0.84 -31.62 26.03
CA PRO A 153 0.36 -31.40 26.85
C PRO A 153 0.77 -29.93 26.83
N PRO A 154 1.53 -29.49 27.84
CA PRO A 154 1.95 -28.08 27.88
C PRO A 154 3.04 -27.81 26.85
N ALA A 155 2.71 -26.98 25.86
CA ALA A 155 3.66 -26.64 24.80
C ALA A 155 3.37 -25.22 24.33
N SER A 156 4.37 -24.63 23.67
CA SER A 156 4.26 -23.27 23.14
C SER A 156 3.63 -23.24 21.76
N ASN A 157 3.27 -24.38 21.20
CA ASN A 157 2.67 -24.44 19.86
C ASN A 157 1.20 -24.04 19.86
N GLY A 158 0.65 -23.63 21.00
CA GLY A 158 -0.74 -23.24 21.07
C GLY A 158 -1.54 -24.06 22.06
N ASN A 159 -0.84 -24.62 23.07
CA ASN A 159 -1.48 -25.45 24.09
C ASN A 159 -1.40 -24.81 25.47
N LEU A 160 -0.22 -24.40 25.91
CA LEU A 160 -0.07 -23.78 27.23
C LEU A 160 -0.43 -22.30 27.17
N LEU A 161 0.27 -21.54 26.32
CA LEU A 161 -0.03 -20.12 26.19
C LEU A 161 -1.46 -19.89 25.72
N TYR A 162 -1.99 -20.79 24.90
CA TYR A 162 -3.38 -20.67 24.46
C TYR A 162 -4.33 -20.73 25.65
N ILE A 163 -4.27 -21.82 26.42
CA ILE A 163 -5.13 -21.97 27.58
C ILE A 163 -4.90 -20.85 28.58
N GLY A 164 -3.69 -20.29 28.60
CA GLY A 164 -3.38 -19.21 29.52
C GLY A 164 -4.03 -17.90 29.16
N PHE A 165 -3.80 -17.43 27.93
CA PHE A 165 -4.29 -16.13 27.50
C PHE A 165 -5.68 -16.21 26.88
N ARG A 166 -5.83 -17.00 25.81
CA ARG A 166 -7.11 -17.08 25.11
C ARG A 166 -8.13 -17.90 25.87
N GLY A 167 -7.69 -18.74 26.82
CA GLY A 167 -8.60 -19.56 27.59
C GLY A 167 -9.27 -18.78 28.71
N LEU A 168 -10.08 -17.80 28.36
CA LEU A 168 -10.77 -17.00 29.36
C LEU A 168 -11.73 -17.86 30.17
N ASP A 169 -12.16 -17.32 31.31
CA ASP A 169 -13.09 -18.01 32.21
C ASP A 169 -12.51 -19.31 32.77
N GLY A 170 -11.19 -19.49 32.67
CA GLY A 170 -10.55 -20.68 33.16
C GLY A 170 -10.04 -20.51 34.59
N VAL A 171 -9.23 -21.49 35.01
CA VAL A 171 -8.67 -21.44 36.36
C VAL A 171 -7.70 -20.28 36.50
N HIS A 172 -7.09 -19.83 35.39
CA HIS A 172 -6.15 -18.72 35.46
C HIS A 172 -6.87 -17.41 35.77
N CYS A 173 -8.07 -17.22 35.22
CA CYS A 173 -8.85 -16.01 35.46
C CYS A 173 -9.92 -16.18 36.51
N VAL A 174 -10.55 -17.35 36.59
CA VAL A 174 -11.60 -17.62 37.57
C VAL A 174 -11.22 -18.86 38.37
N PRO A 175 -10.29 -18.76 39.32
CA PRO A 175 -9.87 -19.93 40.11
C PRO A 175 -10.90 -20.31 41.19
N THR A 176 -11.91 -21.05 40.76
CA THR A 176 -12.96 -21.52 41.67
C THR A 176 -12.43 -22.57 42.64
N PRO A 177 -11.54 -23.47 42.23
CA PRO A 177 -11.04 -24.47 43.17
C PRO A 177 -10.31 -23.81 44.33
N ASP A 178 -10.60 -24.30 45.54
CA ASP A 178 -9.98 -23.77 46.75
C ASP A 178 -8.53 -24.20 46.80
N SER A 179 -7.62 -23.29 46.42
CA SER A 179 -6.20 -23.61 46.44
C SER A 179 -5.59 -23.42 47.83
N GLY A 180 -6.12 -22.50 48.62
CA GLY A 180 -5.60 -22.24 49.94
C GLY A 180 -4.45 -21.27 50.01
N VAL A 181 -4.14 -20.57 48.92
CA VAL A 181 -3.04 -19.61 48.93
C VAL A 181 -3.45 -18.33 49.63
N VAL A 182 -4.73 -17.96 49.56
CA VAL A 182 -5.20 -16.73 50.18
C VAL A 182 -5.17 -16.83 51.71
N CYS A 183 -5.14 -18.04 52.26
CA CYS A 183 -5.13 -18.23 53.71
C CYS A 183 -4.09 -19.24 54.18
N GLY A 184 -3.45 -20.00 53.30
CA GLY A 184 -2.48 -20.99 53.69
C GLY A 184 -1.05 -20.56 53.44
N ARG A 185 -0.81 -19.87 52.34
CA ARG A 185 0.51 -19.41 51.95
C ARG A 185 0.60 -17.90 52.06
N MET A 186 1.81 -17.41 52.34
CA MET A 186 2.06 -15.98 52.47
C MET A 186 2.89 -15.41 51.33
N ALA A 187 3.21 -16.22 50.33
CA ALA A 187 4.01 -15.75 49.19
C ALA A 187 3.16 -14.84 48.32
N CYS A 188 3.35 -13.53 48.47
CA CYS A 188 2.60 -12.53 47.71
C CYS A 188 1.10 -12.67 47.92
N SER A 189 0.70 -13.20 49.08
CA SER A 189 -0.71 -13.39 49.39
C SER A 189 -0.91 -13.41 50.90
N PRO A 190 -1.12 -12.26 51.53
CA PRO A 190 -1.34 -12.24 52.98
C PRO A 190 -2.51 -13.13 53.39
N THR A 191 -2.40 -13.70 54.59
CA THR A 191 -3.43 -14.59 55.12
C THR A 191 -4.60 -13.75 55.61
N HIS A 192 -5.41 -13.31 54.65
CA HIS A 192 -6.60 -12.50 54.93
C HIS A 192 -6.34 -11.43 55.98
N ASP A 193 -5.14 -10.83 55.93
CA ASP A 193 -4.77 -9.79 56.89
C ASP A 193 -5.42 -8.48 56.45
N GLU A 194 -6.56 -8.14 57.06
CA GLU A 194 -7.26 -6.91 56.72
C GLU A 194 -6.63 -5.68 57.36
N HIS A 195 -5.90 -5.86 58.47
CA HIS A 195 -5.26 -4.75 59.16
C HIS A 195 -3.84 -4.50 58.66
N LEU A 196 -3.46 -5.08 57.54
CA LEU A 196 -2.12 -4.88 56.98
C LEU A 196 -2.08 -3.52 56.31
N LEU A 197 -1.73 -2.50 57.09
CA LEU A 197 -1.64 -1.14 56.57
C LEU A 197 -0.35 -0.95 55.80
N HIS A 198 -0.46 -0.34 54.61
CA HIS A 198 0.70 -0.10 53.75
C HIS A 198 1.51 1.08 54.31
N GLY A 199 2.16 0.82 55.44
CA GLY A 199 2.95 1.85 56.09
C GLY A 199 2.17 3.09 56.44
N GLY A 200 0.94 2.92 56.90
CA GLY A 200 0.08 4.05 57.27
C GLY A 200 -1.14 4.16 56.38
N GLN A 201 -1.00 3.83 55.09
CA GLN A 201 -2.11 3.91 54.15
C GLN A 201 -2.72 2.52 53.94
N PRO A 202 -4.01 2.44 53.61
CA PRO A 202 -4.62 1.13 53.34
C PRO A 202 -4.03 0.50 52.09
N PRO A 203 -4.38 -0.76 51.79
CA PRO A 203 -3.88 -1.38 50.56
C PRO A 203 -4.30 -0.59 49.33
N GLU A 204 -3.47 -0.66 48.29
CA GLU A 204 -3.70 0.06 47.05
C GLU A 204 -3.81 1.56 47.33
N GLY A 205 -2.72 2.12 47.87
CA GLY A 205 -2.70 3.52 48.24
C GLY A 205 -2.95 4.49 47.10
N ASP A 206 -2.81 4.03 45.86
CA ASP A 206 -2.99 4.88 44.68
C ASP A 206 -4.01 4.23 43.76
N PRO A 207 -5.29 4.51 43.96
CA PRO A 207 -6.31 3.91 43.09
C PRO A 207 -6.24 4.36 41.64
N ASP A 208 -5.63 5.52 41.37
CA ASP A 208 -5.50 5.97 39.98
C ASP A 208 -4.65 5.01 39.15
N LEU A 209 -3.63 4.42 39.78
CA LEU A 209 -2.80 3.45 39.07
C LEU A 209 -3.60 2.25 38.61
N ALA A 210 -4.65 1.88 39.35
CA ALA A 210 -5.53 0.80 38.92
C ALA A 210 -6.21 1.14 37.61
N LYS A 211 -6.74 2.36 37.50
CA LYS A 211 -7.37 2.78 36.26
C LYS A 211 -6.35 2.89 35.12
N ILE A 212 -5.15 3.36 35.44
CA ILE A 212 -4.10 3.43 34.42
C ILE A 212 -3.78 2.04 33.89
N LEU A 213 -3.67 1.07 34.80
CA LEU A 213 -3.39 -0.31 34.38
C LEU A 213 -4.55 -0.88 33.59
N GLU A 214 -5.79 -0.55 33.96
CA GLU A 214 -6.94 -1.02 33.19
C GLU A 214 -6.93 -0.46 31.79
N GLU A 215 -6.58 0.83 31.64
CA GLU A 215 -6.49 1.42 30.31
C GLU A 215 -5.35 0.80 29.51
N VAL A 216 -4.21 0.54 30.14
CA VAL A 216 -3.10 -0.10 29.46
C VAL A 216 -3.51 -1.50 29.00
N ARG A 217 -4.29 -2.21 29.82
CA ARG A 217 -4.74 -3.53 29.44
C ARG A 217 -5.75 -3.48 28.31
N TYR A 218 -6.60 -2.45 28.28
CA TYR A 218 -7.50 -2.26 27.14
C TYR A 218 -6.71 -2.00 25.86
N ILE A 219 -5.66 -1.17 25.95
CA ILE A 219 -4.81 -0.92 24.79
C ILE A 219 -4.13 -2.21 24.34
N ALA A 220 -3.68 -3.03 25.31
CA ALA A 220 -3.06 -4.30 24.97
C ALA A 220 -4.06 -5.24 24.31
N ASN A 221 -5.32 -5.22 24.75
CA ASN A 221 -6.35 -6.03 24.12
C ASN A 221 -6.61 -5.56 22.68
N ARG A 222 -6.61 -4.24 22.46
CA ARG A 222 -6.75 -3.74 21.10
C ARG A 222 -5.59 -4.18 20.23
N PHE A 223 -4.36 -4.12 20.76
CA PHE A 223 -3.20 -4.58 20.02
C PHE A 223 -3.29 -6.08 19.73
N ARG A 224 -3.81 -6.85 20.68
CA ARG A 224 -3.97 -8.28 20.46
C ARG A 224 -5.03 -8.56 19.39
N CYS A 225 -6.08 -7.75 19.36
CA CYS A 225 -7.08 -7.90 18.29
C CYS A 225 -6.47 -7.57 16.94
N GLN A 226 -5.64 -6.53 16.87
CA GLN A 226 -4.94 -6.22 15.63
C GLN A 226 -4.02 -7.35 15.21
N ASP A 227 -3.31 -7.94 16.17
CA ASP A 227 -2.43 -9.07 15.87
C ASP A 227 -3.23 -10.28 15.41
N GLU A 228 -4.43 -10.48 15.97
CA GLU A 228 -5.28 -11.58 15.52
C GLU A 228 -5.78 -11.34 14.10
N SER A 229 -6.10 -10.10 13.76
CA SER A 229 -6.47 -9.79 12.38
C SER A 229 -5.30 -10.04 11.43
N GLU A 230 -4.09 -9.65 11.85
CA GLU A 230 -2.91 -9.92 11.03
C GLU A 230 -2.68 -11.42 10.86
N ALA A 231 -2.91 -12.20 11.92
CA ALA A 231 -2.76 -13.64 11.83
C ALA A 231 -3.82 -14.26 10.94
N VAL A 232 -5.03 -13.71 10.94
CA VAL A 232 -6.06 -14.19 10.03
C VAL A 232 -5.68 -13.89 8.59
N CYS A 233 -5.13 -12.71 8.34
CA CYS A 233 -4.64 -12.40 7.00
C CYS A 233 -3.51 -13.34 6.59
N SER A 234 -2.62 -13.67 7.53
CA SER A 234 -1.54 -14.61 7.23
C SER A 234 -2.09 -16.00 6.94
N GLU A 235 -3.12 -16.42 7.66
CA GLU A 235 -3.74 -17.71 7.40
C GLU A 235 -4.41 -17.73 6.04
N TRP A 236 -5.04 -16.61 5.66
CA TRP A 236 -5.60 -16.51 4.31
C TRP A 236 -4.51 -16.62 3.25
N LYS A 237 -3.38 -15.96 3.48
CA LYS A 237 -2.25 -16.06 2.54
C LYS A 237 -1.75 -17.50 2.45
N PHE A 238 -1.68 -18.20 3.59
CA PHE A 238 -1.23 -19.58 3.59
C PHE A 238 -2.22 -20.47 2.83
N ALA A 239 -3.52 -20.24 3.02
CA ALA A 239 -4.52 -21.01 2.27
C ALA A 239 -4.41 -20.73 0.78
N ALA A 240 -4.12 -19.48 0.41
CA ALA A 240 -3.93 -19.16 -1.00
C ALA A 240 -2.70 -19.86 -1.56
N CYS A 241 -1.61 -19.89 -0.80
CA CYS A 241 -0.41 -20.60 -1.24
C CYS A 241 -0.64 -22.10 -1.35
N VAL A 242 -1.49 -22.65 -0.48
CA VAL A 242 -1.83 -24.07 -0.58
C VAL A 242 -2.53 -24.35 -1.90
N VAL A 243 -3.41 -23.44 -2.33
CA VAL A 243 -4.08 -23.61 -3.61
C VAL A 243 -3.07 -23.58 -4.75
N ASP A 244 -2.12 -22.64 -4.68
CA ASP A 244 -1.09 -22.56 -5.72
C ASP A 244 -0.26 -23.83 -5.76
N ARG A 245 0.05 -24.40 -4.60
CA ARG A 245 0.83 -25.64 -4.56
C ARG A 245 0.04 -26.79 -5.16
N LEU A 246 -1.22 -26.95 -4.75
CA LEU A 246 -2.06 -28.00 -5.32
C LEU A 246 -2.16 -27.83 -6.83
N CYS A 247 -2.23 -26.58 -7.31
CA CYS A 247 -2.29 -26.34 -8.74
C CYS A 247 -1.00 -26.78 -9.42
N LEU A 248 0.14 -26.26 -8.95
CA LEU A 248 1.43 -26.66 -9.51
C LEU A 248 1.63 -28.17 -9.46
N MET A 249 0.93 -28.86 -8.56
CA MET A 249 1.07 -30.31 -8.45
C MET A 249 0.17 -31.07 -9.42
N ALA A 250 -1.08 -30.63 -9.59
CA ALA A 250 -2.05 -31.36 -10.41
C ALA A 250 -2.20 -30.78 -11.81
N PHE A 251 -2.49 -29.47 -11.90
CA PHE A 251 -2.68 -28.85 -13.20
C PHE A 251 -1.40 -28.88 -14.02
N SER A 252 -0.24 -28.94 -13.37
CA SER A 252 1.02 -29.05 -14.10
C SER A 252 1.07 -30.36 -14.88
N VAL A 253 0.77 -31.48 -14.21
CA VAL A 253 0.74 -32.77 -14.89
C VAL A 253 -0.38 -32.79 -15.93
N PHE A 254 -1.51 -32.14 -15.63
CA PHE A 254 -2.60 -32.08 -16.59
C PHE A 254 -2.16 -31.39 -17.88
N THR A 255 -1.47 -30.25 -17.74
CA THR A 255 -0.98 -29.53 -18.92
C THR A 255 0.11 -30.31 -19.64
N ILE A 256 0.96 -31.01 -18.89
CA ILE A 256 1.98 -31.84 -19.52
C ILE A 256 1.33 -32.92 -20.38
N ILE A 257 0.26 -33.54 -19.86
CA ILE A 257 -0.44 -34.57 -20.62
C ILE A 257 -1.13 -33.95 -21.83
N CYS A 258 -1.77 -32.79 -21.66
CA CYS A 258 -2.44 -32.13 -22.78
C CYS A 258 -1.45 -31.75 -23.87
N THR A 259 -0.21 -31.41 -23.49
CA THR A 259 0.80 -31.04 -24.47
C THR A 259 1.40 -32.27 -25.16
N ILE A 260 1.59 -33.35 -24.40
CA ILE A 260 2.09 -34.58 -25.02
C ILE A 260 1.06 -35.17 -25.96
N GLY A 261 -0.23 -34.93 -25.68
CA GLY A 261 -1.27 -35.37 -26.60
C GLY A 261 -1.19 -34.68 -27.94
N ILE A 262 -0.79 -33.40 -27.95
CA ILE A 262 -0.61 -32.68 -29.21
C ILE A 262 0.49 -33.33 -30.04
N LEU A 263 1.60 -33.69 -29.39
CA LEU A 263 2.68 -34.36 -30.10
C LEU A 263 2.26 -35.75 -30.58
N MET A 264 1.45 -36.44 -29.78
CA MET A 264 0.94 -37.75 -30.19
C MET A 264 -0.03 -37.63 -31.36
N SER A 265 -0.82 -36.55 -31.38
CA SER A 265 -1.77 -36.30 -32.45
C SER A 265 -1.21 -35.36 -33.52
N ALA A 266 0.06 -35.02 -33.45
CA ALA A 266 0.68 -34.13 -34.42
C ALA A 266 0.73 -34.78 -35.80
N PRO A 267 1.08 -36.07 -35.92
CA PRO A 267 1.11 -36.69 -37.26
C PRO A 267 -0.22 -36.61 -37.98
N ASN A 268 -1.33 -36.49 -37.25
CA ASN A 268 -2.65 -36.40 -37.89
C ASN A 268 -2.73 -35.16 -38.77
N PHE A 269 -2.28 -34.02 -38.26
CA PHE A 269 -2.32 -32.78 -39.03
C PHE A 269 -1.13 -32.68 -39.99
N VAL A 270 0.08 -32.84 -39.46
CA VAL A 270 1.28 -32.76 -40.29
C VAL A 270 1.31 -33.92 -41.28
N LEU B 7 18.60 -0.67 -45.76
CA LEU B 7 18.88 -0.04 -44.48
C LEU B 7 17.62 0.02 -43.63
N TYR B 8 16.47 0.27 -44.28
CA TYR B 8 15.21 0.34 -43.56
C TYR B 8 14.90 -0.97 -42.86
N TYR B 9 14.89 -2.08 -43.61
CA TYR B 9 14.61 -3.37 -43.02
C TYR B 9 15.74 -3.82 -42.11
N GLY B 10 16.98 -3.55 -42.50
CA GLY B 10 18.11 -3.92 -41.66
C GLY B 10 18.07 -3.24 -40.30
N LEU B 11 17.63 -1.99 -40.27
CA LEU B 11 17.51 -1.28 -39.00
C LEU B 11 16.25 -1.67 -38.24
N ASN B 12 15.16 -1.97 -38.96
CA ASN B 12 13.94 -2.42 -38.29
C ASN B 12 14.15 -3.77 -37.62
N LEU B 13 15.01 -4.62 -38.18
CA LEU B 13 15.31 -5.91 -37.56
C LEU B 13 16.37 -5.80 -36.49
N LEU B 14 17.14 -4.71 -36.47
CA LEU B 14 18.22 -4.54 -35.50
C LEU B 14 17.77 -3.79 -34.25
N ILE B 15 16.87 -2.82 -34.40
CA ILE B 15 16.42 -2.03 -33.25
C ILE B 15 15.77 -2.92 -32.19
N PRO B 16 14.89 -3.86 -32.53
CA PRO B 16 14.30 -4.71 -31.48
C PRO B 16 15.33 -5.49 -30.68
N CYS B 17 16.43 -5.93 -31.31
CA CYS B 17 17.45 -6.66 -30.60
C CYS B 17 18.05 -5.82 -29.48
N VAL B 18 18.51 -4.62 -29.82
CA VAL B 18 19.11 -3.74 -28.80
C VAL B 18 18.06 -3.34 -27.77
N LEU B 19 16.81 -3.14 -28.22
CA LEU B 19 15.75 -2.77 -27.29
C LEU B 19 15.55 -3.85 -26.24
N ILE B 20 15.47 -5.11 -26.67
CA ILE B 20 15.28 -6.21 -25.73
C ILE B 20 16.52 -6.38 -24.85
N SER B 21 17.70 -6.19 -25.43
CA SER B 21 18.93 -6.31 -24.65
C SER B 21 18.96 -5.27 -23.53
N ALA B 22 18.52 -4.05 -23.81
CA ALA B 22 18.49 -3.01 -22.79
C ALA B 22 17.38 -3.25 -21.78
N LEU B 23 16.23 -3.73 -22.24
CA LEU B 23 15.11 -3.97 -21.34
C LEU B 23 15.43 -5.10 -20.36
N ALA B 24 16.13 -6.13 -20.82
CA ALA B 24 16.48 -7.24 -19.94
C ALA B 24 17.37 -6.77 -18.79
N LEU B 25 18.27 -5.84 -19.07
CA LEU B 25 19.14 -5.30 -18.03
C LEU B 25 18.40 -4.32 -17.14
N LEU B 26 17.50 -3.51 -17.72
CA LEU B 26 16.77 -2.53 -16.94
C LEU B 26 15.76 -3.19 -16.00
N VAL B 27 15.23 -4.36 -16.38
CA VAL B 27 14.30 -5.06 -15.51
C VAL B 27 14.99 -5.48 -14.22
N PHE B 28 16.26 -5.89 -14.32
CA PHE B 28 17.02 -6.29 -13.15
C PHE B 28 17.63 -5.11 -12.42
N LEU B 29 17.90 -4.00 -13.13
CA LEU B 29 18.40 -2.80 -12.46
C LEU B 29 17.37 -2.24 -11.49
N LEU B 30 16.09 -2.46 -11.76
CA LEU B 30 15.01 -2.05 -10.86
C LEU B 30 15.18 -2.77 -9.53
N PRO B 31 15.49 -2.05 -8.43
CA PRO B 31 15.79 -2.74 -7.16
C PRO B 31 14.54 -3.22 -6.45
N ALA B 32 14.31 -4.53 -6.50
CA ALA B 32 13.36 -5.24 -5.64
C ALA B 32 11.95 -4.68 -5.70
N ASP B 33 11.62 -3.87 -6.71
CA ASP B 33 10.27 -3.33 -6.84
C ASP B 33 9.37 -4.44 -7.39
N SER B 34 8.82 -5.24 -6.48
CA SER B 34 8.03 -6.40 -6.87
C SER B 34 6.86 -5.99 -7.77
N GLY B 35 5.98 -5.12 -7.27
CA GLY B 35 4.81 -4.72 -8.03
C GLY B 35 5.14 -4.02 -9.33
N GLU B 36 6.38 -3.57 -9.49
CA GLU B 36 6.79 -2.84 -10.69
C GLU B 36 7.77 -3.59 -11.57
N LYS B 37 8.33 -4.72 -11.09
CA LYS B 37 9.31 -5.45 -11.88
C LYS B 37 8.64 -6.20 -13.02
N ILE B 38 7.78 -7.18 -12.70
CA ILE B 38 7.17 -8.00 -13.74
C ILE B 38 6.36 -7.15 -14.71
N SER B 39 5.80 -6.04 -14.23
CA SER B 39 5.04 -5.15 -15.11
C SER B 39 5.83 -4.79 -16.35
N LEU B 40 7.16 -4.76 -16.26
CA LEU B 40 7.99 -4.55 -17.44
C LEU B 40 8.00 -5.81 -18.31
N GLY B 41 8.43 -6.93 -17.75
CA GLY B 41 8.53 -8.16 -18.53
C GLY B 41 7.22 -8.55 -19.17
N ILE B 42 6.11 -8.36 -18.44
CA ILE B 42 4.79 -8.70 -18.98
C ILE B 42 4.57 -8.04 -20.33
N THR B 43 5.12 -6.84 -20.53
CA THR B 43 4.98 -6.15 -21.81
C THR B 43 6.02 -6.62 -22.83
N VAL B 44 7.23 -6.95 -22.37
CA VAL B 44 8.29 -7.38 -23.28
C VAL B 44 7.79 -8.51 -24.17
N LEU B 45 7.21 -9.55 -23.55
CA LEU B 45 6.65 -10.65 -24.33
C LEU B 45 5.71 -10.13 -25.40
N LEU B 46 4.78 -9.24 -25.04
CA LEU B 46 3.86 -8.68 -26.01
C LEU B 46 4.62 -7.99 -27.14
N SER B 47 5.67 -7.23 -26.80
CA SER B 47 6.45 -6.54 -27.82
C SER B 47 6.97 -7.51 -28.88
N LEU B 48 7.18 -8.77 -28.50
CA LEU B 48 7.64 -9.76 -29.47
C LEU B 48 6.48 -10.31 -30.29
N THR B 49 5.33 -10.54 -29.67
CA THR B 49 4.20 -11.12 -30.38
C THR B 49 3.86 -10.31 -31.62
N VAL B 50 3.71 -8.99 -31.47
CA VAL B 50 3.39 -8.14 -32.62
C VAL B 50 4.45 -8.30 -33.70
N PHE B 51 5.72 -8.43 -33.31
CA PHE B 51 6.78 -8.59 -34.29
C PHE B 51 6.54 -9.84 -35.14
N MET B 52 6.04 -10.91 -34.53
CA MET B 52 5.74 -12.13 -35.28
C MET B 52 4.81 -11.85 -36.44
N LEU B 53 3.93 -10.86 -36.31
CA LEU B 53 3.06 -10.48 -37.42
C LEU B 53 3.78 -9.56 -38.40
N LEU B 54 4.63 -8.66 -37.88
CA LEU B 54 5.33 -7.71 -38.74
C LEU B 54 6.02 -8.42 -39.89
N VAL B 55 6.95 -9.34 -39.56
CA VAL B 55 7.64 -10.10 -40.59
C VAL B 55 6.64 -10.83 -41.48
N ALA B 56 5.58 -11.38 -40.87
CA ALA B 56 4.57 -12.10 -41.65
C ALA B 56 3.97 -11.21 -42.73
N GLU B 57 3.90 -9.90 -42.49
CA GLU B 57 3.42 -8.97 -43.49
C GLU B 57 4.50 -8.54 -44.45
N ILE B 58 5.76 -8.50 -44.01
CA ILE B 58 6.87 -8.06 -44.84
C ILE B 58 7.42 -9.25 -45.61
N MET B 59 7.92 -10.26 -44.88
CA MET B 59 8.51 -11.43 -45.50
C MET B 59 7.50 -12.57 -45.56
N PRO B 60 7.41 -13.30 -46.68
CA PRO B 60 6.46 -14.43 -46.74
C PRO B 60 6.90 -15.61 -45.89
N SER B 61 6.17 -15.89 -44.82
CA SER B 61 6.50 -16.99 -43.93
C SER B 61 6.24 -18.36 -44.56
N THR B 62 5.49 -18.41 -45.66
CA THR B 62 5.21 -19.70 -46.30
C THR B 62 6.51 -20.39 -46.71
N SER B 63 7.48 -19.63 -47.20
CA SER B 63 8.77 -20.18 -47.61
C SER B 63 9.63 -20.37 -46.38
N ASP B 64 9.33 -21.43 -45.63
CA ASP B 64 10.05 -21.74 -44.40
C ASP B 64 11.34 -22.49 -44.70
N SER B 65 12.19 -21.93 -45.57
CA SER B 65 13.46 -22.55 -45.93
C SER B 65 14.58 -22.10 -45.00
N SER B 66 14.82 -20.80 -44.91
CA SER B 66 15.90 -20.27 -44.09
C SER B 66 15.63 -20.59 -42.63
N PRO B 67 16.49 -21.39 -41.96
CA PRO B 67 16.28 -21.64 -40.53
C PRO B 67 16.80 -20.53 -39.64
N SER B 68 17.69 -19.66 -40.14
CA SER B 68 18.25 -18.61 -39.29
C SER B 68 17.18 -17.64 -38.81
N ILE B 69 16.16 -17.39 -39.63
CA ILE B 69 15.09 -16.49 -39.21
C ILE B 69 14.29 -17.10 -38.07
N ALA B 70 14.27 -18.44 -37.97
CA ALA B 70 13.58 -19.10 -36.88
C ALA B 70 14.36 -19.00 -35.58
N GLN B 71 15.69 -18.99 -35.65
CA GLN B 71 16.50 -18.85 -34.44
C GLN B 71 16.63 -17.39 -34.01
N TYR B 72 16.55 -16.45 -34.97
CA TYR B 72 16.63 -15.03 -34.62
C TYR B 72 15.62 -14.68 -33.53
N PHE B 73 14.35 -15.03 -33.74
CA PHE B 73 13.32 -14.72 -32.76
C PHE B 73 13.33 -15.70 -31.60
N ALA B 74 13.77 -16.95 -31.83
CA ALA B 74 13.82 -17.92 -30.75
C ALA B 74 14.81 -17.49 -29.67
N SER B 75 15.92 -16.86 -30.07
CA SER B 75 16.89 -16.37 -29.09
C SER B 75 16.25 -15.33 -28.17
N THR B 76 15.55 -14.35 -28.76
CA THR B 76 14.89 -13.33 -27.96
C THR B 76 13.80 -13.94 -27.08
N MET B 77 13.08 -14.93 -27.62
CA MET B 77 12.04 -15.60 -26.82
C MET B 77 12.65 -16.29 -25.60
N ILE B 78 13.76 -17.00 -25.79
CA ILE B 78 14.41 -17.69 -24.68
C ILE B 78 14.96 -16.66 -23.68
N ILE B 79 15.48 -15.54 -24.18
CA ILE B 79 16.01 -14.51 -23.29
C ILE B 79 14.88 -13.95 -22.43
N VAL B 80 13.73 -13.67 -23.03
CA VAL B 80 12.60 -13.12 -22.29
C VAL B 80 12.06 -14.15 -21.30
N GLY B 81 12.05 -15.43 -21.71
CA GLY B 81 11.64 -16.47 -20.77
C GLY B 81 12.55 -16.56 -19.56
N LEU B 82 13.86 -16.49 -19.79
CA LEU B 82 14.81 -16.51 -18.68
C LEU B 82 14.63 -15.29 -17.79
N SER B 83 14.38 -14.13 -18.39
CA SER B 83 14.15 -12.92 -17.60
C SER B 83 12.90 -13.06 -16.74
N VAL B 84 11.83 -13.61 -17.30
CA VAL B 84 10.60 -13.79 -16.54
C VAL B 84 10.81 -14.80 -15.42
N VAL B 85 11.58 -15.86 -15.69
CA VAL B 85 11.88 -16.85 -14.65
C VAL B 85 12.67 -16.20 -13.52
N VAL B 86 13.64 -15.35 -13.88
CA VAL B 86 14.42 -14.65 -12.86
C VAL B 86 13.52 -13.73 -12.04
N THR B 87 12.60 -13.04 -12.70
CA THR B 87 11.68 -12.16 -11.98
C THR B 87 10.80 -12.96 -11.02
N VAL B 88 10.31 -14.12 -11.46
CA VAL B 88 9.47 -14.94 -10.60
C VAL B 88 10.27 -15.47 -9.42
N ILE B 89 11.53 -15.85 -9.65
CA ILE B 89 12.38 -16.33 -8.56
C ILE B 89 12.63 -15.21 -7.56
N VAL B 90 12.84 -13.98 -8.06
CA VAL B 90 13.05 -12.85 -7.17
C VAL B 90 11.80 -12.58 -6.35
N LEU B 91 10.63 -12.65 -6.98
CA LEU B 91 9.37 -12.46 -6.26
C LEU B 91 9.20 -13.53 -5.18
N GLN B 92 9.53 -14.78 -5.51
CA GLN B 92 9.45 -15.85 -4.53
C GLN B 92 10.38 -15.59 -3.34
N TYR B 93 11.63 -15.24 -3.62
CA TYR B 93 12.58 -14.94 -2.55
C TYR B 93 12.13 -13.76 -1.72
N HIS B 94 11.44 -12.79 -2.33
CA HIS B 94 10.94 -11.65 -1.58
C HIS B 94 9.74 -12.01 -0.72
N HIS B 95 8.93 -12.97 -1.17
CA HIS B 95 7.77 -13.40 -0.39
C HIS B 95 8.20 -14.30 0.77
N HIS B 96 8.81 -15.44 0.44
CA HIS B 96 9.32 -16.37 1.45
C HIS B 96 8.22 -16.79 2.42
N ASP B 97 7.22 -17.47 1.85
CA ASP B 97 6.09 -17.97 2.63
C ASP B 97 6.61 -18.77 3.83
N PRO B 98 6.36 -18.34 5.07
CA PRO B 98 6.85 -19.10 6.22
C PRO B 98 6.35 -20.54 6.26
N ASP B 99 5.29 -20.86 5.54
CA ASP B 99 4.73 -22.21 5.53
C ASP B 99 4.97 -22.94 4.23
N GLY B 100 5.62 -22.31 3.25
CA GLY B 100 5.89 -22.95 1.98
C GLY B 100 6.79 -22.13 1.08
N GLY B 101 6.48 -22.12 -0.22
CA GLY B 101 7.26 -21.36 -1.17
C GLY B 101 8.62 -21.98 -1.43
N LYS B 102 9.68 -21.30 -1.02
CA LYS B 102 11.05 -21.77 -1.21
C LYS B 102 11.75 -21.73 0.14
N MET B 103 12.21 -22.89 0.61
CA MET B 103 12.90 -23.02 1.89
C MET B 103 14.22 -23.75 1.66
N PRO B 104 15.24 -23.05 1.15
CA PRO B 104 16.54 -23.72 0.93
C PRO B 104 17.17 -24.20 2.22
N LYS B 105 17.26 -23.33 3.24
CA LYS B 105 17.85 -23.62 4.54
C LYS B 105 19.36 -23.75 4.47
N TRP B 106 19.98 -23.65 3.29
CA TRP B 106 21.42 -23.73 3.15
C TRP B 106 21.97 -22.52 2.41
N THR B 107 21.17 -21.97 1.48
CA THR B 107 21.58 -20.82 0.70
C THR B 107 21.66 -19.55 1.52
N ARG B 108 21.12 -19.53 2.75
CA ARG B 108 21.19 -18.33 3.57
C ARG B 108 22.62 -18.00 3.95
N VAL B 109 23.41 -19.00 4.31
CA VAL B 109 24.80 -18.76 4.68
C VAL B 109 25.61 -18.28 3.48
N ILE B 110 25.24 -18.72 2.27
CA ILE B 110 25.94 -18.27 1.08
C ILE B 110 25.53 -16.83 0.74
N LEU B 111 24.25 -16.52 0.91
CA LEU B 111 23.79 -15.15 0.65
C LEU B 111 24.42 -14.17 1.64
N LEU B 112 24.57 -14.58 2.90
CA LEU B 112 25.22 -13.72 3.88
C LEU B 112 26.68 -13.47 3.50
N ASN B 113 27.38 -14.50 3.07
CA ASN B 113 28.78 -14.33 2.65
C ASN B 113 28.86 -13.43 1.41
N TRP B 114 27.93 -13.59 0.47
CA TRP B 114 27.93 -12.74 -0.71
C TRP B 114 27.67 -11.28 -0.33
N CYS B 115 26.75 -11.03 0.60
CA CYS B 115 26.51 -9.68 1.07
C CYS B 115 27.74 -9.10 1.75
N ALA B 116 28.41 -9.90 2.58
CA ALA B 116 29.61 -9.43 3.25
C ALA B 116 30.71 -9.10 2.25
N TRP B 117 30.83 -9.91 1.18
CA TRP B 117 31.84 -9.65 0.16
C TRP B 117 31.49 -8.41 -0.66
N PHE B 118 30.20 -8.19 -0.90
CA PHE B 118 29.78 -6.98 -1.62
C PHE B 118 30.05 -5.73 -0.80
N LEU B 119 29.78 -5.80 0.50
CA LEU B 119 30.09 -4.66 1.37
C LEU B 119 31.59 -4.48 1.52
N ARG B 120 32.28 -5.51 2.02
CA ARG B 120 33.73 -5.52 2.13
C ARG B 120 34.27 -6.29 0.93
N MET B 121 34.85 -5.54 -0.02
CA MET B 121 35.34 -6.14 -1.26
C MET B 121 36.24 -7.34 -0.97
N LYS B 122 35.81 -8.51 -1.44
CA LYS B 122 36.54 -9.75 -1.24
C LYS B 122 37.29 -10.20 -2.49
N ARG B 123 36.92 -9.71 -3.66
CA ARG B 123 37.58 -10.12 -4.89
C ARG B 123 39.08 -9.87 -4.78
N PRO B 124 39.92 -10.75 -5.35
CA PRO B 124 41.37 -10.52 -5.23
C PRO B 124 41.82 -9.17 -5.78
N GLY B 125 41.29 -8.77 -6.92
CA GLY B 125 41.69 -7.49 -7.51
C GLY B 125 41.50 -6.32 -6.57
N GLU B 126 40.51 -6.40 -5.68
CA GLU B 126 40.25 -5.36 -4.70
C GLU B 126 40.68 -5.75 -3.28
N ASP B 127 40.89 -7.03 -3.02
CA ASP B 127 41.32 -7.48 -1.69
C ASP B 127 42.82 -7.35 -1.52
N LYS B 128 43.60 -7.51 -2.59
CA LYS B 128 45.05 -7.41 -2.49
C LYS B 128 45.55 -5.98 -2.61
N VAL B 129 44.85 -5.13 -3.36
CA VAL B 129 45.26 -3.74 -3.55
C VAL B 129 44.59 -2.94 -2.42
N ARG B 130 45.26 -2.91 -1.27
CA ARG B 130 44.75 -2.17 -0.11
C ARG B 130 45.85 -2.05 0.94
N PRO B 131 45.82 -1.03 1.79
CA PRO B 131 46.87 -0.90 2.81
C PRO B 131 46.77 -2.01 3.84
N ALA B 132 47.93 -2.50 4.27
CA ALA B 132 48.00 -3.57 5.25
C ALA B 132 49.35 -3.49 5.96
N CYS B 133 49.44 -4.23 7.06
CA CYS B 133 50.67 -4.25 7.86
C CYS B 133 50.64 -5.48 8.74
N GLN B 134 51.76 -5.71 9.43
CA GLN B 134 51.90 -6.86 10.33
C GLN B 134 51.43 -6.55 11.75
N HIS B 135 50.77 -5.42 11.96
CA HIS B 135 50.30 -5.06 13.28
C HIS B 135 49.20 -6.02 13.74
N LYS B 136 49.02 -6.10 15.06
CA LYS B 136 48.01 -6.99 15.63
C LYS B 136 46.60 -6.50 15.39
N GLN B 137 46.41 -5.30 14.85
CA GLN B 137 45.08 -4.79 14.60
C GLN B 137 44.41 -5.46 13.41
N ARG B 138 45.17 -6.16 12.56
CA ARG B 138 44.63 -6.85 11.41
C ARG B 138 44.68 -8.36 11.54
N ARG B 139 45.17 -8.89 12.66
CA ARG B 139 45.27 -10.31 12.88
C ARG B 139 44.09 -10.80 13.72
N CYS B 140 43.98 -12.12 13.83
CA CYS B 140 42.92 -12.77 14.59
C CYS B 140 43.42 -13.16 15.97
N SER B 141 42.47 -13.26 16.91
CA SER B 141 42.76 -13.64 18.29
C SER B 141 41.75 -14.69 18.74
N LEU B 142 41.89 -15.11 20.00
CA LEU B 142 40.98 -16.12 20.54
C LEU B 142 39.54 -15.63 20.55
N ALA B 143 39.33 -14.32 20.68
CA ALA B 143 37.98 -13.78 20.70
C ALA B 143 37.27 -13.96 19.36
N SER B 144 38.04 -13.98 18.27
CA SER B 144 37.45 -14.13 16.93
C SER B 144 37.26 -15.58 16.53
N VAL B 145 37.95 -16.51 17.18
CA VAL B 145 37.80 -17.92 16.83
C VAL B 145 36.37 -18.36 17.11
N GLU B 146 35.70 -18.86 16.07
CA GLU B 146 34.32 -19.31 16.18
C GLU B 146 34.22 -20.84 16.29
N MET B 147 35.34 -21.53 16.49
CA MET B 147 35.30 -22.98 16.59
C MET B 147 34.49 -23.43 17.79
N SER B 148 34.59 -22.72 18.91
CA SER B 148 33.86 -23.05 20.13
C SER B 148 32.85 -21.97 20.50
N ALA B 149 32.43 -21.16 19.54
CA ALA B 149 31.45 -20.10 19.78
C ALA B 149 31.94 -19.15 20.87
N VAL B 150 33.14 -18.60 20.66
CA VAL B 150 33.72 -17.67 21.62
C VAL B 150 33.03 -16.32 21.50
N ALA B 151 32.86 -15.65 22.64
CA ALA B 151 32.21 -14.35 22.69
C ALA B 151 32.98 -13.35 21.81
N PRO B 152 32.40 -12.87 20.71
CA PRO B 152 33.10 -11.90 19.87
C PRO B 152 33.42 -10.62 20.65
N PRO B 153 34.29 -9.77 20.13
CA PRO B 153 34.62 -8.53 20.83
C PRO B 153 33.39 -7.66 21.02
N PRO B 154 33.40 -6.75 22.00
CA PRO B 154 32.24 -5.88 22.22
C PRO B 154 32.12 -4.83 21.14
N ALA B 155 31.05 -4.91 20.35
CA ALA B 155 30.81 -3.97 19.27
C ALA B 155 29.31 -3.80 19.07
N SER B 156 28.95 -2.69 18.43
CA SER B 156 27.55 -2.39 18.15
C SER B 156 27.04 -3.04 16.87
N ASN B 157 27.88 -3.78 16.16
CA ASN B 157 27.48 -4.45 14.92
C ASN B 157 26.65 -5.70 15.15
N GLY B 158 26.32 -6.03 16.41
CA GLY B 158 25.55 -7.21 16.71
C GLY B 158 26.26 -8.17 17.63
N ASN B 159 27.19 -7.65 18.43
CA ASN B 159 27.96 -8.46 19.36
C ASN B 159 27.67 -8.11 20.81
N LEU B 160 27.75 -6.83 21.18
CA LEU B 160 27.48 -6.42 22.55
C LEU B 160 25.99 -6.28 22.81
N LEU B 161 25.32 -5.41 22.02
CA LEU B 161 23.88 -5.24 22.17
C LEU B 161 23.13 -6.54 21.92
N TYR B 162 23.64 -7.38 21.02
CA TYR B 162 23.01 -8.68 20.78
C TYR B 162 23.01 -9.52 22.04
N ILE B 163 24.20 -9.78 22.59
CA ILE B 163 24.29 -10.59 23.81
C ILE B 163 23.53 -9.94 24.94
N GLY B 164 23.39 -8.61 24.92
CA GLY B 164 22.67 -7.92 25.97
C GLY B 164 21.18 -8.13 25.92
N PHE B 165 20.57 -7.83 24.77
CA PHE B 165 19.12 -7.88 24.63
C PHE B 165 18.64 -9.26 24.17
N ARG B 166 19.11 -9.70 22.99
CA ARG B 166 18.65 -10.98 22.45
C ARG B 166 19.26 -12.17 23.17
N GLY B 167 20.35 -11.98 23.90
CA GLY B 167 20.98 -13.07 24.62
C GLY B 167 20.29 -13.39 25.93
N LEU B 168 19.04 -13.85 25.85
CA LEU B 168 18.29 -14.18 27.05
C LEU B 168 18.96 -15.33 27.79
N ASP B 169 18.56 -15.51 29.06
CA ASP B 169 19.09 -16.56 29.92
C ASP B 169 20.58 -16.41 30.18
N GLY B 170 21.14 -15.22 29.90
CA GLY B 170 22.54 -14.96 30.11
C GLY B 170 22.82 -14.36 31.48
N VAL B 171 24.07 -13.89 31.63
CA VAL B 171 24.47 -13.27 32.89
C VAL B 171 23.70 -11.97 33.12
N HIS B 172 23.26 -11.31 32.04
CA HIS B 172 22.54 -10.06 32.19
C HIS B 172 21.16 -10.29 32.80
N CYS B 173 20.51 -11.40 32.44
CA CYS B 173 19.18 -11.72 32.94
C CYS B 173 19.20 -12.74 34.07
N VAL B 174 20.13 -13.70 34.03
CA VAL B 174 20.23 -14.74 35.05
C VAL B 174 21.66 -14.73 35.59
N PRO B 175 22.03 -13.76 36.44
CA PRO B 175 23.40 -13.71 36.98
C PRO B 175 23.66 -14.74 38.09
N THR B 176 23.97 -15.95 37.65
CA THR B 176 24.24 -17.04 38.59
C THR B 176 25.59 -16.84 39.29
N PRO B 177 26.63 -16.33 38.62
CA PRO B 177 27.90 -16.13 39.31
C PRO B 177 27.75 -15.16 40.48
N ASP B 178 28.36 -15.53 41.60
CA ASP B 178 28.31 -14.71 42.81
C ASP B 178 29.18 -13.47 42.61
N SER B 179 28.53 -12.34 42.30
CA SER B 179 29.27 -11.10 42.09
C SER B 179 29.56 -10.39 43.41
N GLY B 180 28.70 -10.55 44.40
CA GLY B 180 28.89 -9.90 45.69
C GLY B 180 28.35 -8.49 45.78
N VAL B 181 27.59 -8.03 44.80
CA VAL B 181 27.04 -6.68 44.85
C VAL B 181 25.86 -6.61 45.80
N VAL B 182 25.10 -7.71 45.94
CA VAL B 182 23.93 -7.71 46.82
C VAL B 182 24.34 -7.63 48.28
N CYS B 183 25.58 -7.97 48.62
CA CYS B 183 26.06 -7.94 50.00
C CYS B 183 27.41 -7.27 50.17
N GLY B 184 28.13 -6.96 49.10
CA GLY B 184 29.43 -6.35 49.22
C GLY B 184 29.43 -4.87 48.88
N ARG B 185 28.64 -4.49 47.88
CA ARG B 185 28.55 -3.11 47.43
C ARG B 185 27.19 -2.53 47.78
N MET B 186 27.16 -1.21 48.00
CA MET B 186 25.94 -0.49 48.35
C MET B 186 25.44 0.40 47.23
N ALA B 187 26.09 0.39 46.06
CA ALA B 187 25.68 1.23 44.94
C ALA B 187 24.40 0.69 44.35
N CYS B 188 23.26 1.30 44.69
CA CYS B 188 21.96 0.88 44.20
C CYS B 188 21.67 -0.58 44.56
N SER B 189 22.26 -1.06 45.66
CA SER B 189 22.06 -2.44 46.10
C SER B 189 22.32 -2.55 47.59
N PRO B 190 21.30 -2.34 48.43
CA PRO B 190 21.52 -2.46 49.88
C PRO B 190 22.06 -3.83 50.26
N THR B 191 22.87 -3.85 51.32
CA THR B 191 23.49 -5.08 51.81
C THR B 191 22.44 -5.88 52.57
N HIS B 192 21.57 -6.55 51.81
CA HIS B 192 20.51 -7.40 52.35
C HIS B 192 19.81 -6.74 53.53
N ASP B 193 19.61 -5.42 53.45
CA ASP B 193 18.95 -4.68 54.52
C ASP B 193 17.46 -4.87 54.39
N GLU B 194 16.91 -5.81 55.17
CA GLU B 194 15.47 -6.08 55.13
C GLU B 194 14.66 -5.06 55.89
N HIS B 195 15.26 -4.36 56.86
CA HIS B 195 14.57 -3.36 57.65
C HIS B 195 14.68 -1.96 57.05
N LEU B 196 15.13 -1.84 55.80
CA LEU B 196 15.24 -0.55 55.13
C LEU B 196 13.85 -0.10 54.70
N LEU B 197 13.18 0.60 55.60
CA LEU B 197 11.84 1.11 55.32
C LEU B 197 11.91 2.34 54.43
N HIS B 198 11.08 2.39 53.39
CA HIS B 198 11.05 3.51 52.46
C HIS B 198 10.32 4.69 53.11
N GLY B 199 10.98 5.27 54.10
CA GLY B 199 10.40 6.40 54.83
C GLY B 199 9.07 6.08 55.46
N GLY B 200 8.93 4.88 56.04
CA GLY B 200 7.70 4.48 56.68
C GLY B 200 7.04 3.31 55.98
N GLN B 201 7.14 3.26 54.64
CA GLN B 201 6.54 2.19 53.87
C GLN B 201 7.59 1.14 53.50
N PRO B 202 7.20 -0.12 53.31
CA PRO B 202 8.18 -1.14 52.90
C PRO B 202 8.70 -0.86 51.50
N PRO B 203 9.69 -1.62 51.04
CA PRO B 203 10.19 -1.43 49.67
C PRO B 203 9.08 -1.62 48.65
N GLU B 204 9.20 -0.92 47.52
CA GLU B 204 8.21 -0.96 46.45
C GLU B 204 6.84 -0.55 47.00
N GLY B 205 6.77 0.69 47.49
CA GLY B 205 5.56 1.19 48.11
C GLY B 205 4.35 1.21 47.20
N ASP B 206 4.57 1.13 45.88
CA ASP B 206 3.48 1.19 44.90
C ASP B 206 3.58 -0.04 44.00
N PRO B 207 2.96 -1.16 44.40
CA PRO B 207 3.02 -2.36 43.56
C PRO B 207 2.34 -2.21 42.21
N ASP B 208 1.40 -1.27 42.07
CA ASP B 208 0.73 -1.09 40.78
C ASP B 208 1.72 -0.65 39.72
N LEU B 209 2.72 0.16 40.10
CA LEU B 209 3.73 0.58 39.15
C LEU B 209 4.49 -0.61 38.58
N ALA B 210 4.65 -1.68 39.38
CA ALA B 210 5.30 -2.87 38.87
C ALA B 210 4.51 -3.48 37.71
N LYS B 211 3.19 -3.58 37.87
CA LYS B 211 2.36 -4.11 36.80
C LYS B 211 2.34 -3.17 35.59
N ILE B 212 2.34 -1.86 35.84
CA ILE B 212 2.41 -0.90 34.74
C ILE B 212 3.70 -1.08 33.95
N LEU B 213 4.82 -1.26 34.65
CA LEU B 213 6.09 -1.46 33.98
C LEU B 213 6.11 -2.79 33.24
N GLU B 214 5.49 -3.83 33.80
CA GLU B 214 5.41 -5.11 33.11
C GLU B 214 4.62 -4.98 31.82
N GLU B 215 3.50 -4.24 31.86
CA GLU B 215 2.71 -4.04 30.66
C GLU B 215 3.47 -3.22 29.62
N VAL B 216 4.20 -2.19 30.08
CA VAL B 216 5.01 -1.39 29.16
C VAL B 216 6.09 -2.25 28.53
N ARG B 217 6.67 -3.18 29.29
CA ARG B 217 7.69 -4.06 28.75
C ARG B 217 7.09 -5.06 27.76
N TYR B 218 5.86 -5.52 28.01
CA TYR B 218 5.19 -6.37 27.03
C TYR B 218 4.92 -5.61 25.74
N ILE B 219 4.50 -4.35 25.84
CA ILE B 219 4.30 -3.53 24.65
C ILE B 219 5.62 -3.32 23.92
N ALA B 220 6.72 -3.12 24.67
CA ALA B 220 8.03 -2.97 24.05
C ALA B 220 8.45 -4.26 23.36
N ASN B 221 8.12 -5.41 23.93
CA ASN B 221 8.44 -6.69 23.29
C ASN B 221 7.63 -6.86 22.01
N ARG B 222 6.37 -6.44 22.01
CA ARG B 222 5.58 -6.48 20.79
C ARG B 222 6.18 -5.57 19.72
N PHE B 223 6.61 -4.37 20.12
CA PHE B 223 7.25 -3.46 19.17
C PHE B 223 8.55 -4.05 18.64
N ARG B 224 9.30 -4.75 19.50
CA ARG B 224 10.54 -5.39 19.06
C ARG B 224 10.25 -6.52 18.08
N CYS B 225 9.17 -7.26 18.31
CA CYS B 225 8.77 -8.30 17.36
C CYS B 225 8.39 -7.69 16.02
N GLN B 226 7.67 -6.58 16.04
CA GLN B 226 7.34 -5.89 14.79
C GLN B 226 8.61 -5.41 14.08
N ASP B 227 9.57 -4.88 14.84
CA ASP B 227 10.83 -4.44 14.25
C ASP B 227 11.61 -5.62 13.67
N GLU B 228 11.53 -6.77 14.33
CA GLU B 228 12.19 -7.97 13.81
C GLU B 228 11.55 -8.43 12.51
N SER B 229 10.21 -8.35 12.44
CA SER B 229 9.53 -8.67 11.19
C SER B 229 9.94 -7.70 10.08
N GLU B 230 10.04 -6.42 10.40
CA GLU B 230 10.50 -5.43 9.42
C GLU B 230 11.92 -5.72 8.97
N ALA B 231 12.78 -6.12 9.91
CA ALA B 231 14.16 -6.46 9.56
C ALA B 231 14.23 -7.71 8.69
N VAL B 232 13.33 -8.68 8.94
CA VAL B 232 13.29 -9.86 8.08
C VAL B 232 12.84 -9.48 6.68
N CYS B 233 11.86 -8.58 6.57
CA CYS B 233 11.45 -8.08 5.26
C CYS B 233 12.59 -7.36 4.56
N SER B 234 13.36 -6.57 5.32
CA SER B 234 14.51 -5.88 4.74
C SER B 234 15.57 -6.86 4.27
N GLU B 235 15.80 -7.94 5.04
CA GLU B 235 16.75 -8.95 4.62
C GLU B 235 16.27 -9.67 3.37
N TRP B 236 14.97 -9.91 3.26
CA TRP B 236 14.43 -10.49 2.03
C TRP B 236 14.66 -9.55 0.85
N LYS B 237 14.44 -8.25 1.05
CA LYS B 237 14.70 -7.29 -0.01
C LYS B 237 16.17 -7.27 -0.40
N PHE B 238 17.07 -7.38 0.58
CA PHE B 238 18.50 -7.41 0.28
C PHE B 238 18.87 -8.67 -0.49
N ALA B 239 18.28 -9.81 -0.12
CA ALA B 239 18.54 -11.04 -0.86
C ALA B 239 18.02 -10.94 -2.29
N ALA B 240 16.86 -10.27 -2.47
CA ALA B 240 16.34 -10.06 -3.82
C ALA B 240 17.27 -9.16 -4.64
N CYS B 241 17.79 -8.11 -4.01
CA CYS B 241 18.73 -7.22 -4.70
C CYS B 241 20.03 -7.95 -5.04
N VAL B 242 20.46 -8.88 -4.19
CA VAL B 242 21.65 -9.68 -4.49
C VAL B 242 21.44 -10.50 -5.75
N VAL B 243 20.23 -11.06 -5.92
CA VAL B 243 19.92 -11.81 -7.12
C VAL B 243 19.97 -10.91 -8.34
N ASP B 244 19.41 -9.69 -8.22
CA ASP B 244 19.44 -8.76 -9.34
C ASP B 244 20.88 -8.39 -9.70
N ARG B 245 21.74 -8.22 -8.70
CA ARG B 245 23.13 -7.89 -8.95
C ARG B 245 23.85 -9.05 -9.66
N LEU B 246 23.68 -10.26 -9.13
CA LEU B 246 24.27 -11.43 -9.79
C LEU B 246 23.79 -11.56 -11.22
N CYS B 247 22.52 -11.24 -11.46
CA CYS B 247 21.98 -11.30 -12.82
C CYS B 247 22.66 -10.25 -13.70
N LEU B 248 22.61 -8.98 -13.29
CA LEU B 248 23.27 -7.93 -14.05
C LEU B 248 24.75 -8.23 -14.28
N MET B 249 25.36 -9.06 -13.44
CA MET B 249 26.77 -9.40 -13.60
C MET B 249 26.99 -10.55 -14.58
N ALA B 250 26.17 -11.60 -14.52
CA ALA B 250 26.38 -12.79 -15.34
C ALA B 250 25.50 -12.82 -16.59
N PHE B 251 24.20 -12.67 -16.42
CA PHE B 251 23.29 -12.72 -17.57
C PHE B 251 23.56 -11.56 -18.52
N SER B 252 24.10 -10.45 -18.03
CA SER B 252 24.45 -9.35 -18.91
C SER B 252 25.53 -9.77 -19.90
N VAL B 253 26.61 -10.39 -19.40
CA VAL B 253 27.66 -10.87 -20.29
C VAL B 253 27.12 -11.99 -21.18
N PHE B 254 26.23 -12.83 -20.64
CA PHE B 254 25.64 -13.89 -21.44
C PHE B 254 24.88 -13.31 -22.63
N THR B 255 24.07 -12.28 -22.39
CA THR B 255 23.31 -11.65 -23.47
C THR B 255 24.23 -10.92 -24.43
N ILE B 256 25.30 -10.30 -23.93
CA ILE B 256 26.26 -9.64 -24.80
C ILE B 256 26.88 -10.67 -25.74
N ILE B 257 27.24 -11.84 -25.23
CA ILE B 257 27.81 -12.88 -26.07
C ILE B 257 26.79 -13.40 -27.07
N CYS B 258 25.55 -13.61 -26.62
CA CYS B 258 24.51 -14.08 -27.53
C CYS B 258 24.24 -13.08 -28.64
N THR B 259 24.39 -11.79 -28.35
CA THR B 259 24.16 -10.77 -29.37
C THR B 259 25.35 -10.65 -30.31
N ILE B 260 26.57 -10.78 -29.79
CA ILE B 260 27.74 -10.73 -30.66
C ILE B 260 27.78 -11.96 -31.56
N GLY B 261 27.22 -13.08 -31.10
CA GLY B 261 27.12 -14.25 -31.95
C GLY B 261 26.23 -14.01 -33.16
N ILE B 262 25.17 -13.22 -32.99
CA ILE B 262 24.30 -12.89 -34.12
C ILE B 262 25.08 -12.11 -35.17
N LEU B 263 25.89 -11.14 -34.73
CA LEU B 263 26.71 -10.38 -35.67
C LEU B 263 27.76 -11.27 -36.32
N MET B 264 28.32 -12.21 -35.56
CA MET B 264 29.30 -13.13 -36.14
C MET B 264 28.64 -14.07 -37.14
N SER B 265 27.40 -14.47 -36.89
CA SER B 265 26.65 -15.34 -37.77
C SER B 265 25.74 -14.57 -38.73
N ALA B 266 25.84 -13.24 -38.75
CA ALA B 266 25.01 -12.42 -39.62
C ALA B 266 25.34 -12.66 -41.08
N PRO B 267 26.63 -12.76 -41.46
CA PRO B 267 26.94 -13.01 -42.88
C PRO B 267 26.31 -14.28 -43.42
N ASN B 268 26.01 -15.25 -42.56
CA ASN B 268 25.38 -16.49 -43.02
C ASN B 268 24.04 -16.21 -43.67
N PHE B 269 23.21 -15.39 -43.01
CA PHE B 269 21.89 -15.06 -43.56
C PHE B 269 21.99 -13.95 -44.60
N VAL B 270 22.61 -12.84 -44.27
CA VAL B 270 22.75 -11.72 -45.19
C VAL B 270 23.63 -12.13 -46.36
N LEU C 7 -2.76 14.85 -47.04
CA LEU C 7 -3.02 15.36 -45.70
C LEU C 7 -3.29 14.21 -44.73
N TYR C 8 -4.00 13.19 -45.21
CA TYR C 8 -4.32 12.03 -44.38
C TYR C 8 -3.04 11.36 -43.88
N TYR C 9 -2.16 10.98 -44.81
CA TYR C 9 -0.92 10.32 -44.42
C TYR C 9 0.01 11.29 -43.71
N GLY C 10 0.05 12.55 -44.15
CA GLY C 10 0.89 13.54 -43.49
C GLY C 10 0.49 13.76 -42.06
N LEU C 11 -0.82 13.73 -41.77
CA LEU C 11 -1.29 13.89 -40.42
C LEU C 11 -1.12 12.62 -39.61
N ASN C 12 -1.31 11.45 -40.23
CA ASN C 12 -1.10 10.19 -39.54
C ASN C 12 0.36 10.01 -39.13
N LEU C 13 1.29 10.54 -39.92
CA LEU C 13 2.70 10.46 -39.56
C LEU C 13 3.13 11.58 -38.63
N LEU C 14 2.34 12.65 -38.51
CA LEU C 14 2.71 13.78 -37.67
C LEU C 14 2.12 13.67 -36.26
N ILE C 15 0.92 13.10 -36.13
CA ILE C 15 0.29 13.00 -34.82
C ILE C 15 1.13 12.16 -33.86
N PRO C 16 1.66 11.00 -34.25
CA PRO C 16 2.48 10.22 -33.31
C PRO C 16 3.69 10.99 -32.79
N CYS C 17 4.30 11.83 -33.62
CA CYS C 17 5.46 12.60 -33.17
C CYS C 17 5.09 13.51 -31.99
N VAL C 18 4.05 14.32 -32.16
CA VAL C 18 3.63 15.22 -31.09
C VAL C 18 3.13 14.43 -29.89
N LEU C 19 2.48 13.29 -30.14
CA LEU C 19 1.99 12.46 -29.05
C LEU C 19 3.14 11.97 -28.18
N ILE C 20 4.21 11.46 -28.81
CA ILE C 20 5.36 10.98 -28.07
C ILE C 20 6.08 12.14 -27.39
N SER C 21 6.16 13.28 -28.06
CA SER C 21 6.81 14.45 -27.46
C SER C 21 6.07 14.88 -26.18
N ALA C 22 4.74 14.85 -26.20
CA ALA C 22 3.98 15.23 -25.02
C ALA C 22 4.06 14.15 -23.94
N LEU C 23 4.06 12.88 -24.33
CA LEU C 23 4.13 11.80 -23.36
C LEU C 23 5.48 11.78 -22.64
N ALA C 24 6.56 12.08 -23.36
CA ALA C 24 7.87 12.10 -22.74
C ALA C 24 7.93 13.15 -21.62
N LEU C 25 7.28 14.30 -21.82
CA LEU C 25 7.26 15.34 -20.80
C LEU C 25 6.28 15.01 -19.69
N LEU C 26 5.15 14.39 -20.03
CA LEU C 26 4.16 14.05 -19.00
C LEU C 26 4.64 12.95 -18.09
N VAL C 27 5.49 12.05 -18.60
CA VAL C 27 6.03 10.98 -17.76
C VAL C 27 6.89 11.57 -16.65
N PHE C 28 7.65 12.63 -16.95
CA PHE C 28 8.49 13.28 -15.96
C PHE C 28 7.72 14.28 -15.12
N LEU C 29 6.65 14.86 -15.65
CA LEU C 29 5.83 15.76 -14.85
C LEU C 29 5.18 15.03 -13.67
N LEU C 30 4.92 13.73 -13.82
CA LEU C 30 4.39 12.90 -12.76
C LEU C 30 5.38 12.90 -11.59
N PRO C 31 5.04 13.48 -10.42
CA PRO C 31 6.03 13.61 -9.34
C PRO C 31 6.24 12.31 -8.59
N ALA C 32 7.37 11.66 -8.83
CA ALA C 32 7.90 10.58 -8.02
C ALA C 32 6.92 9.43 -7.81
N ASP C 33 5.86 9.33 -8.61
CA ASP C 33 4.92 8.23 -8.48
C ASP C 33 5.55 7.00 -9.11
N SER C 34 6.31 6.25 -8.30
CA SER C 34 7.07 5.11 -8.82
C SER C 34 6.13 4.09 -9.45
N GLY C 35 5.13 3.62 -8.69
CA GLY C 35 4.22 2.61 -9.19
C GLY C 35 3.41 3.07 -10.39
N GLU C 36 3.36 4.37 -10.66
CA GLU C 36 2.58 4.92 -11.75
C GLU C 36 3.42 5.54 -12.86
N LYS C 37 4.73 5.71 -12.65
CA LYS C 37 5.57 6.35 -13.66
C LYS C 37 5.83 5.41 -14.83
N ILE C 38 6.52 4.30 -14.58
CA ILE C 38 6.89 3.38 -15.66
C ILE C 38 5.65 2.87 -16.37
N SER C 39 4.53 2.73 -15.66
CA SER C 39 3.30 2.25 -16.27
C SER C 39 2.97 3.05 -17.53
N LEU C 40 3.39 4.31 -17.58
CA LEU C 40 3.22 5.09 -18.80
C LEU C 40 4.21 4.65 -19.87
N GLY C 41 5.51 4.71 -19.56
CA GLY C 41 6.51 4.35 -20.54
C GLY C 41 6.34 2.95 -21.08
N ILE C 42 5.95 2.01 -20.22
CA ILE C 42 5.74 0.63 -20.65
C ILE C 42 4.80 0.57 -21.84
N THR C 43 3.82 1.48 -21.88
CA THR C 43 2.88 1.50 -23.01
C THR C 43 3.44 2.27 -24.19
N VAL C 44 4.23 3.32 -23.94
CA VAL C 44 4.77 4.13 -25.03
C VAL C 44 5.48 3.24 -26.04
N LEU C 45 6.39 2.39 -25.56
CA LEU C 45 7.08 1.45 -26.43
C LEU C 45 6.09 0.68 -27.29
N LEU C 46 5.05 0.11 -26.66
CA LEU C 46 4.04 -0.61 -27.41
C LEU C 46 3.42 0.26 -28.49
N SER C 47 3.10 1.52 -28.14
CA SER C 47 2.50 2.43 -29.12
C SER C 47 3.36 2.53 -30.37
N LEU C 48 4.67 2.35 -30.25
CA LEU C 48 5.55 2.39 -31.42
C LEU C 48 5.52 1.08 -32.19
N THR C 49 5.49 -0.05 -31.48
CA THR C 49 5.54 -1.35 -32.15
C THR C 49 4.42 -1.47 -33.19
N VAL C 50 3.19 -1.16 -32.80
CA VAL C 50 2.08 -1.23 -33.74
C VAL C 50 2.34 -0.35 -34.95
N PHE C 51 2.93 0.82 -34.73
CA PHE C 51 3.23 1.71 -35.85
C PHE C 51 4.14 1.04 -36.86
N MET C 52 5.09 0.23 -36.38
CA MET C 52 5.99 -0.48 -37.29
C MET C 52 5.21 -1.33 -38.28
N LEU C 53 4.03 -1.83 -37.87
CA LEU C 53 3.19 -2.58 -38.79
C LEU C 53 2.37 -1.65 -39.68
N LEU C 54 1.90 -0.53 -39.11
CA LEU C 54 1.07 0.40 -39.88
C LEU C 54 1.72 0.77 -41.20
N VAL C 55 2.92 1.34 -41.14
CA VAL C 55 3.63 1.69 -42.36
C VAL C 55 3.82 0.47 -43.24
N ALA C 56 4.12 -0.69 -42.62
CA ALA C 56 4.32 -1.91 -43.40
C ALA C 56 3.08 -2.24 -44.23
N GLU C 57 1.90 -1.87 -43.74
CA GLU C 57 0.68 -2.10 -44.50
C GLU C 57 0.43 -0.97 -45.51
N ILE C 58 0.88 0.24 -45.21
CA ILE C 58 0.66 1.39 -46.09
C ILE C 58 1.80 1.47 -47.11
N MET C 59 3.03 1.65 -46.61
CA MET C 59 4.18 1.77 -47.49
C MET C 59 4.91 0.44 -47.61
N PRO C 60 5.34 0.03 -48.81
CA PRO C 60 6.07 -1.23 -48.94
C PRO C 60 7.47 -1.15 -48.38
N SER C 61 7.72 -1.87 -47.29
CA SER C 61 9.04 -1.86 -46.66
C SER C 61 10.08 -2.59 -47.49
N THR C 62 9.67 -3.34 -48.51
CA THR C 62 10.64 -4.06 -49.34
C THR C 62 11.61 -3.09 -50.00
N SER C 63 11.12 -1.93 -50.45
CA SER C 63 11.96 -0.91 -51.09
C SER C 63 12.65 -0.11 -50.00
N ASP C 64 13.69 -0.71 -49.42
CA ASP C 64 14.45 -0.08 -48.34
C ASP C 64 15.52 0.87 -48.91
N SER C 65 15.05 1.80 -49.74
CA SER C 65 15.93 2.78 -50.39
C SER C 65 16.08 4.04 -49.55
N SER C 66 14.97 4.70 -49.25
CA SER C 66 15.00 5.94 -48.49
C SER C 66 15.50 5.68 -47.07
N PRO C 67 16.64 6.22 -46.66
CA PRO C 67 17.07 6.04 -45.26
C PRO C 67 16.37 6.95 -44.28
N SER C 68 15.73 8.03 -44.74
CA SER C 68 15.08 8.96 -43.82
C SER C 68 13.96 8.30 -43.04
N ILE C 69 13.23 7.37 -43.66
CA ILE C 69 12.16 6.68 -42.96
C ILE C 69 12.72 5.77 -41.86
N ALA C 70 13.98 5.34 -42.01
CA ALA C 70 14.60 4.53 -40.97
C ALA C 70 15.03 5.36 -39.78
N GLN C 71 15.39 6.62 -40.00
CA GLN C 71 15.77 7.50 -38.89
C GLN C 71 14.54 8.12 -38.23
N TYR C 72 13.45 8.29 -38.99
CA TYR C 72 12.23 8.86 -38.42
C TYR C 72 11.80 8.08 -37.18
N PHE C 73 11.68 6.77 -37.29
CA PHE C 73 11.27 5.95 -36.16
C PHE C 73 12.42 5.69 -35.19
N ALA C 74 13.66 5.69 -35.68
CA ALA C 74 14.80 5.48 -34.79
C ALA C 74 14.93 6.61 -33.78
N SER C 75 14.61 7.84 -34.20
CA SER C 75 14.65 8.97 -33.28
C SER C 75 13.67 8.77 -32.13
N THR C 76 12.43 8.40 -32.44
CA THR C 76 11.43 8.16 -31.40
C THR C 76 11.83 6.98 -30.53
N MET C 77 12.42 5.93 -31.14
CA MET C 77 12.87 4.79 -30.36
C MET C 77 13.94 5.19 -29.35
N ILE C 78 14.91 6.00 -29.79
CA ILE C 78 15.97 6.45 -28.89
C ILE C 78 15.40 7.35 -27.81
N ILE C 79 14.42 8.19 -28.16
CA ILE C 79 13.81 9.07 -27.17
C ILE C 79 13.09 8.24 -26.10
N VAL C 80 12.35 7.22 -26.52
CA VAL C 80 11.65 6.37 -25.57
C VAL C 80 12.63 5.59 -24.72
N GLY C 81 13.73 5.13 -25.32
CA GLY C 81 14.75 4.44 -24.53
C GLY C 81 15.36 5.33 -23.48
N LEU C 82 15.66 6.58 -23.84
CA LEU C 82 16.20 7.53 -22.87
C LEU C 82 15.19 7.82 -21.77
N SER C 83 13.91 7.93 -22.13
CA SER C 83 12.87 8.16 -21.12
C SER C 83 12.79 6.98 -20.16
N VAL C 84 12.87 5.75 -20.68
CA VAL C 84 12.80 4.58 -19.82
C VAL C 84 14.03 4.50 -18.92
N VAL C 85 15.20 4.86 -19.46
CA VAL C 85 16.41 4.86 -18.64
C VAL C 85 16.28 5.89 -17.52
N VAL C 86 15.71 7.06 -17.84
CA VAL C 86 15.51 8.09 -16.82
C VAL C 86 14.55 7.59 -15.75
N THR C 87 13.48 6.91 -16.17
CA THR C 87 12.52 6.38 -15.20
C THR C 87 13.17 5.34 -14.30
N VAL C 88 14.01 4.48 -14.87
CA VAL C 88 14.69 3.46 -14.07
C VAL C 88 15.67 4.10 -13.10
N ILE C 89 16.37 5.15 -13.54
CA ILE C 89 17.29 5.84 -12.65
C ILE C 89 16.54 6.51 -11.52
N VAL C 90 15.36 7.09 -11.81
CA VAL C 90 14.56 7.70 -10.77
C VAL C 90 14.08 6.66 -9.78
N LEU C 91 13.64 5.50 -10.27
CA LEU C 91 13.23 4.42 -9.39
C LEU C 91 14.38 3.97 -8.50
N GLN C 92 15.58 3.84 -9.07
CA GLN C 92 16.74 3.47 -8.27
C GLN C 92 17.02 4.49 -7.19
N TYR C 93 17.04 5.78 -7.55
CA TYR C 93 17.28 6.83 -6.56
C TYR C 93 16.20 6.83 -5.48
N HIS C 94 14.97 6.48 -5.84
CA HIS C 94 13.89 6.43 -4.85
C HIS C 94 14.03 5.21 -3.94
N HIS C 95 14.58 4.11 -4.44
CA HIS C 95 14.77 2.92 -3.62
C HIS C 95 15.97 3.09 -2.70
N HIS C 96 17.15 3.29 -3.27
CA HIS C 96 18.37 3.51 -2.50
C HIS C 96 18.61 2.38 -1.51
N ASP C 97 18.82 1.19 -2.06
CA ASP C 97 19.09 0.00 -1.25
C ASP C 97 20.23 0.28 -0.28
N PRO C 98 19.99 0.27 1.04
CA PRO C 98 21.10 0.54 1.98
C PRO C 98 22.28 -0.41 1.84
N ASP C 99 22.10 -1.56 1.20
CA ASP C 99 23.18 -2.52 1.03
C ASP C 99 23.68 -2.61 -0.41
N GLY C 100 23.09 -1.85 -1.33
CA GLY C 100 23.52 -1.87 -2.71
C GLY C 100 22.86 -0.80 -3.55
N GLY C 101 22.49 -1.15 -4.79
CA GLY C 101 21.84 -0.22 -5.69
C GLY C 101 22.79 0.83 -6.21
N LYS C 102 22.57 2.08 -5.81
CA LYS C 102 23.41 3.20 -6.22
C LYS C 102 23.86 3.97 -4.98
N MET C 103 25.17 4.03 -4.77
CA MET C 103 25.76 4.72 -3.63
C MET C 103 26.80 5.70 -4.13
N PRO C 104 26.37 6.87 -4.63
CA PRO C 104 27.36 7.85 -5.11
C PRO C 104 28.26 8.38 -4.00
N LYS C 105 27.68 8.79 -2.88
CA LYS C 105 28.39 9.33 -1.72
C LYS C 105 28.98 10.71 -1.98
N TRP C 106 28.83 11.26 -3.19
CA TRP C 106 29.34 12.59 -3.51
C TRP C 106 28.23 13.45 -4.09
N THR C 107 27.30 12.83 -4.81
CA THR C 107 26.20 13.55 -5.43
C THR C 107 25.20 14.09 -4.42
N ARG C 108 25.27 13.66 -3.15
CA ARG C 108 24.33 14.16 -2.16
C ARG C 108 24.55 15.65 -1.89
N VAL C 109 25.80 16.09 -1.80
CA VAL C 109 26.09 17.49 -1.56
C VAL C 109 25.65 18.34 -2.75
N ILE C 110 25.70 17.79 -3.96
CA ILE C 110 25.26 18.53 -5.13
C ILE C 110 23.74 18.59 -5.18
N LEU C 111 23.07 17.50 -4.80
CA LEU C 111 21.61 17.50 -4.76
C LEU C 111 21.09 18.47 -3.70
N LEU C 112 21.77 18.55 -2.56
CA LEU C 112 21.37 19.50 -1.53
C LEU C 112 21.51 20.94 -2.02
N ASN C 113 22.61 21.25 -2.72
CA ASN C 113 22.79 22.58 -3.26
C ASN C 113 21.75 22.90 -4.32
N TRP C 114 21.41 21.91 -5.15
CA TRP C 114 20.38 22.12 -6.16
C TRP C 114 19.03 22.38 -5.52
N CYS C 115 18.70 21.65 -4.45
CA CYS C 115 17.46 21.88 -3.73
C CYS C 115 17.44 23.27 -3.12
N ALA C 116 18.55 23.69 -2.52
CA ALA C 116 18.62 25.02 -1.93
C ALA C 116 18.47 26.10 -2.98
N TRP C 117 19.04 25.89 -4.17
CA TRP C 117 18.90 26.87 -5.24
C TRP C 117 17.49 26.90 -5.78
N PHE C 118 16.82 25.75 -5.84
CA PHE C 118 15.44 25.71 -6.30
C PHE C 118 14.52 26.41 -5.30
N LEU C 119 14.75 26.21 -4.01
CA LEU C 119 13.97 26.92 -3.00
C LEU C 119 14.30 28.41 -3.00
N ARG C 120 15.57 28.75 -2.77
CA ARG C 120 16.04 30.12 -2.84
C ARG C 120 16.69 30.33 -4.20
N MET C 121 16.02 31.10 -5.06
CA MET C 121 16.47 31.30 -6.43
C MET C 121 17.92 31.75 -6.46
N LYS C 122 18.77 30.93 -7.06
CA LYS C 122 20.20 31.23 -7.17
C LYS C 122 20.61 31.71 -8.55
N ARG C 123 19.79 31.46 -9.57
CA ARG C 123 20.15 31.87 -10.91
C ARG C 123 20.41 33.38 -10.96
N PRO C 124 21.38 33.84 -11.75
CA PRO C 124 21.65 35.30 -11.78
C PRO C 124 20.43 36.13 -12.13
N GLY C 125 19.66 35.71 -13.14
CA GLY C 125 18.49 36.49 -13.53
C GLY C 125 17.53 36.73 -12.39
N GLU C 126 17.47 35.80 -11.42
CA GLU C 126 16.61 35.95 -10.26
C GLU C 126 17.37 36.29 -8.99
N ASP C 127 18.69 36.09 -8.97
CA ASP C 127 19.48 36.43 -7.79
C ASP C 127 19.87 37.89 -7.75
N LYS C 128 20.06 38.51 -8.92
CA LYS C 128 20.43 39.93 -8.98
C LYS C 128 19.22 40.86 -8.91
N VAL C 129 18.08 40.43 -9.42
CA VAL C 129 16.87 41.25 -9.41
C VAL C 129 16.15 40.95 -8.09
N ARG C 130 16.54 41.68 -7.04
CA ARG C 130 15.93 41.50 -5.73
C ARG C 130 16.38 42.63 -4.81
N PRO C 131 15.59 42.99 -3.80
CA PRO C 131 16.00 44.07 -2.89
C PRO C 131 17.22 43.67 -2.07
N ALA C 132 18.12 44.63 -1.88
CA ALA C 132 19.33 44.39 -1.11
C ALA C 132 19.82 45.72 -0.56
N CYS C 133 20.76 45.64 0.38
CA CYS C 133 21.33 46.83 1.02
C CYS C 133 22.64 46.43 1.68
N GLN C 134 23.34 47.44 2.18
CA GLN C 134 24.62 47.25 2.85
C GLN C 134 24.47 47.00 4.34
N HIS C 135 23.25 46.76 4.82
CA HIS C 135 23.05 46.50 6.23
C HIS C 135 23.68 45.17 6.64
N LYS C 136 23.96 45.05 7.94
CA LYS C 136 24.59 43.84 8.47
C LYS C 136 23.64 42.65 8.48
N GLN C 137 22.36 42.84 8.17
CA GLN C 137 21.41 41.73 8.18
C GLN C 137 21.59 40.82 6.97
N ARG C 138 22.31 41.26 5.94
CA ARG C 138 22.55 40.46 4.75
C ARG C 138 24.00 40.02 4.62
N ARG C 139 24.86 40.38 5.57
CA ARG C 139 26.27 40.01 5.53
C ARG C 139 26.52 38.79 6.40
N CYS C 140 27.73 38.26 6.30
CA CYS C 140 28.14 37.08 7.05
C CYS C 140 28.95 37.50 8.29
N SER C 141 28.93 36.62 9.29
CA SER C 141 29.65 36.86 10.54
C SER C 141 30.39 35.59 10.92
N LEU C 142 31.08 35.64 12.07
CA LEU C 142 31.85 34.49 12.53
C LEU C 142 30.95 33.29 12.79
N ALA C 143 29.69 33.53 13.16
CA ALA C 143 28.78 32.43 13.44
C ALA C 143 28.44 31.63 12.18
N SER C 144 28.49 32.28 11.01
CA SER C 144 28.18 31.62 9.75
C SER C 144 29.38 30.93 9.13
N VAL C 145 30.60 31.31 9.52
CA VAL C 145 31.79 30.69 8.96
C VAL C 145 31.80 29.21 9.32
N GLU C 146 31.84 28.36 8.31
CA GLU C 146 31.86 26.92 8.50
C GLU C 146 33.26 26.32 8.35
N MET C 147 34.30 27.17 8.31
CA MET C 147 35.65 26.66 8.16
C MET C 147 36.06 25.80 9.34
N SER C 148 35.65 26.20 10.56
CA SER C 148 35.97 25.46 11.77
C SER C 148 34.73 24.88 12.44
N ALA C 149 33.65 24.69 11.68
CA ALA C 149 32.41 24.13 12.20
C ALA C 149 31.89 24.97 13.38
N VAL C 150 31.72 26.26 13.13
CA VAL C 150 31.24 27.17 14.16
C VAL C 150 29.74 26.96 14.36
N ALA C 151 29.29 27.10 15.60
CA ALA C 151 27.88 26.92 15.94
C ALA C 151 27.04 27.93 15.17
N PRO C 152 26.19 27.49 14.24
CA PRO C 152 25.35 28.44 13.51
C PRO C 152 24.43 29.19 14.45
N PRO C 153 23.78 30.26 13.97
CA PRO C 153 22.87 31.02 14.83
C PRO C 153 21.72 30.14 15.31
N PRO C 154 21.08 30.51 16.42
CA PRO C 154 19.96 29.70 16.93
C PRO C 154 18.73 29.87 16.06
N ALA C 155 18.31 28.79 15.41
CA ALA C 155 17.14 28.81 14.56
C ALA C 155 16.48 27.44 14.57
N SER C 156 15.21 27.41 14.17
CA SER C 156 14.44 26.18 14.12
C SER C 156 14.63 25.42 12.82
N ASN C 157 15.43 25.93 11.89
CA ASN C 157 15.66 25.27 10.61
C ASN C 157 16.63 24.09 10.71
N GLY C 158 17.08 23.75 11.92
CA GLY C 158 18.01 22.64 12.09
C GLY C 158 19.30 23.06 12.76
N ASN C 159 19.26 24.15 13.52
CA ASN C 159 20.44 24.67 14.21
C ASN C 159 20.30 24.59 15.73
N LEU C 160 19.20 25.09 16.29
CA LEU C 160 19.02 25.05 17.73
C LEU C 160 18.45 23.70 18.17
N LEU C 161 17.31 23.31 17.63
CA LEU C 161 16.72 22.02 17.97
C LEU C 161 17.64 20.88 17.59
N TYR C 162 18.40 21.03 16.50
CA TYR C 162 19.36 20.00 16.12
C TYR C 162 20.40 19.80 17.21
N ILE C 163 21.12 20.85 17.57
CA ILE C 163 22.14 20.76 18.61
C ILE C 163 21.53 20.30 19.93
N GLY C 164 20.25 20.61 20.14
CA GLY C 164 19.59 20.21 21.37
C GLY C 164 19.30 18.72 21.47
N PHE C 165 18.60 18.19 20.46
CA PHE C 165 18.18 16.79 20.48
C PHE C 165 19.22 15.87 19.85
N ARG C 166 19.55 16.11 18.58
CA ARG C 166 20.48 15.23 17.87
C ARG C 166 21.92 15.44 18.31
N GLY C 167 22.23 16.57 18.93
CA GLY C 167 23.58 16.85 19.37
C GLY C 167 23.92 16.16 20.67
N LEU C 168 23.95 14.83 20.67
CA LEU C 168 24.25 14.08 21.87
C LEU C 168 25.68 14.38 22.33
N ASP C 169 25.96 14.00 23.58
CA ASP C 169 27.27 14.20 24.19
C ASP C 169 27.65 15.67 24.28
N GLY C 170 26.68 16.58 24.16
CA GLY C 170 26.93 17.99 24.24
C GLY C 170 26.71 18.53 25.63
N VAL C 171 26.70 19.87 25.73
CA VAL C 171 26.50 20.52 27.01
C VAL C 171 25.10 20.25 27.54
N HIS C 172 24.14 19.99 26.66
CA HIS C 172 22.78 19.72 27.11
C HIS C 172 22.68 18.38 27.82
N CYS C 173 23.43 17.38 27.36
CA CYS C 173 23.42 16.06 27.97
C CYS C 173 24.60 15.81 28.89
N VAL C 174 25.78 16.35 28.57
CA VAL C 174 26.97 16.18 29.39
C VAL C 174 27.53 17.56 29.74
N PRO C 175 26.91 18.28 30.69
CA PRO C 175 27.41 19.63 31.04
C PRO C 175 28.66 19.59 31.91
N THR C 176 29.81 19.43 31.25
CA THR C 176 31.09 19.40 31.95
C THR C 176 31.46 20.77 32.53
N PRO C 177 31.16 21.87 31.84
CA PRO C 177 31.51 23.18 32.41
C PRO C 177 30.81 23.41 33.73
N ASP C 178 31.56 23.93 34.70
CA ASP C 178 31.02 24.20 36.03
C ASP C 178 30.10 25.42 35.95
N SER C 179 28.79 25.17 35.91
CA SER C 179 27.83 26.27 35.83
C SER C 179 27.52 26.85 37.21
N GLY C 180 27.60 26.03 38.26
CA GLY C 180 27.31 26.49 39.60
C GLY C 180 25.86 26.46 40.00
N VAL C 181 25.00 25.83 39.21
CA VAL C 181 23.58 25.76 39.56
C VAL C 181 23.33 24.72 40.64
N VAL C 182 24.14 23.66 40.67
CA VAL C 182 23.96 22.61 41.67
C VAL C 182 24.30 23.10 43.07
N CYS C 183 25.07 24.18 43.19
CA CYS C 183 25.47 24.70 44.48
C CYS C 183 25.30 26.21 44.62
N GLY C 184 25.02 26.93 43.53
CA GLY C 184 24.88 28.38 43.59
C GLY C 184 23.44 28.83 43.52
N ARG C 185 22.64 28.16 42.70
CA ARG C 185 21.24 28.51 42.51
C ARG C 185 20.34 27.44 43.12
N MET C 186 19.16 27.86 43.55
CA MET C 186 18.19 26.97 44.16
C MET C 186 16.97 26.73 43.27
N ALA C 187 16.95 27.27 42.06
CA ALA C 187 15.81 27.10 41.16
C ALA C 187 15.81 25.68 40.63
N CYS C 188 14.95 24.84 41.21
CA CYS C 188 14.84 23.43 40.81
C CYS C 188 16.17 22.70 40.95
N SER C 189 17.02 23.16 41.87
CA SER C 189 18.32 22.55 42.07
C SER C 189 18.80 22.84 43.50
N PRO C 190 18.46 21.99 44.47
CA PRO C 190 18.93 22.22 45.84
C PRO C 190 20.45 22.31 45.91
N THR C 191 20.93 23.12 46.85
CA THR C 191 22.37 23.33 47.04
C THR C 191 22.93 22.12 47.78
N HIS C 192 23.15 21.04 47.02
CA HIS C 192 23.71 19.79 47.52
C HIS C 192 23.11 19.40 48.88
N ASP C 193 21.81 19.66 49.05
CA ASP C 193 21.12 19.33 50.30
C ASP C 193 20.82 17.85 50.32
N GLU C 194 21.67 17.06 50.97
CA GLU C 194 21.47 15.62 51.06
C GLU C 194 20.42 15.24 52.09
N HIS C 195 20.17 16.08 53.08
CA HIS C 195 19.17 15.81 54.11
C HIS C 195 17.78 16.32 53.75
N LEU C 196 17.57 16.71 52.49
CA LEU C 196 16.27 17.21 52.05
C LEU C 196 15.33 16.03 51.88
N LEU C 197 14.64 15.67 52.96
CA LEU C 197 13.70 14.55 52.93
C LEU C 197 12.40 14.99 52.27
N HIS C 198 11.89 14.15 51.37
CA HIS C 198 10.65 14.44 50.65
C HIS C 198 9.47 14.17 51.58
N GLY C 199 9.31 15.05 52.57
CA GLY C 199 8.24 14.91 53.53
C GLY C 199 8.25 13.59 54.26
N GLY C 200 9.43 13.10 54.63
CA GLY C 200 9.55 11.84 55.33
C GLY C 200 10.29 10.78 54.53
N GLN C 201 10.09 10.79 53.20
CA GLN C 201 10.75 9.82 52.32
C GLN C 201 11.97 10.45 51.65
N PRO C 202 12.98 9.67 51.30
CA PRO C 202 14.15 10.23 50.59
C PRO C 202 13.76 10.73 49.22
N PRO C 203 14.69 11.39 48.51
CA PRO C 203 14.38 11.85 47.15
C PRO C 203 14.02 10.68 46.25
N GLU C 204 13.18 10.96 45.25
CA GLU C 204 12.70 9.95 44.33
C GLU C 204 12.01 8.81 45.08
N GLY C 205 10.94 9.18 45.79
CA GLY C 205 10.22 8.23 46.62
C GLY C 205 9.65 7.04 45.86
N ASP C 206 9.52 7.15 44.54
CA ASP C 206 8.95 6.10 43.70
C ASP C 206 9.94 5.75 42.60
N PRO C 207 10.86 4.82 42.87
CA PRO C 207 11.83 4.46 41.83
C PRO C 207 11.21 3.79 40.62
N ASP C 208 10.03 3.19 40.74
CA ASP C 208 9.40 2.55 39.60
C ASP C 208 9.07 3.57 38.51
N LEU C 209 8.71 4.79 38.92
CA LEU C 209 8.43 5.83 37.94
C LEU C 209 9.67 6.15 37.09
N ALA C 210 10.87 5.99 37.66
CA ALA C 210 12.08 6.19 36.87
C ALA C 210 12.16 5.17 35.73
N LYS C 211 11.88 3.89 36.03
CA LYS C 211 11.89 2.87 34.98
C LYS C 211 10.78 3.10 33.98
N ILE C 212 9.61 3.55 34.44
CA ILE C 212 8.52 3.87 33.53
C ILE C 212 8.92 4.97 32.57
N LEU C 213 9.57 6.01 33.09
CA LEU C 213 10.03 7.12 32.25
C LEU C 213 11.12 6.66 31.29
N GLU C 214 12.01 5.77 31.74
CA GLU C 214 13.03 5.23 30.85
C GLU C 214 12.40 4.46 29.70
N GLU C 215 11.38 3.65 30.00
CA GLU C 215 10.70 2.91 28.94
C GLU C 215 9.97 3.84 28.00
N VAL C 216 9.33 4.89 28.53
CA VAL C 216 8.66 5.86 27.68
C VAL C 216 9.67 6.57 26.78
N ARG C 217 10.86 6.85 27.31
CA ARG C 217 11.89 7.49 26.51
C ARG C 217 12.42 6.54 25.44
N TYR C 218 12.52 5.25 25.74
CA TYR C 218 12.90 4.28 24.71
C TYR C 218 11.86 4.21 23.60
N ILE C 219 10.58 4.25 23.98
CA ILE C 219 9.52 4.25 22.98
C ILE C 219 9.59 5.53 22.15
N ALA C 220 9.89 6.66 22.79
CA ALA C 220 10.04 7.91 22.05
C ALA C 220 11.23 7.86 21.10
N ASN C 221 12.32 7.19 21.51
CA ASN C 221 13.46 7.03 20.63
C ASN C 221 13.12 6.16 19.43
N ARG C 222 12.33 5.10 19.65
CA ARG C 222 11.88 4.28 18.54
C ARG C 222 11.01 5.08 17.59
N PHE C 223 10.10 5.91 18.13
CA PHE C 223 9.28 6.76 17.28
C PHE C 223 10.12 7.76 16.51
N ARG C 224 11.18 8.28 17.15
CA ARG C 224 12.07 9.22 16.46
C ARG C 224 12.84 8.52 15.35
N CYS C 225 13.23 7.26 15.57
CA CYS C 225 13.89 6.51 14.51
C CYS C 225 12.94 6.27 13.34
N GLN C 226 11.66 5.96 13.64
CA GLN C 226 10.68 5.82 12.58
C GLN C 226 10.49 7.12 11.82
N ASP C 227 10.45 8.24 12.54
CA ASP C 227 10.31 9.54 11.88
C ASP C 227 11.54 9.86 11.03
N GLU C 228 12.72 9.44 11.49
CA GLU C 228 13.93 9.64 10.69
C GLU C 228 13.90 8.81 9.42
N SER C 229 13.40 7.58 9.51
CA SER C 229 13.23 6.76 8.31
C SER C 229 12.24 7.41 7.34
N GLU C 230 11.13 7.94 7.88
CA GLU C 230 10.16 8.63 7.04
C GLU C 230 10.79 9.86 6.38
N ALA C 231 11.63 10.60 7.12
CA ALA C 231 12.29 11.76 6.56
C ALA C 231 13.31 11.37 5.49
N VAL C 232 13.97 10.22 5.66
CA VAL C 232 14.89 9.73 4.64
C VAL C 232 14.11 9.36 3.38
N CYS C 233 12.95 8.74 3.54
CA CYS C 233 12.11 8.44 2.39
C CYS C 233 11.65 9.72 1.70
N SER C 234 11.30 10.75 2.49
CA SER C 234 10.91 12.02 1.91
C SER C 234 12.06 12.68 1.16
N GLU C 235 13.28 12.57 1.70
CA GLU C 235 14.45 13.12 1.01
C GLU C 235 14.72 12.36 -0.29
N TRP C 236 14.50 11.05 -0.28
CA TRP C 236 14.62 10.28 -1.52
C TRP C 236 13.60 10.74 -2.54
N LYS C 237 12.36 10.98 -2.10
CA LYS C 237 11.33 11.48 -3.01
C LYS C 237 11.70 12.85 -3.55
N PHE C 238 12.27 13.71 -2.72
CA PHE C 238 12.69 15.03 -3.17
C PHE C 238 13.82 14.93 -4.19
N ALA C 239 14.78 14.02 -3.96
CA ALA C 239 15.84 13.81 -4.92
C ALA C 239 15.30 13.29 -6.24
N ALA C 240 14.29 12.41 -6.18
CA ALA C 240 13.66 11.90 -7.39
C ALA C 240 12.95 13.02 -8.14
N CYS C 241 12.26 13.91 -7.42
CA CYS C 241 11.59 15.03 -8.05
C CYS C 241 12.60 16.01 -8.67
N VAL C 242 13.77 16.15 -8.04
CA VAL C 242 14.82 17.00 -8.60
C VAL C 242 15.26 16.45 -9.95
N VAL C 243 15.37 15.12 -10.07
CA VAL C 243 15.74 14.53 -11.35
C VAL C 243 14.67 14.80 -12.39
N ASP C 244 13.40 14.68 -12.01
CA ASP C 244 12.31 14.95 -12.95
C ASP C 244 12.34 16.41 -13.40
N ARG C 245 12.66 17.33 -12.48
CA ARG C 245 12.74 18.74 -12.84
C ARG C 245 13.89 19.00 -13.80
N LEU C 246 15.08 18.47 -13.49
CA LEU C 246 16.21 18.62 -14.39
C LEU C 246 15.89 18.03 -15.76
N CYS C 247 15.16 16.92 -15.80
CA CYS C 247 14.77 16.33 -17.07
C CYS C 247 13.83 17.26 -17.83
N LEU C 248 12.72 17.66 -17.22
CA LEU C 248 11.80 18.59 -17.85
C LEU C 248 12.50 19.88 -18.29
N MET C 249 13.63 20.21 -17.68
CA MET C 249 14.34 21.43 -18.06
C MET C 249 15.28 21.21 -19.25
N ALA C 250 16.02 20.10 -19.27
CA ALA C 250 17.03 19.86 -20.30
C ALA C 250 16.53 18.96 -21.43
N PHE C 251 16.02 17.78 -21.08
CA PHE C 251 15.56 16.85 -22.10
C PHE C 251 14.39 17.41 -22.88
N SER C 252 13.61 18.32 -22.26
CA SER C 252 12.52 18.96 -22.98
C SER C 252 13.06 19.78 -24.15
N VAL C 253 14.06 20.63 -23.88
CA VAL C 253 14.66 21.41 -24.96
C VAL C 253 15.36 20.50 -25.95
N PHE C 254 15.96 19.41 -25.47
CA PHE C 254 16.60 18.46 -26.37
C PHE C 254 15.60 17.86 -27.35
N THR C 255 14.44 17.45 -26.84
CA THR C 255 13.41 16.88 -27.70
C THR C 255 12.82 17.94 -28.63
N ILE C 256 12.67 19.18 -28.14
CA ILE C 256 12.19 20.25 -29.00
C ILE C 256 13.15 20.45 -30.18
N ILE C 257 14.44 20.43 -29.91
CA ILE C 257 15.43 20.59 -30.97
C ILE C 257 15.39 19.40 -31.92
N CYS C 258 15.29 18.18 -31.38
CA CYS C 258 15.22 17.00 -32.23
C CYS C 258 13.99 17.01 -33.11
N THR C 259 12.89 17.59 -32.63
CA THR C 259 11.67 17.65 -33.42
C THR C 259 11.74 18.76 -34.46
N ILE C 260 12.34 19.90 -34.12
CA ILE C 260 12.50 20.97 -35.09
C ILE C 260 13.46 20.56 -36.19
N GLY C 261 14.43 19.68 -35.87
CA GLY C 261 15.31 19.15 -36.90
C GLY C 261 14.58 18.33 -37.93
N ILE C 262 13.54 17.59 -37.51
CA ILE C 262 12.73 16.83 -38.45
C ILE C 262 12.04 17.76 -39.43
N LEU C 263 11.49 18.87 -38.93
CA LEU C 263 10.85 19.84 -39.81
C LEU C 263 11.87 20.51 -40.73
N MET C 264 13.07 20.76 -40.21
CA MET C 264 14.12 21.35 -41.04
C MET C 264 14.58 20.37 -42.11
N SER C 265 14.61 19.07 -41.79
CA SER C 265 15.01 18.04 -42.73
C SER C 265 13.82 17.38 -43.41
N ALA C 266 12.61 17.91 -43.22
CA ALA C 266 11.42 17.34 -43.84
C ALA C 266 11.46 17.51 -45.35
N PRO C 267 11.87 18.66 -45.88
CA PRO C 267 11.93 18.81 -47.35
C PRO C 267 12.80 17.76 -48.02
N ASN C 268 13.78 17.20 -47.31
CA ASN C 268 14.64 16.19 -47.91
C ASN C 268 13.83 14.96 -48.33
N PHE C 269 12.94 14.50 -47.46
CA PHE C 269 12.11 13.33 -47.77
C PHE C 269 10.91 13.72 -48.62
N VAL C 270 10.14 14.70 -48.18
CA VAL C 270 8.96 15.14 -48.90
C VAL C 270 9.37 15.78 -50.23
N LEU D 7 -24.07 -0.30 -43.19
CA LEU D 7 -24.38 -0.28 -41.77
C LEU D 7 -23.22 -0.85 -40.95
N TYR D 8 -22.58 -1.89 -41.49
CA TYR D 8 -21.46 -2.52 -40.81
C TYR D 8 -20.33 -1.51 -40.58
N TYR D 9 -19.86 -0.88 -41.66
CA TYR D 9 -18.79 0.10 -41.54
C TYR D 9 -19.25 1.35 -40.82
N GLY D 10 -20.50 1.78 -41.07
CA GLY D 10 -21.02 2.95 -40.39
C GLY D 10 -21.08 2.77 -38.89
N LEU D 11 -21.41 1.56 -38.44
CA LEU D 11 -21.45 1.28 -37.01
C LEU D 11 -20.06 1.03 -36.44
N ASN D 12 -19.16 0.42 -37.23
CA ASN D 12 -17.81 0.21 -36.77
C ASN D 12 -17.07 1.54 -36.58
N LEU D 13 -17.40 2.54 -37.39
CA LEU D 13 -16.80 3.87 -37.24
C LEU D 13 -17.50 4.70 -36.17
N LEU D 14 -18.71 4.33 -35.77
CA LEU D 14 -19.47 5.10 -34.78
C LEU D 14 -19.27 4.59 -33.37
N ILE D 15 -19.13 3.27 -33.20
CA ILE D 15 -18.96 2.71 -31.85
C ILE D 15 -17.73 3.27 -31.16
N PRO D 16 -16.56 3.37 -31.80
CA PRO D 16 -15.40 3.94 -31.10
C PRO D 16 -15.63 5.34 -30.60
N CYS D 17 -16.38 6.17 -31.34
CA CYS D 17 -16.64 7.53 -30.88
C CYS D 17 -17.37 7.53 -29.55
N VAL D 18 -18.48 6.81 -29.45
CA VAL D 18 -19.24 6.77 -28.21
C VAL D 18 -18.42 6.09 -27.11
N LEU D 19 -17.62 5.09 -27.48
CA LEU D 19 -16.77 4.42 -26.49
C LEU D 19 -15.80 5.40 -25.86
N ILE D 20 -15.11 6.18 -26.69
CA ILE D 20 -14.15 7.15 -26.17
C ILE D 20 -14.86 8.24 -25.39
N SER D 21 -16.04 8.66 -25.85
CA SER D 21 -16.80 9.68 -25.14
C SER D 21 -17.17 9.21 -23.74
N ALA D 22 -17.56 7.94 -23.61
CA ALA D 22 -17.92 7.40 -22.30
C ALA D 22 -16.68 7.19 -21.44
N LEU D 23 -15.58 6.74 -22.05
CA LEU D 23 -14.36 6.49 -21.28
C LEU D 23 -13.78 7.79 -20.73
N ALA D 24 -13.86 8.88 -21.50
CA ALA D 24 -13.34 10.16 -21.03
C ALA D 24 -14.08 10.62 -19.77
N LEU D 25 -15.39 10.38 -19.71
CA LEU D 25 -16.15 10.77 -18.53
C LEU D 25 -15.93 9.79 -17.38
N LEU D 26 -15.78 8.49 -17.69
CA LEU D 26 -15.57 7.51 -16.65
C LEU D 26 -14.20 7.67 -15.98
N VAL D 27 -13.20 8.13 -16.73
CA VAL D 27 -11.89 8.35 -16.16
C VAL D 27 -11.95 9.41 -15.08
N PHE D 28 -12.76 10.45 -15.29
CA PHE D 28 -12.90 11.51 -14.31
C PHE D 28 -13.90 11.17 -13.22
N LEU D 29 -14.87 10.30 -13.50
CA LEU D 29 -15.80 9.86 -12.46
C LEU D 29 -15.07 9.08 -11.38
N LEU D 30 -13.98 8.41 -11.72
CA LEU D 30 -13.15 7.69 -10.77
C LEU D 30 -12.59 8.69 -9.75
N PRO D 31 -13.03 8.63 -8.47
CA PRO D 31 -12.63 9.67 -7.51
C PRO D 31 -11.21 9.47 -7.00
N ALA D 32 -10.30 10.32 -7.49
CA ALA D 32 -8.96 10.51 -6.94
C ALA D 32 -8.15 9.21 -6.82
N ASP D 33 -8.56 8.15 -7.50
CA ASP D 33 -7.81 6.89 -7.47
C ASP D 33 -6.58 7.06 -8.36
N SER D 34 -5.49 7.57 -7.76
CA SER D 34 -4.30 7.88 -8.53
C SER D 34 -3.77 6.65 -9.27
N GLY D 35 -3.43 5.59 -8.53
CA GLY D 35 -2.87 4.40 -9.15
C GLY D 35 -3.81 3.72 -10.13
N GLU D 36 -5.09 4.07 -10.10
CA GLU D 36 -6.09 3.45 -10.97
C GLU D 36 -6.63 4.39 -12.04
N LYS D 37 -6.34 5.68 -11.97
CA LYS D 37 -6.87 6.63 -12.95
C LYS D 37 -6.17 6.49 -14.29
N ILE D 38 -4.87 6.80 -14.32
CA ILE D 38 -4.13 6.79 -15.58
C ILE D 38 -4.17 5.41 -16.22
N SER D 39 -4.24 4.35 -15.41
CA SER D 39 -4.32 3.00 -15.95
C SER D 39 -5.41 2.88 -16.99
N LEU D 40 -6.48 3.68 -16.88
CA LEU D 40 -7.51 3.70 -17.91
C LEU D 40 -7.01 4.44 -19.15
N GLY D 41 -6.59 5.70 -18.97
CA GLY D 41 -6.17 6.49 -20.11
C GLY D 41 -5.03 5.83 -20.88
N ILE D 42 -4.09 5.22 -20.16
CA ILE D 42 -2.97 4.55 -20.82
C ILE D 42 -3.46 3.56 -21.87
N THR D 43 -4.61 2.93 -21.62
CA THR D 43 -5.16 1.99 -22.58
C THR D 43 -5.92 2.71 -23.70
N VAL D 44 -6.61 3.80 -23.36
CA VAL D 44 -7.39 4.53 -24.36
C VAL D 44 -6.52 4.86 -25.57
N LEU D 45 -5.35 5.45 -25.32
CA LEU D 45 -4.42 5.75 -26.40
C LEU D 45 -4.19 4.52 -27.27
N LEU D 46 -3.86 3.39 -26.64
CA LEU D 46 -3.64 2.15 -27.39
C LEU D 46 -4.89 1.80 -28.22
N SER D 47 -6.07 1.95 -27.62
CA SER D 47 -7.30 1.63 -28.34
C SER D 47 -7.39 2.39 -29.65
N LEU D 48 -6.78 3.57 -29.72
CA LEU D 48 -6.79 4.34 -30.96
C LEU D 48 -5.73 3.85 -31.94
N THR D 49 -4.55 3.48 -31.44
CA THR D 49 -3.47 3.06 -32.32
C THR D 49 -3.91 1.92 -33.23
N VAL D 50 -4.50 0.88 -32.65
CA VAL D 50 -4.96 -0.25 -33.45
C VAL D 50 -5.95 0.22 -34.51
N PHE D 51 -6.81 1.17 -34.16
CA PHE D 51 -7.77 1.68 -35.14
C PHE D 51 -7.06 2.27 -36.35
N MET D 52 -5.92 2.93 -36.13
CA MET D 52 -5.17 3.49 -37.25
C MET D 52 -4.81 2.41 -38.27
N LEU D 53 -4.63 1.17 -37.83
CA LEU D 53 -4.38 0.07 -38.76
C LEU D 53 -5.68 -0.45 -39.35
N LEU D 54 -6.76 -0.49 -38.56
CA LEU D 54 -8.03 -1.02 -39.04
C LEU D 54 -8.43 -0.35 -40.36
N VAL D 55 -8.59 0.98 -40.33
CA VAL D 55 -8.93 1.69 -41.55
C VAL D 55 -7.91 1.42 -42.64
N ALA D 56 -6.62 1.36 -42.28
CA ALA D 56 -5.58 1.10 -43.26
C ALA D 56 -5.82 -0.21 -43.99
N GLU D 57 -6.45 -1.19 -43.33
CA GLU D 57 -6.77 -2.45 -43.97
C GLU D 57 -8.09 -2.37 -44.72
N ILE D 58 -9.02 -1.52 -44.27
CA ILE D 58 -10.33 -1.40 -44.89
C ILE D 58 -10.27 -0.37 -46.00
N MET D 59 -9.93 0.88 -45.64
CA MET D 59 -9.87 1.96 -46.61
C MET D 59 -8.44 2.20 -47.05
N PRO D 60 -8.19 2.42 -48.35
CA PRO D 60 -6.82 2.68 -48.80
C PRO D 60 -6.33 4.05 -48.39
N SER D 61 -5.35 4.11 -47.49
CA SER D 61 -4.81 5.37 -47.02
C SER D 61 -3.97 6.08 -48.07
N THR D 62 -3.57 5.39 -49.13
CA THR D 62 -2.76 6.03 -50.17
C THR D 62 -3.50 7.22 -50.79
N SER D 63 -4.82 7.10 -50.98
CA SER D 63 -5.63 8.18 -51.53
C SER D 63 -5.95 9.17 -50.42
N ASP D 64 -4.95 9.99 -50.09
CA ASP D 64 -5.09 10.98 -49.03
C ASP D 64 -5.76 12.24 -49.56
N SER D 65 -6.94 12.10 -50.15
CA SER D 65 -7.68 13.23 -50.70
C SER D 65 -8.62 13.84 -49.65
N SER D 66 -9.53 13.03 -49.13
CA SER D 66 -10.50 13.51 -48.15
C SER D 66 -9.78 13.92 -46.87
N PRO D 67 -9.81 15.20 -46.47
CA PRO D 67 -9.19 15.57 -45.18
C PRO D 67 -10.06 15.29 -43.97
N SER D 68 -11.36 15.05 -44.16
CA SER D 68 -12.24 14.84 -43.01
C SER D 68 -11.92 13.54 -42.29
N ILE D 69 -11.46 12.51 -43.01
CA ILE D 69 -11.12 11.25 -42.35
C ILE D 69 -9.94 11.43 -41.40
N ALA D 70 -9.08 12.41 -41.67
CA ALA D 70 -7.97 12.71 -40.77
C ALA D 70 -8.44 13.45 -39.53
N GLN D 71 -9.30 14.46 -39.72
CA GLN D 71 -9.84 15.19 -38.57
C GLN D 71 -10.67 14.28 -37.67
N TYR D 72 -11.34 13.28 -38.25
CA TYR D 72 -12.12 12.34 -37.46
C TYR D 72 -11.27 11.74 -36.35
N PHE D 73 -10.05 11.31 -36.69
CA PHE D 73 -9.16 10.72 -35.69
C PHE D 73 -8.41 11.79 -34.90
N ALA D 74 -8.13 12.93 -35.51
CA ALA D 74 -7.42 14.00 -34.80
C ALA D 74 -8.24 14.50 -33.63
N SER D 75 -9.57 14.56 -33.78
CA SER D 75 -10.43 15.00 -32.70
C SER D 75 -10.30 14.07 -31.49
N THR D 76 -10.40 12.75 -31.74
CA THR D 76 -10.27 11.79 -30.66
C THR D 76 -8.87 11.84 -30.05
N MET D 77 -7.85 12.05 -30.88
CA MET D 77 -6.48 12.15 -30.37
C MET D 77 -6.33 13.35 -29.43
N ILE D 78 -6.89 14.50 -29.83
CA ILE D 78 -6.81 15.68 -28.98
C ILE D 78 -7.62 15.48 -27.70
N ILE D 79 -8.76 14.80 -27.80
CA ILE D 79 -9.57 14.53 -26.61
C ILE D 79 -8.78 13.67 -25.63
N VAL D 80 -8.14 12.61 -26.14
CA VAL D 80 -7.37 11.73 -25.26
C VAL D 80 -6.17 12.46 -24.68
N GLY D 81 -5.54 13.32 -25.47
CA GLY D 81 -4.44 14.12 -24.95
C GLY D 81 -4.88 15.03 -23.82
N LEU D 82 -6.02 15.70 -23.98
CA LEU D 82 -6.54 16.56 -22.93
C LEU D 82 -6.89 15.75 -21.69
N SER D 83 -7.47 14.55 -21.89
CA SER D 83 -7.78 13.70 -20.75
C SER D 83 -6.52 13.28 -20.00
N VAL D 84 -5.47 12.93 -20.73
CA VAL D 84 -4.22 12.53 -20.08
C VAL D 84 -3.60 13.72 -19.35
N VAL D 85 -3.68 14.91 -19.94
CA VAL D 85 -3.15 16.10 -19.28
C VAL D 85 -3.93 16.37 -18.00
N VAL D 86 -5.25 16.20 -18.03
CA VAL D 86 -6.06 16.39 -16.83
C VAL D 86 -5.68 15.38 -15.77
N THR D 87 -5.46 14.12 -16.18
CA THR D 87 -5.06 13.09 -15.22
C THR D 87 -3.71 13.42 -14.59
N VAL D 88 -2.77 13.90 -15.39
CA VAL D 88 -1.45 14.26 -14.87
C VAL D 88 -1.55 15.44 -13.92
N ILE D 89 -2.40 16.42 -14.24
CA ILE D 89 -2.59 17.57 -13.36
C ILE D 89 -3.21 17.12 -12.04
N VAL D 90 -4.16 16.19 -12.10
CA VAL D 90 -4.78 15.68 -10.88
C VAL D 90 -3.76 14.93 -10.04
N LEU D 91 -2.91 14.13 -10.68
CA LEU D 91 -1.86 13.43 -9.95
C LEU D 91 -0.91 14.41 -9.28
N GLN D 92 -0.54 15.48 -10.00
CA GLN D 92 0.33 16.50 -9.42
C GLN D 92 -0.32 17.15 -8.21
N TYR D 93 -1.58 17.56 -8.36
CA TYR D 93 -2.28 18.19 -7.23
C TYR D 93 -2.40 17.23 -6.05
N HIS D 94 -2.52 15.94 -6.32
CA HIS D 94 -2.60 14.95 -5.24
C HIS D 94 -1.26 14.73 -4.57
N HIS D 95 -0.16 14.87 -5.32
CA HIS D 95 1.16 14.71 -4.74
C HIS D 95 1.57 15.95 -3.95
N HIS D 96 1.64 17.10 -4.62
CA HIS D 96 1.96 18.36 -3.98
C HIS D 96 3.29 18.27 -3.22
N ASP D 97 4.36 18.04 -3.99
CA ASP D 97 5.69 17.95 -3.44
C ASP D 97 5.99 19.18 -2.58
N PRO D 98 6.20 19.02 -1.27
CA PRO D 98 6.48 20.20 -0.43
C PRO D 98 7.69 21.01 -0.88
N ASP D 99 8.59 20.41 -1.68
CA ASP D 99 9.79 21.11 -2.15
C ASP D 99 9.72 21.46 -3.62
N GLY D 100 8.65 21.12 -4.33
CA GLY D 100 8.52 21.44 -5.73
C GLY D 100 7.15 21.12 -6.29
N GLY D 101 7.11 20.60 -7.52
CA GLY D 101 5.86 20.25 -8.15
C GLY D 101 5.07 21.46 -8.59
N LYS D 102 3.92 21.68 -7.95
CA LYS D 102 3.05 22.82 -8.26
C LYS D 102 2.75 23.55 -6.97
N MET D 103 3.13 24.82 -6.91
CA MET D 103 2.92 25.67 -5.73
C MET D 103 2.21 26.94 -6.18
N PRO D 104 0.91 26.89 -6.42
CA PRO D 104 0.19 28.12 -6.83
C PRO D 104 0.22 29.21 -5.76
N LYS D 105 -0.13 28.85 -4.51
CA LYS D 105 -0.17 29.77 -3.37
C LYS D 105 -1.33 30.76 -3.47
N TRP D 106 -2.12 30.74 -4.54
CA TRP D 106 -3.26 31.63 -4.68
C TRP D 106 -4.52 30.84 -4.97
N THR D 107 -4.38 29.71 -5.66
CA THR D 107 -5.53 28.88 -6.02
C THR D 107 -6.14 28.18 -4.82
N ARG D 108 -5.46 28.17 -3.67
CA ARG D 108 -6.01 27.50 -2.50
C ARG D 108 -7.27 28.20 -2.01
N VAL D 109 -7.27 29.54 -1.99
CA VAL D 109 -8.44 30.28 -1.55
C VAL D 109 -9.60 30.07 -2.50
N ILE D 110 -9.32 29.89 -3.80
CA ILE D 110 -10.37 29.64 -4.77
C ILE D 110 -10.92 28.23 -4.62
N LEU D 111 -10.04 27.26 -4.37
CA LEU D 111 -10.49 25.89 -4.16
C LEU D 111 -11.33 25.78 -2.89
N LEU D 112 -10.97 26.51 -1.84
CA LEU D 112 -11.77 26.50 -0.62
C LEU D 112 -13.16 27.07 -0.88
N ASN D 113 -13.23 28.17 -1.63
CA ASN D 113 -14.54 28.75 -1.94
C ASN D 113 -15.36 27.81 -2.80
N TRP D 114 -14.72 27.13 -3.75
CA TRP D 114 -15.44 26.16 -4.58
C TRP D 114 -15.98 25.01 -3.75
N CYS D 115 -15.17 24.53 -2.80
CA CYS D 115 -15.65 23.46 -1.92
C CYS D 115 -16.82 23.94 -1.06
N ALA D 116 -16.73 25.16 -0.54
CA ALA D 116 -17.83 25.69 0.26
C ALA D 116 -19.10 25.84 -0.56
N TRP D 117 -18.95 26.25 -1.83
CA TRP D 117 -20.12 26.39 -2.69
C TRP D 117 -20.71 25.03 -3.06
N PHE D 118 -19.85 24.02 -3.24
CA PHE D 118 -20.34 22.67 -3.52
C PHE D 118 -21.08 22.10 -2.32
N LEU D 119 -20.56 22.32 -1.12
CA LEU D 119 -21.26 21.87 0.08
C LEU D 119 -22.53 22.68 0.30
N ARG D 120 -22.40 23.99 0.43
CA ARG D 120 -23.55 24.90 0.55
C ARG D 120 -23.80 25.49 -0.83
N MET D 121 -24.88 25.03 -1.47
CA MET D 121 -25.19 25.46 -2.82
C MET D 121 -25.19 26.97 -2.95
N LYS D 122 -24.28 27.48 -3.78
CA LYS D 122 -24.14 28.92 -3.99
C LYS D 122 -24.74 29.39 -5.31
N ARG D 123 -24.97 28.48 -6.25
CA ARG D 123 -25.52 28.88 -7.55
C ARG D 123 -26.85 29.61 -7.34
N PRO D 124 -27.15 30.63 -8.15
CA PRO D 124 -28.41 31.36 -7.94
C PRO D 124 -29.63 30.46 -8.00
N GLY D 125 -29.68 29.53 -8.96
CA GLY D 125 -30.84 28.65 -9.08
C GLY D 125 -31.14 27.90 -7.81
N GLU D 126 -30.11 27.60 -7.00
CA GLU D 126 -30.28 26.91 -5.73
C GLU D 126 -30.12 27.82 -4.52
N ASP D 127 -29.51 29.00 -4.71
CA ASP D 127 -29.34 29.93 -3.60
C ASP D 127 -30.59 30.78 -3.36
N LYS D 128 -31.33 31.09 -4.42
CA LYS D 128 -32.54 31.90 -4.29
C LYS D 128 -33.77 31.07 -3.92
N VAL D 129 -33.83 29.81 -4.35
CA VAL D 129 -34.97 28.94 -4.06
C VAL D 129 -34.65 28.24 -2.75
N ARG D 130 -34.98 28.90 -1.64
CA ARG D 130 -34.74 28.35 -0.31
C ARG D 130 -35.47 29.19 0.73
N PRO D 131 -35.84 28.62 1.87
CA PRO D 131 -36.55 29.41 2.89
C PRO D 131 -35.63 30.47 3.50
N ALA D 132 -36.20 31.66 3.74
CA ALA D 132 -35.45 32.76 4.30
C ALA D 132 -36.41 33.69 5.02
N CYS D 133 -35.85 34.59 5.83
CA CYS D 133 -36.65 35.55 6.58
C CYS D 133 -35.75 36.69 7.01
N GLN D 134 -36.37 37.72 7.59
CA GLN D 134 -35.65 38.90 8.06
C GLN D 134 -35.16 38.76 9.50
N HIS D 135 -35.23 37.55 10.06
CA HIS D 135 -34.77 37.35 11.43
C HIS D 135 -33.26 37.54 11.52
N LYS D 136 -32.80 37.84 12.74
CA LYS D 136 -31.37 38.06 12.98
C LYS D 136 -30.56 36.77 12.89
N GLN D 137 -31.20 35.61 12.77
CA GLN D 137 -30.47 34.35 12.69
C GLN D 137 -29.80 34.16 11.34
N ARG D 138 -30.20 34.92 10.32
CA ARG D 138 -29.62 34.82 9.00
C ARG D 138 -28.79 36.04 8.62
N ARG D 139 -28.65 37.02 9.50
CA ARG D 139 -27.89 38.22 9.24
C ARG D 139 -26.49 38.11 9.86
N CYS D 140 -25.64 39.08 9.52
CA CYS D 140 -24.27 39.12 10.01
C CYS D 140 -24.17 40.08 11.19
N SER D 141 -23.15 39.84 12.02
CA SER D 141 -22.90 40.65 13.20
C SER D 141 -21.41 40.96 13.27
N LEU D 142 -21.01 41.69 14.32
CA LEU D 142 -19.61 42.06 14.49
C LEU D 142 -18.72 40.83 14.64
N ALA D 143 -19.27 39.75 15.19
CA ALA D 143 -18.47 38.54 15.38
C ALA D 143 -18.09 37.91 14.05
N SER D 144 -18.91 38.09 13.01
CA SER D 144 -18.65 37.50 11.70
C SER D 144 -17.75 38.38 10.84
N VAL D 145 -17.65 39.68 11.15
CA VAL D 145 -16.82 40.56 10.35
C VAL D 145 -15.37 40.12 10.45
N GLU D 146 -14.76 39.81 9.30
CA GLU D 146 -13.38 39.38 9.24
C GLU D 146 -12.43 40.49 8.83
N MET D 147 -12.89 41.74 8.81
CA MET D 147 -12.04 42.85 8.42
C MET D 147 -10.87 43.01 9.38
N SER D 148 -11.12 42.83 10.68
CA SER D 148 -10.10 42.96 11.71
C SER D 148 -9.82 41.63 12.40
N ALA D 149 -10.12 40.52 11.76
CA ALA D 149 -9.89 39.19 12.33
C ALA D 149 -10.59 39.04 13.68
N VAL D 150 -11.91 39.29 13.67
CA VAL D 150 -12.69 39.18 14.89
C VAL D 150 -12.91 37.71 15.23
N ALA D 151 -12.92 37.40 16.52
CA ALA D 151 -13.12 36.03 16.99
C ALA D 151 -14.47 35.50 16.51
N PRO D 152 -14.50 34.51 15.62
CA PRO D 152 -15.79 33.96 15.16
C PRO D 152 -16.59 33.41 16.32
N PRO D 153 -17.88 33.13 16.12
CA PRO D 153 -18.70 32.58 17.20
C PRO D 153 -18.15 31.23 17.66
N PRO D 154 -18.47 30.80 18.88
CA PRO D 154 -17.98 29.50 19.36
C PRO D 154 -18.70 28.35 18.69
N ALA D 155 -17.95 27.57 17.91
CA ALA D 155 -18.52 26.43 17.20
C ALA D 155 -17.46 25.36 17.06
N SER D 156 -17.91 24.14 16.80
CA SER D 156 -17.02 22.99 16.63
C SER D 156 -16.51 22.86 15.21
N ASN D 157 -16.91 23.74 14.29
CA ASN D 157 -16.48 23.67 12.91
C ASN D 157 -15.06 24.19 12.69
N GLY D 158 -14.36 24.58 13.77
CA GLY D 158 -13.01 25.08 13.64
C GLY D 158 -12.86 26.48 14.21
N ASN D 159 -13.72 26.85 15.14
CA ASN D 159 -13.70 28.17 15.76
C ASN D 159 -13.36 28.11 17.24
N LEU D 160 -14.06 27.28 18.02
CA LEU D 160 -13.79 27.17 19.45
C LEU D 160 -12.63 26.22 19.70
N LEU D 161 -12.73 24.97 19.25
CA LEU D 161 -11.65 24.02 19.43
C LEU D 161 -10.37 24.48 18.75
N TYR D 162 -10.49 25.19 17.63
CA TYR D 162 -9.32 25.74 16.97
C TYR D 162 -8.58 26.71 17.88
N ILE D 163 -9.27 27.76 18.32
CA ILE D 163 -8.65 28.74 19.20
C ILE D 163 -8.16 28.09 20.48
N GLY D 164 -8.79 26.99 20.90
CA GLY D 164 -8.39 26.31 22.11
C GLY D 164 -7.08 25.56 21.98
N PHE D 165 -7.00 24.67 20.98
CA PHE D 165 -5.83 23.81 20.82
C PHE D 165 -4.78 24.45 19.92
N ARG D 166 -5.14 24.77 18.67
CA ARG D 166 -4.19 25.32 17.73
C ARG D 166 -3.85 26.77 18.03
N GLY D 167 -4.68 27.46 18.79
CA GLY D 167 -4.43 28.86 19.11
C GLY D 167 -3.42 29.03 20.23
N LEU D 168 -2.18 28.61 19.99
CA LEU D 168 -1.15 28.73 20.99
C LEU D 168 -0.88 30.19 21.32
N ASP D 169 -0.19 30.41 22.44
CA ASP D 169 0.16 31.74 22.91
C ASP D 169 -1.07 32.60 23.23
N GLY D 170 -2.23 31.97 23.36
CA GLY D 170 -3.46 32.68 23.65
C GLY D 170 -3.76 32.72 25.14
N VAL D 171 -4.98 33.15 25.45
CA VAL D 171 -5.40 33.23 26.85
C VAL D 171 -5.47 31.85 27.47
N HIS D 172 -5.70 30.81 26.65
CA HIS D 172 -5.78 29.45 27.19
C HIS D 172 -4.43 28.97 27.69
N CYS D 173 -3.35 29.33 27.00
CA CYS D 173 -2.01 28.92 27.39
C CYS D 173 -1.23 30.01 28.12
N VAL D 174 -1.44 31.26 27.76
CA VAL D 174 -0.76 32.38 28.41
C VAL D 174 -1.81 33.38 28.91
N PRO D 175 -2.51 33.09 30.00
CA PRO D 175 -3.54 34.02 30.52
C PRO D 175 -2.94 35.24 31.23
N THR D 176 -2.53 36.22 30.43
CA THR D 176 -1.96 37.45 30.97
C THR D 176 -3.00 38.28 31.71
N PRO D 177 -4.27 38.32 31.27
CA PRO D 177 -5.26 39.12 32.01
C PRO D 177 -5.42 38.61 33.44
N ASP D 178 -5.46 39.55 34.39
CA ASP D 178 -5.61 39.22 35.79
C ASP D 178 -7.03 38.75 36.05
N SER D 179 -7.22 37.43 36.12
CA SER D 179 -8.54 36.87 36.36
C SER D 179 -8.89 36.85 37.84
N GLY D 180 -7.90 36.70 38.71
CA GLY D 180 -8.14 36.66 40.14
C GLY D 180 -8.48 35.31 40.69
N VAL D 181 -8.33 34.23 39.90
CA VAL D 181 -8.64 32.90 40.39
C VAL D 181 -7.54 32.37 41.29
N VAL D 182 -6.29 32.79 41.06
CA VAL D 182 -5.18 32.32 41.88
C VAL D 182 -5.24 32.89 43.28
N CYS D 183 -5.98 33.97 43.50
CA CYS D 183 -6.09 34.59 44.82
C CYS D 183 -7.51 34.92 45.22
N GLY D 184 -8.48 34.85 44.32
CA GLY D 184 -9.86 35.19 44.64
C GLY D 184 -10.76 33.98 44.81
N ARG D 185 -10.54 32.97 43.99
CA ARG D 185 -11.34 31.75 44.02
C ARG D 185 -10.50 30.58 44.53
N MET D 186 -11.17 29.62 45.18
CA MET D 186 -10.53 28.44 45.73
C MET D 186 -10.86 27.17 44.97
N ALA D 187 -11.62 27.27 43.88
CA ALA D 187 -11.99 26.09 43.09
C ALA D 187 -10.77 25.59 42.33
N CYS D 188 -10.14 24.53 42.85
CA CYS D 188 -8.95 23.95 42.23
C CYS D 188 -7.84 24.97 42.08
N SER D 189 -7.81 25.97 42.97
CA SER D 189 -6.79 27.02 42.91
C SER D 189 -6.62 27.64 44.29
N PRO D 190 -5.75 27.10 45.13
CA PRO D 190 -5.56 27.69 46.47
C PRO D 190 -5.15 29.15 46.37
N THR D 191 -5.55 29.93 47.39
CA THR D 191 -5.27 31.35 47.43
C THR D 191 -3.81 31.54 47.88
N HIS D 192 -2.90 31.33 46.92
CA HIS D 192 -1.47 31.48 47.14
C HIS D 192 -1.03 30.86 48.47
N ASP D 193 -1.62 29.74 48.83
CA ASP D 193 -1.29 29.05 50.07
C ASP D 193 0.00 28.27 49.87
N GLU D 194 1.13 28.86 50.29
CA GLU D 194 2.42 28.20 50.14
C GLU D 194 2.65 27.14 51.20
N HIS D 195 1.98 27.23 52.34
CA HIS D 195 2.14 26.26 53.43
C HIS D 195 1.15 25.10 53.32
N LEU D 196 0.48 24.95 52.19
CA LEU D 196 -0.49 23.87 51.99
C LEU D 196 0.28 22.58 51.72
N LEU D 197 0.62 21.88 52.80
CA LEU D 197 1.36 20.63 52.68
C LEU D 197 0.42 19.51 52.26
N HIS D 198 0.86 18.71 51.28
CA HIS D 198 0.07 17.60 50.77
C HIS D 198 0.13 16.43 51.76
N GLY D 199 -0.53 16.63 52.90
CA GLY D 199 -0.54 15.61 53.94
C GLY D 199 0.84 15.23 54.42
N GLY D 200 1.73 16.20 54.56
CA GLY D 200 3.08 15.94 55.01
C GLY D 200 4.13 16.25 53.96
N GLN D 201 3.79 16.00 52.67
CA GLN D 201 4.71 16.26 51.58
C GLN D 201 4.37 17.57 50.89
N PRO D 202 5.34 18.26 50.29
CA PRO D 202 5.04 19.50 49.57
C PRO D 202 4.17 19.24 48.36
N PRO D 203 3.71 20.29 47.69
CA PRO D 203 2.92 20.08 46.47
C PRO D 203 3.70 19.30 45.42
N GLU D 204 2.97 18.55 44.60
CA GLU D 204 3.57 17.71 43.56
C GLU D 204 4.57 16.73 44.19
N GLY D 205 4.04 15.89 45.08
CA GLY D 205 4.88 14.95 45.80
C GLY D 205 5.63 13.97 44.92
N ASP D 206 5.21 13.81 43.67
CA ASP D 206 5.83 12.85 42.74
C ASP D 206 6.26 13.62 41.50
N PRO D 207 7.47 14.17 41.49
CA PRO D 207 7.94 14.91 40.30
C PRO D 207 8.12 14.04 39.08
N ASP D 208 8.33 12.73 39.24
CA ASP D 208 8.49 11.86 38.09
C ASP D 208 7.22 11.83 37.23
N LEU D 209 6.06 11.91 37.87
CA LEU D 209 4.80 11.95 37.12
C LEU D 209 4.74 13.17 36.21
N ALA D 210 5.38 14.27 36.60
CA ALA D 210 5.42 15.44 35.73
C ALA D 210 6.15 15.13 34.43
N LYS D 211 7.30 14.46 34.53
CA LYS D 211 8.05 14.08 33.34
C LYS D 211 7.28 13.05 32.52
N ILE D 212 6.60 12.12 33.19
CA ILE D 212 5.79 11.14 32.46
C ILE D 212 4.69 11.85 31.67
N LEU D 213 4.04 12.83 32.29
CA LEU D 213 2.98 13.58 31.60
C LEU D 213 3.55 14.40 30.46
N GLU D 214 4.75 14.97 30.64
CA GLU D 214 5.39 15.71 29.56
C GLU D 214 5.69 14.80 28.38
N GLU D 215 6.18 13.60 28.65
CA GLU D 215 6.45 12.65 27.57
C GLU D 215 5.16 12.21 26.88
N VAL D 216 4.10 11.99 27.66
CA VAL D 216 2.81 11.62 27.07
C VAL D 216 2.29 12.76 26.20
N ARG D 217 2.50 14.00 26.63
CA ARG D 217 2.08 15.14 25.82
C ARG D 217 2.90 15.29 24.56
N TYR D 218 4.19 14.97 24.62
CA TYR D 218 5.01 14.96 23.41
C TYR D 218 4.52 13.89 22.44
N ILE D 219 4.17 12.71 22.96
CA ILE D 219 3.64 11.66 22.10
C ILE D 219 2.30 12.10 21.50
N ALA D 220 1.48 12.79 22.28
CA ALA D 220 0.21 13.29 21.76
C ALA D 220 0.44 14.35 20.69
N ASN D 221 1.48 15.18 20.85
CA ASN D 221 1.80 16.17 19.82
C ASN D 221 2.28 15.49 18.55
N ARG D 222 3.06 14.41 18.67
CA ARG D 222 3.46 13.65 17.49
C ARG D 222 2.24 13.05 16.79
N PHE D 223 1.31 12.49 17.57
CA PHE D 223 0.09 11.95 16.99
C PHE D 223 -0.74 13.03 16.31
N ARG D 224 -0.77 14.23 16.90
CA ARG D 224 -1.50 15.33 16.29
C ARG D 224 -0.83 15.78 14.99
N CYS D 225 0.50 15.75 14.93
CA CYS D 225 1.19 16.06 13.69
C CYS D 225 0.89 15.02 12.62
N GLN D 226 0.84 13.75 13.01
CA GLN D 226 0.46 12.70 12.06
C GLN D 226 -0.97 12.92 11.57
N ASP D 227 -1.87 13.28 12.46
CA ASP D 227 -3.25 13.54 12.07
C ASP D 227 -3.35 14.75 11.15
N GLU D 228 -2.50 15.76 11.38
CA GLU D 228 -2.47 16.93 10.50
C GLU D 228 -1.96 16.56 9.12
N SER D 229 -0.95 15.68 9.06
CA SER D 229 -0.49 15.19 7.75
C SER D 229 -1.59 14.42 7.04
N GLU D 230 -2.32 13.58 7.78
CA GLU D 230 -3.43 12.85 7.19
C GLU D 230 -4.51 13.80 6.69
N ALA D 231 -4.78 14.86 7.44
CA ALA D 231 -5.78 15.84 7.02
C ALA D 231 -5.30 16.62 5.79
N VAL D 232 -4.01 16.88 5.68
CA VAL D 232 -3.47 17.52 4.49
C VAL D 232 -3.62 16.60 3.28
N CYS D 233 -3.36 15.31 3.47
CA CYS D 233 -3.58 14.36 2.38
C CYS D 233 -5.06 14.31 1.98
N SER D 234 -5.95 14.36 2.97
CA SER D 234 -7.38 14.37 2.67
C SER D 234 -7.78 15.63 1.91
N GLU D 235 -7.20 16.78 2.29
CA GLU D 235 -7.47 18.03 1.57
C GLU D 235 -6.95 17.96 0.14
N TRP D 236 -5.79 17.33 -0.06
CA TRP D 236 -5.30 17.12 -1.41
C TRP D 236 -6.25 16.24 -2.22
N LYS D 237 -6.77 15.19 -1.60
CA LYS D 237 -7.73 14.32 -2.28
C LYS D 237 -9.00 15.09 -2.63
N PHE D 238 -9.45 15.97 -1.72
CA PHE D 238 -10.64 16.77 -1.99
C PHE D 238 -10.40 17.74 -3.14
N ALA D 239 -9.21 18.35 -3.18
CA ALA D 239 -8.88 19.24 -4.28
C ALA D 239 -8.82 18.48 -5.60
N ALA D 240 -8.31 17.25 -5.56
CA ALA D 240 -8.28 16.42 -6.76
C ALA D 240 -9.70 16.09 -7.22
N CYS D 241 -10.59 15.75 -6.29
CA CYS D 241 -11.96 15.46 -6.63
C CYS D 241 -12.68 16.69 -7.18
N VAL D 242 -12.33 17.88 -6.68
CA VAL D 242 -12.91 19.11 -7.21
C VAL D 242 -12.52 19.28 -8.69
N VAL D 243 -11.28 18.93 -9.03
CA VAL D 243 -10.85 19.00 -10.42
C VAL D 243 -11.67 18.03 -11.28
N ASP D 244 -11.88 16.82 -10.78
CA ASP D 244 -12.67 15.83 -11.52
C ASP D 244 -14.10 16.32 -11.71
N ARG D 245 -14.67 16.97 -10.69
CA ARG D 245 -16.02 17.49 -10.81
C ARG D 245 -16.10 18.61 -11.84
N LEU D 246 -15.16 19.57 -11.77
CA LEU D 246 -15.13 20.63 -12.75
C LEU D 246 -14.96 20.07 -14.16
N CYS D 247 -14.17 19.00 -14.29
CA CYS D 247 -14.00 18.36 -15.59
C CYS D 247 -15.31 17.75 -16.07
N LEU D 248 -15.91 16.87 -15.27
CA LEU D 248 -17.19 16.28 -15.62
C LEU D 248 -18.26 17.34 -15.91
N MET D 249 -18.09 18.56 -15.40
CA MET D 249 -19.06 19.62 -15.64
C MET D 249 -18.80 20.37 -16.94
N ALA D 250 -17.54 20.67 -17.25
CA ALA D 250 -17.21 21.49 -18.42
C ALA D 250 -16.75 20.67 -19.61
N PHE D 251 -15.75 19.81 -19.43
CA PHE D 251 -15.25 19.01 -20.53
C PHE D 251 -16.31 18.04 -21.05
N SER D 252 -17.26 17.65 -20.20
CA SER D 252 -18.35 16.80 -20.66
C SER D 252 -19.18 17.51 -21.72
N VAL D 253 -19.59 18.76 -21.44
CA VAL D 253 -20.34 19.52 -22.43
C VAL D 253 -19.47 19.82 -23.64
N PHE D 254 -18.18 20.05 -23.42
CA PHE D 254 -17.27 20.29 -24.55
C PHE D 254 -17.24 19.09 -25.49
N THR D 255 -17.13 17.89 -24.93
CA THR D 255 -17.10 16.67 -25.74
C THR D 255 -18.45 16.42 -26.39
N ILE D 256 -19.54 16.72 -25.70
CA ILE D 256 -20.87 16.58 -26.29
C ILE D 256 -20.99 17.48 -27.51
N ILE D 257 -20.49 18.72 -27.41
CA ILE D 257 -20.56 19.63 -28.54
C ILE D 257 -19.65 19.15 -29.67
N CYS D 258 -18.46 18.68 -29.33
CA CYS D 258 -17.55 18.18 -30.36
C CYS D 258 -18.12 16.97 -31.08
N THR D 259 -18.92 16.15 -30.38
CA THR D 259 -19.52 14.98 -30.99
C THR D 259 -20.73 15.36 -31.83
N ILE D 260 -21.53 16.33 -31.36
CA ILE D 260 -22.67 16.77 -32.15
C ILE D 260 -22.20 17.49 -33.41
N GLY D 261 -21.02 18.11 -33.36
CA GLY D 261 -20.47 18.72 -34.56
C GLY D 261 -20.15 17.69 -35.63
N ILE D 262 -19.69 16.51 -35.21
CA ILE D 262 -19.42 15.44 -36.16
C ILE D 262 -20.71 15.04 -36.88
N LEU D 263 -21.80 14.93 -36.13
CA LEU D 263 -23.09 14.59 -36.74
C LEU D 263 -23.56 15.72 -37.66
N MET D 264 -23.32 16.96 -37.26
CA MET D 264 -23.69 18.09 -38.11
C MET D 264 -22.85 18.15 -39.37
N SER D 265 -21.57 17.78 -39.28
CA SER D 265 -20.68 17.77 -40.42
C SER D 265 -20.57 16.39 -41.08
N ALA D 266 -21.40 15.44 -40.66
CA ALA D 266 -21.38 14.10 -41.22
C ALA D 266 -21.82 14.10 -42.69
N PRO D 267 -22.86 14.85 -43.05
CA PRO D 267 -23.27 14.87 -44.47
C PRO D 267 -22.17 15.32 -45.42
N ASN D 268 -21.19 16.09 -44.93
CA ASN D 268 -20.10 16.52 -45.80
C ASN D 268 -19.32 15.33 -46.34
N PHE D 269 -18.96 14.39 -45.45
CA PHE D 269 -18.21 13.22 -45.88
C PHE D 269 -19.12 12.16 -46.48
N VAL D 270 -20.17 11.78 -45.75
CA VAL D 270 -21.11 10.77 -46.22
C VAL D 270 -21.87 11.29 -47.43
N LEU E 7 -15.87 -25.17 -39.48
CA LEU E 7 -15.70 -25.37 -38.05
C LEU E 7 -14.65 -24.42 -37.50
N TYR E 8 -13.59 -24.19 -38.27
CA TYR E 8 -12.52 -23.29 -37.84
C TYR E 8 -13.07 -21.88 -37.59
N TYR E 9 -13.72 -21.31 -38.60
CA TYR E 9 -14.27 -19.96 -38.45
C TYR E 9 -15.43 -19.95 -37.47
N GLY E 10 -16.27 -20.99 -37.48
CA GLY E 10 -17.38 -21.04 -36.55
C GLY E 10 -16.92 -21.09 -35.11
N LEU E 11 -15.82 -21.79 -34.84
CA LEU E 11 -15.28 -21.85 -33.49
C LEU E 11 -14.50 -20.59 -33.14
N ASN E 12 -13.83 -19.97 -34.12
CA ASN E 12 -13.12 -18.72 -33.86
C ASN E 12 -14.10 -17.59 -33.55
N LEU E 13 -15.30 -17.62 -34.13
CA LEU E 13 -16.30 -16.61 -33.83
C LEU E 13 -17.09 -16.93 -32.55
N LEU E 14 -17.03 -18.18 -32.08
CA LEU E 14 -17.77 -18.58 -30.89
C LEU E 14 -16.95 -18.51 -29.61
N ILE E 15 -15.64 -18.80 -29.68
CA ILE E 15 -14.82 -18.77 -28.48
C ILE E 15 -14.79 -17.39 -27.84
N PRO E 16 -14.62 -16.29 -28.59
CA PRO E 16 -14.64 -14.97 -27.94
C PRO E 16 -15.92 -14.68 -27.19
N CYS E 17 -17.06 -15.16 -27.68
CA CYS E 17 -18.33 -14.93 -26.99
C CYS E 17 -18.29 -15.53 -25.58
N VAL E 18 -17.95 -16.82 -25.49
CA VAL E 18 -17.90 -17.48 -24.19
C VAL E 18 -16.81 -16.87 -23.32
N LEU E 19 -15.70 -16.47 -23.94
CA LEU E 19 -14.61 -15.85 -23.19
C LEU E 19 -15.08 -14.56 -22.52
N ILE E 20 -15.76 -13.70 -23.28
CA ILE E 20 -16.25 -12.44 -22.72
C ILE E 20 -17.34 -12.70 -21.69
N SER E 21 -18.19 -13.71 -21.94
CA SER E 21 -19.24 -14.03 -20.98
C SER E 21 -18.64 -14.47 -19.64
N ALA E 22 -17.56 -15.26 -19.68
CA ALA E 22 -16.92 -15.70 -18.45
C ALA E 22 -16.16 -14.56 -17.79
N LEU E 23 -15.52 -13.70 -18.59
CA LEU E 23 -14.76 -12.59 -18.02
C LEU E 23 -15.67 -11.59 -17.33
N ALA E 24 -16.86 -11.34 -17.89
CA ALA E 24 -17.79 -10.41 -17.28
C ALA E 24 -18.20 -10.87 -15.88
N LEU E 25 -18.35 -12.19 -15.70
CA LEU E 25 -18.71 -12.72 -14.39
C LEU E 25 -17.51 -12.77 -13.47
N LEU E 26 -16.33 -13.08 -14.01
CA LEU E 26 -15.13 -13.16 -13.18
C LEU E 26 -14.72 -11.78 -12.66
N VAL E 27 -14.98 -10.72 -13.43
CA VAL E 27 -14.65 -9.37 -12.98
C VAL E 27 -15.44 -9.01 -11.74
N PHE E 28 -16.71 -9.43 -11.68
CA PHE E 28 -17.55 -9.16 -10.52
C PHE E 28 -17.32 -10.16 -9.39
N LEU E 29 -16.87 -11.38 -9.71
CA LEU E 29 -16.56 -12.34 -8.66
C LEU E 29 -15.39 -11.85 -7.81
N LEU E 30 -14.49 -11.07 -8.39
CA LEU E 30 -13.38 -10.47 -7.67
C LEU E 30 -13.93 -9.56 -6.56
N PRO E 31 -13.75 -9.92 -5.27
CA PRO E 31 -14.39 -9.14 -4.19
C PRO E 31 -13.67 -7.84 -3.91
N ALA E 32 -14.27 -6.74 -4.35
CA ALA E 32 -13.91 -5.38 -3.92
C ALA E 32 -12.44 -5.03 -4.12
N ASP E 33 -11.71 -5.81 -4.92
CA ASP E 33 -10.30 -5.50 -5.19
C ASP E 33 -10.26 -4.34 -6.18
N SER E 34 -10.26 -3.12 -5.65
CA SER E 34 -10.33 -1.93 -6.48
C SER E 34 -9.18 -1.89 -7.48
N GLY E 35 -7.95 -1.86 -6.98
CA GLY E 35 -6.78 -1.77 -7.85
C GLY E 35 -6.65 -2.92 -8.82
N GLU E 36 -7.36 -4.02 -8.58
CA GLU E 36 -7.26 -5.21 -9.41
C GLU E 36 -8.51 -5.48 -10.24
N LYS E 37 -9.62 -4.79 -9.97
CA LYS E 37 -10.86 -5.05 -10.69
C LYS E 37 -10.78 -4.48 -12.11
N ILE E 38 -10.67 -3.16 -12.24
CA ILE E 38 -10.68 -2.54 -13.56
C ILE E 38 -9.54 -3.07 -14.42
N SER E 39 -8.42 -3.43 -13.80
CA SER E 39 -7.29 -3.97 -14.54
C SER E 39 -7.73 -5.09 -15.47
N LEU E 40 -8.77 -5.83 -15.09
CA LEU E 40 -9.32 -6.84 -15.98
C LEU E 40 -10.09 -6.21 -17.12
N GLY E 41 -11.11 -5.41 -16.79
CA GLY E 41 -11.93 -4.79 -17.82
C GLY E 41 -11.12 -3.97 -18.81
N ILE E 42 -10.11 -3.24 -18.31
CA ILE E 42 -9.27 -2.43 -19.17
C ILE E 42 -8.72 -3.25 -20.32
N THR E 43 -8.43 -4.54 -20.08
CA THR E 43 -7.93 -5.40 -21.13
C THR E 43 -9.04 -5.96 -22.00
N VAL E 44 -10.21 -6.24 -21.40
CA VAL E 44 -11.32 -6.82 -22.17
C VAL E 44 -11.60 -5.97 -23.40
N LEU E 45 -11.75 -4.65 -23.20
CA LEU E 45 -11.95 -3.76 -24.33
C LEU E 45 -10.91 -4.00 -25.42
N LEU E 46 -9.64 -4.02 -25.03
CA LEU E 46 -8.57 -4.27 -26.00
C LEU E 46 -8.80 -5.59 -26.73
N SER E 47 -9.18 -6.63 -25.99
CA SER E 47 -9.42 -7.93 -26.61
C SER E 47 -10.43 -7.83 -27.74
N LEU E 48 -11.35 -6.87 -27.68
CA LEU E 48 -12.31 -6.69 -28.74
C LEU E 48 -11.73 -5.90 -29.91
N THR E 49 -10.92 -4.88 -29.62
CA THR E 49 -10.36 -4.04 -30.68
C THR E 49 -9.63 -4.89 -31.72
N VAL E 50 -8.72 -5.75 -31.27
CA VAL E 50 -7.98 -6.60 -32.20
C VAL E 50 -8.94 -7.43 -33.04
N PHE E 51 -10.03 -7.90 -32.43
CA PHE E 51 -11.00 -8.69 -33.19
C PHE E 51 -11.56 -7.90 -34.36
N MET E 52 -11.78 -6.59 -34.16
CA MET E 52 -12.29 -5.76 -35.25
C MET E 52 -11.38 -5.83 -36.47
N LEU E 53 -10.07 -6.04 -36.26
CA LEU E 53 -9.16 -6.22 -37.39
C LEU E 53 -9.20 -7.65 -37.92
N LEU E 54 -9.34 -8.63 -37.02
CA LEU E 54 -9.33 -10.03 -37.44
C LEU E 54 -10.33 -10.27 -38.56
N VAL E 55 -11.61 -9.98 -38.29
CA VAL E 55 -12.63 -10.14 -39.32
C VAL E 55 -12.28 -9.32 -40.55
N ALA E 56 -11.75 -8.10 -40.34
CA ALA E 56 -11.40 -7.25 -41.47
C ALA E 56 -10.39 -7.93 -42.38
N GLU E 57 -9.56 -8.82 -41.83
CA GLU E 57 -8.62 -9.58 -42.64
C GLU E 57 -9.24 -10.85 -43.21
N ILE E 58 -10.24 -11.42 -42.52
CA ILE E 58 -10.86 -12.65 -42.97
C ILE E 58 -12.03 -12.33 -43.89
N MET E 59 -13.01 -11.60 -43.35
CA MET E 59 -14.20 -11.25 -44.12
C MET E 59 -14.08 -9.83 -44.69
N PRO E 60 -14.47 -9.60 -45.94
CA PRO E 60 -14.38 -8.24 -46.50
C PRO E 60 -15.43 -7.32 -45.90
N SER E 61 -14.99 -6.33 -45.12
CA SER E 61 -15.91 -5.39 -44.49
C SER E 61 -16.52 -4.42 -45.49
N THR E 62 -15.97 -4.32 -46.71
CA THR E 62 -16.53 -3.42 -47.70
C THR E 62 -17.99 -3.75 -48.01
N SER E 63 -18.31 -5.05 -48.06
CA SER E 63 -19.68 -5.49 -48.34
C SER E 63 -20.47 -5.42 -47.04
N ASP E 64 -20.86 -4.19 -46.68
CA ASP E 64 -21.61 -3.93 -45.45
C ASP E 64 -23.11 -4.17 -45.68
N SER E 65 -23.42 -5.38 -46.15
CA SER E 65 -24.81 -5.76 -46.42
C SER E 65 -25.45 -6.42 -45.21
N SER E 66 -24.86 -7.49 -44.71
CA SER E 66 -25.41 -8.21 -43.56
C SER E 66 -25.37 -7.33 -42.32
N PRO E 67 -26.51 -6.95 -41.73
CA PRO E 67 -26.45 -6.18 -40.48
C PRO E 67 -26.20 -7.02 -39.24
N SER E 68 -26.38 -8.34 -39.32
CA SER E 68 -26.20 -9.19 -38.13
C SER E 68 -24.77 -9.15 -37.64
N ILE E 69 -23.80 -9.04 -38.55
CA ILE E 69 -22.39 -8.97 -38.14
C ILE E 69 -22.11 -7.68 -37.39
N ALA E 70 -22.90 -6.64 -37.64
CA ALA E 70 -22.73 -5.38 -36.93
C ALA E 70 -23.29 -5.45 -35.51
N GLN E 71 -24.34 -6.24 -35.30
CA GLN E 71 -24.90 -6.41 -33.97
C GLN E 71 -24.13 -7.45 -33.16
N TYR E 72 -23.52 -8.43 -33.83
CA TYR E 72 -22.73 -9.44 -33.12
C TYR E 72 -21.70 -8.79 -32.21
N PHE E 73 -20.89 -7.88 -32.76
CA PHE E 73 -19.87 -7.21 -31.97
C PHE E 73 -20.44 -6.08 -31.12
N ALA E 74 -21.54 -5.47 -31.58
CA ALA E 74 -22.15 -4.40 -30.79
C ALA E 74 -22.68 -4.91 -29.46
N SER E 75 -23.19 -6.15 -29.45
CA SER E 75 -23.66 -6.74 -28.19
C SER E 75 -22.51 -6.87 -27.19
N THR E 76 -21.38 -7.41 -27.63
CA THR E 76 -20.23 -7.54 -26.74
C THR E 76 -19.71 -6.18 -26.31
N MET E 77 -19.74 -5.20 -27.21
CA MET E 77 -19.29 -3.86 -26.86
C MET E 77 -20.18 -3.26 -25.77
N ILE E 78 -21.49 -3.41 -25.90
CA ILE E 78 -22.41 -2.89 -24.89
C ILE E 78 -22.22 -3.63 -23.57
N ILE E 79 -21.98 -4.95 -23.64
CA ILE E 79 -21.76 -5.73 -22.42
C ILE E 79 -20.52 -5.23 -21.69
N VAL E 80 -19.43 -5.01 -22.45
CA VAL E 80 -18.20 -4.54 -21.84
C VAL E 80 -18.37 -3.13 -21.28
N GLY E 81 -19.13 -2.28 -21.99
CA GLY E 81 -19.41 -0.96 -21.47
C GLY E 81 -20.18 -1.00 -20.17
N LEU E 82 -21.20 -1.86 -20.08
CA LEU E 82 -21.95 -2.00 -18.85
C LEU E 82 -21.06 -2.53 -17.72
N SER E 83 -20.17 -3.47 -18.04
CA SER E 83 -19.26 -3.99 -17.03
C SER E 83 -18.33 -2.90 -16.52
N VAL E 84 -17.81 -2.07 -17.43
CA VAL E 84 -16.92 -0.98 -17.00
C VAL E 84 -17.69 0.04 -16.17
N VAL E 85 -18.94 0.32 -16.54
CA VAL E 85 -19.75 1.24 -15.75
C VAL E 85 -19.99 0.68 -14.35
N VAL E 86 -20.25 -0.62 -14.27
CA VAL E 86 -20.45 -1.26 -12.97
C VAL E 86 -19.17 -1.17 -12.13
N THR E 87 -18.02 -1.41 -12.76
CA THR E 87 -16.75 -1.32 -12.05
C THR E 87 -16.50 0.10 -11.54
N VAL E 88 -16.82 1.11 -12.36
CA VAL E 88 -16.62 2.49 -11.93
C VAL E 88 -17.57 2.83 -10.79
N ILE E 89 -18.81 2.34 -10.85
CA ILE E 89 -19.76 2.59 -9.77
C ILE E 89 -19.28 1.93 -8.48
N VAL E 90 -18.72 0.72 -8.59
CA VAL E 90 -18.21 0.03 -7.41
C VAL E 90 -17.02 0.80 -6.82
N LEU E 91 -16.14 1.31 -7.69
CA LEU E 91 -15.02 2.11 -7.22
C LEU E 91 -15.51 3.36 -6.52
N GLN E 92 -16.52 4.03 -7.07
CA GLN E 92 -17.08 5.21 -6.44
C GLN E 92 -17.64 4.88 -5.07
N TYR E 93 -18.45 3.83 -4.98
CA TYR E 93 -19.03 3.42 -3.70
C TYR E 93 -17.94 3.06 -2.69
N HIS E 94 -16.83 2.50 -3.16
CA HIS E 94 -15.73 2.16 -2.26
C HIS E 94 -14.97 3.40 -1.80
N HIS E 95 -14.90 4.44 -2.65
CA HIS E 95 -14.22 5.68 -2.26
C HIS E 95 -15.08 6.51 -1.32
N HIS E 96 -16.27 6.91 -1.78
CA HIS E 96 -17.21 7.66 -0.97
C HIS E 96 -16.56 8.93 -0.40
N ASP E 97 -16.17 9.81 -1.31
CA ASP E 97 -15.56 11.08 -0.94
C ASP E 97 -16.44 11.81 0.08
N PRO E 98 -15.97 12.02 1.31
CA PRO E 98 -16.81 12.72 2.30
C PRO E 98 -17.26 14.10 1.86
N ASP E 99 -16.60 14.71 0.87
CA ASP E 99 -16.96 16.03 0.40
C ASP E 99 -17.61 16.03 -0.98
N GLY E 100 -17.75 14.85 -1.60
CA GLY E 100 -18.38 14.76 -2.91
C GLY E 100 -18.62 13.34 -3.35
N GLY E 101 -18.38 13.07 -4.64
CA GLY E 101 -18.57 11.74 -5.17
C GLY E 101 -20.03 11.37 -5.30
N LYS E 102 -20.47 10.38 -4.51
CA LYS E 102 -21.85 9.92 -4.52
C LYS E 102 -22.37 9.94 -3.09
N MET E 103 -23.43 10.72 -2.85
CA MET E 103 -24.05 10.86 -1.54
C MET E 103 -25.53 10.60 -1.67
N PRO E 104 -25.94 9.33 -1.76
CA PRO E 104 -27.39 9.04 -1.87
C PRO E 104 -28.17 9.47 -0.64
N LYS E 105 -27.71 9.11 0.55
CA LYS E 105 -28.34 9.43 1.83
C LYS E 105 -29.64 8.66 2.05
N TRP E 106 -30.08 7.85 1.09
CA TRP E 106 -31.29 7.06 1.23
C TRP E 106 -31.01 5.58 0.96
N THR E 107 -30.05 5.31 0.07
CA THR E 107 -29.72 3.94 -0.28
C THR E 107 -29.01 3.19 0.83
N ARG E 108 -28.56 3.90 1.88
CA ARG E 108 -27.88 3.22 2.98
C ARG E 108 -28.83 2.29 3.72
N VAL E 109 -30.06 2.73 3.97
CA VAL E 109 -31.02 1.90 4.67
C VAL E 109 -31.39 0.68 3.82
N ILE E 110 -31.38 0.82 2.50
CA ILE E 110 -31.68 -0.32 1.64
C ILE E 110 -30.51 -1.28 1.61
N LEU E 111 -29.29 -0.76 1.58
CA LEU E 111 -28.11 -1.62 1.60
C LEU E 111 -28.01 -2.39 2.92
N LEU E 112 -28.36 -1.74 4.03
CA LEU E 112 -28.36 -2.43 5.32
C LEU E 112 -29.37 -3.57 5.32
N ASN E 113 -30.58 -3.32 4.79
CA ASN E 113 -31.59 -4.37 4.73
C ASN E 113 -31.14 -5.50 3.82
N TRP E 114 -30.50 -5.17 2.70
CA TRP E 114 -30.00 -6.22 1.81
C TRP E 114 -28.93 -7.06 2.49
N CYS E 115 -28.03 -6.41 3.24
CA CYS E 115 -27.01 -7.15 3.98
C CYS E 115 -27.66 -8.06 5.03
N ALA E 116 -28.66 -7.55 5.74
CA ALA E 116 -29.33 -8.36 6.75
C ALA E 116 -30.04 -9.56 6.11
N TRP E 117 -30.62 -9.36 4.94
CA TRP E 117 -31.29 -10.46 4.25
C TRP E 117 -30.28 -11.47 3.73
N PHE E 118 -29.11 -11.01 3.28
CA PHE E 118 -28.08 -11.93 2.81
C PHE E 118 -27.54 -12.75 3.97
N LEU E 119 -27.33 -12.12 5.14
CA LEU E 119 -26.89 -12.87 6.31
C LEU E 119 -27.99 -13.79 6.81
N ARG E 120 -29.15 -13.23 7.16
CA ARG E 120 -30.32 -13.99 7.56
C ARG E 120 -31.23 -14.12 6.35
N MET E 121 -31.26 -15.32 5.77
CA MET E 121 -32.03 -15.55 4.54
C MET E 121 -33.46 -15.05 4.68
N LYS E 122 -33.82 -14.07 3.86
CA LYS E 122 -35.15 -13.48 3.88
C LYS E 122 -36.04 -13.97 2.73
N ARG E 123 -35.46 -14.54 1.68
CA ARG E 123 -36.25 -14.99 0.55
C ARG E 123 -37.31 -15.99 1.03
N PRO E 124 -38.51 -15.98 0.45
CA PRO E 124 -39.54 -16.92 0.92
C PRO E 124 -39.11 -18.38 0.86
N GLY E 125 -38.44 -18.78 -0.23
CA GLY E 125 -38.02 -20.16 -0.36
C GLY E 125 -37.15 -20.62 0.80
N GLU E 126 -36.39 -19.72 1.39
CA GLU E 126 -35.56 -20.03 2.55
C GLU E 126 -36.11 -19.51 3.86
N ASP E 127 -37.05 -18.56 3.82
CA ASP E 127 -37.64 -18.04 5.04
C ASP E 127 -38.76 -18.92 5.56
N LYS E 128 -39.50 -19.58 4.67
CA LYS E 128 -40.60 -20.44 5.08
C LYS E 128 -40.15 -21.85 5.44
N VAL E 129 -39.08 -22.34 4.81
CA VAL E 129 -38.57 -23.68 5.08
C VAL E 129 -37.56 -23.54 6.21
N ARG E 130 -38.05 -23.58 7.44
CA ARG E 130 -37.20 -23.47 8.62
C ARG E 130 -38.01 -23.82 9.86
N PRO E 131 -37.36 -24.30 10.93
CA PRO E 131 -38.10 -24.63 12.15
C PRO E 131 -38.68 -23.39 12.81
N ALA E 132 -39.91 -23.52 13.31
CA ALA E 132 -40.59 -22.43 13.98
C ALA E 132 -41.61 -23.00 14.95
N CYS E 133 -42.11 -22.12 15.82
CA CYS E 133 -43.11 -22.52 16.82
C CYS E 133 -43.79 -21.26 17.33
N GLN E 134 -44.83 -21.48 18.14
CA GLN E 134 -45.60 -20.39 18.72
C GLN E 134 -45.03 -19.91 20.05
N HIS E 135 -43.82 -20.32 20.40
CA HIS E 135 -43.21 -19.89 21.65
C HIS E 135 -42.89 -18.40 21.60
N LYS E 136 -42.78 -17.80 22.79
CA LYS E 136 -42.50 -16.37 22.89
C LYS E 136 -41.07 -16.02 22.49
N GLN E 137 -40.21 -17.02 22.24
CA GLN E 137 -38.83 -16.75 21.87
C GLN E 137 -38.71 -16.26 20.43
N ARG E 138 -39.76 -16.44 19.62
CA ARG E 138 -39.75 -16.00 18.23
C ARG E 138 -40.69 -14.83 17.97
N ARG E 139 -41.38 -14.33 19.00
CA ARG E 139 -42.31 -13.22 18.86
C ARG E 139 -41.64 -11.92 19.28
N CYS E 140 -42.35 -10.82 19.02
CA CYS E 140 -41.86 -9.48 19.34
C CYS E 140 -42.48 -9.00 20.65
N SER E 141 -41.77 -8.09 21.30
CA SER E 141 -42.22 -7.51 22.57
C SER E 141 -42.02 -6.00 22.51
N LEU E 142 -42.36 -5.33 23.62
CA LEU E 142 -42.23 -3.87 23.68
C LEU E 142 -40.79 -3.44 23.52
N ALA E 143 -39.84 -4.28 23.94
CA ALA E 143 -38.42 -3.91 23.82
C ALA E 143 -37.99 -3.85 22.36
N SER E 144 -38.62 -4.61 21.47
CA SER E 144 -38.26 -4.62 20.06
C SER E 144 -38.97 -3.54 19.26
N VAL E 145 -40.07 -3.00 19.78
CA VAL E 145 -40.81 -1.97 19.05
C VAL E 145 -39.91 -0.74 18.90
N GLU E 146 -39.67 -0.33 17.66
CA GLU E 146 -38.85 0.83 17.36
C GLU E 146 -39.67 2.07 17.03
N MET E 147 -40.98 2.03 17.29
CA MET E 147 -41.83 3.19 16.99
C MET E 147 -41.41 4.39 17.84
N SER E 148 -41.06 4.16 19.10
CA SER E 148 -40.66 5.24 20.01
C SER E 148 -39.20 5.11 20.43
N ALA E 149 -38.38 4.40 19.64
CA ALA E 149 -36.96 4.22 19.95
C ALA E 149 -36.78 3.59 21.32
N VAL E 150 -37.42 2.43 21.51
CA VAL E 150 -37.31 1.71 22.77
C VAL E 150 -35.95 1.04 22.88
N ALA E 151 -35.40 1.00 24.10
CA ALA E 151 -34.11 0.39 24.33
C ALA E 151 -34.14 -1.08 23.94
N PRO E 152 -33.39 -1.49 22.90
CA PRO E 152 -33.40 -2.90 22.51
C PRO E 152 -32.89 -3.78 23.63
N PRO E 153 -33.08 -5.10 23.54
CA PRO E 153 -32.59 -5.99 24.60
C PRO E 153 -31.08 -5.90 24.75
N PRO E 154 -30.55 -6.27 25.91
CA PRO E 154 -29.09 -6.21 26.11
C PRO E 154 -28.38 -7.30 25.33
N ALA E 155 -27.57 -6.90 24.35
CA ALA E 155 -26.84 -7.85 23.53
C ALA E 155 -25.54 -7.21 23.08
N SER E 156 -24.59 -8.05 22.67
CA SER E 156 -23.29 -7.59 22.20
C SER E 156 -23.29 -7.24 20.72
N ASN E 157 -24.42 -7.37 20.03
CA ASN E 157 -24.50 -7.07 18.62
C ASN E 157 -24.58 -5.57 18.33
N GLY E 158 -24.50 -4.73 19.36
CA GLY E 158 -24.57 -3.29 19.17
C GLY E 158 -25.71 -2.65 19.94
N ASN E 159 -26.14 -3.30 21.02
CA ASN E 159 -27.23 -2.81 21.86
C ASN E 159 -26.77 -2.42 23.25
N LEU E 160 -26.07 -3.32 23.94
CA LEU E 160 -25.59 -3.02 25.29
C LEU E 160 -24.30 -2.22 25.26
N LEU E 161 -23.26 -2.76 24.60
CA LEU E 161 -22.00 -2.05 24.49
C LEU E 161 -22.18 -0.72 23.76
N TYR E 162 -23.09 -0.66 22.79
CA TYR E 162 -23.36 0.59 22.10
C TYR E 162 -23.85 1.66 23.07
N ILE E 163 -24.96 1.37 23.76
CA ILE E 163 -25.50 2.33 24.72
C ILE E 163 -24.48 2.65 25.81
N GLY E 164 -23.58 1.71 26.10
CA GLY E 164 -22.58 1.94 27.12
C GLY E 164 -21.50 2.91 26.71
N PHE E 165 -20.85 2.64 25.58
CA PHE E 165 -19.71 3.45 25.13
C PHE E 165 -20.16 4.60 24.24
N ARG E 166 -20.82 4.29 23.11
CA ARG E 166 -21.22 5.33 22.17
C ARG E 166 -22.40 6.14 22.67
N GLY E 167 -23.17 5.63 23.64
CA GLY E 167 -24.31 6.34 24.16
C GLY E 167 -23.93 7.40 25.17
N LEU E 168 -23.21 8.42 24.71
CA LEU E 168 -22.79 9.50 25.60
C LEU E 168 -24.00 10.24 26.14
N ASP E 169 -23.76 11.02 27.20
CA ASP E 169 -24.79 11.82 27.86
C ASP E 169 -25.91 10.94 28.45
N GLY E 170 -25.65 9.66 28.61
CA GLY E 170 -26.63 8.74 29.17
C GLY E 170 -26.47 8.57 30.67
N VAL E 171 -27.18 7.58 31.20
CA VAL E 171 -27.12 7.30 32.63
C VAL E 171 -25.73 6.82 33.02
N HIS E 172 -25.00 6.20 32.09
CA HIS E 172 -23.66 5.71 32.40
C HIS E 172 -22.69 6.86 32.63
N CYS E 173 -22.83 7.94 31.86
CA CYS E 173 -21.95 9.10 31.99
C CYS E 173 -22.57 10.24 32.79
N VAL E 174 -23.87 10.43 32.68
CA VAL E 174 -24.57 11.50 33.41
C VAL E 174 -25.70 10.88 34.22
N PRO E 175 -25.41 10.22 35.35
CA PRO E 175 -26.48 9.59 36.15
C PRO E 175 -27.28 10.59 36.97
N THR E 176 -28.26 11.21 36.32
CA THR E 176 -29.12 12.18 36.98
C THR E 176 -30.07 11.52 37.97
N PRO E 177 -30.60 10.32 37.69
CA PRO E 177 -31.50 9.68 38.66
C PRO E 177 -30.80 9.43 39.97
N ASP E 178 -31.49 9.74 41.06
CA ASP E 178 -30.94 9.54 42.41
C ASP E 178 -30.90 8.06 42.72
N SER E 179 -29.72 7.45 42.58
CA SER E 179 -29.57 6.03 42.86
C SER E 179 -29.37 5.76 44.35
N GLY E 180 -28.75 6.70 45.07
CA GLY E 180 -28.50 6.53 46.49
C GLY E 180 -27.24 5.79 46.84
N VAL E 181 -26.36 5.55 45.86
CA VAL E 181 -25.10 4.84 46.15
C VAL E 181 -24.11 5.78 46.82
N VAL E 182 -24.15 7.07 46.52
CA VAL E 182 -23.21 8.01 47.10
C VAL E 182 -23.47 8.22 48.58
N CYS E 183 -24.67 7.88 49.07
CA CYS E 183 -25.01 8.05 50.48
C CYS E 183 -25.69 6.85 51.11
N GLY E 184 -26.09 5.86 50.31
CA GLY E 184 -26.78 4.69 50.86
C GLY E 184 -25.89 3.46 50.92
N ARG E 185 -25.05 3.28 49.91
CA ARG E 185 -24.16 2.13 49.83
C ARG E 185 -22.71 2.57 50.04
N MET E 186 -21.91 1.65 50.57
CA MET E 186 -20.50 1.91 50.84
C MET E 186 -19.57 1.13 49.91
N ALA E 187 -20.11 0.40 48.95
CA ALA E 187 -19.29 -0.39 48.03
C ALA E 187 -18.59 0.55 47.06
N CYS E 188 -17.32 0.83 47.32
CA CYS E 188 -16.52 1.72 46.47
C CYS E 188 -17.15 3.11 46.37
N SER E 189 -17.90 3.51 47.40
CA SER E 189 -18.56 4.80 47.40
C SER E 189 -18.82 5.25 48.84
N PRO E 190 -17.87 5.93 49.47
CA PRO E 190 -18.10 6.39 50.86
C PRO E 190 -19.34 7.25 50.97
N THR E 191 -19.99 7.17 52.13
CA THR E 191 -21.21 7.92 52.40
C THR E 191 -20.85 9.37 52.69
N HIS E 192 -20.57 10.11 51.61
CA HIS E 192 -20.22 11.53 51.68
C HIS E 192 -19.24 11.82 52.82
N ASP E 193 -18.30 10.90 53.05
CA ASP E 193 -17.31 11.05 54.12
C ASP E 193 -16.22 12.00 53.63
N GLU E 194 -16.34 13.28 54.01
CA GLU E 194 -15.35 14.27 53.61
C GLU E 194 -14.07 14.21 54.43
N HIS E 195 -14.14 13.67 55.65
CA HIS E 195 -12.97 13.55 56.51
C HIS E 195 -12.23 12.23 56.33
N LEU E 196 -12.53 11.48 55.27
CA LEU E 196 -11.86 10.21 55.00
C LEU E 196 -10.48 10.51 54.44
N LEU E 197 -9.50 10.66 55.33
CA LEU E 197 -8.14 10.92 54.92
C LEU E 197 -7.47 9.65 54.43
N HIS E 198 -6.78 9.75 53.29
CA HIS E 198 -6.09 8.60 52.70
C HIS E 198 -4.80 8.34 53.48
N GLY E 199 -4.97 7.84 54.70
CA GLY E 199 -3.83 7.56 55.56
C GLY E 199 -2.94 8.77 55.79
N GLY E 200 -3.55 9.94 55.99
CA GLY E 200 -2.79 11.15 56.22
C GLY E 200 -2.96 12.18 55.11
N GLN E 201 -3.08 11.69 53.86
CA GLN E 201 -3.25 12.58 52.72
C GLN E 201 -4.71 12.64 52.30
N PRO E 202 -5.17 13.76 51.74
CA PRO E 202 -6.56 13.85 51.28
C PRO E 202 -6.82 12.88 50.13
N PRO E 203 -8.07 12.74 49.71
CA PRO E 203 -8.37 11.87 48.57
C PRO E 203 -7.60 12.32 47.32
N GLU E 204 -7.29 11.33 46.46
CA GLU E 204 -6.52 11.58 45.24
C GLU E 204 -5.18 12.22 45.59
N GLY E 205 -4.38 11.48 46.35
CA GLY E 205 -3.11 11.99 46.82
C GLY E 205 -2.14 12.35 45.71
N ASP E 206 -2.37 11.85 44.50
CA ASP E 206 -1.48 12.09 43.36
C ASP E 206 -2.31 12.66 42.21
N PRO E 207 -2.50 13.98 42.16
CA PRO E 207 -3.29 14.57 41.06
C PRO E 207 -2.67 14.40 39.69
N ASP E 208 -1.35 14.17 39.61
CA ASP E 208 -0.73 13.97 38.30
C ASP E 208 -1.26 12.72 37.61
N LEU E 209 -1.58 11.68 38.40
CA LEU E 209 -2.14 10.47 37.81
C LEU E 209 -3.47 10.76 37.14
N ALA E 210 -4.23 11.74 37.63
CA ALA E 210 -5.47 12.12 36.98
C ALA E 210 -5.22 12.63 35.57
N LYS E 211 -4.21 13.50 35.42
CA LYS E 211 -3.88 14.02 34.10
C LYS E 211 -3.32 12.92 33.21
N ILE E 212 -2.54 12.00 33.79
CA ILE E 212 -2.02 10.88 33.00
C ILE E 212 -3.17 10.03 32.48
N LEU E 213 -4.17 9.77 33.32
CA LEU E 213 -5.32 8.98 32.90
C LEU E 213 -6.14 9.73 31.86
N GLU E 214 -6.26 11.05 32.00
CA GLU E 214 -6.97 11.83 31.00
C GLU E 214 -6.27 11.75 29.64
N GLU E 215 -4.94 11.84 29.65
CA GLU E 215 -4.19 11.72 28.39
C GLU E 215 -4.33 10.32 27.79
N VAL E 216 -4.29 9.30 28.64
CA VAL E 216 -4.47 7.93 28.15
C VAL E 216 -5.86 7.76 27.56
N ARG E 217 -6.87 8.39 28.16
CA ARG E 217 -8.22 8.32 27.63
C ARG E 217 -8.34 9.08 26.32
N TYR E 218 -7.63 10.20 26.17
CA TYR E 218 -7.62 10.90 24.89
C TYR E 218 -6.97 10.04 23.81
N ILE E 219 -5.88 9.35 24.15
CA ILE E 219 -5.24 8.44 23.20
C ILE E 219 -6.18 7.30 22.84
N ALA E 220 -6.93 6.79 23.82
CA ALA E 220 -7.90 5.74 23.55
C ALA E 220 -9.02 6.24 22.65
N ASN E 221 -9.43 7.49 22.83
CA ASN E 221 -10.45 8.07 21.96
C ASN E 221 -9.93 8.23 20.54
N ARG E 222 -8.66 8.61 20.39
CA ARG E 222 -8.07 8.68 19.05
C ARG E 222 -8.03 7.30 18.41
N PHE E 223 -7.64 6.28 19.19
CA PHE E 223 -7.63 4.92 18.66
C PHE E 223 -9.03 4.45 18.28
N ARG E 224 -10.04 4.85 19.06
CA ARG E 224 -11.41 4.49 18.73
C ARG E 224 -11.87 5.19 17.47
N CYS E 225 -11.44 6.45 17.26
CA CYS E 225 -11.76 7.13 16.02
C CYS E 225 -11.11 6.44 14.82
N GLN E 226 -9.86 6.00 14.99
CA GLN E 226 -9.21 5.24 13.93
C GLN E 226 -9.94 3.94 13.64
N ASP E 227 -10.38 3.25 14.69
CA ASP E 227 -11.14 2.02 14.51
C ASP E 227 -12.47 2.29 13.83
N GLU E 228 -13.10 3.43 14.13
CA GLU E 228 -14.34 3.79 13.46
C GLU E 228 -14.12 4.07 11.99
N SER E 229 -13.01 4.73 11.65
CA SER E 229 -12.67 4.93 10.25
C SER E 229 -12.43 3.60 9.55
N GLU E 230 -11.74 2.67 10.22
CA GLU E 230 -11.52 1.36 9.63
C GLU E 230 -12.84 0.63 9.44
N ALA E 231 -13.77 0.75 10.39
CA ALA E 231 -15.07 0.12 10.25
C ALA E 231 -15.89 0.76 9.13
N VAL E 232 -15.75 2.07 8.92
CA VAL E 232 -16.42 2.71 7.80
C VAL E 232 -15.85 2.20 6.48
N CYS E 233 -14.53 2.03 6.41
CA CYS E 233 -13.93 1.44 5.21
C CYS E 233 -14.43 0.02 4.98
N SER E 234 -14.56 -0.75 6.06
CA SER E 234 -15.07 -2.12 5.94
C SER E 234 -16.52 -2.11 5.46
N GLU E 235 -17.33 -1.17 5.96
CA GLU E 235 -18.71 -1.06 5.50
C GLU E 235 -18.77 -0.67 4.03
N TRP E 236 -17.87 0.21 3.59
CA TRP E 236 -17.80 0.53 2.16
C TRP E 236 -17.43 -0.70 1.35
N LYS E 237 -16.49 -1.50 1.83
CA LYS E 237 -16.12 -2.74 1.14
C LYS E 237 -17.31 -3.69 1.07
N PHE E 238 -18.08 -3.79 2.16
CA PHE E 238 -19.25 -4.65 2.18
C PHE E 238 -20.30 -4.17 1.18
N ALA E 239 -20.51 -2.85 1.12
CA ALA E 239 -21.46 -2.30 0.15
C ALA E 239 -20.99 -2.58 -1.28
N ALA E 240 -19.68 -2.50 -1.51
CA ALA E 240 -19.15 -2.82 -2.84
C ALA E 240 -19.37 -4.28 -3.18
N CYS E 241 -19.15 -5.18 -2.21
CA CYS E 241 -19.39 -6.59 -2.44
C CYS E 241 -20.86 -6.89 -2.67
N VAL E 242 -21.75 -6.13 -2.03
CA VAL E 242 -23.18 -6.30 -2.26
C VAL E 242 -23.51 -5.96 -3.72
N VAL E 243 -22.88 -4.93 -4.26
CA VAL E 243 -23.09 -4.57 -5.67
C VAL E 243 -22.62 -5.71 -6.57
N ASP E 244 -21.45 -6.27 -6.27
CA ASP E 244 -20.93 -7.38 -7.06
C ASP E 244 -21.86 -8.59 -7.00
N ARG E 245 -22.45 -8.85 -5.83
CA ARG E 245 -23.37 -9.97 -5.70
C ARG E 245 -24.64 -9.72 -6.51
N LEU E 246 -25.22 -8.53 -6.38
CA LEU E 246 -26.40 -8.19 -7.17
C LEU E 246 -26.12 -8.30 -8.65
N CYS E 247 -24.90 -7.92 -9.07
CA CYS E 247 -24.52 -8.02 -10.47
C CYS E 247 -24.46 -9.48 -10.89
N LEU E 248 -23.66 -10.30 -10.19
CA LEU E 248 -23.58 -11.72 -10.49
C LEU E 248 -24.94 -12.39 -10.47
N MET E 249 -25.92 -11.81 -9.78
CA MET E 249 -27.26 -12.40 -9.71
C MET E 249 -28.14 -11.98 -10.88
N ALA E 250 -28.09 -10.71 -11.28
CA ALA E 250 -28.99 -10.19 -12.31
C ALA E 250 -28.32 -10.09 -13.69
N PHE E 251 -27.18 -9.42 -13.76
CA PHE E 251 -26.50 -9.25 -15.04
C PHE E 251 -26.02 -10.60 -15.59
N SER E 252 -25.79 -11.58 -14.72
CA SER E 252 -25.43 -12.91 -15.19
C SER E 252 -26.56 -13.51 -16.01
N VAL E 253 -27.79 -13.49 -15.48
CA VAL E 253 -28.94 -13.99 -16.22
C VAL E 253 -29.18 -13.15 -17.46
N PHE E 254 -28.96 -11.83 -17.35
CA PHE E 254 -29.13 -10.97 -18.51
C PHE E 254 -28.19 -11.37 -19.64
N THR E 255 -26.93 -11.63 -19.32
CA THR E 255 -25.95 -12.03 -20.33
C THR E 255 -26.26 -13.43 -20.85
N ILE E 256 -26.73 -14.33 -19.99
CA ILE E 256 -27.13 -15.66 -20.44
C ILE E 256 -28.25 -15.54 -21.48
N ILE E 257 -29.23 -14.67 -21.21
CA ILE E 257 -30.33 -14.49 -22.16
C ILE E 257 -29.83 -13.86 -23.45
N CYS E 258 -28.95 -12.86 -23.34
CA CYS E 258 -28.41 -12.21 -24.53
C CYS E 258 -27.60 -13.19 -25.38
N THR E 259 -26.95 -14.16 -24.74
CA THR E 259 -26.17 -15.16 -25.48
C THR E 259 -27.06 -16.22 -26.10
N ILE E 260 -28.11 -16.63 -25.38
CA ILE E 260 -29.04 -17.61 -25.95
C ILE E 260 -29.82 -17.00 -27.11
N GLY E 261 -30.02 -15.68 -27.08
CA GLY E 261 -30.65 -15.02 -28.21
C GLY E 261 -29.82 -15.10 -29.48
N ILE E 262 -28.49 -15.06 -29.34
CA ILE E 262 -27.61 -15.20 -30.49
C ILE E 262 -27.78 -16.58 -31.11
N LEU E 263 -27.85 -17.62 -30.28
CA LEU E 263 -28.07 -18.96 -30.79
C LEU E 263 -29.45 -19.10 -31.42
N MET E 264 -30.45 -18.44 -30.84
CA MET E 264 -31.78 -18.47 -31.41
C MET E 264 -31.83 -17.73 -32.74
N SER E 265 -31.06 -16.65 -32.86
CA SER E 265 -31.00 -15.87 -34.09
C SER E 265 -29.83 -16.26 -34.97
N ALA E 266 -29.11 -17.32 -34.63
CA ALA E 266 -27.97 -17.78 -35.40
C ALA E 266 -28.39 -18.27 -36.79
N PRO E 267 -29.49 -19.04 -36.89
CA PRO E 267 -29.91 -19.50 -38.22
C PRO E 267 -30.17 -18.36 -39.20
N ASN E 268 -30.49 -17.16 -38.70
CA ASN E 268 -30.74 -16.03 -39.60
C ASN E 268 -29.49 -15.70 -40.41
N PHE E 269 -28.33 -15.65 -39.75
CA PHE E 269 -27.09 -15.34 -40.44
C PHE E 269 -26.52 -16.58 -41.13
N VAL E 270 -26.35 -17.66 -40.39
CA VAL E 270 -25.80 -18.89 -40.95
C VAL E 270 -26.77 -19.47 -41.98
N LEU A 7 12.29 -23.06 -41.85
CA LEU A 7 12.92 -23.43 -40.60
C LEU A 7 12.48 -22.51 -39.47
N TYR A 8 12.32 -21.22 -39.78
CA TYR A 8 11.89 -20.25 -38.79
C TYR A 8 10.47 -20.50 -38.29
N TYR A 9 9.64 -21.16 -39.10
CA TYR A 9 8.27 -21.43 -38.69
C TYR A 9 8.23 -22.33 -37.47
N GLY A 10 9.04 -23.39 -37.47
CA GLY A 10 9.06 -24.31 -36.34
C GLY A 10 9.45 -23.61 -35.05
N LEU A 11 10.50 -22.79 -35.10
CA LEU A 11 10.94 -22.08 -33.91
C LEU A 11 9.90 -21.05 -33.46
N ASN A 12 9.32 -20.31 -34.41
CA ASN A 12 8.31 -19.32 -34.07
C ASN A 12 7.05 -19.97 -33.50
N LEU A 13 6.79 -21.24 -33.81
CA LEU A 13 5.66 -21.93 -33.24
C LEU A 13 5.98 -22.60 -31.91
N LEU A 14 7.24 -23.01 -31.71
CA LEU A 14 7.62 -23.74 -30.51
C LEU A 14 7.99 -22.81 -29.35
N ILE A 15 8.85 -21.83 -29.60
CA ILE A 15 9.36 -20.99 -28.52
C ILE A 15 8.23 -20.27 -27.78
N PRO A 16 7.28 -19.61 -28.45
CA PRO A 16 6.23 -18.91 -27.69
C PRO A 16 5.38 -19.84 -26.83
N CYS A 17 5.03 -21.02 -27.35
CA CYS A 17 4.20 -21.95 -26.58
C CYS A 17 4.93 -22.41 -25.33
N VAL A 18 6.19 -22.82 -25.47
CA VAL A 18 6.97 -23.27 -24.33
C VAL A 18 7.15 -22.15 -23.32
N LEU A 19 7.41 -20.93 -23.81
CA LEU A 19 7.57 -19.79 -22.92
C LEU A 19 6.30 -19.52 -22.13
N ILE A 20 5.15 -19.54 -22.81
CA ILE A 20 3.88 -19.29 -22.14
C ILE A 20 3.59 -20.38 -21.12
N SER A 21 3.90 -21.63 -21.46
CA SER A 21 3.69 -22.73 -20.52
C SER A 21 4.55 -22.56 -19.28
N ALA A 22 5.84 -22.23 -19.47
CA ALA A 22 6.73 -22.02 -18.33
C ALA A 22 6.26 -20.86 -17.48
N LEU A 23 5.81 -19.78 -18.11
CA LEU A 23 5.33 -18.62 -17.35
C LEU A 23 4.08 -18.95 -16.56
N ALA A 24 3.17 -19.72 -17.16
CA ALA A 24 1.96 -20.13 -16.44
C ALA A 24 2.32 -21.03 -15.26
N LEU A 25 3.24 -21.97 -15.45
CA LEU A 25 3.66 -22.83 -14.36
C LEU A 25 4.30 -22.02 -13.24
N LEU A 26 5.12 -21.03 -13.59
CA LEU A 26 5.76 -20.20 -12.57
C LEU A 26 4.73 -19.36 -11.82
N VAL A 27 3.73 -18.82 -12.54
CA VAL A 27 2.69 -18.03 -11.89
C VAL A 27 1.88 -18.91 -10.94
N PHE A 28 1.59 -20.14 -11.36
CA PHE A 28 0.87 -21.07 -10.48
C PHE A 28 1.73 -21.49 -9.30
N LEU A 29 3.05 -21.43 -9.44
CA LEU A 29 3.95 -21.74 -8.34
C LEU A 29 4.03 -20.61 -7.33
N LEU A 30 3.73 -19.38 -7.73
CA LEU A 30 3.80 -18.26 -6.81
C LEU A 30 2.66 -18.34 -5.80
N PRO A 31 2.84 -17.76 -4.61
CA PRO A 31 1.77 -17.75 -3.60
C PRO A 31 0.75 -16.66 -3.90
N ALA A 32 -0.21 -16.52 -3.00
CA ALA A 32 -1.27 -15.51 -3.13
C ALA A 32 -0.68 -14.15 -2.75
N ASP A 33 -0.01 -13.53 -3.72
CA ASP A 33 0.62 -12.24 -3.54
C ASP A 33 -0.29 -11.14 -4.03
N SER A 34 0.23 -9.91 -4.08
CA SER A 34 -0.53 -8.76 -4.54
C SER A 34 -0.57 -8.76 -6.06
N GLY A 35 -1.00 -7.64 -6.65
CA GLY A 35 -1.08 -7.54 -8.09
C GLY A 35 0.20 -7.93 -8.81
N GLU A 36 1.35 -7.83 -8.12
CA GLU A 36 2.62 -8.19 -8.73
C GLU A 36 2.52 -9.50 -9.48
N LYS A 37 1.84 -10.49 -8.91
CA LYS A 37 1.64 -11.77 -9.57
C LYS A 37 0.40 -11.76 -10.46
N ILE A 38 -0.68 -11.12 -10.03
CA ILE A 38 -1.92 -11.13 -10.78
C ILE A 38 -1.69 -10.63 -12.20
N SER A 39 -0.94 -9.52 -12.33
CA SER A 39 -0.63 -8.98 -13.64
C SER A 39 -0.06 -10.06 -14.56
N LEU A 40 0.85 -10.88 -14.03
CA LEU A 40 1.41 -11.96 -14.84
C LEU A 40 0.31 -12.87 -15.36
N GLY A 41 -0.61 -13.28 -14.49
CA GLY A 41 -1.72 -14.12 -14.91
C GLY A 41 -2.54 -13.53 -16.03
N ILE A 42 -2.46 -12.21 -16.23
CA ILE A 42 -3.16 -11.56 -17.33
C ILE A 42 -2.33 -11.59 -18.60
N THR A 43 -1.01 -11.42 -18.48
CA THR A 43 -0.15 -11.39 -19.67
C THR A 43 -0.27 -12.69 -20.45
N VAL A 44 -0.21 -13.83 -19.76
CA VAL A 44 -0.33 -15.12 -20.45
C VAL A 44 -1.62 -15.19 -21.24
N LEU A 45 -2.65 -14.46 -20.83
CA LEU A 45 -3.91 -14.42 -21.56
C LEU A 45 -3.91 -13.38 -22.66
N LEU A 46 -3.19 -12.27 -22.48
CA LEU A 46 -3.18 -11.21 -23.48
C LEU A 46 -2.13 -11.47 -24.56
N SER A 47 -0.89 -11.73 -24.16
CA SER A 47 0.18 -11.94 -25.13
C SER A 47 -0.20 -13.01 -26.15
N LEU A 48 -0.82 -14.10 -25.68
CA LEU A 48 -1.22 -15.18 -26.58
C LEU A 48 -2.05 -14.66 -27.74
N THR A 49 -2.99 -13.76 -27.45
CA THR A 49 -3.82 -13.20 -28.52
C THR A 49 -2.95 -12.57 -29.61
N VAL A 50 -1.93 -11.82 -29.21
CA VAL A 50 -1.03 -11.23 -30.19
C VAL A 50 -0.44 -12.33 -31.08
N PHE A 51 -0.02 -13.43 -30.47
CA PHE A 51 0.52 -14.55 -31.26
C PHE A 51 -0.51 -15.04 -32.27
N MET A 52 -1.78 -15.09 -31.88
CA MET A 52 -2.82 -15.53 -32.81
C MET A 52 -2.87 -14.67 -34.06
N LEU A 53 -2.39 -13.42 -33.98
CA LEU A 53 -2.34 -12.58 -35.17
C LEU A 53 -1.22 -13.02 -36.10
N LEU A 54 -0.06 -13.37 -35.54
CA LEU A 54 1.08 -13.77 -36.36
C LEU A 54 0.69 -14.87 -37.34
N VAL A 55 0.23 -16.01 -36.81
CA VAL A 55 -0.21 -17.10 -37.67
C VAL A 55 -1.32 -16.63 -38.61
N ALA A 56 -2.21 -15.75 -38.11
CA ALA A 56 -3.30 -15.26 -38.93
C ALA A 56 -2.80 -14.55 -40.18
N GLU A 57 -1.57 -14.05 -40.16
CA GLU A 57 -0.99 -13.41 -41.34
C GLU A 57 -0.32 -14.41 -42.27
N ILE A 58 0.17 -15.53 -41.75
CA ILE A 58 0.85 -16.53 -42.55
C ILE A 58 0.08 -17.84 -42.63
N MET A 59 -1.01 -17.99 -41.88
CA MET A 59 -1.79 -19.23 -41.89
C MET A 59 -3.25 -18.87 -41.70
N PRO A 60 -3.92 -18.38 -42.75
CA PRO A 60 -5.33 -18.02 -42.62
C PRO A 60 -6.19 -19.24 -42.34
N SER A 61 -7.04 -19.13 -41.32
CA SER A 61 -7.90 -20.25 -40.93
C SER A 61 -8.90 -20.61 -42.03
N THR A 62 -9.24 -19.65 -42.90
CA THR A 62 -10.20 -19.93 -43.96
C THR A 62 -9.73 -21.06 -44.86
N SER A 63 -8.54 -20.90 -45.45
CA SER A 63 -7.99 -21.90 -46.36
C SER A 63 -7.15 -22.95 -45.66
N ASP A 64 -6.73 -22.70 -44.42
CA ASP A 64 -5.89 -23.63 -43.68
C ASP A 64 -6.57 -24.07 -42.39
N SER A 65 -7.84 -24.41 -42.47
CA SER A 65 -8.61 -24.86 -41.30
C SER A 65 -8.18 -26.28 -40.97
N SER A 66 -7.11 -26.41 -40.18
CA SER A 66 -6.59 -27.70 -39.79
C SER A 66 -7.08 -28.05 -38.40
N PRO A 67 -7.74 -29.20 -38.19
CA PRO A 67 -8.22 -29.53 -36.85
C PRO A 67 -7.14 -30.07 -35.92
N SER A 68 -6.04 -30.60 -36.46
CA SER A 68 -4.99 -31.14 -35.62
C SER A 68 -4.43 -30.08 -34.68
N ILE A 69 -3.97 -28.97 -35.23
CA ILE A 69 -3.41 -27.89 -34.40
C ILE A 69 -4.49 -27.10 -33.70
N ALA A 70 -5.75 -27.20 -34.14
CA ALA A 70 -6.82 -26.48 -33.48
C ALA A 70 -7.02 -26.96 -32.05
N GLN A 71 -6.89 -28.27 -31.82
CA GLN A 71 -7.02 -28.80 -30.47
C GLN A 71 -5.95 -28.23 -29.54
N TYR A 72 -4.70 -28.17 -30.01
CA TYR A 72 -3.63 -27.63 -29.18
C TYR A 72 -3.81 -26.14 -28.97
N PHE A 73 -4.28 -25.42 -29.98
CA PHE A 73 -4.55 -23.99 -29.81
C PHE A 73 -5.63 -23.76 -28.76
N ALA A 74 -6.71 -24.56 -28.80
CA ALA A 74 -7.76 -24.44 -27.80
C ALA A 74 -7.25 -24.81 -26.42
N SER A 75 -6.40 -25.83 -26.34
CA SER A 75 -5.83 -26.22 -25.05
C SER A 75 -4.99 -25.09 -24.46
N THR A 76 -4.16 -24.45 -25.29
CA THR A 76 -3.37 -23.32 -24.82
C THR A 76 -4.28 -22.17 -24.39
N MET A 77 -5.30 -21.87 -25.19
CA MET A 77 -6.25 -20.82 -24.82
C MET A 77 -6.97 -21.17 -23.52
N ILE A 78 -7.39 -22.44 -23.37
CA ILE A 78 -8.07 -22.85 -22.16
C ILE A 78 -7.16 -22.71 -20.95
N ILE A 79 -5.88 -23.03 -21.12
CA ILE A 79 -4.93 -22.94 -20.00
C ILE A 79 -4.72 -21.49 -19.60
N VAL A 80 -4.48 -20.61 -20.59
CA VAL A 80 -4.25 -19.21 -20.26
C VAL A 80 -5.52 -18.58 -19.68
N GLY A 81 -6.69 -19.10 -20.04
CA GLY A 81 -7.92 -18.60 -19.44
C GLY A 81 -8.08 -19.07 -18.00
N LEU A 82 -7.89 -20.37 -17.77
CA LEU A 82 -7.98 -20.92 -16.42
C LEU A 82 -6.93 -20.32 -15.49
N SER A 83 -5.82 -19.81 -16.03
CA SER A 83 -4.86 -19.10 -15.21
C SER A 83 -5.53 -17.90 -14.52
N VAL A 84 -6.28 -17.10 -15.29
CA VAL A 84 -6.97 -15.97 -14.70
C VAL A 84 -8.04 -16.43 -13.73
N VAL A 85 -8.68 -17.57 -14.01
CA VAL A 85 -9.71 -18.08 -13.11
C VAL A 85 -9.11 -18.46 -11.77
N VAL A 86 -7.96 -19.14 -11.79
CA VAL A 86 -7.32 -19.54 -10.53
C VAL A 86 -6.78 -18.31 -9.80
N THR A 87 -6.30 -17.31 -10.54
CA THR A 87 -5.88 -16.07 -9.87
C THR A 87 -7.06 -15.38 -9.19
N VAL A 88 -8.22 -15.38 -9.84
CA VAL A 88 -9.41 -14.77 -9.25
C VAL A 88 -9.84 -15.56 -8.02
N ILE A 89 -9.76 -16.89 -8.09
CA ILE A 89 -10.11 -17.72 -6.93
C ILE A 89 -9.16 -17.42 -5.77
N VAL A 90 -7.87 -17.24 -6.08
CA VAL A 90 -6.89 -16.91 -5.06
C VAL A 90 -7.23 -15.57 -4.42
N LEU A 91 -7.55 -14.57 -5.26
CA LEU A 91 -7.92 -13.25 -4.73
C LEU A 91 -9.15 -13.34 -3.84
N GLN A 92 -10.14 -14.14 -4.24
CA GLN A 92 -11.36 -14.28 -3.46
C GLN A 92 -11.06 -14.95 -2.12
N TYR A 93 -10.28 -16.03 -2.13
CA TYR A 93 -9.94 -16.72 -0.89
C TYR A 93 -9.01 -15.90 -0.01
N HIS A 94 -8.32 -14.90 -0.59
CA HIS A 94 -7.48 -14.01 0.20
C HIS A 94 -8.24 -12.83 0.76
N HIS A 95 -9.32 -12.42 0.11
CA HIS A 95 -10.13 -11.30 0.59
C HIS A 95 -11.26 -11.76 1.51
N HIS A 96 -11.98 -12.81 1.12
CA HIS A 96 -13.05 -13.38 1.94
C HIS A 96 -14.10 -12.33 2.28
N ASP A 97 -14.77 -11.85 1.23
CA ASP A 97 -15.85 -10.88 1.35
C ASP A 97 -16.79 -11.30 2.48
N PRO A 98 -16.98 -10.44 3.51
CA PRO A 98 -17.84 -10.84 4.64
C PRO A 98 -19.23 -11.27 4.22
N ASP A 99 -19.71 -10.80 3.06
CA ASP A 99 -21.05 -11.15 2.61
C ASP A 99 -21.21 -12.66 2.46
N GLY A 100 -20.15 -13.35 2.05
CA GLY A 100 -20.18 -14.79 1.91
C GLY A 100 -18.89 -15.45 2.34
N GLY A 101 -18.39 -16.37 1.53
CA GLY A 101 -17.14 -17.05 1.80
C GLY A 101 -17.35 -18.54 2.05
N LYS A 102 -16.23 -19.25 2.08
CA LYS A 102 -16.25 -20.68 2.33
C LYS A 102 -16.41 -20.98 3.81
N MET A 103 -16.93 -22.16 4.11
CA MET A 103 -17.12 -22.59 5.49
C MET A 103 -15.80 -22.48 6.25
N PRO A 104 -15.76 -21.75 7.37
CA PRO A 104 -14.47 -21.59 8.07
C PRO A 104 -13.86 -22.90 8.53
N LYS A 105 -14.61 -23.71 9.30
CA LYS A 105 -14.02 -24.91 9.90
C LYS A 105 -13.81 -26.01 8.87
N TRP A 106 -14.77 -26.19 7.96
CA TRP A 106 -14.64 -27.24 6.95
C TRP A 106 -13.40 -27.01 6.08
N THR A 107 -13.08 -25.75 5.79
CA THR A 107 -11.90 -25.44 5.00
C THR A 107 -10.64 -25.46 5.86
N ARG A 108 -10.75 -25.02 7.12
CA ARG A 108 -9.59 -25.00 8.00
C ARG A 108 -9.09 -26.41 8.30
N VAL A 109 -9.99 -27.38 8.40
CA VAL A 109 -9.57 -28.76 8.63
C VAL A 109 -8.73 -29.26 7.46
N ILE A 110 -9.22 -29.06 6.24
CA ILE A 110 -8.47 -29.49 5.06
C ILE A 110 -7.16 -28.74 4.94
N LEU A 111 -7.14 -27.45 5.33
CA LEU A 111 -5.90 -26.69 5.28
C LEU A 111 -4.87 -27.21 6.27
N LEU A 112 -5.31 -27.53 7.49
CA LEU A 112 -4.41 -28.11 8.47
C LEU A 112 -3.90 -29.47 8.01
N ASN A 113 -4.75 -30.24 7.36
CA ASN A 113 -4.33 -31.54 6.83
C ASN A 113 -3.26 -31.36 5.75
N TRP A 114 -3.50 -30.43 4.83
CA TRP A 114 -2.54 -30.19 3.76
C TRP A 114 -1.23 -29.62 4.29
N CYS A 115 -1.29 -28.84 5.37
CA CYS A 115 -0.07 -28.30 5.96
C CYS A 115 0.89 -29.42 6.34
N ALA A 116 0.36 -30.53 6.85
CA ALA A 116 1.19 -31.67 7.21
C ALA A 116 1.48 -32.57 6.00
N TRP A 117 0.53 -32.68 5.08
CA TRP A 117 0.74 -33.51 3.89
C TRP A 117 1.78 -32.93 2.95
N PHE A 118 2.02 -31.63 3.00
CA PHE A 118 3.01 -31.01 2.12
C PHE A 118 4.43 -31.35 2.57
N LEU A 119 4.72 -31.14 3.86
CA LEU A 119 6.04 -31.44 4.38
C LEU A 119 6.23 -32.94 4.61
N ARG A 120 5.35 -33.54 5.41
CA ARG A 120 5.39 -34.98 5.68
C ARG A 120 4.26 -35.62 4.88
N MET A 121 4.58 -36.03 3.65
CA MET A 121 3.58 -36.62 2.78
C MET A 121 3.04 -37.91 3.40
N LYS A 122 1.75 -38.17 3.14
CA LYS A 122 1.08 -39.36 3.66
C LYS A 122 1.52 -40.56 2.82
N ARG A 123 2.69 -41.11 3.18
CA ARG A 123 3.25 -42.24 2.47
C ARG A 123 4.12 -43.02 3.45
N PRO A 124 4.45 -44.28 3.14
CA PRO A 124 5.30 -45.05 4.07
C PRO A 124 6.65 -44.42 4.30
N GLY A 125 7.24 -43.78 3.29
CA GLY A 125 8.56 -43.20 3.44
C GLY A 125 8.64 -42.18 4.54
N GLU A 126 7.53 -41.49 4.82
CA GLU A 126 7.48 -40.48 5.87
C GLU A 126 6.87 -40.98 7.17
N ASP A 127 6.15 -42.10 7.13
CA ASP A 127 5.51 -42.64 8.33
C ASP A 127 6.39 -43.64 9.06
N LYS A 128 7.10 -44.50 8.32
CA LYS A 128 7.95 -45.50 8.94
C LYS A 128 9.31 -44.94 9.32
N VAL A 129 9.84 -43.98 8.55
CA VAL A 129 11.14 -43.39 8.82
C VAL A 129 10.90 -42.21 9.76
N ARG A 130 10.86 -42.51 11.05
CA ARG A 130 10.66 -41.51 12.08
C ARG A 130 10.89 -42.15 13.44
N PRO A 131 11.09 -41.35 14.49
CA PRO A 131 11.31 -41.93 15.82
C PRO A 131 10.12 -42.78 16.26
N ALA A 132 10.42 -43.90 16.90
CA ALA A 132 9.40 -44.81 17.38
C ALA A 132 9.93 -45.55 18.60
N CYS A 133 9.02 -45.89 19.50
CA CYS A 133 9.37 -46.60 20.73
C CYS A 133 8.14 -47.29 21.28
N GLN A 134 8.37 -48.37 22.02
CA GLN A 134 7.28 -49.13 22.62
C GLN A 134 6.79 -48.51 23.93
N HIS A 135 7.57 -47.62 24.53
CA HIS A 135 7.18 -46.99 25.78
C HIS A 135 5.82 -46.30 25.63
N LYS A 136 5.15 -46.11 26.77
CA LYS A 136 3.84 -45.48 26.77
C LYS A 136 3.87 -44.00 26.42
N GLN A 137 5.05 -43.41 26.23
CA GLN A 137 5.13 -42.00 25.87
C GLN A 137 4.51 -41.71 24.51
N ARG A 138 4.35 -42.73 23.66
CA ARG A 138 3.75 -42.57 22.35
C ARG A 138 2.29 -42.98 22.30
N ARG A 139 1.69 -43.35 23.44
CA ARG A 139 0.31 -43.77 23.49
C ARG A 139 -0.61 -42.59 23.80
N CYS A 140 -1.90 -42.81 23.65
CA CYS A 140 -2.91 -41.79 23.90
C CYS A 140 -3.75 -42.17 25.11
N SER A 141 -4.49 -41.19 25.61
CA SER A 141 -5.35 -41.38 26.78
C SER A 141 -6.56 -40.49 26.64
N LEU A 142 -7.50 -40.62 27.58
CA LEU A 142 -8.72 -39.82 27.55
C LEU A 142 -8.40 -38.33 27.74
N ALA A 143 -7.32 -38.02 28.45
CA ALA A 143 -6.95 -36.63 28.68
C ALA A 143 -6.26 -36.01 27.46
N SER A 144 -5.53 -36.82 26.69
CA SER A 144 -4.81 -36.29 25.53
C SER A 144 -5.71 -36.20 24.29
N VAL A 145 -6.71 -37.07 24.20
CA VAL A 145 -7.62 -37.07 23.05
C VAL A 145 -8.65 -35.96 23.25
N GLU A 146 -8.80 -35.10 22.23
CA GLU A 146 -9.74 -33.99 22.27
C GLU A 146 -10.88 -34.18 21.26
N MET A 147 -11.25 -35.43 21.00
CA MET A 147 -12.31 -35.74 20.05
C MET A 147 -13.71 -35.62 20.66
N SER A 148 -13.82 -35.05 21.87
CA SER A 148 -15.10 -34.87 22.54
C SER A 148 -15.47 -33.40 22.70
N ALA A 149 -14.89 -32.52 21.88
CA ALA A 149 -15.17 -31.09 21.95
C ALA A 149 -14.83 -30.53 23.33
N VAL A 150 -13.59 -30.76 23.75
CA VAL A 150 -13.09 -30.31 25.04
C VAL A 150 -11.80 -29.54 24.82
N ALA A 151 -11.24 -29.02 25.91
CA ALA A 151 -10.00 -28.27 25.85
C ALA A 151 -8.87 -29.17 25.37
N PRO A 152 -8.18 -28.84 24.27
CA PRO A 152 -7.06 -29.67 23.82
C PRO A 152 -5.99 -29.78 24.90
N PRO A 153 -5.01 -30.67 24.72
CA PRO A 153 -3.97 -30.81 25.73
C PRO A 153 -3.21 -29.52 25.89
N PRO A 154 -2.65 -29.25 27.08
CA PRO A 154 -1.89 -28.02 27.31
C PRO A 154 -0.50 -28.11 26.68
N ALA A 155 -0.30 -27.35 25.61
CA ALA A 155 0.99 -27.34 24.92
C ALA A 155 1.32 -25.90 24.52
N SER A 156 2.60 -25.68 24.22
CA SER A 156 3.09 -24.36 23.82
C SER A 156 3.03 -24.14 22.32
N ASN A 157 2.46 -25.08 21.57
CA ASN A 157 2.37 -24.96 20.11
C ASN A 157 1.13 -24.21 19.66
N GLY A 158 0.44 -23.53 20.59
CA GLY A 158 -0.76 -22.78 20.25
C GLY A 158 -2.01 -23.31 20.91
N ASN A 159 -1.82 -24.02 22.03
CA ASN A 159 -2.94 -24.59 22.78
C ASN A 159 -3.11 -23.95 24.15
N LEU A 160 -2.05 -23.92 24.97
CA LEU A 160 -2.15 -23.32 26.29
C LEU A 160 -2.43 -21.82 26.19
N LEU A 161 -1.63 -21.10 25.40
CA LEU A 161 -1.84 -19.67 25.23
C LEU A 161 -3.21 -19.38 24.62
N TYR A 162 -3.67 -20.25 23.71
CA TYR A 162 -4.97 -20.07 23.12
C TYR A 162 -6.08 -20.19 24.17
N ILE A 163 -6.06 -21.29 24.93
CA ILE A 163 -7.06 -21.49 25.98
C ILE A 163 -6.99 -20.37 27.01
N GLY A 164 -5.81 -19.79 27.21
CA GLY A 164 -5.68 -18.72 28.19
C GLY A 164 -6.27 -17.41 27.70
N PHE A 165 -5.88 -16.98 26.50
CA PHE A 165 -6.31 -15.68 25.98
C PHE A 165 -7.71 -15.76 25.38
N ARG A 166 -7.87 -16.58 24.33
CA ARG A 166 -9.15 -16.68 23.64
C ARG A 166 -10.15 -17.56 24.38
N GLY A 167 -9.68 -18.47 25.22
CA GLY A 167 -10.57 -19.35 25.96
C GLY A 167 -11.14 -18.69 27.20
N LEU A 168 -12.01 -17.70 27.01
CA LEU A 168 -12.61 -17.01 28.13
C LEU A 168 -13.43 -17.97 28.98
N ASP A 169 -13.73 -17.54 30.21
CA ASP A 169 -14.50 -18.32 31.16
C ASP A 169 -13.83 -19.64 31.51
N GLY A 170 -12.52 -19.75 31.28
CA GLY A 170 -11.77 -20.94 31.57
C GLY A 170 -11.08 -20.87 32.92
N VAL A 171 -10.08 -21.75 33.09
CA VAL A 171 -9.34 -21.78 34.35
C VAL A 171 -8.40 -20.57 34.45
N HIS A 172 -7.95 -20.04 33.30
CA HIS A 172 -7.06 -18.90 33.32
C HIS A 172 -7.75 -17.65 33.85
N CYS A 173 -9.06 -17.52 33.64
CA CYS A 173 -9.79 -16.35 34.10
C CYS A 173 -10.20 -16.46 35.56
N VAL A 174 -10.30 -17.67 36.10
CA VAL A 174 -10.66 -17.86 37.50
C VAL A 174 -9.77 -18.93 38.11
N PRO A 175 -8.45 -18.69 38.24
CA PRO A 175 -7.53 -19.67 38.83
C PRO A 175 -7.56 -19.71 40.35
N THR A 176 -8.76 -19.89 40.91
CA THR A 176 -8.99 -19.94 42.34
C THR A 176 -9.62 -21.29 42.70
N PRO A 177 -8.84 -22.36 42.68
CA PRO A 177 -9.39 -23.68 43.04
C PRO A 177 -9.65 -23.78 44.53
N ASP A 178 -10.26 -24.91 44.92
CA ASP A 178 -10.59 -25.18 46.31
C ASP A 178 -9.31 -25.60 47.04
N SER A 179 -8.54 -24.61 47.45
CA SER A 179 -7.29 -24.81 48.16
C SER A 179 -7.23 -24.07 49.49
N GLY A 180 -7.81 -22.88 49.57
CA GLY A 180 -7.79 -22.12 50.80
C GLY A 180 -6.51 -21.36 51.06
N VAL A 181 -5.80 -20.97 49.99
CA VAL A 181 -4.55 -20.22 50.16
C VAL A 181 -4.79 -18.74 50.41
N VAL A 182 -6.01 -18.25 50.22
CA VAL A 182 -6.29 -16.83 50.43
C VAL A 182 -6.27 -16.47 51.91
N CYS A 183 -6.33 -17.46 52.80
CA CYS A 183 -6.32 -17.21 54.23
C CYS A 183 -5.35 -18.09 54.99
N GLY A 184 -4.66 -19.02 54.32
CA GLY A 184 -3.73 -19.91 54.98
C GLY A 184 -2.29 -19.68 54.54
N ARG A 185 -2.11 -19.23 53.31
CA ARG A 185 -0.79 -18.97 52.75
C ARG A 185 -0.61 -17.48 52.50
N MET A 186 0.63 -17.01 52.65
CA MET A 186 0.96 -15.60 52.46
C MET A 186 1.85 -15.39 51.23
N ALA A 187 1.80 -16.31 50.27
CA ALA A 187 2.61 -16.20 49.06
C ALA A 187 1.94 -15.20 48.13
N CYS A 188 2.32 -13.92 48.29
CA CYS A 188 1.76 -12.83 47.49
C CYS A 188 0.24 -12.77 47.62
N SER A 189 -0.28 -13.11 48.80
CA SER A 189 -1.72 -13.09 49.05
C SER A 189 -1.95 -12.90 50.53
N PRO A 190 -2.11 -11.65 50.98
CA PRO A 190 -2.36 -11.41 52.41
C PRO A 190 -3.60 -12.14 52.88
N THR A 191 -3.55 -12.60 54.13
CA THR A 191 -4.65 -13.34 54.74
C THR A 191 -5.76 -12.37 55.11
N HIS A 192 -6.61 -12.07 54.13
CA HIS A 192 -7.75 -11.17 54.29
C HIS A 192 -7.38 -9.93 55.10
N ASP A 193 -6.18 -9.40 54.89
CA ASP A 193 -5.71 -8.22 55.60
C ASP A 193 -6.29 -6.98 54.93
N GLU A 194 -7.28 -6.35 55.59
CA GLU A 194 -7.91 -5.15 55.04
C GLU A 194 -7.20 -3.87 55.43
N HIS A 195 -6.39 -3.90 56.50
CA HIS A 195 -5.65 -2.73 56.96
C HIS A 195 -4.16 -2.83 56.64
N LEU A 196 -3.82 -3.46 55.52
CA LEU A 196 -2.43 -3.61 55.11
C LEU A 196 -1.90 -2.26 54.63
N LEU A 197 -1.17 -1.57 55.50
CA LEU A 197 -0.60 -0.27 55.20
C LEU A 197 0.92 -0.40 55.21
N HIS A 198 1.51 -0.46 54.01
CA HIS A 198 2.96 -0.58 53.86
C HIS A 198 3.59 0.79 54.12
N GLY A 199 3.70 1.12 55.40
CA GLY A 199 4.28 2.40 55.80
C GLY A 199 3.58 3.60 55.22
N GLY A 200 2.26 3.52 55.06
CA GLY A 200 1.47 4.62 54.51
C GLY A 200 0.89 4.35 53.15
N GLN A 201 1.31 3.27 52.47
CA GLN A 201 0.80 2.94 51.15
C GLN A 201 -0.32 1.90 51.28
N PRO A 202 -1.57 2.25 51.00
CA PRO A 202 -2.65 1.26 51.10
C PRO A 202 -2.50 0.17 50.05
N PRO A 203 -3.40 -0.81 50.02
CA PRO A 203 -3.31 -1.86 49.01
C PRO A 203 -3.69 -1.38 47.63
N GLU A 204 -2.74 -0.73 46.95
CA GLU A 204 -2.94 -0.18 45.60
C GLU A 204 -4.28 0.53 45.48
N GLY A 205 -4.55 1.40 46.46
CA GLY A 205 -5.78 2.17 46.47
C GLY A 205 -5.66 3.48 45.72
N ASP A 206 -5.24 3.42 44.46
CA ASP A 206 -5.06 4.60 43.62
C ASP A 206 -6.03 4.51 42.43
N PRO A 207 -7.20 5.12 42.53
CA PRO A 207 -8.15 5.05 41.40
C PRO A 207 -7.57 5.58 40.10
N ASP A 208 -6.64 6.53 40.15
CA ASP A 208 -6.03 7.03 38.92
C ASP A 208 -5.28 5.90 38.20
N LEU A 209 -4.48 5.13 38.93
CA LEU A 209 -3.79 3.99 38.33
C LEU A 209 -4.79 2.95 37.82
N ALA A 210 -5.95 2.83 38.48
CA ALA A 210 -6.95 1.89 38.01
C ALA A 210 -7.48 2.27 36.63
N LYS A 211 -7.68 3.56 36.39
CA LYS A 211 -8.12 4.01 35.08
C LYS A 211 -6.99 3.97 34.05
N ILE A 212 -5.76 4.27 34.48
CA ILE A 212 -4.62 4.14 33.57
C ILE A 212 -4.49 2.69 33.09
N LEU A 213 -4.62 1.74 34.00
CA LEU A 213 -4.55 0.33 33.63
C LEU A 213 -5.73 -0.05 32.74
N GLU A 214 -6.91 0.52 32.99
CA GLU A 214 -8.06 0.23 32.16
C GLU A 214 -7.83 0.70 30.72
N GLU A 215 -7.30 1.91 30.56
CA GLU A 215 -7.01 2.42 29.22
C GLU A 215 -5.90 1.61 28.55
N VAL A 216 -4.88 1.21 29.33
CA VAL A 216 -3.81 0.39 28.79
C VAL A 216 -4.37 -0.94 28.29
N ARG A 217 -5.29 -1.54 29.05
CA ARG A 217 -5.90 -2.80 28.63
C ARG A 217 -6.80 -2.60 27.42
N TYR A 218 -7.45 -1.44 27.31
CA TYR A 218 -8.26 -1.16 26.13
C TYR A 218 -7.40 -1.08 24.88
N ILE A 219 -6.29 -0.34 24.95
CA ILE A 219 -5.40 -0.24 23.79
C ILE A 219 -4.75 -1.60 23.50
N ALA A 220 -4.49 -2.40 24.55
CA ALA A 220 -3.94 -3.73 24.32
C ALA A 220 -4.95 -4.63 23.63
N ASN A 221 -6.23 -4.51 23.98
CA ASN A 221 -7.26 -5.27 23.29
C ASN A 221 -7.41 -4.82 21.85
N ARG A 222 -7.27 -3.52 21.59
CA ARG A 222 -7.27 -3.03 20.21
C ARG A 222 -6.12 -3.63 19.43
N PHE A 223 -4.91 -3.64 20.02
CA PHE A 223 -3.77 -4.23 19.34
C PHE A 223 -3.96 -5.72 19.13
N ARG A 224 -4.61 -6.39 20.08
CA ARG A 224 -4.87 -7.82 19.93
C ARG A 224 -5.87 -8.09 18.82
N CYS A 225 -6.88 -7.23 18.67
CA CYS A 225 -7.80 -7.36 17.55
C CYS A 225 -7.09 -7.12 16.23
N GLN A 226 -6.18 -6.14 16.19
CA GLN A 226 -5.39 -5.92 14.98
C GLN A 226 -4.54 -7.14 14.65
N ASP A 227 -3.91 -7.73 15.67
CA ASP A 227 -3.10 -8.93 15.44
C ASP A 227 -3.96 -10.10 14.98
N GLU A 228 -5.19 -10.21 15.51
CA GLU A 228 -6.10 -11.26 15.07
C GLU A 228 -6.49 -11.06 13.60
N SER A 229 -6.76 -9.82 13.21
CA SER A 229 -7.05 -9.54 11.80
C SER A 229 -5.86 -9.89 10.92
N GLU A 230 -4.65 -9.55 11.36
CA GLU A 230 -3.46 -9.89 10.59
C GLU A 230 -3.30 -11.40 10.47
N ALA A 231 -3.57 -12.14 11.56
CA ALA A 231 -3.46 -13.58 11.51
C ALA A 231 -4.51 -14.19 10.59
N VAL A 232 -5.72 -13.62 10.59
CA VAL A 232 -6.76 -14.10 9.69
C VAL A 232 -6.35 -13.85 8.24
N CYS A 233 -5.75 -12.69 7.97
CA CYS A 233 -5.27 -12.41 6.62
C CYS A 233 -4.17 -13.37 6.21
N SER A 234 -3.25 -13.69 7.13
CA SER A 234 -2.19 -14.64 6.83
C SER A 234 -2.76 -16.03 6.58
N GLU A 235 -3.78 -16.42 7.35
CA GLU A 235 -4.42 -17.72 7.13
C GLU A 235 -5.11 -17.76 5.77
N TRP A 236 -5.77 -16.67 5.39
CA TRP A 236 -6.38 -16.60 4.07
C TRP A 236 -5.35 -16.70 2.96
N LYS A 237 -4.20 -16.03 3.15
CA LYS A 237 -3.13 -16.12 2.17
C LYS A 237 -2.60 -17.54 2.06
N PHE A 238 -2.41 -18.21 3.19
CA PHE A 238 -1.92 -19.58 3.18
C PHE A 238 -2.94 -20.53 2.57
N ALA A 239 -4.22 -20.25 2.73
CA ALA A 239 -5.26 -21.08 2.12
C ALA A 239 -5.35 -20.86 0.62
N ALA A 240 -5.11 -19.63 0.17
CA ALA A 240 -5.11 -19.34 -1.27
C ALA A 240 -3.86 -19.89 -1.94
N CYS A 241 -2.73 -19.93 -1.23
CA CYS A 241 -1.51 -20.52 -1.80
C CYS A 241 -1.64 -22.02 -1.95
N VAL A 242 -2.42 -22.67 -1.08
CA VAL A 242 -2.66 -24.10 -1.22
C VAL A 242 -3.40 -24.38 -2.51
N VAL A 243 -4.34 -23.51 -2.89
CA VAL A 243 -5.05 -23.67 -4.15
C VAL A 243 -4.09 -23.56 -5.32
N ASP A 244 -3.16 -22.60 -5.26
CA ASP A 244 -2.17 -22.46 -6.32
C ASP A 244 -1.29 -23.69 -6.42
N ARG A 245 -0.86 -24.23 -5.27
CA ARG A 245 -0.03 -25.42 -5.27
C ARG A 245 -0.78 -26.60 -5.87
N LEU A 246 -2.05 -26.78 -5.49
CA LEU A 246 -2.85 -27.87 -6.05
C LEU A 246 -3.03 -27.71 -7.55
N CYS A 247 -3.32 -26.49 -8.00
CA CYS A 247 -3.48 -26.25 -9.44
C CYS A 247 -2.20 -26.55 -10.19
N LEU A 248 -1.05 -26.16 -9.64
CA LEU A 248 0.22 -26.45 -10.28
C LEU A 248 0.47 -27.95 -10.36
N MET A 249 0.26 -28.65 -9.24
CA MET A 249 0.49 -30.09 -9.22
C MET A 249 -0.45 -30.82 -10.18
N ALA A 250 -1.65 -30.28 -10.39
CA ALA A 250 -2.60 -30.91 -11.30
C ALA A 250 -2.25 -30.61 -12.76
N PHE A 251 -1.89 -29.37 -13.06
CA PHE A 251 -1.61 -28.97 -14.44
C PHE A 251 -0.23 -29.38 -14.91
N SER A 252 0.68 -29.75 -14.01
CA SER A 252 2.00 -30.20 -14.46
C SER A 252 1.90 -31.41 -15.38
N VAL A 253 1.17 -32.45 -14.94
CA VAL A 253 1.04 -33.65 -15.74
C VAL A 253 0.27 -33.35 -17.03
N PHE A 254 -0.71 -32.46 -16.96
CA PHE A 254 -1.47 -32.09 -18.15
C PHE A 254 -0.57 -31.44 -19.19
N THR A 255 0.25 -30.48 -18.76
CA THR A 255 1.16 -29.82 -19.68
C THR A 255 2.21 -30.80 -20.22
N ILE A 256 2.68 -31.72 -19.39
CA ILE A 256 3.64 -32.72 -19.85
C ILE A 256 3.02 -33.59 -20.93
N ILE A 257 1.79 -34.03 -20.71
CA ILE A 257 1.11 -34.87 -21.71
C ILE A 257 0.87 -34.08 -22.98
N CYS A 258 0.50 -32.81 -22.86
CA CYS A 258 0.27 -31.98 -24.05
C CYS A 258 1.55 -31.80 -24.84
N THR A 259 2.67 -31.55 -24.16
CA THR A 259 3.95 -31.41 -24.85
C THR A 259 4.37 -32.71 -25.51
N ILE A 260 4.12 -33.85 -24.85
CA ILE A 260 4.47 -35.13 -25.44
C ILE A 260 3.62 -35.40 -26.68
N GLY A 261 2.33 -35.05 -26.62
CA GLY A 261 1.46 -35.26 -27.77
C GLY A 261 1.82 -34.35 -28.93
N ILE A 262 2.21 -33.11 -28.64
CA ILE A 262 2.63 -32.18 -29.69
C ILE A 262 3.81 -32.75 -30.46
N LEU A 263 4.70 -33.45 -29.78
CA LEU A 263 5.86 -34.06 -30.44
C LEU A 263 5.45 -35.35 -31.16
N MET A 264 4.58 -36.14 -30.54
CA MET A 264 4.16 -37.39 -31.18
C MET A 264 3.32 -37.14 -32.43
N SER A 265 2.53 -36.06 -32.44
CA SER A 265 1.69 -35.72 -33.57
C SER A 265 2.36 -34.79 -34.56
N ALA A 266 3.58 -34.34 -34.28
CA ALA A 266 4.27 -33.44 -35.20
C ALA A 266 4.48 -34.05 -36.58
N PRO A 267 4.90 -35.31 -36.71
CA PRO A 267 5.08 -35.86 -38.07
C PRO A 267 3.80 -35.84 -38.90
N ASN A 268 2.63 -36.00 -38.26
CA ASN A 268 1.38 -35.99 -39.01
C ASN A 268 1.10 -34.62 -39.61
N PHE A 269 1.32 -33.56 -38.84
CA PHE A 269 1.04 -32.22 -39.34
C PHE A 269 2.10 -31.77 -40.35
N VAL A 270 3.36 -32.09 -40.09
CA VAL A 270 4.44 -31.69 -40.99
C VAL A 270 5.63 -32.64 -40.82
N LEU B 7 16.87 1.75 -46.33
CA LEU B 7 17.67 2.31 -45.24
C LEU B 7 16.89 2.25 -43.93
N TYR B 8 15.59 2.52 -44.00
CA TYR B 8 14.75 2.49 -42.80
C TYR B 8 14.63 1.10 -42.21
N TYR B 9 14.82 0.05 -43.01
CA TYR B 9 14.72 -1.31 -42.51
C TYR B 9 15.79 -1.58 -41.46
N GLY B 10 17.02 -1.17 -41.73
CA GLY B 10 18.10 -1.40 -40.78
C GLY B 10 17.84 -0.73 -39.45
N LEU B 11 17.40 0.53 -39.47
CA LEU B 11 17.10 1.24 -38.24
C LEU B 11 15.92 0.62 -37.50
N ASN B 12 14.86 0.27 -38.24
CA ASN B 12 13.69 -0.34 -37.63
C ASN B 12 14.00 -1.70 -37.04
N LEU B 13 15.05 -2.39 -37.53
CA LEU B 13 15.45 -3.65 -36.95
C LEU B 13 16.44 -3.50 -35.81
N LEU B 14 17.25 -2.43 -35.83
CA LEU B 14 18.29 -2.26 -34.81
C LEU B 14 17.77 -1.54 -33.57
N ILE B 15 17.08 -0.42 -33.75
CA ILE B 15 16.66 0.38 -32.60
C ILE B 15 15.80 -0.40 -31.62
N PRO B 16 14.76 -1.13 -32.05
CA PRO B 16 13.93 -1.84 -31.07
C PRO B 16 14.71 -2.90 -30.29
N CYS B 17 15.59 -3.65 -30.96
CA CYS B 17 16.35 -4.68 -30.28
C CYS B 17 17.26 -4.09 -29.21
N VAL B 18 18.00 -3.03 -29.57
CA VAL B 18 18.89 -2.39 -28.61
C VAL B 18 18.10 -1.80 -27.46
N LEU B 19 16.96 -1.18 -27.76
CA LEU B 19 16.13 -0.61 -26.71
C LEU B 19 15.63 -1.69 -25.74
N ILE B 20 15.16 -2.81 -26.28
CA ILE B 20 14.66 -3.89 -25.43
C ILE B 20 15.79 -4.46 -24.59
N SER B 21 16.99 -4.60 -25.18
CA SER B 21 18.13 -5.11 -24.42
C SER B 21 18.49 -4.16 -23.27
N ALA B 22 18.54 -2.86 -23.55
CA ALA B 22 18.85 -1.89 -22.51
C ALA B 22 17.79 -1.91 -21.42
N LEU B 23 16.52 -2.02 -21.79
CA LEU B 23 15.44 -2.06 -20.80
C LEU B 23 15.53 -3.30 -19.94
N ALA B 24 15.84 -4.45 -20.55
CA ALA B 24 15.99 -5.67 -19.78
C ALA B 24 17.18 -5.56 -18.82
N LEU B 25 18.28 -4.99 -19.28
CA LEU B 25 19.44 -4.82 -18.41
C LEU B 25 19.11 -3.89 -17.25
N LEU B 26 18.38 -2.81 -17.51
CA LEU B 26 18.00 -1.89 -16.44
C LEU B 26 17.05 -2.55 -15.45
N VAL B 27 16.10 -3.35 -15.94
CA VAL B 27 15.19 -4.04 -15.05
C VAL B 27 15.93 -5.04 -14.19
N PHE B 28 16.91 -5.75 -14.76
CA PHE B 28 17.73 -6.65 -13.99
C PHE B 28 18.63 -5.93 -13.01
N LEU B 29 18.97 -4.67 -13.29
CA LEU B 29 19.76 -3.87 -12.35
C LEU B 29 18.94 -3.36 -11.18
N LEU B 30 17.63 -3.25 -11.33
CA LEU B 30 16.79 -2.78 -10.24
C LEU B 30 16.72 -3.82 -9.13
N PRO B 31 16.44 -3.40 -7.90
CA PRO B 31 16.30 -4.35 -6.79
C PRO B 31 14.91 -4.97 -6.78
N ALA B 32 14.67 -5.80 -5.76
CA ALA B 32 13.38 -6.47 -5.59
C ALA B 32 12.37 -5.45 -5.05
N ASP B 33 11.81 -4.67 -5.95
CA ASP B 33 10.85 -3.64 -5.62
C ASP B 33 9.43 -4.16 -5.81
N SER B 34 8.45 -3.27 -5.70
CA SER B 34 7.06 -3.63 -5.88
C SER B 34 6.74 -3.74 -7.38
N GLY B 35 5.46 -3.80 -7.71
CA GLY B 35 5.03 -3.93 -9.09
C GLY B 35 5.64 -2.90 -10.01
N GLU B 36 6.04 -1.76 -9.46
CA GLU B 36 6.65 -0.70 -10.27
C GLU B 36 7.69 -1.25 -11.22
N LYS B 37 8.52 -2.19 -10.74
CA LYS B 37 9.52 -2.83 -11.59
C LYS B 37 8.94 -4.04 -12.32
N ILE B 38 8.09 -4.82 -11.65
CA ILE B 38 7.56 -6.03 -12.26
C ILE B 38 6.88 -5.72 -13.58
N SER B 39 6.06 -4.66 -13.61
CA SER B 39 5.40 -4.26 -14.83
C SER B 39 6.39 -4.13 -15.98
N LEU B 40 7.55 -3.51 -15.72
CA LEU B 40 8.57 -3.39 -16.76
C LEU B 40 8.96 -4.76 -17.30
N GLY B 41 9.24 -5.71 -16.41
CA GLY B 41 9.57 -7.06 -16.82
C GLY B 41 8.53 -7.70 -17.72
N ILE B 42 7.30 -7.20 -17.69
CA ILE B 42 6.26 -7.71 -18.57
C ILE B 42 6.28 -7.01 -19.91
N THR B 43 6.56 -5.71 -19.93
CA THR B 43 6.56 -4.95 -21.18
C THR B 43 7.56 -5.54 -22.17
N VAL B 44 8.78 -5.83 -21.69
CA VAL B 44 9.80 -6.41 -22.57
C VAL B 44 9.30 -7.69 -23.20
N LEU B 45 8.37 -8.39 -22.55
CA LEU B 45 7.81 -9.61 -23.10
C LEU B 45 6.62 -9.34 -24.01
N LEU B 46 5.87 -8.27 -23.77
CA LEU B 46 4.70 -7.95 -24.56
C LEU B 46 5.06 -7.10 -25.78
N SER B 47 5.78 -5.99 -25.57
CA SER B 47 6.13 -5.11 -26.67
C SER B 47 6.80 -5.87 -27.80
N LEU B 48 7.71 -6.79 -27.47
CA LEU B 48 8.40 -7.55 -28.50
C LEU B 48 7.42 -8.25 -29.43
N THR B 49 6.34 -8.81 -28.88
CA THR B 49 5.35 -9.47 -29.72
C THR B 49 4.80 -8.51 -30.77
N VAL B 50 4.51 -7.27 -30.38
CA VAL B 50 4.05 -6.28 -31.35
C VAL B 50 5.06 -6.14 -32.47
N PHE B 51 6.35 -6.08 -32.13
CA PHE B 51 7.38 -5.99 -33.15
C PHE B 51 7.32 -7.17 -34.10
N MET B 52 7.05 -8.37 -33.57
CA MET B 52 6.94 -9.54 -34.43
C MET B 52 5.88 -9.38 -35.50
N LEU B 53 4.90 -8.49 -35.28
CA LEU B 53 3.89 -8.24 -36.31
C LEU B 53 4.47 -7.37 -37.42
N LEU B 54 5.26 -6.36 -37.08
CA LEU B 54 5.83 -5.46 -38.08
C LEU B 54 6.53 -6.24 -39.19
N VAL B 55 7.54 -7.02 -38.81
CA VAL B 55 8.25 -7.84 -39.80
C VAL B 55 7.27 -8.77 -40.49
N ALA B 56 6.29 -9.31 -39.76
CA ALA B 56 5.32 -10.22 -40.36
C ALA B 56 4.57 -9.58 -41.50
N GLU B 57 4.49 -8.24 -41.55
CA GLU B 57 3.83 -7.56 -42.65
C GLU B 57 4.78 -7.29 -43.82
N ILE B 58 6.08 -7.17 -43.54
CA ILE B 58 7.07 -6.90 -44.59
C ILE B 58 8.04 -8.05 -44.81
N MET B 59 7.98 -9.10 -43.98
CA MET B 59 8.88 -10.25 -44.09
C MET B 59 8.12 -11.50 -43.69
N PRO B 60 7.26 -12.01 -44.57
CA PRO B 60 6.49 -13.23 -44.22
C PRO B 60 7.41 -14.42 -44.06
N SER B 61 7.26 -15.11 -42.92
CA SER B 61 8.10 -16.27 -42.63
C SER B 61 7.88 -17.39 -43.65
N THR B 62 6.73 -17.44 -44.29
CA THR B 62 6.46 -18.50 -45.26
C THR B 62 7.49 -18.49 -46.39
N SER B 63 7.61 -17.35 -47.08
CA SER B 63 8.54 -17.23 -48.19
C SER B 63 9.92 -16.73 -47.79
N ASP B 64 10.05 -16.18 -46.57
CA ASP B 64 11.33 -15.66 -46.12
C ASP B 64 11.79 -16.37 -44.85
N SER B 65 11.69 -17.70 -44.84
CA SER B 65 12.10 -18.51 -43.69
C SER B 65 13.62 -18.57 -43.67
N SER B 66 14.23 -17.56 -43.04
CA SER B 66 15.69 -17.49 -42.95
C SER B 66 16.14 -17.99 -41.58
N PRO B 67 17.05 -18.97 -41.51
CA PRO B 67 17.50 -19.46 -40.20
C PRO B 67 18.51 -18.57 -39.52
N SER B 68 19.20 -17.69 -40.26
CA SER B 68 20.21 -16.83 -39.66
C SER B 68 19.59 -15.92 -38.61
N ILE B 69 18.58 -15.14 -39.00
CA ILE B 69 17.92 -14.23 -38.08
C ILE B 69 16.98 -14.96 -37.12
N ALA B 70 16.59 -16.19 -37.43
CA ALA B 70 15.72 -16.94 -36.54
C ALA B 70 16.40 -17.20 -35.19
N GLN B 71 17.70 -17.48 -35.21
CA GLN B 71 18.43 -17.72 -33.97
C GLN B 71 18.41 -16.47 -33.09
N TYR B 72 18.65 -15.30 -33.68
CA TYR B 72 18.65 -14.06 -32.90
C TYR B 72 17.24 -13.73 -32.40
N PHE B 73 16.22 -14.00 -33.22
CA PHE B 73 14.85 -13.78 -32.78
C PHE B 73 14.52 -14.67 -31.59
N ALA B 74 14.91 -15.94 -31.65
CA ALA B 74 14.67 -16.84 -30.52
C ALA B 74 15.46 -16.41 -29.29
N SER B 75 16.68 -15.94 -29.48
CA SER B 75 17.48 -15.45 -28.35
C SER B 75 16.80 -14.25 -27.69
N THR B 76 16.30 -13.32 -28.49
CA THR B 76 15.59 -12.17 -27.91
C THR B 76 14.32 -12.63 -27.20
N MET B 77 13.57 -13.55 -27.81
CA MET B 77 12.38 -14.08 -27.16
C MET B 77 12.74 -14.80 -25.86
N ILE B 78 13.81 -15.60 -25.89
CA ILE B 78 14.23 -16.32 -24.68
C ILE B 78 14.62 -15.34 -23.58
N ILE B 79 15.28 -14.24 -23.96
CA ILE B 79 15.72 -13.26 -22.96
C ILE B 79 14.51 -12.57 -22.34
N VAL B 80 13.57 -12.10 -23.18
CA VAL B 80 12.41 -11.40 -22.65
C VAL B 80 11.55 -12.36 -21.84
N GLY B 81 11.60 -13.66 -22.13
CA GLY B 81 10.88 -14.62 -21.32
C GLY B 81 11.55 -14.86 -19.97
N LEU B 82 12.86 -15.08 -19.99
CA LEU B 82 13.61 -15.28 -18.75
C LEU B 82 13.57 -14.04 -17.87
N SER B 83 13.33 -12.87 -18.44
CA SER B 83 13.12 -11.67 -17.62
C SER B 83 11.95 -11.88 -16.65
N VAL B 84 10.82 -12.36 -17.18
CA VAL B 84 9.66 -12.61 -16.32
C VAL B 84 9.97 -13.72 -15.33
N VAL B 85 10.77 -14.71 -15.73
CA VAL B 85 11.10 -15.81 -14.82
C VAL B 85 11.92 -15.29 -13.65
N VAL B 86 12.91 -14.44 -13.91
CA VAL B 86 13.72 -13.90 -12.83
C VAL B 86 12.90 -12.95 -11.97
N THR B 87 11.97 -12.20 -12.56
CA THR B 87 11.09 -11.36 -11.75
C THR B 87 10.22 -12.21 -10.83
N VAL B 88 9.72 -13.34 -11.33
CA VAL B 88 8.91 -14.23 -10.51
C VAL B 88 9.76 -14.84 -9.39
N ILE B 89 11.00 -15.20 -9.70
CA ILE B 89 11.89 -15.74 -8.67
C ILE B 89 12.15 -14.67 -7.61
N VAL B 90 12.32 -13.42 -8.02
CA VAL B 90 12.52 -12.34 -7.06
C VAL B 90 11.30 -12.18 -6.18
N LEU B 91 10.11 -12.20 -6.78
CA LEU B 91 8.88 -12.08 -6.00
C LEU B 91 8.76 -13.23 -4.99
N GLN B 92 9.11 -14.45 -5.42
CA GLN B 92 9.02 -15.59 -4.53
C GLN B 92 10.00 -15.48 -3.37
N TYR B 93 11.24 -15.09 -3.66
CA TYR B 93 12.23 -14.93 -2.61
C TYR B 93 11.94 -13.73 -1.72
N HIS B 94 11.12 -12.78 -2.19
CA HIS B 94 10.71 -11.65 -1.37
C HIS B 94 9.50 -11.96 -0.51
N HIS B 95 8.64 -12.88 -0.95
CA HIS B 95 7.45 -13.24 -0.19
C HIS B 95 7.72 -14.41 0.76
N HIS B 96 8.38 -15.46 0.27
CA HIS B 96 8.75 -16.61 1.09
C HIS B 96 7.50 -17.24 1.74
N ASP B 97 6.65 -17.77 0.86
CA ASP B 97 5.43 -18.47 1.28
C ASP B 97 5.75 -19.42 2.43
N PRO B 98 5.11 -19.26 3.60
CA PRO B 98 5.44 -20.14 4.74
C PRO B 98 5.30 -21.63 4.43
N ASP B 99 4.48 -21.97 3.43
CA ASP B 99 4.29 -23.38 3.09
C ASP B 99 5.61 -24.04 2.70
N GLY B 100 6.50 -23.30 2.06
CA GLY B 100 7.79 -23.82 1.66
C GLY B 100 8.90 -22.80 1.82
N GLY B 101 9.74 -22.67 0.81
CA GLY B 101 10.83 -21.71 0.80
C GLY B 101 12.19 -22.38 0.82
N LYS B 102 13.21 -21.56 0.59
CA LYS B 102 14.58 -22.03 0.58
C LYS B 102 15.10 -22.20 2.00
N MET B 103 16.11 -23.06 2.13
CA MET B 103 16.73 -23.31 3.42
C MET B 103 17.19 -21.99 4.05
N PRO B 104 16.73 -21.64 5.25
CA PRO B 104 17.12 -20.33 5.82
C PRO B 104 18.62 -20.17 5.99
N LYS B 105 19.29 -21.08 6.68
CA LYS B 105 20.70 -20.90 7.01
C LYS B 105 21.59 -21.11 5.79
N TRP B 106 21.28 -22.12 4.97
CA TRP B 106 22.10 -22.39 3.79
C TRP B 106 22.10 -21.20 2.84
N THR B 107 20.97 -20.50 2.73
CA THR B 107 20.90 -19.33 1.88
C THR B 107 21.48 -18.10 2.57
N ARG B 108 21.28 -18.00 3.88
CA ARG B 108 21.80 -16.84 4.62
C ARG B 108 23.32 -16.82 4.60
N VAL B 109 23.96 -17.98 4.64
CA VAL B 109 25.42 -18.03 4.58
C VAL B 109 25.92 -17.46 3.26
N ILE B 110 25.33 -17.91 2.15
CA ILE B 110 25.73 -17.42 0.84
C ILE B 110 25.42 -15.94 0.71
N LEU B 111 24.31 -15.48 1.31
CA LEU B 111 23.96 -14.07 1.24
C LEU B 111 24.97 -13.23 2.00
N LEU B 112 25.38 -13.66 3.19
CA LEU B 112 26.40 -12.95 3.95
C LEU B 112 27.72 -12.94 3.20
N ASN B 113 28.05 -14.04 2.53
CA ASN B 113 29.28 -14.08 1.75
C ASN B 113 29.23 -13.09 0.59
N TRP B 114 28.11 -13.05 -0.13
CA TRP B 114 27.96 -12.12 -1.24
C TRP B 114 27.94 -10.68 -0.77
N CYS B 115 27.43 -10.41 0.44
CA CYS B 115 27.43 -9.05 0.96
C CYS B 115 28.84 -8.50 1.03
N ALA B 116 29.81 -9.34 1.41
CA ALA B 116 31.20 -8.91 1.45
C ALA B 116 31.87 -9.00 0.09
N TRP B 117 31.49 -9.98 -0.73
CA TRP B 117 32.10 -10.12 -2.05
C TRP B 117 31.70 -9.00 -2.99
N PHE B 118 30.57 -8.33 -2.75
CA PHE B 118 30.12 -7.25 -3.63
C PHE B 118 30.97 -6.00 -3.39
N LEU B 119 31.13 -5.59 -2.15
CA LEU B 119 31.93 -4.40 -1.83
C LEU B 119 33.42 -4.71 -1.89
N ARG B 120 33.87 -5.70 -1.12
CA ARG B 120 35.26 -6.12 -1.10
C ARG B 120 35.35 -7.44 -1.86
N MET B 121 35.58 -7.33 -3.17
CA MET B 121 35.65 -8.53 -4.00
C MET B 121 36.80 -9.42 -3.56
N LYS B 122 36.59 -10.73 -3.71
CA LYS B 122 37.60 -11.73 -3.33
C LYS B 122 38.68 -11.76 -4.41
N ARG B 123 39.61 -10.82 -4.28
CA ARG B 123 40.72 -10.69 -5.23
C ARG B 123 41.90 -10.07 -4.51
N PRO B 124 43.10 -10.19 -5.07
CA PRO B 124 44.27 -9.60 -4.39
C PRO B 124 44.16 -8.10 -4.20
N GLY B 125 43.55 -7.40 -5.15
CA GLY B 125 43.45 -5.95 -5.06
C GLY B 125 42.74 -5.49 -3.80
N GLU B 126 41.81 -6.29 -3.29
CA GLU B 126 41.06 -5.95 -2.09
C GLU B 126 41.59 -6.65 -0.84
N ASP B 127 42.41 -7.68 -1.00
CA ASP B 127 42.94 -8.42 0.15
C ASP B 127 44.29 -7.88 0.60
N LYS B 128 45.15 -7.49 -0.34
CA LYS B 128 46.47 -6.98 0.00
C LYS B 128 46.45 -5.49 0.31
N VAL B 129 45.58 -4.72 -0.34
CA VAL B 129 45.50 -3.28 -0.14
C VAL B 129 44.53 -3.07 1.02
N ARG B 130 45.05 -3.13 2.24
CA ARG B 130 44.25 -2.93 3.44
C ARG B 130 45.21 -2.86 4.63
N PRO B 131 44.74 -2.34 5.78
CA PRO B 131 45.61 -2.27 6.95
C PRO B 131 46.12 -3.64 7.37
N ALA B 132 47.38 -3.69 7.76
CA ALA B 132 48.01 -4.94 8.19
C ALA B 132 49.09 -4.62 9.20
N CYS B 133 49.31 -5.55 10.14
CA CYS B 133 50.32 -5.37 11.16
C CYS B 133 50.69 -6.73 11.73
N GLN B 134 51.91 -6.84 12.24
CA GLN B 134 52.39 -8.09 12.83
C GLN B 134 51.93 -8.27 14.26
N HIS B 135 51.46 -7.20 14.92
CA HIS B 135 51.01 -7.31 16.29
C HIS B 135 49.92 -8.36 16.42
N LYS B 136 49.74 -8.87 17.65
CA LYS B 136 48.76 -9.91 17.91
C LYS B 136 47.33 -9.42 17.81
N GLN B 137 47.11 -8.11 17.59
CA GLN B 137 45.75 -7.59 17.47
C GLN B 137 45.01 -8.16 16.27
N ARG B 138 45.74 -8.68 15.28
CA ARG B 138 45.13 -9.27 14.10
C ARG B 138 45.07 -10.79 14.14
N ARG B 139 45.45 -11.40 15.27
CA ARG B 139 45.42 -12.85 15.40
C ARG B 139 44.09 -13.30 16.00
N CYS B 140 43.87 -14.61 15.98
CA CYS B 140 42.66 -15.21 16.51
C CYS B 140 42.99 -16.06 17.72
N SER B 141 41.95 -16.42 18.47
CA SER B 141 42.10 -17.22 19.68
C SER B 141 40.86 -18.09 19.83
N LEU B 142 40.87 -18.96 20.84
CA LEU B 142 39.74 -19.83 21.09
C LEU B 142 38.50 -19.06 21.49
N ALA B 143 38.69 -17.89 22.12
CA ALA B 143 37.56 -17.08 22.53
C ALA B 143 36.96 -16.27 21.38
N SER B 144 37.78 -15.90 20.40
CA SER B 144 37.28 -15.11 19.27
C SER B 144 36.67 -16.00 18.19
N VAL B 145 37.15 -17.24 18.05
CA VAL B 145 36.62 -18.14 17.03
C VAL B 145 35.32 -18.74 17.54
N GLU B 146 34.27 -18.66 16.71
CA GLU B 146 32.96 -19.18 17.04
C GLU B 146 32.58 -20.37 16.16
N MET B 147 33.57 -21.14 15.73
CA MET B 147 33.33 -22.31 14.88
C MET B 147 32.91 -23.54 15.66
N SER B 148 32.58 -23.40 16.95
CA SER B 148 32.16 -24.52 17.78
C SER B 148 30.71 -24.36 18.23
N ALA B 149 29.90 -23.58 17.51
CA ALA B 149 28.50 -23.37 17.85
C ALA B 149 28.37 -22.78 19.26
N VAL B 150 29.05 -21.68 19.49
CA VAL B 150 29.05 -20.98 20.78
C VAL B 150 28.69 -19.52 20.55
N ALA B 151 28.61 -18.77 21.64
CA ALA B 151 28.28 -17.36 21.56
C ALA B 151 29.37 -16.60 20.81
N PRO B 152 29.06 -15.92 19.71
CA PRO B 152 30.09 -15.15 18.99
C PRO B 152 30.73 -14.12 19.90
N PRO B 153 31.83 -13.51 19.47
CA PRO B 153 32.49 -12.52 20.32
C PRO B 153 31.56 -11.35 20.61
N PRO B 154 31.73 -10.69 21.76
CA PRO B 154 30.87 -9.55 22.10
C PRO B 154 31.26 -8.31 21.31
N ALA B 155 30.41 -7.92 20.37
CA ALA B 155 30.64 -6.74 19.55
C ALA B 155 29.35 -5.98 19.37
N SER B 156 29.47 -4.71 18.97
CA SER B 156 28.32 -3.84 18.75
C SER B 156 27.80 -3.90 17.32
N ASN B 157 28.35 -4.78 16.49
CA ASN B 157 27.92 -4.91 15.10
C ASN B 157 26.73 -5.86 14.93
N GLY B 158 26.08 -6.24 16.02
CA GLY B 158 24.94 -7.14 15.96
C GLY B 158 25.18 -8.45 16.66
N ASN B 159 26.12 -8.46 17.62
CA ASN B 159 26.45 -9.65 18.38
C ASN B 159 26.07 -9.52 19.85
N LEU B 160 26.53 -8.48 20.53
CA LEU B 160 26.21 -8.30 21.95
C LEU B 160 24.72 -8.08 22.14
N LEU B 161 24.14 -7.14 21.39
CA LEU B 161 22.71 -6.88 21.51
C LEU B 161 21.89 -8.10 21.12
N TYR B 162 22.38 -8.87 20.13
CA TYR B 162 21.67 -10.08 19.73
C TYR B 162 21.67 -11.10 20.86
N ILE B 163 22.84 -11.40 21.42
CA ILE B 163 22.92 -12.35 22.52
C ILE B 163 22.12 -11.86 23.72
N GLY B 164 21.98 -10.54 23.87
CA GLY B 164 21.22 -10.02 24.99
C GLY B 164 19.72 -10.18 24.81
N PHE B 165 19.21 -9.73 23.67
CA PHE B 165 17.76 -9.74 23.44
C PHE B 165 17.28 -11.11 22.99
N ARG B 166 17.78 -11.60 21.84
CA ARG B 166 17.33 -12.87 21.30
C ARG B 166 17.99 -14.05 21.99
N GLY B 167 19.15 -13.87 22.61
CA GLY B 167 19.84 -14.95 23.28
C GLY B 167 19.30 -15.20 24.68
N LEU B 168 18.08 -15.72 24.75
CA LEU B 168 17.46 -16.00 26.05
C LEU B 168 18.27 -17.05 26.80
N ASP B 169 18.01 -17.12 28.11
CA ASP B 169 18.69 -18.07 29.00
C ASP B 169 20.20 -17.84 29.04
N GLY B 170 20.66 -16.66 28.64
CA GLY B 170 22.07 -16.33 28.64
C GLY B 170 22.49 -15.58 29.89
N VAL B 171 23.63 -14.92 29.79
CA VAL B 171 24.16 -14.15 30.93
C VAL B 171 23.35 -12.88 31.12
N HIS B 172 22.77 -12.34 30.04
CA HIS B 172 21.98 -11.11 30.15
C HIS B 172 20.71 -11.32 30.96
N CYS B 173 20.15 -12.53 30.92
CA CYS B 173 18.93 -12.81 31.67
C CYS B 173 19.18 -13.14 33.13
N VAL B 174 20.38 -13.59 33.47
CA VAL B 174 20.73 -13.92 34.85
C VAL B 174 22.12 -13.39 35.15
N PRO B 175 22.33 -12.07 35.16
CA PRO B 175 23.66 -11.51 35.46
C PRO B 175 23.96 -11.49 36.96
N THR B 176 23.91 -12.66 37.59
CA THR B 176 24.15 -12.82 39.02
C THR B 176 25.28 -13.83 39.21
N PRO B 177 26.51 -13.44 38.91
CA PRO B 177 27.64 -14.38 39.10
C PRO B 177 27.96 -14.57 40.57
N ASP B 178 28.90 -15.48 40.82
CA ASP B 178 29.33 -15.80 42.18
C ASP B 178 30.26 -14.69 42.67
N SER B 179 29.64 -13.62 43.16
CA SER B 179 30.37 -12.46 43.67
C SER B 179 29.97 -12.10 45.09
N GLY B 180 28.70 -12.26 45.45
CA GLY B 180 28.26 -11.93 46.79
C GLY B 180 27.99 -10.47 47.02
N VAL B 181 27.65 -9.72 45.97
CA VAL B 181 27.37 -8.29 46.11
C VAL B 181 25.97 -8.01 46.62
N VAL B 182 25.10 -9.01 46.67
CA VAL B 182 23.73 -8.81 47.14
C VAL B 182 23.70 -8.59 48.65
N CYS B 183 24.77 -8.92 49.36
CA CYS B 183 24.84 -8.75 50.81
C CYS B 183 26.11 -8.08 51.28
N GLY B 184 27.05 -7.77 50.40
CA GLY B 184 28.30 -7.14 50.78
C GLY B 184 28.45 -5.75 50.22
N ARG B 185 27.84 -5.49 49.07
CA ARG B 185 27.90 -4.19 48.43
C ARG B 185 26.51 -3.55 48.42
N MET B 186 26.49 -2.22 48.50
CA MET B 186 25.25 -1.45 48.50
C MET B 186 25.09 -0.61 47.24
N ALA B 187 25.74 -0.99 46.16
CA ALA B 187 25.64 -0.26 44.89
C ALA B 187 24.31 -0.62 44.24
N CYS B 188 23.28 0.16 44.57
CA CYS B 188 21.93 -0.06 44.04
C CYS B 188 21.43 -1.46 44.35
N SER B 189 21.82 -2.01 45.50
CA SER B 189 21.42 -3.35 45.91
C SER B 189 21.46 -3.43 47.42
N PRO B 190 20.35 -3.13 48.10
CA PRO B 190 20.33 -3.20 49.56
C PRO B 190 20.71 -4.59 50.05
N THR B 191 21.40 -4.63 51.19
CA THR B 191 21.88 -5.88 51.78
C THR B 191 20.69 -6.58 52.44
N HIS B 192 19.95 -7.33 51.63
CA HIS B 192 18.78 -8.10 52.07
C HIS B 192 17.91 -7.30 53.04
N ASP B 193 17.76 -6.00 52.77
CA ASP B 193 16.94 -5.14 53.62
C ASP B 193 15.48 -5.31 53.25
N GLU B 194 14.72 -5.99 54.11
CA GLU B 194 13.30 -6.22 53.85
C GLU B 194 12.41 -5.10 54.38
N HIS B 195 12.90 -4.29 55.31
CA HIS B 195 12.14 -3.19 55.88
C HIS B 195 12.64 -1.83 55.38
N LEU B 196 13.10 -1.79 54.13
CA LEU B 196 13.60 -0.54 53.54
C LEU B 196 12.42 0.37 53.25
N LEU B 197 12.18 1.34 54.12
CA LEU B 197 11.09 2.30 53.99
C LEU B 197 11.69 3.68 53.79
N HIS B 198 11.69 4.16 52.55
CA HIS B 198 12.22 5.48 52.20
C HIS B 198 11.20 6.53 52.63
N GLY B 199 11.19 6.82 53.93
CA GLY B 199 10.26 7.81 54.47
C GLY B 199 8.81 7.50 54.18
N GLY B 200 8.44 6.23 54.16
CA GLY B 200 7.07 5.81 53.90
C GLY B 200 6.88 5.10 52.58
N GLN B 201 7.88 5.10 51.69
CA GLN B 201 7.77 4.44 50.40
C GLN B 201 8.40 3.06 50.49
N PRO B 202 7.64 1.98 50.40
CA PRO B 202 8.24 0.64 50.46
C PRO B 202 9.08 0.38 49.23
N PRO B 203 9.71 -0.81 49.15
CA PRO B 203 10.52 -1.13 47.96
C PRO B 203 9.65 -1.40 46.74
N GLU B 204 9.22 -0.33 46.08
CA GLU B 204 8.38 -0.41 44.87
C GLU B 204 7.28 -1.46 45.05
N GLY B 205 6.59 -1.38 46.17
CA GLY B 205 5.49 -2.29 46.46
C GLY B 205 4.16 -1.78 45.96
N ASP B 206 4.09 -1.47 44.66
CA ASP B 206 2.88 -0.95 44.03
C ASP B 206 2.42 -1.95 42.96
N PRO B 207 1.51 -2.86 43.30
CA PRO B 207 1.05 -3.84 42.29
C PRO B 207 0.49 -3.19 41.03
N ASP B 208 -0.11 -2.00 41.16
CA ASP B 208 -0.62 -1.31 39.97
C ASP B 208 0.50 -1.02 38.98
N LEU B 209 1.61 -0.48 39.48
CA LEU B 209 2.76 -0.22 38.61
C LEU B 209 3.32 -1.53 38.05
N ALA B 210 3.21 -2.62 38.80
CA ALA B 210 3.68 -3.91 38.29
C ALA B 210 2.89 -4.35 37.07
N LYS B 211 1.58 -4.13 37.08
CA LYS B 211 0.75 -4.47 35.93
C LYS B 211 0.93 -3.47 34.79
N ILE B 212 1.13 -2.20 35.11
CA ILE B 212 1.42 -1.20 34.08
C ILE B 212 2.69 -1.59 33.33
N LEU B 213 3.74 -1.96 34.08
CA LEU B 213 4.99 -2.38 33.46
C LEU B 213 4.80 -3.67 32.67
N GLU B 214 3.95 -4.57 33.15
CA GLU B 214 3.69 -5.81 32.42
C GLU B 214 3.06 -5.51 31.06
N GLU B 215 2.06 -4.63 31.05
CA GLU B 215 1.41 -4.27 29.79
C GLU B 215 2.36 -3.52 28.89
N VAL B 216 3.21 -2.66 29.46
CA VAL B 216 4.21 -1.94 28.67
C VAL B 216 5.16 -2.93 28.01
N ARG B 217 5.59 -3.94 28.76
CA ARG B 217 6.49 -4.96 28.20
C ARG B 217 5.78 -5.80 27.15
N TYR B 218 4.48 -6.04 27.32
CA TYR B 218 3.72 -6.78 26.31
C TYR B 218 3.67 -6.00 25.00
N ILE B 219 3.34 -4.71 25.07
CA ILE B 219 3.29 -3.91 23.85
C ILE B 219 4.70 -3.76 23.25
N ALA B 220 5.72 -3.70 24.10
CA ALA B 220 7.09 -3.64 23.60
C ALA B 220 7.47 -4.93 22.88
N ASN B 221 7.02 -6.08 23.39
CA ASN B 221 7.28 -7.34 22.71
C ASN B 221 6.51 -7.41 21.39
N ARG B 222 5.30 -6.87 21.34
CA ARG B 222 4.57 -6.78 20.08
C ARG B 222 5.33 -5.94 19.07
N PHE B 223 5.83 -4.77 19.51
CA PHE B 223 6.61 -3.92 18.62
C PHE B 223 7.88 -4.61 18.18
N ARG B 224 8.50 -5.39 19.06
CA ARG B 224 9.72 -6.12 18.71
C ARG B 224 9.42 -7.20 17.68
N CYS B 225 8.28 -7.87 17.81
CA CYS B 225 7.89 -8.85 16.79
C CYS B 225 7.62 -8.17 15.46
N GLN B 226 7.00 -7.00 15.47
CA GLN B 226 6.79 -6.25 14.24
C GLN B 226 8.13 -5.87 13.61
N ASP B 227 9.08 -5.41 14.43
CA ASP B 227 10.40 -5.06 13.91
C ASP B 227 11.12 -6.28 13.36
N GLU B 228 10.95 -7.43 14.01
CA GLU B 228 11.55 -8.66 13.49
C GLU B 228 10.96 -9.04 12.15
N SER B 229 9.63 -8.90 12.00
CA SER B 229 9.01 -9.17 10.71
C SER B 229 9.52 -8.22 9.64
N GLU B 230 9.67 -6.93 9.99
CA GLU B 230 10.20 -5.97 9.05
C GLU B 230 11.63 -6.30 8.64
N ALA B 231 12.44 -6.74 9.61
CA ALA B 231 13.82 -7.12 9.31
C ALA B 231 13.87 -8.37 8.43
N VAL B 232 12.96 -9.31 8.66
CA VAL B 232 12.91 -10.50 7.82
C VAL B 232 12.51 -10.11 6.40
N CYS B 233 11.56 -9.18 6.26
CA CYS B 233 11.17 -8.71 4.93
C CYS B 233 12.34 -8.01 4.24
N SER B 234 13.09 -7.20 4.98
CA SER B 234 14.25 -6.53 4.41
C SER B 234 15.32 -7.53 3.98
N GLU B 235 15.52 -8.58 4.78
CA GLU B 235 16.48 -9.62 4.42
C GLU B 235 16.04 -10.35 3.17
N TRP B 236 14.74 -10.64 3.06
CA TRP B 236 14.23 -11.28 1.84
C TRP B 236 14.41 -10.39 0.63
N LYS B 237 14.17 -9.07 0.79
CA LYS B 237 14.39 -8.15 -0.31
C LYS B 237 15.86 -8.11 -0.73
N PHE B 238 16.77 -8.09 0.25
CA PHE B 238 18.20 -8.08 -0.06
C PHE B 238 18.64 -9.37 -0.71
N ALA B 239 18.01 -10.49 -0.35
CA ALA B 239 18.34 -11.77 -0.96
C ALA B 239 17.80 -11.86 -2.38
N ALA B 240 16.64 -11.26 -2.64
CA ALA B 240 16.10 -11.24 -3.99
C ALA B 240 16.86 -10.28 -4.90
N CYS B 241 17.39 -9.19 -4.34
CA CYS B 241 18.19 -8.27 -5.13
C CYS B 241 19.53 -8.89 -5.53
N VAL B 242 20.05 -9.78 -4.69
CA VAL B 242 21.28 -10.49 -5.05
C VAL B 242 21.05 -11.35 -6.28
N VAL B 243 19.87 -11.97 -6.39
CA VAL B 243 19.54 -12.76 -7.57
C VAL B 243 19.51 -11.88 -8.80
N ASP B 244 18.92 -10.69 -8.69
CA ASP B 244 18.89 -9.76 -9.82
C ASP B 244 20.30 -9.35 -10.21
N ARG B 245 21.15 -9.05 -9.23
CA ARG B 245 22.52 -8.65 -9.55
C ARG B 245 23.27 -9.79 -10.25
N LEU B 246 23.10 -11.02 -9.76
CA LEU B 246 23.76 -12.16 -10.39
C LEU B 246 23.25 -12.36 -11.81
N CYS B 247 21.93 -12.27 -12.02
CA CYS B 247 21.37 -12.42 -13.36
C CYS B 247 21.91 -11.35 -14.29
N LEU B 248 22.02 -10.10 -13.81
CA LEU B 248 22.55 -9.03 -14.64
C LEU B 248 24.01 -9.30 -15.00
N MET B 249 24.83 -9.67 -14.02
CA MET B 249 26.24 -9.93 -14.27
C MET B 249 26.42 -11.10 -15.22
N ALA B 250 25.50 -12.08 -15.19
CA ALA B 250 25.60 -13.22 -16.09
C ALA B 250 25.15 -12.87 -17.50
N PHE B 251 24.05 -12.13 -17.63
CA PHE B 251 23.48 -11.82 -18.94
C PHE B 251 24.20 -10.67 -19.63
N SER B 252 25.02 -9.89 -18.92
CA SER B 252 25.75 -8.81 -19.58
C SER B 252 26.66 -9.36 -20.68
N VAL B 253 27.48 -10.36 -20.35
CA VAL B 253 28.40 -10.93 -21.34
C VAL B 253 27.62 -11.61 -22.45
N PHE B 254 26.50 -12.25 -22.11
CA PHE B 254 25.70 -12.91 -23.13
C PHE B 254 25.15 -11.91 -24.13
N THR B 255 24.61 -10.79 -23.64
CA THR B 255 24.08 -9.76 -24.53
C THR B 255 25.21 -9.13 -25.34
N ILE B 256 26.39 -8.95 -24.74
CA ILE B 256 27.51 -8.38 -25.48
C ILE B 256 27.91 -9.31 -26.62
N ILE B 257 27.99 -10.62 -26.35
CA ILE B 257 28.35 -11.57 -27.37
C ILE B 257 27.28 -11.61 -28.46
N CYS B 258 26.01 -11.54 -28.09
CA CYS B 258 24.94 -11.54 -29.08
C CYS B 258 25.02 -10.31 -29.97
N THR B 259 25.27 -9.14 -29.39
CA THR B 259 25.39 -7.93 -30.18
C THR B 259 26.60 -7.99 -31.10
N ILE B 260 27.71 -8.57 -30.62
CA ILE B 260 28.89 -8.70 -31.46
C ILE B 260 28.63 -9.64 -32.63
N GLY B 261 27.92 -10.75 -32.36
CA GLY B 261 27.60 -11.68 -33.42
C GLY B 261 26.64 -11.11 -34.44
N ILE B 262 25.67 -10.32 -33.98
CA ILE B 262 24.72 -9.69 -34.90
C ILE B 262 25.46 -8.79 -35.89
N LEU B 263 26.54 -8.15 -35.44
CA LEU B 263 27.32 -7.30 -36.33
C LEU B 263 28.26 -8.13 -37.21
N MET B 264 28.85 -9.19 -36.64
CA MET B 264 29.75 -10.03 -37.43
C MET B 264 29.00 -10.80 -38.51
N SER B 265 27.75 -11.18 -38.25
CA SER B 265 26.95 -11.94 -39.20
C SER B 265 26.09 -11.04 -40.08
N ALA B 266 26.11 -9.73 -39.87
CA ALA B 266 25.30 -8.84 -40.69
C ALA B 266 25.66 -8.91 -42.18
N PRO B 267 26.93 -8.94 -42.58
CA PRO B 267 27.23 -9.03 -44.02
C PRO B 267 26.65 -10.26 -44.67
N ASN B 268 26.56 -11.38 -43.95
CA ASN B 268 26.01 -12.60 -44.54
C ASN B 268 24.53 -12.45 -44.85
N PHE B 269 23.77 -11.85 -43.93
CA PHE B 269 22.33 -11.70 -44.16
C PHE B 269 22.04 -10.62 -45.19
N VAL B 270 22.79 -9.52 -45.14
CA VAL B 270 22.58 -8.41 -46.08
C VAL B 270 23.86 -7.60 -46.20
N LEU C 7 -5.62 13.97 -47.00
CA LEU C 7 -5.67 14.95 -45.93
C LEU C 7 -5.59 14.28 -44.57
N TYR C 8 -6.26 13.14 -44.44
CA TYR C 8 -6.27 12.40 -43.18
C TYR C 8 -4.88 11.87 -42.82
N TYR C 9 -4.01 11.66 -43.81
CA TYR C 9 -2.67 11.14 -43.53
C TYR C 9 -1.88 12.12 -42.68
N GLY C 10 -1.94 13.41 -43.03
CA GLY C 10 -1.20 14.40 -42.26
C GLY C 10 -1.64 14.45 -40.81
N LEU C 11 -2.96 14.45 -40.58
CA LEU C 11 -3.46 14.47 -39.21
C LEU C 11 -3.11 13.20 -38.46
N ASN C 12 -3.25 12.04 -39.11
CA ASN C 12 -2.93 10.77 -38.48
C ASN C 12 -1.43 10.66 -38.16
N LEU C 13 -0.58 11.37 -38.89
CA LEU C 13 0.85 11.37 -38.59
C LEU C 13 1.23 12.43 -37.56
N LEU C 14 0.49 13.53 -37.49
CA LEU C 14 0.84 14.63 -36.59
C LEU C 14 0.26 14.44 -35.19
N ILE C 15 -1.04 14.13 -35.09
CA ILE C 15 -1.68 14.08 -33.77
C ILE C 15 -1.01 13.06 -32.86
N PRO C 16 -0.76 11.81 -33.27
CA PRO C 16 -0.15 10.86 -32.35
C PRO C 16 1.23 11.28 -31.86
N CYS C 17 2.07 11.83 -32.74
CA CYS C 17 3.40 12.25 -32.33
C CYS C 17 3.34 13.36 -31.30
N VAL C 18 2.52 14.38 -31.55
CA VAL C 18 2.40 15.49 -30.61
C VAL C 18 1.82 15.00 -29.28
N LEU C 19 0.84 14.11 -29.35
CA LEU C 19 0.26 13.57 -28.12
C LEU C 19 1.29 12.80 -27.30
N ILE C 20 2.09 11.95 -27.97
CA ILE C 20 3.10 11.18 -27.27
C ILE C 20 4.15 12.11 -26.67
N SER C 21 4.53 13.16 -27.40
CA SER C 21 5.51 14.10 -26.88
C SER C 21 4.98 14.81 -25.64
N ALA C 22 3.73 15.28 -25.70
CA ALA C 22 3.13 15.94 -24.55
C ALA C 22 3.03 14.99 -23.36
N LEU C 23 2.66 13.74 -23.60
CA LEU C 23 2.56 12.77 -22.51
C LEU C 23 3.92 12.49 -21.90
N ALA C 24 4.95 12.36 -22.73
CA ALA C 24 6.30 12.16 -22.19
C ALA C 24 6.76 13.35 -21.37
N LEU C 25 6.48 14.57 -21.86
CA LEU C 25 6.85 15.76 -21.10
C LEU C 25 6.13 15.81 -19.77
N LEU C 26 4.83 15.47 -19.76
CA LEU C 26 4.08 15.47 -18.51
C LEU C 26 4.59 14.42 -17.55
N VAL C 27 4.93 13.24 -18.06
CA VAL C 27 5.47 12.18 -17.19
C VAL C 27 6.80 12.61 -16.61
N PHE C 28 7.65 13.27 -17.41
CA PHE C 28 8.91 13.78 -16.89
C PHE C 28 8.71 14.92 -15.91
N LEU C 29 7.60 15.64 -16.01
CA LEU C 29 7.29 16.71 -15.07
C LEU C 29 6.81 16.17 -13.73
N LEU C 30 6.25 14.95 -13.70
CA LEU C 30 5.77 14.38 -12.45
C LEU C 30 6.94 14.03 -11.54
N PRO C 31 6.71 13.97 -10.23
CA PRO C 31 7.77 13.59 -9.30
C PRO C 31 7.91 12.07 -9.23
N ALA C 32 8.80 11.62 -8.35
CA ALA C 32 9.05 10.19 -8.14
C ALA C 32 7.89 9.61 -7.33
N ASP C 33 6.82 9.29 -8.03
CA ASP C 33 5.61 8.74 -7.42
C ASP C 33 5.63 7.22 -7.53
N SER C 34 4.51 6.59 -7.16
CA SER C 34 4.37 5.15 -7.22
C SER C 34 4.09 4.73 -8.66
N GLY C 35 3.67 3.47 -8.85
CA GLY C 35 3.39 2.98 -10.19
C GLY C 35 2.43 3.86 -10.97
N GLU C 36 1.60 4.64 -10.27
CA GLU C 36 0.66 5.53 -10.94
C GLU C 36 1.31 6.28 -12.09
N LYS C 37 2.53 6.76 -11.88
CA LYS C 37 3.28 7.44 -12.93
C LYS C 37 4.08 6.47 -13.80
N ILE C 38 4.67 5.45 -13.17
CA ILE C 38 5.52 4.51 -13.92
C ILE C 38 4.75 3.90 -15.08
N SER C 39 3.51 3.47 -14.83
CA SER C 39 2.69 2.91 -15.89
C SER C 39 2.64 3.83 -17.09
N LEU C 40 2.48 5.13 -16.87
CA LEU C 40 2.47 6.08 -17.98
C LEU C 40 3.75 5.98 -18.80
N GLY C 41 4.90 5.98 -18.11
CA GLY C 41 6.17 5.84 -18.80
C GLY C 41 6.27 4.60 -19.65
N ILE C 42 5.43 3.61 -19.40
CA ILE C 42 5.41 2.40 -20.23
C ILE C 42 4.49 2.58 -21.43
N THR C 43 3.36 3.27 -21.24
CA THR C 43 2.40 3.43 -22.33
C THR C 43 3.06 4.13 -23.52
N VAL C 44 3.80 5.21 -23.26
CA VAL C 44 4.47 5.94 -24.33
C VAL C 44 5.37 5.01 -25.13
N LEU C 45 5.89 3.95 -24.50
CA LEU C 45 6.72 2.99 -25.18
C LEU C 45 5.92 1.90 -25.88
N LEU C 46 4.75 1.54 -25.34
CA LEU C 46 3.95 0.49 -25.94
C LEU C 46 3.03 1.05 -27.03
N SER C 47 2.27 2.10 -26.71
CA SER C 47 1.33 2.67 -27.68
C SER C 47 2.03 2.98 -29.00
N LEU C 48 3.24 3.56 -28.93
CA LEU C 48 3.95 3.91 -30.15
C LEU C 48 4.09 2.70 -31.08
N THR C 49 4.40 1.53 -30.52
CA THR C 49 4.54 0.33 -31.34
C THR C 49 3.27 0.09 -32.14
N VAL C 50 2.10 0.23 -31.50
CA VAL C 50 0.84 0.07 -32.23
C VAL C 50 0.79 1.01 -33.42
N PHE C 51 1.21 2.26 -33.21
CA PHE C 51 1.24 3.22 -34.32
C PHE C 51 2.11 2.72 -35.45
N MET C 52 3.26 2.10 -35.11
CA MET C 52 4.14 1.57 -36.15
C MET C 52 3.43 0.56 -37.04
N LEU C 53 2.36 -0.08 -36.55
CA LEU C 53 1.60 -1.00 -37.38
C LEU C 53 0.76 -0.23 -38.40
N LEU C 54 0.14 0.86 -37.98
CA LEU C 54 -0.72 1.64 -38.87
C LEU C 54 0.02 1.97 -40.17
N VAL C 55 1.12 2.71 -40.06
CA VAL C 55 1.91 3.05 -41.23
C VAL C 55 2.34 1.78 -41.97
N ALA C 56 2.67 0.73 -41.22
CA ALA C 56 3.10 -0.52 -41.84
C ALA C 56 2.04 -1.09 -42.78
N GLU C 57 0.77 -0.72 -42.58
CA GLU C 57 -0.29 -1.18 -43.48
C GLU C 57 -0.46 -0.26 -44.68
N ILE C 58 -0.12 1.02 -44.55
CA ILE C 58 -0.27 1.98 -45.63
C ILE C 58 1.07 2.49 -46.15
N MET C 59 2.18 2.14 -45.51
CA MET C 59 3.50 2.61 -45.93
C MET C 59 4.51 1.50 -45.67
N PRO C 60 4.55 0.48 -46.52
CA PRO C 60 5.50 -0.62 -46.31
C PRO C 60 6.93 -0.13 -46.47
N SER C 61 7.76 -0.44 -45.46
CA SER C 61 9.15 -0.01 -45.49
C SER C 61 9.91 -0.64 -46.65
N THR C 62 9.46 -1.79 -47.13
CA THR C 62 10.14 -2.46 -48.23
C THR C 62 10.23 -1.56 -49.45
N SER C 63 9.08 -1.09 -49.93
CA SER C 63 9.03 -0.23 -51.11
C SER C 63 9.10 1.25 -50.78
N ASP C 64 8.86 1.63 -49.53
CA ASP C 64 8.85 3.04 -49.13
C ASP C 64 9.91 3.30 -48.06
N SER C 65 11.12 2.76 -48.25
CA SER C 65 12.21 2.96 -47.30
C SER C 65 12.75 4.37 -47.47
N SER C 66 12.13 5.32 -46.77
CA SER C 66 12.53 6.72 -46.82
C SER C 66 13.40 7.07 -45.63
N PRO C 67 14.61 7.59 -45.82
CA PRO C 67 15.46 7.93 -44.67
C PRO C 67 15.08 9.22 -43.98
N SER C 68 14.37 10.12 -44.64
CA SER C 68 13.99 11.40 -44.02
C SER C 68 13.15 11.16 -42.78
N ILE C 69 12.04 10.44 -42.92
CA ILE C 69 11.18 10.17 -41.78
C ILE C 69 11.75 9.10 -40.85
N ALA C 70 12.73 8.32 -41.33
CA ALA C 70 13.33 7.29 -40.49
C ALA C 70 14.05 7.91 -39.30
N GLN C 71 14.72 9.05 -39.52
CA GLN C 71 15.42 9.72 -38.42
C GLN C 71 14.44 10.17 -37.35
N TYR C 72 13.30 10.74 -37.75
CA TYR C 72 12.31 11.19 -36.78
C TYR C 72 11.67 10.01 -36.07
N PHE C 73 11.43 8.92 -36.79
CA PHE C 73 10.88 7.72 -36.16
C PHE C 73 11.84 7.18 -35.11
N ALA C 74 13.13 7.12 -35.43
CA ALA C 74 14.12 6.66 -34.47
C ALA C 74 14.22 7.60 -33.28
N SER C 75 14.11 8.91 -33.52
CA SER C 75 14.15 9.87 -32.44
C SER C 75 12.96 9.68 -31.49
N THR C 76 11.77 9.48 -32.05
CA THR C 76 10.60 9.21 -31.22
C THR C 76 10.77 7.91 -30.44
N MET C 77 11.26 6.86 -31.11
CA MET C 77 11.51 5.60 -30.43
C MET C 77 12.55 5.77 -29.33
N ILE C 78 13.62 6.51 -29.61
CA ILE C 78 14.66 6.73 -28.61
C ILE C 78 14.10 7.49 -27.42
N ILE C 79 13.22 8.46 -27.67
CA ILE C 79 12.65 9.24 -26.58
C ILE C 79 11.74 8.38 -25.71
N VAL C 80 10.85 7.60 -26.34
CA VAL C 80 9.95 6.76 -25.57
C VAL C 80 10.73 5.68 -24.83
N GLY C 81 11.88 5.28 -25.35
CA GLY C 81 12.70 4.31 -24.63
C GLY C 81 13.41 4.95 -23.44
N LEU C 82 14.03 6.11 -23.64
CA LEU C 82 14.69 6.82 -22.56
C LEU C 82 13.71 7.23 -21.47
N SER C 83 12.43 7.37 -21.81
CA SER C 83 11.43 7.62 -20.77
C SER C 83 11.44 6.50 -19.73
N VAL C 84 11.42 5.25 -20.20
CA VAL C 84 11.46 4.12 -19.27
C VAL C 84 12.79 4.09 -18.52
N VAL C 85 13.88 4.48 -19.18
CA VAL C 85 15.18 4.49 -18.52
C VAL C 85 15.19 5.49 -17.36
N VAL C 86 14.66 6.69 -17.60
CA VAL C 86 14.63 7.69 -16.53
C VAL C 86 13.66 7.29 -15.44
N THR C 87 12.55 6.63 -15.78
CA THR C 87 11.66 6.12 -14.74
C THR C 87 12.36 5.07 -13.89
N VAL C 88 13.15 4.20 -14.51
CA VAL C 88 13.89 3.18 -13.77
C VAL C 88 14.94 3.84 -12.88
N ILE C 89 15.61 4.87 -13.38
CA ILE C 89 16.59 5.59 -12.57
C ILE C 89 15.91 6.24 -11.38
N VAL C 90 14.71 6.79 -11.59
CA VAL C 90 13.95 7.40 -10.49
C VAL C 90 13.60 6.34 -9.45
N LEU C 91 13.13 5.18 -9.91
CA LEU C 91 12.78 4.11 -8.98
C LEU C 91 14.01 3.67 -8.19
N GLN C 92 15.17 3.57 -8.85
CA GLN C 92 16.39 3.16 -8.17
C GLN C 92 16.82 4.18 -7.13
N TYR C 93 16.78 5.47 -7.49
CA TYR C 93 17.16 6.51 -6.54
C TYR C 93 16.13 6.68 -5.43
N HIS C 94 14.91 6.18 -5.63
CA HIS C 94 13.89 6.22 -4.59
C HIS C 94 13.96 5.02 -3.67
N HIS C 95 14.45 3.88 -4.15
CA HIS C 95 14.57 2.68 -3.33
C HIS C 95 15.92 2.59 -2.64
N HIS C 96 17.00 2.84 -3.37
CA HIS C 96 18.35 2.85 -2.80
C HIS C 96 18.67 1.51 -2.14
N ASP C 97 18.73 0.48 -2.98
CA ASP C 97 19.07 -0.86 -2.55
C ASP C 97 20.30 -0.82 -1.64
N PRO C 98 20.20 -1.30 -0.38
CA PRO C 98 21.36 -1.21 0.52
C PRO C 98 22.62 -1.84 -0.04
N ASP C 99 22.49 -2.80 -0.97
CA ASP C 99 23.66 -3.45 -1.54
C ASP C 99 24.61 -2.44 -2.17
N GLY C 100 24.07 -1.38 -2.76
CA GLY C 100 24.88 -0.34 -3.37
C GLY C 100 24.30 1.04 -3.19
N GLY C 101 24.26 1.82 -4.26
CA GLY C 101 23.70 3.16 -4.23
C GLY C 101 24.75 4.22 -4.48
N LYS C 102 24.26 5.44 -4.68
CA LYS C 102 25.13 6.59 -4.92
C LYS C 102 25.72 7.09 -3.62
N MET C 103 26.86 7.76 -3.73
CA MET C 103 27.54 8.33 -2.58
C MET C 103 26.58 9.23 -1.80
N PRO C 104 26.37 8.99 -0.50
CA PRO C 104 25.40 9.82 0.23
C PRO C 104 25.74 11.30 0.23
N LYS C 105 26.94 11.66 0.68
CA LYS C 105 27.26 13.08 0.85
C LYS C 105 27.49 13.77 -0.48
N TRP C 106 28.18 13.10 -1.42
CA TRP C 106 28.44 13.71 -2.72
C TRP C 106 27.15 14.06 -3.44
N THR C 107 26.13 13.21 -3.29
CA THR C 107 24.84 13.49 -3.92
C THR C 107 24.02 14.47 -3.09
N ARG C 108 24.12 14.40 -1.77
CA ARG C 108 23.37 15.31 -0.91
C ARG C 108 23.81 16.76 -1.10
N VAL C 109 25.11 16.97 -1.34
CA VAL C 109 25.60 18.33 -1.57
C VAL C 109 24.95 18.91 -2.83
N ILE C 110 24.98 18.15 -3.92
CA ILE C 110 24.37 18.62 -5.17
C ILE C 110 22.87 18.80 -5.01
N LEU C 111 22.23 17.94 -4.22
CA LEU C 111 20.79 18.08 -4.00
C LEU C 111 20.48 19.35 -3.23
N LEU C 112 21.25 19.64 -2.18
CA LEU C 112 21.05 20.88 -1.43
C LEU C 112 21.31 22.10 -2.32
N ASN C 113 22.30 22.01 -3.21
CA ASN C 113 22.57 23.11 -4.13
C ASN C 113 21.39 23.33 -5.08
N TRP C 114 20.86 22.24 -5.64
CA TRP C 114 19.73 22.35 -6.56
C TRP C 114 18.48 22.84 -5.85
N CYS C 115 18.31 22.49 -4.57
CA CYS C 115 17.15 22.97 -3.82
C CYS C 115 17.10 24.49 -3.82
N ALA C 116 18.25 25.15 -3.72
CA ALA C 116 18.29 26.60 -3.75
C ALA C 116 18.31 27.14 -5.18
N TRP C 117 18.95 26.41 -6.10
CA TRP C 117 19.00 26.86 -7.49
C TRP C 117 17.64 26.81 -8.18
N PHE C 118 16.72 25.96 -7.69
CA PHE C 118 15.40 25.86 -8.31
C PHE C 118 14.54 27.08 -7.98
N LEU C 119 14.47 27.43 -6.69
CA LEU C 119 13.68 28.59 -6.28
C LEU C 119 14.42 29.89 -6.57
N ARG C 120 15.63 30.03 -6.02
CA ARG C 120 16.46 31.22 -6.23
C ARG C 120 17.56 30.83 -7.22
N MET C 121 17.28 31.00 -8.51
CA MET C 121 18.24 30.63 -9.54
C MET C 121 19.51 31.45 -9.39
N LYS C 122 20.64 30.81 -9.74
CA LYS C 122 21.95 31.45 -9.66
C LYS C 122 22.10 32.40 -10.84
N ARG C 123 21.55 33.60 -10.67
CA ARG C 123 21.59 34.62 -11.71
C ARG C 123 21.52 35.99 -11.03
N PRO C 124 21.89 37.05 -11.74
CA PRO C 124 21.84 38.39 -11.11
C PRO C 124 20.45 38.78 -10.65
N GLY C 125 19.42 38.39 -11.40
CA GLY C 125 18.06 38.78 -11.04
C GLY C 125 17.65 38.33 -9.65
N GLU C 126 18.22 37.21 -9.18
CA GLU C 126 17.91 36.68 -7.86
C GLU C 126 18.97 37.01 -6.82
N ASP C 127 20.17 37.44 -7.24
CA ASP C 127 21.24 37.77 -6.31
C ASP C 127 21.25 39.24 -5.93
N LYS C 128 20.98 40.13 -6.88
CA LYS C 128 20.98 41.57 -6.61
C LYS C 128 19.64 42.05 -6.06
N VAL C 129 18.53 41.45 -6.46
CA VAL C 129 17.21 41.86 -6.01
C VAL C 129 16.94 41.07 -4.72
N ARG C 130 17.40 41.61 -3.60
CA ARG C 130 17.21 40.99 -2.30
C ARG C 130 17.68 41.98 -1.23
N PRO C 131 17.27 41.77 0.02
CA PRO C 131 17.71 42.68 1.09
C PRO C 131 19.23 42.73 1.19
N ALA C 132 19.75 43.93 1.44
CA ALA C 132 21.19 44.13 1.57
C ALA C 132 21.43 45.32 2.48
N CYS C 133 22.55 45.27 3.20
CA CYS C 133 22.90 46.33 4.13
C CYS C 133 24.40 46.26 4.40
N GLN C 134 24.98 47.41 4.75
CA GLN C 134 26.40 47.49 5.05
C GLN C 134 26.71 47.07 6.48
N HIS C 135 25.72 47.02 7.35
CA HIS C 135 25.94 46.63 8.74
C HIS C 135 26.62 45.26 8.81
N LYS C 136 27.27 45.00 9.93
CA LYS C 136 27.99 43.74 10.13
C LYS C 136 27.06 42.55 10.28
N GLN C 137 25.74 42.76 10.31
CA GLN C 137 24.81 41.64 10.45
C GLN C 137 24.86 40.70 9.26
N ARG C 138 25.38 41.15 8.13
CA ARG C 138 25.49 40.33 6.93
C ARG C 138 26.89 39.77 6.73
N ARG C 139 27.81 39.98 7.68
CA ARG C 139 29.17 39.49 7.57
C ARG C 139 29.30 38.13 8.24
N CYS C 140 30.44 37.48 8.01
CA CYS C 140 30.73 36.17 8.56
C CYS C 140 31.86 36.27 9.57
N SER C 141 32.02 35.21 10.37
CA SER C 141 33.05 35.15 11.39
C SER C 141 33.49 33.71 11.54
N LEU C 142 34.52 33.51 12.37
CA LEU C 142 35.03 32.15 12.60
C LEU C 142 34.00 31.26 13.27
N ALA C 143 33.10 31.86 14.05
CA ALA C 143 32.07 31.08 14.74
C ALA C 143 30.91 30.72 13.81
N SER C 144 30.62 31.56 12.83
CA SER C 144 29.51 31.28 11.91
C SER C 144 29.93 30.36 10.77
N VAL C 145 31.20 30.40 10.38
CA VAL C 145 31.68 29.55 9.29
C VAL C 145 31.93 28.15 9.82
N GLU C 146 31.35 27.15 9.15
CA GLU C 146 31.49 25.75 9.53
C GLU C 146 32.31 24.96 8.51
N MET C 147 33.26 25.61 7.85
CA MET C 147 34.08 24.96 6.84
C MET C 147 35.25 24.20 7.45
N SER C 148 35.28 24.01 8.77
CA SER C 148 36.35 23.28 9.43
C SER C 148 35.84 21.99 10.08
N ALA C 149 34.73 21.46 9.59
CA ALA C 149 34.16 20.22 10.14
C ALA C 149 33.86 20.37 11.63
N VAL C 150 33.09 21.38 11.97
CA VAL C 150 32.70 21.68 13.34
C VAL C 150 31.18 21.80 13.40
N ALA C 151 30.68 22.04 14.61
CA ALA C 151 29.24 22.19 14.82
C ALA C 151 28.74 23.43 14.08
N PRO C 152 27.79 23.29 13.17
CA PRO C 152 27.26 24.48 12.48
C PRO C 152 26.68 25.48 13.46
N PRO C 153 26.36 26.69 13.02
CA PRO C 153 25.81 27.67 13.94
C PRO C 153 24.50 27.20 14.53
N PRO C 154 24.17 27.63 15.75
CA PRO C 154 22.90 27.22 16.38
C PRO C 154 21.73 27.96 15.77
N ALA C 155 20.90 27.22 15.02
CA ALA C 155 19.72 27.80 14.39
C ALA C 155 18.57 26.81 14.50
N SER C 156 17.36 27.32 14.31
CA SER C 156 16.15 26.51 14.38
C SER C 156 15.75 25.92 13.03
N ASN C 157 16.57 26.10 12.00
CA ASN C 157 16.28 25.57 10.67
C ASN C 157 16.76 24.14 10.48
N GLY C 158 17.13 23.45 11.57
CA GLY C 158 17.59 22.08 11.48
C GLY C 158 19.03 21.92 11.92
N ASN C 159 19.52 22.85 12.73
CA ASN C 159 20.88 22.82 13.24
C ASN C 159 20.95 22.58 14.74
N LEU C 160 20.25 23.41 15.54
CA LEU C 160 20.27 23.23 16.98
C LEU C 160 19.64 21.91 17.38
N LEU C 161 18.43 21.63 16.88
CA LEU C 161 17.77 20.37 17.20
C LEU C 161 18.57 19.18 16.71
N TYR C 162 19.23 19.32 15.56
CA TYR C 162 20.06 18.25 15.04
C TYR C 162 21.24 17.97 15.97
N ILE C 163 21.99 19.01 16.33
CA ILE C 163 23.12 18.83 17.24
C ILE C 163 22.66 18.29 18.58
N GLY C 164 21.43 18.61 18.98
CA GLY C 164 20.92 18.12 20.26
C GLY C 164 20.57 16.65 20.22
N PHE C 165 19.75 16.25 19.24
CA PHE C 165 19.26 14.87 19.18
C PHE C 165 20.31 13.95 18.57
N ARG C 166 20.68 14.19 17.31
CA ARG C 166 21.61 13.33 16.61
C ARG C 166 23.05 13.58 17.00
N GLY C 167 23.37 14.78 17.50
CA GLY C 167 24.73 15.10 17.89
C GLY C 167 25.08 14.59 19.27
N LEU C 168 25.18 13.27 19.41
CA LEU C 168 25.51 12.68 20.69
C LEU C 168 26.88 13.14 21.17
N ASP C 169 27.13 12.95 22.47
CA ASP C 169 28.40 13.32 23.09
C ASP C 169 28.66 14.82 22.99
N GLY C 170 27.63 15.62 22.76
CA GLY C 170 27.76 17.05 22.64
C GLY C 170 27.45 17.77 23.94
N VAL C 171 27.17 19.07 23.82
CA VAL C 171 26.84 19.86 25.01
C VAL C 171 25.44 19.54 25.51
N HIS C 172 24.55 19.11 24.62
CA HIS C 172 23.19 18.77 25.02
C HIS C 172 23.15 17.55 25.93
N CYS C 173 24.09 16.62 25.75
CA CYS C 173 24.12 15.41 26.56
C CYS C 173 24.79 15.62 27.91
N VAL C 174 25.66 16.63 28.02
CA VAL C 174 26.36 16.92 29.27
C VAL C 174 26.36 18.42 29.50
N PRO C 175 25.20 19.05 29.71
CA PRO C 175 25.16 20.50 29.95
C PRO C 175 25.52 20.88 31.38
N THR C 176 26.72 20.47 31.80
CA THR C 176 27.24 20.74 33.15
C THR C 176 28.57 21.47 33.04
N PRO C 177 28.54 22.75 32.66
CA PRO C 177 29.78 23.51 32.55
C PRO C 177 30.36 23.84 33.93
N ASP C 178 31.55 24.45 33.92
CA ASP C 178 32.23 24.83 35.14
C ASP C 178 31.58 26.09 35.69
N SER C 179 30.51 25.89 36.44
CA SER C 179 29.76 26.99 37.04
C SER C 179 29.58 26.82 38.54
N GLY C 180 29.42 25.59 39.02
CA GLY C 180 29.24 25.36 40.45
C GLY C 180 27.84 25.60 40.96
N VAL C 181 26.83 25.46 40.09
CA VAL C 181 25.45 25.67 40.50
C VAL C 181 24.85 24.47 41.21
N VAL C 182 25.53 23.32 41.18
CA VAL C 182 25.00 22.13 41.84
C VAL C 182 25.09 22.23 43.35
N CYS C 183 25.87 23.19 43.87
CA CYS C 183 26.01 23.37 45.30
C CYS C 183 25.89 24.81 45.74
N GLY C 184 25.72 25.76 44.82
CA GLY C 184 25.60 27.16 45.16
C GLY C 184 24.23 27.73 44.84
N ARG C 185 23.57 27.17 43.82
CA ARG C 185 22.25 27.62 43.41
C ARG C 185 21.23 26.54 43.66
N MET C 186 20.00 26.95 43.97
CA MET C 186 18.90 26.04 44.25
C MET C 186 17.82 26.09 43.19
N ALA C 187 18.17 26.52 41.97
CA ALA C 187 17.21 26.60 40.87
C ALA C 187 16.99 25.19 40.33
N CYS C 188 16.01 24.49 40.90
CA CYS C 188 15.68 23.12 40.51
C CYS C 188 16.89 22.20 40.63
N SER C 189 17.74 22.46 41.62
CA SER C 189 18.94 21.64 41.84
C SER C 189 19.32 21.75 43.31
N PRO C 190 18.84 20.82 44.14
CA PRO C 190 19.21 20.86 45.56
C PRO C 190 20.71 20.80 45.75
N THR C 191 21.19 21.51 46.79
CA THR C 191 22.61 21.57 47.09
C THR C 191 23.03 20.26 47.76
N HIS C 192 23.34 19.27 46.92
CA HIS C 192 23.78 17.96 47.35
C HIS C 192 22.96 17.45 48.54
N ASP C 193 21.66 17.70 48.52
CA ASP C 193 20.78 17.27 49.60
C ASP C 193 20.40 15.81 49.37
N GLU C 194 20.97 14.91 50.18
CA GLU C 194 20.69 13.49 50.06
C GLU C 194 19.48 13.04 50.87
N HIS C 195 19.07 13.82 51.87
CA HIS C 195 17.92 13.50 52.71
C HIS C 195 16.72 14.39 52.39
N LEU C 196 16.56 14.76 51.12
CA LEU C 196 15.44 15.60 50.70
C LEU C 196 14.17 14.77 50.71
N LEU C 197 13.36 14.92 51.77
CA LEU C 197 12.11 14.19 51.92
C LEU C 197 10.98 15.20 51.89
N HIS C 198 10.28 15.28 50.76
CA HIS C 198 9.15 16.19 50.59
C HIS C 198 7.94 15.61 51.30
N GLY C 199 7.92 15.75 52.63
CA GLY C 199 6.83 15.24 53.43
C GLY C 199 6.61 13.75 53.28
N GLY C 200 7.68 12.98 53.08
CA GLY C 200 7.58 11.54 52.92
C GLY C 200 7.91 11.04 51.53
N GLN C 201 8.04 11.93 50.54
CA GLN C 201 8.36 11.54 49.18
C GLN C 201 9.86 11.69 48.95
N PRO C 202 10.61 10.60 48.78
CA PRO C 202 12.06 10.73 48.53
C PRO C 202 12.32 11.38 47.19
N PRO C 203 13.59 11.58 46.83
CA PRO C 203 13.90 12.17 45.53
C PRO C 203 13.66 11.21 44.38
N GLU C 204 12.39 11.11 43.96
CA GLU C 204 11.99 10.24 42.86
C GLU C 204 12.65 8.86 42.96
N GLY C 205 12.57 8.27 44.16
CA GLY C 205 13.14 6.97 44.40
C GLY C 205 12.16 5.85 44.16
N ASP C 206 11.56 5.83 42.96
CA ASP C 206 10.58 4.81 42.58
C ASP C 206 11.16 3.99 41.43
N PRO C 207 11.77 2.84 41.70
CA PRO C 207 12.32 2.02 40.61
C PRO C 207 11.29 1.64 39.55
N ASP C 208 10.02 1.50 39.94
CA ASP C 208 8.99 1.18 38.95
C ASP C 208 8.88 2.28 37.90
N LEU C 209 8.82 3.54 38.34
CA LEU C 209 8.78 4.65 37.40
C LEU C 209 10.06 4.72 36.57
N ALA C 210 11.19 4.29 37.14
CA ALA C 210 12.44 4.28 36.39
C ALA C 210 12.36 3.33 35.21
N LYS C 211 11.73 2.17 35.39
CA LYS C 211 11.56 1.22 34.29
C LYS C 211 10.46 1.66 33.33
N ILE C 212 9.41 2.28 33.84
CA ILE C 212 8.38 2.82 32.96
C ILE C 212 8.98 3.86 32.03
N LEU C 213 9.81 4.77 32.57
CA LEU C 213 10.46 5.77 31.75
C LEU C 213 11.43 5.13 30.77
N GLU C 214 12.11 4.07 31.19
CA GLU C 214 13.02 3.37 30.28
C GLU C 214 12.28 2.78 29.08
N GLU C 215 11.14 2.13 29.34
CA GLU C 215 10.35 1.58 28.25
C GLU C 215 9.77 2.68 27.37
N VAL C 216 9.34 3.79 27.99
CA VAL C 216 8.83 4.91 27.22
C VAL C 216 9.91 5.46 26.30
N ARG C 217 11.14 5.57 26.80
CA ARG C 217 12.24 6.04 25.98
C ARG C 217 12.60 5.04 24.89
N TYR C 218 12.46 3.74 25.17
CA TYR C 218 12.71 2.73 24.14
C TYR C 218 11.70 2.87 22.99
N ILE C 219 10.42 2.99 23.32
CA ILE C 219 9.42 3.14 22.27
C ILE C 219 9.60 4.48 21.56
N ALA C 220 10.03 5.52 22.28
CA ALA C 220 10.30 6.80 21.64
C ALA C 220 11.47 6.69 20.67
N ASN C 221 12.50 5.92 21.01
CA ASN C 221 13.62 5.70 20.10
C ASN C 221 13.18 4.90 18.89
N ARG C 222 12.29 3.93 19.08
CA ARG C 222 11.72 3.20 17.95
C ARG C 222 10.97 4.15 17.02
N PHE C 223 10.14 5.02 17.58
CA PHE C 223 9.41 5.98 16.76
C PHE C 223 10.35 6.94 16.07
N ARG C 224 11.45 7.30 16.74
CA ARG C 224 12.43 8.19 16.12
C ARG C 224 13.14 7.51 14.96
N CYS C 225 13.45 6.22 15.10
CA CYS C 225 14.03 5.47 13.99
C CYS C 225 13.06 5.38 12.82
N GLN C 226 11.77 5.18 13.12
CA GLN C 226 10.76 5.15 12.07
C GLN C 226 10.69 6.51 11.36
N ASP C 227 10.73 7.60 12.12
CA ASP C 227 10.71 8.93 11.53
C ASP C 227 11.97 9.18 10.70
N GLU C 228 13.11 8.68 11.14
CA GLU C 228 14.34 8.82 10.37
C GLU C 228 14.24 8.05 9.06
N SER C 229 13.67 6.84 9.09
CA SER C 229 13.46 6.10 7.85
C SER C 229 12.52 6.83 6.91
N GLU C 230 11.45 7.42 7.46
CA GLU C 230 10.52 8.19 6.63
C GLU C 230 11.21 9.40 6.02
N ALA C 231 12.06 10.08 6.79
CA ALA C 231 12.78 11.24 6.28
C ALA C 231 13.77 10.82 5.20
N VAL C 232 14.43 9.67 5.37
CA VAL C 232 15.34 9.18 4.34
C VAL C 232 14.57 8.85 3.07
N CYS C 233 13.38 8.27 3.20
CA CYS C 233 12.56 7.99 2.03
C CYS C 233 12.13 9.27 1.33
N SER C 234 11.76 10.28 2.11
CA SER C 234 11.38 11.57 1.53
C SER C 234 12.56 12.22 0.82
N GLU C 235 13.76 12.11 1.40
CA GLU C 235 14.95 12.65 0.75
C GLU C 235 15.24 11.92 -0.55
N TRP C 236 15.09 10.60 -0.55
CA TRP C 236 15.28 9.85 -1.78
C TRP C 236 14.25 10.25 -2.84
N LYS C 237 13.01 10.47 -2.44
CA LYS C 237 11.98 10.92 -3.38
C LYS C 237 12.33 12.29 -3.95
N PHE C 238 12.78 13.20 -3.09
CA PHE C 238 13.15 14.53 -3.56
C PHE C 238 14.38 14.49 -4.47
N ALA C 239 15.29 13.55 -4.23
CA ALA C 239 16.46 13.41 -5.09
C ALA C 239 16.09 12.80 -6.44
N ALA C 240 15.12 11.90 -6.45
CA ALA C 240 14.66 11.31 -7.71
C ALA C 240 13.83 12.29 -8.52
N CYS C 241 13.08 13.17 -7.85
CA CYS C 241 12.32 14.19 -8.56
C CYS C 241 13.24 15.22 -9.21
N VAL C 242 14.40 15.47 -8.61
CA VAL C 242 15.37 16.37 -9.22
C VAL C 242 15.85 15.80 -10.55
N VAL C 243 16.03 14.49 -10.61
CA VAL C 243 16.44 13.85 -11.87
C VAL C 243 15.36 14.04 -12.92
N ASP C 244 14.09 13.88 -12.54
CA ASP C 244 13.00 14.10 -13.48
C ASP C 244 12.96 15.54 -13.97
N ARG C 245 13.15 16.50 -13.06
CA ARG C 245 13.16 17.90 -13.45
C ARG C 245 14.30 18.19 -14.42
N LEU C 246 15.49 17.66 -14.14
CA LEU C 246 16.63 17.87 -15.02
C LEU C 246 16.37 17.24 -16.39
N CYS C 247 15.84 16.03 -16.42
CA CYS C 247 15.53 15.38 -17.69
C CYS C 247 14.51 16.18 -18.48
N LEU C 248 13.50 16.71 -17.82
CA LEU C 248 12.51 17.53 -18.51
C LEU C 248 13.13 18.79 -19.08
N MET C 249 13.93 19.49 -18.26
CA MET C 249 14.56 20.72 -18.73
C MET C 249 15.51 20.45 -19.88
N ALA C 250 16.14 19.28 -19.91
CA ALA C 250 17.05 18.95 -20.99
C ALA C 250 16.30 18.56 -22.26
N PHE C 251 15.26 17.75 -22.14
CA PHE C 251 14.53 17.26 -23.29
C PHE C 251 13.54 18.27 -23.87
N SER C 252 13.21 19.34 -23.13
CA SER C 252 12.32 20.34 -23.68
C SER C 252 12.88 20.96 -24.95
N VAL C 253 14.13 21.42 -24.89
CA VAL C 253 14.74 22.05 -26.06
C VAL C 253 14.92 21.03 -27.17
N PHE C 254 15.23 19.78 -26.82
CA PHE C 254 15.39 18.75 -27.84
C PHE C 254 14.08 18.52 -28.59
N THR C 255 12.97 18.39 -27.85
CA THR C 255 11.67 18.19 -28.48
C THR C 255 11.28 19.42 -29.30
N ILE C 256 11.60 20.62 -28.82
CA ILE C 256 11.28 21.83 -29.57
C ILE C 256 12.03 21.83 -30.90
N ILE C 257 13.33 21.49 -30.86
CA ILE C 257 14.13 21.46 -32.08
C ILE C 257 13.62 20.38 -33.03
N CYS C 258 13.22 19.23 -32.49
CA CYS C 258 12.69 18.16 -33.33
C CYS C 258 11.41 18.59 -34.01
N THR C 259 10.51 19.25 -33.27
CA THR C 259 9.25 19.71 -33.84
C THR C 259 9.51 20.79 -34.90
N ILE C 260 10.48 21.67 -34.66
CA ILE C 260 10.81 22.70 -35.65
C ILE C 260 11.38 22.07 -36.91
N GLY C 261 12.22 21.05 -36.76
CA GLY C 261 12.79 20.39 -37.92
C GLY C 261 11.75 19.61 -38.71
N ILE C 262 10.81 18.97 -38.01
CA ILE C 262 9.74 18.25 -38.69
C ILE C 262 8.94 19.18 -39.59
N LEU C 263 8.77 20.44 -39.17
CA LEU C 263 8.05 21.41 -39.99
C LEU C 263 8.94 21.97 -41.10
N MET C 264 10.22 22.20 -40.79
CA MET C 264 11.12 22.73 -41.81
C MET C 264 11.40 21.71 -42.91
N SER C 265 11.41 20.42 -42.56
CA SER C 265 11.67 19.37 -43.54
C SER C 265 10.40 18.80 -44.15
N ALA C 266 9.22 19.27 -43.72
CA ALA C 266 7.98 18.75 -44.28
C ALA C 266 7.86 18.99 -45.78
N PRO C 267 8.21 20.16 -46.33
CA PRO C 267 8.10 20.33 -47.79
C PRO C 267 8.93 19.34 -48.57
N ASN C 268 10.08 18.92 -48.05
CA ASN C 268 10.93 17.98 -48.77
C ASN C 268 10.27 16.61 -48.88
N PHE C 269 9.65 16.14 -47.79
CA PHE C 269 9.03 14.82 -47.82
C PHE C 269 7.71 14.84 -48.60
N VAL C 270 6.93 15.92 -48.46
CA VAL C 270 5.67 16.03 -49.16
C VAL C 270 5.28 17.50 -49.29
N LEU D 7 -24.13 -3.30 -42.95
CA LEU D 7 -24.83 -2.97 -41.72
C LEU D 7 -23.91 -3.03 -40.52
N TYR D 8 -23.03 -4.03 -40.51
CA TYR D 8 -22.09 -4.20 -39.41
C TYR D 8 -21.10 -3.04 -39.31
N TYR D 9 -20.83 -2.35 -40.42
CA TYR D 9 -19.89 -1.24 -40.39
C TYR D 9 -20.38 -0.13 -39.47
N GLY D 10 -21.66 0.22 -39.58
CA GLY D 10 -22.20 1.28 -38.74
C GLY D 10 -22.09 0.96 -37.26
N LEU D 11 -22.45 -0.27 -36.88
CA LEU D 11 -22.36 -0.67 -35.49
C LEU D 11 -20.92 -0.71 -35.02
N ASN D 12 -20.01 -1.25 -35.84
CA ASN D 12 -18.61 -1.32 -35.48
C ASN D 12 -17.97 0.06 -35.36
N LEU D 13 -18.53 1.06 -36.04
CA LEU D 13 -18.02 2.42 -35.92
C LEU D 13 -18.67 3.20 -34.78
N LEU D 14 -19.92 2.85 -34.42
CA LEU D 14 -20.64 3.58 -33.40
C LEU D 14 -20.37 3.06 -32.00
N ILE D 15 -20.47 1.74 -31.80
CA ILE D 15 -20.35 1.18 -30.45
C ILE D 15 -19.02 1.53 -29.80
N PRO D 16 -17.87 1.35 -30.46
CA PRO D 16 -16.60 1.66 -29.78
C PRO D 16 -16.47 3.12 -29.39
N CYS D 17 -16.90 4.04 -30.26
CA CYS D 17 -16.79 5.46 -29.94
C CYS D 17 -17.63 5.82 -28.72
N VAL D 18 -18.88 5.37 -28.69
CA VAL D 18 -19.76 5.66 -27.56
C VAL D 18 -19.22 5.03 -26.29
N LEU D 19 -18.71 3.80 -26.39
CA LEU D 19 -18.14 3.13 -25.23
C LEU D 19 -16.96 3.91 -24.68
N ILE D 20 -16.06 4.36 -25.57
CA ILE D 20 -14.89 5.10 -25.12
C ILE D 20 -15.30 6.43 -24.51
N SER D 21 -16.30 7.08 -25.08
CA SER D 21 -16.78 8.36 -24.53
C SER D 21 -17.35 8.15 -23.13
N ALA D 22 -18.17 7.11 -22.95
CA ALA D 22 -18.74 6.82 -21.64
C ALA D 22 -17.65 6.49 -20.64
N LEU D 23 -16.64 5.71 -21.06
CA LEU D 23 -15.56 5.36 -20.15
C LEU D 23 -14.75 6.59 -19.75
N ALA D 24 -14.50 7.49 -20.70
CA ALA D 24 -13.78 8.72 -20.37
C ALA D 24 -14.59 9.58 -19.41
N LEU D 25 -15.90 9.70 -19.64
CA LEU D 25 -16.74 10.47 -18.74
C LEU D 25 -16.73 9.88 -17.34
N LEU D 26 -16.80 8.54 -17.24
CA LEU D 26 -16.79 7.90 -15.94
C LEU D 26 -15.45 8.08 -15.24
N VAL D 27 -14.35 8.00 -15.99
CA VAL D 27 -13.03 8.20 -15.40
C VAL D 27 -12.89 9.63 -14.89
N PHE D 28 -13.42 10.60 -15.66
CA PHE D 28 -13.40 11.99 -15.21
C PHE D 28 -14.33 12.23 -14.03
N LEU D 29 -15.36 11.41 -13.88
CA LEU D 29 -16.25 11.52 -12.72
C LEU D 29 -15.64 10.95 -11.45
N LEU D 30 -14.67 10.05 -11.58
CA LEU D 30 -14.04 9.47 -10.41
C LEU D 30 -13.16 10.51 -9.71
N PRO D 31 -12.95 10.36 -8.40
CA PRO D 31 -12.08 11.30 -7.68
C PRO D 31 -10.61 10.93 -7.88
N ALA D 32 -9.74 11.68 -7.20
CA ALA D 32 -8.30 11.46 -7.28
C ALA D 32 -7.94 10.23 -6.44
N ASP D 33 -8.12 9.07 -7.06
CA ASP D 33 -7.85 7.79 -6.41
C ASP D 33 -6.46 7.30 -6.78
N SER D 34 -6.15 6.06 -6.40
CA SER D 34 -4.87 5.46 -6.70
C SER D 34 -4.86 4.97 -8.14
N GLY D 35 -3.85 4.17 -8.50
CA GLY D 35 -3.73 3.65 -9.85
C GLY D 35 -4.99 2.98 -10.38
N GLU D 36 -5.84 2.50 -9.46
CA GLU D 36 -7.08 1.85 -9.87
C GLU D 36 -7.81 2.65 -10.95
N LYS D 37 -7.85 3.98 -10.79
CA LYS D 37 -8.46 4.84 -11.79
C LYS D 37 -7.48 5.22 -12.89
N ILE D 38 -6.21 5.48 -12.53
CA ILE D 38 -5.23 5.93 -13.52
C ILE D 38 -5.14 4.93 -14.66
N SER D 39 -5.08 3.64 -14.34
CA SER D 39 -5.03 2.61 -15.38
C SER D 39 -6.14 2.80 -16.39
N LEU D 40 -7.36 3.10 -15.93
CA LEU D 40 -8.46 3.34 -16.85
C LEU D 40 -8.13 4.47 -17.82
N GLY D 41 -7.62 5.58 -17.29
CA GLY D 41 -7.24 6.70 -18.13
C GLY D 41 -6.24 6.34 -19.20
N ILE D 42 -5.52 5.23 -19.03
CA ILE D 42 -4.58 4.76 -20.04
C ILE D 42 -5.27 3.89 -21.07
N THR D 43 -6.23 3.06 -20.64
CA THR D 43 -6.91 2.17 -21.56
C THR D 43 -7.59 2.95 -22.68
N VAL D 44 -8.32 4.02 -22.31
CA VAL D 44 -9.00 4.83 -23.32
C VAL D 44 -8.02 5.36 -24.35
N LEU D 45 -6.74 5.51 -23.98
CA LEU D 45 -5.73 5.97 -24.91
C LEU D 45 -5.11 4.82 -25.69
N LEU D 46 -5.05 3.62 -25.10
CA LEU D 46 -4.43 2.48 -25.78
C LEU D 46 -5.44 1.73 -26.64
N SER D 47 -6.59 1.35 -26.06
CA SER D 47 -7.59 0.60 -26.81
C SER D 47 -7.94 1.28 -28.13
N LEU D 48 -8.08 2.61 -28.10
CA LEU D 48 -8.42 3.34 -29.32
C LEU D 48 -7.45 3.04 -30.44
N THR D 49 -6.15 2.97 -30.12
CA THR D 49 -5.17 2.66 -31.16
C THR D 49 -5.49 1.34 -31.84
N VAL D 50 -5.86 0.32 -31.06
CA VAL D 50 -6.25 -0.96 -31.64
C VAL D 50 -7.38 -0.75 -32.64
N PHE D 51 -8.38 0.06 -32.27
CA PHE D 51 -9.47 0.34 -33.19
C PHE D 51 -8.95 0.95 -34.49
N MET D 52 -7.96 1.84 -34.39
CA MET D 52 -7.39 2.45 -35.60
C MET D 52 -6.86 1.40 -36.56
N LEU D 53 -6.49 0.22 -36.06
CA LEU D 53 -6.04 -0.85 -36.95
C LEU D 53 -7.22 -1.45 -37.72
N LEU D 54 -8.34 -1.66 -37.04
CA LEU D 54 -9.51 -2.26 -37.69
C LEU D 54 -9.86 -1.54 -38.98
N VAL D 55 -10.17 -0.24 -38.87
CA VAL D 55 -10.48 0.55 -40.06
C VAL D 55 -9.32 0.50 -41.04
N ALA D 56 -8.08 0.50 -40.53
CA ALA D 56 -6.92 0.47 -41.41
C ALA D 56 -6.91 -0.77 -42.29
N GLU D 57 -7.60 -1.84 -41.89
CA GLU D 57 -7.70 -3.03 -42.71
C GLU D 57 -8.84 -2.97 -43.71
N ILE D 58 -9.90 -2.21 -43.39
CA ILE D 58 -11.07 -2.10 -44.27
C ILE D 58 -11.23 -0.69 -44.85
N MET D 59 -10.42 0.27 -44.42
CA MET D 59 -10.52 1.64 -44.91
C MET D 59 -9.13 2.25 -44.94
N PRO D 60 -8.33 1.90 -45.95
CA PRO D 60 -6.97 2.46 -46.04
C PRO D 60 -7.01 3.96 -46.27
N SER D 61 -6.26 4.70 -45.44
CA SER D 61 -6.24 6.15 -45.55
C SER D 61 -5.66 6.62 -46.87
N THR D 62 -4.82 5.81 -47.52
CA THR D 62 -4.22 6.20 -48.79
C THR D 62 -5.29 6.50 -49.83
N SER D 63 -6.15 5.52 -50.10
CA SER D 63 -7.19 5.68 -51.11
C SER D 63 -8.49 6.24 -50.54
N ASP D 64 -8.67 6.22 -49.22
CA ASP D 64 -9.89 6.70 -48.59
C ASP D 64 -9.59 7.84 -47.64
N SER D 65 -8.76 8.80 -48.07
CA SER D 65 -8.40 9.94 -47.24
C SER D 65 -9.58 10.91 -47.23
N SER D 66 -10.52 10.67 -46.29
CA SER D 66 -11.70 11.50 -46.16
C SER D 66 -11.50 12.51 -45.04
N PRO D 67 -11.69 13.82 -45.28
CA PRO D 67 -11.49 14.80 -44.19
C PRO D 67 -12.67 14.90 -43.24
N SER D 68 -13.86 14.45 -43.64
CA SER D 68 -15.02 14.56 -42.77
C SER D 68 -14.83 13.75 -41.49
N ILE D 69 -14.52 12.46 -41.62
CA ILE D 69 -14.32 11.62 -40.45
C ILE D 69 -12.97 11.85 -39.80
N ALA D 70 -12.04 12.49 -40.51
CA ALA D 70 -10.73 12.77 -39.92
C ALA D 70 -10.85 13.72 -38.74
N GLN D 71 -11.73 14.71 -38.83
CA GLN D 71 -11.92 15.64 -37.72
C GLN D 71 -12.42 14.92 -36.48
N TYR D 72 -13.39 14.02 -36.65
CA TYR D 72 -13.92 13.28 -35.50
C TYR D 72 -12.89 12.32 -34.94
N PHE D 73 -12.09 11.70 -35.81
CA PHE D 73 -11.02 10.83 -35.33
C PHE D 73 -10.00 11.61 -34.51
N ALA D 74 -9.62 12.80 -34.98
CA ALA D 74 -8.70 13.64 -34.23
C ALA D 74 -9.30 14.09 -32.91
N SER D 75 -10.60 14.42 -32.92
CA SER D 75 -11.26 14.82 -31.68
C SER D 75 -11.26 13.69 -30.67
N THR D 76 -11.55 12.47 -31.12
CA THR D 76 -11.50 11.32 -30.21
C THR D 76 -10.08 11.10 -29.69
N MET D 77 -9.09 11.18 -30.59
CA MET D 77 -7.70 11.05 -30.16
C MET D 77 -7.33 12.14 -29.17
N ILE D 78 -7.74 13.38 -29.45
CA ILE D 78 -7.42 14.49 -28.56
C ILE D 78 -8.06 14.27 -27.19
N ILE D 79 -9.28 13.73 -27.16
CA ILE D 79 -9.96 13.51 -25.90
C ILE D 79 -9.27 12.42 -25.09
N VAL D 80 -8.95 11.30 -25.75
CA VAL D 80 -8.30 10.21 -25.03
C VAL D 80 -6.90 10.62 -24.59
N GLY D 81 -6.27 11.57 -25.29
CA GLY D 81 -4.98 12.07 -24.86
C GLY D 81 -5.11 13.00 -23.66
N LEU D 82 -6.04 13.95 -23.74
CA LEU D 82 -6.27 14.86 -22.62
C LEU D 82 -6.74 14.14 -21.37
N SER D 83 -7.35 12.96 -21.52
CA SER D 83 -7.67 12.16 -20.35
C SER D 83 -6.42 11.86 -19.53
N VAL D 84 -5.36 11.40 -20.19
CA VAL D 84 -4.12 11.13 -19.49
C VAL D 84 -3.52 12.41 -18.91
N VAL D 85 -3.69 13.53 -19.62
CA VAL D 85 -3.16 14.80 -19.11
C VAL D 85 -3.85 15.20 -17.82
N VAL D 86 -5.18 15.07 -17.79
CA VAL D 86 -5.91 15.44 -16.58
C VAL D 86 -5.60 14.46 -15.45
N THR D 87 -5.40 13.17 -15.78
CA THR D 87 -5.01 12.22 -14.74
C THR D 87 -3.64 12.57 -14.16
N VAL D 88 -2.70 13.01 -15.02
CA VAL D 88 -1.39 13.40 -14.55
C VAL D 88 -1.49 14.66 -13.69
N ILE D 89 -2.35 15.60 -14.08
CA ILE D 89 -2.55 16.81 -13.28
C ILE D 89 -3.13 16.44 -11.92
N VAL D 90 -4.05 15.48 -11.89
CA VAL D 90 -4.63 15.02 -10.64
C VAL D 90 -3.55 14.40 -9.75
N LEU D 91 -2.71 13.55 -10.34
CA LEU D 91 -1.63 12.94 -9.59
C LEU D 91 -0.68 13.99 -9.02
N GLN D 92 -0.36 15.01 -9.83
CA GLN D 92 0.53 16.06 -9.37
C GLN D 92 -0.07 16.86 -8.22
N TYR D 93 -1.36 17.24 -8.35
CA TYR D 93 -2.01 17.98 -7.29
C TYR D 93 -2.27 17.11 -6.05
N HIS D 94 -2.23 15.79 -6.20
CA HIS D 94 -2.37 14.90 -5.05
C HIS D 94 -1.05 14.63 -4.36
N HIS D 95 0.07 14.69 -5.09
CA HIS D 95 1.38 14.45 -4.51
C HIS D 95 2.02 15.73 -4.00
N HIS D 96 1.98 16.80 -4.80
CA HIS D 96 2.51 18.11 -4.41
C HIS D 96 3.99 18.01 -4.02
N ASP D 97 4.78 17.67 -5.03
CA ASP D 97 6.23 17.59 -4.88
C ASP D 97 6.75 18.81 -4.13
N PRO D 98 7.42 18.63 -2.97
CA PRO D 98 7.88 19.80 -2.20
C PRO D 98 8.75 20.76 -3.01
N ASP D 99 9.40 20.27 -4.05
CA ASP D 99 10.26 21.13 -4.86
C ASP D 99 9.48 22.32 -5.42
N GLY D 100 8.21 22.12 -5.75
CA GLY D 100 7.38 23.20 -6.27
C GLY D 100 5.95 23.11 -5.78
N GLY D 101 5.00 23.26 -6.69
CA GLY D 101 3.59 23.18 -6.36
C GLY D 101 2.88 24.50 -6.55
N LYS D 102 1.56 24.43 -6.49
CA LYS D 102 0.72 25.60 -6.62
C LYS D 102 0.68 26.40 -5.33
N MET D 103 0.40 27.69 -5.45
CA MET D 103 0.30 28.58 -4.31
C MET D 103 -0.67 28.01 -3.28
N PRO D 104 -0.25 27.80 -2.03
CA PRO D 104 -1.18 27.19 -1.06
C PRO D 104 -2.45 27.99 -0.85
N LYS D 105 -2.33 29.28 -0.48
CA LYS D 105 -3.51 30.06 -0.11
C LYS D 105 -4.35 30.43 -1.32
N TRP D 106 -3.70 30.81 -2.43
CA TRP D 106 -4.44 31.18 -3.62
C TRP D 106 -5.31 30.03 -4.12
N THR D 107 -4.81 28.80 -4.01
CA THR D 107 -5.59 27.64 -4.42
C THR D 107 -6.60 27.24 -3.35
N ARG D 108 -6.23 27.39 -2.08
CA ARG D 108 -7.14 27.01 -1.00
C ARG D 108 -8.39 27.90 -0.98
N VAL D 109 -8.24 29.18 -1.34
CA VAL D 109 -9.40 30.06 -1.39
C VAL D 109 -10.38 29.58 -2.44
N ILE D 110 -9.89 29.29 -3.64
CA ILE D 110 -10.76 28.81 -4.71
C ILE D 110 -11.36 27.46 -4.35
N LEU D 111 -10.61 26.61 -3.64
CA LEU D 111 -11.14 25.32 -3.25
C LEU D 111 -12.26 25.47 -2.22
N LEU D 112 -12.09 26.36 -1.25
CA LEU D 112 -13.15 26.62 -0.28
C LEU D 112 -14.38 27.22 -0.97
N ASN D 113 -14.17 28.07 -1.97
CA ASN D 113 -15.28 28.63 -2.71
C ASN D 113 -16.04 27.55 -3.46
N TRP D 114 -15.31 26.66 -4.14
CA TRP D 114 -15.94 25.58 -4.89
C TRP D 114 -16.65 24.59 -3.96
N CYS D 115 -16.12 24.39 -2.75
CA CYS D 115 -16.77 23.50 -1.80
C CYS D 115 -18.21 23.94 -1.54
N ALA D 116 -18.43 25.25 -1.45
CA ALA D 116 -19.79 25.76 -1.24
C ALA D 116 -20.56 25.87 -2.54
N TRP D 117 -19.87 26.19 -3.65
CA TRP D 117 -20.55 26.31 -4.93
C TRP D 117 -21.06 24.96 -5.46
N PHE D 118 -20.46 23.86 -5.02
CA PHE D 118 -20.90 22.55 -5.49
C PHE D 118 -22.23 22.16 -4.85
N LEU D 119 -22.34 22.27 -3.53
CA LEU D 119 -23.57 21.93 -2.83
C LEU D 119 -24.61 23.03 -2.98
N ARG D 120 -24.25 24.24 -2.57
CA ARG D 120 -25.14 25.41 -2.67
C ARG D 120 -24.63 26.27 -3.82
N MET D 121 -25.14 25.98 -5.02
CA MET D 121 -24.71 26.71 -6.21
C MET D 121 -25.03 28.19 -6.07
N LYS D 122 -24.16 29.03 -6.64
CA LYS D 122 -24.33 30.48 -6.61
C LYS D 122 -25.41 30.86 -7.62
N ARG D 123 -26.66 30.74 -7.19
CA ARG D 123 -27.81 31.06 -8.02
C ARG D 123 -28.95 31.48 -7.12
N PRO D 124 -29.97 32.14 -7.68
CA PRO D 124 -31.10 32.57 -6.82
C PRO D 124 -31.81 31.40 -6.15
N GLY D 125 -31.91 30.26 -6.83
CA GLY D 125 -32.63 29.13 -6.26
C GLY D 125 -32.06 28.67 -4.92
N GLU D 126 -30.75 28.86 -4.72
CA GLU D 126 -30.09 28.47 -3.49
C GLU D 126 -29.86 29.64 -2.53
N ASP D 127 -29.97 30.88 -3.02
CA ASP D 127 -29.75 32.05 -2.17
C ASP D 127 -31.04 32.56 -1.55
N LYS D 128 -32.15 32.55 -2.29
CA LYS D 128 -33.43 33.03 -1.78
C LYS D 128 -34.19 31.97 -0.99
N VAL D 129 -34.04 30.69 -1.38
CA VAL D 129 -34.75 29.60 -0.70
C VAL D 129 -33.85 29.16 0.45
N ARG D 130 -33.98 29.84 1.59
CA ARG D 130 -33.20 29.52 2.77
C ARG D 130 -33.76 30.34 3.93
N PRO D 131 -33.44 29.97 5.17
CA PRO D 131 -33.94 30.73 6.32
C PRO D 131 -33.49 32.19 6.26
N ALA D 132 -34.39 33.08 6.64
CA ALA D 132 -34.11 34.52 6.64
C ALA D 132 -34.95 35.18 7.71
N CYS D 133 -34.41 36.26 8.28
CA CYS D 133 -35.11 37.00 9.32
C CYS D 133 -34.52 38.40 9.40
N GLN D 134 -35.35 39.34 9.87
CA GLN D 134 -34.91 40.72 10.02
C GLN D 134 -34.14 40.96 11.31
N HIS D 135 -34.22 40.05 12.27
CA HIS D 135 -33.52 40.20 13.53
C HIS D 135 -32.02 40.40 13.28
N LYS D 136 -31.35 40.99 14.27
CA LYS D 136 -29.92 41.27 14.17
C LYS D 136 -29.06 40.01 14.21
N GLN D 137 -29.67 38.83 14.44
CA GLN D 137 -28.89 37.60 14.49
C GLN D 137 -28.23 37.27 13.15
N ARG D 138 -28.72 37.86 12.06
CA ARG D 138 -28.16 37.63 10.73
C ARG D 138 -27.24 38.76 10.28
N ARG D 139 -26.98 39.74 11.13
CA ARG D 139 -26.11 40.86 10.78
C ARG D 139 -24.67 40.56 11.19
N CYS D 140 -23.77 41.42 10.72
CA CYS D 140 -22.34 41.30 11.00
C CYS D 140 -21.88 42.46 11.87
N SER D 141 -20.70 42.29 12.46
CA SER D 141 -20.12 43.31 13.32
C SER D 141 -18.59 43.26 13.18
N LEU D 142 -17.92 44.21 13.83
CA LEU D 142 -16.47 44.25 13.76
C LEU D 142 -15.82 43.03 14.39
N ALA D 143 -16.50 42.42 15.36
CA ALA D 143 -15.96 41.22 16.01
C ALA D 143 -16.16 39.97 15.18
N SER D 144 -17.24 39.92 14.39
CA SER D 144 -17.51 38.73 13.59
C SER D 144 -16.75 38.76 12.26
N VAL D 145 -16.47 39.94 11.73
CA VAL D 145 -15.76 40.07 10.46
C VAL D 145 -14.27 39.87 10.72
N GLU D 146 -13.65 38.97 9.95
CA GLU D 146 -12.22 38.66 10.08
C GLU D 146 -11.44 39.12 8.84
N MET D 147 -11.89 40.18 8.19
CA MET D 147 -11.23 40.71 7.01
C MET D 147 -10.04 41.59 7.33
N SER D 148 -9.59 41.62 8.59
CA SER D 148 -8.45 42.43 9.00
C SER D 148 -7.27 41.57 9.45
N ALA D 149 -7.23 40.31 9.03
CA ALA D 149 -6.14 39.40 9.41
C ALA D 149 -6.07 39.25 10.93
N VAL D 150 -7.19 38.87 11.52
CA VAL D 150 -7.31 38.68 12.95
C VAL D 150 -7.89 37.29 13.22
N ALA D 151 -8.01 36.95 14.50
CA ALA D 151 -8.55 35.66 14.89
C ALA D 151 -10.02 35.55 14.44
N PRO D 152 -10.37 34.56 13.64
CA PRO D 152 -11.78 34.40 13.22
C PRO D 152 -12.68 34.24 14.43
N PRO D 153 -14.00 34.31 14.24
CA PRO D 153 -14.91 34.17 15.37
C PRO D 153 -14.75 32.81 16.02
N PRO D 154 -15.01 32.70 17.33
CA PRO D 154 -14.88 31.41 18.02
C PRO D 154 -16.07 30.50 17.69
N ALA D 155 -15.79 29.45 16.93
CA ALA D 155 -16.81 28.49 16.54
C ALA D 155 -16.23 27.08 16.60
N SER D 156 -17.12 26.10 16.65
CA SER D 156 -16.73 24.70 16.73
C SER D 156 -16.57 24.06 15.35
N ASN D 157 -16.69 24.83 14.28
CA ASN D 157 -16.56 24.32 12.92
C ASN D 157 -15.12 24.28 12.43
N GLY D 158 -14.15 24.47 13.33
CA GLY D 158 -12.75 24.46 12.95
C GLY D 158 -12.06 25.78 13.19
N ASN D 159 -12.61 26.59 14.10
CA ASN D 159 -12.05 27.89 14.43
C ASN D 159 -11.51 27.96 15.85
N LEU D 160 -12.34 27.61 16.85
CA LEU D 160 -11.88 27.66 18.23
C LEU D 160 -10.76 26.64 18.47
N LEU D 161 -10.98 25.38 18.07
CA LEU D 161 -9.96 24.36 18.25
C LEU D 161 -8.70 24.71 17.47
N TYR D 162 -8.87 25.32 16.29
CA TYR D 162 -7.71 25.73 15.49
C TYR D 162 -6.89 26.79 16.23
N ILE D 163 -7.56 27.85 16.66
CA ILE D 163 -6.86 28.92 17.40
C ILE D 163 -6.23 28.38 18.67
N GLY D 164 -6.83 27.33 19.26
CA GLY D 164 -6.28 26.78 20.48
C GLY D 164 -5.03 25.95 20.23
N PHE D 165 -5.10 25.01 19.30
CA PHE D 165 -3.98 24.10 19.07
C PHE D 165 -2.92 24.74 18.18
N ARG D 166 -3.29 25.10 16.95
CA ARG D 166 -2.34 25.66 16.00
C ARG D 166 -2.05 27.13 16.27
N GLY D 167 -2.97 27.84 16.92
CA GLY D 167 -2.77 29.26 17.21
C GLY D 167 -1.91 29.48 18.43
N LEU D 168 -0.62 29.17 18.32
CA LEU D 168 0.29 29.35 19.44
C LEU D 168 0.39 30.83 19.82
N ASP D 169 0.91 31.07 21.03
CA ASP D 169 1.07 32.41 21.56
C ASP D 169 -0.26 33.16 21.69
N GLY D 170 -1.37 32.44 21.72
CA GLY D 170 -2.68 33.01 21.84
C GLY D 170 -3.18 33.02 23.26
N VAL D 171 -4.49 33.19 23.41
CA VAL D 171 -5.10 33.20 24.73
C VAL D 171 -5.13 31.80 25.33
N HIS D 172 -5.19 30.76 24.49
CA HIS D 172 -5.22 29.40 24.99
C HIS D 172 -3.92 29.00 25.67
N CYS D 173 -2.79 29.58 25.23
CA CYS D 173 -1.51 29.26 25.81
C CYS D 173 -1.22 30.03 27.09
N VAL D 174 -1.87 31.19 27.28
CA VAL D 174 -1.67 32.00 28.48
C VAL D 174 -3.03 32.51 28.95
N PRO D 175 -3.93 31.63 29.41
CA PRO D 175 -5.24 32.07 29.89
C PRO D 175 -5.19 32.62 31.31
N THR D 176 -4.36 33.64 31.52
CA THR D 176 -4.17 34.28 32.82
C THR D 176 -4.47 35.77 32.69
N PRO D 177 -5.74 36.15 32.54
CA PRO D 177 -6.08 37.57 32.41
C PRO D 177 -5.94 38.29 33.74
N ASP D 178 -6.12 39.61 33.69
CA ASP D 178 -6.01 40.47 34.87
C ASP D 178 -7.27 40.29 35.71
N SER D 179 -7.28 39.24 36.52
CA SER D 179 -8.40 38.93 37.39
C SER D 179 -7.99 38.78 38.85
N GLY D 180 -6.80 38.25 39.12
CA GLY D 180 -6.35 38.09 40.48
C GLY D 180 -6.91 36.87 41.19
N VAL D 181 -7.28 35.82 40.44
CA VAL D 181 -7.83 34.61 41.05
C VAL D 181 -6.75 33.70 41.61
N VAL D 182 -5.48 33.94 41.30
CA VAL D 182 -4.40 33.11 41.81
C VAL D 182 -4.18 33.31 43.29
N CYS D 183 -4.71 34.38 43.87
CA CYS D 183 -4.56 34.66 45.29
C CYS D 183 -5.85 35.04 45.98
N GLY D 184 -6.97 35.13 45.26
CA GLY D 184 -8.25 35.50 45.84
C GLY D 184 -9.26 34.38 45.79
N ARG D 185 -9.15 33.53 44.77
CA ARG D 185 -10.06 32.40 44.59
C ARG D 185 -9.31 31.09 44.78
N MET D 186 -10.02 30.10 45.31
CA MET D 186 -9.45 28.77 45.55
C MET D 186 -10.06 27.71 44.64
N ALA D 187 -10.59 28.11 43.48
CA ALA D 187 -11.18 27.17 42.53
C ALA D 187 -10.05 26.47 41.78
N CYS D 188 -9.58 25.35 42.35
CA CYS D 188 -8.50 24.57 41.76
C CYS D 188 -7.24 25.41 41.58
N SER D 189 -7.01 26.35 42.50
CA SER D 189 -5.85 27.23 42.43
C SER D 189 -5.52 27.71 43.84
N PRO D 190 -4.65 27.00 44.55
CA PRO D 190 -4.29 27.44 45.90
C PRO D 190 -3.73 28.85 45.90
N THR D 191 -4.02 29.58 46.98
CA THR D 191 -3.59 30.97 47.13
C THR D 191 -2.11 30.97 47.50
N HIS D 192 -1.26 30.89 46.48
CA HIS D 192 0.20 30.90 46.62
C HIS D 192 0.65 30.02 47.80
N ASP D 193 0.00 28.88 47.98
CA ASP D 193 0.35 27.95 49.05
C ASP D 193 1.55 27.12 48.62
N GLU D 194 2.71 27.40 49.20
CA GLU D 194 3.92 26.68 48.86
C GLU D 194 4.13 25.43 49.72
N HIS D 195 3.47 25.35 50.88
CA HIS D 195 3.60 24.21 51.77
C HIS D 195 2.33 23.35 51.76
N LEU D 196 1.68 23.25 50.60
CA LEU D 196 0.46 22.45 50.47
C LEU D 196 0.84 20.97 50.49
N LEU D 197 0.67 20.33 51.64
CA LEU D 197 1.00 18.92 51.81
C LEU D 197 -0.31 18.16 52.10
N HIS D 198 -0.82 17.48 51.08
CA HIS D 198 -2.06 16.71 51.21
C HIS D 198 -1.75 15.41 51.94
N GLY D 199 -1.62 15.52 53.26
CA GLY D 199 -1.31 14.36 54.08
C GLY D 199 -0.03 13.65 53.70
N GLY D 200 0.98 14.39 53.24
CA GLY D 200 2.25 13.83 52.85
C GLY D 200 2.53 13.90 51.36
N GLN D 201 1.54 14.25 50.55
CA GLN D 201 1.74 14.35 49.11
C GLN D 201 2.01 15.79 48.73
N PRO D 202 3.22 16.15 48.29
CA PRO D 202 3.49 17.54 47.90
C PRO D 202 2.70 17.93 46.66
N PRO D 203 2.84 19.18 46.21
CA PRO D 203 2.11 19.59 44.99
C PRO D 203 2.70 18.98 43.73
N GLU D 204 2.33 17.73 43.46
CA GLU D 204 2.79 16.99 42.27
C GLU D 204 4.29 17.19 42.07
N GLY D 205 5.05 16.99 43.14
CA GLY D 205 6.49 17.11 43.09
C GLY D 205 7.19 15.81 42.76
N ASP D 206 6.78 15.17 41.67
CA ASP D 206 7.34 13.89 41.22
C ASP D 206 8.05 14.10 39.89
N PRO D 207 9.36 14.32 39.90
CA PRO D 207 10.07 14.53 38.62
C PRO D 207 9.90 13.37 37.65
N ASP D 208 9.72 12.14 38.13
CA ASP D 208 9.50 11.02 37.24
C ASP D 208 8.23 11.22 36.42
N LEU D 209 7.14 11.60 37.08
CA LEU D 209 5.90 11.88 36.35
C LEU D 209 6.07 13.05 35.40
N ALA D 210 6.94 14.01 35.74
CA ALA D 210 7.17 15.14 34.85
C ALA D 210 7.80 14.68 33.54
N LYS D 211 8.73 13.72 33.60
CA LYS D 211 9.34 13.19 32.39
C LYS D 211 8.40 12.25 31.65
N ILE D 212 7.59 11.48 32.38
CA ILE D 212 6.59 10.63 31.73
C ILE D 212 5.62 11.50 30.92
N LEU D 213 5.16 12.60 31.51
CA LEU D 213 4.25 13.51 30.81
C LEU D 213 4.97 14.16 29.63
N GLU D 214 6.25 14.47 29.77
CA GLU D 214 6.99 15.06 28.66
C GLU D 214 7.07 14.10 27.48
N GLU D 215 7.38 12.82 27.75
CA GLU D 215 7.43 11.84 26.68
C GLU D 215 6.04 11.60 26.08
N VAL D 216 5.00 11.58 26.92
CA VAL D 216 3.65 11.43 26.42
C VAL D 216 3.29 12.58 25.49
N ARG D 217 3.67 13.80 25.86
CA ARG D 217 3.41 14.96 25.00
C ARG D 217 4.23 14.90 23.72
N TYR D 218 5.45 14.36 23.79
CA TYR D 218 6.25 14.22 22.58
C TYR D 218 5.60 13.25 21.60
N ILE D 219 5.15 12.09 22.10
CA ILE D 219 4.47 11.14 21.21
C ILE D 219 3.15 11.70 20.72
N ALA D 220 2.47 12.50 21.54
CA ALA D 220 1.23 13.14 21.11
C ALA D 220 1.50 14.15 20.01
N ASN D 221 2.60 14.89 20.10
CA ASN D 221 2.96 15.83 19.04
C ASN D 221 3.34 15.08 17.76
N ARG D 222 4.00 13.93 17.89
CA ARG D 222 4.28 13.10 16.72
C ARG D 222 2.98 12.65 16.06
N PHE D 223 2.03 12.18 16.86
CA PHE D 223 0.74 11.76 16.32
C PHE D 223 0.00 12.94 15.69
N ARG D 224 0.13 14.13 16.27
CA ARG D 224 -0.51 15.31 15.70
C ARG D 224 0.11 15.69 14.37
N CYS D 225 1.44 15.55 14.25
CA CYS D 225 2.09 15.81 12.97
C CYS D 225 1.64 14.78 11.93
N GLN D 226 1.49 13.52 12.34
CA GLN D 226 0.98 12.51 11.41
C GLN D 226 -0.44 12.85 10.97
N ASP D 227 -1.29 13.28 11.89
CA ASP D 227 -2.65 13.67 11.55
C ASP D 227 -2.66 14.88 10.63
N GLU D 228 -1.74 15.83 10.84
CA GLU D 228 -1.65 16.99 9.97
C GLU D 228 -1.23 16.57 8.57
N SER D 229 -0.28 15.64 8.46
CA SER D 229 0.10 15.13 7.14
C SER D 229 -1.06 14.43 6.45
N GLU D 230 -1.83 13.65 7.22
CA GLU D 230 -3.00 12.97 6.65
C GLU D 230 -4.03 13.99 6.18
N ALA D 231 -4.24 15.05 6.95
CA ALA D 231 -5.20 16.09 6.57
C ALA D 231 -4.73 16.83 5.33
N VAL D 232 -3.41 17.07 5.21
CA VAL D 232 -2.88 17.71 4.01
C VAL D 232 -3.08 16.82 2.80
N CYS D 233 -2.87 15.51 2.97
CA CYS D 233 -3.09 14.57 1.88
C CYS D 233 -4.56 14.55 1.47
N SER D 234 -5.47 14.58 2.44
CA SER D 234 -6.90 14.62 2.14
C SER D 234 -7.28 15.90 1.42
N GLU D 235 -6.68 17.03 1.83
CA GLU D 235 -6.95 18.29 1.16
C GLU D 235 -6.44 18.26 -0.28
N TRP D 236 -5.26 17.68 -0.50
CA TRP D 236 -4.75 17.55 -1.85
C TRP D 236 -5.65 16.66 -2.70
N LYS D 237 -6.16 15.58 -2.12
CA LYS D 237 -7.08 14.70 -2.84
C LYS D 237 -8.37 15.46 -3.21
N PHE D 238 -8.91 16.23 -2.27
CA PHE D 238 -10.12 16.99 -2.54
C PHE D 238 -9.88 18.08 -3.57
N ALA D 239 -8.67 18.64 -3.61
CA ALA D 239 -8.35 19.66 -4.62
C ALA D 239 -8.17 19.04 -5.99
N ALA D 240 -7.62 17.82 -6.05
CA ALA D 240 -7.47 17.13 -7.32
C ALA D 240 -8.81 16.62 -7.85
N CYS D 241 -9.73 16.24 -6.96
CA CYS D 241 -11.06 15.81 -7.39
C CYS D 241 -11.86 16.99 -7.95
N VAL D 242 -11.61 18.20 -7.45
CA VAL D 242 -12.28 19.38 -8.01
C VAL D 242 -11.87 19.57 -9.46
N VAL D 243 -10.60 19.31 -9.77
CA VAL D 243 -10.14 19.41 -11.16
C VAL D 243 -10.85 18.39 -12.03
N ASP D 244 -11.02 17.17 -11.53
CA ASP D 244 -11.75 16.15 -12.30
C ASP D 244 -13.19 16.57 -12.52
N ARG D 245 -13.85 17.11 -11.49
CA ARG D 245 -15.22 17.55 -11.63
C ARG D 245 -15.34 18.67 -12.66
N LEU D 246 -14.42 19.63 -12.61
CA LEU D 246 -14.44 20.73 -13.58
C LEU D 246 -14.22 20.20 -15.00
N CYS D 247 -13.24 19.29 -15.17
CA CYS D 247 -12.99 18.72 -16.49
C CYS D 247 -14.22 17.99 -17.01
N LEU D 248 -14.89 17.23 -16.15
CA LEU D 248 -16.09 16.52 -16.57
C LEU D 248 -17.18 17.50 -16.98
N MET D 249 -17.43 18.52 -16.15
CA MET D 249 -18.47 19.49 -16.46
C MET D 249 -18.17 20.24 -17.76
N ALA D 250 -16.88 20.44 -18.06
CA ALA D 250 -16.51 21.15 -19.28
C ALA D 250 -16.63 20.25 -20.50
N PHE D 251 -16.18 19.00 -20.39
CA PHE D 251 -16.17 18.08 -21.53
C PHE D 251 -17.53 17.46 -21.80
N SER D 252 -18.49 17.53 -20.86
CA SER D 252 -19.81 16.98 -21.11
C SER D 252 -20.46 17.65 -22.32
N VAL D 253 -20.49 18.98 -22.33
CA VAL D 253 -21.11 19.71 -23.44
C VAL D 253 -20.34 19.48 -24.73
N PHE D 254 -19.01 19.38 -24.63
CA PHE D 254 -18.20 19.14 -25.82
C PHE D 254 -18.55 17.79 -26.44
N THR D 255 -18.62 16.75 -25.61
CA THR D 255 -18.97 15.42 -26.12
C THR D 255 -20.40 15.40 -26.66
N ILE D 256 -21.32 16.13 -26.01
CA ILE D 256 -22.69 16.19 -26.52
C ILE D 256 -22.72 16.82 -27.89
N ILE D 257 -21.99 17.93 -28.06
CA ILE D 257 -21.96 18.61 -29.36
C ILE D 257 -21.32 17.73 -30.40
N CYS D 258 -20.26 17.01 -30.02
CA CYS D 258 -19.60 16.11 -30.98
C CYS D 258 -20.54 14.99 -31.42
N THR D 259 -21.27 14.40 -30.48
CA THR D 259 -22.22 13.35 -30.83
C THR D 259 -23.33 13.88 -31.70
N ILE D 260 -23.81 15.10 -31.43
CA ILE D 260 -24.86 15.69 -32.25
C ILE D 260 -24.36 15.96 -33.65
N GLY D 261 -23.11 16.43 -33.78
CA GLY D 261 -22.56 16.69 -35.10
C GLY D 261 -22.32 15.41 -35.89
N ILE D 262 -21.88 14.35 -35.20
CA ILE D 262 -21.66 13.07 -35.87
C ILE D 262 -22.96 12.57 -36.49
N LEU D 263 -24.10 12.84 -35.84
CA LEU D 263 -25.38 12.43 -36.40
C LEU D 263 -25.85 13.39 -37.48
N MET D 264 -25.62 14.70 -37.30
CA MET D 264 -26.03 15.66 -38.30
C MET D 264 -25.22 15.53 -39.59
N SER D 265 -23.95 15.15 -39.48
CA SER D 265 -23.09 14.99 -40.64
C SER D 265 -23.07 13.57 -41.19
N ALA D 266 -23.79 12.64 -40.56
CA ALA D 266 -23.80 11.26 -41.05
C ALA D 266 -24.36 11.14 -42.46
N PRO D 267 -25.45 11.82 -42.83
CA PRO D 267 -25.93 11.70 -44.21
C PRO D 267 -24.91 12.12 -45.25
N ASN D 268 -24.06 13.10 -44.94
CA ASN D 268 -23.06 13.55 -45.91
C ASN D 268 -22.02 12.48 -46.18
N PHE D 269 -21.56 11.79 -45.12
CA PHE D 269 -20.53 10.77 -45.30
C PHE D 269 -21.12 9.51 -45.91
N VAL D 270 -22.33 9.12 -45.50
CA VAL D 270 -22.97 7.92 -46.02
C VAL D 270 -24.49 8.03 -45.85
N LEU E 7 -13.06 -26.23 -39.73
CA LEU E 7 -13.34 -26.72 -38.39
C LEU E 7 -12.75 -25.80 -37.33
N TYR E 8 -11.54 -25.31 -37.59
CA TYR E 8 -10.87 -24.43 -36.65
C TYR E 8 -11.60 -23.10 -36.47
N TYR E 9 -12.39 -22.68 -37.47
CA TYR E 9 -13.11 -21.42 -37.37
C TYR E 9 -14.12 -21.46 -36.23
N GLY E 10 -14.87 -22.55 -36.12
CA GLY E 10 -15.86 -22.67 -35.06
C GLY E 10 -15.23 -22.59 -33.68
N LEU E 11 -14.13 -23.31 -33.48
CA LEU E 11 -13.46 -23.27 -32.18
C LEU E 11 -12.87 -21.90 -31.91
N ASN E 12 -12.23 -21.29 -32.91
CA ASN E 12 -11.66 -19.96 -32.73
C ASN E 12 -12.72 -18.91 -32.45
N LEU E 13 -13.96 -19.12 -32.89
CA LEU E 13 -15.04 -18.19 -32.59
C LEU E 13 -15.72 -18.49 -31.26
N LEU E 14 -15.73 -19.76 -30.84
CA LEU E 14 -16.44 -20.14 -29.62
C LEU E 14 -15.59 -19.97 -28.36
N ILE E 15 -14.36 -20.50 -28.39
CA ILE E 15 -13.54 -20.50 -27.17
C ILE E 15 -13.31 -19.09 -26.64
N PRO E 16 -12.90 -18.10 -27.45
CA PRO E 16 -12.66 -16.76 -26.88
C PRO E 16 -13.90 -16.14 -26.26
N CYS E 17 -15.06 -16.29 -26.90
CA CYS E 17 -16.29 -15.70 -26.36
C CYS E 17 -16.65 -16.31 -25.02
N VAL E 18 -16.61 -17.64 -24.93
CA VAL E 18 -16.94 -18.30 -23.67
C VAL E 18 -15.93 -17.93 -22.59
N LEU E 19 -14.65 -17.85 -22.96
CA LEU E 19 -13.63 -17.48 -21.99
C LEU E 19 -13.86 -16.07 -21.47
N ILE E 20 -14.17 -15.12 -22.37
CA ILE E 20 -14.40 -13.75 -21.95
C ILE E 20 -15.63 -13.67 -21.06
N SER E 21 -16.68 -14.43 -21.40
CA SER E 21 -17.89 -14.42 -20.58
C SER E 21 -17.60 -14.96 -19.18
N ALA E 22 -16.86 -16.07 -19.10
CA ALA E 22 -16.52 -16.63 -17.80
C ALA E 22 -15.66 -15.66 -16.99
N LEU E 23 -14.72 -14.99 -17.64
CA LEU E 23 -13.86 -14.04 -16.95
C LEU E 23 -14.67 -12.85 -16.44
N ALA E 24 -15.60 -12.35 -17.25
CA ALA E 24 -16.45 -11.25 -16.80
C ALA E 24 -17.31 -11.67 -15.62
N LEU E 25 -17.89 -12.88 -15.68
CA LEU E 25 -18.69 -13.37 -14.57
C LEU E 25 -17.86 -13.50 -13.30
N LEU E 26 -16.63 -14.01 -13.42
CA LEU E 26 -15.76 -14.14 -12.26
C LEU E 26 -15.38 -12.78 -11.69
N VAL E 27 -15.10 -11.81 -12.55
CA VAL E 27 -14.76 -10.46 -12.09
C VAL E 27 -15.94 -9.84 -11.38
N PHE E 28 -17.15 -10.04 -11.90
CA PHE E 28 -18.35 -9.55 -11.24
C PHE E 28 -18.62 -10.27 -9.93
N LEU E 29 -18.16 -11.52 -9.80
CA LEU E 29 -18.31 -12.25 -8.55
C LEU E 29 -17.33 -11.79 -7.48
N LEU E 30 -16.22 -11.18 -7.87
CA LEU E 30 -15.25 -10.71 -6.90
C LEU E 30 -15.79 -9.50 -6.15
N PRO E 31 -15.33 -9.26 -4.93
CA PRO E 31 -15.77 -8.09 -4.16
C PRO E 31 -15.01 -6.84 -4.59
N ALA E 32 -15.30 -5.74 -3.90
CA ALA E 32 -14.65 -4.46 -4.18
C ALA E 32 -13.24 -4.49 -3.61
N ASP E 33 -12.33 -5.07 -4.39
CA ASP E 33 -10.94 -5.22 -4.01
C ASP E 33 -10.12 -4.08 -4.62
N SER E 34 -8.80 -4.18 -4.50
CA SER E 34 -7.89 -3.18 -5.03
C SER E 34 -7.73 -3.40 -6.55
N GLY E 35 -6.74 -2.74 -7.14
CA GLY E 35 -6.51 -2.88 -8.56
C GLY E 35 -6.39 -4.32 -9.02
N GLU E 36 -6.01 -5.22 -8.12
CA GLU E 36 -5.89 -6.64 -8.47
C GLU E 36 -7.07 -7.11 -9.30
N LYS E 37 -8.28 -6.70 -8.93
CA LYS E 37 -9.48 -7.04 -9.69
C LYS E 37 -9.76 -6.05 -10.81
N ILE E 38 -9.52 -4.76 -10.56
CA ILE E 38 -9.84 -3.74 -11.56
C ILE E 38 -9.12 -4.04 -12.87
N SER E 39 -7.84 -4.40 -12.79
CA SER E 39 -7.08 -4.73 -13.98
C SER E 39 -7.81 -5.78 -14.83
N LEU E 40 -8.37 -6.79 -14.17
CA LEU E 40 -9.12 -7.81 -14.90
C LEU E 40 -10.26 -7.17 -15.70
N GLY E 41 -11.03 -6.31 -15.05
CA GLY E 41 -12.12 -5.63 -15.73
C GLY E 41 -11.68 -4.86 -16.96
N ILE E 42 -10.39 -4.54 -17.06
CA ILE E 42 -9.86 -3.87 -18.25
C ILE E 42 -9.48 -4.87 -19.32
N THR E 43 -8.92 -6.01 -18.92
CA THR E 43 -8.48 -7.01 -19.90
C THR E 43 -9.64 -7.45 -20.78
N VAL E 44 -10.79 -7.76 -20.16
CA VAL E 44 -11.95 -8.19 -20.93
C VAL E 44 -12.33 -7.15 -21.98
N LEU E 45 -12.01 -5.89 -21.72
CA LEU E 45 -12.28 -4.82 -22.68
C LEU E 45 -11.18 -4.66 -23.71
N LEU E 46 -9.93 -4.95 -23.32
CA LEU E 46 -8.81 -4.79 -24.25
C LEU E 46 -8.62 -6.03 -25.11
N SER E 47 -8.54 -7.20 -24.47
CA SER E 47 -8.30 -8.44 -25.21
C SER E 47 -9.31 -8.62 -26.33
N LEU E 48 -10.58 -8.31 -26.06
CA LEU E 48 -11.61 -8.46 -27.09
C LEU E 48 -11.24 -7.70 -28.36
N THR E 49 -10.71 -6.48 -28.20
CA THR E 49 -10.32 -5.71 -29.38
C THR E 49 -9.33 -6.48 -30.23
N VAL E 50 -8.34 -7.13 -29.61
CA VAL E 50 -7.40 -7.94 -30.36
C VAL E 50 -8.13 -9.00 -31.17
N PHE E 51 -9.13 -9.64 -30.56
CA PHE E 51 -9.91 -10.63 -31.28
C PHE E 51 -10.58 -10.01 -32.52
N MET E 52 -11.06 -8.78 -32.39
CA MET E 52 -11.68 -8.11 -33.53
C MET E 52 -10.73 -8.01 -34.71
N LEU E 53 -9.42 -8.03 -34.48
CA LEU E 53 -8.47 -8.02 -35.58
C LEU E 53 -8.44 -9.36 -36.29
N LEU E 54 -8.47 -10.46 -35.53
CA LEU E 54 -8.41 -11.79 -36.12
C LEU E 54 -9.45 -11.96 -37.21
N VAL E 55 -10.72 -11.81 -36.86
CA VAL E 55 -11.79 -11.91 -37.85
C VAL E 55 -11.57 -10.89 -38.95
N ALA E 56 -11.08 -9.69 -38.61
CA ALA E 56 -10.85 -8.67 -39.62
C ALA E 56 -9.89 -9.12 -40.69
N GLU E 57 -9.04 -10.10 -40.39
CA GLU E 57 -8.12 -10.64 -41.39
C GLU E 57 -8.74 -11.76 -42.21
N ILE E 58 -9.71 -12.48 -41.65
CA ILE E 58 -10.36 -13.59 -42.35
C ILE E 58 -11.82 -13.31 -42.65
N MET E 59 -12.38 -12.20 -42.17
CA MET E 59 -13.79 -11.87 -42.40
C MET E 59 -13.92 -10.36 -42.51
N PRO E 60 -13.53 -9.78 -43.64
CA PRO E 60 -13.65 -8.32 -43.79
C PRO E 60 -15.10 -7.87 -43.77
N SER E 61 -15.38 -6.87 -42.92
CA SER E 61 -16.74 -6.38 -42.79
C SER E 61 -17.24 -5.73 -44.08
N THR E 62 -16.34 -5.28 -44.95
CA THR E 62 -16.75 -4.66 -46.21
C THR E 62 -17.60 -5.61 -47.04
N SER E 63 -17.05 -6.78 -47.36
CA SER E 63 -17.75 -7.76 -48.18
C SER E 63 -18.54 -8.77 -47.36
N ASP E 64 -18.31 -8.85 -46.06
CA ASP E 64 -19.01 -9.81 -45.21
C ASP E 64 -19.79 -9.11 -44.11
N SER E 65 -20.51 -8.04 -44.46
CA SER E 65 -21.30 -7.27 -43.49
C SER E 65 -22.56 -8.08 -43.17
N SER E 66 -22.44 -8.99 -42.20
CA SER E 66 -23.56 -9.81 -41.79
C SER E 66 -24.21 -9.24 -40.54
N PRO E 67 -25.53 -8.99 -40.53
CA PRO E 67 -26.16 -8.45 -39.32
C PRO E 67 -26.43 -9.47 -38.24
N SER E 68 -26.45 -10.77 -38.57
CA SER E 68 -26.74 -11.79 -37.57
C SER E 68 -25.68 -11.78 -36.47
N ILE E 69 -24.41 -11.93 -36.85
CA ILE E 69 -23.33 -11.94 -35.87
C ILE E 69 -23.01 -10.54 -35.35
N ALA E 70 -23.46 -9.50 -36.05
CA ALA E 70 -23.19 -8.13 -35.59
C ALA E 70 -23.88 -7.87 -34.26
N GLN E 71 -25.09 -8.39 -34.07
CA GLN E 71 -25.79 -8.20 -32.81
C GLN E 71 -25.03 -8.84 -31.65
N TYR E 72 -24.53 -10.07 -31.87
CA TYR E 72 -23.78 -10.74 -30.81
C TYR E 72 -22.44 -10.04 -30.55
N PHE E 73 -21.79 -9.54 -31.60
CA PHE E 73 -20.56 -8.79 -31.40
C PHE E 73 -20.80 -7.53 -30.59
N ALA E 74 -21.88 -6.81 -30.89
CA ALA E 74 -22.22 -5.61 -30.12
C ALA E 74 -22.57 -5.97 -28.68
N SER E 75 -23.27 -7.09 -28.48
CA SER E 75 -23.60 -7.51 -27.13
C SER E 75 -22.35 -7.82 -26.33
N THR E 76 -21.40 -8.53 -26.94
CA THR E 76 -20.13 -8.80 -26.25
C THR E 76 -19.38 -7.51 -25.95
N MET E 77 -19.33 -6.60 -26.92
CA MET E 77 -18.69 -5.30 -26.70
C MET E 77 -19.39 -4.53 -25.59
N ILE E 78 -20.72 -4.53 -25.60
CA ILE E 78 -21.48 -3.82 -24.57
C ILE E 78 -21.19 -4.42 -23.19
N ILE E 79 -21.07 -5.74 -23.12
CA ILE E 79 -20.83 -6.40 -21.84
C ILE E 79 -19.43 -6.05 -21.32
N VAL E 80 -18.43 -6.16 -22.19
CA VAL E 80 -17.06 -5.85 -21.75
C VAL E 80 -16.93 -4.37 -21.40
N GLY E 81 -17.74 -3.51 -22.02
CA GLY E 81 -17.73 -2.11 -21.64
C GLY E 81 -18.39 -1.86 -20.30
N LEU E 82 -19.58 -2.43 -20.11
CA LEU E 82 -20.28 -2.29 -18.83
C LEU E 82 -19.50 -2.91 -17.69
N SER E 83 -18.62 -3.86 -17.96
CA SER E 83 -17.74 -4.37 -16.92
C SER E 83 -16.91 -3.24 -16.32
N VAL E 84 -16.29 -2.43 -17.17
CA VAL E 84 -15.50 -1.30 -16.67
C VAL E 84 -16.39 -0.30 -15.96
N VAL E 85 -17.63 -0.12 -16.44
CA VAL E 85 -18.55 0.83 -15.79
C VAL E 85 -18.87 0.38 -14.38
N VAL E 86 -19.16 -0.92 -14.20
CA VAL E 86 -19.48 -1.42 -12.87
C VAL E 86 -18.24 -1.40 -11.98
N THR E 87 -17.06 -1.64 -12.54
CA THR E 87 -15.83 -1.52 -11.74
C THR E 87 -15.62 -0.08 -11.27
N VAL E 88 -15.91 0.88 -12.14
CA VAL E 88 -15.77 2.29 -11.77
C VAL E 88 -16.80 2.65 -10.70
N ILE E 89 -18.02 2.13 -10.82
CA ILE E 89 -19.05 2.38 -9.81
C ILE E 89 -18.61 1.79 -8.47
N VAL E 90 -18.00 0.61 -8.50
CA VAL E 90 -17.50 -0.02 -7.28
C VAL E 90 -16.41 0.84 -6.65
N LEU E 91 -15.48 1.32 -7.48
CA LEU E 91 -14.41 2.19 -6.97
C LEU E 91 -14.99 3.46 -6.35
N GLN E 92 -16.01 4.04 -6.99
CA GLN E 92 -16.60 5.26 -6.47
C GLN E 92 -17.31 5.01 -5.14
N TYR E 93 -18.07 3.92 -5.05
CA TYR E 93 -18.76 3.60 -3.81
C TYR E 93 -17.79 3.15 -2.72
N HIS E 94 -16.58 2.74 -3.09
CA HIS E 94 -15.57 2.38 -2.10
C HIS E 94 -14.76 3.57 -1.64
N HIS E 95 -14.63 4.61 -2.47
CA HIS E 95 -13.87 5.81 -2.10
C HIS E 95 -14.77 6.86 -1.45
N HIS E 96 -15.94 7.12 -2.04
CA HIS E 96 -16.91 8.06 -1.49
C HIS E 96 -16.28 9.45 -1.30
N ASP E 97 -15.93 10.04 -2.44
CA ASP E 97 -15.37 11.39 -2.48
C ASP E 97 -16.18 12.32 -1.58
N PRO E 98 -15.56 12.96 -0.57
CA PRO E 98 -16.33 13.81 0.34
C PRO E 98 -17.11 14.91 -0.37
N ASP E 99 -16.68 15.30 -1.56
CA ASP E 99 -17.37 16.35 -2.29
C ASP E 99 -18.83 15.99 -2.55
N GLY E 100 -19.11 14.71 -2.78
CA GLY E 100 -20.46 14.25 -3.01
C GLY E 100 -20.73 12.90 -2.37
N GLY E 101 -21.35 12.00 -3.12
CA GLY E 101 -21.63 10.66 -2.64
C GLY E 101 -23.14 10.41 -2.52
N LYS E 102 -23.45 9.14 -2.30
CA LYS E 102 -24.84 8.73 -2.16
C LYS E 102 -25.35 9.04 -0.76
N MET E 103 -26.67 9.17 -0.64
CA MET E 103 -27.30 9.44 0.64
C MET E 103 -26.88 8.39 1.66
N PRO E 104 -26.28 8.79 2.80
CA PRO E 104 -25.81 7.77 3.75
C PRO E 104 -26.91 6.85 4.26
N LYS E 105 -27.99 7.41 4.81
CA LYS E 105 -29.01 6.58 5.46
C LYS E 105 -29.86 5.84 4.45
N TRP E 106 -30.22 6.50 3.35
CA TRP E 106 -31.06 5.86 2.34
C TRP E 106 -30.36 4.64 1.76
N THR E 107 -29.04 4.70 1.59
CA THR E 107 -28.28 3.57 1.07
C THR E 107 -28.01 2.54 2.17
N ARG E 108 -27.77 3.01 3.40
CA ARG E 108 -27.50 2.09 4.50
C ARG E 108 -28.71 1.22 4.81
N VAL E 109 -29.91 1.75 4.67
CA VAL E 109 -31.12 0.95 4.91
C VAL E 109 -31.18 -0.20 3.91
N ILE E 110 -31.00 0.11 2.63
CA ILE E 110 -31.04 -0.93 1.60
C ILE E 110 -29.91 -1.92 1.80
N LEU E 111 -28.74 -1.46 2.25
CA LEU E 111 -27.62 -2.36 2.48
C LEU E 111 -27.91 -3.31 3.64
N LEU E 112 -28.49 -2.79 4.72
CA LEU E 112 -28.86 -3.66 5.83
C LEU E 112 -29.94 -4.65 5.41
N ASN E 113 -30.86 -4.23 4.56
CA ASN E 113 -31.89 -5.15 4.06
C ASN E 113 -31.26 -6.26 3.22
N TRP E 114 -30.35 -5.90 2.33
CA TRP E 114 -29.70 -6.89 1.49
C TRP E 114 -28.81 -7.83 2.30
N CYS E 115 -28.22 -7.33 3.40
CA CYS E 115 -27.41 -8.19 4.25
C CYS E 115 -28.22 -9.38 4.75
N ALA E 116 -29.48 -9.16 5.09
CA ALA E 116 -30.34 -10.25 5.54
C ALA E 116 -30.95 -11.02 4.36
N TRP E 117 -31.24 -10.32 3.26
CA TRP E 117 -31.82 -10.99 2.10
C TRP E 117 -30.84 -11.95 1.42
N PHE E 118 -29.54 -11.73 1.59
CA PHE E 118 -28.56 -12.60 0.95
C PHE E 118 -28.48 -13.94 1.67
N LEU E 119 -28.35 -13.93 3.00
CA LEU E 119 -28.28 -15.17 3.76
C LEU E 119 -29.66 -15.79 3.93
N ARG E 120 -30.60 -15.03 4.50
CA ARG E 120 -31.97 -15.49 4.70
C ARG E 120 -32.84 -14.79 3.66
N MET E 121 -32.98 -15.43 2.50
CA MET E 121 -33.75 -14.85 1.41
C MET E 121 -35.20 -14.66 1.84
N LYS E 122 -35.82 -13.59 1.31
CA LYS E 122 -37.22 -13.28 1.62
C LYS E 122 -38.11 -14.22 0.83
N ARG E 123 -38.30 -15.42 1.38
CA ARG E 123 -39.12 -16.44 0.74
C ARG E 123 -39.69 -17.34 1.83
N PRO E 124 -40.73 -18.11 1.53
CA PRO E 124 -41.31 -18.98 2.56
C PRO E 124 -40.33 -20.00 3.10
N GLY E 125 -39.43 -20.51 2.27
CA GLY E 125 -38.49 -21.52 2.71
C GLY E 125 -37.61 -21.06 3.87
N GLU E 126 -37.35 -19.75 3.95
CA GLU E 126 -36.53 -19.19 5.02
C GLU E 126 -37.35 -18.54 6.11
N ASP E 127 -38.64 -18.26 5.87
CA ASP E 127 -39.49 -17.63 6.86
C ASP E 127 -40.24 -18.64 7.72
N LYS E 128 -40.72 -19.73 7.11
CA LYS E 128 -41.46 -20.75 7.84
C LYS E 128 -40.56 -21.77 8.51
N VAL E 129 -39.40 -22.07 7.92
CA VAL E 129 -38.48 -23.05 8.48
C VAL E 129 -37.55 -22.29 9.42
N ARG E 130 -37.99 -22.12 10.66
CA ARG E 130 -37.23 -21.43 11.68
C ARG E 130 -37.93 -21.62 13.02
N PRO E 131 -37.23 -21.37 14.13
CA PRO E 131 -37.88 -21.53 15.44
C PRO E 131 -39.09 -20.63 15.58
N ALA E 132 -40.14 -21.16 16.20
CA ALA E 132 -41.38 -20.43 16.42
C ALA E 132 -42.04 -20.95 17.68
N CYS E 133 -42.76 -20.05 18.35
CA CYS E 133 -43.45 -20.41 19.58
C CYS E 133 -44.56 -19.39 19.84
N GLN E 134 -45.59 -19.82 20.55
CA GLN E 134 -46.71 -18.95 20.88
C GLN E 134 -46.43 -18.08 22.09
N HIS E 135 -45.42 -18.40 22.89
CA HIS E 135 -45.09 -17.60 24.06
C HIS E 135 -44.85 -16.15 23.68
N LYS E 136 -45.01 -15.27 24.66
CA LYS E 136 -44.83 -13.83 24.44
C LYS E 136 -43.38 -13.44 24.17
N GLN E 137 -42.44 -14.39 24.26
CA GLN E 137 -41.04 -14.06 24.01
C GLN E 137 -40.80 -13.62 22.57
N ARG E 138 -41.71 -13.95 21.66
CA ARG E 138 -41.59 -13.56 20.25
C ARG E 138 -42.43 -12.36 19.90
N ARG E 139 -43.09 -11.73 20.87
CA ARG E 139 -43.93 -10.58 20.61
C ARG E 139 -43.13 -9.29 20.80
N CYS E 140 -43.73 -8.18 20.38
CA CYS E 140 -43.12 -6.86 20.47
C CYS E 140 -43.88 -6.00 21.47
N SER E 141 -43.24 -4.91 21.87
CA SER E 141 -43.82 -3.98 22.82
C SER E 141 -43.34 -2.56 22.48
N LEU E 142 -43.88 -1.58 23.21
CA LEU E 142 -43.48 -0.20 22.98
C LEU E 142 -42.01 0.03 23.31
N ALA E 143 -41.46 -0.75 24.24
CA ALA E 143 -40.05 -0.59 24.61
C ALA E 143 -39.12 -1.25 23.61
N SER E 144 -39.56 -2.31 22.95
CA SER E 144 -38.71 -3.01 21.98
C SER E 144 -38.76 -2.36 20.60
N VAL E 145 -39.88 -1.74 20.26
CA VAL E 145 -40.02 -1.09 18.95
C VAL E 145 -39.32 0.26 19.00
N GLU E 146 -38.44 0.51 18.02
CA GLU E 146 -37.70 1.75 17.92
C GLU E 146 -38.11 2.57 16.70
N MET E 147 -39.38 2.46 16.31
CA MET E 147 -39.89 3.19 15.15
C MET E 147 -40.27 4.63 15.48
N SER E 148 -39.91 5.13 16.66
CA SER E 148 -40.23 6.50 17.06
C SER E 148 -38.97 7.35 17.23
N ALA E 149 -37.87 6.96 16.59
CA ALA E 149 -36.61 7.70 16.67
C ALA E 149 -36.15 7.80 18.12
N VAL E 150 -36.02 6.64 18.78
CA VAL E 150 -35.59 6.56 20.16
C VAL E 150 -34.43 5.57 20.25
N ALA E 151 -33.90 5.41 21.46
CA ALA E 151 -32.80 4.49 21.69
C ALA E 151 -33.24 3.06 21.40
N PRO E 152 -32.59 2.34 20.48
CA PRO E 152 -32.97 0.95 20.22
C PRO E 152 -32.86 0.10 21.48
N PRO E 153 -33.37 -1.12 21.46
CA PRO E 153 -33.30 -1.96 22.65
C PRO E 153 -31.86 -2.22 23.03
N PRO E 154 -31.59 -2.43 24.33
CA PRO E 154 -30.21 -2.70 24.76
C PRO E 154 -29.80 -4.13 24.43
N ALA E 155 -28.89 -4.26 23.46
CA ALA E 155 -28.39 -5.56 23.05
C ALA E 155 -26.89 -5.47 22.80
N SER E 156 -26.25 -6.63 22.78
CA SER E 156 -24.80 -6.73 22.57
C SER E 156 -24.44 -6.86 21.09
N ASN E 157 -25.41 -6.77 20.19
CA ASN E 157 -25.16 -6.91 18.76
C ASN E 157 -24.78 -5.58 18.11
N GLY E 158 -24.47 -4.55 18.91
CA GLY E 158 -24.09 -3.26 18.37
C GLY E 158 -25.05 -2.16 18.74
N ASN E 159 -25.80 -2.37 19.84
CA ASN E 159 -26.77 -1.39 20.32
C ASN E 159 -26.37 -0.78 21.66
N LEU E 160 -26.11 -1.61 22.66
CA LEU E 160 -25.74 -1.09 23.97
C LEU E 160 -24.40 -0.36 23.90
N LEU E 161 -23.38 -1.00 23.32
CA LEU E 161 -22.07 -0.37 23.21
C LEU E 161 -22.16 0.89 22.34
N TYR E 162 -23.01 0.88 21.32
CA TYR E 162 -23.18 2.05 20.48
C TYR E 162 -23.76 3.21 21.28
N ILE E 163 -24.88 2.96 21.98
CA ILE E 163 -25.50 4.00 22.78
C ILE E 163 -24.55 4.49 23.87
N GLY E 164 -23.65 3.62 24.33
CA GLY E 164 -22.71 4.03 25.37
C GLY E 164 -21.61 4.92 24.84
N PHE E 165 -20.93 4.48 23.77
CA PHE E 165 -19.79 5.22 23.25
C PHE E 165 -20.23 6.38 22.37
N ARG E 166 -20.93 6.08 21.27
CA ARG E 166 -21.34 7.12 20.33
C ARG E 166 -22.57 7.89 20.81
N GLY E 167 -23.38 7.29 21.68
CA GLY E 167 -24.57 7.97 22.18
C GLY E 167 -24.27 8.92 23.31
N LEU E 168 -23.60 10.03 23.00
CA LEU E 168 -23.26 11.00 24.02
C LEU E 168 -24.52 11.60 24.63
N ASP E 169 -24.35 12.23 25.79
CA ASP E 169 -25.44 12.87 26.53
C ASP E 169 -26.52 11.87 26.94
N GLY E 170 -26.18 10.58 26.96
CA GLY E 170 -27.12 9.54 27.33
C GLY E 170 -27.00 9.15 28.79
N VAL E 171 -27.52 7.97 29.11
CA VAL E 171 -27.46 7.49 30.49
C VAL E 171 -26.05 7.02 30.83
N HIS E 172 -25.28 6.59 29.84
CA HIS E 172 -23.92 6.13 30.10
C HIS E 172 -23.02 7.28 30.55
N CYS E 173 -23.28 8.49 30.08
CA CYS E 173 -22.47 9.64 30.44
C CYS E 173 -22.86 10.24 31.79
N VAL E 174 -24.09 10.02 32.24
CA VAL E 174 -24.55 10.54 33.52
C VAL E 174 -25.35 9.47 34.24
N PRO E 175 -24.73 8.35 34.64
CA PRO E 175 -25.43 7.27 35.34
C PRO E 175 -25.67 7.55 36.83
N THR E 176 -26.27 8.71 37.12
CA THR E 176 -26.56 9.14 38.48
C THR E 176 -28.06 9.35 38.64
N PRO E 177 -28.83 8.27 38.71
CA PRO E 177 -30.28 8.41 38.87
C PRO E 177 -30.65 8.88 40.27
N ASP E 178 -31.94 9.14 40.47
CA ASP E 178 -32.47 9.59 41.75
C ASP E 178 -32.55 8.40 42.70
N SER E 179 -31.41 8.09 43.31
CA SER E 179 -31.30 6.97 44.25
C SER E 179 -30.74 7.39 45.60
N GLY E 180 -29.80 8.33 45.62
CA GLY E 180 -29.23 8.79 46.87
C GLY E 180 -28.15 7.88 47.42
N VAL E 181 -27.43 7.17 46.55
CA VAL E 181 -26.35 6.29 47.01
C VAL E 181 -25.05 7.03 47.28
N VAL E 182 -24.95 8.30 46.87
CA VAL E 182 -23.73 9.05 47.10
C VAL E 182 -23.55 9.42 48.57
N CYS E 183 -24.61 9.29 49.38
CA CYS E 183 -24.54 9.62 50.80
C CYS E 183 -25.17 8.55 51.69
N GLY E 184 -25.74 7.50 51.12
CA GLY E 184 -26.36 6.46 51.90
C GLY E 184 -25.66 5.12 51.78
N ARG E 185 -25.03 4.88 50.63
CA ARG E 185 -24.30 3.65 50.36
C ARG E 185 -22.82 3.93 50.24
N MET E 186 -22.01 2.96 50.66
CA MET E 186 -20.56 3.08 50.60
C MET E 186 -19.94 2.10 49.60
N ALA E 187 -20.71 1.68 48.60
CA ALA E 187 -20.21 0.75 47.58
C ALA E 187 -19.35 1.55 46.60
N CYS E 188 -18.06 1.64 46.90
CA CYS E 188 -17.11 2.37 46.06
C CYS E 188 -17.53 3.84 45.89
N SER E 189 -18.15 4.41 46.92
CA SER E 189 -18.62 5.80 46.87
C SER E 189 -18.68 6.33 48.29
N PRO E 190 -17.60 6.96 48.77
CA PRO E 190 -17.62 7.52 50.12
C PRO E 190 -18.76 8.52 50.30
N THR E 191 -19.32 8.53 51.51
CA THR E 191 -20.44 9.41 51.84
C THR E 191 -19.90 10.83 52.04
N HIS E 192 -19.77 11.54 50.92
CA HIS E 192 -19.30 12.93 50.89
C HIS E 192 -18.10 13.13 51.83
N ASP E 193 -17.21 12.14 51.89
CA ASP E 193 -16.02 12.23 52.74
C ASP E 193 -14.96 13.06 52.03
N GLU E 194 -14.74 14.29 52.51
CA GLU E 194 -13.75 15.17 51.92
C GLU E 194 -12.36 15.00 52.52
N HIS E 195 -12.26 14.43 53.71
CA HIS E 195 -10.98 14.20 54.38
C HIS E 195 -10.58 12.73 54.36
N LEU E 196 -10.93 12.01 53.30
CA LEU E 196 -10.59 10.60 53.17
C LEU E 196 -9.10 10.47 52.88
N LEU E 197 -8.32 10.16 53.92
CA LEU E 197 -6.88 10.01 53.81
C LEU E 197 -6.53 8.55 54.11
N HIS E 198 -6.26 7.78 53.06
CA HIS E 198 -5.90 6.37 53.20
C HIS E 198 -4.45 6.28 53.67
N GLY E 199 -4.25 6.51 54.96
CA GLY E 199 -2.91 6.46 55.53
C GLY E 199 -1.94 7.40 54.88
N GLY E 200 -2.40 8.58 54.45
CA GLY E 200 -1.56 9.57 53.81
C GLY E 200 -1.84 9.77 52.34
N GLN E 201 -2.64 8.92 51.72
CA GLN E 201 -2.96 9.05 50.31
C GLN E 201 -4.30 9.77 50.15
N PRO E 202 -4.33 10.99 49.63
CA PRO E 202 -5.62 11.69 49.46
C PRO E 202 -6.47 11.01 48.41
N PRO E 203 -7.67 11.52 48.16
CA PRO E 203 -8.53 10.91 47.12
C PRO E 203 -8.02 11.19 45.72
N GLU E 204 -7.04 10.40 45.28
CA GLU E 204 -6.44 10.53 43.96
C GLU E 204 -6.17 11.99 43.61
N GLY E 205 -5.54 12.70 44.55
CA GLY E 205 -5.21 14.10 44.35
C GLY E 205 -3.84 14.29 43.73
N ASP E 206 -3.62 13.66 42.57
CA ASP E 206 -2.34 13.74 41.85
C ASP E 206 -2.60 14.39 40.50
N PRO E 207 -2.40 15.72 40.38
CA PRO E 207 -2.63 16.38 39.09
C PRO E 207 -1.80 15.78 37.96
N ASP E 208 -0.61 15.25 38.25
CA ASP E 208 0.19 14.63 37.21
C ASP E 208 -0.55 13.45 36.59
N LEU E 209 -1.10 12.58 37.43
CA LEU E 209 -1.88 11.45 36.91
C LEU E 209 -3.11 11.95 36.16
N ALA E 210 -3.68 13.09 36.55
CA ALA E 210 -4.83 13.62 35.85
C ALA E 210 -4.48 14.00 34.41
N LYS E 211 -3.29 14.58 34.21
CA LYS E 211 -2.84 14.92 32.86
C LYS E 211 -2.40 13.67 32.08
N ILE E 212 -1.80 12.70 32.76
CA ILE E 212 -1.44 11.45 32.10
C ILE E 212 -2.71 10.77 31.57
N LEU E 213 -3.76 10.72 32.39
CA LEU E 213 -5.01 10.12 31.95
C LEU E 213 -5.65 10.95 30.83
N GLU E 214 -5.51 12.27 30.88
CA GLU E 214 -6.04 13.11 29.82
C GLU E 214 -5.37 12.79 28.48
N GLU E 215 -4.04 12.69 28.49
CA GLU E 215 -3.32 12.36 27.27
C GLU E 215 -3.65 10.94 26.80
N VAL E 216 -3.81 10.00 27.74
CA VAL E 216 -4.18 8.64 27.38
C VAL E 216 -5.55 8.63 26.71
N ARG E 217 -6.49 9.41 27.24
CA ARG E 217 -7.81 9.49 26.63
C ARG E 217 -7.77 10.18 25.29
N TYR E 218 -6.87 11.15 25.11
CA TYR E 218 -6.73 11.80 23.81
C TYR E 218 -6.23 10.81 22.76
N ILE E 219 -5.20 10.03 23.09
CA ILE E 219 -4.70 9.05 22.14
C ILE E 219 -5.74 7.95 21.92
N ALA E 220 -6.52 7.62 22.95
CA ALA E 220 -7.58 6.63 22.77
C ALA E 220 -8.66 7.15 21.84
N ASN E 221 -8.98 8.44 21.92
CA ASN E 221 -9.95 9.03 21.01
C ASN E 221 -9.40 9.07 19.59
N ARG E 222 -8.10 9.33 19.44
CA ARG E 222 -7.48 9.25 18.12
C ARG E 222 -7.60 7.85 17.54
N PHE E 223 -7.29 6.84 18.35
CA PHE E 223 -7.41 5.45 17.90
C PHE E 223 -8.86 5.11 17.58
N ARG E 224 -9.81 5.66 18.33
CA ARG E 224 -11.22 5.41 18.06
C ARG E 224 -11.65 6.06 16.75
N CYS E 225 -11.14 7.25 16.45
CA CYS E 225 -11.42 7.87 15.17
C CYS E 225 -10.83 7.06 14.02
N GLN E 226 -9.61 6.52 14.22
CA GLN E 226 -9.02 5.66 13.21
C GLN E 226 -9.86 4.41 12.99
N ASP E 227 -10.35 3.81 14.08
CA ASP E 227 -11.20 2.63 13.96
C ASP E 227 -12.51 2.97 13.27
N GLU E 228 -13.06 4.15 13.54
CA GLU E 228 -14.27 4.58 12.87
C GLU E 228 -14.05 4.75 11.37
N SER E 229 -12.91 5.34 10.99
CA SER E 229 -12.59 5.46 9.58
C SER E 229 -12.43 4.09 8.92
N GLU E 230 -11.79 3.16 9.62
CA GLU E 230 -11.64 1.81 9.10
C GLU E 230 -13.00 1.13 8.92
N ALA E 231 -13.90 1.33 9.89
CA ALA E 231 -15.23 0.74 9.79
C ALA E 231 -16.03 1.36 8.65
N VAL E 232 -15.86 2.67 8.43
CA VAL E 232 -16.53 3.32 7.31
C VAL E 232 -16.01 2.78 5.99
N CYS E 233 -14.69 2.55 5.91
CA CYS E 233 -14.11 1.97 4.71
C CYS E 233 -14.63 0.56 4.48
N SER E 234 -14.75 -0.23 5.55
CA SER E 234 -15.29 -1.59 5.42
C SER E 234 -16.75 -1.57 4.97
N GLU E 235 -17.52 -0.62 5.51
CA GLU E 235 -18.91 -0.49 5.09
C GLU E 235 -19.01 -0.09 3.62
N TRP E 236 -18.14 0.82 3.17
CA TRP E 236 -18.13 1.19 1.76
C TRP E 236 -17.77 -0.01 0.89
N LYS E 237 -16.79 -0.82 1.33
CA LYS E 237 -16.42 -2.01 0.58
C LYS E 237 -17.59 -3.00 0.51
N PHE E 238 -18.29 -3.19 1.62
CA PHE E 238 -19.43 -4.10 1.64
C PHE E 238 -20.58 -3.58 0.77
N ALA E 239 -20.73 -2.26 0.69
CA ALA E 239 -21.76 -1.68 -0.16
C ALA E 239 -21.41 -1.78 -1.63
N ALA E 240 -20.11 -1.67 -1.96
CA ALA E 240 -19.69 -1.84 -3.35
C ALA E 240 -19.74 -3.29 -3.78
N CYS E 241 -19.50 -4.23 -2.87
CA CYS E 241 -19.60 -5.64 -3.22
C CYS E 241 -21.05 -6.05 -3.46
N VAL E 242 -22.00 -5.39 -2.80
CA VAL E 242 -23.41 -5.66 -3.07
C VAL E 242 -23.75 -5.29 -4.50
N VAL E 243 -23.17 -4.19 -5.00
CA VAL E 243 -23.41 -3.80 -6.39
C VAL E 243 -22.87 -4.85 -7.34
N ASP E 244 -21.67 -5.39 -7.04
CA ASP E 244 -21.12 -6.45 -7.87
C ASP E 244 -22.00 -7.69 -7.85
N ARG E 245 -22.49 -8.07 -6.67
CA ARG E 245 -23.36 -9.24 -6.57
C ARG E 245 -24.64 -9.04 -7.37
N LEU E 246 -25.24 -7.84 -7.27
CA LEU E 246 -26.45 -7.55 -8.03
C LEU E 246 -26.19 -7.60 -9.53
N CYS E 247 -25.08 -6.99 -9.97
CA CYS E 247 -24.73 -7.01 -11.39
C CYS E 247 -24.53 -8.43 -11.88
N LEU E 248 -23.87 -9.28 -11.08
CA LEU E 248 -23.66 -10.66 -11.47
C LEU E 248 -25.00 -11.40 -11.58
N MET E 249 -25.86 -11.25 -10.57
CA MET E 249 -27.15 -11.93 -10.60
C MET E 249 -28.01 -11.45 -11.76
N ALA E 250 -27.86 -10.19 -12.18
CA ALA E 250 -28.63 -9.68 -13.30
C ALA E 250 -28.08 -10.16 -14.63
N PHE E 251 -26.76 -10.14 -14.79
CA PHE E 251 -26.13 -10.49 -16.05
C PHE E 251 -26.03 -12.01 -16.27
N SER E 252 -26.21 -12.82 -15.22
CA SER E 252 -26.17 -14.27 -15.42
C SER E 252 -27.24 -14.73 -16.40
N VAL E 253 -28.49 -14.31 -16.17
CA VAL E 253 -29.58 -14.71 -17.06
C VAL E 253 -29.38 -14.14 -18.45
N PHE E 254 -28.85 -12.91 -18.54
CA PHE E 254 -28.61 -12.30 -19.83
C PHE E 254 -27.59 -13.10 -20.64
N THR E 255 -26.48 -13.48 -19.99
CA THR E 255 -25.46 -14.27 -20.66
C THR E 255 -25.99 -15.65 -21.03
N ILE E 256 -26.82 -16.25 -20.18
CA ILE E 256 -27.40 -17.55 -20.48
C ILE E 256 -28.29 -17.45 -21.73
N ILE E 257 -29.12 -16.41 -21.79
CA ILE E 257 -30.00 -16.23 -22.94
C ILE E 257 -29.19 -15.96 -24.19
N CYS E 258 -28.11 -15.18 -24.07
CA CYS E 258 -27.27 -14.91 -25.24
C CYS E 258 -26.61 -16.19 -25.74
N THR E 259 -26.10 -17.02 -24.83
CA THR E 259 -25.47 -18.27 -25.24
C THR E 259 -26.50 -19.21 -25.88
N ILE E 260 -27.72 -19.22 -25.35
CA ILE E 260 -28.77 -20.07 -25.92
C ILE E 260 -29.14 -19.59 -27.32
N GLY E 261 -29.22 -18.27 -27.50
CA GLY E 261 -29.54 -17.74 -28.82
C GLY E 261 -28.44 -17.97 -29.84
N ILE E 262 -27.18 -17.87 -29.40
CA ILE E 262 -26.06 -18.13 -30.29
C ILE E 262 -26.13 -19.55 -30.83
N LEU E 263 -26.60 -20.50 -30.02
CA LEU E 263 -26.74 -21.87 -30.48
C LEU E 263 -27.99 -22.06 -31.32
N MET E 264 -29.09 -21.40 -30.95
CA MET E 264 -30.32 -21.52 -31.72
C MET E 264 -30.20 -20.88 -33.09
N SER E 265 -29.42 -19.80 -33.21
CA SER E 265 -29.23 -19.10 -34.46
C SER E 265 -28.03 -19.59 -35.25
N ALA E 266 -27.26 -20.53 -34.70
CA ALA E 266 -26.08 -21.02 -35.42
C ALA E 266 -26.43 -21.67 -36.76
N PRO E 267 -27.48 -22.49 -36.88
CA PRO E 267 -27.79 -23.06 -38.20
C PRO E 267 -28.07 -22.01 -39.26
N ASN E 268 -28.65 -20.87 -38.88
CA ASN E 268 -28.95 -19.84 -39.87
C ASN E 268 -27.68 -19.23 -40.43
N PHE E 269 -26.69 -18.95 -39.57
CA PHE E 269 -25.46 -18.34 -40.05
C PHE E 269 -24.59 -19.34 -40.79
N VAL E 270 -24.52 -20.58 -40.31
CA VAL E 270 -23.72 -21.62 -40.95
C VAL E 270 -24.25 -23.00 -40.59
N LEU A 7 12.09 -25.10 -39.63
CA LEU A 7 13.18 -24.45 -38.92
C LEU A 7 12.66 -23.25 -38.12
N TYR A 8 12.35 -22.16 -38.84
CA TYR A 8 11.86 -20.96 -38.17
C TYR A 8 10.41 -21.15 -37.71
N TYR A 9 9.59 -21.79 -38.53
CA TYR A 9 8.18 -22.00 -38.18
C TYR A 9 8.06 -22.88 -36.93
N GLY A 10 8.84 -23.96 -36.87
CA GLY A 10 8.75 -24.85 -35.72
C GLY A 10 9.11 -24.14 -34.42
N LEU A 11 10.20 -23.38 -34.44
CA LEU A 11 10.61 -22.66 -33.24
C LEU A 11 9.60 -21.57 -32.88
N ASN A 12 9.09 -20.85 -33.88
CA ASN A 12 8.13 -19.79 -33.62
C ASN A 12 6.84 -20.36 -33.04
N LEU A 13 6.49 -21.60 -33.38
CA LEU A 13 5.30 -22.23 -32.82
C LEU A 13 5.56 -22.91 -31.49
N LEU A 14 6.81 -23.31 -31.21
CA LEU A 14 7.12 -24.03 -29.98
C LEU A 14 7.44 -23.09 -28.82
N ILE A 15 8.30 -22.10 -29.05
CA ILE A 15 8.74 -21.24 -27.96
C ILE A 15 7.57 -20.55 -27.27
N PRO A 16 6.64 -19.90 -27.97
CA PRO A 16 5.53 -19.25 -27.25
C PRO A 16 4.66 -20.24 -26.50
N CYS A 17 4.42 -21.42 -27.07
CA CYS A 17 3.59 -22.41 -26.39
C CYS A 17 4.21 -22.83 -25.06
N VAL A 18 5.48 -23.24 -25.08
CA VAL A 18 6.14 -23.66 -23.84
C VAL A 18 6.25 -22.49 -22.88
N LEU A 19 6.48 -21.28 -23.39
CA LEU A 19 6.57 -20.11 -22.52
C LEU A 19 5.26 -19.89 -21.77
N ILE A 20 4.14 -19.94 -22.50
CA ILE A 20 2.83 -19.76 -21.86
C ILE A 20 2.55 -20.90 -20.90
N SER A 21 2.93 -22.12 -21.26
CA SER A 21 2.70 -23.26 -20.37
C SER A 21 3.47 -23.11 -19.08
N ALA A 22 4.70 -22.58 -19.14
CA ALA A 22 5.48 -22.37 -17.93
C ALA A 22 4.94 -21.20 -17.12
N LEU A 23 4.50 -20.13 -17.80
CA LEU A 23 3.92 -18.99 -17.09
C LEU A 23 2.64 -19.39 -16.36
N ALA A 24 1.85 -20.28 -16.95
CA ALA A 24 0.64 -20.75 -16.29
C ALA A 24 0.97 -21.41 -14.95
N LEU A 25 1.95 -22.32 -14.95
CA LEU A 25 2.33 -22.98 -13.71
C LEU A 25 2.96 -22.00 -12.73
N LEU A 26 3.75 -21.05 -13.22
CA LEU A 26 4.37 -20.07 -12.34
C LEU A 26 3.33 -19.19 -11.67
N VAL A 27 2.23 -18.89 -12.37
CA VAL A 27 1.17 -18.08 -11.77
C VAL A 27 0.59 -18.79 -10.55
N PHE A 28 0.32 -20.10 -10.68
CA PHE A 28 -0.18 -20.86 -9.54
C PHE A 28 0.88 -21.01 -8.46
N LEU A 29 2.15 -21.10 -8.84
CA LEU A 29 3.22 -21.28 -7.86
C LEU A 29 3.27 -20.11 -6.88
N LEU A 30 2.90 -18.91 -7.32
CA LEU A 30 2.96 -17.75 -6.44
C LEU A 30 1.80 -17.79 -5.44
N PRO A 31 2.01 -17.31 -4.22
CA PRO A 31 0.94 -17.32 -3.21
C PRO A 31 -0.01 -16.14 -3.42
N ALA A 32 -0.99 -16.05 -2.52
CA ALA A 32 -1.98 -14.97 -2.55
C ALA A 32 -1.32 -13.69 -2.05
N ASP A 33 -0.77 -12.92 -2.98
CA ASP A 33 -0.03 -11.71 -2.68
C ASP A 33 -0.81 -10.48 -3.13
N SER A 34 -0.16 -9.32 -3.04
CA SER A 34 -0.77 -8.06 -3.48
C SER A 34 -0.97 -8.09 -4.99
N GLY A 35 -1.49 -7.00 -5.54
CA GLY A 35 -1.85 -6.98 -6.95
C GLY A 35 -0.65 -7.03 -7.88
N GLU A 36 0.14 -8.08 -7.76
CA GLU A 36 1.29 -8.34 -8.63
C GLU A 36 1.20 -9.69 -9.32
N LYS A 37 0.73 -10.72 -8.62
CA LYS A 37 0.56 -12.04 -9.22
C LYS A 37 -0.59 -12.03 -10.22
N ILE A 38 -1.78 -11.63 -9.77
CA ILE A 38 -2.96 -11.62 -10.63
C ILE A 38 -2.63 -10.93 -11.96
N SER A 39 -2.11 -9.69 -11.88
CA SER A 39 -1.74 -8.96 -13.09
C SER A 39 -0.93 -9.83 -14.03
N LEU A 40 0.14 -10.45 -13.51
CA LEU A 40 0.95 -11.34 -14.32
C LEU A 40 0.07 -12.37 -15.03
N GLY A 41 -0.72 -13.11 -14.25
CA GLY A 41 -1.63 -14.07 -14.85
C GLY A 41 -2.51 -13.46 -15.91
N ILE A 42 -3.04 -12.26 -15.64
CA ILE A 42 -3.88 -11.58 -16.62
C ILE A 42 -3.13 -11.41 -17.93
N THR A 43 -1.87 -10.98 -17.84
CA THR A 43 -1.07 -10.80 -19.06
C THR A 43 -0.93 -12.11 -19.82
N VAL A 44 -0.86 -13.24 -19.10
CA VAL A 44 -0.74 -14.53 -19.77
C VAL A 44 -1.87 -14.73 -20.77
N LEU A 45 -3.01 -14.07 -20.54
CA LEU A 45 -4.10 -14.11 -21.51
C LEU A 45 -3.84 -13.14 -22.66
N LEU A 46 -3.49 -11.89 -22.33
CA LEU A 46 -3.25 -10.89 -23.37
C LEU A 46 -2.13 -11.35 -24.31
N SER A 47 -1.00 -11.78 -23.74
CA SER A 47 0.11 -12.26 -24.55
C SER A 47 -0.32 -13.37 -25.50
N LEU A 48 -1.41 -14.08 -25.18
CA LEU A 48 -1.90 -15.12 -26.08
C LEU A 48 -2.73 -14.52 -27.21
N THR A 49 -3.60 -13.56 -26.89
CA THR A 49 -4.47 -12.96 -27.90
C THR A 49 -3.64 -12.41 -29.07
N VAL A 50 -2.60 -11.64 -28.76
CA VAL A 50 -1.73 -11.12 -29.81
C VAL A 50 -1.20 -12.26 -30.68
N PHE A 51 -0.79 -13.35 -30.04
CA PHE A 51 -0.28 -14.50 -30.80
C PHE A 51 -1.32 -15.01 -31.79
N MET A 52 -2.58 -15.01 -31.39
CA MET A 52 -3.64 -15.46 -32.30
C MET A 52 -3.67 -14.64 -33.58
N LEU A 53 -3.30 -13.35 -33.50
CA LEU A 53 -3.25 -12.52 -34.69
C LEU A 53 -2.39 -13.14 -35.76
N LEU A 54 -1.34 -13.87 -35.38
CA LEU A 54 -0.51 -14.56 -36.36
C LEU A 54 -1.16 -15.84 -36.84
N VAL A 55 -1.83 -16.57 -35.93
CA VAL A 55 -2.44 -17.84 -36.30
C VAL A 55 -3.46 -17.66 -37.41
N ALA A 56 -4.16 -16.51 -37.41
CA ALA A 56 -5.14 -16.26 -38.46
C ALA A 56 -4.47 -15.93 -39.79
N GLU A 57 -3.26 -15.37 -39.75
CA GLU A 57 -2.57 -15.02 -40.99
C GLU A 57 -1.98 -16.26 -41.66
N ILE A 58 -1.33 -17.13 -40.88
CA ILE A 58 -0.71 -18.32 -41.46
C ILE A 58 -1.77 -19.35 -41.84
N MET A 59 -2.91 -19.36 -41.13
CA MET A 59 -3.98 -20.31 -41.39
C MET A 59 -5.32 -19.61 -41.20
N PRO A 60 -5.80 -18.90 -42.21
CA PRO A 60 -7.10 -18.24 -42.09
C PRO A 60 -8.20 -19.24 -41.77
N SER A 61 -8.93 -18.97 -40.69
CA SER A 61 -10.00 -19.87 -40.27
C SER A 61 -11.13 -19.90 -41.30
N THR A 62 -11.30 -18.83 -42.08
CA THR A 62 -12.38 -18.80 -43.05
C THR A 62 -12.20 -19.88 -44.11
N SER A 63 -10.96 -20.10 -44.56
CA SER A 63 -10.66 -21.10 -45.58
C SER A 63 -9.77 -22.21 -45.07
N ASP A 64 -8.70 -21.87 -44.37
CA ASP A 64 -7.75 -22.86 -43.86
C ASP A 64 -8.20 -23.28 -42.46
N SER A 65 -8.97 -24.38 -42.41
CA SER A 65 -9.49 -24.92 -41.17
C SER A 65 -8.70 -26.19 -40.83
N SER A 66 -8.12 -26.22 -39.65
CA SER A 66 -7.32 -27.36 -39.18
C SER A 66 -7.86 -27.84 -37.85
N PRO A 67 -8.59 -28.96 -37.79
CA PRO A 67 -9.11 -29.43 -36.50
C PRO A 67 -8.04 -29.94 -35.56
N SER A 68 -6.87 -30.35 -36.07
CA SER A 68 -5.80 -30.84 -35.20
C SER A 68 -5.36 -29.75 -34.23
N ILE A 69 -4.86 -28.63 -34.76
CA ILE A 69 -4.44 -27.52 -33.92
C ILE A 69 -5.61 -26.79 -33.28
N ALA A 70 -6.83 -27.04 -33.74
CA ALA A 70 -7.99 -26.39 -33.15
C ALA A 70 -8.14 -26.76 -31.68
N GLN A 71 -8.08 -28.06 -31.38
CA GLN A 71 -8.20 -28.50 -30.00
C GLN A 71 -7.02 -28.02 -29.17
N TYR A 72 -5.82 -27.96 -29.76
CA TYR A 72 -4.66 -27.46 -29.04
C TYR A 72 -4.85 -26.01 -28.63
N PHE A 73 -5.31 -25.18 -29.56
CA PHE A 73 -5.54 -23.77 -29.24
C PHE A 73 -6.69 -23.62 -28.25
N ALA A 74 -7.73 -24.44 -28.38
CA ALA A 74 -8.82 -24.40 -27.41
C ALA A 74 -8.33 -24.71 -26.01
N SER A 75 -7.46 -25.71 -25.87
CA SER A 75 -6.91 -26.04 -24.56
C SER A 75 -5.98 -24.95 -24.06
N THR A 76 -5.17 -24.36 -24.96
CA THR A 76 -4.28 -23.28 -24.56
C THR A 76 -5.05 -22.06 -24.09
N MET A 77 -6.26 -21.84 -24.61
CA MET A 77 -7.09 -20.74 -24.13
C MET A 77 -7.82 -21.11 -22.85
N ILE A 78 -8.29 -22.36 -22.74
CA ILE A 78 -9.03 -22.78 -21.57
C ILE A 78 -8.13 -22.83 -20.34
N ILE A 79 -6.86 -23.18 -20.51
CA ILE A 79 -5.95 -23.22 -19.37
C ILE A 79 -5.76 -21.82 -18.79
N VAL A 80 -5.56 -20.82 -19.66
CA VAL A 80 -5.37 -19.46 -19.17
C VAL A 80 -6.67 -18.91 -18.59
N GLY A 81 -7.81 -19.28 -19.19
CA GLY A 81 -9.09 -18.89 -18.60
C GLY A 81 -9.26 -19.45 -17.20
N LEU A 82 -8.96 -20.74 -17.02
CA LEU A 82 -9.06 -21.35 -15.71
C LEU A 82 -8.07 -20.74 -14.73
N SER A 83 -6.88 -20.37 -15.22
CA SER A 83 -5.91 -19.71 -14.34
C SER A 83 -6.44 -18.36 -13.87
N VAL A 84 -7.04 -17.58 -14.77
CA VAL A 84 -7.61 -16.29 -14.38
C VAL A 84 -8.74 -16.51 -13.38
N VAL A 85 -9.59 -17.50 -13.61
CA VAL A 85 -10.70 -17.78 -12.70
C VAL A 85 -10.16 -18.17 -11.33
N VAL A 86 -9.09 -18.97 -11.30
CA VAL A 86 -8.53 -19.42 -10.03
C VAL A 86 -7.92 -18.24 -9.29
N THR A 87 -7.23 -17.34 -10.01
CA THR A 87 -6.68 -16.17 -9.36
C THR A 87 -7.78 -15.28 -8.79
N VAL A 88 -8.89 -15.13 -9.53
CA VAL A 88 -10.01 -14.33 -9.04
C VAL A 88 -10.61 -14.96 -7.80
N ILE A 89 -10.77 -16.29 -7.80
CA ILE A 89 -11.32 -16.98 -6.64
C ILE A 89 -10.38 -16.85 -5.44
N VAL A 90 -9.07 -16.90 -5.69
CA VAL A 90 -8.10 -16.73 -4.62
C VAL A 90 -8.21 -15.34 -4.02
N LEU A 91 -8.30 -14.32 -4.87
CA LEU A 91 -8.47 -12.96 -4.36
C LEU A 91 -9.75 -12.82 -3.56
N GLN A 92 -10.85 -13.42 -4.04
CA GLN A 92 -12.12 -13.34 -3.33
C GLN A 92 -12.01 -14.00 -1.96
N TYR A 93 -11.39 -15.19 -1.90
CA TYR A 93 -11.28 -15.89 -0.64
C TYR A 93 -10.30 -15.21 0.32
N HIS A 94 -9.33 -14.47 -0.22
CA HIS A 94 -8.41 -13.72 0.61
C HIS A 94 -9.02 -12.42 1.13
N HIS A 95 -9.98 -11.86 0.40
CA HIS A 95 -10.66 -10.65 0.84
C HIS A 95 -11.89 -10.94 1.69
N HIS A 96 -12.33 -12.20 1.77
CA HIS A 96 -13.45 -12.60 2.61
C HIS A 96 -14.71 -11.80 2.26
N ASP A 97 -15.17 -11.99 1.02
CA ASP A 97 -16.37 -11.31 0.57
C ASP A 97 -17.54 -11.66 1.48
N PRO A 98 -18.41 -10.71 1.81
CA PRO A 98 -19.55 -11.04 2.70
C PRO A 98 -20.49 -12.08 2.11
N ASP A 99 -20.47 -12.30 0.79
CA ASP A 99 -21.39 -13.23 0.14
C ASP A 99 -20.80 -14.63 -0.02
N GLY A 100 -19.91 -15.03 0.88
CA GLY A 100 -19.33 -16.35 0.80
C GLY A 100 -18.19 -16.51 1.78
N GLY A 101 -17.46 -17.61 1.63
CA GLY A 101 -16.34 -17.92 2.49
C GLY A 101 -16.33 -19.37 2.93
N LYS A 102 -15.23 -19.81 3.51
CA LYS A 102 -15.08 -21.19 3.98
C LYS A 102 -15.39 -21.24 5.48
N MET A 103 -16.34 -22.11 5.84
CA MET A 103 -16.72 -22.28 7.24
C MET A 103 -15.51 -22.71 8.04
N PRO A 104 -15.02 -21.88 8.97
CA PRO A 104 -13.83 -22.29 9.74
C PRO A 104 -14.01 -23.58 10.51
N LYS A 105 -15.24 -23.90 10.94
CA LYS A 105 -15.46 -25.10 11.74
C LYS A 105 -14.95 -26.35 11.03
N TRP A 106 -15.40 -26.57 9.79
CA TRP A 106 -15.00 -27.75 9.05
C TRP A 106 -13.66 -27.58 8.33
N THR A 107 -13.23 -26.35 8.10
CA THR A 107 -11.99 -26.09 7.37
C THR A 107 -10.76 -26.10 8.26
N ARG A 108 -10.93 -25.96 9.58
CA ARG A 108 -9.77 -25.88 10.47
C ARG A 108 -8.96 -27.17 10.45
N VAL A 109 -9.63 -28.32 10.52
CA VAL A 109 -8.93 -29.59 10.51
C VAL A 109 -8.26 -29.82 9.17
N ILE A 110 -8.96 -29.52 8.07
CA ILE A 110 -8.38 -29.68 6.74
C ILE A 110 -7.12 -28.84 6.60
N LEU A 111 -7.16 -27.59 7.08
CA LEU A 111 -5.99 -26.73 7.01
C LEU A 111 -4.86 -27.26 7.87
N LEU A 112 -5.15 -27.63 9.11
CA LEU A 112 -4.12 -28.15 10.00
C LEU A 112 -3.47 -29.40 9.43
N ASN A 113 -4.22 -30.20 8.67
CA ASN A 113 -3.66 -31.41 8.07
C ASN A 113 -2.83 -31.08 6.84
N TRP A 114 -3.36 -30.23 5.95
CA TRP A 114 -2.69 -29.99 4.67
C TRP A 114 -1.46 -29.11 4.82
N CYS A 115 -1.48 -28.15 5.74
CA CYS A 115 -0.28 -27.34 5.98
C CYS A 115 0.88 -28.19 6.43
N ALA A 116 0.61 -29.23 7.21
CA ALA A 116 1.66 -30.14 7.65
C ALA A 116 2.02 -31.15 6.57
N TRP A 117 1.04 -31.59 5.77
CA TRP A 117 1.34 -32.51 4.68
C TRP A 117 2.21 -31.86 3.61
N PHE A 118 2.05 -30.56 3.38
CA PHE A 118 2.86 -29.87 2.39
C PHE A 118 4.34 -29.84 2.77
N LEU A 119 4.66 -30.06 4.05
CA LEU A 119 6.04 -30.02 4.52
C LEU A 119 6.68 -31.39 4.53
N ARG A 120 5.94 -32.42 4.96
CA ARG A 120 6.47 -33.78 5.02
C ARG A 120 5.93 -34.69 3.93
N MET A 121 4.76 -34.40 3.38
CA MET A 121 4.14 -35.20 2.32
C MET A 121 3.78 -36.60 2.78
N LYS A 122 3.87 -36.89 4.08
CA LYS A 122 3.55 -38.21 4.62
C LYS A 122 4.33 -39.30 3.87
N ARG A 123 5.59 -38.99 3.55
CA ARG A 123 6.43 -39.93 2.82
C ARG A 123 7.08 -40.91 3.81
N PRO A 124 7.23 -42.18 3.43
CA PRO A 124 7.88 -43.14 4.36
C PRO A 124 9.28 -42.71 4.77
N GLY A 125 10.03 -42.06 3.88
CA GLY A 125 11.38 -41.65 4.22
C GLY A 125 11.43 -40.69 5.39
N GLU A 126 10.38 -39.88 5.58
CA GLU A 126 10.32 -38.91 6.66
C GLU A 126 9.60 -39.42 7.89
N ASP A 127 8.87 -40.54 7.78
CA ASP A 127 8.12 -41.08 8.90
C ASP A 127 8.82 -42.26 9.57
N LYS A 128 9.42 -43.16 8.80
CA LYS A 128 10.09 -44.33 9.36
C LYS A 128 11.51 -44.02 9.80
N VAL A 129 12.20 -43.12 9.10
CA VAL A 129 13.59 -42.77 9.42
C VAL A 129 13.53 -41.65 10.44
N ARG A 130 13.40 -42.03 11.71
CA ARG A 130 13.35 -41.08 12.82
C ARG A 130 13.37 -41.86 14.12
N PRO A 131 13.70 -41.21 15.24
CA PRO A 131 13.70 -41.92 16.53
C PRO A 131 12.32 -42.48 16.85
N ALA A 132 12.26 -43.81 16.96
CA ALA A 132 10.99 -44.49 17.26
C ALA A 132 11.31 -45.81 17.91
N CYS A 133 10.82 -46.02 19.14
CA CYS A 133 11.05 -47.25 19.87
C CYS A 133 9.81 -47.54 20.72
N GLN A 134 9.87 -48.64 21.48
CA GLN A 134 8.78 -49.05 22.36
C GLN A 134 8.91 -48.45 23.75
N HIS A 135 9.69 -47.38 23.91
CA HIS A 135 9.86 -46.74 25.20
C HIS A 135 8.67 -45.83 25.51
N LYS A 136 8.57 -45.43 26.78
CA LYS A 136 7.48 -44.57 27.21
C LYS A 136 7.48 -43.23 26.47
N GLN A 137 8.62 -42.80 25.94
CA GLN A 137 8.68 -41.53 25.22
C GLN A 137 7.82 -41.53 23.97
N ARG A 138 7.49 -42.71 23.44
CA ARG A 138 6.66 -42.83 22.24
C ARG A 138 5.30 -43.46 22.54
N ARG A 139 4.83 -43.35 23.79
CA ARG A 139 3.56 -43.90 24.21
C ARG A 139 2.56 -42.78 24.48
N CYS A 140 1.31 -43.17 24.69
CA CYS A 140 0.23 -42.24 24.95
C CYS A 140 -0.26 -42.41 26.39
N SER A 141 -0.60 -41.28 27.02
CA SER A 141 -1.09 -41.26 28.38
C SER A 141 -2.45 -40.56 28.42
N LEU A 142 -3.00 -40.44 29.64
CA LEU A 142 -4.30 -39.79 29.80
C LEU A 142 -4.26 -38.35 29.31
N ALA A 143 -3.12 -37.67 29.49
CA ALA A 143 -3.00 -36.28 29.05
C ALA A 143 -3.05 -36.17 27.52
N SER A 144 -2.64 -37.23 26.82
CA SER A 144 -2.63 -37.21 25.36
C SER A 144 -3.96 -37.62 24.75
N VAL A 145 -4.81 -38.33 25.50
CA VAL A 145 -6.11 -38.77 25.00
C VAL A 145 -7.04 -37.55 25.00
N GLU A 146 -7.23 -36.94 23.83
CA GLU A 146 -8.09 -35.77 23.69
C GLU A 146 -9.38 -36.11 22.94
N MET A 147 -9.84 -37.36 23.04
CA MET A 147 -11.05 -37.77 22.36
C MET A 147 -12.30 -37.10 22.94
N SER A 148 -12.20 -36.49 24.11
CA SER A 148 -13.33 -35.82 24.75
C SER A 148 -13.32 -34.31 24.49
N ALA A 149 -12.83 -33.89 23.33
CA ALA A 149 -12.79 -32.47 22.96
C ALA A 149 -11.88 -31.69 23.92
N VAL A 150 -10.76 -32.29 24.30
CA VAL A 150 -9.79 -31.65 25.17
C VAL A 150 -8.89 -30.73 24.36
N ALA A 151 -8.44 -29.65 24.99
CA ALA A 151 -7.56 -28.71 24.32
C ALA A 151 -6.24 -29.39 23.95
N PRO A 152 -5.48 -28.81 23.03
CA PRO A 152 -4.20 -29.41 22.64
C PRO A 152 -3.26 -29.47 23.83
N PRO A 153 -2.14 -30.20 23.71
CA PRO A 153 -1.19 -30.29 24.82
C PRO A 153 -0.58 -28.93 25.12
N PRO A 154 -0.06 -28.72 26.33
CA PRO A 154 0.56 -27.42 26.69
C PRO A 154 1.95 -27.27 26.10
N ALA A 155 2.00 -26.90 24.82
CA ALA A 155 3.25 -26.71 24.09
C ALA A 155 3.44 -25.24 23.75
N SER A 156 4.69 -24.89 23.42
CA SER A 156 5.05 -23.53 23.06
C SER A 156 4.84 -23.24 21.58
N ASN A 157 4.19 -24.14 20.84
CA ASN A 157 3.95 -23.96 19.42
C ASN A 157 2.64 -23.21 19.14
N GLY A 158 2.13 -22.46 20.10
CA GLY A 158 0.92 -21.71 19.94
C GLY A 158 -0.28 -22.21 20.75
N ASN A 159 -0.04 -22.97 21.81
CA ASN A 159 -1.12 -23.49 22.66
C ASN A 159 -1.02 -23.06 24.10
N LEU A 160 0.19 -23.03 24.67
CA LEU A 160 0.36 -22.64 26.06
C LEU A 160 -0.13 -21.21 26.29
N LEU A 161 0.31 -20.28 25.43
CA LEU A 161 -0.10 -18.89 25.55
C LEU A 161 -1.49 -18.63 24.97
N TYR A 162 -2.10 -19.60 24.30
CA TYR A 162 -3.43 -19.43 23.72
C TYR A 162 -4.51 -19.89 24.69
N ILE A 163 -4.42 -21.15 25.14
CA ILE A 163 -5.43 -21.70 26.05
C ILE A 163 -5.46 -20.93 27.37
N GLY A 164 -4.37 -20.27 27.73
CA GLY A 164 -4.32 -19.52 28.96
C GLY A 164 -4.92 -18.13 28.83
N PHE A 165 -4.57 -17.42 27.76
CA PHE A 165 -5.06 -16.06 27.58
C PHE A 165 -6.47 -16.05 27.00
N ARG A 166 -6.63 -16.62 25.80
CA ARG A 166 -7.93 -16.61 25.14
C ARG A 166 -8.95 -17.50 25.83
N GLY A 167 -8.55 -18.31 26.80
CA GLY A 167 -9.46 -19.17 27.51
C GLY A 167 -10.19 -18.44 28.62
N LEU A 168 -11.08 -17.53 28.26
CA LEU A 168 -11.82 -16.76 29.25
C LEU A 168 -12.64 -17.70 30.13
N ASP A 169 -12.79 -17.31 31.40
CA ASP A 169 -13.54 -18.09 32.38
C ASP A 169 -12.93 -19.47 32.62
N GLY A 170 -11.68 -19.67 32.21
CA GLY A 170 -11.01 -20.94 32.36
C GLY A 170 -10.20 -21.01 33.64
N VAL A 171 -9.21 -21.91 33.64
CA VAL A 171 -8.35 -22.08 34.80
C VAL A 171 -7.44 -20.87 35.01
N HIS A 172 -7.16 -20.12 33.95
CA HIS A 172 -6.27 -18.96 34.07
C HIS A 172 -7.00 -17.77 34.69
N CYS A 173 -8.25 -17.54 34.30
CA CYS A 173 -9.02 -16.41 34.82
C CYS A 173 -9.85 -16.79 36.03
N VAL A 174 -10.46 -17.98 36.01
CA VAL A 174 -11.30 -18.44 37.12
C VAL A 174 -10.84 -19.84 37.51
N PRO A 175 -9.78 -19.98 38.31
CA PRO A 175 -9.32 -21.31 38.70
C PRO A 175 -10.26 -21.98 39.69
N THR A 176 -10.97 -23.01 39.23
CA THR A 176 -11.92 -23.72 40.08
C THR A 176 -11.20 -24.68 41.03
N PRO A 177 -10.15 -25.38 40.60
CA PRO A 177 -9.47 -26.30 41.52
C PRO A 177 -8.92 -25.57 42.74
N ASP A 178 -9.23 -26.11 43.91
CA ASP A 178 -8.78 -25.52 45.17
C ASP A 178 -7.27 -25.68 45.29
N SER A 179 -6.53 -24.58 45.16
CA SER A 179 -5.08 -24.58 45.27
C SER A 179 -4.59 -24.20 46.66
N GLY A 180 -5.28 -23.30 47.34
CA GLY A 180 -4.88 -22.87 48.66
C GLY A 180 -3.71 -21.92 48.71
N VAL A 181 -3.26 -21.42 47.56
CA VAL A 181 -2.13 -20.49 47.55
C VAL A 181 -2.45 -19.24 48.35
N VAL A 182 -3.73 -18.86 48.42
CA VAL A 182 -4.11 -17.68 49.17
C VAL A 182 -3.98 -17.89 50.68
N CYS A 183 -3.93 -19.15 51.13
CA CYS A 183 -3.81 -19.46 52.54
C CYS A 183 -2.82 -20.57 52.85
N GLY A 184 -2.18 -21.14 51.83
CA GLY A 184 -1.24 -22.24 52.04
C GLY A 184 0.18 -21.88 51.67
N ARG A 185 0.34 -20.99 50.70
CA ARG A 185 1.65 -20.55 50.24
C ARG A 185 1.79 -19.05 50.43
N MET A 186 3.00 -18.62 50.79
CA MET A 186 3.28 -17.21 51.02
C MET A 186 4.08 -16.59 49.87
N ALA A 187 4.26 -17.31 48.76
CA ALA A 187 5.00 -16.79 47.62
C ALA A 187 4.13 -15.78 46.90
N CYS A 188 4.40 -14.49 47.14
CA CYS A 188 3.64 -13.40 46.52
C CYS A 188 2.15 -13.51 46.83
N SER A 189 1.82 -14.08 47.99
CA SER A 189 0.43 -14.24 48.40
C SER A 189 0.34 -14.38 49.91
N PRO A 190 0.26 -13.27 50.64
CA PRO A 190 0.16 -13.37 52.11
C PRO A 190 -1.02 -14.24 52.53
N THR A 191 -0.77 -15.11 53.50
CA THR A 191 -1.80 -16.02 53.99
C THR A 191 -2.81 -15.28 54.87
N HIS A 192 -3.91 -14.84 54.25
CA HIS A 192 -4.98 -14.12 54.95
C HIS A 192 -4.42 -13.08 55.93
N ASP A 193 -3.34 -12.40 55.53
CA ASP A 193 -2.72 -11.38 56.37
C ASP A 193 -3.51 -10.08 56.21
N GLU A 194 -4.32 -9.76 57.21
CA GLU A 194 -5.14 -8.55 57.19
C GLU A 194 -4.41 -7.34 57.77
N HIS A 195 -3.29 -7.54 58.46
CA HIS A 195 -2.52 -6.45 59.05
C HIS A 195 -1.35 -6.03 58.19
N LEU A 196 -1.35 -6.39 56.90
CA LEU A 196 -0.27 -6.04 55.99
C LEU A 196 -0.55 -4.64 55.44
N LEU A 197 0.08 -3.63 56.03
CA LEU A 197 -0.09 -2.24 55.62
C LEU A 197 1.19 -1.74 54.97
N HIS A 198 1.02 -0.91 53.93
CA HIS A 198 2.16 -0.34 53.21
C HIS A 198 2.74 0.80 54.05
N GLY A 199 3.50 0.41 55.08
CA GLY A 199 4.11 1.39 55.97
C GLY A 199 3.12 2.31 56.63
N GLY A 200 1.89 1.83 56.88
CA GLY A 200 0.84 2.62 57.51
C GLY A 200 -0.34 2.87 56.59
N GLN A 201 -0.12 2.88 55.28
CA GLN A 201 -1.19 3.12 54.32
C GLN A 201 -1.62 1.81 53.67
N PRO A 202 -2.81 1.77 53.08
CA PRO A 202 -3.27 0.54 52.42
C PRO A 202 -2.40 0.20 51.23
N PRO A 203 -2.50 -1.02 50.70
CA PRO A 203 -1.68 -1.39 49.53
C PRO A 203 -2.16 -0.73 48.24
N GLU A 204 -2.25 0.59 48.24
CA GLU A 204 -2.68 1.32 47.04
C GLU A 204 -2.38 2.81 47.19
N GLY A 205 -1.80 3.40 46.15
CA GLY A 205 -1.42 4.80 46.17
C GLY A 205 -2.53 5.73 45.70
N ASP A 206 -3.12 5.41 44.55
CA ASP A 206 -4.14 6.26 43.95
C ASP A 206 -4.99 5.46 42.98
N PRO A 207 -6.33 5.48 43.11
CA PRO A 207 -7.17 4.74 42.16
C PRO A 207 -6.88 5.10 40.70
N ASP A 208 -6.32 6.30 40.47
CA ASP A 208 -5.93 6.67 39.12
C ASP A 208 -4.93 5.69 38.53
N LEU A 209 -4.12 5.05 39.39
CA LEU A 209 -3.21 4.02 38.92
C LEU A 209 -3.98 2.88 38.25
N ALA A 210 -5.09 2.46 38.85
CA ALA A 210 -5.91 1.43 38.23
C ALA A 210 -6.51 1.92 36.92
N LYS A 211 -6.83 3.22 36.83
CA LYS A 211 -7.38 3.76 35.59
C LYS A 211 -6.37 3.71 34.46
N ILE A 212 -5.13 4.15 34.73
CA ILE A 212 -4.09 4.07 33.71
C ILE A 212 -3.76 2.61 33.39
N LEU A 213 -3.87 1.73 34.38
CA LEU A 213 -3.67 0.30 34.13
C LEU A 213 -4.71 -0.22 33.15
N GLU A 214 -5.98 0.14 33.37
CA GLU A 214 -7.04 -0.28 32.45
C GLU A 214 -6.84 0.33 31.07
N GLU A 215 -6.33 1.56 31.01
CA GLU A 215 -6.08 2.19 29.71
C GLU A 215 -5.00 1.46 28.94
N VAL A 216 -3.87 1.15 29.61
CA VAL A 216 -2.82 0.41 28.92
C VAL A 216 -3.28 -1.00 28.58
N ARG A 217 -4.18 -1.58 29.40
CA ARG A 217 -4.73 -2.89 29.07
C ARG A 217 -5.60 -2.82 27.83
N TYR A 218 -6.38 -1.74 27.67
CA TYR A 218 -7.17 -1.55 26.47
C TYR A 218 -6.26 -1.36 25.25
N ILE A 219 -5.15 -0.65 25.43
CA ILE A 219 -4.19 -0.48 24.34
C ILE A 219 -3.61 -1.83 23.93
N ALA A 220 -3.22 -2.64 24.92
CA ALA A 220 -2.71 -3.97 24.64
C ALA A 220 -3.77 -4.85 23.97
N ASN A 221 -5.03 -4.68 24.34
CA ASN A 221 -6.11 -5.44 23.71
C ASN A 221 -6.29 -5.01 22.25
N ARG A 222 -6.15 -3.71 21.98
CA ARG A 222 -6.19 -3.24 20.60
C ARG A 222 -5.03 -3.84 19.79
N PHE A 223 -3.83 -3.87 20.37
CA PHE A 223 -2.70 -4.47 19.69
C PHE A 223 -2.94 -5.96 19.44
N ARG A 224 -3.52 -6.65 20.42
CA ARG A 224 -3.83 -8.06 20.24
C ARG A 224 -4.90 -8.28 19.19
N CYS A 225 -5.87 -7.37 19.07
CA CYS A 225 -6.86 -7.46 18.01
C CYS A 225 -6.22 -7.26 16.64
N GLN A 226 -5.27 -6.33 16.56
CA GLN A 226 -4.51 -6.16 15.31
C GLN A 226 -3.74 -7.43 14.97
N ASP A 227 -3.09 -8.03 15.97
CA ASP A 227 -2.38 -9.29 15.74
C ASP A 227 -3.33 -10.39 15.29
N GLU A 228 -4.53 -10.45 15.86
CA GLU A 228 -5.49 -11.46 15.47
C GLU A 228 -5.99 -11.23 14.05
N SER A 229 -6.18 -9.97 13.66
CA SER A 229 -6.55 -9.67 12.29
C SER A 229 -5.45 -10.10 11.32
N GLU A 230 -4.19 -9.84 11.68
CA GLU A 230 -3.08 -10.29 10.85
C GLU A 230 -3.04 -11.80 10.75
N ALA A 231 -3.31 -12.50 11.86
CA ALA A 231 -3.32 -13.95 11.84
C ALA A 231 -4.45 -14.49 10.98
N VAL A 232 -5.62 -13.84 11.03
CA VAL A 232 -6.73 -14.25 10.18
C VAL A 232 -6.40 -14.02 8.71
N CYS A 233 -5.72 -12.91 8.42
CA CYS A 233 -5.29 -12.66 7.04
C CYS A 233 -4.31 -13.73 6.57
N SER A 234 -3.37 -14.11 7.44
CA SER A 234 -2.43 -15.17 7.08
C SER A 234 -3.15 -16.51 6.89
N GLU A 235 -4.16 -16.78 7.71
CA GLU A 235 -4.93 -18.01 7.55
C GLU A 235 -5.68 -18.02 6.23
N TRP A 236 -6.27 -16.89 5.85
CA TRP A 236 -6.94 -16.79 4.56
C TRP A 236 -5.93 -16.97 3.42
N LYS A 237 -4.73 -16.40 3.58
CA LYS A 237 -3.70 -16.57 2.56
C LYS A 237 -3.33 -18.05 2.41
N PHE A 238 -3.19 -18.75 3.53
CA PHE A 238 -2.86 -20.18 3.47
C PHE A 238 -4.00 -20.97 2.82
N ALA A 239 -5.24 -20.66 3.19
CA ALA A 239 -6.39 -21.35 2.59
C ALA A 239 -6.47 -21.12 1.09
N ALA A 240 -6.11 -19.91 0.64
CA ALA A 240 -6.11 -19.63 -0.79
C ALA A 240 -4.93 -20.28 -1.50
N CYS A 241 -3.78 -20.38 -0.85
CA CYS A 241 -2.64 -21.07 -1.43
C CYS A 241 -2.88 -22.57 -1.52
N VAL A 242 -3.71 -23.10 -0.62
CA VAL A 242 -4.10 -24.51 -0.72
C VAL A 242 -4.73 -24.79 -2.08
N VAL A 243 -5.69 -23.97 -2.48
CA VAL A 243 -6.36 -24.17 -3.77
C VAL A 243 -5.38 -23.94 -4.91
N ASP A 244 -4.48 -22.98 -4.77
CA ASP A 244 -3.48 -22.74 -5.81
C ASP A 244 -2.61 -23.97 -6.02
N ARG A 245 -2.12 -24.56 -4.93
CA ARG A 245 -1.29 -25.76 -5.04
C ARG A 245 -2.08 -26.93 -5.60
N LEU A 246 -3.34 -27.08 -5.18
CA LEU A 246 -4.18 -28.15 -5.72
C LEU A 246 -4.35 -28.00 -7.23
N CYS A 247 -4.64 -26.78 -7.68
CA CYS A 247 -4.82 -26.55 -9.12
C CYS A 247 -3.51 -26.77 -9.87
N LEU A 248 -2.39 -26.37 -9.29
CA LEU A 248 -1.10 -26.60 -9.93
C LEU A 248 -0.82 -28.08 -10.08
N MET A 249 -1.07 -28.86 -9.03
CA MET A 249 -0.86 -30.30 -9.10
C MET A 249 -1.80 -30.95 -10.11
N ALA A 250 -3.03 -30.44 -10.20
CA ALA A 250 -3.98 -31.01 -11.15
C ALA A 250 -3.63 -30.66 -12.59
N PHE A 251 -3.07 -29.48 -12.82
CA PHE A 251 -2.74 -29.05 -14.18
C PHE A 251 -1.36 -29.51 -14.63
N SER A 252 -0.48 -29.90 -13.71
CA SER A 252 0.83 -30.41 -14.11
C SER A 252 0.67 -31.66 -14.98
N VAL A 253 -0.12 -32.62 -14.52
CA VAL A 253 -0.33 -33.85 -15.27
C VAL A 253 -1.04 -33.56 -16.59
N PHE A 254 -1.96 -32.59 -16.59
CA PHE A 254 -2.67 -32.23 -17.82
C PHE A 254 -1.68 -31.68 -18.85
N THR A 255 -0.81 -30.77 -18.42
CA THR A 255 0.19 -30.21 -19.34
C THR A 255 1.16 -31.29 -19.82
N ILE A 256 1.54 -32.21 -18.93
CA ILE A 256 2.44 -33.28 -19.32
C ILE A 256 1.78 -34.15 -20.39
N ILE A 257 0.50 -34.50 -20.20
CA ILE A 257 -0.20 -35.32 -21.18
C ILE A 257 -0.35 -34.56 -22.50
N CYS A 258 -0.62 -33.25 -22.43
CA CYS A 258 -0.74 -32.46 -23.64
C CYS A 258 0.57 -32.43 -24.42
N THR A 259 1.68 -32.26 -23.70
CA THR A 259 2.99 -32.26 -24.36
C THR A 259 3.29 -33.63 -24.97
N ILE A 260 2.99 -34.70 -24.24
CA ILE A 260 3.23 -36.04 -24.77
C ILE A 260 2.41 -36.27 -26.03
N GLY A 261 1.16 -35.80 -26.04
CA GLY A 261 0.34 -35.96 -27.22
C GLY A 261 0.83 -35.13 -28.40
N ILE A 262 1.24 -33.88 -28.13
CA ILE A 262 1.76 -33.03 -29.20
C ILE A 262 3.04 -33.63 -29.77
N LEU A 263 3.84 -34.30 -28.95
CA LEU A 263 5.06 -34.92 -29.43
C LEU A 263 4.79 -36.23 -30.15
N MET A 264 3.73 -36.95 -29.78
CA MET A 264 3.41 -38.22 -30.40
C MET A 264 2.37 -38.11 -31.51
N SER A 265 1.48 -37.14 -31.44
CA SER A 265 0.44 -36.98 -32.45
C SER A 265 0.89 -36.18 -33.66
N ALA A 266 1.89 -35.30 -33.49
CA ALA A 266 2.34 -34.48 -34.62
C ALA A 266 2.94 -35.32 -35.74
N PRO A 267 3.83 -36.29 -35.46
CA PRO A 267 4.37 -37.09 -36.56
C PRO A 267 3.31 -37.85 -37.35
N ASN A 268 2.20 -38.20 -36.70
CA ASN A 268 1.14 -38.95 -37.39
C ASN A 268 0.43 -38.07 -38.41
N PHE A 269 0.06 -36.86 -38.00
CA PHE A 269 -0.66 -35.92 -38.88
C PHE A 269 0.25 -34.83 -39.44
N VAL A 270 0.97 -34.13 -38.57
CA VAL A 270 1.86 -33.06 -39.02
C VAL A 270 3.11 -33.65 -39.65
N LEU B 7 19.13 1.00 -44.50
CA LEU B 7 18.99 2.28 -43.82
C LEU B 7 17.88 2.24 -42.78
N TYR B 8 16.63 2.28 -43.25
CA TYR B 8 15.49 2.23 -42.33
C TYR B 8 15.31 0.83 -41.74
N TYR B 9 15.49 -0.20 -42.56
CA TYR B 9 15.31 -1.57 -42.08
C TYR B 9 16.33 -1.90 -41.01
N GLY B 10 17.59 -1.54 -41.22
CA GLY B 10 18.62 -1.84 -40.24
C GLY B 10 18.34 -1.20 -38.89
N LEU B 11 17.97 0.08 -38.90
CA LEU B 11 17.67 0.76 -37.65
C LEU B 11 16.41 0.19 -37.00
N ASN B 12 15.39 -0.10 -37.80
CA ASN B 12 14.15 -0.65 -37.25
C ASN B 12 14.38 -2.02 -36.63
N LEU B 13 15.36 -2.78 -37.13
CA LEU B 13 15.67 -4.07 -36.55
C LEU B 13 16.66 -3.98 -35.39
N LEU B 14 17.48 -2.93 -35.34
CA LEU B 14 18.49 -2.80 -34.29
C LEU B 14 17.95 -2.12 -33.04
N ILE B 15 17.25 -0.99 -33.20
CA ILE B 15 16.81 -0.23 -32.03
C ILE B 15 15.95 -1.07 -31.09
N PRO B 16 14.91 -1.77 -31.56
CA PRO B 16 14.10 -2.57 -30.62
C PRO B 16 14.89 -3.67 -29.95
N CYS B 17 15.80 -4.31 -30.68
CA CYS B 17 16.59 -5.39 -30.09
C CYS B 17 17.45 -4.88 -28.94
N VAL B 18 18.22 -3.82 -29.17
CA VAL B 18 19.06 -3.27 -28.12
C VAL B 18 18.22 -2.72 -26.99
N LEU B 19 17.06 -2.14 -27.31
CA LEU B 19 16.18 -1.62 -26.26
C LEU B 19 15.71 -2.74 -25.34
N ILE B 20 15.26 -3.85 -25.92
CA ILE B 20 14.81 -4.99 -25.13
C ILE B 20 15.96 -5.58 -24.34
N SER B 21 17.15 -5.64 -24.94
CA SER B 21 18.31 -6.18 -24.25
C SER B 21 18.68 -5.34 -23.04
N ALA B 22 18.55 -4.02 -23.17
CA ALA B 22 18.85 -3.13 -22.05
C ALA B 22 17.76 -3.22 -20.98
N LEU B 23 16.50 -3.32 -21.40
CA LEU B 23 15.40 -3.45 -20.45
C LEU B 23 15.51 -4.74 -19.65
N ALA B 24 15.97 -5.82 -20.30
CA ALA B 24 16.15 -7.07 -19.58
C ALA B 24 17.13 -6.92 -18.43
N LEU B 25 18.29 -6.30 -18.71
CA LEU B 25 19.28 -6.08 -17.65
C LEU B 25 18.76 -5.12 -16.59
N LEU B 26 18.04 -4.08 -17.01
CA LEU B 26 17.50 -3.13 -16.04
C LEU B 26 16.49 -3.78 -15.12
N VAL B 27 15.74 -4.76 -15.61
CA VAL B 27 14.77 -5.47 -14.76
C VAL B 27 15.50 -6.18 -13.63
N PHE B 28 16.60 -6.87 -13.96
CA PHE B 28 17.38 -7.54 -12.92
C PHE B 28 18.06 -6.53 -12.01
N LEU B 29 18.47 -5.38 -12.54
CA LEU B 29 19.16 -4.39 -11.73
C LEU B 29 18.29 -3.90 -10.57
N LEU B 30 16.98 -3.88 -10.75
CA LEU B 30 16.10 -3.39 -9.70
C LEU B 30 15.98 -4.45 -8.59
N PRO B 31 15.83 -4.03 -7.34
CA PRO B 31 15.71 -4.98 -6.24
C PRO B 31 14.28 -5.50 -6.12
N ALA B 32 14.06 -6.34 -5.12
CA ALA B 32 12.74 -6.93 -4.85
C ALA B 32 11.87 -5.85 -4.21
N ASP B 33 11.13 -5.14 -5.05
CA ASP B 33 10.31 -4.01 -4.64
C ASP B 33 8.83 -4.37 -4.78
N SER B 34 7.97 -3.37 -4.57
CA SER B 34 6.53 -3.55 -4.72
C SER B 34 6.19 -3.84 -6.17
N GLY B 35 4.89 -3.99 -6.47
CA GLY B 35 4.48 -4.40 -7.79
C GLY B 35 4.71 -3.34 -8.86
N GLU B 36 5.97 -2.93 -9.01
CA GLU B 36 6.40 -2.00 -10.04
C GLU B 36 7.48 -2.56 -10.94
N LYS B 37 8.43 -3.30 -10.37
CA LYS B 37 9.48 -3.93 -11.16
C LYS B 37 8.91 -5.07 -12.01
N ILE B 38 8.25 -6.03 -11.36
CA ILE B 38 7.70 -7.19 -12.07
C ILE B 38 6.90 -6.72 -13.28
N SER B 39 5.93 -5.83 -13.05
CA SER B 39 5.12 -5.30 -14.15
C SER B 39 6.00 -4.87 -15.32
N LEU B 40 7.01 -4.04 -15.04
CA LEU B 40 7.93 -3.61 -16.08
C LEU B 40 8.46 -4.82 -16.85
N GLY B 41 9.06 -5.78 -16.13
CA GLY B 41 9.54 -6.98 -16.77
C GLY B 41 8.48 -7.66 -17.61
N ILE B 42 7.25 -7.75 -17.08
CA ILE B 42 6.17 -8.36 -17.82
C ILE B 42 5.99 -7.65 -19.16
N THR B 43 6.01 -6.32 -19.15
CA THR B 43 5.84 -5.58 -20.40
C THR B 43 6.96 -5.92 -21.39
N VAL B 44 8.17 -6.20 -20.88
CA VAL B 44 9.27 -6.54 -21.78
C VAL B 44 8.89 -7.73 -22.65
N LEU B 45 7.99 -8.58 -22.17
CA LEU B 45 7.47 -9.67 -23.01
C LEU B 45 6.43 -9.16 -23.98
N LEU B 46 5.44 -8.41 -23.49
CA LEU B 46 4.38 -7.91 -24.36
C LEU B 46 4.97 -7.05 -25.48
N SER B 47 5.83 -6.09 -25.13
CA SER B 47 6.46 -5.25 -26.14
C SER B 47 7.17 -6.07 -27.21
N LEU B 48 7.55 -7.31 -26.89
CA LEU B 48 8.18 -8.16 -27.90
C LEU B 48 7.14 -8.82 -28.80
N THR B 49 6.04 -9.30 -28.21
CA THR B 49 5.01 -9.97 -29.01
C THR B 49 4.54 -9.09 -30.15
N VAL B 50 4.20 -7.82 -29.85
CA VAL B 50 3.78 -6.90 -30.88
C VAL B 50 4.82 -6.82 -31.99
N PHE B 51 6.11 -6.76 -31.61
CA PHE B 51 7.16 -6.70 -32.60
C PHE B 51 7.11 -7.90 -33.54
N MET B 52 6.80 -9.08 -33.00
CA MET B 52 6.71 -10.27 -33.83
C MET B 52 5.67 -10.10 -34.93
N LEU B 53 4.62 -9.32 -34.68
CA LEU B 53 3.61 -9.07 -35.70
C LEU B 53 4.23 -8.53 -36.97
N LEU B 54 5.32 -7.75 -36.85
CA LEU B 54 6.00 -7.25 -38.03
C LEU B 54 6.92 -8.32 -38.64
N VAL B 55 7.54 -9.14 -37.80
CA VAL B 55 8.47 -10.15 -38.30
C VAL B 55 7.76 -11.11 -39.24
N ALA B 56 6.49 -11.40 -38.98
CA ALA B 56 5.73 -12.29 -39.86
C ALA B 56 5.38 -11.61 -41.17
N GLU B 57 5.25 -10.28 -41.17
CA GLU B 57 4.91 -9.56 -42.40
C GLU B 57 6.10 -9.47 -43.34
N ILE B 58 7.26 -9.09 -42.81
CA ILE B 58 8.45 -8.94 -43.65
C ILE B 58 9.00 -10.30 -44.07
N MET B 59 8.80 -11.33 -43.24
CA MET B 59 9.31 -12.67 -43.51
C MET B 59 8.29 -13.68 -43.04
N PRO B 60 7.26 -13.95 -43.84
CA PRO B 60 6.25 -14.96 -43.46
C PRO B 60 6.90 -16.31 -43.20
N SER B 61 6.65 -16.86 -42.01
CA SER B 61 7.23 -18.15 -41.65
C SER B 61 6.70 -19.27 -42.55
N THR B 62 5.49 -19.10 -43.11
CA THR B 62 4.92 -20.14 -43.96
C THR B 62 5.77 -20.37 -45.20
N SER B 63 6.27 -19.29 -45.80
CA SER B 63 7.08 -19.38 -47.01
C SER B 63 8.50 -18.88 -46.81
N ASP B 64 8.67 -17.72 -46.16
CA ASP B 64 10.00 -17.14 -45.93
C ASP B 64 10.52 -17.66 -44.61
N SER B 65 11.30 -18.74 -44.67
CA SER B 65 11.89 -19.36 -43.49
C SER B 65 13.39 -19.04 -43.46
N SER B 66 13.83 -18.41 -42.38
CA SER B 66 15.23 -18.03 -42.22
C SER B 66 15.77 -18.61 -40.92
N PRO B 67 16.59 -19.66 -40.97
CA PRO B 67 17.12 -20.23 -39.72
C PRO B 67 18.13 -19.33 -39.02
N SER B 68 18.76 -18.39 -39.73
CA SER B 68 19.71 -17.50 -39.11
C SER B 68 19.05 -16.66 -38.01
N ILE B 69 18.05 -15.86 -38.39
CA ILE B 69 17.33 -15.05 -37.42
C ILE B 69 16.42 -15.88 -36.53
N ALA B 70 16.18 -17.14 -36.88
CA ALA B 70 15.34 -18.00 -36.04
C ALA B 70 15.94 -18.18 -34.66
N GLN B 71 17.23 -18.53 -34.60
CA GLN B 71 17.88 -18.71 -33.31
C GLN B 71 17.96 -17.39 -32.54
N TYR B 72 18.16 -16.28 -33.26
CA TYR B 72 18.20 -14.98 -32.60
C TYR B 72 16.87 -14.66 -31.94
N PHE B 73 15.76 -14.87 -32.64
CA PHE B 73 14.45 -14.62 -32.06
C PHE B 73 14.15 -15.60 -30.93
N ALA B 74 14.58 -16.85 -31.08
CA ALA B 74 14.39 -17.82 -30.00
C ALA B 74 15.11 -17.37 -28.74
N SER B 75 16.34 -16.87 -28.88
CA SER B 75 17.09 -16.39 -27.72
C SER B 75 16.45 -15.13 -27.14
N THR B 76 15.97 -14.23 -28.01
CA THR B 76 15.33 -13.01 -27.53
C THR B 76 14.04 -13.31 -26.78
N MET B 77 13.36 -14.41 -27.11
CA MET B 77 12.19 -14.81 -26.36
C MET B 77 12.56 -15.55 -25.08
N ILE B 78 13.59 -16.39 -25.14
CA ILE B 78 13.99 -17.18 -23.98
C ILE B 78 14.55 -16.27 -22.89
N ILE B 79 15.24 -15.19 -23.26
CA ILE B 79 15.80 -14.29 -22.26
C ILE B 79 14.68 -13.61 -21.48
N VAL B 80 13.63 -13.15 -22.17
CA VAL B 80 12.53 -12.50 -21.49
C VAL B 80 11.73 -13.51 -20.67
N GLY B 81 11.60 -14.74 -21.18
CA GLY B 81 10.96 -15.79 -20.40
C GLY B 81 11.70 -16.05 -19.10
N LEU B 82 13.02 -16.18 -19.18
CA LEU B 82 13.82 -16.41 -17.99
C LEU B 82 13.76 -15.21 -17.05
N SER B 83 13.69 -14.00 -17.59
CA SER B 83 13.54 -12.81 -16.75
C SER B 83 12.23 -12.85 -15.98
N VAL B 84 11.14 -13.21 -16.67
CA VAL B 84 9.85 -13.31 -16.00
C VAL B 84 9.89 -14.38 -14.92
N VAL B 85 10.50 -15.53 -15.23
CA VAL B 85 10.59 -16.62 -14.26
C VAL B 85 11.41 -16.17 -13.04
N VAL B 86 12.48 -15.41 -13.28
CA VAL B 86 13.33 -14.97 -12.17
C VAL B 86 12.59 -13.95 -11.32
N THR B 87 11.82 -13.06 -11.94
CA THR B 87 11.01 -12.12 -11.17
C THR B 87 9.97 -12.85 -10.33
N VAL B 88 9.34 -13.87 -10.90
CA VAL B 88 8.35 -14.64 -10.15
C VAL B 88 9.01 -15.35 -8.98
N ILE B 89 10.19 -15.93 -9.19
CA ILE B 89 10.88 -16.61 -8.10
C ILE B 89 11.30 -15.62 -7.03
N VAL B 90 11.70 -14.42 -7.43
CA VAL B 90 12.08 -13.38 -6.47
C VAL B 90 10.87 -12.99 -5.62
N LEU B 91 9.71 -12.79 -6.27
CA LEU B 91 8.50 -12.47 -5.52
C LEU B 91 8.15 -13.60 -4.56
N GLN B 92 8.25 -14.85 -5.00
CA GLN B 92 7.94 -15.98 -4.15
C GLN B 92 8.86 -16.02 -2.93
N TYR B 93 10.17 -15.83 -3.16
CA TYR B 93 11.12 -15.88 -2.05
C TYR B 93 10.96 -14.68 -1.12
N HIS B 94 10.47 -13.56 -1.64
CA HIS B 94 10.23 -12.39 -0.79
C HIS B 94 8.94 -12.51 0.00
N HIS B 95 7.98 -13.29 -0.49
CA HIS B 95 6.73 -13.53 0.23
C HIS B 95 6.78 -14.74 1.16
N HIS B 96 7.82 -15.56 1.05
CA HIS B 96 8.02 -16.71 1.93
C HIS B 96 6.81 -17.66 1.86
N ASP B 97 6.60 -18.20 0.68
CA ASP B 97 5.49 -19.15 0.48
C ASP B 97 5.64 -20.32 1.45
N PRO B 98 4.54 -20.81 2.04
CA PRO B 98 4.66 -21.93 2.98
C PRO B 98 5.21 -23.20 2.35
N ASP B 99 5.16 -23.32 1.02
CA ASP B 99 5.61 -24.53 0.34
C ASP B 99 7.07 -24.46 -0.11
N GLY B 100 7.90 -23.71 0.59
CA GLY B 100 9.30 -23.62 0.23
C GLY B 100 9.99 -22.53 1.03
N GLY B 101 11.21 -22.21 0.60
CA GLY B 101 12.01 -21.20 1.26
C GLY B 101 13.45 -21.64 1.43
N LYS B 102 14.32 -20.70 1.79
CA LYS B 102 15.74 -20.97 1.99
C LYS B 102 16.00 -21.21 3.47
N MET B 103 16.58 -22.36 3.80
CA MET B 103 16.90 -22.71 5.18
C MET B 103 17.84 -21.66 5.75
N PRO B 104 17.42 -20.88 6.74
CA PRO B 104 18.32 -19.84 7.29
C PRO B 104 19.62 -20.41 7.83
N LYS B 105 19.61 -21.64 8.35
CA LYS B 105 20.82 -22.21 8.95
C LYS B 105 21.99 -22.17 7.97
N TRP B 106 21.81 -22.73 6.78
CA TRP B 106 22.88 -22.79 5.79
C TRP B 106 22.99 -21.51 4.97
N THR B 107 21.94 -20.70 4.91
CA THR B 107 21.94 -19.50 4.10
C THR B 107 22.51 -18.29 4.82
N ARG B 108 22.59 -18.32 6.15
CA ARG B 108 23.06 -17.15 6.90
C ARG B 108 24.51 -16.82 6.56
N VAL B 109 25.38 -17.84 6.51
CA VAL B 109 26.78 -17.59 6.21
C VAL B 109 26.93 -17.10 4.78
N ILE B 110 26.21 -17.72 3.84
CA ILE B 110 26.29 -17.30 2.44
C ILE B 110 25.87 -15.84 2.31
N LEU B 111 24.80 -15.45 3.00
CA LEU B 111 24.34 -14.07 2.93
C LEU B 111 25.36 -13.12 3.55
N LEU B 112 25.86 -13.46 4.74
CA LEU B 112 26.85 -12.60 5.40
C LEU B 112 28.09 -12.44 4.55
N ASN B 113 28.44 -13.45 3.75
CA ASN B 113 29.61 -13.36 2.90
C ASN B 113 29.33 -12.53 1.64
N TRP B 114 28.20 -12.79 0.99
CA TRP B 114 27.92 -12.15 -0.30
C TRP B 114 27.52 -10.69 -0.14
N CYS B 115 26.81 -10.34 0.93
CA CYS B 115 26.47 -8.94 1.16
C CYS B 115 27.72 -8.09 1.32
N ALA B 116 28.76 -8.65 1.94
CA ALA B 116 30.02 -7.93 2.09
C ALA B 116 30.85 -7.99 0.81
N TRP B 117 30.78 -9.10 0.07
CA TRP B 117 31.51 -9.18 -1.19
C TRP B 117 30.98 -8.20 -2.22
N PHE B 118 29.67 -7.94 -2.21
CA PHE B 118 29.09 -7.00 -3.16
C PHE B 118 29.60 -5.58 -2.94
N LEU B 119 30.15 -5.28 -1.77
CA LEU B 119 30.63 -3.94 -1.47
C LEU B 119 32.12 -3.79 -1.77
N ARG B 120 32.93 -4.79 -1.45
CA ARG B 120 34.37 -4.74 -1.68
C ARG B 120 34.84 -5.60 -2.83
N MET B 121 34.08 -6.64 -3.19
CA MET B 121 34.42 -7.55 -4.29
C MET B 121 35.70 -8.33 -4.04
N LYS B 122 36.25 -8.27 -2.83
CA LYS B 122 37.49 -8.97 -2.49
C LYS B 122 38.59 -8.63 -3.50
N ARG B 123 38.63 -7.37 -3.91
CA ARG B 123 39.63 -6.92 -4.88
C ARG B 123 40.93 -6.57 -4.16
N PRO B 124 42.09 -6.88 -4.76
CA PRO B 124 43.36 -6.52 -4.10
C PRO B 124 43.49 -5.05 -3.78
N GLY B 125 42.94 -4.17 -4.62
CA GLY B 125 43.05 -2.74 -4.38
C GLY B 125 42.41 -2.31 -3.08
N GLU B 126 41.37 -3.02 -2.63
CA GLU B 126 40.67 -2.70 -1.40
C GLU B 126 41.17 -3.49 -0.20
N ASP B 127 41.95 -4.54 -0.41
CA ASP B 127 42.45 -5.38 0.67
C ASP B 127 43.90 -5.07 1.04
N LYS B 128 44.76 -4.84 0.05
CA LYS B 128 46.17 -4.56 0.33
C LYS B 128 46.42 -3.10 0.65
N VAL B 129 45.66 -2.19 0.04
CA VAL B 129 45.83 -0.75 0.25
C VAL B 129 44.98 -0.39 1.45
N ARG B 130 45.54 -0.56 2.65
CA ARG B 130 44.87 -0.24 3.90
C ARG B 130 45.87 -0.41 5.03
N PRO B 131 45.60 0.18 6.20
CA PRO B 131 46.51 0.02 7.33
C PRO B 131 46.68 -1.45 7.71
N ALA B 132 47.90 -1.94 7.60
CA ALA B 132 48.19 -3.34 7.92
C ALA B 132 49.66 -3.45 8.29
N CYS B 133 49.93 -3.91 9.52
CA CYS B 133 51.30 -4.07 9.99
C CYS B 133 51.35 -5.27 10.92
N GLN B 134 52.54 -5.55 11.45
CA GLN B 134 52.76 -6.66 12.37
C GLN B 134 52.52 -6.28 13.82
N HIS B 135 51.80 -5.19 14.08
CA HIS B 135 51.52 -4.76 15.43
C HIS B 135 50.36 -5.55 16.02
N LYS B 136 50.23 -5.46 17.35
CA LYS B 136 49.16 -6.18 18.04
C LYS B 136 47.77 -5.78 17.56
N GLN B 137 47.62 -4.59 16.98
CA GLN B 137 46.32 -4.15 16.50
C GLN B 137 45.81 -5.03 15.37
N ARG B 138 46.69 -5.74 14.67
CA ARG B 138 46.31 -6.62 13.58
C ARG B 138 46.53 -8.09 13.92
N ARG B 139 46.53 -8.42 15.21
CA ARG B 139 46.74 -9.78 15.67
C ARG B 139 45.43 -10.33 16.25
N CYS B 140 45.44 -11.63 16.53
CA CYS B 140 44.30 -12.34 17.08
C CYS B 140 44.58 -12.75 18.52
N SER B 141 43.55 -12.67 19.36
CA SER B 141 43.64 -13.04 20.76
C SER B 141 42.58 -14.10 21.08
N LEU B 142 42.55 -14.50 22.35
CA LEU B 142 41.58 -15.51 22.77
C LEU B 142 40.15 -15.04 22.53
N ALA B 143 39.90 -13.74 22.70
CA ALA B 143 38.56 -13.21 22.49
C ALA B 143 38.14 -13.29 21.02
N SER B 144 39.10 -13.29 20.10
CA SER B 144 38.80 -13.36 18.68
C SER B 144 38.65 -14.78 18.16
N VAL B 145 39.19 -15.77 18.88
CA VAL B 145 39.09 -17.17 18.46
C VAL B 145 37.68 -17.64 18.78
N GLU B 146 36.81 -17.69 17.77
CA GLU B 146 35.43 -18.12 17.92
C GLU B 146 35.19 -19.49 17.28
N MET B 147 36.23 -20.32 17.21
CA MET B 147 36.10 -21.64 16.62
C MET B 147 35.20 -22.57 17.44
N SER B 148 34.89 -22.22 18.69
CA SER B 148 34.04 -23.02 19.55
C SER B 148 32.60 -22.53 19.56
N ALA B 149 32.12 -21.98 18.45
CA ALA B 149 30.76 -21.49 18.33
C ALA B 149 30.50 -20.33 19.29
N VAL B 150 31.49 -19.46 19.43
CA VAL B 150 31.36 -18.29 20.30
C VAL B 150 30.64 -17.19 19.56
N ALA B 151 29.89 -16.37 20.31
CA ALA B 151 29.16 -15.27 19.71
C ALA B 151 30.14 -14.26 19.09
N PRO B 152 29.66 -13.42 18.19
CA PRO B 152 30.53 -12.42 17.56
C PRO B 152 31.12 -11.48 18.59
N PRO B 153 32.12 -10.68 18.22
CA PRO B 153 32.72 -9.75 19.18
C PRO B 153 31.71 -8.72 19.63
N PRO B 154 31.92 -8.10 20.80
CA PRO B 154 30.97 -7.08 21.29
C PRO B 154 31.15 -5.73 20.59
N ALA B 155 30.57 -5.64 19.39
CA ALA B 155 30.64 -4.43 18.58
C ALA B 155 29.27 -3.79 18.46
N SER B 156 29.27 -2.52 18.07
CA SER B 156 28.04 -1.75 17.91
C SER B 156 27.41 -1.93 16.53
N ASN B 157 27.90 -2.88 15.74
CA ASN B 157 27.37 -3.13 14.41
C ASN B 157 26.21 -4.12 14.41
N GLY B 158 25.54 -4.30 15.54
CA GLY B 158 24.43 -5.21 15.66
C GLY B 158 24.68 -6.45 16.50
N ASN B 159 25.68 -6.43 17.38
CA ASN B 159 25.99 -7.57 18.23
C ASN B 159 25.92 -7.25 19.71
N LEU B 160 26.39 -6.07 20.13
CA LEU B 160 26.35 -5.71 21.54
C LEU B 160 24.92 -5.69 22.06
N LEU B 161 24.01 -5.03 21.34
CA LEU B 161 22.62 -4.95 21.74
C LEU B 161 21.82 -6.20 21.38
N TYR B 162 22.41 -7.13 20.63
CA TYR B 162 21.72 -8.36 20.25
C TYR B 162 22.01 -9.49 21.24
N ILE B 163 23.29 -9.79 21.46
CA ILE B 163 23.66 -10.87 22.36
C ILE B 163 23.21 -10.57 23.78
N GLY B 164 23.01 -9.30 24.12
CA GLY B 164 22.57 -8.94 25.46
C GLY B 164 21.08 -9.06 25.65
N PHE B 165 20.30 -8.55 24.68
CA PHE B 165 18.85 -8.58 24.79
C PHE B 165 18.29 -9.94 24.38
N ARG B 166 18.52 -10.34 23.14
CA ARG B 166 17.97 -11.60 22.65
C ARG B 166 18.62 -12.83 23.28
N GLY B 167 19.70 -12.64 24.04
CA GLY B 167 20.36 -13.76 24.70
C GLY B 167 19.68 -14.15 26.00
N LEU B 168 18.47 -14.70 25.90
CA LEU B 168 17.73 -15.09 27.08
C LEU B 168 18.52 -16.13 27.89
N ASP B 169 18.37 -16.08 29.21
CA ASP B 169 19.05 -16.98 30.12
C ASP B 169 20.57 -16.86 30.03
N GLY B 170 21.07 -15.77 29.46
CA GLY B 170 22.49 -15.54 29.32
C GLY B 170 23.07 -14.73 30.45
N VAL B 171 24.20 -14.09 30.19
CA VAL B 171 24.86 -13.28 31.20
C VAL B 171 24.09 -12.01 31.50
N HIS B 172 23.24 -11.56 30.56
CA HIS B 172 22.47 -10.33 30.78
C HIS B 172 21.26 -10.58 31.67
N CYS B 173 20.58 -11.71 31.47
CA CYS B 173 19.40 -12.05 32.27
C CYS B 173 19.73 -12.89 33.49
N VAL B 174 20.65 -13.86 33.33
CA VAL B 174 21.04 -14.74 34.43
C VAL B 174 22.56 -14.74 34.53
N PRO B 175 23.18 -13.74 35.15
CA PRO B 175 24.64 -13.73 35.25
C PRO B 175 25.17 -14.78 36.21
N THR B 176 25.81 -15.82 35.67
CA THR B 176 26.34 -16.90 36.49
C THR B 176 27.64 -16.49 37.17
N PRO B 177 28.54 -15.75 36.50
CA PRO B 177 29.79 -15.35 37.17
C PRO B 177 29.53 -14.54 38.42
N ASP B 178 30.17 -14.94 39.51
CA ASP B 178 30.01 -14.25 40.79
C ASP B 178 30.65 -12.88 40.71
N SER B 179 29.84 -11.83 40.69
CA SER B 179 30.32 -10.45 40.62
C SER B 179 30.40 -9.79 41.99
N GLY B 180 29.48 -10.11 42.89
CA GLY B 180 29.47 -9.52 44.21
C GLY B 180 28.97 -8.10 44.29
N VAL B 181 28.41 -7.57 43.20
CA VAL B 181 27.90 -6.20 43.22
C VAL B 181 26.79 -6.05 44.26
N VAL B 182 26.06 -7.13 44.54
CA VAL B 182 25.00 -7.06 45.52
C VAL B 182 25.55 -6.92 46.94
N CYS B 183 26.81 -7.27 47.16
CA CYS B 183 27.42 -7.18 48.48
C CYS B 183 28.83 -6.60 48.47
N GLY B 184 29.36 -6.24 47.30
CA GLY B 184 30.70 -5.71 47.20
C GLY B 184 30.74 -4.27 46.74
N ARG B 185 29.77 -3.87 45.92
CA ARG B 185 29.68 -2.52 45.40
C ARG B 185 28.37 -1.88 45.83
N MET B 186 28.41 -0.58 46.12
CA MET B 186 27.24 0.16 46.54
C MET B 186 26.68 1.06 45.44
N ALA B 187 27.18 0.93 44.21
CA ALA B 187 26.71 1.74 43.09
C ALA B 187 25.34 1.22 42.67
N CYS B 188 24.28 1.90 43.09
CA CYS B 188 22.91 1.51 42.77
C CYS B 188 22.60 0.09 43.23
N SER B 189 23.26 -0.36 44.31
CA SER B 189 23.07 -1.69 44.82
C SER B 189 23.47 -1.74 46.30
N PRO B 190 22.56 -1.42 47.22
CA PRO B 190 22.91 -1.46 48.65
C PRO B 190 23.43 -2.83 49.05
N THR B 191 24.52 -2.83 49.82
CA THR B 191 25.14 -4.08 50.25
C THR B 191 24.31 -4.73 51.35
N HIS B 192 23.43 -5.66 50.97
CA HIS B 192 22.58 -6.39 51.89
C HIS B 192 21.98 -5.47 52.96
N ASP B 193 21.61 -4.26 52.56
CA ASP B 193 21.02 -3.29 53.49
C ASP B 193 19.53 -3.61 53.65
N GLU B 194 19.18 -4.22 54.78
CA GLU B 194 17.80 -4.59 55.06
C GLU B 194 17.02 -3.47 55.74
N HIS B 195 17.69 -2.45 56.26
CA HIS B 195 17.04 -1.34 56.93
C HIS B 195 16.85 -0.13 56.02
N LEU B 196 16.92 -0.33 54.71
CA LEU B 196 16.75 0.76 53.75
C LEU B 196 15.26 0.92 53.49
N LEU B 197 14.64 1.89 54.16
CA LEU B 197 13.22 2.16 54.01
C LEU B 197 13.02 3.50 53.32
N HIS B 198 11.99 3.56 52.47
CA HIS B 198 11.66 4.78 51.73
C HIS B 198 10.96 5.76 52.67
N GLY B 199 11.76 6.39 53.52
CA GLY B 199 11.23 7.34 54.49
C GLY B 199 10.19 6.74 55.42
N GLY B 200 10.31 5.46 55.73
CA GLY B 200 9.37 4.76 56.59
C GLY B 200 8.59 3.67 55.89
N GLN B 201 8.38 3.81 54.58
CA GLN B 201 7.64 2.84 53.80
C GLN B 201 8.58 1.96 53.00
N PRO B 202 8.13 0.79 52.55
CA PRO B 202 8.99 -0.08 51.75
C PRO B 202 9.34 0.56 50.42
N PRO B 203 10.34 0.03 49.71
CA PRO B 203 10.70 0.61 48.41
C PRO B 203 9.70 0.30 47.31
N GLU B 204 8.43 0.66 47.54
CA GLU B 204 7.38 0.41 46.56
C GLU B 204 6.13 1.21 46.90
N GLY B 205 5.55 1.89 45.92
CA GLY B 205 4.37 2.71 46.14
C GLY B 205 3.07 1.95 45.97
N ASP B 206 2.94 1.22 44.86
CA ASP B 206 1.70 0.51 44.55
C ASP B 206 2.00 -0.61 43.57
N PRO B 207 1.58 -1.87 43.86
CA PRO B 207 1.80 -2.96 42.90
C PRO B 207 1.27 -2.64 41.51
N ASP B 208 0.30 -1.73 41.41
CA ASP B 208 -0.20 -1.32 40.10
C ASP B 208 0.90 -0.71 39.25
N LEU B 209 1.91 -0.12 39.89
CA LEU B 209 3.07 0.38 39.15
C LEU B 209 3.75 -0.75 38.38
N ALA B 210 3.92 -1.91 39.03
CA ALA B 210 4.49 -3.06 38.33
C ALA B 210 3.58 -3.53 37.21
N LYS B 211 2.26 -3.41 37.37
CA LYS B 211 1.34 -3.82 36.32
C LYS B 211 1.49 -2.93 35.09
N ILE B 212 1.52 -1.60 35.29
CA ILE B 212 1.70 -0.72 34.15
C ILE B 212 3.10 -0.90 33.56
N LEU B 213 4.09 -1.23 34.39
CA LEU B 213 5.42 -1.53 33.86
C LEU B 213 5.38 -2.74 32.94
N GLU B 214 4.70 -3.80 33.37
CA GLU B 214 4.57 -4.98 32.52
C GLU B 214 3.79 -4.67 31.25
N GLU B 215 2.79 -3.79 31.33
CA GLU B 215 2.03 -3.42 30.15
C GLU B 215 2.89 -2.67 29.14
N VAL B 216 3.66 -1.69 29.61
CA VAL B 216 4.55 -0.96 28.70
C VAL B 216 5.64 -1.89 28.18
N ARG B 217 6.06 -2.87 28.97
CA ARG B 217 7.04 -3.84 28.49
C ARG B 217 6.45 -4.70 27.38
N TYR B 218 5.18 -5.10 27.53
CA TYR B 218 4.52 -5.84 26.46
C TYR B 218 4.37 -4.99 25.20
N ILE B 219 4.10 -3.70 25.36
CA ILE B 219 4.02 -2.80 24.21
C ILE B 219 5.37 -2.71 23.52
N ALA B 220 6.44 -2.57 24.31
CA ALA B 220 7.79 -2.54 23.73
C ALA B 220 8.13 -3.85 23.05
N ASN B 221 7.66 -4.97 23.60
CA ASN B 221 7.90 -6.26 22.97
C ASN B 221 7.15 -6.38 21.64
N ARG B 222 5.94 -5.83 21.58
CA ARG B 222 5.21 -5.79 20.31
C ARG B 222 5.95 -4.94 19.28
N PHE B 223 6.47 -3.79 19.71
CA PHE B 223 7.26 -2.95 18.80
C PHE B 223 8.52 -3.68 18.33
N ARG B 224 9.17 -4.42 19.24
CA ARG B 224 10.35 -5.18 18.85
C ARG B 224 10.01 -6.31 17.90
N CYS B 225 8.83 -6.93 18.07
CA CYS B 225 8.41 -7.96 17.13
C CYS B 225 8.14 -7.36 15.76
N GLN B 226 7.54 -6.16 15.72
CA GLN B 226 7.38 -5.46 14.44
C GLN B 226 8.72 -5.18 13.80
N ASP B 227 9.70 -4.70 14.60
CA ASP B 227 11.03 -4.46 14.07
C ASP B 227 11.67 -5.73 13.54
N GLU B 228 11.46 -6.85 14.24
CA GLU B 228 12.03 -8.12 13.80
C GLU B 228 11.37 -8.60 12.51
N SER B 229 10.06 -8.38 12.37
CA SER B 229 9.39 -8.71 11.12
C SER B 229 9.94 -7.86 9.97
N GLU B 230 10.15 -6.57 10.22
CA GLU B 230 10.75 -5.71 9.20
C GLU B 230 12.15 -6.18 8.83
N ALA B 231 12.93 -6.60 9.83
CA ALA B 231 14.28 -7.09 9.57
C ALA B 231 14.25 -8.37 8.76
N VAL B 232 13.30 -9.27 9.05
CA VAL B 232 13.16 -10.50 8.28
C VAL B 232 12.75 -10.19 6.85
N CYS B 233 11.88 -9.19 6.67
CA CYS B 233 11.50 -8.77 5.32
C CYS B 233 12.70 -8.23 4.57
N SER B 234 13.53 -7.43 5.23
CA SER B 234 14.73 -6.90 4.59
C SER B 234 15.71 -8.02 4.25
N GLU B 235 15.82 -9.03 5.13
CA GLU B 235 16.68 -10.16 4.85
C GLU B 235 16.19 -10.95 3.64
N TRP B 236 14.87 -11.16 3.54
CA TRP B 236 14.32 -11.82 2.37
C TRP B 236 14.57 -11.00 1.12
N LYS B 237 14.45 -9.68 1.22
CA LYS B 237 14.73 -8.81 0.07
C LYS B 237 16.18 -8.95 -0.37
N PHE B 238 17.11 -8.99 0.59
CA PHE B 238 18.51 -9.16 0.23
C PHE B 238 18.77 -10.52 -0.39
N ALA B 239 18.16 -11.57 0.17
CA ALA B 239 18.33 -12.91 -0.40
C ALA B 239 17.78 -13.00 -1.82
N ALA B 240 16.69 -12.28 -2.10
CA ALA B 240 16.14 -12.27 -3.45
C ALA B 240 16.97 -11.41 -4.40
N CYS B 241 17.56 -10.32 -3.90
CA CYS B 241 18.43 -9.50 -4.73
C CYS B 241 19.73 -10.23 -5.05
N VAL B 242 20.15 -11.14 -4.17
CA VAL B 242 21.31 -11.97 -4.46
C VAL B 242 21.11 -12.72 -5.77
N VAL B 243 19.96 -13.39 -5.91
CA VAL B 243 19.68 -14.16 -7.12
C VAL B 243 19.54 -13.23 -8.32
N ASP B 244 18.97 -12.04 -8.11
CA ASP B 244 18.84 -11.08 -9.20
C ASP B 244 20.22 -10.67 -9.73
N ARG B 245 21.14 -10.33 -8.82
CA ARG B 245 22.48 -9.96 -9.23
C ARG B 245 23.21 -11.12 -9.89
N LEU B 246 23.03 -12.33 -9.36
CA LEU B 246 23.66 -13.50 -9.97
C LEU B 246 23.17 -13.69 -11.41
N CYS B 247 21.85 -13.60 -11.61
CA CYS B 247 21.29 -13.77 -12.95
C CYS B 247 21.75 -12.65 -13.87
N LEU B 248 21.86 -11.43 -13.36
CA LEU B 248 22.33 -10.32 -14.17
C LEU B 248 23.77 -10.55 -14.61
N MET B 249 24.62 -10.98 -13.69
CA MET B 249 26.01 -11.27 -14.03
C MET B 249 26.12 -12.42 -15.02
N ALA B 250 25.24 -13.41 -14.89
CA ALA B 250 25.29 -14.56 -15.81
C ALA B 250 24.79 -14.18 -17.19
N PHE B 251 23.80 -13.28 -17.28
CA PHE B 251 23.24 -12.90 -18.57
C PHE B 251 24.01 -11.77 -19.25
N SER B 252 24.83 -11.02 -18.52
CA SER B 252 25.64 -9.98 -19.15
C SER B 252 26.57 -10.58 -20.19
N VAL B 253 27.31 -11.63 -19.81
CA VAL B 253 28.23 -12.26 -20.75
C VAL B 253 27.47 -12.90 -21.90
N PHE B 254 26.29 -13.45 -21.62
CA PHE B 254 25.49 -14.06 -22.68
C PHE B 254 25.07 -13.01 -23.70
N THR B 255 24.59 -11.86 -23.24
CA THR B 255 24.20 -10.78 -24.16
C THR B 255 25.40 -10.25 -24.91
N ILE B 256 26.56 -10.15 -24.25
CA ILE B 256 27.76 -9.68 -24.93
C ILE B 256 28.15 -10.64 -26.05
N ILE B 257 28.11 -11.95 -25.77
CA ILE B 257 28.44 -12.93 -26.79
C ILE B 257 27.43 -12.89 -27.94
N CYS B 258 26.15 -12.72 -27.60
CA CYS B 258 25.13 -12.63 -28.65
C CYS B 258 25.36 -11.43 -29.55
N THR B 259 25.69 -10.27 -28.95
CA THR B 259 25.97 -9.09 -29.74
C THR B 259 27.21 -9.28 -30.61
N ILE B 260 28.26 -9.88 -30.05
CA ILE B 260 29.48 -10.13 -30.82
C ILE B 260 29.17 -11.04 -32.00
N GLY B 261 28.34 -12.06 -31.79
CA GLY B 261 28.00 -12.96 -32.87
C GLY B 261 27.15 -12.28 -33.94
N ILE B 262 26.17 -11.48 -33.51
CA ILE B 262 25.32 -10.76 -34.46
C ILE B 262 26.16 -9.78 -35.28
N LEU B 263 27.20 -9.21 -34.68
CA LEU B 263 28.06 -8.29 -35.41
C LEU B 263 29.06 -9.01 -36.31
N MET B 264 29.46 -10.23 -35.95
CA MET B 264 30.41 -10.99 -36.73
C MET B 264 29.76 -12.00 -37.67
N SER B 265 28.58 -12.51 -37.33
CA SER B 265 27.91 -13.50 -38.15
C SER B 265 27.08 -12.88 -39.26
N ALA B 266 26.59 -11.65 -39.08
CA ALA B 266 25.75 -11.03 -40.10
C ALA B 266 26.51 -10.78 -41.40
N PRO B 267 27.73 -10.25 -41.40
CA PRO B 267 28.43 -10.04 -42.68
C PRO B 267 28.64 -11.32 -43.46
N ASN B 268 28.76 -12.46 -42.78
CA ASN B 268 28.98 -13.73 -43.47
C ASN B 268 27.73 -14.17 -44.23
N PHE B 269 26.57 -14.10 -43.58
CA PHE B 269 25.30 -14.51 -44.18
C PHE B 269 24.46 -13.33 -44.63
N VAL B 270 24.21 -12.37 -43.75
CA VAL B 270 23.40 -11.21 -44.08
C VAL B 270 24.21 -10.25 -44.96
N LEU C 7 -3.87 15.95 -45.59
CA LEU C 7 -4.97 16.29 -44.70
C LEU C 7 -5.06 15.27 -43.56
N TYR C 8 -5.58 14.08 -43.86
CA TYR C 8 -5.70 13.05 -42.84
C TYR C 8 -4.35 12.44 -42.49
N TYR C 9 -3.50 12.23 -43.50
CA TYR C 9 -2.19 11.64 -43.25
C TYR C 9 -1.34 12.55 -42.36
N GLY C 10 -1.33 13.85 -42.66
CA GLY C 10 -0.53 14.78 -41.87
C GLY C 10 -0.94 14.79 -40.41
N LEU C 11 -2.25 14.86 -40.16
CA LEU C 11 -2.73 14.87 -38.78
C LEU C 11 -2.46 13.53 -38.09
N ASN C 12 -2.66 12.42 -38.81
CA ASN C 12 -2.42 11.12 -38.22
C ASN C 12 -0.96 10.91 -37.87
N LEU C 13 -0.05 11.56 -38.61
CA LEU C 13 1.37 11.48 -38.30
C LEU C 13 1.82 12.50 -37.26
N LEU C 14 1.11 13.62 -37.13
CA LEU C 14 1.51 14.67 -36.20
C LEU C 14 0.97 14.45 -34.80
N ILE C 15 -0.33 14.15 -34.68
CA ILE C 15 -0.94 14.04 -33.35
C ILE C 15 -0.24 13.00 -32.48
N PRO C 16 -0.01 11.77 -32.94
CA PRO C 16 0.67 10.80 -32.07
C PRO C 16 2.08 11.22 -31.69
N CYS C 17 2.81 11.84 -32.62
CA CYS C 17 4.18 12.26 -32.33
C CYS C 17 4.20 13.30 -31.21
N VAL C 18 3.40 14.36 -31.34
CA VAL C 18 3.37 15.39 -30.32
C VAL C 18 2.82 14.84 -29.01
N LEU C 19 1.86 13.91 -29.09
CA LEU C 19 1.31 13.31 -27.88
C LEU C 19 2.39 12.55 -27.12
N ILE C 20 3.17 11.73 -27.83
CA ILE C 20 4.24 10.97 -27.19
C ILE C 20 5.32 11.92 -26.66
N SER C 21 5.61 12.99 -27.40
CA SER C 21 6.62 13.94 -26.95
C SER C 21 6.19 14.63 -25.67
N ALA C 22 4.90 14.94 -25.54
CA ALA C 22 4.41 15.56 -24.32
C ALA C 22 4.36 14.56 -23.18
N LEU C 23 3.97 13.32 -23.46
CA LEU C 23 3.95 12.30 -22.42
C LEU C 23 5.34 12.02 -21.87
N ALA C 24 6.35 12.08 -22.74
CA ALA C 24 7.73 11.87 -22.29
C ALA C 24 8.11 12.91 -21.24
N LEU C 25 7.83 14.19 -21.53
CA LEU C 25 8.16 15.24 -20.57
C LEU C 25 7.30 15.13 -19.31
N LEU C 26 6.03 14.77 -19.46
CA LEU C 26 5.16 14.61 -18.30
C LEU C 26 5.63 13.50 -17.38
N VAL C 27 6.22 12.44 -17.95
CA VAL C 27 6.74 11.35 -17.13
C VAL C 27 7.85 11.86 -16.21
N PHE C 28 8.76 12.65 -16.78
CA PHE C 28 9.83 13.24 -15.96
C PHE C 28 9.29 14.26 -14.97
N LEU C 29 8.23 14.99 -15.35
CA LEU C 29 7.69 16.01 -14.47
C LEU C 29 7.19 15.41 -13.15
N LEU C 30 6.73 14.17 -13.17
CA LEU C 30 6.22 13.54 -11.96
C LEU C 30 7.38 13.15 -11.05
N PRO C 31 7.20 13.22 -9.73
CA PRO C 31 8.26 12.85 -8.80
C PRO C 31 8.33 11.34 -8.61
N ALA C 32 9.25 10.91 -7.74
CA ALA C 32 9.44 9.49 -7.43
C ALA C 32 8.30 9.06 -6.53
N ASP C 33 7.24 8.54 -7.14
CA ASP C 33 6.03 8.15 -6.44
C ASP C 33 5.87 6.63 -6.48
N SER C 34 4.73 6.15 -6.00
CA SER C 34 4.41 4.73 -6.00
C SER C 34 4.27 4.23 -7.44
N GLY C 35 3.94 2.95 -7.61
CA GLY C 35 3.92 2.36 -8.93
C GLY C 35 2.81 2.87 -9.82
N GLU C 36 2.79 4.19 -10.03
CA GLU C 36 1.85 4.85 -10.93
C GLU C 36 2.53 5.64 -12.03
N LYS C 37 3.65 6.32 -11.71
CA LYS C 37 4.39 7.05 -12.72
C LYS C 37 5.09 6.09 -13.67
N ILE C 38 5.92 5.19 -13.13
CA ILE C 38 6.67 4.26 -13.96
C ILE C 38 5.76 3.59 -14.98
N SER C 39 4.67 2.99 -14.49
CA SER C 39 3.71 2.33 -15.37
C SER C 39 3.36 3.24 -16.53
N LEU C 40 2.95 4.47 -16.24
CA LEU C 40 2.63 5.43 -17.30
C LEU C 40 3.76 5.49 -18.32
N GLY C 41 4.98 5.78 -17.85
CA GLY C 41 6.12 5.80 -18.75
C GLY C 41 6.25 4.52 -19.56
N ILE C 42 6.06 3.38 -18.92
CA ILE C 42 6.13 2.10 -19.62
C ILE C 42 5.16 2.09 -20.79
N THR C 43 3.92 2.55 -20.54
CA THR C 43 2.94 2.59 -21.61
C THR C 43 3.41 3.47 -22.76
N VAL C 44 4.13 4.54 -22.47
CA VAL C 44 4.61 5.43 -23.53
C VAL C 44 5.43 4.64 -24.54
N LEU C 45 6.04 3.53 -24.11
CA LEU C 45 6.73 2.66 -25.04
C LEU C 45 5.74 1.77 -25.79
N LEU C 46 4.84 1.10 -25.06
CA LEU C 46 3.88 0.22 -25.71
C LEU C 46 3.04 0.98 -26.72
N SER C 47 2.48 2.13 -26.33
CA SER C 47 1.69 2.94 -27.24
C SER C 47 2.46 3.28 -28.51
N LEU C 48 3.79 3.27 -28.46
CA LEU C 48 4.58 3.53 -29.66
C LEU C 48 4.67 2.29 -30.54
N THR C 49 4.90 1.12 -29.93
CA THR C 49 5.04 -0.11 -30.71
C THR C 49 3.84 -0.32 -31.61
N VAL C 50 2.63 -0.21 -31.05
CA VAL C 50 1.42 -0.36 -31.85
C VAL C 50 1.45 0.60 -33.04
N PHE C 51 1.87 1.85 -32.80
CA PHE C 51 1.93 2.81 -33.88
C PHE C 51 2.84 2.32 -35.00
N MET C 52 3.95 1.67 -34.64
CA MET C 52 4.85 1.15 -35.66
C MET C 52 4.15 0.18 -36.60
N LEU C 53 3.15 -0.56 -36.09
CA LEU C 53 2.40 -1.47 -36.93
C LEU C 53 1.82 -0.77 -38.15
N LEU C 54 1.48 0.52 -38.01
CA LEU C 54 0.99 1.28 -39.16
C LEU C 54 2.14 1.75 -40.04
N VAL C 55 3.27 2.13 -39.44
CA VAL C 55 4.39 2.65 -40.22
C VAL C 55 4.88 1.60 -41.20
N ALA C 56 4.79 0.31 -40.84
CA ALA C 56 5.23 -0.74 -41.76
C ALA C 56 4.24 -0.93 -42.89
N GLU C 57 2.95 -0.62 -42.67
CA GLU C 57 1.94 -0.80 -43.70
C GLU C 57 2.02 0.31 -44.74
N ILE C 58 2.15 1.56 -44.29
CA ILE C 58 2.21 2.69 -45.23
C ILE C 58 3.56 2.73 -45.93
N MET C 59 4.62 2.24 -45.29
CA MET C 59 5.96 2.26 -45.86
C MET C 59 6.68 0.98 -45.45
N PRO C 60 6.46 -0.11 -46.18
CA PRO C 60 7.16 -1.36 -45.85
C PRO C 60 8.67 -1.18 -45.90
N SER C 61 9.33 -1.54 -44.80
CA SER C 61 10.78 -1.39 -44.71
C SER C 61 11.48 -2.30 -45.71
N THR C 62 10.87 -3.43 -46.09
CA THR C 62 11.51 -4.35 -47.01
C THR C 62 11.75 -3.69 -48.36
N SER C 63 10.79 -2.90 -48.85
CA SER C 63 10.90 -2.24 -50.14
C SER C 63 10.91 -0.73 -50.01
N ASP C 64 10.00 -0.16 -49.22
CA ASP C 64 9.90 1.29 -49.06
C ASP C 64 10.79 1.70 -47.90
N SER C 65 12.03 2.08 -48.22
CA SER C 65 13.01 2.52 -47.23
C SER C 65 13.16 4.04 -47.33
N SER C 66 12.95 4.73 -46.21
CA SER C 66 13.05 6.19 -46.16
C SER C 66 14.02 6.57 -45.05
N PRO C 67 15.24 7.01 -45.39
CA PRO C 67 16.20 7.39 -44.33
C PRO C 67 15.82 8.65 -43.60
N SER C 68 15.01 9.53 -44.21
CA SER C 68 14.61 10.77 -43.54
C SER C 68 13.84 10.46 -42.25
N ILE C 69 12.71 9.76 -42.37
CA ILE C 69 11.92 9.39 -41.21
C ILE C 69 12.58 8.32 -40.37
N ALA C 70 13.61 7.64 -40.92
CA ALA C 70 14.30 6.61 -40.15
C ALA C 70 14.94 7.19 -38.89
N GLN C 71 15.68 8.29 -39.04
CA GLN C 71 16.31 8.92 -37.88
C GLN C 71 15.26 9.46 -36.92
N TYR C 72 14.15 9.99 -37.44
CA TYR C 72 13.09 10.49 -36.59
C TYR C 72 12.51 9.38 -35.73
N PHE C 73 12.22 8.23 -36.33
CA PHE C 73 11.69 7.11 -35.57
C PHE C 73 12.73 6.57 -34.59
N ALA C 74 14.00 6.53 -35.00
CA ALA C 74 15.04 6.10 -34.09
C ALA C 74 15.11 6.99 -32.86
N SER C 75 15.00 8.31 -33.06
CA SER C 75 15.02 9.23 -31.92
C SER C 75 13.77 9.08 -31.07
N THR C 76 12.61 8.88 -31.72
CA THR C 76 11.37 8.71 -30.97
C THR C 76 11.39 7.44 -30.13
N MET C 77 12.14 6.43 -30.56
CA MET C 77 12.29 5.22 -29.76
C MET C 77 13.36 5.39 -28.68
N ILE C 78 14.45 6.08 -29.00
CA ILE C 78 15.53 6.26 -28.04
C ILE C 78 15.09 7.15 -26.89
N ILE C 79 14.22 8.14 -27.15
CA ILE C 79 13.76 9.01 -26.08
C ILE C 79 12.94 8.22 -25.07
N VAL C 80 12.04 7.35 -25.55
CA VAL C 80 11.23 6.56 -24.63
C VAL C 80 12.09 5.52 -23.92
N GLY C 81 13.08 4.96 -24.61
CA GLY C 81 14.01 4.06 -23.96
C GLY C 81 14.75 4.73 -22.81
N LEU C 82 15.28 5.93 -23.07
CA LEU C 82 15.98 6.68 -22.03
C LEU C 82 15.03 7.08 -20.91
N SER C 83 13.77 7.39 -21.22
CA SER C 83 12.80 7.69 -20.18
C SER C 83 12.56 6.48 -19.28
N VAL C 84 12.42 5.30 -19.87
CA VAL C 84 12.24 4.08 -19.08
C VAL C 84 13.47 3.83 -18.23
N VAL C 85 14.66 4.02 -18.79
CA VAL C 85 15.89 3.80 -18.04
C VAL C 85 15.98 4.76 -16.87
N VAL C 86 15.59 6.03 -17.10
CA VAL C 86 15.65 7.03 -16.04
C VAL C 86 14.64 6.70 -14.94
N THR C 87 13.45 6.22 -15.32
CA THR C 87 12.47 5.81 -14.31
C THR C 87 12.99 4.63 -13.49
N VAL C 88 13.64 3.67 -14.14
CA VAL C 88 14.19 2.53 -13.42
C VAL C 88 15.29 2.98 -12.47
N ILE C 89 16.14 3.90 -12.92
CA ILE C 89 17.20 4.41 -12.06
C ILE C 89 16.63 5.17 -10.88
N VAL C 90 15.55 5.92 -11.12
CA VAL C 90 14.90 6.66 -10.04
C VAL C 90 14.33 5.69 -9.01
N LEU C 91 13.66 4.63 -9.48
CA LEU C 91 13.14 3.63 -8.55
C LEU C 91 14.26 2.98 -7.75
N GLN C 92 15.37 2.65 -8.42
CA GLN C 92 16.50 2.03 -7.72
C GLN C 92 17.07 2.96 -6.65
N TYR C 93 17.23 4.24 -6.99
CA TYR C 93 17.79 5.18 -6.03
C TYR C 93 16.81 5.48 -4.90
N HIS C 94 15.51 5.35 -5.16
CA HIS C 94 14.52 5.55 -4.11
C HIS C 94 14.39 4.33 -3.20
N HIS C 95 14.72 3.14 -3.70
CA HIS C 95 14.69 1.93 -2.89
C HIS C 95 16.01 1.64 -2.20
N HIS C 96 17.09 2.35 -2.57
CA HIS C 96 18.38 2.20 -1.92
C HIS C 96 18.87 0.76 -2.01
N ASP C 97 19.09 0.29 -3.24
CA ASP C 97 19.58 -1.05 -3.44
C ASP C 97 20.90 -1.25 -2.72
N PRO C 98 21.14 -2.41 -2.09
CA PRO C 98 22.42 -2.61 -1.38
C PRO C 98 23.63 -2.53 -2.29
N ASP C 99 23.47 -2.69 -3.60
CA ASP C 99 24.59 -2.70 -4.53
C ASP C 99 24.87 -1.33 -5.14
N GLY C 100 24.56 -0.25 -4.43
CA GLY C 100 24.82 1.07 -4.93
C GLY C 100 24.20 2.13 -4.04
N GLY C 101 24.20 3.36 -4.55
CA GLY C 101 23.66 4.49 -3.82
C GLY C 101 24.56 5.71 -3.89
N LYS C 102 24.03 6.86 -3.47
CA LYS C 102 24.78 8.11 -3.49
C LYS C 102 25.38 8.35 -2.11
N MET C 103 26.70 8.53 -2.05
CA MET C 103 27.39 8.80 -0.81
C MET C 103 26.83 10.06 -0.17
N PRO C 104 26.16 9.97 0.99
CA PRO C 104 25.60 11.20 1.59
C PRO C 104 26.63 12.27 1.88
N LYS C 105 27.88 11.88 2.17
CA LYS C 105 28.90 12.87 2.51
C LYS C 105 29.03 13.94 1.44
N TRP C 106 29.26 13.51 0.19
CA TRP C 106 29.45 14.46 -0.90
C TRP C 106 28.13 14.94 -1.51
N THR C 107 27.05 14.20 -1.30
CA THR C 107 25.76 14.55 -1.89
C THR C 107 24.96 15.53 -1.04
N ARG C 108 25.29 15.66 0.25
CA ARG C 108 24.50 16.53 1.13
C ARG C 108 24.57 17.98 0.68
N VAL C 109 25.76 18.48 0.37
CA VAL C 109 25.91 19.87 -0.06
C VAL C 109 25.22 20.08 -1.40
N ILE C 110 25.39 19.14 -2.34
CA ILE C 110 24.74 19.26 -3.64
C ILE C 110 23.23 19.35 -3.47
N LEU C 111 22.66 18.51 -2.60
CA LEU C 111 21.22 18.53 -2.38
C LEU C 111 20.79 19.83 -1.73
N LEU C 112 21.49 20.25 -0.68
CA LEU C 112 21.14 21.50 0.00
C LEU C 112 21.20 22.68 -0.96
N ASN C 113 22.09 22.64 -1.95
CA ASN C 113 22.19 23.74 -2.90
C ASN C 113 21.09 23.66 -3.96
N TRP C 114 20.85 22.47 -4.51
CA TRP C 114 19.93 22.36 -5.62
C TRP C 114 18.47 22.47 -5.18
N CYS C 115 18.13 21.97 -3.99
CA CYS C 115 16.77 22.12 -3.49
C CYS C 115 16.40 23.58 -3.33
N ALA C 116 17.37 24.42 -2.93
CA ALA C 116 17.13 25.85 -2.81
C ALA C 116 17.18 26.54 -4.17
N TRP C 117 18.04 26.09 -5.07
CA TRP C 117 18.10 26.67 -6.41
C TRP C 117 16.81 26.43 -7.18
N PHE C 118 16.17 25.28 -6.97
CA PHE C 118 14.92 24.99 -7.67
C PHE C 118 13.80 25.94 -7.28
N LEU C 119 13.93 26.63 -6.14
CA LEU C 119 12.90 27.54 -5.68
C LEU C 119 13.15 28.98 -6.12
N ARG C 120 14.40 29.43 -6.07
CA ARG C 120 14.75 30.79 -6.45
C ARG C 120 15.48 30.89 -7.79
N MET C 121 16.13 29.82 -8.23
CA MET C 121 16.86 29.78 -9.49
C MET C 121 18.04 30.74 -9.53
N LYS C 122 18.39 31.34 -8.39
CA LYS C 122 19.50 32.30 -8.33
C LYS C 122 19.33 33.40 -9.38
N ARG C 123 18.08 33.83 -9.58
CA ARG C 123 17.79 34.87 -10.57
C ARG C 123 18.02 36.25 -9.96
N PRO C 124 18.54 37.21 -10.73
CA PRO C 124 18.74 38.55 -10.17
C PRO C 124 17.48 39.18 -9.62
N GLY C 125 16.32 38.90 -10.24
CA GLY C 125 15.08 39.50 -9.76
C GLY C 125 14.74 39.10 -8.34
N GLU C 126 15.17 37.91 -7.92
CA GLU C 126 14.89 37.41 -6.58
C GLU C 126 16.02 37.68 -5.59
N ASP C 127 17.20 38.07 -6.06
CA ASP C 127 18.34 38.32 -5.20
C ASP C 127 18.58 39.80 -4.94
N LYS C 128 18.41 40.65 -5.97
CA LYS C 128 18.65 42.08 -5.82
C LYS C 128 17.42 42.82 -5.29
N VAL C 129 16.22 42.37 -5.63
CA VAL C 129 14.98 43.02 -5.20
C VAL C 129 14.61 42.40 -3.86
N ARG C 130 15.19 42.95 -2.79
CA ARG C 130 14.93 42.48 -1.44
C ARG C 130 15.63 43.43 -0.47
N PRO C 131 15.23 43.42 0.80
CA PRO C 131 15.90 44.29 1.79
C PRO C 131 17.39 43.98 1.88
N ALA C 132 18.20 44.97 1.54
CA ALA C 132 19.66 44.81 1.58
C ALA C 132 20.30 46.18 1.75
N CYS C 133 21.05 46.35 2.84
CA CYS C 133 21.72 47.61 3.12
C CYS C 133 23.04 47.32 3.82
N GLN C 134 23.76 48.38 4.16
CA GLN C 134 25.05 48.27 4.85
C GLN C 134 24.90 48.25 6.35
N HIS C 135 23.71 47.95 6.86
CA HIS C 135 23.49 47.91 8.30
C HIS C 135 23.99 46.58 8.89
N LYS C 136 24.13 46.56 10.22
CA LYS C 136 24.60 45.36 10.89
C LYS C 136 23.70 44.15 10.65
N GLN C 137 22.44 44.37 10.31
CA GLN C 137 21.52 43.26 10.05
C GLN C 137 21.96 42.42 8.87
N ARG C 138 22.77 42.98 7.96
CA ARG C 138 23.25 42.26 6.79
C ARG C 138 24.75 42.01 6.84
N ARG C 139 25.32 41.96 8.04
CA ARG C 139 26.75 41.73 8.23
C ARG C 139 26.98 40.36 8.85
N CYS C 140 28.24 39.96 8.90
CA CYS C 140 28.65 38.68 9.45
C CYS C 140 29.41 38.89 10.75
N SER C 141 29.19 37.99 11.70
CA SER C 141 29.84 38.04 13.00
C SER C 141 30.56 36.71 13.26
N LEU C 142 31.17 36.61 14.44
CA LEU C 142 31.89 35.39 14.80
C LEU C 142 30.96 34.19 14.81
N ALA C 143 29.70 34.39 15.22
CA ALA C 143 28.75 33.29 15.26
C ALA C 143 28.42 32.79 13.86
N SER C 144 28.52 33.65 12.84
CA SER C 144 28.20 33.26 11.48
C SER C 144 29.38 32.62 10.75
N VAL C 145 30.60 32.84 11.21
CA VAL C 145 31.79 32.28 10.58
C VAL C 145 31.85 30.80 10.97
N GLU C 146 31.42 29.92 10.08
CA GLU C 146 31.43 28.48 10.31
C GLU C 146 32.50 27.77 9.49
N MET C 147 33.58 28.48 9.15
CA MET C 147 34.65 27.89 8.36
C MET C 147 35.40 26.79 9.11
N SER C 148 35.23 26.68 10.42
CA SER C 148 35.88 25.67 11.23
C SER C 148 34.98 24.46 11.49
N ALA C 149 34.10 24.13 10.55
CA ALA C 149 33.20 22.99 10.68
C ALA C 149 32.24 23.18 11.85
N VAL C 150 31.75 24.41 12.01
CA VAL C 150 30.80 24.72 13.07
C VAL C 150 29.40 24.36 12.62
N ALA C 151 28.56 23.96 13.58
CA ALA C 151 27.19 23.60 13.26
C ALA C 151 26.43 24.81 12.72
N PRO C 152 25.31 24.59 12.04
CA PRO C 152 24.54 25.70 11.50
C PRO C 152 24.05 26.62 12.60
N PRO C 153 23.55 27.80 12.26
CA PRO C 153 23.06 28.73 13.29
C PRO C 153 21.87 28.14 14.03
N PRO C 154 21.59 28.61 15.26
CA PRO C 154 20.45 28.09 16.02
C PRO C 154 19.11 28.65 15.54
N ALA C 155 18.60 28.06 14.45
CA ALA C 155 17.35 28.48 13.85
C ALA C 155 16.30 27.38 14.02
N SER C 156 15.04 27.78 13.83
CA SER C 156 13.91 26.87 13.95
C SER C 156 13.61 26.13 12.66
N ASN C 157 14.49 26.23 11.66
CA ASN C 157 14.29 25.59 10.37
C ASN C 157 14.85 24.17 10.34
N GLY C 158 15.03 23.55 11.50
CA GLY C 158 15.57 22.20 11.58
C GLY C 158 16.96 22.09 12.16
N ASN C 159 17.43 23.07 12.91
CA ASN C 159 18.76 23.05 13.51
C ASN C 159 18.73 23.16 15.02
N LEU C 160 17.86 24.01 15.58
CA LEU C 160 17.80 24.17 17.03
C LEU C 160 17.43 22.85 17.71
N LEU C 161 16.39 22.18 17.21
CA LEU C 161 15.96 20.92 17.78
C LEU C 161 16.80 19.74 17.31
N TYR C 162 17.70 19.94 16.35
CA TYR C 162 18.55 18.87 15.85
C TYR C 162 19.88 18.83 16.59
N ILE C 163 20.62 19.95 16.60
CA ILE C 163 21.91 20.01 17.27
C ILE C 163 21.78 19.75 18.76
N GLY C 164 20.61 19.98 19.33
CA GLY C 164 20.40 19.77 20.74
C GLY C 164 20.09 18.33 21.08
N PHE C 165 19.18 17.71 20.31
CA PHE C 165 18.78 16.34 20.59
C PHE C 165 19.78 15.33 20.03
N ARG C 166 19.99 15.36 18.70
CA ARG C 166 20.89 14.40 18.07
C ARG C 166 22.35 14.65 18.41
N GLY C 167 22.67 15.77 19.06
CA GLY C 167 24.04 16.06 19.44
C GLY C 167 24.44 15.36 20.72
N LEU C 168 24.56 14.04 20.67
CA LEU C 168 24.94 13.28 21.85
C LEU C 168 26.31 13.72 22.36
N ASP C 169 26.47 13.67 23.68
CA ASP C 169 27.71 14.07 24.34
C ASP C 169 28.05 15.54 24.10
N GLY C 170 27.07 16.33 23.67
CA GLY C 170 27.27 17.74 23.40
C GLY C 170 26.93 18.61 24.60
N VAL C 171 26.64 19.88 24.30
CA VAL C 171 26.28 20.83 25.35
C VAL C 171 24.92 20.51 25.96
N HIS C 172 24.05 19.82 25.22
CA HIS C 172 22.73 19.51 25.73
C HIS C 172 22.76 18.33 26.70
N CYS C 173 23.56 17.30 26.39
CA CYS C 173 23.66 16.13 27.24
C CYS C 173 24.80 16.24 28.25
N VAL C 174 25.94 16.76 27.83
CA VAL C 174 27.10 16.91 28.71
C VAL C 174 27.60 18.34 28.63
N PRO C 175 26.98 19.29 29.34
CA PRO C 175 27.45 20.69 29.27
C PRO C 175 28.78 20.89 29.97
N THR C 176 29.83 21.12 29.19
CA THR C 176 31.17 21.33 29.74
C THR C 176 31.33 22.72 30.33
N PRO C 177 30.78 23.76 29.70
CA PRO C 177 30.94 25.11 30.26
C PRO C 177 30.35 25.21 31.67
N ASP C 178 31.14 25.74 32.59
CA ASP C 178 30.71 25.89 33.98
C ASP C 178 29.61 26.94 34.06
N SER C 179 28.38 26.50 34.31
CA SER C 179 27.24 27.41 34.42
C SER C 179 26.91 27.77 35.87
N GLY C 180 27.11 26.85 36.81
CA GLY C 180 26.82 27.12 38.20
C GLY C 180 25.36 27.10 38.57
N VAL C 181 24.48 26.68 37.66
CA VAL C 181 23.06 26.66 37.97
C VAL C 181 22.78 25.73 39.14
N VAL C 182 23.61 24.70 39.32
CA VAL C 182 23.41 23.76 40.42
C VAL C 182 23.73 24.40 41.77
N CYS C 183 24.49 25.49 41.78
CA CYS C 183 24.87 26.17 43.01
C CYS C 183 24.75 27.68 42.93
N GLY C 184 24.36 28.24 41.79
CA GLY C 184 24.26 29.68 41.64
C GLY C 184 22.84 30.16 41.43
N ARG C 185 22.00 29.33 40.81
CA ARG C 185 20.61 29.66 40.53
C ARG C 185 19.70 28.66 41.22
N MET C 186 18.56 29.14 41.72
CA MET C 186 17.59 28.29 42.39
C MET C 186 16.37 28.00 41.53
N ALA C 187 16.40 28.37 40.25
CA ALA C 187 15.28 28.12 39.35
C ALA C 187 15.25 26.64 39.00
N CYS C 188 14.37 25.89 39.66
CA CYS C 188 14.24 24.44 39.43
C CYS C 188 15.56 23.72 39.67
N SER C 189 16.39 24.26 40.57
CA SER C 189 17.68 23.65 40.88
C SER C 189 18.14 24.11 42.26
N PRO C 190 17.73 23.40 43.33
CA PRO C 190 18.18 23.80 44.67
C PRO C 190 19.70 23.86 44.77
N THR C 191 20.19 24.94 45.39
CA THR C 191 21.62 25.14 45.54
C THR C 191 22.19 24.20 46.59
N HIS C 192 22.70 23.05 46.15
CA HIS C 192 23.31 22.04 47.04
C HIS C 192 22.48 21.84 48.31
N ASP C 193 21.16 21.87 48.18
CA ASP C 193 20.26 21.68 49.31
C ASP C 193 20.13 20.19 49.59
N GLU C 194 20.82 19.72 50.63
CA GLU C 194 20.78 18.31 51.01
C GLU C 194 19.64 17.97 51.95
N HIS C 195 19.00 18.98 52.55
CA HIS C 195 17.90 18.76 53.49
C HIS C 195 16.54 18.92 52.83
N LEU C 196 16.48 18.86 51.50
CA LEU C 196 15.22 18.99 50.77
C LEU C 196 14.56 17.62 50.71
N LEU C 197 13.60 17.38 51.61
CA LEU C 197 12.88 16.13 51.68
C LEU C 197 11.43 16.33 51.24
N HIS C 198 10.89 15.33 50.54
CA HIS C 198 9.51 15.38 50.07
C HIS C 198 8.58 15.09 51.24
N GLY C 199 8.41 16.10 52.09
CA GLY C 199 7.56 15.95 53.26
C GLY C 199 7.97 14.84 54.19
N GLY C 200 9.27 14.54 54.25
CA GLY C 200 9.81 13.47 55.09
C GLY C 200 10.44 12.35 54.30
N GLN C 201 9.98 12.12 53.08
CA GLN C 201 10.50 11.05 52.22
C GLN C 201 11.44 11.62 51.17
N PRO C 202 12.31 10.79 50.59
CA PRO C 202 13.22 11.27 49.56
C PRO C 202 12.46 11.75 48.33
N PRO C 203 13.11 12.48 47.42
CA PRO C 203 12.42 12.93 46.21
C PRO C 203 12.19 11.82 45.21
N GLU C 204 11.51 10.76 45.64
CA GLU C 204 11.20 9.63 44.75
C GLU C 204 10.15 8.73 45.39
N GLY C 205 9.14 8.35 44.60
CA GLY C 205 8.08 7.51 45.11
C GLY C 205 8.33 6.03 44.95
N ASP C 206 8.75 5.62 43.76
CA ASP C 206 8.98 4.20 43.47
C ASP C 206 9.91 4.06 42.27
N PRO C 207 11.00 3.28 42.39
CA PRO C 207 11.87 3.09 41.23
C PRO C 207 11.14 2.61 39.98
N ASP C 208 9.98 1.98 40.16
CA ASP C 208 9.17 1.56 39.02
C ASP C 208 8.78 2.76 38.16
N LEU C 209 8.67 3.94 38.76
CA LEU C 209 8.42 5.15 37.99
C LEU C 209 9.53 5.37 36.97
N ALA C 210 10.78 5.20 37.38
CA ALA C 210 11.89 5.32 36.44
C ALA C 210 11.83 4.25 35.36
N LYS C 211 11.34 3.06 35.70
CA LYS C 211 11.23 2.00 34.71
C LYS C 211 10.21 2.35 33.64
N ILE C 212 9.02 2.82 34.06
CA ILE C 212 8.02 3.23 33.08
C ILE C 212 8.50 4.45 32.30
N LEU C 213 9.29 5.32 32.93
CA LEU C 213 9.87 6.45 32.22
C LEU C 213 10.80 5.97 31.12
N GLU C 214 11.66 5.01 31.43
CA GLU C 214 12.56 4.45 30.42
C GLU C 214 11.77 3.75 29.31
N GLU C 215 10.66 3.10 29.67
CA GLU C 215 9.84 2.43 28.66
C GLU C 215 9.21 3.43 27.70
N VAL C 216 8.63 4.51 28.23
CA VAL C 216 8.05 5.53 27.36
C VAL C 216 9.14 6.24 26.57
N ARG C 217 10.35 6.34 27.13
CA ARG C 217 11.46 6.92 26.38
C ARG C 217 11.86 6.03 25.22
N TYR C 218 11.86 4.71 25.43
CA TYR C 218 12.13 3.79 24.34
C TYR C 218 11.04 3.86 23.27
N ILE C 219 9.78 4.03 23.69
CA ILE C 219 8.70 4.18 22.72
C ILE C 219 8.90 5.46 21.90
N ALA C 220 9.25 6.56 22.56
CA ALA C 220 9.52 7.80 21.86
C ALA C 220 10.72 7.67 20.93
N ASN C 221 11.72 6.88 21.32
CA ASN C 221 12.87 6.64 20.46
C ASN C 221 12.48 5.83 19.24
N ARG C 222 11.58 4.86 19.41
CA ARG C 222 11.06 4.12 18.26
C ARG C 222 10.30 5.04 17.31
N PHE C 223 9.48 5.94 17.87
CA PHE C 223 8.76 6.89 17.03
C PHE C 223 9.73 7.82 16.30
N ARG C 224 10.80 8.25 16.98
CA ARG C 224 11.79 9.10 16.35
C ARG C 224 12.55 8.35 15.26
N CYS C 225 12.80 7.06 15.45
CA CYS C 225 13.43 6.25 14.40
C CYS C 225 12.51 6.12 13.19
N GLN C 226 11.21 5.96 13.43
CA GLN C 226 10.26 5.96 12.32
C GLN C 226 10.28 7.29 11.58
N ASP C 227 10.30 8.39 12.33
CA ASP C 227 10.38 9.72 11.70
C ASP C 227 11.66 9.87 10.89
N GLU C 228 12.78 9.35 11.41
CA GLU C 228 14.04 9.45 10.69
C GLU C 228 14.02 8.60 9.43
N SER C 229 13.38 7.43 9.48
CA SER C 229 13.23 6.62 8.27
C SER C 229 12.39 7.34 7.24
N GLU C 230 11.31 7.99 7.67
CA GLU C 230 10.49 8.77 6.75
C GLU C 230 11.28 9.93 6.15
N ALA C 231 12.12 10.57 6.97
CA ALA C 231 12.94 11.67 6.47
C ALA C 231 13.96 11.18 5.46
N VAL C 232 14.56 10.01 5.71
CA VAL C 232 15.50 9.44 4.75
C VAL C 232 14.80 9.08 3.45
N CYS C 233 13.57 8.57 3.55
CA CYS C 233 12.80 8.27 2.35
C CYS C 233 12.51 9.55 1.56
N SER C 234 12.16 10.63 2.26
CA SER C 234 11.91 11.90 1.58
C SER C 234 13.19 12.44 0.95
N GLU C 235 14.34 12.25 1.62
CA GLU C 235 15.61 12.68 1.05
C GLU C 235 15.94 11.89 -0.22
N TRP C 236 15.70 10.58 -0.19
CA TRP C 236 15.91 9.78 -1.39
C TRP C 236 14.97 10.21 -2.51
N LYS C 237 13.72 10.53 -2.16
CA LYS C 237 12.78 11.02 -3.17
C LYS C 237 13.27 12.32 -3.79
N PHE C 238 13.79 13.23 -2.97
CA PHE C 238 14.31 14.50 -3.50
C PHE C 238 15.53 14.25 -4.38
N ALA C 239 16.43 13.37 -3.95
CA ALA C 239 17.61 13.06 -4.75
C ALA C 239 17.23 12.43 -6.08
N ALA C 240 16.18 11.62 -6.11
CA ALA C 240 15.72 11.03 -7.37
C ALA C 240 15.00 12.04 -8.24
N CYS C 241 14.26 12.97 -7.64
CA CYS C 241 13.61 14.02 -8.41
C CYS C 241 14.62 15.00 -8.99
N VAL C 242 15.78 15.14 -8.34
CA VAL C 242 16.85 15.95 -8.90
C VAL C 242 17.23 15.44 -10.29
N VAL C 243 17.48 14.14 -10.40
CA VAL C 243 17.86 13.55 -11.68
C VAL C 243 16.72 13.67 -12.68
N ASP C 244 15.48 13.53 -12.21
CA ASP C 244 14.33 13.67 -13.10
C ASP C 244 14.28 15.06 -13.70
N ARG C 245 14.42 16.09 -12.86
CA ARG C 245 14.40 17.46 -13.35
C ARG C 245 15.59 17.73 -14.28
N LEU C 246 16.75 17.20 -13.96
CA LEU C 246 17.91 17.37 -14.82
C LEU C 246 17.66 16.77 -16.20
N CYS C 247 17.13 15.54 -16.24
CA CYS C 247 16.85 14.89 -17.51
C CYS C 247 15.77 15.63 -18.28
N LEU C 248 14.76 16.16 -17.58
CA LEU C 248 13.71 16.93 -18.25
C LEU C 248 14.29 18.18 -18.89
N MET C 249 15.14 18.90 -18.15
CA MET C 249 15.76 20.10 -18.69
C MET C 249 16.67 19.77 -19.87
N ALA C 250 17.36 18.63 -19.81
CA ALA C 250 18.25 18.24 -20.89
C ALA C 250 17.47 17.82 -22.14
N PHE C 251 16.31 17.19 -21.96
CA PHE C 251 15.52 16.71 -23.08
C PHE C 251 14.58 17.75 -23.65
N SER C 252 14.28 18.82 -22.91
CA SER C 252 13.44 19.88 -23.44
C SER C 252 14.08 20.51 -24.67
N VAL C 253 15.35 20.89 -24.56
CA VAL C 253 16.05 21.51 -25.69
C VAL C 253 16.17 20.51 -26.84
N PHE C 254 16.38 19.24 -26.53
CA PHE C 254 16.48 18.22 -27.57
C PHE C 254 15.17 18.12 -28.35
N THR C 255 14.05 18.06 -27.64
CA THR C 255 12.75 18.00 -28.30
C THR C 255 12.47 19.27 -29.10
N ILE C 256 12.87 20.42 -28.56
CA ILE C 256 12.67 21.67 -29.29
C ILE C 256 13.46 21.66 -30.59
N ILE C 257 14.71 21.21 -30.55
CA ILE C 257 15.53 21.16 -31.75
C ILE C 257 14.95 20.15 -32.73
N CYS C 258 14.45 19.02 -32.24
CA CYS C 258 13.86 18.02 -33.12
C CYS C 258 12.63 18.58 -33.83
N THR C 259 11.78 19.31 -33.09
CA THR C 259 10.60 19.91 -33.69
C THR C 259 11.00 20.97 -34.72
N ILE C 260 11.99 21.79 -34.39
CA ILE C 260 12.45 22.82 -35.33
C ILE C 260 12.96 22.17 -36.61
N GLY C 261 13.70 21.07 -36.48
CA GLY C 261 14.20 20.39 -37.65
C GLY C 261 13.10 19.75 -38.48
N ILE C 262 12.14 19.11 -37.81
CA ILE C 262 11.02 18.50 -38.52
C ILE C 262 10.21 19.56 -39.25
N LEU C 263 10.12 20.76 -38.68
CA LEU C 263 9.37 21.84 -39.33
C LEU C 263 10.17 22.49 -40.45
N MET C 264 11.50 22.49 -40.35
CA MET C 264 12.35 23.11 -41.36
C MET C 264 12.88 22.12 -42.39
N SER C 265 13.07 20.86 -42.01
CA SER C 265 13.62 19.86 -42.92
C SER C 265 12.55 19.21 -43.79
N ALA C 266 11.29 19.18 -43.33
CA ALA C 266 10.24 18.54 -44.11
C ALA C 266 10.00 19.25 -45.43
N PRO C 267 9.87 20.57 -45.49
CA PRO C 267 9.66 21.22 -46.79
C PRO C 267 10.77 20.96 -47.79
N ASN C 268 12.00 20.73 -47.32
CA ASN C 268 13.12 20.49 -48.22
C ASN C 268 12.99 19.14 -48.89
N PHE C 269 12.69 18.09 -48.12
CA PHE C 269 12.56 16.74 -48.64
C PHE C 269 11.11 16.31 -48.80
N VAL C 270 10.32 16.42 -47.73
CA VAL C 270 8.92 16.02 -47.78
C VAL C 270 8.12 17.05 -48.57
N LEU D 7 -25.14 -0.92 -41.47
CA LEU D 7 -25.61 -1.77 -40.37
C LEU D 7 -24.47 -2.11 -39.42
N TYR D 8 -23.62 -3.04 -39.84
CA TYR D 8 -22.49 -3.44 -39.01
C TYR D 8 -21.44 -2.35 -38.93
N TYR D 9 -21.17 -1.67 -40.04
CA TYR D 9 -20.16 -0.62 -40.05
C TYR D 9 -20.57 0.54 -39.14
N GLY D 10 -21.82 0.96 -39.21
CA GLY D 10 -22.28 2.05 -38.37
C GLY D 10 -22.13 1.76 -36.89
N LEU D 11 -22.56 0.57 -36.47
CA LEU D 11 -22.43 0.19 -35.07
C LEU D 11 -20.97 0.04 -34.66
N ASN D 12 -20.15 -0.55 -35.52
CA ASN D 12 -18.74 -0.72 -35.21
C ASN D 12 -18.03 0.61 -35.08
N LEU D 13 -18.50 1.64 -35.79
CA LEU D 13 -17.91 2.96 -35.67
C LEU D 13 -18.51 3.79 -34.53
N LEU D 14 -19.74 3.49 -34.13
CA LEU D 14 -20.40 4.27 -33.09
C LEU D 14 -20.09 3.77 -31.68
N ILE D 15 -20.20 2.45 -31.47
CA ILE D 15 -20.02 1.91 -30.12
C ILE D 15 -18.67 2.27 -29.53
N PRO D 16 -17.54 2.07 -30.22
CA PRO D 16 -16.25 2.44 -29.60
C PRO D 16 -16.13 3.92 -29.33
N CYS D 17 -16.66 4.77 -30.22
CA CYS D 17 -16.56 6.21 -30.01
C CYS D 17 -17.29 6.63 -28.74
N VAL D 18 -18.55 6.22 -28.59
CA VAL D 18 -19.32 6.58 -27.41
C VAL D 18 -18.71 5.96 -26.16
N LEU D 19 -18.17 4.74 -26.29
CA LEU D 19 -17.54 4.09 -25.15
C LEU D 19 -16.34 4.89 -24.66
N ILE D 20 -15.48 5.32 -25.58
CA ILE D 20 -14.32 6.12 -25.21
C ILE D 20 -14.75 7.47 -24.66
N SER D 21 -15.80 8.06 -25.23
CA SER D 21 -16.28 9.35 -24.75
C SER D 21 -16.80 9.23 -23.32
N ALA D 22 -17.46 8.13 -23.00
CA ALA D 22 -17.96 7.93 -21.64
C ALA D 22 -16.81 7.62 -20.67
N LEU D 23 -15.83 6.83 -21.13
CA LEU D 23 -14.68 6.52 -20.29
C LEU D 23 -13.88 7.78 -19.96
N ALA D 24 -13.78 8.69 -20.91
CA ALA D 24 -13.08 9.95 -20.66
C ALA D 24 -13.72 10.71 -19.51
N LEU D 25 -15.05 10.85 -19.55
CA LEU D 25 -15.75 11.56 -18.48
C LEU D 25 -15.64 10.80 -17.16
N LEU D 26 -15.73 9.47 -17.21
CA LEU D 26 -15.64 8.67 -15.99
C LEU D 26 -14.27 8.81 -15.34
N VAL D 27 -13.21 8.97 -16.15
CA VAL D 27 -11.87 9.16 -15.59
C VAL D 27 -11.82 10.42 -14.76
N PHE D 28 -12.37 11.52 -15.28
CA PHE D 28 -12.42 12.76 -14.52
C PHE D 28 -13.34 12.64 -13.32
N LEU D 29 -14.41 11.86 -13.43
CA LEU D 29 -15.36 11.74 -12.32
C LEU D 29 -14.70 11.14 -11.08
N LEU D 30 -13.70 10.29 -11.26
CA LEU D 30 -13.04 9.68 -10.12
C LEU D 30 -12.12 10.69 -9.42
N PRO D 31 -11.99 10.61 -8.11
CA PRO D 31 -11.12 11.54 -7.38
C PRO D 31 -9.66 11.11 -7.47
N ALA D 32 -8.81 11.89 -6.80
CA ALA D 32 -7.37 11.63 -6.76
C ALA D 32 -7.13 10.45 -5.82
N ASP D 33 -7.11 9.26 -6.39
CA ASP D 33 -6.98 8.01 -5.64
C ASP D 33 -5.62 7.37 -5.92
N SER D 34 -5.44 6.16 -5.40
CA SER D 34 -4.21 5.40 -5.62
C SER D 34 -4.09 5.03 -7.10
N GLY D 35 -3.03 4.30 -7.45
CA GLY D 35 -2.75 4.02 -8.85
C GLY D 35 -3.76 3.08 -9.49
N GLU D 36 -5.03 3.49 -9.48
CA GLU D 36 -6.10 2.76 -10.12
C GLU D 36 -6.85 3.60 -11.14
N LYS D 37 -7.08 4.88 -10.84
CA LYS D 37 -7.74 5.77 -11.80
C LYS D 37 -6.81 6.08 -12.97
N ILE D 38 -5.61 6.58 -12.67
CA ILE D 38 -4.67 6.95 -13.73
C ILE D 38 -4.53 5.80 -14.74
N SER D 39 -4.22 4.60 -14.24
CA SER D 39 -4.09 3.44 -15.11
C SER D 39 -5.29 3.34 -16.05
N LEU D 40 -6.50 3.39 -15.49
CA LEU D 40 -7.70 3.35 -16.32
C LEU D 40 -7.61 4.38 -17.44
N GLY D 41 -7.39 5.66 -17.06
CA GLY D 41 -7.23 6.68 -18.08
C GLY D 41 -6.18 6.34 -19.10
N ILE D 42 -5.04 5.81 -18.64
CA ILE D 42 -3.98 5.43 -19.56
C ILE D 42 -4.51 4.43 -20.59
N THR D 43 -5.27 3.44 -20.12
CA THR D 43 -5.84 2.46 -21.04
C THR D 43 -6.73 3.13 -22.07
N VAL D 44 -7.45 4.19 -21.68
CA VAL D 44 -8.32 4.88 -22.64
C VAL D 44 -7.54 5.33 -23.85
N LEU D 45 -6.23 5.55 -23.70
CA LEU D 45 -5.38 5.86 -24.84
C LEU D 45 -5.03 4.60 -25.61
N LEU D 46 -4.55 3.56 -24.91
CA LEU D 46 -4.17 2.32 -25.58
C LEU D 46 -5.34 1.74 -26.36
N SER D 47 -6.50 1.62 -25.71
CA SER D 47 -7.69 1.10 -26.37
C SER D 47 -8.02 1.86 -27.65
N LEU D 48 -7.57 3.11 -27.76
CA LEU D 48 -7.79 3.87 -28.99
C LEU D 48 -6.78 3.50 -30.06
N THR D 49 -5.50 3.36 -29.69
CA THR D 49 -4.46 3.05 -30.66
C THR D 49 -4.82 1.79 -31.44
N VAL D 50 -5.19 0.72 -30.74
CA VAL D 50 -5.58 -0.52 -31.41
C VAL D 50 -6.70 -0.24 -32.41
N PHE D 51 -7.68 0.58 -32.01
CA PHE D 51 -8.78 0.89 -32.91
C PHE D 51 -8.27 1.54 -34.19
N MET D 52 -7.25 2.39 -34.08
CA MET D 52 -6.70 3.03 -35.27
C MET D 52 -6.20 1.99 -36.27
N LEU D 53 -5.73 0.84 -35.79
CA LEU D 53 -5.27 -0.21 -36.69
C LEU D 53 -6.35 -0.59 -37.69
N LEU D 54 -7.62 -0.49 -37.29
CA LEU D 54 -8.72 -0.77 -38.22
C LEU D 54 -8.97 0.41 -39.14
N VAL D 55 -8.86 1.64 -38.62
CA VAL D 55 -9.14 2.83 -39.42
C VAL D 55 -8.22 2.89 -40.63
N ALA D 56 -6.97 2.43 -40.48
CA ALA D 56 -6.05 2.44 -41.60
C ALA D 56 -6.40 1.36 -42.63
N GLU D 57 -7.03 0.28 -42.20
CA GLU D 57 -7.39 -0.80 -43.12
C GLU D 57 -8.60 -0.43 -43.96
N ILE D 58 -9.63 0.12 -43.33
CA ILE D 58 -10.84 0.49 -44.07
C ILE D 58 -10.62 1.73 -44.91
N MET D 59 -9.72 2.63 -44.47
CA MET D 59 -9.43 3.87 -45.18
C MET D 59 -7.94 4.16 -45.09
N PRO D 60 -7.15 3.54 -45.96
CA PRO D 60 -5.70 3.81 -45.96
C PRO D 60 -5.41 5.29 -46.14
N SER D 61 -4.64 5.86 -45.20
CA SER D 61 -4.32 7.27 -45.27
C SER D 61 -3.45 7.59 -46.48
N THR D 62 -2.68 6.61 -46.97
CA THR D 62 -1.80 6.87 -48.11
C THR D 62 -2.61 7.24 -49.35
N SER D 63 -3.74 6.56 -49.58
CA SER D 63 -4.58 6.81 -50.74
C SER D 63 -5.97 7.32 -50.36
N ASP D 64 -6.62 6.69 -49.38
CA ASP D 64 -7.96 7.09 -48.96
C ASP D 64 -7.82 8.13 -47.86
N SER D 65 -7.86 9.40 -48.25
CA SER D 65 -7.76 10.53 -47.32
C SER D 65 -9.14 11.16 -47.18
N SER D 66 -9.61 11.26 -45.94
CA SER D 66 -10.92 11.82 -45.65
C SER D 66 -10.75 12.93 -44.61
N PRO D 67 -10.85 14.21 -45.01
CA PRO D 67 -10.68 15.29 -44.02
C PRO D 67 -11.83 15.40 -43.04
N SER D 68 -13.02 14.88 -43.38
CA SER D 68 -14.15 14.95 -42.46
C SER D 68 -13.86 14.19 -41.18
N ILE D 69 -13.60 12.89 -41.28
CA ILE D 69 -13.26 12.08 -40.11
C ILE D 69 -11.89 12.40 -39.55
N ALA D 70 -11.06 13.12 -40.31
CA ALA D 70 -9.73 13.47 -39.83
C ALA D 70 -9.82 14.33 -38.57
N GLN D 71 -10.64 15.38 -38.61
CA GLN D 71 -10.80 16.25 -37.45
C GLN D 71 -11.44 15.50 -36.29
N TYR D 72 -12.37 14.58 -36.58
CA TYR D 72 -13.01 13.80 -35.54
C TYR D 72 -11.98 12.94 -34.81
N PHE D 73 -11.12 12.25 -35.57
CA PHE D 73 -10.09 11.43 -34.95
C PHE D 73 -9.07 12.27 -34.22
N ALA D 74 -8.72 13.44 -34.77
CA ALA D 74 -7.81 14.34 -34.08
C ALA D 74 -8.37 14.77 -32.73
N SER D 75 -9.67 15.09 -32.68
CA SER D 75 -10.30 15.47 -31.42
C SER D 75 -10.37 14.28 -30.46
N THR D 76 -10.68 13.09 -30.99
CA THR D 76 -10.74 11.91 -30.14
C THR D 76 -9.39 11.55 -29.54
N MET D 77 -8.30 11.91 -30.23
CA MET D 77 -6.97 11.69 -29.68
C MET D 77 -6.59 12.81 -28.71
N ILE D 78 -6.96 14.05 -29.03
CA ILE D 78 -6.59 15.19 -28.19
C ILE D 78 -7.33 15.11 -26.85
N ILE D 79 -8.56 14.62 -26.84
CA ILE D 79 -9.30 14.52 -25.59
C ILE D 79 -8.63 13.54 -24.65
N VAL D 80 -8.19 12.39 -25.16
CA VAL D 80 -7.53 11.41 -24.30
C VAL D 80 -6.15 11.91 -23.89
N GLY D 81 -5.46 12.63 -24.77
CA GLY D 81 -4.20 13.24 -24.39
C GLY D 81 -4.37 14.22 -23.25
N LEU D 82 -5.38 15.10 -23.35
CA LEU D 82 -5.65 16.06 -22.29
C LEU D 82 -6.07 15.35 -21.00
N SER D 83 -6.80 14.25 -21.12
CA SER D 83 -7.17 13.49 -19.93
C SER D 83 -5.94 12.92 -19.23
N VAL D 84 -5.01 12.37 -20.01
CA VAL D 84 -3.78 11.85 -19.43
C VAL D 84 -2.99 12.97 -18.77
N VAL D 85 -2.90 14.12 -19.43
CA VAL D 85 -2.17 15.25 -18.87
C VAL D 85 -2.82 15.70 -17.57
N VAL D 86 -4.15 15.73 -17.52
CA VAL D 86 -4.86 16.16 -16.32
C VAL D 86 -4.64 15.17 -15.19
N THR D 87 -4.66 13.88 -15.49
CA THR D 87 -4.38 12.88 -14.46
C THR D 87 -2.96 13.03 -13.93
N VAL D 88 -2.00 13.29 -14.81
CA VAL D 88 -0.62 13.47 -14.38
C VAL D 88 -0.50 14.70 -13.49
N ILE D 89 -1.16 15.79 -13.87
CA ILE D 89 -1.11 17.01 -13.07
C ILE D 89 -1.78 16.78 -11.72
N VAL D 90 -2.86 16.00 -11.70
CA VAL D 90 -3.53 15.69 -10.44
C VAL D 90 -2.62 14.89 -9.53
N LEU D 91 -1.94 13.89 -10.08
CA LEU D 91 -0.99 13.10 -9.28
C LEU D 91 0.12 14.00 -8.75
N GLN D 92 0.65 14.89 -9.59
CA GLN D 92 1.71 15.79 -9.16
C GLN D 92 1.24 16.69 -8.02
N TYR D 93 0.04 17.26 -8.14
CA TYR D 93 -0.46 18.15 -7.11
C TYR D 93 -0.81 17.40 -5.83
N HIS D 94 -1.16 16.11 -5.96
CA HIS D 94 -1.43 15.30 -4.78
C HIS D 94 -0.17 14.82 -4.08
N HIS D 95 0.93 14.72 -4.82
CA HIS D 95 2.22 14.34 -4.23
C HIS D 95 3.03 15.52 -3.76
N HIS D 96 2.64 16.75 -4.12
CA HIS D 96 3.31 17.96 -3.67
C HIS D 96 4.79 17.94 -4.06
N ASP D 97 5.03 17.93 -5.37
CA ASP D 97 6.40 17.93 -5.87
C ASP D 97 7.14 19.16 -5.35
N PRO D 98 8.42 19.02 -4.97
CA PRO D 98 9.15 20.20 -4.46
C PRO D 98 9.29 21.32 -5.47
N ASP D 99 9.11 21.05 -6.76
CA ASP D 99 9.29 22.05 -7.81
C ASP D 99 7.98 22.75 -8.19
N GLY D 100 7.05 22.86 -7.26
CA GLY D 100 5.80 23.54 -7.55
C GLY D 100 4.80 23.34 -6.42
N GLY D 101 3.56 23.70 -6.71
CA GLY D 101 2.48 23.59 -5.74
C GLY D 101 1.61 24.83 -5.70
N LYS D 102 0.46 24.73 -5.04
CA LYS D 102 -0.49 25.84 -4.92
C LYS D 102 -0.24 26.56 -3.60
N MET D 103 0.00 27.87 -3.68
CA MET D 103 0.22 28.68 -2.48
C MET D 103 -1.00 28.59 -1.58
N PRO D 104 -0.89 28.00 -0.39
CA PRO D 104 -2.08 27.90 0.47
C PRO D 104 -2.70 29.24 0.82
N LYS D 105 -1.90 30.31 0.89
CA LYS D 105 -2.42 31.61 1.29
C LYS D 105 -3.59 32.03 0.39
N TRP D 106 -3.37 32.04 -0.92
CA TRP D 106 -4.40 32.46 -1.85
C TRP D 106 -5.39 31.35 -2.20
N THR D 107 -5.00 30.09 -2.01
CA THR D 107 -5.85 28.96 -2.38
C THR D 107 -6.84 28.58 -1.28
N ARG D 108 -6.60 29.00 -0.04
CA ARG D 108 -7.47 28.59 1.06
C ARG D 108 -8.89 29.11 0.87
N VAL D 109 -9.03 30.38 0.51
CA VAL D 109 -10.36 30.95 0.32
C VAL D 109 -11.05 30.31 -0.87
N ILE D 110 -10.33 30.11 -1.97
CA ILE D 110 -10.91 29.46 -3.15
C ILE D 110 -11.41 28.07 -2.80
N LEU D 111 -10.64 27.32 -2.02
CA LEU D 111 -11.05 25.97 -1.63
C LEU D 111 -12.27 26.02 -0.73
N LEU D 112 -12.24 26.89 0.29
CA LEU D 112 -13.37 27.00 1.21
C LEU D 112 -14.64 27.39 0.47
N ASN D 113 -14.52 28.16 -0.60
CA ASN D 113 -15.69 28.57 -1.37
C ASN D 113 -16.19 27.45 -2.28
N TRP D 114 -15.27 26.81 -3.00
CA TRP D 114 -15.67 25.82 -4.00
C TRP D 114 -16.13 24.51 -3.37
N CYS D 115 -15.54 24.11 -2.25
CA CYS D 115 -16.00 22.89 -1.59
C CYS D 115 -17.44 23.04 -1.14
N ALA D 116 -17.83 24.25 -0.72
CA ALA D 116 -19.21 24.49 -0.32
C ALA D 116 -20.12 24.70 -1.53
N TRP D 117 -19.60 25.30 -2.60
CA TRP D 117 -20.40 25.48 -3.81
C TRP D 117 -20.73 24.15 -4.46
N PHE D 118 -19.82 23.17 -4.38
CA PHE D 118 -20.09 21.87 -4.97
C PHE D 118 -21.25 21.14 -4.29
N LEU D 119 -21.61 21.55 -3.07
CA LEU D 119 -22.69 20.90 -2.34
C LEU D 119 -24.03 21.59 -2.56
N ARG D 120 -24.05 22.92 -2.57
CA ARG D 120 -25.28 23.68 -2.75
C ARG D 120 -25.41 24.32 -4.13
N MET D 121 -24.30 24.57 -4.82
CA MET D 121 -24.29 25.17 -6.15
C MET D 121 -24.82 26.59 -6.15
N LYS D 122 -25.05 27.19 -4.99
CA LYS D 122 -25.59 28.54 -4.89
C LYS D 122 -26.87 28.69 -5.70
N ARG D 123 -27.69 27.65 -5.68
CA ARG D 123 -28.94 27.65 -6.43
C ARG D 123 -30.04 28.35 -5.62
N PRO D 124 -30.92 29.12 -6.28
CA PRO D 124 -32.00 29.78 -5.52
C PRO D 124 -32.86 28.82 -4.73
N GLY D 125 -33.09 27.60 -5.24
CA GLY D 125 -33.92 26.65 -4.53
C GLY D 125 -33.37 26.27 -3.17
N GLU D 126 -32.06 26.31 -3.00
CA GLU D 126 -31.41 25.97 -1.74
C GLU D 126 -31.13 27.18 -0.86
N ASP D 127 -31.21 28.39 -1.40
CA ASP D 127 -30.92 29.60 -0.65
C ASP D 127 -32.17 30.33 -0.18
N LYS D 128 -33.20 30.41 -1.02
CA LYS D 128 -34.42 31.11 -0.65
C LYS D 128 -35.38 30.23 0.14
N VAL D 129 -35.40 28.93 -0.14
CA VAL D 129 -36.30 27.99 0.53
C VAL D 129 -35.57 27.52 1.78
N ARG D 130 -35.68 28.30 2.85
CA ARG D 130 -35.07 27.98 4.13
C ARG D 130 -35.53 29.00 5.16
N PRO D 131 -35.40 28.68 6.45
CA PRO D 131 -35.81 29.66 7.48
C PRO D 131 -35.04 30.95 7.35
N ALA D 132 -35.77 32.04 7.10
CA ALA D 132 -35.16 33.36 6.94
C ALA D 132 -36.20 34.41 7.28
N CYS D 133 -35.91 35.24 8.28
CA CYS D 133 -36.81 36.30 8.70
C CYS D 133 -35.98 37.49 9.17
N GLN D 134 -36.68 38.54 9.61
CA GLN D 134 -36.04 39.76 10.10
C GLN D 134 -35.76 39.70 11.60
N HIS D 135 -35.74 38.50 12.19
CA HIS D 135 -35.48 38.35 13.62
C HIS D 135 -33.98 38.42 13.89
N LYS D 136 -33.65 38.61 15.17
CA LYS D 136 -32.25 38.69 15.58
C LYS D 136 -31.46 37.44 15.23
N GLN D 137 -32.13 36.29 15.07
CA GLN D 137 -31.44 35.05 14.74
C GLN D 137 -30.76 35.12 13.38
N ARG D 138 -31.21 36.02 12.50
CA ARG D 138 -30.62 36.18 11.17
C ARG D 138 -29.90 37.52 11.02
N ARG D 139 -29.45 38.10 12.12
CA ARG D 139 -28.75 39.38 12.11
C ARG D 139 -27.28 39.18 12.45
N CYS D 140 -26.50 40.25 12.29
CA CYS D 140 -25.07 40.23 12.55
C CYS D 140 -24.76 41.10 13.76
N SER D 141 -23.81 40.66 14.57
CA SER D 141 -23.38 41.37 15.76
C SER D 141 -21.88 41.60 15.70
N LEU D 142 -21.35 42.23 16.77
CA LEU D 142 -19.92 42.52 16.82
C LEU D 142 -19.10 41.24 16.74
N ALA D 143 -19.60 40.15 17.32
CA ALA D 143 -18.87 38.89 17.29
C ALA D 143 -18.79 38.32 15.88
N SER D 144 -19.76 38.66 15.01
CA SER D 144 -19.78 38.15 13.65
C SER D 144 -18.96 39.00 12.69
N VAL D 145 -18.69 40.26 13.03
CA VAL D 145 -17.92 41.16 12.17
C VAL D 145 -16.46 40.75 12.31
N GLU D 146 -15.95 40.01 11.32
CA GLU D 146 -14.56 39.55 11.30
C GLU D 146 -13.73 40.28 10.25
N MET D 147 -14.12 41.52 9.93
CA MET D 147 -13.40 42.29 8.92
C MET D 147 -11.99 42.67 9.38
N SER D 148 -11.68 42.54 10.67
CA SER D 148 -10.37 42.88 11.20
C SER D 148 -9.49 41.65 11.36
N ALA D 149 -9.63 40.66 10.47
CA ALA D 149 -8.84 39.44 10.51
C ALA D 149 -9.08 38.66 11.80
N VAL D 150 -10.34 38.61 12.22
CA VAL D 150 -10.71 37.88 13.43
C VAL D 150 -10.90 36.41 13.08
N ALA D 151 -10.61 35.54 14.05
CA ALA D 151 -10.76 34.11 13.84
C ALA D 151 -12.23 33.77 13.60
N PRO D 152 -12.50 32.60 13.03
CA PRO D 152 -13.90 32.21 12.78
C PRO D 152 -14.68 32.12 14.08
N PRO D 153 -16.00 32.00 14.02
CA PRO D 153 -16.80 31.90 15.23
C PRO D 153 -16.47 30.63 15.99
N PRO D 154 -16.75 30.59 17.30
CA PRO D 154 -16.47 29.38 18.10
C PRO D 154 -17.50 28.28 17.88
N ALA D 155 -17.34 27.55 16.78
CA ALA D 155 -18.24 26.47 16.41
C ALA D 155 -17.52 25.13 16.50
N SER D 156 -18.31 24.07 16.54
CA SER D 156 -17.80 22.71 16.63
C SER D 156 -17.47 22.11 15.27
N ASN D 157 -17.49 22.91 14.21
CA ASN D 157 -17.21 22.44 12.85
C ASN D 157 -15.73 22.50 12.52
N GLY D 158 -14.86 22.53 13.52
CA GLY D 158 -13.43 22.60 13.30
C GLY D 158 -12.77 23.91 13.69
N ASN D 159 -13.39 24.72 14.54
CA ASN D 159 -12.83 26.00 14.97
C ASN D 159 -12.64 26.09 16.48
N LEU D 160 -13.59 25.57 17.26
CA LEU D 160 -13.46 25.65 18.72
C LEU D 160 -12.22 24.92 19.19
N LEU D 161 -12.03 23.68 18.72
CA LEU D 161 -10.86 22.89 19.11
C LEU D 161 -9.60 23.27 18.35
N TYR D 162 -9.70 24.14 17.34
CA TYR D 162 -8.54 24.56 16.56
C TYR D 162 -7.94 25.84 17.12
N ILE D 163 -8.75 26.90 17.24
CA ILE D 163 -8.27 28.17 17.75
C ILE D 163 -7.77 28.05 19.18
N GLY D 164 -8.23 27.05 19.92
CA GLY D 164 -7.82 26.87 21.29
C GLY D 164 -6.51 26.11 21.41
N PHE D 165 -6.37 25.01 20.65
CA PHE D 165 -5.16 24.19 20.74
C PHE D 165 -4.04 24.78 19.89
N ARG D 166 -4.26 24.91 18.59
CA ARG D 166 -3.22 25.41 17.69
C ARG D 166 -2.93 26.89 17.90
N GLY D 167 -3.74 27.60 18.69
CA GLY D 167 -3.50 29.00 18.95
C GLY D 167 -2.47 29.23 20.03
N LEU D 168 -1.21 28.90 19.74
CA LEU D 168 -0.15 29.08 20.71
C LEU D 168 -0.04 30.53 21.13
N ASP D 169 0.33 30.75 22.40
CA ASP D 169 0.47 32.08 22.98
C ASP D 169 -0.82 32.86 22.95
N GLY D 170 -1.95 32.18 22.78
CA GLY D 170 -3.25 32.82 22.73
C GLY D 170 -3.93 32.84 24.10
N VAL D 171 -5.26 32.98 24.06
CA VAL D 171 -6.04 33.00 25.29
C VAL D 171 -6.05 31.65 25.98
N HIS D 172 -5.82 30.56 25.25
CA HIS D 172 -5.85 29.24 25.85
C HIS D 172 -4.55 28.94 26.59
N CYS D 173 -3.40 29.34 26.02
CA CYS D 173 -2.12 29.09 26.64
C CYS D 173 -1.66 30.25 27.52
N VAL D 174 -1.87 31.48 27.06
CA VAL D 174 -1.47 32.67 27.81
C VAL D 174 -2.67 33.61 27.92
N PRO D 175 -3.59 33.38 28.85
CA PRO D 175 -4.76 34.27 28.97
C PRO D 175 -4.39 35.64 29.52
N THR D 176 -4.43 36.66 28.68
CA THR D 176 -4.08 38.01 29.09
C THR D 176 -5.23 38.65 29.90
N PRO D 177 -6.49 38.45 29.52
CA PRO D 177 -7.57 39.07 30.29
C PRO D 177 -7.56 38.62 31.74
N ASP D 178 -7.63 39.59 32.65
CA ASP D 178 -7.62 39.30 34.08
C ASP D 178 -8.92 38.61 34.47
N SER D 179 -8.83 37.33 34.79
CA SER D 179 -10.00 36.54 35.19
C SER D 179 -10.17 36.44 36.69
N GLY D 180 -9.08 36.39 37.45
CA GLY D 180 -9.16 36.29 38.89
C GLY D 180 -9.52 34.93 39.42
N VAL D 181 -9.60 33.91 38.57
CA VAL D 181 -9.95 32.57 39.03
C VAL D 181 -8.93 32.07 40.04
N VAL D 182 -7.67 32.52 39.93
CA VAL D 182 -6.64 32.09 40.87
C VAL D 182 -6.86 32.68 42.26
N CYS D 183 -7.64 33.75 42.37
CA CYS D 183 -7.89 34.38 43.66
C CYS D 183 -9.35 34.77 43.86
N GLY D 184 -10.23 34.52 42.89
CA GLY D 184 -11.62 34.89 43.00
C GLY D 184 -12.56 33.70 43.04
N ARG D 185 -12.17 32.61 42.38
CA ARG D 185 -12.96 31.38 42.33
C ARG D 185 -12.17 30.23 42.93
N MET D 186 -12.87 29.34 43.62
CA MET D 186 -12.26 28.18 44.26
C MET D 186 -12.55 26.89 43.52
N ALA D 187 -13.14 26.96 42.33
CA ALA D 187 -13.44 25.77 41.54
C ALA D 187 -12.15 25.24 40.93
N CYS D 188 -11.59 24.20 41.56
CA CYS D 188 -10.34 23.59 41.10
C CYS D 188 -9.21 24.61 41.05
N SER D 189 -9.26 25.63 41.92
CA SER D 189 -8.24 26.66 41.97
C SER D 189 -8.23 27.31 43.35
N PRO D 190 -7.50 26.77 44.31
CA PRO D 190 -7.45 27.39 45.64
C PRO D 190 -7.02 28.85 45.57
N THR D 191 -7.73 29.69 46.30
CA THR D 191 -7.44 31.13 46.31
C THR D 191 -6.18 31.42 47.12
N HIS D 192 -5.04 31.49 46.43
CA HIS D 192 -3.74 31.77 47.06
C HIS D 192 -3.56 31.01 48.35
N ASP D 193 -4.02 29.76 48.39
CA ASP D 193 -3.89 28.91 49.58
C ASP D 193 -2.50 28.32 49.60
N GLU D 194 -1.64 28.87 50.46
CA GLU D 194 -0.26 28.39 50.59
C GLU D 194 -0.12 27.27 51.59
N HIS D 195 -1.13 27.02 52.43
CA HIS D 195 -1.08 25.97 53.44
C HIS D 195 -1.80 24.70 52.98
N LEU D 196 -2.02 24.55 51.68
CA LEU D 196 -2.68 23.36 51.13
C LEU D 196 -1.63 22.28 50.92
N LEU D 197 -1.53 21.36 51.87
CA LEU D 197 -0.57 20.27 51.81
C LEU D 197 -1.30 18.95 51.60
N HIS D 198 -0.69 18.06 50.80
CA HIS D 198 -1.27 16.75 50.50
C HIS D 198 -1.05 15.85 51.71
N GLY D 199 -1.88 16.07 52.74
CA GLY D 199 -1.77 15.29 53.95
C GLY D 199 -0.42 15.35 54.62
N GLY D 200 0.28 16.49 54.48
CA GLY D 200 1.60 16.68 55.06
C GLY D 200 2.69 16.85 54.02
N GLN D 201 2.50 16.29 52.83
CA GLN D 201 3.48 16.37 51.76
C GLN D 201 3.05 17.39 50.72
N PRO D 202 3.97 17.90 49.91
CA PRO D 202 3.60 18.87 48.87
C PRO D 202 2.67 18.25 47.84
N PRO D 203 2.02 19.06 47.01
CA PRO D 203 1.13 18.50 45.98
C PRO D 203 1.89 17.86 44.83
N GLU D 204 2.75 16.88 45.14
CA GLU D 204 3.52 16.18 44.12
C GLU D 204 4.15 14.92 44.69
N GLY D 205 4.03 13.81 43.98
CA GLY D 205 4.56 12.54 44.44
C GLY D 205 6.00 12.29 44.02
N ASP D 206 6.27 12.48 42.73
CA ASP D 206 7.60 12.21 42.18
C ASP D 206 7.79 12.98 40.88
N PRO D 207 8.88 13.76 40.73
CA PRO D 207 9.12 14.46 39.46
C PRO D 207 9.08 13.55 38.25
N ASP D 208 9.32 12.25 38.45
CA ASP D 208 9.22 11.30 37.34
C ASP D 208 7.82 11.28 36.76
N LEU D 209 6.80 11.60 37.58
CA LEU D 209 5.45 11.72 37.05
C LEU D 209 5.37 12.78 35.96
N ALA D 210 6.02 13.93 36.18
CA ALA D 210 6.05 14.96 35.16
C ALA D 210 6.81 14.49 33.93
N LYS D 211 7.84 13.65 34.11
CA LYS D 211 8.59 13.15 32.97
C LYS D 211 7.72 12.22 32.11
N ILE D 212 7.01 11.29 32.74
CA ILE D 212 6.11 10.43 31.96
C ILE D 212 4.97 11.24 31.36
N LEU D 213 4.54 12.31 32.04
CA LEU D 213 3.52 13.19 31.47
C LEU D 213 4.04 13.85 30.19
N GLU D 214 5.27 14.37 30.23
CA GLU D 214 5.85 14.97 29.04
C GLU D 214 6.05 13.93 27.94
N GLU D 215 6.36 12.69 28.31
CA GLU D 215 6.53 11.64 27.31
C GLU D 215 5.21 11.32 26.61
N VAL D 216 4.15 11.16 27.39
CA VAL D 216 2.84 10.91 26.78
C VAL D 216 2.37 12.12 25.99
N ARG D 217 2.76 13.33 26.41
CA ARG D 217 2.41 14.52 25.65
C ARG D 217 3.14 14.54 24.32
N TYR D 218 4.41 14.10 24.29
CA TYR D 218 5.14 14.00 23.04
C TYR D 218 4.52 12.94 22.13
N ILE D 219 4.05 11.84 22.72
CA ILE D 219 3.36 10.81 21.93
C ILE D 219 2.08 11.38 21.31
N ALA D 220 1.31 12.11 22.12
CA ALA D 220 0.09 12.74 21.60
C ALA D 220 0.41 13.77 20.52
N ASN D 221 1.54 14.47 20.66
CA ASN D 221 1.94 15.44 19.64
C ASN D 221 2.33 14.74 18.35
N ARG D 222 2.98 13.57 18.45
CA ARG D 222 3.27 12.77 17.27
C ARG D 222 1.99 12.31 16.59
N PHE D 223 1.02 11.86 17.38
CA PHE D 223 -0.27 11.46 16.81
C PHE D 223 -0.97 12.64 16.14
N ARG D 224 -0.89 13.82 16.76
CA ARG D 224 -1.49 15.00 16.16
C ARG D 224 -0.78 15.41 14.88
N CYS D 225 0.54 15.23 14.82
CA CYS D 225 1.26 15.50 13.59
C CYS D 225 0.86 14.53 12.49
N GLN D 226 0.65 13.26 12.84
CA GLN D 226 0.13 12.31 11.87
C GLN D 226 -1.25 12.72 11.37
N ASP D 227 -2.11 13.15 12.29
CA ASP D 227 -3.44 13.62 11.90
C ASP D 227 -3.35 14.84 10.98
N GLU D 228 -2.41 15.74 11.27
CA GLU D 228 -2.24 16.92 10.43
C GLU D 228 -1.72 16.55 9.05
N SER D 229 -0.82 15.57 8.98
CA SER D 229 -0.36 15.10 7.68
C SER D 229 -1.51 14.48 6.89
N GLU D 230 -2.35 13.70 7.55
CA GLU D 230 -3.53 13.13 6.87
C GLU D 230 -4.46 14.23 6.40
N ALA D 231 -4.64 15.28 7.21
CA ALA D 231 -5.51 16.38 6.82
C ALA D 231 -4.93 17.14 5.61
N VAL D 232 -3.61 17.31 5.59
CA VAL D 232 -2.98 17.97 4.45
C VAL D 232 -3.11 17.11 3.20
N CYS D 233 -3.00 15.79 3.35
CA CYS D 233 -3.22 14.90 2.22
C CYS D 233 -4.64 15.02 1.69
N SER D 234 -5.62 15.06 2.61
CA SER D 234 -7.01 15.22 2.18
C SER D 234 -7.24 16.57 1.50
N GLU D 235 -6.58 17.62 1.99
CA GLU D 235 -6.70 18.93 1.37
C GLU D 235 -6.11 18.92 -0.04
N TRP D 236 -4.96 18.28 -0.21
CA TRP D 236 -4.39 18.14 -1.55
C TRP D 236 -5.30 17.33 -2.46
N LYS D 237 -5.93 16.27 -1.92
CA LYS D 237 -6.88 15.50 -2.70
C LYS D 237 -8.06 16.35 -3.15
N PHE D 238 -8.58 17.19 -2.25
CA PHE D 238 -9.69 18.07 -2.62
C PHE D 238 -9.27 19.09 -3.66
N ALA D 239 -8.07 19.67 -3.50
CA ALA D 239 -7.58 20.64 -4.47
C ALA D 239 -7.38 20.00 -5.83
N ALA D 240 -6.96 18.74 -5.88
CA ALA D 240 -6.80 18.05 -7.16
C ALA D 240 -8.15 17.66 -7.76
N CYS D 241 -9.12 17.30 -6.92
CA CYS D 241 -10.45 16.98 -7.42
C CYS D 241 -11.16 18.23 -7.94
N VAL D 242 -10.81 19.40 -7.42
CA VAL D 242 -11.33 20.65 -7.95
C VAL D 242 -11.02 20.76 -9.43
N VAL D 243 -9.76 20.55 -9.80
CA VAL D 243 -9.35 20.65 -11.20
C VAL D 243 -10.02 19.56 -12.02
N ASP D 244 -10.17 18.36 -11.44
CA ASP D 244 -10.84 17.28 -12.15
C ASP D 244 -12.27 17.65 -12.50
N ARG D 245 -13.01 18.18 -11.51
CA ARG D 245 -14.39 18.59 -11.76
C ARG D 245 -14.46 19.74 -12.76
N LEU D 246 -13.53 20.68 -12.67
CA LEU D 246 -13.51 21.79 -13.63
C LEU D 246 -13.30 21.28 -15.04
N CYS D 247 -12.34 20.36 -15.23
CA CYS D 247 -12.08 19.81 -16.55
C CYS D 247 -13.27 18.99 -17.05
N LEU D 248 -13.92 18.26 -16.16
CA LEU D 248 -15.10 17.49 -16.55
C LEU D 248 -16.22 18.41 -17.03
N MET D 249 -16.46 19.49 -16.28
CA MET D 249 -17.50 20.45 -16.68
C MET D 249 -17.14 21.12 -18.00
N ALA D 250 -15.85 21.40 -18.21
CA ALA D 250 -15.44 22.06 -19.44
C ALA D 250 -15.53 21.12 -20.64
N PHE D 251 -15.27 19.82 -20.44
CA PHE D 251 -15.30 18.86 -21.53
C PHE D 251 -16.68 18.29 -21.80
N SER D 252 -17.61 18.40 -20.85
CA SER D 252 -18.97 17.92 -21.09
C SER D 252 -19.61 18.67 -22.26
N VAL D 253 -19.53 20.00 -22.24
CA VAL D 253 -20.11 20.80 -23.32
C VAL D 253 -19.38 20.52 -24.63
N PHE D 254 -18.07 20.32 -24.57
CA PHE D 254 -17.31 20.02 -25.78
C PHE D 254 -17.78 18.72 -26.40
N THR D 255 -17.93 17.67 -25.58
CA THR D 255 -18.41 16.39 -26.10
C THR D 255 -19.83 16.50 -26.61
N ILE D 256 -20.68 17.29 -25.95
CA ILE D 256 -22.05 17.47 -26.41
C ILE D 256 -22.05 18.13 -27.78
N ILE D 257 -21.23 19.18 -27.96
CA ILE D 257 -21.17 19.86 -29.24
C ILE D 257 -20.61 18.94 -30.32
N CYS D 258 -19.61 18.12 -29.96
CA CYS D 258 -19.06 17.19 -30.94
C CYS D 258 -20.11 16.17 -31.37
N THR D 259 -20.89 15.65 -30.43
CA THR D 259 -21.94 14.71 -30.79
C THR D 259 -23.01 15.37 -31.64
N ILE D 260 -23.40 16.59 -31.30
CA ILE D 260 -24.39 17.31 -32.09
C ILE D 260 -23.90 17.51 -33.51
N GLY D 261 -22.61 17.86 -33.66
CA GLY D 261 -22.06 18.04 -34.99
C GLY D 261 -21.98 16.75 -35.78
N ILE D 262 -21.55 15.67 -35.13
CA ILE D 262 -21.48 14.37 -35.80
C ILE D 262 -22.86 13.92 -36.23
N LEU D 263 -23.89 14.26 -35.46
CA LEU D 263 -25.25 13.88 -35.83
C LEU D 263 -25.83 14.79 -36.91
N MET D 264 -25.40 16.04 -36.96
CA MET D 264 -25.90 17.00 -37.94
C MET D 264 -25.02 17.13 -39.17
N SER D 265 -23.71 16.89 -39.04
CA SER D 265 -22.79 17.04 -40.15
C SER D 265 -22.70 15.78 -41.00
N ALA D 266 -22.96 14.61 -40.43
CA ALA D 266 -22.85 13.37 -41.20
C ALA D 266 -23.85 13.30 -42.33
N PRO D 267 -25.14 13.61 -42.14
CA PRO D 267 -26.07 13.54 -43.26
C PRO D 267 -25.70 14.45 -44.42
N ASN D 268 -25.01 15.56 -44.16
CA ASN D 268 -24.63 16.47 -45.23
C ASN D 268 -23.54 15.85 -46.10
N PHE D 269 -22.50 15.28 -45.49
CA PHE D 269 -21.38 14.70 -46.20
C PHE D 269 -21.46 13.17 -46.26
N VAL D 270 -21.61 12.53 -45.10
CA VAL D 270 -21.68 11.07 -45.05
C VAL D 270 -23.04 10.61 -45.55
N LEU E 7 -15.28 -26.30 -37.72
CA LEU E 7 -14.40 -26.96 -36.77
C LEU E 7 -13.52 -25.96 -36.03
N TYR E 8 -12.51 -25.44 -36.72
CA TYR E 8 -11.61 -24.48 -36.10
C TYR E 8 -12.30 -23.12 -35.96
N TYR E 9 -13.06 -22.69 -36.96
CA TYR E 9 -13.74 -21.40 -36.90
C TYR E 9 -14.74 -21.35 -35.76
N GLY E 10 -15.54 -22.42 -35.60
CA GLY E 10 -16.53 -22.44 -34.54
C GLY E 10 -15.90 -22.31 -33.16
N LEU E 11 -14.84 -23.09 -32.91
CA LEU E 11 -14.18 -23.02 -31.61
C LEU E 11 -13.50 -21.67 -31.41
N ASN E 12 -12.87 -21.14 -32.46
CA ASN E 12 -12.19 -19.85 -32.34
C ASN E 12 -13.18 -18.73 -32.07
N LEU E 13 -14.44 -18.87 -32.53
CA LEU E 13 -15.46 -17.87 -32.25
C LEU E 13 -16.18 -18.11 -30.93
N LEU E 14 -16.21 -19.35 -30.44
CA LEU E 14 -16.94 -19.66 -29.21
C LEU E 14 -16.09 -19.45 -27.97
N ILE E 15 -14.85 -19.96 -27.97
CA ILE E 15 -14.02 -19.89 -26.76
C ILE E 15 -13.83 -18.46 -26.28
N PRO E 16 -13.42 -17.50 -27.12
CA PRO E 16 -13.25 -16.14 -26.61
C PRO E 16 -14.54 -15.52 -26.10
N CYS E 17 -15.66 -15.79 -26.76
CA CYS E 17 -16.94 -15.23 -26.32
C CYS E 17 -17.29 -15.71 -24.92
N VAL E 18 -17.26 -17.02 -24.71
CA VAL E 18 -17.61 -17.56 -23.39
C VAL E 18 -16.57 -17.12 -22.35
N LEU E 19 -15.30 -17.02 -22.75
CA LEU E 19 -14.28 -16.57 -21.82
C LEU E 19 -14.56 -15.15 -21.34
N ILE E 20 -14.88 -14.25 -22.27
CA ILE E 20 -15.17 -12.87 -21.91
C ILE E 20 -16.46 -12.81 -21.08
N SER E 21 -17.45 -13.63 -21.42
CA SER E 21 -18.69 -13.63 -20.67
C SER E 21 -18.47 -14.09 -19.23
N ALA E 22 -17.58 -15.06 -19.02
CA ALA E 22 -17.28 -15.51 -17.67
C ALA E 22 -16.45 -14.48 -16.92
N LEU E 23 -15.50 -13.84 -17.61
CA LEU E 23 -14.68 -12.82 -16.98
C LEU E 23 -15.53 -11.63 -16.53
N ALA E 24 -16.55 -11.28 -17.33
CA ALA E 24 -17.44 -10.19 -16.95
C ALA E 24 -18.11 -10.48 -15.61
N LEU E 25 -18.67 -11.69 -15.47
CA LEU E 25 -19.33 -12.06 -14.21
C LEU E 25 -18.33 -12.13 -13.07
N LEU E 26 -17.13 -12.67 -13.34
CA LEU E 26 -16.12 -12.77 -12.30
C LEU E 26 -15.69 -11.39 -11.80
N VAL E 27 -15.67 -10.39 -12.68
CA VAL E 27 -15.32 -9.04 -12.27
C VAL E 27 -16.31 -8.52 -11.24
N PHE E 28 -17.60 -8.72 -11.49
CA PHE E 28 -18.62 -8.31 -10.53
C PHE E 28 -18.56 -9.15 -9.25
N LEU E 29 -18.18 -10.43 -9.38
CA LEU E 29 -18.14 -11.30 -8.21
C LEU E 29 -17.14 -10.81 -7.17
N LEU E 30 -16.07 -10.15 -7.62
CA LEU E 30 -15.06 -9.68 -6.68
C LEU E 30 -15.57 -8.44 -5.94
N PRO E 31 -15.20 -8.26 -4.68
CA PRO E 31 -15.65 -7.10 -3.92
C PRO E 31 -14.82 -5.87 -4.24
N ALA E 32 -15.13 -4.77 -3.55
CA ALA E 32 -14.43 -3.50 -3.73
C ALA E 32 -13.07 -3.61 -3.03
N ASP E 33 -12.07 -4.02 -3.79
CA ASP E 33 -10.72 -4.27 -3.28
C ASP E 33 -9.76 -3.21 -3.82
N SER E 34 -8.48 -3.42 -3.55
CA SER E 34 -7.42 -2.54 -4.03
C SER E 34 -7.34 -2.62 -5.55
N GLY E 35 -6.40 -1.89 -6.15
CA GLY E 35 -6.32 -1.79 -7.59
C GLY E 35 -5.90 -3.09 -8.27
N GLU E 36 -6.67 -4.15 -8.03
CA GLU E 36 -6.47 -5.44 -8.66
C GLU E 36 -7.70 -5.91 -9.44
N LYS E 37 -8.90 -5.67 -8.91
CA LYS E 37 -10.11 -6.05 -9.62
C LYS E 37 -10.35 -5.14 -10.82
N ILE E 38 -10.38 -3.82 -10.58
CA ILE E 38 -10.64 -2.87 -11.66
C ILE E 38 -9.73 -3.16 -12.85
N SER E 39 -8.42 -3.22 -12.60
CA SER E 39 -7.48 -3.54 -13.67
C SER E 39 -7.94 -4.75 -14.47
N LEU E 40 -8.24 -5.85 -13.78
CA LEU E 40 -8.75 -7.04 -14.45
C LEU E 40 -9.90 -6.68 -15.38
N GLY E 41 -10.93 -6.05 -14.81
CA GLY E 41 -12.06 -5.61 -15.64
C GLY E 41 -11.62 -4.80 -16.83
N ILE E 42 -10.69 -3.86 -16.61
CA ILE E 42 -10.20 -3.04 -17.71
C ILE E 42 -9.64 -3.92 -18.82
N THR E 43 -8.88 -4.95 -18.44
CA THR E 43 -8.31 -5.85 -19.44
C THR E 43 -9.41 -6.53 -20.24
N VAL E 44 -10.55 -6.83 -19.60
CA VAL E 44 -11.64 -7.48 -20.31
C VAL E 44 -12.07 -6.65 -21.51
N LEU E 45 -11.83 -5.34 -21.47
CA LEU E 45 -12.08 -4.50 -22.63
C LEU E 45 -10.94 -4.62 -23.65
N LEU E 46 -9.70 -4.47 -23.19
CA LEU E 46 -8.56 -4.56 -24.11
C LEU E 46 -8.54 -5.89 -24.83
N SER E 47 -8.65 -7.00 -24.07
CA SER E 47 -8.67 -8.32 -24.68
C SER E 47 -9.73 -8.45 -25.74
N LEU E 48 -10.78 -7.63 -25.69
CA LEU E 48 -11.80 -7.66 -26.72
C LEU E 48 -11.37 -6.89 -27.97
N THR E 49 -10.77 -5.71 -27.78
CA THR E 49 -10.36 -4.89 -28.92
C THR E 49 -9.46 -5.69 -29.85
N VAL E 50 -8.44 -6.34 -29.30
CA VAL E 50 -7.55 -7.15 -30.13
C VAL E 50 -8.36 -8.18 -30.92
N PHE E 51 -9.34 -8.81 -30.28
CA PHE E 51 -10.16 -9.80 -30.98
C PHE E 51 -10.85 -9.16 -32.19
N MET E 52 -11.30 -7.92 -32.06
CA MET E 52 -11.95 -7.24 -33.18
C MET E 52 -11.03 -7.17 -34.39
N LEU E 53 -9.71 -7.08 -34.16
CA LEU E 53 -8.77 -7.04 -35.28
C LEU E 53 -8.95 -8.24 -36.19
N LEU E 54 -9.38 -9.38 -35.64
CA LEU E 54 -9.64 -10.55 -36.47
C LEU E 54 -11.01 -10.46 -37.14
N VAL E 55 -12.00 -9.92 -36.43
CA VAL E 55 -13.35 -9.84 -36.98
C VAL E 55 -13.37 -9.02 -38.25
N ALA E 56 -12.51 -7.99 -38.34
CA ALA E 56 -12.45 -7.17 -39.54
C ALA E 56 -11.78 -7.91 -40.68
N GLU E 57 -10.88 -8.85 -40.38
CA GLU E 57 -10.17 -9.58 -41.43
C GLU E 57 -11.07 -10.65 -42.04
N ILE E 58 -11.77 -11.41 -41.21
CA ILE E 58 -12.65 -12.47 -41.72
C ILE E 58 -13.89 -11.90 -42.36
N MET E 59 -14.35 -10.73 -41.89
CA MET E 59 -15.57 -10.10 -42.40
C MET E 59 -15.34 -8.59 -42.45
N PRO E 60 -14.70 -8.09 -43.50
CA PRO E 60 -14.50 -6.64 -43.61
C PRO E 60 -15.82 -5.89 -43.58
N SER E 61 -15.92 -4.94 -42.65
CA SER E 61 -17.15 -4.16 -42.51
C SER E 61 -17.42 -3.30 -43.74
N THR E 62 -16.38 -2.93 -44.47
CA THR E 62 -16.56 -2.09 -45.66
C THR E 62 -17.40 -2.80 -46.71
N SER E 63 -17.17 -4.10 -46.90
CA SER E 63 -17.89 -4.88 -47.90
C SER E 63 -18.72 -5.99 -47.28
N ASP E 64 -18.15 -6.75 -46.35
CA ASP E 64 -18.84 -7.87 -45.72
C ASP E 64 -19.55 -7.34 -44.47
N SER E 65 -20.82 -6.97 -44.64
CA SER E 65 -21.65 -6.46 -43.55
C SER E 65 -22.63 -7.54 -43.14
N SER E 66 -22.62 -7.90 -41.86
CA SER E 66 -23.51 -8.93 -41.32
C SER E 66 -24.29 -8.35 -40.14
N PRO E 67 -25.58 -8.04 -40.30
CA PRO E 67 -26.33 -7.47 -39.16
C PRO E 67 -26.58 -8.47 -38.04
N SER E 68 -26.55 -9.78 -38.33
CA SER E 68 -26.77 -10.77 -37.29
C SER E 68 -25.72 -10.66 -36.19
N ILE E 69 -24.45 -10.86 -36.55
CA ILE E 69 -23.36 -10.74 -35.59
C ILE E 69 -23.12 -9.30 -35.15
N ALA E 70 -23.69 -8.32 -35.86
CA ALA E 70 -23.51 -6.93 -35.49
C ALA E 70 -24.08 -6.67 -34.09
N GLN E 71 -25.32 -7.11 -33.86
CA GLN E 71 -25.94 -6.90 -32.55
C GLN E 71 -25.20 -7.70 -31.47
N TYR E 72 -24.72 -8.89 -31.81
CA TYR E 72 -23.96 -9.68 -30.85
C TYR E 72 -22.70 -8.95 -30.41
N PHE E 73 -21.95 -8.41 -31.37
CA PHE E 73 -20.74 -7.67 -31.03
C PHE E 73 -21.06 -6.39 -30.28
N ALA E 74 -22.15 -5.72 -30.66
CA ALA E 74 -22.57 -4.51 -29.93
C ALA E 74 -22.87 -4.84 -28.47
N SER E 75 -23.55 -5.95 -28.22
CA SER E 75 -23.85 -6.35 -26.84
C SER E 75 -22.58 -6.76 -26.11
N THR E 76 -21.67 -7.46 -26.80
CA THR E 76 -20.42 -7.88 -26.16
C THR E 76 -19.56 -6.68 -25.79
N MET E 77 -19.69 -5.58 -26.53
CA MET E 77 -18.96 -4.36 -26.18
C MET E 77 -19.70 -3.58 -25.08
N ILE E 78 -21.03 -3.55 -25.15
CA ILE E 78 -21.79 -2.79 -24.17
C ILE E 78 -21.69 -3.42 -22.79
N ILE E 79 -21.61 -4.75 -22.71
CA ILE E 79 -21.50 -5.42 -21.41
C ILE E 79 -20.18 -5.04 -20.74
N VAL E 80 -19.08 -5.04 -21.50
CA VAL E 80 -17.80 -4.69 -20.90
C VAL E 80 -17.76 -3.19 -20.57
N GLY E 81 -18.39 -2.36 -21.40
CA GLY E 81 -18.49 -0.95 -21.06
C GLY E 81 -19.23 -0.72 -19.76
N LEU E 82 -20.37 -1.41 -19.59
CA LEU E 82 -21.14 -1.28 -18.35
C LEU E 82 -20.35 -1.83 -17.17
N SER E 83 -19.57 -2.90 -17.38
CA SER E 83 -18.74 -3.43 -16.31
C SER E 83 -17.70 -2.42 -15.87
N VAL E 84 -17.05 -1.75 -16.84
CA VAL E 84 -16.07 -0.74 -16.50
C VAL E 84 -16.73 0.42 -15.76
N VAL E 85 -17.91 0.84 -16.23
CA VAL E 85 -18.61 1.93 -15.57
C VAL E 85 -18.99 1.54 -14.13
N VAL E 86 -19.40 0.29 -13.93
CA VAL E 86 -19.79 -0.16 -12.60
C VAL E 86 -18.58 -0.22 -11.68
N THR E 87 -17.44 -0.67 -12.20
CA THR E 87 -16.22 -0.69 -11.39
C THR E 87 -15.81 0.73 -11.02
N VAL E 88 -15.93 1.68 -11.95
CA VAL E 88 -15.59 3.07 -11.66
C VAL E 88 -16.52 3.63 -10.59
N ILE E 89 -17.81 3.33 -10.70
CA ILE E 89 -18.78 3.82 -9.71
C ILE E 89 -18.49 3.19 -8.35
N VAL E 90 -18.10 1.92 -8.33
CA VAL E 90 -17.76 1.25 -7.07
C VAL E 90 -16.56 1.91 -6.43
N LEU E 91 -15.52 2.20 -7.23
CA LEU E 91 -14.35 2.88 -6.70
C LEU E 91 -14.72 4.26 -6.15
N GLN E 92 -15.56 5.00 -6.88
CA GLN E 92 -15.98 6.32 -6.43
C GLN E 92 -16.73 6.24 -5.11
N TYR E 93 -17.65 5.29 -4.99
CA TYR E 93 -18.43 5.16 -3.76
C TYR E 93 -17.59 4.65 -2.61
N HIS E 94 -16.52 3.89 -2.90
CA HIS E 94 -15.62 3.43 -1.86
C HIS E 94 -14.64 4.51 -1.41
N HIS E 95 -14.34 5.47 -2.27
CA HIS E 95 -13.47 6.58 -1.91
C HIS E 95 -14.23 7.76 -1.34
N HIS E 96 -15.55 7.77 -1.43
CA HIS E 96 -16.39 8.82 -0.85
C HIS E 96 -15.99 10.20 -1.40
N ASP E 97 -16.16 10.36 -2.71
CA ASP E 97 -15.83 11.61 -3.36
C ASP E 97 -16.65 12.75 -2.71
N PRO E 98 -16.05 13.92 -2.50
CA PRO E 98 -16.82 15.02 -1.89
C PRO E 98 -18.03 15.46 -2.71
N ASP E 99 -18.08 15.14 -4.01
CA ASP E 99 -19.16 15.57 -4.88
C ASP E 99 -20.28 14.52 -5.00
N GLY E 100 -20.48 13.72 -3.96
CA GLY E 100 -21.54 12.73 -4.01
C GLY E 100 -21.45 11.79 -2.82
N GLY E 101 -22.25 10.73 -2.89
CA GLY E 101 -22.28 9.74 -1.83
C GLY E 101 -23.70 9.33 -1.48
N LYS E 102 -23.84 8.25 -0.71
CA LYS E 102 -25.15 7.74 -0.30
C LYS E 102 -25.47 8.28 1.09
N MET E 103 -26.62 8.94 1.21
CA MET E 103 -27.07 9.48 2.49
C MET E 103 -27.19 8.35 3.50
N PRO E 104 -26.37 8.33 4.56
CA PRO E 104 -26.47 7.22 5.52
C PRO E 104 -27.84 7.10 6.16
N LYS E 105 -28.57 8.21 6.32
CA LYS E 105 -29.86 8.15 6.99
C LYS E 105 -30.80 7.15 6.33
N TRP E 106 -30.99 7.28 5.02
CA TRP E 106 -31.91 6.39 4.30
C TRP E 106 -31.24 5.08 3.88
N THR E 107 -29.91 5.04 3.81
CA THR E 107 -29.20 3.86 3.36
C THR E 107 -28.93 2.86 4.48
N ARG E 108 -29.01 3.29 5.74
CA ARG E 108 -28.67 2.39 6.84
C ARG E 108 -29.63 1.21 6.91
N VAL E 109 -30.93 1.48 6.79
CA VAL E 109 -31.92 0.40 6.86
C VAL E 109 -31.77 -0.53 5.67
N ILE E 110 -31.57 0.03 4.47
CA ILE E 110 -31.39 -0.79 3.28
C ILE E 110 -30.19 -1.71 3.45
N LEU E 111 -29.09 -1.18 3.97
CA LEU E 111 -27.90 -1.99 4.18
C LEU E 111 -28.15 -3.07 5.22
N LEU E 112 -28.73 -2.70 6.37
CA LEU E 112 -29.00 -3.68 7.41
C LEU E 112 -29.91 -4.79 6.91
N ASN E 113 -30.81 -4.48 5.96
CA ASN E 113 -31.70 -5.50 5.43
C ASN E 113 -30.99 -6.38 4.40
N TRP E 114 -30.25 -5.76 3.48
CA TRP E 114 -29.66 -6.53 2.38
C TRP E 114 -28.47 -7.36 2.82
N CYS E 115 -27.67 -6.86 3.78
CA CYS E 115 -26.55 -7.66 4.28
C CYS E 115 -27.06 -8.96 4.91
N ALA E 116 -28.22 -8.90 5.58
CA ALA E 116 -28.80 -10.11 6.16
C ALA E 116 -29.51 -10.95 5.12
N TRP E 117 -30.12 -10.33 4.11
CA TRP E 117 -30.78 -11.09 3.06
C TRP E 117 -29.77 -11.88 2.23
N PHE E 118 -28.57 -11.33 2.03
CA PHE E 118 -27.55 -12.04 1.26
C PHE E 118 -27.11 -13.33 1.94
N LEU E 119 -27.36 -13.48 3.24
CA LEU E 119 -26.94 -14.67 3.98
C LEU E 119 -28.04 -15.72 4.04
N ARG E 120 -29.29 -15.30 4.26
CA ARG E 120 -30.41 -16.22 4.36
C ARG E 120 -31.32 -16.21 3.14
N MET E 121 -31.35 -15.12 2.37
CA MET E 121 -32.17 -14.99 1.17
C MET E 121 -33.66 -15.03 1.47
N LYS E 122 -34.05 -14.98 2.75
CA LYS E 122 -35.46 -15.04 3.14
C LYS E 122 -36.15 -16.24 2.51
N ARG E 123 -35.43 -17.37 2.46
CA ARG E 123 -35.98 -18.58 1.86
C ARG E 123 -36.81 -19.34 2.90
N PRO E 124 -37.92 -19.96 2.50
CA PRO E 124 -38.71 -20.72 3.47
C PRO E 124 -37.93 -21.80 4.19
N GLY E 125 -36.98 -22.44 3.50
CA GLY E 125 -36.22 -23.51 4.14
C GLY E 125 -35.42 -23.04 5.34
N GLU E 126 -35.02 -21.76 5.36
CA GLU E 126 -34.25 -21.20 6.45
C GLU E 126 -35.10 -20.50 7.49
N ASP E 127 -36.36 -20.20 7.18
CA ASP E 127 -37.25 -19.49 8.09
C ASP E 127 -38.21 -20.41 8.81
N LYS E 128 -38.78 -21.40 8.12
CA LYS E 128 -39.74 -22.29 8.75
C LYS E 128 -39.07 -23.44 9.48
N VAL E 129 -37.91 -23.91 8.99
CA VAL E 129 -37.19 -25.03 9.59
C VAL E 129 -36.28 -24.43 10.65
N ARG E 130 -36.82 -24.22 11.84
CA ARG E 130 -36.08 -23.67 12.97
C ARG E 130 -36.96 -23.72 14.20
N PRO E 131 -36.38 -23.63 15.40
CA PRO E 131 -37.20 -23.64 16.61
C PRO E 131 -38.20 -22.49 16.62
N ALA E 132 -39.47 -22.84 16.65
CA ALA E 132 -40.54 -21.84 16.65
C ALA E 132 -41.78 -22.45 17.28
N CYS E 133 -42.26 -21.84 18.36
CA CYS E 133 -43.44 -22.33 19.06
C CYS E 133 -44.19 -21.14 19.64
N GLN E 134 -45.30 -21.43 20.32
CA GLN E 134 -46.13 -20.40 20.94
C GLN E 134 -45.68 -20.07 22.36
N HIS E 135 -44.45 -20.41 22.73
CA HIS E 135 -43.95 -20.14 24.07
C HIS E 135 -43.50 -18.69 24.18
N LYS E 136 -43.30 -18.24 25.42
CA LYS E 136 -42.87 -16.87 25.67
C LYS E 136 -41.53 -16.56 25.02
N GLN E 137 -40.71 -17.58 24.76
CA GLN E 137 -39.41 -17.34 24.15
C GLN E 137 -39.53 -16.75 22.75
N ARG E 138 -40.68 -16.93 22.10
CA ARG E 138 -40.91 -16.40 20.75
C ARG E 138 -41.96 -15.30 20.74
N ARG E 139 -42.15 -14.61 21.86
CA ARG E 139 -43.12 -13.54 21.97
C ARG E 139 -42.40 -12.19 22.11
N CYS E 140 -43.18 -11.12 22.03
CA CYS E 140 -42.68 -9.76 22.12
C CYS E 140 -43.14 -9.13 23.43
N SER E 141 -42.27 -8.33 24.03
CA SER E 141 -42.54 -7.64 25.28
C SER E 141 -42.32 -6.14 25.09
N LEU E 142 -42.51 -5.38 26.17
CA LEU E 142 -42.33 -3.94 26.11
C LEU E 142 -40.90 -3.58 25.71
N ALA E 143 -39.93 -4.38 26.14
CA ALA E 143 -38.54 -4.11 25.80
C ALA E 143 -38.27 -4.28 24.32
N SER E 144 -39.06 -5.14 23.65
CA SER E 144 -38.87 -5.39 22.23
C SER E 144 -39.60 -4.40 21.34
N VAL E 145 -40.62 -3.71 21.86
CA VAL E 145 -41.38 -2.73 21.09
C VAL E 145 -40.53 -1.48 20.98
N GLU E 146 -39.87 -1.30 19.83
CA GLU E 146 -39.01 -0.15 19.58
C GLU E 146 -39.65 0.82 18.57
N MET E 147 -40.99 0.84 18.50
CA MET E 147 -41.68 1.72 17.57
C MET E 147 -41.50 3.20 17.91
N SER E 148 -41.03 3.51 19.12
CA SER E 148 -40.82 4.90 19.55
C SER E 148 -39.36 5.33 19.39
N ALA E 149 -38.68 4.82 18.38
CA ALA E 149 -37.28 5.17 18.11
C ALA E 149 -36.38 4.76 19.27
N VAL E 150 -36.64 3.59 19.82
CA VAL E 150 -35.84 3.06 20.92
C VAL E 150 -34.59 2.38 20.35
N ALA E 151 -33.50 2.43 21.11
CA ALA E 151 -32.27 1.80 20.69
C ALA E 151 -32.45 0.29 20.56
N PRO E 152 -31.57 -0.39 19.84
CA PRO E 152 -31.68 -1.84 19.70
C PRO E 152 -31.58 -2.54 21.04
N PRO E 153 -31.90 -3.83 21.11
CA PRO E 153 -31.81 -4.55 22.38
C PRO E 153 -30.38 -4.62 22.87
N PRO E 154 -30.16 -4.82 24.17
CA PRO E 154 -28.79 -4.91 24.70
C PRO E 154 -28.15 -6.27 24.41
N ALA E 155 -27.63 -6.41 23.20
CA ALA E 155 -26.99 -7.63 22.74
C ALA E 155 -25.50 -7.40 22.51
N SER E 156 -24.76 -8.50 22.47
CA SER E 156 -23.33 -8.46 22.26
C SER E 156 -22.94 -8.42 20.78
N ASN E 157 -23.91 -8.21 19.88
CA ASN E 157 -23.66 -8.15 18.45
C ASN E 157 -23.32 -6.75 17.97
N GLY E 158 -22.87 -5.88 18.86
CA GLY E 158 -22.50 -4.53 18.52
C GLY E 158 -23.44 -3.45 19.02
N ASN E 159 -24.22 -3.72 20.07
CA ASN E 159 -25.15 -2.75 20.64
C ASN E 159 -24.88 -2.44 22.09
N LEU E 160 -24.55 -3.46 22.90
CA LEU E 160 -24.29 -3.24 24.32
C LEU E 160 -23.12 -2.28 24.51
N LEU E 161 -22.01 -2.53 23.82
CA LEU E 161 -20.83 -1.67 23.93
C LEU E 161 -20.95 -0.40 23.11
N TYR E 162 -21.97 -0.27 22.28
CA TYR E 162 -22.16 0.92 21.45
C TYR E 162 -23.05 1.94 22.14
N ILE E 163 -24.27 1.52 22.53
CA ILE E 163 -25.20 2.43 23.18
C ILE E 163 -24.64 2.96 24.50
N GLY E 164 -23.71 2.23 25.11
CA GLY E 164 -23.13 2.65 26.37
C GLY E 164 -22.00 3.65 26.19
N PHE E 165 -21.09 3.36 25.26
CA PHE E 165 -19.94 4.23 25.05
C PHE E 165 -20.30 5.43 24.18
N ARG E 166 -20.74 5.19 22.95
CA ARG E 166 -21.05 6.28 22.04
C ARG E 166 -22.29 7.06 22.44
N GLY E 167 -23.05 6.58 23.43
CA GLY E 167 -24.23 7.29 23.88
C GLY E 167 -23.91 8.37 24.89
N LEU E 168 -23.26 9.44 24.42
CA LEU E 168 -22.90 10.54 25.30
C LEU E 168 -24.15 11.14 25.95
N ASP E 169 -24.00 11.61 27.18
CA ASP E 169 -25.07 12.22 27.96
C ASP E 169 -26.21 11.24 28.24
N GLY E 170 -26.00 9.95 28.04
CA GLY E 170 -27.02 8.94 28.26
C GLY E 170 -26.95 8.37 29.66
N VAL E 171 -27.49 7.16 29.81
CA VAL E 171 -27.51 6.49 31.11
C VAL E 171 -26.11 6.08 31.53
N HIS E 172 -25.18 5.91 30.59
CA HIS E 172 -23.83 5.49 30.94
C HIS E 172 -23.01 6.65 31.47
N CYS E 173 -23.14 7.84 30.87
CA CYS E 173 -22.38 9.01 31.30
C CYS E 173 -23.15 9.85 32.31
N VAL E 174 -24.45 10.03 32.11
CA VAL E 174 -25.28 10.82 33.02
C VAL E 174 -26.51 10.00 33.39
N PRO E 175 -26.40 9.09 34.36
CA PRO E 175 -27.57 8.29 34.74
C PRO E 175 -28.60 9.10 35.51
N THR E 176 -29.73 9.41 34.88
CA THR E 176 -30.79 10.17 35.52
C THR E 176 -31.58 9.33 36.52
N PRO E 177 -31.83 8.05 36.27
CA PRO E 177 -32.59 7.26 37.25
C PRO E 177 -31.90 7.24 38.60
N ASP E 178 -32.65 7.54 39.65
CA ASP E 178 -32.12 7.55 41.01
C ASP E 178 -31.81 6.13 41.44
N SER E 179 -30.52 5.80 41.54
CA SER E 179 -30.07 4.47 41.94
C SER E 179 -29.72 4.39 43.42
N GLY E 180 -29.17 5.46 43.99
CA GLY E 180 -28.79 5.47 45.39
C GLY E 180 -27.54 4.70 45.72
N VAL E 181 -26.79 4.23 44.72
CA VAL E 181 -25.57 3.49 44.99
C VAL E 181 -24.57 4.34 45.77
N VAL E 182 -24.61 5.66 45.59
CA VAL E 182 -23.71 6.54 46.31
C VAL E 182 -24.03 6.60 47.79
N CYS E 183 -25.25 6.22 48.18
CA CYS E 183 -25.65 6.25 49.58
C CYS E 183 -26.43 5.01 50.01
N GLY E 184 -26.67 4.05 49.11
CA GLY E 184 -27.43 2.87 49.44
C GLY E 184 -26.61 1.60 49.39
N ARG E 185 -25.60 1.57 48.51
CA ARG E 185 -24.74 0.41 48.34
C ARG E 185 -23.30 0.81 48.64
N MET E 186 -22.55 -0.11 49.26
CA MET E 186 -21.15 0.12 49.60
C MET E 186 -20.20 -0.62 48.68
N ALA E 187 -20.70 -1.21 47.60
CA ALA E 187 -19.85 -1.92 46.64
C ALA E 187 -19.07 -0.90 45.82
N CYS E 188 -17.80 -0.69 46.18
CA CYS E 188 -16.94 0.26 45.48
C CYS E 188 -17.54 1.67 45.49
N SER E 189 -18.32 1.99 46.53
CA SER E 189 -18.96 3.29 46.63
C SER E 189 -19.29 3.59 48.09
N PRO E 190 -18.36 4.16 48.85
CA PRO E 190 -18.65 4.47 50.25
C PRO E 190 -19.87 5.36 50.38
N THR E 191 -20.74 5.01 51.34
CA THR E 191 -21.97 5.75 51.56
C THR E 191 -21.68 7.08 52.25
N HIS E 192 -21.54 8.14 51.46
CA HIS E 192 -21.28 9.48 51.96
C HIS E 192 -20.24 9.47 53.09
N ASP E 193 -19.22 8.63 52.95
CA ASP E 193 -18.16 8.54 53.95
C ASP E 193 -17.17 9.67 53.70
N GLU E 194 -17.24 10.70 54.54
CA GLU E 194 -16.34 11.84 54.41
C GLU E 194 -15.04 11.68 55.20
N HIS E 195 -14.96 10.69 56.09
CA HIS E 195 -13.77 10.44 56.88
C HIS E 195 -12.90 9.33 56.29
N LEU E 196 -13.10 8.99 55.03
CA LEU E 196 -12.31 7.94 54.37
C LEU E 196 -11.03 8.57 53.85
N LEU E 197 -9.94 8.41 54.60
CA LEU E 197 -8.64 8.96 54.25
C LEU E 197 -7.70 7.82 53.89
N HIS E 198 -6.84 8.06 52.90
CA HIS E 198 -5.87 7.07 52.45
C HIS E 198 -4.71 7.05 53.44
N GLY E 199 -4.96 6.40 54.58
CA GLY E 199 -3.95 6.30 55.62
C GLY E 199 -3.46 7.64 56.13
N GLY E 200 -4.32 8.66 56.10
CA GLY E 200 -3.98 10.00 56.55
C GLY E 200 -4.01 11.03 55.43
N GLN E 201 -3.77 10.59 54.19
CA GLN E 201 -3.76 11.49 53.05
C GLN E 201 -5.06 11.35 52.26
N PRO E 202 -5.39 12.36 51.44
CA PRO E 202 -6.62 12.27 50.64
C PRO E 202 -6.54 11.13 49.63
N PRO E 203 -7.67 10.74 49.02
CA PRO E 203 -7.62 9.66 48.03
C PRO E 203 -7.01 10.11 46.70
N GLU E 204 -5.79 10.61 46.75
CA GLU E 204 -5.10 11.05 45.54
C GLU E 204 -3.62 11.27 45.82
N GLY E 205 -2.76 10.75 44.94
CA GLY E 205 -1.32 10.87 45.12
C GLY E 205 -0.73 12.11 44.49
N ASP E 206 -1.08 12.36 43.23
CA ASP E 206 -0.51 13.49 42.49
C ASP E 206 -1.43 13.86 41.33
N PRO E 207 -1.85 15.13 41.19
CA PRO E 207 -2.68 15.51 40.05
C PRO E 207 -2.08 15.10 38.70
N ASP E 208 -0.76 14.92 38.66
CA ASP E 208 -0.12 14.46 37.42
C ASP E 208 -0.66 13.10 37.00
N LEU E 209 -1.12 12.29 37.97
CA LEU E 209 -1.75 11.03 37.63
C LEU E 209 -2.97 11.25 36.77
N ALA E 210 -3.80 12.24 37.11
CA ALA E 210 -4.95 12.57 36.28
C ALA E 210 -4.53 13.06 34.90
N LYS E 211 -3.39 13.76 34.82
CA LYS E 211 -2.91 14.23 33.53
C LYS E 211 -2.50 13.07 32.62
N ILE E 212 -1.74 12.12 33.17
CA ILE E 212 -1.37 10.95 32.37
C ILE E 212 -2.60 10.11 32.04
N LEU E 213 -3.59 10.10 32.94
CA LEU E 213 -4.84 9.39 32.65
C LEU E 213 -5.55 10.03 31.46
N GLU E 214 -5.64 11.36 31.45
CA GLU E 214 -6.24 12.05 30.31
C GLU E 214 -5.44 11.82 29.04
N GLU E 215 -4.12 11.74 29.14
CA GLU E 215 -3.29 11.50 27.96
C GLU E 215 -3.56 10.11 27.38
N VAL E 216 -3.58 9.09 28.23
CA VAL E 216 -3.86 7.74 27.75
C VAL E 216 -5.30 7.65 27.24
N ARG E 217 -6.21 8.43 27.82
CA ARG E 217 -7.59 8.46 27.32
C ARG E 217 -7.64 9.08 25.93
N TYR E 218 -6.87 10.13 25.69
CA TYR E 218 -6.79 10.72 24.36
C TYR E 218 -6.19 9.73 23.37
N ILE E 219 -5.19 8.96 23.80
CA ILE E 219 -4.60 7.94 22.92
C ILE E 219 -5.64 6.88 22.58
N ALA E 220 -6.40 6.43 23.57
CA ALA E 220 -7.47 5.46 23.33
C ALA E 220 -8.54 6.05 22.42
N ASN E 221 -8.82 7.34 22.54
CA ASN E 221 -9.79 7.98 21.66
C ASN E 221 -9.28 8.04 20.23
N ARG E 222 -7.98 8.29 20.06
CA ARG E 222 -7.39 8.23 18.73
C ARG E 222 -7.50 6.84 18.13
N PHE E 223 -7.21 5.82 18.94
CA PHE E 223 -7.36 4.44 18.46
C PHE E 223 -8.81 4.13 18.09
N ARG E 224 -9.75 4.63 18.89
CA ARG E 224 -11.16 4.41 18.58
C ARG E 224 -11.58 5.14 17.32
N CYS E 225 -11.01 6.33 17.07
CA CYS E 225 -11.29 7.04 15.83
C CYS E 225 -10.73 6.27 14.63
N GLN E 226 -9.54 5.68 14.78
CA GLN E 226 -9.01 4.83 13.72
C GLN E 226 -9.93 3.63 13.48
N ASP E 227 -10.41 3.00 14.55
CA ASP E 227 -11.33 1.89 14.40
C ASP E 227 -12.62 2.32 13.70
N GLU E 228 -13.12 3.52 14.03
CA GLU E 228 -14.33 4.02 13.40
C GLU E 228 -14.11 4.32 11.92
N SER E 229 -12.93 4.84 11.57
CA SER E 229 -12.60 5.05 10.17
C SER E 229 -12.55 3.72 9.43
N GLU E 230 -11.95 2.69 10.04
CA GLU E 230 -11.92 1.38 9.42
C GLU E 230 -13.33 0.82 9.25
N ALA E 231 -14.20 1.04 10.23
CA ALA E 231 -15.57 0.56 10.14
C ALA E 231 -16.33 1.29 9.05
N VAL E 232 -16.09 2.59 8.89
CA VAL E 232 -16.74 3.34 7.81
C VAL E 232 -16.23 2.86 6.46
N CYS E 233 -14.94 2.55 6.37
CA CYS E 233 -14.41 1.99 5.12
C CYS E 233 -15.06 0.65 4.81
N SER E 234 -15.23 -0.20 5.82
CA SER E 234 -15.89 -1.50 5.60
C SER E 234 -17.35 -1.30 5.19
N GLU E 235 -18.02 -0.30 5.78
CA GLU E 235 -19.40 -0.02 5.40
C GLU E 235 -19.49 0.45 3.96
N TRP E 236 -18.56 1.31 3.54
CA TRP E 236 -18.53 1.74 2.13
C TRP E 236 -18.25 0.55 1.21
N LYS E 237 -17.35 -0.34 1.64
CA LYS E 237 -17.08 -1.54 0.84
C LYS E 237 -18.32 -2.39 0.69
N PHE E 238 -19.08 -2.57 1.77
CA PHE E 238 -20.32 -3.35 1.70
C PHE E 238 -21.35 -2.67 0.80
N ALA E 239 -21.48 -1.34 0.92
CA ALA E 239 -22.42 -0.61 0.08
C ALA E 239 -22.05 -0.71 -1.40
N ALA E 240 -20.75 -0.74 -1.70
CA ALA E 240 -20.32 -0.88 -3.08
C ALA E 240 -20.49 -2.31 -3.58
N CYS E 241 -20.30 -3.30 -2.71
CA CYS E 241 -20.51 -4.69 -3.10
C CYS E 241 -21.99 -4.97 -3.31
N VAL E 242 -22.87 -4.22 -2.63
CA VAL E 242 -24.30 -4.34 -2.89
C VAL E 242 -24.60 -4.09 -4.36
N VAL E 243 -24.09 -2.99 -4.90
CA VAL E 243 -24.34 -2.65 -6.30
C VAL E 243 -23.69 -3.69 -7.21
N ASP E 244 -22.52 -4.19 -6.83
CA ASP E 244 -21.86 -5.22 -7.63
C ASP E 244 -22.72 -6.46 -7.74
N ARG E 245 -23.25 -6.94 -6.60
CA ARG E 245 -24.10 -8.11 -6.61
C ARG E 245 -25.39 -7.86 -7.38
N LEU E 246 -25.96 -6.66 -7.24
CA LEU E 246 -27.17 -6.34 -7.99
C LEU E 246 -26.91 -6.39 -9.49
N CYS E 247 -25.81 -5.79 -9.93
CA CYS E 247 -25.48 -5.79 -11.35
C CYS E 247 -25.19 -7.20 -11.85
N LEU E 248 -24.53 -8.02 -11.02
CA LEU E 248 -24.26 -9.40 -11.40
C LEU E 248 -25.56 -10.18 -11.58
N MET E 249 -26.49 -10.02 -10.64
CA MET E 249 -27.77 -10.71 -10.74
C MET E 249 -28.55 -10.22 -11.96
N ALA E 250 -28.46 -8.92 -12.26
CA ALA E 250 -29.18 -8.39 -13.42
C ALA E 250 -28.57 -8.86 -14.73
N PHE E 251 -27.25 -9.03 -14.79
CA PHE E 251 -26.59 -9.42 -16.02
C PHE E 251 -26.54 -10.93 -16.21
N SER E 252 -26.74 -11.72 -15.15
CA SER E 252 -26.77 -13.17 -15.32
C SER E 252 -27.90 -13.59 -16.25
N VAL E 253 -29.11 -13.09 -16.02
CA VAL E 253 -30.24 -13.43 -16.87
C VAL E 253 -30.02 -12.90 -18.28
N PHE E 254 -29.41 -11.73 -18.41
CA PHE E 254 -29.14 -11.18 -19.74
C PHE E 254 -28.19 -12.08 -20.52
N THR E 255 -27.11 -12.52 -19.88
CA THR E 255 -26.17 -13.42 -20.54
C THR E 255 -26.82 -14.76 -20.86
N ILE E 256 -27.68 -15.25 -19.97
CA ILE E 256 -28.37 -16.51 -20.23
C ILE E 256 -29.27 -16.38 -21.47
N ILE E 257 -30.01 -15.28 -21.55
CA ILE E 257 -30.89 -15.06 -22.70
C ILE E 257 -30.06 -14.91 -23.97
N CYS E 258 -28.93 -14.21 -23.88
CA CYS E 258 -28.07 -14.04 -25.06
C CYS E 258 -27.54 -15.39 -25.54
N THR E 259 -27.11 -16.25 -24.61
CA THR E 259 -26.63 -17.57 -25.00
C THR E 259 -27.75 -18.40 -25.60
N ILE E 260 -28.95 -18.35 -25.01
CA ILE E 260 -30.07 -19.10 -25.55
C ILE E 260 -30.40 -18.64 -26.97
N GLY E 261 -30.34 -17.33 -27.20
CA GLY E 261 -30.61 -16.82 -28.53
C GLY E 261 -29.54 -17.20 -29.53
N ILE E 262 -28.27 -17.13 -29.13
CA ILE E 262 -27.18 -17.51 -30.02
C ILE E 262 -27.27 -19.00 -30.36
N LEU E 263 -27.76 -19.82 -29.42
CA LEU E 263 -27.90 -21.24 -29.68
C LEU E 263 -29.14 -21.56 -30.52
N MET E 264 -30.18 -20.73 -30.41
CA MET E 264 -31.42 -20.95 -31.14
C MET E 264 -31.51 -20.15 -32.43
N SER E 265 -30.88 -18.97 -32.49
CA SER E 265 -30.94 -18.13 -33.67
C SER E 265 -29.90 -18.49 -34.73
N ALA E 266 -28.79 -19.12 -34.32
CA ALA E 266 -27.75 -19.45 -35.30
C ALA E 266 -28.22 -20.48 -36.31
N PRO E 267 -28.87 -21.58 -35.92
CA PRO E 267 -29.34 -22.54 -36.94
C PRO E 267 -30.29 -21.94 -37.94
N ASN E 268 -31.05 -20.90 -37.56
CA ASN E 268 -32.00 -20.29 -38.48
C ASN E 268 -31.26 -19.51 -39.58
N PHE E 269 -30.29 -18.69 -39.20
CA PHE E 269 -29.54 -17.87 -40.14
C PHE E 269 -28.16 -18.45 -40.44
N VAL E 270 -27.37 -18.73 -39.41
CA VAL E 270 -26.04 -19.27 -39.59
C VAL E 270 -26.12 -20.73 -40.01
N LEU A 7 8.84 -26.99 -41.72
CA LEU A 7 9.21 -27.11 -40.32
C LEU A 7 8.98 -25.79 -39.58
N TYR A 8 9.08 -24.68 -40.31
CA TYR A 8 8.87 -23.37 -39.71
C TYR A 8 7.45 -23.24 -39.18
N TYR A 9 6.46 -23.75 -39.93
CA TYR A 9 5.08 -23.70 -39.47
C TYR A 9 4.90 -24.51 -38.20
N GLY A 10 5.56 -25.67 -38.10
CA GLY A 10 5.47 -26.47 -36.90
C GLY A 10 5.97 -25.73 -35.67
N LEU A 11 7.14 -25.08 -35.80
CA LEU A 11 7.68 -24.31 -34.69
C LEU A 11 6.78 -23.12 -34.36
N ASN A 12 6.24 -22.46 -35.39
CA ASN A 12 5.36 -21.31 -35.14
C ASN A 12 4.09 -21.73 -34.41
N LEU A 13 3.60 -22.94 -34.67
CA LEU A 13 2.41 -23.43 -33.99
C LEU A 13 2.72 -24.01 -32.61
N LEU A 14 3.94 -24.50 -32.40
CA LEU A 14 4.32 -25.10 -31.12
C LEU A 14 4.76 -24.07 -30.10
N ILE A 15 5.41 -22.99 -30.53
CA ILE A 15 5.91 -21.99 -29.57
C ILE A 15 4.78 -21.39 -28.74
N PRO A 16 3.69 -20.90 -29.32
CA PRO A 16 2.62 -20.33 -28.48
C PRO A 16 2.00 -21.35 -27.53
N CYS A 17 1.88 -22.60 -27.96
CA CYS A 17 1.32 -23.64 -27.09
C CYS A 17 2.14 -23.75 -25.81
N VAL A 18 3.45 -23.93 -25.94
CA VAL A 18 4.32 -24.07 -24.78
C VAL A 18 4.35 -22.77 -23.97
N LEU A 19 4.29 -21.63 -24.66
CA LEU A 19 4.28 -20.35 -23.98
C LEU A 19 3.08 -20.25 -23.04
N ILE A 20 1.90 -20.56 -23.55
CA ILE A 20 0.69 -20.48 -22.74
C ILE A 20 0.71 -21.56 -21.65
N SER A 21 1.23 -22.74 -21.97
CA SER A 21 1.29 -23.80 -20.98
C SER A 21 2.19 -23.41 -19.81
N ALA A 22 3.27 -22.68 -20.09
CA ALA A 22 4.16 -22.23 -19.03
C ALA A 22 3.56 -21.04 -18.28
N LEU A 23 2.90 -20.13 -18.99
CA LEU A 23 2.30 -18.97 -18.35
C LEU A 23 1.18 -19.39 -17.39
N ALA A 24 0.42 -20.43 -17.75
CA ALA A 24 -0.63 -20.91 -16.87
C ALA A 24 -0.05 -21.41 -15.56
N LEU A 25 0.97 -22.28 -15.63
CA LEU A 25 1.60 -22.79 -14.42
C LEU A 25 2.25 -21.66 -13.62
N LEU A 26 2.79 -20.65 -14.31
CA LEU A 26 3.38 -19.52 -13.61
C LEU A 26 2.32 -18.77 -12.81
N VAL A 27 1.21 -18.42 -13.46
CA VAL A 27 0.13 -17.71 -12.78
C VAL A 27 -0.43 -18.55 -11.64
N PHE A 28 -0.45 -19.87 -11.79
CA PHE A 28 -0.97 -20.73 -10.72
C PHE A 28 -0.02 -20.81 -9.55
N LEU A 29 1.30 -20.78 -9.81
CA LEU A 29 2.28 -20.92 -8.74
C LEU A 29 2.41 -19.66 -7.92
N LEU A 30 2.27 -18.48 -8.53
CA LEU A 30 2.45 -17.22 -7.83
C LEU A 30 1.48 -17.13 -6.64
N PRO A 31 1.81 -16.30 -5.64
CA PRO A 31 0.90 -16.17 -4.49
C PRO A 31 -0.44 -15.54 -4.88
N ALA A 32 -1.34 -15.43 -3.91
CA ALA A 32 -2.67 -14.87 -4.14
C ALA A 32 -2.59 -13.35 -3.97
N ASP A 33 -2.21 -12.66 -5.04
CA ASP A 33 -2.12 -11.20 -5.04
C ASP A 33 -3.45 -10.66 -5.54
N SER A 34 -4.34 -10.33 -4.61
CA SER A 34 -5.67 -9.86 -4.98
C SER A 34 -5.61 -8.69 -5.94
N GLY A 35 -4.59 -7.85 -5.85
CA GLY A 35 -4.49 -6.68 -6.70
C GLY A 35 -3.93 -6.96 -8.08
N GLU A 36 -2.77 -7.60 -8.13
CA GLU A 36 -2.05 -7.78 -9.39
C GLU A 36 -2.37 -9.12 -10.06
N LYS A 37 -2.49 -10.19 -9.27
CA LYS A 37 -2.69 -11.53 -9.85
C LYS A 37 -3.79 -11.52 -10.90
N ILE A 38 -4.95 -10.94 -10.55
CA ILE A 38 -6.07 -10.91 -11.50
C ILE A 38 -5.60 -10.36 -12.83
N SER A 39 -4.95 -9.19 -12.82
CA SER A 39 -4.45 -8.60 -14.06
C SER A 39 -3.58 -9.59 -14.81
N LEU A 40 -2.66 -10.25 -14.11
CA LEU A 40 -1.82 -11.26 -14.74
C LEU A 40 -2.68 -12.34 -15.39
N GLY A 41 -3.70 -12.81 -14.68
CA GLY A 41 -4.59 -13.81 -15.25
C GLY A 41 -5.19 -13.39 -16.57
N ILE A 42 -5.39 -12.08 -16.75
CA ILE A 42 -5.89 -11.57 -18.03
C ILE A 42 -4.75 -11.26 -18.99
N THR A 43 -3.59 -10.87 -18.48
CA THR A 43 -2.46 -10.54 -19.35
C THR A 43 -2.16 -11.69 -20.31
N VAL A 44 -2.08 -12.91 -19.78
CA VAL A 44 -1.83 -14.07 -20.63
C VAL A 44 -2.89 -14.15 -21.72
N LEU A 45 -4.16 -13.93 -21.36
CA LEU A 45 -5.22 -13.98 -22.36
C LEU A 45 -4.96 -12.99 -23.48
N LEU A 46 -4.37 -11.83 -23.17
CA LEU A 46 -4.04 -10.87 -24.22
C LEU A 46 -3.13 -11.49 -25.27
N SER A 47 -2.13 -12.27 -24.83
CA SER A 47 -1.23 -12.93 -25.76
C SER A 47 -2.00 -13.81 -26.75
N LEU A 48 -3.20 -14.26 -26.39
CA LEU A 48 -4.00 -15.05 -27.32
C LEU A 48 -4.75 -14.16 -28.30
N THR A 49 -5.26 -13.01 -27.82
CA THR A 49 -6.02 -12.12 -28.70
C THR A 49 -5.22 -11.75 -29.94
N VAL A 50 -4.02 -11.21 -29.73
CA VAL A 50 -3.16 -10.86 -30.86
C VAL A 50 -2.89 -12.09 -31.72
N PHE A 51 -2.75 -13.26 -31.07
CA PHE A 51 -2.50 -14.48 -31.82
C PHE A 51 -3.61 -14.76 -32.83
N MET A 52 -4.85 -14.39 -32.49
CA MET A 52 -5.96 -14.59 -33.41
C MET A 52 -5.68 -13.95 -34.77
N LEU A 53 -4.91 -12.86 -34.78
CA LEU A 53 -4.52 -12.24 -36.05
C LEU A 53 -3.43 -13.03 -36.75
N LEU A 54 -2.42 -13.49 -36.00
CA LEU A 54 -1.30 -14.20 -36.61
C LEU A 54 -1.79 -15.37 -37.46
N VAL A 55 -2.59 -16.26 -36.87
CA VAL A 55 -3.12 -17.39 -37.63
C VAL A 55 -3.86 -16.90 -38.86
N ALA A 56 -4.64 -15.82 -38.72
CA ALA A 56 -5.41 -15.31 -39.84
C ALA A 56 -4.52 -14.93 -41.02
N GLU A 57 -3.24 -14.65 -40.77
CA GLU A 57 -2.31 -14.31 -41.85
C GLU A 57 -1.62 -15.54 -42.43
N ILE A 58 -1.51 -16.62 -41.64
CA ILE A 58 -0.83 -17.84 -42.09
C ILE A 58 -1.78 -18.99 -42.32
N MET A 59 -3.02 -18.90 -41.83
CA MET A 59 -3.99 -19.98 -42.00
C MET A 59 -5.37 -19.40 -42.27
N PRO A 60 -5.95 -19.62 -43.45
CA PRO A 60 -7.30 -19.10 -43.71
C PRO A 60 -8.30 -19.62 -42.70
N SER A 61 -8.86 -18.70 -41.91
CA SER A 61 -9.82 -19.04 -40.87
C SER A 61 -11.26 -18.95 -41.35
N THR A 62 -11.50 -19.11 -42.65
CA THR A 62 -12.85 -19.06 -43.21
C THR A 62 -13.19 -20.21 -44.14
N SER A 63 -12.20 -20.93 -44.67
CA SER A 63 -12.46 -22.05 -45.57
C SER A 63 -11.72 -23.30 -45.12
N ASP A 64 -10.57 -23.12 -44.48
CA ASP A 64 -9.76 -24.23 -44.01
C ASP A 64 -10.36 -24.75 -42.71
N SER A 65 -11.02 -25.91 -42.78
CA SER A 65 -11.63 -26.54 -41.62
C SER A 65 -10.66 -27.58 -41.08
N SER A 66 -10.02 -27.26 -39.97
CA SER A 66 -9.05 -28.16 -39.33
C SER A 66 -9.53 -28.52 -37.93
N PRO A 67 -10.02 -29.74 -37.70
CA PRO A 67 -10.46 -30.09 -36.35
C PRO A 67 -9.38 -29.95 -35.29
N SER A 68 -8.11 -30.18 -35.65
CA SER A 68 -7.04 -30.07 -34.68
C SER A 68 -6.94 -28.64 -34.14
N ILE A 69 -6.85 -27.66 -35.03
CA ILE A 69 -6.75 -26.26 -34.59
C ILE A 69 -8.04 -25.81 -33.94
N ALA A 70 -9.19 -26.30 -34.44
CA ALA A 70 -10.47 -25.93 -33.85
C ALA A 70 -10.58 -26.43 -32.41
N GLN A 71 -9.98 -27.58 -32.11
CA GLN A 71 -10.00 -28.11 -30.75
C GLN A 71 -8.92 -27.50 -29.87
N TYR A 72 -7.77 -27.15 -30.44
CA TYR A 72 -6.70 -26.55 -29.66
C TYR A 72 -7.13 -25.18 -29.12
N PHE A 73 -7.72 -24.35 -29.98
CA PHE A 73 -8.19 -23.04 -29.53
C PHE A 73 -9.27 -23.18 -28.47
N ALA A 74 -10.18 -24.14 -28.64
CA ALA A 74 -11.23 -24.36 -27.65
C ALA A 74 -10.64 -24.79 -26.31
N SER A 75 -9.65 -25.69 -26.34
CA SER A 75 -9.01 -26.12 -25.11
C SER A 75 -8.29 -24.98 -24.43
N THR A 76 -7.60 -24.14 -25.20
CA THR A 76 -6.92 -22.99 -24.62
C THR A 76 -7.90 -22.02 -23.99
N MET A 77 -9.01 -21.75 -24.68
CA MET A 77 -10.02 -20.85 -24.12
C MET A 77 -10.64 -21.43 -22.86
N ILE A 78 -10.86 -22.74 -22.83
CA ILE A 78 -11.41 -23.38 -21.63
C ILE A 78 -10.41 -23.30 -20.48
N ILE A 79 -9.11 -23.47 -20.79
CA ILE A 79 -8.09 -23.36 -19.76
C ILE A 79 -8.06 -21.95 -19.19
N VAL A 80 -8.19 -20.94 -20.06
CA VAL A 80 -8.19 -19.56 -19.59
C VAL A 80 -9.43 -19.29 -18.76
N GLY A 81 -10.58 -19.79 -19.18
CA GLY A 81 -11.81 -19.60 -18.42
C GLY A 81 -11.76 -20.29 -17.07
N LEU A 82 -11.05 -21.41 -16.98
CA LEU A 82 -10.88 -22.08 -15.70
C LEU A 82 -9.86 -21.37 -14.82
N SER A 83 -8.82 -20.78 -15.41
CA SER A 83 -7.83 -20.03 -14.64
C SER A 83 -8.45 -18.77 -14.05
N VAL A 84 -9.25 -18.05 -14.83
CA VAL A 84 -9.87 -16.83 -14.33
C VAL A 84 -10.88 -17.15 -13.22
N VAL A 85 -11.45 -18.35 -13.23
CA VAL A 85 -12.37 -18.73 -12.15
C VAL A 85 -11.61 -19.22 -10.93
N VAL A 86 -10.48 -19.90 -11.14
CA VAL A 86 -9.62 -20.30 -10.03
C VAL A 86 -9.09 -19.07 -9.31
N THR A 87 -8.80 -18.00 -10.06
CA THR A 87 -8.36 -16.77 -9.42
C THR A 87 -9.44 -16.19 -8.54
N VAL A 88 -10.69 -16.19 -9.01
CA VAL A 88 -11.79 -15.67 -8.21
C VAL A 88 -12.00 -16.55 -6.97
N ILE A 89 -11.86 -17.86 -7.12
CA ILE A 89 -12.01 -18.76 -5.98
C ILE A 89 -10.92 -18.50 -4.95
N VAL A 90 -9.68 -18.28 -5.42
CA VAL A 90 -8.59 -18.00 -4.52
C VAL A 90 -8.80 -16.67 -3.79
N LEU A 91 -9.33 -15.67 -4.50
CA LEU A 91 -9.59 -14.39 -3.85
C LEU A 91 -10.73 -14.50 -2.85
N GLN A 92 -11.74 -15.33 -3.13
CA GLN A 92 -12.80 -15.56 -2.16
C GLN A 92 -12.26 -16.28 -0.93
N TYR A 93 -11.36 -17.23 -1.13
CA TYR A 93 -10.72 -17.92 0.00
C TYR A 93 -9.81 -16.99 0.80
N HIS A 94 -9.51 -15.79 0.29
CA HIS A 94 -8.67 -14.84 1.00
C HIS A 94 -9.43 -13.66 1.57
N HIS A 95 -10.62 -13.36 1.05
CA HIS A 95 -11.41 -12.22 1.51
C HIS A 95 -12.43 -12.61 2.59
N HIS A 96 -13.16 -13.71 2.38
CA HIS A 96 -14.16 -14.18 3.33
C HIS A 96 -15.20 -13.10 3.61
N ASP A 97 -15.95 -12.76 2.57
CA ASP A 97 -16.97 -11.73 2.68
C ASP A 97 -17.86 -12.01 3.89
N PRO A 98 -18.32 -10.98 4.61
CA PRO A 98 -19.17 -11.26 5.79
C PRO A 98 -20.47 -11.95 5.44
N ASP A 99 -21.22 -11.42 4.47
CA ASP A 99 -22.53 -11.95 4.11
C ASP A 99 -22.47 -12.86 2.88
N GLY A 100 -21.39 -13.62 2.73
CA GLY A 100 -21.27 -14.52 1.60
C GLY A 100 -19.87 -15.09 1.52
N GLY A 101 -19.55 -15.60 0.33
CA GLY A 101 -18.24 -16.18 0.10
C GLY A 101 -18.23 -17.69 0.22
N LYS A 102 -17.57 -18.20 1.26
CA LYS A 102 -17.46 -19.64 1.47
C LYS A 102 -17.76 -19.98 2.91
N MET A 103 -17.53 -21.25 3.29
CA MET A 103 -17.76 -21.70 4.66
C MET A 103 -16.45 -21.63 5.42
N PRO A 104 -16.27 -20.70 6.36
CA PRO A 104 -14.97 -20.61 7.04
C PRO A 104 -14.57 -21.88 7.77
N LYS A 105 -15.44 -22.40 8.64
CA LYS A 105 -15.08 -23.56 9.46
C LYS A 105 -14.86 -24.80 8.60
N TRP A 106 -15.80 -25.07 7.69
CA TRP A 106 -15.70 -26.28 6.87
C TRP A 106 -14.44 -26.25 6.00
N THR A 107 -14.14 -25.10 5.41
CA THR A 107 -12.95 -25.00 4.57
C THR A 107 -11.67 -25.08 5.39
N ARG A 108 -11.67 -24.44 6.57
CA ARG A 108 -10.48 -24.45 7.42
C ARG A 108 -10.19 -25.85 7.96
N VAL A 109 -11.23 -26.64 8.22
CA VAL A 109 -11.01 -28.00 8.72
C VAL A 109 -10.14 -28.78 7.75
N ILE A 110 -10.36 -28.60 6.45
CA ILE A 110 -9.58 -29.33 5.45
C ILE A 110 -8.28 -28.60 5.14
N LEU A 111 -8.27 -27.26 5.22
CA LEU A 111 -7.04 -26.52 4.97
C LEU A 111 -5.98 -26.81 6.01
N LEU A 112 -6.39 -27.05 7.26
CA LEU A 112 -5.42 -27.43 8.30
C LEU A 112 -4.73 -28.74 7.94
N ASN A 113 -5.51 -29.74 7.51
CA ASN A 113 -4.90 -31.01 7.11
C ASN A 113 -4.03 -30.84 5.88
N TRP A 114 -4.44 -29.99 4.94
CA TRP A 114 -3.62 -29.76 3.75
C TRP A 114 -2.28 -29.14 4.15
N CYS A 115 -2.30 -28.15 5.05
CA CYS A 115 -1.07 -27.51 5.48
C CYS A 115 -0.19 -28.49 6.26
N ALA A 116 -0.80 -29.36 7.06
CA ALA A 116 -0.03 -30.34 7.81
C ALA A 116 0.60 -31.38 6.88
N TRP A 117 -0.08 -31.72 5.78
CA TRP A 117 0.46 -32.70 4.85
C TRP A 117 1.49 -32.08 3.92
N PHE A 118 1.40 -30.78 3.64
CA PHE A 118 2.39 -30.13 2.78
C PHE A 118 3.73 -30.01 3.48
N LEU A 119 3.74 -29.49 4.71
CA LEU A 119 4.99 -29.37 5.46
C LEU A 119 5.64 -30.73 5.64
N ARG A 120 4.88 -31.72 6.11
CA ARG A 120 5.34 -33.09 6.26
C ARG A 120 4.59 -33.95 5.24
N MET A 121 5.28 -34.30 4.15
CA MET A 121 4.65 -35.08 3.10
C MET A 121 4.09 -36.38 3.66
N LYS A 122 2.78 -36.57 3.51
CA LYS A 122 2.11 -37.78 4.01
C LYS A 122 2.39 -38.92 3.04
N ARG A 123 3.57 -39.52 3.21
CA ARG A 123 4.00 -40.64 2.38
C ARG A 123 4.99 -41.46 3.18
N PRO A 124 5.25 -42.71 2.77
CA PRO A 124 6.21 -43.54 3.52
C PRO A 124 7.60 -42.92 3.58
N GLY A 125 7.99 -42.14 2.59
CA GLY A 125 9.33 -41.57 2.58
C GLY A 125 9.61 -40.71 3.81
N GLU A 126 8.61 -39.95 4.26
CA GLU A 126 8.76 -39.07 5.40
C GLU A 126 8.19 -39.65 6.69
N ASP A 127 7.86 -40.94 6.70
CA ASP A 127 7.31 -41.61 7.87
C ASP A 127 8.15 -42.80 8.33
N LYS A 128 8.65 -43.60 7.40
CA LYS A 128 9.43 -44.78 7.75
C LYS A 128 10.93 -44.49 7.77
N VAL A 129 11.44 -43.73 6.80
CA VAL A 129 12.86 -43.41 6.72
C VAL A 129 13.08 -42.16 7.56
N ARG A 130 13.30 -42.37 8.85
CA ARG A 130 13.53 -41.27 9.78
C ARG A 130 14.01 -41.82 11.12
N PRO A 131 14.78 -41.05 11.89
CA PRO A 131 15.26 -41.55 13.19
C PRO A 131 14.10 -41.78 14.16
N ALA A 132 13.95 -43.02 14.61
CA ALA A 132 12.89 -43.37 15.53
C ALA A 132 13.33 -44.59 16.34
N CYS A 133 12.73 -44.72 17.53
CA CYS A 133 13.03 -45.81 18.43
C CYS A 133 11.74 -46.27 19.09
N GLN A 134 11.83 -47.35 19.88
CA GLN A 134 10.69 -47.90 20.58
C GLN A 134 10.65 -47.50 22.05
N HIS A 135 11.45 -46.51 22.45
CA HIS A 135 11.48 -46.07 23.84
C HIS A 135 10.36 -45.05 24.07
N LYS A 136 10.38 -44.40 25.23
CA LYS A 136 9.35 -43.42 25.56
C LYS A 136 9.39 -42.21 24.63
N GLN A 137 10.48 -42.02 23.89
CA GLN A 137 10.57 -40.89 22.98
C GLN A 137 9.49 -40.94 21.90
N ARG A 138 9.01 -42.13 21.56
CA ARG A 138 8.00 -42.30 20.53
C ARG A 138 6.70 -42.87 21.09
N ARG A 139 6.55 -42.96 22.41
CA ARG A 139 5.33 -43.47 23.02
C ARG A 139 4.31 -42.36 23.19
N CYS A 140 3.09 -42.75 23.53
CA CYS A 140 1.99 -41.82 23.72
C CYS A 140 1.47 -41.92 25.16
N SER A 141 0.83 -40.84 25.61
CA SER A 141 0.27 -40.78 26.95
C SER A 141 -1.08 -40.08 26.88
N LEU A 142 -1.73 -39.95 28.04
CA LEU A 142 -3.03 -39.30 28.08
C LEU A 142 -2.97 -37.87 27.57
N ALA A 143 -1.84 -37.19 27.78
CA ALA A 143 -1.71 -35.81 27.32
C ALA A 143 -1.76 -35.73 25.79
N SER A 144 -1.29 -36.76 25.10
CA SER A 144 -1.28 -36.76 23.65
C SER A 144 -2.59 -37.24 23.05
N VAL A 145 -3.30 -38.15 23.72
CA VAL A 145 -4.56 -38.67 23.22
C VAL A 145 -5.61 -37.58 23.36
N GLU A 146 -6.02 -36.98 22.23
CA GLU A 146 -7.01 -35.92 22.21
C GLU A 146 -8.36 -36.40 21.70
N MET A 147 -8.72 -37.65 22.00
CA MET A 147 -10.00 -38.18 21.54
C MET A 147 -11.18 -37.48 22.20
N SER A 148 -10.96 -36.90 23.38
CA SER A 148 -12.01 -36.20 24.12
C SER A 148 -11.66 -34.73 24.27
N ALA A 149 -11.04 -34.15 23.24
CA ALA A 149 -10.65 -32.74 23.26
C ALA A 149 -9.73 -32.44 24.44
N VAL A 150 -8.65 -33.20 24.54
CA VAL A 150 -7.69 -33.03 25.62
C VAL A 150 -6.74 -31.89 25.26
N ALA A 151 -6.30 -31.17 26.29
CA ALA A 151 -5.38 -30.07 26.09
C ALA A 151 -4.06 -30.58 25.51
N PRO A 152 -3.59 -30.07 24.37
CA PRO A 152 -2.32 -30.54 23.82
C PRO A 152 -1.18 -30.33 24.80
N PRO A 153 -0.06 -31.01 24.63
CA PRO A 153 1.06 -30.83 25.55
C PRO A 153 1.54 -29.40 25.54
N PRO A 154 2.11 -28.90 26.63
CA PRO A 154 2.64 -27.53 26.64
C PRO A 154 3.76 -27.37 25.63
N ALA A 155 3.53 -26.51 24.64
CA ALA A 155 4.51 -26.26 23.59
C ALA A 155 4.47 -24.79 23.22
N SER A 156 5.59 -24.30 22.71
CA SER A 156 5.73 -22.91 22.29
C SER A 156 5.30 -22.68 20.85
N ASN A 157 4.79 -23.70 20.17
CA ASN A 157 4.35 -23.58 18.79
C ASN A 157 2.89 -23.20 18.67
N GLY A 158 2.32 -22.55 19.68
CA GLY A 158 0.95 -22.14 19.67
C GLY A 158 0.03 -22.90 20.62
N ASN A 159 0.57 -23.63 21.60
CA ASN A 159 -0.22 -24.39 22.56
C ASN A 159 -0.12 -23.84 23.96
N LEU A 160 1.09 -23.68 24.49
CA LEU A 160 1.26 -23.17 25.85
C LEU A 160 0.71 -21.76 25.97
N LEU A 161 1.22 -20.83 25.16
CA LEU A 161 0.75 -19.45 25.21
C LEU A 161 -0.74 -19.36 24.88
N TYR A 162 -1.23 -20.23 24.00
CA TYR A 162 -2.65 -20.24 23.67
C TYR A 162 -3.48 -20.58 24.90
N ILE A 163 -3.21 -21.74 25.52
CA ILE A 163 -3.95 -22.14 26.71
C ILE A 163 -3.79 -21.13 27.82
N GLY A 164 -2.66 -20.41 27.85
CA GLY A 164 -2.45 -19.41 28.87
C GLY A 164 -3.29 -18.16 28.69
N PHE A 165 -3.17 -17.53 27.53
CA PHE A 165 -3.87 -16.26 27.29
C PHE A 165 -5.33 -16.50 26.91
N ARG A 166 -5.58 -17.23 25.83
CA ARG A 166 -6.93 -17.43 25.33
C ARG A 166 -7.77 -18.34 26.23
N GLY A 167 -7.22 -18.84 27.33
CA GLY A 167 -7.97 -19.68 28.24
C GLY A 167 -8.87 -18.90 29.16
N LEU A 168 -9.76 -18.09 28.59
CA LEU A 168 -10.67 -17.28 29.39
C LEU A 168 -11.56 -18.18 30.25
N ASP A 169 -11.77 -17.76 31.50
CA ASP A 169 -12.58 -18.50 32.46
C ASP A 169 -12.03 -19.89 32.73
N GLY A 170 -10.76 -20.14 32.41
CA GLY A 170 -10.14 -21.42 32.62
C GLY A 170 -9.42 -21.50 33.95
N VAL A 171 -8.62 -22.56 34.10
CA VAL A 171 -7.87 -22.75 35.32
C VAL A 171 -6.78 -21.69 35.46
N HIS A 172 -6.33 -21.12 34.34
CA HIS A 172 -5.28 -20.10 34.41
C HIS A 172 -5.84 -18.77 34.90
N CYS A 173 -7.01 -18.37 34.40
CA CYS A 173 -7.61 -17.11 34.82
C CYS A 173 -8.38 -17.27 36.13
N VAL A 174 -9.04 -18.40 36.32
CA VAL A 174 -9.81 -18.68 37.53
C VAL A 174 -9.44 -20.06 38.05
N PRO A 175 -8.33 -20.21 38.76
CA PRO A 175 -7.94 -21.54 39.26
C PRO A 175 -8.97 -22.11 40.23
N THR A 176 -9.63 -23.21 39.83
CA THR A 176 -10.62 -23.85 40.67
C THR A 176 -9.97 -24.69 41.77
N PRO A 177 -8.87 -25.40 41.48
CA PRO A 177 -8.24 -26.21 42.54
C PRO A 177 -7.80 -25.34 43.72
N ASP A 178 -8.11 -25.82 44.92
CA ASP A 178 -7.76 -25.12 46.15
C ASP A 178 -6.29 -25.37 46.45
N SER A 179 -5.43 -24.46 45.98
CA SER A 179 -3.99 -24.59 46.21
C SER A 179 -3.59 -24.07 47.58
N GLY A 180 -4.30 -23.07 48.10
CA GLY A 180 -4.00 -22.52 49.41
C GLY A 180 -2.83 -21.56 49.44
N VAL A 181 -2.33 -21.13 48.27
CA VAL A 181 -1.20 -20.20 48.25
C VAL A 181 -1.57 -18.90 48.95
N VAL A 182 -2.84 -18.51 48.90
CA VAL A 182 -3.29 -17.29 49.57
C VAL A 182 -3.39 -17.44 51.07
N CYS A 183 -3.37 -18.68 51.58
CA CYS A 183 -3.46 -18.92 53.02
C CYS A 183 -2.44 -19.91 53.54
N GLY A 184 -1.64 -20.54 52.68
CA GLY A 184 -0.66 -21.52 53.11
C GLY A 184 0.77 -21.09 52.84
N ARG A 185 0.97 -20.30 51.79
CA ARG A 185 2.29 -19.83 51.40
C ARG A 185 2.35 -18.31 51.47
N MET A 186 3.56 -17.78 51.71
CA MET A 186 3.78 -16.34 51.79
C MET A 186 4.61 -15.83 50.61
N ALA A 187 4.64 -16.57 49.51
CA ALA A 187 5.40 -16.17 48.32
C ALA A 187 4.62 -15.08 47.60
N CYS A 188 4.91 -13.82 47.94
CA CYS A 188 4.23 -12.67 47.35
C CYS A 188 2.73 -12.74 47.56
N SER A 189 2.30 -13.36 48.65
CA SER A 189 0.87 -13.50 48.96
C SER A 189 0.68 -13.66 50.46
N PRO A 190 0.45 -12.57 51.19
CA PRO A 190 0.24 -12.69 52.64
C PRO A 190 -0.91 -13.65 52.96
N THR A 191 -0.77 -14.34 54.09
CA THR A 191 -1.77 -15.31 54.53
C THR A 191 -2.96 -14.56 55.11
N HIS A 192 -3.84 -14.12 54.21
CA HIS A 192 -5.05 -13.38 54.56
C HIS A 192 -4.80 -12.36 55.66
N ASP A 193 -3.67 -11.66 55.59
CA ASP A 193 -3.32 -10.65 56.58
C ASP A 193 -4.10 -9.38 56.28
N GLU A 194 -5.24 -9.22 56.95
CA GLU A 194 -6.07 -8.04 56.75
C GLU A 194 -5.48 -6.80 57.40
N HIS A 195 -4.64 -6.97 58.42
CA HIS A 195 -4.02 -5.85 59.11
C HIS A 195 -2.65 -5.50 58.54
N LEU A 196 -2.39 -5.86 57.30
CA LEU A 196 -1.10 -5.56 56.65
C LEU A 196 -1.20 -4.18 56.03
N LEU A 197 -0.67 -3.18 56.73
CA LEU A 197 -0.68 -1.80 56.26
C LEU A 197 0.66 -1.47 55.59
N HIS A 198 0.59 -0.73 54.49
CA HIS A 198 1.77 -0.34 53.73
C HIS A 198 2.49 0.79 54.47
N GLY A 199 3.11 0.42 55.60
CA GLY A 199 3.84 1.38 56.40
C GLY A 199 3.00 2.56 56.86
N GLY A 200 1.72 2.32 57.15
CA GLY A 200 0.82 3.37 57.59
C GLY A 200 -0.45 3.46 56.78
N GLN A 201 -0.34 3.22 55.47
CA GLN A 201 -1.50 3.27 54.58
C GLN A 201 -1.86 1.87 54.11
N PRO A 202 -3.13 1.63 53.76
CA PRO A 202 -3.52 0.32 53.25
C PRO A 202 -2.91 0.05 51.89
N PRO A 203 -3.04 -1.17 51.37
CA PRO A 203 -2.52 -1.45 50.03
C PRO A 203 -3.18 -0.56 48.98
N GLU A 204 -2.61 -0.58 47.78
CA GLU A 204 -3.09 0.24 46.68
C GLU A 204 -3.09 1.72 47.06
N GLY A 205 -1.87 2.24 47.28
CA GLY A 205 -1.73 3.61 47.74
C GLY A 205 -2.58 4.61 46.98
N ASP A 206 -2.78 4.37 45.68
CA ASP A 206 -3.59 5.27 44.87
C ASP A 206 -4.43 4.47 43.87
N PRO A 207 -5.76 4.42 44.03
CA PRO A 207 -6.57 3.70 43.04
C PRO A 207 -6.40 4.20 41.62
N ASP A 208 -5.95 5.44 41.44
CA ASP A 208 -5.71 5.95 40.08
C ASP A 208 -4.65 5.13 39.37
N LEU A 209 -3.67 4.61 40.10
CA LEU A 209 -2.65 3.77 39.49
C LEU A 209 -3.26 2.47 38.97
N ALA A 210 -4.24 1.92 39.69
CA ALA A 210 -4.94 0.73 39.21
C ALA A 210 -5.70 1.03 37.92
N LYS A 211 -6.32 2.21 37.84
CA LYS A 211 -7.02 2.58 36.61
C LYS A 211 -6.04 2.78 35.46
N ILE A 212 -4.86 3.34 35.75
CA ILE A 212 -3.85 3.49 34.70
C ILE A 212 -3.37 2.12 34.23
N LEU A 213 -3.17 1.19 35.16
CA LEU A 213 -2.77 -0.16 34.78
C LEU A 213 -3.84 -0.83 33.92
N GLU A 214 -5.11 -0.64 34.28
CA GLU A 214 -6.19 -1.22 33.49
C GLU A 214 -6.25 -0.60 32.10
N GLU A 215 -6.02 0.72 32.00
CA GLU A 215 -6.03 1.37 30.70
C GLU A 215 -4.85 0.93 29.84
N VAL A 216 -3.71 0.65 30.46
CA VAL A 216 -2.57 0.14 29.70
C VAL A 216 -2.81 -1.29 29.26
N ARG A 217 -3.48 -2.09 30.11
CA ARG A 217 -3.88 -3.42 29.71
C ARG A 217 -4.88 -3.36 28.56
N TYR A 218 -5.70 -2.32 28.51
CA TYR A 218 -6.60 -2.14 27.37
C TYR A 218 -5.81 -1.91 26.08
N ILE A 219 -4.73 -1.13 26.15
CA ILE A 219 -3.89 -0.92 24.97
C ILE A 219 -3.19 -2.23 24.59
N ALA A 220 -2.75 -3.00 25.59
CA ALA A 220 -2.17 -4.31 25.31
C ALA A 220 -3.16 -5.22 24.61
N ASN A 221 -4.43 -5.18 25.04
CA ASN A 221 -5.46 -5.99 24.40
C ASN A 221 -5.75 -5.49 22.99
N ARG A 222 -5.68 -4.19 22.76
CA ARG A 222 -5.82 -3.66 21.41
C ARG A 222 -4.70 -4.16 20.51
N PHE A 223 -3.46 -4.16 21.02
CA PHE A 223 -2.35 -4.70 20.25
C PHE A 223 -2.54 -6.19 19.99
N ARG A 224 -3.06 -6.91 20.98
CA ARG A 224 -3.32 -8.34 20.79
C ARG A 224 -4.40 -8.57 19.73
N CYS A 225 -5.42 -7.72 19.70
CA CYS A 225 -6.45 -7.83 18.68
C CYS A 225 -5.89 -7.51 17.29
N GLN A 226 -5.00 -6.52 17.20
CA GLN A 226 -4.34 -6.25 15.93
C GLN A 226 -3.51 -7.44 15.49
N ASP A 227 -2.78 -8.06 16.41
CA ASP A 227 -2.00 -9.25 16.08
C ASP A 227 -2.90 -10.40 15.64
N GLU A 228 -4.08 -10.54 16.28
CA GLU A 228 -5.01 -11.58 15.89
C GLU A 228 -5.56 -11.33 14.49
N SER A 229 -5.85 -10.08 14.16
CA SER A 229 -6.29 -9.75 12.81
C SER A 229 -5.20 -10.05 11.79
N GLU A 230 -3.95 -9.71 12.12
CA GLU A 230 -2.84 -10.02 11.23
C GLU A 230 -2.69 -11.52 11.05
N ALA A 231 -2.88 -12.29 12.12
CA ALA A 231 -2.78 -13.74 12.03
C ALA A 231 -3.92 -14.32 11.19
N VAL A 232 -5.12 -13.75 11.31
CA VAL A 232 -6.24 -14.18 10.49
C VAL A 232 -5.96 -13.90 9.02
N CYS A 233 -5.40 -12.73 8.72
CA CYS A 233 -5.04 -12.41 7.34
C CYS A 233 -3.96 -13.36 6.82
N SER A 234 -2.99 -13.69 7.67
CA SER A 234 -1.94 -14.63 7.26
C SER A 234 -2.51 -16.01 7.00
N GLU A 235 -3.46 -16.46 7.84
CA GLU A 235 -4.10 -17.75 7.63
C GLU A 235 -4.91 -17.75 6.34
N TRP A 236 -5.59 -16.64 6.05
CA TRP A 236 -6.32 -16.54 4.78
C TRP A 236 -5.37 -16.62 3.60
N LYS A 237 -4.23 -15.93 3.69
CA LYS A 237 -3.24 -15.98 2.60
C LYS A 237 -2.69 -17.38 2.44
N PHE A 238 -2.45 -18.07 3.55
CA PHE A 238 -1.94 -19.45 3.48
C PHE A 238 -2.97 -20.38 2.85
N ALA A 239 -4.24 -20.22 3.22
CA ALA A 239 -5.29 -21.01 2.59
C ALA A 239 -5.37 -20.73 1.10
N ALA A 240 -5.23 -19.47 0.71
CA ALA A 240 -5.24 -19.12 -0.71
C ALA A 240 -4.08 -19.78 -1.44
N CYS A 241 -2.88 -19.72 -0.86
CA CYS A 241 -1.72 -20.36 -1.47
C CYS A 241 -1.88 -21.87 -1.53
N VAL A 242 -2.57 -22.46 -0.56
CA VAL A 242 -2.81 -23.91 -0.58
C VAL A 242 -3.67 -24.28 -1.77
N VAL A 243 -4.75 -23.52 -1.99
CA VAL A 243 -5.61 -23.77 -3.14
C VAL A 243 -4.85 -23.55 -4.43
N ASP A 244 -4.01 -22.51 -4.48
CA ASP A 244 -3.21 -22.25 -5.67
C ASP A 244 -2.31 -23.43 -5.99
N ARG A 245 -1.60 -23.94 -4.98
CA ARG A 245 -0.68 -25.06 -5.20
C ARG A 245 -1.43 -26.32 -5.56
N LEU A 246 -2.60 -26.56 -4.95
CA LEU A 246 -3.40 -27.72 -5.30
C LEU A 246 -3.85 -27.65 -6.75
N CYS A 247 -4.34 -26.49 -7.18
CA CYS A 247 -4.76 -26.34 -8.57
C CYS A 247 -3.58 -26.51 -9.52
N LEU A 248 -2.41 -25.98 -9.15
CA LEU A 248 -1.22 -26.15 -9.99
C LEU A 248 -0.87 -27.62 -10.14
N MET A 249 -0.84 -28.36 -9.03
CA MET A 249 -0.49 -29.77 -9.07
C MET A 249 -1.53 -30.57 -9.83
N ALA A 250 -2.81 -30.18 -9.76
CA ALA A 250 -3.85 -30.92 -10.46
C ALA A 250 -3.81 -30.64 -11.96
N PHE A 251 -3.49 -29.41 -12.34
CA PHE A 251 -3.50 -29.02 -13.75
C PHE A 251 -2.17 -29.28 -14.45
N SER A 252 -1.09 -29.58 -13.71
CA SER A 252 0.18 -29.89 -14.35
C SER A 252 0.03 -31.09 -15.29
N VAL A 253 -0.49 -32.20 -14.77
CA VAL A 253 -0.66 -33.41 -15.58
C VAL A 253 -1.65 -33.16 -16.70
N PHE A 254 -2.69 -32.36 -16.44
CA PHE A 254 -3.68 -32.06 -17.48
C PHE A 254 -3.03 -31.33 -18.64
N THR A 255 -2.23 -30.30 -18.35
CA THR A 255 -1.54 -29.55 -19.39
C THR A 255 -0.52 -30.43 -20.10
N ILE A 256 0.16 -31.30 -19.37
CA ILE A 256 1.13 -32.21 -19.99
C ILE A 256 0.43 -33.13 -20.98
N ILE A 257 -0.72 -33.68 -20.59
CA ILE A 257 -1.47 -34.57 -21.49
C ILE A 257 -1.99 -33.79 -22.69
N CYS A 258 -2.47 -32.57 -22.47
CA CYS A 258 -2.96 -31.75 -23.57
C CYS A 258 -1.86 -31.44 -24.57
N THR A 259 -0.65 -31.18 -24.07
CA THR A 259 0.48 -30.91 -24.97
C THR A 259 0.92 -32.17 -25.70
N ILE A 260 0.91 -33.31 -25.02
CA ILE A 260 1.31 -34.56 -25.66
C ILE A 260 0.28 -34.98 -26.70
N GLY A 261 -0.98 -34.59 -26.51
CA GLY A 261 -2.01 -34.95 -27.48
C GLY A 261 -1.76 -34.33 -28.84
N ILE A 262 -1.23 -33.10 -28.87
CA ILE A 262 -0.95 -32.43 -30.14
C ILE A 262 0.02 -33.27 -30.96
N LEU A 263 0.97 -33.94 -30.30
CA LEU A 263 1.91 -34.79 -31.01
C LEU A 263 1.31 -36.15 -31.30
N MET A 264 0.49 -36.68 -30.40
CA MET A 264 -0.12 -37.99 -30.60
C MET A 264 -1.33 -37.92 -31.52
N SER A 265 -2.01 -36.76 -31.58
CA SER A 265 -3.18 -36.60 -32.42
C SER A 265 -2.85 -36.09 -33.82
N ALA A 266 -1.64 -35.57 -34.03
CA ALA A 266 -1.28 -35.07 -35.35
C ALA A 266 -1.30 -36.15 -36.42
N PRO A 267 -0.76 -37.35 -36.20
CA PRO A 267 -0.83 -38.38 -37.26
C PRO A 267 -2.25 -38.69 -37.69
N ASN A 268 -3.23 -38.55 -36.80
CA ASN A 268 -4.61 -38.84 -37.15
C ASN A 268 -5.15 -37.81 -38.14
N PHE A 269 -5.07 -36.53 -37.80
CA PHE A 269 -5.57 -35.46 -38.66
C PHE A 269 -4.46 -34.92 -39.57
N VAL A 270 -3.37 -34.45 -38.99
CA VAL A 270 -2.26 -33.90 -39.76
C VAL A 270 -1.55 -35.02 -40.51
N LEU B 7 19.41 -2.75 -46.51
CA LEU B 7 19.93 -2.38 -45.20
C LEU B 7 18.79 -2.13 -44.22
N TYR B 8 17.64 -1.70 -44.74
CA TYR B 8 16.49 -1.43 -43.89
C TYR B 8 16.02 -2.71 -43.20
N TYR B 9 16.04 -3.83 -43.91
CA TYR B 9 15.65 -5.11 -43.30
C TYR B 9 16.61 -5.48 -42.17
N GLY B 10 17.90 -5.23 -42.36
CA GLY B 10 18.86 -5.52 -41.30
C GLY B 10 18.58 -4.73 -40.04
N LEU B 11 18.30 -3.44 -40.18
CA LEU B 11 17.97 -2.61 -39.02
C LEU B 11 16.66 -3.06 -38.39
N ASN B 12 15.66 -3.40 -39.21
CA ASN B 12 14.38 -3.85 -38.68
C ASN B 12 14.53 -5.15 -37.90
N LEU B 13 15.45 -6.02 -38.31
CA LEU B 13 15.67 -7.27 -37.60
C LEU B 13 16.59 -7.09 -36.39
N LEU B 14 17.44 -6.08 -36.39
CA LEU B 14 18.37 -5.86 -35.29
C LEU B 14 17.78 -5.05 -34.15
N ILE B 15 16.89 -4.10 -34.46
CA ILE B 15 16.32 -3.25 -33.42
C ILE B 15 15.58 -4.07 -32.37
N PRO B 16 14.65 -4.97 -32.72
CA PRO B 16 13.96 -5.73 -31.67
C PRO B 16 14.90 -6.60 -30.85
N CYS B 17 15.94 -7.16 -31.47
CA CYS B 17 16.89 -7.98 -30.73
C CYS B 17 17.52 -7.18 -29.60
N VAL B 18 18.08 -6.01 -29.92
CA VAL B 18 18.70 -5.17 -28.90
C VAL B 18 17.68 -4.68 -27.90
N LEU B 19 16.46 -4.39 -28.37
CA LEU B 19 15.40 -3.94 -27.46
C LEU B 19 15.12 -4.99 -26.40
N ILE B 20 14.93 -6.24 -26.81
CA ILE B 20 14.67 -7.31 -25.85
C ILE B 20 15.89 -7.58 -24.99
N SER B 21 17.09 -7.49 -25.56
CA SER B 21 18.30 -7.71 -24.78
C SER B 21 18.44 -6.67 -23.67
N ALA B 22 18.04 -5.44 -23.96
CA ALA B 22 18.09 -4.39 -22.93
C ALA B 22 16.96 -4.53 -21.93
N LEU B 23 15.76 -4.90 -22.39
CA LEU B 23 14.64 -5.07 -21.49
C LEU B 23 14.86 -6.21 -20.51
N ALA B 24 15.53 -7.28 -20.95
CA ALA B 24 15.83 -8.38 -20.04
C ALA B 24 16.73 -7.92 -18.90
N LEU B 25 17.83 -7.24 -19.24
CA LEU B 25 18.74 -6.73 -18.21
C LEU B 25 18.04 -5.71 -17.32
N LEU B 26 17.13 -4.92 -17.89
CA LEU B 26 16.37 -3.96 -17.09
C LEU B 26 15.52 -4.68 -16.05
N VAL B 27 14.72 -5.66 -16.50
CA VAL B 27 13.87 -6.40 -15.59
C VAL B 27 14.70 -7.14 -14.54
N PHE B 28 15.91 -7.57 -14.91
CA PHE B 28 16.75 -8.29 -13.96
C PHE B 28 17.37 -7.34 -12.93
N LEU B 29 17.70 -6.12 -13.34
CA LEU B 29 18.35 -5.18 -12.44
C LEU B 29 17.38 -4.59 -11.41
N LEU B 30 16.12 -4.37 -11.80
CA LEU B 30 15.16 -3.75 -10.90
C LEU B 30 15.01 -4.59 -9.63
N PRO B 31 14.54 -3.96 -8.53
CA PRO B 31 14.36 -4.72 -7.29
C PRO B 31 13.29 -5.79 -7.41
N ALA B 32 13.11 -6.56 -6.33
CA ALA B 32 12.11 -7.63 -6.32
C ALA B 32 10.77 -7.04 -5.91
N ASP B 33 10.05 -6.50 -6.88
CA ASP B 33 8.72 -5.93 -6.65
C ASP B 33 7.69 -7.02 -6.90
N SER B 34 7.30 -7.71 -5.83
CA SER B 34 6.38 -8.84 -5.95
C SER B 34 5.10 -8.44 -6.68
N GLY B 35 4.68 -7.19 -6.56
CA GLY B 35 3.44 -6.74 -7.18
C GLY B 35 3.59 -6.38 -8.65
N GLU B 36 4.55 -5.51 -8.96
CA GLU B 36 4.69 -4.97 -10.30
C GLU B 36 5.70 -5.75 -11.15
N LYS B 37 6.81 -6.18 -10.55
CA LYS B 37 7.87 -6.84 -11.32
C LYS B 37 7.31 -7.94 -12.21
N ILE B 38 6.48 -8.81 -11.64
CA ILE B 38 5.89 -9.90 -12.42
C ILE B 38 5.26 -9.37 -13.69
N SER B 39 4.39 -8.36 -13.56
CA SER B 39 3.76 -7.77 -14.73
C SER B 39 4.80 -7.32 -15.73
N LEU B 40 5.84 -6.62 -15.26
CA LEU B 40 6.91 -6.20 -16.15
C LEU B 40 7.51 -7.40 -16.87
N GLY B 41 7.78 -8.48 -16.14
CA GLY B 41 8.31 -9.68 -16.76
C GLY B 41 7.46 -10.18 -17.91
N ILE B 42 6.15 -9.95 -17.85
CA ILE B 42 5.27 -10.32 -18.94
C ILE B 42 5.14 -9.20 -19.96
N THR B 43 5.26 -7.94 -19.53
CA THR B 43 5.12 -6.82 -20.46
C THR B 43 6.09 -6.96 -21.62
N VAL B 44 7.35 -7.26 -21.32
CA VAL B 44 8.33 -7.46 -22.39
C VAL B 44 7.86 -8.54 -23.35
N LEU B 45 7.34 -9.64 -22.82
CA LEU B 45 6.84 -10.71 -23.67
C LEU B 45 5.78 -10.20 -24.64
N LEU B 46 4.96 -9.24 -24.21
CA LEU B 46 3.96 -8.67 -25.10
C LEU B 46 4.61 -8.07 -26.34
N SER B 47 5.73 -7.36 -26.16
CA SER B 47 6.44 -6.79 -27.29
C SER B 47 6.81 -7.86 -28.33
N LEU B 48 6.93 -9.12 -27.91
CA LEU B 48 7.22 -10.19 -28.85
C LEU B 48 5.96 -10.65 -29.57
N THR B 49 4.83 -10.74 -28.85
CA THR B 49 3.59 -11.21 -29.46
C THR B 49 3.25 -10.40 -30.70
N VAL B 50 3.16 -9.08 -30.54
CA VAL B 50 2.87 -8.21 -31.68
C VAL B 50 3.93 -8.40 -32.76
N PHE B 51 5.18 -8.61 -32.35
CA PHE B 51 6.25 -8.80 -33.33
C PHE B 51 5.96 -10.01 -34.22
N MET B 52 5.30 -11.04 -33.69
CA MET B 52 4.96 -12.20 -34.51
C MET B 52 4.19 -11.79 -35.74
N LEU B 53 3.41 -10.72 -35.67
CA LEU B 53 2.70 -10.22 -36.85
C LEU B 53 3.64 -9.49 -37.79
N LEU B 54 4.53 -8.64 -37.26
CA LEU B 54 5.42 -7.84 -38.09
C LEU B 54 6.18 -8.73 -39.07
N VAL B 55 6.89 -9.75 -38.55
CA VAL B 55 7.62 -10.66 -39.43
C VAL B 55 6.69 -11.27 -40.46
N ALA B 56 5.48 -11.64 -40.05
CA ALA B 56 4.53 -12.26 -40.98
C ALA B 56 4.23 -11.36 -42.17
N GLU B 57 4.38 -10.05 -42.02
CA GLU B 57 4.15 -9.12 -43.11
C GLU B 57 5.39 -8.91 -43.97
N ILE B 58 6.59 -9.11 -43.41
CA ILE B 58 7.83 -8.90 -44.14
C ILE B 58 8.57 -10.20 -44.44
N MET B 59 8.18 -11.31 -43.81
CA MET B 59 8.84 -12.59 -44.05
C MET B 59 7.81 -13.70 -44.04
N PRO B 60 7.58 -14.38 -45.18
CA PRO B 60 6.63 -15.50 -45.18
C PRO B 60 7.03 -16.56 -44.18
N SER B 61 6.16 -16.75 -43.17
CA SER B 61 6.40 -17.72 -42.10
C SER B 61 5.78 -19.07 -42.39
N THR B 62 5.58 -19.42 -43.66
CA THR B 62 4.99 -20.70 -44.04
C THR B 62 5.77 -21.45 -45.11
N SER B 63 6.62 -20.78 -45.89
CA SER B 63 7.39 -21.44 -46.93
C SER B 63 8.88 -21.13 -46.80
N ASP B 64 9.20 -19.95 -46.28
CA ASP B 64 10.59 -19.53 -46.11
C ASP B 64 11.14 -20.20 -44.86
N SER B 65 11.99 -21.21 -45.06
CA SER B 65 12.62 -21.94 -43.96
C SER B 65 13.99 -21.33 -43.71
N SER B 66 14.11 -20.56 -42.64
CA SER B 66 15.37 -19.89 -42.28
C SER B 66 15.83 -20.39 -40.93
N PRO B 67 16.86 -21.23 -40.86
CA PRO B 67 17.32 -21.70 -39.53
C PRO B 67 17.75 -20.57 -38.61
N SER B 68 18.29 -19.48 -39.15
CA SER B 68 18.71 -18.37 -38.31
C SER B 68 17.54 -17.78 -37.54
N ILE B 69 16.47 -17.43 -38.24
CA ILE B 69 15.30 -16.85 -37.58
C ILE B 69 14.60 -17.90 -36.73
N ALA B 70 14.60 -19.16 -37.17
CA ALA B 70 13.98 -20.23 -36.38
C ALA B 70 14.69 -20.40 -35.05
N GLN B 71 16.01 -20.18 -35.01
CA GLN B 71 16.76 -20.32 -33.78
C GLN B 71 16.71 -19.05 -32.94
N TYR B 72 16.64 -17.88 -33.57
CA TYR B 72 16.58 -16.63 -32.81
C TYR B 72 15.28 -16.55 -32.00
N PHE B 73 14.16 -16.88 -32.63
CA PHE B 73 12.88 -16.87 -31.91
C PHE B 73 12.89 -17.87 -30.76
N ALA B 74 13.45 -19.06 -31.01
CA ALA B 74 13.51 -20.06 -29.94
C ALA B 74 14.37 -19.58 -28.78
N SER B 75 15.51 -18.95 -29.09
CA SER B 75 16.37 -18.43 -28.03
C SER B 75 15.68 -17.33 -27.25
N THR B 76 14.95 -16.44 -27.94
CA THR B 76 14.23 -15.38 -27.24
C THR B 76 13.14 -15.96 -26.35
N MET B 77 12.41 -16.95 -26.84
CA MET B 77 11.36 -17.56 -26.03
C MET B 77 11.96 -18.28 -24.83
N ILE B 78 13.12 -18.92 -24.99
CA ILE B 78 13.77 -19.59 -23.88
C ILE B 78 14.24 -18.55 -22.85
N ILE B 79 14.75 -17.42 -23.33
CA ILE B 79 15.18 -16.36 -22.41
C ILE B 79 13.99 -15.83 -21.62
N VAL B 80 12.85 -15.67 -22.29
CA VAL B 80 11.66 -15.18 -21.59
C VAL B 80 11.17 -16.21 -20.58
N GLY B 81 11.19 -17.49 -20.95
CA GLY B 81 10.79 -18.54 -20.03
C GLY B 81 11.70 -18.66 -18.84
N LEU B 82 12.99 -18.35 -19.02
CA LEU B 82 13.93 -18.35 -17.91
C LEU B 82 13.75 -17.11 -17.05
N SER B 83 13.42 -15.97 -17.64
CA SER B 83 13.20 -14.75 -16.86
C SER B 83 11.95 -14.88 -16.00
N VAL B 84 10.86 -15.43 -16.55
CA VAL B 84 9.63 -15.58 -15.78
C VAL B 84 9.84 -16.55 -14.62
N VAL B 85 10.76 -17.50 -14.78
CA VAL B 85 11.05 -18.44 -13.70
C VAL B 85 11.99 -17.81 -12.68
N VAL B 86 12.94 -17.00 -13.13
CA VAL B 86 13.81 -16.28 -12.20
C VAL B 86 12.98 -15.34 -11.34
N THR B 87 11.94 -14.73 -11.92
CA THR B 87 11.05 -13.88 -11.14
C THR B 87 10.35 -14.67 -10.04
N VAL B 88 9.86 -15.86 -10.37
CA VAL B 88 9.19 -16.70 -9.37
C VAL B 88 10.18 -17.12 -8.29
N ILE B 89 11.41 -17.44 -8.68
CA ILE B 89 12.43 -17.82 -7.71
C ILE B 89 12.74 -16.67 -6.78
N VAL B 90 12.84 -15.45 -7.33
CA VAL B 90 13.12 -14.28 -6.52
C VAL B 90 11.97 -14.00 -5.56
N LEU B 91 10.73 -14.20 -6.01
CA LEU B 91 9.59 -14.00 -5.14
C LEU B 91 9.53 -15.06 -4.05
N GLN B 92 9.93 -16.29 -4.35
CA GLN B 92 10.00 -17.33 -3.33
C GLN B 92 11.09 -17.00 -2.31
N TYR B 93 12.22 -16.46 -2.76
CA TYR B 93 13.28 -16.03 -1.86
C TYR B 93 12.87 -14.83 -1.02
N HIS B 94 11.73 -14.19 -1.32
CA HIS B 94 11.26 -13.04 -0.57
C HIS B 94 10.03 -13.32 0.27
N HIS B 95 9.27 -14.38 -0.05
CA HIS B 95 8.06 -14.71 0.69
C HIS B 95 8.31 -15.74 1.79
N HIS B 96 9.06 -16.80 1.49
CA HIS B 96 9.39 -17.83 2.47
C HIS B 96 8.10 -18.45 3.04
N ASP B 97 7.36 -19.11 2.16
CA ASP B 97 6.10 -19.73 2.57
C ASP B 97 6.33 -20.60 3.80
N PRO B 98 5.37 -20.65 4.74
CA PRO B 98 5.60 -21.47 5.95
C PRO B 98 5.77 -22.95 5.65
N ASP B 99 4.85 -23.53 4.88
CA ASP B 99 4.86 -24.97 4.59
C ASP B 99 5.47 -25.28 3.24
N GLY B 100 6.49 -24.52 2.83
CA GLY B 100 7.13 -24.78 1.55
C GLY B 100 8.07 -23.64 1.20
N GLY B 101 8.42 -23.58 -0.09
CA GLY B 101 9.31 -22.55 -0.58
C GLY B 101 10.74 -23.03 -0.73
N LYS B 102 11.63 -22.49 0.12
CA LYS B 102 13.04 -22.85 0.06
C LYS B 102 13.57 -23.18 1.46
N MET B 103 14.88 -23.35 1.59
CA MET B 103 15.50 -23.65 2.86
C MET B 103 16.02 -22.35 3.48
N PRO B 104 15.39 -21.82 4.53
CA PRO B 104 15.84 -20.53 5.06
C PRO B 104 17.31 -20.53 5.51
N LYS B 105 17.68 -21.47 6.37
CA LYS B 105 19.03 -21.47 6.93
C LYS B 105 20.08 -21.72 5.86
N TRP B 106 19.86 -22.75 5.02
CA TRP B 106 20.85 -23.09 4.00
C TRP B 106 21.04 -21.95 3.01
N THR B 107 19.94 -21.31 2.60
CA THR B 107 20.06 -20.20 1.65
C THR B 107 20.69 -18.98 2.30
N ARG B 108 20.35 -18.70 3.57
CA ARG B 108 20.90 -17.55 4.25
C ARG B 108 22.40 -17.70 4.50
N VAL B 109 22.86 -18.92 4.75
CA VAL B 109 24.28 -19.14 4.97
C VAL B 109 25.09 -18.64 3.79
N ILE B 110 24.59 -18.85 2.57
CA ILE B 110 25.31 -18.40 1.37
C ILE B 110 24.97 -16.95 1.05
N LEU B 111 23.75 -16.50 1.37
CA LEU B 111 23.40 -15.11 1.10
C LEU B 111 24.22 -14.15 1.95
N LEU B 112 24.57 -14.55 3.18
CA LEU B 112 25.42 -13.71 4.01
C LEU B 112 26.78 -13.51 3.36
N ASN B 113 27.38 -14.58 2.85
CA ASN B 113 28.67 -14.47 2.18
C ASN B 113 28.54 -13.65 0.90
N TRP B 114 27.44 -13.82 0.16
CA TRP B 114 27.23 -13.01 -1.04
C TRP B 114 27.15 -11.53 -0.71
N CYS B 115 26.41 -11.18 0.35
CA CYS B 115 26.30 -9.78 0.74
C CYS B 115 27.63 -9.23 1.23
N ALA B 116 28.40 -10.06 1.93
CA ALA B 116 29.71 -9.61 2.41
C ALA B 116 30.69 -9.41 1.26
N TRP B 117 30.57 -10.22 0.20
CA TRP B 117 31.46 -10.08 -0.95
C TRP B 117 31.02 -8.95 -1.88
N PHE B 118 29.73 -8.63 -1.91
CA PHE B 118 29.27 -7.53 -2.75
C PHE B 118 29.71 -6.18 -2.20
N LEU B 119 29.49 -5.94 -0.91
CA LEU B 119 29.91 -4.69 -0.29
C LEU B 119 31.42 -4.51 -0.43
N ARG B 120 32.19 -5.53 -0.06
CA ARG B 120 33.64 -5.54 -0.20
C ARG B 120 33.99 -6.57 -1.26
N MET B 121 34.32 -6.11 -2.47
CA MET B 121 34.63 -7.01 -3.57
C MET B 121 35.78 -7.94 -3.18
N LYS B 122 35.52 -9.24 -3.20
CA LYS B 122 36.52 -10.24 -2.85
C LYS B 122 37.48 -10.40 -4.02
N ARG B 123 38.43 -9.49 -4.09
CA ARG B 123 39.44 -9.50 -5.15
C ARG B 123 40.68 -8.78 -4.62
N PRO B 124 41.84 -8.98 -5.27
CA PRO B 124 43.05 -8.30 -4.79
C PRO B 124 42.94 -6.79 -4.78
N GLY B 125 42.12 -6.21 -5.67
CA GLY B 125 42.02 -4.76 -5.72
C GLY B 125 41.55 -4.16 -4.41
N GLU B 126 40.63 -4.83 -3.72
CA GLU B 126 40.08 -4.33 -2.47
C GLU B 126 40.71 -4.99 -1.25
N ASP B 127 41.81 -5.73 -1.43
CA ASP B 127 42.48 -6.40 -0.32
C ASP B 127 43.94 -5.99 -0.18
N LYS B 128 44.66 -5.82 -1.28
CA LYS B 128 46.06 -5.45 -1.24
C LYS B 128 46.28 -3.94 -1.34
N VAL B 129 45.52 -3.27 -2.22
CA VAL B 129 45.67 -1.82 -2.42
C VAL B 129 44.74 -1.17 -1.40
N ARG B 130 45.25 -0.96 -0.19
CA ARG B 130 44.50 -0.33 0.88
C ARG B 130 45.43 0.01 2.03
N PRO B 131 45.11 1.03 2.84
CA PRO B 131 45.98 1.39 3.97
C PRO B 131 46.03 0.27 5.00
N ALA B 132 47.23 -0.24 5.25
CA ALA B 132 47.41 -1.32 6.21
C ALA B 132 48.83 -1.26 6.75
N CYS B 133 49.01 -1.80 7.95
CA CYS B 133 50.31 -1.84 8.62
C CYS B 133 50.45 -3.17 9.33
N GLN B 134 51.63 -3.39 9.90
CA GLN B 134 51.93 -4.62 10.62
C GLN B 134 51.85 -4.45 12.13
N HIS B 135 51.26 -3.34 12.60
CA HIS B 135 51.14 -3.10 14.03
C HIS B 135 49.89 -3.81 14.56
N LYS B 136 49.53 -3.51 15.81
CA LYS B 136 48.36 -4.15 16.41
C LYS B 136 47.07 -3.76 15.71
N GLN B 137 47.08 -2.70 14.90
CA GLN B 137 45.87 -2.29 14.20
C GLN B 137 45.36 -3.38 13.26
N ARG B 138 46.26 -4.25 12.77
CA ARG B 138 45.89 -5.32 11.85
C ARG B 138 46.12 -6.70 12.45
N ARG B 139 46.42 -6.79 13.74
CA ARG B 139 46.64 -8.08 14.39
C ARG B 139 45.32 -8.67 14.87
N CYS B 140 45.37 -9.94 15.27
CA CYS B 140 44.20 -10.66 15.75
C CYS B 140 44.42 -11.09 17.19
N SER B 141 43.32 -11.32 17.90
CA SER B 141 43.34 -11.75 19.29
C SER B 141 42.27 -12.80 19.49
N LEU B 142 42.17 -13.30 20.73
CA LEU B 142 41.17 -14.32 21.03
C LEU B 142 39.76 -13.81 20.77
N ALA B 143 39.52 -12.52 20.96
CA ALA B 143 38.19 -11.97 20.74
C ALA B 143 37.79 -12.06 19.26
N SER B 144 38.76 -12.00 18.35
CA SER B 144 38.47 -12.07 16.93
C SER B 144 38.38 -13.49 16.41
N VAL B 145 39.14 -14.41 17.00
CA VAL B 145 39.13 -15.81 16.56
C VAL B 145 37.81 -16.43 17.01
N GLU B 146 36.90 -16.67 16.06
CA GLU B 146 35.60 -17.26 16.33
C GLU B 146 35.53 -18.72 15.90
N MET B 147 36.63 -19.46 16.02
CA MET B 147 36.64 -20.86 15.62
C MET B 147 35.75 -21.71 16.53
N SER B 148 35.51 -21.26 17.76
CA SER B 148 34.67 -21.96 18.72
C SER B 148 33.45 -21.14 19.08
N ALA B 149 32.90 -20.41 18.10
CA ALA B 149 31.72 -19.58 18.31
C ALA B 149 31.97 -18.56 19.41
N VAL B 150 33.04 -17.79 19.26
CA VAL B 150 33.39 -16.77 20.24
C VAL B 150 32.58 -15.52 19.99
N ALA B 151 32.23 -14.82 21.07
CA ALA B 151 31.45 -13.59 20.97
C ALA B 151 32.23 -12.55 20.16
N PRO B 152 31.67 -12.01 19.08
CA PRO B 152 32.40 -10.99 18.30
C PRO B 152 32.75 -9.80 19.17
N PRO B 153 33.70 -8.97 18.75
CA PRO B 153 34.07 -7.81 19.56
C PRO B 153 32.90 -6.88 19.73
N PRO B 154 32.85 -6.13 20.83
CA PRO B 154 31.74 -5.18 21.01
C PRO B 154 31.74 -4.12 19.90
N ALA B 155 30.67 -4.11 19.12
CA ALA B 155 30.52 -3.17 18.02
C ALA B 155 29.07 -2.73 17.92
N SER B 156 28.87 -1.53 17.37
CA SER B 156 27.54 -0.97 17.19
C SER B 156 26.90 -1.38 15.87
N ASN B 157 27.55 -2.23 15.08
CA ASN B 157 27.02 -2.68 13.81
C ASN B 157 26.18 -3.94 13.93
N GLY B 158 25.61 -4.20 15.10
CA GLY B 158 24.80 -5.36 15.33
C GLY B 158 25.40 -6.43 16.22
N ASN B 159 26.44 -6.10 16.99
CA ASN B 159 27.09 -7.05 17.88
C ASN B 159 26.90 -6.70 19.35
N LEU B 160 27.24 -5.47 19.75
CA LEU B 160 27.10 -5.08 21.15
C LEU B 160 25.63 -5.13 21.57
N LEU B 161 24.77 -4.38 20.87
CA LEU B 161 23.36 -4.37 21.22
C LEU B 161 22.74 -5.76 21.09
N TYR B 162 23.22 -6.55 20.12
CA TYR B 162 22.71 -7.92 19.97
C TYR B 162 23.02 -8.75 21.22
N ILE B 163 24.30 -8.84 21.58
CA ILE B 163 24.69 -9.61 22.76
C ILE B 163 24.01 -9.06 24.02
N GLY B 164 23.70 -7.76 24.03
CA GLY B 164 23.05 -7.17 25.19
C GLY B 164 21.59 -7.57 25.32
N PHE B 165 20.80 -7.30 24.28
CA PHE B 165 19.37 -7.57 24.34
C PHE B 165 19.06 -9.04 24.11
N ARG B 166 19.44 -9.57 22.94
CA ARG B 166 19.10 -10.94 22.58
C ARG B 166 19.86 -11.98 23.39
N GLY B 167 20.72 -11.57 24.33
CA GLY B 167 21.45 -12.52 25.14
C GLY B 167 20.62 -13.05 26.29
N LEU B 168 19.48 -13.65 25.97
CA LEU B 168 18.61 -14.19 27.01
C LEU B 168 19.33 -15.28 27.79
N ASP B 169 19.13 -15.28 29.11
CA ASP B 169 19.76 -16.24 30.01
C ASP B 169 21.28 -16.17 29.98
N GLY B 170 21.83 -15.07 29.47
CA GLY B 170 23.27 -14.89 29.39
C GLY B 170 23.83 -14.16 30.59
N VAL B 171 25.10 -13.76 30.45
CA VAL B 171 25.75 -13.04 31.54
C VAL B 171 25.14 -11.66 31.73
N HIS B 172 24.52 -11.11 30.68
CA HIS B 172 23.92 -9.79 30.80
C HIS B 172 22.61 -9.84 31.58
N CYS B 173 21.77 -10.84 31.29
CA CYS B 173 20.50 -10.96 32.00
C CYS B 173 20.67 -11.68 33.34
N VAL B 174 21.55 -12.67 33.40
CA VAL B 174 21.80 -13.42 34.63
C VAL B 174 23.31 -13.50 34.85
N PRO B 175 23.94 -12.46 35.40
CA PRO B 175 25.40 -12.51 35.61
C PRO B 175 25.80 -13.61 36.57
N THR B 176 26.52 -14.61 36.07
CA THR B 176 26.98 -15.71 36.90
C THR B 176 28.19 -15.31 37.75
N PRO B 177 29.13 -14.53 37.22
CA PRO B 177 30.30 -14.15 38.05
C PRO B 177 29.87 -13.39 39.29
N ASP B 178 30.46 -13.77 40.42
CA ASP B 178 30.17 -13.15 41.71
C ASP B 178 30.91 -11.83 41.79
N SER B 179 30.24 -10.75 41.39
CA SER B 179 30.85 -9.43 41.43
C SER B 179 30.78 -8.81 42.81
N GLY B 180 29.74 -9.12 43.59
CA GLY B 180 29.59 -8.59 44.91
C GLY B 180 29.06 -7.16 44.98
N VAL B 181 28.58 -6.61 43.87
CA VAL B 181 28.07 -5.24 43.87
C VAL B 181 26.88 -5.13 44.82
N VAL B 182 26.11 -6.21 44.98
CA VAL B 182 24.97 -6.18 45.89
C VAL B 182 25.39 -6.24 47.35
N CYS B 183 26.64 -6.60 47.63
CA CYS B 183 27.13 -6.68 49.00
C CYS B 183 28.48 -6.02 49.22
N GLY B 184 29.13 -5.53 48.16
CA GLY B 184 30.44 -4.91 48.30
C GLY B 184 30.44 -3.43 47.95
N ARG B 185 29.55 -3.03 47.05
CA ARG B 185 29.46 -1.65 46.60
C ARG B 185 28.08 -1.09 46.92
N MET B 186 28.01 0.23 47.09
CA MET B 186 26.76 0.92 47.40
C MET B 186 26.31 1.81 46.25
N ALA B 187 26.79 1.54 45.03
CA ALA B 187 26.41 2.33 43.86
C ALA B 187 25.02 1.91 43.43
N CYS B 188 24.01 2.62 43.95
CA CYS B 188 22.61 2.33 43.64
C CYS B 188 22.24 0.90 44.01
N SER B 189 22.89 0.34 45.03
CA SER B 189 22.64 -1.03 45.46
C SER B 189 23.03 -1.19 46.93
N PRO B 190 22.10 -1.00 47.86
CA PRO B 190 22.44 -1.17 49.28
C PRO B 190 23.03 -2.54 49.56
N THR B 191 23.94 -2.58 50.54
CA THR B 191 24.61 -3.82 50.91
C THR B 191 23.65 -4.67 51.74
N HIS B 192 22.78 -5.40 51.03
CA HIS B 192 21.79 -6.28 51.64
C HIS B 192 21.15 -5.65 52.87
N ASP B 193 20.83 -4.35 52.78
CA ASP B 193 20.21 -3.63 53.90
C ASP B 193 18.73 -3.96 53.91
N GLU B 194 18.35 -4.95 54.72
CA GLU B 194 16.95 -5.35 54.81
C GLU B 194 16.12 -4.35 55.60
N HIS B 195 16.75 -3.56 56.48
CA HIS B 195 16.04 -2.57 57.28
C HIS B 195 16.02 -1.19 56.63
N LEU B 196 16.19 -1.13 55.31
CA LEU B 196 16.19 0.14 54.59
C LEU B 196 14.76 0.49 54.25
N LEU B 197 14.16 1.36 55.05
CA LEU B 197 12.78 1.80 54.84
C LEU B 197 12.77 3.12 54.08
N HIS B 198 11.84 3.24 53.13
CA HIS B 198 11.70 4.45 52.32
C HIS B 198 11.01 5.53 53.14
N GLY B 199 11.76 6.06 54.11
CA GLY B 199 11.25 7.10 54.97
C GLY B 199 9.99 6.71 55.71
N GLY B 200 9.88 5.44 56.10
CA GLY B 200 8.73 4.93 56.83
C GLY B 200 8.08 3.73 56.17
N GLN B 201 8.07 3.68 54.84
CA GLN B 201 7.49 2.57 54.11
C GLN B 201 8.58 1.72 53.45
N PRO B 202 8.32 0.44 53.22
CA PRO B 202 9.33 -0.40 52.55
C PRO B 202 9.49 0.02 51.10
N PRO B 203 10.48 -0.54 50.39
CA PRO B 203 10.63 -0.23 48.96
C PRO B 203 9.38 -0.60 48.18
N GLU B 204 9.35 -0.13 46.93
CA GLU B 204 8.21 -0.37 46.04
C GLU B 204 6.92 0.16 46.68
N GLY B 205 6.87 1.48 46.85
CA GLY B 205 5.74 2.11 47.50
C GLY B 205 4.39 1.61 47.03
N ASP B 206 4.28 1.26 45.75
CA ASP B 206 3.03 0.77 45.20
C ASP B 206 3.30 -0.36 44.19
N PRO B 207 2.96 -1.60 44.51
CA PRO B 207 3.16 -2.68 43.53
C PRO B 207 2.47 -2.44 42.20
N ASP B 208 1.42 -1.61 42.18
CA ASP B 208 0.75 -1.30 40.92
C ASP B 208 1.70 -0.60 39.94
N LEU B 209 2.63 0.20 40.47
CA LEU B 209 3.60 0.85 39.60
C LEU B 209 4.52 -0.19 38.93
N ALA B 210 4.87 -1.25 39.66
CA ALA B 210 5.65 -2.33 39.05
C ALA B 210 4.88 -3.00 37.93
N LYS B 211 3.58 -3.21 38.14
CA LYS B 211 2.76 -3.82 37.08
C LYS B 211 2.66 -2.88 35.88
N ILE B 212 2.56 -1.58 36.11
CA ILE B 212 2.53 -0.63 35.01
C ILE B 212 3.85 -0.65 34.25
N LEU B 213 4.97 -0.72 34.97
CA LEU B 213 6.27 -0.81 34.32
C LEU B 213 6.38 -2.09 33.49
N GLU B 214 5.88 -3.20 34.02
CA GLU B 214 5.90 -4.46 33.27
C GLU B 214 5.03 -4.37 32.03
N GLU B 215 3.88 -3.74 32.14
CA GLU B 215 3.00 -3.60 30.98
C GLU B 215 3.60 -2.68 29.92
N VAL B 216 4.35 -1.66 30.34
CA VAL B 216 5.02 -0.79 29.38
C VAL B 216 6.19 -1.52 28.74
N ARG B 217 6.88 -2.38 29.51
CA ARG B 217 7.92 -3.21 28.92
C ARG B 217 7.33 -4.20 27.93
N TYR B 218 6.08 -4.63 28.16
CA TYR B 218 5.41 -5.48 27.17
C TYR B 218 5.19 -4.73 25.86
N ILE B 219 4.81 -3.45 25.94
CA ILE B 219 4.65 -2.65 24.72
C ILE B 219 6.00 -2.44 24.05
N ALA B 220 7.06 -2.24 24.85
CA ALA B 220 8.40 -2.12 24.28
C ALA B 220 8.80 -3.40 23.55
N ASN B 221 8.45 -4.56 24.12
CA ASN B 221 8.75 -5.84 23.48
C ASN B 221 7.91 -6.02 22.22
N ARG B 222 6.67 -5.53 22.21
CA ARG B 222 5.87 -5.57 20.99
C ARG B 222 6.50 -4.72 19.90
N PHE B 223 6.99 -3.53 20.26
CA PHE B 223 7.69 -2.70 19.28
C PHE B 223 8.96 -3.38 18.79
N ARG B 224 9.68 -4.06 19.69
CA ARG B 224 10.87 -4.78 19.29
C ARG B 224 10.54 -5.93 18.34
N CYS B 225 9.41 -6.61 18.57
CA CYS B 225 8.99 -7.67 17.67
C CYS B 225 8.60 -7.12 16.31
N GLN B 226 7.94 -5.96 16.29
CA GLN B 226 7.64 -5.30 15.03
C GLN B 226 8.92 -4.94 14.28
N ASP B 227 9.92 -4.41 15.00
CA ASP B 227 11.19 -4.08 14.38
C ASP B 227 11.89 -5.33 13.86
N GLU B 228 11.78 -6.44 14.59
CA GLU B 228 12.37 -7.70 14.14
C GLU B 228 11.69 -8.21 12.88
N SER B 229 10.36 -8.09 12.80
CA SER B 229 9.65 -8.47 11.59
C SER B 229 10.06 -7.59 10.41
N GLU B 230 10.21 -6.28 10.66
CA GLU B 230 10.67 -5.39 9.60
C GLU B 230 12.07 -5.76 9.14
N ALA B 231 12.94 -6.13 10.08
CA ALA B 231 14.31 -6.52 9.72
C ALA B 231 14.31 -7.82 8.94
N VAL B 232 13.43 -8.76 9.29
CA VAL B 232 13.32 -10.01 8.54
C VAL B 232 12.85 -9.71 7.11
N CYS B 233 11.87 -8.82 6.97
CA CYS B 233 11.41 -8.44 5.63
C CYS B 233 12.54 -7.77 4.83
N SER B 234 13.32 -6.92 5.50
CA SER B 234 14.43 -6.26 4.81
C SER B 234 15.49 -7.28 4.39
N GLU B 235 15.76 -8.27 5.24
CA GLU B 235 16.72 -9.31 4.88
C GLU B 235 16.21 -10.14 3.71
N TRP B 236 14.91 -10.44 3.70
CA TRP B 236 14.34 -11.15 2.56
C TRP B 236 14.46 -10.34 1.28
N LYS B 237 14.20 -9.03 1.35
CA LYS B 237 14.33 -8.18 0.18
C LYS B 237 15.79 -8.11 -0.29
N PHE B 238 16.73 -8.07 0.65
CA PHE B 238 18.15 -8.04 0.28
C PHE B 238 18.56 -9.35 -0.37
N ALA B 239 18.07 -10.48 0.15
CA ALA B 239 18.36 -11.76 -0.47
C ALA B 239 17.78 -11.83 -1.88
N ALA B 240 16.56 -11.29 -2.06
CA ALA B 240 15.95 -11.26 -3.38
C ALA B 240 16.78 -10.42 -4.35
N CYS B 241 17.23 -9.25 -3.90
CA CYS B 241 18.06 -8.40 -4.73
C CYS B 241 19.40 -9.06 -5.05
N VAL B 242 19.93 -9.84 -4.11
CA VAL B 242 21.19 -10.55 -4.35
C VAL B 242 21.02 -11.55 -5.49
N VAL B 243 19.93 -12.33 -5.45
CA VAL B 243 19.67 -13.28 -6.52
C VAL B 243 19.44 -12.55 -7.84
N ASP B 244 18.73 -11.43 -7.80
CA ASP B 244 18.50 -10.65 -9.01
C ASP B 244 19.82 -10.20 -9.63
N ARG B 245 20.72 -9.65 -8.81
CA ARG B 245 21.99 -9.16 -9.32
C ARG B 245 22.86 -10.31 -9.81
N LEU B 246 22.83 -11.45 -9.12
CA LEU B 246 23.60 -12.62 -9.57
C LEU B 246 23.10 -13.10 -10.93
N CYS B 247 21.78 -13.19 -11.09
CA CYS B 247 21.22 -13.61 -12.37
C CYS B 247 21.56 -12.61 -13.47
N LEU B 248 21.50 -11.32 -13.15
CA LEU B 248 21.86 -10.29 -14.14
C LEU B 248 23.32 -10.46 -14.58
N MET B 249 24.22 -10.61 -13.62
CA MET B 249 25.63 -10.76 -13.96
C MET B 249 25.90 -12.04 -14.72
N ALA B 250 25.15 -13.11 -14.43
CA ALA B 250 25.37 -14.37 -15.12
C ALA B 250 24.82 -14.34 -16.54
N PHE B 251 23.70 -13.63 -16.75
CA PHE B 251 23.06 -13.58 -18.05
C PHE B 251 23.57 -12.45 -18.93
N SER B 252 24.33 -11.50 -18.39
CA SER B 252 24.89 -10.45 -19.23
C SER B 252 25.78 -11.02 -20.32
N VAL B 253 26.74 -11.86 -19.93
CA VAL B 253 27.65 -12.45 -20.91
C VAL B 253 26.90 -13.37 -21.86
N PHE B 254 25.88 -14.07 -21.34
CA PHE B 254 25.08 -14.95 -22.19
C PHE B 254 24.37 -14.16 -23.28
N THR B 255 23.73 -13.06 -22.91
CA THR B 255 23.04 -12.21 -23.89
C THR B 255 24.03 -11.58 -24.85
N ILE B 256 25.21 -11.18 -24.36
CA ILE B 256 26.23 -10.61 -25.25
C ILE B 256 26.65 -11.63 -26.29
N ILE B 257 26.89 -12.88 -25.87
CA ILE B 257 27.29 -13.92 -26.80
C ILE B 257 26.17 -14.21 -27.79
N CYS B 258 24.92 -14.25 -27.30
CA CYS B 258 23.80 -14.50 -28.19
C CYS B 258 23.67 -13.41 -29.24
N THR B 259 23.89 -12.16 -28.85
CA THR B 259 23.80 -11.06 -29.80
C THR B 259 24.96 -11.11 -30.79
N ILE B 260 26.16 -11.43 -30.32
CA ILE B 260 27.31 -11.51 -31.23
C ILE B 260 27.17 -12.67 -32.19
N GLY B 261 26.45 -13.73 -31.79
CA GLY B 261 26.26 -14.87 -32.67
C GLY B 261 25.50 -14.51 -33.93
N ILE B 262 24.53 -13.60 -33.82
CA ILE B 262 23.75 -13.20 -34.98
C ILE B 262 24.66 -12.59 -36.04
N LEU B 263 25.69 -11.86 -35.61
CA LEU B 263 26.65 -11.28 -36.56
C LEU B 263 27.67 -12.31 -37.02
N MET B 264 28.06 -13.22 -36.12
CA MET B 264 29.04 -14.24 -36.47
C MET B 264 28.41 -15.41 -37.23
N SER B 265 27.12 -15.67 -37.01
CA SER B 265 26.43 -16.77 -37.68
C SER B 265 25.78 -16.36 -38.98
N ALA B 266 25.64 -15.06 -39.25
CA ALA B 266 25.02 -14.63 -40.49
C ALA B 266 25.80 -15.07 -41.73
N PRO B 267 27.13 -14.94 -41.78
CA PRO B 267 27.85 -15.40 -42.98
C PRO B 267 27.61 -16.86 -43.29
N ASN B 268 27.35 -17.69 -42.29
CA ASN B 268 27.12 -19.11 -42.52
C ASN B 268 25.79 -19.33 -43.25
N PHE B 269 24.71 -18.81 -42.69
CA PHE B 269 23.38 -18.97 -43.29
C PHE B 269 23.04 -17.81 -44.22
N VAL B 270 23.06 -16.59 -43.70
CA VAL B 270 22.74 -15.41 -44.48
C VAL B 270 23.85 -15.14 -45.50
N LEU C 7 -0.69 14.90 -48.24
CA LEU C 7 -0.60 15.58 -46.96
C LEU C 7 -1.00 14.64 -45.82
N TYR C 8 -1.85 13.66 -46.14
CA TYR C 8 -2.28 12.71 -45.12
C TYR C 8 -1.10 11.90 -44.60
N TYR C 9 -0.19 11.51 -45.49
CA TYR C 9 1.00 10.77 -45.07
C TYR C 9 1.86 11.61 -44.14
N GLY C 10 1.99 12.90 -44.42
CA GLY C 10 2.77 13.77 -43.55
C GLY C 10 2.20 13.83 -42.14
N LEU C 11 0.87 13.99 -42.03
CA LEU C 11 0.24 14.01 -40.73
C LEU C 11 0.37 12.66 -40.03
N ASN C 12 0.22 11.57 -40.78
CA ASN C 12 0.34 10.24 -40.18
C ASN C 12 1.76 10.00 -39.66
N LEU C 13 2.77 10.56 -40.32
CA LEU C 13 4.15 10.41 -39.85
C LEU C 13 4.50 11.40 -38.75
N LEU C 14 3.82 12.54 -38.68
CA LEU C 14 4.13 13.54 -37.68
C LEU C 14 3.41 13.30 -36.36
N ILE C 15 2.20 12.75 -36.39
CA ILE C 15 1.44 12.55 -35.16
C ILE C 15 2.18 11.63 -34.18
N PRO C 16 2.65 10.45 -34.58
CA PRO C 16 3.35 9.59 -33.61
C PRO C 16 4.62 10.24 -33.06
N CYS C 17 5.34 11.01 -33.88
CA CYS C 17 6.54 11.67 -33.40
C CYS C 17 6.22 12.58 -32.23
N VAL C 18 5.24 13.48 -32.40
CA VAL C 18 4.87 14.40 -31.33
C VAL C 18 4.29 13.65 -30.15
N LEU C 19 3.54 12.58 -30.42
CA LEU C 19 2.98 11.78 -29.35
C LEU C 19 4.07 11.21 -28.45
N ILE C 20 5.09 10.60 -29.04
CA ILE C 20 6.19 10.04 -28.26
C ILE C 20 6.99 11.15 -27.59
N SER C 21 7.18 12.27 -28.29
CA SER C 21 7.93 13.38 -27.70
C SER C 21 7.23 13.90 -26.45
N ALA C 22 5.90 13.96 -26.47
CA ALA C 22 5.15 14.41 -25.30
C ALA C 22 5.13 13.34 -24.21
N LEU C 23 5.00 12.08 -24.59
CA LEU C 23 4.97 11.01 -23.59
C LEU C 23 6.29 10.90 -22.86
N ALA C 24 7.41 11.14 -23.55
CA ALA C 24 8.71 11.11 -22.89
C ALA C 24 8.80 12.18 -21.81
N LEU C 25 8.45 13.42 -22.16
CA LEU C 25 8.48 14.49 -21.18
C LEU C 25 7.50 14.23 -20.04
N LEU C 26 6.34 13.62 -20.34
CA LEU C 26 5.39 13.29 -19.30
C LEU C 26 5.98 12.29 -18.32
N VAL C 27 6.55 11.20 -18.83
CA VAL C 27 7.16 10.19 -17.96
C VAL C 27 8.30 10.78 -17.17
N PHE C 28 9.04 11.74 -17.75
CA PHE C 28 10.15 12.35 -17.04
C PHE C 28 9.68 13.29 -15.95
N LEU C 29 8.56 13.98 -16.16
CA LEU C 29 8.07 14.96 -15.19
C LEU C 29 7.43 14.29 -13.99
N LEU C 30 6.75 13.15 -14.19
CA LEU C 30 6.06 12.51 -13.09
C LEU C 30 7.03 12.16 -11.97
N PRO C 31 6.52 11.99 -10.73
CA PRO C 31 7.42 11.63 -9.62
C PRO C 31 8.05 10.27 -9.79
N ALA C 32 8.92 9.90 -8.85
CA ALA C 32 9.62 8.61 -8.90
C ALA C 32 8.73 7.56 -8.24
N ASP C 33 7.81 7.00 -9.03
CA ASP C 33 6.92 5.95 -8.54
C ASP C 33 7.56 4.61 -8.85
N SER C 34 8.30 4.07 -7.88
CA SER C 34 9.03 2.83 -8.09
C SER C 34 8.12 1.71 -8.59
N GLY C 35 6.85 1.72 -8.21
CA GLY C 35 5.93 0.68 -8.59
C GLY C 35 5.34 0.86 -9.98
N GLU C 36 4.77 2.03 -10.25
CA GLU C 36 4.04 2.26 -11.49
C GLU C 36 4.90 2.91 -12.56
N LYS C 37 5.76 3.86 -12.18
CA LYS C 37 6.56 4.60 -13.16
C LYS C 37 7.22 3.65 -14.16
N ILE C 38 7.89 2.60 -13.65
CA ILE C 38 8.55 1.65 -14.53
C ILE C 38 7.61 1.17 -15.62
N SER C 39 6.43 0.68 -15.22
CA SER C 39 5.45 0.22 -16.19
C SER C 39 5.16 1.30 -17.22
N LEU C 40 4.93 2.53 -16.75
CA LEU C 40 4.70 3.64 -17.68
C LEU C 40 5.86 3.77 -18.66
N GLY C 41 7.10 3.71 -18.15
CA GLY C 41 8.24 3.79 -19.04
C GLY C 41 8.21 2.76 -20.15
N ILE C 42 7.60 1.60 -19.89
CA ILE C 42 7.45 0.59 -20.92
C ILE C 42 6.17 0.78 -21.72
N THR C 43 5.12 1.32 -21.10
CA THR C 43 3.85 1.51 -21.80
C THR C 43 4.05 2.32 -23.08
N VAL C 44 4.79 3.42 -22.98
CA VAL C 44 5.06 4.22 -24.18
C VAL C 44 5.73 3.37 -25.24
N LEU C 45 6.70 2.54 -24.84
CA LEU C 45 7.36 1.68 -25.81
C LEU C 45 6.37 0.79 -26.54
N LEU C 46 5.31 0.36 -25.86
CA LEU C 46 4.29 -0.45 -26.52
C LEU C 46 3.69 0.30 -27.71
N SER C 47 3.42 1.60 -27.54
CA SER C 47 2.89 2.40 -28.63
C SER C 47 3.78 2.34 -29.87
N LEU C 48 5.07 2.06 -29.68
CA LEU C 48 5.97 1.93 -30.83
C LEU C 48 5.86 0.55 -31.47
N THR C 49 5.73 -0.49 -30.65
CA THR C 49 5.66 -1.85 -31.18
C THR C 49 4.54 -1.97 -32.22
N VAL C 50 3.32 -1.61 -31.82
CA VAL C 50 2.20 -1.65 -32.75
C VAL C 50 2.49 -0.79 -33.97
N PHE C 51 3.17 0.35 -33.75
CA PHE C 51 3.48 1.24 -34.87
C PHE C 51 4.32 0.52 -35.92
N MET C 52 5.18 -0.41 -35.50
CA MET C 52 5.99 -1.16 -36.45
C MET C 52 5.12 -1.83 -37.52
N LEU C 53 3.88 -2.20 -37.16
CA LEU C 53 2.97 -2.77 -38.14
C LEU C 53 2.39 -1.69 -39.05
N LEU C 54 1.99 -0.54 -38.48
CA LEU C 54 1.37 0.50 -39.27
C LEU C 54 2.23 0.87 -40.47
N VAL C 55 3.50 1.23 -40.23
CA VAL C 55 4.40 1.57 -41.32
C VAL C 55 4.47 0.43 -42.33
N ALA C 56 4.53 -0.82 -41.84
CA ALA C 56 4.61 -1.96 -42.73
C ALA C 56 3.45 -2.03 -43.71
N GLU C 57 2.31 -1.41 -43.37
CA GLU C 57 1.16 -1.39 -44.27
C GLU C 57 1.19 -0.20 -45.21
N ILE C 58 1.86 0.89 -44.83
CA ILE C 58 1.90 2.10 -45.66
C ILE C 58 3.27 2.35 -46.27
N MET C 59 4.31 1.68 -45.78
CA MET C 59 5.66 1.87 -46.30
C MET C 59 6.38 0.53 -46.38
N PRO C 60 6.71 0.05 -47.59
CA PRO C 60 7.45 -1.22 -47.68
C PRO C 60 8.75 -1.16 -46.91
N SER C 61 8.85 -1.99 -45.87
CA SER C 61 10.03 -2.04 -45.01
C SER C 61 11.03 -3.09 -45.45
N THR C 62 11.05 -3.45 -46.74
CA THR C 62 11.97 -4.44 -47.26
C THR C 62 12.71 -4.02 -48.52
N SER C 63 12.21 -3.02 -49.26
CA SER C 63 12.86 -2.57 -50.49
C SER C 63 13.06 -1.06 -50.45
N ASP C 64 12.17 -0.34 -49.77
CA ASP C 64 12.25 1.12 -49.69
C ASP C 64 13.30 1.49 -48.65
N SER C 65 14.45 1.95 -49.11
CA SER C 65 15.55 2.37 -48.24
C SER C 65 15.46 3.88 -48.06
N SER C 66 15.00 4.31 -46.89
CA SER C 66 14.84 5.73 -46.57
C SER C 66 15.72 6.08 -45.39
N PRO C 67 16.84 6.78 -45.58
CA PRO C 67 17.68 7.13 -44.43
C PRO C 67 16.94 7.95 -43.37
N SER C 68 15.98 8.79 -43.77
CA SER C 68 15.26 9.59 -42.80
C SER C 68 14.50 8.72 -41.82
N ILE C 69 13.69 7.79 -42.32
CA ILE C 69 12.93 6.91 -41.45
C ILE C 69 13.85 5.95 -40.71
N ALA C 70 14.93 5.51 -41.37
CA ALA C 70 15.89 4.63 -40.70
C ALA C 70 16.55 5.30 -39.51
N GLN C 71 16.76 6.62 -39.59
CA GLN C 71 17.37 7.36 -38.50
C GLN C 71 16.35 7.76 -37.44
N TYR C 72 15.11 8.06 -37.85
CA TYR C 72 14.08 8.45 -36.89
C TYR C 72 13.77 7.30 -35.94
N PHE C 73 13.60 6.09 -36.48
CA PHE C 73 13.34 4.93 -35.63
C PHE C 73 14.49 4.66 -34.68
N ALA C 74 15.73 4.78 -35.17
CA ALA C 74 16.89 4.58 -34.32
C ALA C 74 16.94 5.60 -33.21
N SER C 75 16.64 6.88 -33.52
CA SER C 75 16.64 7.91 -32.50
C SER C 75 15.56 7.66 -31.46
N THR C 76 14.37 7.24 -31.90
CA THR C 76 13.31 6.94 -30.96
C THR C 76 13.67 5.76 -30.05
N MET C 77 14.28 4.72 -30.63
CA MET C 77 14.69 3.57 -29.83
C MET C 77 15.78 3.96 -28.84
N ILE C 78 16.70 4.83 -29.25
CA ILE C 78 17.75 5.29 -28.33
C ILE C 78 17.14 6.13 -27.21
N ILE C 79 16.14 6.95 -27.54
CA ILE C 79 15.48 7.75 -26.51
C ILE C 79 14.77 6.84 -25.51
N VAL C 80 14.13 5.78 -26.00
CA VAL C 80 13.45 4.85 -25.10
C VAL C 80 14.47 4.12 -24.23
N GLY C 81 15.59 3.70 -24.83
CA GLY C 81 16.62 3.03 -24.06
C GLY C 81 17.27 3.92 -23.02
N LEU C 82 17.35 5.22 -23.29
CA LEU C 82 17.84 6.17 -22.31
C LEU C 82 16.81 6.46 -21.23
N SER C 83 15.53 6.47 -21.58
CA SER C 83 14.49 6.69 -20.58
C SER C 83 14.39 5.53 -19.61
N VAL C 84 14.46 4.30 -20.13
CA VAL C 84 14.38 3.13 -19.24
C VAL C 84 15.59 3.07 -18.31
N VAL C 85 16.72 3.65 -18.73
CA VAL C 85 17.89 3.68 -17.87
C VAL C 85 17.79 4.83 -16.86
N VAL C 86 17.23 5.96 -17.28
CA VAL C 86 17.00 7.06 -16.34
C VAL C 86 16.05 6.63 -15.25
N THR C 87 15.05 5.81 -15.59
CA THR C 87 14.14 5.29 -14.59
C THR C 87 14.88 4.43 -13.57
N VAL C 88 15.79 3.57 -14.03
CA VAL C 88 16.55 2.72 -13.12
C VAL C 88 17.46 3.59 -12.24
N ILE C 89 18.05 4.63 -12.82
CA ILE C 89 18.91 5.52 -12.05
C ILE C 89 18.10 6.24 -10.98
N VAL C 90 16.90 6.68 -11.32
CA VAL C 90 16.04 7.37 -10.37
C VAL C 90 15.63 6.42 -9.25
N LEU C 91 15.35 5.16 -9.59
CA LEU C 91 14.98 4.19 -8.57
C LEU C 91 16.16 3.86 -7.66
N GLN C 92 17.37 3.83 -8.21
CA GLN C 92 18.56 3.61 -7.39
C GLN C 92 18.79 4.80 -6.47
N TYR C 93 18.54 6.01 -6.95
CA TYR C 93 18.65 7.20 -6.12
C TYR C 93 17.57 7.27 -5.05
N HIS C 94 16.57 6.38 -5.10
CA HIS C 94 15.50 6.35 -4.12
C HIS C 94 15.56 5.14 -3.20
N HIS C 95 16.23 4.07 -3.60
CA HIS C 95 16.33 2.85 -2.80
C HIS C 95 17.58 2.82 -1.93
N HIS C 96 18.74 3.15 -2.51
CA HIS C 96 20.00 3.17 -1.77
C HIS C 96 20.28 1.80 -1.15
N ASP C 97 20.47 0.81 -2.03
CA ASP C 97 20.74 -0.55 -1.59
C ASP C 97 21.87 -0.56 -0.56
N PRO C 98 21.80 -1.41 0.46
CA PRO C 98 22.88 -1.41 1.48
C PRO C 98 24.25 -1.76 0.90
N ASP C 99 24.35 -2.85 0.16
CA ASP C 99 25.61 -3.34 -0.37
C ASP C 99 25.83 -2.93 -1.82
N GLY C 100 25.36 -1.75 -2.21
CA GLY C 100 25.55 -1.28 -3.57
C GLY C 100 24.72 -0.04 -3.84
N GLY C 101 24.51 0.24 -5.12
CA GLY C 101 23.74 1.38 -5.54
C GLY C 101 24.59 2.58 -5.92
N LYS C 102 24.55 3.63 -5.11
CA LYS C 102 25.31 4.84 -5.38
C LYS C 102 26.05 5.30 -4.14
N MET C 103 26.66 6.50 -4.21
CA MET C 103 27.37 7.06 -3.07
C MET C 103 26.45 7.99 -2.31
N PRO C 104 25.98 7.63 -1.11
CA PRO C 104 25.02 8.52 -0.42
C PRO C 104 25.57 9.91 -0.16
N LYS C 105 26.74 10.01 0.49
CA LYS C 105 27.26 11.32 0.87
C LYS C 105 27.62 12.16 -0.34
N TRP C 106 28.33 11.57 -1.31
CA TRP C 106 28.76 12.33 -2.48
C TRP C 106 27.55 12.83 -3.28
N THR C 107 26.54 12.00 -3.45
CA THR C 107 25.35 12.41 -4.19
C THR C 107 24.55 13.45 -3.42
N ARG C 108 24.44 13.28 -2.10
CA ARG C 108 23.66 14.22 -1.30
C ARG C 108 24.32 15.59 -1.25
N VAL C 109 25.66 15.64 -1.27
CA VAL C 109 26.35 16.93 -1.26
C VAL C 109 25.90 17.79 -2.42
N ILE C 110 25.69 17.18 -3.59
CA ILE C 110 25.26 17.94 -4.76
C ILE C 110 23.74 18.09 -4.79
N LEU C 111 23.01 17.10 -4.27
CA LEU C 111 21.55 17.20 -4.24
C LEU C 111 21.09 18.33 -3.34
N LEU C 112 21.81 18.60 -2.26
CA LEU C 112 21.47 19.73 -1.40
C LEU C 112 21.56 21.04 -2.16
N ASN C 113 22.65 21.23 -2.90
CA ASN C 113 22.81 22.43 -3.69
C ASN C 113 21.75 22.52 -4.79
N TRP C 114 21.41 21.39 -5.41
CA TRP C 114 20.37 21.39 -6.42
C TRP C 114 19.03 21.81 -5.83
N CYS C 115 18.69 21.29 -4.66
CA CYS C 115 17.44 21.66 -4.02
C CYS C 115 17.44 23.12 -3.61
N ALA C 116 18.59 23.63 -3.14
CA ALA C 116 18.67 25.04 -2.75
C ALA C 116 18.56 25.95 -3.96
N TRP C 117 19.06 25.51 -5.13
CA TRP C 117 18.98 26.34 -6.32
C TRP C 117 17.61 26.26 -6.98
N PHE C 118 16.90 25.14 -6.81
CA PHE C 118 15.58 25.02 -7.39
C PHE C 118 14.57 25.91 -6.67
N LEU C 119 14.53 25.84 -5.35
CA LEU C 119 13.62 26.69 -4.58
C LEU C 119 13.89 28.16 -4.86
N ARG C 120 15.16 28.56 -4.75
CA ARG C 120 15.58 29.93 -5.06
C ARG C 120 16.45 29.86 -6.31
N MET C 121 15.88 30.26 -7.45
CA MET C 121 16.59 30.20 -8.72
C MET C 121 17.89 31.00 -8.63
N LYS C 122 19.02 30.33 -8.84
CA LYS C 122 20.34 30.96 -8.79
C LYS C 122 20.55 31.75 -10.08
N ARG C 123 19.97 32.95 -10.10
CA ARG C 123 20.09 33.84 -11.24
C ARG C 123 19.92 35.27 -10.76
N PRO C 124 20.33 36.26 -11.55
CA PRO C 124 20.18 37.65 -11.11
C PRO C 124 18.74 38.04 -10.83
N GLY C 125 17.77 37.42 -11.51
CA GLY C 125 16.37 37.78 -11.30
C GLY C 125 15.93 37.62 -9.86
N GLU C 126 16.40 36.57 -9.19
CA GLU C 126 16.02 36.27 -7.82
C GLU C 126 17.07 36.72 -6.81
N ASP C 127 18.06 37.50 -7.24
CA ASP C 127 19.12 37.99 -6.36
C ASP C 127 19.21 39.50 -6.30
N LYS C 128 19.06 40.17 -7.44
CA LYS C 128 19.17 41.62 -7.51
C LYS C 128 17.81 42.31 -7.36
N VAL C 129 16.79 41.78 -8.03
CA VAL C 129 15.45 42.37 -7.98
C VAL C 129 14.75 41.77 -6.76
N ARG C 130 14.95 42.39 -5.61
CA ARG C 130 14.34 41.94 -4.37
C ARG C 130 14.55 43.00 -3.29
N PRO C 131 13.67 43.06 -2.28
CA PRO C 131 13.83 44.07 -1.23
C PRO C 131 15.08 43.80 -0.41
N ALA C 132 15.99 44.77 -0.40
CA ALA C 132 17.24 44.65 0.35
C ALA C 132 17.73 46.03 0.72
N CYS C 133 18.53 46.09 1.79
CA CYS C 133 19.10 47.33 2.27
C CYS C 133 20.53 47.08 2.72
N GLN C 134 21.22 48.15 3.11
CA GLN C 134 22.59 48.07 3.58
C GLN C 134 22.70 48.13 5.09
N HIS C 135 21.59 47.97 5.81
CA HIS C 135 21.61 48.00 7.27
C HIS C 135 21.99 46.63 7.81
N LYS C 136 21.85 46.44 9.12
CA LYS C 136 22.19 45.17 9.74
C LYS C 136 21.29 44.03 9.27
N GLN C 137 20.15 44.35 8.64
CA GLN C 137 19.25 43.31 8.17
C GLN C 137 19.92 42.43 7.13
N ARG C 138 20.91 42.95 6.40
CA ARG C 138 21.60 42.21 5.36
C ARG C 138 23.08 42.00 5.67
N ARG C 139 23.51 42.33 6.88
CA ARG C 139 24.91 42.15 7.28
C ARG C 139 25.14 40.74 7.80
N CYS C 140 26.41 40.39 7.97
CA CYS C 140 26.81 39.08 8.45
C CYS C 140 27.57 39.22 9.76
N SER C 141 27.58 38.14 10.54
CA SER C 141 28.27 38.10 11.82
C SER C 141 28.95 36.75 11.96
N LEU C 142 29.63 36.56 13.10
CA LEU C 142 30.33 35.30 13.34
C LEU C 142 29.38 34.12 13.33
N ALA C 143 28.13 34.33 13.77
CA ALA C 143 27.16 33.24 13.80
C ALA C 143 26.83 32.75 12.39
N SER C 144 26.89 33.63 11.39
CA SER C 144 26.58 33.27 10.02
C SER C 144 27.78 32.70 9.28
N VAL C 145 28.98 33.14 9.61
CA VAL C 145 30.19 32.64 8.94
C VAL C 145 30.44 31.22 9.43
N GLU C 146 30.19 30.24 8.56
CA GLU C 146 30.39 28.83 8.88
C GLU C 146 31.63 28.26 8.21
N MET C 147 32.69 29.06 8.08
CA MET C 147 33.92 28.59 7.45
C MET C 147 34.60 27.52 8.29
N SER C 148 34.36 27.51 9.60
CA SER C 148 34.95 26.55 10.52
C SER C 148 33.87 25.68 11.16
N ALA C 149 32.83 25.34 10.38
CA ALA C 149 31.73 24.52 10.86
C ALA C 149 31.08 25.14 12.09
N VAL C 150 30.66 26.40 11.95
CA VAL C 150 30.02 27.12 13.05
C VAL C 150 28.55 26.74 13.11
N ALA C 151 28.01 26.71 14.32
CA ALA C 151 26.60 26.38 14.52
C ALA C 151 25.73 27.40 13.81
N PRO C 152 24.84 26.99 12.92
CA PRO C 152 23.96 27.97 12.25
C PRO C 152 23.13 28.74 13.27
N PRO C 153 22.58 29.89 12.89
CA PRO C 153 21.78 30.66 13.83
C PRO C 153 20.58 29.86 14.29
N PRO C 154 20.08 30.12 15.50
CA PRO C 154 18.89 29.41 15.97
C PRO C 154 17.70 29.68 15.07
N ALA C 155 17.18 28.63 14.43
CA ALA C 155 16.04 28.74 13.54
C ALA C 155 15.16 27.51 13.68
N SER C 156 13.89 27.69 13.36
CA SER C 156 12.92 26.61 13.44
C SER C 156 12.83 25.79 12.15
N ASN C 157 13.67 26.09 11.16
CA ASN C 157 13.67 25.38 9.89
C ASN C 157 14.60 24.17 9.89
N GLY C 158 14.89 23.62 11.06
CA GLY C 158 15.77 22.48 11.17
C GLY C 158 17.13 22.75 11.81
N ASN C 159 17.30 23.88 12.49
CA ASN C 159 18.56 24.24 13.13
C ASN C 159 18.47 24.25 14.64
N LEU C 160 17.52 24.99 15.21
CA LEU C 160 17.38 25.06 16.66
C LEU C 160 17.06 23.68 17.24
N LEU C 161 15.96 23.08 16.79
CA LEU C 161 15.58 21.77 17.28
C LEU C 161 16.65 20.73 16.99
N TYR C 162 17.35 20.86 15.86
CA TYR C 162 18.42 19.93 15.53
C TYR C 162 19.53 20.01 16.57
N ILE C 163 20.09 21.21 16.77
CA ILE C 163 21.16 21.39 17.74
C ILE C 163 20.69 20.99 19.14
N GLY C 164 19.40 21.13 19.41
CA GLY C 164 18.88 20.78 20.72
C GLY C 164 18.81 19.28 20.96
N PHE C 165 18.12 18.56 20.07
CA PHE C 165 17.92 17.13 20.25
C PHE C 165 19.14 16.33 19.80
N ARG C 166 19.53 16.46 18.53
CA ARG C 166 20.62 15.67 17.98
C ARG C 166 21.99 16.09 18.51
N GLY C 167 22.06 17.09 19.39
CA GLY C 167 23.33 17.51 19.95
C GLY C 167 23.80 16.62 21.08
N LEU C 168 23.94 15.33 20.79
CA LEU C 168 24.38 14.38 21.81
C LEU C 168 25.77 14.75 22.31
N ASP C 169 25.97 14.64 23.62
CA ASP C 169 27.24 14.95 24.27
C ASP C 169 27.64 16.42 24.07
N GLY C 170 26.69 17.26 23.70
CA GLY C 170 26.95 18.68 23.48
C GLY C 170 26.68 19.51 24.72
N VAL C 171 26.68 20.82 24.51
CA VAL C 171 26.44 21.75 25.62
C VAL C 171 25.00 21.62 26.11
N HIS C 172 24.08 21.18 25.26
CA HIS C 172 22.69 21.04 25.67
C HIS C 172 22.49 19.83 26.57
N CYS C 173 23.10 18.70 26.22
CA CYS C 173 22.97 17.50 27.03
C CYS C 173 23.94 17.50 28.20
N VAL C 174 25.15 18.00 27.99
CA VAL C 174 26.17 18.06 29.03
C VAL C 174 26.75 19.47 29.06
N PRO C 175 26.10 20.43 29.70
CA PRO C 175 26.64 21.80 29.73
C PRO C 175 27.98 21.87 30.44
N THR C 176 29.04 22.20 29.69
CA THR C 176 30.37 22.31 30.27
C THR C 176 30.54 23.63 31.03
N PRO C 177 30.00 24.75 30.54
CA PRO C 177 30.18 26.01 31.27
C PRO C 177 29.59 25.93 32.67
N ASP C 178 30.36 26.43 33.64
CA ASP C 178 29.93 26.41 35.04
C ASP C 178 28.96 27.56 35.26
N SER C 179 27.67 27.26 35.13
CA SER C 179 26.64 28.27 35.33
C SER C 179 26.32 28.48 36.80
N GLY C 180 26.43 27.44 37.61
CA GLY C 180 26.15 27.55 39.03
C GLY C 180 24.69 27.52 39.40
N VAL C 181 23.80 27.19 38.46
CA VAL C 181 22.37 27.14 38.76
C VAL C 181 22.08 26.12 39.84
N VAL C 182 22.88 25.05 39.90
CA VAL C 182 22.68 24.02 40.92
C VAL C 182 23.16 24.48 42.29
N CYS C 183 23.94 25.56 42.35
CA CYS C 183 24.44 26.07 43.63
C CYS C 183 24.29 27.57 43.80
N GLY C 184 23.82 28.29 42.78
CA GLY C 184 23.67 29.74 42.87
C GLY C 184 22.24 30.20 42.78
N ARG C 185 21.41 29.45 42.06
CA ARG C 185 20.00 29.78 41.88
C ARG C 185 19.12 28.69 42.44
N MET C 186 17.91 29.07 42.85
CA MET C 186 16.94 28.13 43.41
C MET C 186 15.75 27.93 42.49
N ALA C 187 15.89 28.23 41.20
CA ALA C 187 14.82 28.07 40.23
C ALA C 187 14.69 26.59 39.89
N CYS C 188 13.82 25.90 40.64
CA CYS C 188 13.59 24.46 40.46
C CYS C 188 14.88 23.67 40.62
N SER C 189 15.80 24.16 41.44
CA SER C 189 17.08 23.50 41.66
C SER C 189 17.64 23.89 43.02
N PRO C 190 17.37 23.12 44.07
CA PRO C 190 17.91 23.46 45.39
C PRO C 190 19.42 23.58 45.36
N THR C 191 19.95 24.48 46.20
CA THR C 191 21.39 24.74 46.28
C THR C 191 22.04 23.60 47.06
N HIS C 192 22.30 22.51 46.34
CA HIS C 192 22.93 21.31 46.90
C HIS C 192 22.38 20.97 48.28
N ASP C 193 21.07 21.09 48.46
CA ASP C 193 20.43 20.80 49.73
C ASP C 193 20.28 19.30 49.87
N GLU C 194 21.24 18.67 50.53
CA GLU C 194 21.20 17.22 50.72
C GLU C 194 20.18 16.80 51.76
N HIS C 195 19.81 17.70 52.69
CA HIS C 195 18.82 17.40 53.72
C HIS C 195 17.41 17.80 53.31
N LEU C 196 17.13 17.90 52.02
CA LEU C 196 15.81 18.27 51.52
C LEU C 196 14.98 17.01 51.40
N LEU C 197 14.14 16.76 52.42
CA LEU C 197 13.27 15.60 52.44
C LEU C 197 11.88 15.98 51.93
N HIS C 198 11.30 15.10 51.12
CA HIS C 198 9.97 15.33 50.55
C HIS C 198 8.91 15.07 51.63
N GLY C 199 8.84 16.00 52.57
CA GLY C 199 7.86 15.90 53.66
C GLY C 199 7.99 14.63 54.46
N GLY C 200 9.21 14.13 54.63
CA GLY C 200 9.45 12.93 55.41
C GLY C 200 10.26 11.89 54.65
N GLN C 201 10.04 11.78 53.34
CA GLN C 201 10.75 10.83 52.51
C GLN C 201 11.73 11.56 51.58
N PRO C 202 12.81 10.90 51.16
CA PRO C 202 13.75 11.54 50.24
C PRO C 202 13.13 11.75 48.88
N PRO C 203 13.80 12.45 47.98
CA PRO C 203 13.28 12.62 46.61
C PRO C 203 13.09 11.27 45.93
N GLU C 204 12.38 11.31 44.80
CA GLU C 204 12.09 10.11 44.03
C GLU C 204 11.35 9.08 44.89
N GLY C 205 10.14 9.46 45.30
CA GLY C 205 9.35 8.63 46.19
C GLY C 205 9.30 7.17 45.78
N ASP C 206 9.33 6.89 44.48
CA ASP C 206 9.28 5.52 44.00
C ASP C 206 10.19 5.38 42.78
N PRO C 207 11.32 4.67 42.90
CA PRO C 207 12.18 4.48 41.72
C PRO C 207 11.47 3.82 40.55
N ASP C 208 10.36 3.11 40.80
CA ASP C 208 9.62 2.51 39.70
C ASP C 208 9.06 3.58 38.76
N LEU C 209 8.72 4.75 39.29
CA LEU C 209 8.25 5.84 38.44
C LEU C 209 9.36 6.33 37.52
N ALA C 210 10.60 6.34 38.00
CA ALA C 210 11.72 6.71 37.13
C ALA C 210 11.89 5.69 36.01
N LYS C 211 11.72 4.40 36.32
CA LYS C 211 11.82 3.38 35.29
C LYS C 211 10.68 3.52 34.27
N ILE C 212 9.48 3.86 34.74
CA ILE C 212 8.37 4.09 33.83
C ILE C 212 8.65 5.27 32.92
N LEU C 213 9.20 6.35 33.49
CA LEU C 213 9.55 7.51 32.69
C LEU C 213 10.61 7.17 31.65
N GLU C 214 11.60 6.36 32.03
CA GLU C 214 12.63 5.94 31.08
C GLU C 214 12.04 5.07 29.97
N GLU C 215 11.10 4.18 30.33
CA GLU C 215 10.48 3.34 29.32
C GLU C 215 9.59 4.15 28.38
N VAL C 216 8.96 5.22 28.87
CA VAL C 216 8.17 6.08 27.99
C VAL C 216 9.09 6.91 27.11
N ARG C 217 10.23 7.33 27.64
CA ARG C 217 11.22 8.00 26.81
C ARG C 217 11.76 7.07 25.73
N TYR C 218 11.81 5.77 26.02
CA TYR C 218 12.20 4.80 24.99
C TYR C 218 11.17 4.76 23.87
N ILE C 219 9.89 4.84 24.20
CA ILE C 219 8.85 4.88 23.17
C ILE C 219 8.94 6.19 22.38
N ALA C 220 9.24 7.28 23.08
CA ALA C 220 9.44 8.56 22.40
C ALA C 220 10.60 8.48 21.41
N ASN C 221 11.70 7.81 21.82
CA ASN C 221 12.83 7.65 20.93
C ASN C 221 12.50 6.72 19.77
N ARG C 222 11.65 5.72 19.99
CA ARG C 222 11.19 4.87 18.89
C ARG C 222 10.39 5.69 17.88
N PHE C 223 9.50 6.55 18.37
CA PHE C 223 8.75 7.43 17.49
C PHE C 223 9.68 8.38 16.74
N ARG C 224 10.72 8.88 17.42
CA ARG C 224 11.68 9.75 16.77
C ARG C 224 12.45 9.00 15.69
N CYS C 225 12.78 7.74 15.93
CA CYS C 225 13.46 6.94 14.91
C CYS C 225 12.55 6.68 13.71
N GLN C 226 11.26 6.44 13.97
CA GLN C 226 10.31 6.30 12.88
C GLN C 226 10.23 7.58 12.06
N ASP C 227 10.19 8.73 12.74
CA ASP C 227 10.16 10.01 12.04
C ASP C 227 11.43 10.23 11.24
N GLU C 228 12.57 9.80 11.78
CA GLU C 228 13.83 9.94 11.05
C GLU C 228 13.84 9.05 9.81
N SER C 229 13.30 7.84 9.91
CA SER C 229 13.19 6.97 8.75
C SER C 229 12.27 7.59 7.69
N GLU C 230 11.14 8.17 8.14
CA GLU C 230 10.25 8.84 7.21
C GLU C 230 10.94 10.02 6.53
N ALA C 231 11.74 10.76 7.28
CA ALA C 231 12.45 11.90 6.71
C ALA C 231 13.51 11.44 5.72
N VAL C 232 14.18 10.32 6.01
CA VAL C 232 15.15 9.76 5.07
C VAL C 232 14.46 9.35 3.79
N CYS C 233 13.30 8.71 3.91
CA CYS C 233 12.54 8.32 2.72
C CYS C 233 12.11 9.55 1.92
N SER C 234 11.68 10.61 2.62
CA SER C 234 11.28 11.83 1.93
C SER C 234 12.46 12.48 1.23
N GLU C 235 13.64 12.47 1.86
CA GLU C 235 14.83 13.01 1.22
C GLU C 235 15.22 12.19 0.00
N TRP C 236 15.08 10.86 0.07
CA TRP C 236 15.35 10.02 -1.08
C TRP C 236 14.38 10.35 -2.22
N LYS C 237 13.09 10.52 -1.89
CA LYS C 237 12.11 10.87 -2.92
C LYS C 237 12.41 12.23 -3.53
N PHE C 238 12.84 13.18 -2.71
CA PHE C 238 13.19 14.50 -3.23
C PHE C 238 14.41 14.44 -4.14
N ALA C 239 15.41 13.65 -3.76
CA ALA C 239 16.57 13.46 -4.63
C ALA C 239 16.17 12.81 -5.94
N ALA C 240 15.26 11.84 -5.89
CA ALA C 240 14.78 11.20 -7.11
C ALA C 240 14.07 12.20 -8.00
N CYS C 241 13.19 13.03 -7.42
CA CYS C 241 12.49 14.04 -8.19
C CYS C 241 13.46 15.07 -8.76
N VAL C 242 14.54 15.37 -8.05
CA VAL C 242 15.54 16.31 -8.55
C VAL C 242 16.19 15.76 -9.81
N VAL C 243 16.59 14.49 -9.78
CA VAL C 243 17.18 13.87 -10.95
C VAL C 243 16.17 13.82 -12.09
N ASP C 244 14.91 13.52 -11.78
CA ASP C 244 13.88 13.49 -12.80
C ASP C 244 13.75 14.85 -13.48
N ARG C 245 13.67 15.92 -12.70
CA ARG C 245 13.52 17.26 -13.26
C ARG C 245 14.76 17.67 -14.04
N LEU C 246 15.95 17.31 -13.56
CA LEU C 246 17.17 17.63 -14.28
C LEU C 246 17.20 16.93 -15.63
N CYS C 247 16.84 15.64 -15.65
CA CYS C 247 16.80 14.91 -16.92
C CYS C 247 15.76 15.51 -17.86
N LEU C 248 14.61 15.89 -17.32
CA LEU C 248 13.57 16.51 -18.15
C LEU C 248 14.08 17.80 -18.78
N MET C 249 14.70 18.67 -17.97
CA MET C 249 15.21 19.93 -18.48
C MET C 249 16.33 19.73 -19.48
N ALA C 250 17.14 18.68 -19.30
CA ALA C 250 18.25 18.43 -20.22
C ALA C 250 17.75 17.85 -21.53
N PHE C 251 16.72 17.01 -21.49
CA PHE C 251 16.21 16.36 -22.68
C PHE C 251 15.14 17.15 -23.42
N SER C 252 14.61 18.22 -22.80
CA SER C 252 13.63 19.04 -23.50
C SER C 252 14.22 19.63 -24.78
N VAL C 253 15.38 20.29 -24.66
CA VAL C 253 16.02 20.89 -25.83
C VAL C 253 16.44 19.82 -26.82
N PHE C 254 16.88 18.67 -26.32
CA PHE C 254 17.28 17.57 -27.21
C PHE C 254 16.11 17.11 -28.06
N THR C 255 14.96 16.88 -27.42
CA THR C 255 13.76 16.46 -28.16
C THR C 255 13.30 17.55 -29.11
N ILE C 256 13.39 18.82 -28.70
CA ILE C 256 13.00 19.92 -29.58
C ILE C 256 13.87 19.92 -30.82
N ILE C 257 15.18 19.76 -30.66
CA ILE C 257 16.09 19.75 -31.80
C ILE C 257 15.83 18.54 -32.68
N CYS C 258 15.56 17.38 -32.07
CA CYS C 258 15.27 16.18 -32.84
C CYS C 258 14.01 16.36 -33.67
N THR C 259 12.99 17.01 -33.10
CA THR C 259 11.76 17.24 -33.84
C THR C 259 11.96 18.26 -34.95
N ILE C 260 12.74 19.32 -34.69
CA ILE C 260 12.98 20.33 -35.70
C ILE C 260 13.84 19.76 -36.84
N GLY C 261 14.67 18.76 -36.54
CA GLY C 261 15.48 18.17 -37.58
C GLY C 261 14.67 17.50 -38.67
N ILE C 262 13.54 16.89 -38.29
CA ILE C 262 12.70 16.22 -39.27
C ILE C 262 12.20 17.22 -40.30
N LEU C 263 11.93 18.45 -39.87
CA LEU C 263 11.50 19.49 -40.80
C LEU C 263 12.68 20.10 -41.55
N MET C 264 13.83 20.22 -40.88
CA MET C 264 15.01 20.79 -41.51
C MET C 264 15.75 19.77 -42.38
N SER C 265 15.64 18.48 -42.06
CA SER C 265 16.31 17.43 -42.82
C SER C 265 15.46 16.88 -43.96
N ALA C 266 14.16 17.16 -43.98
CA ALA C 266 13.31 16.65 -45.05
C ALA C 266 13.72 17.18 -46.42
N PRO C 267 14.00 18.47 -46.60
CA PRO C 267 14.41 18.92 -47.94
C PRO C 267 15.64 18.21 -48.47
N ASN C 268 16.53 17.75 -47.59
CA ASN C 268 17.74 17.05 -48.05
C ASN C 268 17.38 15.69 -48.65
N PHE C 269 16.67 14.86 -47.88
CA PHE C 269 16.29 13.53 -48.35
C PHE C 269 14.92 13.54 -49.01
N VAL C 270 13.89 13.99 -48.29
CA VAL C 270 12.53 14.03 -48.82
C VAL C 270 12.43 15.11 -49.89
N LEU D 7 -23.71 1.61 -44.57
CA LEU D 7 -24.05 1.98 -43.19
C LEU D 7 -23.08 1.36 -42.20
N TYR D 8 -22.50 0.21 -42.57
CA TYR D 8 -21.55 -0.46 -41.70
C TYR D 8 -20.32 0.41 -41.47
N TYR D 9 -19.85 1.11 -42.51
CA TYR D 9 -18.71 2.00 -42.36
C TYR D 9 -19.03 3.15 -41.41
N GLY D 10 -20.25 3.68 -41.48
CA GLY D 10 -20.64 4.74 -40.56
C GLY D 10 -20.60 4.30 -39.11
N LEU D 11 -21.13 3.11 -38.83
CA LEU D 11 -21.08 2.59 -37.46
C LEU D 11 -19.65 2.31 -37.03
N ASN D 12 -18.82 1.77 -37.94
CA ASN D 12 -17.44 1.48 -37.60
C ASN D 12 -16.67 2.76 -37.29
N LEU D 13 -17.01 3.86 -37.96
CA LEU D 13 -16.34 5.13 -37.69
C LEU D 13 -16.93 5.85 -36.48
N LEU D 14 -18.19 5.60 -36.13
CA LEU D 14 -18.82 6.27 -35.01
C LEU D 14 -18.57 5.59 -33.68
N ILE D 15 -18.43 4.26 -33.67
CA ILE D 15 -18.24 3.54 -32.41
C ILE D 15 -16.96 3.99 -31.70
N PRO D 16 -15.80 4.02 -32.35
CA PRO D 16 -14.59 4.46 -31.62
C PRO D 16 -14.68 5.90 -31.13
N CYS D 17 -15.34 6.78 -31.89
CA CYS D 17 -15.48 8.17 -31.45
C CYS D 17 -16.20 8.23 -30.10
N VAL D 18 -17.36 7.58 -30.01
CA VAL D 18 -18.13 7.60 -28.76
C VAL D 18 -17.37 6.86 -27.66
N LEU D 19 -16.66 5.79 -28.03
CA LEU D 19 -15.87 5.05 -27.04
C LEU D 19 -14.84 5.96 -26.39
N ILE D 20 -14.07 6.69 -27.20
CA ILE D 20 -13.05 7.58 -26.65
C ILE D 20 -13.70 8.74 -25.91
N SER D 21 -14.82 9.25 -26.41
CA SER D 21 -15.50 10.35 -25.73
C SER D 21 -15.97 9.93 -24.35
N ALA D 22 -16.40 8.69 -24.20
CA ALA D 22 -16.83 8.20 -22.89
C ALA D 22 -15.64 7.88 -22.00
N LEU D 23 -14.57 7.32 -22.57
CA LEU D 23 -13.39 6.99 -21.79
C LEU D 23 -12.73 8.25 -21.23
N ALA D 24 -12.75 9.34 -21.99
CA ALA D 24 -12.18 10.59 -21.50
C ALA D 24 -12.93 11.10 -20.27
N LEU D 25 -14.26 11.15 -20.37
CA LEU D 25 -15.06 11.59 -19.22
C LEU D 25 -14.91 10.63 -18.05
N LEU D 26 -14.75 9.33 -18.32
CA LEU D 26 -14.53 8.37 -17.24
C LEU D 26 -13.22 8.66 -16.51
N VAL D 27 -12.13 8.80 -17.26
CA VAL D 27 -10.83 9.08 -16.65
C VAL D 27 -10.86 10.41 -15.92
N PHE D 28 -11.65 11.37 -16.40
CA PHE D 28 -11.72 12.67 -15.73
C PHE D 28 -12.52 12.58 -14.44
N LEU D 29 -13.58 11.76 -14.42
CA LEU D 29 -14.43 11.68 -13.24
C LEU D 29 -13.76 10.93 -12.10
N LEU D 30 -12.96 9.90 -12.42
CA LEU D 30 -12.35 9.09 -11.39
C LEU D 30 -11.49 9.96 -10.46
N PRO D 31 -11.24 9.49 -9.23
CA PRO D 31 -10.42 10.28 -8.31
C PRO D 31 -8.98 10.42 -8.77
N ALA D 32 -8.17 11.17 -8.03
CA ALA D 32 -6.77 11.39 -8.38
C ALA D 32 -5.94 10.25 -7.80
N ASP D 33 -5.87 9.16 -8.56
CA ASP D 33 -5.07 7.99 -8.16
C ASP D 33 -3.69 8.14 -8.78
N SER D 34 -2.76 8.72 -8.00
CA SER D 34 -1.42 8.99 -8.50
C SER D 34 -0.78 7.75 -9.09
N GLY D 35 -1.09 6.57 -8.55
CA GLY D 35 -0.49 5.34 -9.01
C GLY D 35 -1.11 4.77 -10.27
N GLU D 36 -2.43 4.60 -10.25
CA GLU D 36 -3.13 3.92 -11.34
C GLU D 36 -3.68 4.87 -12.38
N LYS D 37 -4.21 6.02 -11.95
CA LYS D 37 -4.85 6.95 -12.88
C LYS D 37 -3.96 7.22 -14.08
N ILE D 38 -2.68 7.53 -13.84
CA ILE D 38 -1.76 7.82 -14.94
C ILE D 38 -1.83 6.71 -15.98
N SER D 39 -1.65 5.46 -15.54
CA SER D 39 -1.72 4.34 -16.46
C SER D 39 -3.03 4.36 -17.25
N LEU D 40 -4.14 4.58 -16.55
CA LEU D 40 -5.43 4.67 -17.23
C LEU D 40 -5.39 5.75 -18.30
N GLY D 41 -4.85 6.92 -17.97
CA GLY D 41 -4.75 7.98 -18.96
C GLY D 41 -4.02 7.55 -20.21
N ILE D 42 -3.09 6.60 -20.09
CA ILE D 42 -2.40 6.08 -21.26
C ILE D 42 -3.14 4.88 -21.86
N THR D 43 -3.85 4.10 -21.03
CA THR D 43 -4.56 2.94 -21.53
C THR D 43 -5.50 3.32 -22.67
N VAL D 44 -6.29 4.38 -22.47
CA VAL D 44 -7.19 4.85 -23.52
C VAL D 44 -6.40 5.13 -24.80
N LEU D 45 -5.25 5.79 -24.67
CA LEU D 45 -4.42 6.09 -25.84
C LEU D 45 -4.06 4.81 -26.58
N LEU D 46 -3.84 3.71 -25.86
CA LEU D 46 -3.55 2.44 -26.53
C LEU D 46 -4.67 2.06 -27.49
N SER D 47 -5.92 2.24 -27.06
CA SER D 47 -7.05 1.93 -27.94
C SER D 47 -6.98 2.69 -29.26
N LEU D 48 -6.27 3.82 -29.28
CA LEU D 48 -6.11 4.56 -30.53
C LEU D 48 -4.99 3.98 -31.38
N THR D 49 -3.89 3.55 -30.74
CA THR D 49 -2.75 3.01 -31.48
C THR D 49 -3.20 1.87 -32.39
N VAL D 50 -3.82 0.85 -31.81
CA VAL D 50 -4.32 -0.26 -32.60
C VAL D 50 -5.28 0.23 -33.68
N PHE D 51 -6.09 1.25 -33.34
CA PHE D 51 -7.02 1.79 -34.32
C PHE D 51 -6.31 2.29 -35.56
N MET D 52 -5.09 2.82 -35.41
CA MET D 52 -4.33 3.28 -36.57
C MET D 52 -4.20 2.19 -37.62
N LEU D 53 -4.17 0.93 -37.19
CA LEU D 53 -4.12 -0.19 -38.14
C LEU D 53 -5.48 -0.42 -38.77
N LEU D 54 -6.55 -0.40 -37.98
CA LEU D 54 -7.89 -0.68 -38.49
C LEU D 54 -8.19 0.19 -39.70
N VAL D 55 -8.08 1.50 -39.55
CA VAL D 55 -8.34 2.41 -40.67
C VAL D 55 -7.47 2.05 -41.86
N ALA D 56 -6.19 1.71 -41.60
CA ALA D 56 -5.28 1.39 -42.69
C ALA D 56 -5.78 0.21 -43.51
N GLU D 57 -6.63 -0.64 -42.95
CA GLU D 57 -7.19 -1.77 -43.68
C GLU D 57 -8.48 -1.42 -44.41
N ILE D 58 -9.21 -0.41 -43.93
CA ILE D 58 -10.47 -0.02 -44.53
C ILE D 58 -10.40 1.33 -45.25
N MET D 59 -9.36 2.12 -45.01
CA MET D 59 -9.23 3.42 -45.64
C MET D 59 -7.78 3.66 -46.03
N PRO D 60 -7.46 3.74 -47.33
CA PRO D 60 -6.07 4.02 -47.72
C PRO D 60 -5.56 5.32 -47.11
N SER D 61 -4.56 5.20 -46.25
CA SER D 61 -3.98 6.35 -45.56
C SER D 61 -2.78 6.93 -46.29
N THR D 62 -2.70 6.74 -47.60
CA THR D 62 -1.59 7.27 -48.40
C THR D 62 -2.01 8.02 -49.65
N SER D 63 -3.23 7.82 -50.14
CA SER D 63 -3.71 8.52 -51.34
C SER D 63 -5.04 9.20 -51.08
N ASP D 64 -5.85 8.64 -50.19
CA ASP D 64 -7.17 9.19 -49.86
C ASP D 64 -6.98 10.36 -48.90
N SER D 65 -7.14 11.58 -49.40
CA SER D 65 -6.99 12.79 -48.61
C SER D 65 -8.39 13.22 -48.17
N SER D 66 -8.70 12.99 -46.90
CA SER D 66 -10.01 13.33 -46.33
C SER D 66 -9.82 14.35 -45.20
N PRO D 67 -10.16 15.62 -45.40
CA PRO D 67 -9.99 16.59 -44.31
C PRO D 67 -10.77 16.23 -43.06
N SER D 68 -11.92 15.57 -43.19
CA SER D 68 -12.72 15.21 -42.03
C SER D 68 -11.94 14.26 -41.12
N ILE D 69 -11.43 13.16 -41.69
CA ILE D 69 -10.68 12.20 -40.88
C ILE D 69 -9.35 12.79 -40.43
N ALA D 70 -8.73 13.63 -41.26
CA ALA D 70 -7.48 14.27 -40.86
C ALA D 70 -7.68 15.19 -39.66
N GLN D 71 -8.84 15.83 -39.55
CA GLN D 71 -9.12 16.69 -38.42
C GLN D 71 -9.61 15.91 -37.21
N TYR D 72 -10.35 14.82 -37.42
CA TYR D 72 -10.83 14.02 -36.30
C TYR D 72 -9.68 13.41 -35.52
N PHE D 73 -8.71 12.81 -36.23
CA PHE D 73 -7.55 12.24 -35.58
C PHE D 73 -6.75 13.30 -34.83
N ALA D 74 -6.60 14.48 -35.43
CA ALA D 74 -5.86 15.56 -34.77
C ALA D 74 -6.58 15.99 -33.50
N SER D 75 -7.91 16.12 -33.56
CA SER D 75 -8.67 16.51 -32.38
C SER D 75 -8.56 15.45 -31.29
N THR D 76 -8.62 14.17 -31.65
CA THR D 76 -8.49 13.12 -30.67
C THR D 76 -7.10 13.13 -30.02
N MET D 77 -6.06 13.33 -30.82
CA MET D 77 -4.70 13.39 -30.28
C MET D 77 -4.54 14.60 -29.37
N ILE D 78 -5.15 15.72 -29.73
CA ILE D 78 -5.06 16.91 -28.88
C ILE D 78 -5.81 16.68 -27.57
N ILE D 79 -6.95 15.99 -27.63
CA ILE D 79 -7.70 15.67 -26.41
C ILE D 79 -6.87 14.77 -25.51
N VAL D 80 -6.19 13.79 -26.10
CA VAL D 80 -5.36 12.89 -25.30
C VAL D 80 -4.17 13.65 -24.70
N GLY D 81 -3.55 14.54 -25.47
CA GLY D 81 -2.46 15.33 -24.95
C GLY D 81 -2.89 16.28 -23.85
N LEU D 82 -4.12 16.77 -23.91
CA LEU D 82 -4.65 17.61 -22.84
C LEU D 82 -5.02 16.79 -21.61
N SER D 83 -5.51 15.57 -21.81
CA SER D 83 -5.85 14.71 -20.67
C SER D 83 -4.59 14.29 -19.91
N VAL D 84 -3.54 13.92 -20.64
CA VAL D 84 -2.30 13.51 -19.97
C VAL D 84 -1.69 14.66 -19.22
N VAL D 85 -1.94 15.91 -19.66
CA VAL D 85 -1.41 17.06 -18.94
C VAL D 85 -2.30 17.41 -17.75
N VAL D 86 -3.62 17.23 -17.90
CA VAL D 86 -4.52 17.44 -16.77
C VAL D 86 -4.21 16.45 -15.65
N THR D 87 -3.82 15.22 -16.03
CA THR D 87 -3.42 14.24 -15.02
C THR D 87 -2.19 14.71 -14.25
N VAL D 88 -1.19 15.25 -14.96
CA VAL D 88 0.00 15.74 -14.29
C VAL D 88 -0.33 16.94 -13.41
N ILE D 89 -1.23 17.81 -13.87
CA ILE D 89 -1.62 18.96 -13.06
C ILE D 89 -2.33 18.50 -11.80
N VAL D 90 -3.19 17.50 -11.92
CA VAL D 90 -3.91 16.98 -10.75
C VAL D 90 -2.94 16.33 -9.77
N LEU D 91 -1.92 15.63 -10.30
CA LEU D 91 -0.93 15.02 -9.42
C LEU D 91 -0.07 16.08 -8.73
N GLN D 92 0.24 17.17 -9.42
CA GLN D 92 0.97 18.26 -8.78
C GLN D 92 0.12 18.93 -7.71
N TYR D 93 -1.18 19.07 -7.95
CA TYR D 93 -2.08 19.60 -6.94
C TYR D 93 -2.26 18.67 -5.75
N HIS D 94 -1.79 17.43 -5.86
CA HIS D 94 -1.89 16.46 -4.76
C HIS D 94 -0.56 16.17 -4.08
N HIS D 95 0.57 16.44 -4.74
CA HIS D 95 1.88 16.18 -4.17
C HIS D 95 2.47 17.39 -3.47
N HIS D 96 2.40 18.57 -4.10
CA HIS D 96 2.93 19.80 -3.53
C HIS D 96 4.42 19.65 -3.19
N ASP D 97 5.21 19.47 -4.24
CA ASP D 97 6.65 19.30 -4.08
C ASP D 97 7.21 20.42 -3.19
N PRO D 98 8.19 20.13 -2.34
CA PRO D 98 8.73 21.20 -1.47
C PRO D 98 9.35 22.34 -2.25
N ASP D 99 10.27 22.04 -3.18
CA ASP D 99 11.00 23.05 -3.92
C ASP D 99 10.39 23.31 -5.31
N GLY D 100 9.08 23.23 -5.42
CA GLY D 100 8.44 23.48 -6.70
C GLY D 100 6.97 23.08 -6.65
N GLY D 101 6.40 22.92 -7.83
CA GLY D 101 5.00 22.54 -7.95
C GLY D 101 4.08 23.71 -8.22
N LYS D 102 3.25 24.05 -7.24
CA LYS D 102 2.30 25.16 -7.39
C LYS D 102 2.36 26.07 -6.18
N MET D 103 1.42 27.03 -6.10
CA MET D 103 1.36 27.95 -4.98
C MET D 103 0.35 27.44 -3.97
N PRO D 104 0.78 26.94 -2.81
CA PRO D 104 -0.20 26.37 -1.87
C PRO D 104 -1.27 27.36 -1.44
N LYS D 105 -0.88 28.52 -0.93
CA LYS D 105 -1.85 29.46 -0.38
C LYS D 105 -2.77 30.00 -1.47
N TRP D 106 -2.19 30.43 -2.59
CA TRP D 106 -3.00 31.02 -3.66
C TRP D 106 -4.00 30.01 -4.21
N THR D 107 -3.56 28.76 -4.41
CA THR D 107 -4.47 27.75 -4.93
C THR D 107 -5.53 27.36 -3.90
N ARG D 108 -5.15 27.27 -2.63
CA ARG D 108 -6.10 26.89 -1.59
C ARG D 108 -7.15 27.97 -1.37
N VAL D 109 -6.79 29.25 -1.56
CA VAL D 109 -7.77 30.32 -1.39
C VAL D 109 -8.94 30.11 -2.34
N ILE D 110 -8.68 29.66 -3.56
CA ILE D 110 -9.75 29.43 -4.52
C ILE D 110 -10.36 28.05 -4.35
N LEU D 111 -9.57 27.06 -3.92
CA LEU D 111 -10.11 25.73 -3.71
C LEU D 111 -11.13 25.71 -2.58
N LEU D 112 -10.94 26.53 -1.56
CA LEU D 112 -11.92 26.62 -0.48
C LEU D 112 -13.26 27.11 -1.01
N ASN D 113 -13.24 28.16 -1.84
CA ASN D 113 -14.48 28.66 -2.42
C ASN D 113 -15.10 27.63 -3.35
N TRP D 114 -14.28 26.90 -4.12
CA TRP D 114 -14.81 25.87 -4.99
C TRP D 114 -15.50 24.78 -4.18
N CYS D 115 -14.89 24.34 -3.09
CA CYS D 115 -15.49 23.31 -2.24
C CYS D 115 -16.78 23.82 -1.59
N ALA D 116 -16.79 25.09 -1.18
CA ALA D 116 -17.99 25.66 -0.57
C ALA D 116 -19.12 25.78 -1.59
N TRP D 117 -18.79 26.05 -2.85
CA TRP D 117 -19.82 26.18 -3.87
C TRP D 117 -20.30 24.82 -4.39
N PHE D 118 -19.45 23.80 -4.31
CA PHE D 118 -19.86 22.47 -4.76
C PHE D 118 -20.87 21.86 -3.78
N LEU D 119 -20.54 21.87 -2.49
CA LEU D 119 -21.47 21.33 -1.49
C LEU D 119 -22.80 22.06 -1.54
N ARG D 120 -22.77 23.39 -1.52
CA ARG D 120 -23.96 24.23 -1.64
C ARG D 120 -23.88 24.95 -2.97
N MET D 121 -24.65 24.47 -3.95
CA MET D 121 -24.63 25.07 -5.28
C MET D 121 -24.95 26.55 -5.21
N LYS D 122 -24.02 27.38 -5.68
CA LYS D 122 -24.18 28.83 -5.66
C LYS D 122 -25.11 29.22 -6.80
N ARG D 123 -26.41 29.07 -6.57
CA ARG D 123 -27.43 29.41 -7.54
C ARG D 123 -28.71 29.75 -6.80
N PRO D 124 -29.67 30.42 -7.46
CA PRO D 124 -30.92 30.75 -6.76
C PRO D 124 -31.67 29.54 -6.26
N GLY D 125 -31.52 28.38 -6.91
CA GLY D 125 -32.26 27.20 -6.48
C GLY D 125 -31.96 26.81 -5.05
N GLU D 126 -30.70 26.94 -4.63
CA GLU D 126 -30.27 26.56 -3.29
C GLU D 126 -30.16 27.75 -2.35
N ASP D 127 -30.66 28.92 -2.75
CA ASP D 127 -30.60 30.12 -1.92
C ASP D 127 -31.97 30.71 -1.63
N LYS D 128 -32.87 30.73 -2.61
CA LYS D 128 -34.20 31.31 -2.43
C LYS D 128 -35.23 30.25 -2.02
N VAL D 129 -35.18 29.08 -2.63
CA VAL D 129 -36.15 28.00 -2.34
C VAL D 129 -35.56 27.22 -1.17
N ARG D 130 -35.84 27.68 0.04
CA ARG D 130 -35.37 27.02 1.25
C ARG D 130 -36.07 27.62 2.47
N PRO D 131 -36.20 26.87 3.56
CA PRO D 131 -36.88 27.41 4.75
C PRO D 131 -36.07 28.54 5.37
N ALA D 132 -36.69 29.72 5.43
CA ALA D 132 -36.03 30.90 5.99
C ALA D 132 -37.10 31.84 6.53
N CYS D 133 -36.69 32.67 7.49
CA CYS D 133 -37.58 33.64 8.12
C CYS D 133 -36.80 34.92 8.36
N GLN D 134 -37.50 35.95 8.83
CA GLN D 134 -36.91 37.25 9.11
C GLN D 134 -36.63 37.45 10.59
N HIS D 135 -36.67 36.39 11.40
CA HIS D 135 -36.42 36.49 12.82
C HIS D 135 -34.90 36.44 13.07
N LYS D 136 -34.52 36.31 14.34
CA LYS D 136 -33.10 36.25 14.69
C LYS D 136 -32.42 35.00 14.14
N GLN D 137 -33.20 34.00 13.72
CA GLN D 137 -32.60 32.78 13.18
C GLN D 137 -31.78 33.07 11.93
N ARG D 138 -32.12 34.13 11.19
CA ARG D 138 -31.41 34.49 9.97
C ARG D 138 -30.69 35.83 10.07
N ARG D 139 -30.61 36.42 11.26
CA ARG D 139 -29.95 37.69 11.45
C ARG D 139 -28.45 37.47 11.69
N CYS D 140 -27.70 38.57 11.65
CA CYS D 140 -26.26 38.55 11.85
C CYS D 140 -25.89 39.38 13.07
N SER D 141 -24.74 39.08 13.64
CA SER D 141 -24.23 39.78 14.81
C SER D 141 -22.73 39.99 14.64
N LEU D 142 -22.11 40.64 15.63
CA LEU D 142 -20.68 40.90 15.57
C LEU D 142 -19.88 39.60 15.48
N ALA D 143 -20.38 38.52 16.09
CA ALA D 143 -19.67 37.24 16.04
C ALA D 143 -19.60 36.69 14.62
N SER D 144 -20.60 37.00 13.78
CA SER D 144 -20.62 36.50 12.41
C SER D 144 -19.87 37.41 11.45
N VAL D 145 -19.84 38.71 11.71
CA VAL D 145 -19.13 39.65 10.84
C VAL D 145 -17.63 39.45 11.04
N GLU D 146 -16.97 38.84 10.04
CA GLU D 146 -15.54 38.59 10.09
C GLU D 146 -14.76 39.54 9.20
N MET D 147 -15.20 40.78 9.09
CA MET D 147 -14.51 41.76 8.25
C MET D 147 -13.13 42.09 8.81
N SER D 148 -12.94 41.93 10.12
CA SER D 148 -11.68 42.22 10.78
C SER D 148 -11.07 40.95 11.37
N ALA D 149 -11.24 39.83 10.68
CA ALA D 149 -10.72 38.54 11.14
C ALA D 149 -11.26 38.20 12.53
N VAL D 150 -12.57 38.21 12.65
CA VAL D 150 -13.24 37.91 13.92
C VAL D 150 -13.32 36.39 14.08
N ALA D 151 -13.22 35.94 15.33
CA ALA D 151 -13.31 34.51 15.63
C ALA D 151 -14.69 33.99 15.22
N PRO D 152 -14.76 32.97 14.38
CA PRO D 152 -16.07 32.42 14.00
C PRO D 152 -16.84 31.95 15.22
N PRO D 153 -18.16 31.78 15.10
CA PRO D 153 -18.93 31.33 16.25
C PRO D 153 -18.48 29.96 16.70
N PRO D 154 -18.62 29.65 17.99
CA PRO D 154 -18.24 28.30 18.47
C PRO D 154 -19.05 27.23 17.77
N ALA D 155 -18.36 26.36 17.03
CA ALA D 155 -19.00 25.27 16.30
C ALA D 155 -18.10 24.06 16.33
N SER D 156 -18.72 22.88 16.21
CA SER D 156 -18.00 21.62 16.20
C SER D 156 -17.53 21.21 14.82
N ASN D 157 -17.75 22.04 13.80
CA ASN D 157 -17.34 21.73 12.44
C ASN D 157 -15.93 22.22 12.12
N GLY D 158 -15.09 22.38 13.13
CA GLY D 158 -13.74 22.84 12.95
C GLY D 158 -13.44 24.25 13.46
N ASN D 159 -14.30 24.81 14.30
CA ASN D 159 -14.11 26.15 14.84
C ASN D 159 -13.84 26.15 16.34
N LEU D 160 -14.72 25.53 17.13
CA LEU D 160 -14.53 25.50 18.57
C LEU D 160 -13.25 24.78 18.94
N LEU D 161 -13.11 23.52 18.52
CA LEU D 161 -11.91 22.76 18.82
C LEU D 161 -10.67 23.41 18.23
N TYR D 162 -10.80 24.05 17.07
CA TYR D 162 -9.67 24.74 16.46
C TYR D 162 -9.20 25.87 17.36
N ILE D 163 -10.09 26.80 17.69
CA ILE D 163 -9.74 27.92 18.57
C ILE D 163 -9.23 27.42 19.91
N GLY D 164 -9.71 26.26 20.35
CA GLY D 164 -9.27 25.72 21.63
C GLY D 164 -7.85 25.19 21.61
N PHE D 165 -7.58 24.25 20.71
CA PHE D 165 -6.28 23.61 20.65
C PHE D 165 -5.26 24.48 19.94
N ARG D 166 -5.50 24.81 18.67
CA ARG D 166 -4.54 25.55 17.88
C ARG D 166 -4.39 27.01 18.31
N GLY D 167 -5.13 27.45 19.33
CA GLY D 167 -5.02 28.81 19.80
C GLY D 167 -3.81 29.03 20.70
N LEU D 168 -2.62 28.72 20.18
CA LEU D 168 -1.41 28.88 20.96
C LEU D 168 -1.21 30.34 21.36
N ASP D 169 -0.78 30.56 22.59
CA ASP D 169 -0.55 31.90 23.13
C ASP D 169 -1.83 32.75 23.14
N GLY D 170 -2.98 32.11 23.04
CA GLY D 170 -4.25 32.80 23.03
C GLY D 170 -4.87 32.89 24.42
N VAL D 171 -6.13 33.31 24.45
CA VAL D 171 -6.84 33.44 25.71
C VAL D 171 -7.07 32.08 26.35
N HIS D 172 -7.13 31.02 25.53
CA HIS D 172 -7.35 29.69 26.07
C HIS D 172 -6.10 29.15 26.77
N CYS D 173 -4.93 29.33 26.17
CA CYS D 173 -3.69 28.85 26.76
C CYS D 173 -3.16 29.83 27.80
N VAL D 174 -3.29 31.13 27.53
CA VAL D 174 -2.82 32.17 28.46
C VAL D 174 -3.93 33.19 28.65
N PRO D 175 -4.91 32.92 29.53
CA PRO D 175 -6.00 33.87 29.72
C PRO D 175 -5.51 35.21 30.28
N THR D 176 -5.64 36.27 29.47
CA THR D 176 -5.22 37.60 29.90
C THR D 176 -6.24 38.23 30.84
N PRO D 177 -7.54 38.06 30.63
CA PRO D 177 -8.52 38.68 31.54
C PRO D 177 -8.34 38.18 32.96
N ASP D 178 -8.37 39.11 33.91
CA ASP D 178 -8.21 38.78 35.33
C ASP D 178 -9.54 38.24 35.85
N SER D 179 -9.68 36.92 35.81
CA SER D 179 -10.91 36.30 36.30
C SER D 179 -10.90 36.13 37.82
N GLY D 180 -9.74 35.95 38.42
CA GLY D 180 -9.64 35.79 39.86
C GLY D 180 -9.99 34.42 40.37
N VAL D 181 -10.16 33.43 39.49
CA VAL D 181 -10.51 32.08 39.94
C VAL D 181 -9.43 31.53 40.87
N VAL D 182 -8.17 31.93 40.66
CA VAL D 182 -7.07 31.48 41.52
C VAL D 182 -7.07 32.15 42.88
N CYS D 183 -7.82 33.25 43.04
CA CYS D 183 -7.87 33.97 44.30
C CYS D 183 -9.28 34.32 44.75
N GLY D 184 -10.30 34.06 43.94
CA GLY D 184 -11.67 34.41 44.30
C GLY D 184 -12.56 33.19 44.46
N ARG D 185 -12.28 32.13 43.72
CA ARG D 185 -13.06 30.91 43.75
C ARG D 185 -12.19 29.74 44.22
N MET D 186 -12.84 28.76 44.82
CA MET D 186 -12.17 27.56 45.32
C MET D 186 -12.54 26.31 44.52
N ALA D 187 -13.03 26.48 43.29
CA ALA D 187 -13.41 25.36 42.45
C ALA D 187 -12.14 24.73 41.88
N CYS D 188 -11.62 23.73 42.59
CA CYS D 188 -10.40 23.03 42.20
C CYS D 188 -9.22 23.99 42.06
N SER D 189 -9.24 25.07 42.84
CA SER D 189 -8.17 26.07 42.80
C SER D 189 -8.10 26.80 44.12
N PRO D 190 -7.25 26.35 45.06
CA PRO D 190 -7.15 27.05 46.35
C PRO D 190 -6.79 28.51 46.16
N THR D 191 -7.30 29.35 47.07
CA THR D 191 -7.07 30.79 47.02
C THR D 191 -5.65 31.07 47.52
N HIS D 192 -4.69 30.93 46.60
CA HIS D 192 -3.27 31.16 46.87
C HIS D 192 -2.86 30.61 48.23
N ASP D 193 -3.34 29.42 48.57
CA ASP D 193 -3.02 28.79 49.85
C ASP D 193 -1.64 28.16 49.73
N GLU D 194 -0.62 28.91 50.17
CA GLU D 194 0.74 28.40 50.11
C GLU D 194 1.03 27.35 51.17
N HIS D 195 0.26 27.34 52.27
CA HIS D 195 0.45 26.38 53.34
C HIS D 195 -0.45 25.15 53.18
N LEU D 196 -0.90 24.87 51.96
CA LEU D 196 -1.76 23.71 51.70
C LEU D 196 -0.86 22.50 51.46
N LEU D 197 -0.68 21.69 52.50
CA LEU D 197 0.14 20.48 52.42
C LEU D 197 -0.75 19.28 52.16
N HIS D 198 -0.27 18.38 51.29
CA HIS D 198 -1.01 17.17 50.92
C HIS D 198 -0.90 16.16 52.07
N GLY D 199 -1.58 16.46 53.15
CA GLY D 199 -1.59 15.59 54.31
C GLY D 199 -0.20 15.32 54.87
N GLY D 200 0.68 16.30 54.81
CA GLY D 200 2.03 16.17 55.33
C GLY D 200 3.09 16.53 54.31
N GLN D 201 2.84 16.22 53.03
CA GLN D 201 3.78 16.53 51.98
C GLN D 201 3.24 17.64 51.08
N PRO D 202 4.11 18.42 50.44
CA PRO D 202 3.63 19.47 49.54
C PRO D 202 2.97 18.88 48.31
N PRO D 203 2.34 19.71 47.47
CA PRO D 203 1.74 19.19 46.22
C PRO D 203 2.79 18.53 45.35
N GLU D 204 2.31 17.82 44.33
CA GLU D 204 3.17 17.10 43.39
C GLU D 204 4.07 16.11 44.15
N GLY D 205 3.40 15.11 44.75
CA GLY D 205 4.10 14.13 45.57
C GLY D 205 5.37 13.60 44.93
N ASP D 206 5.38 13.46 43.61
CA ASP D 206 6.56 12.96 42.90
C ASP D 206 6.74 13.71 41.58
N PRO D 207 7.79 14.53 41.45
CA PRO D 207 8.02 15.22 40.17
C PRO D 207 8.15 14.27 38.99
N ASP D 208 8.52 13.02 39.23
CA ASP D 208 8.61 12.05 38.13
C ASP D 208 7.26 11.84 37.47
N LEU D 209 6.17 11.92 38.23
CA LEU D 209 4.84 11.79 37.63
C LEU D 209 4.55 12.95 36.69
N ALA D 210 5.02 14.15 37.02
CA ALA D 210 4.87 15.28 36.10
C ALA D 210 5.63 15.04 34.81
N LYS D 211 6.84 14.47 34.91
CA LYS D 211 7.60 14.16 33.71
C LYS D 211 6.92 13.09 32.88
N ILE D 212 6.31 12.09 33.53
CA ILE D 212 5.58 11.07 32.81
C ILE D 212 4.38 11.68 32.10
N LEU D 213 3.66 12.59 32.78
CA LEU D 213 2.54 13.27 32.15
C LEU D 213 2.98 14.08 30.95
N GLU D 214 4.12 14.77 31.07
CA GLU D 214 4.64 15.55 29.95
C GLU D 214 5.03 14.64 28.78
N GLU D 215 5.63 13.49 29.09
CA GLU D 215 6.02 12.56 28.03
C GLU D 215 4.80 11.95 27.35
N VAL D 216 3.72 11.73 28.09
CA VAL D 216 2.50 11.22 27.48
C VAL D 216 1.82 12.31 26.65
N ARG D 217 1.90 13.56 27.10
CA ARG D 217 1.42 14.67 26.29
C ARG D 217 2.23 14.80 25.02
N TYR D 218 3.52 14.45 25.06
CA TYR D 218 4.33 14.44 23.85
C TYR D 218 3.83 13.39 22.86
N ILE D 219 3.42 12.21 23.35
CA ILE D 219 2.86 11.20 22.47
C ILE D 219 1.51 11.67 21.91
N ALA D 220 0.72 12.34 22.75
CA ALA D 220 -0.53 12.92 22.27
C ALA D 220 -0.29 13.94 21.17
N ASN D 221 0.74 14.77 21.32
CA ASN D 221 1.08 15.74 20.29
C ASN D 221 1.60 15.06 19.03
N ARG D 222 2.31 13.94 19.18
CA ARG D 222 2.73 13.17 18.00
C ARG D 222 1.52 12.62 17.25
N PHE D 223 0.54 12.09 17.99
CA PHE D 223 -0.69 11.62 17.35
C PHE D 223 -1.43 12.78 16.68
N ARG D 224 -1.43 13.95 17.31
CA ARG D 224 -2.07 15.12 16.71
C ARG D 224 -1.35 15.54 15.43
N CYS D 225 -0.02 15.45 15.41
CA CYS D 225 0.72 15.77 14.20
C CYS D 225 0.44 14.75 13.10
N GLN D 226 0.33 13.48 13.46
CA GLN D 226 -0.07 12.48 12.47
C GLN D 226 -1.45 12.77 11.90
N ASP D 227 -2.39 13.16 12.77
CA ASP D 227 -3.73 13.51 12.31
C ASP D 227 -3.69 14.73 11.41
N GLU D 228 -2.84 15.70 11.73
CA GLU D 228 -2.71 16.89 10.89
C GLU D 228 -2.13 16.54 9.53
N SER D 229 -1.15 15.64 9.49
CA SER D 229 -0.62 15.19 8.21
C SER D 229 -1.69 14.46 7.40
N GLU D 230 -2.48 13.62 8.06
CA GLU D 230 -3.57 12.94 7.37
C GLU D 230 -4.59 13.94 6.83
N ALA D 231 -4.89 14.98 7.61
CA ALA D 231 -5.83 16.01 7.15
C ALA D 231 -5.27 16.79 5.99
N VAL D 232 -3.96 17.06 5.99
CA VAL D 232 -3.34 17.76 4.86
C VAL D 232 -3.42 16.89 3.61
N CYS D 233 -3.16 15.59 3.76
CA CYS D 233 -3.29 14.68 2.62
C CYS D 233 -4.71 14.63 2.11
N SER D 234 -5.69 14.61 3.01
CA SER D 234 -7.08 14.60 2.60
C SER D 234 -7.46 15.90 1.89
N GLU D 235 -6.94 17.04 2.36
CA GLU D 235 -7.21 18.31 1.69
C GLU D 235 -6.58 18.33 0.31
N TRP D 236 -5.37 17.77 0.17
CA TRP D 236 -4.75 17.68 -1.14
C TRP D 236 -5.57 16.81 -2.08
N LYS D 237 -6.08 15.68 -1.57
CA LYS D 237 -6.91 14.81 -2.40
C LYS D 237 -8.20 15.51 -2.80
N PHE D 238 -8.79 16.27 -1.88
CA PHE D 238 -10.01 17.00 -2.21
C PHE D 238 -9.75 18.08 -3.26
N ALA D 239 -8.62 18.79 -3.14
CA ALA D 239 -8.27 19.78 -4.15
C ALA D 239 -8.04 19.11 -5.51
N ALA D 240 -7.42 17.93 -5.52
CA ALA D 240 -7.23 17.20 -6.76
C ALA D 240 -8.56 16.81 -7.38
N CYS D 241 -9.48 16.29 -6.56
CA CYS D 241 -10.80 15.93 -7.06
C CYS D 241 -11.57 17.15 -7.56
N VAL D 242 -11.36 18.31 -6.93
CA VAL D 242 -12.03 19.52 -7.38
C VAL D 242 -11.57 19.89 -8.78
N VAL D 243 -10.26 19.85 -9.01
CA VAL D 243 -9.73 20.14 -10.34
C VAL D 243 -10.22 19.11 -11.34
N ASP D 244 -10.27 17.83 -10.94
CA ASP D 244 -10.77 16.79 -11.83
C ASP D 244 -12.21 17.08 -12.25
N ARG D 245 -13.08 17.40 -11.28
CA ARG D 245 -14.48 17.67 -11.58
C ARG D 245 -14.64 18.93 -12.43
N LEU D 246 -13.83 19.95 -12.15
CA LEU D 246 -13.89 21.17 -12.94
C LEU D 246 -13.51 20.90 -14.39
N CYS D 247 -12.42 20.14 -14.60
CA CYS D 247 -12.00 19.80 -15.95
C CYS D 247 -13.07 18.95 -16.65
N LEU D 248 -13.69 18.02 -15.92
CA LEU D 248 -14.74 17.21 -16.51
C LEU D 248 -15.91 18.08 -16.96
N MET D 249 -16.36 18.99 -16.09
CA MET D 249 -17.48 19.85 -16.43
C MET D 249 -17.13 20.79 -17.58
N ALA D 250 -15.88 21.22 -17.67
CA ALA D 250 -15.49 22.14 -18.74
C ALA D 250 -15.37 21.41 -20.07
N PHE D 251 -14.90 20.16 -20.05
CA PHE D 251 -14.68 19.40 -21.28
C PHE D 251 -15.90 18.62 -21.73
N SER D 252 -16.93 18.49 -20.89
CA SER D 252 -18.15 17.80 -21.32
C SER D 252 -18.76 18.49 -22.53
N VAL D 253 -18.99 19.80 -22.44
CA VAL D 253 -19.58 20.53 -23.55
C VAL D 253 -18.65 20.54 -24.75
N PHE D 254 -17.34 20.59 -24.51
CA PHE D 254 -16.39 20.56 -25.62
C PHE D 254 -16.49 19.25 -26.40
N THR D 255 -16.51 18.13 -25.67
CA THR D 255 -16.63 16.83 -26.33
C THR D 255 -17.98 16.69 -27.02
N ILE D 256 -19.05 17.22 -26.41
CA ILE D 256 -20.36 17.17 -27.04
C ILE D 256 -20.36 17.92 -28.36
N ILE D 257 -19.76 19.11 -28.37
CA ILE D 257 -19.70 19.90 -29.60
C ILE D 257 -18.83 19.21 -30.64
N CYS D 258 -17.72 18.62 -30.21
CA CYS D 258 -16.84 17.90 -31.14
C CYS D 258 -17.57 16.71 -31.77
N THR D 259 -18.38 16.01 -30.98
CA THR D 259 -19.12 14.88 -31.51
C THR D 259 -20.23 15.35 -32.45
N ILE D 260 -20.91 16.44 -32.11
CA ILE D 260 -21.98 16.95 -32.96
C ILE D 260 -21.40 17.50 -34.26
N GLY D 261 -20.16 17.97 -34.24
CA GLY D 261 -19.56 18.50 -35.45
C GLY D 261 -19.41 17.44 -36.54
N ILE D 262 -19.11 16.20 -36.14
CA ILE D 262 -18.96 15.13 -37.12
C ILE D 262 -20.25 14.94 -37.90
N LEU D 263 -21.39 15.11 -37.24
CA LEU D 263 -22.68 15.00 -37.92
C LEU D 263 -23.02 16.27 -38.68
N MET D 264 -22.64 17.43 -38.14
CA MET D 264 -22.94 18.69 -38.81
C MET D 264 -21.93 19.01 -39.90
N SER D 265 -20.71 18.50 -39.80
CA SER D 265 -19.68 18.75 -40.80
C SER D 265 -19.65 17.71 -41.91
N ALA D 266 -20.33 16.57 -41.73
CA ALA D 266 -20.32 15.55 -42.77
C ALA D 266 -20.97 16.03 -44.06
N PRO D 267 -22.12 16.71 -44.05
CA PRO D 267 -22.68 17.17 -45.33
C PRO D 267 -21.75 18.06 -46.12
N ASN D 268 -20.86 18.80 -45.45
CA ASN D 268 -19.93 19.68 -46.14
C ASN D 268 -18.89 18.87 -46.92
N PHE D 269 -18.20 17.96 -46.24
CA PHE D 269 -17.17 17.15 -46.87
C PHE D 269 -17.73 15.82 -47.37
N VAL D 270 -18.33 15.04 -46.46
CA VAL D 270 -18.89 13.75 -46.82
C VAL D 270 -20.14 13.94 -47.67
N LEU E 7 -17.80 -24.26 -40.54
CA LEU E 7 -17.97 -24.39 -39.09
C LEU E 7 -16.89 -23.62 -38.34
N TYR E 8 -15.73 -23.48 -38.97
CA TYR E 8 -14.64 -22.75 -38.34
C TYR E 8 -15.00 -21.29 -38.11
N TYR E 9 -15.71 -20.69 -39.07
CA TYR E 9 -16.15 -19.30 -38.90
C TYR E 9 -17.13 -19.18 -37.73
N GLY E 10 -18.02 -20.15 -37.57
CA GLY E 10 -18.94 -20.11 -36.46
C GLY E 10 -18.22 -20.14 -35.11
N LEU E 11 -17.24 -21.02 -34.97
CA LEU E 11 -16.46 -21.07 -33.74
C LEU E 11 -15.67 -19.79 -33.53
N ASN E 12 -15.09 -19.24 -34.60
CA ASN E 12 -14.32 -18.01 -34.48
C ASN E 12 -15.21 -16.85 -34.05
N LEU E 13 -16.48 -16.84 -34.47
CA LEU E 13 -17.39 -15.78 -34.08
C LEU E 13 -18.00 -16.02 -32.70
N LEU E 14 -18.08 -17.28 -32.25
CA LEU E 14 -18.69 -17.60 -30.97
C LEU E 14 -17.70 -17.50 -29.82
N ILE E 15 -16.43 -17.81 -30.05
CA ILE E 15 -15.45 -17.80 -28.96
C ILE E 15 -15.31 -16.41 -28.33
N PRO E 16 -15.12 -15.33 -29.10
CA PRO E 16 -15.01 -14.02 -28.46
C PRO E 16 -16.27 -13.61 -27.71
N CYS E 17 -17.44 -13.97 -28.23
CA CYS E 17 -18.69 -13.63 -27.54
C CYS E 17 -18.71 -14.22 -26.14
N VAL E 18 -18.45 -15.52 -26.02
CA VAL E 18 -18.46 -16.17 -24.71
C VAL E 18 -17.31 -15.63 -23.85
N LEU E 19 -16.18 -15.33 -24.47
CA LEU E 19 -15.05 -14.77 -23.72
C LEU E 19 -15.44 -13.47 -23.04
N ILE E 20 -16.04 -12.55 -23.80
CA ILE E 20 -16.45 -11.27 -23.24
C ILE E 20 -17.58 -11.47 -22.23
N SER E 21 -18.50 -12.40 -22.51
CA SER E 21 -19.60 -12.65 -21.58
C SER E 21 -19.07 -13.14 -20.24
N ALA E 22 -18.02 -13.95 -20.25
CA ALA E 22 -17.42 -14.44 -19.01
C ALA E 22 -16.59 -13.36 -18.33
N LEU E 23 -15.86 -12.57 -19.11
CA LEU E 23 -15.04 -11.51 -18.53
C LEU E 23 -15.89 -10.44 -17.86
N ALA E 24 -17.07 -10.14 -18.42
CA ALA E 24 -17.96 -9.16 -17.79
C ALA E 24 -18.40 -9.64 -16.41
N LEU E 25 -18.88 -10.88 -16.33
CA LEU E 25 -19.29 -11.44 -15.04
C LEU E 25 -18.12 -11.53 -14.08
N LEU E 26 -16.91 -11.82 -14.59
CA LEU E 26 -15.74 -11.85 -13.73
C LEU E 26 -15.46 -10.48 -13.13
N VAL E 27 -15.41 -9.45 -13.97
CA VAL E 27 -15.16 -8.10 -13.47
C VAL E 27 -16.25 -7.66 -12.51
N PHE E 28 -17.49 -8.11 -12.73
CA PHE E 28 -18.58 -7.74 -11.85
C PHE E 28 -18.49 -8.45 -10.50
N LEU E 29 -18.03 -9.70 -10.50
CA LEU E 29 -17.98 -10.48 -9.27
C LEU E 29 -16.84 -10.04 -8.36
N LEU E 30 -15.70 -9.63 -8.92
CA LEU E 30 -14.56 -9.27 -8.12
C LEU E 30 -14.91 -8.13 -7.16
N PRO E 31 -14.15 -7.98 -6.06
CA PRO E 31 -14.45 -6.89 -5.12
C PRO E 31 -14.23 -5.51 -5.72
N ALA E 32 -14.53 -4.47 -4.97
CA ALA E 32 -14.37 -3.09 -5.43
C ALA E 32 -12.94 -2.65 -5.17
N ASP E 33 -12.04 -2.98 -6.09
CA ASP E 33 -10.64 -2.59 -6.00
C ASP E 33 -10.46 -1.27 -6.74
N SER E 34 -10.57 -0.17 -5.99
CA SER E 34 -10.49 1.16 -6.59
C SER E 34 -9.24 1.33 -7.45
N GLY E 35 -8.15 0.64 -7.08
CA GLY E 35 -6.90 0.79 -7.80
C GLY E 35 -6.82 -0.05 -9.06
N GLU E 36 -7.07 -1.35 -8.93
CA GLU E 36 -6.88 -2.28 -10.04
C GLU E 36 -8.15 -2.54 -10.83
N LYS E 37 -9.30 -2.65 -10.14
CA LYS E 37 -10.55 -2.99 -10.82
C LYS E 37 -10.76 -2.12 -12.05
N ILE E 38 -10.60 -0.81 -11.90
CA ILE E 38 -10.79 0.10 -13.03
C ILE E 38 -10.00 -0.38 -14.24
N SER E 39 -8.69 -0.61 -14.05
CA SER E 39 -7.86 -1.09 -15.14
C SER E 39 -8.44 -2.36 -15.76
N LEU E 40 -8.86 -3.30 -14.91
CA LEU E 40 -9.49 -4.51 -15.41
C LEU E 40 -10.70 -4.18 -16.27
N GLY E 41 -11.54 -3.26 -15.81
CA GLY E 41 -12.70 -2.86 -16.60
C GLY E 41 -12.31 -2.40 -17.99
N ILE E 42 -11.13 -1.83 -18.14
CA ILE E 42 -10.65 -1.42 -19.46
C ILE E 42 -9.89 -2.54 -20.15
N THR E 43 -9.22 -3.42 -19.40
CA THR E 43 -8.47 -4.50 -20.01
C THR E 43 -9.33 -5.32 -20.95
N VAL E 44 -10.52 -5.70 -20.49
CA VAL E 44 -11.44 -6.45 -21.34
C VAL E 44 -11.72 -5.69 -22.62
N LEU E 45 -11.95 -4.38 -22.51
CA LEU E 45 -12.20 -3.57 -23.70
C LEU E 45 -11.06 -3.69 -24.70
N LEU E 46 -9.82 -3.82 -24.21
CA LEU E 46 -8.69 -3.98 -25.11
C LEU E 46 -8.87 -5.22 -25.99
N SER E 47 -9.34 -6.33 -25.40
CA SER E 47 -9.59 -7.53 -26.18
C SER E 47 -10.53 -7.28 -27.34
N LEU E 48 -11.38 -6.25 -27.25
CA LEU E 48 -12.27 -5.91 -28.36
C LEU E 48 -11.53 -5.09 -29.42
N THR E 49 -10.68 -4.16 -29.00
CA THR E 49 -9.97 -3.31 -29.96
C THR E 49 -9.23 -4.14 -30.99
N VAL E 50 -8.36 -5.04 -30.51
CA VAL E 50 -7.63 -5.91 -31.42
C VAL E 50 -8.60 -6.73 -32.27
N PHE E 51 -9.72 -7.14 -31.68
CA PHE E 51 -10.72 -7.91 -32.43
C PHE E 51 -11.21 -7.13 -33.65
N MET E 52 -11.28 -5.80 -33.55
CA MET E 52 -11.71 -5.01 -34.69
C MET E 52 -10.87 -5.30 -35.92
N LEU E 53 -9.60 -5.66 -35.73
CA LEU E 53 -8.75 -6.03 -36.85
C LEU E 53 -9.08 -7.43 -37.36
N LEU E 54 -9.28 -8.38 -36.45
CA LEU E 54 -9.53 -9.75 -36.85
C LEU E 54 -10.68 -9.84 -37.85
N VAL E 55 -11.83 -9.29 -37.48
CA VAL E 55 -12.98 -9.29 -38.39
C VAL E 55 -12.61 -8.65 -39.72
N ALA E 56 -11.85 -7.55 -39.68
CA ALA E 56 -11.47 -6.86 -40.90
C ALA E 56 -10.69 -7.77 -41.86
N GLU E 57 -10.06 -8.82 -41.34
CA GLU E 57 -9.34 -9.76 -42.18
C GLU E 57 -10.21 -10.90 -42.68
N ILE E 58 -11.29 -11.22 -41.94
CA ILE E 58 -12.17 -12.33 -42.32
C ILE E 58 -13.53 -11.86 -42.79
N MET E 59 -13.88 -10.59 -42.57
CA MET E 59 -15.18 -10.07 -42.99
C MET E 59 -15.02 -8.64 -43.50
N PRO E 60 -15.27 -8.38 -44.78
CA PRO E 60 -15.18 -7.00 -45.28
C PRO E 60 -16.10 -6.08 -44.51
N SER E 61 -15.50 -5.12 -43.80
CA SER E 61 -16.24 -4.16 -42.99
C SER E 61 -16.56 -2.87 -43.75
N THR E 62 -16.64 -2.93 -45.07
CA THR E 62 -16.93 -1.75 -45.89
C THR E 62 -18.02 -1.98 -46.93
N SER E 63 -18.31 -3.22 -47.31
CA SER E 63 -19.35 -3.49 -48.30
C SER E 63 -20.35 -4.51 -47.78
N ASP E 64 -19.89 -5.42 -46.91
CA ASP E 64 -20.76 -6.46 -46.35
C ASP E 64 -21.59 -5.85 -45.23
N SER E 65 -22.86 -5.62 -45.51
CA SER E 65 -23.80 -5.05 -44.53
C SER E 65 -24.53 -6.21 -43.85
N SER E 66 -24.15 -6.50 -42.62
CA SER E 66 -24.75 -7.59 -41.85
C SER E 66 -25.42 -7.02 -40.60
N PRO E 67 -26.74 -6.94 -40.54
CA PRO E 67 -27.38 -6.40 -39.32
C PRO E 67 -27.04 -7.18 -38.07
N SER E 68 -26.82 -8.49 -38.19
CA SER E 68 -26.49 -9.29 -37.01
C SER E 68 -25.18 -8.83 -36.37
N ILE E 69 -24.12 -8.73 -37.17
CA ILE E 69 -22.83 -8.29 -36.65
C ILE E 69 -22.88 -6.83 -36.25
N ALA E 70 -23.64 -6.02 -36.99
CA ALA E 70 -23.76 -4.61 -36.65
C ALA E 70 -24.43 -4.42 -35.30
N GLN E 71 -25.36 -5.30 -34.94
CA GLN E 71 -26.04 -5.22 -33.65
C GLN E 71 -25.21 -5.86 -32.54
N TYR E 72 -24.47 -6.93 -32.85
CA TYR E 72 -23.66 -7.59 -31.83
C TYR E 72 -22.57 -6.65 -31.32
N PHE E 73 -21.87 -5.98 -32.22
CA PHE E 73 -20.83 -5.03 -31.81
C PHE E 73 -21.43 -3.89 -30.99
N ALA E 74 -22.60 -3.38 -31.40
CA ALA E 74 -23.24 -2.31 -30.65
C ALA E 74 -23.62 -2.78 -29.25
N SER E 75 -24.15 -4.00 -29.13
CA SER E 75 -24.52 -4.52 -27.83
C SER E 75 -23.29 -4.70 -26.94
N THR E 76 -22.19 -5.19 -27.52
CA THR E 76 -20.96 -5.36 -26.75
C THR E 76 -20.43 -4.01 -26.27
N MET E 77 -20.44 -3.01 -27.15
CA MET E 77 -19.96 -1.68 -26.77
C MET E 77 -20.86 -1.07 -25.69
N ILE E 78 -22.17 -1.30 -25.78
CA ILE E 78 -23.07 -0.79 -24.75
C ILE E 78 -22.82 -1.49 -23.43
N ILE E 79 -22.55 -2.81 -23.47
CA ILE E 79 -22.26 -3.54 -22.25
C ILE E 79 -20.97 -3.01 -21.61
N VAL E 80 -19.96 -2.72 -22.43
CA VAL E 80 -18.72 -2.17 -21.90
C VAL E 80 -18.93 -0.79 -21.32
N GLY E 81 -19.72 0.05 -22.00
CA GLY E 81 -20.02 1.37 -21.49
C GLY E 81 -20.81 1.34 -20.19
N LEU E 82 -21.65 0.33 -20.02
CA LEU E 82 -22.39 0.16 -18.77
C LEU E 82 -21.50 -0.39 -17.67
N SER E 83 -20.55 -1.26 -18.01
CA SER E 83 -19.63 -1.80 -17.01
C SER E 83 -18.70 -0.72 -16.48
N VAL E 84 -18.17 0.12 -17.38
CA VAL E 84 -17.27 1.18 -16.94
C VAL E 84 -18.01 2.19 -16.07
N VAL E 85 -19.32 2.33 -16.26
CA VAL E 85 -20.10 3.24 -15.42
C VAL E 85 -20.46 2.58 -14.10
N VAL E 86 -20.74 1.27 -14.11
CA VAL E 86 -20.98 0.55 -12.87
C VAL E 86 -19.73 0.58 -11.99
N THR E 87 -18.56 0.54 -12.61
CA THR E 87 -17.32 0.64 -11.84
C THR E 87 -17.21 2.00 -11.15
N VAL E 88 -17.55 3.07 -11.87
CA VAL E 88 -17.51 4.40 -11.27
C VAL E 88 -18.54 4.52 -10.16
N ILE E 89 -19.72 3.93 -10.35
CA ILE E 89 -20.74 3.98 -9.32
C ILE E 89 -20.28 3.23 -8.08
N VAL E 90 -19.64 2.08 -8.26
CA VAL E 90 -19.15 1.30 -7.14
C VAL E 90 -18.04 2.06 -6.40
N LEU E 91 -17.19 2.77 -7.15
CA LEU E 91 -16.14 3.55 -6.53
C LEU E 91 -16.71 4.74 -5.76
N GLN E 92 -17.78 5.35 -6.29
CA GLN E 92 -18.43 6.43 -5.56
C GLN E 92 -19.09 5.91 -4.29
N TYR E 93 -19.68 4.72 -4.35
CA TYR E 93 -20.25 4.09 -3.17
C TYR E 93 -19.20 3.67 -2.15
N HIS E 94 -17.91 3.74 -2.51
CA HIS E 94 -16.83 3.38 -1.61
C HIS E 94 -16.01 4.58 -1.15
N HIS E 95 -16.04 5.69 -1.87
CA HIS E 95 -15.27 6.88 -1.52
C HIS E 95 -16.08 7.87 -0.69
N HIS E 96 -17.31 8.16 -1.10
CA HIS E 96 -18.18 9.09 -0.39
C HIS E 96 -17.51 10.47 -0.26
N ASP E 97 -17.30 11.09 -1.41
CA ASP E 97 -16.67 12.41 -1.45
C ASP E 97 -17.35 13.35 -0.46
N PRO E 98 -16.61 14.23 0.22
CA PRO E 98 -17.26 15.13 1.18
C PRO E 98 -18.29 16.05 0.54
N ASP E 99 -17.91 16.76 -0.53
CA ASP E 99 -18.77 17.74 -1.17
C ASP E 99 -19.48 17.18 -2.40
N GLY E 100 -19.84 15.90 -2.38
CA GLY E 100 -20.53 15.31 -3.50
C GLY E 100 -20.61 13.80 -3.34
N GLY E 101 -20.86 13.13 -4.46
CA GLY E 101 -20.97 11.69 -4.48
C GLY E 101 -22.40 11.20 -4.44
N LYS E 102 -22.79 10.58 -3.33
CA LYS E 102 -24.14 10.04 -3.17
C LYS E 102 -24.73 10.46 -1.83
N MET E 103 -25.89 9.90 -1.48
CA MET E 103 -26.55 10.20 -0.22
C MET E 103 -26.18 9.13 0.79
N PRO E 104 -25.35 9.44 1.80
CA PRO E 104 -24.94 8.37 2.74
C PRO E 104 -26.09 7.71 3.45
N LYS E 105 -26.96 8.50 4.10
CA LYS E 105 -28.03 7.92 4.91
C LYS E 105 -29.03 7.17 4.04
N TRP E 106 -29.48 7.79 2.95
CA TRP E 106 -30.48 7.16 2.10
C TRP E 106 -29.97 5.85 1.51
N THR E 107 -28.71 5.84 1.05
CA THR E 107 -28.16 4.63 0.47
C THR E 107 -27.93 3.57 1.54
N ARG E 108 -27.46 3.97 2.73
CA ARG E 108 -27.20 3.00 3.78
C ARG E 108 -28.49 2.37 4.30
N VAL E 109 -29.59 3.12 4.31
CA VAL E 109 -30.86 2.56 4.76
C VAL E 109 -31.23 1.33 3.94
N ILE E 110 -30.96 1.37 2.63
CA ILE E 110 -31.29 0.23 1.77
C ILE E 110 -30.16 -0.79 1.78
N LEU E 111 -28.91 -0.35 1.93
CA LEU E 111 -27.79 -1.28 1.97
C LEU E 111 -27.86 -2.19 3.20
N LEU E 112 -28.37 -1.67 4.32
CA LEU E 112 -28.53 -2.51 5.50
C LEU E 112 -29.51 -3.65 5.22
N ASN E 113 -30.64 -3.34 4.59
CA ASN E 113 -31.61 -4.37 4.25
C ASN E 113 -31.04 -5.34 3.24
N TRP E 114 -30.26 -4.85 2.27
CA TRP E 114 -29.64 -5.75 1.30
C TRP E 114 -28.68 -6.71 1.99
N CYS E 115 -27.87 -6.21 2.91
CA CYS E 115 -26.92 -7.07 3.62
C CYS E 115 -27.66 -8.08 4.50
N ALA E 116 -28.77 -7.64 5.13
CA ALA E 116 -29.55 -8.56 5.96
C ALA E 116 -30.22 -9.64 5.12
N TRP E 117 -30.63 -9.32 3.89
CA TRP E 117 -31.26 -10.30 3.03
C TRP E 117 -30.26 -11.22 2.36
N PHE E 118 -29.03 -10.75 2.15
CA PHE E 118 -28.00 -11.61 1.53
C PHE E 118 -27.56 -12.69 2.50
N LEU E 119 -27.21 -12.32 3.73
CA LEU E 119 -26.80 -13.31 4.73
C LEU E 119 -27.90 -14.33 4.95
N ARG E 120 -29.11 -13.87 5.20
CA ARG E 120 -30.29 -14.73 5.37
C ARG E 120 -31.21 -14.48 4.18
N MET E 121 -31.20 -15.42 3.23
CA MET E 121 -32.00 -15.27 2.02
C MET E 121 -33.47 -15.10 2.39
N LYS E 122 -34.04 -13.96 1.97
CA LYS E 122 -35.45 -13.65 2.25
C LYS E 122 -36.32 -14.46 1.30
N ARG E 123 -36.54 -15.72 1.67
CA ARG E 123 -37.36 -16.62 0.89
C ARG E 123 -37.93 -17.68 1.82
N PRO E 124 -38.97 -18.40 1.40
CA PRO E 124 -39.54 -19.43 2.29
C PRO E 124 -38.55 -20.51 2.67
N GLY E 125 -37.55 -20.78 1.81
CA GLY E 125 -36.60 -21.85 2.11
C GLY E 125 -35.86 -21.61 3.41
N GLU E 126 -35.51 -20.36 3.68
CA GLU E 126 -34.75 -20.00 4.88
C GLU E 126 -35.64 -19.46 6.00
N ASP E 127 -36.95 -19.56 5.86
CA ASP E 127 -37.88 -19.07 6.87
C ASP E 127 -38.81 -20.15 7.42
N LYS E 128 -39.29 -21.05 6.57
CA LYS E 128 -40.20 -22.11 7.01
C LYS E 128 -39.46 -23.40 7.34
N VAL E 129 -38.48 -23.78 6.53
CA VAL E 129 -37.73 -25.02 6.75
C VAL E 129 -36.58 -24.66 7.68
N ARG E 130 -36.86 -24.71 8.99
CA ARG E 130 -35.86 -24.40 10.00
C ARG E 130 -36.39 -24.80 11.38
N PRO E 131 -35.51 -25.13 12.33
CA PRO E 131 -35.98 -25.51 13.67
C PRO E 131 -36.67 -24.35 14.37
N ALA E 132 -37.94 -24.54 14.71
CA ALA E 132 -38.71 -23.51 15.38
C ALA E 132 -39.82 -24.18 16.20
N CYS E 133 -40.26 -23.46 17.23
CA CYS E 133 -41.32 -23.94 18.11
C CYS E 133 -42.23 -22.77 18.47
N GLN E 134 -43.30 -23.08 19.20
CA GLN E 134 -44.26 -22.08 19.62
C GLN E 134 -44.07 -21.65 21.08
N HIS E 135 -42.94 -22.01 21.68
CA HIS E 135 -42.66 -21.65 23.07
C HIS E 135 -42.09 -20.24 23.13
N LYS E 136 -41.60 -19.84 24.31
CA LYS E 136 -41.04 -18.50 24.47
C LYS E 136 -39.78 -18.30 23.64
N GLN E 137 -39.17 -19.38 23.14
CA GLN E 137 -37.97 -19.26 22.34
C GLN E 137 -38.22 -18.46 21.07
N ARG E 138 -39.46 -18.46 20.58
CA ARG E 138 -39.82 -17.75 19.35
C ARG E 138 -40.83 -16.63 19.59
N ARG E 139 -41.10 -16.30 20.85
CA ARG E 139 -42.04 -15.24 21.17
C ARG E 139 -41.32 -13.89 21.20
N CYS E 140 -42.12 -12.82 21.26
CA CYS E 140 -41.62 -11.46 21.28
C CYS E 140 -42.03 -10.77 22.58
N SER E 141 -41.27 -9.75 22.96
CA SER E 141 -41.53 -8.97 24.15
C SER E 141 -41.30 -7.50 23.85
N LEU E 142 -41.51 -6.65 24.86
CA LEU E 142 -41.30 -5.22 24.68
C LEU E 142 -39.88 -4.90 24.27
N ALA E 143 -38.91 -5.69 24.74
CA ALA E 143 -37.52 -5.43 24.38
C ALA E 143 -37.26 -5.62 22.90
N SER E 144 -38.03 -6.51 22.25
CA SER E 144 -37.85 -6.78 20.83
C SER E 144 -38.64 -5.82 19.95
N VAL E 145 -39.80 -5.35 20.42
CA VAL E 145 -40.62 -4.43 19.65
C VAL E 145 -39.93 -3.07 19.63
N GLU E 146 -39.37 -2.70 18.48
CA GLU E 146 -38.67 -1.43 18.32
C GLU E 146 -39.49 -0.43 17.52
N MET E 147 -40.81 -0.45 17.68
CA MET E 147 -41.66 0.48 16.94
C MET E 147 -41.44 1.93 17.39
N SER E 148 -40.97 2.12 18.62
CA SER E 148 -40.72 3.45 19.17
C SER E 148 -39.24 3.63 19.47
N ALA E 149 -38.38 3.08 18.62
CA ALA E 149 -36.93 3.17 18.78
C ALA E 149 -36.49 2.63 20.15
N VAL E 150 -36.90 1.39 20.42
CA VAL E 150 -36.56 0.73 21.68
C VAL E 150 -35.15 0.16 21.59
N ALA E 151 -34.45 0.17 22.72
CA ALA E 151 -33.10 -0.36 22.77
C ALA E 151 -33.10 -1.85 22.44
N PRO E 152 -32.34 -2.31 21.45
CA PRO E 152 -32.32 -3.74 21.14
C PRO E 152 -31.88 -4.56 22.35
N PRO E 153 -32.16 -5.85 22.36
CA PRO E 153 -31.75 -6.66 23.50
C PRO E 153 -30.25 -6.66 23.65
N PRO E 154 -29.74 -6.82 24.87
CA PRO E 154 -28.27 -6.87 25.07
C PRO E 154 -27.66 -8.04 24.30
N ALA E 155 -26.80 -7.71 23.34
CA ALA E 155 -26.14 -8.71 22.53
C ALA E 155 -24.71 -8.26 22.23
N SER E 156 -23.84 -9.23 21.99
CA SER E 156 -22.45 -8.97 21.68
C SER E 156 -22.19 -8.75 20.20
N ASN E 157 -23.24 -8.73 19.37
CA ASN E 157 -23.09 -8.53 17.94
C ASN E 157 -23.17 -7.05 17.54
N GLY E 158 -22.86 -6.15 18.47
CA GLY E 158 -22.90 -4.73 18.21
C GLY E 158 -24.02 -3.97 18.90
N ASN E 159 -24.64 -4.54 19.93
CA ASN E 159 -25.72 -3.89 20.65
C ASN E 159 -25.34 -3.56 22.09
N LEU E 160 -24.87 -4.54 22.86
CA LEU E 160 -24.50 -4.30 24.25
C LEU E 160 -23.35 -3.30 24.33
N LEU E 161 -22.23 -3.61 23.70
CA LEU E 161 -21.08 -2.71 23.72
C LEU E 161 -21.42 -1.36 23.10
N TYR E 162 -22.29 -1.34 22.09
CA TYR E 162 -22.69 -0.08 21.50
C TYR E 162 -23.43 0.79 22.51
N ILE E 163 -24.50 0.27 23.10
CA ILE E 163 -25.26 1.02 24.09
C ILE E 163 -24.37 1.41 25.27
N GLY E 164 -23.35 0.60 25.56
CA GLY E 164 -22.46 0.90 26.67
C GLY E 164 -21.53 2.06 26.39
N PHE E 165 -20.75 1.96 25.31
CA PHE E 165 -19.76 2.99 25.00
C PHE E 165 -20.40 4.20 24.34
N ARG E 166 -21.02 4.00 23.19
CA ARG E 166 -21.58 5.11 22.42
C ARG E 166 -22.81 5.74 23.07
N GLY E 167 -23.23 5.26 24.23
CA GLY E 167 -24.37 5.83 24.92
C GLY E 167 -24.01 7.08 25.69
N LEU E 168 -23.47 8.08 24.99
CA LEU E 168 -23.09 9.33 25.64
C LEU E 168 -24.30 10.01 26.24
N ASP E 169 -24.12 10.55 27.45
CA ASP E 169 -25.19 11.23 28.19
C ASP E 169 -26.36 10.31 28.48
N GLY E 170 -26.16 9.00 28.41
CA GLY E 170 -27.20 8.04 28.67
C GLY E 170 -27.20 7.57 30.12
N VAL E 171 -27.97 6.51 30.36
CA VAL E 171 -28.06 5.95 31.70
C VAL E 171 -26.74 5.31 32.11
N HIS E 172 -25.93 4.89 31.14
CA HIS E 172 -24.65 4.26 31.47
C HIS E 172 -23.63 5.29 31.92
N CYS E 173 -23.55 6.43 31.22
CA CYS E 173 -22.61 7.47 31.58
C CYS E 173 -23.14 8.36 32.70
N VAL E 174 -24.44 8.65 32.68
CA VAL E 174 -25.08 9.48 33.70
C VAL E 174 -26.33 8.77 34.20
N PRO E 175 -26.21 7.81 35.11
CA PRO E 175 -27.40 7.10 35.60
C PRO E 175 -28.37 8.03 36.31
N THR E 176 -29.56 8.22 35.73
CA THR E 176 -30.58 9.07 36.32
C THR E 176 -31.29 8.37 37.47
N PRO E 177 -31.59 7.07 37.38
CA PRO E 177 -32.28 6.41 38.50
C PRO E 177 -31.47 6.50 39.78
N ASP E 178 -32.16 6.82 40.87
CA ASP E 178 -31.53 6.95 42.18
C ASP E 178 -31.33 5.55 42.75
N SER E 179 -30.16 4.97 42.52
CA SER E 179 -29.86 3.63 43.02
C SER E 179 -29.40 3.67 44.48
N GLY E 180 -28.74 4.74 44.90
CA GLY E 180 -28.29 4.86 46.27
C GLY E 180 -27.02 4.10 46.58
N VAL E 181 -26.32 3.58 45.57
CA VAL E 181 -25.08 2.83 45.82
C VAL E 181 -24.05 3.72 46.50
N VAL E 182 -24.08 5.02 46.23
CA VAL E 182 -23.14 5.95 46.86
C VAL E 182 -23.49 6.25 48.30
N CYS E 183 -24.71 5.92 48.74
CA CYS E 183 -25.14 6.17 50.10
C CYS E 183 -25.82 4.99 50.77
N GLY E 184 -26.06 3.89 50.05
CA GLY E 184 -26.73 2.73 50.62
C GLY E 184 -25.86 1.50 50.66
N ARG E 185 -24.93 1.39 49.73
CA ARG E 185 -24.02 0.25 49.64
C ARG E 185 -22.58 0.71 49.79
N MET E 186 -21.74 -0.20 50.29
CA MET E 186 -20.32 0.08 50.50
C MET E 186 -19.45 -0.72 49.54
N ALA E 187 -20.00 -1.19 48.43
CA ALA E 187 -19.24 -1.97 47.44
C ALA E 187 -18.38 -1.01 46.64
N CYS E 188 -17.15 -0.81 47.10
CA CYS E 188 -16.19 0.09 46.45
C CYS E 188 -16.75 1.51 46.35
N SER E 189 -17.60 1.90 47.30
CA SER E 189 -18.21 3.22 47.30
C SER E 189 -18.59 3.61 48.72
N PRO E 190 -17.72 4.31 49.46
CA PRO E 190 -18.08 4.71 50.82
C PRO E 190 -19.36 5.52 50.85
N THR E 191 -20.11 5.36 51.95
CA THR E 191 -21.39 6.05 52.12
C THR E 191 -21.12 7.51 52.48
N HIS E 192 -20.87 8.31 51.45
CA HIS E 192 -20.59 9.73 51.59
C HIS E 192 -19.68 10.02 52.78
N ASP E 193 -18.65 9.20 52.96
CA ASP E 193 -17.70 9.36 54.07
C ASP E 193 -16.71 10.45 53.68
N GLU E 194 -17.00 11.68 54.12
CA GLU E 194 -16.12 12.79 53.81
C GLU E 194 -14.84 12.78 54.65
N HIS E 195 -14.85 12.11 55.81
CA HIS E 195 -13.69 12.02 56.67
C HIS E 195 -12.87 10.77 56.41
N LEU E 196 -12.97 10.19 55.21
CA LEU E 196 -12.22 8.98 54.86
C LEU E 196 -10.87 9.41 54.32
N LEU E 197 -9.85 9.36 55.19
CA LEU E 197 -8.49 9.73 54.81
C LEU E 197 -7.69 8.49 54.45
N HIS E 198 -6.90 8.59 53.39
CA HIS E 198 -6.07 7.49 52.91
C HIS E 198 -4.86 7.32 53.84
N GLY E 199 -5.14 6.83 55.03
CA GLY E 199 -4.09 6.61 56.01
C GLY E 199 -3.30 7.87 56.35
N GLY E 200 -3.98 9.02 56.36
CA GLY E 200 -3.35 10.30 56.68
C GLY E 200 -3.56 11.36 55.61
N GLN E 201 -3.61 10.94 54.34
CA GLN E 201 -3.80 11.86 53.23
C GLN E 201 -5.19 11.67 52.62
N PRO E 202 -5.75 12.70 52.00
CA PRO E 202 -7.07 12.55 51.36
C PRO E 202 -6.97 11.66 50.13
N PRO E 203 -8.10 11.30 49.53
CA PRO E 203 -8.06 10.51 48.29
C PRO E 203 -7.29 11.23 47.20
N GLU E 204 -6.99 10.48 46.14
CA GLU E 204 -6.24 11.02 45.00
C GLU E 204 -4.88 11.54 45.47
N GLY E 205 -4.05 10.63 45.96
CA GLY E 205 -2.76 11.01 46.51
C GLY E 205 -1.99 11.98 45.66
N ASP E 206 -2.13 11.89 44.33
CA ASP E 206 -1.42 12.79 43.43
C ASP E 206 -2.33 13.15 42.26
N PRO E 207 -2.79 14.39 42.15
CA PRO E 207 -3.60 14.77 40.98
C PRO E 207 -2.91 14.53 39.66
N ASP E 208 -1.58 14.48 39.62
CA ASP E 208 -0.87 14.18 38.38
C ASP E 208 -1.24 12.81 37.84
N LEU E 209 -1.51 11.85 38.73
CA LEU E 209 -1.92 10.52 38.29
C LEU E 209 -3.28 10.57 37.59
N ALA E 210 -4.18 11.44 38.06
CA ALA E 210 -5.46 11.60 37.38
C ALA E 210 -5.26 12.18 35.98
N LYS E 211 -4.33 13.13 35.84
CA LYS E 211 -4.04 13.70 34.53
C LYS E 211 -3.42 12.65 33.62
N ILE E 212 -2.56 11.79 34.16
CA ILE E 212 -1.98 10.72 33.35
C ILE E 212 -3.06 9.75 32.90
N LEU E 213 -4.00 9.41 33.80
CA LEU E 213 -5.10 8.53 33.43
C LEU E 213 -5.96 9.17 32.35
N GLU E 214 -6.23 10.47 32.45
CA GLU E 214 -7.01 11.15 31.42
C GLU E 214 -6.27 11.16 30.09
N GLU E 215 -4.96 11.37 30.11
CA GLU E 215 -4.19 11.37 28.87
C GLU E 215 -4.14 9.98 28.25
N VAL E 216 -4.12 8.93 29.06
CA VAL E 216 -4.15 7.58 28.52
C VAL E 216 -5.54 7.26 27.97
N ARG E 217 -6.59 7.77 28.62
CA ARG E 217 -7.93 7.63 28.07
C ARG E 217 -8.05 8.38 26.75
N TYR E 218 -7.31 9.48 26.59
CA TYR E 218 -7.30 10.17 25.30
C TYR E 218 -6.68 9.29 24.22
N ILE E 219 -5.62 8.56 24.55
CA ILE E 219 -5.02 7.64 23.58
C ILE E 219 -5.98 6.50 23.27
N ALA E 220 -6.70 6.02 24.30
CA ALA E 220 -7.71 4.99 24.07
C ALA E 220 -8.80 5.50 23.13
N ASN E 221 -9.21 6.75 23.31
CA ASN E 221 -10.22 7.34 22.42
C ASN E 221 -9.68 7.53 21.02
N ARG E 222 -8.39 7.86 20.88
CA ARG E 222 -7.78 7.92 19.55
C ARG E 222 -7.80 6.56 18.87
N PHE E 223 -7.47 5.51 19.62
CA PHE E 223 -7.55 4.16 19.06
C PHE E 223 -8.98 3.80 18.68
N ARG E 224 -9.95 4.22 19.51
CA ARG E 224 -11.35 3.96 19.19
C ARG E 224 -11.77 4.70 17.93
N CYS E 225 -11.28 5.92 17.74
CA CYS E 225 -11.58 6.67 16.53
C CYS E 225 -10.96 6.00 15.30
N GLN E 226 -9.74 5.50 15.45
CA GLN E 226 -9.12 4.75 14.36
C GLN E 226 -9.94 3.51 14.02
N ASP E 227 -10.42 2.79 15.04
CA ASP E 227 -11.25 1.62 14.80
C ASP E 227 -12.56 2.00 14.13
N GLU E 228 -13.13 3.15 14.51
CA GLU E 228 -14.36 3.61 13.88
C GLU E 228 -14.13 3.97 12.42
N SER E 229 -13.00 4.60 12.10
CA SER E 229 -12.66 4.87 10.72
C SER E 229 -12.49 3.58 9.92
N GLU E 230 -11.82 2.60 10.52
CA GLU E 230 -11.66 1.30 9.85
C GLU E 230 -13.02 0.64 9.62
N ALA E 231 -13.92 0.75 10.59
CA ALA E 231 -15.25 0.17 10.43
C ALA E 231 -16.05 0.90 9.36
N VAL E 232 -15.89 2.21 9.26
CA VAL E 232 -16.57 2.97 8.20
C VAL E 232 -16.03 2.54 6.84
N CYS E 233 -14.71 2.37 6.74
CA CYS E 233 -14.14 1.89 5.48
C CYS E 233 -14.64 0.49 5.13
N SER E 234 -14.75 -0.38 6.13
CA SER E 234 -15.26 -1.73 5.90
C SER E 234 -16.72 -1.70 5.45
N GLU E 235 -17.52 -0.81 6.06
CA GLU E 235 -18.92 -0.68 5.65
C GLU E 235 -19.02 -0.15 4.22
N TRP E 236 -18.16 0.79 3.86
CA TRP E 236 -18.14 1.28 2.49
C TRP E 236 -17.78 0.17 1.51
N LYS E 237 -16.78 -0.65 1.87
CA LYS E 237 -16.39 -1.77 1.01
C LYS E 237 -17.52 -2.78 0.89
N PHE E 238 -18.23 -3.04 1.99
CA PHE E 238 -19.36 -3.96 1.94
C PHE E 238 -20.48 -3.42 1.07
N ALA E 239 -20.76 -2.12 1.17
CA ALA E 239 -21.77 -1.51 0.30
C ALA E 239 -21.36 -1.61 -1.16
N ALA E 240 -20.07 -1.39 -1.44
CA ALA E 240 -19.58 -1.52 -2.81
C ALA E 240 -19.77 -2.94 -3.33
N CYS E 241 -19.40 -3.93 -2.50
CA CYS E 241 -19.57 -5.32 -2.91
C CYS E 241 -21.04 -5.67 -3.09
N VAL E 242 -21.93 -5.07 -2.30
CA VAL E 242 -23.36 -5.32 -2.46
C VAL E 242 -23.84 -4.84 -3.82
N VAL E 243 -23.43 -3.63 -4.20
CA VAL E 243 -23.80 -3.11 -5.52
C VAL E 243 -23.21 -3.97 -6.62
N ASP E 244 -21.96 -4.42 -6.44
CA ASP E 244 -21.33 -5.29 -7.42
C ASP E 244 -22.12 -6.57 -7.61
N ARG E 245 -22.50 -7.22 -6.51
CA ARG E 245 -23.24 -8.48 -6.60
C ARG E 245 -24.63 -8.25 -7.18
N LEU E 246 -25.28 -7.14 -6.83
CA LEU E 246 -26.59 -6.84 -7.40
C LEU E 246 -26.50 -6.65 -8.91
N CYS E 247 -25.50 -5.89 -9.36
CA CYS E 247 -25.32 -5.69 -10.80
C CYS E 247 -25.01 -7.00 -11.50
N LEU E 248 -24.19 -7.85 -10.88
CA LEU E 248 -23.88 -9.15 -11.47
C LEU E 248 -25.14 -9.98 -11.62
N MET E 249 -25.95 -10.06 -10.56
CA MET E 249 -27.17 -10.86 -10.61
C MET E 249 -28.16 -10.29 -11.62
N ALA E 250 -28.20 -8.97 -11.78
CA ALA E 250 -29.13 -8.36 -12.72
C ALA E 250 -28.69 -8.56 -14.16
N PHE E 251 -27.38 -8.53 -14.41
CA PHE E 251 -26.85 -8.63 -15.75
C PHE E 251 -26.60 -10.07 -16.20
N SER E 252 -26.63 -11.03 -15.27
CA SER E 252 -26.45 -12.43 -15.66
C SER E 252 -27.52 -12.85 -16.67
N VAL E 253 -28.79 -12.64 -16.32
CA VAL E 253 -29.88 -13.02 -17.21
C VAL E 253 -29.84 -12.20 -18.50
N PHE E 254 -29.43 -10.94 -18.41
CA PHE E 254 -29.34 -10.10 -19.61
C PHE E 254 -28.31 -10.66 -20.57
N THR E 255 -27.13 -11.01 -20.07
CA THR E 255 -26.09 -11.59 -20.92
C THR E 255 -26.51 -12.95 -21.45
N ILE E 256 -27.21 -13.74 -20.64
CA ILE E 256 -27.69 -15.04 -21.11
C ILE E 256 -28.66 -14.86 -22.27
N ILE E 257 -29.58 -13.91 -22.15
CA ILE E 257 -30.54 -13.66 -23.23
C ILE E 257 -29.83 -13.12 -24.46
N CYS E 258 -28.84 -12.24 -24.27
CA CYS E 258 -28.10 -11.71 -25.41
C CYS E 258 -27.36 -12.81 -26.15
N THR E 259 -26.79 -13.76 -25.40
CA THR E 259 -26.09 -14.87 -26.04
C THR E 259 -27.05 -15.82 -26.75
N ILE E 260 -28.21 -16.08 -26.13
CA ILE E 260 -29.19 -16.97 -26.75
C ILE E 260 -29.79 -16.32 -28.00
N GLY E 261 -29.82 -14.99 -28.04
CA GLY E 261 -30.37 -14.31 -29.21
C GLY E 261 -29.54 -14.58 -30.46
N ILE E 262 -28.23 -14.69 -30.31
CA ILE E 262 -27.37 -14.95 -31.46
C ILE E 262 -27.75 -16.26 -32.13
N LEU E 263 -28.15 -17.25 -31.31
CA LEU E 263 -28.58 -18.53 -31.87
C LEU E 263 -30.02 -18.48 -32.35
N MET E 264 -30.88 -17.72 -31.66
CA MET E 264 -32.27 -17.61 -32.05
C MET E 264 -32.48 -16.63 -33.20
N SER E 265 -31.60 -15.63 -33.33
CA SER E 265 -31.71 -14.63 -34.38
C SER E 265 -30.95 -15.01 -35.64
N ALA E 266 -30.07 -16.00 -35.59
CA ALA E 266 -29.33 -16.40 -36.78
C ALA E 266 -30.23 -16.92 -37.88
N PRO E 267 -31.22 -17.78 -37.63
CA PRO E 267 -32.08 -18.23 -38.73
C PRO E 267 -32.78 -17.10 -39.46
N ASN E 268 -33.05 -15.99 -38.78
CA ASN E 268 -33.72 -14.85 -39.42
C ASN E 268 -32.80 -14.19 -40.44
N PHE E 269 -31.61 -13.79 -40.00
CA PHE E 269 -30.65 -13.12 -40.89
C PHE E 269 -29.69 -14.12 -41.54
N VAL E 270 -28.97 -14.89 -40.72
CA VAL E 270 -28.02 -15.87 -41.23
C VAL E 270 -28.76 -17.02 -41.87
#